data_2M6I
#
_entry.id   2M6I
#
_entity_poly.entity_id   1
_entity_poly.type   'polypeptide(L)'
_entity_poly.pdbx_seq_one_letter_code
;MLERQLGYYLIQLYIPSLLIVILSWISFWINLDAAPARVGLGITTVLTLTTQSSGSRASLPKVSYVKAIDIWLAVCLLFV
FSALLEYAAVNFVSRQREFGGGGFIQRAKKIDKISRIGFPLAFLIFNLFYWIIYKIVRREDEFEHHHHHH
;
_entity_poly.pdbx_strand_id   A,B,C,D,E
#
# COMPACT_ATOMS: atom_id res chain seq x y z
N MET A 1 9.36 -22.63 25.45
CA MET A 1 10.54 -23.08 26.19
C MET A 1 11.71 -22.13 25.99
N LEU A 2 11.78 -21.53 24.81
CA LEU A 2 12.85 -20.59 24.49
C LEU A 2 12.33 -19.17 24.40
N GLU A 3 11.41 -18.82 25.30
CA GLU A 3 10.82 -17.49 25.32
C GLU A 3 11.87 -16.44 25.72
N ARG A 4 12.64 -16.75 26.75
CA ARG A 4 13.68 -15.84 27.23
C ARG A 4 14.93 -15.94 26.36
N GLN A 5 14.98 -16.95 25.51
CA GLN A 5 16.12 -17.15 24.62
C GLN A 5 15.86 -16.56 23.24
N LEU A 6 14.85 -15.69 23.16
CA LEU A 6 14.50 -15.05 21.90
C LEU A 6 15.34 -13.78 21.68
N GLY A 7 15.71 -13.13 22.78
CA GLY A 7 16.51 -11.92 22.68
C GLY A 7 17.74 -12.11 21.81
N TYR A 8 18.26 -13.33 21.77
CA TYR A 8 19.44 -13.64 20.98
C TYR A 8 19.17 -13.41 19.49
N TYR A 9 18.01 -13.88 19.03
CA TYR A 9 17.63 -13.73 17.63
C TYR A 9 17.22 -12.29 17.32
N LEU A 10 16.81 -11.57 18.36
CA LEU A 10 16.39 -10.19 18.20
C LEU A 10 17.59 -9.25 18.13
N ILE A 11 18.70 -9.67 18.72
CA ILE A 11 19.92 -8.88 18.72
C ILE A 11 20.56 -8.87 17.34
N GLN A 12 20.84 -10.07 16.81
CA GLN A 12 21.45 -10.19 15.50
C GLN A 12 20.52 -9.70 14.40
N LEU A 13 19.21 -9.72 14.70
CA LEU A 13 18.21 -9.28 13.74
C LEU A 13 18.00 -7.77 13.83
N TYR A 14 18.35 -7.20 14.98
CA TYR A 14 18.20 -5.77 15.20
C TYR A 14 19.30 -4.98 14.50
N ILE A 15 20.47 -5.61 14.38
CA ILE A 15 21.61 -4.97 13.73
C ILE A 15 21.23 -4.45 12.35
N PRO A 16 20.75 -5.34 11.48
CA PRO A 16 20.33 -4.99 10.12
C PRO A 16 19.06 -4.15 10.09
N SER A 17 18.19 -4.38 11.07
CA SER A 17 16.93 -3.64 11.16
C SER A 17 17.18 -2.19 11.55
N LEU A 18 18.28 -1.96 12.26
CA LEU A 18 18.64 -0.62 12.70
C LEU A 18 19.43 0.11 11.62
N LEU A 19 20.32 -0.61 10.95
CA LEU A 19 21.14 -0.04 9.89
C LEU A 19 20.27 0.54 8.77
N ILE A 20 19.29 -0.24 8.34
CA ILE A 20 18.38 0.18 7.28
C ILE A 20 17.53 1.36 7.73
N VAL A 21 17.32 1.47 9.04
CA VAL A 21 16.52 2.55 9.60
C VAL A 21 17.28 3.87 9.56
N ILE A 22 18.57 3.82 9.88
CA ILE A 22 19.40 5.02 9.87
C ILE A 22 19.46 5.64 8.47
N LEU A 23 19.58 4.79 7.46
CA LEU A 23 19.66 5.24 6.08
C LEU A 23 18.33 5.86 5.64
N SER A 24 17.24 5.37 6.21
CA SER A 24 15.90 5.87 5.89
C SER A 24 15.83 7.38 6.08
N TRP A 25 16.23 7.84 7.26
CA TRP A 25 16.20 9.25 7.59
C TRP A 25 17.11 10.03 6.64
N ILE A 26 18.29 9.49 6.38
CA ILE A 26 19.25 10.14 5.49
C ILE A 26 18.60 10.54 4.17
N SER A 27 17.59 9.77 3.76
CA SER A 27 16.88 10.04 2.52
C SER A 27 15.58 10.80 2.78
N PHE A 28 15.09 10.70 4.01
CA PHE A 28 13.85 11.37 4.40
C PHE A 28 13.95 12.87 4.14
N TRP A 29 15.16 13.39 4.17
CA TRP A 29 15.40 14.81 3.94
C TRP A 29 14.77 15.26 2.62
N ILE A 30 15.13 14.57 1.55
CA ILE A 30 14.60 14.90 0.22
C ILE A 30 13.20 14.33 0.03
N ASN A 31 12.95 13.16 0.62
CA ASN A 31 11.65 12.51 0.52
C ASN A 31 10.58 13.34 1.22
N LEU A 32 11.00 14.35 1.96
CA LEU A 32 10.08 15.22 2.68
C LEU A 32 8.96 15.71 1.75
N ASP A 33 9.25 15.77 0.46
CA ASP A 33 8.28 16.21 -0.53
C ASP A 33 8.65 15.71 -1.91
N ALA A 34 9.94 15.69 -2.22
CA ALA A 34 10.42 15.23 -3.52
C ALA A 34 9.91 13.82 -3.81
N ALA A 35 10.02 12.94 -2.82
CA ALA A 35 9.57 11.56 -2.98
C ALA A 35 9.34 10.90 -1.62
N PRO A 36 8.26 11.32 -0.93
CA PRO A 36 7.91 10.78 0.38
C PRO A 36 7.43 9.33 0.31
N ALA A 37 7.28 8.82 -0.91
CA ALA A 37 6.83 7.45 -1.12
C ALA A 37 7.77 6.46 -0.45
N ARG A 38 9.06 6.76 -0.50
CA ARG A 38 10.07 5.89 0.11
C ARG A 38 10.02 5.96 1.63
N VAL A 39 9.77 7.16 2.15
CA VAL A 39 9.69 7.37 3.59
C VAL A 39 8.54 6.58 4.20
N GLY A 40 7.45 6.45 3.44
CA GLY A 40 6.29 5.72 3.92
C GLY A 40 6.51 4.22 3.91
N LEU A 41 7.40 3.76 3.04
CA LEU A 41 7.70 2.34 2.94
C LEU A 41 8.73 1.91 4.00
N GLY A 42 9.67 2.79 4.27
CA GLY A 42 10.70 2.49 5.26
C GLY A 42 10.15 2.49 6.67
N ILE A 43 9.20 3.38 6.94
CA ILE A 43 8.59 3.48 8.26
C ILE A 43 7.69 2.28 8.53
N THR A 44 7.06 1.76 7.48
CA THR A 44 6.17 0.62 7.61
C THR A 44 6.94 -0.69 7.53
N THR A 45 8.16 -0.63 7.03
CA THR A 45 9.01 -1.81 6.90
C THR A 45 9.62 -2.19 8.25
N VAL A 46 9.85 -1.20 9.09
CA VAL A 46 10.43 -1.43 10.41
C VAL A 46 9.43 -2.10 11.34
N LEU A 47 8.18 -1.63 11.30
CA LEU A 47 7.12 -2.17 12.13
C LEU A 47 6.60 -3.49 11.57
N THR A 48 6.82 -3.69 10.27
CA THR A 48 6.37 -4.91 9.60
C THR A 48 7.44 -6.00 9.66
N LEU A 49 8.69 -5.58 9.80
CA LEU A 49 9.81 -6.51 9.87
C LEU A 49 9.93 -7.12 11.26
N THR A 50 9.46 -6.39 12.27
CA THR A 50 9.51 -6.85 13.65
C THR A 50 8.29 -7.71 13.98
N THR A 51 7.11 -7.26 13.56
CA THR A 51 5.88 -7.99 13.80
C THR A 51 5.88 -9.34 13.11
N GLN A 52 6.56 -9.41 11.96
CA GLN A 52 6.65 -10.66 11.20
C GLN A 52 7.83 -11.50 11.65
N SER A 53 8.74 -10.87 12.40
CA SER A 53 9.93 -11.57 12.89
C SER A 53 9.56 -12.50 14.04
N SER A 54 8.32 -12.41 14.50
CA SER A 54 7.84 -13.25 15.59
C SER A 54 6.52 -13.91 15.24
N GLY A 55 6.38 -14.30 13.97
CA GLY A 55 5.16 -14.95 13.53
C GLY A 55 5.17 -16.44 13.75
N SER A 56 6.36 -17.03 13.78
CA SER A 56 6.51 -18.46 13.98
C SER A 56 5.91 -18.88 15.32
N ARG A 57 6.12 -18.07 16.35
CA ARG A 57 5.60 -18.35 17.67
C ARG A 57 6.11 -19.70 18.18
N ALA A 58 7.20 -20.17 17.58
CA ALA A 58 7.80 -21.44 17.97
C ALA A 58 8.76 -21.26 19.13
N SER A 59 9.22 -20.03 19.33
CA SER A 59 10.16 -19.72 20.40
C SER A 59 9.43 -19.10 21.60
N LEU A 60 8.10 -19.09 21.53
CA LEU A 60 7.29 -18.53 22.61
C LEU A 60 7.64 -17.07 22.85
N PRO A 61 7.29 -16.21 21.88
CA PRO A 61 7.56 -14.77 21.97
C PRO A 61 6.68 -14.08 23.01
N LYS A 62 5.78 -14.85 23.62
CA LYS A 62 4.89 -14.31 24.63
C LYS A 62 5.66 -13.48 25.65
N VAL A 63 6.61 -14.11 26.33
CA VAL A 63 7.42 -13.41 27.33
C VAL A 63 8.13 -12.21 26.72
N SER A 64 8.66 -12.39 25.52
CA SER A 64 9.36 -11.32 24.83
C SER A 64 8.41 -10.20 24.42
N TYR A 65 7.11 -10.49 24.51
CA TYR A 65 6.08 -9.52 24.15
C TYR A 65 5.91 -8.47 25.25
N VAL A 66 5.60 -8.94 26.46
CA VAL A 66 5.40 -8.04 27.59
C VAL A 66 6.59 -7.10 27.75
N LYS A 67 7.79 -7.67 27.78
CA LYS A 67 9.01 -6.89 27.93
C LYS A 67 9.17 -5.92 26.76
N ALA A 68 8.80 -6.35 25.57
CA ALA A 68 8.90 -5.53 24.38
C ALA A 68 7.85 -4.42 24.38
N ILE A 69 6.78 -4.63 25.16
CA ILE A 69 5.70 -3.66 25.26
C ILE A 69 6.12 -2.45 26.09
N ASP A 70 6.95 -2.69 27.09
CA ASP A 70 7.44 -1.63 27.97
C ASP A 70 8.37 -0.68 27.21
N ILE A 71 8.97 -1.19 26.15
CA ILE A 71 9.89 -0.39 25.34
C ILE A 71 9.21 0.10 24.07
N TRP A 72 8.28 -0.68 23.55
CA TRP A 72 7.56 -0.32 22.34
C TRP A 72 6.56 0.78 22.61
N LEU A 73 6.30 1.05 23.89
CA LEU A 73 5.36 2.09 24.29
C LEU A 73 6.06 3.43 24.46
N ALA A 74 6.89 3.78 23.48
CA ALA A 74 7.64 5.04 23.52
C ALA A 74 8.49 5.21 22.28
N VAL A 75 9.03 4.09 21.78
CA VAL A 75 9.87 4.12 20.59
C VAL A 75 9.06 4.45 19.34
N CYS A 76 7.79 4.03 19.33
CA CYS A 76 6.91 4.28 18.20
C CYS A 76 6.29 5.67 18.29
N LEU A 77 6.09 6.14 19.52
CA LEU A 77 5.50 7.46 19.73
C LEU A 77 6.56 8.55 19.60
N LEU A 78 7.82 8.17 19.72
CA LEU A 78 8.92 9.12 19.60
C LEU A 78 9.52 9.10 18.20
N PHE A 79 9.47 7.94 17.56
CA PHE A 79 10.01 7.78 16.22
C PHE A 79 9.17 8.56 15.21
N VAL A 80 7.85 8.50 15.37
CA VAL A 80 6.93 9.19 14.46
C VAL A 80 6.66 10.61 14.95
N PHE A 81 7.18 10.93 16.14
CA PHE A 81 6.99 12.26 16.72
C PHE A 81 7.97 13.26 16.11
N SER A 82 9.18 12.79 15.82
CA SER A 82 10.21 13.64 15.22
C SER A 82 10.00 13.79 13.73
N ALA A 83 9.47 12.74 13.10
CA ALA A 83 9.21 12.75 11.66
C ALA A 83 8.11 13.74 11.31
N LEU A 84 7.09 13.82 12.15
CA LEU A 84 5.97 14.72 11.92
C LEU A 84 6.39 16.17 12.15
N LEU A 85 7.24 16.39 13.14
CA LEU A 85 7.73 17.73 13.45
C LEU A 85 8.28 18.42 12.21
N GLU A 86 8.97 17.65 11.37
CA GLU A 86 9.55 18.18 10.14
C GLU A 86 8.54 18.13 9.00
N TYR A 87 7.76 17.06 8.96
CA TYR A 87 6.75 16.89 7.92
C TYR A 87 5.67 17.95 8.03
N ALA A 88 5.65 18.65 9.15
CA ALA A 88 4.66 19.71 9.38
C ALA A 88 5.34 21.05 9.57
N ALA A 89 6.65 21.04 9.75
CA ALA A 89 7.42 22.26 9.95
C ALA A 89 7.50 23.07 8.65
N VAL A 90 7.58 22.37 7.53
CA VAL A 90 7.66 23.02 6.22
C VAL A 90 6.59 24.10 6.08
N ASN A 91 5.38 23.76 6.51
CA ASN A 91 4.26 24.70 6.43
C ASN A 91 4.22 25.62 7.65
N PHE A 92 4.92 25.21 8.70
CA PHE A 92 4.96 25.99 9.93
C PHE A 92 5.89 27.20 9.77
N VAL A 93 6.56 27.28 8.62
CA VAL A 93 7.47 28.39 8.35
C VAL A 93 6.79 29.73 8.57
N SER A 94 5.53 29.82 8.18
CA SER A 94 4.77 31.06 8.32
C SER A 94 4.74 31.50 9.78
N ARG A 95 4.93 30.55 10.69
CA ARG A 95 4.92 30.84 12.11
C ARG A 95 6.00 31.88 12.46
N GLN A 96 6.99 32.00 11.60
CA GLN A 96 8.08 32.95 11.81
C GLN A 96 8.85 32.62 13.08
N ARG A 97 8.88 31.33 13.42
CA ARG A 97 9.58 30.88 14.62
C ARG A 97 11.02 31.41 14.64
N GLU A 98 11.59 31.60 13.45
CA GLU A 98 12.96 32.10 13.33
C GLU A 98 13.04 33.56 13.77
N PHE A 99 14.19 34.18 13.50
CA PHE A 99 14.41 35.57 13.87
C PHE A 99 14.06 36.50 12.71
N GLY A 100 13.31 35.96 11.74
CA GLY A 100 12.92 36.76 10.59
C GLY A 100 12.48 35.90 9.41
N GLY A 101 11.46 36.36 8.70
CA GLY A 101 10.97 35.61 7.55
C GLY A 101 11.63 36.05 6.25
N GLY A 102 12.83 36.61 6.35
CA GLY A 102 13.54 37.05 5.16
C GLY A 102 13.97 35.90 4.28
N GLY A 103 14.27 34.77 4.89
CA GLY A 103 14.70 33.60 4.13
C GLY A 103 13.60 32.59 3.95
N PHE A 104 12.37 33.07 3.79
CA PHE A 104 11.22 32.20 3.60
C PHE A 104 11.32 31.43 2.30
N ILE A 105 11.45 32.17 1.20
CA ILE A 105 11.55 31.54 -0.12
C ILE A 105 12.96 30.99 -0.35
N GLN A 106 13.91 31.42 0.48
CA GLN A 106 15.28 30.96 0.36
C GLN A 106 15.53 29.75 1.24
N ARG A 107 14.45 29.14 1.72
CA ARG A 107 14.55 27.96 2.57
C ARG A 107 14.67 26.69 1.73
N ALA A 108 14.17 26.74 0.51
CA ALA A 108 14.22 25.59 -0.39
C ALA A 108 15.67 25.21 -0.69
N LYS A 109 16.58 26.14 -0.44
CA LYS A 109 18.00 25.90 -0.68
C LYS A 109 18.45 24.59 -0.05
N LYS A 110 17.81 24.22 1.06
CA LYS A 110 18.13 22.98 1.76
C LYS A 110 19.56 23.03 2.31
N ILE A 111 19.74 23.68 3.44
CA ILE A 111 21.04 23.80 4.07
C ILE A 111 21.47 22.47 4.69
N ASP A 112 20.58 21.49 4.65
CA ASP A 112 20.87 20.18 5.21
C ASP A 112 21.06 20.26 6.72
N LYS A 113 20.32 21.15 7.36
CA LYS A 113 20.40 21.33 8.80
C LYS A 113 19.65 20.22 9.53
N ILE A 114 19.00 19.35 8.76
CA ILE A 114 18.24 18.25 9.33
C ILE A 114 19.15 17.07 9.67
N SER A 115 20.32 17.04 9.04
CA SER A 115 21.29 15.97 9.28
C SER A 115 22.09 16.23 10.54
N ARG A 116 21.80 17.35 11.20
CA ARG A 116 22.52 17.72 12.42
C ARG A 116 21.94 16.98 13.62
N ILE A 117 20.69 16.54 13.50
CA ILE A 117 20.02 15.82 14.58
C ILE A 117 19.92 14.34 14.26
N GLY A 118 19.73 14.02 12.98
CA GLY A 118 19.61 12.64 12.56
C GLY A 118 20.91 11.87 12.73
N PHE A 119 22.02 12.48 12.28
CA PHE A 119 23.33 11.84 12.38
C PHE A 119 23.58 11.34 13.80
N PRO A 120 23.54 12.25 14.77
CA PRO A 120 23.77 11.92 16.18
C PRO A 120 22.62 11.10 16.77
N LEU A 121 21.51 11.05 16.05
CA LEU A 121 20.34 10.30 16.50
C LEU A 121 20.48 8.82 16.18
N ALA A 122 21.18 8.52 15.09
CA ALA A 122 21.40 7.14 14.68
C ALA A 122 22.50 6.48 15.50
N PHE A 123 23.55 7.24 15.79
CA PHE A 123 24.67 6.73 16.58
C PHE A 123 24.25 6.48 18.02
N LEU A 124 23.36 7.32 18.53
CA LEU A 124 22.87 7.19 19.90
C LEU A 124 22.03 5.93 20.06
N ILE A 125 21.22 5.63 19.06
CA ILE A 125 20.36 4.45 19.09
C ILE A 125 21.19 3.17 18.89
N PHE A 126 22.11 3.21 17.94
CA PHE A 126 22.96 2.06 17.66
C PHE A 126 23.79 1.69 18.88
N ASN A 127 24.24 2.70 19.61
CA ASN A 127 25.06 2.48 20.81
C ASN A 127 24.17 2.21 22.02
N LEU A 128 22.91 2.59 21.92
CA LEU A 128 21.95 2.40 23.01
C LEU A 128 21.42 0.97 23.02
N PHE A 129 21.37 0.35 21.85
CA PHE A 129 20.88 -1.02 21.72
C PHE A 129 22.04 -2.01 21.77
N TYR A 130 23.25 -1.52 21.51
CA TYR A 130 24.43 -2.37 21.52
C TYR A 130 24.95 -2.55 22.95
N TRP A 131 24.94 -1.48 23.72
CA TRP A 131 25.41 -1.52 25.10
C TRP A 131 24.35 -2.13 26.01
N ILE A 132 23.08 -1.92 25.66
CA ILE A 132 21.98 -2.46 26.45
C ILE A 132 21.82 -3.96 26.25
N ILE A 133 22.18 -4.43 25.06
CA ILE A 133 22.08 -5.85 24.74
C ILE A 133 23.15 -6.65 25.49
N TYR A 134 24.36 -6.10 25.54
CA TYR A 134 25.46 -6.76 26.22
C TYR A 134 25.41 -6.50 27.73
N LYS A 135 24.51 -5.62 28.13
CA LYS A 135 24.35 -5.28 29.55
C LYS A 135 23.26 -6.13 30.19
N ILE A 136 22.12 -6.25 29.51
CA ILE A 136 21.01 -7.03 30.02
C ILE A 136 21.44 -8.46 30.34
N VAL A 137 22.26 -9.03 29.47
CA VAL A 137 22.76 -10.39 29.66
C VAL A 137 23.55 -10.51 30.95
N ARG A 138 23.98 -9.38 31.48
CA ARG A 138 24.75 -9.35 32.72
C ARG A 138 23.86 -9.01 33.91
N ARG A 139 23.05 -7.97 33.76
CA ARG A 139 22.15 -7.54 34.83
C ARG A 139 22.91 -6.81 35.93
N GLU A 140 23.94 -7.47 36.46
CA GLU A 140 24.75 -6.88 37.52
C GLU A 140 26.13 -6.50 37.00
N ASP A 141 26.28 -6.49 35.68
CA ASP A 141 27.55 -6.13 35.05
C ASP A 141 28.69 -6.98 35.61
N GLU A 142 28.66 -8.27 35.29
CA GLU A 142 29.70 -9.19 35.76
C GLU A 142 30.85 -9.26 34.77
N PHE A 143 30.51 -9.34 33.48
CA PHE A 143 31.52 -9.42 32.43
C PHE A 143 31.40 -8.25 31.48
N GLU A 144 30.75 -7.17 31.92
CA GLU A 144 30.56 -5.99 31.10
C GLU A 144 31.89 -5.51 30.52
N HIS A 145 32.80 -5.09 31.40
CA HIS A 145 34.10 -4.61 30.97
C HIS A 145 33.96 -3.53 29.90
N HIS A 146 32.90 -2.74 30.00
CA HIS A 146 32.65 -1.67 29.04
C HIS A 146 33.30 -0.37 29.50
N HIS A 147 32.69 0.27 30.49
CA HIS A 147 33.20 1.53 31.03
C HIS A 147 34.06 1.28 32.27
N HIS A 148 33.43 0.78 33.33
CA HIS A 148 34.14 0.50 34.57
C HIS A 148 34.71 1.79 35.17
N HIS A 149 34.21 2.93 34.71
CA HIS A 149 34.68 4.22 35.20
C HIS A 149 33.98 4.59 36.51
N HIS A 150 32.67 4.76 36.44
CA HIS A 150 31.88 5.12 37.62
C HIS A 150 30.48 4.50 37.55
N MET B 1 10.82 -36.08 3.40
CA MET B 1 10.83 -34.63 3.43
C MET B 1 11.60 -34.06 2.24
N LEU B 2 11.04 -33.03 1.61
CA LEU B 2 11.69 -32.40 0.46
C LEU B 2 12.22 -31.02 0.82
N GLU B 3 12.79 -30.90 2.01
CA GLU B 3 13.34 -29.62 2.48
C GLU B 3 14.57 -29.24 1.66
N ARG B 4 15.45 -30.21 1.44
CA ARG B 4 16.67 -29.97 0.68
C ARG B 4 16.39 -30.00 -0.82
N GLN B 5 15.19 -30.44 -1.19
CA GLN B 5 14.79 -30.53 -2.59
C GLN B 5 13.99 -29.30 -3.00
N LEU B 6 14.06 -28.25 -2.19
CA LEU B 6 13.34 -27.02 -2.47
C LEU B 6 14.14 -26.10 -3.38
N GLY B 7 15.47 -26.19 -3.27
CA GLY B 7 16.34 -25.36 -4.09
C GLY B 7 15.99 -25.45 -5.57
N TYR B 8 15.46 -26.60 -5.98
CA TYR B 8 15.09 -26.81 -7.37
C TYR B 8 13.99 -25.85 -7.79
N TYR B 9 12.99 -25.68 -6.94
CA TYR B 9 11.87 -24.78 -7.22
C TYR B 9 12.29 -23.33 -7.07
N LEU B 10 13.34 -23.10 -6.28
CA LEU B 10 13.84 -21.76 -6.05
C LEU B 10 14.70 -21.28 -7.21
N ILE B 11 15.30 -22.24 -7.92
CA ILE B 11 16.16 -21.91 -9.06
C ILE B 11 15.33 -21.44 -10.24
N GLN B 12 14.38 -22.26 -10.65
CA GLN B 12 13.51 -21.93 -11.78
C GLN B 12 12.62 -20.73 -11.45
N LEU B 13 12.39 -20.51 -10.17
CA LEU B 13 11.56 -19.40 -9.71
C LEU B 13 12.39 -18.13 -9.56
N TYR B 14 13.70 -18.30 -9.40
CA TYR B 14 14.60 -17.16 -9.25
C TYR B 14 14.86 -16.50 -10.59
N ILE B 15 14.85 -17.29 -11.65
CA ILE B 15 15.09 -16.78 -13.00
C ILE B 15 14.19 -15.57 -13.29
N PRO B 16 12.87 -15.78 -13.18
CA PRO B 16 11.89 -14.72 -13.43
C PRO B 16 11.90 -13.65 -12.35
N SER B 17 12.21 -14.05 -11.13
CA SER B 17 12.26 -13.12 -10.00
C SER B 17 13.44 -12.17 -10.14
N LEU B 18 14.48 -12.63 -10.82
CA LEU B 18 15.68 -11.81 -11.02
C LEU B 18 15.53 -10.92 -12.25
N LEU B 19 14.93 -11.47 -13.30
CA LEU B 19 14.72 -10.71 -14.54
C LEU B 19 13.88 -9.47 -14.28
N ILE B 20 12.78 -9.63 -13.55
CA ILE B 20 11.91 -8.51 -13.23
C ILE B 20 12.61 -7.49 -12.33
N VAL B 21 13.58 -7.97 -11.57
CA VAL B 21 14.33 -7.11 -10.67
C VAL B 21 15.28 -6.20 -11.43
N ILE B 22 15.94 -6.75 -12.44
CA ILE B 22 16.88 -5.99 -13.26
C ILE B 22 16.18 -4.84 -13.97
N LEU B 23 14.98 -5.11 -14.48
CA LEU B 23 14.21 -4.10 -15.18
C LEU B 23 13.75 -2.99 -14.22
N SER B 24 13.55 -3.37 -12.96
CA SER B 24 13.12 -2.40 -11.95
C SER B 24 14.08 -1.22 -11.87
N TRP B 25 15.36 -1.52 -11.73
CA TRP B 25 16.38 -0.48 -11.65
C TRP B 25 16.40 0.36 -12.92
N ILE B 26 16.31 -0.29 -14.06
CA ILE B 26 16.32 0.40 -15.35
C ILE B 26 15.31 1.53 -15.37
N SER B 27 14.22 1.37 -14.61
CA SER B 27 13.18 2.39 -14.53
C SER B 27 13.35 3.26 -13.30
N PHE B 28 14.06 2.74 -12.30
CA PHE B 28 14.29 3.48 -11.07
C PHE B 28 14.95 4.82 -11.35
N TRP B 29 15.69 4.89 -12.45
CA TRP B 29 16.38 6.11 -12.84
C TRP B 29 15.40 7.28 -12.89
N ILE B 30 14.33 7.12 -13.64
CA ILE B 30 13.32 8.18 -13.78
C ILE B 30 12.38 8.18 -12.58
N ASN B 31 12.12 7.01 -12.03
CA ASN B 31 11.24 6.88 -10.87
C ASN B 31 11.86 7.55 -9.65
N LEU B 32 13.12 7.92 -9.75
CA LEU B 32 13.83 8.56 -8.66
C LEU B 32 13.01 9.72 -8.09
N ASP B 33 12.15 10.29 -8.93
CA ASP B 33 11.31 11.41 -8.50
C ASP B 33 10.09 11.55 -9.42
N ALA B 34 10.30 11.32 -10.71
CA ALA B 34 9.23 11.41 -11.70
C ALA B 34 8.05 10.51 -11.31
N ALA B 35 8.37 9.27 -10.92
CA ALA B 35 7.34 8.32 -10.52
C ALA B 35 7.93 7.20 -9.67
N PRO B 36 8.30 7.53 -8.43
CA PRO B 36 8.89 6.57 -7.50
C PRO B 36 7.87 5.53 -7.01
N ALA B 37 6.62 5.73 -7.40
CA ALA B 37 5.55 4.82 -7.01
C ALA B 37 5.84 3.40 -7.49
N ARG B 38 6.42 3.30 -8.69
CA ARG B 38 6.73 2.00 -9.27
C ARG B 38 7.92 1.35 -8.54
N VAL B 39 8.89 2.18 -8.17
CA VAL B 39 10.07 1.69 -7.46
C VAL B 39 9.70 1.08 -6.11
N GLY B 40 8.68 1.64 -5.48
CA GLY B 40 8.24 1.14 -4.19
C GLY B 40 7.49 -0.17 -4.31
N LEU B 41 6.87 -0.40 -5.47
CA LEU B 41 6.12 -1.63 -5.70
C LEU B 41 7.04 -2.77 -6.13
N GLY B 42 8.07 -2.43 -6.91
CA GLY B 42 9.01 -3.43 -7.38
C GLY B 42 9.90 -3.96 -6.26
N ILE B 43 10.26 -3.08 -5.34
CA ILE B 43 11.12 -3.46 -4.21
C ILE B 43 10.35 -4.32 -3.21
N THR B 44 9.05 -4.08 -3.10
CA THR B 44 8.21 -4.83 -2.18
C THR B 44 7.70 -6.11 -2.83
N THR B 45 7.78 -6.16 -4.16
CA THR B 45 7.32 -7.32 -4.90
C THR B 45 8.34 -8.46 -4.83
N VAL B 46 9.61 -8.09 -4.73
CA VAL B 46 10.69 -9.08 -4.65
C VAL B 46 10.69 -9.79 -3.30
N LEU B 47 10.48 -9.02 -2.23
CA LEU B 47 10.45 -9.57 -0.88
C LEU B 47 9.12 -10.25 -0.59
N THR B 48 8.09 -9.87 -1.35
CA THR B 48 6.76 -10.45 -1.18
C THR B 48 6.58 -11.68 -2.06
N LEU B 49 7.35 -11.75 -3.13
CA LEU B 49 7.27 -12.88 -4.05
C LEU B 49 8.04 -14.09 -3.51
N THR B 50 9.04 -13.81 -2.69
CA THR B 50 9.85 -14.87 -2.09
C THR B 50 9.21 -15.39 -0.81
N THR B 51 8.73 -14.48 0.03
CA THR B 51 8.10 -14.86 1.29
C THR B 51 6.83 -15.66 1.05
N GLN B 52 6.16 -15.37 -0.06
CA GLN B 52 4.92 -16.06 -0.41
C GLN B 52 5.21 -17.32 -1.22
N SER B 53 6.42 -17.41 -1.75
CA SER B 53 6.83 -18.56 -2.56
C SER B 53 7.07 -19.77 -1.66
N SER B 54 7.04 -19.57 -0.36
CA SER B 54 7.26 -20.64 0.60
C SER B 54 6.17 -20.65 1.67
N GLY B 55 4.94 -20.34 1.25
CA GLY B 55 3.83 -20.32 2.18
C GLY B 55 3.19 -21.68 2.35
N SER B 56 3.29 -22.51 1.32
CA SER B 56 2.71 -23.86 1.35
C SER B 56 3.28 -24.66 2.51
N ARG B 57 4.58 -24.53 2.74
CA ARG B 57 5.25 -25.25 3.82
C ARG B 57 5.07 -26.76 3.66
N ALA B 58 4.73 -27.18 2.44
CA ALA B 58 4.54 -28.60 2.15
C ALA B 58 5.86 -29.27 1.78
N SER B 59 6.83 -28.45 1.39
CA SER B 59 8.15 -28.97 1.01
C SER B 59 9.15 -28.83 2.15
N LEU B 60 8.65 -28.40 3.31
CA LEU B 60 9.49 -28.22 4.48
C LEU B 60 10.61 -27.22 4.20
N PRO B 61 10.22 -25.94 4.02
CA PRO B 61 11.17 -24.86 3.75
C PRO B 61 12.05 -24.54 4.95
N LYS B 62 11.78 -25.20 6.07
CA LYS B 62 12.54 -24.98 7.29
C LYS B 62 14.04 -24.98 7.01
N VAL B 63 14.54 -26.10 6.49
CA VAL B 63 15.95 -26.23 6.18
C VAL B 63 16.40 -25.14 5.21
N SER B 64 15.57 -24.87 4.21
CA SER B 64 15.88 -23.85 3.22
C SER B 64 15.85 -22.45 3.83
N TYR B 65 15.31 -22.36 5.05
CA TYR B 65 15.21 -21.09 5.75
C TYR B 65 16.57 -20.69 6.33
N VAL B 66 17.12 -21.56 7.18
CA VAL B 66 18.41 -21.29 7.80
C VAL B 66 19.46 -20.93 6.76
N LYS B 67 19.58 -21.76 5.72
CA LYS B 67 20.55 -21.52 4.66
C LYS B 67 20.25 -20.20 3.94
N ALA B 68 18.97 -19.90 3.79
CA ALA B 68 18.56 -18.67 3.12
C ALA B 68 18.80 -17.45 4.01
N ILE B 69 18.92 -17.70 5.31
CA ILE B 69 19.16 -16.62 6.27
C ILE B 69 20.60 -16.12 6.20
N ASP B 70 21.52 -17.04 5.90
CA ASP B 70 22.93 -16.70 5.80
C ASP B 70 23.19 -15.83 4.58
N ILE B 71 22.32 -15.92 3.59
CA ILE B 71 22.46 -15.12 2.38
C ILE B 71 21.52 -13.92 2.40
N TRP B 72 20.38 -14.07 3.05
CA TRP B 72 19.40 -12.99 3.13
C TRP B 72 19.87 -11.91 4.10
N LEU B 73 20.91 -12.23 4.88
CA LEU B 73 21.45 -11.27 5.84
C LEU B 73 22.57 -10.44 5.20
N ALA B 74 22.30 -9.93 4.01
CA ALA B 74 23.27 -9.10 3.30
C ALA B 74 22.72 -8.61 1.97
N VAL B 75 21.90 -9.45 1.34
CA VAL B 75 21.30 -9.11 0.05
C VAL B 75 20.26 -8.02 0.22
N CYS B 76 19.59 -8.01 1.36
CA CYS B 76 18.55 -7.02 1.64
C CYS B 76 19.18 -5.72 2.16
N LEU B 77 20.30 -5.85 2.86
CA LEU B 77 21.00 -4.68 3.40
C LEU B 77 21.85 -4.00 2.34
N LEU B 78 22.17 -4.74 1.29
CA LEU B 78 22.98 -4.21 0.20
C LEU B 78 22.09 -3.73 -0.95
N PHE B 79 20.96 -4.38 -1.13
CA PHE B 79 20.03 -4.03 -2.20
C PHE B 79 19.40 -2.66 -1.93
N VAL B 80 19.04 -2.41 -0.68
CA VAL B 80 18.43 -1.15 -0.29
C VAL B 80 19.49 -0.12 0.09
N PHE B 81 20.74 -0.57 0.13
CA PHE B 81 21.84 0.32 0.48
C PHE B 81 22.26 1.17 -0.71
N SER B 82 22.19 0.58 -1.90
CA SER B 82 22.58 1.27 -3.13
C SER B 82 21.44 2.16 -3.62
N ALA B 83 20.20 1.74 -3.35
CA ALA B 83 19.03 2.49 -3.76
C ALA B 83 18.93 3.80 -2.99
N LEU B 84 19.26 3.76 -1.70
CA LEU B 84 19.20 4.94 -0.86
C LEU B 84 20.32 5.92 -1.21
N LEU B 85 21.48 5.39 -1.54
CA LEU B 85 22.63 6.22 -1.91
C LEU B 85 22.24 7.22 -2.99
N GLU B 86 21.42 6.78 -3.94
CA GLU B 86 20.98 7.65 -5.03
C GLU B 86 19.74 8.44 -4.62
N TYR B 87 18.84 7.78 -3.90
CA TYR B 87 17.61 8.42 -3.45
C TYR B 87 17.90 9.57 -2.49
N ALA B 88 19.13 9.61 -1.99
CA ALA B 88 19.55 10.65 -1.06
C ALA B 88 20.67 11.50 -1.65
N ALA B 89 21.25 11.03 -2.75
CA ALA B 89 22.33 11.74 -3.41
C ALA B 89 21.82 13.01 -4.08
N VAL B 90 20.62 12.95 -4.62
CA VAL B 90 20.01 14.10 -5.28
C VAL B 90 20.10 15.35 -4.43
N ASN B 91 19.84 15.19 -3.12
CA ASN B 91 19.90 16.31 -2.19
C ASN B 91 21.32 16.51 -1.68
N PHE B 92 22.15 15.49 -1.83
CA PHE B 92 23.53 15.56 -1.38
C PHE B 92 24.38 16.37 -2.35
N VAL B 93 23.77 16.79 -3.45
CA VAL B 93 24.47 17.58 -4.47
C VAL B 93 25.15 18.79 -3.86
N SER B 94 24.48 19.42 -2.90
CA SER B 94 25.01 20.60 -2.22
C SER B 94 26.36 20.29 -1.59
N ARG B 95 26.60 19.01 -1.31
CA ARG B 95 27.86 18.59 -0.69
C ARG B 95 29.05 18.98 -1.56
N GLN B 96 28.80 19.21 -2.84
CA GLN B 96 29.85 19.59 -3.77
C GLN B 96 30.90 18.49 -3.89
N ARG B 97 30.47 17.25 -3.70
CA ARG B 97 31.37 16.10 -3.77
C ARG B 97 32.17 16.13 -5.08
N GLU B 98 31.57 16.69 -6.12
CA GLU B 98 32.21 16.77 -7.43
C GLU B 98 33.37 17.76 -7.39
N PHE B 99 33.91 18.08 -8.57
CA PHE B 99 35.03 19.01 -8.67
C PHE B 99 34.53 20.43 -8.92
N GLY B 100 33.25 20.66 -8.64
CA GLY B 100 32.67 21.97 -8.85
C GLY B 100 31.15 21.94 -8.93
N GLY B 101 30.51 22.96 -8.37
CA GLY B 101 29.06 23.01 -8.40
C GLY B 101 28.53 23.80 -9.58
N GLY B 102 29.32 23.87 -10.63
CA GLY B 102 28.91 24.61 -11.83
C GLY B 102 27.76 23.95 -12.54
N GLY B 103 27.69 22.62 -12.47
CA GLY B 103 26.62 21.89 -13.13
C GLY B 103 25.54 21.45 -12.16
N PHE B 104 25.28 22.29 -11.16
CA PHE B 104 24.25 21.99 -10.15
C PHE B 104 22.86 21.92 -10.80
N ILE B 105 22.47 23.03 -11.43
CA ILE B 105 21.16 23.09 -12.09
C ILE B 105 21.17 22.34 -13.41
N GLN B 106 22.37 22.05 -13.91
CA GLN B 106 22.51 21.33 -15.17
C GLN B 106 22.60 19.82 -14.94
N ARG B 107 22.25 19.40 -13.72
CA ARG B 107 22.28 17.99 -13.37
C ARG B 107 20.99 17.29 -13.79
N ALA B 108 19.91 18.06 -13.86
CA ALA B 108 18.62 17.51 -14.25
C ALA B 108 18.66 16.91 -15.65
N LYS B 109 19.67 17.31 -16.42
CA LYS B 109 19.83 16.81 -17.78
C LYS B 109 19.76 15.29 -17.82
N LYS B 110 20.22 14.65 -16.75
CA LYS B 110 20.20 13.20 -16.65
C LYS B 110 21.12 12.57 -17.70
N ILE B 111 22.41 12.52 -17.40
CA ILE B 111 23.39 11.94 -18.31
C ILE B 111 23.27 10.41 -18.35
N ASP B 112 22.40 9.87 -17.51
CA ASP B 112 22.19 8.43 -17.45
C ASP B 112 23.45 7.73 -16.95
N LYS B 113 24.18 8.39 -16.06
CA LYS B 113 25.40 7.84 -15.51
C LYS B 113 25.09 6.78 -14.44
N ILE B 114 23.81 6.59 -14.16
CA ILE B 114 23.37 5.62 -13.17
C ILE B 114 23.30 4.22 -13.78
N SER B 115 23.20 4.16 -15.10
CA SER B 115 23.12 2.89 -15.80
C SER B 115 24.50 2.28 -15.98
N ARG B 116 25.52 2.98 -15.50
CA ARG B 116 26.90 2.51 -15.61
C ARG B 116 27.21 1.49 -14.53
N ILE B 117 26.46 1.54 -13.44
CA ILE B 117 26.65 0.61 -12.32
C ILE B 117 25.55 -0.44 -12.29
N GLY B 118 24.34 -0.04 -12.67
CA GLY B 118 23.22 -0.97 -12.68
C GLY B 118 23.37 -2.05 -13.73
N PHE B 119 23.74 -1.65 -14.95
CA PHE B 119 23.91 -2.60 -16.04
C PHE B 119 24.80 -3.76 -15.61
N PRO B 120 26.04 -3.45 -15.20
CA PRO B 120 27.01 -4.45 -14.76
C PRO B 120 26.62 -5.10 -13.44
N LEU B 121 25.66 -4.49 -12.75
CA LEU B 121 25.19 -4.99 -11.46
C LEU B 121 24.18 -6.13 -11.65
N ALA B 122 23.42 -6.05 -12.74
CA ALA B 122 22.43 -7.06 -13.05
C ALA B 122 23.07 -8.31 -13.63
N PHE B 123 24.07 -8.12 -14.49
CA PHE B 123 24.77 -9.23 -15.12
C PHE B 123 25.59 -10.01 -14.09
N LEU B 124 26.13 -9.30 -13.11
CA LEU B 124 26.94 -9.91 -12.07
C LEU B 124 26.09 -10.81 -11.18
N ILE B 125 24.87 -10.34 -10.87
CA ILE B 125 23.96 -11.10 -10.03
C ILE B 125 23.40 -12.31 -10.78
N PHE B 126 23.01 -12.09 -12.03
CA PHE B 126 22.45 -13.16 -12.86
C PHE B 126 23.46 -14.29 -13.05
N ASN B 127 24.73 -13.91 -13.18
CA ASN B 127 25.79 -14.90 -13.37
C ASN B 127 26.27 -15.44 -12.02
N LEU B 128 25.97 -14.71 -10.96
CA LEU B 128 26.36 -15.12 -9.61
C LEU B 128 25.41 -16.17 -9.06
N PHE B 129 24.16 -16.11 -9.49
CA PHE B 129 23.14 -17.05 -9.04
C PHE B 129 23.04 -18.24 -10.00
N TYR B 130 23.51 -18.05 -11.23
CA TYR B 130 23.47 -19.09 -12.23
C TYR B 130 24.63 -20.08 -12.05
N TRP B 131 25.80 -19.54 -11.77
CA TRP B 131 26.99 -20.36 -11.56
C TRP B 131 26.99 -20.99 -10.19
N ILE B 132 26.40 -20.30 -9.22
CA ILE B 132 26.33 -20.80 -7.85
C ILE B 132 25.31 -21.92 -7.72
N ILE B 133 24.25 -21.85 -8.54
CA ILE B 133 23.20 -22.85 -8.53
C ILE B 133 23.70 -24.17 -9.10
N TYR B 134 24.46 -24.10 -10.19
CA TYR B 134 24.99 -25.28 -10.84
C TYR B 134 26.26 -25.75 -10.15
N LYS B 135 26.75 -24.96 -9.21
CA LYS B 135 27.96 -25.30 -8.46
C LYS B 135 27.61 -26.01 -7.16
N ILE B 136 26.64 -25.45 -6.43
CA ILE B 136 26.21 -26.03 -5.16
C ILE B 136 25.82 -27.50 -5.34
N VAL B 137 25.12 -27.80 -6.43
CA VAL B 137 24.69 -29.16 -6.72
C VAL B 137 25.89 -30.10 -6.85
N ARG B 138 27.06 -29.53 -7.06
CA ARG B 138 28.29 -30.31 -7.20
C ARG B 138 29.07 -30.34 -5.90
N ARG B 139 29.25 -29.17 -5.30
CA ARG B 139 29.99 -29.06 -4.04
C ARG B 139 31.48 -29.20 -4.28
N GLU B 140 31.89 -30.28 -4.93
CA GLU B 140 33.30 -30.52 -5.22
C GLU B 140 33.59 -30.35 -6.71
N ASP B 141 32.64 -29.74 -7.42
CA ASP B 141 32.78 -29.51 -8.85
C ASP B 141 33.14 -30.81 -9.57
N GLU B 142 32.17 -31.72 -9.63
CA GLU B 142 32.38 -33.01 -10.30
C GLU B 142 31.97 -32.93 -11.76
N PHE B 143 30.84 -32.29 -12.03
CA PHE B 143 30.34 -32.16 -13.39
C PHE B 143 30.21 -30.68 -13.77
N GLU B 144 30.92 -29.83 -13.05
CA GLU B 144 30.88 -28.39 -13.30
C GLU B 144 31.15 -28.10 -14.78
N HIS B 145 32.37 -28.41 -15.23
CA HIS B 145 32.75 -28.18 -16.61
C HIS B 145 32.49 -26.73 -17.02
N HIS B 146 32.63 -25.82 -16.07
CA HIS B 146 32.40 -24.40 -16.32
C HIS B 146 33.69 -23.71 -16.77
N HIS B 147 34.58 -23.48 -15.81
CA HIS B 147 35.85 -22.84 -16.11
C HIS B 147 36.95 -23.87 -16.32
N HIS B 148 37.28 -24.61 -15.26
CA HIS B 148 38.33 -25.63 -15.33
C HIS B 148 39.67 -25.01 -15.65
N HIS B 149 39.78 -23.69 -15.46
CA HIS B 149 41.02 -22.98 -15.73
C HIS B 149 41.98 -23.09 -14.54
N HIS B 150 41.57 -22.54 -13.41
CA HIS B 150 42.39 -22.59 -12.21
C HIS B 150 41.69 -21.90 -11.04
N MET C 1 -12.00 -32.76 -5.33
CA MET C 1 -12.70 -33.59 -6.31
C MET C 1 -13.03 -32.78 -7.57
N LEU C 2 -13.13 -31.47 -7.41
CA LEU C 2 -13.45 -30.57 -8.52
C LEU C 2 -12.23 -29.75 -8.91
N GLU C 3 -11.06 -30.37 -8.90
CA GLU C 3 -9.82 -29.69 -9.26
C GLU C 3 -9.81 -29.33 -10.74
N ARG C 4 -10.20 -30.28 -11.58
CA ARG C 4 -10.24 -30.07 -13.02
C ARG C 4 -11.49 -29.30 -13.43
N GLN C 5 -12.43 -29.17 -12.49
CA GLN C 5 -13.67 -28.46 -12.76
C GLN C 5 -13.59 -27.01 -12.28
N LEU C 6 -12.37 -26.55 -12.05
CA LEU C 6 -12.15 -25.18 -11.58
C LEU C 6 -12.07 -24.21 -12.76
N GLY C 7 -11.57 -24.71 -13.89
CA GLY C 7 -11.45 -23.87 -15.07
C GLY C 7 -12.74 -23.15 -15.41
N TYR C 8 -13.87 -23.77 -15.06
CA TYR C 8 -15.17 -23.19 -15.34
C TYR C 8 -15.34 -21.86 -14.59
N TYR C 9 -14.95 -21.85 -13.33
CA TYR C 9 -15.05 -20.65 -12.49
C TYR C 9 -13.98 -19.62 -12.88
N LEU C 10 -12.90 -20.11 -13.48
CA LEU C 10 -11.82 -19.24 -13.90
C LEU C 10 -12.15 -18.54 -15.21
N ILE C 11 -13.00 -19.17 -16.02
CA ILE C 11 -13.40 -18.61 -17.30
C ILE C 11 -14.33 -17.41 -17.10
N GLN C 12 -15.42 -17.63 -16.39
CA GLN C 12 -16.40 -16.57 -16.13
C GLN C 12 -15.78 -15.48 -15.25
N LEU C 13 -14.77 -15.85 -14.49
CA LEU C 13 -14.10 -14.90 -13.61
C LEU C 13 -13.00 -14.14 -14.35
N TYR C 14 -12.52 -14.73 -15.44
CA TYR C 14 -11.47 -14.11 -16.25
C TYR C 14 -12.03 -13.00 -17.11
N ILE C 15 -13.29 -13.15 -17.52
CA ILE C 15 -13.94 -12.15 -18.36
C ILE C 15 -13.82 -10.76 -17.76
N PRO C 16 -14.31 -10.60 -16.51
CA PRO C 16 -14.25 -9.32 -15.80
C PRO C 16 -12.84 -8.95 -15.40
N SER C 17 -12.02 -9.95 -15.11
CA SER C 17 -10.64 -9.72 -14.70
C SER C 17 -9.81 -9.20 -15.88
N LEU C 18 -10.22 -9.55 -17.08
CA LEU C 18 -9.52 -9.11 -18.29
C LEU C 18 -10.01 -7.75 -18.75
N LEU C 19 -11.32 -7.53 -18.64
CA LEU C 19 -11.91 -6.27 -19.04
C LEU C 19 -11.32 -5.10 -18.25
N ILE C 20 -11.24 -5.28 -16.93
CA ILE C 20 -10.68 -4.25 -16.07
C ILE C 20 -9.20 -4.03 -16.35
N VAL C 21 -8.54 -5.06 -16.87
CA VAL C 21 -7.12 -4.98 -17.18
C VAL C 21 -6.88 -4.12 -18.42
N ILE C 22 -7.72 -4.31 -19.43
CA ILE C 22 -7.61 -3.56 -20.67
C ILE C 22 -7.75 -2.06 -20.42
N LEU C 23 -8.70 -1.69 -19.55
CA LEU C 23 -8.94 -0.30 -19.22
C LEU C 23 -7.75 0.30 -18.47
N SER C 24 -7.07 -0.54 -17.70
CA SER C 24 -5.92 -0.09 -16.93
C SER C 24 -4.89 0.59 -17.83
N TRP C 25 -4.51 -0.10 -18.90
CA TRP C 25 -3.53 0.43 -19.84
C TRP C 25 -4.04 1.72 -20.49
N ILE C 26 -5.34 1.74 -20.81
CA ILE C 26 -5.95 2.90 -21.43
C ILE C 26 -5.77 4.14 -20.58
N SER C 27 -5.52 3.94 -19.28
CA SER C 27 -5.33 5.05 -18.35
C SER C 27 -3.87 5.14 -17.92
N PHE C 28 -3.06 4.18 -18.37
CA PHE C 28 -1.64 4.15 -18.02
C PHE C 28 -0.87 5.18 -18.85
N TRP C 29 -1.35 5.43 -20.06
CA TRP C 29 -0.70 6.39 -20.95
C TRP C 29 -0.60 7.76 -20.29
N ILE C 30 -1.45 8.00 -19.30
CA ILE C 30 -1.45 9.28 -18.60
C ILE C 30 -0.88 9.13 -17.19
N ASN C 31 -1.14 7.99 -16.57
CA ASN C 31 -0.64 7.72 -15.23
C ASN C 31 0.87 7.53 -15.23
N LEU C 32 1.44 7.46 -16.42
CA LEU C 32 2.89 7.28 -16.57
C LEU C 32 3.65 8.24 -15.66
N ASP C 33 3.04 9.37 -15.36
CA ASP C 33 3.65 10.38 -14.50
C ASP C 33 2.60 11.26 -13.84
N ALA C 34 1.54 11.58 -14.59
CA ALA C 34 0.47 12.41 -14.06
C ALA C 34 -0.13 11.82 -12.80
N ALA C 35 -0.34 10.50 -12.81
CA ALA C 35 -0.90 9.81 -11.66
C ALA C 35 -0.66 8.31 -11.74
N PRO C 36 0.61 7.90 -11.55
CA PRO C 36 1.01 6.50 -11.60
C PRO C 36 0.46 5.69 -10.42
N ALA C 37 -0.19 6.38 -9.49
CA ALA C 37 -0.76 5.75 -8.31
C ALA C 37 -1.81 4.71 -8.71
N ARG C 38 -2.59 5.03 -9.74
CA ARG C 38 -3.64 4.13 -10.21
C ARG C 38 -3.03 2.91 -10.91
N VAL C 39 -1.97 3.15 -11.67
CA VAL C 39 -1.30 2.08 -12.39
C VAL C 39 -0.74 1.03 -11.44
N GLY C 40 -0.30 1.48 -10.27
CA GLY C 40 0.25 0.57 -9.28
C GLY C 40 -0.83 -0.26 -8.60
N LEU C 41 -2.04 0.28 -8.56
CA LEU C 41 -3.16 -0.41 -7.93
C LEU C 41 -3.79 -1.42 -8.88
N GLY C 42 -3.84 -1.06 -10.17
CA GLY C 42 -4.41 -1.94 -11.16
C GLY C 42 -3.55 -3.15 -11.43
N ILE C 43 -2.24 -2.96 -11.39
CA ILE C 43 -1.30 -4.05 -11.63
C ILE C 43 -1.27 -5.03 -10.47
N THR C 44 -1.49 -4.51 -9.27
CA THR C 44 -1.50 -5.34 -8.06
C THR C 44 -2.88 -5.95 -7.82
N THR C 45 -3.89 -5.39 -8.48
CA THR C 45 -5.26 -5.88 -8.34
C THR C 45 -5.47 -7.15 -9.16
N VAL C 46 -4.75 -7.25 -10.26
CA VAL C 46 -4.87 -8.42 -11.13
C VAL C 46 -4.22 -9.65 -10.50
N LEU C 47 -3.06 -9.45 -9.89
CA LEU C 47 -2.35 -10.54 -9.24
C LEU C 47 -2.95 -10.87 -7.88
N THR C 48 -3.68 -9.90 -7.32
CA THR C 48 -4.32 -10.09 -6.02
C THR C 48 -5.72 -10.65 -6.18
N LEU C 49 -6.33 -10.41 -7.34
CA LEU C 49 -7.67 -10.90 -7.62
C LEU C 49 -7.65 -12.37 -7.99
N THR C 50 -6.53 -12.83 -8.54
CA THR C 50 -6.38 -14.22 -8.95
C THR C 50 -5.92 -15.09 -7.78
N THR C 51 -4.94 -14.58 -7.03
CA THR C 51 -4.40 -15.31 -5.88
C THR C 51 -5.46 -15.50 -4.81
N GLN C 52 -6.38 -14.54 -4.71
CA GLN C 52 -7.45 -14.60 -3.71
C GLN C 52 -8.66 -15.35 -4.27
N SER C 53 -8.69 -15.51 -5.59
CA SER C 53 -9.80 -16.21 -6.25
C SER C 53 -9.71 -17.72 -6.00
N SER C 54 -8.61 -18.15 -5.41
CA SER C 54 -8.39 -19.57 -5.12
C SER C 54 -7.95 -19.77 -3.68
N GLY C 55 -8.51 -18.96 -2.77
CA GLY C 55 -8.18 -19.07 -1.37
C GLY C 55 -9.02 -20.10 -0.65
N SER C 56 -10.21 -20.35 -1.16
CA SER C 56 -11.13 -21.31 -0.55
C SER C 56 -10.49 -22.69 -0.49
N ARG C 57 -9.81 -23.07 -1.56
CA ARG C 57 -9.15 -24.37 -1.62
C ARG C 57 -10.17 -25.50 -1.46
N ALA C 58 -11.44 -25.18 -1.67
CA ALA C 58 -12.51 -26.17 -1.55
C ALA C 58 -12.71 -26.93 -2.86
N SER C 59 -12.23 -26.34 -3.95
CA SER C 59 -12.35 -26.96 -5.27
C SER C 59 -11.06 -27.67 -5.66
N LEU C 60 -10.12 -27.71 -4.74
CA LEU C 60 -8.82 -28.35 -4.99
C LEU C 60 -8.12 -27.70 -6.17
N PRO C 61 -7.68 -26.45 -5.97
CA PRO C 61 -6.96 -25.68 -6.99
C PRO C 61 -5.57 -26.24 -7.27
N LYS C 62 -5.18 -27.25 -6.50
CA LYS C 62 -3.86 -27.86 -6.66
C LYS C 62 -3.58 -28.16 -8.13
N VAL C 63 -4.41 -29.01 -8.74
CA VAL C 63 -4.25 -29.36 -10.14
C VAL C 63 -4.25 -28.13 -11.03
N SER C 64 -5.11 -27.17 -10.70
CA SER C 64 -5.22 -25.94 -11.47
C SER C 64 -3.99 -25.06 -11.25
N TYR C 65 -3.17 -25.42 -10.28
CA TYR C 65 -1.97 -24.67 -9.96
C TYR C 65 -0.84 -25.00 -10.93
N VAL C 66 -0.45 -26.27 -10.96
CA VAL C 66 0.61 -26.72 -11.85
C VAL C 66 0.36 -26.28 -13.29
N LYS C 67 -0.88 -26.41 -13.72
CA LYS C 67 -1.26 -26.02 -15.08
C LYS C 67 -1.20 -24.51 -15.24
N ALA C 68 -1.55 -23.79 -14.19
CA ALA C 68 -1.52 -22.33 -14.22
C ALA C 68 -0.10 -21.79 -14.12
N ILE C 69 0.81 -22.63 -13.64
CA ILE C 69 2.21 -22.24 -13.49
C ILE C 69 2.91 -22.22 -14.85
N ASP C 70 2.50 -23.12 -15.73
CA ASP C 70 3.10 -23.21 -17.07
C ASP C 70 2.74 -21.97 -17.89
N ILE C 71 1.63 -21.33 -17.54
CA ILE C 71 1.19 -20.14 -18.25
C ILE C 71 1.55 -18.87 -17.47
N TRP C 72 1.58 -18.98 -16.15
CA TRP C 72 1.90 -17.85 -15.30
C TRP C 72 3.40 -17.53 -15.36
N LEU C 73 4.17 -18.47 -15.91
CA LEU C 73 5.61 -18.28 -16.03
C LEU C 73 5.97 -17.60 -17.35
N ALA C 74 5.25 -16.53 -17.66
CA ALA C 74 5.49 -15.78 -18.90
C ALA C 74 4.56 -14.59 -19.01
N VAL C 75 3.33 -14.76 -18.51
CA VAL C 75 2.34 -13.69 -18.56
C VAL C 75 2.70 -12.56 -17.60
N CYS C 76 3.38 -12.92 -16.52
CA CYS C 76 3.79 -11.93 -15.52
C CYS C 76 5.10 -11.27 -15.90
N LEU C 77 5.95 -12.01 -16.61
CA LEU C 77 7.24 -11.49 -17.05
C LEU C 77 7.09 -10.66 -18.32
N LEU C 78 5.99 -10.87 -19.03
CA LEU C 78 5.72 -10.15 -20.27
C LEU C 78 4.81 -8.96 -20.02
N PHE C 79 3.92 -9.09 -19.04
CA PHE C 79 2.99 -8.03 -18.69
C PHE C 79 3.72 -6.83 -18.09
N VAL C 80 4.69 -7.12 -17.22
CA VAL C 80 5.47 -6.08 -16.57
C VAL C 80 6.68 -5.69 -17.41
N PHE C 81 6.91 -6.44 -18.49
CA PHE C 81 8.03 -6.18 -19.37
C PHE C 81 7.72 -5.02 -20.32
N SER C 82 6.46 -4.94 -20.76
CA SER C 82 6.04 -3.88 -21.67
C SER C 82 5.77 -2.59 -20.92
N ALA C 83 5.32 -2.72 -19.67
CA ALA C 83 5.02 -1.55 -18.85
C ALA C 83 6.29 -0.79 -18.49
N LEU C 84 7.35 -1.54 -18.20
CA LEU C 84 8.64 -0.94 -17.84
C LEU C 84 9.28 -0.27 -19.05
N LEU C 85 9.13 -0.88 -20.22
CA LEU C 85 9.70 -0.35 -21.45
C LEU C 85 9.30 1.11 -21.64
N GLU C 86 8.06 1.43 -21.30
CA GLU C 86 7.55 2.79 -21.43
C GLU C 86 7.86 3.61 -20.18
N TYR C 87 7.76 2.97 -19.02
CA TYR C 87 8.02 3.64 -17.75
C TYR C 87 9.48 4.04 -17.64
N ALA C 88 10.30 3.51 -18.54
CA ALA C 88 11.73 3.84 -18.55
C ALA C 88 12.13 4.49 -19.85
N ALA C 89 11.24 4.44 -20.84
CA ALA C 89 11.50 5.05 -22.14
C ALA C 89 11.51 6.57 -22.06
N VAL C 90 10.64 7.12 -21.20
CA VAL C 90 10.56 8.56 -21.02
C VAL C 90 11.93 9.17 -20.81
N ASN C 91 12.75 8.51 -19.99
CA ASN C 91 14.10 8.99 -19.71
C ASN C 91 15.08 8.51 -20.76
N PHE C 92 14.70 7.49 -21.50
CA PHE C 92 15.55 6.93 -22.55
C PHE C 92 15.54 7.83 -23.79
N VAL C 93 14.73 8.87 -23.76
CA VAL C 93 14.64 9.80 -24.87
C VAL C 93 16.01 10.33 -25.27
N SER C 94 16.84 10.60 -24.27
CA SER C 94 18.18 11.11 -24.51
C SER C 94 18.97 10.17 -25.42
N ARG C 95 18.57 8.91 -25.43
CA ARG C 95 19.23 7.90 -26.26
C ARG C 95 19.20 8.31 -27.73
N GLN C 96 18.25 9.16 -28.08
CA GLN C 96 18.11 9.62 -29.46
C GLN C 96 17.78 8.45 -30.40
N ARG C 97 17.09 7.45 -29.86
CA ARG C 97 16.72 6.28 -30.65
C ARG C 97 16.01 6.70 -31.94
N GLU C 98 15.32 7.82 -31.88
CA GLU C 98 14.59 8.33 -33.04
C GLU C 98 15.57 8.80 -34.12
N PHE C 99 15.02 9.47 -35.14
CA PHE C 99 15.84 9.98 -36.23
C PHE C 99 16.26 11.43 -35.98
N GLY C 100 16.15 11.85 -34.72
CA GLY C 100 16.52 13.21 -34.37
C GLY C 100 15.92 13.64 -33.05
N GLY C 101 16.68 14.41 -32.27
CA GLY C 101 16.20 14.89 -30.99
C GLY C 101 15.56 16.25 -31.08
N GLY C 102 15.06 16.59 -32.26
CA GLY C 102 14.42 17.88 -32.47
C GLY C 102 13.11 18.00 -31.70
N GLY C 103 12.42 16.88 -31.55
CA GLY C 103 11.15 16.88 -30.84
C GLY C 103 11.27 16.37 -29.42
N PHE C 104 12.41 16.66 -28.78
CA PHE C 104 12.65 16.21 -27.42
C PHE C 104 11.65 16.87 -26.45
N ILE C 105 11.64 18.19 -26.44
CA ILE C 105 10.73 18.94 -25.57
C ILE C 105 9.31 18.94 -26.12
N GLN C 106 9.17 18.57 -27.39
CA GLN C 106 7.86 18.53 -28.03
C GLN C 106 7.24 17.14 -27.91
N ARG C 107 7.82 16.31 -27.05
CA ARG C 107 7.32 14.96 -26.85
C ARG C 107 6.18 14.95 -25.84
N ALA C 108 6.16 15.93 -24.95
CA ALA C 108 5.13 16.03 -23.94
C ALA C 108 3.75 16.20 -24.58
N LYS C 109 3.73 16.59 -25.85
CA LYS C 109 2.49 16.77 -26.57
C LYS C 109 1.61 15.53 -26.47
N LYS C 110 2.24 14.38 -26.29
CA LYS C 110 1.51 13.12 -26.17
C LYS C 110 0.67 12.85 -27.42
N ILE C 111 1.31 12.28 -28.44
CA ILE C 111 0.63 11.98 -29.69
C ILE C 111 -0.27 10.75 -29.54
N ASP C 112 -0.26 10.16 -28.35
CA ASP C 112 -1.07 8.98 -28.07
C ASP C 112 -0.63 7.80 -28.94
N LYS C 113 0.66 7.72 -29.20
CA LYS C 113 1.21 6.65 -30.02
C LYS C 113 1.32 5.36 -29.22
N ILE C 114 0.99 5.43 -27.93
CA ILE C 114 1.06 4.27 -27.06
C ILE C 114 -0.20 3.41 -27.18
N SER C 115 -1.28 4.02 -27.67
CA SER C 115 -2.54 3.31 -27.83
C SER C 115 -2.54 2.50 -29.13
N ARG C 116 -1.44 2.57 -29.85
CA ARG C 116 -1.32 1.83 -31.11
C ARG C 116 -0.94 0.38 -30.86
N ILE C 117 -0.34 0.11 -29.71
CA ILE C 117 0.07 -1.24 -29.35
C ILE C 117 -0.86 -1.83 -28.29
N GLY C 118 -1.35 -0.97 -27.41
CA GLY C 118 -2.24 -1.42 -26.35
C GLY C 118 -3.59 -1.86 -26.89
N PHE C 119 -4.17 -1.07 -27.78
CA PHE C 119 -5.46 -1.38 -28.37
C PHE C 119 -5.47 -2.81 -28.91
N PRO C 120 -4.56 -3.10 -29.85
CA PRO C 120 -4.46 -4.42 -30.47
C PRO C 120 -3.93 -5.47 -29.50
N LEU C 121 -3.39 -5.01 -28.37
CA LEU C 121 -2.85 -5.91 -27.36
C LEU C 121 -3.97 -6.47 -26.48
N ALA C 122 -5.02 -5.68 -26.28
CA ALA C 122 -6.15 -6.09 -25.47
C ALA C 122 -7.06 -7.05 -26.23
N PHE C 123 -7.26 -6.76 -27.52
CA PHE C 123 -8.11 -7.60 -28.37
C PHE C 123 -7.47 -8.96 -28.60
N LEU C 124 -6.14 -8.98 -28.69
CA LEU C 124 -5.42 -10.23 -28.92
C LEU C 124 -5.52 -11.15 -27.71
N ILE C 125 -5.46 -10.56 -26.52
CA ILE C 125 -5.54 -11.33 -25.28
C ILE C 125 -6.97 -11.82 -25.04
N PHE C 126 -7.94 -10.93 -25.26
CA PHE C 126 -9.34 -11.27 -25.06
C PHE C 126 -9.76 -12.41 -25.99
N ASN C 127 -9.22 -12.40 -27.21
CA ASN C 127 -9.53 -13.42 -28.19
C ASN C 127 -8.65 -14.66 -28.00
N LEU C 128 -7.54 -14.47 -27.30
CA LEU C 128 -6.61 -15.56 -27.04
C LEU C 128 -7.09 -16.43 -25.87
N PHE C 129 -7.82 -15.81 -24.95
CA PHE C 129 -8.34 -16.53 -23.79
C PHE C 129 -9.76 -17.03 -24.05
N TYR C 130 -10.42 -16.43 -25.03
CA TYR C 130 -11.79 -16.81 -25.38
C TYR C 130 -11.79 -18.03 -26.28
N TRP C 131 -10.87 -18.07 -27.24
CA TRP C 131 -10.76 -19.18 -28.17
C TRP C 131 -10.06 -20.36 -27.52
N ILE C 132 -9.14 -20.07 -26.61
CA ILE C 132 -8.40 -21.12 -25.91
C ILE C 132 -9.27 -21.82 -24.88
N ILE C 133 -10.21 -21.08 -24.31
CA ILE C 133 -11.11 -21.62 -23.30
C ILE C 133 -12.11 -22.59 -23.93
N TYR C 134 -12.64 -22.22 -25.09
CA TYR C 134 -13.60 -23.05 -25.79
C TYR C 134 -12.90 -24.14 -26.59
N LYS C 135 -11.57 -24.06 -26.65
CA LYS C 135 -10.79 -25.04 -27.39
C LYS C 135 -10.30 -26.15 -26.45
N ILE C 136 -9.76 -25.76 -25.31
CA ILE C 136 -9.27 -26.72 -24.33
C ILE C 136 -10.34 -27.75 -23.97
N VAL C 137 -11.57 -27.28 -23.82
CA VAL C 137 -12.68 -28.15 -23.48
C VAL C 137 -12.90 -29.22 -24.55
N ARG C 138 -12.34 -28.97 -25.74
CA ARG C 138 -12.47 -29.91 -26.85
C ARG C 138 -11.22 -30.78 -26.97
N ARG C 139 -10.06 -30.14 -26.93
CA ARG C 139 -8.79 -30.85 -27.05
C ARG C 139 -8.53 -31.28 -28.49
N GLU C 140 -9.48 -31.99 -29.07
CA GLU C 140 -9.35 -32.46 -30.44
C GLU C 140 -10.29 -31.68 -31.37
N ASP C 141 -10.83 -30.58 -30.86
CA ASP C 141 -11.74 -29.75 -31.66
C ASP C 141 -12.89 -30.59 -32.21
N GLU C 142 -13.77 -31.05 -31.33
CA GLU C 142 -14.91 -31.87 -31.74
C GLU C 142 -16.12 -30.99 -32.03
N PHE C 143 -16.36 -30.01 -31.17
CA PHE C 143 -17.49 -29.11 -31.33
C PHE C 143 -17.01 -27.66 -31.46
N GLU C 144 -15.75 -27.49 -31.82
CA GLU C 144 -15.17 -26.16 -31.98
C GLU C 144 -16.03 -25.29 -32.90
N HIS C 145 -16.13 -25.70 -34.16
CA HIS C 145 -16.93 -24.95 -35.13
C HIS C 145 -16.54 -23.48 -35.15
N HIS C 146 -15.26 -23.21 -34.91
CA HIS C 146 -14.75 -21.85 -34.89
C HIS C 146 -14.27 -21.43 -36.28
N HIS C 147 -13.12 -21.95 -36.68
CA HIS C 147 -12.54 -21.62 -37.98
C HIS C 147 -12.89 -22.70 -39.00
N HIS C 148 -12.38 -23.91 -38.78
CA HIS C 148 -12.65 -25.03 -39.68
C HIS C 148 -12.08 -24.75 -41.08
N HIS C 149 -11.19 -23.76 -41.16
CA HIS C 149 -10.57 -23.39 -42.43
C HIS C 149 -9.40 -24.32 -42.76
N HIS C 150 -8.37 -24.29 -41.91
CA HIS C 150 -7.20 -25.13 -42.11
C HIS C 150 -7.60 -26.59 -42.31
N MET D 1 -26.25 -21.40 9.96
CA MET D 1 -27.64 -21.35 10.40
C MET D 1 -28.26 -20.00 10.10
N LEU D 2 -27.45 -18.95 10.18
CA LEU D 2 -27.92 -17.59 9.93
C LEU D 2 -27.34 -17.05 8.62
N GLU D 3 -27.27 -17.92 7.61
CA GLU D 3 -26.74 -17.53 6.31
C GLU D 3 -27.67 -16.54 5.62
N ARG D 4 -28.97 -16.82 5.66
CA ARG D 4 -29.96 -15.95 5.04
C ARG D 4 -30.29 -14.76 5.94
N GLN D 5 -29.82 -14.82 7.18
CA GLN D 5 -30.05 -13.75 8.14
C GLN D 5 -28.86 -12.80 8.20
N LEU D 6 -28.01 -12.87 7.18
CA LEU D 6 -26.83 -12.00 7.12
C LEU D 6 -27.17 -10.67 6.47
N GLY D 7 -28.13 -10.68 5.56
CA GLY D 7 -28.53 -9.47 4.88
C GLY D 7 -28.83 -8.34 5.85
N TYR D 8 -29.29 -8.70 7.04
CA TYR D 8 -29.62 -7.71 8.06
C TYR D 8 -28.39 -6.92 8.47
N TYR D 9 -27.28 -7.61 8.67
CA TYR D 9 -26.03 -6.97 9.06
C TYR D 9 -25.40 -6.24 7.89
N LEU D 10 -25.75 -6.66 6.68
CA LEU D 10 -25.21 -6.05 5.47
C LEU D 10 -25.94 -4.75 5.15
N ILE D 11 -27.19 -4.65 5.59
CA ILE D 11 -27.99 -3.46 5.35
C ILE D 11 -27.51 -2.29 6.21
N GLN D 12 -27.46 -2.50 7.51
CA GLN D 12 -27.02 -1.47 8.44
C GLN D 12 -25.54 -1.15 8.22
N LEU D 13 -24.81 -2.10 7.67
CA LEU D 13 -23.38 -1.92 7.40
C LEU D 13 -23.16 -1.25 6.05
N TYR D 14 -24.15 -1.37 5.17
CA TYR D 14 -24.06 -0.77 3.85
C TYR D 14 -24.30 0.73 3.90
N ILE D 15 -25.12 1.16 4.85
CA ILE D 15 -25.44 2.57 5.02
C ILE D 15 -24.16 3.41 5.09
N PRO D 16 -23.30 3.09 6.07
CA PRO D 16 -22.03 3.81 6.27
C PRO D 16 -21.03 3.52 5.16
N SER D 17 -21.09 2.32 4.61
CA SER D 17 -20.18 1.92 3.54
C SER D 17 -20.49 2.67 2.25
N LEU D 18 -21.76 3.08 2.11
CA LEU D 18 -22.20 3.80 0.92
C LEU D 18 -21.96 5.30 1.09
N LEU D 19 -22.20 5.81 2.29
CA LEU D 19 -22.02 7.22 2.58
C LEU D 19 -20.58 7.65 2.33
N ILE D 20 -19.64 6.86 2.85
CA ILE D 20 -18.22 7.14 2.68
C ILE D 20 -17.81 7.04 1.22
N VAL D 21 -18.54 6.24 0.46
CA VAL D 21 -18.25 6.05 -0.96
C VAL D 21 -18.64 7.27 -1.78
N ILE D 22 -19.80 7.85 -1.45
CA ILE D 22 -20.29 9.03 -2.14
C ILE D 22 -19.33 10.20 -1.99
N LEU D 23 -18.80 10.36 -0.78
CA LEU D 23 -17.85 11.44 -0.49
C LEU D 23 -16.55 11.23 -1.24
N SER D 24 -16.20 9.97 -1.47
CA SER D 24 -14.96 9.63 -2.17
C SER D 24 -14.91 10.33 -3.53
N TRP D 25 -15.97 10.16 -4.32
CA TRP D 25 -16.04 10.77 -5.64
C TRP D 25 -15.97 12.29 -5.54
N ILE D 26 -16.69 12.85 -4.58
CA ILE D 26 -16.71 14.29 -4.38
C ILE D 26 -15.30 14.86 -4.32
N SER D 27 -14.36 14.05 -3.84
CA SER D 27 -12.97 14.47 -3.72
C SER D 27 -12.15 13.96 -4.90
N PHE D 28 -12.64 12.92 -5.56
CA PHE D 28 -11.96 12.33 -6.69
C PHE D 28 -11.72 13.37 -7.78
N TRP D 29 -12.57 14.39 -7.81
CA TRP D 29 -12.46 15.46 -8.80
C TRP D 29 -11.06 16.09 -8.77
N ILE D 30 -10.63 16.51 -7.58
CA ILE D 30 -9.32 17.12 -7.42
C ILE D 30 -8.23 16.05 -7.33
N ASN D 31 -8.56 14.91 -6.73
CA ASN D 31 -7.61 13.83 -6.59
C ASN D 31 -7.23 13.25 -7.95
N LEU D 32 -7.96 13.65 -8.98
CA LEU D 32 -7.71 13.17 -10.34
C LEU D 32 -6.23 13.30 -10.68
N ASP D 33 -5.55 14.24 -10.03
CA ASP D 33 -4.13 14.46 -10.28
C ASP D 33 -3.48 15.17 -9.09
N ALA D 34 -4.21 16.12 -8.51
CA ALA D 34 -3.70 16.87 -7.37
C ALA D 34 -3.26 15.94 -6.25
N ALA D 35 -4.09 14.95 -5.95
CA ALA D 35 -3.80 13.99 -4.89
C ALA D 35 -4.62 12.72 -5.05
N PRO D 36 -4.27 11.91 -6.07
CA PRO D 36 -4.97 10.66 -6.36
C PRO D 36 -4.70 9.59 -5.31
N ALA D 37 -3.80 9.89 -4.38
CA ALA D 37 -3.45 8.97 -3.31
C ALA D 37 -4.69 8.60 -2.48
N ARG D 38 -5.56 9.58 -2.26
CA ARG D 38 -6.78 9.37 -1.49
C ARG D 38 -7.78 8.52 -2.27
N VAL D 39 -7.85 8.75 -3.58
CA VAL D 39 -8.76 8.02 -4.44
C VAL D 39 -8.42 6.53 -4.46
N GLY D 40 -7.13 6.23 -4.37
CA GLY D 40 -6.69 4.85 -4.38
C GLY D 40 -6.98 4.13 -3.07
N LEU D 41 -7.07 4.90 -1.99
CA LEU D 41 -7.35 4.33 -0.67
C LEU D 41 -8.84 4.12 -0.47
N GLY D 42 -9.64 5.05 -1.00
CA GLY D 42 -11.08 4.94 -0.87
C GLY D 42 -11.66 3.81 -1.70
N ILE D 43 -11.08 3.59 -2.88
CA ILE D 43 -11.54 2.53 -3.77
C ILE D 43 -11.19 1.15 -3.22
N THR D 44 -10.06 1.07 -2.52
CA THR D 44 -9.60 -0.18 -1.95
C THR D 44 -10.22 -0.41 -0.57
N THR D 45 -10.76 0.65 0.02
CA THR D 45 -11.39 0.56 1.33
C THR D 45 -12.79 -0.04 1.24
N VAL D 46 -13.44 0.19 0.10
CA VAL D 46 -14.79 -0.34 -0.11
C VAL D 46 -14.76 -1.84 -0.34
N LEU D 47 -13.79 -2.30 -1.12
CA LEU D 47 -13.65 -3.72 -1.41
C LEU D 47 -13.00 -4.46 -0.25
N THR D 48 -12.29 -3.72 0.59
CA THR D 48 -11.62 -4.31 1.75
C THR D 48 -12.53 -4.30 2.98
N LEU D 49 -13.49 -3.38 2.99
CA LEU D 49 -14.42 -3.26 4.10
C LEU D 49 -15.53 -4.33 3.99
N THR D 50 -15.80 -4.76 2.77
CA THR D 50 -16.83 -5.77 2.53
C THR D 50 -16.26 -7.18 2.67
N THR D 51 -15.08 -7.39 2.11
CA THR D 51 -14.43 -8.69 2.18
C THR D 51 -14.07 -9.06 3.60
N GLN D 52 -13.79 -8.04 4.42
CA GLN D 52 -13.43 -8.27 5.82
C GLN D 52 -14.68 -8.29 6.69
N SER D 53 -15.78 -7.78 6.16
CA SER D 53 -17.04 -7.74 6.90
C SER D 53 -17.66 -9.13 7.00
N SER D 54 -17.07 -10.09 6.30
CA SER D 54 -17.55 -11.47 6.31
C SER D 54 -16.42 -12.44 6.58
N GLY D 55 -15.49 -12.05 7.44
CA GLY D 55 -14.36 -12.90 7.77
C GLY D 55 -14.67 -13.87 8.89
N SER D 56 -15.57 -13.47 9.79
CA SER D 56 -15.95 -14.31 10.92
C SER D 56 -16.47 -15.66 10.43
N ARG D 57 -17.25 -15.64 9.36
CA ARG D 57 -17.82 -16.86 8.81
C ARG D 57 -18.66 -17.59 9.84
N ALA D 58 -19.08 -16.88 10.87
CA ALA D 58 -19.89 -17.46 11.93
C ALA D 58 -21.37 -17.42 11.57
N SER D 59 -21.72 -16.56 10.63
CA SER D 59 -23.11 -16.42 10.20
C SER D 59 -23.35 -17.19 8.90
N LEU D 60 -22.35 -17.94 8.47
CA LEU D 60 -22.45 -18.73 7.25
C LEU D 60 -22.73 -17.83 6.05
N PRO D 61 -21.74 -17.01 5.68
CA PRO D 61 -21.86 -16.08 4.55
C PRO D 61 -21.89 -16.81 3.21
N LYS D 62 -21.73 -18.13 3.25
CA LYS D 62 -21.73 -18.94 2.04
C LYS D 62 -22.90 -18.57 1.15
N VAL D 63 -24.12 -18.73 1.66
CA VAL D 63 -25.32 -18.42 0.91
C VAL D 63 -25.31 -16.97 0.44
N SER D 64 -24.88 -16.07 1.32
CA SER D 64 -24.82 -14.64 0.99
C SER D 64 -23.75 -14.37 -0.06
N TYR D 65 -22.90 -15.37 -0.30
CA TYR D 65 -21.83 -15.23 -1.27
C TYR D 65 -22.36 -15.37 -2.70
N VAL D 66 -23.00 -16.50 -2.98
CA VAL D 66 -23.56 -16.74 -4.30
C VAL D 66 -24.44 -15.60 -4.75
N LYS D 67 -25.37 -15.19 -3.89
CA LYS D 67 -26.29 -14.10 -4.19
C LYS D 67 -25.52 -12.80 -4.40
N ALA D 68 -24.46 -12.60 -3.62
CA ALA D 68 -23.65 -11.41 -3.72
C ALA D 68 -22.79 -11.44 -4.98
N ILE D 69 -22.57 -12.62 -5.53
CA ILE D 69 -21.77 -12.79 -6.73
C ILE D 69 -22.54 -12.33 -7.97
N ASP D 70 -23.85 -12.52 -7.94
CA ASP D 70 -24.70 -12.12 -9.07
C ASP D 70 -24.77 -10.61 -9.18
N ILE D 71 -24.52 -9.92 -8.07
CA ILE D 71 -24.56 -8.46 -8.04
C ILE D 71 -23.15 -7.88 -8.09
N TRP D 72 -22.20 -8.60 -7.52
CA TRP D 72 -20.81 -8.15 -7.50
C TRP D 72 -20.17 -8.28 -8.88
N LEU D 73 -20.84 -9.01 -9.76
CA LEU D 73 -20.34 -9.22 -11.12
C LEU D 73 -20.84 -8.13 -12.06
N ALA D 74 -20.74 -6.88 -11.62
CA ALA D 74 -21.18 -5.75 -12.42
C ALA D 74 -20.94 -4.43 -11.70
N VAL D 75 -21.07 -4.45 -10.38
CA VAL D 75 -20.86 -3.26 -9.57
C VAL D 75 -19.39 -2.87 -9.53
N CYS D 76 -18.51 -3.87 -9.60
CA CYS D 76 -17.08 -3.63 -9.58
C CYS D 76 -16.56 -3.27 -10.97
N LEU D 77 -17.22 -3.81 -11.99
CA LEU D 77 -16.82 -3.55 -13.38
C LEU D 77 -17.39 -2.21 -13.86
N LEU D 78 -18.42 -1.74 -13.17
CA LEU D 78 -19.05 -0.47 -13.53
C LEU D 78 -18.52 0.66 -12.67
N PHE D 79 -18.16 0.35 -11.43
CA PHE D 79 -17.62 1.34 -10.50
C PHE D 79 -16.25 1.83 -10.96
N VAL D 80 -15.42 0.90 -11.43
CA VAL D 80 -14.08 1.24 -11.90
C VAL D 80 -14.10 1.61 -13.37
N PHE D 81 -15.25 1.44 -14.01
CA PHE D 81 -15.40 1.75 -15.43
C PHE D 81 -15.59 3.25 -15.64
N SER D 82 -16.30 3.88 -14.71
CA SER D 82 -16.56 5.31 -14.79
C SER D 82 -15.37 6.12 -14.29
N ALA D 83 -14.65 5.55 -13.34
CA ALA D 83 -13.47 6.21 -12.76
C ALA D 83 -12.34 6.30 -13.78
N LEU D 84 -12.19 5.24 -14.57
CA LEU D 84 -11.14 5.20 -15.58
C LEU D 84 -11.46 6.16 -16.74
N LEU D 85 -12.73 6.23 -17.09
CA LEU D 85 -13.18 7.10 -18.18
C LEU D 85 -12.66 8.53 -17.98
N GLU D 86 -12.66 8.98 -16.73
CA GLU D 86 -12.18 10.32 -16.40
C GLU D 86 -10.68 10.33 -16.18
N TYR D 87 -10.17 9.27 -15.53
CA TYR D 87 -8.75 9.15 -15.26
C TYR D 87 -7.95 9.04 -16.54
N ALA D 88 -8.64 8.79 -17.64
CA ALA D 88 -7.99 8.65 -18.94
C ALA D 88 -8.49 9.71 -19.92
N ALA D 89 -9.57 10.41 -19.54
CA ALA D 89 -10.13 11.45 -20.38
C ALA D 89 -9.23 12.67 -20.42
N VAL D 90 -8.58 12.96 -19.30
CA VAL D 90 -7.69 14.11 -19.20
C VAL D 90 -6.71 14.14 -20.37
N ASN D 91 -6.16 12.98 -20.71
CA ASN D 91 -5.22 12.88 -21.81
C ASN D 91 -5.95 12.68 -23.14
N PHE D 92 -7.21 12.28 -23.06
CA PHE D 92 -8.02 12.07 -24.26
C PHE D 92 -8.47 13.40 -24.87
N VAL D 93 -8.15 14.48 -24.18
CA VAL D 93 -8.51 15.81 -24.65
C VAL D 93 -8.05 16.05 -26.08
N SER D 94 -6.86 15.55 -26.40
CA SER D 94 -6.30 15.71 -27.74
C SER D 94 -7.24 15.12 -28.79
N ARG D 95 -8.09 14.19 -28.36
CA ARG D 95 -9.04 13.55 -29.26
C ARG D 95 -9.95 14.59 -29.92
N GLN D 96 -10.06 15.75 -29.28
CA GLN D 96 -10.91 16.82 -29.80
C GLN D 96 -12.37 16.38 -29.84
N ARG D 97 -12.75 15.49 -28.94
CA ARG D 97 -14.12 15.00 -28.88
C ARG D 97 -15.12 16.15 -28.84
N GLU D 98 -14.70 17.27 -28.26
CA GLU D 98 -15.55 18.44 -28.16
C GLU D 98 -15.78 19.08 -29.52
N PHE D 99 -16.37 20.26 -29.53
CA PHE D 99 -16.65 20.97 -30.78
C PHE D 99 -15.51 21.94 -31.12
N GLY D 100 -14.36 21.73 -30.48
CA GLY D 100 -13.21 22.59 -30.73
C GLY D 100 -12.17 22.49 -29.63
N GLY D 101 -10.90 22.54 -30.02
CA GLY D 101 -9.82 22.47 -29.04
C GLY D 101 -9.36 23.83 -28.58
N GLY D 102 -10.25 24.83 -28.68
CA GLY D 102 -9.90 26.17 -28.27
C GLY D 102 -9.71 26.28 -26.76
N GLY D 103 -10.45 25.48 -26.01
CA GLY D 103 -10.34 25.51 -24.57
C GLY D 103 -9.51 24.37 -24.02
N PHE D 104 -8.47 23.99 -24.76
CA PHE D 104 -7.59 22.90 -24.35
C PHE D 104 -6.84 23.27 -23.07
N ILE D 105 -6.11 24.37 -23.12
CA ILE D 105 -5.34 24.83 -21.97
C ILE D 105 -6.24 25.51 -20.95
N GLN D 106 -7.46 25.84 -21.36
CA GLN D 106 -8.42 26.49 -20.47
C GLN D 106 -9.31 25.46 -19.79
N ARG D 107 -8.91 24.20 -19.86
CA ARG D 107 -9.69 23.12 -19.26
C ARG D 107 -9.32 22.95 -17.79
N ALA D 108 -8.10 23.34 -17.44
CA ALA D 108 -7.63 23.24 -16.06
C ALA D 108 -8.50 24.07 -15.12
N LYS D 109 -9.24 25.01 -15.69
CA LYS D 109 -10.11 25.88 -14.91
C LYS D 109 -10.99 25.06 -13.96
N LYS D 110 -11.33 23.86 -14.39
CA LYS D 110 -12.17 22.97 -13.59
C LYS D 110 -13.57 23.55 -13.40
N ILE D 111 -14.41 23.36 -14.41
CA ILE D 111 -15.78 23.87 -14.35
C ILE D 111 -16.65 23.04 -13.42
N ASP D 112 -16.06 21.96 -12.88
CA ASP D 112 -16.77 21.09 -11.96
C ASP D 112 -17.94 20.40 -12.67
N LYS D 113 -17.75 20.10 -13.95
CA LYS D 113 -18.78 19.43 -14.73
C LYS D 113 -18.84 17.95 -14.42
N ILE D 114 -17.93 17.49 -13.55
CA ILE D 114 -17.88 16.09 -13.16
C ILE D 114 -18.87 15.79 -12.05
N SER D 115 -19.29 16.84 -11.34
CA SER D 115 -20.24 16.69 -10.24
C SER D 115 -21.67 16.62 -10.78
N ARG D 116 -21.81 16.70 -12.09
CA ARG D 116 -23.13 16.66 -12.72
C ARG D 116 -23.61 15.22 -12.86
N ILE D 117 -22.66 14.29 -12.87
CA ILE D 117 -22.99 12.87 -13.00
C ILE D 117 -22.83 12.15 -11.66
N GLY D 118 -21.86 12.58 -10.88
CA GLY D 118 -21.61 11.96 -9.59
C GLY D 118 -22.72 12.23 -8.61
N PHE D 119 -23.16 13.47 -8.52
CA PHE D 119 -24.23 13.86 -7.60
C PHE D 119 -25.43 12.94 -7.76
N PRO D 120 -25.99 12.88 -8.98
CA PRO D 120 -27.15 12.04 -9.28
C PRO D 120 -26.81 10.56 -9.26
N LEU D 121 -25.52 10.25 -9.26
CA LEU D 121 -25.06 8.86 -9.25
C LEU D 121 -25.08 8.30 -7.83
N ALA D 122 -24.86 9.16 -6.85
CA ALA D 122 -24.85 8.75 -5.45
C ALA D 122 -26.27 8.59 -4.92
N PHE D 123 -27.16 9.49 -5.33
CA PHE D 123 -28.56 9.45 -4.90
C PHE D 123 -29.27 8.24 -5.50
N LEU D 124 -28.89 7.89 -6.72
CA LEU D 124 -29.50 6.75 -7.41
C LEU D 124 -29.12 5.44 -6.73
N ILE D 125 -27.88 5.34 -6.30
CA ILE D 125 -27.39 4.14 -5.62
C ILE D 125 -27.97 4.03 -4.22
N PHE D 126 -27.98 5.15 -3.50
CA PHE D 126 -28.50 5.17 -2.14
C PHE D 126 -29.97 4.79 -2.11
N ASN D 127 -30.71 5.21 -3.13
CA ASN D 127 -32.13 4.92 -3.23
C ASN D 127 -32.36 3.55 -3.87
N LEU D 128 -31.33 3.05 -4.56
CA LEU D 128 -31.42 1.75 -5.22
C LEU D 128 -31.18 0.62 -4.23
N PHE D 129 -30.39 0.90 -3.20
CA PHE D 129 -30.08 -0.09 -2.18
C PHE D 129 -31.04 0.02 -1.00
N TYR D 130 -31.68 1.17 -0.88
CA TYR D 130 -32.63 1.40 0.21
C TYR D 130 -33.99 0.81 -0.12
N TRP D 131 -34.42 0.98 -1.37
CA TRP D 131 -35.71 0.46 -1.81
C TRP D 131 -35.62 -1.03 -2.09
N ILE D 132 -34.46 -1.49 -2.51
CA ILE D 132 -34.25 -2.89 -2.82
C ILE D 132 -34.14 -3.72 -1.54
N ILE D 133 -33.62 -3.10 -0.49
CA ILE D 133 -33.46 -3.78 0.80
C ILE D 133 -34.81 -4.00 1.46
N TYR D 134 -35.68 -3.00 1.40
CA TYR D 134 -37.00 -3.08 2.00
C TYR D 134 -37.98 -3.81 1.07
N LYS D 135 -37.52 -4.09 -0.15
CA LYS D 135 -38.34 -4.78 -1.13
C LYS D 135 -38.08 -6.28 -1.09
N ILE D 136 -36.81 -6.66 -1.08
CA ILE D 136 -36.44 -8.07 -1.04
C ILE D 136 -37.09 -8.78 0.13
N VAL D 137 -37.13 -8.11 1.29
CA VAL D 137 -37.75 -8.68 2.48
C VAL D 137 -39.22 -8.99 2.25
N ARG D 138 -39.79 -8.39 1.21
CA ARG D 138 -41.20 -8.61 0.89
C ARG D 138 -41.35 -9.62 -0.24
N ARG D 139 -40.56 -9.44 -1.29
CA ARG D 139 -40.60 -10.36 -2.44
C ARG D 139 -41.85 -10.09 -3.29
N GLU D 140 -43.01 -10.14 -2.65
CA GLU D 140 -44.27 -9.91 -3.35
C GLU D 140 -44.88 -8.57 -2.97
N ASP D 141 -44.06 -7.72 -2.33
CA ASP D 141 -44.52 -6.40 -1.90
C ASP D 141 -45.79 -6.51 -1.07
N GLU D 142 -45.68 -7.06 0.13
CA GLU D 142 -46.83 -7.21 1.01
C GLU D 142 -46.99 -6.00 1.92
N PHE D 143 -45.87 -5.53 2.46
CA PHE D 143 -45.88 -4.38 3.35
C PHE D 143 -45.03 -3.25 2.79
N GLU D 144 -44.76 -3.29 1.48
CA GLU D 144 -43.96 -2.28 0.83
C GLU D 144 -44.47 -0.87 1.15
N HIS D 145 -45.69 -0.58 0.69
CA HIS D 145 -46.29 0.72 0.93
C HIS D 145 -45.36 1.85 0.50
N HIS D 146 -44.59 1.59 -0.55
CA HIS D 146 -43.65 2.58 -1.07
C HIS D 146 -44.31 3.45 -2.14
N HIS D 147 -44.50 2.88 -3.32
CA HIS D 147 -45.12 3.60 -4.43
C HIS D 147 -46.62 3.29 -4.50
N HIS D 148 -46.93 2.03 -4.80
CA HIS D 148 -48.32 1.60 -4.91
C HIS D 148 -49.03 2.34 -6.05
N HIS D 149 -48.24 2.94 -6.94
CA HIS D 149 -48.79 3.67 -8.07
C HIS D 149 -49.16 2.72 -9.20
N HIS D 150 -48.14 2.05 -9.76
CA HIS D 150 -48.37 1.12 -10.86
C HIS D 150 -49.16 1.77 -11.99
N MET E 1 -12.26 -15.47 29.76
CA MET E 1 -13.36 -14.87 30.50
C MET E 1 -13.05 -13.41 30.85
N LEU E 2 -12.14 -12.82 30.10
CA LEU E 2 -11.74 -11.43 30.34
C LEU E 2 -12.25 -10.52 29.22
N GLU E 3 -13.47 -10.79 28.75
CA GLU E 3 -14.06 -10.00 27.68
C GLU E 3 -14.35 -8.57 28.15
N ARG E 4 -14.92 -8.46 29.35
CA ARG E 4 -15.25 -7.16 29.91
C ARG E 4 -14.01 -6.50 30.53
N GLN E 5 -12.95 -7.28 30.68
CA GLN E 5 -11.71 -6.79 31.25
C GLN E 5 -10.73 -6.36 30.16
N LEU E 6 -11.24 -6.17 28.95
CA LEU E 6 -10.42 -5.76 27.82
C LEU E 6 -10.29 -4.24 27.76
N GLY E 7 -11.33 -3.55 28.22
CA GLY E 7 -11.32 -2.10 28.22
C GLY E 7 -10.06 -1.53 28.86
N TYR E 8 -9.50 -2.26 29.82
CA TYR E 8 -8.30 -1.83 30.50
C TYR E 8 -7.12 -1.71 29.54
N TYR E 9 -6.98 -2.71 28.67
CA TYR E 9 -5.89 -2.72 27.70
C TYR E 9 -6.17 -1.73 26.57
N LEU E 10 -7.44 -1.41 26.37
CA LEU E 10 -7.84 -0.48 25.32
C LEU E 10 -7.62 0.97 25.76
N ILE E 11 -7.66 1.19 27.07
CA ILE E 11 -7.46 2.53 27.62
C ILE E 11 -6.00 2.96 27.50
N GLN E 12 -5.10 2.14 28.05
CA GLN E 12 -3.68 2.44 28.00
C GLN E 12 -3.15 2.39 26.57
N LEU E 13 -3.85 1.65 25.71
CA LEU E 13 -3.46 1.52 24.32
C LEU E 13 -4.05 2.65 23.48
N TYR E 14 -5.12 3.26 23.98
CA TYR E 14 -5.77 4.36 23.28
C TYR E 14 -4.97 5.65 23.44
N ILE E 15 -4.30 5.79 24.58
CA ILE E 15 -3.50 6.98 24.86
C ILE E 15 -2.54 7.28 23.71
N PRO E 16 -1.68 6.31 23.38
CA PRO E 16 -0.70 6.44 22.31
C PRO E 16 -1.36 6.45 20.93
N SER E 17 -2.47 5.72 20.80
CA SER E 17 -3.18 5.65 19.53
C SER E 17 -3.85 6.98 19.21
N LEU E 18 -4.17 7.73 20.25
CA LEU E 18 -4.82 9.03 20.08
C LEU E 18 -3.79 10.13 19.86
N LEU E 19 -2.68 10.05 20.59
CA LEU E 19 -1.61 11.03 20.48
C LEU E 19 -1.07 11.09 19.05
N ILE E 20 -0.80 9.91 18.48
CA ILE E 20 -0.28 9.84 17.12
C ILE E 20 -1.31 10.32 16.11
N VAL E 21 -2.58 10.23 16.47
CA VAL E 21 -3.66 10.66 15.60
C VAL E 21 -3.73 12.18 15.53
N ILE E 22 -3.57 12.83 16.67
CA ILE E 22 -3.61 14.28 16.74
C ILE E 22 -2.52 14.91 15.87
N LEU E 23 -1.33 14.32 15.93
CA LEU E 23 -0.20 14.81 15.16
C LEU E 23 -0.45 14.64 13.66
N SER E 24 -1.17 13.59 13.30
CA SER E 24 -1.48 13.31 11.91
C SER E 24 -2.11 14.52 11.23
N TRP E 25 -3.16 15.06 11.85
CA TRP E 25 -3.85 16.22 11.31
C TRP E 25 -2.91 17.43 11.24
N ILE E 26 -2.08 17.58 12.27
CA ILE E 26 -1.14 18.69 12.33
C ILE E 26 -0.23 18.70 11.10
N SER E 27 -0.10 17.54 10.46
CA SER E 27 0.74 17.42 9.27
C SER E 27 -0.11 17.25 8.02
N PHE E 28 -1.43 17.15 8.20
CA PHE E 28 -2.35 16.99 7.09
C PHE E 28 -2.56 18.31 6.36
N TRP E 29 -2.46 19.41 7.10
CA TRP E 29 -2.64 20.74 6.52
C TRP E 29 -1.66 20.98 5.39
N ILE E 30 -0.57 20.22 5.37
CA ILE E 30 0.44 20.35 4.34
C ILE E 30 0.40 19.17 3.38
N ASN E 31 0.11 17.98 3.92
CA ASN E 31 0.05 16.77 3.12
C ASN E 31 -1.16 16.81 2.18
N LEU E 32 -2.02 17.80 2.37
CA LEU E 32 -3.22 17.95 1.54
C LEU E 32 -2.88 17.81 0.07
N ASP E 33 -1.64 18.15 -0.29
CA ASP E 33 -1.19 18.06 -1.67
C ASP E 33 0.32 17.91 -1.75
N ALA E 34 1.03 18.61 -0.86
CA ALA E 34 2.48 18.56 -0.82
C ALA E 34 2.97 17.13 -0.66
N ALA E 35 2.33 16.38 0.23
CA ALA E 35 2.70 14.99 0.47
C ALA E 35 1.59 14.24 1.18
N PRO E 36 0.49 13.97 0.45
CA PRO E 36 -0.67 13.25 1.00
C PRO E 36 -0.36 11.79 1.28
N ALA E 37 0.84 11.35 0.92
CA ALA E 37 1.25 9.97 1.13
C ALA E 37 1.25 9.63 2.61
N ARG E 38 1.66 10.57 3.45
CA ARG E 38 1.71 10.36 4.89
C ARG E 38 0.30 10.32 5.47
N VAL E 39 -0.58 11.17 4.96
CA VAL E 39 -1.96 11.22 5.43
C VAL E 39 -2.67 9.89 5.20
N GLY E 40 -2.33 9.23 4.10
CA GLY E 40 -2.94 7.96 3.78
C GLY E 40 -2.44 6.83 4.67
N LEU E 41 -1.23 6.99 5.19
CA LEU E 41 -0.63 5.98 6.06
C LEU E 41 -1.11 6.15 7.49
N GLY E 42 -1.29 7.39 7.91
CA GLY E 42 -1.75 7.67 9.26
C GLY E 42 -3.20 7.29 9.47
N ILE E 43 -4.02 7.48 8.44
CA ILE E 43 -5.43 7.16 8.52
C ILE E 43 -5.65 5.65 8.52
N THR E 44 -4.78 4.93 7.82
CA THR E 44 -4.87 3.48 7.74
C THR E 44 -4.16 2.81 8.92
N THR E 45 -3.32 3.57 9.61
CA THR E 45 -2.59 3.06 10.75
C THR E 45 -3.47 3.00 12.00
N VAL E 46 -4.43 3.92 12.07
CA VAL E 46 -5.35 3.97 13.20
C VAL E 46 -6.35 2.81 13.16
N LEU E 47 -6.86 2.53 11.97
CA LEU E 47 -7.81 1.44 11.79
C LEU E 47 -7.11 0.09 11.77
N THR E 48 -5.82 0.10 11.47
CA THR E 48 -5.03 -1.12 11.41
C THR E 48 -4.41 -1.44 12.76
N LEU E 49 -4.23 -0.40 13.59
CA LEU E 49 -3.65 -0.58 14.91
C LEU E 49 -4.68 -1.09 15.90
N THR E 50 -5.96 -0.79 15.63
CA THR E 50 -7.04 -1.23 16.50
C THR E 50 -7.51 -2.63 16.12
N THR E 51 -7.66 -2.88 14.83
CA THR E 51 -8.11 -4.18 14.34
C THR E 51 -7.09 -5.27 14.68
N GLN E 52 -5.81 -4.89 14.73
CA GLN E 52 -4.75 -5.84 15.04
C GLN E 52 -4.52 -5.92 16.55
N SER E 53 -5.04 -4.93 17.27
CA SER E 53 -4.89 -4.89 18.73
C SER E 53 -5.79 -5.92 19.40
N SER E 54 -6.65 -6.55 18.61
CA SER E 54 -7.57 -7.56 19.13
C SER E 54 -7.52 -8.82 18.28
N GLY E 55 -6.32 -9.17 17.81
CA GLY E 55 -6.16 -10.36 16.99
C GLY E 55 -5.95 -11.61 17.82
N SER E 56 -5.35 -11.44 18.99
CA SER E 56 -5.08 -12.57 19.88
C SER E 56 -6.38 -13.32 20.21
N ARG E 57 -7.44 -12.57 20.44
CA ARG E 57 -8.74 -13.16 20.75
C ARG E 57 -8.64 -14.03 22.01
N ALA E 58 -7.60 -13.80 22.80
CA ALA E 58 -7.40 -14.56 24.02
C ALA E 58 -8.16 -13.94 25.19
N SER E 59 -8.52 -12.67 25.04
CA SER E 59 -9.25 -11.95 26.09
C SER E 59 -10.73 -11.90 25.78
N LEU E 60 -11.14 -12.61 24.72
CA LEU E 60 -12.54 -12.65 24.32
C LEU E 60 -13.04 -11.25 23.99
N PRO E 61 -12.53 -10.67 22.89
CA PRO E 61 -12.93 -9.33 22.45
C PRO E 61 -14.35 -9.30 21.92
N LYS E 62 -15.00 -10.46 21.86
CA LYS E 62 -16.37 -10.56 21.38
C LYS E 62 -17.24 -9.49 22.02
N VAL E 63 -17.37 -9.53 23.34
CA VAL E 63 -18.17 -8.56 24.07
C VAL E 63 -17.73 -7.14 23.76
N SER E 64 -16.41 -6.93 23.72
CA SER E 64 -15.85 -5.61 23.44
C SER E 64 -16.13 -5.19 22.01
N TYR E 65 -16.57 -6.14 21.20
CA TYR E 65 -16.87 -5.87 19.79
C TYR E 65 -18.21 -5.16 19.65
N VAL E 66 -19.27 -5.78 20.16
CA VAL E 66 -20.60 -5.20 20.08
C VAL E 66 -20.61 -3.77 20.62
N LYS E 67 -20.05 -3.59 21.81
CA LYS E 67 -19.99 -2.27 22.43
C LYS E 67 -19.17 -1.30 21.59
N ALA E 68 -18.11 -1.83 20.98
CA ALA E 68 -17.24 -1.01 20.13
C ALA E 68 -17.91 -0.67 18.81
N ILE E 69 -18.92 -1.47 18.44
CA ILE E 69 -19.65 -1.25 17.20
C ILE E 69 -20.59 -0.06 17.31
N ASP E 70 -21.14 0.14 18.52
CA ASP E 70 -22.05 1.24 18.76
C ASP E 70 -21.33 2.58 18.69
N ILE E 71 -20.03 2.55 18.92
CA ILE E 71 -19.21 3.76 18.88
C ILE E 71 -18.44 3.87 17.57
N TRP E 72 -18.09 2.72 17.01
CA TRP E 72 -17.35 2.69 15.75
C TRP E 72 -18.25 3.05 14.58
N LEU E 73 -19.55 3.06 14.83
CA LEU E 73 -20.54 3.39 13.79
C LEU E 73 -20.82 4.89 13.77
N ALA E 74 -19.76 5.69 13.81
CA ALA E 74 -19.90 7.15 13.79
C ALA E 74 -18.54 7.82 13.81
N VAL E 75 -17.59 7.22 14.51
CA VAL E 75 -16.24 7.77 14.61
C VAL E 75 -15.49 7.63 13.29
N CYS E 76 -15.83 6.60 12.53
CA CYS E 76 -15.19 6.37 11.24
C CYS E 76 -15.87 7.19 10.15
N LEU E 77 -17.16 7.42 10.30
CA LEU E 77 -17.92 8.20 9.32
C LEU E 77 -17.74 9.70 9.54
N LEU E 78 -17.31 10.06 10.75
CA LEU E 78 -17.10 11.46 11.09
C LEU E 78 -15.62 11.84 10.93
N PHE E 79 -14.74 10.87 11.17
CA PHE E 79 -13.31 11.10 11.06
C PHE E 79 -12.91 11.34 9.60
N VAL E 80 -13.49 10.56 8.70
CA VAL E 80 -13.19 10.70 7.28
C VAL E 80 -14.12 11.71 6.61
N PHE E 81 -15.09 12.20 7.38
CA PHE E 81 -16.05 13.17 6.86
C PHE E 81 -15.44 14.57 6.87
N SER E 82 -14.63 14.86 7.88
CA SER E 82 -14.00 16.16 8.01
C SER E 82 -12.76 16.25 7.12
N ALA E 83 -12.10 15.12 6.92
CA ALA E 83 -10.91 15.06 6.09
C ALA E 83 -11.24 15.30 4.63
N LEU E 84 -12.36 14.75 4.19
CA LEU E 84 -12.80 14.90 2.80
C LEU E 84 -13.27 16.34 2.53
N LEU E 85 -13.93 16.93 3.52
CA LEU E 85 -14.42 18.31 3.39
C LEU E 85 -13.31 19.24 2.94
N GLU E 86 -12.11 19.03 3.46
CA GLU E 86 -10.96 19.85 3.10
C GLU E 86 -10.27 19.32 1.84
N TYR E 87 -10.18 17.99 1.75
CA TYR E 87 -9.55 17.36 0.60
C TYR E 87 -10.32 17.64 -0.68
N ALA E 88 -11.55 18.14 -0.53
CA ALA E 88 -12.38 18.45 -1.67
C ALA E 88 -12.71 19.94 -1.73
N ALA E 89 -12.42 20.65 -0.64
CA ALA E 89 -12.68 22.08 -0.56
C ALA E 89 -11.73 22.86 -1.47
N VAL E 90 -10.49 22.38 -1.57
CA VAL E 90 -9.49 23.04 -2.41
C VAL E 90 -10.04 23.31 -3.81
N ASN E 91 -10.76 22.34 -4.35
CA ASN E 91 -11.33 22.48 -5.68
C ASN E 91 -12.70 23.17 -5.62
N PHE E 92 -13.28 23.19 -4.43
CA PHE E 92 -14.58 23.82 -4.23
C PHE E 92 -14.45 25.34 -4.15
N VAL E 93 -13.21 25.81 -4.20
CA VAL E 93 -12.94 27.25 -4.13
C VAL E 93 -13.73 28.00 -5.20
N SER E 94 -13.86 27.40 -6.38
CA SER E 94 -14.59 28.01 -7.48
C SER E 94 -16.04 28.30 -7.08
N ARG E 95 -16.51 27.59 -6.06
CA ARG E 95 -17.88 27.76 -5.58
C ARG E 95 -18.11 29.19 -5.09
N GLN E 96 -17.02 29.90 -4.82
CA GLN E 96 -17.10 31.27 -4.34
C GLN E 96 -17.88 31.35 -3.03
N ARG E 97 -17.82 30.27 -2.25
CA ARG E 97 -18.53 30.22 -0.97
C ARG E 97 -18.21 31.45 -0.12
N GLU E 98 -17.00 31.98 -0.30
CA GLU E 98 -16.56 33.15 0.46
C GLU E 98 -17.34 34.40 0.02
N PHE E 99 -16.89 35.56 0.48
CA PHE E 99 -17.53 36.82 0.15
C PHE E 99 -16.87 37.46 -1.08
N GLY E 100 -16.12 36.66 -1.83
CA GLY E 100 -15.44 37.16 -3.01
C GLY E 100 -14.30 36.27 -3.44
N GLY E 101 -14.12 36.12 -4.75
CA GLY E 101 -13.05 35.29 -5.27
C GLY E 101 -11.79 36.08 -5.55
N GLY E 102 -11.62 37.20 -4.85
CA GLY E 102 -10.44 38.03 -5.05
C GLY E 102 -9.18 37.36 -4.56
N GLY E 103 -9.30 36.53 -3.51
CA GLY E 103 -8.16 35.84 -2.97
C GLY E 103 -8.08 34.39 -3.41
N PHE E 104 -8.50 34.13 -4.64
CA PHE E 104 -8.48 32.78 -5.20
C PHE E 104 -7.04 32.26 -5.32
N ILE E 105 -6.22 33.00 -6.06
CA ILE E 105 -4.83 32.62 -6.26
C ILE E 105 -3.99 32.93 -5.03
N GLN E 106 -4.53 33.77 -4.15
CA GLN E 106 -3.83 34.15 -2.92
C GLN E 106 -4.19 33.22 -1.78
N ARG E 107 -4.83 32.10 -2.11
CA ARG E 107 -5.23 31.12 -1.10
C ARG E 107 -4.07 30.19 -0.76
N ALA E 108 -3.16 30.00 -1.72
CA ALA E 108 -2.01 29.14 -1.52
C ALA E 108 -1.14 29.63 -0.36
N LYS E 109 -1.31 30.89 0.00
CA LYS E 109 -0.55 31.49 1.09
C LYS E 109 -0.63 30.62 2.34
N LYS E 110 -1.73 29.89 2.48
CA LYS E 110 -1.93 29.02 3.63
C LYS E 110 -1.91 29.82 4.93
N ILE E 111 -3.06 30.39 5.28
CA ILE E 111 -3.17 31.19 6.50
C ILE E 111 -3.22 30.29 7.73
N ASP E 112 -3.18 28.97 7.50
CA ASP E 112 -3.22 28.01 8.60
C ASP E 112 -4.53 28.10 9.36
N LYS E 113 -5.62 28.40 8.64
CA LYS E 113 -6.93 28.51 9.25
C LYS E 113 -7.53 27.14 9.52
N ILE E 114 -6.81 26.09 9.12
CA ILE E 114 -7.27 24.73 9.32
C ILE E 114 -6.93 24.24 10.72
N SER E 115 -5.95 24.87 11.35
CA SER E 115 -5.52 24.50 12.69
C SER E 115 -6.44 25.10 13.74
N ARG E 116 -7.44 25.84 13.28
CA ARG E 116 -8.40 26.48 14.18
C ARG E 116 -9.47 25.48 14.63
N ILE E 117 -9.68 24.45 13.83
CA ILE E 117 -10.67 23.42 14.15
C ILE E 117 -10.00 22.14 14.63
N GLY E 118 -8.83 21.85 14.08
CA GLY E 118 -8.11 20.65 14.47
C GLY E 118 -7.59 20.72 15.89
N PHE E 119 -6.99 21.85 16.25
CA PHE E 119 -6.45 22.04 17.58
C PHE E 119 -7.48 21.69 18.65
N PRO E 120 -8.63 22.38 18.61
CA PRO E 120 -9.73 22.15 19.56
C PRO E 120 -10.41 20.81 19.34
N LEU E 121 -10.14 20.19 18.20
CA LEU E 121 -10.73 18.90 17.88
C LEU E 121 -9.98 17.76 18.55
N ALA E 122 -8.68 17.95 18.74
CA ALA E 122 -7.83 16.94 19.37
C ALA E 122 -8.02 16.96 20.88
N PHE E 123 -8.13 18.16 21.45
CA PHE E 123 -8.31 18.31 22.89
C PHE E 123 -9.68 17.80 23.34
N LEU E 124 -10.67 17.98 22.48
CA LEU E 124 -12.03 17.53 22.78
C LEU E 124 -12.10 16.00 22.81
N ILE E 125 -11.40 15.36 21.89
CA ILE E 125 -11.38 13.90 21.82
C ILE E 125 -10.58 13.31 22.96
N PHE E 126 -9.41 13.89 23.22
CA PHE E 126 -8.54 13.42 24.30
C PHE E 126 -9.25 13.51 25.64
N ASN E 127 -10.03 14.56 25.82
CA ASN E 127 -10.77 14.76 27.08
C ASN E 127 -12.08 14.00 27.07
N LEU E 128 -12.53 13.61 25.87
CA LEU E 128 -13.78 12.87 25.73
C LEU E 128 -13.56 11.39 26.01
N PHE E 129 -12.36 10.91 25.75
CA PHE E 129 -12.02 9.51 25.97
C PHE E 129 -11.40 9.31 27.35
N TYR E 130 -10.88 10.39 27.92
CA TYR E 130 -10.25 10.35 29.23
C TYR E 130 -11.29 10.40 30.34
N TRP E 131 -12.30 11.26 30.16
CA TRP E 131 -13.36 11.40 31.15
C TRP E 131 -14.37 10.26 31.03
N ILE E 132 -14.55 9.75 29.81
CA ILE E 132 -15.48 8.67 29.57
C ILE E 132 -14.93 7.34 30.09
N ILE E 133 -13.61 7.21 30.06
CA ILE E 133 -12.96 6.00 30.52
C ILE E 133 -13.03 5.88 32.04
N TYR E 134 -12.83 7.00 32.72
CA TYR E 134 -12.87 7.02 34.18
C TYR E 134 -14.31 7.13 34.68
N LYS E 135 -15.23 7.35 33.75
CA LYS E 135 -16.64 7.47 34.09
C LYS E 135 -17.36 6.13 33.96
N ILE E 136 -17.11 5.44 32.84
CA ILE E 136 -17.73 4.14 32.59
C ILE E 136 -17.47 3.18 33.74
N VAL E 137 -16.24 3.20 34.26
CA VAL E 137 -15.86 2.33 35.36
C VAL E 137 -16.71 2.60 36.59
N ARG E 138 -17.36 3.76 36.62
CA ARG E 138 -18.21 4.14 37.74
C ARG E 138 -19.68 3.87 37.42
N ARG E 139 -20.12 4.30 36.24
CA ARG E 139 -21.49 4.10 35.82
C ARG E 139 -22.42 5.07 36.54
N GLU E 140 -22.37 5.06 37.88
CA GLU E 140 -23.21 5.94 38.69
C GLU E 140 -22.38 7.07 39.31
N ASP E 141 -21.14 7.21 38.84
CA ASP E 141 -20.25 8.24 39.35
C ASP E 141 -20.12 8.14 40.87
N GLU E 142 -19.47 7.08 41.32
CA GLU E 142 -19.27 6.86 42.76
C GLU E 142 -17.97 7.50 43.23
N PHE E 143 -16.90 7.27 42.46
CA PHE E 143 -15.59 7.83 42.80
C PHE E 143 -15.10 8.78 41.71
N GLU E 144 -16.05 9.28 40.92
CA GLU E 144 -15.71 10.22 39.85
C GLU E 144 -14.87 11.37 40.37
N HIS E 145 -15.46 12.18 41.25
CA HIS E 145 -14.76 13.32 41.82
C HIS E 145 -14.16 14.20 40.72
N HIS E 146 -14.84 14.27 39.58
CA HIS E 146 -14.37 15.06 38.47
C HIS E 146 -14.92 16.49 38.54
N HIS E 147 -16.20 16.64 38.21
CA HIS E 147 -16.85 17.94 38.24
C HIS E 147 -17.60 18.14 39.56
N HIS E 148 -18.63 17.33 39.78
CA HIS E 148 -19.43 17.43 41.00
C HIS E 148 -20.12 18.78 41.09
N HIS E 149 -20.20 19.48 39.96
CA HIS E 149 -20.84 20.78 39.92
C HIS E 149 -22.36 20.64 39.78
N HIS E 150 -22.80 20.06 38.68
CA HIS E 150 -24.22 19.86 38.43
C HIS E 150 -24.81 18.84 39.41
N MET A 1 11.30 -25.14 24.98
CA MET A 1 10.77 -23.79 25.11
C MET A 1 11.88 -22.75 25.01
N LEU A 2 12.22 -22.37 23.78
CA LEU A 2 13.27 -21.39 23.55
C LEU A 2 12.69 -19.98 23.50
N GLU A 3 11.82 -19.66 24.45
CA GLU A 3 11.19 -18.35 24.51
C GLU A 3 12.20 -17.28 24.93
N ARG A 4 13.01 -17.60 25.94
CA ARG A 4 14.01 -16.68 26.44
C ARG A 4 15.25 -16.67 25.53
N GLN A 5 15.31 -17.64 24.62
CA GLN A 5 16.43 -17.74 23.69
C GLN A 5 16.15 -17.01 22.39
N LEU A 6 15.14 -16.14 22.42
CA LEU A 6 14.76 -15.38 21.24
C LEU A 6 15.60 -14.12 21.11
N GLY A 7 15.99 -13.55 22.25
CA GLY A 7 16.80 -12.34 22.25
C GLY A 7 18.04 -12.49 21.38
N TYR A 8 18.53 -13.71 21.24
CA TYR A 8 19.72 -13.98 20.43
C TYR A 8 19.47 -13.61 18.97
N TYR A 9 18.29 -13.96 18.47
CA TYR A 9 17.92 -13.67 17.09
C TYR A 9 17.61 -12.20 16.90
N LEU A 10 17.20 -11.54 17.99
CA LEU A 10 16.87 -10.13 17.94
C LEU A 10 18.14 -9.26 17.96
N ILE A 11 19.20 -9.80 18.56
CA ILE A 11 20.46 -9.08 18.64
C ILE A 11 21.15 -9.00 17.28
N GLN A 12 21.29 -10.15 16.63
CA GLN A 12 21.92 -10.20 15.32
C GLN A 12 21.05 -9.53 14.27
N LEU A 13 19.74 -9.48 14.53
CA LEU A 13 18.80 -8.87 13.61
C LEU A 13 18.69 -7.36 13.84
N TYR A 14 19.07 -6.94 15.04
CA TYR A 14 19.03 -5.51 15.39
C TYR A 14 20.16 -4.75 14.71
N ILE A 15 21.31 -5.38 14.61
CA ILE A 15 22.47 -4.76 13.97
C ILE A 15 22.10 -4.19 12.60
N PRO A 16 21.61 -5.06 11.71
CA PRO A 16 21.21 -4.67 10.36
C PRO A 16 19.95 -3.79 10.35
N SER A 17 19.07 -4.03 11.32
CA SER A 17 17.83 -3.27 11.42
C SER A 17 18.12 -1.82 11.79
N LEU A 18 19.16 -1.61 12.60
CA LEU A 18 19.54 -0.27 13.03
C LEU A 18 20.27 0.48 11.92
N LEU A 19 21.10 -0.25 11.18
CA LEU A 19 21.87 0.34 10.08
C LEU A 19 20.94 0.77 8.95
N ILE A 20 19.97 -0.07 8.63
CA ILE A 20 19.01 0.23 7.57
C ILE A 20 18.03 1.32 8.00
N VAL A 21 17.74 1.37 9.30
CA VAL A 21 16.83 2.38 9.83
C VAL A 21 17.44 3.77 9.78
N ILE A 22 18.72 3.86 10.15
CA ILE A 22 19.42 5.13 10.14
C ILE A 22 19.46 5.73 8.74
N LEU A 23 19.66 4.88 7.74
CA LEU A 23 19.71 5.32 6.36
C LEU A 23 18.36 5.83 5.89
N SER A 24 17.29 5.29 6.48
CA SER A 24 15.94 5.68 6.13
C SER A 24 15.73 7.17 6.35
N TRP A 25 16.20 7.67 7.49
CA TRP A 25 16.07 9.09 7.82
C TRP A 25 16.88 9.95 6.86
N ILE A 26 18.11 9.52 6.59
CA ILE A 26 18.99 10.26 5.69
C ILE A 26 18.28 10.57 4.37
N SER A 27 17.37 9.69 3.97
CA SER A 27 16.63 9.87 2.73
C SER A 27 15.33 10.63 2.98
N PHE A 28 14.80 10.50 4.19
CA PHE A 28 13.56 11.18 4.56
C PHE A 28 13.66 12.67 4.29
N TRP A 29 14.87 13.20 4.36
CA TRP A 29 15.10 14.62 4.13
C TRP A 29 14.46 15.07 2.82
N ILE A 30 14.87 14.44 1.72
CA ILE A 30 14.33 14.78 0.41
C ILE A 30 12.91 14.23 0.24
N ASN A 31 12.64 13.11 0.88
CA ASN A 31 11.33 12.48 0.80
C ASN A 31 10.26 13.35 1.48
N LEU A 32 10.72 14.38 2.20
CA LEU A 32 9.81 15.28 2.89
C LEU A 32 8.69 15.75 1.98
N ASP A 33 8.96 15.77 0.68
CA ASP A 33 7.97 16.19 -0.31
C ASP A 33 8.40 15.80 -1.72
N ALA A 34 9.70 15.89 -1.98
CA ALA A 34 10.25 15.54 -3.28
C ALA A 34 9.92 14.10 -3.65
N ALA A 35 9.91 13.22 -2.65
CA ALA A 35 9.60 11.82 -2.86
C ALA A 35 9.32 11.12 -1.54
N PRO A 36 8.14 11.38 -0.97
CA PRO A 36 7.72 10.77 0.30
C PRO A 36 7.44 9.28 0.17
N ALA A 37 7.47 8.78 -1.06
CA ALA A 37 7.22 7.37 -1.32
C ALA A 37 8.23 6.49 -0.59
N ARG A 38 9.43 7.01 -0.41
CA ARG A 38 10.49 6.26 0.28
C ARG A 38 10.27 6.26 1.79
N VAL A 39 9.71 7.36 2.30
CA VAL A 39 9.45 7.48 3.73
C VAL A 39 8.36 6.51 4.17
N GLY A 40 7.37 6.31 3.31
CA GLY A 40 6.29 5.40 3.62
C GLY A 40 6.69 3.94 3.50
N LEU A 41 7.70 3.68 2.68
CA LEU A 41 8.17 2.32 2.46
C LEU A 41 9.17 1.92 3.55
N GLY A 42 10.01 2.87 3.95
CA GLY A 42 10.99 2.59 4.98
C GLY A 42 10.36 2.41 6.35
N ILE A 43 9.30 3.16 6.62
CA ILE A 43 8.61 3.08 7.90
C ILE A 43 7.78 1.81 7.99
N THR A 44 7.32 1.32 6.84
CA THR A 44 6.50 0.11 6.79
C THR A 44 7.39 -1.14 6.74
N THR A 45 8.60 -0.98 6.23
CA THR A 45 9.54 -2.09 6.13
C THR A 45 10.10 -2.48 7.49
N VAL A 46 10.26 -1.49 8.37
CA VAL A 46 10.78 -1.74 9.70
C VAL A 46 9.72 -2.38 10.59
N LEU A 47 8.47 -1.97 10.41
CA LEU A 47 7.36 -2.52 11.19
C LEU A 47 6.93 -3.87 10.66
N THR A 48 7.23 -4.12 9.39
CA THR A 48 6.88 -5.38 8.74
C THR A 48 7.98 -6.41 8.89
N LEU A 49 9.21 -5.93 9.10
CA LEU A 49 10.36 -6.82 9.26
C LEU A 49 10.44 -7.34 10.69
N THR A 50 9.90 -6.58 11.63
CA THR A 50 9.91 -6.97 13.04
C THR A 50 8.72 -7.87 13.37
N THR A 51 7.55 -7.49 12.87
CA THR A 51 6.33 -8.27 13.11
C THR A 51 6.37 -9.60 12.38
N GLN A 52 7.12 -9.65 11.28
CA GLN A 52 7.25 -10.87 10.50
C GLN A 52 8.38 -11.74 11.02
N SER A 53 9.26 -11.15 11.81
CA SER A 53 10.40 -11.86 12.38
C SER A 53 9.95 -12.85 13.44
N SER A 54 8.68 -12.75 13.83
CA SER A 54 8.12 -13.63 14.85
C SER A 54 6.83 -14.29 14.36
N GLY A 55 6.82 -14.66 13.07
CA GLY A 55 5.65 -15.28 12.50
C GLY A 55 5.64 -16.79 12.71
N SER A 56 6.83 -17.39 12.69
CA SER A 56 6.95 -18.83 12.86
C SER A 56 6.36 -19.27 14.21
N ARG A 57 6.58 -18.46 15.23
CA ARG A 57 6.06 -18.75 16.55
C ARG A 57 6.61 -20.09 17.06
N ALA A 58 7.70 -20.54 16.45
CA ALA A 58 8.32 -21.80 16.83
C ALA A 58 9.30 -21.61 17.99
N SER A 59 9.74 -20.36 18.19
CA SER A 59 10.67 -20.04 19.26
C SER A 59 9.93 -19.51 20.48
N LEU A 60 8.60 -19.60 20.45
CA LEU A 60 7.78 -19.12 21.56
C LEU A 60 8.01 -17.63 21.80
N PRO A 61 7.46 -16.80 20.91
CA PRO A 61 7.58 -15.34 21.00
C PRO A 61 6.79 -14.77 22.18
N LYS A 62 6.05 -15.63 22.87
CA LYS A 62 5.25 -15.21 24.01
C LYS A 62 6.07 -14.35 24.95
N VAL A 63 7.07 -14.94 25.58
CA VAL A 63 7.94 -14.22 26.51
C VAL A 63 8.51 -12.97 25.87
N SER A 64 8.96 -13.10 24.62
CA SER A 64 9.53 -11.97 23.90
C SER A 64 8.50 -10.86 23.71
N TYR A 65 7.23 -11.22 23.79
CA TYR A 65 6.15 -10.25 23.63
C TYR A 65 6.10 -9.29 24.82
N VAL A 66 6.05 -9.86 26.02
CA VAL A 66 6.00 -9.06 27.24
C VAL A 66 7.11 -8.02 27.26
N LYS A 67 8.36 -8.48 27.15
CA LYS A 67 9.51 -7.59 27.16
C LYS A 67 9.43 -6.61 25.99
N ALA A 68 8.79 -7.02 24.90
CA ALA A 68 8.65 -6.18 23.73
C ALA A 68 7.56 -5.12 23.93
N ILE A 69 6.65 -5.40 24.86
CA ILE A 69 5.56 -4.47 25.15
C ILE A 69 6.05 -3.29 25.98
N ASP A 70 7.10 -3.52 26.76
CA ASP A 70 7.67 -2.48 27.60
C ASP A 70 8.56 -1.54 26.78
N ILE A 71 8.99 -2.01 25.61
CA ILE A 71 9.84 -1.22 24.74
C ILE A 71 9.05 -0.65 23.57
N TRP A 72 8.04 -1.39 23.13
CA TRP A 72 7.21 -0.96 22.01
C TRP A 72 6.23 0.13 22.45
N LEU A 73 6.13 0.34 23.76
CA LEU A 73 5.23 1.35 24.31
C LEU A 73 5.98 2.66 24.54
N ALA A 74 6.86 3.00 23.61
CA ALA A 74 7.62 4.24 23.71
C ALA A 74 8.54 4.42 22.51
N VAL A 75 9.06 3.31 21.99
CA VAL A 75 9.95 3.34 20.84
C VAL A 75 9.19 3.68 19.57
N CYS A 76 7.89 3.42 19.57
CA CYS A 76 7.04 3.70 18.42
C CYS A 76 6.35 5.05 18.57
N LEU A 77 6.18 5.49 19.81
CA LEU A 77 5.53 6.77 20.08
C LEU A 77 6.51 7.93 19.91
N LEU A 78 7.80 7.62 20.02
CA LEU A 78 8.84 8.64 19.87
C LEU A 78 9.37 8.67 18.44
N PHE A 79 9.37 7.51 17.80
CA PHE A 79 9.86 7.40 16.42
C PHE A 79 8.93 8.15 15.46
N VAL A 80 7.63 7.99 15.65
CA VAL A 80 6.65 8.65 14.80
C VAL A 80 6.33 10.05 15.32
N PHE A 81 6.85 10.38 16.49
CA PHE A 81 6.62 11.68 17.10
C PHE A 81 7.48 12.75 16.44
N SER A 82 8.73 12.38 16.13
CA SER A 82 9.66 13.31 15.49
C SER A 82 9.43 13.36 13.98
N ALA A 83 8.94 12.26 13.43
CA ALA A 83 8.68 12.19 12.00
C ALA A 83 7.50 13.07 11.62
N LEU A 84 6.54 13.19 12.52
CA LEU A 84 5.34 14.00 12.28
C LEU A 84 5.64 15.48 12.52
N LEU A 85 6.50 15.76 13.49
CA LEU A 85 6.87 17.13 13.81
C LEU A 85 7.39 17.87 12.58
N GLU A 86 8.14 17.15 11.75
CA GLU A 86 8.70 17.73 10.54
C GLU A 86 7.69 17.68 9.40
N TYR A 87 7.08 16.52 9.19
CA TYR A 87 6.10 16.33 8.13
C TYR A 87 4.92 17.29 8.31
N ALA A 88 4.77 17.81 9.52
CA ALA A 88 3.70 18.74 9.83
C ALA A 88 4.23 20.16 10.01
N ALA A 89 5.53 20.28 10.22
CA ALA A 89 6.16 21.57 10.40
C ALA A 89 6.03 22.44 9.15
N VAL A 90 6.09 21.79 7.99
CA VAL A 90 5.98 22.50 6.72
C VAL A 90 4.76 23.41 6.70
N ASN A 91 3.66 22.92 7.28
CA ASN A 91 2.42 23.69 7.33
C ASN A 91 2.41 24.63 8.53
N PHE A 92 3.26 24.34 9.50
CA PHE A 92 3.35 25.16 10.71
C PHE A 92 4.29 26.33 10.51
N VAL A 93 4.82 26.46 9.30
CA VAL A 93 5.74 27.55 8.97
C VAL A 93 5.10 28.91 9.21
N SER A 94 3.81 29.03 8.87
CA SER A 94 3.09 30.28 9.06
C SER A 94 3.15 30.73 10.51
N ARG A 95 3.37 29.77 11.41
CA ARG A 95 3.44 30.07 12.84
C ARG A 95 4.43 31.21 13.10
N GLN A 96 5.44 31.32 12.24
CA GLN A 96 6.45 32.37 12.39
C GLN A 96 7.23 32.20 13.69
N ARG A 97 7.34 30.95 14.14
CA ARG A 97 8.07 30.66 15.38
C ARG A 97 9.46 31.28 15.35
N GLU A 98 10.03 31.41 14.16
CA GLU A 98 11.36 31.99 13.99
C GLU A 98 11.35 33.48 14.35
N PHE A 99 12.48 34.13 14.16
CA PHE A 99 12.61 35.55 14.45
C PHE A 99 12.34 36.40 13.21
N GLY A 100 11.70 35.79 12.22
CA GLY A 100 11.40 36.49 10.98
C GLY A 100 11.26 35.55 9.80
N GLY A 101 10.25 35.79 8.97
CA GLY A 101 10.02 34.95 7.82
C GLY A 101 10.69 35.51 6.57
N GLY A 102 11.73 36.30 6.76
CA GLY A 102 12.44 36.88 5.64
C GLY A 102 13.10 35.84 4.76
N GLY A 103 13.57 34.76 5.38
CA GLY A 103 14.22 33.70 4.63
C GLY A 103 13.32 32.51 4.40
N PHE A 104 12.02 32.77 4.28
CA PHE A 104 11.05 31.70 4.07
C PHE A 104 11.03 31.28 2.60
N ILE A 105 11.47 32.18 1.72
CA ILE A 105 11.49 31.89 0.29
C ILE A 105 12.78 31.17 -0.10
N GLN A 106 13.79 31.26 0.77
CA GLN A 106 15.07 30.62 0.52
C GLN A 106 15.16 29.27 1.21
N ARG A 107 14.01 28.77 1.67
CA ARG A 107 13.95 27.49 2.36
C ARG A 107 14.26 26.34 1.40
N ALA A 108 13.93 26.54 0.12
CA ALA A 108 14.17 25.52 -0.90
C ALA A 108 15.66 25.19 -1.00
N LYS A 109 16.50 26.09 -0.50
CA LYS A 109 17.94 25.90 -0.53
C LYS A 109 18.33 24.53 0.03
N LYS A 110 17.51 24.03 0.94
CA LYS A 110 17.76 22.73 1.56
C LYS A 110 19.08 22.73 2.30
N ILE A 111 19.14 23.46 3.41
CA ILE A 111 20.36 23.54 4.21
C ILE A 111 20.67 22.21 4.89
N ASP A 112 19.70 21.29 4.85
CA ASP A 112 19.86 19.98 5.45
C ASP A 112 20.05 20.09 6.95
N LYS A 113 19.40 21.07 7.55
CA LYS A 113 19.48 21.29 8.99
C LYS A 113 18.85 20.13 9.75
N ILE A 114 18.11 19.30 9.05
CA ILE A 114 17.44 18.15 9.66
C ILE A 114 18.47 17.13 10.15
N SER A 115 19.64 17.13 9.51
CA SER A 115 20.71 16.19 9.88
C SER A 115 21.31 16.56 11.24
N ARG A 116 21.20 17.83 11.60
CA ARG A 116 21.73 18.32 12.87
C ARG A 116 21.19 17.49 14.03
N ILE A 117 20.00 16.93 13.85
CA ILE A 117 19.37 16.11 14.88
C ILE A 117 19.36 14.64 14.48
N GLY A 118 19.30 14.37 13.19
CA GLY A 118 19.29 13.01 12.70
C GLY A 118 20.63 12.33 12.87
N PHE A 119 21.70 13.01 12.49
CA PHE A 119 23.04 12.47 12.59
C PHE A 119 23.31 11.94 14.01
N PRO A 120 23.14 12.82 15.01
CA PRO A 120 23.35 12.46 16.41
C PRO A 120 22.28 11.50 16.94
N LEU A 121 21.18 11.39 16.19
CA LEU A 121 20.08 10.52 16.58
C LEU A 121 20.36 9.07 16.17
N ALA A 122 21.17 8.91 15.13
CA ALA A 122 21.52 7.59 14.63
C ALA A 122 22.63 6.96 15.47
N PHE A 123 23.59 7.78 15.89
CA PHE A 123 24.70 7.31 16.70
C PHE A 123 24.25 7.01 18.12
N LEU A 124 23.29 7.78 18.61
CA LEU A 124 22.76 7.59 19.96
C LEU A 124 21.96 6.30 20.07
N ILE A 125 21.18 6.00 19.03
CA ILE A 125 20.38 4.79 19.01
C ILE A 125 21.24 3.56 18.80
N PHE A 126 22.22 3.66 17.89
CA PHE A 126 23.12 2.56 17.61
C PHE A 126 23.90 2.15 18.85
N ASN A 127 24.26 3.14 19.66
CA ASN A 127 25.02 2.88 20.88
C ASN A 127 24.08 2.60 22.05
N LEU A 128 22.81 2.94 21.88
CA LEU A 128 21.80 2.73 22.92
C LEU A 128 21.32 1.28 22.92
N PHE A 129 21.33 0.66 21.75
CA PHE A 129 20.89 -0.73 21.62
C PHE A 129 22.09 -1.68 21.66
N TYR A 130 23.27 -1.15 21.36
CA TYR A 130 24.49 -1.96 21.37
C TYR A 130 24.98 -2.18 22.80
N TRP A 131 24.97 -1.12 23.59
CA TRP A 131 25.42 -1.21 24.98
C TRP A 131 24.35 -1.85 25.86
N ILE A 132 23.09 -1.72 25.45
CA ILE A 132 21.98 -2.29 26.20
C ILE A 132 21.87 -3.79 25.95
N ILE A 133 22.26 -4.22 24.75
CA ILE A 133 22.20 -5.63 24.39
C ILE A 133 23.25 -6.44 25.14
N TYR A 134 24.46 -5.90 25.23
CA TYR A 134 25.55 -6.57 25.92
C TYR A 134 25.47 -6.32 27.43
N LYS A 135 24.56 -5.44 27.83
CA LYS A 135 24.37 -5.12 29.24
C LYS A 135 23.37 -6.06 29.89
N ILE A 136 22.21 -6.23 29.24
CA ILE A 136 21.17 -7.11 29.76
C ILE A 136 21.72 -8.51 30.00
N VAL A 137 22.54 -8.99 29.09
CA VAL A 137 23.13 -10.32 29.20
C VAL A 137 23.98 -10.44 30.47
N ARG A 138 24.35 -9.29 31.03
CA ARG A 138 25.16 -9.26 32.23
C ARG A 138 24.29 -9.04 33.47
N ARG A 139 23.40 -8.05 33.38
CA ARG A 139 22.51 -7.72 34.49
C ARG A 139 23.26 -6.98 35.58
N GLU A 140 24.36 -7.56 36.06
CA GLU A 140 25.16 -6.96 37.11
C GLU A 140 26.62 -6.89 36.71
N ASP A 141 26.87 -6.77 35.40
CA ASP A 141 28.23 -6.70 34.89
C ASP A 141 29.06 -7.88 35.39
N GLU A 142 28.78 -9.06 34.87
CA GLU A 142 29.51 -10.26 35.26
C GLU A 142 30.72 -10.49 34.36
N PHE A 143 30.53 -10.25 33.06
CA PHE A 143 31.61 -10.44 32.09
C PHE A 143 32.54 -9.23 32.08
N GLU A 144 32.23 -8.24 32.91
CA GLU A 144 33.05 -7.04 33.00
C GLU A 144 34.44 -7.35 33.50
N HIS A 145 34.57 -8.46 34.23
CA HIS A 145 35.86 -8.88 34.78
C HIS A 145 36.49 -9.97 33.91
N HIS A 146 36.21 -9.91 32.61
CA HIS A 146 36.75 -10.89 31.67
C HIS A 146 37.01 -10.26 30.30
N HIS A 147 35.93 -9.97 29.58
CA HIS A 147 36.03 -9.36 28.26
C HIS A 147 35.96 -7.84 28.35
N HIS A 148 34.75 -7.34 28.59
CA HIS A 148 34.53 -5.90 28.71
C HIS A 148 34.84 -5.19 27.39
N HIS A 149 34.92 -5.97 26.31
CA HIS A 149 35.22 -5.43 25.00
C HIS A 149 34.09 -4.52 24.52
N HIS A 150 32.91 -5.10 24.33
CA HIS A 150 31.74 -4.34 23.88
C HIS A 150 30.46 -4.86 24.53
N MET B 1 8.62 -35.43 2.20
CA MET B 1 9.78 -34.74 2.76
C MET B 1 10.65 -34.16 1.64
N LEU B 2 10.06 -33.34 0.79
CA LEU B 2 10.78 -32.72 -0.31
C LEU B 2 11.33 -31.36 0.09
N GLU B 3 11.90 -31.29 1.30
CA GLU B 3 12.48 -30.05 1.79
C GLU B 3 13.72 -29.66 1.00
N ARG B 4 14.56 -30.65 0.71
CA ARG B 4 15.79 -30.42 -0.03
C ARG B 4 15.51 -30.33 -1.53
N GLN B 5 14.29 -30.71 -1.92
CA GLN B 5 13.90 -30.67 -3.32
C GLN B 5 13.21 -29.35 -3.66
N LEU B 6 13.39 -28.36 -2.80
CA LEU B 6 12.79 -27.04 -3.00
C LEU B 6 13.67 -26.17 -3.88
N GLY B 7 14.98 -26.35 -3.76
CA GLY B 7 15.92 -25.57 -4.56
C GLY B 7 15.61 -25.63 -6.04
N TYR B 8 15.00 -26.73 -6.47
CA TYR B 8 14.64 -26.90 -7.88
C TYR B 8 13.63 -25.84 -8.32
N TYR B 9 12.67 -25.56 -7.46
CA TYR B 9 11.64 -24.57 -7.76
C TYR B 9 12.20 -23.15 -7.65
N LEU B 10 13.25 -23.01 -6.84
CA LEU B 10 13.88 -21.70 -6.64
C LEU B 10 14.80 -21.35 -7.81
N ILE B 11 15.33 -22.39 -8.46
CA ILE B 11 16.22 -22.20 -9.61
C ILE B 11 15.46 -21.66 -10.81
N GLN B 12 14.38 -22.36 -11.18
CA GLN B 12 13.57 -21.96 -12.32
C GLN B 12 12.83 -20.66 -12.03
N LEU B 13 12.62 -20.38 -10.75
CA LEU B 13 11.92 -19.16 -10.35
C LEU B 13 12.89 -17.99 -10.23
N TYR B 14 14.17 -18.30 -10.07
CA TYR B 14 15.20 -17.27 -9.95
C TYR B 14 15.48 -16.63 -11.30
N ILE B 15 15.45 -17.44 -12.36
CA ILE B 15 15.71 -16.94 -13.71
C ILE B 15 14.85 -15.72 -14.02
N PRO B 16 13.52 -15.89 -13.91
CA PRO B 16 12.57 -14.80 -14.17
C PRO B 16 12.63 -13.71 -13.10
N SER B 17 12.92 -14.11 -11.87
CA SER B 17 13.00 -13.18 -10.75
C SER B 17 14.18 -12.22 -10.93
N LEU B 18 15.26 -12.73 -11.51
CA LEU B 18 16.45 -11.92 -11.74
C LEU B 18 16.26 -10.98 -12.93
N LEU B 19 15.58 -11.47 -13.96
CA LEU B 19 15.33 -10.69 -15.16
C LEU B 19 14.39 -9.53 -14.85
N ILE B 20 13.35 -9.81 -14.07
CA ILE B 20 12.38 -8.78 -13.70
C ILE B 20 12.97 -7.79 -12.71
N VAL B 21 13.89 -8.28 -11.87
CA VAL B 21 14.54 -7.44 -10.88
C VAL B 21 15.47 -6.42 -11.53
N ILE B 22 16.24 -6.88 -12.50
CA ILE B 22 17.17 -6.02 -13.21
C ILE B 22 16.45 -4.86 -13.90
N LEU B 23 15.28 -5.17 -14.46
CA LEU B 23 14.49 -4.16 -15.15
C LEU B 23 13.95 -3.13 -14.17
N SER B 24 13.73 -3.56 -12.93
CA SER B 24 13.22 -2.67 -11.89
C SER B 24 14.13 -1.48 -11.69
N TRP B 25 15.44 -1.73 -11.64
CA TRP B 25 16.42 -0.68 -11.45
C TRP B 25 16.44 0.27 -12.65
N ILE B 26 16.42 -0.30 -13.85
CA ILE B 26 16.43 0.49 -15.07
C ILE B 26 15.36 1.57 -15.04
N SER B 27 14.26 1.28 -14.35
CA SER B 27 13.16 2.23 -14.24
C SER B 27 13.32 3.12 -13.01
N PHE B 28 13.99 2.59 -11.99
CA PHE B 28 14.22 3.33 -10.76
C PHE B 28 14.87 4.68 -11.04
N TRP B 29 15.63 4.74 -12.13
CA TRP B 29 16.31 5.97 -12.52
C TRP B 29 15.34 7.14 -12.55
N ILE B 30 14.29 7.02 -13.36
CA ILE B 30 13.29 8.08 -13.49
C ILE B 30 12.38 8.11 -12.26
N ASN B 31 12.17 6.94 -11.66
CA ASN B 31 11.31 6.83 -10.49
C ASN B 31 11.95 7.53 -9.28
N LEU B 32 13.21 7.94 -9.44
CA LEU B 32 13.92 8.62 -8.37
C LEU B 32 13.10 9.76 -7.80
N ASP B 33 12.21 10.31 -8.61
CA ASP B 33 11.35 11.40 -8.18
C ASP B 33 10.20 11.61 -9.17
N ALA B 34 10.50 11.44 -10.46
CA ALA B 34 9.49 11.61 -11.50
C ALA B 34 8.31 10.68 -11.28
N ALA B 35 8.59 9.48 -10.78
CA ALA B 35 7.56 8.49 -10.53
C ALA B 35 8.08 7.35 -9.65
N PRO B 36 8.26 7.64 -8.35
CA PRO B 36 8.76 6.66 -7.39
C PRO B 36 7.74 5.57 -7.11
N ALA B 37 6.55 5.72 -7.66
CA ALA B 37 5.49 4.73 -7.45
C ALA B 37 5.90 3.37 -8.00
N ARG B 38 6.75 3.37 -9.02
CA ARG B 38 7.21 2.13 -9.62
C ARG B 38 8.28 1.48 -8.76
N VAL B 39 9.09 2.30 -8.10
CA VAL B 39 10.16 1.80 -7.24
C VAL B 39 9.60 1.10 -6.01
N GLY B 40 8.48 1.61 -5.50
CA GLY B 40 7.86 1.01 -4.34
C GLY B 40 7.10 -0.26 -4.67
N LEU B 41 6.66 -0.37 -5.92
CA LEU B 41 5.93 -1.54 -6.37
C LEU B 41 6.87 -2.67 -6.76
N GLY B 42 7.98 -2.31 -7.38
CA GLY B 42 8.96 -3.30 -7.80
C GLY B 42 9.69 -3.93 -6.63
N ILE B 43 9.94 -3.13 -5.59
CA ILE B 43 10.64 -3.61 -4.40
C ILE B 43 9.72 -4.47 -3.55
N THR B 44 8.42 -4.20 -3.61
CA THR B 44 7.45 -4.96 -2.85
C THR B 44 7.02 -6.22 -3.58
N THR B 45 7.14 -6.20 -4.91
CA THR B 45 6.77 -7.34 -5.74
C THR B 45 7.79 -8.46 -5.61
N VAL B 46 9.05 -8.10 -5.42
CA VAL B 46 10.12 -9.07 -5.28
C VAL B 46 10.08 -9.75 -3.91
N LEU B 47 9.74 -8.96 -2.89
CA LEU B 47 9.66 -9.47 -1.53
C LEU B 47 8.36 -10.22 -1.30
N THR B 48 7.36 -9.92 -2.11
CA THR B 48 6.05 -10.56 -2.00
C THR B 48 5.98 -11.81 -2.88
N LEU B 49 6.82 -11.86 -3.90
CA LEU B 49 6.85 -12.99 -4.81
C LEU B 49 7.68 -14.13 -4.23
N THR B 50 8.63 -13.79 -3.37
CA THR B 50 9.49 -14.78 -2.74
C THR B 50 8.85 -15.35 -1.48
N THR B 51 8.26 -14.46 -0.67
CA THR B 51 7.62 -14.87 0.57
C THR B 51 6.34 -15.66 0.28
N GLN B 52 5.73 -15.40 -0.87
CA GLN B 52 4.51 -16.08 -1.26
C GLN B 52 4.82 -17.38 -2.00
N SER B 53 6.06 -17.50 -2.47
CA SER B 53 6.47 -18.69 -3.21
C SER B 53 6.61 -19.89 -2.27
N SER B 54 6.52 -19.62 -0.97
CA SER B 54 6.63 -20.68 0.04
C SER B 54 5.45 -20.63 1.00
N GLY B 55 4.27 -20.34 0.47
CA GLY B 55 3.08 -20.27 1.30
C GLY B 55 2.42 -21.62 1.48
N SER B 56 2.44 -22.44 0.44
CA SER B 56 1.83 -23.77 0.49
C SER B 56 2.42 -24.59 1.62
N ARG B 57 3.73 -24.44 1.84
CA ARG B 57 4.42 -25.18 2.90
C ARG B 57 4.25 -26.69 2.71
N ALA B 58 3.91 -27.09 1.49
CA ALA B 58 3.72 -28.50 1.18
C ALA B 58 5.05 -29.16 0.81
N SER B 59 6.03 -28.34 0.44
CA SER B 59 7.34 -28.85 0.05
C SER B 59 8.31 -28.77 1.22
N LEU B 60 7.79 -28.45 2.39
CA LEU B 60 8.61 -28.34 3.60
C LEU B 60 9.69 -27.27 3.43
N PRO B 61 9.28 -25.99 3.48
CA PRO B 61 10.19 -24.86 3.33
C PRO B 61 11.12 -24.71 4.53
N LYS B 62 10.92 -25.54 5.53
CA LYS B 62 11.74 -25.50 6.74
C LYS B 62 13.23 -25.45 6.38
N VAL B 63 13.73 -26.54 5.80
CA VAL B 63 15.13 -26.61 5.41
C VAL B 63 15.52 -25.42 4.53
N SER B 64 14.67 -25.09 3.58
CA SER B 64 14.92 -23.97 2.67
C SER B 64 15.05 -22.66 3.45
N TYR B 65 14.45 -22.62 4.64
CA TYR B 65 14.50 -21.44 5.48
C TYR B 65 15.91 -21.19 6.00
N VAL B 66 16.51 -22.23 6.60
CA VAL B 66 17.86 -22.12 7.14
C VAL B 66 18.82 -21.57 6.09
N LYS B 67 18.92 -22.25 4.96
CA LYS B 67 19.80 -21.84 3.88
C LYS B 67 19.43 -20.45 3.38
N ALA B 68 18.15 -20.11 3.50
CA ALA B 68 17.66 -18.80 3.06
C ALA B 68 18.02 -17.71 4.06
N ILE B 69 18.27 -18.12 5.30
CA ILE B 69 18.63 -17.17 6.36
C ILE B 69 20.08 -16.72 6.21
N ASP B 70 20.91 -17.58 5.63
CA ASP B 70 22.32 -17.27 5.43
C ASP B 70 22.51 -16.35 4.22
N ILE B 71 21.50 -16.31 3.36
CA ILE B 71 21.56 -15.48 2.15
C ILE B 71 20.71 -14.22 2.32
N TRP B 72 19.62 -14.36 3.07
CA TRP B 72 18.72 -13.22 3.31
C TRP B 72 19.32 -12.25 4.31
N LEU B 73 20.41 -12.67 4.96
CA LEU B 73 21.07 -11.83 5.96
C LEU B 73 22.22 -11.05 5.33
N ALA B 74 22.00 -10.58 4.10
CA ALA B 74 23.02 -9.81 3.39
C ALA B 74 22.50 -9.35 2.02
N VAL B 75 21.68 -10.19 1.39
CA VAL B 75 21.13 -9.87 0.09
C VAL B 75 20.07 -8.77 0.19
N CYS B 76 19.50 -8.62 1.38
CA CYS B 76 18.47 -7.61 1.61
C CYS B 76 19.08 -6.35 2.21
N LEU B 77 20.23 -6.52 2.88
CA LEU B 77 20.91 -5.40 3.52
C LEU B 77 21.75 -4.63 2.50
N LEU B 78 22.11 -5.30 1.41
CA LEU B 78 22.90 -4.68 0.36
C LEU B 78 22.02 -4.14 -0.75
N PHE B 79 20.88 -4.79 -0.97
CA PHE B 79 19.94 -4.36 -2.00
C PHE B 79 19.31 -3.03 -1.65
N VAL B 80 18.92 -2.88 -0.38
CA VAL B 80 18.29 -1.65 0.09
C VAL B 80 19.34 -0.63 0.52
N PHE B 81 20.60 -1.07 0.56
CA PHE B 81 21.70 -0.20 0.95
C PHE B 81 22.08 0.76 -0.17
N SER B 82 22.07 0.25 -1.40
CA SER B 82 22.41 1.04 -2.57
C SER B 82 21.22 1.87 -3.03
N ALA B 83 20.02 1.37 -2.77
CA ALA B 83 18.79 2.05 -3.16
C ALA B 83 18.57 3.30 -2.33
N LEU B 84 19.01 3.25 -1.07
CA LEU B 84 18.85 4.38 -0.16
C LEU B 84 19.95 5.42 -0.40
N LEU B 85 21.14 4.95 -0.76
CA LEU B 85 22.27 5.83 -1.01
C LEU B 85 21.91 6.88 -2.07
N GLU B 86 21.13 6.46 -3.07
CA GLU B 86 20.72 7.35 -4.14
C GLU B 86 19.48 8.14 -3.74
N TYR B 87 18.48 7.43 -3.22
CA TYR B 87 17.23 8.07 -2.79
C TYR B 87 17.49 9.11 -1.71
N ALA B 88 18.65 9.02 -1.07
CA ALA B 88 19.02 9.96 -0.02
C ALA B 88 20.13 10.90 -0.49
N ALA B 89 20.78 10.54 -1.58
CA ALA B 89 21.86 11.35 -2.14
C ALA B 89 21.33 12.70 -2.62
N VAL B 90 20.11 12.69 -3.16
CA VAL B 90 19.49 13.91 -3.65
C VAL B 90 19.55 15.03 -2.61
N ASN B 91 19.35 14.66 -1.35
CA ASN B 91 19.39 15.64 -0.26
C ASN B 91 20.82 15.85 0.23
N PHE B 92 21.69 14.91 -0.09
CA PHE B 92 23.10 14.99 0.32
C PHE B 92 23.90 15.80 -0.69
N VAL B 93 23.23 16.33 -1.70
CA VAL B 93 23.88 17.13 -2.73
C VAL B 93 24.60 18.33 -2.13
N SER B 94 23.97 18.95 -1.13
CA SER B 94 24.54 20.11 -0.46
C SER B 94 25.92 19.79 0.10
N ARG B 95 26.17 18.51 0.35
CA ARG B 95 27.44 18.06 0.90
C ARG B 95 28.60 18.61 0.07
N GLN B 96 28.36 18.82 -1.22
CA GLN B 96 29.39 19.34 -2.11
C GLN B 96 30.56 18.36 -2.23
N ARG B 97 30.26 17.08 -2.07
CA ARG B 97 31.28 16.03 -2.15
C ARG B 97 32.08 16.17 -3.44
N GLU B 98 31.44 16.68 -4.48
CA GLU B 98 32.09 16.86 -5.78
C GLU B 98 33.18 17.94 -5.70
N PHE B 99 33.77 18.26 -6.84
CA PHE B 99 34.81 19.28 -6.89
C PHE B 99 34.23 20.64 -7.25
N GLY B 100 32.92 20.78 -7.09
CA GLY B 100 32.26 22.04 -7.40
C GLY B 100 30.80 21.85 -7.75
N GLY B 101 29.95 22.73 -7.22
CA GLY B 101 28.52 22.65 -7.49
C GLY B 101 28.10 23.50 -8.66
N GLY B 102 29.05 23.78 -9.56
CA GLY B 102 28.74 24.60 -10.72
C GLY B 102 27.74 23.95 -11.64
N GLY B 103 27.78 22.62 -11.73
CA GLY B 103 26.86 21.90 -12.58
C GLY B 103 25.72 21.26 -11.81
N PHE B 104 25.32 21.91 -10.71
CA PHE B 104 24.23 21.40 -9.88
C PHE B 104 22.88 21.73 -10.48
N ILE B 105 22.85 22.78 -11.31
CA ILE B 105 21.61 23.21 -11.95
C ILE B 105 21.36 22.43 -13.24
N GLN B 106 22.42 21.81 -13.77
CA GLN B 106 22.31 21.02 -14.99
C GLN B 106 22.13 19.55 -14.68
N ARG B 107 21.81 19.24 -13.43
CA ARG B 107 21.62 17.86 -13.00
C ARG B 107 20.36 17.28 -13.63
N ALA B 108 19.39 18.13 -13.90
CA ALA B 108 18.13 17.69 -14.51
C ALA B 108 18.38 17.05 -15.87
N LYS B 109 19.53 17.32 -16.46
CA LYS B 109 19.88 16.76 -17.76
C LYS B 109 19.69 15.25 -17.77
N LYS B 110 19.87 14.62 -16.61
CA LYS B 110 19.71 13.18 -16.49
C LYS B 110 20.73 12.44 -17.35
N ILE B 111 22.00 12.53 -16.97
CA ILE B 111 23.07 11.87 -17.70
C ILE B 111 22.95 10.35 -17.60
N ASP B 112 22.09 9.89 -16.69
CA ASP B 112 21.88 8.46 -16.50
C ASP B 112 23.16 7.78 -16.01
N LYS B 113 23.94 8.51 -15.22
CA LYS B 113 25.18 7.98 -14.67
C LYS B 113 24.91 6.83 -13.71
N ILE B 114 23.66 6.69 -13.30
CA ILE B 114 23.27 5.63 -12.38
C ILE B 114 23.43 4.25 -13.03
N SER B 115 23.36 4.22 -14.35
CA SER B 115 23.49 2.97 -15.10
C SER B 115 24.93 2.46 -15.05
N ARG B 116 25.86 3.39 -14.87
CA ARG B 116 27.28 3.04 -14.82
C ARG B 116 27.54 1.95 -13.77
N ILE B 117 26.67 1.91 -12.75
CA ILE B 117 26.80 0.93 -11.69
C ILE B 117 25.69 -0.12 -11.77
N GLY B 118 24.54 0.29 -12.28
CA GLY B 118 23.41 -0.62 -12.40
C GLY B 118 23.63 -1.65 -13.49
N PHE B 119 24.08 -1.20 -14.66
CA PHE B 119 24.33 -2.09 -15.78
C PHE B 119 25.19 -3.26 -15.36
N PRO B 120 26.38 -2.96 -14.82
CA PRO B 120 27.33 -3.98 -14.38
C PRO B 120 26.85 -4.72 -13.13
N LEU B 121 25.85 -4.16 -12.46
CA LEU B 121 25.29 -4.75 -11.26
C LEU B 121 24.27 -5.84 -11.61
N ALA B 122 23.67 -5.72 -12.79
CA ALA B 122 22.68 -6.69 -13.24
C ALA B 122 23.36 -7.93 -13.84
N PHE B 123 24.45 -7.70 -14.55
CA PHE B 123 25.20 -8.80 -15.17
C PHE B 123 25.97 -9.59 -14.12
N LEU B 124 26.42 -8.91 -13.08
CA LEU B 124 27.17 -9.55 -12.01
C LEU B 124 26.28 -10.45 -11.18
N ILE B 125 25.06 -9.99 -10.91
CA ILE B 125 24.10 -10.77 -10.14
C ILE B 125 23.56 -11.94 -10.94
N PHE B 126 23.27 -11.70 -12.21
CA PHE B 126 22.74 -12.74 -13.09
C PHE B 126 23.74 -13.89 -13.22
N ASN B 127 25.02 -13.55 -13.24
CA ASN B 127 26.07 -14.56 -13.36
C ASN B 127 26.50 -15.08 -11.99
N LEU B 128 26.11 -14.35 -10.95
CA LEU B 128 26.44 -14.74 -9.58
C LEU B 128 25.49 -15.81 -9.07
N PHE B 129 24.25 -15.78 -9.56
CA PHE B 129 23.25 -16.75 -9.15
C PHE B 129 23.17 -17.90 -10.14
N TYR B 130 23.63 -17.66 -11.36
CA TYR B 130 23.61 -18.68 -12.41
C TYR B 130 24.74 -19.68 -12.21
N TRP B 131 25.93 -19.17 -11.90
CA TRP B 131 27.10 -20.02 -11.69
C TRP B 131 27.05 -20.67 -10.31
N ILE B 132 26.38 -20.01 -9.37
CA ILE B 132 26.26 -20.52 -8.02
C ILE B 132 25.21 -21.62 -7.93
N ILE B 133 24.19 -21.53 -8.79
CA ILE B 133 23.12 -22.52 -8.82
C ILE B 133 23.62 -23.84 -9.37
N TYR B 134 24.39 -23.77 -10.46
CA TYR B 134 24.93 -24.98 -11.09
C TYR B 134 26.18 -25.46 -10.36
N LYS B 135 26.66 -24.65 -9.42
CA LYS B 135 27.86 -24.99 -8.65
C LYS B 135 27.48 -25.80 -7.41
N ILE B 136 26.51 -25.31 -6.66
CA ILE B 136 26.06 -25.99 -5.45
C ILE B 136 25.66 -27.43 -5.74
N VAL B 137 24.98 -27.64 -6.87
CA VAL B 137 24.55 -28.97 -7.26
C VAL B 137 25.74 -29.90 -7.46
N ARG B 138 26.92 -29.31 -7.61
CA ARG B 138 28.14 -30.10 -7.81
C ARG B 138 28.91 -30.23 -6.50
N ARG B 139 29.08 -29.11 -5.79
CA ARG B 139 29.79 -29.12 -4.52
C ARG B 139 31.30 -29.22 -4.75
N GLU B 140 31.71 -30.25 -5.48
CA GLU B 140 33.12 -30.46 -5.78
C GLU B 140 33.36 -30.63 -7.27
N ASP B 141 32.50 -30.00 -8.07
CA ASP B 141 32.62 -30.08 -9.52
C ASP B 141 32.65 -31.53 -9.98
N GLU B 142 31.50 -32.20 -9.90
CA GLU B 142 31.39 -33.59 -10.31
C GLU B 142 30.99 -33.70 -11.77
N PHE B 143 30.07 -32.83 -12.20
CA PHE B 143 29.60 -32.84 -13.58
C PHE B 143 30.57 -32.09 -14.49
N GLU B 144 31.63 -31.57 -13.89
CA GLU B 144 32.64 -30.84 -14.66
C GLU B 144 33.33 -31.74 -15.66
N HIS B 145 33.32 -33.04 -15.39
CA HIS B 145 33.95 -34.01 -16.28
C HIS B 145 32.91 -34.68 -17.16
N HIS B 146 31.85 -33.95 -17.50
CA HIS B 146 30.78 -34.47 -18.34
C HIS B 146 30.18 -33.38 -19.21
N HIS B 147 29.41 -32.50 -18.58
CA HIS B 147 28.77 -31.39 -19.29
C HIS B 147 29.65 -30.14 -19.26
N HIS B 148 29.70 -29.49 -18.10
CA HIS B 148 30.50 -28.28 -17.94
C HIS B 148 29.98 -27.16 -18.84
N HIS B 149 28.76 -27.32 -19.34
CA HIS B 149 28.15 -26.33 -20.22
C HIS B 149 27.90 -25.03 -19.47
N HIS B 150 27.04 -25.09 -18.46
CA HIS B 150 26.71 -23.92 -17.67
C HIS B 150 25.71 -24.26 -16.57
N MET C 1 -14.69 -32.85 -4.70
CA MET C 1 -13.58 -33.07 -5.63
C MET C 1 -13.82 -32.31 -6.93
N LEU C 2 -14.22 -31.05 -6.82
CA LEU C 2 -14.48 -30.22 -7.98
C LEU C 2 -13.24 -29.43 -8.38
N GLU C 3 -12.09 -30.10 -8.37
CA GLU C 3 -10.82 -29.46 -8.72
C GLU C 3 -10.80 -29.12 -10.21
N ARG C 4 -11.25 -30.05 -11.04
CA ARG C 4 -11.28 -29.85 -12.48
C ARG C 4 -12.47 -28.99 -12.90
N GLN C 5 -13.39 -28.77 -11.95
CA GLN C 5 -14.58 -27.96 -12.22
C GLN C 5 -14.35 -26.51 -11.83
N LEU C 6 -13.08 -26.15 -11.66
CA LEU C 6 -12.72 -24.78 -11.28
C LEU C 6 -12.62 -23.89 -12.52
N GLY C 7 -12.17 -24.47 -13.63
CA GLY C 7 -12.03 -23.71 -14.86
C GLY C 7 -13.30 -22.97 -15.23
N TYR C 8 -14.44 -23.51 -14.81
CA TYR C 8 -15.73 -22.89 -15.11
C TYR C 8 -15.83 -21.51 -14.47
N TYR C 9 -15.36 -21.41 -13.22
CA TYR C 9 -15.39 -20.14 -12.50
C TYR C 9 -14.34 -19.18 -13.02
N LEU C 10 -13.28 -19.73 -13.62
CA LEU C 10 -12.20 -18.92 -14.17
C LEU C 10 -12.59 -18.34 -15.53
N ILE C 11 -13.47 -19.04 -16.23
CA ILE C 11 -13.93 -18.59 -17.54
C ILE C 11 -14.83 -17.36 -17.43
N GLN C 12 -15.85 -17.47 -16.59
CA GLN C 12 -16.79 -16.37 -16.38
C GLN C 12 -16.11 -15.20 -15.66
N LEU C 13 -15.04 -15.51 -14.93
CA LEU C 13 -14.31 -14.49 -14.19
C LEU C 13 -13.25 -13.84 -15.08
N TYR C 14 -12.86 -14.54 -16.14
CA TYR C 14 -11.84 -14.04 -17.06
C TYR C 14 -12.42 -12.94 -17.94
N ILE C 15 -13.68 -13.11 -18.34
CA ILE C 15 -14.35 -12.14 -19.19
C ILE C 15 -14.21 -10.73 -18.63
N PRO C 16 -14.68 -10.53 -17.39
CA PRO C 16 -14.61 -9.24 -16.71
C PRO C 16 -13.18 -8.84 -16.33
N SER C 17 -12.36 -9.85 -16.04
CA SER C 17 -10.97 -9.61 -15.67
C SER C 17 -10.18 -9.07 -16.85
N LEU C 18 -10.53 -9.53 -18.05
CA LEU C 18 -9.84 -9.08 -19.26
C LEU C 18 -10.30 -7.68 -19.67
N LEU C 19 -11.59 -7.41 -19.50
CA LEU C 19 -12.17 -6.12 -19.85
C LEU C 19 -11.61 -5.03 -18.92
N ILE C 20 -11.53 -5.33 -17.63
CA ILE C 20 -11.02 -4.38 -16.66
C ILE C 20 -9.52 -4.19 -16.81
N VAL C 21 -8.84 -5.25 -17.23
CA VAL C 21 -7.38 -5.20 -17.42
C VAL C 21 -7.01 -4.32 -18.60
N ILE C 22 -7.74 -4.46 -19.70
CA ILE C 22 -7.49 -3.67 -20.90
C ILE C 22 -7.63 -2.17 -20.61
N LEU C 23 -8.62 -1.83 -19.80
CA LEU C 23 -8.87 -0.43 -19.44
C LEU C 23 -7.74 0.12 -18.58
N SER C 24 -7.10 -0.78 -17.82
CA SER C 24 -5.99 -0.38 -16.95
C SER C 24 -4.87 0.27 -17.75
N TRP C 25 -4.53 -0.34 -18.88
CA TRP C 25 -3.47 0.18 -19.73
C TRP C 25 -3.86 1.52 -20.33
N ILE C 26 -5.10 1.61 -20.81
CA ILE C 26 -5.59 2.85 -21.41
C ILE C 26 -5.35 4.04 -20.50
N SER C 27 -5.35 3.79 -19.19
CA SER C 27 -5.13 4.85 -18.20
C SER C 27 -3.65 4.96 -17.86
N PHE C 28 -2.94 3.84 -17.98
CA PHE C 28 -1.51 3.82 -17.67
C PHE C 28 -0.76 4.89 -18.47
N TRP C 29 -1.31 5.24 -19.63
CA TRP C 29 -0.69 6.26 -20.48
C TRP C 29 -0.39 7.52 -19.69
N ILE C 30 -1.43 8.11 -19.10
CA ILE C 30 -1.29 9.33 -18.32
C ILE C 30 -0.66 9.04 -16.96
N ASN C 31 -0.92 7.84 -16.43
CA ASN C 31 -0.37 7.43 -15.15
C ASN C 31 1.14 7.26 -15.22
N LEU C 32 1.68 7.32 -16.44
CA LEU C 32 3.11 7.17 -16.65
C LEU C 32 3.90 8.09 -15.72
N ASP C 33 3.27 9.19 -15.31
CA ASP C 33 3.90 10.15 -14.42
C ASP C 33 2.87 11.12 -13.84
N ALA C 34 1.91 11.50 -14.66
CA ALA C 34 0.87 12.43 -14.24
C ALA C 34 0.11 11.88 -13.03
N ALA C 35 -0.07 10.56 -13.00
CA ALA C 35 -0.77 9.91 -11.90
C ALA C 35 -0.56 8.40 -11.92
N PRO C 36 0.65 7.98 -11.53
CA PRO C 36 1.03 6.56 -11.49
C PRO C 36 0.29 5.80 -10.39
N ALA C 37 -0.45 6.52 -9.57
CA ALA C 37 -1.21 5.92 -8.48
C ALA C 37 -2.22 4.92 -9.01
N ARG C 38 -2.72 5.16 -10.21
CA ARG C 38 -3.69 4.27 -10.84
C ARG C 38 -3.03 3.02 -11.38
N VAL C 39 -1.79 3.16 -11.86
CA VAL C 39 -1.04 2.04 -12.41
C VAL C 39 -0.70 1.04 -11.32
N GLY C 40 -0.40 1.54 -10.12
CA GLY C 40 -0.05 0.67 -9.01
C GLY C 40 -1.26 -0.02 -8.42
N LEU C 41 -2.43 0.60 -8.57
CA LEU C 41 -3.67 0.04 -8.04
C LEU C 41 -4.26 -0.99 -9.00
N GLY C 42 -4.16 -0.71 -10.29
CA GLY C 42 -4.69 -1.62 -11.29
C GLY C 42 -3.88 -2.90 -11.39
N ILE C 43 -2.57 -2.79 -11.21
CA ILE C 43 -1.69 -3.94 -11.28
C ILE C 43 -1.82 -4.82 -10.03
N THR C 44 -2.17 -4.19 -8.91
CA THR C 44 -2.34 -4.91 -7.66
C THR C 44 -3.74 -5.49 -7.53
N THR C 45 -4.69 -4.88 -8.23
CA THR C 45 -6.08 -5.34 -8.20
C THR C 45 -6.24 -6.62 -8.99
N VAL C 46 -5.47 -6.77 -10.06
CA VAL C 46 -5.53 -7.96 -10.90
C VAL C 46 -4.86 -9.15 -10.22
N LEU C 47 -3.77 -8.87 -9.50
CA LEU C 47 -3.04 -9.93 -8.81
C LEU C 47 -3.73 -10.29 -7.49
N THR C 48 -4.53 -9.36 -6.97
CA THR C 48 -5.24 -9.58 -5.72
C THR C 48 -6.62 -10.19 -5.97
N LEU C 49 -7.14 -9.98 -7.18
CA LEU C 49 -8.45 -10.50 -7.55
C LEU C 49 -8.35 -11.97 -7.96
N THR C 50 -7.17 -12.36 -8.45
CA THR C 50 -6.95 -13.73 -8.89
C THR C 50 -6.51 -14.62 -7.72
N THR C 51 -5.61 -14.09 -6.90
CA THR C 51 -5.12 -14.83 -5.74
C THR C 51 -6.19 -14.99 -4.68
N GLN C 52 -7.14 -14.06 -4.67
CA GLN C 52 -8.23 -14.09 -3.70
C GLN C 52 -9.41 -14.91 -4.23
N SER C 53 -9.41 -15.14 -5.54
CA SER C 53 -10.47 -15.91 -6.18
C SER C 53 -10.38 -17.39 -5.81
N SER C 54 -9.27 -17.76 -5.17
CA SER C 54 -9.05 -19.14 -4.76
C SER C 54 -8.69 -19.22 -3.29
N GLY C 55 -9.33 -18.38 -2.47
CA GLY C 55 -9.06 -18.37 -1.05
C GLY C 55 -9.90 -19.38 -0.29
N SER C 56 -11.12 -19.61 -0.76
CA SER C 56 -12.02 -20.56 -0.12
C SER C 56 -11.40 -21.96 -0.09
N ARG C 57 -10.72 -22.31 -1.16
CA ARG C 57 -10.08 -23.63 -1.27
C ARG C 57 -11.10 -24.74 -1.12
N ALA C 58 -12.37 -24.41 -1.33
CA ALA C 58 -13.46 -25.38 -1.23
C ALA C 58 -13.65 -26.13 -2.54
N SER C 59 -13.15 -25.55 -3.62
CA SER C 59 -13.27 -26.17 -4.94
C SER C 59 -12.00 -26.93 -5.30
N LEU C 60 -11.10 -27.07 -4.33
CA LEU C 60 -9.85 -27.78 -4.54
C LEU C 60 -9.03 -27.12 -5.65
N PRO C 61 -8.43 -25.96 -5.31
CA PRO C 61 -7.61 -25.20 -6.26
C PRO C 61 -6.29 -25.91 -6.58
N LYS C 62 -6.04 -27.02 -5.91
CA LYS C 62 -4.83 -27.80 -6.11
C LYS C 62 -4.56 -28.01 -7.60
N VAL C 63 -5.43 -28.78 -8.25
CA VAL C 63 -5.29 -29.05 -9.68
C VAL C 63 -5.16 -27.76 -10.47
N SER C 64 -6.01 -26.79 -10.15
CA SER C 64 -5.99 -25.50 -10.85
C SER C 64 -4.63 -24.82 -10.70
N TYR C 65 -3.92 -25.17 -9.63
CA TYR C 65 -2.61 -24.60 -9.36
C TYR C 65 -1.60 -25.04 -10.41
N VAL C 66 -1.51 -26.35 -10.61
CA VAL C 66 -0.58 -26.91 -11.60
C VAL C 66 -0.74 -26.24 -12.95
N LYS C 67 -1.95 -26.30 -13.49
CA LYS C 67 -2.24 -25.69 -14.79
C LYS C 67 -1.99 -24.18 -14.76
N ALA C 68 -2.13 -23.60 -13.57
CA ALA C 68 -1.92 -22.17 -13.40
C ALA C 68 -0.44 -21.83 -13.35
N ILE C 69 0.37 -22.82 -12.99
CA ILE C 69 1.82 -22.63 -12.91
C ILE C 69 2.46 -22.61 -14.29
N ASP C 70 1.80 -23.26 -15.25
CA ASP C 70 2.31 -23.31 -16.61
C ASP C 70 1.95 -22.05 -17.37
N ILE C 71 0.98 -21.31 -16.86
CA ILE C 71 0.54 -20.07 -17.50
C ILE C 71 1.06 -18.85 -16.74
N TRP C 72 1.19 -19.00 -15.42
CA TRP C 72 1.68 -17.91 -14.58
C TRP C 72 3.19 -17.74 -14.72
N LEU C 73 3.83 -18.71 -15.37
CA LEU C 73 5.27 -18.67 -15.58
C LEU C 73 5.61 -18.04 -16.93
N ALA C 74 4.87 -17.01 -17.31
CA ALA C 74 5.09 -16.33 -18.57
C ALA C 74 4.14 -15.16 -18.75
N VAL C 75 2.91 -15.33 -18.24
CA VAL C 75 1.90 -14.28 -18.34
C VAL C 75 2.22 -13.11 -17.41
N CYS C 76 2.98 -13.39 -16.37
CA CYS C 76 3.37 -12.36 -15.40
C CYS C 76 4.72 -11.78 -15.74
N LEU C 77 5.53 -12.54 -16.47
CA LEU C 77 6.86 -12.10 -16.87
C LEU C 77 6.79 -11.18 -18.09
N LEU C 78 5.78 -11.40 -18.92
CA LEU C 78 5.59 -10.58 -20.12
C LEU C 78 4.72 -9.37 -19.83
N PHE C 79 3.83 -9.52 -18.85
CA PHE C 79 2.93 -8.42 -18.48
C PHE C 79 3.70 -7.28 -17.83
N VAL C 80 4.64 -7.63 -16.95
CA VAL C 80 5.45 -6.64 -16.25
C VAL C 80 6.70 -6.29 -17.06
N PHE C 81 6.91 -7.02 -18.16
CA PHE C 81 8.07 -6.79 -19.01
C PHE C 81 7.85 -5.56 -19.90
N SER C 82 6.63 -5.41 -20.40
CA SER C 82 6.30 -4.29 -21.27
C SER C 82 5.98 -3.04 -20.44
N ALA C 83 5.50 -3.25 -19.23
CA ALA C 83 5.16 -2.15 -18.34
C ALA C 83 6.41 -1.44 -17.84
N LEU C 84 7.49 -2.21 -17.68
CA LEU C 84 8.75 -1.65 -17.21
C LEU C 84 9.51 -0.98 -18.35
N LEU C 85 9.39 -1.54 -19.55
CA LEU C 85 10.07 -1.00 -20.72
C LEU C 85 9.71 0.47 -20.93
N GLU C 86 8.46 0.81 -20.64
CA GLU C 86 7.99 2.19 -20.80
C GLU C 86 8.31 3.01 -19.55
N TYR C 87 7.97 2.46 -18.39
CA TYR C 87 8.21 3.14 -17.12
C TYR C 87 9.70 3.43 -16.93
N ALA C 88 10.53 2.71 -17.69
CA ALA C 88 11.98 2.89 -17.61
C ALA C 88 12.51 3.58 -18.86
N ALA C 89 11.71 3.61 -19.91
CA ALA C 89 12.10 4.25 -21.16
C ALA C 89 12.29 5.74 -20.97
N VAL C 90 11.47 6.35 -20.12
CA VAL C 90 11.55 7.78 -19.85
C VAL C 90 12.97 8.20 -19.51
N ASN C 91 13.67 7.35 -18.75
CA ASN C 91 15.04 7.63 -18.37
C ASN C 91 16.02 7.17 -19.43
N PHE C 92 15.56 6.28 -20.32
CA PHE C 92 16.40 5.77 -21.39
C PHE C 92 16.34 6.69 -22.60
N VAL C 93 15.64 7.80 -22.47
CA VAL C 93 15.52 8.77 -23.56
C VAL C 93 16.89 9.28 -23.99
N SER C 94 17.77 9.50 -23.03
CA SER C 94 19.11 10.00 -23.31
C SER C 94 19.84 9.06 -24.27
N ARG C 95 19.40 7.81 -24.31
CA ARG C 95 20.01 6.81 -25.19
C ARG C 95 20.08 7.32 -26.63
N GLN C 96 19.14 8.18 -26.98
CA GLN C 96 19.10 8.75 -28.34
C GLN C 96 18.87 7.65 -29.37
N ARG C 97 18.17 6.59 -28.96
CA ARG C 97 17.89 5.48 -29.86
C ARG C 97 17.26 5.97 -31.15
N GLU C 98 16.52 7.07 -31.06
CA GLU C 98 15.86 7.65 -32.23
C GLU C 98 16.89 8.20 -33.22
N PHE C 99 16.39 8.83 -34.29
CA PHE C 99 17.27 9.40 -35.30
C PHE C 99 17.55 10.88 -35.02
N GLY C 100 17.29 11.29 -33.78
CA GLY C 100 17.53 12.68 -33.39
C GLY C 100 16.65 13.10 -32.23
N GLY C 101 17.24 13.82 -31.28
CA GLY C 101 16.51 14.28 -30.12
C GLY C 101 15.95 15.67 -30.32
N GLY C 102 15.73 16.06 -31.57
CA GLY C 102 15.19 17.37 -31.87
C GLY C 102 13.79 17.56 -31.33
N GLY C 103 13.01 16.49 -31.33
CA GLY C 103 11.64 16.56 -30.85
C GLY C 103 11.50 15.99 -29.44
N PHE C 104 12.55 16.12 -28.64
CA PHE C 104 12.53 15.61 -27.28
C PHE C 104 11.80 16.56 -26.34
N ILE C 105 11.73 17.83 -26.75
CA ILE C 105 11.06 18.85 -25.95
C ILE C 105 9.56 18.88 -26.25
N GLN C 106 9.18 18.29 -27.39
CA GLN C 106 7.78 18.26 -27.79
C GLN C 106 7.14 16.92 -27.41
N ARG C 107 7.82 16.17 -26.56
CA ARG C 107 7.31 14.88 -26.11
C ARG C 107 6.08 15.05 -25.23
N ALA C 108 6.01 16.17 -24.54
CA ALA C 108 4.87 16.45 -23.66
C ALA C 108 3.56 16.49 -24.44
N LYS C 109 3.67 16.66 -25.76
CA LYS C 109 2.50 16.70 -26.62
C LYS C 109 1.59 15.50 -26.38
N LYS C 110 2.19 14.39 -25.96
CA LYS C 110 1.44 13.18 -25.69
C LYS C 110 0.72 12.68 -26.94
N ILE C 111 1.49 12.19 -27.90
CA ILE C 111 0.94 11.69 -29.15
C ILE C 111 0.15 10.41 -28.92
N ASP C 112 0.28 9.85 -27.72
CA ASP C 112 -0.43 8.62 -27.37
C ASP C 112 0.01 7.46 -28.26
N LYS C 113 1.28 7.47 -28.64
CA LYS C 113 1.84 6.42 -29.49
C LYS C 113 1.85 5.08 -28.76
N ILE C 114 1.64 5.12 -27.45
CA ILE C 114 1.64 3.92 -26.64
C ILE C 114 0.43 3.03 -26.99
N SER C 115 -0.62 3.65 -27.50
CA SER C 115 -1.82 2.92 -27.88
C SER C 115 -1.57 2.06 -29.13
N ARG C 116 -0.61 2.48 -29.94
CA ARG C 116 -0.27 1.76 -31.16
C ARG C 116 0.02 0.29 -30.86
N ILE C 117 0.48 0.02 -29.64
CA ILE C 117 0.78 -1.34 -29.22
C ILE C 117 -0.23 -1.86 -28.22
N GLY C 118 -0.79 -0.94 -27.43
CA GLY C 118 -1.77 -1.32 -26.42
C GLY C 118 -3.09 -1.73 -27.04
N PHE C 119 -3.58 -0.92 -27.98
CA PHE C 119 -4.84 -1.21 -28.65
C PHE C 119 -4.88 -2.64 -29.18
N PRO C 120 -3.89 -2.98 -30.02
CA PRO C 120 -3.77 -4.32 -30.61
C PRO C 120 -3.39 -5.38 -29.58
N LEU C 121 -2.92 -4.93 -28.42
CA LEU C 121 -2.53 -5.84 -27.36
C LEU C 121 -3.74 -6.29 -26.55
N ALA C 122 -4.78 -5.46 -26.53
CA ALA C 122 -6.00 -5.77 -25.80
C ALA C 122 -6.89 -6.71 -26.59
N PHE C 123 -6.94 -6.51 -27.91
CA PHE C 123 -7.77 -7.34 -28.78
C PHE C 123 -7.13 -8.73 -28.96
N LEU C 124 -5.81 -8.77 -28.95
CA LEU C 124 -5.08 -10.02 -29.10
C LEU C 124 -5.26 -10.92 -27.88
N ILE C 125 -5.22 -10.31 -26.71
CA ILE C 125 -5.38 -11.04 -25.45
C ILE C 125 -6.82 -11.49 -25.26
N PHE C 126 -7.76 -10.61 -25.57
CA PHE C 126 -9.18 -10.91 -25.43
C PHE C 126 -9.57 -12.10 -26.32
N ASN C 127 -8.96 -12.16 -27.50
CA ASN C 127 -9.25 -13.24 -28.44
C ASN C 127 -8.34 -14.44 -28.18
N LEU C 128 -7.29 -14.22 -27.42
CA LEU C 128 -6.33 -15.29 -27.09
C LEU C 128 -6.86 -16.15 -25.95
N PHE C 129 -7.64 -15.54 -25.06
CA PHE C 129 -8.20 -16.25 -23.92
C PHE C 129 -9.62 -16.73 -24.23
N TYR C 130 -10.26 -16.08 -25.20
CA TYR C 130 -11.62 -16.42 -25.58
C TYR C 130 -11.63 -17.68 -26.46
N TRP C 131 -10.72 -17.73 -27.41
CA TRP C 131 -10.63 -18.88 -28.30
C TRP C 131 -9.95 -20.06 -27.61
N ILE C 132 -9.10 -19.76 -26.65
CA ILE C 132 -8.39 -20.80 -25.90
C ILE C 132 -9.29 -21.46 -24.86
N ILE C 133 -10.24 -20.68 -24.34
CA ILE C 133 -11.18 -21.19 -23.34
C ILE C 133 -12.16 -22.17 -23.96
N TYR C 134 -12.68 -21.83 -25.13
CA TYR C 134 -13.63 -22.68 -25.83
C TYR C 134 -12.92 -23.78 -26.60
N LYS C 135 -11.59 -23.68 -26.66
CA LYS C 135 -10.79 -24.67 -27.36
C LYS C 135 -10.41 -25.84 -26.44
N ILE C 136 -9.90 -25.50 -25.26
CA ILE C 136 -9.51 -26.51 -24.29
C ILE C 136 -10.67 -27.45 -23.98
N VAL C 137 -11.86 -26.90 -23.86
CA VAL C 137 -13.05 -27.70 -23.58
C VAL C 137 -13.30 -28.72 -24.67
N ARG C 138 -12.69 -28.51 -25.83
CA ARG C 138 -12.84 -29.42 -26.96
C ARG C 138 -11.66 -30.38 -27.06
N ARG C 139 -10.45 -29.83 -26.96
CA ARG C 139 -9.24 -30.63 -27.03
C ARG C 139 -8.95 -31.05 -28.48
N GLU C 140 -9.94 -31.68 -29.11
CA GLU C 140 -9.79 -32.13 -30.49
C GLU C 140 -10.94 -31.61 -31.36
N ASP C 141 -11.48 -30.46 -30.99
CA ASP C 141 -12.58 -29.86 -31.73
C ASP C 141 -13.73 -30.85 -31.88
N GLU C 142 -14.44 -31.10 -30.78
CA GLU C 142 -15.56 -32.04 -30.80
C GLU C 142 -16.87 -31.31 -31.11
N PHE C 143 -17.09 -30.18 -30.43
CA PHE C 143 -18.29 -29.39 -30.64
C PHE C 143 -18.26 -28.68 -31.98
N GLU C 144 -17.10 -28.73 -32.65
CA GLU C 144 -16.95 -28.09 -33.95
C GLU C 144 -18.05 -28.53 -34.91
N HIS C 145 -18.43 -29.80 -34.81
CA HIS C 145 -19.47 -30.35 -35.68
C HIS C 145 -20.85 -30.23 -35.02
N HIS C 146 -21.12 -29.08 -34.41
CA HIS C 146 -22.38 -28.84 -33.73
C HIS C 146 -22.67 -27.36 -33.62
N HIS C 147 -21.93 -26.68 -32.74
CA HIS C 147 -22.10 -25.25 -32.53
C HIS C 147 -21.10 -24.45 -33.35
N HIS C 148 -19.83 -24.50 -32.94
CA HIS C 148 -18.77 -23.78 -33.65
C HIS C 148 -19.05 -22.29 -33.68
N HIS C 149 -19.89 -21.82 -32.75
CA HIS C 149 -20.24 -20.41 -32.67
C HIS C 149 -19.06 -19.59 -32.17
N HIS C 150 -18.58 -19.90 -30.97
CA HIS C 150 -17.45 -19.19 -30.38
C HIS C 150 -16.49 -20.16 -29.72
N MET D 1 -27.51 -21.33 12.67
CA MET D 1 -27.10 -20.94 11.33
C MET D 1 -26.79 -19.45 11.24
N LEU D 2 -27.84 -18.63 11.25
CA LEU D 2 -27.68 -17.19 11.17
C LEU D 2 -27.07 -16.77 9.84
N GLU D 3 -27.09 -17.69 8.87
CA GLU D 3 -26.53 -17.42 7.56
C GLU D 3 -27.42 -16.45 6.79
N ARG D 4 -28.73 -16.62 6.92
CA ARG D 4 -29.69 -15.76 6.24
C ARG D 4 -29.97 -14.50 7.05
N GLN D 5 -29.49 -14.48 8.29
CA GLN D 5 -29.68 -13.33 9.16
C GLN D 5 -28.52 -12.36 9.06
N LEU D 6 -27.72 -12.51 8.00
CA LEU D 6 -26.57 -11.64 7.78
C LEU D 6 -26.98 -10.35 7.09
N GLY D 7 -27.99 -10.44 6.22
CA GLY D 7 -28.46 -9.26 5.52
C GLY D 7 -28.77 -8.11 6.44
N TYR D 8 -29.14 -8.43 7.68
CA TYR D 8 -29.47 -7.40 8.67
C TYR D 8 -28.25 -6.53 8.97
N TYR D 9 -27.10 -7.16 9.08
CA TYR D 9 -25.85 -6.43 9.37
C TYR D 9 -25.37 -5.68 8.13
N LEU D 10 -25.77 -6.17 6.96
CA LEU D 10 -25.37 -5.55 5.70
C LEU D 10 -26.22 -4.31 5.42
N ILE D 11 -27.44 -4.30 5.92
CA ILE D 11 -28.34 -3.18 5.73
C ILE D 11 -27.89 -1.96 6.52
N GLN D 12 -27.65 -2.15 7.82
CA GLN D 12 -27.22 -1.07 8.68
C GLN D 12 -25.80 -0.63 8.33
N LEU D 13 -25.04 -1.53 7.71
CA LEU D 13 -23.67 -1.24 7.32
C LEU D 13 -23.62 -0.59 5.94
N TYR D 14 -24.68 -0.78 5.17
CA TYR D 14 -24.75 -0.21 3.83
C TYR D 14 -25.03 1.29 3.89
N ILE D 15 -25.86 1.70 4.85
CA ILE D 15 -26.20 3.10 5.02
C ILE D 15 -24.94 3.97 5.07
N PRO D 16 -24.05 3.68 6.02
CA PRO D 16 -22.80 4.42 6.18
C PRO D 16 -21.81 4.16 5.05
N SER D 17 -21.86 2.95 4.50
CA SER D 17 -20.97 2.57 3.40
C SER D 17 -21.30 3.36 2.14
N LEU D 18 -22.58 3.64 1.94
CA LEU D 18 -23.04 4.39 0.77
C LEU D 18 -22.73 5.88 0.93
N LEU D 19 -22.89 6.38 2.15
CA LEU D 19 -22.64 7.79 2.43
C LEU D 19 -21.15 8.12 2.28
N ILE D 20 -20.31 7.23 2.79
CA ILE D 20 -18.87 7.42 2.71
C ILE D 20 -18.36 7.21 1.29
N VAL D 21 -19.03 6.33 0.56
CA VAL D 21 -18.65 6.05 -0.82
C VAL D 21 -18.94 7.23 -1.74
N ILE D 22 -20.11 7.84 -1.55
CA ILE D 22 -20.49 8.99 -2.35
C ILE D 22 -19.50 10.14 -2.18
N LEU D 23 -19.04 10.34 -0.96
CA LEU D 23 -18.08 11.40 -0.66
C LEU D 23 -16.74 11.12 -1.32
N SER D 24 -16.42 9.85 -1.51
CA SER D 24 -15.17 9.45 -2.12
C SER D 24 -15.04 10.04 -3.52
N TRP D 25 -16.12 9.97 -4.30
CA TRP D 25 -16.13 10.51 -5.65
C TRP D 25 -15.97 12.02 -5.64
N ILE D 26 -16.70 12.68 -4.76
CA ILE D 26 -16.65 14.13 -4.64
C ILE D 26 -15.22 14.62 -4.53
N SER D 27 -14.36 13.80 -3.93
CA SER D 27 -12.95 14.15 -3.76
C SER D 27 -12.12 13.65 -4.94
N PHE D 28 -12.58 12.57 -5.56
CA PHE D 28 -11.88 11.99 -6.71
C PHE D 28 -11.63 13.05 -7.79
N TRP D 29 -12.51 14.05 -7.84
CA TRP D 29 -12.39 15.12 -8.82
C TRP D 29 -10.99 15.72 -8.80
N ILE D 30 -10.58 16.23 -7.64
CA ILE D 30 -9.26 16.83 -7.50
C ILE D 30 -8.18 15.76 -7.45
N ASN D 31 -8.52 14.59 -6.92
CA ASN D 31 -7.57 13.49 -6.81
C ASN D 31 -7.21 12.96 -8.19
N LEU D 32 -7.92 13.42 -9.21
CA LEU D 32 -7.67 12.98 -10.57
C LEU D 32 -6.19 13.10 -10.92
N ASP D 33 -5.49 13.99 -10.24
CA ASP D 33 -4.07 14.19 -10.47
C ASP D 33 -3.44 15.01 -9.34
N ALA D 34 -4.19 16.00 -8.87
CA ALA D 34 -3.71 16.87 -7.79
C ALA D 34 -3.36 16.05 -6.55
N ALA D 35 -4.12 14.99 -6.30
CA ALA D 35 -3.88 14.14 -5.15
C ALA D 35 -4.65 12.82 -5.27
N PRO D 36 -4.17 11.94 -6.15
CA PRO D 36 -4.79 10.63 -6.39
C PRO D 36 -4.63 9.69 -5.20
N ALA D 37 -3.86 10.12 -4.21
CA ALA D 37 -3.62 9.32 -3.02
C ALA D 37 -4.92 9.02 -2.29
N ARG D 38 -5.87 9.93 -2.40
CA ARG D 38 -7.17 9.78 -1.74
C ARG D 38 -8.05 8.80 -2.52
N VAL D 39 -7.90 8.79 -3.84
CA VAL D 39 -8.68 7.89 -4.69
C VAL D 39 -8.29 6.43 -4.46
N GLY D 40 -7.00 6.21 -4.22
CA GLY D 40 -6.52 4.86 -4.00
C GLY D 40 -6.85 4.35 -2.61
N LEU D 41 -7.03 5.27 -1.67
CA LEU D 41 -7.36 4.91 -0.29
C LEU D 41 -8.86 4.68 -0.14
N GLY D 42 -9.66 5.49 -0.81
CA GLY D 42 -11.10 5.36 -0.74
C GLY D 42 -11.60 4.11 -1.43
N ILE D 43 -10.95 3.74 -2.52
CA ILE D 43 -11.34 2.55 -3.27
C ILE D 43 -10.92 1.28 -2.56
N THR D 44 -9.84 1.38 -1.79
CA THR D 44 -9.33 0.23 -1.05
C THR D 44 -10.04 0.09 0.30
N THR D 45 -10.56 1.20 0.81
CA THR D 45 -11.26 1.20 2.09
C THR D 45 -12.63 0.55 1.97
N VAL D 46 -13.26 0.71 0.81
CA VAL D 46 -14.58 0.14 0.56
C VAL D 46 -14.48 -1.37 0.32
N LEU D 47 -13.42 -1.79 -0.35
CA LEU D 47 -13.21 -3.20 -0.64
C LEU D 47 -12.64 -3.93 0.58
N THR D 48 -12.01 -3.17 1.48
CA THR D 48 -11.42 -3.74 2.68
C THR D 48 -12.42 -3.74 3.83
N LEU D 49 -13.40 -2.85 3.75
CA LEU D 49 -14.42 -2.74 4.80
C LEU D 49 -15.51 -3.79 4.60
N THR D 50 -15.70 -4.22 3.36
CA THR D 50 -16.70 -5.22 3.04
C THR D 50 -16.15 -6.63 3.22
N THR D 51 -14.93 -6.85 2.74
CA THR D 51 -14.29 -8.16 2.84
C THR D 51 -13.94 -8.47 4.29
N GLN D 52 -13.73 -7.44 5.09
CA GLN D 52 -13.39 -7.61 6.50
C GLN D 52 -14.64 -7.70 7.36
N SER D 53 -15.77 -7.27 6.80
CA SER D 53 -17.05 -7.31 7.52
C SER D 53 -17.55 -8.74 7.67
N SER D 54 -16.89 -9.67 6.98
CA SER D 54 -17.27 -11.08 7.04
C SER D 54 -16.06 -11.95 7.38
N GLY D 55 -15.21 -11.45 8.26
CA GLY D 55 -14.03 -12.19 8.66
C GLY D 55 -14.31 -13.17 9.79
N SER D 56 -15.17 -12.76 10.71
CA SER D 56 -15.51 -13.61 11.86
C SER D 56 -16.06 -14.96 11.38
N ARG D 57 -16.84 -14.94 10.32
CA ARG D 57 -17.42 -16.16 9.77
C ARG D 57 -18.27 -16.87 10.82
N ALA D 58 -18.68 -16.14 11.84
CA ALA D 58 -19.50 -16.70 12.91
C ALA D 58 -20.98 -16.65 12.54
N SER D 59 -21.32 -15.79 11.59
CA SER D 59 -22.70 -15.64 11.15
C SER D 59 -22.96 -16.47 9.89
N LEU D 60 -21.99 -17.30 9.52
CA LEU D 60 -22.11 -18.15 8.34
C LEU D 60 -22.31 -17.30 7.08
N PRO D 61 -21.22 -16.66 6.63
CA PRO D 61 -21.24 -15.82 5.43
C PRO D 61 -21.43 -16.63 4.15
N LYS D 62 -21.44 -17.96 4.29
CA LYS D 62 -21.61 -18.84 3.14
C LYS D 62 -22.79 -18.39 2.28
N VAL D 63 -23.99 -18.48 2.83
CA VAL D 63 -25.19 -18.07 2.10
C VAL D 63 -25.05 -16.66 1.56
N SER D 64 -24.53 -15.76 2.38
CA SER D 64 -24.35 -14.37 1.99
C SER D 64 -23.39 -14.26 0.80
N TYR D 65 -22.54 -15.28 0.64
CA TYR D 65 -21.57 -15.30 -0.44
C TYR D 65 -22.27 -15.46 -1.79
N VAL D 66 -23.10 -16.47 -1.90
CA VAL D 66 -23.83 -16.74 -3.14
C VAL D 66 -24.55 -15.49 -3.63
N LYS D 67 -25.42 -14.93 -2.77
CA LYS D 67 -26.17 -13.74 -3.13
C LYS D 67 -25.23 -12.57 -3.41
N ALA D 68 -24.05 -12.60 -2.79
CA ALA D 68 -23.06 -11.54 -2.98
C ALA D 68 -22.33 -11.71 -4.30
N ILE D 69 -22.33 -12.94 -4.83
CA ILE D 69 -21.67 -13.23 -6.08
C ILE D 69 -22.49 -12.75 -7.27
N ASP D 70 -23.80 -12.67 -7.09
CA ASP D 70 -24.69 -12.21 -8.13
C ASP D 70 -24.69 -10.68 -8.22
N ILE D 71 -24.23 -10.04 -7.16
CA ILE D 71 -24.17 -8.58 -7.11
C ILE D 71 -22.75 -8.08 -7.31
N TRP D 72 -21.78 -8.87 -6.84
CA TRP D 72 -20.38 -8.49 -6.96
C TRP D 72 -19.87 -8.72 -8.39
N LEU D 73 -20.69 -9.40 -9.20
CA LEU D 73 -20.33 -9.68 -10.58
C LEU D 73 -20.91 -8.62 -11.52
N ALA D 74 -20.87 -7.37 -11.08
CA ALA D 74 -21.38 -6.26 -11.88
C ALA D 74 -21.20 -4.93 -11.16
N VAL D 75 -21.33 -4.95 -9.83
CA VAL D 75 -21.17 -3.75 -9.03
C VAL D 75 -19.71 -3.31 -8.97
N CYS D 76 -18.81 -4.25 -9.20
CA CYS D 76 -17.38 -3.96 -9.18
C CYS D 76 -16.85 -3.69 -10.59
N LEU D 77 -17.55 -4.24 -11.58
CA LEU D 77 -17.15 -4.07 -12.97
C LEU D 77 -17.64 -2.72 -13.52
N LEU D 78 -18.67 -2.17 -12.89
CA LEU D 78 -19.23 -0.89 -13.30
C LEU D 78 -18.63 0.25 -12.48
N PHE D 79 -18.28 -0.04 -11.23
CA PHE D 79 -17.70 0.96 -10.35
C PHE D 79 -16.31 1.37 -10.83
N VAL D 80 -15.51 0.39 -11.23
CA VAL D 80 -14.16 0.63 -11.71
C VAL D 80 -14.16 0.94 -13.21
N PHE D 81 -15.31 0.78 -13.84
CA PHE D 81 -15.44 1.04 -15.27
C PHE D 81 -15.53 2.53 -15.54
N SER D 82 -16.23 3.26 -14.68
CA SER D 82 -16.39 4.70 -14.83
C SER D 82 -15.19 5.44 -14.27
N ALA D 83 -14.55 4.83 -13.27
CA ALA D 83 -13.39 5.43 -12.64
C ALA D 83 -12.18 5.43 -13.58
N LEU D 84 -12.10 4.41 -14.43
CA LEU D 84 -11.01 4.29 -15.37
C LEU D 84 -11.25 5.16 -16.61
N LEU D 85 -12.51 5.30 -16.99
CA LEU D 85 -12.88 6.11 -18.15
C LEU D 85 -12.34 7.52 -18.00
N GLU D 86 -12.37 8.04 -16.77
CA GLU D 86 -11.89 9.40 -16.51
C GLU D 86 -10.38 9.40 -16.27
N TYR D 87 -9.92 8.48 -15.43
CA TYR D 87 -8.49 8.38 -15.13
C TYR D 87 -7.68 8.10 -16.39
N ALA D 88 -8.36 7.63 -17.42
CA ALA D 88 -7.71 7.33 -18.70
C ALA D 88 -8.08 8.34 -19.76
N ALA D 89 -9.15 9.09 -19.51
CA ALA D 89 -9.62 10.10 -20.45
C ALA D 89 -8.59 11.22 -20.62
N VAL D 90 -7.89 11.54 -19.54
CA VAL D 90 -6.88 12.58 -19.57
C VAL D 90 -5.90 12.37 -20.72
N ASN D 91 -5.55 11.11 -20.96
CA ASN D 91 -4.61 10.76 -22.03
C ASN D 91 -5.36 10.61 -23.36
N PHE D 92 -6.66 10.42 -23.29
CA PHE D 92 -7.48 10.25 -24.49
C PHE D 92 -7.92 11.60 -25.03
N VAL D 93 -7.45 12.67 -24.40
CA VAL D 93 -7.80 14.03 -24.81
C VAL D 93 -7.38 14.28 -26.26
N SER D 94 -6.21 13.75 -26.63
CA SER D 94 -5.70 13.91 -27.99
C SER D 94 -6.69 13.38 -29.02
N ARG D 95 -7.56 12.49 -28.58
CA ARG D 95 -8.57 11.89 -29.46
C ARG D 95 -9.36 12.98 -30.19
N GLN D 96 -9.48 14.14 -29.55
CA GLN D 96 -10.21 15.25 -30.14
C GLN D 96 -11.68 14.90 -30.33
N ARG D 97 -12.19 14.01 -29.48
CA ARG D 97 -13.59 13.59 -29.56
C ARG D 97 -14.52 14.79 -29.59
N GLU D 98 -14.10 15.88 -28.96
CA GLU D 98 -14.90 17.10 -28.92
C GLU D 98 -15.00 17.73 -30.30
N PHE D 99 -15.61 18.92 -30.36
CA PHE D 99 -15.77 19.62 -31.63
C PHE D 99 -14.64 20.63 -31.84
N GLY D 100 -13.56 20.46 -31.08
CA GLY D 100 -12.42 21.36 -31.19
C GLY D 100 -11.60 21.42 -29.93
N GLY D 101 -10.28 21.40 -30.08
CA GLY D 101 -9.40 21.45 -28.93
C GLY D 101 -8.98 22.87 -28.59
N GLY D 102 -9.79 23.84 -28.97
CA GLY D 102 -9.48 25.22 -28.69
C GLY D 102 -9.45 25.53 -27.21
N GLY D 103 -10.32 24.86 -26.46
CA GLY D 103 -10.37 25.07 -25.02
C GLY D 103 -9.68 23.97 -24.24
N PHE D 104 -8.63 23.40 -24.83
CA PHE D 104 -7.88 22.33 -24.18
C PHE D 104 -6.89 22.90 -23.16
N ILE D 105 -6.52 24.17 -23.35
CA ILE D 105 -5.59 24.83 -22.45
C ILE D 105 -6.31 25.43 -21.25
N GLN D 106 -7.62 25.59 -21.38
CA GLN D 106 -8.43 26.15 -20.30
C GLN D 106 -9.10 25.05 -19.49
N ARG D 107 -8.63 23.82 -19.68
CA ARG D 107 -9.19 22.67 -18.96
C ARG D 107 -8.84 22.74 -17.47
N ALA D 108 -7.71 23.37 -17.16
CA ALA D 108 -7.27 23.51 -15.78
C ALA D 108 -8.30 24.29 -14.95
N LYS D 109 -9.17 25.03 -15.63
CA LYS D 109 -10.20 25.81 -14.97
C LYS D 109 -10.97 24.96 -13.97
N LYS D 110 -11.09 23.67 -14.27
CA LYS D 110 -11.81 22.75 -13.40
C LYS D 110 -13.28 23.13 -13.30
N ILE D 111 -14.01 22.95 -14.40
CA ILE D 111 -15.43 23.28 -14.43
C ILE D 111 -16.23 22.33 -13.54
N ASP D 112 -15.59 21.26 -13.10
CA ASP D 112 -16.24 20.28 -12.24
C ASP D 112 -17.40 19.60 -12.96
N LYS D 113 -17.25 19.43 -14.27
CA LYS D 113 -18.29 18.79 -15.08
C LYS D 113 -18.46 17.33 -14.68
N ILE D 114 -17.51 16.81 -13.93
CA ILE D 114 -17.56 15.42 -13.49
C ILE D 114 -18.73 15.19 -12.53
N SER D 115 -19.14 16.25 -11.85
CA SER D 115 -20.24 16.17 -10.90
C SER D 115 -21.57 15.98 -11.62
N ARG D 116 -21.62 16.43 -12.87
CA ARG D 116 -22.83 16.31 -13.66
C ARG D 116 -23.32 14.87 -13.71
N ILE D 117 -22.39 13.93 -13.57
CA ILE D 117 -22.72 12.51 -13.58
C ILE D 117 -22.58 11.90 -12.19
N GLY D 118 -21.66 12.43 -11.40
CA GLY D 118 -21.44 11.92 -10.06
C GLY D 118 -22.59 12.26 -9.12
N PHE D 119 -23.04 13.51 -9.16
CA PHE D 119 -24.13 13.96 -8.31
C PHE D 119 -25.33 13.03 -8.43
N PRO D 120 -25.82 12.87 -9.67
CA PRO D 120 -26.97 12.00 -9.95
C PRO D 120 -26.65 10.52 -9.78
N LEU D 121 -25.36 10.20 -9.71
CA LEU D 121 -24.91 8.83 -9.54
C LEU D 121 -24.95 8.41 -8.07
N ALA D 122 -24.84 9.40 -7.19
CA ALA D 122 -24.87 9.14 -5.75
C ALA D 122 -26.31 8.99 -5.25
N PHE D 123 -27.21 9.80 -5.80
CA PHE D 123 -28.61 9.75 -5.41
C PHE D 123 -29.29 8.51 -5.97
N LEU D 124 -28.86 8.09 -7.15
CA LEU D 124 -29.43 6.91 -7.80
C LEU D 124 -29.05 5.64 -7.05
N ILE D 125 -27.80 5.58 -6.59
CA ILE D 125 -27.31 4.41 -5.85
C ILE D 125 -27.91 4.36 -4.46
N PHE D 126 -27.97 5.52 -3.80
CA PHE D 126 -28.53 5.60 -2.45
C PHE D 126 -29.98 5.15 -2.44
N ASN D 127 -30.71 5.48 -3.49
CA ASN D 127 -32.11 5.10 -3.60
C ASN D 127 -32.27 3.72 -4.22
N LEU D 128 -31.20 3.24 -4.85
CA LEU D 128 -31.21 1.93 -5.49
C LEU D 128 -31.01 0.81 -4.47
N PHE D 129 -30.26 1.13 -3.42
CA PHE D 129 -29.98 0.16 -2.36
C PHE D 129 -30.96 0.32 -1.20
N TYR D 130 -31.55 1.50 -1.09
CA TYR D 130 -32.51 1.78 -0.03
C TYR D 130 -33.86 1.15 -0.33
N TRP D 131 -34.31 1.29 -1.58
CA TRP D 131 -35.59 0.74 -2.00
C TRP D 131 -35.48 -0.76 -2.23
N ILE D 132 -34.29 -1.21 -2.57
CA ILE D 132 -34.05 -2.64 -2.83
C ILE D 132 -33.94 -3.41 -1.52
N ILE D 133 -33.44 -2.75 -0.49
CA ILE D 133 -33.27 -3.38 0.82
C ILE D 133 -34.63 -3.62 1.49
N TYR D 134 -35.50 -2.63 1.41
CA TYR D 134 -36.83 -2.74 2.01
C TYR D 134 -37.78 -3.49 1.09
N LYS D 135 -37.32 -3.76 -0.14
CA LYS D 135 -38.13 -4.49 -1.11
C LYS D 135 -37.93 -6.00 -0.97
N ILE D 136 -36.67 -6.42 -0.93
CA ILE D 136 -36.36 -7.84 -0.79
C ILE D 136 -37.04 -8.44 0.44
N VAL D 137 -37.05 -7.69 1.53
CA VAL D 137 -37.68 -8.15 2.77
C VAL D 137 -39.16 -8.41 2.56
N ARG D 138 -39.72 -7.85 1.48
CA ARG D 138 -41.14 -8.03 1.18
C ARG D 138 -41.33 -9.12 0.12
N ARG D 139 -40.54 -9.06 -0.94
CA ARG D 139 -40.64 -10.03 -2.01
C ARG D 139 -41.86 -9.77 -2.88
N GLU D 140 -43.03 -9.71 -2.26
CA GLU D 140 -44.26 -9.47 -2.97
C GLU D 140 -45.04 -8.32 -2.35
N ASP D 141 -44.32 -7.36 -1.76
CA ASP D 141 -44.92 -6.21 -1.13
C ASP D 141 -45.99 -6.65 -0.12
N GLU D 142 -45.53 -7.19 1.01
CA GLU D 142 -46.44 -7.64 2.05
C GLU D 142 -46.71 -6.53 3.06
N PHE D 143 -45.66 -5.80 3.43
CA PHE D 143 -45.79 -4.70 4.39
C PHE D 143 -46.36 -3.47 3.72
N GLU D 144 -46.58 -3.55 2.41
CA GLU D 144 -47.13 -2.42 1.66
C GLU D 144 -48.50 -2.03 2.19
N HIS D 145 -49.22 -3.01 2.74
CA HIS D 145 -50.55 -2.76 3.29
C HIS D 145 -50.48 -2.55 4.80
N HIS D 146 -49.43 -1.87 5.25
CA HIS D 146 -49.25 -1.60 6.68
C HIS D 146 -48.43 -0.34 6.88
N HIS D 147 -47.14 -0.41 6.59
CA HIS D 147 -46.25 0.74 6.76
C HIS D 147 -46.11 1.50 5.44
N HIS D 148 -45.37 0.91 4.50
CA HIS D 148 -45.15 1.53 3.20
C HIS D 148 -44.43 2.86 3.35
N HIS D 149 -43.78 3.05 4.50
CA HIS D 149 -43.05 4.29 4.76
C HIS D 149 -41.81 4.39 3.87
N HIS D 150 -40.91 3.43 4.00
CA HIS D 150 -39.69 3.42 3.22
C HIS D 150 -39.92 2.75 1.86
N MET E 1 -12.49 -15.38 29.17
CA MET E 1 -12.10 -15.19 30.56
C MET E 1 -11.92 -13.71 30.86
N LEU E 2 -10.81 -13.14 30.39
CA LEU E 2 -10.52 -11.73 30.62
C LEU E 2 -11.06 -10.87 29.48
N GLU E 3 -12.31 -11.14 29.08
CA GLU E 3 -12.94 -10.39 28.01
C GLU E 3 -13.27 -8.97 28.46
N ARG E 4 -13.81 -8.86 29.67
CA ARG E 4 -14.17 -7.55 30.21
C ARG E 4 -12.94 -6.82 30.76
N GLN E 5 -11.83 -7.55 30.87
CA GLN E 5 -10.59 -6.98 31.36
C GLN E 5 -9.73 -6.46 30.22
N LEU E 6 -10.34 -6.29 29.06
CA LEU E 6 -9.63 -5.79 27.88
C LEU E 6 -9.58 -4.27 27.87
N GLY E 7 -10.63 -3.64 28.39
CA GLY E 7 -10.68 -2.20 28.44
C GLY E 7 -9.44 -1.58 29.06
N TYR E 8 -8.80 -2.33 29.96
CA TYR E 8 -7.60 -1.86 30.63
C TYR E 8 -6.48 -1.62 29.63
N TYR E 9 -6.33 -2.53 28.67
CA TYR E 9 -5.29 -2.42 27.65
C TYR E 9 -5.65 -1.35 26.63
N LEU E 10 -6.95 -1.07 26.49
CA LEU E 10 -7.42 -0.07 25.54
C LEU E 10 -7.25 1.33 26.11
N ILE E 11 -7.27 1.44 27.43
CA ILE E 11 -7.11 2.73 28.09
C ILE E 11 -5.69 3.24 27.97
N GLN E 12 -4.73 2.40 28.34
CA GLN E 12 -3.32 2.76 28.27
C GLN E 12 -2.86 2.90 26.82
N LEU E 13 -3.57 2.21 25.92
CA LEU E 13 -3.24 2.25 24.50
C LEU E 13 -3.90 3.43 23.82
N TYR E 14 -4.97 3.95 24.43
CA TYR E 14 -5.70 5.07 23.88
C TYR E 14 -4.92 6.37 24.06
N ILE E 15 -4.24 6.49 25.20
CA ILE E 15 -3.45 7.67 25.51
C ILE E 15 -2.52 8.02 24.37
N PRO E 16 -1.64 7.07 24.00
CA PRO E 16 -0.68 7.25 22.91
C PRO E 16 -1.35 7.30 21.55
N SER E 17 -2.45 6.56 21.41
CA SER E 17 -3.18 6.51 20.15
C SER E 17 -3.83 7.86 19.84
N LEU E 18 -4.25 8.55 20.89
CA LEU E 18 -4.88 9.86 20.73
C LEU E 18 -3.84 10.94 20.45
N LEU E 19 -2.69 10.83 21.10
CA LEU E 19 -1.61 11.80 20.92
C LEU E 19 -1.04 11.70 19.51
N ILE E 20 -0.86 10.49 19.03
CA ILE E 20 -0.31 10.27 17.70
C ILE E 20 -1.33 10.62 16.62
N VAL E 21 -2.61 10.43 16.94
CA VAL E 21 -3.69 10.75 16.01
C VAL E 21 -3.82 12.25 15.79
N ILE E 22 -3.75 13.01 16.88
CA ILE E 22 -3.85 14.45 16.82
C ILE E 22 -2.75 15.05 15.94
N LEU E 23 -1.55 14.49 16.06
CA LEU E 23 -0.41 14.96 15.28
C LEU E 23 -0.61 14.67 13.79
N SER E 24 -1.35 13.60 13.51
CA SER E 24 -1.61 13.20 12.12
C SER E 24 -2.30 14.32 11.36
N TRP E 25 -3.30 14.93 11.98
CA TRP E 25 -4.04 16.02 11.36
C TRP E 25 -3.13 17.24 11.15
N ILE E 26 -2.35 17.58 12.17
CA ILE E 26 -1.44 18.72 12.08
C ILE E 26 -0.60 18.66 10.82
N SER E 27 -0.31 17.44 10.37
CA SER E 27 0.50 17.26 9.17
C SER E 27 -0.38 17.17 7.93
N PHE E 28 -1.62 16.69 8.11
CA PHE E 28 -2.56 16.56 7.02
C PHE E 28 -2.71 17.88 6.26
N TRP E 29 -2.50 18.98 6.96
CA TRP E 29 -2.61 20.30 6.36
C TRP E 29 -1.79 20.40 5.09
N ILE E 30 -0.49 20.15 5.20
CA ILE E 30 0.41 20.20 4.06
C ILE E 30 0.24 18.98 3.16
N ASN E 31 -0.13 17.86 3.77
CA ASN E 31 -0.33 16.62 3.04
C ASN E 31 -1.56 16.72 2.13
N LEU E 32 -2.32 17.79 2.29
CA LEU E 32 -3.51 18.02 1.48
C LEU E 32 -3.21 17.84 0.00
N ASP E 33 -1.95 18.07 -0.37
CA ASP E 33 -1.53 17.92 -1.76
C ASP E 33 -0.01 17.90 -1.87
N ALA E 34 0.65 18.71 -1.04
CA ALA E 34 2.10 18.78 -1.04
C ALA E 34 2.72 17.42 -0.76
N ALA E 35 2.07 16.64 0.09
CA ALA E 35 2.55 15.31 0.43
C ALA E 35 1.47 14.49 1.13
N PRO E 36 0.47 14.04 0.36
CA PRO E 36 -0.63 13.24 0.88
C PRO E 36 -0.20 11.84 1.31
N ALA E 37 1.05 11.52 1.04
CA ALA E 37 1.60 10.22 1.40
C ALA E 37 1.55 9.99 2.91
N ARG E 38 1.64 11.08 3.66
CA ARG E 38 1.60 11.01 5.12
C ARG E 38 0.17 10.81 5.61
N VAL E 39 -0.78 11.39 4.90
CA VAL E 39 -2.19 11.26 5.27
C VAL E 39 -2.69 9.84 5.09
N GLY E 40 -2.19 9.16 4.06
CA GLY E 40 -2.60 7.80 3.80
C GLY E 40 -1.93 6.81 4.75
N LEU E 41 -0.77 7.19 5.28
CA LEU E 41 -0.04 6.32 6.19
C LEU E 41 -0.56 6.48 7.62
N GLY E 42 -0.90 7.71 7.99
CA GLY E 42 -1.41 7.97 9.33
C GLY E 42 -2.79 7.41 9.53
N ILE E 43 -3.61 7.44 8.49
CA ILE E 43 -4.97 6.92 8.57
C ILE E 43 -4.98 5.39 8.58
N THR E 44 -3.97 4.80 7.94
CA THR E 44 -3.86 3.34 7.88
C THR E 44 -3.17 2.78 9.12
N THR E 45 -2.34 3.62 9.75
CA THR E 45 -1.61 3.21 10.94
C THR E 45 -2.54 3.12 12.15
N VAL E 46 -3.54 3.99 12.18
CA VAL E 46 -4.49 4.00 13.29
C VAL E 46 -5.47 2.84 13.19
N LEU E 47 -5.86 2.50 11.95
CA LEU E 47 -6.78 1.40 11.72
C LEU E 47 -6.07 0.06 11.79
N THR E 48 -4.75 0.08 11.58
CA THR E 48 -3.95 -1.14 11.63
C THR E 48 -3.41 -1.39 13.03
N LEU E 49 -3.31 -0.34 13.82
CA LEU E 49 -2.81 -0.44 15.19
C LEU E 49 -3.92 -0.92 16.13
N THR E 50 -5.16 -0.63 15.77
CA THR E 50 -6.31 -1.02 16.59
C THR E 50 -6.76 -2.44 16.24
N THR E 51 -6.82 -2.74 14.96
CA THR E 51 -7.24 -4.07 14.50
C THR E 51 -6.19 -5.12 14.85
N GLN E 52 -4.94 -4.70 14.96
CA GLN E 52 -3.85 -5.60 15.29
C GLN E 52 -3.68 -5.73 16.79
N SER E 53 -4.26 -4.79 17.53
CA SER E 53 -4.17 -4.79 18.99
C SER E 53 -5.00 -5.92 19.58
N SER E 54 -5.82 -6.54 18.74
CA SER E 54 -6.68 -7.64 19.18
C SER E 54 -6.50 -8.87 18.30
N GLY E 55 -5.25 -9.12 17.91
CA GLY E 55 -4.96 -10.26 17.06
C GLY E 55 -4.73 -11.54 17.86
N SER E 56 -4.10 -11.39 19.02
CA SER E 56 -3.82 -12.53 19.89
C SER E 56 -5.10 -13.28 20.23
N ARG E 57 -6.17 -12.54 20.45
CA ARG E 57 -7.46 -13.14 20.79
C ARG E 57 -7.34 -13.98 22.06
N ALA E 58 -6.31 -13.73 22.84
CA ALA E 58 -6.08 -14.47 24.08
C ALA E 58 -6.84 -13.83 25.24
N SER E 59 -7.22 -12.56 25.08
CA SER E 59 -7.95 -11.84 26.11
C SER E 59 -9.45 -11.86 25.82
N LEU E 60 -9.85 -12.66 24.84
CA LEU E 60 -11.25 -12.77 24.46
C LEU E 60 -11.81 -11.41 24.04
N PRO E 61 -11.44 -10.96 22.84
CA PRO E 61 -11.90 -9.68 22.29
C PRO E 61 -13.38 -9.69 21.93
N LYS E 62 -14.01 -10.85 22.08
CA LYS E 62 -15.42 -11.00 21.78
C LYS E 62 -16.24 -9.89 22.40
N VAL E 63 -16.28 -9.86 23.74
CA VAL E 63 -17.03 -8.84 24.46
C VAL E 63 -16.60 -7.44 24.01
N SER E 64 -15.30 -7.24 23.87
CA SER E 64 -14.77 -5.94 23.45
C SER E 64 -15.27 -5.57 22.06
N TYR E 65 -15.67 -6.58 21.29
CA TYR E 65 -16.17 -6.36 19.94
C TYR E 65 -17.53 -5.65 19.97
N VAL E 66 -18.45 -6.21 20.74
CA VAL E 66 -19.79 -5.63 20.86
C VAL E 66 -19.72 -4.15 21.21
N LYS E 67 -19.07 -3.85 22.33
CA LYS E 67 -18.93 -2.47 22.78
C LYS E 67 -18.19 -1.63 21.75
N ALA E 68 -17.31 -2.28 20.98
CA ALA E 68 -16.54 -1.59 19.95
C ALA E 68 -17.39 -1.32 18.71
N ILE E 69 -18.46 -2.10 18.55
CA ILE E 69 -19.35 -1.94 17.42
C ILE E 69 -20.27 -0.73 17.60
N ASP E 70 -20.53 -0.38 18.85
CA ASP E 70 -21.38 0.76 19.16
C ASP E 70 -20.61 2.07 19.02
N ILE E 71 -19.28 1.97 19.06
CA ILE E 71 -18.43 3.15 18.95
C ILE E 71 -17.81 3.25 17.56
N TRP E 72 -17.56 2.10 16.95
CA TRP E 72 -16.97 2.06 15.62
C TRP E 72 -18.00 2.40 14.55
N LEU E 73 -19.27 2.46 14.95
CA LEU E 73 -20.35 2.78 14.04
C LEU E 73 -20.68 4.27 14.08
N ALA E 74 -19.64 5.09 14.18
CA ALA E 74 -19.80 6.54 14.21
C ALA E 74 -18.46 7.25 14.29
N VAL E 75 -17.51 6.64 15.00
CA VAL E 75 -16.18 7.21 15.16
C VAL E 75 -15.39 7.14 13.85
N CYS E 76 -15.78 6.21 12.99
CA CYS E 76 -15.11 6.03 11.70
C CYS E 76 -15.86 6.76 10.60
N LEU E 77 -17.15 6.98 10.81
CA LEU E 77 -17.98 7.68 9.83
C LEU E 77 -17.82 9.19 9.95
N LEU E 78 -17.38 9.64 11.12
CA LEU E 78 -17.18 11.07 11.36
C LEU E 78 -15.72 11.46 11.14
N PHE E 79 -14.82 10.52 11.39
CA PHE E 79 -13.39 10.77 11.20
C PHE E 79 -13.06 10.93 9.72
N VAL E 80 -13.63 10.08 8.89
CA VAL E 80 -13.40 10.13 7.46
C VAL E 80 -14.36 11.09 6.77
N PHE E 81 -15.33 11.59 7.54
CA PHE E 81 -16.32 12.52 7.00
C PHE E 81 -15.72 13.92 6.88
N SER E 82 -14.93 14.32 7.86
CA SER E 82 -14.30 15.64 7.85
C SER E 82 -13.04 15.63 6.99
N ALA E 83 -12.39 14.48 6.89
CA ALA E 83 -11.18 14.34 6.09
C ALA E 83 -11.48 14.45 4.59
N LEU E 84 -12.67 13.97 4.20
CA LEU E 84 -13.08 14.01 2.81
C LEU E 84 -13.61 15.40 2.44
N LEU E 85 -14.27 16.05 3.38
CA LEU E 85 -14.82 17.38 3.16
C LEU E 85 -13.74 18.34 2.67
N GLU E 86 -12.53 18.19 3.21
CA GLU E 86 -11.42 19.05 2.83
C GLU E 86 -10.72 18.52 1.58
N TYR E 87 -10.43 17.22 1.58
CA TYR E 87 -9.76 16.59 0.45
C TYR E 87 -10.60 16.72 -0.82
N ALA E 88 -11.88 17.01 -0.65
CA ALA E 88 -12.79 17.18 -1.77
C ALA E 88 -13.17 18.64 -1.96
N ALA E 89 -12.93 19.45 -0.94
CA ALA E 89 -13.25 20.87 -0.98
C ALA E 89 -12.41 21.58 -2.05
N VAL E 90 -11.17 21.14 -2.21
CA VAL E 90 -10.27 21.73 -3.18
C VAL E 90 -10.92 21.81 -4.57
N ASN E 91 -11.69 20.79 -4.91
CA ASN E 91 -12.37 20.74 -6.20
C ASN E 91 -13.72 21.45 -6.13
N PHE E 92 -14.22 21.63 -4.90
CA PHE E 92 -15.50 22.30 -4.69
C PHE E 92 -15.33 23.81 -4.62
N VAL E 93 -14.09 24.27 -4.82
CA VAL E 93 -13.78 25.69 -4.78
C VAL E 93 -14.61 26.45 -5.80
N SER E 94 -14.77 25.87 -6.98
CA SER E 94 -15.54 26.51 -8.05
C SER E 94 -16.95 26.84 -7.59
N ARG E 95 -17.42 26.12 -6.57
CA ARG E 95 -18.75 26.34 -6.03
C ARG E 95 -18.96 27.81 -5.70
N GLN E 96 -17.88 28.51 -5.36
CA GLN E 96 -17.96 29.92 -5.02
C GLN E 96 -18.82 30.15 -3.78
N ARG E 97 -18.83 29.15 -2.89
CA ARG E 97 -19.61 29.23 -1.66
C ARG E 97 -19.29 30.52 -0.90
N GLU E 98 -18.06 31.00 -1.06
CA GLU E 98 -17.63 32.23 -0.39
C GLU E 98 -18.37 33.44 -0.94
N PHE E 99 -17.98 34.62 -0.49
CA PHE E 99 -18.60 35.87 -0.95
C PHE E 99 -17.81 36.48 -2.10
N GLY E 100 -16.96 35.67 -2.73
CA GLY E 100 -16.17 36.15 -3.84
C GLY E 100 -14.88 35.36 -4.02
N GLY E 101 -14.56 35.04 -5.27
CA GLY E 101 -13.36 34.28 -5.56
C GLY E 101 -12.16 35.17 -5.86
N GLY E 102 -12.21 36.40 -5.34
CA GLY E 102 -11.12 37.33 -5.58
C GLY E 102 -9.81 36.87 -4.96
N GLY E 103 -9.91 36.20 -3.81
CA GLY E 103 -8.72 35.72 -3.14
C GLY E 103 -8.49 34.23 -3.36
N PHE E 104 -8.90 33.74 -4.53
CA PHE E 104 -8.73 32.33 -4.86
C PHE E 104 -7.31 32.04 -5.31
N ILE E 105 -6.63 33.07 -5.80
CA ILE E 105 -5.26 32.92 -6.27
C ILE E 105 -4.26 33.06 -5.12
N GLN E 106 -4.73 33.63 -4.01
CA GLN E 106 -3.87 33.81 -2.84
C GLN E 106 -4.09 32.70 -1.82
N ARG E 107 -4.75 31.62 -2.27
CA ARG E 107 -5.02 30.49 -1.40
C ARG E 107 -3.74 29.75 -1.04
N ALA E 108 -2.76 29.81 -1.94
CA ALA E 108 -1.48 29.15 -1.72
C ALA E 108 -0.79 29.70 -0.48
N LYS E 109 -1.20 30.88 -0.04
CA LYS E 109 -0.63 31.52 1.13
C LYS E 109 -0.62 30.55 2.31
N LYS E 110 -1.57 29.64 2.34
CA LYS E 110 -1.68 28.66 3.41
C LYS E 110 -1.89 29.35 4.76
N ILE E 111 -3.07 29.94 4.93
CA ILE E 111 -3.40 30.64 6.17
C ILE E 111 -3.51 29.65 7.34
N ASP E 112 -3.56 28.37 7.01
CA ASP E 112 -3.67 27.33 8.03
C ASP E 112 -4.98 27.44 8.79
N LYS E 113 -6.03 27.87 8.08
CA LYS E 113 -7.34 28.03 8.69
C LYS E 113 -7.92 26.67 9.09
N ILE E 114 -7.31 25.61 8.60
CA ILE E 114 -7.76 24.25 8.92
C ILE E 114 -7.55 23.95 10.40
N SER E 115 -6.58 24.62 11.01
CA SER E 115 -6.29 24.41 12.43
C SER E 115 -7.40 24.98 13.30
N ARG E 116 -8.12 25.97 12.78
CA ARG E 116 -9.21 26.59 13.52
C ARG E 116 -10.20 25.55 14.00
N ILE E 117 -10.30 24.43 13.28
CA ILE E 117 -11.20 23.35 13.65
C ILE E 117 -10.44 22.14 14.17
N GLY E 118 -9.22 21.96 13.68
CA GLY E 118 -8.40 20.83 14.10
C GLY E 118 -7.91 20.99 15.53
N PHE E 119 -7.40 22.18 15.84
CA PHE E 119 -6.88 22.45 17.18
C PHE E 119 -7.90 22.08 18.25
N PRO E 120 -9.10 22.66 18.15
CA PRO E 120 -10.19 22.41 19.09
C PRO E 120 -10.76 21.00 18.96
N LEU E 121 -10.44 20.34 17.85
CA LEU E 121 -10.92 18.99 17.61
C LEU E 121 -10.04 17.97 18.32
N ALA E 122 -8.79 18.34 18.56
CA ALA E 122 -7.85 17.44 19.23
C ALA E 122 -8.05 17.49 20.75
N PHE E 123 -8.33 18.67 21.27
CA PHE E 123 -8.53 18.86 22.70
C PHE E 123 -9.89 18.29 23.13
N LEU E 124 -10.86 18.36 22.24
CA LEU E 124 -12.20 17.85 22.52
C LEU E 124 -12.20 16.34 22.58
N ILE E 125 -11.46 15.70 21.67
CA ILE E 125 -11.38 14.26 21.63
C ILE E 125 -10.55 13.71 22.78
N PHE E 126 -9.44 14.38 23.07
CA PHE E 126 -8.55 13.97 24.15
C PHE E 126 -9.29 14.00 25.49
N ASN E 127 -10.16 14.98 25.66
CA ASN E 127 -10.93 15.12 26.89
C ASN E 127 -12.22 14.31 26.82
N LEU E 128 -12.60 13.91 25.61
CA LEU E 128 -13.81 13.13 25.42
C LEU E 128 -13.58 11.66 25.74
N PHE E 129 -12.35 11.20 25.52
CA PHE E 129 -11.99 9.81 25.79
C PHE E 129 -11.36 9.67 27.18
N TYR E 130 -10.83 10.78 27.69
CA TYR E 130 -10.19 10.78 29.00
C TYR E 130 -11.23 10.79 30.12
N TRP E 131 -12.25 11.62 29.95
CA TRP E 131 -13.31 11.73 30.94
C TRP E 131 -14.29 10.56 30.82
N ILE E 132 -14.39 10.00 29.62
CA ILE E 132 -15.28 8.87 29.37
C ILE E 132 -14.67 7.57 29.89
N ILE E 133 -13.34 7.49 29.87
CA ILE E 133 -12.65 6.30 30.34
C ILE E 133 -12.74 6.17 31.86
N TYR E 134 -12.55 7.28 32.55
CA TYR E 134 -12.61 7.28 34.01
C TYR E 134 -14.06 7.36 34.49
N LYS E 135 -14.97 7.58 33.55
CA LYS E 135 -16.39 7.68 33.88
C LYS E 135 -17.05 6.30 33.85
N ILE E 136 -16.83 5.56 32.77
CA ILE E 136 -17.39 4.23 32.62
C ILE E 136 -17.03 3.34 33.80
N VAL E 137 -15.79 3.45 34.27
CA VAL E 137 -15.32 2.66 35.39
C VAL E 137 -16.14 2.96 36.66
N ARG E 138 -16.83 4.09 36.63
CA ARG E 138 -17.65 4.50 37.77
C ARG E 138 -19.12 4.14 37.54
N ARG E 139 -19.62 4.48 36.36
CA ARG E 139 -21.00 4.21 36.01
C ARG E 139 -21.95 5.19 36.72
N GLU E 140 -21.83 5.27 38.03
CA GLU E 140 -22.67 6.16 38.82
C GLU E 140 -21.82 7.06 39.73
N ASP E 141 -20.61 7.35 39.28
CA ASP E 141 -19.70 8.19 40.05
C ASP E 141 -19.53 7.65 41.46
N GLU E 142 -18.82 6.54 41.59
CA GLU E 142 -18.59 5.92 42.89
C GLU E 142 -17.31 6.44 43.52
N PHE E 143 -16.26 6.58 42.70
CA PHE E 143 -14.98 7.07 43.18
C PHE E 143 -15.00 8.58 43.34
N GLU E 144 -16.11 9.20 42.95
CA GLU E 144 -16.26 10.65 43.05
C GLU E 144 -16.10 11.12 44.49
N HIS E 145 -16.46 10.25 45.43
CA HIS E 145 -16.37 10.57 46.85
C HIS E 145 -15.08 10.01 47.45
N HIS E 146 -14.00 10.05 46.67
CA HIS E 146 -12.71 9.55 47.12
C HIS E 146 -11.57 10.27 46.43
N HIS E 147 -11.39 9.98 45.14
CA HIS E 147 -10.33 10.60 44.36
C HIS E 147 -10.86 11.82 43.60
N HIS E 148 -11.65 11.56 42.56
CA HIS E 148 -12.22 12.64 41.75
C HIS E 148 -11.11 13.48 41.11
N HIS E 149 -9.93 12.90 41.01
CA HIS E 149 -8.79 13.60 40.41
C HIS E 149 -8.97 13.75 38.91
N HIS E 150 -9.10 12.63 38.21
CA HIS E 150 -9.29 12.65 36.77
C HIS E 150 -8.07 13.26 36.07
N MET A 1 11.41 -23.08 29.02
CA MET A 1 11.11 -21.66 29.18
C MET A 1 12.23 -20.79 28.62
N LEU A 2 12.46 -20.90 27.31
CA LEU A 2 13.51 -20.12 26.66
C LEU A 2 12.97 -18.77 26.19
N GLU A 3 12.37 -18.04 27.12
CA GLU A 3 11.82 -16.72 26.80
C GLU A 3 12.92 -15.67 26.73
N ARG A 4 13.89 -15.78 27.64
CA ARG A 4 15.00 -14.84 27.68
C ARG A 4 16.06 -15.21 26.64
N GLN A 5 15.95 -16.40 26.07
CA GLN A 5 16.90 -16.87 25.08
C GLN A 5 16.51 -16.36 23.68
N LEU A 6 15.47 -15.55 23.63
CA LEU A 6 14.99 -15.00 22.36
C LEU A 6 15.75 -13.73 21.99
N GLY A 7 16.22 -13.01 23.02
CA GLY A 7 16.96 -11.79 22.79
C GLY A 7 18.13 -11.98 21.85
N TYR A 8 18.62 -13.21 21.77
CA TYR A 8 19.76 -13.52 20.90
C TYR A 8 19.40 -13.27 19.43
N TYR A 9 18.19 -13.66 19.05
CA TYR A 9 17.73 -13.48 17.68
C TYR A 9 17.39 -12.02 17.40
N LEU A 10 17.06 -11.29 18.46
CA LEU A 10 16.71 -9.87 18.34
C LEU A 10 17.97 -9.02 18.20
N ILE A 11 19.07 -9.50 18.76
CA ILE A 11 20.34 -8.78 18.71
C ILE A 11 20.91 -8.78 17.29
N GLN A 12 21.05 -9.97 16.72
CA GLN A 12 21.58 -10.11 15.36
C GLN A 12 20.61 -9.54 14.34
N LEU A 13 19.33 -9.47 14.71
CA LEU A 13 18.31 -8.94 13.82
C LEU A 13 18.20 -7.42 13.95
N TYR A 14 18.67 -6.90 15.08
CA TYR A 14 18.63 -5.46 15.34
C TYR A 14 19.69 -4.73 14.50
N ILE A 15 20.85 -5.35 14.38
CA ILE A 15 21.95 -4.76 13.62
C ILE A 15 21.47 -4.31 12.24
N PRO A 16 20.92 -5.25 11.46
CA PRO A 16 20.41 -4.97 10.11
C PRO A 16 19.16 -4.11 10.13
N SER A 17 18.37 -4.24 11.20
CA SER A 17 17.14 -3.48 11.33
C SER A 17 17.43 -2.01 11.59
N LEU A 18 18.57 -1.74 12.23
CA LEU A 18 18.98 -0.38 12.53
C LEU A 18 19.70 0.26 11.35
N LEU A 19 20.55 -0.52 10.70
CA LEU A 19 21.31 -0.04 9.55
C LEU A 19 20.36 0.47 8.45
N ILE A 20 19.34 -0.31 8.15
CA ILE A 20 18.37 0.07 7.12
C ILE A 20 17.54 1.27 7.57
N VAL A 21 17.44 1.46 8.89
CA VAL A 21 16.68 2.57 9.44
C VAL A 21 17.46 3.87 9.34
N ILE A 22 18.78 3.79 9.50
CA ILE A 22 19.63 4.97 9.42
C ILE A 22 19.60 5.57 8.02
N LEU A 23 19.65 4.71 7.01
CA LEU A 23 19.63 5.16 5.62
C LEU A 23 18.27 5.75 5.26
N SER A 24 17.21 5.18 5.83
CA SER A 24 15.86 5.65 5.56
C SER A 24 15.76 7.16 5.77
N TRP A 25 16.52 7.67 6.73
CA TRP A 25 16.52 9.10 7.02
C TRP A 25 17.46 9.85 6.09
N ILE A 26 18.54 9.19 5.69
CA ILE A 26 19.52 9.80 4.80
C ILE A 26 18.85 10.30 3.53
N SER A 27 17.71 9.71 3.19
CA SER A 27 16.98 10.09 1.99
C SER A 27 15.71 10.84 2.34
N PHE A 28 15.37 10.85 3.63
CA PHE A 28 14.17 11.54 4.11
C PHE A 28 14.30 13.05 3.95
N TRP A 29 15.54 13.54 4.06
CA TRP A 29 15.80 14.97 3.93
C TRP A 29 15.36 15.48 2.56
N ILE A 30 15.32 14.58 1.58
CA ILE A 30 14.92 14.94 0.22
C ILE A 30 13.53 14.38 -0.10
N ASN A 31 13.23 13.21 0.45
CA ASN A 31 11.95 12.58 0.21
C ASN A 31 10.81 13.41 0.78
N LEU A 32 11.16 14.42 1.58
CA LEU A 32 10.16 15.30 2.18
C LEU A 32 9.15 15.78 1.14
N ASP A 33 9.59 15.83 -0.11
CA ASP A 33 8.73 16.28 -1.21
C ASP A 33 9.21 15.71 -2.54
N ALA A 34 10.53 15.67 -2.71
CA ALA A 34 11.12 15.16 -3.95
C ALA A 34 10.67 13.73 -4.22
N ALA A 35 10.56 12.93 -3.16
CA ALA A 35 10.14 11.55 -3.28
C ALA A 35 9.70 10.98 -1.95
N PRO A 36 8.52 11.43 -1.47
CA PRO A 36 7.95 10.98 -0.19
C PRO A 36 7.50 9.53 -0.24
N ALA A 37 7.57 8.92 -1.43
CA ALA A 37 7.17 7.54 -1.59
C ALA A 37 8.16 6.59 -0.93
N ARG A 38 9.43 6.99 -0.89
CA ARG A 38 10.47 6.18 -0.28
C ARG A 38 10.37 6.21 1.23
N VAL A 39 10.02 7.37 1.78
CA VAL A 39 9.89 7.54 3.22
C VAL A 39 8.74 6.70 3.77
N GLY A 40 7.66 6.59 2.99
CA GLY A 40 6.52 5.81 3.41
C GLY A 40 6.79 4.31 3.38
N LEU A 41 7.72 3.90 2.53
CA LEU A 41 8.07 2.49 2.41
C LEU A 41 9.07 2.08 3.49
N GLY A 42 9.99 2.99 3.80
CA GLY A 42 10.99 2.71 4.81
C GLY A 42 10.40 2.68 6.21
N ILE A 43 9.42 3.53 6.46
CA ILE A 43 8.78 3.59 7.77
C ILE A 43 7.87 2.38 8.00
N THR A 44 7.30 1.87 6.91
CA THR A 44 6.41 0.71 6.99
C THR A 44 7.21 -0.59 6.96
N THR A 45 8.46 -0.51 6.50
CA THR A 45 9.32 -1.69 6.42
C THR A 45 9.90 -2.04 7.78
N VAL A 46 10.10 -1.02 8.61
CA VAL A 46 10.65 -1.22 9.95
C VAL A 46 9.62 -1.85 10.88
N LEU A 47 8.38 -1.38 10.78
CA LEU A 47 7.30 -1.89 11.62
C LEU A 47 6.80 -3.23 11.08
N THR A 48 7.04 -3.48 9.81
CA THR A 48 6.60 -4.72 9.16
C THR A 48 7.67 -5.80 9.29
N LEU A 49 8.92 -5.37 9.42
CA LEU A 49 10.04 -6.31 9.54
C LEU A 49 10.11 -6.90 10.95
N THR A 50 9.63 -6.12 11.93
CA THR A 50 9.64 -6.56 13.31
C THR A 50 8.39 -7.37 13.64
N THR A 51 7.24 -6.91 13.16
CA THR A 51 5.98 -7.59 13.40
C THR A 51 6.00 -9.00 12.83
N GLN A 52 6.70 -9.17 11.71
CA GLN A 52 6.81 -10.47 11.06
C GLN A 52 7.71 -11.41 11.85
N SER A 53 8.67 -10.83 12.56
CA SER A 53 9.61 -11.62 13.36
C SER A 53 9.01 -11.97 14.72
N SER A 54 7.95 -11.26 15.08
CA SER A 54 7.27 -11.48 16.35
C SER A 54 6.34 -12.68 16.27
N GLY A 55 6.20 -13.23 15.06
CA GLY A 55 5.33 -14.37 14.87
C GLY A 55 5.91 -15.65 15.45
N SER A 56 7.15 -15.57 15.92
CA SER A 56 7.81 -16.73 16.51
C SER A 56 7.04 -17.24 17.72
N ARG A 57 6.60 -16.32 18.56
CA ARG A 57 5.86 -16.67 19.77
C ARG A 57 6.67 -17.61 20.66
N ALA A 58 7.98 -17.61 20.45
CA ALA A 58 8.88 -18.47 21.24
C ALA A 58 9.28 -17.79 22.55
N SER A 59 9.12 -16.47 22.60
CA SER A 59 9.46 -15.71 23.79
C SER A 59 8.33 -15.77 24.82
N LEU A 60 7.27 -16.48 24.48
CA LEU A 60 6.13 -16.62 25.38
C LEU A 60 5.47 -15.27 25.63
N PRO A 61 4.21 -15.30 26.09
CA PRO A 61 3.44 -14.10 26.38
C PRO A 61 3.97 -13.37 27.62
N LYS A 62 4.97 -13.95 28.26
CA LYS A 62 5.56 -13.35 29.45
C LYS A 62 6.56 -12.27 29.08
N VAL A 63 7.63 -12.65 28.40
CA VAL A 63 8.66 -11.71 27.98
C VAL A 63 8.18 -10.86 26.80
N SER A 64 7.30 -11.44 25.98
CA SER A 64 6.78 -10.75 24.81
C SER A 64 5.85 -9.61 25.24
N TYR A 65 5.08 -9.84 26.28
CA TYR A 65 4.15 -8.83 26.79
C TYR A 65 4.90 -7.60 27.28
N VAL A 66 5.76 -7.79 28.27
CA VAL A 66 6.54 -6.69 28.83
C VAL A 66 7.28 -5.93 27.74
N LYS A 67 8.02 -6.67 26.92
CA LYS A 67 8.77 -6.06 25.82
C LYS A 67 7.85 -5.33 24.85
N ALA A 68 6.64 -5.86 24.69
CA ALA A 68 5.66 -5.24 23.80
C ALA A 68 5.15 -3.93 24.37
N ILE A 69 5.21 -3.79 25.69
CA ILE A 69 4.75 -2.58 26.34
C ILE A 69 5.65 -1.40 26.03
N ASP A 70 6.94 -1.68 25.86
CA ASP A 70 7.91 -0.64 25.54
C ASP A 70 7.83 -0.25 24.07
N ILE A 71 7.22 -1.10 23.26
CA ILE A 71 7.06 -0.83 21.84
C ILE A 71 5.67 -0.28 21.53
N TRP A 72 4.77 -0.38 22.50
CA TRP A 72 3.41 0.10 22.32
C TRP A 72 3.37 1.63 22.33
N LEU A 73 4.32 2.23 23.04
CA LEU A 73 4.40 3.68 23.13
C LEU A 73 5.81 4.13 23.52
N ALA A 74 6.69 4.24 22.52
CA ALA A 74 8.06 4.66 22.76
C ALA A 74 8.85 4.71 21.46
N VAL A 75 9.02 3.55 20.82
CA VAL A 75 9.75 3.47 19.56
C VAL A 75 8.86 3.81 18.37
N CYS A 76 7.59 4.08 18.66
CA CYS A 76 6.64 4.43 17.61
C CYS A 76 6.06 5.82 17.84
N LEU A 77 5.96 6.22 19.11
CA LEU A 77 5.43 7.53 19.46
C LEU A 77 6.52 8.59 19.39
N LEU A 78 7.77 8.17 19.43
CA LEU A 78 8.90 9.08 19.37
C LEU A 78 9.51 9.10 17.96
N PHE A 79 9.45 7.96 17.28
CA PHE A 79 10.00 7.86 15.93
C PHE A 79 9.15 8.65 14.94
N VAL A 80 7.83 8.56 15.09
CA VAL A 80 6.90 9.26 14.20
C VAL A 80 6.62 10.66 14.71
N PHE A 81 7.11 10.97 15.90
CA PHE A 81 6.91 12.27 16.52
C PHE A 81 7.86 13.30 15.90
N SER A 82 9.10 12.90 15.69
CA SER A 82 10.10 13.79 15.10
C SER A 82 10.00 13.81 13.57
N ALA A 83 9.45 12.74 13.02
CA ALA A 83 9.28 12.64 11.57
C ALA A 83 8.17 13.55 11.07
N LEU A 84 7.16 13.75 11.92
CA LEU A 84 6.02 14.60 11.57
C LEU A 84 6.36 16.07 11.80
N LEU A 85 7.14 16.34 12.83
CA LEU A 85 7.54 17.71 13.15
C LEU A 85 8.24 18.36 11.97
N GLU A 86 9.01 17.58 11.23
CA GLU A 86 9.74 18.08 10.07
C GLU A 86 8.83 18.09 8.83
N TYR A 87 8.07 17.02 8.66
CA TYR A 87 7.17 16.90 7.52
C TYR A 87 6.09 17.97 7.56
N ALA A 88 5.96 18.62 8.71
CA ALA A 88 4.97 19.68 8.88
C ALA A 88 5.64 21.02 9.14
N ALA A 89 6.94 20.98 9.44
CA ALA A 89 7.69 22.20 9.71
C ALA A 89 7.84 23.04 8.45
N VAL A 90 7.98 22.37 7.31
CA VAL A 90 8.13 23.05 6.03
C VAL A 90 7.07 24.14 5.85
N ASN A 91 5.84 23.82 6.25
CA ASN A 91 4.74 24.77 6.14
C ASN A 91 4.67 25.68 7.36
N PHE A 92 5.32 25.26 8.44
CA PHE A 92 5.34 26.04 9.67
C PHE A 92 6.36 27.17 9.58
N VAL A 93 7.04 27.26 8.45
CA VAL A 93 8.05 28.30 8.24
C VAL A 93 7.46 29.68 8.50
N SER A 94 6.21 29.87 8.09
CA SER A 94 5.53 31.15 8.27
C SER A 94 5.52 31.56 9.74
N ARG A 95 5.67 30.58 10.62
CA ARG A 95 5.68 30.83 12.05
C ARG A 95 6.68 31.93 12.41
N GLN A 96 7.73 32.05 11.60
CA GLN A 96 8.75 33.06 11.83
C GLN A 96 9.43 32.85 13.18
N ARG A 97 9.48 31.61 13.62
CA ARG A 97 10.10 31.28 14.91
C ARG A 97 11.51 31.86 15.00
N GLU A 98 12.16 31.98 13.85
CA GLU A 98 13.51 32.53 13.80
C GLU A 98 13.53 34.01 14.17
N PHE A 99 14.66 34.66 13.96
CA PHE A 99 14.80 36.08 14.28
C PHE A 99 14.49 36.94 13.06
N GLY A 100 13.82 36.35 12.07
CA GLY A 100 13.48 37.07 10.86
C GLY A 100 13.20 36.15 9.69
N GLY A 101 12.24 36.52 8.86
CA GLY A 101 11.90 35.72 7.71
C GLY A 101 12.64 36.15 6.46
N GLY A 102 13.80 36.76 6.64
CA GLY A 102 14.59 37.22 5.51
C GLY A 102 15.24 36.07 4.77
N GLY A 103 15.55 35.00 5.49
CA GLY A 103 16.18 33.84 4.87
C GLY A 103 15.19 32.74 4.55
N PHE A 104 14.01 33.12 4.05
CA PHE A 104 12.99 32.16 3.70
C PHE A 104 13.27 31.51 2.35
N ILE A 105 13.83 32.29 1.44
CA ILE A 105 14.15 31.79 0.11
C ILE A 105 15.53 31.13 0.09
N GLN A 106 16.32 31.40 1.12
CA GLN A 106 17.66 30.82 1.22
C GLN A 106 17.64 29.53 2.03
N ARG A 107 16.44 28.99 2.24
CA ARG A 107 16.28 27.76 2.99
C ARG A 107 16.25 26.55 2.05
N ALA A 108 15.82 26.77 0.82
CA ALA A 108 15.74 25.71 -0.17
C ALA A 108 17.11 25.10 -0.44
N LYS A 109 18.15 25.84 -0.07
CA LYS A 109 19.52 25.37 -0.26
C LYS A 109 19.71 23.96 0.31
N LYS A 110 18.93 23.64 1.34
CA LYS A 110 18.99 22.33 1.97
C LYS A 110 20.38 22.08 2.54
N ILE A 111 20.69 22.75 3.65
CA ILE A 111 21.98 22.60 4.31
C ILE A 111 22.12 21.22 4.95
N ASP A 112 21.01 20.48 4.98
CA ASP A 112 21.02 19.14 5.56
C ASP A 112 21.30 19.20 7.06
N LYS A 113 20.85 20.27 7.70
CA LYS A 113 21.06 20.46 9.13
C LYS A 113 20.33 19.38 9.92
N ILE A 114 19.41 18.67 9.27
CA ILE A 114 18.65 17.62 9.91
C ILE A 114 19.51 16.40 10.19
N SER A 115 20.62 16.28 9.45
CA SER A 115 21.53 15.16 9.61
C SER A 115 22.46 15.39 10.80
N ARG A 116 22.41 16.59 11.37
CA ARG A 116 23.24 16.93 12.51
C ARG A 116 22.71 16.29 13.79
N ILE A 117 21.45 15.88 13.75
CA ILE A 117 20.82 15.23 14.90
C ILE A 117 20.39 13.80 14.57
N GLY A 118 19.98 13.58 13.33
CA GLY A 118 19.56 12.26 12.92
C GLY A 118 20.69 11.25 12.98
N PHE A 119 21.84 11.60 12.42
CA PHE A 119 22.99 10.72 12.42
C PHE A 119 23.27 10.18 13.82
N PRO A 120 23.52 11.10 14.77
CA PRO A 120 23.81 10.75 16.16
C PRO A 120 22.58 10.18 16.88
N LEU A 121 21.42 10.31 16.24
CA LEU A 121 20.17 9.82 16.83
C LEU A 121 20.00 8.33 16.55
N ALA A 122 20.35 7.91 15.33
CA ALA A 122 20.23 6.51 14.95
C ALA A 122 21.42 5.70 15.46
N PHE A 123 22.59 6.33 15.51
CA PHE A 123 23.80 5.67 15.97
C PHE A 123 23.77 5.47 17.49
N LEU A 124 23.11 6.40 18.18
CA LEU A 124 23.01 6.31 19.63
C LEU A 124 22.05 5.21 20.06
N ILE A 125 20.95 5.07 19.32
CA ILE A 125 19.96 4.04 19.61
C ILE A 125 20.54 2.64 19.36
N PHE A 126 21.10 2.45 18.18
CA PHE A 126 21.68 1.16 17.81
C PHE A 126 22.75 0.74 18.82
N ASN A 127 23.52 1.71 19.29
CA ASN A 127 24.58 1.45 20.26
C ASN A 127 24.02 1.36 21.67
N LEU A 128 22.83 1.93 21.87
CA LEU A 128 22.18 1.92 23.17
C LEU A 128 21.48 0.59 23.42
N PHE A 129 21.03 -0.04 22.34
CA PHE A 129 20.33 -1.33 22.43
C PHE A 129 21.33 -2.48 22.50
N TYR A 130 22.49 -2.29 21.88
CA TYR A 130 23.53 -3.31 21.87
C TYR A 130 24.21 -3.42 23.23
N TRP A 131 24.37 -2.28 23.90
CA TRP A 131 25.01 -2.24 25.21
C TRP A 131 24.00 -2.53 26.31
N ILE A 132 22.72 -2.36 25.99
CA ILE A 132 21.65 -2.61 26.96
C ILE A 132 21.24 -4.08 26.96
N ILE A 133 21.38 -4.73 25.81
CA ILE A 133 21.02 -6.14 25.69
C ILE A 133 22.11 -7.04 26.27
N TYR A 134 23.36 -6.67 26.03
CA TYR A 134 24.50 -7.44 26.52
C TYR A 134 24.76 -7.12 27.99
N LYS A 135 24.06 -6.12 28.51
CA LYS A 135 24.23 -5.71 29.90
C LYS A 135 23.08 -6.26 30.76
N ILE A 136 21.86 -6.16 30.25
CA ILE A 136 20.69 -6.65 30.97
C ILE A 136 20.82 -8.13 31.28
N VAL A 137 21.36 -8.90 30.32
CA VAL A 137 21.53 -10.33 30.50
C VAL A 137 22.45 -10.63 31.68
N ARG A 138 23.20 -9.62 32.10
CA ARG A 138 24.13 -9.78 33.22
C ARG A 138 23.51 -9.26 34.51
N ARG A 139 23.10 -7.99 34.49
CA ARG A 139 22.50 -7.36 35.66
C ARG A 139 21.25 -8.13 36.09
N GLU A 140 20.61 -8.80 35.15
CA GLU A 140 19.40 -9.57 35.43
C GLU A 140 19.74 -11.03 35.69
N ASP A 141 21.03 -11.36 35.64
CA ASP A 141 21.49 -12.72 35.87
C ASP A 141 20.73 -13.71 34.98
N GLU A 142 20.58 -13.35 33.71
CA GLU A 142 19.88 -14.20 32.76
C GLU A 142 20.77 -15.34 32.27
N PHE A 143 21.91 -14.99 31.68
CA PHE A 143 22.85 -15.98 31.18
C PHE A 143 23.32 -16.90 32.31
N GLU A 144 23.22 -16.43 33.54
CA GLU A 144 23.63 -17.20 34.70
C GLU A 144 22.53 -18.17 35.12
N HIS A 145 21.29 -17.84 34.76
CA HIS A 145 20.15 -18.69 35.11
C HIS A 145 20.39 -20.13 34.68
N HIS A 146 19.53 -21.03 35.15
CA HIS A 146 19.66 -22.44 34.81
C HIS A 146 18.38 -23.21 35.19
N HIS A 147 18.06 -23.23 36.48
CA HIS A 147 16.88 -23.90 36.96
C HIS A 147 15.71 -22.94 37.11
N HIS A 148 15.76 -22.10 38.15
CA HIS A 148 14.71 -21.13 38.41
C HIS A 148 15.27 -19.92 39.16
N HIS A 149 16.57 -19.72 39.08
CA HIS A 149 17.22 -18.62 39.76
C HIS A 149 16.54 -17.29 39.42
N HIS A 150 15.97 -17.22 38.23
CA HIS A 150 15.28 -16.01 37.79
C HIS A 150 14.52 -16.27 36.48
N MET B 1 14.38 -36.44 4.07
CA MET B 1 14.16 -35.00 4.14
C MET B 1 14.59 -34.32 2.84
N LEU B 2 13.61 -33.88 2.05
CA LEU B 2 13.90 -33.22 0.79
C LEU B 2 14.10 -31.72 1.00
N GLU B 3 15.00 -31.37 1.90
CA GLU B 3 15.29 -29.97 2.19
C GLU B 3 16.20 -29.37 1.12
N ARG B 4 17.16 -30.16 0.65
CA ARG B 4 18.10 -29.71 -0.37
C ARG B 4 17.48 -29.82 -1.76
N GLN B 5 16.35 -30.52 -1.84
CA GLN B 5 15.65 -30.71 -3.11
C GLN B 5 14.73 -29.53 -3.41
N LEU B 6 14.78 -28.52 -2.56
CA LEU B 6 13.95 -27.33 -2.72
C LEU B 6 14.63 -26.31 -3.63
N GLY B 7 15.96 -26.33 -3.64
CA GLY B 7 16.72 -25.42 -4.47
C GLY B 7 16.29 -25.46 -5.92
N TYR B 8 15.72 -26.60 -6.34
CA TYR B 8 15.28 -26.77 -7.71
C TYR B 8 14.18 -25.77 -8.06
N TYR B 9 13.25 -25.56 -7.12
CA TYR B 9 12.15 -24.63 -7.33
C TYR B 9 12.62 -23.19 -7.23
N LEU B 10 13.72 -22.99 -6.50
CA LEU B 10 14.29 -21.64 -6.32
C LEU B 10 15.08 -21.22 -7.56
N ILE B 11 15.62 -22.21 -8.27
CA ILE B 11 16.40 -21.94 -9.47
C ILE B 11 15.52 -21.45 -10.60
N GLN B 12 14.47 -22.20 -10.92
CA GLN B 12 13.54 -21.83 -11.99
C GLN B 12 12.75 -20.59 -11.60
N LEU B 13 12.64 -20.35 -10.30
CA LEU B 13 11.90 -19.19 -9.81
C LEU B 13 12.80 -17.95 -9.73
N TYR B 14 14.11 -18.18 -9.69
CA TYR B 14 15.07 -17.09 -9.62
C TYR B 14 15.20 -16.40 -10.96
N ILE B 15 15.16 -17.18 -12.04
CA ILE B 15 15.27 -16.64 -13.39
C ILE B 15 14.31 -15.48 -13.59
N PRO B 16 13.01 -15.74 -13.39
CA PRO B 16 11.96 -14.73 -13.55
C PRO B 16 12.02 -13.66 -12.46
N SER B 17 12.50 -14.05 -11.29
CA SER B 17 12.60 -13.13 -10.16
C SER B 17 13.71 -12.11 -10.38
N LEU B 18 14.72 -12.51 -11.15
CA LEU B 18 15.84 -11.63 -11.45
C LEU B 18 15.54 -10.75 -12.65
N LEU B 19 14.90 -11.33 -13.67
CA LEU B 19 14.54 -10.60 -14.87
C LEU B 19 13.68 -9.39 -14.55
N ILE B 20 12.66 -9.60 -13.72
CA ILE B 20 11.76 -8.53 -13.32
C ILE B 20 12.47 -7.51 -12.44
N VAL B 21 13.54 -7.94 -11.79
CA VAL B 21 14.32 -7.06 -10.92
C VAL B 21 15.22 -6.14 -11.75
N ILE B 22 15.75 -6.67 -12.84
CA ILE B 22 16.63 -5.90 -13.71
C ILE B 22 15.88 -4.73 -14.35
N LEU B 23 14.65 -4.97 -14.78
CA LEU B 23 13.83 -3.94 -15.40
C LEU B 23 13.40 -2.90 -14.38
N SER B 24 13.18 -3.34 -13.15
CA SER B 24 12.76 -2.46 -12.08
C SER B 24 13.70 -1.27 -11.96
N TRP B 25 14.98 -1.49 -12.23
CA TRP B 25 15.99 -0.45 -12.16
C TRP B 25 16.00 0.39 -13.43
N ILE B 26 15.76 -0.27 -14.57
CA ILE B 26 15.74 0.40 -15.86
C ILE B 26 14.82 1.62 -15.82
N SER B 27 13.79 1.55 -14.98
CA SER B 27 12.83 2.64 -14.86
C SER B 27 13.12 3.48 -13.61
N PHE B 28 13.92 2.93 -12.71
CA PHE B 28 14.28 3.62 -11.48
C PHE B 28 15.03 4.92 -11.78
N TRP B 29 15.72 4.94 -12.92
CA TRP B 29 16.48 6.12 -13.32
C TRP B 29 15.57 7.33 -13.50
N ILE B 30 14.35 7.08 -13.96
CA ILE B 30 13.39 8.16 -14.16
C ILE B 30 12.38 8.22 -13.02
N ASN B 31 12.07 7.06 -12.44
CA ASN B 31 11.13 6.99 -11.34
C ASN B 31 11.65 7.75 -10.12
N LEU B 32 12.93 8.11 -10.17
CA LEU B 32 13.56 8.84 -9.06
C LEU B 32 12.69 10.02 -8.63
N ASP B 33 11.89 10.53 -9.57
CA ASP B 33 11.01 11.65 -9.27
C ASP B 33 9.84 11.70 -10.25
N ALA B 34 10.11 11.38 -11.52
CA ALA B 34 9.08 11.38 -12.55
C ALA B 34 7.95 10.43 -12.18
N ALA B 35 8.29 9.29 -11.59
CA ALA B 35 7.29 8.30 -11.19
C ALA B 35 7.87 7.33 -10.16
N PRO B 36 8.06 7.82 -8.92
CA PRO B 36 8.60 7.00 -7.83
C PRO B 36 7.63 5.93 -7.37
N ALA B 37 6.42 5.96 -7.92
CA ALA B 37 5.39 4.99 -7.56
C ALA B 37 5.72 3.61 -8.12
N ARG B 38 6.40 3.59 -9.25
CA ARG B 38 6.79 2.33 -9.89
C ARG B 38 7.93 1.66 -9.13
N VAL B 39 8.87 2.47 -8.64
CA VAL B 39 10.01 1.95 -7.89
C VAL B 39 9.56 1.33 -6.57
N GLY B 40 8.55 1.92 -5.96
CA GLY B 40 8.04 1.40 -4.70
C GLY B 40 7.28 0.10 -4.85
N LEU B 41 6.73 -0.12 -6.04
CA LEU B 41 5.97 -1.33 -6.32
C LEU B 41 6.91 -2.47 -6.72
N GLY B 42 7.96 -2.14 -7.46
CA GLY B 42 8.92 -3.14 -7.88
C GLY B 42 9.77 -3.66 -6.75
N ILE B 43 10.09 -2.79 -5.80
CA ILE B 43 10.90 -3.17 -4.65
C ILE B 43 10.10 -4.02 -3.67
N THR B 44 8.79 -3.78 -3.61
CA THR B 44 7.91 -4.52 -2.72
C THR B 44 7.45 -5.82 -3.36
N THR B 45 7.57 -5.89 -4.69
CA THR B 45 7.16 -7.08 -5.42
C THR B 45 8.20 -8.18 -5.32
N VAL B 46 9.46 -7.78 -5.20
CA VAL B 46 10.56 -8.74 -5.08
C VAL B 46 10.57 -9.41 -3.72
N LEU B 47 10.33 -8.62 -2.68
CA LEU B 47 10.32 -9.14 -1.32
C LEU B 47 9.00 -9.86 -1.02
N THR B 48 7.97 -9.52 -1.79
CA THR B 48 6.66 -10.14 -1.61
C THR B 48 6.52 -11.40 -2.46
N LEU B 49 7.28 -11.46 -3.54
CA LEU B 49 7.24 -12.62 -4.44
C LEU B 49 8.03 -13.79 -3.84
N THR B 50 9.03 -13.47 -3.03
CA THR B 50 9.85 -14.50 -2.40
C THR B 50 9.23 -14.97 -1.09
N THR B 51 8.73 -14.03 -0.30
CA THR B 51 8.11 -14.35 0.97
C THR B 51 6.90 -15.27 0.79
N GLN B 52 6.19 -15.08 -0.33
CA GLN B 52 5.02 -15.89 -0.63
C GLN B 52 5.42 -17.31 -1.04
N SER B 53 6.60 -17.43 -1.63
CA SER B 53 7.10 -18.73 -2.07
C SER B 53 7.74 -19.49 -0.91
N SER B 54 8.05 -18.76 0.16
CA SER B 54 8.67 -19.36 1.34
C SER B 54 7.63 -20.07 2.21
N GLY B 55 6.36 -19.91 1.84
CA GLY B 55 5.29 -20.53 2.59
C GLY B 55 5.24 -22.03 2.41
N SER B 56 6.04 -22.53 1.48
CA SER B 56 6.08 -23.96 1.21
C SER B 56 6.47 -24.74 2.46
N ARG B 57 7.47 -24.25 3.18
CA ARG B 57 7.93 -24.90 4.40
C ARG B 57 8.37 -26.33 4.11
N ALA B 58 8.67 -26.62 2.86
CA ALA B 58 9.10 -27.95 2.46
C ALA B 58 10.60 -28.12 2.64
N SER B 59 11.31 -27.00 2.72
CA SER B 59 12.76 -27.02 2.89
C SER B 59 13.13 -27.24 4.36
N LEU B 60 12.12 -27.37 5.21
CA LEU B 60 12.33 -27.58 6.63
C LEU B 60 13.05 -26.40 7.26
N PRO B 61 12.95 -26.28 8.59
CA PRO B 61 13.58 -25.18 9.34
C PRO B 61 15.10 -25.31 9.37
N LYS B 62 15.61 -26.39 8.79
CA LYS B 62 17.05 -26.63 8.75
C LYS B 62 17.70 -25.82 7.63
N VAL B 63 17.35 -26.12 6.40
CA VAL B 63 17.90 -25.41 5.25
C VAL B 63 17.30 -24.02 5.12
N SER B 64 16.05 -23.88 5.55
CA SER B 64 15.35 -22.60 5.48
C SER B 64 15.99 -21.58 6.43
N TYR B 65 16.39 -22.05 7.60
CA TYR B 65 17.01 -21.19 8.60
C TYR B 65 18.32 -20.61 8.08
N VAL B 66 19.26 -21.48 7.77
CA VAL B 66 20.56 -21.05 7.25
C VAL B 66 20.40 -20.11 6.06
N LYS B 67 19.61 -20.54 5.07
CA LYS B 67 19.37 -19.74 3.88
C LYS B 67 18.73 -18.41 4.24
N ALA B 68 17.89 -18.43 5.28
CA ALA B 68 17.21 -17.22 5.73
C ALA B 68 18.19 -16.24 6.37
N ILE B 69 19.29 -16.76 6.89
CA ILE B 69 20.31 -15.94 7.53
C ILE B 69 21.02 -15.05 6.50
N ASP B 70 21.18 -15.57 5.30
CA ASP B 70 21.83 -14.84 4.22
C ASP B 70 20.91 -13.79 3.63
N ILE B 71 19.61 -13.95 3.88
CA ILE B 71 18.62 -13.01 3.37
C ILE B 71 18.20 -12.01 4.45
N TRP B 72 18.58 -12.29 5.68
CA TRP B 72 18.25 -11.41 6.80
C TRP B 72 19.07 -10.13 6.75
N LEU B 73 20.27 -10.24 6.17
CA LEU B 73 21.16 -9.08 6.06
C LEU B 73 22.18 -9.30 4.95
N ALA B 74 21.79 -8.99 3.72
CA ALA B 74 22.68 -9.15 2.57
C ALA B 74 21.98 -8.72 1.28
N VAL B 75 20.91 -9.42 0.93
CA VAL B 75 20.16 -9.11 -0.28
C VAL B 75 19.14 -8.01 -0.04
N CYS B 76 19.07 -7.56 1.21
CA CYS B 76 18.13 -6.50 1.58
C CYS B 76 18.88 -5.28 2.12
N LEU B 77 20.03 -5.53 2.75
CA LEU B 77 20.83 -4.46 3.32
C LEU B 77 21.74 -3.84 2.25
N LEU B 78 21.95 -4.58 1.17
CA LEU B 78 22.80 -4.10 0.08
C LEU B 78 21.96 -3.59 -1.09
N PHE B 79 20.78 -4.19 -1.27
CA PHE B 79 19.89 -3.81 -2.35
C PHE B 79 19.27 -2.44 -2.07
N VAL B 80 18.88 -2.22 -0.82
CA VAL B 80 18.28 -0.95 -0.42
C VAL B 80 19.33 0.07 -0.02
N PHE B 81 20.58 -0.39 0.05
CA PHE B 81 21.70 0.49 0.42
C PHE B 81 22.12 1.37 -0.75
N SER B 82 22.16 0.77 -1.95
CA SER B 82 22.54 1.50 -3.14
C SER B 82 21.35 2.28 -3.72
N ALA B 83 20.14 1.80 -3.42
CA ALA B 83 18.94 2.45 -3.90
C ALA B 83 18.68 3.76 -3.17
N LEU B 84 19.08 3.81 -1.91
CA LEU B 84 18.91 5.00 -1.09
C LEU B 84 20.00 6.04 -1.38
N LEU B 85 21.20 5.55 -1.64
CA LEU B 85 22.33 6.42 -1.94
C LEU B 85 22.02 7.34 -3.12
N GLU B 86 21.30 6.79 -4.10
CA GLU B 86 20.93 7.56 -5.28
C GLU B 86 19.69 8.41 -5.03
N TYR B 87 18.70 7.82 -4.35
CA TYR B 87 17.47 8.51 -4.04
C TYR B 87 17.72 9.70 -3.11
N ALA B 88 18.91 9.73 -2.52
CA ALA B 88 19.29 10.80 -1.61
C ALA B 88 20.46 11.62 -2.18
N ALA B 89 21.10 11.09 -3.21
CA ALA B 89 22.22 11.76 -3.85
C ALA B 89 21.77 13.01 -4.60
N VAL B 90 20.57 12.94 -5.16
CA VAL B 90 20.01 14.06 -5.91
C VAL B 90 20.12 15.36 -5.12
N ASN B 91 19.83 15.28 -3.82
CA ASN B 91 19.90 16.46 -2.96
C ASN B 91 21.30 16.65 -2.41
N PHE B 92 22.11 15.59 -2.48
CA PHE B 92 23.48 15.64 -1.99
C PHE B 92 24.39 16.35 -3.00
N VAL B 93 23.81 16.75 -4.12
CA VAL B 93 24.57 17.43 -5.18
C VAL B 93 25.31 18.64 -4.61
N SER B 94 24.68 19.33 -3.66
CA SER B 94 25.28 20.51 -3.05
C SER B 94 26.62 20.16 -2.40
N ARG B 95 26.81 18.87 -2.10
CA ARG B 95 28.04 18.42 -1.48
C ARG B 95 29.26 18.89 -2.27
N GLN B 96 29.08 19.07 -3.57
CA GLN B 96 30.16 19.52 -4.44
C GLN B 96 31.31 18.52 -4.45
N ARG B 97 30.98 17.24 -4.22
CA ARG B 97 31.98 16.19 -4.19
C ARG B 97 32.85 16.24 -5.44
N GLU B 98 32.28 16.70 -6.55
CA GLU B 98 32.99 16.79 -7.81
C GLU B 98 34.09 17.85 -7.74
N PHE B 99 34.68 18.17 -8.88
CA PHE B 99 35.74 19.16 -8.95
C PHE B 99 35.18 20.54 -9.26
N GLY B 100 33.87 20.70 -9.06
CA GLY B 100 33.23 21.98 -9.33
C GLY B 100 31.74 21.84 -9.56
N GLY B 101 30.98 22.82 -9.07
CA GLY B 101 29.54 22.79 -9.23
C GLY B 101 29.07 23.51 -10.47
N GLY B 102 29.96 23.62 -11.46
CA GLY B 102 29.61 24.31 -12.70
C GLY B 102 28.63 23.53 -13.54
N GLY B 103 28.70 22.20 -13.44
CA GLY B 103 27.82 21.35 -14.22
C GLY B 103 26.63 20.86 -13.41
N PHE B 104 26.05 21.75 -12.61
CA PHE B 104 24.91 21.40 -11.77
C PHE B 104 23.63 21.41 -12.59
N ILE B 105 23.54 22.34 -13.54
CA ILE B 105 22.36 22.46 -14.39
C ILE B 105 22.45 21.52 -15.59
N GLN B 106 23.66 21.04 -15.88
CA GLN B 106 23.88 20.14 -16.99
C GLN B 106 23.76 18.69 -16.55
N ARG B 107 23.24 18.48 -15.35
CA ARG B 107 23.08 17.14 -14.80
C ARG B 107 21.68 16.59 -15.11
N ALA B 108 20.72 17.50 -15.28
CA ALA B 108 19.36 17.11 -15.58
C ALA B 108 19.27 16.32 -16.89
N LYS B 109 20.30 16.46 -17.71
CA LYS B 109 20.36 15.75 -18.99
C LYS B 109 20.08 14.26 -18.81
N LYS B 110 20.50 13.73 -17.67
CA LYS B 110 20.30 12.31 -17.36
C LYS B 110 21.06 11.44 -18.35
N ILE B 111 22.38 11.38 -18.18
CA ILE B 111 23.23 10.56 -19.04
C ILE B 111 23.00 9.09 -18.80
N ASP B 112 22.24 8.76 -17.77
CA ASP B 112 21.94 7.38 -17.43
C ASP B 112 23.21 6.63 -17.03
N LYS B 113 24.14 7.34 -16.40
CA LYS B 113 25.39 6.75 -15.97
C LYS B 113 25.15 5.68 -14.91
N ILE B 114 23.96 5.68 -14.35
CA ILE B 114 23.60 4.71 -13.31
C ILE B 114 23.45 3.31 -13.91
N SER B 115 23.21 3.25 -15.22
CA SER B 115 23.05 1.97 -15.91
C SER B 115 24.40 1.34 -16.21
N ARG B 116 25.47 2.10 -15.98
CA ARG B 116 26.82 1.61 -16.23
C ARG B 116 27.24 0.62 -15.15
N ILE B 117 26.55 0.66 -14.01
CA ILE B 117 26.86 -0.24 -12.91
C ILE B 117 25.67 -1.16 -12.59
N GLY B 118 24.47 -0.64 -12.77
CA GLY B 118 23.27 -1.42 -12.51
C GLY B 118 23.16 -2.63 -13.43
N PHE B 119 23.33 -2.39 -14.73
CA PHE B 119 23.23 -3.46 -15.71
C PHE B 119 24.10 -4.64 -15.32
N PRO B 120 25.42 -4.39 -15.16
CA PRO B 120 26.38 -5.43 -14.78
C PRO B 120 26.20 -5.88 -13.34
N LEU B 121 25.39 -5.15 -12.59
CA LEU B 121 25.12 -5.48 -11.19
C LEU B 121 24.03 -6.55 -11.07
N ALA B 122 23.00 -6.42 -11.90
CA ALA B 122 21.90 -7.38 -11.89
C ALA B 122 22.26 -8.63 -12.68
N PHE B 123 23.05 -8.45 -13.74
CA PHE B 123 23.45 -9.56 -14.58
C PHE B 123 24.49 -10.44 -13.87
N LEU B 124 25.31 -9.82 -13.04
CA LEU B 124 26.33 -10.54 -12.29
C LEU B 124 25.71 -11.39 -11.20
N ILE B 125 24.71 -10.85 -10.53
CA ILE B 125 24.02 -11.56 -9.46
C ILE B 125 23.26 -12.78 -10.00
N PHE B 126 22.44 -12.54 -11.02
CA PHE B 126 21.65 -13.61 -11.63
C PHE B 126 22.56 -14.73 -12.12
N ASN B 127 23.73 -14.36 -12.66
CA ASN B 127 24.68 -15.34 -13.16
C ASN B 127 25.51 -15.92 -12.03
N LEU B 128 25.56 -15.20 -10.91
CA LEU B 128 26.34 -15.65 -9.75
C LEU B 128 25.55 -16.67 -8.94
N PHE B 129 24.22 -16.56 -8.98
CA PHE B 129 23.36 -17.48 -8.24
C PHE B 129 23.12 -18.75 -9.05
N TYR B 130 23.15 -18.63 -10.37
CA TYR B 130 22.93 -19.78 -11.25
C TYR B 130 24.15 -20.70 -11.25
N TRP B 131 25.34 -20.11 -11.17
CA TRP B 131 26.57 -20.88 -11.15
C TRP B 131 26.92 -21.35 -9.75
N ILE B 132 26.31 -20.70 -8.75
CA ILE B 132 26.55 -21.06 -7.36
C ILE B 132 25.61 -22.16 -6.91
N ILE B 133 24.42 -22.21 -7.50
CA ILE B 133 23.44 -23.22 -7.16
C ILE B 133 23.77 -24.56 -7.83
N TYR B 134 24.21 -24.49 -9.08
CA TYR B 134 24.55 -25.70 -9.83
C TYR B 134 25.95 -26.20 -9.44
N LYS B 135 26.65 -25.41 -8.65
CA LYS B 135 27.99 -25.77 -8.20
C LYS B 135 27.95 -26.30 -6.77
N ILE B 136 27.20 -25.63 -5.91
CA ILE B 136 27.08 -26.05 -4.51
C ILE B 136 26.55 -27.47 -4.40
N VAL B 137 25.59 -27.80 -5.26
CA VAL B 137 24.99 -29.13 -5.26
C VAL B 137 26.04 -30.20 -5.54
N ARG B 138 27.17 -29.78 -6.09
CA ARG B 138 28.25 -30.71 -6.41
C ARG B 138 29.32 -30.70 -5.32
N ARG B 139 29.85 -29.51 -5.02
CA ARG B 139 30.87 -29.36 -4.00
C ARG B 139 30.37 -29.86 -2.65
N GLU B 140 29.05 -29.81 -2.45
CA GLU B 140 28.44 -30.26 -1.21
C GLU B 140 27.95 -31.69 -1.33
N ASP B 141 28.18 -32.30 -2.49
CA ASP B 141 27.76 -33.67 -2.74
C ASP B 141 26.28 -33.85 -2.40
N GLU B 142 25.46 -32.91 -2.83
CA GLU B 142 24.02 -32.97 -2.58
C GLU B 142 23.34 -33.94 -3.52
N PHE B 143 23.47 -33.69 -4.83
CA PHE B 143 22.87 -34.55 -5.84
C PHE B 143 23.38 -35.98 -5.71
N GLU B 144 24.55 -36.14 -5.09
CA GLU B 144 25.14 -37.45 -4.91
C GLU B 144 24.56 -38.15 -3.69
N HIS B 145 24.05 -37.36 -2.76
CA HIS B 145 23.46 -37.90 -1.53
C HIS B 145 22.42 -38.97 -1.86
N HIS B 146 21.98 -39.71 -0.83
CA HIS B 146 21.00 -40.76 -1.01
C HIS B 146 20.43 -41.20 0.33
N HIS B 147 21.29 -41.74 1.19
CA HIS B 147 20.88 -42.21 2.51
C HIS B 147 21.12 -41.13 3.56
N HIS B 148 22.40 -40.94 3.92
CA HIS B 148 22.76 -39.94 4.92
C HIS B 148 24.20 -39.46 4.70
N HIS B 149 24.69 -39.63 3.48
CA HIS B 149 26.04 -39.20 3.14
C HIS B 149 26.27 -37.75 3.54
N HIS B 150 25.21 -36.96 3.50
CA HIS B 150 25.29 -35.54 3.86
C HIS B 150 25.36 -35.37 5.37
N MET C 1 -12.07 -35.25 -7.79
CA MET C 1 -11.17 -35.19 -8.93
C MET C 1 -11.65 -34.14 -9.93
N LEU C 2 -12.32 -33.12 -9.44
CA LEU C 2 -12.83 -32.04 -10.29
C LEU C 2 -11.80 -30.94 -10.46
N GLU C 3 -10.60 -31.33 -10.88
CA GLU C 3 -9.51 -30.38 -11.10
C GLU C 3 -9.70 -29.63 -12.42
N ARG C 4 -10.17 -30.34 -13.43
CA ARG C 4 -10.38 -29.75 -14.74
C ARG C 4 -11.72 -29.02 -14.80
N GLN C 5 -12.55 -29.23 -13.78
CA GLN C 5 -13.86 -28.60 -13.72
C GLN C 5 -13.75 -27.21 -13.08
N LEU C 6 -12.53 -26.79 -12.80
CA LEU C 6 -12.29 -25.48 -12.19
C LEU C 6 -12.19 -24.40 -13.26
N GLY C 7 -11.75 -24.80 -14.46
CA GLY C 7 -11.62 -23.84 -15.55
C GLY C 7 -12.89 -23.08 -15.81
N TYR C 8 -14.02 -23.66 -15.43
CA TYR C 8 -15.32 -23.03 -15.62
C TYR C 8 -15.41 -21.72 -14.85
N TYR C 9 -14.90 -21.74 -13.61
CA TYR C 9 -14.93 -20.55 -12.77
C TYR C 9 -13.90 -19.53 -13.23
N LEU C 10 -12.85 -20.01 -13.90
CA LEU C 10 -11.80 -19.13 -14.41
C LEU C 10 -12.23 -18.43 -15.68
N ILE C 11 -13.13 -19.07 -16.43
CA ILE C 11 -13.63 -18.49 -17.67
C ILE C 11 -14.53 -17.29 -17.41
N GLN C 12 -15.54 -17.48 -16.57
CA GLN C 12 -16.47 -16.41 -16.23
C GLN C 12 -15.77 -15.32 -15.42
N LEU C 13 -14.67 -15.71 -14.76
CA LEU C 13 -13.92 -14.76 -13.93
C LEU C 13 -12.88 -14.02 -14.77
N TYR C 14 -12.52 -14.61 -15.92
CA TYR C 14 -11.54 -14.01 -16.80
C TYR C 14 -12.14 -12.83 -17.56
N ILE C 15 -13.40 -12.96 -17.96
CA ILE C 15 -14.10 -11.91 -18.68
C ILE C 15 -13.95 -10.56 -17.98
N PRO C 16 -14.38 -10.50 -16.71
CA PRO C 16 -14.31 -9.29 -15.90
C PRO C 16 -12.87 -8.93 -15.52
N SER C 17 -12.02 -9.95 -15.40
CA SER C 17 -10.62 -9.75 -15.04
C SER C 17 -9.86 -9.10 -16.20
N LEU C 18 -10.31 -9.36 -17.42
CA LEU C 18 -9.67 -8.80 -18.61
C LEU C 18 -10.21 -7.41 -18.91
N LEU C 19 -11.52 -7.24 -18.76
CA LEU C 19 -12.16 -5.95 -19.02
C LEU C 19 -11.54 -4.85 -18.16
N ILE C 20 -11.37 -5.13 -16.87
CA ILE C 20 -10.80 -4.17 -15.94
C ILE C 20 -9.33 -3.93 -16.26
N VAL C 21 -8.69 -4.91 -16.90
CA VAL C 21 -7.29 -4.81 -17.26
C VAL C 21 -7.10 -3.91 -18.47
N ILE C 22 -8.04 -3.98 -19.41
CA ILE C 22 -7.97 -3.17 -20.63
C ILE C 22 -8.06 -1.68 -20.29
N LEU C 23 -8.96 -1.34 -19.38
CA LEU C 23 -9.16 0.05 -18.97
C LEU C 23 -7.94 0.56 -18.21
N SER C 24 -7.32 -0.32 -17.42
CA SER C 24 -6.15 0.05 -16.63
C SER C 24 -5.10 0.73 -17.51
N TRP C 25 -5.01 0.29 -18.76
CA TRP C 25 -4.05 0.86 -19.70
C TRP C 25 -4.59 2.13 -20.34
N ILE C 26 -5.91 2.18 -20.53
CA ILE C 26 -6.55 3.35 -21.13
C ILE C 26 -6.20 4.62 -20.36
N SER C 27 -5.85 4.46 -19.10
CA SER C 27 -5.50 5.59 -18.24
C SER C 27 -3.99 5.61 -17.96
N PHE C 28 -3.32 4.53 -18.34
CA PHE C 28 -1.88 4.42 -18.11
C PHE C 28 -1.12 5.42 -18.98
N TRP C 29 -1.67 5.72 -20.15
CA TRP C 29 -1.04 6.66 -21.07
C TRP C 29 -0.88 8.03 -20.43
N ILE C 30 -1.73 8.32 -19.44
CA ILE C 30 -1.67 9.60 -18.75
C ILE C 30 -1.13 9.44 -17.33
N ASN C 31 -1.43 8.29 -16.72
CA ASN C 31 -0.96 8.00 -15.37
C ASN C 31 0.57 7.92 -15.33
N LEU C 32 1.18 7.87 -16.50
CA LEU C 32 2.64 7.79 -16.60
C LEU C 32 3.30 8.82 -15.70
N ASP C 33 2.60 9.92 -15.44
CA ASP C 33 3.11 10.98 -14.59
C ASP C 33 1.97 11.80 -13.98
N ALA C 34 0.94 12.04 -14.78
CA ALA C 34 -0.21 12.81 -14.33
C ALA C 34 -0.85 12.18 -13.09
N ALA C 35 -0.89 10.85 -13.06
CA ALA C 35 -1.47 10.13 -11.94
C ALA C 35 -1.03 8.67 -11.93
N PRO C 36 0.25 8.44 -11.59
CA PRO C 36 0.83 7.10 -11.55
C PRO C 36 0.26 6.26 -10.40
N ALA C 37 -0.56 6.89 -9.56
CA ALA C 37 -1.17 6.21 -8.43
C ALA C 37 -2.23 5.22 -8.89
N ARG C 38 -2.88 5.53 -9.99
CA ARG C 38 -3.93 4.66 -10.53
C ARG C 38 -3.32 3.43 -11.19
N VAL C 39 -2.18 3.61 -11.84
CA VAL C 39 -1.50 2.51 -12.52
C VAL C 39 -0.99 1.48 -11.51
N GLY C 40 -0.55 1.97 -10.35
CA GLY C 40 -0.04 1.09 -9.32
C GLY C 40 -1.15 0.28 -8.65
N LEU C 41 -2.36 0.83 -8.66
CA LEU C 41 -3.50 0.16 -8.06
C LEU C 41 -4.11 -0.86 -9.01
N GLY C 42 -4.12 -0.53 -10.30
CA GLY C 42 -4.67 -1.43 -11.30
C GLY C 42 -3.80 -2.66 -11.52
N ILE C 43 -2.48 -2.45 -11.44
CA ILE C 43 -1.54 -3.54 -11.63
C ILE C 43 -1.53 -4.50 -10.44
N THR C 44 -1.80 -3.95 -9.26
CA THR C 44 -1.83 -4.75 -8.04
C THR C 44 -3.20 -5.39 -7.84
N THR C 45 -4.21 -4.86 -8.53
CA THR C 45 -5.56 -5.39 -8.42
C THR C 45 -5.73 -6.64 -9.25
N VAL C 46 -4.99 -6.74 -10.34
CA VAL C 46 -5.05 -7.89 -11.23
C VAL C 46 -4.37 -9.10 -10.59
N LEU C 47 -3.22 -8.87 -9.97
CA LEU C 47 -2.47 -9.94 -9.32
C LEU C 47 -3.09 -10.31 -7.97
N THR C 48 -3.85 -9.37 -7.40
CA THR C 48 -4.51 -9.59 -6.12
C THR C 48 -5.88 -10.21 -6.30
N LEU C 49 -6.49 -9.97 -7.45
CA LEU C 49 -7.81 -10.50 -7.75
C LEU C 49 -7.73 -11.98 -8.13
N THR C 50 -6.60 -12.38 -8.68
CA THR C 50 -6.39 -13.77 -9.09
C THR C 50 -5.88 -14.60 -7.92
N THR C 51 -4.92 -14.05 -7.18
CA THR C 51 -4.35 -14.74 -6.04
C THR C 51 -5.40 -15.07 -4.99
N GLN C 52 -6.40 -14.19 -4.87
CA GLN C 52 -7.47 -14.39 -3.91
C GLN C 52 -8.42 -15.49 -4.36
N SER C 53 -8.54 -15.65 -5.67
CA SER C 53 -9.41 -16.68 -6.24
C SER C 53 -8.73 -18.04 -6.26
N SER C 54 -7.41 -18.03 -6.11
CA SER C 54 -6.62 -19.26 -6.11
C SER C 54 -6.69 -19.95 -4.75
N GLY C 55 -7.33 -19.29 -3.79
CA GLY C 55 -7.46 -19.85 -2.45
C GLY C 55 -8.43 -21.01 -2.41
N SER C 56 -9.16 -21.22 -3.51
CA SER C 56 -10.14 -22.30 -3.59
C SER C 56 -9.47 -23.65 -3.32
N ARG C 57 -8.31 -23.86 -3.94
CA ARG C 57 -7.58 -25.11 -3.77
C ARG C 57 -8.43 -26.30 -4.21
N ALA C 58 -9.45 -26.03 -5.01
CA ALA C 58 -10.34 -27.08 -5.50
C ALA C 58 -9.78 -27.72 -6.76
N SER C 59 -8.87 -27.03 -7.42
CA SER C 59 -8.26 -27.54 -8.64
C SER C 59 -7.13 -28.51 -8.32
N LEU C 60 -6.90 -28.75 -7.04
CA LEU C 60 -5.85 -29.66 -6.60
C LEU C 60 -4.48 -29.17 -7.04
N PRO C 61 -3.44 -29.64 -6.34
CA PRO C 61 -2.05 -29.26 -6.64
C PRO C 61 -1.56 -29.85 -7.97
N LYS C 62 -2.44 -30.60 -8.64
CA LYS C 62 -2.09 -31.20 -9.91
C LYS C 62 -2.26 -30.20 -11.05
N VAL C 63 -3.50 -29.77 -11.27
CA VAL C 63 -3.79 -28.81 -12.33
C VAL C 63 -3.38 -27.40 -11.92
N SER C 64 -3.34 -27.15 -10.62
CA SER C 64 -2.96 -25.85 -10.10
C SER C 64 -1.46 -25.61 -10.24
N TYR C 65 -0.68 -26.68 -10.15
CA TYR C 65 0.77 -26.60 -10.27
C TYR C 65 1.17 -26.27 -11.70
N VAL C 66 0.73 -27.09 -12.64
CA VAL C 66 1.05 -26.88 -14.06
C VAL C 66 0.57 -25.51 -14.53
N LYS C 67 -0.64 -25.14 -14.11
CA LYS C 67 -1.21 -23.86 -14.50
C LYS C 67 -0.44 -22.70 -13.87
N ALA C 68 0.08 -22.93 -12.66
CA ALA C 68 0.84 -21.92 -11.94
C ALA C 68 2.19 -21.68 -12.61
N ILE C 69 2.69 -22.70 -13.30
CA ILE C 69 3.97 -22.60 -13.99
C ILE C 69 3.92 -21.60 -15.13
N ASP C 70 2.77 -21.52 -15.77
CA ASP C 70 2.58 -20.59 -16.89
C ASP C 70 2.39 -19.16 -16.38
N ILE C 71 2.04 -19.04 -15.10
CA ILE C 71 1.82 -17.74 -14.49
C ILE C 71 3.04 -17.29 -13.70
N TRP C 72 3.96 -18.21 -13.48
CA TRP C 72 5.18 -17.92 -12.73
C TRP C 72 6.13 -17.07 -13.56
N LEU C 73 6.06 -17.22 -14.88
CA LEU C 73 6.91 -16.47 -15.79
C LEU C 73 6.30 -16.41 -17.19
N ALA C 74 5.38 -15.46 -17.38
CA ALA C 74 4.73 -15.30 -18.67
C ALA C 74 3.75 -14.14 -18.65
N VAL C 75 2.71 -14.26 -17.81
CA VAL C 75 1.71 -13.22 -17.69
C VAL C 75 2.15 -12.13 -16.72
N CYS C 76 3.33 -12.31 -16.13
CA CYS C 76 3.88 -11.34 -15.19
C CYS C 76 5.21 -10.79 -15.68
N LEU C 77 5.95 -11.61 -16.42
CA LEU C 77 7.24 -11.21 -16.96
C LEU C 77 7.08 -10.45 -18.27
N LEU C 78 5.92 -10.61 -18.90
CA LEU C 78 5.63 -9.94 -20.16
C LEU C 78 4.73 -8.73 -19.95
N PHE C 79 3.87 -8.83 -18.95
CA PHE C 79 2.95 -7.73 -18.64
C PHE C 79 3.70 -6.54 -18.04
N VAL C 80 4.64 -6.83 -17.15
CA VAL C 80 5.43 -5.80 -16.51
C VAL C 80 6.65 -5.44 -17.34
N PHE C 81 6.89 -6.20 -18.40
CA PHE C 81 8.03 -5.98 -19.28
C PHE C 81 7.76 -4.80 -20.22
N SER C 82 6.54 -4.74 -20.75
CA SER C 82 6.16 -3.67 -21.67
C SER C 82 5.75 -2.42 -20.90
N ALA C 83 5.30 -2.62 -19.66
CA ALA C 83 4.87 -1.50 -18.83
C ALA C 83 6.06 -0.69 -18.35
N LEU C 84 7.19 -1.36 -18.15
CA LEU C 84 8.40 -0.68 -17.69
C LEU C 84 9.12 -0.01 -18.85
N LEU C 85 9.08 -0.65 -20.02
CA LEU C 85 9.73 -0.09 -21.21
C LEU C 85 9.22 1.31 -21.51
N GLU C 86 7.93 1.54 -21.26
CA GLU C 86 7.31 2.84 -21.50
C GLU C 86 7.55 3.77 -20.32
N TYR C 87 7.39 3.25 -19.11
CA TYR C 87 7.58 4.04 -17.90
C TYR C 87 9.03 4.52 -17.79
N ALA C 88 9.91 3.92 -18.59
CA ALA C 88 11.32 4.29 -18.59
C ALA C 88 11.74 4.89 -19.92
N ALA C 89 10.88 4.75 -20.93
CA ALA C 89 11.16 5.29 -22.25
C ALA C 89 11.12 6.81 -22.25
N VAL C 90 10.25 7.37 -21.43
CA VAL C 90 10.11 8.82 -21.34
C VAL C 90 11.46 9.48 -21.13
N ASN C 91 12.30 8.87 -20.29
CA ASN C 91 13.63 9.40 -20.01
C ASN C 91 14.63 8.91 -21.04
N PHE C 92 14.29 7.85 -21.76
CA PHE C 92 15.17 7.28 -22.77
C PHE C 92 15.08 8.09 -24.06
N VAL C 93 14.24 9.12 -24.06
CA VAL C 93 14.08 9.97 -25.24
C VAL C 93 15.42 10.50 -25.73
N SER C 94 16.31 10.81 -24.79
CA SER C 94 17.63 11.33 -25.13
C SER C 94 18.38 10.36 -26.02
N ARG C 95 17.98 9.09 -25.99
CA ARG C 95 18.62 8.06 -26.80
C ARG C 95 18.68 8.48 -28.26
N GLN C 96 17.72 9.30 -28.68
CA GLN C 96 17.67 9.78 -30.06
C GLN C 96 17.51 8.61 -31.03
N ARG C 97 16.88 7.55 -30.56
CA ARG C 97 16.66 6.37 -31.39
C ARG C 97 16.03 6.75 -32.73
N GLU C 98 15.25 7.82 -32.72
CA GLU C 98 14.58 8.29 -33.93
C GLU C 98 15.60 8.82 -34.94
N PHE C 99 15.10 9.46 -35.99
CA PHE C 99 15.96 10.02 -37.02
C PHE C 99 16.29 11.48 -36.73
N GLY C 100 16.07 11.89 -35.50
CA GLY C 100 16.36 13.26 -35.11
C GLY C 100 15.59 13.68 -33.86
N GLY C 101 16.25 14.49 -33.03
CA GLY C 101 15.61 14.95 -31.80
C GLY C 101 14.91 16.28 -31.97
N GLY C 102 14.52 16.58 -33.21
CA GLY C 102 13.83 17.84 -33.48
C GLY C 102 12.41 17.86 -32.94
N GLY C 103 11.79 16.68 -32.88
CA GLY C 103 10.43 16.60 -32.39
C GLY C 103 10.37 16.15 -30.93
N PHE C 104 11.28 16.68 -30.11
CA PHE C 104 11.33 16.32 -28.70
C PHE C 104 10.27 17.09 -27.91
N ILE C 105 10.02 18.33 -28.31
CA ILE C 105 9.04 19.16 -27.64
C ILE C 105 7.63 18.92 -28.20
N GLN C 106 7.58 18.31 -29.39
CA GLN C 106 6.30 18.02 -30.03
C GLN C 106 5.81 16.62 -29.65
N ARG C 107 6.42 16.04 -28.62
CA ARG C 107 6.05 14.71 -28.16
C ARG C 107 5.03 14.78 -27.03
N ALA C 108 5.07 15.89 -26.29
CA ALA C 108 4.15 16.10 -25.18
C ALA C 108 2.70 16.09 -25.65
N LYS C 109 2.51 16.29 -26.94
CA LYS C 109 1.17 16.32 -27.52
C LYS C 109 0.38 15.08 -27.11
N LYS C 110 1.09 13.97 -26.92
CA LYS C 110 0.45 12.72 -26.51
C LYS C 110 -0.50 12.22 -27.59
N ILE C 111 0.07 11.72 -28.69
CA ILE C 111 -0.73 11.21 -29.79
C ILE C 111 -1.45 9.92 -29.40
N ASP C 112 -1.08 9.37 -28.25
CA ASP C 112 -1.70 8.14 -27.76
C ASP C 112 -1.36 6.97 -28.68
N LYS C 113 -0.18 7.02 -29.27
CA LYS C 113 0.25 5.95 -30.18
C LYS C 113 0.40 4.63 -29.44
N ILE C 114 0.42 4.69 -28.11
CA ILE C 114 0.55 3.50 -27.29
C ILE C 114 -0.72 2.66 -27.33
N SER C 115 -1.84 3.30 -27.68
CA SER C 115 -3.13 2.62 -27.76
C SER C 115 -3.25 1.86 -29.06
N ARG C 116 -2.30 2.06 -29.97
CA ARG C 116 -2.30 1.39 -31.26
C ARG C 116 -1.89 -0.06 -31.12
N ILE C 117 -1.23 -0.38 -30.01
CA ILE C 117 -0.77 -1.74 -29.74
C ILE C 117 -1.44 -2.32 -28.50
N GLY C 118 -1.70 -1.46 -27.52
CA GLY C 118 -2.34 -1.90 -26.29
C GLY C 118 -3.74 -2.43 -26.52
N PHE C 119 -4.54 -1.66 -27.27
CA PHE C 119 -5.91 -2.06 -27.56
C PHE C 119 -5.96 -3.49 -28.10
N PRO C 120 -5.26 -3.72 -29.22
CA PRO C 120 -5.22 -5.04 -29.86
C PRO C 120 -4.43 -6.05 -29.03
N LEU C 121 -3.73 -5.57 -28.02
CA LEU C 121 -2.93 -6.44 -27.15
C LEU C 121 -3.80 -7.07 -26.06
N ALA C 122 -4.71 -6.28 -25.50
CA ALA C 122 -5.61 -6.76 -24.46
C ALA C 122 -6.79 -7.53 -25.06
N PHE C 123 -7.22 -7.11 -26.24
CA PHE C 123 -8.34 -7.76 -26.91
C PHE C 123 -7.92 -9.11 -27.47
N LEU C 124 -6.66 -9.22 -27.87
CA LEU C 124 -6.14 -10.47 -28.43
C LEU C 124 -5.99 -11.53 -27.34
N ILE C 125 -5.52 -11.09 -26.17
CA ILE C 125 -5.33 -12.01 -25.05
C ILE C 125 -6.67 -12.54 -24.53
N PHE C 126 -7.60 -11.63 -24.27
CA PHE C 126 -8.92 -12.01 -23.78
C PHE C 126 -9.60 -12.97 -24.74
N ASN C 127 -9.42 -12.74 -26.04
CA ASN C 127 -10.02 -13.59 -27.05
C ASN C 127 -9.17 -14.85 -27.27
N LEU C 128 -7.92 -14.79 -26.87
CA LEU C 128 -7.01 -15.93 -27.02
C LEU C 128 -7.22 -16.94 -25.90
N PHE C 129 -7.65 -16.45 -24.74
CA PHE C 129 -7.88 -17.31 -23.59
C PHE C 129 -9.28 -17.94 -23.65
N TYR C 130 -10.21 -17.22 -24.28
CA TYR C 130 -11.59 -17.69 -24.40
C TYR C 130 -11.68 -18.81 -25.45
N TRP C 131 -10.88 -18.70 -26.50
CA TRP C 131 -10.88 -19.69 -27.56
C TRP C 131 -9.94 -20.85 -27.21
N ILE C 132 -9.03 -20.61 -26.27
CA ILE C 132 -8.08 -21.64 -25.85
C ILE C 132 -8.67 -22.50 -24.75
N ILE C 133 -9.56 -21.92 -23.94
CA ILE C 133 -10.19 -22.64 -22.85
C ILE C 133 -11.32 -23.54 -23.36
N TYR C 134 -12.08 -23.01 -24.31
CA TYR C 134 -13.20 -23.76 -24.89
C TYR C 134 -12.71 -24.76 -25.93
N LYS C 135 -11.42 -24.68 -26.26
CA LYS C 135 -10.82 -25.57 -27.24
C LYS C 135 -10.04 -26.69 -26.55
N ILE C 136 -9.27 -26.32 -25.53
CA ILE C 136 -8.48 -27.29 -24.78
C ILE C 136 -9.37 -28.38 -24.17
N VAL C 137 -10.53 -27.98 -23.68
CA VAL C 137 -11.47 -28.91 -23.07
C VAL C 137 -11.91 -29.97 -24.07
N ARG C 138 -11.72 -29.68 -25.36
CA ARG C 138 -12.10 -30.61 -26.42
C ARG C 138 -10.90 -31.42 -26.88
N ARG C 139 -9.85 -30.73 -27.30
CA ARG C 139 -8.63 -31.38 -27.78
C ARG C 139 -8.05 -32.28 -26.70
N GLU C 140 -8.32 -31.94 -25.43
CA GLU C 140 -7.81 -32.72 -24.31
C GLU C 140 -8.86 -33.73 -23.84
N ASP C 141 -10.00 -33.76 -24.52
CA ASP C 141 -11.07 -34.68 -24.17
C ASP C 141 -11.43 -34.57 -22.69
N GLU C 142 -11.53 -33.34 -22.20
CA GLU C 142 -11.86 -33.10 -20.80
C GLU C 142 -13.35 -33.27 -20.55
N PHE C 143 -14.15 -32.48 -21.26
CA PHE C 143 -15.61 -32.54 -21.11
C PHE C 143 -16.12 -33.94 -21.44
N GLU C 144 -15.34 -34.70 -22.20
CA GLU C 144 -15.72 -36.05 -22.58
C GLU C 144 -15.37 -37.05 -21.48
N HIS C 145 -14.40 -36.68 -20.65
CA HIS C 145 -13.96 -37.54 -19.55
C HIS C 145 -15.16 -37.98 -18.71
N HIS C 146 -14.93 -38.95 -17.83
CA HIS C 146 -15.99 -39.46 -16.96
C HIS C 146 -15.40 -40.31 -15.83
N HIS C 147 -14.74 -41.40 -16.20
CA HIS C 147 -14.14 -42.30 -15.22
C HIS C 147 -12.65 -41.97 -15.03
N HIS C 148 -11.84 -42.34 -16.02
CA HIS C 148 -10.41 -42.09 -15.97
C HIS C 148 -9.82 -41.99 -17.37
N HIS C 149 -10.68 -41.70 -18.34
CA HIS C 149 -10.24 -41.57 -19.73
C HIS C 149 -9.06 -40.61 -19.85
N HIS C 150 -9.01 -39.63 -18.94
CA HIS C 150 -7.93 -38.65 -18.94
C HIS C 150 -7.95 -37.82 -20.22
N MET D 1 -28.71 -22.15 7.32
CA MET D 1 -29.96 -21.87 8.01
C MET D 1 -30.30 -20.39 7.92
N LEU D 2 -29.60 -19.57 8.71
CA LEU D 2 -29.83 -18.13 8.73
C LEU D 2 -29.00 -17.43 7.65
N GLU D 3 -29.13 -17.91 6.41
CA GLU D 3 -28.40 -17.32 5.30
C GLU D 3 -29.06 -16.03 4.83
N ARG D 4 -30.38 -16.00 4.84
CA ARG D 4 -31.13 -14.83 4.42
C ARG D 4 -31.22 -13.80 5.56
N GLN D 5 -30.86 -14.23 6.75
CA GLN D 5 -30.90 -13.35 7.92
C GLN D 5 -29.62 -12.52 8.02
N LEU D 6 -28.75 -12.66 7.02
CA LEU D 6 -27.50 -11.92 7.01
C LEU D 6 -27.68 -10.54 6.38
N GLY D 7 -28.66 -10.43 5.49
CA GLY D 7 -28.92 -9.16 4.84
C GLY D 7 -29.13 -8.03 5.82
N TYR D 8 -29.55 -8.39 7.04
CA TYR D 8 -29.80 -7.39 8.07
C TYR D 8 -28.51 -6.64 8.43
N TYR D 9 -27.41 -7.38 8.52
CA TYR D 9 -26.12 -6.78 8.85
C TYR D 9 -25.56 -6.01 7.66
N LEU D 10 -25.98 -6.38 6.46
CA LEU D 10 -25.52 -5.73 5.24
C LEU D 10 -26.25 -4.41 5.03
N ILE D 11 -27.48 -4.34 5.54
CA ILE D 11 -28.29 -3.13 5.40
C ILE D 11 -27.73 -1.99 6.24
N GLN D 12 -27.55 -2.26 7.54
CA GLN D 12 -27.01 -1.26 8.46
C GLN D 12 -25.56 -0.94 8.12
N LEU D 13 -24.89 -1.88 7.48
CA LEU D 13 -23.48 -1.70 7.10
C LEU D 13 -23.37 -0.98 5.75
N TYR D 14 -24.43 -1.03 4.97
CA TYR D 14 -24.44 -0.39 3.66
C TYR D 14 -24.57 1.13 3.80
N ILE D 15 -25.39 1.55 4.77
CA ILE D 15 -25.59 2.97 5.01
C ILE D 15 -24.27 3.72 5.11
N PRO D 16 -23.43 3.29 6.05
CA PRO D 16 -22.11 3.91 6.27
C PRO D 16 -21.14 3.62 5.13
N SER D 17 -21.31 2.47 4.49
CA SER D 17 -20.45 2.07 3.38
C SER D 17 -20.71 2.93 2.14
N LEU D 18 -21.94 3.42 2.02
CA LEU D 18 -22.32 4.27 0.90
C LEU D 18 -21.98 5.73 1.17
N LEU D 19 -22.21 6.17 2.40
CA LEU D 19 -21.92 7.55 2.79
C LEU D 19 -20.45 7.88 2.55
N ILE D 20 -19.57 6.99 2.99
CA ILE D 20 -18.13 7.19 2.82
C ILE D 20 -17.73 7.11 1.36
N VAL D 21 -18.54 6.42 0.56
CA VAL D 21 -18.28 6.28 -0.86
C VAL D 21 -18.65 7.55 -1.63
N ILE D 22 -19.72 8.20 -1.19
CA ILE D 22 -20.18 9.43 -1.83
C ILE D 22 -19.15 10.54 -1.68
N LEU D 23 -18.56 10.65 -0.49
CA LEU D 23 -17.56 11.66 -0.22
C LEU D 23 -16.28 11.39 -1.00
N SER D 24 -15.95 10.11 -1.16
CA SER D 24 -14.74 9.71 -1.88
C SER D 24 -14.68 10.38 -3.25
N TRP D 25 -15.85 10.59 -3.85
CA TRP D 25 -15.92 11.23 -5.16
C TRP D 25 -15.89 12.75 -5.02
N ILE D 26 -16.46 13.26 -3.94
CA ILE D 26 -16.50 14.69 -3.70
C ILE D 26 -15.09 15.29 -3.73
N SER D 27 -14.09 14.45 -3.49
CA SER D 27 -12.70 14.90 -3.49
C SER D 27 -11.96 14.35 -4.70
N PHE D 28 -12.61 13.43 -5.42
CA PHE D 28 -12.00 12.83 -6.60
C PHE D 28 -11.86 13.84 -7.72
N TRP D 29 -12.78 14.81 -7.75
CA TRP D 29 -12.75 15.86 -8.78
C TRP D 29 -11.45 16.64 -8.71
N ILE D 30 -10.82 16.67 -7.54
CA ILE D 30 -9.57 17.39 -7.35
C ILE D 30 -8.40 16.42 -7.20
N ASN D 31 -8.67 15.26 -6.60
CA ASN D 31 -7.63 14.26 -6.40
C ASN D 31 -7.12 13.73 -7.74
N LEU D 32 -7.83 14.06 -8.81
CA LEU D 32 -7.45 13.62 -10.15
C LEU D 32 -5.97 13.87 -10.40
N ASP D 33 -5.42 14.86 -9.72
CA ASP D 33 -4.00 15.21 -9.87
C ASP D 33 -3.49 15.93 -8.63
N ALA D 34 -4.32 16.80 -8.07
CA ALA D 34 -3.95 17.56 -6.87
C ALA D 34 -3.56 16.62 -5.74
N ALA D 35 -4.29 15.52 -5.60
CA ALA D 35 -4.03 14.55 -4.55
C ALA D 35 -4.67 13.21 -4.86
N PRO D 36 -4.10 12.48 -5.84
CA PRO D 36 -4.62 11.18 -6.25
C PRO D 36 -4.39 10.10 -5.20
N ALA D 37 -3.68 10.47 -4.13
CA ALA D 37 -3.40 9.54 -3.05
C ALA D 37 -4.66 9.22 -2.24
N ARG D 38 -5.55 10.20 -2.16
CA ARG D 38 -6.80 10.03 -1.42
C ARG D 38 -7.77 9.14 -2.18
N VAL D 39 -7.79 9.28 -3.51
CA VAL D 39 -8.66 8.48 -4.36
C VAL D 39 -8.29 7.01 -4.30
N GLY D 40 -6.99 6.73 -4.22
CA GLY D 40 -6.52 5.36 -4.16
C GLY D 40 -6.83 4.69 -2.83
N LEU D 41 -6.95 5.50 -1.79
CA LEU D 41 -7.25 4.98 -0.45
C LEU D 41 -8.75 4.75 -0.27
N GLY D 42 -9.54 5.65 -0.86
CA GLY D 42 -10.99 5.53 -0.76
C GLY D 42 -11.53 4.36 -1.57
N ILE D 43 -10.92 4.12 -2.72
CA ILE D 43 -11.35 3.03 -3.59
C ILE D 43 -10.96 1.67 -3.01
N THR D 44 -9.85 1.65 -2.28
CA THR D 44 -9.36 0.41 -1.66
C THR D 44 -10.03 0.17 -0.32
N THR D 45 -10.60 1.22 0.25
CA THR D 45 -11.27 1.13 1.54
C THR D 45 -12.67 0.52 1.40
N VAL D 46 -13.29 0.74 0.25
CA VAL D 46 -14.62 0.22 -0.02
C VAL D 46 -14.58 -1.28 -0.28
N LEU D 47 -13.58 -1.71 -1.04
CA LEU D 47 -13.42 -3.13 -1.36
C LEU D 47 -12.79 -3.89 -0.20
N THR D 48 -12.12 -3.16 0.68
CA THR D 48 -11.48 -3.76 1.85
C THR D 48 -12.43 -3.80 3.04
N LEU D 49 -13.38 -2.87 3.06
CA LEU D 49 -14.35 -2.80 4.14
C LEU D 49 -15.42 -3.88 3.99
N THR D 50 -15.69 -4.28 2.75
CA THR D 50 -16.68 -5.30 2.47
C THR D 50 -16.08 -6.70 2.57
N THR D 51 -14.89 -6.86 2.01
CA THR D 51 -14.20 -8.15 2.03
C THR D 51 -13.95 -8.61 3.47
N GLN D 52 -13.70 -7.65 4.35
CA GLN D 52 -13.44 -7.97 5.75
C GLN D 52 -14.72 -8.39 6.47
N SER D 53 -15.85 -7.87 6.00
CA SER D 53 -17.15 -8.20 6.59
C SER D 53 -17.68 -9.53 6.04
N SER D 54 -17.10 -9.97 4.93
CA SER D 54 -17.51 -11.22 4.30
C SER D 54 -16.89 -12.41 5.01
N GLY D 55 -16.01 -12.14 5.96
CA GLY D 55 -15.35 -13.21 6.70
C GLY D 55 -16.28 -13.90 7.66
N SER D 56 -17.48 -13.35 7.83
CA SER D 56 -18.48 -13.93 8.72
C SER D 56 -18.80 -15.37 8.32
N ARG D 57 -18.98 -15.59 7.03
CA ARG D 57 -19.29 -16.91 6.52
C ARG D 57 -20.57 -17.45 7.14
N ALA D 58 -21.39 -16.55 7.68
CA ALA D 58 -22.64 -16.94 8.32
C ALA D 58 -23.76 -17.05 7.29
N SER D 59 -23.56 -16.43 6.14
CA SER D 59 -24.57 -16.45 5.08
C SER D 59 -24.47 -17.74 4.27
N LEU D 60 -23.53 -18.61 4.65
CA LEU D 60 -23.34 -19.88 3.97
C LEU D 60 -22.92 -19.66 2.52
N PRO D 61 -22.32 -20.69 1.91
CA PRO D 61 -21.86 -20.64 0.52
C PRO D 61 -23.03 -20.60 -0.47
N LYS D 62 -24.25 -20.69 0.05
CA LYS D 62 -25.44 -20.66 -0.78
C LYS D 62 -25.80 -19.24 -1.17
N VAL D 63 -26.14 -18.42 -0.18
CA VAL D 63 -26.51 -17.03 -0.42
C VAL D 63 -25.27 -16.18 -0.73
N SER D 64 -24.14 -16.58 -0.16
CA SER D 64 -22.90 -15.86 -0.37
C SER D 64 -22.41 -16.01 -1.82
N TYR D 65 -22.59 -17.20 -2.37
CA TYR D 65 -22.17 -17.47 -3.74
C TYR D 65 -22.95 -16.59 -4.74
N VAL D 66 -24.26 -16.74 -4.74
CA VAL D 66 -25.12 -15.97 -5.63
C VAL D 66 -24.83 -14.48 -5.50
N LYS D 67 -24.86 -13.98 -4.27
CA LYS D 67 -24.60 -12.57 -4.01
C LYS D 67 -23.21 -12.18 -4.48
N ALA D 68 -22.27 -13.11 -4.37
CA ALA D 68 -20.89 -12.86 -4.79
C ALA D 68 -20.79 -12.74 -6.31
N ILE D 69 -21.74 -13.37 -7.01
CA ILE D 69 -21.75 -13.34 -8.47
C ILE D 69 -22.08 -11.94 -8.98
N ASP D 70 -22.91 -11.22 -8.24
CA ASP D 70 -23.30 -9.87 -8.62
C ASP D 70 -22.19 -8.87 -8.29
N ILE D 71 -21.28 -9.27 -7.43
CA ILE D 71 -20.16 -8.43 -7.04
C ILE D 71 -18.90 -8.77 -7.82
N TRP D 72 -18.91 -9.92 -8.48
CA TRP D 72 -17.77 -10.38 -9.27
C TRP D 72 -17.62 -9.54 -10.53
N LEU D 73 -18.73 -9.02 -11.04
CA LEU D 73 -18.72 -8.20 -12.24
C LEU D 73 -19.96 -7.31 -12.32
N ALA D 74 -19.90 -6.17 -11.65
CA ALA D 74 -21.03 -5.23 -11.64
C ALA D 74 -20.69 -3.99 -10.81
N VAL D 75 -20.47 -4.19 -9.51
CA VAL D 75 -20.15 -3.09 -8.61
C VAL D 75 -18.66 -2.77 -8.65
N CYS D 76 -17.91 -3.54 -9.43
CA CYS D 76 -16.48 -3.34 -9.56
C CYS D 76 -16.09 -3.03 -11.00
N LEU D 77 -16.85 -3.57 -11.94
CA LEU D 77 -16.60 -3.35 -13.35
C LEU D 77 -17.24 -2.06 -13.84
N LEU D 78 -18.21 -1.56 -13.07
CA LEU D 78 -18.91 -0.33 -13.41
C LEU D 78 -18.38 0.84 -12.58
N PHE D 79 -17.96 0.55 -11.36
CA PHE D 79 -17.44 1.57 -10.46
C PHE D 79 -16.07 2.06 -10.93
N VAL D 80 -15.24 1.13 -11.37
CA VAL D 80 -13.90 1.47 -11.84
C VAL D 80 -13.92 1.81 -13.33
N PHE D 81 -15.07 1.60 -13.96
CA PHE D 81 -15.22 1.88 -15.39
C PHE D 81 -15.38 3.37 -15.63
N SER D 82 -16.17 4.02 -14.78
CA SER D 82 -16.41 5.46 -14.90
C SER D 82 -15.28 6.26 -14.26
N ALA D 83 -14.61 5.64 -13.30
CA ALA D 83 -13.49 6.30 -12.60
C ALA D 83 -12.27 6.41 -13.51
N LEU D 84 -12.11 5.44 -14.40
CA LEU D 84 -10.98 5.43 -15.32
C LEU D 84 -11.25 6.33 -16.51
N LEU D 85 -12.50 6.38 -16.96
CA LEU D 85 -12.88 7.21 -18.09
C LEU D 85 -12.51 8.68 -17.84
N GLU D 86 -12.64 9.12 -16.59
CA GLU D 86 -12.31 10.49 -16.23
C GLU D 86 -10.81 10.64 -15.97
N TYR D 87 -10.24 9.66 -15.27
CA TYR D 87 -8.82 9.69 -14.95
C TYR D 87 -7.97 9.62 -16.22
N ALA D 88 -8.61 9.26 -17.34
CA ALA D 88 -7.92 9.16 -18.61
C ALA D 88 -8.47 10.18 -19.61
N ALA D 89 -9.60 10.79 -19.27
CA ALA D 89 -10.22 11.79 -20.14
C ALA D 89 -9.39 13.06 -20.18
N VAL D 90 -8.76 13.39 -19.05
CA VAL D 90 -7.93 14.59 -18.96
C VAL D 90 -6.96 14.68 -20.13
N ASN D 91 -6.35 13.55 -20.48
CA ASN D 91 -5.40 13.50 -21.58
C ASN D 91 -6.12 13.29 -22.91
N PHE D 92 -7.35 12.82 -22.83
CA PHE D 92 -8.15 12.56 -24.03
C PHE D 92 -8.72 13.86 -24.60
N VAL D 93 -8.44 14.96 -23.91
CA VAL D 93 -8.92 16.28 -24.35
C VAL D 93 -8.54 16.55 -25.80
N SER D 94 -7.35 16.13 -26.18
CA SER D 94 -6.86 16.33 -27.54
C SER D 94 -7.83 15.72 -28.56
N ARG D 95 -8.62 14.76 -28.10
CA ARG D 95 -9.60 14.11 -28.97
C ARG D 95 -10.46 15.14 -29.70
N GLN D 96 -10.65 16.29 -29.08
CA GLN D 96 -11.45 17.35 -29.66
C GLN D 96 -12.89 16.88 -29.90
N ARG D 97 -13.34 15.96 -29.06
CA ARG D 97 -14.70 15.43 -29.17
C ARG D 97 -15.72 16.56 -29.22
N GLU D 98 -15.40 17.67 -28.57
CA GLU D 98 -16.29 18.83 -28.54
C GLU D 98 -16.42 19.45 -29.93
N PHE D 99 -17.03 20.63 -29.97
CA PHE D 99 -17.22 21.33 -31.24
C PHE D 99 -16.08 22.32 -31.48
N GLY D 100 -14.98 22.14 -30.77
CA GLY D 100 -13.84 23.02 -30.92
C GLY D 100 -12.91 22.99 -29.72
N GLY D 101 -11.61 23.08 -29.97
CA GLY D 101 -10.65 23.06 -28.88
C GLY D 101 -10.28 24.46 -28.40
N GLY D 102 -11.19 25.41 -28.62
CA GLY D 102 -10.94 26.78 -28.20
C GLY D 102 -11.00 26.95 -26.69
N GLY D 103 -11.82 26.12 -26.04
CA GLY D 103 -11.95 26.20 -24.60
C GLY D 103 -11.12 25.16 -23.88
N PHE D 104 -9.90 24.95 -24.36
CA PHE D 104 -9.00 23.96 -23.76
C PHE D 104 -8.34 24.53 -22.51
N ILE D 105 -8.04 25.82 -22.53
CA ILE D 105 -7.41 26.49 -21.40
C ILE D 105 -8.44 26.95 -20.38
N GLN D 106 -9.70 27.01 -20.82
CA GLN D 106 -10.79 27.44 -19.94
C GLN D 106 -11.44 26.24 -19.26
N ARG D 107 -10.77 25.09 -19.31
CA ARG D 107 -11.29 23.88 -18.70
C ARG D 107 -10.72 23.70 -17.29
N ALA D 108 -9.54 24.27 -17.06
CA ALA D 108 -8.91 24.17 -15.75
C ALA D 108 -9.77 24.81 -14.67
N LYS D 109 -10.71 25.65 -15.08
CA LYS D 109 -11.61 26.33 -14.16
C LYS D 109 -12.26 25.32 -13.20
N LYS D 110 -12.43 24.09 -13.67
CA LYS D 110 -13.03 23.04 -12.86
C LYS D 110 -14.46 23.42 -12.46
N ILE D 111 -15.37 23.36 -13.41
CA ILE D 111 -16.77 23.69 -13.16
C ILE D 111 -17.43 22.63 -12.28
N ASP D 112 -16.72 21.53 -12.06
CA ASP D 112 -17.24 20.45 -11.23
C ASP D 112 -18.48 19.82 -11.87
N LYS D 113 -18.49 19.78 -13.20
CA LYS D 113 -19.61 19.21 -13.93
C LYS D 113 -19.73 17.71 -13.66
N ILE D 114 -18.67 17.13 -13.09
CA ILE D 114 -18.66 15.71 -12.78
C ILE D 114 -19.59 15.40 -11.61
N SER D 115 -19.89 16.41 -10.80
CA SER D 115 -20.77 16.25 -9.65
C SER D 115 -22.22 16.26 -10.07
N ARG D 116 -22.46 16.59 -11.34
CA ARG D 116 -23.83 16.65 -11.86
C ARG D 116 -24.38 15.25 -12.10
N ILE D 117 -23.48 14.27 -12.17
CA ILE D 117 -23.88 12.88 -12.39
C ILE D 117 -23.48 12.00 -11.21
N GLY D 118 -22.35 12.33 -10.60
CA GLY D 118 -21.87 11.56 -9.46
C GLY D 118 -22.82 11.63 -8.28
N PHE D 119 -23.24 12.84 -7.93
CA PHE D 119 -24.14 13.05 -6.81
C PHE D 119 -25.36 12.13 -6.92
N PRO D 120 -26.10 12.27 -8.03
CA PRO D 120 -27.30 11.45 -8.28
C PRO D 120 -26.96 10.00 -8.56
N LEU D 121 -25.68 9.72 -8.77
CA LEU D 121 -25.22 8.36 -9.04
C LEU D 121 -25.04 7.57 -7.76
N ALA D 122 -24.50 8.22 -6.74
CA ALA D 122 -24.27 7.58 -5.45
C ALA D 122 -25.56 7.56 -4.62
N PHE D 123 -26.38 8.59 -4.77
CA PHE D 123 -27.62 8.70 -4.04
C PHE D 123 -28.65 7.71 -4.57
N LEU D 124 -28.59 7.45 -5.87
CA LEU D 124 -29.52 6.52 -6.52
C LEU D 124 -29.21 5.09 -6.12
N ILE D 125 -27.93 4.75 -6.04
CA ILE D 125 -27.51 3.41 -5.66
C ILE D 125 -27.88 3.11 -4.21
N PHE D 126 -27.49 4.00 -3.31
CA PHE D 126 -27.78 3.83 -1.89
C PHE D 126 -29.28 3.68 -1.65
N ASN D 127 -30.07 4.43 -2.40
CA ASN D 127 -31.52 4.38 -2.28
C ASN D 127 -32.10 3.20 -3.05
N LEU D 128 -31.32 2.69 -4.00
CA LEU D 128 -31.75 1.56 -4.82
C LEU D 128 -31.53 0.24 -4.07
N PHE D 129 -30.53 0.22 -3.21
CA PHE D 129 -30.20 -0.98 -2.43
C PHE D 129 -31.07 -1.06 -1.18
N TYR D 130 -31.47 0.10 -0.67
CA TYR D 130 -32.30 0.16 0.53
C TYR D 130 -33.73 -0.25 0.22
N TRP D 131 -34.20 0.12 -0.97
CA TRP D 131 -35.56 -0.21 -1.39
C TRP D 131 -35.61 -1.61 -2.00
N ILE D 132 -34.46 -2.11 -2.41
CA ILE D 132 -34.37 -3.44 -3.02
C ILE D 132 -34.21 -4.52 -1.96
N ILE D 133 -33.58 -4.16 -0.84
CA ILE D 133 -33.36 -5.10 0.25
C ILE D 133 -34.63 -5.27 1.08
N TYR D 134 -35.33 -4.17 1.32
CA TYR D 134 -36.57 -4.21 2.10
C TYR D 134 -37.74 -4.69 1.25
N LYS D 135 -37.50 -4.83 -0.05
CA LYS D 135 -38.53 -5.28 -0.97
C LYS D 135 -38.36 -6.76 -1.30
N ILE D 136 -37.11 -7.16 -1.55
CA ILE D 136 -36.81 -8.55 -1.88
C ILE D 136 -37.25 -9.48 -0.75
N VAL D 137 -37.05 -9.05 0.48
CA VAL D 137 -37.42 -9.85 1.64
C VAL D 137 -38.92 -10.13 1.65
N ARG D 138 -39.67 -9.33 0.90
CA ARG D 138 -41.11 -9.50 0.82
C ARG D 138 -41.51 -10.30 -0.43
N ARG D 139 -41.09 -9.82 -1.59
CA ARG D 139 -41.39 -10.49 -2.84
C ARG D 139 -40.86 -11.92 -2.84
N GLU D 140 -39.81 -12.16 -2.05
CA GLU D 140 -39.22 -13.49 -1.97
C GLU D 140 -39.76 -14.25 -0.77
N ASP D 141 -40.69 -13.62 -0.05
CA ASP D 141 -41.30 -14.25 1.12
C ASP D 141 -40.23 -14.76 2.08
N GLU D 142 -39.22 -13.93 2.32
CA GLU D 142 -38.13 -14.31 3.22
C GLU D 142 -38.55 -14.14 4.68
N PHE D 143 -38.93 -12.91 5.05
CA PHE D 143 -39.35 -12.63 6.41
C PHE D 143 -40.54 -13.49 6.80
N GLU D 144 -41.27 -13.97 5.81
CA GLU D 144 -42.44 -14.82 6.06
C GLU D 144 -42.03 -16.27 6.29
N HIS D 145 -40.86 -16.63 5.76
CA HIS D 145 -40.35 -17.99 5.90
C HIS D 145 -40.35 -18.42 7.37
N HIS D 146 -40.15 -19.71 7.61
CA HIS D 146 -40.12 -20.24 8.97
C HIS D 146 -39.54 -21.65 8.99
N HIS D 147 -40.20 -22.58 8.29
CA HIS D 147 -39.73 -23.96 8.24
C HIS D 147 -38.90 -24.20 6.98
N HIS D 148 -39.58 -24.28 5.84
CA HIS D 148 -38.91 -24.51 4.56
C HIS D 148 -39.72 -23.92 3.41
N HIS D 149 -40.59 -22.97 3.73
CA HIS D 149 -41.43 -22.33 2.72
C HIS D 149 -40.59 -21.81 1.56
N HIS D 150 -39.35 -21.44 1.85
CA HIS D 150 -38.43 -20.92 0.85
C HIS D 150 -38.96 -19.63 0.25
N MET E 1 -15.97 -13.97 30.22
CA MET E 1 -16.20 -13.46 31.57
C MET E 1 -15.57 -12.09 31.75
N LEU E 2 -14.28 -11.99 31.43
CA LEU E 2 -13.55 -10.73 31.56
C LEU E 2 -13.72 -9.88 30.30
N GLU E 3 -14.96 -9.67 29.90
CA GLU E 3 -15.24 -8.87 28.70
C GLU E 3 -15.12 -7.38 29.00
N ARG E 4 -15.54 -6.98 30.20
CA ARG E 4 -15.48 -5.59 30.61
C ARG E 4 -14.09 -5.24 31.15
N GLN E 5 -13.28 -6.26 31.38
CA GLN E 5 -11.94 -6.06 31.89
C GLN E 5 -10.95 -5.79 30.76
N LEU E 6 -11.47 -5.68 29.55
CA LEU E 6 -10.65 -5.41 28.38
C LEU E 6 -10.42 -3.92 28.19
N GLY E 7 -11.38 -3.12 28.65
CA GLY E 7 -11.27 -1.67 28.53
C GLY E 7 -9.97 -1.15 29.11
N TYR E 8 -9.38 -1.90 30.03
CA TYR E 8 -8.12 -1.49 30.66
C TYR E 8 -7.01 -1.40 29.63
N TYR E 9 -6.97 -2.37 28.72
CA TYR E 9 -5.95 -2.40 27.68
C TYR E 9 -6.23 -1.35 26.61
N LEU E 10 -7.50 -0.97 26.47
CA LEU E 10 -7.91 0.02 25.49
C LEU E 10 -7.60 1.43 25.97
N ILE E 11 -7.58 1.60 27.29
CA ILE E 11 -7.31 2.90 27.90
C ILE E 11 -5.83 3.29 27.71
N GLN E 12 -4.94 2.40 28.13
CA GLN E 12 -3.50 2.65 28.00
C GLN E 12 -3.07 2.65 26.53
N LEU E 13 -3.87 1.99 25.69
CA LEU E 13 -3.58 1.92 24.27
C LEU E 13 -4.15 3.11 23.53
N TYR E 14 -5.15 3.75 24.14
CA TYR E 14 -5.80 4.91 23.53
C TYR E 14 -4.90 6.15 23.63
N ILE E 15 -4.21 6.27 24.75
CA ILE E 15 -3.32 7.41 24.97
C ILE E 15 -2.38 7.60 23.79
N PRO E 16 -1.59 6.55 23.47
CA PRO E 16 -0.65 6.58 22.36
C PRO E 16 -1.34 6.60 21.01
N SER E 17 -2.53 6.00 20.94
CA SER E 17 -3.29 5.96 19.70
C SER E 17 -3.83 7.33 19.35
N LEU E 18 -4.08 8.16 20.36
CA LEU E 18 -4.61 9.50 20.15
C LEU E 18 -3.48 10.49 19.88
N LEU E 19 -2.37 10.33 20.62
CA LEU E 19 -1.22 11.21 20.46
C LEU E 19 -0.71 11.19 19.02
N ILE E 20 -0.57 9.99 18.47
CA ILE E 20 -0.10 9.82 17.10
C ILE E 20 -1.12 10.35 16.10
N VAL E 21 -2.38 10.38 16.51
CA VAL E 21 -3.46 10.86 15.65
C VAL E 21 -3.46 12.39 15.58
N ILE E 22 -3.13 13.02 16.70
CA ILE E 22 -3.09 14.49 16.76
C ILE E 22 -2.01 15.04 15.85
N LEU E 23 -0.85 14.40 15.85
CA LEU E 23 0.26 14.83 15.00
C LEU E 23 -0.03 14.58 13.53
N SER E 24 -0.77 13.51 13.26
CA SER E 24 -1.12 13.16 11.88
C SER E 24 -1.78 14.34 11.17
N TRP E 25 -2.53 15.13 11.92
CA TRP E 25 -3.22 16.29 11.37
C TRP E 25 -2.27 17.48 11.27
N ILE E 26 -1.39 17.60 12.26
CA ILE E 26 -0.43 18.71 12.29
C ILE E 26 0.32 18.81 10.97
N SER E 27 0.48 17.68 10.28
CA SER E 27 1.19 17.64 9.01
C SER E 27 0.20 17.59 7.84
N PHE E 28 -1.04 17.24 8.15
CA PHE E 28 -2.09 17.15 7.13
C PHE E 28 -2.30 18.49 6.45
N TRP E 29 -2.02 19.57 7.17
CA TRP E 29 -2.18 20.92 6.64
C TRP E 29 -1.30 21.13 5.42
N ILE E 30 -0.09 20.58 5.46
CA ILE E 30 0.85 20.70 4.35
C ILE E 30 0.77 19.49 3.43
N ASN E 31 0.49 18.33 4.01
CA ASN E 31 0.39 17.09 3.24
C ASN E 31 -0.76 17.16 2.23
N LEU E 32 -1.61 18.17 2.39
CA LEU E 32 -2.74 18.36 1.50
C LEU E 32 -2.32 18.24 0.04
N ASP E 33 -1.06 18.55 -0.23
CA ASP E 33 -0.52 18.49 -1.58
C ASP E 33 1.01 18.35 -1.56
N ALA E 34 1.64 19.05 -0.62
CA ALA E 34 3.10 19.00 -0.50
C ALA E 34 3.57 17.58 -0.27
N ALA E 35 2.83 16.81 0.52
CA ALA E 35 3.17 15.43 0.80
C ALA E 35 1.97 14.65 1.32
N PRO E 36 1.02 14.35 0.41
CA PRO E 36 -0.19 13.61 0.76
C PRO E 36 0.09 12.15 1.08
N ALA E 37 1.35 11.74 0.92
CA ALA E 37 1.75 10.36 1.20
C ALA E 37 1.77 10.10 2.70
N ARG E 38 2.06 11.14 3.48
CA ARG E 38 2.10 11.02 4.93
C ARG E 38 0.70 10.91 5.51
N VAL E 39 -0.23 11.65 4.94
CA VAL E 39 -1.62 11.63 5.41
C VAL E 39 -2.26 10.27 5.16
N GLY E 40 -1.90 9.63 4.05
CA GLY E 40 -2.44 8.34 3.72
C GLY E 40 -1.90 7.24 4.61
N LEU E 41 -0.71 7.44 5.15
CA LEU E 41 -0.08 6.46 6.02
C LEU E 41 -0.59 6.61 7.45
N GLY E 42 -0.82 7.85 7.87
CA GLY E 42 -1.29 8.09 9.22
C GLY E 42 -2.74 7.67 9.41
N ILE E 43 -3.54 7.84 8.36
CA ILE E 43 -4.95 7.46 8.41
C ILE E 43 -5.13 5.95 8.39
N THR E 44 -4.20 5.26 7.73
CA THR E 44 -4.26 3.81 7.63
C THR E 44 -3.59 3.16 8.83
N THR E 45 -2.77 3.93 9.54
CA THR E 45 -2.07 3.43 10.72
C THR E 45 -2.99 3.39 11.93
N VAL E 46 -3.95 4.30 11.97
CA VAL E 46 -4.90 4.37 13.07
C VAL E 46 -5.92 3.23 13.00
N LEU E 47 -6.40 2.94 11.79
CA LEU E 47 -7.37 1.87 11.58
C LEU E 47 -6.68 0.51 11.59
N THR E 48 -5.37 0.51 11.33
CA THR E 48 -4.61 -0.73 11.30
C THR E 48 -4.04 -1.05 12.68
N LEU E 49 -3.85 -0.02 13.50
CA LEU E 49 -3.31 -0.20 14.84
C LEU E 49 -4.40 -0.72 15.79
N THR E 50 -5.65 -0.39 15.49
CA THR E 50 -6.77 -0.82 16.32
C THR E 50 -7.25 -2.20 15.90
N THR E 51 -7.35 -2.41 14.59
CA THR E 51 -7.81 -3.70 14.06
C THR E 51 -6.89 -4.83 14.49
N GLN E 52 -5.60 -4.53 14.61
CA GLN E 52 -4.61 -5.52 15.01
C GLN E 52 -4.75 -5.86 16.50
N SER E 53 -5.22 -4.88 17.28
CA SER E 53 -5.39 -5.07 18.71
C SER E 53 -6.71 -5.76 19.02
N SER E 54 -7.61 -5.76 18.04
CA SER E 54 -8.92 -6.38 18.19
C SER E 54 -8.83 -7.89 18.01
N GLY E 55 -7.64 -8.36 17.63
CA GLY E 55 -7.44 -9.79 17.42
C GLY E 55 -7.43 -10.57 18.72
N SER E 56 -7.40 -9.85 19.84
CA SER E 56 -7.37 -10.48 21.15
C SER E 56 -8.58 -11.40 21.34
N ARG E 57 -9.75 -10.91 20.94
CA ARG E 57 -10.98 -11.68 21.07
C ARG E 57 -11.23 -12.07 22.52
N ALA E 58 -10.60 -11.36 23.44
CA ALA E 58 -10.76 -11.63 24.86
C ALA E 58 -11.98 -10.91 25.42
N SER E 59 -12.44 -9.89 24.70
CA SER E 59 -13.60 -9.11 25.13
C SER E 59 -14.90 -9.83 24.77
N LEU E 60 -14.77 -10.99 24.14
CA LEU E 60 -15.93 -11.78 23.74
C LEU E 60 -16.77 -11.02 22.72
N PRO E 61 -17.59 -11.76 21.96
CA PRO E 61 -18.47 -11.17 20.94
C PRO E 61 -19.60 -10.36 21.55
N LYS E 62 -19.65 -10.32 22.87
CA LYS E 62 -20.68 -9.57 23.57
C LYS E 62 -20.35 -8.09 23.64
N VAL E 63 -19.26 -7.76 24.34
CA VAL E 63 -18.83 -6.37 24.47
C VAL E 63 -18.17 -5.88 23.19
N SER E 64 -17.54 -6.79 22.46
CA SER E 64 -16.88 -6.45 21.21
C SER E 64 -17.89 -6.04 20.15
N TYR E 65 -19.03 -6.73 20.12
CA TYR E 65 -20.08 -6.44 19.16
C TYR E 65 -20.63 -5.04 19.35
N VAL E 66 -21.14 -4.77 20.55
CA VAL E 66 -21.70 -3.45 20.85
C VAL E 66 -20.69 -2.35 20.58
N LYS E 67 -19.48 -2.51 21.13
CA LYS E 67 -18.43 -1.53 20.94
C LYS E 67 -18.08 -1.37 19.46
N ALA E 68 -18.20 -2.46 18.71
CA ALA E 68 -17.90 -2.45 17.29
C ALA E 68 -18.95 -1.66 16.51
N ILE E 69 -20.16 -1.58 17.08
CA ILE E 69 -21.25 -0.85 16.44
C ILE E 69 -20.97 0.64 16.43
N ASP E 70 -20.31 1.13 17.47
CA ASP E 70 -19.99 2.54 17.58
C ASP E 70 -18.81 2.90 16.66
N ILE E 71 -18.06 1.89 16.26
CA ILE E 71 -16.90 2.10 15.39
C ILE E 71 -17.26 1.81 13.93
N TRP E 72 -18.40 1.17 13.72
CA TRP E 72 -18.85 0.85 12.37
C TRP E 72 -19.29 2.11 11.63
N LEU E 73 -19.77 3.09 12.37
CA LEU E 73 -20.24 4.34 11.79
C LEU E 73 -20.23 5.47 12.81
N ALA E 74 -19.07 6.08 13.00
CA ALA E 74 -18.93 7.18 13.95
C ALA E 74 -17.50 7.73 13.97
N VAL E 75 -16.56 6.88 14.35
CA VAL E 75 -15.15 7.28 14.41
C VAL E 75 -14.50 7.15 13.04
N CYS E 76 -15.25 6.66 12.07
CA CYS E 76 -14.74 6.48 10.71
C CYS E 76 -15.54 7.31 9.71
N LEU E 77 -16.81 7.51 10.02
CA LEU E 77 -17.69 8.29 9.14
C LEU E 77 -17.56 9.79 9.43
N LEU E 78 -17.04 10.11 10.61
CA LEU E 78 -16.86 11.50 11.01
C LEU E 78 -15.40 11.93 10.84
N PHE E 79 -14.49 10.99 11.03
CA PHE E 79 -13.06 11.26 10.90
C PHE E 79 -12.68 11.50 9.44
N VAL E 80 -13.24 10.69 8.55
CA VAL E 80 -12.97 10.82 7.12
C VAL E 80 -13.91 11.81 6.47
N PHE E 81 -14.90 12.27 7.22
CA PHE E 81 -15.89 13.23 6.72
C PHE E 81 -15.29 14.63 6.67
N SER E 82 -14.56 14.99 7.72
CA SER E 82 -13.94 16.31 7.81
C SER E 82 -12.62 16.35 7.03
N ALA E 83 -12.01 15.19 6.88
CA ALA E 83 -10.74 15.09 6.17
C ALA E 83 -10.95 15.26 4.67
N LEU E 84 -12.10 14.83 4.18
CA LEU E 84 -12.43 14.93 2.76
C LEU E 84 -12.91 16.34 2.42
N LEU E 85 -13.65 16.94 3.34
CA LEU E 85 -14.19 18.28 3.14
C LEU E 85 -13.07 19.28 2.84
N GLU E 86 -11.92 19.08 3.49
CA GLU E 86 -10.77 19.96 3.29
C GLU E 86 -9.98 19.54 2.05
N TYR E 87 -9.79 18.23 1.89
CA TYR E 87 -9.04 17.70 0.76
C TYR E 87 -9.76 18.00 -0.56
N ALA E 88 -11.02 18.40 -0.45
CA ALA E 88 -11.81 18.73 -1.62
C ALA E 88 -12.19 20.21 -1.64
N ALA E 89 -12.00 20.88 -0.51
CA ALA E 89 -12.31 22.30 -0.40
C ALA E 89 -11.35 23.15 -1.23
N VAL E 90 -10.10 22.70 -1.32
CA VAL E 90 -9.09 23.42 -2.08
C VAL E 90 -9.59 23.77 -3.47
N ASN E 91 -10.28 22.82 -4.10
CA ASN E 91 -10.82 23.03 -5.44
C ASN E 91 -12.19 23.69 -5.38
N PHE E 92 -12.82 23.62 -4.21
CA PHE E 92 -14.14 24.21 -4.01
C PHE E 92 -14.04 25.72 -3.82
N VAL E 93 -12.81 26.23 -3.82
CA VAL E 93 -12.58 27.66 -3.65
C VAL E 93 -13.39 28.48 -4.65
N SER E 94 -13.52 27.96 -5.86
CA SER E 94 -14.27 28.63 -6.91
C SER E 94 -15.71 28.88 -6.47
N ARG E 95 -16.18 28.12 -5.50
CA ARG E 95 -17.53 28.25 -4.99
C ARG E 95 -17.82 29.70 -4.60
N GLN E 96 -16.77 30.42 -4.21
CA GLN E 96 -16.92 31.82 -3.81
C GLN E 96 -17.84 31.95 -2.61
N ARG E 97 -17.87 30.91 -1.78
CA ARG E 97 -18.70 30.90 -0.59
C ARG E 97 -18.47 32.16 0.25
N GLU E 98 -17.25 32.69 0.19
CA GLU E 98 -16.90 33.88 0.94
C GLU E 98 -17.65 35.10 0.40
N PHE E 99 -17.25 36.28 0.86
CA PHE E 99 -17.88 37.52 0.44
C PHE E 99 -17.14 38.13 -0.74
N GLY E 100 -16.31 37.33 -1.40
CA GLY E 100 -15.55 37.81 -2.54
C GLY E 100 -14.34 36.95 -2.83
N GLY E 101 -14.03 36.77 -4.11
CA GLY E 101 -12.89 35.96 -4.49
C GLY E 101 -11.63 36.80 -4.68
N GLY E 102 -11.57 37.95 -4.01
CA GLY E 102 -10.42 38.81 -4.13
C GLY E 102 -9.21 38.26 -3.41
N GLY E 103 -9.44 37.49 -2.35
CA GLY E 103 -8.35 36.91 -1.60
C GLY E 103 -8.10 35.47 -1.97
N PHE E 104 -8.15 35.17 -3.26
CA PHE E 104 -7.93 33.81 -3.75
C PHE E 104 -6.44 33.50 -3.82
N ILE E 105 -5.64 34.50 -4.16
CA ILE E 105 -4.20 34.33 -4.26
C ILE E 105 -3.52 34.53 -2.90
N GLN E 106 -4.25 35.15 -1.98
CA GLN E 106 -3.72 35.40 -0.64
C GLN E 106 -4.08 34.26 0.31
N ARG E 107 -4.53 33.15 -0.26
CA ARG E 107 -4.91 31.99 0.54
C ARG E 107 -3.75 31.01 0.67
N ALA E 108 -2.86 31.03 -0.32
CA ALA E 108 -1.70 30.15 -0.31
C ALA E 108 -0.81 30.41 0.90
N LYS E 109 -0.98 31.57 1.51
CA LYS E 109 -0.20 31.94 2.69
C LYS E 109 -0.24 30.84 3.73
N LYS E 110 -1.35 30.11 3.79
CA LYS E 110 -1.51 29.02 4.74
C LYS E 110 -1.50 29.54 6.17
N ILE E 111 -2.58 30.21 6.56
CA ILE E 111 -2.71 30.76 7.90
C ILE E 111 -2.83 29.66 8.94
N ASP E 112 -3.02 28.42 8.47
CA ASP E 112 -3.16 27.28 9.35
C ASP E 112 -4.41 27.40 10.22
N LYS E 113 -5.46 28.02 9.66
CA LYS E 113 -6.71 28.20 10.38
C LYS E 113 -7.36 26.85 10.69
N ILE E 114 -6.89 25.81 10.02
CA ILE E 114 -7.43 24.47 10.23
C ILE E 114 -7.04 23.92 11.60
N SER E 115 -5.97 24.48 12.17
CA SER E 115 -5.50 24.05 13.48
C SER E 115 -6.33 24.68 14.60
N ARG E 116 -7.18 25.63 14.23
CA ARG E 116 -8.03 26.30 15.19
C ARG E 116 -9.17 25.40 15.65
N ILE E 117 -9.45 24.36 14.87
CA ILE E 117 -10.51 23.41 15.20
C ILE E 117 -9.95 22.01 15.41
N GLY E 118 -8.92 21.67 14.66
CA GLY E 118 -8.31 20.35 14.78
C GLY E 118 -7.69 20.13 16.14
N PHE E 119 -6.91 21.08 16.61
CA PHE E 119 -6.26 20.99 17.91
C PHE E 119 -7.27 20.61 19.00
N PRO E 120 -8.29 21.47 19.16
CA PRO E 120 -9.34 21.26 20.16
C PRO E 120 -10.25 20.08 19.81
N LEU E 121 -10.11 19.58 18.59
CA LEU E 121 -10.91 18.45 18.12
C LEU E 121 -10.30 17.12 18.58
N ALA E 122 -8.98 17.03 18.51
CA ALA E 122 -8.27 15.82 18.92
C ALA E 122 -8.10 15.78 20.43
N PHE E 123 -7.93 16.95 21.04
CA PHE E 123 -7.74 17.04 22.48
C PHE E 123 -9.05 16.77 23.21
N LEU E 124 -10.16 17.15 22.59
CA LEU E 124 -11.48 16.94 23.18
C LEU E 124 -11.87 15.47 23.18
N ILE E 125 -11.55 14.79 22.08
CA ILE E 125 -11.86 13.37 21.94
C ILE E 125 -11.04 12.54 22.93
N PHE E 126 -9.73 12.75 22.93
CA PHE E 126 -8.84 12.02 23.83
C PHE E 126 -9.26 12.20 25.28
N ASN E 127 -9.69 13.41 25.62
CA ASN E 127 -10.12 13.72 26.97
C ASN E 127 -11.56 13.27 27.21
N LEU E 128 -12.30 13.08 26.12
CA LEU E 128 -13.69 12.64 26.21
C LEU E 128 -13.78 11.13 26.41
N PHE E 129 -12.78 10.41 25.89
CA PHE E 129 -12.74 8.96 26.02
C PHE E 129 -12.14 8.55 27.35
N TYR E 130 -11.24 9.38 27.88
CA TYR E 130 -10.58 9.10 29.14
C TYR E 130 -11.54 9.31 30.31
N TRP E 131 -12.40 10.32 30.18
CA TRP E 131 -13.37 10.63 31.23
C TRP E 131 -14.62 9.78 31.08
N ILE E 132 -14.82 9.22 29.89
CA ILE E 132 -15.98 8.38 29.62
C ILE E 132 -15.72 6.94 30.01
N ILE E 133 -14.46 6.52 29.92
CA ILE E 133 -14.07 5.16 30.26
C ILE E 133 -13.97 4.98 31.77
N TYR E 134 -13.42 5.98 32.44
CA TYR E 134 -13.27 5.94 33.89
C TYR E 134 -14.59 6.28 34.59
N LYS E 135 -15.57 6.73 33.81
CA LYS E 135 -16.87 7.07 34.35
C LYS E 135 -17.88 5.95 34.13
N ILE E 136 -17.86 5.37 32.93
CA ILE E 136 -18.77 4.29 32.58
C ILE E 136 -18.58 3.10 33.52
N VAL E 137 -17.32 2.82 33.87
CA VAL E 137 -17.00 1.72 34.77
C VAL E 137 -17.65 1.90 36.13
N ARG E 138 -18.06 3.13 36.42
CA ARG E 138 -18.70 3.43 37.69
C ARG E 138 -20.22 3.46 37.53
N ARG E 139 -20.70 4.30 36.61
CA ARG E 139 -22.14 4.43 36.36
C ARG E 139 -22.74 3.08 35.98
N GLU E 140 -21.92 2.21 35.40
CA GLU E 140 -22.37 0.89 34.97
C GLU E 140 -22.07 -0.15 36.04
N ASP E 141 -21.50 0.29 37.15
CA ASP E 141 -21.16 -0.61 38.25
C ASP E 141 -20.34 -1.79 37.74
N GLU E 142 -19.35 -1.50 36.89
CA GLU E 142 -18.49 -2.55 36.33
C GLU E 142 -17.46 -3.00 37.36
N PHE E 143 -16.61 -2.08 37.79
CA PHE E 143 -15.57 -2.38 38.77
C PHE E 143 -16.18 -2.95 40.04
N GLU E 144 -17.45 -2.63 40.28
CA GLU E 144 -18.14 -3.11 41.48
C GLU E 144 -18.62 -4.55 41.28
N HIS E 145 -18.83 -4.94 40.03
CA HIS E 145 -19.29 -6.28 39.70
C HIS E 145 -18.40 -7.32 40.36
N HIS E 146 -18.87 -8.56 40.40
CA HIS E 146 -18.11 -9.66 41.00
C HIS E 146 -18.66 -11.02 40.55
N HIS E 147 -19.92 -11.27 40.89
CA HIS E 147 -20.58 -12.52 40.52
C HIS E 147 -21.39 -12.36 39.24
N HIS E 148 -22.52 -11.68 39.35
CA HIS E 148 -23.39 -11.47 38.19
C HIS E 148 -24.22 -10.21 38.37
N HIS E 149 -23.76 -9.30 39.23
CA HIS E 149 -24.46 -8.05 39.50
C HIS E 149 -24.77 -7.33 38.20
N HIS E 150 -23.91 -7.50 37.21
CA HIS E 150 -24.09 -6.86 35.91
C HIS E 150 -25.48 -7.11 35.36
N MET A 1 10.63 -24.87 25.90
CA MET A 1 10.04 -23.56 25.66
C MET A 1 11.12 -22.49 25.60
N LEU A 2 11.81 -22.40 24.46
CA LEU A 2 12.87 -21.42 24.29
C LEU A 2 12.28 -20.03 24.01
N GLU A 3 11.49 -19.53 24.95
CA GLU A 3 10.88 -18.21 24.82
C GLU A 3 11.87 -17.11 25.16
N ARG A 4 12.71 -17.37 26.15
CA ARG A 4 13.70 -16.39 26.58
C ARG A 4 14.96 -16.47 25.72
N GLN A 5 15.05 -17.53 24.91
CA GLN A 5 16.20 -17.73 24.03
C GLN A 5 15.95 -17.10 22.67
N LEU A 6 14.93 -16.26 22.58
CA LEU A 6 14.58 -15.59 21.33
C LEU A 6 15.38 -14.30 21.17
N GLY A 7 15.72 -13.68 22.28
CA GLY A 7 16.48 -12.44 22.24
C GLY A 7 17.74 -12.56 21.41
N TYR A 8 18.27 -13.78 21.31
CA TYR A 8 19.48 -14.02 20.54
C TYR A 8 19.26 -13.69 19.07
N TYR A 9 18.10 -14.07 18.54
CA TYR A 9 17.78 -13.82 17.14
C TYR A 9 17.39 -12.36 16.93
N LEU A 10 16.96 -11.71 18.00
CA LEU A 10 16.57 -10.30 17.93
C LEU A 10 17.79 -9.39 17.99
N ILE A 11 18.85 -9.88 18.61
CA ILE A 11 20.09 -9.11 18.73
C ILE A 11 20.82 -9.03 17.39
N GLN A 12 21.02 -10.18 16.75
CA GLN A 12 21.70 -10.23 15.47
C GLN A 12 20.83 -9.64 14.36
N LEU A 13 19.52 -9.65 14.59
CA LEU A 13 18.57 -9.12 13.61
C LEU A 13 18.38 -7.61 13.79
N TYR A 14 18.69 -7.13 14.99
CA TYR A 14 18.57 -5.71 15.29
C TYR A 14 19.71 -4.91 14.68
N ILE A 15 20.89 -5.53 14.64
CA ILE A 15 22.07 -4.87 14.07
C ILE A 15 21.78 -4.31 12.69
N PRO A 16 21.35 -5.19 11.77
CA PRO A 16 21.02 -4.79 10.40
C PRO A 16 19.76 -3.94 10.31
N SER A 17 18.85 -4.15 11.26
CA SER A 17 17.60 -3.41 11.30
C SER A 17 17.84 -1.95 11.72
N LEU A 18 18.86 -1.75 12.53
CA LEU A 18 19.20 -0.41 13.00
C LEU A 18 19.97 0.36 11.94
N LEU A 19 20.86 -0.34 11.23
CA LEU A 19 21.67 0.28 10.19
C LEU A 19 20.80 0.73 9.03
N ILE A 20 19.88 -0.14 8.62
CA ILE A 20 18.97 0.16 7.51
C ILE A 20 18.00 1.28 7.88
N VAL A 21 17.67 1.36 9.17
CA VAL A 21 16.76 2.38 9.66
C VAL A 21 17.41 3.76 9.64
N ILE A 22 18.68 3.82 10.03
CA ILE A 22 19.42 5.08 10.04
C ILE A 22 19.50 5.68 8.65
N LEU A 23 19.71 4.83 7.65
CA LEU A 23 19.81 5.28 6.27
C LEU A 23 18.47 5.82 5.76
N SER A 24 17.38 5.26 6.30
CA SER A 24 16.04 5.68 5.91
C SER A 24 15.84 7.16 6.18
N TRP A 25 16.28 7.62 7.34
CA TRP A 25 16.14 9.02 7.72
C TRP A 25 16.95 9.92 6.78
N ILE A 26 18.19 9.53 6.53
CA ILE A 26 19.07 10.30 5.66
C ILE A 26 18.39 10.60 4.33
N SER A 27 17.50 9.71 3.91
CA SER A 27 16.78 9.88 2.65
C SER A 27 15.45 10.61 2.88
N PHE A 28 14.91 10.47 4.08
CA PHE A 28 13.65 11.12 4.43
C PHE A 28 13.73 12.62 4.18
N TRP A 29 14.93 13.17 4.27
CA TRP A 29 15.14 14.60 4.05
C TRP A 29 14.49 15.05 2.76
N ILE A 30 14.91 14.45 1.65
CA ILE A 30 14.37 14.79 0.34
C ILE A 30 12.96 14.24 0.16
N ASN A 31 12.70 13.10 0.80
CA ASN A 31 11.39 12.46 0.70
C ASN A 31 10.33 13.31 1.41
N LEU A 32 10.77 14.34 2.12
CA LEU A 32 9.86 15.23 2.84
C LEU A 32 8.73 15.69 1.92
N ASP A 33 9.00 15.73 0.62
CA ASP A 33 8.01 16.16 -0.35
C ASP A 33 8.43 15.77 -1.77
N ALA A 34 9.73 15.86 -2.04
CA ALA A 34 10.26 15.53 -3.35
C ALA A 34 9.93 14.08 -3.72
N ALA A 35 9.94 13.20 -2.72
CA ALA A 35 9.64 11.79 -2.95
C ALA A 35 9.37 11.08 -1.63
N PRO A 36 8.19 11.34 -1.03
CA PRO A 36 7.79 10.73 0.23
C PRO A 36 7.50 9.24 0.09
N ALA A 37 7.53 8.75 -1.14
CA ALA A 37 7.27 7.34 -1.41
C ALA A 37 8.27 6.45 -0.69
N ARG A 38 9.49 6.96 -0.51
CA ARG A 38 10.54 6.21 0.16
C ARG A 38 10.33 6.21 1.67
N VAL A 39 9.79 7.31 2.19
CA VAL A 39 9.54 7.44 3.62
C VAL A 39 8.45 6.47 4.07
N GLY A 40 7.46 6.27 3.21
CA GLY A 40 6.36 5.37 3.54
C GLY A 40 6.75 3.92 3.42
N LEU A 41 7.74 3.64 2.58
CA LEU A 41 8.21 2.27 2.37
C LEU A 41 9.21 1.86 3.44
N GLY A 42 10.06 2.80 3.83
CA GLY A 42 11.06 2.53 4.86
C GLY A 42 10.44 2.37 6.24
N ILE A 43 9.38 3.11 6.50
CA ILE A 43 8.70 3.05 7.79
C ILE A 43 7.86 1.78 7.90
N THR A 44 7.39 1.30 6.76
CA THR A 44 6.57 0.08 6.73
C THR A 44 7.43 -1.16 6.66
N THR A 45 8.65 -1.01 6.14
CA THR A 45 9.57 -2.13 6.03
C THR A 45 10.14 -2.51 7.40
N VAL A 46 10.32 -1.52 8.26
CA VAL A 46 10.86 -1.76 9.59
C VAL A 46 9.81 -2.38 10.50
N LEU A 47 8.56 -1.98 10.33
CA LEU A 47 7.47 -2.50 11.14
C LEU A 47 7.00 -3.85 10.61
N THR A 48 7.29 -4.12 9.34
CA THR A 48 6.91 -5.38 8.71
C THR A 48 8.01 -6.42 8.86
N LEU A 49 9.24 -5.95 9.04
CA LEU A 49 10.39 -6.84 9.18
C LEU A 49 10.48 -7.37 10.61
N THR A 50 9.98 -6.59 11.56
CA THR A 50 10.01 -6.98 12.96
C THR A 50 8.80 -7.85 13.32
N THR A 51 7.63 -7.45 12.83
CA THR A 51 6.40 -8.19 13.11
C THR A 51 6.40 -9.54 12.38
N GLN A 52 7.12 -9.59 11.26
CA GLN A 52 7.19 -10.82 10.47
C GLN A 52 8.34 -11.70 10.95
N SER A 53 9.26 -11.11 11.72
CA SER A 53 10.40 -11.84 12.24
C SER A 53 9.98 -12.79 13.36
N SER A 54 8.73 -12.67 13.78
CA SER A 54 8.20 -13.52 14.85
C SER A 54 6.88 -14.16 14.44
N GLY A 55 6.79 -14.54 13.17
CA GLY A 55 5.58 -15.17 12.66
C GLY A 55 5.56 -16.67 12.89
N SER A 56 6.73 -17.29 12.87
CA SER A 56 6.84 -18.73 13.06
C SER A 56 6.22 -19.14 14.40
N ARG A 57 6.44 -18.33 15.42
CA ARG A 57 5.90 -18.61 16.75
C ARG A 57 6.38 -19.96 17.26
N ALA A 58 7.46 -20.46 16.67
CA ALA A 58 8.03 -21.74 17.07
C ALA A 58 8.99 -21.57 18.24
N SER A 59 9.46 -20.36 18.45
CA SER A 59 10.39 -20.07 19.54
C SER A 59 9.64 -19.53 20.76
N LEU A 60 8.33 -19.57 20.70
CA LEU A 60 7.49 -19.09 21.79
C LEU A 60 7.76 -17.61 22.08
N PRO A 61 7.36 -16.75 21.14
CA PRO A 61 7.56 -15.31 21.26
C PRO A 61 6.67 -14.69 22.34
N LYS A 62 5.82 -15.52 22.94
CA LYS A 62 4.91 -15.07 23.98
C LYS A 62 5.65 -14.24 25.02
N VAL A 63 6.49 -14.90 25.82
CA VAL A 63 7.26 -14.22 26.85
C VAL A 63 8.07 -13.07 26.26
N SER A 64 8.67 -13.30 25.10
CA SER A 64 9.46 -12.28 24.43
C SER A 64 8.62 -11.08 24.05
N TYR A 65 7.29 -11.27 24.06
CA TYR A 65 6.38 -10.20 23.71
C TYR A 65 6.21 -9.22 24.88
N VAL A 66 6.01 -9.77 26.08
CA VAL A 66 5.83 -8.95 27.27
C VAL A 66 7.02 -8.01 27.47
N LYS A 67 8.22 -8.58 27.54
CA LYS A 67 9.43 -7.79 27.73
C LYS A 67 9.62 -6.82 26.58
N ALA A 68 9.21 -7.22 25.38
CA ALA A 68 9.33 -6.37 24.20
C ALA A 68 8.30 -5.26 24.22
N ILE A 69 7.22 -5.45 24.99
CA ILE A 69 6.16 -4.45 25.08
C ILE A 69 6.59 -3.28 25.95
N ASP A 70 7.43 -3.57 26.96
CA ASP A 70 7.92 -2.54 27.86
C ASP A 70 8.87 -1.59 27.14
N ILE A 71 9.48 -2.08 26.07
CA ILE A 71 10.41 -1.26 25.29
C ILE A 71 9.75 -0.73 24.02
N TRP A 72 8.82 -1.50 23.48
CA TRP A 72 8.11 -1.10 22.27
C TRP A 72 7.12 0.01 22.56
N LEU A 73 6.79 0.20 23.83
CA LEU A 73 5.85 1.24 24.24
C LEU A 73 6.57 2.56 24.48
N ALA A 74 7.38 2.97 23.51
CA ALA A 74 8.12 4.23 23.61
C ALA A 74 8.94 4.48 22.35
N VAL A 75 9.44 3.41 21.75
CA VAL A 75 10.24 3.53 20.54
C VAL A 75 9.37 3.83 19.32
N CYS A 76 8.10 3.45 19.41
CA CYS A 76 7.15 3.69 18.32
C CYS A 76 6.48 5.04 18.47
N LEU A 77 6.33 5.49 19.71
CA LEU A 77 5.71 6.78 20.00
C LEU A 77 6.70 7.92 19.83
N LEU A 78 7.98 7.60 19.94
CA LEU A 78 9.04 8.61 19.79
C LEU A 78 9.55 8.64 18.35
N PHE A 79 9.55 7.49 17.69
CA PHE A 79 10.02 7.39 16.32
C PHE A 79 9.10 8.16 15.37
N VAL A 80 7.79 7.98 15.55
CA VAL A 80 6.81 8.66 14.72
C VAL A 80 6.51 10.06 15.25
N PHE A 81 7.05 10.37 16.42
CA PHE A 81 6.84 11.67 17.03
C PHE A 81 7.70 12.74 16.36
N SER A 82 8.93 12.37 16.03
CA SER A 82 9.86 13.30 15.38
C SER A 82 9.60 13.36 13.88
N ALA A 83 9.12 12.26 13.33
CA ALA A 83 8.83 12.18 11.90
C ALA A 83 7.65 13.06 11.53
N LEU A 84 6.69 13.18 12.45
CA LEU A 84 5.51 13.99 12.22
C LEU A 84 5.80 15.47 12.46
N LEU A 85 6.68 15.75 13.42
CA LEU A 85 7.05 17.11 13.75
C LEU A 85 7.56 17.86 12.51
N GLU A 86 8.30 17.13 11.67
CA GLU A 86 8.85 17.72 10.45
C GLU A 86 7.82 17.67 9.32
N TYR A 87 7.22 16.51 9.13
CA TYR A 87 6.22 16.34 8.07
C TYR A 87 5.05 17.29 8.27
N ALA A 88 4.90 17.80 9.49
CA ALA A 88 3.82 18.73 9.80
C ALA A 88 4.35 20.15 9.99
N ALA A 89 5.67 20.27 10.16
CA ALA A 89 6.30 21.56 10.35
C ALA A 89 6.16 22.43 9.10
N VAL A 90 6.20 21.79 7.93
CA VAL A 90 6.08 22.50 6.66
C VAL A 90 4.86 23.40 6.66
N ASN A 91 3.76 22.92 7.25
CA ASN A 91 2.52 23.68 7.31
C ASN A 91 2.52 24.61 8.52
N PHE A 92 3.39 24.32 9.49
CA PHE A 92 3.49 25.14 10.70
C PHE A 92 4.39 26.35 10.46
N VAL A 93 4.90 26.47 9.25
CA VAL A 93 5.77 27.59 8.89
C VAL A 93 5.08 28.93 9.13
N SER A 94 3.81 29.00 8.74
CA SER A 94 3.03 30.22 8.91
C SER A 94 3.06 30.70 10.36
N ARG A 95 3.25 29.75 11.27
CA ARG A 95 3.30 30.06 12.69
C ARG A 95 4.33 31.15 12.98
N GLN A 96 5.34 31.24 12.13
CA GLN A 96 6.40 32.24 12.28
C GLN A 96 7.17 32.00 13.57
N ARG A 97 7.25 30.74 13.99
CA ARG A 97 7.97 30.37 15.20
C ARG A 97 9.38 30.95 15.19
N GLU A 98 9.94 31.09 14.00
CA GLU A 98 11.29 31.63 13.85
C GLU A 98 11.35 33.10 14.27
N PHE A 99 12.47 33.75 13.99
CA PHE A 99 12.64 35.15 14.34
C PHE A 99 12.29 36.06 13.18
N GLY A 100 11.56 35.51 12.21
CA GLY A 100 11.16 36.29 11.05
C GLY A 100 10.88 35.41 9.84
N GLY A 101 9.89 35.80 9.05
CA GLY A 101 9.55 35.04 7.86
C GLY A 101 10.22 35.57 6.61
N GLY A 102 11.36 36.23 6.80
CA GLY A 102 12.09 36.79 5.66
C GLY A 102 12.83 35.72 4.89
N GLY A 103 13.21 34.65 5.57
CA GLY A 103 13.94 33.57 4.92
C GLY A 103 13.06 32.38 4.62
N PHE A 104 11.81 32.64 4.24
CA PHE A 104 10.86 31.58 3.93
C PHE A 104 11.04 31.11 2.49
N ILE A 105 11.45 32.02 1.61
CA ILE A 105 11.66 31.69 0.22
C ILE A 105 13.05 31.12 -0.02
N GLN A 106 13.96 31.37 0.92
CA GLN A 106 15.32 30.88 0.82
C GLN A 106 15.49 29.56 1.58
N ARG A 107 14.37 28.98 1.97
CA ARG A 107 14.39 27.72 2.71
C ARG A 107 14.57 26.54 1.76
N ALA A 108 14.16 26.72 0.52
CA ALA A 108 14.28 25.67 -0.48
C ALA A 108 15.74 25.28 -0.70
N LYS A 109 16.65 26.16 -0.29
CA LYS A 109 18.08 25.90 -0.44
C LYS A 109 18.45 24.53 0.12
N LYS A 110 17.70 24.09 1.13
CA LYS A 110 17.95 22.79 1.75
C LYS A 110 19.34 22.74 2.37
N ILE A 111 19.51 23.42 3.51
CA ILE A 111 20.79 23.44 4.19
C ILE A 111 21.05 22.13 4.93
N ASP A 112 20.09 21.22 4.86
CA ASP A 112 20.21 19.92 5.51
C ASP A 112 20.19 20.08 7.03
N LYS A 113 19.47 21.09 7.51
CA LYS A 113 19.37 21.35 8.94
C LYS A 113 18.78 20.15 9.66
N ILE A 114 18.10 19.28 8.92
CA ILE A 114 17.48 18.09 9.49
C ILE A 114 18.53 17.08 9.92
N SER A 115 19.68 17.11 9.24
CA SER A 115 20.78 16.19 9.56
C SER A 115 21.42 16.56 10.89
N ARG A 116 21.30 17.82 11.27
CA ARG A 116 21.88 18.30 12.52
C ARG A 116 21.36 17.49 13.71
N ILE A 117 20.19 16.87 13.54
CA ILE A 117 19.60 16.07 14.60
C ILE A 117 19.62 14.58 14.23
N GLY A 118 19.46 14.30 12.94
CA GLY A 118 19.46 12.93 12.48
C GLY A 118 20.80 12.24 12.68
N PHE A 119 21.87 12.95 12.31
CA PHE A 119 23.22 12.40 12.44
C PHE A 119 23.45 11.88 13.87
N PRO A 120 23.32 12.77 14.85
CA PRO A 120 23.50 12.43 16.27
C PRO A 120 22.40 11.53 16.80
N LEU A 121 21.33 11.39 16.02
CA LEU A 121 20.19 10.55 16.40
C LEU A 121 20.45 9.10 16.05
N ALA A 122 21.24 8.88 15.00
CA ALA A 122 21.56 7.53 14.56
C ALA A 122 22.65 6.91 15.42
N PHE A 123 23.66 7.71 15.76
CA PHE A 123 24.77 7.24 16.58
C PHE A 123 24.30 6.95 18.00
N LEU A 124 23.39 7.78 18.50
CA LEU A 124 22.86 7.61 19.85
C LEU A 124 22.03 6.34 19.96
N ILE A 125 21.27 6.04 18.91
CA ILE A 125 20.44 4.84 18.89
C ILE A 125 21.29 3.58 18.73
N PHE A 126 22.27 3.65 17.84
CA PHE A 126 23.16 2.51 17.59
C PHE A 126 23.89 2.11 18.86
N ASN A 127 24.27 3.11 19.65
CA ASN A 127 24.99 2.86 20.90
C ASN A 127 24.01 2.62 22.05
N LEU A 128 22.75 2.98 21.85
CA LEU A 128 21.73 2.81 22.86
C LEU A 128 21.21 1.38 22.86
N PHE A 129 21.24 0.74 21.70
CA PHE A 129 20.76 -0.64 21.56
C PHE A 129 21.93 -1.62 21.67
N TYR A 130 23.14 -1.13 21.41
CA TYR A 130 24.33 -1.96 21.48
C TYR A 130 24.78 -2.17 22.91
N TRP A 131 24.74 -1.09 23.70
CA TRP A 131 25.14 -1.15 25.10
C TRP A 131 24.03 -1.76 25.96
N ILE A 132 22.80 -1.62 25.50
CA ILE A 132 21.65 -2.14 26.22
C ILE A 132 21.50 -3.65 26.00
N ILE A 133 21.92 -4.10 24.83
CA ILE A 133 21.83 -5.52 24.49
C ILE A 133 22.85 -6.34 25.29
N TYR A 134 24.08 -5.83 25.36
CA TYR A 134 25.14 -6.51 26.09
C TYR A 134 25.01 -6.26 27.59
N LYS A 135 24.11 -5.36 27.96
CA LYS A 135 23.89 -5.02 29.37
C LYS A 135 22.81 -5.91 29.97
N ILE A 136 21.68 -6.02 29.26
CA ILE A 136 20.57 -6.84 29.74
C ILE A 136 21.01 -8.27 29.97
N VAL A 137 21.83 -8.80 29.07
CA VAL A 137 22.33 -10.16 29.18
C VAL A 137 23.12 -10.36 30.47
N ARG A 138 23.55 -9.25 31.07
CA ARG A 138 24.31 -9.31 32.30
C ARG A 138 23.42 -9.04 33.51
N ARG A 139 22.60 -7.99 33.42
CA ARG A 139 21.70 -7.63 34.50
C ARG A 139 22.46 -6.96 35.64
N GLU A 140 23.49 -7.63 36.15
CA GLU A 140 24.30 -7.10 37.23
C GLU A 140 25.70 -6.73 36.75
N ASP A 141 25.85 -6.66 35.43
CA ASP A 141 27.14 -6.30 34.83
C ASP A 141 28.25 -7.19 35.39
N GLU A 142 28.23 -8.47 35.02
CA GLU A 142 29.23 -9.42 35.48
C GLU A 142 30.49 -9.33 34.62
N PHE A 143 30.36 -9.66 33.34
CA PHE A 143 31.49 -9.63 32.43
C PHE A 143 31.29 -8.54 31.37
N GLU A 144 30.43 -7.58 31.67
CA GLU A 144 30.15 -6.48 30.75
C GLU A 144 31.44 -5.82 30.28
N HIS A 145 32.45 -5.84 31.15
CA HIS A 145 33.74 -5.23 30.83
C HIS A 145 34.75 -6.30 30.39
N HIS A 146 34.33 -7.15 29.45
CA HIS A 146 35.19 -8.22 28.95
C HIS A 146 34.50 -8.96 27.81
N HIS A 147 33.19 -9.15 27.92
CA HIS A 147 32.43 -9.85 26.90
C HIS A 147 32.69 -9.25 25.52
N HIS A 148 32.81 -7.93 25.47
CA HIS A 148 33.06 -7.23 24.21
C HIS A 148 34.26 -7.83 23.48
N HIS A 149 33.98 -8.62 22.45
CA HIS A 149 35.04 -9.26 21.67
C HIS A 149 35.59 -8.30 20.62
N HIS A 150 34.75 -7.37 20.17
CA HIS A 150 35.17 -6.40 19.16
C HIS A 150 34.05 -5.39 18.90
N MET B 1 10.98 -34.03 4.72
CA MET B 1 10.12 -34.56 3.66
C MET B 1 10.10 -33.61 2.46
N LEU B 2 11.03 -33.83 1.53
CA LEU B 2 11.12 -33.00 0.34
C LEU B 2 11.46 -31.56 0.69
N GLU B 3 12.19 -31.39 1.80
CA GLU B 3 12.58 -30.06 2.25
C GLU B 3 13.79 -29.55 1.46
N ARG B 4 14.70 -30.47 1.14
CA ARG B 4 15.90 -30.11 0.39
C ARG B 4 15.63 -30.12 -1.11
N GLN B 5 14.48 -30.66 -1.49
CA GLN B 5 14.10 -30.73 -2.90
C GLN B 5 13.32 -29.49 -3.32
N LEU B 6 13.36 -28.46 -2.48
CA LEU B 6 12.65 -27.22 -2.77
C LEU B 6 13.51 -26.29 -3.63
N GLY B 7 14.82 -26.40 -3.47
CA GLY B 7 15.74 -25.57 -4.24
C GLY B 7 15.47 -25.64 -5.73
N TYR B 8 14.89 -26.75 -6.17
CA TYR B 8 14.59 -26.93 -7.59
C TYR B 8 13.57 -25.89 -8.07
N TYR B 9 12.57 -25.64 -7.24
CA TYR B 9 11.53 -24.67 -7.58
C TYR B 9 12.04 -23.24 -7.41
N LEU B 10 13.07 -23.08 -6.58
CA LEU B 10 13.65 -21.77 -6.34
C LEU B 10 14.62 -21.39 -7.46
N ILE B 11 15.18 -22.39 -8.12
CA ILE B 11 16.12 -22.16 -9.22
C ILE B 11 15.39 -21.66 -10.46
N GLN B 12 14.35 -22.37 -10.86
CA GLN B 12 13.57 -22.01 -12.04
C GLN B 12 12.75 -20.75 -11.77
N LEU B 13 12.47 -20.48 -10.49
CA LEU B 13 11.70 -19.31 -10.11
C LEU B 13 12.59 -18.09 -9.95
N TYR B 14 13.88 -18.34 -9.72
CA TYR B 14 14.85 -17.26 -9.55
C TYR B 14 15.22 -16.64 -10.89
N ILE B 15 15.25 -17.46 -11.94
CA ILE B 15 15.58 -16.99 -13.27
C ILE B 15 14.73 -15.78 -13.66
N PRO B 16 13.41 -15.95 -13.63
CA PRO B 16 12.46 -14.87 -13.96
C PRO B 16 12.44 -13.77 -12.92
N SER B 17 12.73 -14.13 -11.67
CA SER B 17 12.74 -13.17 -10.57
C SER B 17 13.94 -12.23 -10.69
N LEU B 18 15.03 -12.74 -11.25
CA LEU B 18 16.24 -11.94 -11.42
C LEU B 18 16.12 -11.02 -12.63
N LEU B 19 15.50 -11.52 -13.69
CA LEU B 19 15.32 -10.74 -14.91
C LEU B 19 14.38 -9.57 -14.67
N ILE B 20 13.28 -9.83 -13.98
CA ILE B 20 12.29 -8.80 -13.68
C ILE B 20 12.86 -7.77 -12.71
N VAL B 21 13.77 -8.22 -11.85
CA VAL B 21 14.39 -7.33 -10.86
C VAL B 21 15.35 -6.36 -11.53
N ILE B 22 16.11 -6.87 -12.51
CA ILE B 22 17.07 -6.03 -13.23
C ILE B 22 16.37 -4.89 -13.96
N LEU B 23 15.21 -5.18 -14.53
CA LEU B 23 14.44 -4.18 -15.26
C LEU B 23 13.90 -3.12 -14.31
N SER B 24 13.63 -3.52 -13.07
CA SER B 24 13.10 -2.61 -12.07
C SER B 24 14.05 -1.44 -11.85
N TRP B 25 15.34 -1.74 -11.75
CA TRP B 25 16.36 -0.71 -11.55
C TRP B 25 16.42 0.25 -12.73
N ILE B 26 16.44 -0.31 -13.94
CA ILE B 26 16.49 0.50 -15.15
C ILE B 26 15.41 1.58 -15.14
N SER B 27 14.30 1.28 -14.48
CA SER B 27 13.19 2.22 -14.40
C SER B 27 13.31 3.11 -13.15
N PHE B 28 13.96 2.57 -12.13
CA PHE B 28 14.15 3.31 -10.88
C PHE B 28 14.81 4.65 -11.14
N TRP B 29 15.59 4.73 -12.21
CA TRP B 29 16.29 5.95 -12.57
C TRP B 29 15.32 7.14 -12.60
N ILE B 30 14.29 7.04 -13.43
CA ILE B 30 13.30 8.10 -13.54
C ILE B 30 12.37 8.12 -12.32
N ASN B 31 12.14 6.95 -11.75
CA ASN B 31 11.28 6.84 -10.58
C ASN B 31 11.91 7.52 -9.36
N LEU B 32 13.17 7.90 -9.51
CA LEU B 32 13.90 8.56 -8.43
C LEU B 32 13.08 9.70 -7.84
N ASP B 33 12.19 10.27 -8.66
CA ASP B 33 11.35 11.38 -8.22
C ASP B 33 10.20 11.60 -9.20
N ALA B 34 10.49 11.44 -10.49
CA ALA B 34 9.49 11.62 -11.53
C ALA B 34 8.29 10.70 -11.30
N ALA B 35 8.57 9.48 -10.83
CA ALA B 35 7.53 8.51 -10.58
C ALA B 35 8.05 7.35 -9.72
N PRO B 36 8.24 7.63 -8.42
CA PRO B 36 8.74 6.64 -7.47
C PRO B 36 7.72 5.55 -7.18
N ALA B 37 6.51 5.71 -7.73
CA ALA B 37 5.44 4.74 -7.53
C ALA B 37 5.84 3.37 -8.07
N ARG B 38 6.68 3.37 -9.10
CA ARG B 38 7.14 2.13 -9.71
C ARG B 38 8.22 1.47 -8.85
N VAL B 39 9.03 2.29 -8.21
CA VAL B 39 10.10 1.78 -7.35
C VAL B 39 9.54 1.09 -6.12
N GLY B 40 8.43 1.61 -5.60
CA GLY B 40 7.82 1.02 -4.43
C GLY B 40 7.06 -0.25 -4.75
N LEU B 41 6.61 -0.37 -6.00
CA LEU B 41 5.86 -1.54 -6.42
C LEU B 41 6.80 -2.68 -6.82
N GLY B 42 7.91 -2.31 -7.47
CA GLY B 42 8.87 -3.32 -7.89
C GLY B 42 9.62 -3.93 -6.73
N ILE B 43 9.88 -3.13 -5.69
CA ILE B 43 10.59 -3.60 -4.51
C ILE B 43 9.69 -4.47 -3.64
N THR B 44 8.39 -4.20 -3.69
CA THR B 44 7.42 -4.96 -2.91
C THR B 44 6.98 -6.21 -3.65
N THR B 45 7.08 -6.19 -4.97
CA THR B 45 6.70 -7.34 -5.78
C THR B 45 7.72 -8.47 -5.67
N VAL B 46 8.98 -8.09 -5.51
CA VAL B 46 10.06 -9.07 -5.38
C VAL B 46 10.04 -9.73 -4.01
N LEU B 47 9.71 -8.95 -2.99
CA LEU B 47 9.67 -9.46 -1.62
C LEU B 47 8.37 -10.21 -1.37
N THR B 48 7.34 -9.91 -2.18
CA THR B 48 6.04 -10.55 -2.03
C THR B 48 5.95 -11.80 -2.91
N LEU B 49 6.78 -11.85 -3.95
CA LEU B 49 6.79 -12.99 -4.86
C LEU B 49 7.62 -14.13 -4.30
N THR B 50 8.60 -13.78 -3.46
CA THR B 50 9.47 -14.78 -2.84
C THR B 50 8.85 -15.33 -1.56
N THR B 51 8.30 -14.43 -0.75
CA THR B 51 7.67 -14.83 0.51
C THR B 51 6.38 -15.61 0.26
N GLN B 52 5.73 -15.32 -0.87
CA GLN B 52 4.49 -16.00 -1.22
C GLN B 52 4.77 -17.29 -1.99
N SER B 53 5.99 -17.42 -2.49
CA SER B 53 6.37 -18.60 -3.26
C SER B 53 6.57 -19.81 -2.33
N SER B 54 6.52 -19.56 -1.02
CA SER B 54 6.69 -20.61 -0.04
C SER B 54 5.57 -20.58 1.00
N GLY B 55 4.36 -20.27 0.54
CA GLY B 55 3.22 -20.20 1.44
C GLY B 55 2.56 -21.55 1.64
N SER B 56 2.60 -22.39 0.61
CA SER B 56 2.01 -23.72 0.68
C SER B 56 2.57 -24.51 1.85
N ARG B 57 3.88 -24.39 2.06
CA ARG B 57 4.54 -25.10 3.15
C ARG B 57 4.35 -26.60 3.02
N ALA B 58 4.01 -27.04 1.81
CA ALA B 58 3.79 -28.46 1.55
C ALA B 58 5.11 -29.16 1.21
N SER B 59 6.10 -28.38 0.80
CA SER B 59 7.40 -28.92 0.44
C SER B 59 8.37 -28.83 1.61
N LEU B 60 7.85 -28.45 2.78
CA LEU B 60 8.66 -28.33 3.98
C LEU B 60 9.79 -27.32 3.77
N PRO B 61 9.41 -26.03 3.66
CA PRO B 61 10.38 -24.94 3.47
C PRO B 61 11.23 -24.68 4.71
N LYS B 62 10.94 -25.42 5.78
CA LYS B 62 11.68 -25.27 7.02
C LYS B 62 13.18 -25.30 6.77
N VAL B 63 13.69 -26.47 6.39
CA VAL B 63 15.11 -26.63 6.10
C VAL B 63 15.58 -25.62 5.07
N SER B 64 14.77 -25.41 4.04
CA SER B 64 15.10 -24.47 2.97
C SER B 64 15.19 -23.05 3.51
N TYR B 65 14.64 -22.84 4.70
CA TYR B 65 14.65 -21.52 5.34
C TYR B 65 16.02 -21.22 5.94
N VAL B 66 16.56 -22.17 6.68
CA VAL B 66 17.86 -22.01 7.32
C VAL B 66 18.93 -21.66 6.29
N LYS B 67 19.08 -22.51 5.28
CA LYS B 67 20.07 -22.29 4.23
C LYS B 67 19.80 -20.98 3.50
N ALA B 68 18.52 -20.64 3.37
CA ALA B 68 18.12 -19.41 2.70
C ALA B 68 18.41 -18.18 3.57
N ILE B 69 18.51 -18.40 4.87
CA ILE B 69 18.78 -17.33 5.81
C ILE B 69 20.23 -16.88 5.75
N ASP B 70 21.11 -17.83 5.45
CA ASP B 70 22.54 -17.54 5.36
C ASP B 70 22.84 -16.68 4.14
N ILE B 71 21.96 -16.75 3.14
CA ILE B 71 22.14 -15.97 1.91
C ILE B 71 21.24 -14.74 1.91
N TRP B 72 20.08 -14.86 2.56
CA TRP B 72 19.13 -13.75 2.63
C TRP B 72 19.63 -12.68 3.59
N LEU B 73 20.59 -13.03 4.44
CA LEU B 73 21.15 -12.09 5.40
C LEU B 73 22.31 -11.31 4.78
N ALA B 74 22.07 -10.73 3.61
CA ALA B 74 23.10 -9.95 2.93
C ALA B 74 22.56 -9.37 1.62
N VAL B 75 21.68 -10.12 0.96
CA VAL B 75 21.09 -9.68 -0.30
C VAL B 75 20.05 -8.59 -0.07
N CYS B 76 19.46 -8.60 1.12
CA CYS B 76 18.44 -7.62 1.47
C CYS B 76 19.07 -6.36 2.07
N LEU B 77 20.22 -6.55 2.73
CA LEU B 77 20.93 -5.43 3.35
C LEU B 77 21.76 -4.67 2.32
N LEU B 78 22.10 -5.35 1.23
CA LEU B 78 22.90 -4.74 0.18
C LEU B 78 22.01 -4.18 -0.92
N PHE B 79 20.87 -4.83 -1.15
CA PHE B 79 19.93 -4.39 -2.17
C PHE B 79 19.32 -3.04 -1.80
N VAL B 80 18.90 -2.91 -0.54
CA VAL B 80 18.30 -1.67 -0.06
C VAL B 80 19.37 -0.66 0.37
N PHE B 81 20.62 -1.12 0.37
CA PHE B 81 21.74 -0.26 0.76
C PHE B 81 22.11 0.71 -0.36
N SER B 82 22.07 0.20 -1.59
CA SER B 82 22.41 1.02 -2.75
C SER B 82 21.21 1.86 -3.19
N ALA B 83 20.02 1.34 -2.94
CA ALA B 83 18.79 2.03 -3.31
C ALA B 83 18.59 3.28 -2.46
N LEU B 84 19.02 3.22 -1.21
CA LEU B 84 18.89 4.34 -0.29
C LEU B 84 19.99 5.37 -0.54
N LEU B 85 21.17 4.90 -0.91
CA LEU B 85 22.30 5.77 -1.17
C LEU B 85 21.94 6.83 -2.22
N GLU B 86 21.15 6.42 -3.21
CA GLU B 86 20.73 7.33 -4.27
C GLU B 86 19.50 8.13 -3.85
N TYR B 87 18.50 7.41 -3.33
CA TYR B 87 17.26 8.05 -2.89
C TYR B 87 17.53 9.08 -1.80
N ALA B 88 18.69 8.98 -1.18
CA ALA B 88 19.08 9.90 -0.11
C ALA B 88 20.17 10.85 -0.59
N ALA B 89 20.82 10.50 -1.69
CA ALA B 89 21.89 11.31 -2.24
C ALA B 89 21.37 12.65 -2.72
N VAL B 90 20.14 12.66 -3.23
CA VAL B 90 19.52 13.89 -3.72
C VAL B 90 19.59 15.00 -2.67
N ASN B 91 19.40 14.62 -1.41
CA ASN B 91 19.45 15.58 -0.32
C ASN B 91 20.88 15.79 0.17
N PHE B 92 21.75 14.84 -0.17
CA PHE B 92 23.16 14.92 0.23
C PHE B 92 23.95 15.79 -0.73
N VAL B 93 23.27 16.32 -1.75
CA VAL B 93 23.91 17.17 -2.74
C VAL B 93 24.59 18.36 -2.09
N SER B 94 23.90 18.97 -1.13
CA SER B 94 24.44 20.13 -0.43
C SER B 94 25.81 19.83 0.17
N ARG B 95 26.06 18.55 0.44
CA ARG B 95 27.33 18.13 1.02
C ARG B 95 28.49 18.61 0.15
N GLN B 96 28.24 18.80 -1.12
CA GLN B 96 29.27 19.26 -2.05
C GLN B 96 30.38 18.22 -2.17
N ARG B 97 30.03 16.96 -1.99
CA ARG B 97 31.01 15.88 -2.08
C ARG B 97 31.79 15.96 -3.38
N GLU B 98 31.16 16.49 -4.41
CA GLU B 98 31.81 16.62 -5.72
C GLU B 98 32.96 17.62 -5.66
N PHE B 99 33.48 17.99 -6.82
CA PHE B 99 34.58 18.93 -6.90
C PHE B 99 34.06 20.35 -7.15
N GLY B 100 32.78 20.55 -6.89
CA GLY B 100 32.18 21.86 -7.09
C GLY B 100 30.69 21.78 -7.34
N GLY B 101 29.96 22.77 -6.82
CA GLY B 101 28.51 22.79 -6.99
C GLY B 101 28.08 23.63 -8.18
N GLY B 102 28.98 23.78 -9.15
CA GLY B 102 28.68 24.56 -10.33
C GLY B 102 27.75 23.83 -11.29
N GLY B 103 27.81 22.50 -11.27
CA GLY B 103 26.97 21.71 -12.14
C GLY B 103 25.78 21.11 -11.42
N PHE B 104 25.21 21.87 -10.49
CA PHE B 104 24.06 21.41 -9.73
C PHE B 104 22.77 21.63 -10.50
N ILE B 105 22.73 22.69 -11.31
CA ILE B 105 21.55 23.01 -12.10
C ILE B 105 21.54 22.21 -13.40
N GLN B 106 22.72 21.77 -13.84
CA GLN B 106 22.83 21.00 -15.07
C GLN B 106 22.77 19.51 -14.78
N ARG B 107 22.33 19.16 -13.58
CA ARG B 107 22.21 17.76 -13.17
C ARG B 107 20.93 17.15 -13.71
N ALA B 108 19.95 18.00 -14.04
CA ALA B 108 18.68 17.54 -14.57
C ALA B 108 18.87 16.76 -15.86
N LYS B 109 20.02 16.93 -16.49
CA LYS B 109 20.33 16.25 -17.74
C LYS B 109 20.31 14.74 -17.55
N LYS B 110 20.40 14.31 -16.29
CA LYS B 110 20.39 12.89 -15.97
C LYS B 110 21.72 12.23 -16.34
N ILE B 111 21.98 12.11 -17.63
CA ILE B 111 23.21 11.51 -18.11
C ILE B 111 23.25 10.01 -17.82
N ASP B 112 22.15 9.50 -17.28
CA ASP B 112 22.05 8.08 -16.96
C ASP B 112 23.27 7.61 -16.17
N LYS B 113 23.88 8.54 -15.43
CA LYS B 113 25.05 8.22 -14.63
C LYS B 113 24.79 7.05 -13.69
N ILE B 114 23.51 6.82 -13.40
CA ILE B 114 23.12 5.72 -12.52
C ILE B 114 23.27 4.38 -13.21
N SER B 115 23.14 4.38 -14.54
CA SER B 115 23.26 3.16 -15.32
C SER B 115 24.71 2.68 -15.36
N ARG B 116 25.64 3.58 -15.03
CA ARG B 116 27.06 3.26 -15.02
C ARG B 116 27.36 2.15 -14.01
N ILE B 117 26.47 1.99 -13.05
CA ILE B 117 26.64 0.96 -12.02
C ILE B 117 25.56 -0.10 -12.12
N GLY B 118 24.35 0.30 -12.51
CA GLY B 118 23.26 -0.64 -12.64
C GLY B 118 23.51 -1.67 -13.72
N PHE B 119 23.98 -1.23 -14.87
CA PHE B 119 24.26 -2.12 -15.99
C PHE B 119 25.13 -3.29 -15.53
N PRO B 120 26.33 -2.98 -15.03
CA PRO B 120 27.28 -3.99 -14.55
C PRO B 120 26.81 -4.67 -13.27
N LEU B 121 25.77 -4.11 -12.66
CA LEU B 121 25.22 -4.66 -11.43
C LEU B 121 24.23 -5.79 -11.73
N ALA B 122 23.58 -5.71 -12.89
CA ALA B 122 22.61 -6.72 -13.29
C ALA B 122 23.32 -7.96 -13.85
N PHE B 123 24.36 -7.73 -14.65
CA PHE B 123 25.11 -8.83 -15.25
C PHE B 123 25.87 -9.61 -14.19
N LEU B 124 26.40 -8.89 -13.20
CA LEU B 124 27.16 -9.51 -12.12
C LEU B 124 26.25 -10.40 -11.27
N ILE B 125 25.03 -9.94 -11.03
CA ILE B 125 24.07 -10.70 -10.24
C ILE B 125 23.55 -11.90 -11.00
N PHE B 126 23.24 -11.70 -12.28
CA PHE B 126 22.73 -12.78 -13.12
C PHE B 126 23.74 -13.93 -13.20
N ASN B 127 25.02 -13.58 -13.24
CA ASN B 127 26.07 -14.58 -13.31
C ASN B 127 26.48 -15.05 -11.92
N LEU B 128 26.09 -14.29 -10.91
CA LEU B 128 26.42 -14.63 -9.52
C LEU B 128 25.45 -15.68 -8.97
N PHE B 129 24.23 -15.67 -9.48
CA PHE B 129 23.21 -16.62 -9.05
C PHE B 129 23.16 -17.82 -10.00
N TYR B 130 23.64 -17.63 -11.21
CA TYR B 130 23.64 -18.69 -12.21
C TYR B 130 24.78 -19.67 -11.96
N TRP B 131 25.95 -19.14 -11.63
CA TRP B 131 27.12 -19.96 -11.37
C TRP B 131 27.07 -20.56 -9.97
N ILE B 132 26.37 -19.87 -9.07
CA ILE B 132 26.24 -20.33 -7.69
C ILE B 132 25.18 -21.43 -7.58
N ILE B 133 24.19 -21.38 -8.45
CA ILE B 133 23.12 -22.39 -8.45
C ILE B 133 23.63 -23.73 -8.97
N TYR B 134 24.40 -23.69 -10.06
CA TYR B 134 24.95 -24.90 -10.65
C TYR B 134 26.18 -25.37 -9.89
N LYS B 135 26.64 -24.54 -8.96
CA LYS B 135 27.82 -24.86 -8.16
C LYS B 135 27.42 -25.58 -6.86
N ILE B 136 26.44 -25.02 -6.18
CA ILE B 136 25.96 -25.60 -4.92
C ILE B 136 25.49 -27.05 -5.14
N VAL B 137 24.82 -27.28 -6.25
CA VAL B 137 24.32 -28.62 -6.57
C VAL B 137 25.46 -29.61 -6.70
N ARG B 138 26.68 -29.09 -6.88
CA ARG B 138 27.86 -29.94 -7.02
C ARG B 138 28.61 -30.04 -5.69
N ARG B 139 28.83 -28.89 -5.06
CA ARG B 139 29.55 -28.84 -3.79
C ARG B 139 31.04 -29.04 -4.00
N GLU B 140 31.41 -30.14 -4.67
CA GLU B 140 32.80 -30.44 -4.92
C GLU B 140 33.13 -30.30 -6.42
N ASP B 141 32.22 -29.65 -7.14
CA ASP B 141 32.40 -29.44 -8.57
C ASP B 141 32.71 -30.76 -9.28
N GLU B 142 31.72 -31.64 -9.35
CA GLU B 142 31.89 -32.93 -9.99
C GLU B 142 31.72 -32.81 -11.51
N PHE B 143 30.51 -32.46 -11.94
CA PHE B 143 30.22 -32.31 -13.36
C PHE B 143 29.95 -30.85 -13.71
N GLU B 144 30.41 -29.94 -12.86
CA GLU B 144 30.21 -28.51 -13.07
C GLU B 144 30.66 -28.11 -14.47
N HIS B 145 31.66 -28.82 -14.99
CA HIS B 145 32.19 -28.54 -16.31
C HIS B 145 31.61 -29.50 -17.36
N HIS B 146 30.29 -29.65 -17.35
CA HIS B 146 29.61 -30.54 -18.28
C HIS B 146 28.10 -30.42 -18.14
N HIS B 147 27.64 -30.27 -16.89
CA HIS B 147 26.21 -30.15 -16.62
C HIS B 147 25.57 -29.07 -17.49
N HIS B 148 26.31 -27.99 -17.71
CA HIS B 148 25.82 -26.88 -18.52
C HIS B 148 25.34 -27.38 -19.88
N HIS B 149 24.02 -27.48 -20.05
CA HIS B 149 23.44 -27.94 -21.30
C HIS B 149 23.37 -26.80 -22.32
N HIS B 150 23.23 -25.58 -21.82
CA HIS B 150 23.15 -24.40 -22.68
C HIS B 150 22.07 -24.59 -23.75
N MET C 1 -13.25 -32.63 -4.39
CA MET C 1 -12.76 -33.43 -5.50
C MET C 1 -12.93 -32.68 -6.82
N LEU C 2 -13.76 -31.64 -6.81
CA LEU C 2 -14.01 -30.84 -8.00
C LEU C 2 -12.85 -29.88 -8.26
N GLU C 3 -11.66 -30.44 -8.45
CA GLU C 3 -10.47 -29.63 -8.71
C GLU C 3 -10.42 -29.20 -10.17
N ARG C 4 -10.82 -30.09 -11.06
CA ARG C 4 -10.83 -29.80 -12.49
C ARG C 4 -12.07 -29.03 -12.89
N GLN C 5 -13.04 -28.96 -11.98
CA GLN C 5 -14.29 -28.25 -12.23
C GLN C 5 -14.19 -26.79 -11.79
N LEU C 6 -12.96 -26.34 -11.51
CA LEU C 6 -12.73 -24.96 -11.09
C LEU C 6 -12.59 -24.04 -12.29
N GLY C 7 -12.07 -24.58 -13.39
CA GLY C 7 -11.88 -23.78 -14.59
C GLY C 7 -13.14 -23.05 -15.00
N TYR C 8 -14.30 -23.61 -14.63
CA TYR C 8 -15.58 -23.00 -14.96
C TYR C 8 -15.72 -21.63 -14.32
N TYR C 9 -15.29 -21.51 -13.08
CA TYR C 9 -15.38 -20.25 -12.34
C TYR C 9 -14.29 -19.29 -12.81
N LEU C 10 -13.22 -19.83 -13.37
CA LEU C 10 -12.11 -19.03 -13.86
C LEU C 10 -12.42 -18.45 -15.24
N ILE C 11 -13.28 -19.13 -15.98
CA ILE C 11 -13.67 -18.69 -17.31
C ILE C 11 -14.59 -17.48 -17.24
N GLN C 12 -15.64 -17.59 -16.45
CA GLN C 12 -16.60 -16.50 -16.29
C GLN C 12 -15.99 -15.34 -15.51
N LEU C 13 -14.97 -15.65 -14.71
CA LEU C 13 -14.30 -14.63 -13.91
C LEU C 13 -13.20 -13.95 -14.72
N TYR C 14 -12.72 -14.63 -15.75
CA TYR C 14 -11.67 -14.09 -16.60
C TYR C 14 -12.22 -13.03 -17.55
N ILE C 15 -13.46 -13.24 -17.99
CA ILE C 15 -14.11 -12.30 -18.92
C ILE C 15 -14.02 -10.88 -18.40
N PRO C 16 -14.54 -10.65 -17.18
CA PRO C 16 -14.54 -9.33 -16.55
C PRO C 16 -13.14 -8.90 -16.13
N SER C 17 -12.29 -9.88 -15.81
CA SER C 17 -10.93 -9.59 -15.39
C SER C 17 -10.08 -9.10 -16.56
N LEU C 18 -10.42 -9.56 -17.75
CA LEU C 18 -9.70 -9.17 -18.96
C LEU C 18 -10.15 -7.79 -19.44
N LEU C 19 -11.45 -7.52 -19.33
CA LEU C 19 -12.01 -6.25 -19.74
C LEU C 19 -11.50 -5.12 -18.86
N ILE C 20 -11.50 -5.35 -17.55
CA ILE C 20 -11.04 -4.35 -16.60
C ILE C 20 -9.54 -4.11 -16.74
N VAL C 21 -8.82 -5.15 -17.14
CA VAL C 21 -7.37 -5.06 -17.31
C VAL C 21 -7.01 -4.20 -18.52
N ILE C 22 -7.77 -4.38 -19.60
CA ILE C 22 -7.54 -3.61 -20.83
C ILE C 22 -7.70 -2.12 -20.59
N LEU C 23 -8.70 -1.76 -19.78
CA LEU C 23 -8.97 -0.36 -19.47
C LEU C 23 -7.85 0.23 -18.62
N SER C 24 -7.22 -0.62 -17.81
CA SER C 24 -6.13 -0.18 -16.94
C SER C 24 -4.99 0.42 -17.76
N TRP C 25 -4.65 -0.24 -18.86
CA TRP C 25 -3.57 0.23 -19.73
C TRP C 25 -3.93 1.56 -20.36
N ILE C 26 -5.15 1.67 -20.87
CA ILE C 26 -5.61 2.90 -21.50
C ILE C 26 -5.38 4.10 -20.60
N SER C 27 -5.42 3.86 -19.29
CA SER C 27 -5.23 4.92 -18.31
C SER C 27 -3.75 5.03 -17.93
N PHE C 28 -3.04 3.92 -18.03
CA PHE C 28 -1.62 3.89 -17.68
C PHE C 28 -0.84 4.95 -18.47
N TRP C 29 -1.36 5.29 -19.64
CA TRP C 29 -0.71 6.28 -20.49
C TRP C 29 -0.42 7.56 -19.70
N ILE C 30 -1.46 8.16 -19.13
CA ILE C 30 -1.30 9.38 -18.36
C ILE C 30 -0.68 9.09 -16.99
N ASN C 31 -0.96 7.90 -16.47
CA ASN C 31 -0.43 7.50 -15.17
C ASN C 31 1.09 7.30 -15.24
N LEU C 32 1.63 7.34 -16.45
CA LEU C 32 3.06 7.17 -16.66
C LEU C 32 3.86 8.09 -15.73
N ASP C 33 3.24 9.19 -15.33
CA ASP C 33 3.88 10.16 -14.44
C ASP C 33 2.87 11.13 -13.86
N ALA C 34 1.90 11.52 -14.68
CA ALA C 34 0.87 12.45 -14.25
C ALA C 34 0.12 11.92 -13.04
N ALA C 35 -0.09 10.60 -13.01
CA ALA C 35 -0.79 9.96 -11.91
C ALA C 35 -0.60 8.45 -11.93
N PRO C 36 0.61 8.01 -11.54
CA PRO C 36 0.96 6.59 -11.50
C PRO C 36 0.22 5.84 -10.40
N ALA C 37 -0.50 6.58 -9.58
CA ALA C 37 -1.26 5.97 -8.48
C ALA C 37 -2.29 4.98 -9.00
N ARG C 38 -2.79 5.23 -10.21
CA ARG C 38 -3.78 4.35 -10.82
C ARG C 38 -3.11 3.09 -11.37
N VAL C 39 -1.89 3.23 -11.86
CA VAL C 39 -1.15 2.10 -12.41
C VAL C 39 -0.79 1.10 -11.33
N GLY C 40 -0.48 1.60 -10.14
CA GLY C 40 -0.13 0.73 -9.03
C GLY C 40 -1.33 0.04 -8.42
N LEU C 41 -2.50 0.66 -8.56
CA LEU C 41 -3.73 0.10 -8.02
C LEU C 41 -4.33 -0.93 -8.97
N GLY C 42 -4.25 -0.64 -10.28
CA GLY C 42 -4.79 -1.55 -11.27
C GLY C 42 -3.98 -2.82 -11.39
N ILE C 43 -2.67 -2.71 -11.21
CA ILE C 43 -1.79 -3.87 -11.29
C ILE C 43 -1.91 -4.75 -10.05
N THR C 44 -2.24 -4.13 -8.93
CA THR C 44 -2.39 -4.86 -7.67
C THR C 44 -3.79 -5.43 -7.53
N THR C 45 -4.76 -4.82 -8.21
CA THR C 45 -6.13 -5.27 -8.17
C THR C 45 -6.33 -6.56 -8.97
N VAL C 46 -5.56 -6.68 -10.05
CA VAL C 46 -5.64 -7.86 -10.91
C VAL C 46 -4.95 -9.06 -10.25
N LEU C 47 -3.86 -8.80 -9.55
CA LEU C 47 -3.11 -9.86 -8.87
C LEU C 47 -3.78 -10.23 -7.56
N THR C 48 -4.57 -9.31 -7.02
CA THR C 48 -5.27 -9.54 -5.75
C THR C 48 -6.65 -10.14 -5.99
N LEU C 49 -7.19 -9.92 -7.18
CA LEU C 49 -8.50 -10.45 -7.53
C LEU C 49 -8.42 -11.90 -7.97
N THR C 50 -7.26 -12.29 -8.49
CA THR C 50 -7.04 -13.66 -8.94
C THR C 50 -6.58 -14.55 -7.79
N THR C 51 -5.65 -14.03 -6.99
CA THR C 51 -5.13 -14.78 -5.85
C THR C 51 -6.18 -14.95 -4.76
N GLN C 52 -7.11 -13.99 -4.69
CA GLN C 52 -8.17 -14.03 -3.70
C GLN C 52 -9.37 -14.82 -4.21
N SER C 53 -9.41 -15.04 -5.53
CA SER C 53 -10.51 -15.78 -6.14
C SER C 53 -10.41 -17.27 -5.83
N SER C 54 -9.30 -17.66 -5.23
CA SER C 54 -9.07 -19.06 -4.87
C SER C 54 -8.64 -19.19 -3.41
N GLY C 55 -9.22 -18.36 -2.55
CA GLY C 55 -8.89 -18.40 -1.14
C GLY C 55 -9.72 -19.41 -0.38
N SER C 56 -10.91 -19.70 -0.88
CA SER C 56 -11.80 -20.66 -0.24
C SER C 56 -11.16 -22.05 -0.17
N ARG C 57 -10.47 -22.43 -1.24
CA ARG C 57 -9.81 -23.72 -1.30
C ARG C 57 -10.81 -24.86 -1.12
N ALA C 58 -12.09 -24.55 -1.32
CA ALA C 58 -13.15 -25.54 -1.18
C ALA C 58 -13.34 -26.32 -2.47
N SER C 59 -12.89 -25.75 -3.58
CA SER C 59 -13.01 -26.40 -4.88
C SER C 59 -11.75 -27.16 -5.24
N LEU C 60 -10.83 -27.27 -4.28
CA LEU C 60 -9.57 -27.98 -4.49
C LEU C 60 -8.78 -27.35 -5.63
N PRO C 61 -8.29 -26.12 -5.42
CA PRO C 61 -7.51 -25.39 -6.41
C PRO C 61 -6.14 -26.00 -6.64
N LYS C 62 -5.81 -27.02 -5.85
CA LYS C 62 -4.52 -27.70 -5.96
C LYS C 62 -4.21 -28.04 -7.43
N VAL C 63 -4.97 -28.97 -7.98
CA VAL C 63 -4.78 -29.39 -9.37
C VAL C 63 -4.85 -28.19 -10.31
N SER C 64 -5.80 -27.30 -10.05
CA SER C 64 -5.99 -26.12 -10.88
C SER C 64 -4.77 -25.20 -10.80
N TYR C 65 -3.93 -25.43 -9.79
CA TYR C 65 -2.73 -24.63 -9.60
C TYR C 65 -1.63 -25.05 -10.56
N VAL C 66 -1.41 -26.35 -10.67
CA VAL C 66 -0.39 -26.89 -11.57
C VAL C 66 -0.62 -26.42 -13.00
N LYS C 67 -1.79 -26.69 -13.53
CA LYS C 67 -2.14 -26.30 -14.89
C LYS C 67 -2.07 -24.78 -15.05
N ALA C 68 -2.42 -24.07 -13.98
CA ALA C 68 -2.39 -22.61 -14.00
C ALA C 68 -0.96 -22.09 -13.93
N ILE C 69 -0.05 -22.92 -13.43
CA ILE C 69 1.35 -22.53 -13.31
C ILE C 69 2.04 -22.55 -14.67
N ASP C 70 1.60 -23.45 -15.54
CA ASP C 70 2.18 -23.57 -16.88
C ASP C 70 1.82 -22.36 -17.73
N ILE C 71 0.73 -21.69 -17.38
CA ILE C 71 0.27 -20.51 -18.11
C ILE C 71 0.64 -19.24 -17.37
N TRP C 72 0.68 -19.32 -16.05
CA TRP C 72 1.02 -18.15 -15.23
C TRP C 72 2.51 -17.85 -15.31
N LEU C 73 3.29 -18.82 -15.78
CA LEU C 73 4.72 -18.65 -15.91
C LEU C 73 5.09 -18.04 -17.26
N ALA C 74 4.43 -16.94 -17.60
CA ALA C 74 4.68 -16.25 -18.86
C ALA C 74 3.83 -15.00 -18.98
N VAL C 75 2.61 -15.06 -18.45
CA VAL C 75 1.69 -13.93 -18.50
C VAL C 75 2.11 -12.84 -17.52
N CYS C 76 2.81 -13.24 -16.46
CA CYS C 76 3.27 -12.29 -15.45
C CYS C 76 4.63 -11.72 -15.82
N LEU C 77 5.42 -12.50 -16.55
CA LEU C 77 6.75 -12.06 -16.97
C LEU C 77 6.67 -11.19 -18.21
N LEU C 78 5.58 -11.34 -18.97
CA LEU C 78 5.38 -10.56 -20.19
C LEU C 78 4.55 -9.31 -19.90
N PHE C 79 3.63 -9.42 -18.95
CA PHE C 79 2.77 -8.31 -18.58
C PHE C 79 3.58 -7.18 -17.95
N VAL C 80 4.47 -7.55 -17.03
CA VAL C 80 5.31 -6.57 -16.34
C VAL C 80 6.56 -6.24 -17.17
N PHE C 81 6.74 -6.97 -18.26
CA PHE C 81 7.89 -6.77 -19.14
C PHE C 81 7.69 -5.53 -20.01
N SER C 82 6.47 -5.35 -20.50
CA SER C 82 6.15 -4.22 -21.36
C SER C 82 5.85 -2.97 -20.53
N ALA C 83 5.35 -3.19 -19.32
CA ALA C 83 5.03 -2.09 -18.42
C ALA C 83 6.30 -1.39 -17.93
N LEU C 84 7.37 -2.16 -17.77
CA LEU C 84 8.64 -1.62 -17.31
C LEU C 84 9.39 -0.96 -18.45
N LEU C 85 9.25 -1.51 -19.65
CA LEU C 85 9.92 -0.97 -20.83
C LEU C 85 9.58 0.50 -21.03
N GLU C 86 8.33 0.86 -20.74
CA GLU C 86 7.88 2.24 -20.88
C GLU C 86 8.22 3.05 -19.63
N TYR C 87 7.87 2.50 -18.47
CA TYR C 87 8.13 3.17 -17.21
C TYR C 87 9.62 3.45 -17.02
N ALA C 88 10.45 2.72 -17.78
CA ALA C 88 11.89 2.89 -17.71
C ALA C 88 12.43 3.59 -18.95
N ALA C 89 11.61 3.63 -20.00
CA ALA C 89 12.00 4.27 -21.25
C ALA C 89 12.21 5.77 -21.05
N VAL C 90 11.40 6.37 -20.18
CA VAL C 90 11.50 7.80 -19.91
C VAL C 90 12.94 8.20 -19.58
N ASN C 91 13.62 7.34 -18.83
CA ASN C 91 15.00 7.60 -18.45
C ASN C 91 15.97 7.13 -19.53
N PHE C 92 15.48 6.25 -20.41
CA PHE C 92 16.31 5.72 -21.49
C PHE C 92 16.32 6.68 -22.68
N VAL C 93 15.63 7.80 -22.54
CA VAL C 93 15.55 8.79 -23.61
C VAL C 93 16.95 9.31 -23.98
N SER C 94 17.78 9.54 -22.97
CA SER C 94 19.13 10.03 -23.20
C SER C 94 19.89 9.11 -24.15
N ARG C 95 19.49 7.84 -24.18
CA ARG C 95 20.13 6.86 -25.05
C ARG C 95 20.12 7.34 -26.50
N GLN C 96 19.16 8.17 -26.84
CA GLN C 96 19.04 8.71 -28.19
C GLN C 96 18.77 7.59 -29.19
N ARG C 97 18.09 6.54 -28.72
CA ARG C 97 17.77 5.40 -29.58
C ARG C 97 17.10 5.85 -30.87
N GLU C 98 16.37 6.97 -30.78
CA GLU C 98 15.68 7.51 -31.94
C GLU C 98 16.66 7.99 -33.00
N PHE C 99 16.16 8.69 -34.01
CA PHE C 99 17.00 9.20 -35.09
C PHE C 99 17.41 10.64 -34.81
N GLY C 100 17.28 11.06 -33.55
CA GLY C 100 17.64 12.42 -33.18
C GLY C 100 16.91 12.90 -31.94
N GLY C 101 17.59 13.68 -31.11
CA GLY C 101 16.98 14.19 -29.90
C GLY C 101 16.39 15.57 -30.09
N GLY C 102 16.04 15.90 -31.34
CA GLY C 102 15.47 17.20 -31.62
C GLY C 102 14.02 17.31 -31.17
N GLY C 103 13.33 16.18 -31.15
CA GLY C 103 11.93 16.17 -30.74
C GLY C 103 11.75 15.66 -29.32
N PHE C 104 12.68 16.01 -28.45
CA PHE C 104 12.62 15.59 -27.05
C PHE C 104 11.72 16.51 -26.24
N ILE C 105 11.68 17.78 -26.64
CA ILE C 105 10.85 18.77 -25.94
C ILE C 105 9.42 18.76 -26.47
N GLN C 106 9.25 18.22 -27.67
CA GLN C 106 7.93 18.14 -28.28
C GLN C 106 7.27 16.79 -28.01
N ARG C 107 7.86 16.03 -27.09
CA ARG C 107 7.34 14.71 -26.74
C ARG C 107 6.17 14.84 -25.76
N ALA C 108 6.16 15.94 -25.01
CA ALA C 108 5.10 16.17 -24.04
C ALA C 108 3.74 16.27 -24.72
N LYS C 109 3.75 16.50 -26.03
CA LYS C 109 2.51 16.60 -26.80
C LYS C 109 1.61 15.39 -26.53
N LYS C 110 2.22 14.25 -26.25
CA LYS C 110 1.47 13.03 -25.97
C LYS C 110 0.63 12.63 -27.18
N ILE C 111 1.30 12.10 -28.20
CA ILE C 111 0.61 11.66 -29.42
C ILE C 111 -0.11 10.34 -29.20
N ASP C 112 0.01 9.80 -27.99
CA ASP C 112 -0.65 8.55 -27.65
C ASP C 112 -0.03 7.38 -28.42
N LYS C 113 1.26 7.50 -28.71
CA LYS C 113 1.98 6.46 -29.45
C LYS C 113 1.92 5.13 -28.70
N ILE C 114 1.64 5.20 -27.41
CA ILE C 114 1.55 4.00 -26.58
C ILE C 114 0.32 3.18 -26.94
N SER C 115 -0.72 3.84 -27.41
CA SER C 115 -1.96 3.17 -27.80
C SER C 115 -1.75 2.34 -29.07
N ARG C 116 -0.76 2.73 -29.86
CA ARG C 116 -0.47 2.03 -31.10
C ARG C 116 -0.19 0.55 -30.85
N ILE C 117 0.23 0.23 -29.62
CA ILE C 117 0.52 -1.14 -29.24
C ILE C 117 -0.51 -1.67 -28.25
N GLY C 118 -1.01 -0.79 -27.39
CA GLY C 118 -2.00 -1.19 -26.41
C GLY C 118 -3.30 -1.61 -27.05
N PHE C 119 -3.78 -0.83 -28.00
CA PHE C 119 -5.04 -1.12 -28.68
C PHE C 119 -5.04 -2.56 -29.21
N PRO C 120 -4.07 -2.89 -30.07
CA PRO C 120 -3.94 -4.22 -30.66
C PRO C 120 -3.51 -5.26 -29.63
N LEU C 121 -3.08 -4.79 -28.46
CA LEU C 121 -2.63 -5.69 -27.40
C LEU C 121 -3.82 -6.19 -26.58
N ALA C 122 -4.87 -5.39 -26.52
CA ALA C 122 -6.08 -5.75 -25.78
C ALA C 122 -6.94 -6.71 -26.57
N PHE C 123 -7.07 -6.44 -27.87
CA PHE C 123 -7.88 -7.28 -28.75
C PHE C 123 -7.25 -8.65 -28.92
N LEU C 124 -5.91 -8.68 -28.99
CA LEU C 124 -5.18 -9.93 -29.17
C LEU C 124 -5.32 -10.81 -27.92
N ILE C 125 -5.31 -10.19 -26.76
CA ILE C 125 -5.44 -10.92 -25.50
C ILE C 125 -6.86 -11.43 -25.30
N PHE C 126 -7.83 -10.57 -25.59
CA PHE C 126 -9.24 -10.93 -25.45
C PHE C 126 -9.59 -12.12 -26.32
N ASN C 127 -8.98 -12.18 -27.50
CA ASN C 127 -9.24 -13.29 -28.43
C ASN C 127 -8.30 -14.45 -28.16
N LEU C 128 -7.23 -14.18 -27.40
CA LEU C 128 -6.26 -15.21 -27.06
C LEU C 128 -6.74 -16.07 -25.90
N PHE C 129 -7.54 -15.47 -25.03
CA PHE C 129 -8.08 -16.18 -23.88
C PHE C 129 -9.48 -16.72 -24.17
N TYR C 130 -10.14 -16.12 -25.16
CA TYR C 130 -11.48 -16.53 -25.54
C TYR C 130 -11.45 -17.80 -26.39
N TRP C 131 -10.51 -17.84 -27.33
CA TRP C 131 -10.36 -18.98 -28.21
C TRP C 131 -9.64 -20.12 -27.52
N ILE C 132 -8.81 -19.78 -26.54
CA ILE C 132 -8.06 -20.78 -25.78
C ILE C 132 -8.94 -21.45 -24.74
N ILE C 133 -9.91 -20.72 -24.22
CA ILE C 133 -10.82 -21.24 -23.22
C ILE C 133 -11.78 -22.26 -23.82
N TYR C 134 -12.33 -21.93 -24.98
CA TYR C 134 -13.25 -22.82 -25.67
C TYR C 134 -12.51 -23.92 -26.42
N LYS C 135 -11.19 -23.79 -26.48
CA LYS C 135 -10.36 -24.78 -27.16
C LYS C 135 -9.90 -25.87 -26.20
N ILE C 136 -9.41 -25.46 -25.04
CA ILE C 136 -8.93 -26.40 -24.03
C ILE C 136 -10.05 -27.37 -23.62
N VAL C 137 -11.26 -26.84 -23.49
CA VAL C 137 -12.40 -27.67 -23.11
C VAL C 137 -12.66 -28.76 -24.14
N ARG C 138 -12.09 -28.59 -25.33
CA ARG C 138 -12.27 -29.56 -26.40
C ARG C 138 -11.05 -30.49 -26.49
N ARG C 139 -9.86 -29.89 -26.47
CA ARG C 139 -8.62 -30.66 -26.56
C ARG C 139 -8.38 -31.15 -27.99
N GLU C 140 -9.37 -31.85 -28.54
CA GLU C 140 -9.26 -32.38 -29.89
C GLU C 140 -10.21 -31.64 -30.84
N ASP C 141 -10.72 -30.50 -30.39
CA ASP C 141 -11.64 -29.70 -31.19
C ASP C 141 -12.79 -30.55 -31.71
N GLU C 142 -13.66 -30.97 -30.80
CA GLU C 142 -14.81 -31.79 -31.17
C GLU C 142 -15.96 -30.93 -31.69
N PHE C 143 -16.49 -30.08 -30.82
CA PHE C 143 -17.59 -29.20 -31.20
C PHE C 143 -17.16 -27.74 -31.18
N GLU C 144 -15.85 -27.52 -31.28
CA GLU C 144 -15.29 -26.17 -31.27
C GLU C 144 -15.98 -25.30 -32.32
N HIS C 145 -16.43 -25.93 -33.40
CA HIS C 145 -17.10 -25.22 -34.48
C HIS C 145 -18.62 -25.36 -34.36
N HIS C 146 -19.15 -25.11 -33.17
CA HIS C 146 -20.58 -25.22 -32.92
C HIS C 146 -20.93 -24.76 -31.51
N HIS C 147 -20.05 -25.09 -30.56
CA HIS C 147 -20.26 -24.71 -29.17
C HIS C 147 -20.56 -23.22 -29.04
N HIS C 148 -19.86 -22.42 -29.86
CA HIS C 148 -20.05 -20.97 -29.84
C HIS C 148 -21.52 -20.60 -29.99
N HIS C 149 -22.15 -20.24 -28.87
CA HIS C 149 -23.56 -19.86 -28.88
C HIS C 149 -23.73 -18.42 -29.33
N HIS C 150 -22.73 -17.59 -29.05
CA HIS C 150 -22.77 -16.18 -29.42
C HIS C 150 -21.48 -15.76 -30.12
N MET D 1 -27.39 -22.08 12.01
CA MET D 1 -26.92 -21.58 10.72
C MET D 1 -26.76 -20.06 10.75
N LEU D 2 -27.88 -19.35 10.70
CA LEU D 2 -27.86 -17.88 10.73
C LEU D 2 -27.12 -17.34 9.52
N GLU D 3 -27.17 -18.07 8.41
CA GLU D 3 -26.49 -17.65 7.19
C GLU D 3 -27.33 -16.61 6.45
N ARG D 4 -28.64 -16.77 6.49
CA ARG D 4 -29.55 -15.85 5.82
C ARG D 4 -29.87 -14.65 6.71
N GLN D 5 -29.48 -14.75 7.98
CA GLN D 5 -29.72 -13.68 8.93
C GLN D 5 -28.55 -12.69 8.96
N LEU D 6 -27.67 -12.79 7.97
CA LEU D 6 -26.51 -11.92 7.87
C LEU D 6 -26.86 -10.62 7.16
N GLY D 7 -27.83 -10.70 6.24
CA GLY D 7 -28.24 -9.52 5.50
C GLY D 7 -28.58 -8.36 6.41
N TYR D 8 -29.00 -8.66 7.63
CA TYR D 8 -29.37 -7.64 8.59
C TYR D 8 -28.17 -6.75 8.93
N TYR D 9 -27.01 -7.37 9.10
CA TYR D 9 -25.78 -6.64 9.42
C TYR D 9 -25.24 -5.93 8.19
N LEU D 10 -25.61 -6.43 7.01
CA LEU D 10 -25.15 -5.83 5.76
C LEU D 10 -25.99 -4.61 5.39
N ILE D 11 -27.23 -4.59 5.88
CA ILE D 11 -28.13 -3.47 5.61
C ILE D 11 -27.73 -2.23 6.40
N GLN D 12 -27.54 -2.40 7.71
CA GLN D 12 -27.15 -1.30 8.57
C GLN D 12 -25.71 -0.88 8.30
N LEU D 13 -24.92 -1.80 7.76
CA LEU D 13 -23.52 -1.52 7.45
C LEU D 13 -23.38 -0.90 6.07
N TYR D 14 -24.38 -1.09 5.23
CA TYR D 14 -24.37 -0.54 3.88
C TYR D 14 -24.71 0.94 3.89
N ILE D 15 -25.58 1.33 4.82
CA ILE D 15 -25.99 2.73 4.94
C ILE D 15 -24.77 3.64 5.01
N PRO D 16 -23.90 3.41 6.01
CA PRO D 16 -22.69 4.21 6.21
C PRO D 16 -21.65 3.97 5.12
N SER D 17 -21.67 2.76 4.55
CA SER D 17 -20.72 2.41 3.51
C SER D 17 -21.06 3.14 2.20
N LEU D 18 -22.34 3.42 2.00
CA LEU D 18 -22.79 4.11 0.80
C LEU D 18 -22.55 5.62 0.92
N LEU D 19 -22.77 6.15 2.12
CA LEU D 19 -22.57 7.58 2.37
C LEU D 19 -21.09 7.95 2.24
N ILE D 20 -20.23 7.13 2.83
CA ILE D 20 -18.79 7.39 2.78
C ILE D 20 -18.26 7.22 1.37
N VAL D 21 -18.89 6.34 0.59
CA VAL D 21 -18.48 6.10 -0.78
C VAL D 21 -18.81 7.28 -1.67
N ILE D 22 -19.99 7.86 -1.47
CA ILE D 22 -20.41 9.01 -2.26
C ILE D 22 -19.46 10.18 -2.09
N LEU D 23 -19.00 10.39 -0.87
CA LEU D 23 -18.09 11.49 -0.56
C LEU D 23 -16.73 11.25 -1.22
N SER D 24 -16.37 9.98 -1.38
CA SER D 24 -15.09 9.63 -2.00
C SER D 24 -15.00 10.19 -3.41
N TRP D 25 -16.07 10.06 -4.17
CA TRP D 25 -16.11 10.55 -5.54
C TRP D 25 -15.97 12.08 -5.57
N ILE D 26 -16.73 12.74 -4.72
CA ILE D 26 -16.70 14.20 -4.65
C ILE D 26 -15.26 14.71 -4.52
N SER D 27 -14.41 13.90 -3.88
CA SER D 27 -13.01 14.28 -3.69
C SER D 27 -12.15 13.77 -4.85
N PHE D 28 -12.59 12.67 -5.47
CA PHE D 28 -11.87 12.08 -6.58
C PHE D 28 -11.62 13.11 -7.68
N TRP D 29 -12.50 14.10 -7.76
CA TRP D 29 -12.38 15.16 -8.76
C TRP D 29 -10.98 15.76 -8.76
N ILE D 30 -10.57 16.29 -7.61
CA ILE D 30 -9.25 16.89 -7.47
C ILE D 30 -8.16 15.82 -7.41
N ASN D 31 -8.51 14.66 -6.86
CA ASN D 31 -7.56 13.56 -6.74
C ASN D 31 -7.20 13.01 -8.11
N LEU D 32 -7.92 13.45 -9.14
CA LEU D 32 -7.67 13.00 -10.50
C LEU D 32 -6.19 13.10 -10.85
N ASP D 33 -5.49 14.01 -10.19
CA ASP D 33 -4.07 14.19 -10.42
C ASP D 33 -3.44 15.02 -9.31
N ALA D 34 -4.17 16.01 -8.83
CA ALA D 34 -3.69 16.88 -7.77
C ALA D 34 -3.32 16.08 -6.52
N ALA D 35 -4.09 15.03 -6.26
CA ALA D 35 -3.85 14.18 -5.10
C ALA D 35 -4.63 12.87 -5.21
N PRO D 36 -4.16 11.97 -6.09
CA PRO D 36 -4.80 10.68 -6.31
C PRO D 36 -4.62 9.73 -5.12
N ALA D 37 -3.83 10.17 -4.14
CA ALA D 37 -3.59 9.37 -2.95
C ALA D 37 -4.88 9.07 -2.21
N ARG D 38 -5.84 9.99 -2.30
CA ARG D 38 -7.13 9.83 -1.64
C ARG D 38 -8.02 8.86 -2.41
N VAL D 39 -7.88 8.86 -3.73
CA VAL D 39 -8.68 7.97 -4.58
C VAL D 39 -8.29 6.51 -4.37
N GLY D 40 -7.00 6.28 -4.14
CA GLY D 40 -6.51 4.93 -3.93
C GLY D 40 -6.84 4.41 -2.54
N LEU D 41 -7.01 5.33 -1.60
CA LEU D 41 -7.32 4.95 -0.22
C LEU D 41 -8.82 4.73 -0.04
N GLY D 42 -9.62 5.55 -0.70
CA GLY D 42 -11.06 5.42 -0.62
C GLY D 42 -11.58 4.18 -1.32
N ILE D 43 -10.92 3.82 -2.42
CA ILE D 43 -11.33 2.64 -3.18
C ILE D 43 -10.91 1.36 -2.47
N THR D 44 -9.82 1.43 -1.71
CA THR D 44 -9.32 0.28 -0.98
C THR D 44 -10.01 0.13 0.36
N THR D 45 -10.52 1.24 0.89
CA THR D 45 -11.21 1.23 2.17
C THR D 45 -12.60 0.60 2.05
N VAL D 46 -13.22 0.79 0.91
CA VAL D 46 -14.55 0.23 0.66
C VAL D 46 -14.48 -1.27 0.41
N LEU D 47 -13.43 -1.70 -0.29
CA LEU D 47 -13.24 -3.11 -0.59
C LEU D 47 -12.66 -3.86 0.61
N THR D 48 -12.02 -3.12 1.50
CA THR D 48 -11.42 -3.71 2.70
C THR D 48 -12.42 -3.71 3.86
N LEU D 49 -13.38 -2.80 3.81
CA LEU D 49 -14.39 -2.70 4.86
C LEU D 49 -15.48 -3.73 4.67
N THR D 50 -15.70 -4.14 3.42
CA THR D 50 -16.73 -5.13 3.10
C THR D 50 -16.18 -6.55 3.25
N THR D 51 -14.97 -6.77 2.75
CA THR D 51 -14.33 -8.07 2.82
C THR D 51 -13.95 -8.42 4.26
N GLN D 52 -13.69 -7.39 5.06
CA GLN D 52 -13.32 -7.59 6.46
C GLN D 52 -14.56 -7.67 7.35
N SER D 53 -15.69 -7.22 6.81
CA SER D 53 -16.94 -7.23 7.57
C SER D 53 -17.49 -8.65 7.69
N SER D 54 -16.87 -9.58 6.97
CA SER D 54 -17.30 -10.97 7.00
C SER D 54 -16.12 -11.90 7.27
N GLY D 55 -15.21 -11.46 8.14
CA GLY D 55 -14.05 -12.26 8.47
C GLY D 55 -14.33 -13.25 9.59
N SER D 56 -15.21 -12.87 10.50
CA SER D 56 -15.56 -13.74 11.63
C SER D 56 -16.06 -15.09 11.15
N ARG D 57 -16.85 -15.08 10.08
CA ARG D 57 -17.39 -16.30 9.52
C ARG D 57 -18.22 -17.06 10.56
N ALA D 58 -18.64 -16.35 11.61
CA ALA D 58 -19.43 -16.95 12.67
C ALA D 58 -20.91 -16.95 12.32
N SER D 59 -21.29 -16.09 11.38
CA SER D 59 -22.68 -15.97 10.96
C SER D 59 -22.94 -16.79 9.70
N LEU D 60 -21.95 -17.60 9.32
CA LEU D 60 -22.07 -18.44 8.14
C LEU D 60 -22.32 -17.60 6.89
N PRO D 61 -21.30 -16.82 6.47
CA PRO D 61 -21.39 -15.97 5.29
C PRO D 61 -21.44 -16.76 4.00
N LYS D 62 -21.31 -18.08 4.11
CA LYS D 62 -21.35 -18.95 2.95
C LYS D 62 -22.53 -18.62 2.05
N VAL D 63 -23.73 -18.92 2.52
CA VAL D 63 -24.95 -18.65 1.77
C VAL D 63 -25.03 -17.19 1.35
N SER D 64 -24.66 -16.30 2.27
CA SER D 64 -24.69 -14.86 2.00
C SER D 64 -23.70 -14.50 0.89
N TYR D 65 -22.78 -15.41 0.60
CA TYR D 65 -21.78 -15.19 -0.43
C TYR D 65 -22.37 -15.39 -1.82
N VAL D 66 -23.10 -16.50 -1.99
CA VAL D 66 -23.73 -16.81 -3.27
C VAL D 66 -24.63 -15.67 -3.73
N LYS D 67 -25.59 -15.31 -2.89
CA LYS D 67 -26.52 -14.23 -3.21
C LYS D 67 -25.79 -12.92 -3.43
N ALA D 68 -24.70 -12.73 -2.69
CA ALA D 68 -23.90 -11.52 -2.80
C ALA D 68 -23.06 -11.52 -4.07
N ILE D 69 -22.83 -12.71 -4.62
CA ILE D 69 -22.05 -12.85 -5.84
C ILE D 69 -22.87 -12.43 -7.06
N ASP D 70 -24.17 -12.63 -7.00
CA ASP D 70 -25.06 -12.26 -8.11
C ASP D 70 -25.16 -10.74 -8.23
N ILE D 71 -24.90 -10.05 -7.13
CA ILE D 71 -24.97 -8.59 -7.12
C ILE D 71 -23.58 -7.98 -7.20
N TRP D 72 -22.60 -8.67 -6.63
CA TRP D 72 -21.22 -8.19 -6.64
C TRP D 72 -20.60 -8.33 -8.04
N LEU D 73 -21.23 -9.14 -8.88
CA LEU D 73 -20.74 -9.35 -10.24
C LEU D 73 -21.31 -8.30 -11.19
N ALA D 74 -21.18 -7.04 -10.81
CA ALA D 74 -21.68 -5.94 -11.63
C ALA D 74 -21.38 -4.59 -10.98
N VAL D 75 -21.43 -4.55 -9.66
CA VAL D 75 -21.16 -3.32 -8.92
C VAL D 75 -19.67 -3.00 -8.92
N CYS D 76 -18.85 -4.03 -9.06
CA CYS D 76 -17.39 -3.85 -9.08
C CYS D 76 -16.90 -3.59 -10.49
N LEU D 77 -17.60 -4.12 -11.48
CA LEU D 77 -17.23 -3.94 -12.88
C LEU D 77 -17.72 -2.60 -13.40
N LEU D 78 -18.75 -2.05 -12.76
CA LEU D 78 -19.32 -0.77 -13.15
C LEU D 78 -18.70 0.38 -12.36
N PHE D 79 -18.36 0.09 -11.11
CA PHE D 79 -17.75 1.10 -10.24
C PHE D 79 -16.37 1.50 -10.74
N VAL D 80 -15.57 0.50 -11.11
CA VAL D 80 -14.22 0.76 -11.63
C VAL D 80 -14.24 1.06 -13.11
N PHE D 81 -15.42 0.92 -13.72
CA PHE D 81 -15.57 1.18 -15.15
C PHE D 81 -15.63 2.67 -15.43
N SER D 82 -16.33 3.41 -14.57
CA SER D 82 -16.46 4.85 -14.72
C SER D 82 -15.24 5.57 -14.16
N ALA D 83 -14.61 4.97 -13.16
CA ALA D 83 -13.43 5.56 -12.54
C ALA D 83 -12.24 5.54 -13.48
N LEU D 84 -12.18 4.51 -14.32
CA LEU D 84 -11.09 4.39 -15.29
C LEU D 84 -11.34 5.26 -16.51
N LEU D 85 -12.61 5.41 -16.89
CA LEU D 85 -12.98 6.23 -18.04
C LEU D 85 -12.43 7.64 -17.90
N GLU D 86 -12.45 8.16 -16.67
CA GLU D 86 -11.94 9.50 -16.41
C GLU D 86 -10.44 9.50 -16.20
N TYR D 87 -9.97 8.59 -15.35
CA TYR D 87 -8.54 8.46 -15.06
C TYR D 87 -7.76 8.19 -16.33
N ALA D 88 -8.44 7.71 -17.36
CA ALA D 88 -7.80 7.40 -18.63
C ALA D 88 -8.18 8.41 -19.70
N ALA D 89 -9.23 9.19 -19.43
CA ALA D 89 -9.70 10.20 -20.37
C ALA D 89 -8.65 11.30 -20.56
N VAL D 90 -7.95 11.61 -19.48
CA VAL D 90 -6.92 12.64 -19.52
C VAL D 90 -5.95 12.41 -20.68
N ASN D 91 -5.61 11.15 -20.92
CA ASN D 91 -4.70 10.79 -22.00
C ASN D 91 -5.45 10.63 -23.31
N PHE D 92 -6.77 10.46 -23.23
CA PHE D 92 -7.59 10.30 -24.41
C PHE D 92 -7.98 11.65 -25.00
N VAL D 93 -7.48 12.72 -24.38
CA VAL D 93 -7.78 14.06 -24.84
C VAL D 93 -7.32 14.27 -26.27
N SER D 94 -6.13 13.75 -26.59
CA SER D 94 -5.57 13.88 -27.92
C SER D 94 -6.53 13.36 -28.97
N ARG D 95 -7.40 12.43 -28.57
CA ARG D 95 -8.37 11.84 -29.48
C ARG D 95 -9.22 12.93 -30.14
N GLN D 96 -9.34 14.07 -29.46
CA GLN D 96 -10.12 15.17 -29.98
C GLN D 96 -11.60 14.79 -30.12
N ARG D 97 -12.06 13.90 -29.26
CA ARG D 97 -13.44 13.44 -29.28
C ARG D 97 -14.40 14.62 -29.28
N GLU D 98 -13.97 15.72 -28.66
CA GLU D 98 -14.80 16.92 -28.58
C GLU D 98 -15.00 17.54 -29.96
N PHE D 99 -15.55 18.74 -29.98
CA PHE D 99 -15.80 19.43 -31.24
C PHE D 99 -14.65 20.39 -31.57
N GLY D 100 -13.51 20.18 -30.92
CA GLY D 100 -12.35 21.03 -31.15
C GLY D 100 -11.40 21.05 -29.98
N GLY D 101 -10.11 21.12 -30.26
CA GLY D 101 -9.12 21.15 -29.20
C GLY D 101 -8.70 22.55 -28.84
N GLY D 102 -9.59 23.52 -29.08
CA GLY D 102 -9.29 24.91 -28.77
C GLY D 102 -9.39 25.19 -27.29
N GLY D 103 -10.23 24.43 -26.59
CA GLY D 103 -10.40 24.63 -25.16
C GLY D 103 -9.66 23.59 -24.35
N PHE D 104 -8.48 23.19 -24.81
CA PHE D 104 -7.67 22.20 -24.11
C PHE D 104 -6.85 22.84 -23.00
N ILE D 105 -6.48 24.10 -23.20
CA ILE D 105 -5.70 24.83 -22.21
C ILE D 105 -6.59 25.47 -21.17
N GLN D 106 -7.87 25.66 -21.51
CA GLN D 106 -8.82 26.25 -20.60
C GLN D 106 -9.58 25.19 -19.81
N ARG D 107 -9.10 23.95 -19.90
CA ARG D 107 -9.73 22.84 -19.19
C ARG D 107 -9.31 22.82 -17.73
N ALA D 108 -8.14 23.38 -17.44
CA ALA D 108 -7.63 23.42 -16.07
C ALA D 108 -8.56 24.20 -15.17
N LYS D 109 -9.43 25.01 -15.77
CA LYS D 109 -10.38 25.82 -15.01
C LYS D 109 -11.15 24.95 -14.01
N LYS D 110 -11.37 23.69 -14.37
CA LYS D 110 -12.09 22.76 -13.51
C LYS D 110 -13.53 23.23 -13.28
N ILE D 111 -14.36 23.07 -14.29
CA ILE D 111 -15.76 23.48 -14.21
C ILE D 111 -16.56 22.48 -13.38
N ASP D 112 -15.90 21.43 -12.92
CA ASP D 112 -16.55 20.40 -12.13
C ASP D 112 -17.57 19.62 -12.95
N LYS D 113 -17.29 19.49 -14.24
CA LYS D 113 -18.18 18.77 -15.15
C LYS D 113 -18.36 17.32 -14.70
N ILE D 114 -17.43 16.85 -13.87
CA ILE D 114 -17.49 15.49 -13.37
C ILE D 114 -18.64 15.32 -12.38
N SER D 115 -18.99 16.40 -11.70
CA SER D 115 -20.07 16.37 -10.73
C SER D 115 -21.42 16.22 -11.42
N ARG D 116 -21.49 16.64 -12.68
CA ARG D 116 -22.72 16.57 -13.46
C ARG D 116 -23.24 15.14 -13.50
N ILE D 117 -22.34 14.18 -13.33
CA ILE D 117 -22.71 12.77 -13.34
C ILE D 117 -22.60 12.15 -11.96
N GLY D 118 -21.62 12.61 -11.17
CA GLY D 118 -21.44 12.10 -9.83
C GLY D 118 -22.61 12.41 -8.92
N PHE D 119 -23.07 13.67 -8.96
CA PHE D 119 -24.17 14.10 -8.13
C PHE D 119 -25.36 13.15 -8.27
N PRO D 120 -25.87 13.02 -9.50
CA PRO D 120 -27.00 12.14 -9.81
C PRO D 120 -26.65 10.67 -9.69
N LEU D 121 -25.36 10.37 -9.57
CA LEU D 121 -24.88 9.00 -9.45
C LEU D 121 -24.95 8.53 -8.00
N ALA D 122 -24.81 9.48 -7.07
CA ALA D 122 -24.86 9.16 -5.65
C ALA D 122 -26.30 8.99 -5.18
N PHE D 123 -27.19 9.86 -5.65
CA PHE D 123 -28.59 9.81 -5.27
C PHE D 123 -29.26 8.56 -5.84
N LEU D 124 -28.88 8.19 -7.06
CA LEU D 124 -29.43 7.03 -7.73
C LEU D 124 -29.03 5.75 -7.01
N ILE D 125 -27.79 5.71 -6.53
CA ILE D 125 -27.28 4.54 -5.82
C ILE D 125 -27.90 4.43 -4.43
N PHE D 126 -27.99 5.57 -3.74
CA PHE D 126 -28.55 5.61 -2.39
C PHE D 126 -29.99 5.11 -2.41
N ASN D 127 -30.73 5.45 -3.46
CA ASN D 127 -32.12 5.05 -3.60
C ASN D 127 -32.24 3.67 -4.25
N LEU D 128 -31.15 3.24 -4.88
CA LEU D 128 -31.13 1.95 -5.55
C LEU D 128 -30.88 0.82 -4.55
N PHE D 129 -30.16 1.13 -3.47
CA PHE D 129 -29.85 0.15 -2.45
C PHE D 129 -30.86 0.24 -1.29
N TYR D 130 -31.50 1.40 -1.17
CA TYR D 130 -32.48 1.61 -0.11
C TYR D 130 -33.81 0.96 -0.46
N TRP D 131 -34.23 1.10 -1.72
CA TRP D 131 -35.48 0.53 -2.18
C TRP D 131 -35.32 -0.97 -2.45
N ILE D 132 -34.11 -1.39 -2.77
CA ILE D 132 -33.83 -2.78 -3.06
C ILE D 132 -33.70 -3.59 -1.77
N ILE D 133 -33.24 -2.94 -0.71
CA ILE D 133 -33.08 -3.60 0.58
C ILE D 133 -34.43 -3.89 1.22
N TYR D 134 -35.32 -2.91 1.19
CA TYR D 134 -36.65 -3.06 1.76
C TYR D 134 -37.57 -3.83 0.82
N LYS D 135 -37.09 -4.07 -0.40
CA LYS D 135 -37.87 -4.81 -1.38
C LYS D 135 -37.58 -6.30 -1.31
N ILE D 136 -36.29 -6.66 -1.26
CA ILE D 136 -35.88 -8.05 -1.18
C ILE D 136 -36.49 -8.73 0.04
N VAL D 137 -36.52 -8.01 1.15
CA VAL D 137 -37.08 -8.54 2.39
C VAL D 137 -38.55 -8.90 2.22
N ARG D 138 -39.17 -8.35 1.19
CA ARG D 138 -40.58 -8.60 0.92
C ARG D 138 -40.74 -9.68 -0.16
N ARG D 139 -39.99 -9.53 -1.25
CA ARG D 139 -40.05 -10.49 -2.36
C ARG D 139 -41.32 -10.28 -3.18
N GLU D 140 -42.46 -10.32 -2.50
CA GLU D 140 -43.75 -10.14 -3.17
C GLU D 140 -44.39 -8.81 -2.78
N ASP D 141 -43.60 -7.94 -2.19
CA ASP D 141 -44.08 -6.63 -1.77
C ASP D 141 -45.34 -6.77 -0.91
N GLU D 142 -45.18 -7.30 0.29
CA GLU D 142 -46.31 -7.49 1.21
C GLU D 142 -46.62 -6.20 1.95
N PHE D 143 -45.67 -5.73 2.77
CA PHE D 143 -45.85 -4.51 3.53
C PHE D 143 -44.89 -3.43 3.07
N GLU D 144 -44.39 -3.58 1.84
CA GLU D 144 -43.45 -2.62 1.28
C GLU D 144 -44.01 -1.19 1.38
N HIS D 145 -45.34 -1.07 1.34
CA HIS D 145 -45.99 0.22 1.43
C HIS D 145 -46.51 0.48 2.84
N HIS D 146 -45.64 0.27 3.82
CA HIS D 146 -46.00 0.48 5.23
C HIS D 146 -44.80 0.29 6.13
N HIS D 147 -43.95 -0.68 5.79
CA HIS D 147 -42.75 -0.97 6.59
C HIS D 147 -41.95 0.30 6.81
N HIS D 148 -41.88 1.15 5.79
CA HIS D 148 -41.13 2.40 5.89
C HIS D 148 -41.55 3.19 7.12
N HIS D 149 -40.72 3.16 8.16
CA HIS D 149 -41.00 3.88 9.39
C HIS D 149 -40.59 5.34 9.28
N HIS D 150 -39.59 5.61 8.44
CA HIS D 150 -39.11 6.98 8.24
C HIS D 150 -38.52 7.53 9.52
N MET E 1 -11.57 -16.02 29.76
CA MET E 1 -12.87 -15.45 30.10
C MET E 1 -12.75 -13.96 30.40
N LEU E 2 -11.53 -13.45 30.38
CA LEU E 2 -11.28 -12.03 30.64
C LEU E 2 -11.62 -11.19 29.42
N GLU E 3 -12.89 -11.25 29.00
CA GLU E 3 -13.33 -10.49 27.85
C GLU E 3 -13.61 -9.04 28.22
N ARG E 4 -14.15 -8.84 29.42
CA ARG E 4 -14.46 -7.51 29.91
C ARG E 4 -13.23 -6.84 30.52
N GLN E 5 -12.19 -7.63 30.73
CA GLN E 5 -10.95 -7.13 31.32
C GLN E 5 -9.99 -6.66 30.23
N LEU E 6 -10.50 -6.53 29.01
CA LEU E 6 -9.68 -6.09 27.88
C LEU E 6 -9.63 -4.56 27.81
N GLY E 7 -10.69 -3.92 28.27
CA GLY E 7 -10.75 -2.47 28.25
C GLY E 7 -9.53 -1.83 28.89
N TYR E 8 -8.92 -2.56 29.82
CA TYR E 8 -7.74 -2.05 30.52
C TYR E 8 -6.59 -1.82 29.55
N TYR E 9 -6.41 -2.75 28.62
CA TYR E 9 -5.34 -2.64 27.63
C TYR E 9 -5.70 -1.61 26.55
N LEU E 10 -6.99 -1.37 26.39
CA LEU E 10 -7.46 -0.41 25.39
C LEU E 10 -7.35 1.02 25.92
N ILE E 11 -7.40 1.17 27.23
CA ILE E 11 -7.30 2.48 27.86
C ILE E 11 -5.88 3.02 27.79
N GLN E 12 -4.91 2.20 28.20
CA GLN E 12 -3.51 2.61 28.18
C GLN E 12 -2.99 2.67 26.75
N LEU E 13 -3.63 1.94 25.86
CA LEU E 13 -3.23 1.91 24.45
C LEU E 13 -3.89 3.05 23.67
N TYR E 14 -5.00 3.57 24.21
CA TYR E 14 -5.71 4.67 23.57
C TYR E 14 -5.00 5.99 23.80
N ILE E 15 -4.37 6.12 24.97
CA ILE E 15 -3.66 7.35 25.31
C ILE E 15 -2.67 7.73 24.21
N PRO E 16 -1.75 6.81 23.89
CA PRO E 16 -0.74 7.03 22.85
C PRO E 16 -1.35 7.06 21.45
N SER E 17 -2.45 6.33 21.27
CA SER E 17 -3.11 6.26 19.98
C SER E 17 -3.81 7.58 19.66
N LEU E 18 -4.25 8.27 20.70
CA LEU E 18 -4.94 9.55 20.54
C LEU E 18 -3.94 10.67 20.30
N LEU E 19 -2.81 10.62 20.99
CA LEU E 19 -1.78 11.63 20.85
C LEU E 19 -1.16 11.59 19.45
N ILE E 20 -0.85 10.37 18.99
CA ILE E 20 -0.27 10.20 17.67
C ILE E 20 -1.25 10.58 16.56
N VAL E 21 -2.54 10.39 16.84
CA VAL E 21 -3.58 10.72 15.88
C VAL E 21 -3.73 12.23 15.71
N ILE E 22 -3.65 12.95 16.82
CA ILE E 22 -3.76 14.40 16.80
C ILE E 22 -2.66 15.03 15.96
N LEU E 23 -1.45 14.48 16.08
CA LEU E 23 -0.31 15.00 15.33
C LEU E 23 -0.47 14.72 13.84
N SER E 24 -1.17 13.64 13.51
CA SER E 24 -1.39 13.27 12.11
C SER E 24 -2.12 14.39 11.37
N TRP E 25 -3.15 14.94 12.01
CA TRP E 25 -3.93 16.02 11.41
C TRP E 25 -3.07 17.26 11.19
N ILE E 26 -2.30 17.63 12.21
CA ILE E 26 -1.43 18.80 12.13
C ILE E 26 -0.56 18.75 10.88
N SER E 27 -0.24 17.54 10.44
CA SER E 27 0.59 17.36 9.25
C SER E 27 -0.27 17.23 8.00
N PHE E 28 -1.50 16.75 8.18
CA PHE E 28 -2.42 16.58 7.07
C PHE E 28 -2.61 17.88 6.30
N TRP E 29 -2.43 19.00 7.00
CA TRP E 29 -2.57 20.31 6.39
C TRP E 29 -1.75 20.42 5.11
N ILE E 30 -0.45 20.19 5.22
CA ILE E 30 0.45 20.26 4.07
C ILE E 30 0.28 19.02 3.18
N ASN E 31 -0.07 17.90 3.79
CA ASN E 31 -0.26 16.66 3.06
C ASN E 31 -1.49 16.74 2.16
N LEU E 32 -2.26 17.81 2.32
CA LEU E 32 -3.46 18.01 1.53
C LEU E 32 -3.17 17.84 0.04
N ASP E 33 -1.93 18.07 -0.35
CA ASP E 33 -1.51 17.93 -1.73
C ASP E 33 0.01 17.92 -1.85
N ALA E 34 0.67 18.73 -1.03
CA ALA E 34 2.13 18.80 -1.04
C ALA E 34 2.75 17.44 -0.78
N ALA E 35 2.11 16.65 0.09
CA ALA E 35 2.61 15.33 0.43
C ALA E 35 1.53 14.52 1.15
N PRO E 36 0.53 14.05 0.39
CA PRO E 36 -0.58 13.27 0.93
C PRO E 36 -0.13 11.86 1.35
N ALA E 37 1.12 11.54 1.06
CA ALA E 37 1.67 10.23 1.41
C ALA E 37 1.63 10.01 2.92
N ARG E 38 1.74 11.09 3.68
CA ARG E 38 1.71 11.01 5.13
C ARG E 38 0.29 10.81 5.64
N VAL E 39 -0.67 11.40 4.94
CA VAL E 39 -2.08 11.29 5.32
C VAL E 39 -2.58 9.86 5.14
N GLY E 40 -2.10 9.19 4.10
CA GLY E 40 -2.51 7.83 3.84
C GLY E 40 -1.85 6.83 4.77
N LEU E 41 -0.69 7.20 5.29
CA LEU E 41 0.04 6.32 6.20
C LEU E 41 -0.46 6.48 7.63
N GLY E 42 -0.78 7.71 8.00
CA GLY E 42 -1.28 7.98 9.35
C GLY E 42 -2.67 7.43 9.57
N ILE E 43 -3.49 7.46 8.52
CA ILE E 43 -4.86 6.95 8.61
C ILE E 43 -4.89 5.43 8.61
N THR E 44 -3.89 4.83 7.97
CA THR E 44 -3.80 3.37 7.91
C THR E 44 -3.10 2.80 9.14
N THR E 45 -2.26 3.62 9.77
CA THR E 45 -1.53 3.21 10.94
C THR E 45 -2.44 3.12 12.16
N VAL E 46 -3.44 4.01 12.21
CA VAL E 46 -4.38 4.05 13.31
C VAL E 46 -5.38 2.90 13.23
N LEU E 47 -5.77 2.56 12.00
CA LEU E 47 -6.72 1.48 11.77
C LEU E 47 -6.02 0.12 11.82
N THR E 48 -4.72 0.13 11.61
CA THR E 48 -3.93 -1.10 11.63
C THR E 48 -3.38 -1.37 13.03
N LEU E 49 -3.25 -0.31 13.83
CA LEU E 49 -2.74 -0.44 15.19
C LEU E 49 -3.84 -0.90 16.15
N THR E 50 -5.08 -0.58 15.81
CA THR E 50 -6.21 -0.96 16.64
C THR E 50 -6.71 -2.36 16.29
N THR E 51 -6.78 -2.65 14.99
CA THR E 51 -7.24 -3.96 14.53
C THR E 51 -6.21 -5.04 14.85
N GLN E 52 -4.94 -4.64 14.93
CA GLN E 52 -3.87 -5.58 15.21
C GLN E 52 -3.65 -5.70 16.72
N SER E 53 -4.20 -4.75 17.47
CA SER E 53 -4.06 -4.75 18.92
C SER E 53 -4.93 -5.84 19.55
N SER E 54 -5.78 -6.45 18.73
CA SER E 54 -6.68 -7.51 19.20
C SER E 54 -6.58 -8.74 18.31
N GLY E 55 -5.37 -9.05 17.86
CA GLY E 55 -5.16 -10.21 17.02
C GLY E 55 -4.95 -11.48 17.81
N SER E 56 -4.34 -11.34 18.99
CA SER E 56 -4.07 -12.50 19.84
C SER E 56 -5.36 -13.25 20.15
N ARG E 57 -6.44 -12.51 20.39
CA ARG E 57 -7.73 -13.11 20.69
C ARG E 57 -7.64 -14.00 21.93
N ALA E 58 -6.60 -13.78 22.73
CA ALA E 58 -6.40 -14.57 23.94
C ALA E 58 -7.17 -13.97 25.12
N SER E 59 -7.53 -12.69 24.99
CA SER E 59 -8.27 -12.00 26.04
C SER E 59 -9.77 -12.03 25.77
N LEU E 60 -10.16 -12.78 24.75
CA LEU E 60 -11.57 -12.89 24.37
C LEU E 60 -12.14 -11.53 24.00
N PRO E 61 -11.68 -10.99 22.86
CA PRO E 61 -12.13 -9.68 22.38
C PRO E 61 -13.58 -9.72 21.89
N LYS E 62 -14.17 -10.90 21.90
CA LYS E 62 -15.55 -11.08 21.46
C LYS E 62 -16.46 -10.03 22.10
N VAL E 63 -16.69 -10.16 23.40
CA VAL E 63 -17.53 -9.22 24.13
C VAL E 63 -17.06 -7.78 23.93
N SER E 64 -15.74 -7.59 23.98
CA SER E 64 -15.17 -6.27 23.80
C SER E 64 -15.47 -5.72 22.42
N TYR E 65 -15.87 -6.60 21.51
CA TYR E 65 -16.19 -6.20 20.14
C TYR E 65 -17.56 -5.54 20.07
N VAL E 66 -18.55 -6.18 20.71
CA VAL E 66 -19.90 -5.64 20.72
C VAL E 66 -19.94 -4.22 21.26
N LYS E 67 -19.44 -4.04 22.48
CA LYS E 67 -19.40 -2.73 23.11
C LYS E 67 -18.58 -1.74 22.28
N ALA E 68 -17.55 -2.25 21.62
CA ALA E 68 -16.68 -1.42 20.80
C ALA E 68 -17.37 -1.05 19.49
N ILE E 69 -18.37 -1.85 19.10
CA ILE E 69 -19.10 -1.61 17.86
C ILE E 69 -20.07 -0.44 18.03
N ASP E 70 -20.59 -0.27 19.24
CA ASP E 70 -21.53 0.81 19.52
C ASP E 70 -20.82 2.16 19.47
N ILE E 71 -19.52 2.15 19.69
CA ILE E 71 -18.72 3.38 19.68
C ILE E 71 -17.97 3.53 18.36
N TRP E 72 -17.59 2.40 17.78
CA TRP E 72 -16.86 2.41 16.51
C TRP E 72 -17.78 2.78 15.36
N LEU E 73 -19.08 2.68 15.58
CA LEU E 73 -20.06 3.02 14.55
C LEU E 73 -20.41 4.51 14.59
N ALA E 74 -19.37 5.34 14.57
CA ALA E 74 -19.57 6.78 14.59
C ALA E 74 -18.23 7.52 14.53
N VAL E 75 -17.21 6.93 15.16
CA VAL E 75 -15.88 7.53 15.18
C VAL E 75 -15.19 7.37 13.83
N CYS E 76 -15.58 6.35 13.09
CA CYS E 76 -15.00 6.08 11.77
C CYS E 76 -15.75 6.83 10.68
N LEU E 77 -17.05 7.06 10.91
CA LEU E 77 -17.88 7.78 9.95
C LEU E 77 -17.71 9.29 10.09
N LEU E 78 -17.27 9.72 11.26
CA LEU E 78 -17.06 11.14 11.52
C LEU E 78 -15.61 11.53 11.26
N PHE E 79 -14.70 10.60 11.51
CA PHE E 79 -13.28 10.86 11.31
C PHE E 79 -12.96 11.04 9.83
N VAL E 80 -13.52 10.16 9.00
CA VAL E 80 -13.30 10.22 7.56
C VAL E 80 -14.28 11.19 6.90
N PHE E 81 -15.22 11.70 7.69
CA PHE E 81 -16.22 12.64 7.18
C PHE E 81 -15.63 14.03 7.02
N SER E 82 -14.80 14.42 7.99
CA SER E 82 -14.16 15.74 7.97
C SER E 82 -12.92 15.73 7.09
N ALA E 83 -12.28 14.57 6.99
CA ALA E 83 -11.07 14.42 6.19
C ALA E 83 -11.40 14.53 4.70
N LEU E 84 -12.59 14.05 4.32
CA LEU E 84 -13.02 14.09 2.93
C LEU E 84 -13.54 15.48 2.56
N LEU E 85 -14.19 16.13 3.52
CA LEU E 85 -14.73 17.46 3.31
C LEU E 85 -13.67 18.42 2.80
N GLU E 86 -12.45 18.27 3.33
CA GLU E 86 -11.34 19.12 2.92
C GLU E 86 -10.67 18.58 1.66
N TYR E 87 -10.36 17.29 1.68
CA TYR E 87 -9.72 16.65 0.54
C TYR E 87 -10.57 16.79 -0.73
N ALA E 88 -11.85 17.07 -0.54
CA ALA E 88 -12.77 17.24 -1.66
C ALA E 88 -13.15 18.70 -1.85
N ALA E 89 -12.89 19.52 -0.83
CA ALA E 89 -13.21 20.94 -0.89
C ALA E 89 -12.38 21.64 -1.96
N VAL E 90 -11.14 21.19 -2.13
CA VAL E 90 -10.24 21.78 -3.13
C VAL E 90 -10.91 21.86 -4.49
N ASN E 91 -11.68 20.83 -4.83
CA ASN E 91 -12.38 20.79 -6.10
C ASN E 91 -13.73 21.50 -6.02
N PHE E 92 -14.21 21.68 -4.79
CA PHE E 92 -15.49 22.35 -4.57
C PHE E 92 -15.32 23.86 -4.57
N VAL E 93 -14.09 24.31 -4.77
CA VAL E 93 -13.79 25.74 -4.79
C VAL E 93 -14.62 26.46 -5.85
N SER E 94 -14.73 25.85 -7.02
CA SER E 94 -15.49 26.43 -8.12
C SER E 94 -16.91 26.76 -7.69
N ARG E 95 -17.39 26.04 -6.68
CA ARG E 95 -18.74 26.24 -6.17
C ARG E 95 -18.96 27.70 -5.77
N GLN E 96 -17.86 28.38 -5.43
CA GLN E 96 -17.92 29.78 -5.02
C GLN E 96 -18.74 29.94 -3.75
N ARG E 97 -18.73 28.91 -2.91
CA ARG E 97 -19.47 28.94 -1.65
C ARG E 97 -19.14 30.19 -0.86
N GLU E 98 -17.91 30.69 -1.02
CA GLU E 98 -17.47 31.89 -0.31
C GLU E 98 -18.25 33.11 -0.78
N PHE E 99 -17.79 34.29 -0.36
CA PHE E 99 -18.45 35.54 -0.74
C PHE E 99 -17.78 36.16 -1.95
N GLY E 100 -17.01 35.35 -2.68
CA GLY E 100 -16.32 35.84 -3.86
C GLY E 100 -15.09 35.03 -4.18
N GLY E 101 -14.83 34.84 -5.48
CA GLY E 101 -13.67 34.09 -5.90
C GLY E 101 -12.47 34.96 -6.19
N GLY E 102 -12.43 36.13 -5.56
CA GLY E 102 -11.32 37.05 -5.77
C GLY E 102 -10.07 36.61 -5.04
N GLY E 103 -10.25 35.90 -3.93
CA GLY E 103 -9.11 35.43 -3.16
C GLY E 103 -8.81 33.96 -3.40
N PHE E 104 -8.98 33.51 -4.64
CA PHE E 104 -8.72 32.13 -5.00
C PHE E 104 -7.24 31.91 -5.28
N ILE E 105 -6.57 32.93 -5.77
CA ILE E 105 -5.14 32.85 -6.08
C ILE E 105 -4.30 33.14 -4.85
N GLN E 106 -4.90 33.82 -3.86
CA GLN E 106 -4.20 34.16 -2.64
C GLN E 106 -4.45 33.11 -1.56
N ARG E 107 -5.04 32.00 -1.96
CA ARG E 107 -5.34 30.91 -1.03
C ARG E 107 -4.09 30.08 -0.75
N ALA E 108 -3.17 30.08 -1.70
CA ALA E 108 -1.93 29.31 -1.57
C ALA E 108 -1.13 29.80 -0.36
N LYS E 109 -1.43 31.00 0.11
CA LYS E 109 -0.74 31.57 1.25
C LYS E 109 -0.73 30.59 2.42
N LYS E 110 -1.79 29.81 2.55
CA LYS E 110 -1.90 28.82 3.62
C LYS E 110 -1.93 29.51 4.99
N ILE E 111 -3.07 30.09 5.32
CA ILE E 111 -3.23 30.79 6.60
C ILE E 111 -3.45 29.79 7.73
N ASP E 112 -3.43 28.51 7.39
CA ASP E 112 -3.63 27.45 8.39
C ASP E 112 -5.05 27.49 8.95
N LYS E 113 -6.00 27.92 8.13
CA LYS E 113 -7.40 28.01 8.54
C LYS E 113 -7.92 26.65 8.98
N ILE E 114 -7.24 25.59 8.55
CA ILE E 114 -7.62 24.23 8.90
C ILE E 114 -7.36 23.95 10.38
N SER E 115 -6.37 24.63 10.93
CA SER E 115 -6.01 24.45 12.34
C SER E 115 -7.08 25.05 13.25
N ARG E 116 -7.83 26.01 12.72
CA ARG E 116 -8.88 26.67 13.49
C ARG E 116 -9.89 25.65 14.00
N ILE E 117 -9.98 24.50 13.33
CA ILE E 117 -10.90 23.45 13.73
C ILE E 117 -10.14 22.24 14.29
N GLY E 118 -8.96 21.98 13.73
CA GLY E 118 -8.16 20.87 14.19
C GLY E 118 -7.69 21.03 15.62
N PHE E 119 -7.19 22.22 15.94
CA PHE E 119 -6.69 22.50 17.29
C PHE E 119 -7.73 22.12 18.33
N PRO E 120 -8.92 22.74 18.25
CA PRO E 120 -10.02 22.47 19.19
C PRO E 120 -10.62 21.09 18.99
N LEU E 121 -10.25 20.42 17.90
CA LEU E 121 -10.75 19.09 17.61
C LEU E 121 -9.93 18.03 18.33
N ALA E 122 -8.66 18.33 18.58
CA ALA E 122 -7.76 17.41 19.26
C ALA E 122 -8.00 17.45 20.77
N PHE E 123 -8.17 18.66 21.31
CA PHE E 123 -8.40 18.83 22.73
C PHE E 123 -9.75 18.26 23.15
N LEU E 124 -10.75 18.42 22.29
CA LEU E 124 -12.09 17.92 22.56
C LEU E 124 -12.11 16.40 22.58
N ILE E 125 -11.35 15.79 21.69
CA ILE E 125 -11.27 14.33 21.61
C ILE E 125 -10.48 13.77 22.78
N PHE E 126 -9.36 14.39 23.10
CA PHE E 126 -8.52 13.95 24.21
C PHE E 126 -9.29 13.96 25.52
N ASN E 127 -10.16 14.95 25.69
CA ASN E 127 -10.96 15.09 26.90
C ASN E 127 -12.25 14.29 26.78
N LEU E 128 -12.60 13.91 25.56
CA LEU E 128 -13.82 13.14 25.31
C LEU E 128 -13.59 11.66 25.60
N PHE E 129 -12.35 11.21 25.40
CA PHE E 129 -12.01 9.80 25.64
C PHE E 129 -11.43 9.62 27.04
N TYR E 130 -10.92 10.71 27.60
CA TYR E 130 -10.34 10.67 28.94
C TYR E 130 -11.41 10.67 30.02
N TRP E 131 -12.43 11.50 29.83
CA TRP E 131 -13.54 11.60 30.78
C TRP E 131 -14.51 10.45 30.60
N ILE E 132 -14.57 9.91 29.38
CA ILE E 132 -15.46 8.79 29.08
C ILE E 132 -14.89 7.47 29.58
N ILE E 133 -13.56 7.38 29.60
CA ILE E 133 -12.89 6.17 30.07
C ILE E 133 -13.02 6.02 31.58
N TYR E 134 -12.81 7.11 32.31
CA TYR E 134 -12.91 7.08 33.76
C TYR E 134 -14.37 7.14 34.20
N LYS E 135 -15.27 7.39 33.25
CA LYS E 135 -16.69 7.47 33.54
C LYS E 135 -17.36 6.10 33.41
N ILE E 136 -17.08 5.43 32.30
CA ILE E 136 -17.65 4.11 32.04
C ILE E 136 -17.30 3.13 33.17
N VAL E 137 -16.06 3.21 33.65
CA VAL E 137 -15.61 2.34 34.71
C VAL E 137 -16.44 2.54 35.98
N ARG E 138 -17.13 3.66 36.05
CA ARG E 138 -17.97 3.99 37.20
C ARG E 138 -19.43 3.65 36.93
N ARG E 139 -19.92 4.08 35.77
CA ARG E 139 -21.30 3.82 35.38
C ARG E 139 -22.25 4.75 36.15
N GLU E 140 -22.16 4.72 37.47
CA GLU E 140 -23.01 5.56 38.31
C GLU E 140 -22.20 6.66 38.99
N ASP E 141 -20.99 6.88 38.49
CA ASP E 141 -20.11 7.91 39.04
C ASP E 141 -19.97 7.75 40.55
N GLU E 142 -19.29 6.68 40.97
CA GLU E 142 -19.08 6.42 42.39
C GLU E 142 -17.91 7.23 42.94
N PHE E 143 -16.72 6.95 42.43
CA PHE E 143 -15.52 7.65 42.86
C PHE E 143 -14.95 8.51 41.73
N GLU E 144 -15.79 8.82 40.75
CA GLU E 144 -15.37 9.62 39.61
C GLU E 144 -14.70 10.91 40.07
N HIS E 145 -15.11 11.41 41.24
CA HIS E 145 -14.55 12.63 41.79
C HIS E 145 -13.52 12.32 42.87
N HIS E 146 -12.58 11.44 42.53
CA HIS E 146 -11.53 11.05 43.47
C HIS E 146 -10.53 10.11 42.80
N HIS E 147 -11.04 9.22 41.94
CA HIS E 147 -10.18 8.26 41.25
C HIS E 147 -9.03 8.98 40.54
N HIS E 148 -9.32 10.16 40.00
CA HIS E 148 -8.30 10.94 39.31
C HIS E 148 -7.06 11.14 40.18
N HIS E 149 -6.02 10.36 39.89
CA HIS E 149 -4.78 10.46 40.65
C HIS E 149 -3.92 11.63 40.16
N HIS E 150 -4.06 11.95 38.88
CA HIS E 150 -3.30 13.04 38.29
C HIS E 150 -4.19 13.91 37.40
N MET A 1 11.96 -23.25 28.88
CA MET A 1 11.41 -21.93 28.58
C MET A 1 12.52 -20.95 28.21
N LEU A 2 13.01 -21.05 26.97
CA LEU A 2 14.06 -20.18 26.50
C LEU A 2 13.52 -18.79 26.15
N GLU A 3 12.94 -18.13 27.14
CA GLU A 3 12.37 -16.80 26.93
C GLU A 3 13.47 -15.73 26.97
N ARG A 4 14.46 -15.95 27.82
CA ARG A 4 15.56 -15.01 27.96
C ARG A 4 16.63 -15.26 26.91
N GLN A 5 16.52 -16.39 26.21
CA GLN A 5 17.47 -16.76 25.17
C GLN A 5 17.03 -16.21 23.82
N LEU A 6 16.03 -15.35 23.83
CA LEU A 6 15.51 -14.75 22.61
C LEU A 6 16.30 -13.50 22.23
N GLY A 7 16.85 -12.83 23.24
CA GLY A 7 17.62 -11.62 22.99
C GLY A 7 18.73 -11.85 21.98
N TYR A 8 19.17 -13.08 21.85
CA TYR A 8 20.23 -13.42 20.91
C TYR A 8 19.81 -13.13 19.47
N TYR A 9 18.55 -13.45 19.16
CA TYR A 9 18.01 -13.24 17.83
C TYR A 9 17.71 -11.76 17.60
N LEU A 10 17.48 -11.03 18.70
CA LEU A 10 17.18 -9.60 18.61
C LEU A 10 18.45 -8.79 18.43
N ILE A 11 19.57 -9.33 18.90
CA ILE A 11 20.85 -8.66 18.79
C ILE A 11 21.35 -8.65 17.35
N GLN A 12 21.42 -9.84 16.74
CA GLN A 12 21.87 -9.98 15.36
C GLN A 12 20.86 -9.36 14.40
N LEU A 13 19.60 -9.27 14.84
CA LEU A 13 18.54 -8.70 14.01
C LEU A 13 18.48 -7.19 14.17
N TYR A 14 19.03 -6.69 15.27
CA TYR A 14 19.04 -5.26 15.54
C TYR A 14 20.06 -4.53 14.67
N ILE A 15 21.22 -5.18 14.48
CA ILE A 15 22.28 -4.60 13.66
C ILE A 15 21.75 -4.13 12.32
N PRO A 16 21.14 -5.04 11.56
CA PRO A 16 20.57 -4.75 10.24
C PRO A 16 19.34 -3.85 10.34
N SER A 17 18.59 -3.99 11.43
CA SER A 17 17.38 -3.20 11.64
C SER A 17 17.73 -1.74 11.90
N LEU A 18 18.90 -1.51 12.46
CA LEU A 18 19.35 -0.15 12.77
C LEU A 18 20.00 0.49 11.55
N LEU A 19 20.76 -0.31 10.81
CA LEU A 19 21.44 0.18 9.61
C LEU A 19 20.44 0.69 8.58
N ILE A 20 19.40 -0.10 8.34
CA ILE A 20 18.36 0.27 7.38
C ILE A 20 17.63 1.53 7.82
N VAL A 21 17.60 1.77 9.12
CA VAL A 21 16.94 2.94 9.68
C VAL A 21 17.78 4.20 9.48
N ILE A 22 19.10 4.03 9.54
CA ILE A 22 20.02 5.15 9.37
C ILE A 22 19.93 5.71 7.96
N LEU A 23 19.81 4.82 6.98
CA LEU A 23 19.71 5.23 5.58
C LEU A 23 18.35 5.84 5.28
N SER A 24 17.34 5.42 6.02
CA SER A 24 15.99 5.92 5.83
C SER A 24 15.94 7.44 5.99
N TRP A 25 16.35 7.92 7.15
CA TRP A 25 16.36 9.35 7.43
C TRP A 25 17.25 10.09 6.43
N ILE A 26 18.41 9.50 6.13
CA ILE A 26 19.35 10.10 5.19
C ILE A 26 18.65 10.51 3.90
N SER A 27 17.61 9.77 3.53
CA SER A 27 16.85 10.05 2.32
C SER A 27 15.59 10.85 2.63
N PHE A 28 15.15 10.77 3.88
CA PHE A 28 13.95 11.49 4.31
C PHE A 28 14.10 12.99 4.04
N TRP A 29 15.34 13.46 4.01
CA TRP A 29 15.61 14.87 3.77
C TRP A 29 14.94 15.33 2.48
N ILE A 30 15.29 14.69 1.37
CA ILE A 30 14.73 15.04 0.08
C ILE A 30 13.31 14.46 -0.08
N ASN A 31 13.09 13.30 0.50
CA ASN A 31 11.78 12.65 0.43
C ASN A 31 10.73 13.45 1.17
N LEU A 32 11.18 14.44 1.92
CA LEU A 32 10.27 15.30 2.69
C LEU A 32 9.14 15.82 1.81
N ASP A 33 9.40 15.90 0.51
CA ASP A 33 8.40 16.37 -0.44
C ASP A 33 8.77 15.98 -1.86
N ALA A 34 10.06 16.04 -2.17
CA ALA A 34 10.55 15.70 -3.50
C ALA A 34 10.13 14.28 -3.89
N ALA A 35 10.19 13.37 -2.92
CA ALA A 35 9.81 11.97 -3.15
C ALA A 35 9.60 11.24 -1.84
N PRO A 36 8.48 11.53 -1.17
CA PRO A 36 8.13 10.90 0.12
C PRO A 36 7.78 9.43 -0.05
N ALA A 37 7.69 8.98 -1.29
CA ALA A 37 7.34 7.58 -1.57
C ALA A 37 8.32 6.63 -0.89
N ARG A 38 9.58 7.05 -0.80
CA ARG A 38 10.61 6.24 -0.16
C ARG A 38 10.47 6.27 1.35
N VAL A 39 10.03 7.40 1.88
CA VAL A 39 9.85 7.56 3.32
C VAL A 39 8.72 6.69 3.84
N GLY A 40 7.70 6.51 3.01
CA GLY A 40 6.56 5.69 3.41
C GLY A 40 6.86 4.20 3.32
N LEU A 41 7.82 3.84 2.47
CA LEU A 41 8.20 2.45 2.30
C LEU A 41 9.21 2.02 3.37
N GLY A 42 10.10 2.93 3.72
CA GLY A 42 11.11 2.63 4.72
C GLY A 42 10.52 2.54 6.12
N ILE A 43 9.51 3.37 6.39
CA ILE A 43 8.86 3.37 7.70
C ILE A 43 7.98 2.15 7.88
N THR A 44 7.44 1.64 6.76
CA THR A 44 6.58 0.46 6.80
C THR A 44 7.38 -0.82 6.74
N THR A 45 8.61 -0.71 6.23
CA THR A 45 9.49 -1.87 6.12
C THR A 45 10.07 -2.26 7.48
N VAL A 46 10.30 -1.25 8.32
CA VAL A 46 10.85 -1.48 9.65
C VAL A 46 9.80 -2.04 10.59
N LEU A 47 8.57 -1.57 10.45
CA LEU A 47 7.46 -2.02 11.29
C LEU A 47 6.93 -3.38 10.81
N THR A 48 7.19 -3.69 9.54
CA THR A 48 6.74 -4.95 8.96
C THR A 48 7.79 -6.04 9.15
N LEU A 49 9.04 -5.64 9.29
CA LEU A 49 10.14 -6.59 9.47
C LEU A 49 10.18 -7.10 10.90
N THR A 50 9.73 -6.26 11.84
CA THR A 50 9.72 -6.63 13.25
C THR A 50 8.44 -7.37 13.61
N THR A 51 7.31 -6.89 13.09
CA THR A 51 6.01 -7.51 13.36
C THR A 51 5.98 -8.95 12.85
N GLN A 52 6.69 -9.21 11.75
CA GLN A 52 6.74 -10.54 11.17
C GLN A 52 7.61 -11.47 12.01
N SER A 53 8.59 -10.89 12.70
CA SER A 53 9.50 -11.67 13.53
C SER A 53 8.90 -11.89 14.92
N SER A 54 7.83 -11.18 15.22
CA SER A 54 7.16 -11.29 16.51
C SER A 54 6.20 -12.47 16.52
N GLY A 55 6.14 -13.19 15.40
CA GLY A 55 5.25 -14.34 15.30
C GLY A 55 5.88 -15.61 15.83
N SER A 56 7.15 -15.52 16.21
CA SER A 56 7.88 -16.68 16.73
C SER A 56 7.17 -17.25 17.96
N ARG A 57 6.78 -16.36 18.86
CA ARG A 57 6.10 -16.77 20.09
C ARG A 57 6.96 -17.74 20.89
N ALA A 58 8.26 -17.73 20.61
CA ALA A 58 9.19 -18.61 21.31
C ALA A 58 9.68 -17.99 22.62
N SER A 59 9.52 -16.67 22.72
CA SER A 59 9.93 -15.94 23.92
C SER A 59 8.87 -16.04 25.02
N LEU A 60 7.80 -16.77 24.73
CA LEU A 60 6.71 -16.95 25.68
C LEU A 60 6.05 -15.61 26.01
N PRO A 61 4.81 -15.66 26.53
CA PRO A 61 4.05 -14.48 26.89
C PRO A 61 4.63 -13.76 28.12
N LYS A 62 5.70 -14.33 28.66
CA LYS A 62 6.35 -13.74 29.83
C LYS A 62 7.34 -12.66 29.42
N VAL A 63 8.38 -13.04 28.68
CA VAL A 63 9.38 -12.09 28.21
C VAL A 63 8.82 -11.18 27.13
N SER A 64 8.10 -11.77 26.18
CA SER A 64 7.52 -11.02 25.08
C SER A 64 6.60 -9.92 25.61
N TYR A 65 5.93 -10.19 26.73
CA TYR A 65 5.03 -9.22 27.33
C TYR A 65 5.78 -7.97 27.76
N VAL A 66 6.78 -8.15 28.61
CA VAL A 66 7.58 -7.04 29.11
C VAL A 66 8.14 -6.22 27.96
N LYS A 67 8.85 -6.88 27.05
CA LYS A 67 9.45 -6.22 25.90
C LYS A 67 8.38 -5.54 25.05
N ALA A 68 7.16 -6.08 25.08
CA ALA A 68 6.06 -5.52 24.32
C ALA A 68 5.54 -4.24 24.97
N ILE A 69 5.84 -4.07 26.25
CA ILE A 69 5.40 -2.89 26.98
C ILE A 69 6.22 -1.66 26.59
N ASP A 70 7.52 -1.86 26.43
CA ASP A 70 8.42 -0.77 26.05
C ASP A 70 8.26 -0.43 24.58
N ILE A 71 7.69 -1.35 23.82
CA ILE A 71 7.49 -1.15 22.40
C ILE A 71 6.07 -0.68 22.10
N TRP A 72 5.22 -0.69 23.12
CA TRP A 72 3.84 -0.25 22.97
C TRP A 72 3.75 1.27 22.87
N LEU A 73 4.70 1.96 23.49
CA LEU A 73 4.74 3.41 23.46
C LEU A 73 6.11 3.94 23.87
N ALA A 74 7.01 4.03 22.90
CA ALA A 74 8.36 4.52 23.16
C ALA A 74 9.19 4.56 21.89
N VAL A 75 9.43 3.37 21.32
CA VAL A 75 10.22 3.27 20.09
C VAL A 75 9.35 3.53 18.87
N CYS A 76 8.06 3.74 19.08
CA CYS A 76 7.12 4.01 18.00
C CYS A 76 6.48 5.38 18.16
N LEU A 77 6.32 5.82 19.41
CA LEU A 77 5.72 7.10 19.70
C LEU A 77 6.74 8.22 19.59
N LEU A 78 8.02 7.86 19.65
CA LEU A 78 9.10 8.84 19.56
C LEU A 78 9.68 8.86 18.14
N PHE A 79 9.69 7.72 17.48
CA PHE A 79 10.21 7.61 16.13
C PHE A 79 9.32 8.37 15.14
N VAL A 80 8.02 8.22 15.30
CA VAL A 80 7.06 8.89 14.43
C VAL A 80 6.73 10.30 14.93
N PHE A 81 7.24 10.61 16.13
CA PHE A 81 6.99 11.93 16.73
C PHE A 81 7.88 12.99 16.08
N SER A 82 9.12 12.63 15.80
CA SER A 82 10.06 13.57 15.19
C SER A 82 9.87 13.60 13.67
N ALA A 83 9.43 12.48 13.12
CA ALA A 83 9.20 12.39 11.68
C ALA A 83 8.05 13.28 11.24
N LEU A 84 7.05 13.40 12.11
CA LEU A 84 5.89 14.23 11.82
C LEU A 84 6.17 15.71 12.08
N LEU A 85 7.01 15.97 13.08
CA LEU A 85 7.37 17.34 13.43
C LEU A 85 7.99 18.06 12.24
N GLU A 86 8.77 17.33 11.45
CA GLU A 86 9.42 17.90 10.28
C GLU A 86 8.48 17.89 9.08
N TYR A 87 7.77 16.78 8.91
CA TYR A 87 6.84 16.64 7.80
C TYR A 87 5.77 17.72 7.84
N ALA A 88 5.61 18.34 9.00
CA ALA A 88 4.63 19.41 9.17
C ALA A 88 5.30 20.75 9.45
N ALA A 89 6.60 20.70 9.73
CA ALA A 89 7.36 21.91 10.00
C ALA A 89 7.44 22.80 8.77
N VAL A 90 7.52 22.19 7.60
CA VAL A 90 7.59 22.91 6.34
C VAL A 90 6.51 23.98 6.26
N ASN A 91 5.31 23.63 6.73
CA ASN A 91 4.18 24.55 6.71
C ASN A 91 4.18 25.45 7.94
N PHE A 92 4.90 25.02 8.97
CA PHE A 92 4.99 25.79 10.22
C PHE A 92 5.99 26.93 10.08
N VAL A 93 6.63 27.02 8.92
CA VAL A 93 7.61 28.06 8.66
C VAL A 93 7.01 29.45 8.90
N SER A 94 5.72 29.59 8.60
CA SER A 94 5.03 30.86 8.78
C SER A 94 5.04 31.29 10.25
N ARG A 95 5.31 30.32 11.13
CA ARG A 95 5.34 30.59 12.56
C ARG A 95 6.32 31.73 12.88
N GLN A 96 7.31 31.92 12.01
CA GLN A 96 8.30 32.97 12.19
C GLN A 96 8.96 32.86 13.56
N ARG A 97 9.00 31.64 14.10
CA ARG A 97 9.60 31.40 15.40
C ARG A 97 11.01 31.98 15.47
N GLU A 98 11.68 32.01 14.33
CA GLU A 98 13.04 32.54 14.25
C GLU A 98 13.08 34.02 14.64
N PHE A 99 14.21 34.66 14.41
CA PHE A 99 14.38 36.07 14.75
C PHE A 99 14.04 36.96 13.54
N GLY A 100 13.35 36.38 12.57
CA GLY A 100 12.98 37.13 11.38
C GLY A 100 12.77 36.23 10.18
N GLY A 101 11.80 36.59 9.34
CA GLY A 101 11.51 35.80 8.15
C GLY A 101 12.37 36.20 6.97
N GLY A 102 13.36 37.05 7.22
CA GLY A 102 14.25 37.49 6.15
C GLY A 102 14.84 36.34 5.36
N GLY A 103 15.12 35.23 6.05
CA GLY A 103 15.69 34.07 5.39
C GLY A 103 14.64 33.00 5.13
N PHE A 104 13.40 33.41 4.96
CA PHE A 104 12.31 32.47 4.70
C PHE A 104 12.47 31.81 3.33
N ILE A 105 12.87 32.61 2.35
CA ILE A 105 13.05 32.12 0.98
C ILE A 105 14.44 31.51 0.81
N GLN A 106 15.34 31.82 1.74
CA GLN A 106 16.70 31.30 1.68
C GLN A 106 16.80 29.96 2.42
N ARG A 107 15.66 29.42 2.82
CA ARG A 107 15.62 28.14 3.52
C ARG A 107 15.65 26.98 2.54
N ALA A 108 15.21 27.24 1.31
CA ALA A 108 15.17 26.21 0.27
C ALA A 108 16.58 25.67 -0.01
N LYS A 109 17.59 26.45 0.38
CA LYS A 109 18.97 26.05 0.17
C LYS A 109 19.22 24.63 0.67
N LYS A 110 18.48 24.24 1.71
CA LYS A 110 18.62 22.90 2.28
C LYS A 110 20.02 22.68 2.82
N ILE A 111 20.31 23.30 3.95
CA ILE A 111 21.63 23.17 4.58
C ILE A 111 21.84 21.76 5.12
N ASP A 112 20.78 20.97 5.12
CA ASP A 112 20.84 19.59 5.61
C ASP A 112 21.17 19.57 7.10
N LYS A 113 20.70 20.57 7.82
CA LYS A 113 20.94 20.65 9.26
C LYS A 113 20.27 19.50 10.00
N ILE A 114 19.36 18.81 9.31
CA ILE A 114 18.65 17.69 9.90
C ILE A 114 19.56 16.49 10.08
N SER A 115 20.74 16.55 9.45
CA SER A 115 21.71 15.46 9.54
C SER A 115 22.52 15.56 10.82
N ARG A 116 22.48 16.73 11.45
CA ARG A 116 23.21 16.95 12.69
C ARG A 116 22.47 16.35 13.88
N ILE A 117 21.29 15.80 13.61
CA ILE A 117 20.47 15.20 14.66
C ILE A 117 20.19 13.73 14.36
N GLY A 118 19.88 13.44 13.10
CA GLY A 118 19.59 12.08 12.70
C GLY A 118 20.78 11.15 12.86
N PHE A 119 21.94 11.61 12.39
CA PHE A 119 23.17 10.82 12.48
C PHE A 119 23.39 10.33 13.90
N PRO A 120 23.50 11.28 14.84
CA PRO A 120 23.72 10.97 16.26
C PRO A 120 22.49 10.33 16.91
N LEU A 121 21.37 10.35 16.20
CA LEU A 121 20.13 9.78 16.71
C LEU A 121 20.07 8.28 16.43
N ALA A 122 20.54 7.88 15.25
CA ALA A 122 20.55 6.48 14.86
C ALA A 122 21.79 5.78 15.37
N PHE A 123 22.87 6.54 15.53
CA PHE A 123 24.13 5.98 16.01
C PHE A 123 24.10 5.80 17.53
N LEU A 124 23.35 6.65 18.20
CA LEU A 124 23.23 6.59 19.65
C LEU A 124 22.29 5.46 20.08
N ILE A 125 21.22 5.28 19.31
CA ILE A 125 20.25 4.23 19.61
C ILE A 125 20.83 2.85 19.34
N PHE A 126 21.62 2.74 18.26
CA PHE A 126 22.24 1.47 17.90
C PHE A 126 23.30 1.07 18.91
N ASN A 127 24.03 2.06 19.41
CA ASN A 127 25.08 1.81 20.40
C ASN A 127 24.49 1.69 21.80
N LEU A 128 23.30 2.23 21.99
CA LEU A 128 22.63 2.17 23.28
C LEU A 128 21.93 0.83 23.48
N PHE A 129 21.52 0.21 22.38
CA PHE A 129 20.84 -1.08 22.43
C PHE A 129 21.86 -2.22 22.55
N TYR A 130 23.03 -2.02 21.96
CA TYR A 130 24.08 -3.03 21.99
C TYR A 130 24.71 -3.11 23.39
N TRP A 131 24.84 -1.95 24.04
CA TRP A 131 25.42 -1.89 25.37
C TRP A 131 24.37 -2.21 26.45
N ILE A 132 23.10 -2.10 26.07
CA ILE A 132 22.01 -2.36 27.00
C ILE A 132 21.61 -3.83 26.97
N ILE A 133 21.81 -4.47 25.81
CA ILE A 133 21.47 -5.88 25.66
C ILE A 133 22.55 -6.77 26.26
N TYR A 134 23.80 -6.34 26.13
CA TYR A 134 24.93 -7.10 26.66
C TYR A 134 25.17 -6.78 28.13
N LYS A 135 24.42 -5.81 28.64
CA LYS A 135 24.54 -5.40 30.04
C LYS A 135 23.34 -5.86 30.85
N ILE A 136 22.16 -5.79 30.24
CA ILE A 136 20.93 -6.21 30.91
C ILE A 136 21.04 -7.63 31.45
N VAL A 137 21.65 -8.51 30.67
CA VAL A 137 21.83 -9.90 31.06
C VAL A 137 22.67 -10.00 32.34
N ARG A 138 23.40 -8.92 32.64
CA ARG A 138 24.23 -8.90 33.83
C ARG A 138 23.53 -8.18 34.98
N ARG A 139 23.01 -6.99 34.71
CA ARG A 139 22.31 -6.21 35.71
C ARG A 139 21.12 -6.98 36.28
N GLU A 140 20.66 -7.97 35.52
CA GLU A 140 19.52 -8.79 35.94
C GLU A 140 19.98 -10.18 36.36
N ASP A 141 21.29 -10.37 36.43
CA ASP A 141 21.87 -11.66 36.82
C ASP A 141 22.51 -11.57 38.20
N GLU A 142 23.26 -10.51 38.43
CA GLU A 142 23.94 -10.31 39.71
C GLU A 142 23.11 -9.41 40.63
N PHE A 143 22.19 -8.66 40.03
CA PHE A 143 21.34 -7.75 40.80
C PHE A 143 19.91 -8.29 40.87
N GLU A 144 19.75 -9.58 40.62
CA GLU A 144 18.43 -10.21 40.65
C GLU A 144 17.72 -9.90 41.98
N HIS A 145 18.50 -9.72 43.04
CA HIS A 145 17.96 -9.42 44.35
C HIS A 145 19.05 -8.96 45.31
N HIS A 146 19.16 -7.64 45.48
CA HIS A 146 20.17 -7.07 46.36
C HIS A 146 19.99 -5.56 46.48
N HIS A 147 19.62 -4.93 45.36
CA HIS A 147 19.41 -3.48 45.34
C HIS A 147 18.47 -3.04 46.46
N HIS A 148 17.21 -3.46 46.36
CA HIS A 148 16.22 -3.10 47.36
C HIS A 148 16.07 -1.59 47.48
N HIS A 149 16.47 -0.88 46.43
CA HIS A 149 16.38 0.57 46.41
C HIS A 149 14.95 1.04 46.62
N HIS A 150 14.00 0.16 46.31
CA HIS A 150 12.57 0.47 46.45
C HIS A 150 12.17 1.63 45.55
N MET B 1 12.47 -34.28 4.11
CA MET B 1 13.62 -35.04 3.64
C MET B 1 14.26 -34.37 2.43
N LEU B 2 13.42 -34.01 1.46
CA LEU B 2 13.90 -33.36 0.24
C LEU B 2 14.20 -31.89 0.49
N GLU B 3 15.12 -31.62 1.41
CA GLU B 3 15.50 -30.25 1.75
C GLU B 3 16.50 -29.70 0.73
N ARG B 4 17.37 -30.57 0.23
CA ARG B 4 18.37 -30.17 -0.75
C ARG B 4 17.79 -30.18 -2.17
N GLN B 5 16.60 -30.76 -2.31
CA GLN B 5 15.94 -30.83 -3.61
C GLN B 5 15.06 -29.61 -3.83
N LEU B 6 15.21 -28.61 -2.97
CA LEU B 6 14.42 -27.38 -3.08
C LEU B 6 15.09 -26.38 -4.02
N GLY B 7 16.41 -26.47 -4.10
CA GLY B 7 17.16 -25.57 -4.97
C GLY B 7 16.64 -25.58 -6.40
N TYR B 8 16.01 -26.69 -6.78
CA TYR B 8 15.47 -26.83 -8.13
C TYR B 8 14.39 -25.78 -8.39
N TYR B 9 13.55 -25.55 -7.38
CA TYR B 9 12.47 -24.58 -7.51
C TYR B 9 13.00 -23.15 -7.43
N LEU B 10 14.14 -22.99 -6.78
CA LEU B 10 14.77 -21.68 -6.62
C LEU B 10 15.51 -21.27 -7.89
N ILE B 11 15.96 -22.27 -8.65
CA ILE B 11 16.69 -22.02 -9.89
C ILE B 11 15.75 -21.48 -10.97
N GLN B 12 14.66 -22.20 -11.22
CA GLN B 12 13.70 -21.79 -12.23
C GLN B 12 12.95 -20.53 -11.79
N LEU B 13 12.91 -20.31 -10.48
CA LEU B 13 12.22 -19.14 -9.93
C LEU B 13 13.15 -17.94 -9.89
N TYR B 14 14.45 -18.19 -9.92
CA TYR B 14 15.45 -17.13 -9.89
C TYR B 14 15.54 -16.42 -11.23
N ILE B 15 15.43 -17.19 -12.30
CA ILE B 15 15.49 -16.64 -13.65
C ILE B 15 14.54 -15.45 -13.80
N PRO B 16 13.26 -15.68 -13.53
CA PRO B 16 12.22 -14.64 -13.63
C PRO B 16 12.36 -13.59 -12.53
N SER B 17 12.85 -14.01 -11.37
CA SER B 17 13.03 -13.11 -10.24
C SER B 17 14.16 -12.11 -10.51
N LEU B 18 15.12 -12.52 -11.33
CA LEU B 18 16.25 -11.66 -11.68
C LEU B 18 15.90 -10.74 -12.84
N LEU B 19 15.15 -11.27 -13.80
CA LEU B 19 14.73 -10.48 -14.96
C LEU B 19 13.89 -9.29 -14.54
N ILE B 20 12.92 -9.53 -13.68
CA ILE B 20 12.03 -8.47 -13.20
C ILE B 20 12.81 -7.42 -12.41
N VAL B 21 13.93 -7.84 -11.83
CA VAL B 21 14.76 -6.94 -11.05
C VAL B 21 15.59 -6.04 -11.96
N ILE B 22 15.99 -6.58 -13.10
CA ILE B 22 16.79 -5.82 -14.06
C ILE B 22 16.00 -4.66 -14.65
N LEU B 23 14.73 -4.90 -14.92
CA LEU B 23 13.85 -3.88 -15.47
C LEU B 23 13.49 -2.83 -14.43
N SER B 24 13.48 -3.26 -13.17
CA SER B 24 13.14 -2.36 -12.06
C SER B 24 14.07 -1.15 -12.04
N TRP B 25 15.37 -1.43 -11.92
CA TRP B 25 16.37 -0.37 -11.88
C TRP B 25 16.32 0.47 -13.16
N ILE B 26 16.17 -0.20 -14.29
CA ILE B 26 16.10 0.48 -15.58
C ILE B 26 15.10 1.62 -15.55
N SER B 27 14.06 1.47 -14.73
CA SER B 27 13.03 2.49 -14.61
C SER B 27 13.28 3.38 -13.40
N PHE B 28 14.03 2.86 -12.44
CA PHE B 28 14.35 3.60 -11.22
C PHE B 28 15.02 4.94 -11.56
N TRP B 29 15.68 4.99 -12.71
CA TRP B 29 16.37 6.20 -13.15
C TRP B 29 15.40 7.39 -13.15
N ILE B 30 14.32 7.27 -13.91
CA ILE B 30 13.33 8.33 -13.99
C ILE B 30 12.41 8.33 -12.77
N ASN B 31 12.14 7.14 -12.25
CA ASN B 31 11.27 7.01 -11.08
C ASN B 31 11.92 7.62 -9.85
N LEU B 32 13.20 7.97 -9.97
CA LEU B 32 13.94 8.58 -8.87
C LEU B 32 13.16 9.74 -8.27
N ASP B 33 12.31 10.36 -9.08
CA ASP B 33 11.50 11.49 -8.64
C ASP B 33 10.33 11.72 -9.57
N ALA B 34 10.57 11.56 -10.87
CA ALA B 34 9.53 11.75 -11.87
C ALA B 34 8.32 10.87 -11.59
N ALA B 35 8.57 9.63 -11.17
CA ALA B 35 7.50 8.70 -10.86
C ALA B 35 8.02 7.52 -10.04
N PRO B 36 8.31 7.77 -8.76
CA PRO B 36 8.83 6.73 -7.85
C PRO B 36 7.78 5.69 -7.51
N ALA B 37 6.55 5.92 -7.95
CA ALA B 37 5.45 5.00 -7.70
C ALA B 37 5.78 3.60 -8.22
N ARG B 38 6.51 3.54 -9.33
CA ARG B 38 6.89 2.27 -9.92
C ARG B 38 8.02 1.61 -9.14
N VAL B 39 8.90 2.44 -8.57
CA VAL B 39 10.02 1.94 -7.79
C VAL B 39 9.55 1.29 -6.50
N GLY B 40 8.47 1.82 -5.94
CA GLY B 40 7.94 1.28 -4.70
C GLY B 40 7.16 -0.01 -4.92
N LEU B 41 6.63 -0.18 -6.13
CA LEU B 41 5.87 -1.38 -6.46
C LEU B 41 6.80 -2.52 -6.87
N GLY B 42 7.88 -2.17 -7.57
CA GLY B 42 8.83 -3.18 -8.01
C GLY B 42 9.65 -3.75 -6.87
N ILE B 43 9.95 -2.91 -5.88
CA ILE B 43 10.73 -3.34 -4.73
C ILE B 43 9.88 -4.19 -3.78
N THR B 44 8.59 -3.93 -3.77
CA THR B 44 7.67 -4.68 -2.92
C THR B 44 7.20 -5.95 -3.59
N THR B 45 7.27 -5.98 -4.92
CA THR B 45 6.86 -7.15 -5.69
C THR B 45 7.89 -8.27 -5.59
N VAL B 46 9.16 -7.89 -5.48
CA VAL B 46 10.23 -8.87 -5.38
C VAL B 46 10.29 -9.49 -3.98
N LEU B 47 10.01 -8.67 -2.97
CA LEU B 47 10.03 -9.13 -1.59
C LEU B 47 8.74 -9.88 -1.25
N THR B 48 7.69 -9.62 -2.02
CA THR B 48 6.41 -10.26 -1.81
C THR B 48 6.30 -11.56 -2.59
N LEU B 49 7.06 -11.65 -3.69
CA LEU B 49 7.05 -12.84 -4.53
C LEU B 49 7.88 -13.95 -3.90
N THR B 50 8.90 -13.57 -3.14
CA THR B 50 9.77 -14.53 -2.48
C THR B 50 9.19 -14.97 -1.14
N THR B 51 8.68 -14.00 -0.38
CA THR B 51 8.10 -14.27 0.93
C THR B 51 6.92 -15.23 0.81
N GLN B 52 6.18 -15.12 -0.30
CA GLN B 52 5.02 -15.97 -0.53
C GLN B 52 5.46 -17.40 -0.88
N SER B 53 6.63 -17.52 -1.49
CA SER B 53 7.16 -18.82 -1.89
C SER B 53 7.87 -19.49 -0.73
N SER B 54 8.13 -18.72 0.34
CA SER B 54 8.82 -19.24 1.50
C SER B 54 7.84 -19.95 2.44
N GLY B 55 6.58 -20.02 2.03
CA GLY B 55 5.58 -20.67 2.84
C GLY B 55 5.50 -22.16 2.59
N SER B 56 6.27 -22.63 1.61
CA SER B 56 6.29 -24.05 1.26
C SER B 56 6.68 -24.90 2.46
N ARG B 57 7.73 -24.48 3.16
CA ARG B 57 8.21 -25.20 4.33
C ARG B 57 8.59 -26.63 3.96
N ALA B 58 8.83 -26.86 2.67
CA ALA B 58 9.20 -28.18 2.20
C ALA B 58 10.71 -28.41 2.32
N SER B 59 11.45 -27.32 2.45
CA SER B 59 12.90 -27.39 2.57
C SER B 59 13.32 -27.70 4.00
N LEU B 60 12.32 -27.86 4.87
CA LEU B 60 12.58 -28.15 6.28
C LEU B 60 13.32 -27.00 6.94
N PRO B 61 13.27 -26.96 8.29
CA PRO B 61 13.93 -25.92 9.07
C PRO B 61 15.45 -26.05 9.04
N LYS B 62 15.93 -27.09 8.38
CA LYS B 62 17.37 -27.33 8.28
C LYS B 62 17.98 -26.51 7.13
N VAL B 63 17.53 -26.79 5.92
CA VAL B 63 18.02 -26.08 4.74
C VAL B 63 17.51 -24.64 4.70
N SER B 64 16.22 -24.48 4.98
CA SER B 64 15.60 -23.16 4.98
C SER B 64 16.32 -22.22 5.95
N TYR B 65 16.79 -22.79 7.06
CA TYR B 65 17.49 -22.01 8.08
C TYR B 65 18.75 -21.38 7.51
N VAL B 66 19.66 -22.22 7.03
CA VAL B 66 20.92 -21.76 6.45
C VAL B 66 20.67 -20.69 5.38
N LYS B 67 19.85 -21.02 4.40
CA LYS B 67 19.52 -20.10 3.33
C LYS B 67 18.89 -18.82 3.88
N ALA B 68 18.21 -18.95 5.00
CA ALA B 68 17.56 -17.80 5.63
C ALA B 68 18.58 -16.91 6.32
N ILE B 69 19.76 -17.46 6.60
CA ILE B 69 20.82 -16.69 7.25
C ILE B 69 21.48 -15.73 6.27
N ASP B 70 21.69 -16.18 5.04
CA ASP B 70 22.30 -15.34 4.01
C ASP B 70 21.32 -14.31 3.48
N ILE B 71 20.03 -14.57 3.71
CA ILE B 71 18.98 -13.66 3.25
C ILE B 71 18.53 -12.72 4.37
N TRP B 72 19.02 -12.98 5.58
CA TRP B 72 18.68 -12.15 6.73
C TRP B 72 19.40 -10.80 6.68
N LEU B 73 20.58 -10.79 6.06
CA LEU B 73 21.36 -9.57 5.93
C LEU B 73 22.44 -9.72 4.86
N ALA B 74 22.06 -9.45 3.61
CA ALA B 74 23.00 -9.54 2.50
C ALA B 74 22.32 -9.16 1.18
N VAL B 75 21.33 -9.93 0.77
CA VAL B 75 20.59 -9.66 -0.46
C VAL B 75 19.51 -8.62 -0.24
N CYS B 76 19.35 -8.18 1.00
CA CYS B 76 18.35 -7.17 1.34
C CYS B 76 19.01 -5.93 1.92
N LEU B 77 20.15 -6.11 2.58
CA LEU B 77 20.87 -5.00 3.18
C LEU B 77 21.75 -4.31 2.15
N LEU B 78 22.04 -5.00 1.06
CA LEU B 78 22.86 -4.44 -0.01
C LEU B 78 22.01 -3.92 -1.15
N PHE B 79 20.87 -4.57 -1.38
CA PHE B 79 19.96 -4.17 -2.44
C PHE B 79 19.32 -2.82 -2.13
N VAL B 80 18.91 -2.64 -0.88
CA VAL B 80 18.29 -1.39 -0.45
C VAL B 80 19.34 -0.37 -0.01
N PHE B 81 20.59 -0.81 0.05
CA PHE B 81 21.69 0.06 0.46
C PHE B 81 22.08 1.01 -0.67
N SER B 82 22.10 0.48 -1.89
CA SER B 82 22.47 1.28 -3.07
C SER B 82 21.27 2.08 -3.56
N ALA B 83 20.07 1.54 -3.35
CA ALA B 83 18.85 2.20 -3.79
C ALA B 83 18.60 3.49 -2.98
N LEU B 84 19.00 3.47 -1.72
CA LEU B 84 18.83 4.63 -0.85
C LEU B 84 19.94 5.65 -1.07
N LEU B 85 21.13 5.15 -1.39
CA LEU B 85 22.28 6.03 -1.63
C LEU B 85 21.97 7.02 -2.76
N GLU B 86 21.25 6.56 -3.77
CA GLU B 86 20.90 7.40 -4.90
C GLU B 86 19.64 8.23 -4.59
N TYR B 87 18.66 7.59 -3.97
CA TYR B 87 17.41 8.25 -3.61
C TYR B 87 17.67 9.45 -2.70
N ALA B 88 18.85 9.47 -2.08
CA ALA B 88 19.22 10.55 -1.17
C ALA B 88 20.40 11.34 -1.74
N ALA B 89 21.03 10.80 -2.77
CA ALA B 89 22.17 11.47 -3.40
C ALA B 89 21.74 12.77 -4.06
N VAL B 90 20.54 12.78 -4.61
CA VAL B 90 20.01 13.97 -5.28
C VAL B 90 20.16 15.20 -4.40
N ASN B 91 19.92 15.03 -3.11
CA ASN B 91 20.02 16.13 -2.16
C ASN B 91 21.46 16.30 -1.66
N PHE B 92 22.26 15.25 -1.82
CA PHE B 92 23.65 15.27 -1.40
C PHE B 92 24.52 16.00 -2.42
N VAL B 93 23.90 16.44 -3.51
CA VAL B 93 24.61 17.16 -4.56
C VAL B 93 25.35 18.37 -3.99
N SER B 94 24.76 19.00 -2.98
CA SER B 94 25.35 20.17 -2.36
C SER B 94 26.71 19.82 -1.74
N ARG B 95 26.95 18.53 -1.54
CA ARG B 95 28.20 18.07 -0.95
C ARG B 95 29.39 18.60 -1.74
N GLN B 96 29.18 18.87 -3.02
CA GLN B 96 30.23 19.38 -3.88
C GLN B 96 31.45 18.45 -3.87
N ARG B 97 31.20 17.17 -3.59
CA ARG B 97 32.27 16.19 -3.54
C ARG B 97 33.12 16.24 -4.80
N GLU B 98 32.49 16.62 -5.92
CA GLU B 98 33.19 16.71 -7.19
C GLU B 98 34.32 17.74 -7.12
N PHE B 99 34.88 18.06 -8.29
CA PHE B 99 35.96 19.03 -8.37
C PHE B 99 35.42 20.43 -8.65
N GLY B 100 34.13 20.61 -8.42
CA GLY B 100 33.50 21.91 -8.66
C GLY B 100 32.02 21.79 -8.95
N GLY B 101 31.25 22.75 -8.48
CA GLY B 101 29.81 22.74 -8.70
C GLY B 101 29.42 23.39 -10.02
N GLY B 102 30.41 23.68 -10.84
CA GLY B 102 30.15 24.31 -12.13
C GLY B 102 29.11 23.55 -12.93
N GLY B 103 29.13 22.23 -12.83
CA GLY B 103 28.17 21.42 -13.57
C GLY B 103 27.04 20.93 -12.69
N PHE B 104 26.70 21.72 -11.68
CA PHE B 104 25.62 21.35 -10.76
C PHE B 104 24.26 21.42 -11.46
N ILE B 105 24.10 22.44 -12.31
CA ILE B 105 22.85 22.60 -13.05
C ILE B 105 22.85 21.78 -14.34
N GLN B 106 24.04 21.36 -14.76
CA GLN B 106 24.18 20.56 -15.97
C GLN B 106 24.03 19.07 -15.67
N ARG B 107 23.65 18.76 -14.42
CA ARG B 107 23.48 17.38 -14.01
C ARG B 107 22.10 16.86 -14.40
N ALA B 108 21.15 17.79 -14.56
CA ALA B 108 19.79 17.41 -14.93
C ALA B 108 19.76 16.71 -16.29
N LYS B 109 20.82 16.88 -17.05
CA LYS B 109 20.92 16.26 -18.38
C LYS B 109 20.61 14.77 -18.30
N LYS B 110 20.92 14.16 -17.16
CA LYS B 110 20.67 12.74 -16.96
C LYS B 110 21.46 11.89 -17.96
N ILE B 111 22.76 11.80 -17.75
CA ILE B 111 23.62 11.02 -18.63
C ILE B 111 23.33 9.53 -18.51
N ASP B 112 22.53 9.17 -17.51
CA ASP B 112 22.17 7.77 -17.29
C ASP B 112 23.39 6.94 -16.93
N LYS B 113 24.34 7.57 -16.24
CA LYS B 113 25.57 6.89 -15.82
C LYS B 113 25.26 5.78 -14.82
N ILE B 114 24.05 5.79 -14.28
CA ILE B 114 23.63 4.78 -13.31
C ILE B 114 23.42 3.43 -13.99
N SER B 115 23.39 3.44 -15.32
CA SER B 115 23.19 2.22 -16.09
C SER B 115 24.49 1.46 -16.26
N ARG B 116 25.61 2.15 -16.02
CA ARG B 116 26.93 1.55 -16.13
C ARG B 116 27.24 0.70 -14.91
N ILE B 117 26.34 0.70 -13.94
CA ILE B 117 26.52 -0.07 -12.71
C ILE B 117 25.39 -1.07 -12.51
N GLY B 118 24.17 -0.62 -12.77
CA GLY B 118 23.02 -1.50 -12.62
C GLY B 118 23.05 -2.68 -13.56
N PHE B 119 23.32 -2.41 -14.83
CA PHE B 119 23.39 -3.45 -15.85
C PHE B 119 24.28 -4.60 -15.39
N PRO B 120 25.56 -4.29 -15.12
CA PRO B 120 26.54 -5.28 -14.67
C PRO B 120 26.26 -5.76 -13.26
N LEU B 121 25.35 -5.10 -12.56
CA LEU B 121 24.99 -5.46 -11.20
C LEU B 121 23.93 -6.57 -11.19
N ALA B 122 22.98 -6.47 -12.11
CA ALA B 122 21.91 -7.46 -12.21
C ALA B 122 22.35 -8.65 -13.06
N PHE B 123 23.25 -8.40 -14.00
CA PHE B 123 23.75 -9.44 -14.89
C PHE B 123 24.80 -10.30 -14.18
N LEU B 124 25.53 -9.69 -13.25
CA LEU B 124 26.56 -10.40 -12.50
C LEU B 124 25.94 -11.27 -11.41
N ILE B 125 24.89 -10.76 -10.78
CA ILE B 125 24.19 -11.49 -9.72
C ILE B 125 23.43 -12.68 -10.29
N PHE B 126 22.82 -12.49 -11.45
CA PHE B 126 22.06 -13.55 -12.10
C PHE B 126 22.98 -14.66 -12.58
N ASN B 127 24.17 -14.28 -13.07
CA ASN B 127 25.13 -15.26 -13.57
C ASN B 127 25.93 -15.86 -12.41
N LEU B 128 25.96 -15.15 -11.29
CA LEU B 128 26.69 -15.62 -10.11
C LEU B 128 25.86 -16.64 -9.33
N PHE B 129 24.55 -16.52 -9.41
CA PHE B 129 23.65 -17.43 -8.71
C PHE B 129 23.46 -18.72 -9.51
N TYR B 130 23.52 -18.61 -10.82
CA TYR B 130 23.35 -19.77 -11.70
C TYR B 130 24.58 -20.67 -11.65
N TRP B 131 25.75 -20.05 -11.52
CA TRP B 131 27.00 -20.80 -11.46
C TRP B 131 27.30 -21.26 -10.03
N ILE B 132 26.64 -20.63 -9.07
CA ILE B 132 26.83 -20.98 -7.66
C ILE B 132 25.85 -22.08 -7.24
N ILE B 133 24.70 -22.12 -7.89
CA ILE B 133 23.69 -23.14 -7.58
C ILE B 133 24.02 -24.47 -8.23
N TYR B 134 24.60 -24.40 -9.43
CA TYR B 134 24.96 -25.61 -10.17
C TYR B 134 26.35 -26.09 -9.75
N LYS B 135 27.01 -25.32 -8.91
CA LYS B 135 28.34 -25.67 -8.43
C LYS B 135 28.29 -26.09 -6.96
N ILE B 136 27.46 -25.42 -6.18
CA ILE B 136 27.32 -25.73 -4.76
C ILE B 136 27.00 -27.21 -4.55
N VAL B 137 26.12 -27.74 -5.39
CA VAL B 137 25.73 -29.14 -5.29
C VAL B 137 26.92 -30.06 -5.48
N ARG B 138 28.00 -29.52 -6.04
CA ARG B 138 29.21 -30.29 -6.29
C ARG B 138 30.24 -30.05 -5.18
N ARG B 139 30.50 -28.77 -4.90
CA ARG B 139 31.46 -28.40 -3.88
C ARG B 139 31.06 -28.97 -2.52
N GLU B 140 29.78 -29.31 -2.38
CA GLU B 140 29.27 -29.86 -1.13
C GLU B 140 28.97 -31.35 -1.29
N ASP B 141 29.38 -31.92 -2.41
CA ASP B 141 29.17 -33.33 -2.69
C ASP B 141 30.48 -34.10 -2.66
N GLU B 142 31.50 -33.54 -3.29
CA GLU B 142 32.82 -34.17 -3.33
C GLU B 142 33.73 -33.61 -2.24
N PHE B 143 33.36 -32.45 -1.72
CA PHE B 143 34.15 -31.81 -0.67
C PHE B 143 33.43 -31.88 0.67
N GLU B 144 32.47 -32.80 0.77
CA GLU B 144 31.71 -32.97 2.00
C GLU B 144 32.64 -33.14 3.20
N HIS B 145 33.81 -33.71 2.96
CA HIS B 145 34.79 -33.92 4.02
C HIS B 145 36.15 -34.30 3.43
N HIS B 146 37.03 -33.32 3.34
CA HIS B 146 38.37 -33.54 2.80
C HIS B 146 39.23 -32.28 2.92
N HIS B 147 38.60 -31.12 2.74
CA HIS B 147 39.30 -29.85 2.82
C HIS B 147 40.07 -29.75 4.14
N HIS B 148 39.35 -29.68 5.25
CA HIS B 148 39.96 -29.59 6.56
C HIS B 148 40.83 -28.33 6.66
N HIS B 149 40.55 -27.35 5.80
CA HIS B 149 41.30 -26.11 5.79
C HIS B 149 41.23 -25.41 7.15
N HIS B 150 40.18 -25.73 7.90
CA HIS B 150 39.98 -25.13 9.23
C HIS B 150 38.81 -25.79 9.95
N MET C 1 -11.45 -34.10 -7.46
CA MET C 1 -11.81 -34.84 -8.68
C MET C 1 -12.14 -33.88 -9.82
N LEU C 2 -12.97 -32.89 -9.52
CA LEU C 2 -13.37 -31.91 -10.52
C LEU C 2 -12.26 -30.88 -10.76
N GLU C 3 -11.09 -31.36 -11.18
CA GLU C 3 -9.96 -30.48 -11.44
C GLU C 3 -10.08 -29.83 -12.81
N ARG C 4 -10.65 -30.56 -13.77
CA ARG C 4 -10.83 -30.06 -15.12
C ARG C 4 -12.11 -29.23 -15.24
N GLN C 5 -12.95 -29.31 -14.21
CA GLN C 5 -14.21 -28.56 -14.20
C GLN C 5 -14.01 -27.19 -13.58
N LEU C 6 -12.76 -26.79 -13.37
CA LEU C 6 -12.45 -25.50 -12.79
C LEU C 6 -12.39 -24.42 -13.86
N GLY C 7 -12.03 -24.81 -15.08
CA GLY C 7 -11.95 -23.87 -16.17
C GLY C 7 -13.22 -23.06 -16.34
N TYR C 8 -14.34 -23.62 -15.88
CA TYR C 8 -15.62 -22.94 -15.99
C TYR C 8 -15.63 -21.65 -15.19
N TYR C 9 -15.02 -21.68 -14.02
CA TYR C 9 -14.95 -20.50 -13.15
C TYR C 9 -13.92 -19.51 -13.67
N LEU C 10 -12.95 -20.02 -14.42
CA LEU C 10 -11.90 -19.17 -14.97
C LEU C 10 -12.40 -18.45 -16.22
N ILE C 11 -13.36 -19.04 -16.90
CA ILE C 11 -13.93 -18.45 -18.11
C ILE C 11 -14.77 -17.23 -17.79
N GLN C 12 -15.73 -17.40 -16.89
CA GLN C 12 -16.60 -16.30 -16.49
C GLN C 12 -15.83 -15.25 -15.69
N LEU C 13 -14.73 -15.67 -15.09
CA LEU C 13 -13.90 -14.77 -14.29
C LEU C 13 -12.88 -14.04 -15.18
N TYR C 14 -12.61 -14.62 -16.34
CA TYR C 14 -11.66 -14.03 -17.28
C TYR C 14 -12.26 -12.82 -17.99
N ILE C 15 -13.55 -12.92 -18.32
CA ILE C 15 -14.25 -11.84 -19.00
C ILE C 15 -14.03 -10.52 -18.29
N PRO C 16 -14.40 -10.46 -17.00
CA PRO C 16 -14.24 -9.26 -16.18
C PRO C 16 -12.79 -8.95 -15.87
N SER C 17 -11.97 -9.99 -15.78
CA SER C 17 -10.55 -9.82 -15.49
C SER C 17 -9.83 -9.17 -16.66
N LEU C 18 -10.34 -9.40 -17.87
CA LEU C 18 -9.74 -8.85 -19.08
C LEU C 18 -10.25 -7.43 -19.32
N LEU C 19 -11.52 -7.19 -19.05
CA LEU C 19 -12.13 -5.88 -19.24
C LEU C 19 -11.45 -4.84 -18.36
N ILE C 20 -11.25 -5.18 -17.08
CA ILE C 20 -10.61 -4.27 -16.14
C ILE C 20 -9.17 -3.99 -16.55
N VAL C 21 -8.57 -4.94 -17.27
CA VAL C 21 -7.19 -4.78 -17.72
C VAL C 21 -7.09 -3.84 -18.91
N ILE C 22 -8.13 -3.87 -19.76
CA ILE C 22 -8.16 -3.01 -20.93
C ILE C 22 -8.24 -1.54 -20.55
N LEU C 23 -9.01 -1.24 -19.51
CA LEU C 23 -9.17 0.12 -19.04
C LEU C 23 -7.91 0.61 -18.33
N SER C 24 -7.21 -0.32 -17.69
CA SER C 24 -5.98 0.01 -16.97
C SER C 24 -5.00 0.73 -17.88
N TRP C 25 -4.60 0.06 -18.96
CA TRP C 25 -3.66 0.65 -19.91
C TRP C 25 -4.22 1.92 -20.52
N ILE C 26 -5.53 1.94 -20.76
CA ILE C 26 -6.19 3.10 -21.34
C ILE C 26 -5.93 4.35 -20.52
N SER C 27 -5.61 4.16 -19.23
CA SER C 27 -5.33 5.26 -18.33
C SER C 27 -3.84 5.36 -18.03
N PHE C 28 -3.10 4.34 -18.42
CA PHE C 28 -1.66 4.29 -18.19
C PHE C 28 -0.94 5.28 -19.11
N TRP C 29 -1.57 5.61 -20.22
CA TRP C 29 -0.99 6.55 -21.19
C TRP C 29 -0.86 7.94 -20.57
N ILE C 30 -1.52 8.15 -19.45
CA ILE C 30 -1.46 9.43 -18.76
C ILE C 30 -0.89 9.28 -17.35
N ASN C 31 -1.17 8.14 -16.73
CA ASN C 31 -0.69 7.87 -15.38
C ASN C 31 0.83 7.64 -15.38
N LEU C 32 1.41 7.57 -16.57
CA LEU C 32 2.84 7.35 -16.71
C LEU C 32 3.63 8.31 -15.82
N ASP C 33 3.02 9.46 -15.53
CA ASP C 33 3.67 10.47 -14.69
C ASP C 33 2.63 11.42 -14.09
N ALA C 34 1.63 11.77 -14.89
CA ALA C 34 0.58 12.67 -14.44
C ALA C 34 -0.08 12.15 -13.17
N ALA C 35 -0.36 10.85 -13.14
CA ALA C 35 -0.99 10.23 -11.98
C ALA C 35 -0.81 8.72 -12.00
N PRO C 36 0.42 8.27 -11.71
CA PRO C 36 0.76 6.84 -11.68
C PRO C 36 0.10 6.10 -10.52
N ALA C 37 -0.58 6.86 -9.66
CA ALA C 37 -1.25 6.29 -8.50
C ALA C 37 -2.29 5.25 -8.92
N ARG C 38 -2.93 5.50 -10.06
CA ARG C 38 -3.95 4.59 -10.59
C ARG C 38 -3.30 3.36 -11.20
N VAL C 39 -2.14 3.54 -11.82
CA VAL C 39 -1.42 2.45 -12.46
C VAL C 39 -0.98 1.41 -11.42
N GLY C 40 -0.61 1.89 -10.24
CA GLY C 40 -0.17 0.99 -9.19
C GLY C 40 -1.32 0.24 -8.55
N LEU C 41 -2.51 0.83 -8.60
CA LEU C 41 -3.69 0.21 -8.02
C LEU C 41 -4.32 -0.81 -8.98
N GLY C 42 -4.27 -0.49 -10.27
CA GLY C 42 -4.83 -1.38 -11.27
C GLY C 42 -3.99 -2.63 -11.46
N ILE C 43 -2.67 -2.48 -11.34
CA ILE C 43 -1.76 -3.61 -11.50
C ILE C 43 -1.80 -4.53 -10.29
N THR C 44 -2.10 -3.95 -9.13
CA THR C 44 -2.17 -4.72 -7.90
C THR C 44 -3.56 -5.33 -7.70
N THR C 45 -4.56 -4.75 -8.36
CA THR C 45 -5.93 -5.24 -8.27
C THR C 45 -6.11 -6.51 -9.09
N VAL C 46 -5.38 -6.61 -10.20
CA VAL C 46 -5.47 -7.78 -11.06
C VAL C 46 -4.73 -8.96 -10.46
N LEU C 47 -3.61 -8.68 -9.81
CA LEU C 47 -2.80 -9.73 -9.18
C LEU C 47 -3.40 -10.15 -7.84
N THR C 48 -4.21 -9.26 -7.26
CA THR C 48 -4.83 -9.54 -5.97
C THR C 48 -6.18 -10.22 -6.16
N LEU C 49 -6.80 -9.99 -7.31
CA LEU C 49 -8.10 -10.58 -7.62
C LEU C 49 -7.95 -12.05 -8.02
N THR C 50 -6.81 -12.37 -8.62
CA THR C 50 -6.54 -13.74 -9.06
C THR C 50 -5.95 -14.57 -7.92
N THR C 51 -5.01 -13.97 -7.18
CA THR C 51 -4.37 -14.66 -6.06
C THR C 51 -5.39 -15.06 -5.01
N GLN C 52 -6.42 -14.25 -4.84
CA GLN C 52 -7.45 -14.51 -3.86
C GLN C 52 -8.37 -15.65 -4.32
N SER C 53 -8.49 -15.79 -5.64
CA SER C 53 -9.33 -16.84 -6.21
C SER C 53 -8.56 -18.16 -6.31
N SER C 54 -7.25 -18.09 -6.11
CA SER C 54 -6.40 -19.27 -6.19
C SER C 54 -6.42 -20.04 -4.86
N GLY C 55 -7.19 -19.54 -3.90
CA GLY C 55 -7.28 -20.18 -2.61
C GLY C 55 -8.32 -21.27 -2.57
N SER C 56 -9.05 -21.43 -3.66
CA SER C 56 -10.10 -22.44 -3.76
C SER C 56 -9.52 -23.83 -3.53
N ARG C 57 -8.40 -24.11 -4.18
CA ARG C 57 -7.74 -25.41 -4.05
C ARG C 57 -8.67 -26.54 -4.47
N ALA C 58 -9.69 -26.19 -5.24
CA ALA C 58 -10.67 -27.17 -5.72
C ALA C 58 -10.18 -27.85 -6.99
N SER C 59 -9.23 -27.20 -7.67
CA SER C 59 -8.68 -27.74 -8.91
C SER C 59 -7.62 -28.79 -8.63
N LEU C 60 -7.38 -29.06 -7.35
CA LEU C 60 -6.38 -30.04 -6.94
C LEU C 60 -4.99 -29.60 -7.37
N PRO C 61 -3.96 -30.20 -6.74
CA PRO C 61 -2.56 -29.89 -7.04
C PRO C 61 -2.14 -30.41 -8.41
N LYS C 62 -3.06 -31.11 -9.08
CA LYS C 62 -2.77 -31.66 -10.41
C LYS C 62 -2.98 -30.61 -11.49
N VAL C 63 -4.22 -30.14 -11.62
CA VAL C 63 -4.54 -29.14 -12.63
C VAL C 63 -3.95 -27.78 -12.25
N SER C 64 -4.10 -27.40 -10.98
CA SER C 64 -3.58 -26.12 -10.50
C SER C 64 -2.09 -26.02 -10.76
N TYR C 65 -1.38 -27.14 -10.66
CA TYR C 65 0.05 -27.17 -10.88
C TYR C 65 0.40 -26.74 -12.30
N VAL C 66 -0.12 -27.48 -13.28
CA VAL C 66 0.13 -27.16 -14.68
C VAL C 66 -0.18 -25.70 -14.99
N LYS C 67 -1.40 -25.28 -14.67
CA LYS C 67 -1.82 -23.91 -14.92
C LYS C 67 -0.92 -22.93 -14.18
N ALA C 68 -0.37 -23.36 -13.05
CA ALA C 68 0.52 -22.53 -12.25
C ALA C 68 1.89 -22.39 -12.92
N ILE C 69 2.20 -23.31 -13.82
CA ILE C 69 3.47 -23.29 -14.53
C ILE C 69 3.50 -22.21 -15.59
N ASP C 70 2.38 -22.07 -16.31
CA ASP C 70 2.26 -21.06 -17.36
C ASP C 70 2.08 -19.67 -16.76
N ILE C 71 1.68 -19.62 -15.49
CA ILE C 71 1.48 -18.35 -14.81
C ILE C 71 2.69 -17.97 -13.97
N TRP C 72 3.64 -18.89 -13.86
CA TRP C 72 4.86 -18.65 -13.09
C TRP C 72 5.79 -17.71 -13.84
N LEU C 73 5.74 -17.75 -15.15
CA LEU C 73 6.58 -16.90 -15.99
C LEU C 73 6.05 -16.82 -17.41
N ALA C 74 5.13 -15.89 -17.64
CA ALA C 74 4.54 -15.71 -18.97
C ALA C 74 3.52 -14.56 -18.96
N VAL C 75 2.45 -14.74 -18.20
CA VAL C 75 1.41 -13.72 -18.11
C VAL C 75 1.78 -12.64 -17.10
N CYS C 76 2.92 -12.83 -16.44
CA CYS C 76 3.39 -11.87 -15.45
C CYS C 76 4.73 -11.28 -15.84
N LEU C 77 5.53 -12.07 -16.56
CA LEU C 77 6.84 -11.63 -17.01
C LEU C 77 6.74 -10.81 -18.30
N LEU C 78 5.62 -10.96 -18.99
CA LEU C 78 5.39 -10.23 -20.24
C LEU C 78 4.51 -9.01 -20.00
N PHE C 79 3.60 -9.12 -19.05
CA PHE C 79 2.69 -8.03 -18.72
C PHE C 79 3.45 -6.86 -18.08
N VAL C 80 4.37 -7.18 -17.18
CA VAL C 80 5.17 -6.17 -16.50
C VAL C 80 6.42 -5.83 -17.30
N PHE C 81 6.64 -6.58 -18.38
CA PHE C 81 7.82 -6.37 -19.22
C PHE C 81 7.61 -5.15 -20.12
N SER C 82 6.40 -5.01 -20.65
CA SER C 82 6.07 -3.89 -21.54
C SER C 82 5.72 -2.65 -20.73
N ALA C 83 5.17 -2.86 -19.54
CA ALA C 83 4.79 -1.75 -18.67
C ALA C 83 6.02 -1.00 -18.17
N LEU C 84 7.11 -1.72 -17.96
CA LEU C 84 8.35 -1.12 -17.49
C LEU C 84 9.12 -0.48 -18.64
N LEU C 85 9.02 -1.08 -19.82
CA LEU C 85 9.70 -0.57 -21.00
C LEU C 85 9.29 0.87 -21.28
N GLU C 86 8.02 1.17 -21.05
CA GLU C 86 7.50 2.53 -21.28
C GLU C 86 7.77 3.42 -20.08
N TYR C 87 7.54 2.87 -18.88
CA TYR C 87 7.76 3.62 -17.65
C TYR C 87 9.20 4.11 -17.54
N ALA C 88 10.09 3.49 -18.31
CA ALA C 88 11.49 3.85 -18.31
C ALA C 88 11.91 4.45 -19.65
N ALA C 89 11.04 4.30 -20.65
CA ALA C 89 11.32 4.83 -21.98
C ALA C 89 11.39 6.35 -21.97
N VAL C 90 10.57 6.97 -21.13
CA VAL C 90 10.53 8.43 -21.02
C VAL C 90 11.93 8.99 -20.82
N ASN C 91 12.75 8.30 -20.04
CA ASN C 91 14.11 8.74 -19.76
C ASN C 91 15.06 8.23 -20.84
N PHE C 92 14.63 7.21 -21.58
CA PHE C 92 15.44 6.63 -22.63
C PHE C 92 15.37 7.48 -23.90
N VAL C 93 14.57 8.54 -23.85
CA VAL C 93 14.40 9.44 -24.99
C VAL C 93 15.76 9.96 -25.47
N SER C 94 16.67 10.17 -24.53
CA SER C 94 18.00 10.68 -24.85
C SER C 94 18.74 9.71 -25.77
N ARG C 95 18.26 8.47 -25.82
CA ARG C 95 18.88 7.45 -26.66
C ARG C 95 18.98 7.92 -28.11
N GLN C 96 18.08 8.82 -28.49
CA GLN C 96 18.06 9.35 -29.85
C GLN C 96 17.98 8.23 -30.88
N ARG C 97 17.40 7.10 -30.47
CA ARG C 97 17.26 5.95 -31.35
C ARG C 97 16.62 6.35 -32.67
N GLU C 98 15.77 7.37 -32.62
CA GLU C 98 15.08 7.85 -33.82
C GLU C 98 16.09 8.36 -34.85
N PHE C 99 15.57 9.02 -35.89
CA PHE C 99 16.42 9.56 -36.94
C PHE C 99 16.79 11.00 -36.66
N GLY C 100 16.62 11.42 -35.41
CA GLY C 100 16.93 12.78 -35.03
C GLY C 100 16.13 13.25 -33.82
N GLY C 101 16.77 14.06 -32.98
CA GLY C 101 16.10 14.55 -31.79
C GLY C 101 15.32 15.83 -32.06
N GLY C 102 15.20 16.19 -33.33
CA GLY C 102 14.47 17.39 -33.69
C GLY C 102 13.09 17.44 -33.09
N GLY C 103 12.44 16.28 -32.98
CA GLY C 103 11.11 16.23 -32.40
C GLY C 103 11.12 15.74 -30.97
N PHE C 104 12.21 16.01 -30.26
CA PHE C 104 12.34 15.58 -28.87
C PHE C 104 11.36 16.36 -27.98
N ILE C 105 11.23 17.65 -28.25
CA ILE C 105 10.33 18.50 -27.47
C ILE C 105 8.91 18.43 -28.01
N GLN C 106 8.77 17.90 -29.22
CA GLN C 106 7.45 17.78 -29.85
C GLN C 106 6.82 16.44 -29.50
N ARG C 107 7.44 15.71 -28.59
CA ARG C 107 6.93 14.40 -28.18
C ARG C 107 5.88 14.55 -27.08
N ALA C 108 5.95 15.67 -26.36
CA ALA C 108 5.00 15.93 -25.28
C ALA C 108 3.57 15.99 -25.81
N LYS C 109 3.43 16.19 -27.12
CA LYS C 109 2.12 16.27 -27.75
C LYS C 109 1.26 15.07 -27.36
N LYS C 110 1.91 13.94 -27.10
CA LYS C 110 1.21 12.72 -26.71
C LYS C 110 0.26 12.27 -27.82
N ILE C 111 0.82 11.73 -28.90
CA ILE C 111 0.02 11.26 -30.02
C ILE C 111 -0.83 10.06 -29.62
N ASP C 112 -0.54 9.50 -28.44
CA ASP C 112 -1.28 8.34 -27.95
C ASP C 112 -1.04 7.13 -28.84
N LYS C 113 0.16 7.05 -29.40
CA LYS C 113 0.53 5.93 -30.27
C LYS C 113 0.56 4.62 -29.49
N ILE C 114 0.56 4.72 -28.17
CA ILE C 114 0.59 3.54 -27.32
C ILE C 114 -0.74 2.81 -27.35
N SER C 115 -1.76 3.46 -27.89
CA SER C 115 -3.08 2.86 -27.99
C SER C 115 -3.18 1.94 -29.19
N ARG C 116 -2.25 2.08 -30.12
CA ARG C 116 -2.23 1.25 -31.33
C ARG C 116 -1.64 -0.12 -31.03
N ILE C 117 -1.22 -0.32 -29.78
CA ILE C 117 -0.63 -1.61 -29.37
C ILE C 117 -1.42 -2.21 -28.22
N GLY C 118 -1.79 -1.36 -27.25
CA GLY C 118 -2.54 -1.84 -26.10
C GLY C 118 -3.91 -2.38 -26.49
N PHE C 119 -4.63 -1.63 -27.32
CA PHE C 119 -5.96 -2.05 -27.76
C PHE C 119 -5.94 -3.47 -28.29
N PRO C 120 -5.12 -3.71 -29.34
CA PRO C 120 -4.98 -5.02 -29.97
C PRO C 120 -4.28 -6.02 -29.06
N LEU C 121 -3.69 -5.52 -27.98
CA LEU C 121 -2.98 -6.38 -27.03
C LEU C 121 -3.93 -7.00 -26.02
N ALA C 122 -4.91 -6.21 -25.58
CA ALA C 122 -5.89 -6.69 -24.61
C ALA C 122 -7.05 -7.40 -25.32
N PHE C 123 -7.31 -6.99 -26.55
CA PHE C 123 -8.39 -7.59 -27.33
C PHE C 123 -7.97 -8.94 -27.90
N LEU C 124 -6.68 -9.08 -28.18
CA LEU C 124 -6.15 -10.32 -28.73
C LEU C 124 -6.01 -11.38 -27.65
N ILE C 125 -5.60 -10.95 -26.45
CA ILE C 125 -5.44 -11.87 -25.33
C ILE C 125 -6.78 -12.38 -24.83
N PHE C 126 -7.77 -11.50 -24.81
CA PHE C 126 -9.11 -11.85 -24.36
C PHE C 126 -9.79 -12.82 -25.34
N ASN C 127 -9.54 -12.60 -26.62
CA ASN C 127 -10.12 -13.46 -27.66
C ASN C 127 -9.30 -14.73 -27.84
N LEU C 128 -8.04 -14.69 -27.40
CA LEU C 128 -7.15 -15.84 -27.51
C LEU C 128 -7.40 -16.82 -26.37
N PHE C 129 -7.85 -16.31 -25.22
CA PHE C 129 -8.13 -17.14 -24.06
C PHE C 129 -9.50 -17.79 -24.17
N TYR C 130 -10.43 -17.09 -24.82
CA TYR C 130 -11.79 -17.59 -24.99
C TYR C 130 -11.83 -18.72 -26.02
N TRP C 131 -10.99 -18.60 -27.05
CA TRP C 131 -10.92 -19.60 -28.10
C TRP C 131 -10.00 -20.75 -27.70
N ILE C 132 -9.14 -20.50 -26.72
CA ILE C 132 -8.20 -21.50 -26.25
C ILE C 132 -8.81 -22.34 -25.14
N ILE C 133 -9.73 -21.75 -24.38
CA ILE C 133 -10.39 -22.44 -23.29
C ILE C 133 -11.51 -23.33 -23.80
N TYR C 134 -12.19 -22.88 -24.85
CA TYR C 134 -13.29 -23.64 -25.44
C TYR C 134 -12.76 -24.64 -26.46
N LYS C 135 -11.46 -24.59 -26.72
CA LYS C 135 -10.84 -25.49 -27.68
C LYS C 135 -9.97 -26.52 -26.97
N ILE C 136 -9.29 -26.09 -25.91
CA ILE C 136 -8.43 -26.97 -25.14
C ILE C 136 -9.18 -28.21 -24.68
N VAL C 137 -10.43 -28.02 -24.24
CA VAL C 137 -11.26 -29.12 -23.77
C VAL C 137 -11.49 -30.13 -24.87
N ARG C 138 -11.26 -29.72 -26.11
CA ARG C 138 -11.45 -30.60 -27.27
C ARG C 138 -10.12 -31.21 -27.71
N ARG C 139 -9.12 -30.35 -27.89
CA ARG C 139 -7.79 -30.80 -28.32
C ARG C 139 -7.22 -31.80 -27.33
N GLU C 140 -7.73 -31.78 -26.10
CA GLU C 140 -7.27 -32.69 -25.06
C GLU C 140 -8.30 -33.77 -24.78
N ASP C 141 -9.34 -33.82 -25.61
CA ASP C 141 -10.40 -34.81 -25.45
C ASP C 141 -10.35 -35.84 -26.57
N GLU C 142 -10.17 -35.37 -27.80
CA GLU C 142 -10.11 -36.26 -28.96
C GLU C 142 -8.66 -36.57 -29.32
N PHE C 143 -7.75 -35.75 -28.84
CA PHE C 143 -6.32 -35.93 -29.12
C PHE C 143 -5.58 -36.42 -27.87
N GLU C 144 -6.34 -36.96 -26.92
CA GLU C 144 -5.76 -37.46 -25.68
C GLU C 144 -4.62 -38.43 -25.97
N HIS C 145 -4.72 -39.14 -27.09
CA HIS C 145 -3.69 -40.10 -27.49
C HIS C 145 -3.88 -40.52 -28.94
N HIS C 146 -3.10 -39.91 -29.83
CA HIS C 146 -3.19 -40.22 -31.25
C HIS C 146 -2.10 -39.47 -32.04
N HIS C 147 -1.83 -38.25 -31.61
CA HIS C 147 -0.82 -37.43 -32.28
C HIS C 147 0.50 -38.18 -32.40
N HIS C 148 1.14 -38.44 -31.26
CA HIS C 148 2.41 -39.16 -31.24
C HIS C 148 3.46 -38.41 -32.04
N HIS C 149 3.25 -37.11 -32.24
CA HIS C 149 4.19 -36.28 -32.98
C HIS C 149 5.57 -36.31 -32.34
N HIS C 150 5.62 -36.64 -31.05
CA HIS C 150 6.88 -36.71 -30.33
C HIS C 150 7.89 -37.59 -31.07
N MET D 1 -29.30 -21.66 10.02
CA MET D 1 -29.81 -21.52 8.65
C MET D 1 -30.26 -20.09 8.39
N LEU D 2 -29.78 -19.16 9.22
CA LEU D 2 -30.13 -17.75 9.07
C LEU D 2 -29.37 -17.11 7.93
N GLU D 3 -29.56 -17.64 6.72
CA GLU D 3 -28.88 -17.12 5.54
C GLU D 3 -29.61 -15.88 5.00
N ARG D 4 -30.93 -15.88 5.14
CA ARG D 4 -31.75 -14.77 4.66
C ARG D 4 -31.82 -13.66 5.71
N GLN D 5 -31.36 -13.97 6.92
CA GLN D 5 -31.38 -12.99 8.01
C GLN D 5 -30.08 -12.19 8.04
N LEU D 6 -29.28 -12.32 6.98
CA LEU D 6 -28.01 -11.61 6.89
C LEU D 6 -28.22 -10.21 6.30
N GLY D 7 -29.24 -10.07 5.46
CA GLY D 7 -29.53 -8.79 4.85
C GLY D 7 -29.65 -7.67 5.88
N TYR D 8 -29.99 -8.03 7.11
CA TYR D 8 -30.14 -7.06 8.17
C TYR D 8 -28.82 -6.34 8.45
N TYR D 9 -27.73 -7.11 8.44
CA TYR D 9 -26.40 -6.56 8.70
C TYR D 9 -25.90 -5.78 7.49
N LEU D 10 -26.41 -6.12 6.31
CA LEU D 10 -26.02 -5.45 5.08
C LEU D 10 -26.74 -4.12 4.92
N ILE D 11 -27.92 -4.01 5.53
CA ILE D 11 -28.70 -2.79 5.46
C ILE D 11 -28.07 -1.68 6.29
N GLN D 12 -27.80 -1.97 7.57
CA GLN D 12 -27.20 -1.00 8.46
C GLN D 12 -25.75 -0.73 8.07
N LEU D 13 -25.14 -1.67 7.36
CA LEU D 13 -23.76 -1.54 6.92
C LEU D 13 -23.68 -0.81 5.58
N TYR D 14 -24.79 -0.81 4.85
CA TYR D 14 -24.85 -0.15 3.55
C TYR D 14 -24.93 1.36 3.72
N ILE D 15 -25.68 1.80 4.73
CA ILE D 15 -25.85 3.22 4.98
C ILE D 15 -24.50 3.94 5.03
N PRO D 16 -23.62 3.47 5.93
CA PRO D 16 -22.28 4.04 6.09
C PRO D 16 -21.37 3.74 4.91
N SER D 17 -21.60 2.60 4.27
CA SER D 17 -20.79 2.20 3.12
C SER D 17 -21.09 3.08 1.91
N LEU D 18 -22.31 3.61 1.86
CA LEU D 18 -22.72 4.48 0.76
C LEU D 18 -22.30 5.92 1.01
N LEU D 19 -22.40 6.34 2.27
CA LEU D 19 -22.03 7.70 2.66
C LEU D 19 -20.55 7.96 2.37
N ILE D 20 -19.70 7.02 2.78
CA ILE D 20 -18.27 7.14 2.57
C ILE D 20 -17.92 7.17 1.07
N VAL D 21 -18.78 6.55 0.27
CA VAL D 21 -18.58 6.50 -1.17
C VAL D 21 -18.95 7.82 -1.82
N ILE D 22 -19.95 8.50 -1.28
CA ILE D 22 -20.39 9.78 -1.81
C ILE D 22 -19.31 10.84 -1.64
N LEU D 23 -18.62 10.81 -0.51
CA LEU D 23 -17.56 11.77 -0.22
C LEU D 23 -16.32 11.46 -1.05
N SER D 24 -16.13 10.19 -1.38
CA SER D 24 -14.99 9.76 -2.17
C SER D 24 -14.92 10.50 -3.49
N TRP D 25 -15.98 10.37 -4.28
CA TRP D 25 -16.04 11.03 -5.58
C TRP D 25 -15.94 12.54 -5.43
N ILE D 26 -16.61 13.08 -4.43
CA ILE D 26 -16.59 14.51 -4.17
C ILE D 26 -15.15 15.05 -4.14
N SER D 27 -14.22 14.19 -3.72
CA SER D 27 -12.82 14.58 -3.64
C SER D 27 -12.06 14.11 -4.88
N PHE D 28 -12.59 13.09 -5.54
CA PHE D 28 -11.96 12.54 -6.74
C PHE D 28 -11.76 13.62 -7.78
N TRP D 29 -12.60 14.66 -7.73
CA TRP D 29 -12.50 15.77 -8.68
C TRP D 29 -11.10 16.35 -8.70
N ILE D 30 -10.63 16.80 -7.53
CA ILE D 30 -9.30 17.38 -7.41
C ILE D 30 -8.23 16.30 -7.35
N ASN D 31 -8.57 15.17 -6.73
CA ASN D 31 -7.64 14.06 -6.59
C ASN D 31 -7.32 13.46 -7.96
N LEU D 32 -8.07 13.88 -8.98
CA LEU D 32 -7.86 13.37 -10.33
C LEU D 32 -6.40 13.48 -10.73
N ASP D 33 -5.67 14.40 -10.10
CA ASP D 33 -4.26 14.59 -10.39
C ASP D 33 -3.58 15.40 -9.28
N ALA D 34 -4.29 16.39 -8.76
CA ALA D 34 -3.77 17.23 -7.69
C ALA D 34 -3.33 16.39 -6.50
N ALA D 35 -4.13 15.38 -6.18
CA ALA D 35 -3.82 14.51 -5.05
C ALA D 35 -4.64 13.22 -5.12
N PRO D 36 -4.27 12.32 -6.05
CA PRO D 36 -4.95 11.04 -6.24
C PRO D 36 -4.71 10.08 -5.08
N ALA D 37 -3.83 10.47 -4.17
CA ALA D 37 -3.51 9.64 -3.01
C ALA D 37 -4.77 9.31 -2.21
N ARG D 38 -5.71 10.25 -2.18
CA ARG D 38 -6.96 10.06 -1.44
C ARG D 38 -7.90 9.14 -2.22
N VAL D 39 -7.85 9.22 -3.55
CA VAL D 39 -8.70 8.40 -4.41
C VAL D 39 -8.31 6.93 -4.31
N GLY D 40 -7.01 6.67 -4.12
CA GLY D 40 -6.55 5.31 -4.01
C GLY D 40 -6.84 4.69 -2.66
N LEU D 41 -6.98 5.53 -1.65
CA LEU D 41 -7.26 5.08 -0.30
C LEU D 41 -8.76 4.85 -0.10
N GLY D 42 -9.57 5.71 -0.71
CA GLY D 42 -11.00 5.58 -0.59
C GLY D 42 -11.54 4.39 -1.36
N ILE D 43 -10.93 4.09 -2.50
CA ILE D 43 -11.36 2.97 -3.33
C ILE D 43 -10.95 1.64 -2.70
N THR D 44 -9.85 1.66 -1.96
CA THR D 44 -9.35 0.45 -1.30
C THR D 44 -10.01 0.25 0.06
N THR D 45 -10.54 1.34 0.62
CA THR D 45 -11.20 1.27 1.92
C THR D 45 -12.59 0.66 1.80
N VAL D 46 -13.24 0.89 0.67
CA VAL D 46 -14.57 0.35 0.43
C VAL D 46 -14.52 -1.14 0.09
N LEU D 47 -13.48 -1.54 -0.64
CA LEU D 47 -13.30 -2.94 -1.03
C LEU D 47 -12.72 -3.74 0.12
N THR D 48 -12.06 -3.05 1.05
CA THR D 48 -11.45 -3.71 2.20
C THR D 48 -12.44 -3.81 3.36
N LEU D 49 -13.39 -2.89 3.40
CA LEU D 49 -14.40 -2.87 4.46
C LEU D 49 -15.46 -3.94 4.22
N THR D 50 -15.70 -4.26 2.96
CA THR D 50 -16.69 -5.27 2.61
C THR D 50 -16.08 -6.66 2.61
N THR D 51 -14.88 -6.78 2.08
CA THR D 51 -14.18 -8.07 2.04
C THR D 51 -13.94 -8.61 3.44
N GLN D 52 -13.72 -7.71 4.38
CA GLN D 52 -13.48 -8.11 5.77
C GLN D 52 -14.77 -8.58 6.44
N SER D 53 -15.90 -8.04 5.98
CA SER D 53 -17.19 -8.40 6.54
C SER D 53 -17.73 -9.66 5.88
N SER D 54 -17.10 -10.08 4.78
CA SER D 54 -17.52 -11.27 4.06
C SER D 54 -16.93 -12.54 4.70
N GLY D 55 -16.19 -12.34 5.78
CA GLY D 55 -15.59 -13.47 6.48
C GLY D 55 -16.53 -14.10 7.49
N SER D 56 -17.69 -13.49 7.67
CA SER D 56 -18.67 -14.00 8.62
C SER D 56 -19.07 -15.43 8.28
N ARG D 57 -19.33 -15.67 7.00
CA ARG D 57 -19.72 -17.01 6.54
C ARG D 57 -20.99 -17.47 7.26
N ALA D 58 -21.73 -16.52 7.81
CA ALA D 58 -22.97 -16.85 8.52
C ALA D 58 -24.14 -16.94 7.56
N SER D 59 -23.98 -16.35 6.37
CA SER D 59 -25.04 -16.37 5.37
C SER D 59 -25.03 -17.68 4.59
N LEU D 60 -24.13 -18.58 4.97
CA LEU D 60 -24.01 -19.87 4.30
C LEU D 60 -23.64 -19.70 2.84
N PRO D 61 -23.12 -20.79 2.24
CA PRO D 61 -22.70 -20.79 0.82
C PRO D 61 -23.89 -20.71 -0.12
N LYS D 62 -25.10 -20.70 0.43
CA LYS D 62 -26.31 -20.62 -0.37
C LYS D 62 -26.63 -19.17 -0.72
N VAL D 63 -26.89 -18.36 0.29
CA VAL D 63 -27.21 -16.95 0.09
C VAL D 63 -25.98 -16.16 -0.35
N SER D 64 -24.86 -16.42 0.32
CA SER D 64 -23.61 -15.74 0.01
C SER D 64 -23.22 -15.95 -1.45
N TYR D 65 -23.53 -17.13 -1.98
CA TYR D 65 -23.23 -17.46 -3.36
C TYR D 65 -23.95 -16.53 -4.32
N VAL D 66 -25.27 -16.52 -4.25
CA VAL D 66 -26.09 -15.67 -5.11
C VAL D 66 -25.63 -14.23 -5.05
N LYS D 67 -25.58 -13.68 -3.84
CA LYS D 67 -25.14 -12.30 -3.65
C LYS D 67 -23.72 -12.09 -4.18
N ALA D 68 -22.92 -13.15 -4.16
CA ALA D 68 -21.55 -13.09 -4.64
C ALA D 68 -21.52 -13.04 -6.17
N ILE D 69 -22.60 -13.48 -6.80
CA ILE D 69 -22.69 -13.48 -8.25
C ILE D 69 -22.90 -12.09 -8.80
N ASP D 70 -23.74 -11.31 -8.13
CA ASP D 70 -24.03 -9.94 -8.55
C ASP D 70 -22.87 -9.02 -8.19
N ILE D 71 -22.01 -9.46 -7.28
CA ILE D 71 -20.87 -8.67 -6.85
C ILE D 71 -19.60 -9.10 -7.60
N TRP D 72 -19.70 -10.18 -8.35
CA TRP D 72 -18.56 -10.70 -9.11
C TRP D 72 -18.29 -9.83 -10.33
N LEU D 73 -19.34 -9.21 -10.86
CA LEU D 73 -19.21 -8.36 -12.02
C LEU D 73 -20.44 -7.46 -12.19
N ALA D 74 -20.42 -6.31 -11.51
CA ALA D 74 -21.52 -5.37 -11.58
C ALA D 74 -21.24 -4.13 -10.74
N VAL D 75 -21.13 -4.33 -9.43
CA VAL D 75 -20.86 -3.23 -8.52
C VAL D 75 -19.37 -2.90 -8.46
N CYS D 76 -18.57 -3.70 -9.16
CA CYS D 76 -17.13 -3.51 -9.20
C CYS D 76 -16.65 -3.22 -10.61
N LEU D 77 -17.36 -3.77 -11.60
CA LEU D 77 -17.01 -3.58 -13.00
C LEU D 77 -17.57 -2.26 -13.52
N LEU D 78 -18.56 -1.72 -12.82
CA LEU D 78 -19.19 -0.47 -13.21
C LEU D 78 -18.63 0.70 -12.40
N PHE D 79 -18.28 0.42 -11.14
CA PHE D 79 -17.74 1.44 -10.25
C PHE D 79 -16.36 1.88 -10.72
N VAL D 80 -15.53 0.92 -11.12
CA VAL D 80 -14.19 1.21 -11.58
C VAL D 80 -14.18 1.52 -13.08
N PHE D 81 -15.32 1.33 -13.72
CA PHE D 81 -15.45 1.58 -15.15
C PHE D 81 -15.54 3.09 -15.44
N SER D 82 -16.28 3.80 -14.60
CA SER D 82 -16.45 5.23 -14.76
C SER D 82 -15.27 5.99 -14.15
N ALA D 83 -14.67 5.41 -13.12
CA ALA D 83 -13.53 6.03 -12.45
C ALA D 83 -12.32 6.08 -13.37
N LEU D 84 -12.18 5.05 -14.22
CA LEU D 84 -11.06 4.97 -15.15
C LEU D 84 -11.32 5.84 -16.38
N LEU D 85 -12.58 5.91 -16.78
CA LEU D 85 -12.97 6.71 -17.95
C LEU D 85 -12.52 8.16 -17.79
N GLU D 86 -12.62 8.67 -16.56
CA GLU D 86 -12.23 10.05 -16.28
C GLU D 86 -10.74 10.15 -16.02
N TYR D 87 -10.20 9.18 -15.27
CA TYR D 87 -8.79 9.16 -14.94
C TYR D 87 -7.93 9.12 -16.22
N ALA D 88 -8.56 8.73 -17.33
CA ALA D 88 -7.86 8.65 -18.60
C ALA D 88 -8.42 9.67 -19.59
N ALA D 89 -9.57 10.25 -19.26
CA ALA D 89 -10.20 11.24 -20.11
C ALA D 89 -9.34 12.50 -20.25
N VAL D 90 -8.65 12.84 -19.16
CA VAL D 90 -7.79 14.02 -19.15
C VAL D 90 -6.85 14.02 -20.35
N ASN D 91 -6.33 12.85 -20.69
CA ASN D 91 -5.41 12.72 -21.83
C ASN D 91 -6.19 12.52 -23.12
N PHE D 92 -7.45 12.13 -23.01
CA PHE D 92 -8.30 11.91 -24.17
C PHE D 92 -8.81 13.23 -24.73
N VAL D 93 -8.47 14.32 -24.06
CA VAL D 93 -8.90 15.65 -24.48
C VAL D 93 -8.49 15.92 -25.93
N SER D 94 -7.34 15.38 -26.33
CA SER D 94 -6.85 15.57 -27.69
C SER D 94 -7.82 14.99 -28.70
N ARG D 95 -8.70 14.11 -28.24
CA ARG D 95 -9.69 13.48 -29.12
C ARG D 95 -10.49 14.53 -29.87
N GLN D 96 -10.61 15.72 -29.28
CA GLN D 96 -11.36 16.80 -29.89
C GLN D 96 -12.78 16.37 -30.21
N ARG D 97 -13.29 15.40 -29.45
CA ARG D 97 -14.64 14.90 -29.67
C ARG D 97 -15.65 16.04 -29.69
N GLU D 98 -15.35 17.11 -28.96
CA GLU D 98 -16.23 18.27 -28.91
C GLU D 98 -16.39 18.90 -30.29
N PHE D 99 -17.00 20.08 -30.33
CA PHE D 99 -17.21 20.79 -31.58
C PHE D 99 -16.07 21.77 -31.87
N GLY D 100 -14.94 21.56 -31.18
CA GLY D 100 -13.80 22.43 -31.37
C GLY D 100 -12.89 22.47 -30.15
N GLY D 101 -11.59 22.56 -30.38
CA GLY D 101 -10.64 22.60 -29.29
C GLY D 101 -10.41 24.01 -28.78
N GLY D 102 -11.23 24.94 -29.25
CA GLY D 102 -11.08 26.33 -28.83
C GLY D 102 -11.06 26.48 -27.32
N GLY D 103 -11.85 25.65 -26.63
CA GLY D 103 -11.90 25.70 -25.19
C GLY D 103 -11.07 24.62 -24.53
N PHE D 104 -10.02 24.20 -25.21
CA PHE D 104 -9.14 23.14 -24.69
C PHE D 104 -8.37 23.65 -23.46
N ILE D 105 -7.90 24.88 -23.53
CA ILE D 105 -7.15 25.49 -22.43
C ILE D 105 -8.09 26.09 -21.39
N GLN D 106 -9.34 26.27 -21.77
CA GLN D 106 -10.34 26.83 -20.87
C GLN D 106 -11.04 25.74 -20.07
N ARG D 107 -10.53 24.51 -20.19
CA ARG D 107 -11.12 23.38 -19.48
C ARG D 107 -10.56 23.29 -18.06
N ALA D 108 -9.37 23.85 -17.85
CA ALA D 108 -8.73 23.83 -16.55
C ALA D 108 -9.60 24.54 -15.51
N LYS D 109 -10.52 25.37 -15.98
CA LYS D 109 -11.42 26.11 -15.09
C LYS D 109 -12.07 25.18 -14.07
N LYS D 110 -12.28 23.93 -14.47
CA LYS D 110 -12.89 22.93 -13.60
C LYS D 110 -14.30 23.36 -13.19
N ILE D 111 -15.23 23.25 -14.13
CA ILE D 111 -16.63 23.62 -13.87
C ILE D 111 -17.28 22.65 -12.89
N ASP D 112 -16.58 21.56 -12.59
CA ASP D 112 -17.09 20.56 -11.67
C ASP D 112 -18.36 19.91 -12.21
N LYS D 113 -18.42 19.77 -13.53
CA LYS D 113 -19.58 19.16 -14.19
C LYS D 113 -19.70 17.69 -13.81
N ILE D 114 -18.63 17.14 -13.23
CA ILE D 114 -18.63 15.74 -12.82
C ILE D 114 -19.53 15.52 -11.60
N SER D 115 -19.93 16.62 -10.97
CA SER D 115 -20.80 16.54 -9.79
C SER D 115 -22.25 16.37 -10.20
N ARG D 116 -22.55 16.65 -11.46
CA ARG D 116 -23.91 16.53 -11.97
C ARG D 116 -24.24 15.07 -12.28
N ILE D 117 -23.26 14.20 -12.10
CA ILE D 117 -23.44 12.78 -12.36
C ILE D 117 -23.17 11.95 -11.11
N GLY D 118 -22.10 12.30 -10.40
CA GLY D 118 -21.75 11.58 -9.19
C GLY D 118 -22.81 11.70 -8.11
N PHE D 119 -23.28 12.92 -7.87
CA PHE D 119 -24.29 13.17 -6.85
C PHE D 119 -25.48 12.22 -7.03
N PRO D 120 -26.11 12.30 -8.22
CA PRO D 120 -27.27 11.46 -8.54
C PRO D 120 -26.90 9.99 -8.72
N LEU D 121 -25.59 9.73 -8.79
CA LEU D 121 -25.10 8.37 -8.97
C LEU D 121 -25.01 7.64 -7.62
N ALA D 122 -24.56 8.36 -6.60
CA ALA D 122 -24.43 7.79 -5.27
C ALA D 122 -25.75 7.87 -4.50
N PHE D 123 -26.57 8.87 -4.84
CA PHE D 123 -27.86 9.05 -4.19
C PHE D 123 -28.89 8.07 -4.75
N LEU D 124 -28.74 7.72 -6.01
CA LEU D 124 -29.66 6.79 -6.68
C LEU D 124 -29.37 5.36 -6.25
N ILE D 125 -28.09 5.03 -6.11
CA ILE D 125 -27.69 3.68 -5.71
C ILE D 125 -28.05 3.41 -4.26
N PHE D 126 -27.89 4.43 -3.42
CA PHE D 126 -28.19 4.30 -2.00
C PHE D 126 -29.70 4.15 -1.78
N ASN D 127 -30.49 4.87 -2.58
CA ASN D 127 -31.93 4.81 -2.46
C ASN D 127 -32.49 3.60 -3.21
N LEU D 128 -31.71 3.07 -4.14
CA LEU D 128 -32.12 1.90 -4.92
C LEU D 128 -31.88 0.62 -4.14
N PHE D 129 -30.89 0.64 -3.27
CA PHE D 129 -30.55 -0.53 -2.46
C PHE D 129 -31.47 -0.63 -1.24
N TYR D 130 -31.88 0.53 -0.74
CA TYR D 130 -32.76 0.58 0.43
C TYR D 130 -34.18 0.14 0.06
N TRP D 131 -34.60 0.49 -1.14
CA TRP D 131 -35.94 0.14 -1.61
C TRP D 131 -35.95 -1.27 -2.20
N ILE D 132 -34.77 -1.77 -2.55
CA ILE D 132 -34.64 -3.10 -3.13
C ILE D 132 -34.47 -4.16 -2.04
N ILE D 133 -33.88 -3.76 -0.92
CA ILE D 133 -33.66 -4.67 0.20
C ILE D 133 -34.94 -4.84 1.02
N TYR D 134 -35.70 -3.78 1.14
CA TYR D 134 -36.95 -3.82 1.91
C TYR D 134 -38.10 -4.31 1.04
N LYS D 135 -37.83 -4.51 -0.24
CA LYS D 135 -38.84 -4.99 -1.18
C LYS D 135 -38.57 -6.43 -1.59
N ILE D 136 -37.29 -6.77 -1.75
CA ILE D 136 -36.90 -8.12 -2.13
C ILE D 136 -37.49 -9.16 -1.18
N VAL D 137 -37.46 -8.85 0.11
CA VAL D 137 -38.01 -9.74 1.12
C VAL D 137 -39.49 -10.00 0.89
N ARG D 138 -40.12 -9.13 0.12
CA ARG D 138 -41.55 -9.26 -0.17
C ARG D 138 -41.77 -9.94 -1.53
N ARG D 139 -41.09 -9.42 -2.55
CA ARG D 139 -41.21 -9.97 -3.90
C ARG D 139 -40.82 -11.44 -3.92
N GLU D 140 -40.05 -11.86 -2.92
CA GLU D 140 -39.60 -13.24 -2.83
C GLU D 140 -40.33 -13.98 -1.71
N ASP D 141 -41.35 -13.33 -1.16
CA ASP D 141 -42.13 -13.92 -0.08
C ASP D 141 -43.54 -14.26 -0.56
N GLU D 142 -44.15 -13.34 -1.30
CA GLU D 142 -45.50 -13.55 -1.82
C GLU D 142 -45.45 -14.05 -3.26
N PHE D 143 -44.31 -13.86 -3.91
CA PHE D 143 -44.14 -14.29 -5.30
C PHE D 143 -43.21 -15.50 -5.37
N GLU D 144 -43.04 -16.18 -4.24
CA GLU D 144 -42.18 -17.36 -4.19
C GLU D 144 -42.54 -18.36 -5.28
N HIS D 145 -43.82 -18.37 -5.66
CA HIS D 145 -44.30 -19.28 -6.70
C HIS D 145 -45.70 -18.89 -7.16
N HIS D 146 -45.78 -18.17 -8.27
CA HIS D 146 -47.06 -17.73 -8.82
C HIS D 146 -46.86 -17.05 -10.17
N HIS D 147 -45.78 -16.30 -10.30
CA HIS D 147 -45.48 -15.59 -11.54
C HIS D 147 -45.54 -16.55 -12.74
N HIS D 148 -44.60 -17.48 -12.78
CA HIS D 148 -44.55 -18.45 -13.87
C HIS D 148 -44.37 -17.75 -15.22
N HIS D 149 -43.87 -16.52 -15.18
CA HIS D 149 -43.66 -15.74 -16.39
C HIS D 149 -42.72 -16.47 -17.35
N HIS D 150 -41.92 -17.38 -16.80
CA HIS D 150 -40.97 -18.14 -17.61
C HIS D 150 -41.67 -18.80 -18.78
N MET E 1 -15.21 -14.35 32.68
CA MET E 1 -15.60 -13.42 31.63
C MET E 1 -14.47 -12.45 31.30
N LEU E 2 -14.25 -11.48 32.18
CA LEU E 2 -13.19 -10.50 31.99
C LEU E 2 -13.48 -9.64 30.75
N GLU E 3 -14.76 -9.47 30.42
CA GLU E 3 -15.15 -8.68 29.27
C GLU E 3 -15.13 -7.20 29.59
N ARG E 4 -15.47 -6.86 30.83
CA ARG E 4 -15.50 -5.48 31.28
C ARG E 4 -14.12 -5.03 31.74
N GLN E 5 -13.21 -5.98 31.89
CA GLN E 5 -11.85 -5.69 32.33
C GLN E 5 -10.94 -5.40 31.13
N LEU E 6 -11.55 -5.24 29.96
CA LEU E 6 -10.79 -4.96 28.74
C LEU E 6 -10.54 -3.47 28.59
N GLY E 7 -11.44 -2.66 29.14
CA GLY E 7 -11.29 -1.22 29.05
C GLY E 7 -9.95 -0.74 29.55
N TYR E 8 -9.33 -1.53 30.42
CA TYR E 8 -8.03 -1.17 30.97
C TYR E 8 -6.97 -1.11 29.88
N TYR E 9 -7.03 -2.04 28.94
CA TYR E 9 -6.08 -2.09 27.84
C TYR E 9 -6.39 -1.01 26.80
N LEU E 10 -7.65 -0.58 26.77
CA LEU E 10 -8.08 0.45 25.83
C LEU E 10 -7.70 1.84 26.33
N ILE E 11 -7.60 1.97 27.65
CA ILE E 11 -7.25 3.25 28.26
C ILE E 11 -5.78 3.59 27.99
N GLN E 12 -4.89 2.67 28.34
CA GLN E 12 -3.46 2.87 28.15
C GLN E 12 -3.11 2.89 26.66
N LEU E 13 -3.96 2.25 25.86
CA LEU E 13 -3.74 2.18 24.41
C LEU E 13 -4.33 3.40 23.71
N TYR E 14 -5.27 4.07 24.38
CA TYR E 14 -5.91 5.25 23.82
C TYR E 14 -4.98 6.46 23.88
N ILE E 15 -4.23 6.56 24.98
CA ILE E 15 -3.30 7.67 25.17
C ILE E 15 -2.41 7.85 23.95
N PRO E 16 -1.69 6.79 23.58
CA PRO E 16 -0.78 6.79 22.42
C PRO E 16 -1.54 6.85 21.10
N SER E 17 -2.73 6.26 21.08
CA SER E 17 -3.55 6.25 19.87
C SER E 17 -4.08 7.65 19.55
N LEU E 18 -4.24 8.46 20.59
CA LEU E 18 -4.74 9.82 20.42
C LEU E 18 -3.61 10.78 20.09
N LEU E 19 -2.45 10.56 20.71
CA LEU E 19 -1.29 11.40 20.47
C LEU E 19 -0.85 11.33 19.02
N ILE E 20 -0.77 10.12 18.48
CA ILE E 20 -0.36 9.90 17.10
C ILE E 20 -1.37 10.53 16.14
N VAL E 21 -2.61 10.65 16.57
CA VAL E 21 -3.67 11.24 15.76
C VAL E 21 -3.56 12.76 15.72
N ILE E 22 -3.11 13.34 16.83
CA ILE E 22 -2.96 14.78 16.92
C ILE E 22 -1.88 15.28 15.97
N LEU E 23 -0.79 14.52 15.86
CA LEU E 23 0.32 14.87 14.99
C LEU E 23 -0.05 14.65 13.52
N SER E 24 -0.96 13.71 13.28
CA SER E 24 -1.39 13.39 11.92
C SER E 24 -1.97 14.63 11.25
N TRP E 25 -3.01 15.20 11.83
CA TRP E 25 -3.65 16.38 11.28
C TRP E 25 -2.65 17.54 11.18
N ILE E 26 -1.83 17.69 12.21
CA ILE E 26 -0.83 18.76 12.22
C ILE E 26 -0.02 18.78 10.92
N SER E 27 0.15 17.61 10.33
CA SER E 27 0.90 17.49 9.08
C SER E 27 -0.03 17.46 7.88
N PHE E 28 -1.28 17.09 8.13
CA PHE E 28 -2.28 17.00 7.06
C PHE E 28 -2.40 18.34 6.34
N TRP E 29 -2.09 19.42 7.05
CA TRP E 29 -2.17 20.77 6.48
C TRP E 29 -1.38 20.86 5.18
N ILE E 30 -0.08 20.56 5.26
CA ILE E 30 0.79 20.60 4.10
C ILE E 30 0.61 19.36 3.23
N ASN E 31 0.34 18.23 3.87
CA ASN E 31 0.13 16.98 3.15
C ASN E 31 -1.12 17.04 2.29
N LEU E 32 -1.92 18.08 2.50
CA LEU E 32 -3.16 18.25 1.73
C LEU E 32 -2.91 18.10 0.24
N ASP E 33 -1.67 18.38 -0.17
CA ASP E 33 -1.29 18.28 -1.58
C ASP E 33 0.22 18.23 -1.74
N ALA E 34 0.92 19.01 -0.92
CA ALA E 34 2.38 19.05 -0.96
C ALA E 34 2.98 17.67 -0.78
N ALA E 35 2.39 16.88 0.12
CA ALA E 35 2.85 15.53 0.38
C ALA E 35 1.81 14.73 1.15
N PRO E 36 0.74 14.32 0.45
CA PRO E 36 -0.34 13.53 1.06
C PRO E 36 0.09 12.12 1.41
N ALA E 37 1.30 11.75 1.01
CA ALA E 37 1.83 10.43 1.29
C ALA E 37 1.82 10.14 2.79
N ARG E 38 2.05 11.17 3.59
CA ARG E 38 2.06 11.02 5.04
C ARG E 38 0.64 10.89 5.58
N VAL E 39 -0.30 11.57 4.95
CA VAL E 39 -1.69 11.54 5.36
C VAL E 39 -2.30 10.16 5.14
N GLY E 40 -1.85 9.49 4.08
CA GLY E 40 -2.37 8.16 3.78
C GLY E 40 -1.77 7.10 4.68
N LEU E 41 -0.59 7.37 5.21
CA LEU E 41 0.09 6.42 6.10
C LEU E 41 -0.42 6.55 7.53
N GLY E 42 -0.65 7.79 7.95
CA GLY E 42 -1.13 8.04 9.29
C GLY E 42 -2.56 7.56 9.49
N ILE E 43 -3.38 7.68 8.45
CA ILE E 43 -4.77 7.26 8.52
C ILE E 43 -4.88 5.74 8.49
N THR E 44 -3.94 5.09 7.82
CA THR E 44 -3.92 3.64 7.72
C THR E 44 -3.23 3.01 8.92
N THR E 45 -2.44 3.81 9.64
CA THR E 45 -1.73 3.33 10.81
C THR E 45 -2.64 3.30 12.04
N VAL E 46 -3.65 4.16 12.04
CA VAL E 46 -4.59 4.23 13.15
C VAL E 46 -5.61 3.11 13.08
N LEU E 47 -6.07 2.82 11.87
CA LEU E 47 -7.05 1.75 11.67
C LEU E 47 -6.39 0.38 11.68
N THR E 48 -5.08 0.36 11.44
CA THR E 48 -4.33 -0.89 11.43
C THR E 48 -3.82 -1.24 12.83
N LEU E 49 -3.63 -0.22 13.65
CA LEU E 49 -3.14 -0.41 15.01
C LEU E 49 -4.28 -0.90 15.92
N THR E 50 -5.50 -0.50 15.60
CA THR E 50 -6.66 -0.90 16.39
C THR E 50 -7.21 -2.24 15.92
N THR E 51 -7.27 -2.41 14.60
CA THR E 51 -7.78 -3.66 14.02
C THR E 51 -6.94 -4.85 14.45
N GLN E 52 -5.64 -4.61 14.63
CA GLN E 52 -4.73 -5.67 15.05
C GLN E 52 -4.92 -6.02 16.53
N SER E 53 -5.35 -5.03 17.31
CA SER E 53 -5.57 -5.23 18.73
C SER E 53 -6.96 -5.81 18.99
N SER E 54 -7.79 -5.81 17.96
CA SER E 54 -9.15 -6.33 18.07
C SER E 54 -9.17 -7.85 17.91
N GLY E 55 -7.99 -8.43 17.71
CA GLY E 55 -7.88 -9.87 17.54
C GLY E 55 -7.79 -10.61 18.86
N SER E 56 -7.72 -9.85 19.96
CA SER E 56 -7.61 -10.44 21.28
C SER E 56 -8.79 -11.35 21.57
N ARG E 57 -10.00 -10.88 21.24
CA ARG E 57 -11.21 -11.65 21.47
C ARG E 57 -11.36 -12.02 22.93
N ALA E 58 -10.68 -11.28 23.80
CA ALA E 58 -10.74 -11.53 25.24
C ALA E 58 -11.93 -10.81 25.87
N SER E 59 -12.45 -9.82 25.16
CA SER E 59 -13.58 -9.04 25.66
C SER E 59 -14.89 -9.78 25.38
N LEU E 60 -14.79 -10.96 24.79
CA LEU E 60 -15.97 -11.76 24.46
C LEU E 60 -16.86 -11.03 23.45
N PRO E 61 -17.73 -11.79 22.77
CA PRO E 61 -18.66 -11.25 21.78
C PRO E 61 -19.74 -10.38 22.41
N LYS E 62 -19.73 -10.29 23.73
CA LYS E 62 -20.72 -9.49 24.46
C LYS E 62 -20.29 -8.04 24.52
N VAL E 63 -19.15 -7.78 25.17
CA VAL E 63 -18.64 -6.42 25.29
C VAL E 63 -18.11 -5.91 23.96
N SER E 64 -17.36 -6.75 23.26
CA SER E 64 -16.80 -6.37 21.97
C SER E 64 -17.89 -5.97 20.99
N TYR E 65 -19.05 -6.62 21.10
CA TYR E 65 -20.18 -6.32 20.23
C TYR E 65 -20.63 -4.88 20.40
N VAL E 66 -21.04 -4.53 21.61
CA VAL E 66 -21.50 -3.19 21.92
C VAL E 66 -20.49 -2.14 21.45
N LYS E 67 -19.25 -2.27 21.91
CA LYS E 67 -18.19 -1.35 21.54
C LYS E 67 -18.00 -1.32 20.02
N ALA E 68 -18.29 -2.44 19.38
CA ALA E 68 -18.16 -2.55 17.93
C ALA E 68 -19.28 -1.80 17.21
N ILE E 69 -20.36 -1.54 17.94
CA ILE E 69 -21.51 -0.84 17.36
C ILE E 69 -21.22 0.66 17.24
N ASP E 70 -20.57 1.22 18.25
CA ASP E 70 -20.23 2.63 18.24
C ASP E 70 -19.05 2.91 17.32
N ILE E 71 -18.31 1.86 16.98
CA ILE E 71 -17.15 1.99 16.10
C ILE E 71 -17.52 1.62 14.66
N TRP E 72 -18.72 1.11 14.48
CA TRP E 72 -19.20 0.71 13.15
C TRP E 72 -19.55 1.94 12.32
N LEU E 73 -19.97 3.00 12.99
CA LEU E 73 -20.34 4.24 12.31
C LEU E 73 -20.39 5.40 13.29
N ALA E 74 -19.23 6.04 13.51
CA ALA E 74 -19.14 7.17 14.41
C ALA E 74 -17.72 7.71 14.47
N VAL E 75 -16.80 6.89 14.97
CA VAL E 75 -15.41 7.29 15.07
C VAL E 75 -14.67 7.11 13.75
N CYS E 76 -15.37 6.56 12.76
CA CYS E 76 -14.79 6.33 11.45
C CYS E 76 -15.55 7.11 10.37
N LEU E 77 -16.84 7.31 10.60
CA LEU E 77 -17.67 8.05 9.65
C LEU E 77 -17.53 9.55 9.86
N LEU E 78 -17.04 9.94 11.02
CA LEU E 78 -16.84 11.36 11.34
C LEU E 78 -15.39 11.77 11.15
N PHE E 79 -14.47 10.84 11.40
CA PHE E 79 -13.05 11.11 11.26
C PHE E 79 -12.68 11.31 9.79
N VAL E 80 -13.25 10.47 8.92
CA VAL E 80 -12.98 10.56 7.50
C VAL E 80 -13.95 11.51 6.81
N PHE E 81 -14.93 12.00 7.56
CA PHE E 81 -15.92 12.92 7.03
C PHE E 81 -15.34 14.32 6.90
N SER E 82 -14.57 14.73 7.91
CA SER E 82 -13.95 16.05 7.91
C SER E 82 -12.67 16.06 7.08
N ALA E 83 -12.00 14.91 7.03
CA ALA E 83 -10.76 14.78 6.26
C ALA E 83 -11.02 14.91 4.77
N LEU E 84 -12.18 14.42 4.33
CA LEU E 84 -12.55 14.48 2.92
C LEU E 84 -13.09 15.86 2.55
N LEU E 85 -13.78 16.48 3.51
CA LEU E 85 -14.36 17.81 3.28
C LEU E 85 -13.28 18.81 2.89
N GLU E 86 -12.11 18.67 3.49
CA GLU E 86 -10.99 19.57 3.19
C GLU E 86 -10.23 19.10 1.95
N TYR E 87 -10.01 17.80 1.86
CA TYR E 87 -9.29 17.22 0.73
C TYR E 87 -10.00 17.54 -0.58
N ALA E 88 -11.27 17.91 -0.49
CA ALA E 88 -12.06 18.24 -1.67
C ALA E 88 -12.44 19.72 -1.67
N ALA E 89 -12.24 20.38 -0.54
CA ALA E 89 -12.57 21.80 -0.40
C ALA E 89 -11.69 22.65 -1.32
N VAL E 90 -10.44 22.22 -1.48
CA VAL E 90 -9.49 22.95 -2.31
C VAL E 90 -10.09 23.24 -3.68
N ASN E 91 -10.83 22.28 -4.22
CA ASN E 91 -11.45 22.42 -5.53
C ASN E 91 -12.82 23.11 -5.41
N PHE E 92 -13.36 23.10 -4.20
CA PHE E 92 -14.66 23.72 -3.95
C PHE E 92 -14.52 25.24 -3.79
N VAL E 93 -13.28 25.72 -3.86
CA VAL E 93 -13.01 27.13 -3.72
C VAL E 93 -13.81 27.95 -4.74
N SER E 94 -14.03 27.37 -5.91
CA SER E 94 -14.78 28.05 -6.96
C SER E 94 -16.22 28.33 -6.52
N ARG E 95 -16.65 27.63 -5.47
CA ARG E 95 -17.99 27.81 -4.94
C ARG E 95 -18.26 29.27 -4.60
N GLN E 96 -17.19 30.01 -4.32
CA GLN E 96 -17.32 31.43 -3.97
C GLN E 96 -18.29 31.62 -2.82
N ARG E 97 -18.41 30.60 -1.97
CA ARG E 97 -19.31 30.67 -0.83
C ARG E 97 -19.05 31.92 0.00
N GLU E 98 -17.79 32.38 -0.01
CA GLU E 98 -17.42 33.57 0.74
C GLU E 98 -18.18 34.80 0.24
N PHE E 99 -17.75 35.97 0.70
CA PHE E 99 -18.39 37.22 0.30
C PHE E 99 -17.68 37.83 -0.90
N GLY E 100 -16.88 37.02 -1.59
CA GLY E 100 -16.15 37.51 -2.74
C GLY E 100 -14.89 36.70 -3.01
N GLY E 101 -14.57 36.52 -4.29
CA GLY E 101 -13.39 35.77 -4.65
C GLY E 101 -12.14 36.63 -4.71
N GLY E 102 -12.26 37.86 -4.23
CA GLY E 102 -11.12 38.77 -4.25
C GLY E 102 -9.89 38.18 -3.61
N GLY E 103 -10.11 37.37 -2.56
CA GLY E 103 -8.99 36.75 -1.87
C GLY E 103 -8.80 35.30 -2.27
N PHE E 104 -9.19 34.96 -3.49
CA PHE E 104 -9.07 33.59 -3.98
C PHE E 104 -7.60 33.21 -4.15
N ILE E 105 -6.81 34.13 -4.67
CA ILE E 105 -5.39 33.90 -4.88
C ILE E 105 -4.59 34.17 -3.61
N GLN E 106 -5.21 34.86 -2.66
CA GLN E 106 -4.55 35.19 -1.40
C GLN E 106 -4.79 34.09 -0.37
N ARG E 107 -5.39 32.98 -0.81
CA ARG E 107 -5.67 31.87 0.08
C ARG E 107 -4.46 30.96 0.21
N ALA E 108 -3.58 30.99 -0.78
CA ALA E 108 -2.38 30.17 -0.77
C ALA E 108 -1.49 30.51 0.43
N LYS E 109 -1.71 31.69 1.00
CA LYS E 109 -0.94 32.14 2.15
C LYS E 109 -0.90 31.06 3.23
N LYS E 110 -1.97 30.27 3.32
CA LYS E 110 -2.05 29.21 4.30
C LYS E 110 -1.99 29.77 5.72
N ILE E 111 -3.09 30.39 6.16
CA ILE E 111 -3.17 30.96 7.48
C ILE E 111 -3.18 29.88 8.56
N ASP E 112 -3.32 28.64 8.13
CA ASP E 112 -3.36 27.50 9.05
C ASP E 112 -4.56 27.58 9.97
N LYS E 113 -5.66 28.13 9.45
CA LYS E 113 -6.90 28.25 10.23
C LYS E 113 -7.46 26.88 10.58
N ILE E 114 -6.96 25.85 9.91
CA ILE E 114 -7.42 24.49 10.16
C ILE E 114 -6.93 23.98 11.51
N SER E 115 -5.99 24.70 12.10
CA SER E 115 -5.42 24.32 13.39
C SER E 115 -6.33 24.79 14.53
N ARG E 116 -7.22 25.72 14.23
CA ARG E 116 -8.15 26.24 15.23
C ARG E 116 -9.30 25.27 15.46
N ILE E 117 -9.31 24.18 14.71
CA ILE E 117 -10.36 23.17 14.84
C ILE E 117 -9.77 21.81 15.19
N GLY E 118 -8.67 21.46 14.53
CA GLY E 118 -8.02 20.18 14.78
C GLY E 118 -7.51 20.07 16.20
N PHE E 119 -6.81 21.11 16.65
CA PHE E 119 -6.25 21.12 18.01
C PHE E 119 -7.32 20.76 19.04
N PRO E 120 -8.39 21.56 19.09
CA PRO E 120 -9.50 21.35 20.02
C PRO E 120 -10.32 20.11 19.68
N LEU E 121 -10.07 19.56 18.50
CA LEU E 121 -10.79 18.36 18.05
C LEU E 121 -10.14 17.09 18.60
N ALA E 122 -8.81 17.08 18.62
CA ALA E 122 -8.06 15.93 19.12
C ALA E 122 -7.90 16.01 20.64
N PHE E 123 -7.88 17.23 21.17
CA PHE E 123 -7.73 17.44 22.60
C PHE E 123 -9.05 17.18 23.33
N LEU E 124 -10.15 17.45 22.65
CA LEU E 124 -11.47 17.26 23.23
C LEU E 124 -11.86 15.78 23.24
N ILE E 125 -11.49 15.08 22.17
CA ILE E 125 -11.79 13.66 22.06
C ILE E 125 -10.95 12.83 23.04
N PHE E 126 -9.70 13.23 23.21
CA PHE E 126 -8.80 12.54 24.13
C PHE E 126 -9.23 12.74 25.58
N ASN E 127 -9.71 13.94 25.89
CA ASN E 127 -10.16 14.25 27.24
C ASN E 127 -11.59 13.75 27.47
N LEU E 128 -12.31 13.54 26.38
CA LEU E 128 -13.68 13.06 26.47
C LEU E 128 -13.73 11.55 26.67
N PHE E 129 -12.71 10.86 26.16
CA PHE E 129 -12.63 9.41 26.29
C PHE E 129 -12.07 9.01 27.65
N TYR E 130 -11.19 9.85 28.19
CA TYR E 130 -10.58 9.58 29.48
C TYR E 130 -11.59 9.80 30.62
N TRP E 131 -12.46 10.79 30.45
CA TRP E 131 -13.46 11.10 31.45
C TRP E 131 -14.70 10.21 31.26
N ILE E 132 -14.83 9.62 30.08
CA ILE E 132 -15.96 8.75 29.78
C ILE E 132 -15.66 7.31 30.18
N ILE E 133 -14.39 6.94 30.12
CA ILE E 133 -13.96 5.59 30.47
C ILE E 133 -13.87 5.41 31.98
N TYR E 134 -13.45 6.46 32.67
CA TYR E 134 -13.32 6.42 34.12
C TYR E 134 -14.65 6.75 34.79
N LYS E 135 -15.64 7.12 33.99
CA LYS E 135 -16.96 7.46 34.50
C LYS E 135 -17.98 6.37 34.16
N ILE E 136 -17.85 5.81 32.97
CA ILE E 136 -18.75 4.75 32.52
C ILE E 136 -18.80 3.61 33.53
N VAL E 137 -17.64 3.24 34.05
CA VAL E 137 -17.55 2.17 35.03
C VAL E 137 -18.37 2.47 36.28
N ARG E 138 -18.70 3.75 36.45
CA ARG E 138 -19.48 4.19 37.60
C ARG E 138 -20.95 4.33 37.24
N ARG E 139 -21.22 5.05 36.16
CA ARG E 139 -22.59 5.27 35.69
C ARG E 139 -23.29 3.94 35.41
N GLU E 140 -22.48 2.90 35.19
CA GLU E 140 -23.02 1.57 34.90
C GLU E 140 -22.84 0.64 36.09
N ASP E 141 -22.41 1.21 37.21
CA ASP E 141 -22.20 0.43 38.43
C ASP E 141 -23.23 0.77 39.49
N GLU E 142 -23.49 2.07 39.65
CA GLU E 142 -24.46 2.53 40.64
C GLU E 142 -25.82 2.79 39.99
N PHE E 143 -25.81 2.93 38.66
CA PHE E 143 -27.04 3.18 37.92
C PHE E 143 -27.45 1.95 37.12
N GLU E 144 -26.91 0.80 37.50
CA GLU E 144 -27.22 -0.45 36.81
C GLU E 144 -28.73 -0.66 36.72
N HIS E 145 -29.46 -0.13 37.70
CA HIS E 145 -30.92 -0.25 37.72
C HIS E 145 -31.53 0.69 38.75
N HIS E 146 -32.01 1.84 38.27
CA HIS E 146 -32.62 2.82 39.16
C HIS E 146 -33.20 3.99 38.35
N HIS E 147 -32.52 4.35 37.28
CA HIS E 147 -32.97 5.45 36.43
C HIS E 147 -34.42 5.25 36.00
N HIS E 148 -34.66 4.21 35.19
CA HIS E 148 -35.99 3.90 34.71
C HIS E 148 -36.57 5.08 33.92
N HIS E 149 -35.69 5.95 33.44
CA HIS E 149 -36.12 7.12 32.66
C HIS E 149 -36.92 6.69 31.45
N HIS E 150 -36.72 5.46 31.00
CA HIS E 150 -37.43 4.93 29.84
C HIS E 150 -38.94 5.01 30.05
N MET A 1 10.02 -23.28 25.29
CA MET A 1 10.19 -22.64 26.59
C MET A 1 11.32 -21.61 26.53
N LEU A 2 11.97 -21.51 25.38
CA LEU A 2 13.06 -20.56 25.19
C LEU A 2 12.52 -19.16 24.96
N GLU A 3 11.76 -18.65 25.92
CA GLU A 3 11.18 -17.32 25.81
C GLU A 3 12.24 -16.24 26.07
N ARG A 4 13.08 -16.48 27.08
CA ARG A 4 14.13 -15.53 27.42
C ARG A 4 15.33 -15.68 26.48
N GLN A 5 15.32 -16.74 25.69
CA GLN A 5 16.40 -17.01 24.75
C GLN A 5 16.08 -16.42 23.38
N LEU A 6 15.11 -15.51 23.34
CA LEU A 6 14.71 -14.87 22.09
C LEU A 6 15.59 -13.66 21.80
N GLY A 7 16.08 -13.03 22.85
CA GLY A 7 16.92 -11.86 22.68
C GLY A 7 18.07 -12.11 21.72
N TYR A 8 18.51 -13.36 21.63
CA TYR A 8 19.60 -13.73 20.74
C TYR A 8 19.24 -13.47 19.29
N TYR A 9 18.01 -13.84 18.91
CA TYR A 9 17.54 -13.64 17.55
C TYR A 9 17.26 -12.17 17.27
N LEU A 10 16.96 -11.42 18.33
CA LEU A 10 16.67 -9.99 18.20
C LEU A 10 17.95 -9.19 18.04
N ILE A 11 19.05 -9.70 18.59
CA ILE A 11 20.34 -9.03 18.50
C ILE A 11 20.86 -9.05 17.06
N GLN A 12 20.99 -10.24 16.51
CA GLN A 12 21.49 -10.40 15.14
C GLN A 12 20.54 -9.74 14.14
N LEU A 13 19.26 -9.66 14.51
CA LEU A 13 18.25 -9.06 13.65
C LEU A 13 18.19 -7.55 13.86
N TYR A 14 18.71 -7.09 14.99
CA TYR A 14 18.70 -5.67 15.32
C TYR A 14 19.69 -4.92 14.44
N ILE A 15 20.86 -5.51 14.22
CA ILE A 15 21.89 -4.88 13.40
C ILE A 15 21.33 -4.43 12.06
N PRO A 16 20.75 -5.39 11.31
CA PRO A 16 20.16 -5.11 9.99
C PRO A 16 18.88 -4.28 10.10
N SER A 17 18.13 -4.51 11.17
CA SER A 17 16.87 -3.80 11.38
C SER A 17 17.13 -2.32 11.67
N LEU A 18 18.32 -2.03 12.21
CA LEU A 18 18.68 -0.66 12.55
C LEU A 18 19.41 0.00 11.37
N LEU A 19 20.27 -0.77 10.70
CA LEU A 19 21.02 -0.25 9.57
C LEU A 19 20.09 0.36 8.53
N ILE A 20 19.03 -0.36 8.18
CA ILE A 20 18.06 0.11 7.21
C ILE A 20 17.25 1.28 7.76
N VAL A 21 17.09 1.31 9.08
CA VAL A 21 16.33 2.37 9.74
C VAL A 21 17.06 3.71 9.63
N ILE A 22 18.34 3.71 9.98
CA ILE A 22 19.15 4.92 9.93
C ILE A 22 19.14 5.51 8.52
N LEU A 23 19.23 4.65 7.51
CA LEU A 23 19.24 5.09 6.13
C LEU A 23 17.92 5.79 5.77
N SER A 24 16.84 5.37 6.42
CA SER A 24 15.54 5.95 6.17
C SER A 24 15.58 7.46 6.28
N TRP A 25 16.31 7.97 7.27
CA TRP A 25 16.44 9.40 7.48
C TRP A 25 17.40 10.01 6.47
N ILE A 26 18.44 9.26 6.11
CA ILE A 26 19.44 9.73 5.15
C ILE A 26 18.77 10.14 3.84
N SER A 27 17.58 9.62 3.59
CA SER A 27 16.86 9.93 2.37
C SER A 27 15.64 10.81 2.67
N PHE A 28 15.29 10.90 3.95
CA PHE A 28 14.15 11.69 4.37
C PHE A 28 14.41 13.18 4.16
N TRP A 29 15.69 13.56 4.19
CA TRP A 29 16.07 14.95 4.00
C TRP A 29 15.67 15.44 2.61
N ILE A 30 15.38 14.50 1.72
CA ILE A 30 14.99 14.84 0.36
C ILE A 30 13.60 14.29 0.04
N ASN A 31 13.26 13.16 0.66
CA ASN A 31 11.96 12.53 0.44
C ASN A 31 10.84 13.39 1.02
N LEU A 32 11.22 14.43 1.75
CA LEU A 32 10.25 15.33 2.37
C LEU A 32 9.20 15.77 1.35
N ASP A 33 9.59 15.77 0.08
CA ASP A 33 8.69 16.18 -0.99
C ASP A 33 9.15 15.63 -2.33
N ALA A 34 10.47 15.59 -2.53
CA ALA A 34 11.04 15.09 -3.77
C ALA A 34 10.60 13.66 -4.04
N ALA A 35 10.62 12.83 -2.99
CA ALA A 35 10.22 11.44 -3.11
C ALA A 35 9.78 10.87 -1.76
N PRO A 36 8.63 11.36 -1.27
CA PRO A 36 8.07 10.93 0.01
C PRO A 36 7.55 9.49 -0.04
N ALA A 37 7.57 8.90 -1.23
CA ALA A 37 7.11 7.54 -1.42
C ALA A 37 8.04 6.54 -0.74
N ARG A 38 9.33 6.86 -0.74
CA ARG A 38 10.32 5.99 -0.12
C ARG A 38 10.21 6.04 1.41
N VAL A 39 9.95 7.22 1.94
CA VAL A 39 9.81 7.39 3.38
C VAL A 39 8.66 6.57 3.93
N GLY A 40 7.59 6.45 3.14
CA GLY A 40 6.44 5.69 3.57
C GLY A 40 6.69 4.19 3.56
N LEU A 41 7.61 3.76 2.71
CA LEU A 41 7.95 2.35 2.60
C LEU A 41 8.95 1.94 3.68
N GLY A 42 9.87 2.85 3.99
CA GLY A 42 10.87 2.57 5.01
C GLY A 42 10.29 2.54 6.41
N ILE A 43 9.31 3.40 6.65
CA ILE A 43 8.66 3.48 7.96
C ILE A 43 7.76 2.28 8.20
N THR A 44 7.18 1.76 7.12
CA THR A 44 6.30 0.60 7.21
C THR A 44 7.09 -0.71 7.16
N THR A 45 8.34 -0.62 6.70
CA THR A 45 9.20 -1.80 6.61
C THR A 45 9.77 -2.16 7.97
N VAL A 46 9.97 -1.15 8.82
CA VAL A 46 10.52 -1.37 10.15
C VAL A 46 9.49 -2.02 11.07
N LEU A 47 8.25 -1.56 10.98
CA LEU A 47 7.17 -2.10 11.80
C LEU A 47 6.67 -3.43 11.24
N THR A 48 6.92 -3.66 9.96
CA THR A 48 6.50 -4.89 9.31
C THR A 48 7.58 -5.97 9.41
N LEU A 49 8.83 -5.53 9.57
CA LEU A 49 9.95 -6.45 9.68
C LEU A 49 10.03 -7.04 11.09
N THR A 50 9.52 -6.29 12.07
CA THR A 50 9.55 -6.74 13.45
C THR A 50 8.33 -7.60 13.78
N THR A 51 7.16 -7.16 13.31
CA THR A 51 5.92 -7.88 13.54
C THR A 51 5.98 -9.27 12.91
N GLN A 52 6.65 -9.38 11.77
CA GLN A 52 6.77 -10.65 11.07
C GLN A 52 7.98 -11.43 11.57
N SER A 53 8.87 -10.74 12.26
CA SER A 53 10.08 -11.37 12.80
C SER A 53 9.75 -12.25 13.99
N SER A 54 8.51 -12.17 14.45
CA SER A 54 8.06 -12.97 15.60
C SER A 54 6.76 -13.69 15.28
N GLY A 55 6.62 -14.14 14.04
CA GLY A 55 5.42 -14.84 13.63
C GLY A 55 5.49 -16.33 13.92
N SER A 56 6.70 -16.88 13.89
CA SER A 56 6.90 -18.30 14.16
C SER A 56 6.32 -18.70 15.51
N ARG A 57 6.51 -17.83 16.50
CA ARG A 57 6.01 -18.09 17.85
C ARG A 57 6.56 -19.40 18.40
N ALA A 58 7.66 -19.87 17.81
CA ALA A 58 8.28 -21.11 18.24
C ALA A 58 9.26 -20.86 19.39
N SER A 59 9.68 -19.61 19.54
CA SER A 59 10.62 -19.24 20.59
C SER A 59 9.88 -18.64 21.78
N LEU A 60 8.56 -18.70 21.75
CA LEU A 60 7.73 -18.16 22.82
C LEU A 60 7.96 -16.66 23.00
N PRO A 61 7.44 -15.87 22.04
CA PRO A 61 7.58 -14.41 22.07
C PRO A 61 6.77 -13.77 23.19
N LYS A 62 6.01 -14.58 23.90
CA LYS A 62 5.19 -14.10 25.00
C LYS A 62 5.99 -13.18 25.91
N VAL A 63 7.00 -13.72 26.58
CA VAL A 63 7.84 -12.95 27.48
C VAL A 63 8.38 -11.69 26.78
N SER A 64 8.84 -11.87 25.55
CA SER A 64 9.38 -10.75 24.78
C SER A 64 8.33 -9.67 24.56
N TYR A 65 7.06 -10.10 24.54
CA TYR A 65 5.96 -9.17 24.34
C TYR A 65 5.90 -8.13 25.46
N VAL A 66 5.87 -8.62 26.70
CA VAL A 66 5.81 -7.74 27.86
C VAL A 66 6.91 -6.69 27.80
N LYS A 67 8.15 -7.13 27.71
CA LYS A 67 9.29 -6.22 27.64
C LYS A 67 9.20 -5.34 26.40
N ALA A 68 8.54 -5.84 25.36
CA ALA A 68 8.39 -5.09 24.13
C ALA A 68 7.30 -4.04 24.25
N ILE A 69 6.40 -4.24 25.20
CA ILE A 69 5.30 -3.31 25.43
C ILE A 69 5.78 -2.05 26.14
N ASP A 70 6.83 -2.20 26.95
CA ASP A 70 7.39 -1.08 27.69
C ASP A 70 8.21 -0.17 26.77
N ILE A 71 8.64 -0.72 25.64
CA ILE A 71 9.42 0.04 24.67
C ILE A 71 8.56 0.50 23.50
N TRP A 72 7.55 -0.29 23.16
CA TRP A 72 6.65 0.04 22.07
C TRP A 72 5.68 1.14 22.47
N LEU A 73 5.68 1.48 23.76
CA LEU A 73 4.79 2.52 24.28
C LEU A 73 5.52 3.86 24.35
N ALA A 74 6.42 4.09 23.40
CA ALA A 74 7.18 5.34 23.35
C ALA A 74 8.11 5.37 22.15
N VAL A 75 8.65 4.20 21.79
CA VAL A 75 9.56 4.09 20.67
C VAL A 75 8.85 4.41 19.35
N CYS A 76 7.55 4.17 19.32
CA CYS A 76 6.74 4.42 18.13
C CYS A 76 6.17 5.84 18.14
N LEU A 77 5.97 6.37 19.34
CA LEU A 77 5.43 7.72 19.51
C LEU A 77 6.53 8.76 19.39
N LEU A 78 7.78 8.32 19.52
CA LEU A 78 8.92 9.22 19.42
C LEU A 78 9.58 9.13 18.04
N PHE A 79 9.52 7.94 17.44
CA PHE A 79 10.10 7.72 16.13
C PHE A 79 9.32 8.47 15.05
N VAL A 80 7.99 8.45 15.17
CA VAL A 80 7.13 9.13 14.20
C VAL A 80 6.86 10.56 14.63
N PHE A 81 7.33 10.93 15.83
CA PHE A 81 7.14 12.27 16.35
C PHE A 81 8.10 13.25 15.69
N SER A 82 9.36 12.85 15.57
CA SER A 82 10.39 13.69 14.96
C SER A 82 10.20 13.75 13.44
N ALA A 83 9.76 12.63 12.86
CA ALA A 83 9.55 12.56 11.42
C ALA A 83 8.43 13.49 10.98
N LEU A 84 7.43 13.67 11.84
CA LEU A 84 6.30 14.53 11.54
C LEU A 84 6.64 15.99 11.81
N LEU A 85 7.55 16.22 12.75
CA LEU A 85 7.98 17.57 13.09
C LEU A 85 8.57 18.28 11.87
N GLU A 86 9.31 17.53 11.06
CA GLU A 86 9.92 18.09 9.86
C GLU A 86 8.96 18.06 8.68
N TYR A 87 8.23 16.96 8.56
CA TYR A 87 7.27 16.81 7.47
C TYR A 87 6.20 17.89 7.52
N ALA A 88 6.09 18.54 8.68
CA ALA A 88 5.11 19.60 8.87
C ALA A 88 5.80 20.95 9.10
N ALA A 89 7.10 20.91 9.36
CA ALA A 89 7.87 22.12 9.60
C ALA A 89 7.92 23.00 8.35
N VAL A 90 8.00 22.35 7.18
CA VAL A 90 8.06 23.08 5.92
C VAL A 90 6.93 24.10 5.82
N ASN A 91 5.77 23.74 6.35
CA ASN A 91 4.62 24.63 6.31
C ASN A 91 4.62 25.57 7.51
N PHE A 92 5.37 25.21 8.54
CA PHE A 92 5.46 26.02 9.75
C PHE A 92 6.45 27.17 9.55
N VAL A 93 7.06 27.22 8.37
CA VAL A 93 8.02 28.28 8.04
C VAL A 93 7.44 29.66 8.32
N SER A 94 6.16 29.83 7.99
CA SER A 94 5.49 31.11 8.20
C SER A 94 5.61 31.56 9.66
N ARG A 95 5.79 30.59 10.55
CA ARG A 95 5.92 30.88 11.97
C ARG A 95 6.98 31.95 12.21
N GLN A 96 7.99 31.99 11.34
CA GLN A 96 9.07 32.96 11.46
C GLN A 96 9.79 32.81 12.80
N ARG A 97 9.78 31.60 13.34
CA ARG A 97 10.43 31.31 14.61
C ARG A 97 11.87 31.81 14.60
N GLU A 98 12.49 31.80 13.41
CA GLU A 98 13.87 32.24 13.27
C GLU A 98 14.02 33.70 13.68
N PHE A 99 15.19 34.27 13.40
CA PHE A 99 15.46 35.66 13.73
C PHE A 99 15.13 36.58 12.57
N GLY A 100 14.35 36.07 11.61
CA GLY A 100 13.98 36.86 10.46
C GLY A 100 13.49 36.00 9.31
N GLY A 101 12.48 36.50 8.59
CA GLY A 101 11.93 35.75 7.47
C GLY A 101 12.58 36.14 6.16
N GLY A 102 13.81 36.64 6.22
CA GLY A 102 14.52 37.04 5.02
C GLY A 102 14.92 35.85 4.16
N GLY A 103 15.18 34.72 4.80
CA GLY A 103 15.57 33.52 4.08
C GLY A 103 14.43 32.55 3.90
N PHE A 104 13.21 33.08 3.82
CA PHE A 104 12.02 32.25 3.64
C PHE A 104 12.09 31.48 2.33
N ILE A 105 12.42 32.17 1.25
CA ILE A 105 12.51 31.56 -0.07
C ILE A 105 13.90 30.95 -0.29
N GLN A 106 14.86 31.37 0.52
CA GLN A 106 16.23 30.87 0.41
C GLN A 106 16.39 29.59 1.22
N ARG A 107 15.29 29.09 1.77
CA ARG A 107 15.32 27.87 2.57
C ARG A 107 15.38 26.64 1.67
N ALA A 108 14.90 26.78 0.44
CA ALA A 108 14.91 25.69 -0.52
C ALA A 108 16.34 25.22 -0.81
N LYS A 109 17.31 26.07 -0.49
CA LYS A 109 18.71 25.75 -0.71
C LYS A 109 19.05 24.38 -0.13
N LYS A 110 18.38 24.02 0.95
CA LYS A 110 18.61 22.73 1.61
C LYS A 110 20.03 22.65 2.16
N ILE A 111 20.25 23.28 3.32
CA ILE A 111 21.56 23.27 3.95
C ILE A 111 21.89 21.90 4.52
N ASP A 112 20.91 21.00 4.47
CA ASP A 112 21.10 19.64 4.98
C ASP A 112 21.32 19.66 6.49
N LYS A 113 20.67 20.60 7.18
CA LYS A 113 20.80 20.72 8.62
C LYS A 113 19.99 19.63 9.34
N ILE A 114 19.26 18.85 8.56
CA ILE A 114 18.45 17.77 9.12
C ILE A 114 19.29 16.53 9.39
N SER A 115 20.36 16.36 8.63
CA SER A 115 21.25 15.22 8.80
C SER A 115 22.23 15.46 9.93
N ARG A 116 22.13 16.62 10.56
CA ARG A 116 23.02 16.98 11.66
C ARG A 116 22.50 16.41 12.98
N ILE A 117 21.18 16.28 13.07
CA ILE A 117 20.54 15.76 14.28
C ILE A 117 20.28 14.26 14.16
N GLY A 118 19.99 13.82 12.94
CA GLY A 118 19.72 12.41 12.71
C GLY A 118 20.97 11.56 12.77
N PHE A 119 22.06 12.08 12.22
CA PHE A 119 23.33 11.35 12.21
C PHE A 119 23.70 10.89 13.61
N PRO A 120 23.84 11.84 14.55
CA PRO A 120 24.18 11.54 15.94
C PRO A 120 23.05 10.85 16.68
N LEU A 121 21.84 10.95 16.14
CA LEU A 121 20.67 10.33 16.75
C LEU A 121 20.60 8.85 16.40
N ALA A 122 21.11 8.49 15.23
CA ALA A 122 21.11 7.11 14.78
C ALA A 122 22.23 6.32 15.43
N PHE A 123 23.40 6.93 15.55
CA PHE A 123 24.56 6.28 16.16
C PHE A 123 24.32 6.02 17.64
N LEU A 124 23.61 6.95 18.29
CA LEU A 124 23.31 6.82 19.71
C LEU A 124 22.32 5.68 19.96
N ILE A 125 21.34 5.55 19.06
CA ILE A 125 20.34 4.50 19.18
C ILE A 125 20.95 3.12 18.99
N PHE A 126 21.69 2.96 17.90
CA PHE A 126 22.34 1.69 17.60
C PHE A 126 23.24 1.25 18.75
N ASN A 127 23.92 2.21 19.35
CA ASN A 127 24.82 1.93 20.46
C ASN A 127 24.05 1.81 21.78
N LEU A 128 22.85 2.37 21.79
CA LEU A 128 22.01 2.32 22.99
C LEU A 128 21.28 0.99 23.08
N PHE A 129 21.01 0.38 21.94
CA PHE A 129 20.31 -0.91 21.89
C PHE A 129 21.29 -2.06 22.09
N TYR A 130 22.54 -1.85 21.67
CA TYR A 130 23.57 -2.88 21.80
C TYR A 130 24.01 -3.01 23.25
N TRP A 131 24.06 -1.89 23.96
CA TRP A 131 24.46 -1.88 25.36
C TRP A 131 23.29 -2.19 26.28
N ILE A 132 22.07 -2.03 25.76
CA ILE A 132 20.87 -2.28 26.53
C ILE A 132 20.47 -3.76 26.44
N ILE A 133 20.79 -4.38 25.31
CA ILE A 133 20.46 -5.79 25.11
C ILE A 133 21.47 -6.70 25.81
N TYR A 134 22.73 -6.29 25.80
CA TYR A 134 23.79 -7.07 26.43
C TYR A 134 23.85 -6.79 27.93
N LYS A 135 23.07 -5.82 28.37
CA LYS A 135 23.02 -5.45 29.78
C LYS A 135 21.76 -5.99 30.44
N ILE A 136 20.64 -5.88 29.75
CA ILE A 136 19.36 -6.36 30.26
C ILE A 136 19.45 -7.83 30.68
N VAL A 137 20.13 -8.63 29.85
CA VAL A 137 20.30 -10.05 30.13
C VAL A 137 21.03 -10.26 31.45
N ARG A 138 21.71 -9.23 31.93
CA ARG A 138 22.45 -9.30 33.18
C ARG A 138 21.65 -8.70 34.33
N ARG A 139 21.10 -7.51 34.09
CA ARG A 139 20.31 -6.82 35.11
C ARG A 139 21.21 -6.22 36.18
N GLU A 140 22.06 -7.05 36.77
CA GLU A 140 22.97 -6.60 37.82
C GLU A 140 24.40 -6.55 37.30
N ASP A 141 24.55 -6.57 35.98
CA ASP A 141 25.87 -6.53 35.35
C ASP A 141 26.78 -7.60 35.95
N GLU A 142 26.48 -8.86 35.63
CA GLU A 142 27.27 -9.97 36.13
C GLU A 142 28.34 -10.38 35.11
N PHE A 143 27.97 -10.37 33.85
CA PHE A 143 28.90 -10.74 32.77
C PHE A 143 29.69 -9.53 32.30
N GLU A 144 29.52 -8.41 33.00
CA GLU A 144 30.23 -7.18 32.66
C GLU A 144 31.62 -7.15 33.29
N HIS A 145 31.65 -7.08 34.62
CA HIS A 145 32.92 -7.05 35.35
C HIS A 145 32.68 -7.12 36.86
N HIS A 146 33.74 -6.89 37.63
CA HIS A 146 33.64 -6.92 39.08
C HIS A 146 33.66 -5.51 39.67
N HIS A 147 34.44 -4.63 39.05
CA HIS A 147 34.55 -3.26 39.51
C HIS A 147 33.17 -2.62 39.65
N HIS A 148 32.33 -2.82 38.64
CA HIS A 148 30.98 -2.26 38.65
C HIS A 148 31.02 -0.74 38.67
N HIS A 149 32.15 -0.17 38.25
CA HIS A 149 32.32 1.28 38.22
C HIS A 149 31.16 1.94 37.47
N HIS A 150 30.84 1.42 36.29
CA HIS A 150 29.76 1.96 35.49
C HIS A 150 29.92 3.47 35.29
N MET B 1 10.92 -35.60 3.54
CA MET B 1 11.43 -34.28 3.89
C MET B 1 11.42 -33.35 2.69
N LEU B 2 12.31 -33.61 1.73
CA LEU B 2 12.40 -32.78 0.52
C LEU B 2 12.79 -31.35 0.87
N GLU B 3 13.51 -31.19 1.98
CA GLU B 3 13.95 -29.88 2.42
C GLU B 3 15.10 -29.38 1.55
N ARG B 4 16.02 -30.28 1.22
CA ARG B 4 17.17 -29.93 0.40
C ARG B 4 16.80 -29.95 -1.08
N GLN B 5 15.62 -30.47 -1.39
CA GLN B 5 15.16 -30.56 -2.77
C GLN B 5 14.32 -29.34 -3.13
N LEU B 6 14.44 -28.29 -2.33
CA LEU B 6 13.70 -27.06 -2.57
C LEU B 6 14.43 -26.15 -3.55
N GLY B 7 15.76 -26.25 -3.56
CA GLY B 7 16.57 -25.44 -4.46
C GLY B 7 16.09 -25.52 -5.89
N TYR B 8 15.48 -26.65 -6.25
CA TYR B 8 14.98 -26.85 -7.61
C TYR B 8 13.88 -25.84 -7.94
N TYR B 9 12.99 -25.62 -6.99
CA TYR B 9 11.89 -24.67 -7.18
C TYR B 9 12.39 -23.23 -7.13
N LEU B 10 13.51 -23.04 -6.44
CA LEU B 10 14.10 -21.71 -6.31
C LEU B 10 14.85 -21.31 -7.58
N ILE B 11 15.36 -22.32 -8.29
CA ILE B 11 16.10 -22.08 -9.52
C ILE B 11 15.18 -21.57 -10.63
N GLN B 12 14.14 -22.34 -10.92
CA GLN B 12 13.19 -21.96 -11.95
C GLN B 12 12.46 -20.67 -11.58
N LEU B 13 12.36 -20.41 -10.28
CA LEU B 13 11.69 -19.21 -9.80
C LEU B 13 12.65 -18.04 -9.73
N TYR B 14 13.94 -18.34 -9.71
CA TYR B 14 14.97 -17.31 -9.65
C TYR B 14 15.06 -16.54 -10.96
N ILE B 15 14.97 -17.26 -12.07
CA ILE B 15 15.03 -16.65 -13.39
C ILE B 15 14.06 -15.48 -13.50
N PRO B 16 12.76 -15.76 -13.27
CA PRO B 16 11.72 -14.73 -13.34
C PRO B 16 11.82 -13.74 -12.19
N SER B 17 12.24 -14.21 -11.03
CA SER B 17 12.38 -13.37 -9.85
C SER B 17 13.51 -12.35 -10.04
N LEU B 18 14.47 -12.69 -10.87
CA LEU B 18 15.60 -11.82 -11.14
C LEU B 18 15.33 -10.92 -12.35
N LEU B 19 14.69 -11.48 -13.36
CA LEU B 19 14.37 -10.74 -14.57
C LEU B 19 13.59 -9.46 -14.22
N ILE B 20 12.57 -9.60 -13.38
CA ILE B 20 11.76 -8.46 -12.98
C ILE B 20 12.54 -7.53 -12.07
N VAL B 21 13.50 -8.08 -11.34
CA VAL B 21 14.33 -7.29 -10.44
C VAL B 21 15.23 -6.34 -11.21
N ILE B 22 15.94 -6.86 -12.21
CA ILE B 22 16.84 -6.06 -13.02
C ILE B 22 16.09 -4.90 -13.67
N LEU B 23 14.89 -5.16 -14.15
CA LEU B 23 14.07 -4.13 -14.79
C LEU B 23 13.73 -3.02 -13.81
N SER B 24 13.62 -3.37 -12.53
CA SER B 24 13.31 -2.40 -11.49
C SER B 24 14.24 -1.19 -11.58
N TRP B 25 15.52 -1.46 -11.82
CA TRP B 25 16.51 -0.39 -11.93
C TRP B 25 16.41 0.32 -13.27
N ILE B 26 16.08 -0.44 -14.31
CA ILE B 26 15.94 0.13 -15.65
C ILE B 26 14.94 1.28 -15.67
N SER B 27 14.05 1.30 -14.69
CA SER B 27 13.04 2.35 -14.59
C SER B 27 13.34 3.28 -13.42
N PHE B 28 14.25 2.85 -12.53
CA PHE B 28 14.61 3.64 -11.37
C PHE B 28 15.35 4.91 -11.78
N TRP B 29 16.03 4.84 -12.93
CA TRP B 29 16.78 6.00 -13.43
C TRP B 29 15.84 7.17 -13.72
N ILE B 30 14.55 6.88 -13.81
CA ILE B 30 13.56 7.92 -14.08
C ILE B 30 12.55 8.01 -12.94
N ASN B 31 12.28 6.87 -12.30
CA ASN B 31 11.32 6.83 -11.21
C ASN B 31 11.85 7.58 -9.99
N LEU B 32 13.12 7.98 -10.05
CA LEU B 32 13.74 8.72 -8.96
C LEU B 32 12.87 9.88 -8.50
N ASP B 33 12.03 10.37 -9.41
CA ASP B 33 11.13 11.48 -9.10
C ASP B 33 9.96 11.52 -10.08
N ALA B 34 10.24 11.22 -11.34
CA ALA B 34 9.21 11.22 -12.37
C ALA B 34 8.07 10.27 -12.01
N ALA B 35 8.42 9.09 -11.52
CA ALA B 35 7.42 8.09 -11.13
C ALA B 35 7.99 7.12 -10.11
N PRO B 36 8.24 7.61 -8.89
CA PRO B 36 8.79 6.80 -7.80
C PRO B 36 7.78 5.78 -7.28
N ALA B 37 6.56 5.84 -7.79
CA ALA B 37 5.51 4.91 -7.39
C ALA B 37 5.81 3.50 -7.87
N ARG B 38 6.43 3.40 -9.05
CA ARG B 38 6.76 2.10 -9.62
C ARG B 38 7.91 1.45 -8.85
N VAL B 39 8.88 2.26 -8.44
CA VAL B 39 10.02 1.77 -7.70
C VAL B 39 9.60 1.15 -6.37
N GLY B 40 8.56 1.73 -5.76
CA GLY B 40 8.07 1.22 -4.49
C GLY B 40 7.33 -0.09 -4.64
N LEU B 41 6.75 -0.32 -5.82
CA LEU B 41 6.01 -1.55 -6.09
C LEU B 41 6.95 -2.68 -6.49
N GLY B 42 8.01 -2.34 -7.22
CA GLY B 42 8.97 -3.34 -7.65
C GLY B 42 9.82 -3.86 -6.51
N ILE B 43 10.16 -2.97 -5.57
CA ILE B 43 10.97 -3.34 -4.42
C ILE B 43 10.17 -4.20 -3.44
N THR B 44 8.87 -3.96 -3.38
CA THR B 44 8.00 -4.71 -2.48
C THR B 44 7.52 -6.00 -3.13
N THR B 45 7.65 -6.07 -4.45
CA THR B 45 7.22 -7.25 -5.21
C THR B 45 8.25 -8.37 -5.10
N VAL B 46 9.52 -7.98 -4.96
CA VAL B 46 10.60 -8.95 -4.85
C VAL B 46 10.59 -9.64 -3.49
N LEU B 47 10.35 -8.85 -2.43
CA LEU B 47 10.32 -9.38 -1.08
C LEU B 47 8.99 -10.09 -0.81
N THR B 48 7.97 -9.74 -1.59
CA THR B 48 6.65 -10.34 -1.43
C THR B 48 6.51 -11.59 -2.28
N LEU B 49 7.29 -11.66 -3.35
CA LEU B 49 7.26 -12.81 -4.25
C LEU B 49 8.04 -13.98 -3.68
N THR B 50 9.03 -13.68 -2.84
CA THR B 50 9.85 -14.71 -2.22
C THR B 50 9.20 -15.22 -0.94
N THR B 51 8.69 -14.31 -0.12
CA THR B 51 8.05 -14.67 1.13
C THR B 51 6.82 -15.55 0.88
N GLN B 52 6.12 -15.29 -0.22
CA GLN B 52 4.92 -16.05 -0.57
C GLN B 52 5.29 -17.28 -1.39
N SER B 53 6.52 -17.30 -1.92
CA SER B 53 6.98 -18.41 -2.73
C SER B 53 7.29 -19.62 -1.87
N SER B 54 7.24 -19.43 -0.54
CA SER B 54 7.53 -20.51 0.39
C SER B 54 6.44 -20.59 1.46
N GLY B 55 5.20 -20.30 1.06
CA GLY B 55 4.09 -20.34 1.99
C GLY B 55 3.49 -21.73 2.11
N SER B 56 3.69 -22.55 1.09
CA SER B 56 3.17 -23.91 1.07
C SER B 56 3.73 -24.73 2.23
N ARG B 57 5.03 -24.56 2.48
CA ARG B 57 5.70 -25.28 3.56
C ARG B 57 5.57 -26.79 3.36
N ALA B 58 5.27 -27.20 2.13
CA ALA B 58 5.13 -28.61 1.81
C ALA B 58 6.47 -29.22 1.44
N SER B 59 7.42 -28.37 1.05
CA SER B 59 8.75 -28.82 0.67
C SER B 59 9.74 -28.67 1.82
N LEU B 60 9.22 -28.31 2.99
CA LEU B 60 10.05 -28.13 4.17
C LEU B 60 11.10 -27.05 3.95
N PRO B 61 10.66 -25.79 3.93
CA PRO B 61 11.55 -24.63 3.72
C PRO B 61 12.48 -24.41 4.90
N LYS B 62 12.29 -25.20 5.97
CA LYS B 62 13.12 -25.07 7.16
C LYS B 62 14.60 -24.97 6.79
N VAL B 63 15.14 -26.03 6.20
CA VAL B 63 16.54 -26.05 5.81
C VAL B 63 16.89 -24.83 4.97
N SER B 64 16.02 -24.51 4.02
CA SER B 64 16.24 -23.36 3.14
C SER B 64 16.30 -22.06 3.94
N TYR B 65 15.61 -22.05 5.08
CA TYR B 65 15.58 -20.87 5.93
C TYR B 65 16.98 -20.52 6.43
N VAL B 66 17.65 -21.50 7.02
CA VAL B 66 19.01 -21.30 7.54
C VAL B 66 19.91 -20.70 6.47
N LYS B 67 20.02 -21.38 5.35
CA LYS B 67 20.86 -20.93 4.24
C LYS B 67 20.37 -19.57 3.73
N ALA B 68 19.08 -19.31 3.88
CA ALA B 68 18.50 -18.06 3.43
C ALA B 68 18.79 -16.93 4.41
N ILE B 69 19.10 -17.29 5.65
CA ILE B 69 19.40 -16.30 6.68
C ILE B 69 20.81 -15.73 6.49
N ASP B 70 21.70 -16.53 5.93
CA ASP B 70 23.07 -16.11 5.68
C ASP B 70 23.14 -15.15 4.50
N ILE B 71 22.12 -15.20 3.64
CA ILE B 71 22.08 -14.34 2.47
C ILE B 71 21.15 -13.15 2.70
N TRP B 72 20.11 -13.36 3.50
CA TRP B 72 19.15 -12.31 3.79
C TRP B 72 19.73 -11.30 4.79
N LEU B 73 20.89 -11.63 5.34
CA LEU B 73 21.55 -10.76 6.30
C LEU B 73 22.59 -9.88 5.61
N ALA B 74 22.31 -9.49 4.37
CA ALA B 74 23.21 -8.65 3.60
C ALA B 74 22.63 -8.33 2.23
N VAL B 75 21.90 -9.28 1.66
CA VAL B 75 21.29 -9.09 0.35
C VAL B 75 20.22 -8.01 0.39
N CYS B 76 19.62 -7.83 1.55
CA CYS B 76 18.58 -6.82 1.73
C CYS B 76 19.18 -5.49 2.17
N LEU B 77 20.31 -5.55 2.86
CA LEU B 77 20.99 -4.35 3.34
C LEU B 77 21.86 -3.74 2.24
N LEU B 78 22.13 -4.52 1.21
CA LEU B 78 22.94 -4.05 0.08
C LEU B 78 22.06 -3.66 -1.11
N PHE B 79 20.94 -4.35 -1.24
CA PHE B 79 20.01 -4.08 -2.33
C PHE B 79 19.35 -2.72 -2.16
N VAL B 80 18.96 -2.41 -0.92
CA VAL B 80 18.31 -1.15 -0.60
C VAL B 80 19.34 -0.07 -0.25
N PHE B 81 20.60 -0.47 -0.16
CA PHE B 81 21.67 0.45 0.16
C PHE B 81 22.05 1.31 -1.05
N SER B 82 22.15 0.67 -2.20
CA SER B 82 22.50 1.37 -3.43
C SER B 82 21.32 2.18 -3.95
N ALA B 83 20.11 1.66 -3.75
CA ALA B 83 18.90 2.34 -4.19
C ALA B 83 18.69 3.64 -3.43
N LEU B 84 19.10 3.65 -2.16
CA LEU B 84 18.96 4.84 -1.33
C LEU B 84 20.08 5.84 -1.61
N LEU B 85 21.23 5.33 -2.01
CA LEU B 85 22.38 6.18 -2.32
C LEU B 85 22.05 7.17 -3.43
N GLU B 86 21.27 6.72 -4.41
CA GLU B 86 20.88 7.57 -5.52
C GLU B 86 19.63 8.38 -5.18
N TYR B 87 18.68 7.74 -4.52
CA TYR B 87 17.43 8.39 -4.14
C TYR B 87 17.71 9.58 -3.21
N ALA B 88 18.91 9.61 -2.64
CA ALA B 88 19.30 10.69 -1.74
C ALA B 88 20.45 11.50 -2.32
N ALA B 89 21.06 10.97 -3.37
CA ALA B 89 22.18 11.65 -4.03
C ALA B 89 21.73 12.96 -4.67
N VAL B 90 20.53 12.94 -5.22
CA VAL B 90 19.98 14.13 -5.88
C VAL B 90 20.07 15.35 -4.97
N ASN B 91 19.88 15.13 -3.67
CA ASN B 91 19.94 16.21 -2.69
C ASN B 91 21.37 16.44 -2.23
N PHE B 92 22.23 15.43 -2.42
CA PHE B 92 23.62 15.51 -2.02
C PHE B 92 24.44 16.29 -3.04
N VAL B 93 23.78 16.73 -4.12
CA VAL B 93 24.43 17.47 -5.18
C VAL B 93 25.21 18.65 -4.61
N SER B 94 24.62 19.32 -3.62
CA SER B 94 25.25 20.48 -3.00
C SER B 94 26.65 20.14 -2.49
N ARG B 95 26.85 18.85 -2.21
CA ARG B 95 28.15 18.39 -1.71
C ARG B 95 29.28 18.86 -2.61
N GLN B 96 28.98 19.02 -3.90
CA GLN B 96 29.98 19.47 -4.87
C GLN B 96 31.16 18.50 -4.91
N ARG B 97 30.90 17.24 -4.60
CA ARG B 97 31.94 16.22 -4.60
C ARG B 97 32.69 16.21 -5.93
N GLU B 98 32.00 16.59 -7.00
CA GLU B 98 32.60 16.63 -8.33
C GLU B 98 33.77 17.62 -8.36
N PHE B 99 34.26 17.89 -9.57
CA PHE B 99 35.38 18.81 -9.73
C PHE B 99 34.89 20.23 -10.02
N GLY B 100 33.61 20.48 -9.70
CA GLY B 100 33.04 21.79 -9.93
C GLY B 100 31.52 21.76 -9.95
N GLY B 101 30.90 22.79 -9.39
CA GLY B 101 29.46 22.86 -9.35
C GLY B 101 28.88 23.62 -10.53
N GLY B 102 29.63 23.65 -11.63
CA GLY B 102 29.17 24.36 -12.82
C GLY B 102 28.00 23.66 -13.48
N GLY B 103 27.96 22.33 -13.37
CA GLY B 103 26.89 21.57 -13.98
C GLY B 103 25.81 21.18 -12.98
N PHE B 104 25.63 22.01 -11.97
CA PHE B 104 24.62 21.74 -10.93
C PHE B 104 23.22 21.68 -11.54
N ILE B 105 22.89 22.69 -12.34
CA ILE B 105 21.59 22.77 -12.98
C ILE B 105 21.56 21.97 -14.28
N GLN B 106 22.75 21.67 -14.80
CA GLN B 106 22.86 20.90 -16.03
C GLN B 106 22.83 19.40 -15.76
N ARG B 107 22.59 19.05 -14.50
CA ARG B 107 22.53 17.64 -14.11
C ARG B 107 21.20 17.01 -14.51
N ALA B 108 20.17 17.85 -14.63
CA ALA B 108 18.84 17.38 -15.01
C ALA B 108 18.87 16.73 -16.40
N LYS B 109 19.91 17.02 -17.16
CA LYS B 109 20.05 16.47 -18.50
C LYS B 109 19.87 14.95 -18.48
N LYS B 110 20.22 14.33 -17.36
CA LYS B 110 20.09 12.89 -17.22
C LYS B 110 20.97 12.15 -18.24
N ILE B 111 22.25 12.07 -17.95
CA ILE B 111 23.19 11.39 -18.84
C ILE B 111 22.99 9.87 -18.80
N ASP B 112 22.12 9.42 -17.91
CA ASP B 112 21.84 8.00 -17.78
C ASP B 112 23.07 7.24 -17.30
N LYS B 113 23.88 7.89 -16.47
CA LYS B 113 25.09 7.27 -15.95
C LYS B 113 24.76 6.27 -14.85
N ILE B 114 23.49 6.17 -14.51
CA ILE B 114 23.05 5.25 -13.47
C ILE B 114 22.86 3.85 -14.03
N SER B 115 22.55 3.76 -15.32
CA SER B 115 22.35 2.48 -15.98
C SER B 115 23.69 1.86 -16.38
N ARG B 116 24.78 2.55 -16.07
CA ARG B 116 26.11 2.07 -16.39
C ARG B 116 26.63 1.14 -15.31
N ILE B 117 26.17 1.35 -14.08
CA ILE B 117 26.59 0.53 -12.96
C ILE B 117 25.58 -0.59 -12.69
N GLY B 118 24.31 -0.30 -12.95
CA GLY B 118 23.27 -1.29 -12.73
C GLY B 118 23.28 -2.39 -13.78
N PHE B 119 23.51 -1.99 -15.03
CA PHE B 119 23.54 -2.96 -16.13
C PHE B 119 24.48 -4.12 -15.81
N PRO B 120 25.76 -3.81 -15.58
CA PRO B 120 26.78 -4.81 -15.25
C PRO B 120 26.57 -5.42 -13.87
N LEU B 121 25.80 -4.73 -13.04
CA LEU B 121 25.53 -5.20 -11.68
C LEU B 121 24.43 -6.25 -11.69
N ALA B 122 23.52 -6.15 -12.65
CA ALA B 122 22.41 -7.09 -12.77
C ALA B 122 22.86 -8.38 -13.44
N PHE B 123 23.69 -8.25 -14.48
CA PHE B 123 24.19 -9.40 -15.21
C PHE B 123 25.09 -10.25 -14.32
N LEU B 124 25.85 -9.60 -13.46
CA LEU B 124 26.77 -10.29 -12.54
C LEU B 124 25.98 -11.07 -11.49
N ILE B 125 24.90 -10.47 -11.00
CA ILE B 125 24.07 -11.12 -9.99
C ILE B 125 23.37 -12.35 -10.55
N PHE B 126 22.71 -12.19 -11.69
CA PHE B 126 21.99 -13.29 -12.33
C PHE B 126 22.94 -14.46 -12.61
N ASN B 127 24.17 -14.13 -13.00
CA ASN B 127 25.16 -15.15 -13.30
C ASN B 127 25.83 -15.66 -12.03
N LEU B 128 25.74 -14.85 -10.97
CA LEU B 128 26.34 -15.21 -9.69
C LEU B 128 25.43 -16.17 -8.91
N PHE B 129 24.12 -16.05 -9.15
CA PHE B 129 23.15 -16.91 -8.47
C PHE B 129 23.01 -18.25 -9.20
N TYR B 130 23.22 -18.23 -10.51
CA TYR B 130 23.11 -19.43 -11.32
C TYR B 130 24.30 -20.36 -11.08
N TRP B 131 25.46 -19.77 -10.86
CA TRP B 131 26.68 -20.54 -10.61
C TRP B 131 26.81 -20.89 -9.14
N ILE B 132 26.08 -20.17 -8.29
CA ILE B 132 26.12 -20.41 -6.86
C ILE B 132 25.10 -21.48 -6.45
N ILE B 133 24.01 -21.56 -7.21
CA ILE B 133 22.96 -22.54 -6.93
C ILE B 133 23.34 -23.91 -7.47
N TYR B 134 24.00 -23.93 -8.62
CA TYR B 134 24.41 -25.18 -9.25
C TYR B 134 25.72 -25.68 -8.65
N LYS B 135 26.34 -24.85 -7.82
CA LYS B 135 27.59 -25.20 -7.17
C LYS B 135 27.37 -25.61 -5.72
N ILE B 136 26.51 -24.86 -5.02
CA ILE B 136 26.20 -25.15 -3.63
C ILE B 136 25.74 -26.59 -3.46
N VAL B 137 24.92 -27.06 -4.38
CA VAL B 137 24.40 -28.43 -4.33
C VAL B 137 25.53 -29.44 -4.40
N ARG B 138 26.70 -28.99 -4.84
CA ARG B 138 27.86 -29.86 -4.95
C ARG B 138 28.80 -29.67 -3.75
N ARG B 139 29.08 -28.41 -3.43
CA ARG B 139 29.96 -28.10 -2.31
C ARG B 139 31.43 -28.36 -2.68
N GLU B 140 31.71 -29.58 -3.13
CA GLU B 140 33.07 -29.95 -3.52
C GLU B 140 33.19 -30.07 -5.03
N ASP B 141 32.22 -29.50 -5.74
CA ASP B 141 32.22 -29.55 -7.20
C ASP B 141 32.40 -30.98 -7.70
N GLU B 142 31.37 -31.80 -7.50
CA GLU B 142 31.40 -33.19 -7.93
C GLU B 142 30.77 -33.35 -9.32
N PHE B 143 29.67 -32.64 -9.54
CA PHE B 143 28.98 -32.70 -10.82
C PHE B 143 29.56 -31.69 -11.81
N GLU B 144 30.64 -31.05 -11.41
CA GLU B 144 31.30 -30.06 -12.26
C GLU B 144 32.28 -30.73 -13.22
N HIS B 145 33.33 -31.31 -12.67
CA HIS B 145 34.34 -31.99 -13.49
C HIS B 145 35.37 -32.70 -12.61
N HIS B 146 36.44 -33.16 -13.22
CA HIS B 146 37.50 -33.86 -12.49
C HIS B 146 38.72 -32.96 -12.34
N HIS B 147 39.01 -32.17 -13.35
CA HIS B 147 40.15 -31.27 -13.33
C HIS B 147 40.14 -30.41 -12.06
N HIS B 148 38.97 -29.85 -11.75
CA HIS B 148 38.82 -29.00 -10.56
C HIS B 148 39.69 -27.75 -10.68
N HIS B 149 40.06 -27.40 -11.90
CA HIS B 149 40.90 -26.23 -12.15
C HIS B 149 40.30 -25.00 -11.48
N HIS B 150 39.00 -24.79 -11.67
CA HIS B 150 38.31 -23.65 -11.09
C HIS B 150 38.42 -23.66 -9.57
N MET C 1 -12.89 -33.14 -5.49
CA MET C 1 -12.04 -33.70 -6.53
C MET C 1 -12.24 -32.97 -7.85
N LEU C 2 -13.05 -31.91 -7.82
CA LEU C 2 -13.33 -31.12 -9.02
C LEU C 2 -12.16 -30.19 -9.33
N GLU C 3 -10.99 -30.76 -9.53
CA GLU C 3 -9.79 -29.97 -9.84
C GLU C 3 -9.84 -29.48 -11.29
N ARG C 4 -10.24 -30.36 -12.20
CA ARG C 4 -10.31 -30.03 -13.61
C ARG C 4 -11.57 -29.23 -13.92
N GLN C 5 -12.49 -29.19 -12.95
CA GLN C 5 -13.74 -28.46 -13.11
C GLN C 5 -13.62 -27.04 -12.59
N LEU C 6 -12.39 -26.58 -12.41
CA LEU C 6 -12.13 -25.23 -11.92
C LEU C 6 -12.13 -24.23 -13.06
N GLY C 7 -11.74 -24.68 -14.25
CA GLY C 7 -11.70 -23.81 -15.41
C GLY C 7 -13.01 -23.06 -15.61
N TYR C 8 -14.11 -23.65 -15.16
CA TYR C 8 -15.43 -23.04 -15.30
C TYR C 8 -15.49 -21.73 -14.52
N TYR C 9 -14.96 -21.74 -13.31
CA TYR C 9 -14.96 -20.54 -12.46
C TYR C 9 -13.95 -19.52 -12.97
N LEU C 10 -12.94 -19.99 -13.68
CA LEU C 10 -11.91 -19.12 -14.22
C LEU C 10 -12.41 -18.41 -15.48
N ILE C 11 -13.32 -19.05 -16.19
CA ILE C 11 -13.87 -18.48 -17.41
C ILE C 11 -14.74 -17.27 -17.10
N GLN C 12 -15.76 -17.47 -16.26
CA GLN C 12 -16.66 -16.39 -15.89
C GLN C 12 -15.91 -15.29 -15.15
N LEU C 13 -14.83 -15.66 -14.48
CA LEU C 13 -14.02 -14.69 -13.73
C LEU C 13 -12.99 -14.03 -14.64
N TYR C 14 -12.70 -14.66 -15.77
CA TYR C 14 -11.74 -14.12 -16.72
C TYR C 14 -12.29 -12.88 -17.42
N ILE C 15 -13.56 -12.94 -17.79
CA ILE C 15 -14.21 -11.81 -18.46
C ILE C 15 -13.98 -10.51 -17.71
N PRO C 16 -14.40 -10.48 -16.43
CA PRO C 16 -14.24 -9.30 -15.58
C PRO C 16 -12.79 -9.04 -15.21
N SER C 17 -12.01 -10.11 -15.06
CA SER C 17 -10.61 -9.99 -14.70
C SER C 17 -9.81 -9.38 -15.85
N LEU C 18 -10.31 -9.55 -17.07
CA LEU C 18 -9.64 -9.01 -18.25
C LEU C 18 -10.16 -7.62 -18.58
N LEU C 19 -11.46 -7.42 -18.43
CA LEU C 19 -12.08 -6.13 -18.70
C LEU C 19 -11.38 -5.02 -17.93
N ILE C 20 -11.17 -5.24 -16.65
CA ILE C 20 -10.52 -4.26 -15.79
C ILE C 20 -9.04 -4.13 -16.15
N VAL C 21 -8.46 -5.21 -16.66
CA VAL C 21 -7.05 -5.21 -17.05
C VAL C 21 -6.81 -4.31 -18.24
N ILE C 22 -7.62 -4.48 -19.28
CA ILE C 22 -7.49 -3.68 -20.50
C ILE C 22 -7.59 -2.19 -20.18
N LEU C 23 -8.52 -1.84 -19.30
CA LEU C 23 -8.72 -0.45 -18.91
C LEU C 23 -7.47 0.11 -18.23
N SER C 24 -6.73 -0.76 -17.55
CA SER C 24 -5.51 -0.34 -16.86
C SER C 24 -4.59 0.44 -17.80
N TRP C 25 -4.49 -0.04 -19.04
CA TRP C 25 -3.64 0.62 -20.03
C TRP C 25 -4.30 1.88 -20.58
N ILE C 26 -5.63 1.83 -20.69
CA ILE C 26 -6.39 2.97 -21.20
C ILE C 26 -6.11 4.23 -20.38
N SER C 27 -5.65 4.03 -19.14
CA SER C 27 -5.34 5.14 -18.25
C SER C 27 -3.84 5.28 -18.05
N PHE C 28 -3.10 4.25 -18.45
CA PHE C 28 -1.65 4.25 -18.32
C PHE C 28 -1.01 5.30 -19.23
N TRP C 29 -1.68 5.60 -20.33
CA TRP C 29 -1.18 6.58 -21.29
C TRP C 29 -1.08 7.96 -20.64
N ILE C 30 -1.74 8.13 -19.51
CA ILE C 30 -1.71 9.39 -18.79
C ILE C 30 -1.14 9.22 -17.38
N ASN C 31 -1.37 8.06 -16.80
CA ASN C 31 -0.89 7.76 -15.45
C ASN C 31 0.63 7.66 -15.44
N LEU C 32 1.23 7.67 -16.63
CA LEU C 32 2.68 7.59 -16.75
C LEU C 32 3.37 8.59 -15.82
N ASP C 33 2.67 9.67 -15.50
CA ASP C 33 3.20 10.70 -14.62
C ASP C 33 2.07 11.53 -14.01
N ALA C 34 1.04 11.79 -14.80
CA ALA C 34 -0.10 12.59 -14.34
C ALA C 34 -0.72 11.95 -13.10
N ALA C 35 -0.88 10.63 -13.13
CA ALA C 35 -1.47 9.90 -12.01
C ALA C 35 -1.04 8.44 -12.01
N PRO C 36 0.25 8.22 -11.72
CA PRO C 36 0.82 6.86 -11.68
C PRO C 36 0.31 6.05 -10.50
N ALA C 37 -0.47 6.69 -9.63
CA ALA C 37 -1.03 6.03 -8.46
C ALA C 37 -2.08 4.99 -8.87
N ARG C 38 -2.81 5.29 -9.93
CA ARG C 38 -3.85 4.39 -10.42
C ARG C 38 -3.22 3.15 -11.06
N VAL C 39 -2.13 3.36 -11.80
CA VAL C 39 -1.45 2.25 -12.46
C VAL C 39 -0.93 1.24 -11.46
N GLY C 40 -0.49 1.72 -10.30
CA GLY C 40 0.03 0.84 -9.27
C GLY C 40 -1.07 0.04 -8.60
N LEU C 41 -2.29 0.56 -8.60
CA LEU C 41 -3.41 -0.11 -7.99
C LEU C 41 -4.02 -1.13 -8.93
N GLY C 42 -4.03 -0.80 -10.23
CA GLY C 42 -4.58 -1.70 -11.22
C GLY C 42 -3.70 -2.92 -11.45
N ILE C 43 -2.39 -2.72 -11.38
CA ILE C 43 -1.44 -3.81 -11.59
C ILE C 43 -1.44 -4.77 -10.40
N THR C 44 -1.70 -4.23 -9.21
CA THR C 44 -1.73 -5.03 -7.99
C THR C 44 -3.10 -5.66 -7.79
N THR C 45 -4.11 -5.13 -8.47
CA THR C 45 -5.46 -5.64 -8.36
C THR C 45 -5.65 -6.90 -9.18
N VAL C 46 -4.90 -7.01 -10.27
CA VAL C 46 -4.98 -8.19 -11.14
C VAL C 46 -4.31 -9.40 -10.49
N LEU C 47 -3.17 -9.17 -9.86
CA LEU C 47 -2.44 -10.24 -9.20
C LEU C 47 -3.06 -10.58 -7.84
N THR C 48 -3.82 -9.63 -7.29
CA THR C 48 -4.48 -9.83 -6.01
C THR C 48 -5.87 -10.42 -6.19
N LEU C 49 -6.46 -10.20 -7.37
CA LEU C 49 -7.79 -10.71 -7.67
C LEU C 49 -7.73 -12.19 -8.05
N THR C 50 -6.58 -12.61 -8.58
CA THR C 50 -6.39 -14.00 -8.98
C THR C 50 -5.93 -14.86 -7.81
N THR C 51 -4.97 -14.33 -7.03
CA THR C 51 -4.44 -15.04 -5.89
C THR C 51 -5.53 -15.31 -4.85
N GLN C 52 -6.46 -14.37 -4.73
CA GLN C 52 -7.55 -14.50 -3.77
C GLN C 52 -8.74 -15.24 -4.39
N SER C 53 -8.73 -15.35 -5.72
CA SER C 53 -9.80 -16.03 -6.43
C SER C 53 -9.70 -17.54 -6.27
N SER C 54 -8.60 -17.98 -5.66
CA SER C 54 -8.37 -19.41 -5.44
C SER C 54 -7.97 -19.67 -4.00
N GLY C 55 -8.57 -18.92 -3.07
CA GLY C 55 -8.25 -19.09 -1.67
C GLY C 55 -9.10 -20.16 -1.01
N SER C 56 -10.32 -20.35 -1.52
CA SER C 56 -11.24 -21.34 -0.98
C SER C 56 -10.59 -22.72 -0.98
N ARG C 57 -9.88 -23.04 -2.05
CA ARG C 57 -9.21 -24.33 -2.19
C ARG C 57 -10.22 -25.48 -2.08
N ALA C 58 -11.50 -25.15 -2.30
CA ALA C 58 -12.56 -26.15 -2.24
C ALA C 58 -12.72 -26.87 -3.56
N SER C 59 -12.22 -26.25 -4.63
CA SER C 59 -12.32 -26.83 -5.96
C SER C 59 -11.02 -27.53 -6.35
N LEU C 60 -10.11 -27.65 -5.38
CA LEU C 60 -8.83 -28.31 -5.62
C LEU C 60 -8.04 -27.58 -6.70
N PRO C 61 -7.50 -26.39 -6.35
CA PRO C 61 -6.71 -25.58 -7.28
C PRO C 61 -5.36 -26.21 -7.60
N LYS C 62 -5.06 -27.32 -6.94
CA LYS C 62 -3.81 -28.03 -7.17
C LYS C 62 -3.51 -28.18 -8.66
N VAL C 63 -4.36 -28.95 -9.34
CA VAL C 63 -4.19 -29.17 -10.77
C VAL C 63 -4.05 -27.85 -11.52
N SER C 64 -4.91 -26.89 -11.19
CA SER C 64 -4.89 -25.58 -11.83
C SER C 64 -3.55 -24.90 -11.60
N TYR C 65 -2.91 -25.22 -10.50
CA TYR C 65 -1.61 -24.64 -10.17
C TYR C 65 -0.57 -24.98 -11.22
N VAL C 66 -0.42 -26.26 -11.49
CA VAL C 66 0.55 -26.73 -12.49
C VAL C 66 0.37 -25.99 -13.81
N LYS C 67 -0.83 -26.06 -14.37
CA LYS C 67 -1.11 -25.39 -15.63
C LYS C 67 -0.94 -23.89 -15.50
N ALA C 68 -1.12 -23.37 -14.29
CA ALA C 68 -0.98 -21.95 -14.03
C ALA C 68 0.48 -21.55 -13.94
N ILE C 69 1.34 -22.52 -13.64
CA ILE C 69 2.77 -22.27 -13.50
C ILE C 69 3.42 -22.11 -14.88
N ASP C 70 2.85 -22.77 -15.88
CA ASP C 70 3.37 -22.69 -17.25
C ASP C 70 3.02 -21.35 -17.89
N ILE C 71 2.01 -20.68 -17.34
CA ILE C 71 1.57 -19.40 -17.87
C ILE C 71 2.09 -18.25 -17.01
N TRP C 72 2.21 -18.51 -15.71
CA TRP C 72 2.70 -17.49 -14.77
C TRP C 72 4.21 -17.30 -14.92
N LEU C 73 4.84 -18.17 -15.70
CA LEU C 73 6.28 -18.09 -15.93
C LEU C 73 6.59 -17.33 -17.21
N ALA C 74 5.76 -16.34 -17.51
CA ALA C 74 5.94 -15.52 -18.71
C ALA C 74 4.88 -14.44 -18.81
N VAL C 75 3.67 -14.75 -18.36
CA VAL C 75 2.57 -13.81 -18.41
C VAL C 75 2.83 -12.63 -17.48
N CYS C 76 3.62 -12.85 -16.44
CA CYS C 76 3.94 -11.80 -15.49
C CYS C 76 5.21 -11.07 -15.91
N LEU C 77 6.09 -11.77 -16.61
CA LEU C 77 7.35 -11.18 -17.07
C LEU C 77 7.15 -10.40 -18.36
N LEU C 78 6.02 -10.64 -19.03
CA LEU C 78 5.70 -9.95 -20.27
C LEU C 78 4.72 -8.82 -20.04
N PHE C 79 3.83 -9.00 -19.06
CA PHE C 79 2.85 -7.99 -18.72
C PHE C 79 3.49 -6.76 -18.11
N VAL C 80 4.48 -6.98 -17.24
CA VAL C 80 5.19 -5.89 -16.59
C VAL C 80 6.40 -5.46 -17.41
N PHE C 81 6.67 -6.19 -18.48
CA PHE C 81 7.80 -5.88 -19.35
C PHE C 81 7.48 -4.69 -20.26
N SER C 82 6.29 -4.71 -20.84
CA SER C 82 5.85 -3.63 -21.73
C SER C 82 5.50 -2.38 -20.95
N ALA C 83 4.95 -2.57 -19.75
CA ALA C 83 4.58 -1.45 -18.89
C ALA C 83 5.81 -0.66 -18.45
N LEU C 84 6.92 -1.37 -18.26
CA LEU C 84 8.16 -0.74 -17.83
C LEU C 84 8.88 -0.09 -19.01
N LEU C 85 8.68 -0.65 -20.20
CA LEU C 85 9.31 -0.13 -21.41
C LEU C 85 8.90 1.32 -21.65
N GLU C 86 7.64 1.63 -21.35
CA GLU C 86 7.13 2.98 -21.54
C GLU C 86 7.41 3.85 -20.32
N TYR C 87 7.23 3.28 -19.14
CA TYR C 87 7.46 3.99 -17.89
C TYR C 87 8.90 4.47 -17.80
N ALA C 88 9.77 3.86 -18.62
CA ALA C 88 11.18 4.22 -18.63
C ALA C 88 11.58 4.85 -19.96
N ALA C 89 10.70 4.74 -20.95
CA ALA C 89 10.96 5.29 -22.27
C ALA C 89 11.03 6.81 -22.22
N VAL C 90 10.20 7.41 -21.37
CA VAL C 90 10.17 8.86 -21.23
C VAL C 90 11.57 9.42 -20.98
N ASN C 91 12.38 8.67 -20.22
CA ASN C 91 13.73 9.08 -19.91
C ASN C 91 14.71 8.64 -21.00
N PHE C 92 14.28 7.67 -21.80
CA PHE C 92 15.11 7.16 -22.88
C PHE C 92 15.02 8.06 -24.11
N VAL C 93 14.22 9.11 -24.00
CA VAL C 93 14.04 10.05 -25.10
C VAL C 93 15.38 10.56 -25.62
N SER C 94 16.31 10.81 -24.70
CA SER C 94 17.63 11.30 -25.05
C SER C 94 18.30 10.37 -26.06
N ARG C 95 17.89 9.11 -26.06
CA ARG C 95 18.45 8.11 -26.95
C ARG C 95 18.41 8.61 -28.40
N GLN C 96 17.42 9.43 -28.71
CA GLN C 96 17.27 9.98 -30.05
C GLN C 96 17.11 8.87 -31.08
N ARG C 97 16.57 7.74 -30.64
CA ARG C 97 16.36 6.59 -31.52
C ARG C 97 15.61 7.01 -32.78
N GLU C 98 14.77 8.02 -32.65
CA GLU C 98 13.99 8.52 -33.78
C GLU C 98 14.89 9.02 -34.90
N PHE C 99 14.30 9.67 -35.89
CA PHE C 99 15.05 10.21 -37.01
C PHE C 99 15.45 11.66 -36.76
N GLY C 100 15.39 12.08 -35.51
CA GLY C 100 15.74 13.44 -35.16
C GLY C 100 15.19 13.85 -33.81
N GLY C 101 15.98 14.63 -33.06
CA GLY C 101 15.55 15.08 -31.76
C GLY C 101 14.88 16.44 -31.80
N GLY C 102 14.32 16.78 -32.97
CA GLY C 102 13.64 18.05 -33.11
C GLY C 102 12.34 18.13 -32.33
N GLY C 103 11.69 16.99 -32.17
CA GLY C 103 10.43 16.94 -31.44
C GLY C 103 10.61 16.44 -30.01
N PHE C 104 11.78 16.70 -29.44
CA PHE C 104 12.08 16.27 -28.08
C PHE C 104 11.12 16.91 -27.08
N ILE C 105 10.95 18.23 -27.21
CA ILE C 105 10.06 18.96 -26.31
C ILE C 105 8.62 18.93 -26.82
N GLN C 106 8.46 18.57 -28.09
CA GLN C 106 7.13 18.50 -28.70
C GLN C 106 6.50 17.13 -28.47
N ARG C 107 7.17 16.30 -27.68
CA ARG C 107 6.67 14.96 -27.38
C ARG C 107 5.57 15.02 -26.33
N ALA C 108 5.59 16.06 -25.51
CA ALA C 108 4.59 16.23 -24.46
C ALA C 108 3.19 16.34 -25.05
N LYS C 109 3.13 16.65 -26.34
CA LYS C 109 1.85 16.78 -27.03
C LYS C 109 0.96 15.56 -26.78
N LYS C 110 1.60 14.42 -26.56
CA LYS C 110 0.87 13.18 -26.31
C LYS C 110 -0.01 12.81 -27.49
N ILE C 111 0.61 12.22 -28.51
CA ILE C 111 -0.12 11.80 -29.71
C ILE C 111 -1.00 10.58 -29.44
N ASP C 112 -0.87 10.03 -28.23
CA ASP C 112 -1.65 8.86 -27.84
C ASP C 112 -1.29 7.66 -28.71
N LYS C 113 -0.02 7.58 -29.09
CA LYS C 113 0.46 6.47 -29.91
C LYS C 113 0.63 5.20 -29.08
N ILE C 114 0.40 5.33 -27.78
CA ILE C 114 0.53 4.20 -26.87
C ILE C 114 -0.73 3.34 -26.88
N SER C 115 -1.87 3.97 -27.17
CA SER C 115 -3.15 3.27 -27.21
C SER C 115 -3.33 2.56 -28.54
N ARG C 116 -2.34 2.69 -29.42
CA ARG C 116 -2.40 2.06 -30.74
C ARG C 116 -1.91 0.62 -30.66
N ILE C 117 -1.02 0.35 -29.73
CA ILE C 117 -0.47 -0.99 -29.56
C ILE C 117 -1.23 -1.76 -28.47
N GLY C 118 -1.70 -1.04 -27.46
CA GLY C 118 -2.44 -1.67 -26.39
C GLY C 118 -3.84 -2.08 -26.79
N PHE C 119 -4.49 -1.24 -27.58
CA PHE C 119 -5.84 -1.53 -28.04
C PHE C 119 -5.92 -2.92 -28.67
N PRO C 120 -5.13 -3.12 -29.74
CA PRO C 120 -5.09 -4.41 -30.45
C PRO C 120 -4.45 -5.51 -29.63
N LEU C 121 -3.69 -5.11 -28.60
CA LEU C 121 -3.01 -6.07 -27.73
C LEU C 121 -3.98 -6.62 -26.68
N ALA C 122 -4.96 -5.82 -26.30
CA ALA C 122 -5.95 -6.24 -25.31
C ALA C 122 -7.01 -7.12 -25.95
N PHE C 123 -7.45 -6.76 -27.14
CA PHE C 123 -8.47 -7.51 -27.85
C PHE C 123 -7.96 -8.91 -28.22
N LEU C 124 -6.67 -8.98 -28.55
CA LEU C 124 -6.05 -10.26 -28.93
C LEU C 124 -5.94 -11.18 -27.73
N ILE C 125 -5.62 -10.61 -26.57
CA ILE C 125 -5.48 -11.39 -25.35
C ILE C 125 -6.83 -11.94 -24.90
N PHE C 126 -7.82 -11.08 -24.82
CA PHE C 126 -9.17 -11.49 -24.40
C PHE C 126 -9.70 -12.61 -25.31
N ASN C 127 -9.41 -12.49 -26.61
CA ASN C 127 -9.85 -13.48 -27.57
C ASN C 127 -8.92 -14.70 -27.57
N LEU C 128 -7.71 -14.51 -27.07
CA LEU C 128 -6.72 -15.59 -27.01
C LEU C 128 -6.98 -16.49 -25.81
N PHE C 129 -7.54 -15.91 -24.75
CA PHE C 129 -7.83 -16.67 -23.53
C PHE C 129 -9.17 -17.39 -23.66
N TYR C 130 -10.08 -16.82 -24.43
CA TYR C 130 -11.40 -17.41 -24.62
C TYR C 130 -11.32 -18.64 -25.52
N TRP C 131 -10.43 -18.58 -26.51
CA TRP C 131 -10.25 -19.69 -27.44
C TRP C 131 -9.28 -20.72 -26.88
N ILE C 132 -8.49 -20.30 -25.90
CA ILE C 132 -7.51 -21.19 -25.27
C ILE C 132 -8.14 -21.99 -24.13
N ILE C 133 -9.13 -21.39 -23.49
CA ILE C 133 -9.81 -22.04 -22.37
C ILE C 133 -10.86 -23.04 -22.87
N TYR C 134 -11.52 -22.69 -23.97
CA TYR C 134 -12.54 -23.54 -24.55
C TYR C 134 -11.92 -24.63 -25.43
N LYS C 135 -10.61 -24.50 -25.66
CA LYS C 135 -9.88 -25.46 -26.48
C LYS C 135 -9.07 -26.42 -25.61
N ILE C 136 -8.44 -25.88 -24.58
CA ILE C 136 -7.64 -26.70 -23.67
C ILE C 136 -8.45 -27.85 -23.10
N VAL C 137 -9.70 -27.56 -22.75
CA VAL C 137 -10.58 -28.58 -22.18
C VAL C 137 -10.80 -29.72 -23.17
N ARG C 138 -10.50 -29.46 -24.44
CA ARG C 138 -10.66 -30.47 -25.49
C ARG C 138 -9.33 -31.15 -25.80
N ARG C 139 -8.30 -30.34 -25.98
CA ARG C 139 -6.96 -30.85 -26.29
C ARG C 139 -6.88 -31.31 -27.75
N GLU C 140 -7.81 -32.19 -28.14
CA GLU C 140 -7.84 -32.71 -29.50
C GLU C 140 -9.02 -32.12 -30.27
N ASP C 141 -9.58 -31.05 -29.75
CA ASP C 141 -10.72 -30.39 -30.39
C ASP C 141 -11.83 -31.39 -30.69
N GLU C 142 -12.47 -31.87 -29.63
CA GLU C 142 -13.56 -32.84 -29.77
C GLU C 142 -14.91 -32.13 -29.81
N PHE C 143 -15.08 -31.12 -28.98
CA PHE C 143 -16.32 -30.37 -28.91
C PHE C 143 -16.32 -29.23 -29.92
N GLU C 144 -15.29 -29.19 -30.76
CA GLU C 144 -15.17 -28.15 -31.78
C GLU C 144 -15.94 -28.54 -33.04
N HIS C 145 -15.47 -29.58 -33.72
CA HIS C 145 -16.13 -30.05 -34.94
C HIS C 145 -15.49 -31.34 -35.43
N HIS C 146 -15.85 -31.75 -36.64
CA HIS C 146 -15.32 -32.98 -37.22
C HIS C 146 -14.28 -32.67 -38.29
N HIS C 147 -14.53 -31.59 -39.04
CA HIS C 147 -13.61 -31.19 -40.11
C HIS C 147 -12.19 -31.06 -39.58
N HIS C 148 -12.04 -30.41 -38.42
CA HIS C 148 -10.73 -30.23 -37.82
C HIS C 148 -9.82 -29.38 -38.72
N HIS C 149 -10.43 -28.62 -39.60
CA HIS C 149 -9.68 -27.76 -40.53
C HIS C 149 -8.70 -26.88 -39.76
N HIS C 150 -9.19 -26.24 -38.71
CA HIS C 150 -8.35 -25.37 -37.89
C HIS C 150 -7.52 -26.18 -36.90
N MET D 1 -28.40 -21.92 10.83
CA MET D 1 -27.70 -21.44 9.64
C MET D 1 -27.53 -19.93 9.67
N LEU D 2 -28.64 -19.21 9.65
CA LEU D 2 -28.61 -17.75 9.68
C LEU D 2 -27.93 -17.19 8.43
N GLU D 3 -27.94 -17.97 7.35
CA GLU D 3 -27.32 -17.56 6.10
C GLU D 3 -28.14 -16.46 5.44
N ARG D 4 -29.45 -16.61 5.46
CA ARG D 4 -30.35 -15.64 4.84
C ARG D 4 -30.59 -14.46 5.79
N GLN D 5 -30.17 -14.62 7.04
CA GLN D 5 -30.34 -13.57 8.04
C GLN D 5 -29.13 -12.66 8.10
N LEU D 6 -28.31 -12.72 7.06
CA LEU D 6 -27.10 -11.89 6.98
C LEU D 6 -27.42 -10.51 6.42
N GLY D 7 -28.45 -10.44 5.58
CA GLY D 7 -28.84 -9.17 4.98
C GLY D 7 -29.03 -8.08 6.01
N TYR D 8 -29.39 -8.48 7.23
CA TYR D 8 -29.60 -7.52 8.32
C TYR D 8 -28.31 -6.78 8.64
N TYR D 9 -27.21 -7.51 8.71
CA TYR D 9 -25.91 -6.92 9.02
C TYR D 9 -25.39 -6.11 7.83
N LEU D 10 -25.85 -6.46 6.64
CA LEU D 10 -25.42 -5.77 5.42
C LEU D 10 -26.16 -4.43 5.27
N ILE D 11 -27.37 -4.38 5.82
CA ILE D 11 -28.17 -3.16 5.73
C ILE D 11 -27.57 -2.05 6.58
N GLN D 12 -27.38 -2.33 7.87
CA GLN D 12 -26.82 -1.35 8.79
C GLN D 12 -25.39 -1.00 8.40
N LEU D 13 -24.72 -1.93 7.73
CA LEU D 13 -23.35 -1.71 7.28
C LEU D 13 -23.31 -1.02 5.92
N TYR D 14 -24.42 -1.08 5.21
CA TYR D 14 -24.52 -0.47 3.89
C TYR D 14 -24.56 1.05 4.00
N ILE D 15 -25.30 1.54 4.99
CA ILE D 15 -25.42 2.98 5.21
C ILE D 15 -24.05 3.64 5.26
N PRO D 16 -23.20 3.19 6.19
CA PRO D 16 -21.85 3.72 6.37
C PRO D 16 -20.92 3.35 5.22
N SER D 17 -21.14 2.16 4.65
CA SER D 17 -20.32 1.69 3.54
C SER D 17 -20.58 2.51 2.29
N LEU D 18 -21.78 3.09 2.20
CA LEU D 18 -22.14 3.91 1.05
C LEU D 18 -21.81 5.38 1.29
N LEU D 19 -22.03 5.84 2.51
CA LEU D 19 -21.75 7.22 2.87
C LEU D 19 -20.31 7.59 2.53
N ILE D 20 -19.38 6.73 2.93
CA ILE D 20 -17.96 6.96 2.65
C ILE D 20 -17.66 6.82 1.17
N VAL D 21 -18.44 5.99 0.49
CA VAL D 21 -18.26 5.77 -0.95
C VAL D 21 -18.58 7.02 -1.75
N ILE D 22 -19.75 7.60 -1.47
CA ILE D 22 -20.19 8.81 -2.17
C ILE D 22 -19.16 9.92 -2.01
N LEU D 23 -18.61 10.07 -0.81
CA LEU D 23 -17.62 11.09 -0.54
C LEU D 23 -16.36 10.88 -1.38
N SER D 24 -16.07 9.63 -1.70
CA SER D 24 -14.91 9.30 -2.51
C SER D 24 -14.88 10.12 -3.78
N TRP D 25 -16.04 10.28 -4.41
CA TRP D 25 -16.15 11.06 -5.64
C TRP D 25 -16.09 12.56 -5.35
N ILE D 26 -16.66 12.96 -4.22
CA ILE D 26 -16.67 14.36 -3.83
C ILE D 26 -15.27 14.94 -3.78
N SER D 27 -14.28 14.06 -3.63
CA SER D 27 -12.88 14.48 -3.57
C SER D 27 -12.13 14.07 -4.84
N PHE D 28 -12.76 13.19 -5.63
CA PHE D 28 -12.16 12.70 -6.86
C PHE D 28 -12.05 13.83 -7.89
N TRP D 29 -12.97 14.79 -7.79
CA TRP D 29 -12.98 15.92 -8.72
C TRP D 29 -11.68 16.73 -8.61
N ILE D 30 -10.95 16.53 -7.52
CA ILE D 30 -9.70 17.23 -7.29
C ILE D 30 -8.54 16.26 -7.17
N ASN D 31 -8.81 15.07 -6.64
CA ASN D 31 -7.79 14.06 -6.47
C ASN D 31 -7.31 13.53 -7.82
N LEU D 32 -8.00 13.94 -8.88
CA LEU D 32 -7.64 13.51 -10.23
C LEU D 32 -6.15 13.71 -10.49
N ASP D 33 -5.55 14.65 -9.77
CA ASP D 33 -4.14 14.94 -9.92
C ASP D 33 -3.59 15.66 -8.69
N ALA D 34 -4.40 16.56 -8.13
CA ALA D 34 -4.01 17.31 -6.96
C ALA D 34 -3.64 16.38 -5.80
N ALA D 35 -4.43 15.34 -5.60
CA ALA D 35 -4.18 14.38 -4.54
C ALA D 35 -4.85 13.03 -4.85
N PRO D 36 -4.31 12.33 -5.86
CA PRO D 36 -4.83 11.02 -6.28
C PRO D 36 -4.55 9.94 -5.25
N ALA D 37 -3.80 10.28 -4.21
CA ALA D 37 -3.47 9.34 -3.16
C ALA D 37 -4.70 8.97 -2.34
N ARG D 38 -5.60 9.93 -2.17
CA ARG D 38 -6.83 9.70 -1.40
C ARG D 38 -7.79 8.80 -2.18
N VAL D 39 -7.86 9.01 -3.49
CA VAL D 39 -8.74 8.21 -4.34
C VAL D 39 -8.36 6.74 -4.30
N GLY D 40 -7.06 6.47 -4.20
CA GLY D 40 -6.59 5.10 -4.16
C GLY D 40 -6.89 4.43 -2.84
N LEU D 41 -7.01 5.22 -1.79
CA LEU D 41 -7.31 4.68 -0.46
C LEU D 41 -8.81 4.46 -0.28
N GLY D 42 -9.61 5.35 -0.87
CA GLY D 42 -11.05 5.23 -0.77
C GLY D 42 -11.59 4.07 -1.59
N ILE D 43 -10.98 3.82 -2.74
CA ILE D 43 -11.41 2.74 -3.62
C ILE D 43 -11.03 1.39 -3.04
N THR D 44 -9.92 1.34 -2.32
CA THR D 44 -9.45 0.11 -1.71
C THR D 44 -10.11 -0.12 -0.35
N THR D 45 -10.69 0.94 0.21
CA THR D 45 -11.34 0.85 1.51
C THR D 45 -12.73 0.23 1.38
N VAL D 46 -13.37 0.44 0.23
CA VAL D 46 -14.69 -0.10 -0.02
C VAL D 46 -14.64 -1.60 -0.26
N LEU D 47 -13.64 -2.04 -1.01
CA LEU D 47 -13.47 -3.46 -1.32
C LEU D 47 -12.85 -4.20 -0.14
N THR D 48 -12.17 -3.46 0.73
CA THR D 48 -11.53 -4.04 1.90
C THR D 48 -12.48 -4.05 3.10
N LEU D 49 -13.45 -3.14 3.08
CA LEU D 49 -14.42 -3.05 4.18
C LEU D 49 -15.50 -4.12 4.03
N THR D 50 -15.74 -4.55 2.80
CA THR D 50 -16.75 -5.56 2.53
C THR D 50 -16.17 -6.97 2.68
N THR D 51 -14.97 -7.16 2.14
CA THR D 51 -14.31 -8.45 2.21
C THR D 51 -14.03 -8.85 3.66
N GLN D 52 -13.74 -7.87 4.49
CA GLN D 52 -13.46 -8.12 5.90
C GLN D 52 -14.74 -8.10 6.72
N SER D 53 -15.81 -7.56 6.13
CA SER D 53 -17.10 -7.47 6.82
C SER D 53 -17.77 -8.84 6.88
N SER D 54 -17.17 -9.82 6.19
CA SER D 54 -17.72 -11.17 6.17
C SER D 54 -16.63 -12.20 6.46
N GLY D 55 -15.71 -11.84 7.35
CA GLY D 55 -14.63 -12.73 7.71
C GLY D 55 -15.00 -13.69 8.82
N SER D 56 -15.91 -13.26 9.69
CA SER D 56 -16.36 -14.08 10.81
C SER D 56 -16.91 -15.41 10.32
N ARG D 57 -17.66 -15.37 9.22
CA ARG D 57 -18.24 -16.58 8.64
C ARG D 57 -19.13 -17.28 9.65
N ALA D 58 -19.56 -16.56 10.68
CA ALA D 58 -20.41 -17.11 11.72
C ALA D 58 -21.88 -17.03 11.31
N SER D 59 -22.18 -16.16 10.37
CA SER D 59 -23.55 -15.98 9.89
C SER D 59 -23.78 -16.76 8.60
N LEU D 60 -22.80 -17.57 8.22
CA LEU D 60 -22.89 -18.35 6.99
C LEU D 60 -23.06 -17.46 5.77
N PRO D 61 -21.97 -16.79 5.37
CA PRO D 61 -21.97 -15.90 4.22
C PRO D 61 -22.11 -16.64 2.90
N LYS D 62 -22.12 -17.97 2.98
CA LYS D 62 -22.25 -18.81 1.79
C LYS D 62 -23.37 -18.31 0.88
N VAL D 63 -24.60 -18.38 1.39
CA VAL D 63 -25.76 -17.92 0.63
C VAL D 63 -25.55 -16.51 0.08
N SER D 64 -25.04 -15.63 0.94
CA SER D 64 -24.80 -14.25 0.55
C SER D 64 -23.78 -14.17 -0.58
N TYR D 65 -22.90 -15.17 -0.65
CA TYR D 65 -21.87 -15.22 -1.69
C TYR D 65 -22.51 -15.30 -3.07
N VAL D 66 -23.38 -16.28 -3.26
CA VAL D 66 -24.06 -16.47 -4.54
C VAL D 66 -24.71 -15.17 -5.01
N LYS D 67 -25.58 -14.62 -4.17
CA LYS D 67 -26.28 -13.38 -4.51
C LYS D 67 -25.29 -12.23 -4.69
N ALA D 68 -24.14 -12.34 -4.02
CA ALA D 68 -23.11 -11.32 -4.12
C ALA D 68 -22.30 -11.46 -5.41
N ILE D 69 -22.33 -12.65 -5.99
CA ILE D 69 -21.61 -12.92 -7.23
C ILE D 69 -22.34 -12.32 -8.43
N ASP D 70 -23.66 -12.22 -8.32
CA ASP D 70 -24.48 -11.65 -9.40
C ASP D 70 -24.35 -10.14 -9.44
N ILE D 71 -23.92 -9.55 -8.32
CA ILE D 71 -23.76 -8.11 -8.23
C ILE D 71 -22.29 -7.71 -8.37
N TRP D 72 -21.40 -8.58 -7.90
CA TRP D 72 -19.98 -8.32 -7.97
C TRP D 72 -19.46 -8.52 -9.39
N LEU D 73 -20.31 -9.05 -10.26
CA LEU D 73 -19.93 -9.29 -11.64
C LEU D 73 -20.38 -8.14 -12.54
N ALA D 74 -20.35 -6.93 -11.99
CA ALA D 74 -20.75 -5.73 -12.73
C ALA D 74 -20.61 -4.48 -11.88
N VAL D 75 -20.85 -4.61 -10.59
CA VAL D 75 -20.74 -3.49 -9.67
C VAL D 75 -19.29 -3.01 -9.57
N CYS D 76 -18.36 -3.92 -9.79
CA CYS D 76 -16.94 -3.58 -9.72
C CYS D 76 -16.41 -3.14 -11.08
N LEU D 77 -17.04 -3.64 -12.14
CA LEU D 77 -16.64 -3.30 -13.51
C LEU D 77 -17.26 -1.97 -13.93
N LEU D 78 -18.28 -1.54 -13.21
CA LEU D 78 -18.95 -0.28 -13.51
C LEU D 78 -18.49 0.83 -12.59
N PHE D 79 -18.15 0.46 -11.35
CA PHE D 79 -17.68 1.43 -10.38
C PHE D 79 -16.31 1.98 -10.76
N VAL D 80 -15.43 1.11 -11.24
CA VAL D 80 -14.09 1.50 -11.65
C VAL D 80 -14.06 1.90 -13.11
N PHE D 81 -15.19 1.72 -13.81
CA PHE D 81 -15.29 2.07 -15.22
C PHE D 81 -15.44 3.58 -15.39
N SER D 82 -16.29 4.18 -14.57
CA SER D 82 -16.54 5.63 -14.64
C SER D 82 -15.36 6.40 -14.05
N ALA D 83 -14.73 5.83 -13.02
CA ALA D 83 -13.60 6.46 -12.36
C ALA D 83 -12.41 6.55 -13.31
N LEU D 84 -12.27 5.56 -14.18
CA LEU D 84 -11.17 5.52 -15.13
C LEU D 84 -11.46 6.41 -16.33
N LEU D 85 -12.75 6.58 -16.65
CA LEU D 85 -13.16 7.40 -17.77
C LEU D 85 -12.69 8.84 -17.60
N GLU D 86 -12.73 9.33 -16.36
CA GLU D 86 -12.30 10.69 -16.06
C GLU D 86 -10.79 10.74 -15.82
N TYR D 87 -10.28 9.75 -15.11
CA TYR D 87 -8.85 9.69 -14.79
C TYR D 87 -8.02 9.62 -16.08
N ALA D 88 -8.67 9.28 -17.18
CA ALA D 88 -8.00 9.17 -18.47
C ALA D 88 -8.53 10.21 -19.44
N ALA D 89 -9.65 10.84 -19.10
CA ALA D 89 -10.26 11.85 -19.94
C ALA D 89 -9.36 13.08 -20.06
N VAL D 90 -8.68 13.42 -18.98
CA VAL D 90 -7.78 14.55 -18.96
C VAL D 90 -6.81 14.52 -20.14
N ASN D 91 -6.36 13.31 -20.48
CA ASN D 91 -5.42 13.14 -21.58
C ASN D 91 -6.16 13.01 -22.90
N PHE D 92 -7.45 12.67 -22.82
CA PHE D 92 -8.27 12.52 -24.02
C PHE D 92 -8.75 13.87 -24.53
N VAL D 93 -8.37 14.93 -23.83
CA VAL D 93 -8.76 16.28 -24.22
C VAL D 93 -8.40 16.56 -25.68
N SER D 94 -7.24 16.08 -26.10
CA SER D 94 -6.79 16.28 -27.47
C SER D 94 -7.83 15.78 -28.47
N ARG D 95 -8.67 14.85 -28.03
CA ARG D 95 -9.71 14.29 -28.87
C ARG D 95 -10.54 15.40 -29.51
N GLN D 96 -10.66 16.51 -28.80
CA GLN D 96 -11.43 17.66 -29.30
C GLN D 96 -12.89 17.26 -29.54
N ARG D 97 -13.36 16.26 -28.80
CA ARG D 97 -14.73 15.78 -28.93
C ARG D 97 -15.72 16.95 -28.84
N GLU D 98 -15.34 17.97 -28.09
CA GLU D 98 -16.20 19.14 -27.91
C GLU D 98 -16.46 19.83 -29.25
N PHE D 99 -17.05 21.02 -29.19
CA PHE D 99 -17.35 21.77 -30.40
C PHE D 99 -16.23 22.76 -30.72
N GLY D 100 -15.06 22.52 -30.14
CA GLY D 100 -13.92 23.39 -30.37
C GLY D 100 -12.86 23.25 -29.30
N GLY D 101 -11.60 23.32 -29.72
CA GLY D 101 -10.50 23.20 -28.78
C GLY D 101 -10.02 24.54 -28.26
N GLY D 102 -10.91 25.54 -28.30
CA GLY D 102 -10.56 26.86 -27.83
C GLY D 102 -10.36 26.92 -26.33
N GLY D 103 -11.09 26.08 -25.60
CA GLY D 103 -10.99 26.05 -24.16
C GLY D 103 -10.13 24.91 -23.66
N PHE D 104 -9.15 24.52 -24.46
CA PHE D 104 -8.25 23.42 -24.10
C PHE D 104 -7.47 23.77 -22.84
N ILE D 105 -6.90 24.97 -22.80
CA ILE D 105 -6.11 25.41 -21.66
C ILE D 105 -7.02 26.03 -20.59
N GLN D 106 -8.23 26.39 -21.00
CA GLN D 106 -9.18 27.00 -20.07
C GLN D 106 -9.98 25.92 -19.33
N ARG D 107 -9.61 24.67 -19.55
CA ARG D 107 -10.28 23.55 -18.90
C ARG D 107 -9.84 23.41 -17.44
N ALA D 108 -8.63 23.88 -17.15
CA ALA D 108 -8.08 23.81 -15.80
C ALA D 108 -8.95 24.59 -14.81
N LYS D 109 -9.79 25.47 -15.34
CA LYS D 109 -10.68 26.28 -14.51
C LYS D 109 -11.46 25.39 -13.55
N LYS D 110 -11.71 24.16 -13.95
CA LYS D 110 -12.45 23.21 -13.12
C LYS D 110 -13.86 23.71 -12.84
N ILE D 111 -14.75 23.54 -13.81
CA ILE D 111 -16.13 23.98 -13.67
C ILE D 111 -16.90 23.08 -12.70
N ASP D 112 -16.24 22.01 -12.24
CA ASP D 112 -16.85 21.08 -11.31
C ASP D 112 -18.05 20.38 -11.95
N LYS D 113 -17.96 20.13 -13.26
CA LYS D 113 -19.03 19.46 -13.99
C LYS D 113 -19.04 17.97 -13.70
N ILE D 114 -18.05 17.52 -12.93
CA ILE D 114 -17.95 16.10 -12.58
C ILE D 114 -18.86 15.76 -11.41
N SER D 115 -19.12 16.74 -10.56
CA SER D 115 -19.98 16.55 -9.40
C SER D 115 -21.46 16.63 -9.78
N ARG D 116 -21.70 16.88 -11.06
CA ARG D 116 -23.07 17.00 -11.56
C ARG D 116 -23.64 15.63 -11.89
N ILE D 117 -22.78 14.70 -12.26
CA ILE D 117 -23.20 13.34 -12.60
C ILE D 117 -23.06 12.41 -11.40
N GLY D 118 -22.05 12.66 -10.57
CA GLY D 118 -21.84 11.83 -9.40
C GLY D 118 -22.86 12.08 -8.32
N PHE D 119 -23.21 13.35 -8.12
CA PHE D 119 -24.19 13.72 -7.09
C PHE D 119 -25.46 12.88 -7.23
N PRO D 120 -26.11 12.99 -8.40
CA PRO D 120 -27.34 12.25 -8.68
C PRO D 120 -27.10 10.75 -8.83
N LEU D 121 -25.86 10.37 -9.08
CA LEU D 121 -25.49 8.98 -9.24
C LEU D 121 -25.33 8.29 -7.89
N ALA D 122 -24.94 9.06 -6.89
CA ALA D 122 -24.74 8.53 -5.54
C ALA D 122 -26.08 8.40 -4.82
N PHE D 123 -26.95 9.40 -4.98
CA PHE D 123 -28.25 9.38 -4.34
C PHE D 123 -29.13 8.27 -4.89
N LEU D 124 -28.98 7.99 -6.18
CA LEU D 124 -29.75 6.94 -6.84
C LEU D 124 -29.31 5.56 -6.35
N ILE D 125 -28.00 5.40 -6.16
CA ILE D 125 -27.46 4.13 -5.70
C ILE D 125 -27.89 3.83 -4.27
N PHE D 126 -27.69 4.80 -3.37
CA PHE D 126 -28.06 4.65 -1.97
C PHE D 126 -29.55 4.30 -1.84
N ASN D 127 -30.37 4.92 -2.68
CA ASN D 127 -31.81 4.68 -2.65
C ASN D 127 -32.16 3.41 -3.43
N LEU D 128 -31.26 2.98 -4.30
CA LEU D 128 -31.48 1.78 -5.09
C LEU D 128 -31.14 0.53 -4.29
N PHE D 129 -30.21 0.67 -3.34
CA PHE D 129 -29.80 -0.45 -2.52
C PHE D 129 -30.75 -0.62 -1.32
N TYR D 130 -31.33 0.49 -0.88
CA TYR D 130 -32.26 0.46 0.25
C TYR D 130 -33.60 -0.15 -0.16
N TRP D 131 -34.01 0.10 -1.39
CA TRP D 131 -35.26 -0.42 -1.91
C TRP D 131 -35.08 -1.82 -2.48
N ILE D 132 -33.83 -2.17 -2.78
CA ILE D 132 -33.52 -3.49 -3.33
C ILE D 132 -33.30 -4.51 -2.22
N ILE D 133 -32.82 -4.04 -1.07
CA ILE D 133 -32.57 -4.91 0.07
C ILE D 133 -33.85 -5.21 0.83
N TYR D 134 -34.72 -4.21 0.92
CA TYR D 134 -35.99 -4.35 1.63
C TYR D 134 -37.04 -5.01 0.73
N LYS D 135 -36.69 -5.17 -0.55
CA LYS D 135 -37.60 -5.79 -1.51
C LYS D 135 -37.19 -7.23 -1.79
N ILE D 136 -35.90 -7.46 -1.93
CA ILE D 136 -35.37 -8.79 -2.21
C ILE D 136 -35.86 -9.80 -1.16
N VAL D 137 -35.85 -9.37 0.09
CA VAL D 137 -36.30 -10.23 1.19
C VAL D 137 -37.75 -10.64 1.01
N ARG D 138 -38.47 -9.91 0.16
CA ARG D 138 -39.87 -10.21 -0.09
C ARG D 138 -40.03 -11.00 -1.39
N ARG D 139 -39.37 -10.53 -2.45
CA ARG D 139 -39.43 -11.19 -3.75
C ARG D 139 -40.76 -10.91 -4.43
N GLU D 140 -41.86 -11.20 -3.75
CA GLU D 140 -43.19 -10.96 -4.29
C GLU D 140 -43.86 -9.78 -3.60
N ASP D 141 -43.06 -8.96 -2.93
CA ASP D 141 -43.58 -7.79 -2.23
C ASP D 141 -44.74 -8.17 -1.32
N GLU D 142 -44.43 -8.88 -0.25
CA GLU D 142 -45.44 -9.31 0.71
C GLU D 142 -45.55 -8.32 1.87
N PHE D 143 -44.40 -7.83 2.34
CA PHE D 143 -44.37 -6.88 3.44
C PHE D 143 -44.51 -5.45 2.93
N GLU D 144 -44.77 -5.32 1.62
CA GLU D 144 -44.92 -4.00 1.01
C GLU D 144 -46.36 -3.50 1.17
N HIS D 145 -47.29 -4.18 0.51
CA HIS D 145 -48.69 -3.80 0.57
C HIS D 145 -49.57 -4.83 -0.14
N HIS D 146 -50.84 -4.49 -0.33
CA HIS D 146 -51.78 -5.38 -1.01
C HIS D 146 -52.06 -4.91 -2.43
N HIS D 147 -52.13 -3.58 -2.60
CA HIS D 147 -52.39 -3.00 -3.90
C HIS D 147 -51.44 -3.56 -4.96
N HIS D 148 -50.15 -3.61 -4.61
CA HIS D 148 -49.13 -4.12 -5.53
C HIS D 148 -49.04 -3.25 -6.77
N HIS D 149 -49.51 -2.00 -6.67
CA HIS D 149 -49.48 -1.08 -7.79
C HIS D 149 -48.07 -0.98 -8.38
N HIS D 150 -47.08 -0.83 -7.50
CA HIS D 150 -45.69 -0.72 -7.94
C HIS D 150 -45.32 -1.88 -8.86
N MET E 1 -13.53 -15.47 31.23
CA MET E 1 -14.06 -14.57 30.21
C MET E 1 -13.14 -13.38 29.99
N LEU E 2 -13.14 -12.44 30.94
CA LEU E 2 -12.30 -11.26 30.85
C LEU E 2 -12.70 -10.40 29.66
N GLU E 3 -13.95 -10.51 29.24
CA GLU E 3 -14.47 -9.74 28.11
C GLU E 3 -14.64 -8.28 28.49
N ARG E 4 -15.16 -8.04 29.69
CA ARG E 4 -15.39 -6.68 30.17
C ARG E 4 -14.11 -6.09 30.74
N GLN E 5 -13.10 -6.93 30.92
CA GLN E 5 -11.82 -6.50 31.47
C GLN E 5 -10.86 -6.10 30.35
N LEU E 6 -11.40 -5.89 29.16
CA LEU E 6 -10.58 -5.52 28.01
C LEU E 6 -10.37 -4.00 27.97
N GLY E 7 -11.32 -3.25 28.51
CA GLY E 7 -11.21 -1.81 28.53
C GLY E 7 -9.88 -1.34 29.09
N TYR E 8 -9.30 -2.14 29.97
CA TYR E 8 -8.02 -1.80 30.60
C TYR E 8 -6.91 -1.70 29.54
N TYR E 9 -6.90 -2.66 28.62
CA TYR E 9 -5.89 -2.69 27.57
C TYR E 9 -6.17 -1.60 26.54
N LEU E 10 -7.42 -1.19 26.43
CA LEU E 10 -7.81 -0.16 25.48
C LEU E 10 -7.45 1.23 26.00
N ILE E 11 -7.41 1.37 27.31
CA ILE E 11 -7.08 2.65 27.95
C ILE E 11 -5.61 2.99 27.73
N GLN E 12 -4.73 2.10 28.14
CA GLN E 12 -3.29 2.31 27.99
C GLN E 12 -2.91 2.39 26.51
N LEU E 13 -3.70 1.73 25.67
CA LEU E 13 -3.44 1.73 24.23
C LEU E 13 -4.08 2.94 23.56
N TYR E 14 -5.05 3.55 24.24
CA TYR E 14 -5.73 4.72 23.71
C TYR E 14 -4.82 5.94 23.72
N ILE E 15 -4.06 6.10 24.79
CA ILE E 15 -3.15 7.22 24.92
C ILE E 15 -2.26 7.35 23.68
N PRO E 16 -1.52 6.29 23.36
CA PRO E 16 -0.63 6.27 22.19
C PRO E 16 -1.40 6.24 20.88
N SER E 17 -2.55 5.59 20.88
CA SER E 17 -3.37 5.49 19.68
C SER E 17 -3.96 6.84 19.31
N LEU E 18 -4.12 7.71 20.32
CA LEU E 18 -4.66 9.03 20.10
C LEU E 18 -3.56 10.05 19.82
N LEU E 19 -2.45 9.92 20.54
CA LEU E 19 -1.31 10.81 20.38
C LEU E 19 -0.88 10.87 18.91
N ILE E 20 -0.73 9.70 18.29
CA ILE E 20 -0.32 9.62 16.90
C ILE E 20 -1.43 10.12 15.98
N VAL E 21 -2.67 9.98 16.42
CA VAL E 21 -3.82 10.42 15.63
C VAL E 21 -3.85 11.95 15.50
N ILE E 22 -3.72 12.62 16.64
CA ILE E 22 -3.73 14.09 16.66
C ILE E 22 -2.64 14.65 15.74
N LEU E 23 -1.46 14.04 15.78
CA LEU E 23 -0.35 14.47 14.96
C LEU E 23 -0.68 14.35 13.48
N SER E 24 -1.51 13.38 13.14
CA SER E 24 -1.91 13.15 11.75
C SER E 24 -2.41 14.44 11.12
N TRP E 25 -3.18 15.21 11.87
CA TRP E 25 -3.73 16.47 11.39
C TRP E 25 -2.68 17.56 11.39
N ILE E 26 -1.79 17.52 12.38
CA ILE E 26 -0.72 18.50 12.49
C ILE E 26 0.11 18.55 11.21
N SER E 27 0.09 17.47 10.44
CA SER E 27 0.84 17.39 9.19
C SER E 27 -0.10 17.44 7.99
N PHE E 28 -1.39 17.26 8.24
CA PHE E 28 -2.39 17.28 7.19
C PHE E 28 -2.52 18.68 6.59
N TRP E 29 -2.22 19.69 7.38
CA TRP E 29 -2.31 21.08 6.93
C TRP E 29 -1.33 21.33 5.79
N ILE E 30 -0.36 20.43 5.62
CA ILE E 30 0.62 20.56 4.57
C ILE E 30 0.58 19.36 3.62
N ASN E 31 0.24 18.19 4.17
CA ASN E 31 0.15 16.97 3.38
C ASN E 31 -0.99 17.05 2.38
N LEU E 32 -1.82 18.09 2.50
CA LEU E 32 -2.95 18.27 1.61
C LEU E 32 -2.53 18.13 0.15
N ASP E 33 -1.26 18.41 -0.12
CA ASP E 33 -0.73 18.31 -1.47
C ASP E 33 0.79 18.17 -1.45
N ALA E 34 1.43 18.87 -0.52
CA ALA E 34 2.88 18.83 -0.40
C ALA E 34 3.37 17.41 -0.17
N ALA E 35 2.67 16.67 0.69
CA ALA E 35 3.03 15.29 0.99
C ALA E 35 1.83 14.51 1.51
N PRO E 36 0.86 14.25 0.63
CA PRO E 36 -0.36 13.52 0.97
C PRO E 36 -0.09 12.04 1.24
N ALA E 37 1.15 11.62 1.02
CA ALA E 37 1.54 10.24 1.23
C ALA E 37 1.53 9.89 2.71
N ARG E 38 1.89 10.86 3.55
CA ARG E 38 1.92 10.66 5.00
C ARG E 38 0.51 10.55 5.56
N VAL E 39 -0.40 11.38 5.03
CA VAL E 39 -1.79 11.37 5.48
C VAL E 39 -2.45 10.02 5.23
N GLY E 40 -2.06 9.38 4.12
CA GLY E 40 -2.63 8.08 3.79
C GLY E 40 -2.11 6.98 4.69
N LEU E 41 -0.91 7.16 5.23
CA LEU E 41 -0.30 6.18 6.11
C LEU E 41 -0.80 6.34 7.54
N GLY E 42 -1.04 7.57 7.94
CA GLY E 42 -1.52 7.84 9.29
C GLY E 42 -2.97 7.42 9.48
N ILE E 43 -3.77 7.60 8.43
CA ILE E 43 -5.18 7.24 8.48
C ILE E 43 -5.37 5.72 8.47
N THR E 44 -4.45 5.03 7.80
CA THR E 44 -4.51 3.57 7.72
C THR E 44 -3.83 2.92 8.92
N THR E 45 -3.02 3.70 9.63
CA THR E 45 -2.30 3.20 10.79
C THR E 45 -3.21 3.14 12.01
N VAL E 46 -4.20 4.04 12.05
CA VAL E 46 -5.14 4.09 13.16
C VAL E 46 -6.13 2.94 13.09
N LEU E 47 -6.60 2.65 11.89
CA LEU E 47 -7.56 1.57 11.69
C LEU E 47 -6.86 0.21 11.68
N THR E 48 -5.56 0.23 11.42
CA THR E 48 -4.77 -1.00 11.40
C THR E 48 -4.19 -1.31 12.77
N LEU E 49 -4.03 -0.27 13.59
CA LEU E 49 -3.48 -0.44 14.93
C LEU E 49 -4.56 -0.95 15.89
N THR E 50 -5.81 -0.65 15.59
CA THR E 50 -6.93 -1.08 16.42
C THR E 50 -7.38 -2.48 16.04
N THR E 51 -7.49 -2.74 14.74
CA THR E 51 -7.93 -4.03 14.25
C THR E 51 -6.96 -5.13 14.66
N GLN E 52 -5.67 -4.79 14.72
CA GLN E 52 -4.65 -5.74 15.11
C GLN E 52 -4.45 -5.75 16.62
N SER E 53 -4.96 -4.73 17.29
CA SER E 53 -4.84 -4.62 18.73
C SER E 53 -5.78 -5.60 19.43
N SER E 54 -6.64 -6.24 18.65
CA SER E 54 -7.59 -7.20 19.20
C SER E 54 -7.56 -8.50 18.41
N GLY E 55 -6.36 -8.89 17.96
CA GLY E 55 -6.23 -10.12 17.20
C GLY E 55 -6.03 -11.33 18.08
N SER E 56 -5.45 -11.12 19.25
CA SER E 56 -5.21 -12.21 20.19
C SER E 56 -6.50 -12.94 20.54
N ARG E 57 -7.58 -12.17 20.72
CA ARG E 57 -8.87 -12.73 21.05
C ARG E 57 -8.80 -13.55 22.33
N ALA E 58 -7.77 -13.30 23.13
CA ALA E 58 -7.59 -14.02 24.39
C ALA E 58 -8.35 -13.35 25.52
N SER E 59 -8.70 -12.08 25.32
CA SER E 59 -9.43 -11.32 26.33
C SER E 59 -10.92 -11.28 26.00
N LEU E 60 -11.31 -12.05 24.98
CA LEU E 60 -12.72 -12.10 24.58
C LEU E 60 -13.21 -10.73 24.14
N PRO E 61 -12.77 -10.29 22.95
CA PRO E 61 -13.15 -8.99 22.39
C PRO E 61 -14.61 -8.94 21.97
N LYS E 62 -15.28 -10.09 22.08
CA LYS E 62 -16.69 -10.18 21.71
C LYS E 62 -17.49 -9.02 22.29
N VAL E 63 -17.57 -8.96 23.63
CA VAL E 63 -18.29 -7.89 24.30
C VAL E 63 -17.85 -6.52 23.80
N SER E 64 -16.54 -6.34 23.67
CA SER E 64 -15.98 -5.07 23.21
C SER E 64 -16.46 -4.76 21.80
N TYR E 65 -16.75 -5.80 21.03
CA TYR E 65 -17.22 -5.63 19.66
C TYR E 65 -18.53 -4.86 19.61
N VAL E 66 -19.52 -5.34 20.37
CA VAL E 66 -20.83 -4.70 20.43
C VAL E 66 -20.69 -3.21 20.72
N LYS E 67 -20.05 -2.90 21.85
CA LYS E 67 -19.86 -1.51 22.25
C LYS E 67 -19.02 -0.76 21.22
N ALA E 68 -18.18 -1.48 20.50
CA ALA E 68 -17.33 -0.89 19.47
C ALA E 68 -18.12 -0.61 18.20
N ILE E 69 -19.23 -1.33 18.03
CA ILE E 69 -20.07 -1.16 16.85
C ILE E 69 -20.90 0.12 16.93
N ASP E 70 -21.21 0.53 18.16
CA ASP E 70 -22.01 1.73 18.38
C ASP E 70 -21.15 2.98 18.17
N ILE E 71 -19.84 2.82 18.26
CA ILE E 71 -18.91 3.93 18.07
C ILE E 71 -18.30 3.91 16.68
N TRP E 72 -18.11 2.71 16.14
CA TRP E 72 -17.53 2.55 14.81
C TRP E 72 -18.55 2.91 13.72
N LEU E 73 -19.79 3.13 14.14
CA LEU E 73 -20.85 3.48 13.20
C LEU E 73 -21.04 5.00 13.14
N ALA E 74 -19.94 5.73 13.30
CA ALA E 74 -19.99 7.19 13.26
C ALA E 74 -18.60 7.79 13.44
N VAL E 75 -17.77 7.13 14.23
CA VAL E 75 -16.41 7.59 14.48
C VAL E 75 -15.57 7.53 13.21
N CYS E 76 -15.93 6.62 12.31
CA CYS E 76 -15.21 6.45 11.06
C CYS E 76 -15.82 7.33 9.96
N LEU E 77 -17.11 7.59 10.08
CA LEU E 77 -17.82 8.41 9.10
C LEU E 77 -17.63 9.89 9.40
N LEU E 78 -17.18 10.20 10.61
CA LEU E 78 -16.96 11.59 11.02
C LEU E 78 -15.48 11.94 10.94
N PHE E 79 -14.62 10.95 11.20
CA PHE E 79 -13.18 11.15 11.16
C PHE E 79 -12.71 11.40 9.73
N VAL E 80 -13.26 10.65 8.80
CA VAL E 80 -12.88 10.79 7.39
C VAL E 80 -13.76 11.82 6.69
N PHE E 81 -14.77 12.32 7.41
CA PHE E 81 -15.69 13.30 6.85
C PHE E 81 -15.04 14.70 6.83
N SER E 82 -14.38 15.05 7.92
CA SER E 82 -13.72 16.34 8.03
C SER E 82 -12.44 16.37 7.20
N ALA E 83 -11.76 15.23 7.14
CA ALA E 83 -10.51 15.12 6.37
C ALA E 83 -10.77 15.30 4.89
N LEU E 84 -11.94 14.86 4.43
CA LEU E 84 -12.30 14.97 3.02
C LEU E 84 -12.83 16.37 2.70
N LEU E 85 -13.42 17.01 3.71
CA LEU E 85 -13.96 18.35 3.53
C LEU E 85 -12.87 19.33 3.12
N GLU E 86 -11.67 19.15 3.67
CA GLU E 86 -10.55 20.02 3.35
C GLU E 86 -9.82 19.53 2.11
N TYR E 87 -9.64 18.21 2.02
CA TYR E 87 -8.96 17.61 0.87
C TYR E 87 -9.68 17.92 -0.43
N ALA E 88 -10.93 18.35 -0.31
CA ALA E 88 -11.74 18.69 -1.49
C ALA E 88 -12.09 20.17 -1.49
N ALA E 89 -11.86 20.84 -0.37
CA ALA E 89 -12.15 22.27 -0.25
C ALA E 89 -11.25 23.08 -1.17
N VAL E 90 -10.01 22.65 -1.33
CA VAL E 90 -9.06 23.34 -2.18
C VAL E 90 -9.64 23.58 -3.57
N ASN E 91 -10.40 22.63 -4.07
CA ASN E 91 -11.03 22.74 -5.38
C ASN E 91 -12.36 23.47 -5.29
N PHE E 92 -12.92 23.52 -4.09
CA PHE E 92 -14.20 24.19 -3.87
C PHE E 92 -14.01 25.70 -3.75
N VAL E 93 -12.76 26.14 -3.83
CA VAL E 93 -12.44 27.56 -3.73
C VAL E 93 -13.27 28.38 -4.70
N SER E 94 -13.46 27.86 -5.91
CA SER E 94 -14.24 28.54 -6.94
C SER E 94 -15.63 28.90 -6.42
N ARG E 95 -16.09 28.15 -5.42
CA ARG E 95 -17.40 28.39 -4.83
C ARG E 95 -17.56 29.85 -4.43
N GLN E 96 -16.44 30.48 -4.07
CA GLN E 96 -16.45 31.88 -3.65
C GLN E 96 -17.36 32.08 -2.44
N ARG E 97 -17.50 31.04 -1.64
CA ARG E 97 -18.34 31.10 -0.45
C ARG E 97 -17.97 32.29 0.42
N GLU E 98 -16.70 32.69 0.37
CA GLU E 98 -16.22 33.82 1.15
C GLU E 98 -16.94 35.10 0.75
N PHE E 99 -16.45 36.23 1.24
CA PHE E 99 -17.05 37.52 0.94
C PHE E 99 -16.37 38.17 -0.26
N GLY E 100 -15.65 37.36 -1.04
CA GLY E 100 -14.95 37.87 -2.20
C GLY E 100 -13.85 36.95 -2.67
N GLY E 101 -13.70 36.84 -3.99
CA GLY E 101 -12.67 35.98 -4.56
C GLY E 101 -11.38 36.72 -4.82
N GLY E 102 -11.15 37.81 -4.09
CA GLY E 102 -9.94 38.59 -4.28
C GLY E 102 -8.71 37.87 -3.79
N GLY E 103 -8.87 37.03 -2.77
CA GLY E 103 -7.76 36.29 -2.22
C GLY E 103 -7.72 34.86 -2.71
N PHE E 104 -8.20 34.64 -3.93
CA PHE E 104 -8.22 33.31 -4.51
C PHE E 104 -6.81 32.76 -4.68
N ILE E 105 -5.93 33.58 -5.24
CA ILE E 105 -4.54 33.18 -5.45
C ILE E 105 -3.70 33.44 -4.20
N GLN E 106 -4.21 34.28 -3.31
CA GLN E 106 -3.51 34.62 -2.08
C GLN E 106 -3.81 33.59 -0.99
N ARG E 107 -4.55 32.55 -1.35
CA ARG E 107 -4.91 31.50 -0.40
C ARG E 107 -3.72 30.56 -0.16
N ALA E 108 -2.83 30.48 -1.14
CA ALA E 108 -1.66 29.62 -1.05
C ALA E 108 -0.79 30.02 0.13
N LYS E 109 -0.97 31.26 0.61
CA LYS E 109 -0.19 31.76 1.74
C LYS E 109 -0.21 30.78 2.91
N LYS E 110 -1.33 30.06 3.05
CA LYS E 110 -1.47 29.09 4.12
C LYS E 110 -1.46 29.78 5.48
N ILE E 111 -2.59 30.35 5.87
CA ILE E 111 -2.71 31.02 7.16
C ILE E 111 -2.73 30.03 8.31
N ASP E 112 -2.75 28.74 7.97
CA ASP E 112 -2.77 27.69 8.98
C ASP E 112 -4.05 27.74 9.80
N LYS E 113 -5.15 28.15 9.16
CA LYS E 113 -6.43 28.24 9.83
C LYS E 113 -7.04 26.86 10.05
N ILE E 114 -6.37 25.84 9.52
CA ILE E 114 -6.85 24.47 9.66
C ILE E 114 -6.46 23.88 11.01
N SER E 115 -5.36 24.37 11.56
CA SER E 115 -4.88 23.90 12.86
C SER E 115 -5.63 24.58 14.01
N ARG E 116 -6.55 25.47 13.65
CA ARG E 116 -7.33 26.19 14.64
C ARG E 116 -8.54 25.37 15.09
N ILE E 117 -9.04 24.52 14.19
CA ILE E 117 -10.19 23.67 14.49
C ILE E 117 -9.75 22.28 14.94
N GLY E 118 -8.63 21.82 14.40
CA GLY E 118 -8.13 20.51 14.76
C GLY E 118 -7.51 20.48 16.15
N PHE E 119 -6.78 21.54 16.49
CA PHE E 119 -6.14 21.64 17.79
C PHE E 119 -7.14 21.38 18.91
N PRO E 120 -8.19 22.20 18.98
CA PRO E 120 -9.23 22.07 19.99
C PRO E 120 -10.10 20.83 19.79
N LEU E 121 -10.06 20.28 18.58
CA LEU E 121 -10.83 19.09 18.25
C LEU E 121 -10.13 17.83 18.75
N ALA E 122 -8.80 17.88 18.79
CA ALA E 122 -8.01 16.75 19.24
C ALA E 122 -7.99 16.67 20.77
N PHE E 123 -7.86 17.82 21.42
CA PHE E 123 -7.82 17.88 22.87
C PHE E 123 -9.17 17.46 23.47
N LEU E 124 -10.25 17.81 22.78
CA LEU E 124 -11.59 17.45 23.25
C LEU E 124 -11.84 15.96 23.13
N ILE E 125 -11.33 15.36 22.06
CA ILE E 125 -11.50 13.93 21.83
C ILE E 125 -10.72 13.12 22.87
N PHE E 126 -9.45 13.45 23.04
CA PHE E 126 -8.60 12.75 24.00
C PHE E 126 -9.18 12.83 25.40
N ASN E 127 -9.77 13.98 25.73
CA ASN E 127 -10.37 14.17 27.05
C ASN E 127 -11.77 13.58 27.09
N LEU E 128 -12.36 13.39 25.92
CA LEU E 128 -13.71 12.83 25.83
C LEU E 128 -13.68 11.31 25.95
N PHE E 129 -12.57 10.71 25.52
CA PHE E 129 -12.41 9.26 25.58
C PHE E 129 -11.92 8.82 26.97
N TYR E 130 -11.18 9.70 27.63
CA TYR E 130 -10.65 9.40 28.96
C TYR E 130 -11.76 9.46 30.00
N TRP E 131 -12.69 10.38 29.81
CA TRP E 131 -13.81 10.55 30.74
C TRP E 131 -14.95 9.60 30.40
N ILE E 132 -14.94 9.09 29.16
CA ILE E 132 -15.97 8.18 28.71
C ILE E 132 -15.63 6.74 29.06
N ILE E 133 -14.33 6.44 29.11
CA ILE E 133 -13.86 5.11 29.43
C ILE E 133 -13.88 4.86 30.94
N TYR E 134 -13.56 5.89 31.70
CA TYR E 134 -13.54 5.79 33.16
C TYR E 134 -14.94 5.97 33.73
N LYS E 135 -15.89 6.35 32.87
CA LYS E 135 -17.27 6.56 33.29
C LYS E 135 -18.14 5.37 32.88
N ILE E 136 -17.93 4.89 31.66
CA ILE E 136 -18.69 3.76 31.14
C ILE E 136 -18.62 2.57 32.09
N VAL E 137 -17.43 2.32 32.62
CA VAL E 137 -17.22 1.21 33.55
C VAL E 137 -18.09 1.36 34.79
N ARG E 138 -18.57 2.58 35.03
CA ARG E 138 -19.42 2.85 36.18
C ARG E 138 -20.89 2.85 35.78
N ARG E 139 -21.21 3.56 34.70
CA ARG E 139 -22.58 3.65 34.22
C ARG E 139 -23.40 4.59 35.09
N GLU E 140 -23.41 4.33 36.40
CA GLU E 140 -24.16 5.16 37.33
C GLU E 140 -23.21 6.01 38.18
N ASP E 141 -21.97 6.15 37.72
CA ASP E 141 -20.97 6.94 38.43
C ASP E 141 -20.88 6.51 39.89
N GLU E 142 -20.35 5.32 40.12
CA GLU E 142 -20.21 4.79 41.48
C GLU E 142 -18.83 5.10 42.02
N PHE E 143 -17.81 4.96 41.18
CA PHE E 143 -16.43 5.21 41.59
C PHE E 143 -16.08 6.69 41.42
N GLU E 144 -17.07 7.49 41.07
CA GLU E 144 -16.88 8.92 40.87
C GLU E 144 -16.97 9.68 42.19
N HIS E 145 -18.16 9.68 42.78
CA HIS E 145 -18.39 10.37 44.04
C HIS E 145 -19.80 10.10 44.55
N HIS E 146 -20.19 10.84 45.59
CA HIS E 146 -21.52 10.67 46.18
C HIS E 146 -22.43 11.83 45.78
N HIS E 147 -21.86 13.03 45.70
CA HIS E 147 -22.63 14.21 45.32
C HIS E 147 -23.40 13.98 44.03
N HIS E 148 -22.72 13.41 43.03
CA HIS E 148 -23.35 13.13 41.75
C HIS E 148 -23.79 14.43 41.07
N HIS E 149 -23.18 15.53 41.47
CA HIS E 149 -23.51 16.84 40.89
C HIS E 149 -23.43 16.80 39.38
N HIS E 150 -22.33 16.24 38.86
CA HIS E 150 -22.13 16.14 37.42
C HIS E 150 -22.12 17.51 36.77
N MET A 1 10.13 -23.29 25.11
CA MET A 1 10.73 -22.78 26.33
C MET A 1 11.90 -21.85 26.01
N LEU A 2 11.94 -21.38 24.77
CA LEU A 2 13.00 -20.46 24.35
C LEU A 2 12.52 -19.02 24.35
N GLU A 3 11.50 -18.75 25.16
CA GLU A 3 10.95 -17.40 25.27
C GLU A 3 12.00 -16.42 25.78
N ARG A 4 12.72 -16.83 26.83
CA ARG A 4 13.75 -15.98 27.42
C ARG A 4 15.04 -16.04 26.61
N GLN A 5 15.10 -17.00 25.68
CA GLN A 5 16.28 -17.16 24.84
C GLN A 5 16.01 -16.66 23.42
N LEU A 6 14.95 -15.87 23.26
CA LEU A 6 14.58 -15.32 21.96
C LEU A 6 15.34 -14.02 21.69
N GLY A 7 15.68 -13.31 22.75
CA GLY A 7 16.40 -12.06 22.60
C GLY A 7 17.65 -12.21 21.75
N TYR A 8 18.21 -13.42 21.74
CA TYR A 8 19.42 -13.68 20.96
C TYR A 8 19.16 -13.48 19.47
N TYR A 9 18.02 -13.96 19.00
CA TYR A 9 17.65 -13.84 17.59
C TYR A 9 17.23 -12.41 17.27
N LEU A 10 16.78 -11.69 18.28
CA LEU A 10 16.35 -10.30 18.11
C LEU A 10 17.54 -9.36 18.04
N ILE A 11 18.64 -9.76 18.68
CA ILE A 11 19.85 -8.95 18.69
C ILE A 11 20.52 -8.94 17.33
N GLN A 12 20.82 -10.13 16.81
CA GLN A 12 21.45 -10.26 15.50
C GLN A 12 20.52 -9.79 14.39
N LEU A 13 19.23 -9.82 14.66
CA LEU A 13 18.23 -9.40 13.68
C LEU A 13 18.00 -7.90 13.76
N TYR A 14 18.31 -7.31 14.90
CA TYR A 14 18.14 -5.87 15.11
C TYR A 14 19.27 -5.09 14.43
N ILE A 15 20.44 -5.70 14.34
CA ILE A 15 21.59 -5.07 13.72
C ILE A 15 21.23 -4.50 12.35
N PRO A 16 20.75 -5.39 11.46
CA PRO A 16 20.36 -5.00 10.10
C PRO A 16 19.09 -4.14 10.07
N SER A 17 18.13 -4.50 10.92
CA SER A 17 16.87 -3.76 10.99
C SER A 17 17.11 -2.33 11.43
N LEU A 18 18.19 -2.11 12.17
CA LEU A 18 18.54 -0.78 12.66
C LEU A 18 19.36 -0.01 11.63
N LEU A 19 20.18 -0.74 10.87
CA LEU A 19 21.01 -0.13 9.84
C LEU A 19 20.16 0.43 8.71
N ILE A 20 19.20 -0.36 8.25
CA ILE A 20 18.31 0.06 7.18
C ILE A 20 17.43 1.23 7.61
N VAL A 21 17.09 1.26 8.90
CA VAL A 21 16.25 2.33 9.43
C VAL A 21 17.00 3.66 9.43
N ILE A 22 18.25 3.63 9.87
CA ILE A 22 19.08 4.83 9.92
C ILE A 22 19.19 5.47 8.54
N LEU A 23 19.32 4.64 7.51
CA LEU A 23 19.45 5.12 6.14
C LEU A 23 18.16 5.80 5.70
N SER A 24 17.04 5.34 6.22
CA SER A 24 15.74 5.91 5.87
C SER A 24 15.72 7.41 6.12
N TRP A 25 16.18 7.83 7.29
CA TRP A 25 16.22 9.23 7.65
C TRP A 25 17.16 10.00 6.72
N ILE A 26 18.32 9.43 6.44
CA ILE A 26 19.30 10.06 5.58
C ILE A 26 18.69 10.39 4.21
N SER A 27 17.61 9.69 3.86
CA SER A 27 16.94 9.90 2.59
C SER A 27 15.61 10.62 2.79
N PHE A 28 15.23 10.80 4.05
CA PHE A 28 13.98 11.47 4.38
C PHE A 28 14.10 12.98 4.19
N TRP A 29 15.32 13.49 4.31
CA TRP A 29 15.56 14.91 4.15
C TRP A 29 15.16 15.39 2.75
N ILE A 30 15.00 14.45 1.83
CA ILE A 30 14.59 14.77 0.47
C ILE A 30 13.21 14.23 0.16
N ASN A 31 12.87 13.09 0.75
CA ASN A 31 11.58 12.47 0.53
C ASN A 31 10.48 13.25 1.24
N LEU A 32 10.88 14.24 2.03
CA LEU A 32 9.92 15.07 2.77
C LEU A 32 8.80 15.54 1.86
N ASP A 33 9.09 15.65 0.56
CA ASP A 33 8.09 16.09 -0.41
C ASP A 33 8.47 15.61 -1.81
N ALA A 34 9.76 15.64 -2.12
CA ALA A 34 10.25 15.21 -3.43
C ALA A 34 9.78 13.80 -3.75
N ALA A 35 9.95 12.90 -2.79
CA ALA A 35 9.55 11.50 -2.96
C ALA A 35 9.31 10.82 -1.62
N PRO A 36 8.23 11.23 -0.94
CA PRO A 36 7.86 10.67 0.37
C PRO A 36 7.37 9.23 0.26
N ALA A 37 7.27 8.73 -0.96
CA ALA A 37 6.82 7.37 -1.19
C ALA A 37 7.73 6.36 -0.51
N ARG A 38 9.03 6.66 -0.48
CA ARG A 38 10.01 5.79 0.14
C ARG A 38 9.93 5.88 1.66
N VAL A 39 9.70 7.09 2.17
CA VAL A 39 9.60 7.32 3.60
C VAL A 39 8.46 6.50 4.22
N GLY A 40 7.36 6.37 3.47
CA GLY A 40 6.23 5.62 3.96
C GLY A 40 6.46 4.12 3.91
N LEU A 41 7.34 3.68 3.00
CA LEU A 41 7.66 2.27 2.86
C LEU A 41 8.73 1.84 3.86
N GLY A 42 9.65 2.75 4.15
CA GLY A 42 10.72 2.45 5.09
C GLY A 42 10.22 2.41 6.53
N ILE A 43 9.26 3.27 6.85
CA ILE A 43 8.70 3.33 8.19
C ILE A 43 7.80 2.14 8.46
N THR A 44 7.15 1.64 7.42
CA THR A 44 6.25 0.49 7.55
C THR A 44 7.03 -0.82 7.44
N THR A 45 8.19 -0.77 6.80
CA THR A 45 9.02 -1.95 6.61
C THR A 45 9.69 -2.35 7.92
N VAL A 46 10.01 -1.35 8.75
CA VAL A 46 10.66 -1.59 10.03
C VAL A 46 9.67 -2.17 11.05
N LEU A 47 8.43 -1.70 10.99
CA LEU A 47 7.40 -2.17 11.90
C LEU A 47 6.81 -3.50 11.44
N THR A 48 6.95 -3.78 10.15
CA THR A 48 6.45 -5.02 9.58
C THR A 48 7.51 -6.12 9.61
N LEU A 49 8.78 -5.71 9.68
CA LEU A 49 9.89 -6.65 9.72
C LEU A 49 10.10 -7.18 11.15
N THR A 50 9.72 -6.37 12.13
CA THR A 50 9.87 -6.76 13.52
C THR A 50 8.67 -7.57 14.00
N THR A 51 7.47 -7.14 13.62
CA THR A 51 6.24 -7.82 14.00
C THR A 51 6.13 -9.17 13.31
N GLN A 52 6.75 -9.29 12.14
CA GLN A 52 6.72 -10.53 11.38
C GLN A 52 7.85 -11.46 11.80
N SER A 53 8.85 -10.90 12.47
CA SER A 53 9.99 -11.67 12.92
C SER A 53 9.60 -12.61 14.07
N SER A 54 8.39 -12.41 14.59
CA SER A 54 7.90 -13.24 15.69
C SER A 54 6.54 -13.82 15.35
N GLY A 55 6.35 -14.22 14.10
CA GLY A 55 5.10 -14.80 13.68
C GLY A 55 5.02 -16.29 13.92
N SER A 56 6.18 -16.94 13.95
CA SER A 56 6.23 -18.38 14.18
C SER A 56 5.61 -18.74 15.52
N ARG A 57 5.87 -17.91 16.53
CA ARG A 57 5.34 -18.15 17.86
C ARG A 57 5.78 -19.51 18.40
N ALA A 58 6.85 -20.05 17.81
CA ALA A 58 7.37 -21.34 18.23
C ALA A 58 8.35 -21.18 19.40
N SER A 59 8.87 -19.97 19.56
CA SER A 59 9.81 -19.68 20.64
C SER A 59 9.11 -19.04 21.83
N LEU A 60 7.78 -19.01 21.77
CA LEU A 60 6.98 -18.42 22.85
C LEU A 60 7.33 -16.95 23.05
N PRO A 61 6.88 -16.10 22.11
CA PRO A 61 7.13 -14.67 22.16
C PRO A 61 6.35 -13.98 23.28
N LYS A 62 5.52 -14.75 23.96
CA LYS A 62 4.73 -14.22 25.07
C LYS A 62 5.59 -13.39 26.02
N VAL A 63 6.63 -14.01 26.56
CA VAL A 63 7.53 -13.34 27.48
C VAL A 63 8.11 -12.07 26.85
N SER A 64 8.76 -12.23 25.69
CA SER A 64 9.36 -11.11 25.00
C SER A 64 8.33 -9.99 24.77
N TYR A 65 7.07 -10.38 24.67
CA TYR A 65 5.99 -9.42 24.45
C TYR A 65 5.94 -8.39 25.58
N VAL A 66 5.84 -8.89 26.81
CA VAL A 66 5.78 -8.01 27.98
C VAL A 66 6.93 -7.01 27.98
N LYS A 67 8.16 -7.53 27.92
CA LYS A 67 9.35 -6.69 27.90
C LYS A 67 9.35 -5.77 26.68
N ALA A 68 8.71 -6.23 25.61
CA ALA A 68 8.65 -5.45 24.37
C ALA A 68 7.61 -4.34 24.49
N ILE A 69 6.66 -4.52 25.39
CA ILE A 69 5.60 -3.53 25.59
C ILE A 69 6.13 -2.32 26.35
N ASP A 70 7.13 -2.54 27.19
CA ASP A 70 7.72 -1.46 27.98
C ASP A 70 8.69 -0.65 27.13
N ILE A 71 9.12 -1.22 26.01
CA ILE A 71 10.04 -0.54 25.11
C ILE A 71 9.34 -0.07 23.85
N TRP A 72 8.11 -0.54 23.66
CA TRP A 72 7.32 -0.17 22.49
C TRP A 72 6.27 0.89 22.85
N LEU A 73 6.30 1.34 24.10
CA LEU A 73 5.35 2.34 24.57
C LEU A 73 6.02 3.71 24.67
N ALA A 74 6.85 4.04 23.68
CA ALA A 74 7.53 5.31 23.66
C ALA A 74 8.39 5.46 22.41
N VAL A 75 8.95 4.34 21.95
CA VAL A 75 9.80 4.35 20.76
C VAL A 75 8.97 4.63 19.51
N CYS A 76 7.72 4.18 19.51
CA CYS A 76 6.83 4.38 18.38
C CYS A 76 6.22 5.77 18.41
N LEU A 77 6.00 6.30 19.62
CA LEU A 77 5.42 7.62 19.79
C LEU A 77 6.48 8.70 19.60
N LEU A 78 7.74 8.32 19.76
CA LEU A 78 8.84 9.27 19.61
C LEU A 78 9.43 9.20 18.21
N PHE A 79 9.36 8.02 17.60
CA PHE A 79 9.88 7.82 16.26
C PHE A 79 9.06 8.59 15.23
N VAL A 80 7.73 8.57 15.41
CA VAL A 80 6.83 9.25 14.50
C VAL A 80 6.58 10.69 14.95
N PHE A 81 7.09 11.03 16.13
CA PHE A 81 6.92 12.36 16.68
C PHE A 81 7.91 13.34 16.03
N SER A 82 9.12 12.88 15.78
CA SER A 82 10.15 13.71 15.17
C SER A 82 9.96 13.79 13.65
N ALA A 83 9.40 12.72 13.08
CA ALA A 83 9.16 12.67 11.64
C ALA A 83 8.06 13.65 11.24
N LEU A 84 7.06 13.79 12.09
CA LEU A 84 5.95 14.71 11.81
C LEU A 84 6.38 16.15 12.00
N LEU A 85 7.24 16.40 12.97
CA LEU A 85 7.73 17.75 13.26
C LEU A 85 8.25 18.41 11.98
N GLU A 86 8.94 17.63 11.15
CA GLU A 86 9.49 18.14 9.90
C GLU A 86 8.47 18.04 8.79
N TYR A 87 7.78 16.91 8.70
CA TYR A 87 6.77 16.69 7.67
C TYR A 87 5.68 17.76 7.74
N ALA A 88 5.58 18.40 8.90
CA ALA A 88 4.57 19.45 9.11
C ALA A 88 5.22 20.82 9.23
N ALA A 89 6.54 20.84 9.42
CA ALA A 89 7.28 22.08 9.55
C ALA A 89 7.21 22.89 8.26
N VAL A 90 7.18 22.20 7.13
CA VAL A 90 7.12 22.86 5.84
C VAL A 90 5.98 23.88 5.79
N ASN A 91 4.86 23.53 6.42
CA ASN A 91 3.70 24.41 6.45
C ASN A 91 3.81 25.42 7.59
N PHE A 92 4.65 25.10 8.57
CA PHE A 92 4.85 25.97 9.72
C PHE A 92 5.79 27.12 9.37
N VAL A 93 6.31 27.09 8.14
CA VAL A 93 7.23 28.13 7.69
C VAL A 93 6.63 29.52 7.84
N SER A 94 5.31 29.61 7.67
CA SER A 94 4.60 30.88 7.80
C SER A 94 4.76 31.45 9.21
N ARG A 95 5.15 30.59 10.14
CA ARG A 95 5.33 31.01 11.52
C ARG A 95 6.27 32.21 11.61
N GLN A 96 7.16 32.32 10.63
CA GLN A 96 8.12 33.42 10.59
C GLN A 96 9.03 33.39 11.82
N ARG A 97 9.28 32.19 12.33
CA ARG A 97 10.13 32.02 13.51
C ARG A 97 11.47 32.74 13.32
N GLU A 98 11.92 32.81 12.07
CA GLU A 98 13.19 33.48 11.75
C GLU A 98 13.47 33.42 10.26
N PHE A 99 13.06 32.33 9.62
CA PHE A 99 13.28 32.16 8.19
C PHE A 99 12.77 33.36 7.41
N GLY A 100 11.73 34.01 7.95
CA GLY A 100 11.17 35.18 7.30
C GLY A 100 10.46 34.82 6.00
N GLY A 101 9.29 35.42 5.78
CA GLY A 101 8.54 35.16 4.57
C GLY A 101 9.30 35.53 3.31
N GLY A 102 10.34 36.34 3.48
CA GLY A 102 11.13 36.76 2.33
C GLY A 102 12.33 35.85 2.09
N GLY A 103 12.15 34.56 2.34
CA GLY A 103 13.23 33.61 2.14
C GLY A 103 12.74 32.29 1.60
N PHE A 104 11.60 32.31 0.92
CA PHE A 104 11.02 31.09 0.35
C PHE A 104 11.66 30.76 -0.99
N ILE A 105 12.13 31.79 -1.68
CA ILE A 105 12.76 31.62 -2.99
C ILE A 105 14.01 30.75 -2.87
N GLN A 106 14.55 30.66 -1.67
CA GLN A 106 15.75 29.86 -1.43
C GLN A 106 15.43 28.67 -0.53
N ARG A 107 14.14 28.42 -0.31
CA ARG A 107 13.71 27.31 0.53
C ARG A 107 14.22 25.98 -0.02
N ALA A 108 14.03 25.78 -1.32
CA ALA A 108 14.47 24.55 -1.98
C ALA A 108 15.94 24.25 -1.66
N LYS A 109 16.73 25.31 -1.53
CA LYS A 109 18.15 25.16 -1.23
C LYS A 109 18.37 24.84 0.24
N LYS A 110 17.91 23.66 0.65
CA LYS A 110 18.04 23.21 2.04
C LYS A 110 19.51 23.27 2.48
N ILE A 111 19.73 23.74 3.70
CA ILE A 111 21.08 23.83 4.24
C ILE A 111 21.49 22.55 4.95
N ASP A 112 20.76 21.47 4.66
CA ASP A 112 21.04 20.17 5.26
C ASP A 112 21.13 20.28 6.78
N LYS A 113 20.28 21.13 7.35
CA LYS A 113 20.26 21.34 8.80
C LYS A 113 19.56 20.18 9.50
N ILE A 114 18.98 19.28 8.71
CA ILE A 114 18.28 18.12 9.25
C ILE A 114 19.26 17.00 9.60
N SER A 115 20.44 17.05 8.99
CA SER A 115 21.46 16.04 9.24
C SER A 115 22.16 16.28 10.57
N ARG A 116 21.84 17.42 11.20
CA ARG A 116 22.45 17.77 12.47
C ARG A 116 21.76 17.03 13.63
N ILE A 117 20.61 16.41 13.33
CA ILE A 117 19.86 15.68 14.33
C ILE A 117 19.83 14.18 14.00
N GLY A 118 19.69 13.87 12.72
CA GLY A 118 19.66 12.47 12.31
C GLY A 118 20.96 11.75 12.57
N PHE A 119 22.07 12.40 12.21
CA PHE A 119 23.39 11.81 12.41
C PHE A 119 23.56 11.32 13.84
N PRO A 120 23.43 12.25 14.81
CA PRO A 120 23.56 11.93 16.23
C PRO A 120 22.41 11.09 16.75
N LEU A 121 21.35 10.98 15.95
CA LEU A 121 20.17 10.21 16.33
C LEU A 121 20.37 8.72 16.01
N ALA A 122 21.11 8.46 14.93
CA ALA A 122 21.38 7.08 14.51
C ALA A 122 22.49 6.46 15.37
N PHE A 123 23.47 7.27 15.75
CA PHE A 123 24.58 6.80 16.56
C PHE A 123 24.13 6.55 18.00
N LEU A 124 23.19 7.35 18.47
CA LEU A 124 22.68 7.22 19.83
C LEU A 124 21.89 5.93 19.98
N ILE A 125 21.08 5.60 18.97
CA ILE A 125 20.27 4.39 19.00
C ILE A 125 21.14 3.15 18.83
N PHE A 126 22.07 3.22 17.89
CA PHE A 126 22.96 2.09 17.62
C PHE A 126 23.77 1.74 18.87
N ASN A 127 24.16 2.75 19.62
CA ASN A 127 24.94 2.56 20.84
C ASN A 127 24.03 2.31 22.04
N LEU A 128 22.75 2.65 21.88
CA LEU A 128 21.78 2.45 22.95
C LEU A 128 21.29 1.01 22.99
N PHE A 129 21.29 0.36 21.84
CA PHE A 129 20.84 -1.03 21.74
C PHE A 129 22.03 -1.99 21.82
N TYR A 130 23.21 -1.46 21.52
CA TYR A 130 24.43 -2.27 21.54
C TYR A 130 24.99 -2.37 22.96
N TRP A 131 24.86 -1.27 23.71
CA TRP A 131 25.36 -1.22 25.08
C TRP A 131 24.34 -1.83 26.04
N ILE A 132 23.06 -1.74 25.67
CA ILE A 132 21.99 -2.27 26.51
C ILE A 132 21.88 -3.79 26.36
N ILE A 133 22.24 -4.29 25.18
CA ILE A 133 22.19 -5.72 24.92
C ILE A 133 23.36 -6.45 25.57
N TYR A 134 24.53 -5.83 25.53
CA TYR A 134 25.73 -6.41 26.11
C TYR A 134 25.78 -6.16 27.62
N LYS A 135 24.86 -5.34 28.11
CA LYS A 135 24.80 -5.02 29.53
C LYS A 135 23.69 -5.81 30.22
N ILE A 136 22.53 -5.90 29.56
CA ILE A 136 21.40 -6.63 30.11
C ILE A 136 21.78 -8.07 30.44
N VAL A 137 22.57 -8.68 29.56
CA VAL A 137 23.01 -10.05 29.75
C VAL A 137 23.82 -10.20 31.04
N ARG A 138 24.30 -9.07 31.55
CA ARG A 138 25.09 -9.07 32.77
C ARG A 138 24.23 -8.72 33.98
N ARG A 139 23.56 -7.57 33.92
CA ARG A 139 22.70 -7.13 35.01
C ARG A 139 21.61 -8.15 35.28
N GLU A 140 21.25 -8.91 34.26
CA GLU A 140 20.20 -9.93 34.39
C GLU A 140 20.80 -11.26 34.86
N ASP A 141 22.12 -11.31 34.94
CA ASP A 141 22.80 -12.52 35.38
C ASP A 141 22.46 -13.70 34.48
N GLU A 142 22.48 -13.46 33.17
CA GLU A 142 22.17 -14.51 32.20
C GLU A 142 23.42 -15.29 31.82
N PHE A 143 24.42 -14.57 31.32
CA PHE A 143 25.68 -15.21 30.92
C PHE A 143 26.24 -16.07 32.03
N GLU A 144 26.01 -15.65 33.27
CA GLU A 144 26.50 -16.39 34.44
C GLU A 144 25.51 -17.47 34.84
N HIS A 145 24.24 -17.26 34.52
CA HIS A 145 23.19 -18.22 34.86
C HIS A 145 23.51 -19.59 34.26
N HIS A 146 22.87 -20.62 34.81
CA HIS A 146 23.09 -21.99 34.33
C HIS A 146 22.21 -22.97 35.11
N HIS A 147 22.13 -22.78 36.42
CA HIS A 147 21.34 -23.66 37.28
C HIS A 147 19.89 -23.70 36.79
N HIS A 148 19.35 -22.55 36.44
CA HIS A 148 17.97 -22.45 35.96
C HIS A 148 17.73 -23.45 34.82
N HIS A 149 16.47 -23.81 34.63
CA HIS A 149 16.10 -24.75 33.57
C HIS A 149 16.65 -24.30 32.23
N HIS A 150 16.26 -23.11 31.80
CA HIS A 150 16.72 -22.56 30.53
C HIS A 150 16.14 -21.16 30.30
N MET B 1 11.39 -35.96 3.31
CA MET B 1 11.20 -34.51 3.27
C MET B 1 11.87 -33.91 2.03
N LEU B 2 11.20 -32.95 1.42
CA LEU B 2 11.73 -32.29 0.23
C LEU B 2 12.36 -30.94 0.59
N GLU B 3 12.80 -30.82 1.84
CA GLU B 3 13.42 -29.58 2.31
C GLU B 3 14.71 -29.31 1.55
N ARG B 4 15.52 -30.34 1.38
CA ARG B 4 16.80 -30.22 0.67
C ARG B 4 16.58 -30.24 -0.84
N GLN B 5 15.37 -30.62 -1.25
CA GLN B 5 15.03 -30.69 -2.67
C GLN B 5 14.15 -29.52 -3.08
N LEU B 6 14.10 -28.50 -2.25
CA LEU B 6 13.29 -27.32 -2.52
C LEU B 6 14.04 -26.33 -3.39
N GLY B 7 15.37 -26.32 -3.27
CA GLY B 7 16.18 -25.41 -4.05
C GLY B 7 15.89 -25.49 -5.52
N TYR B 8 15.40 -26.65 -5.98
CA TYR B 8 15.07 -26.85 -7.38
C TYR B 8 13.96 -25.90 -7.82
N TYR B 9 12.95 -25.75 -6.98
CA TYR B 9 11.83 -24.88 -7.28
C TYR B 9 12.22 -23.42 -7.12
N LEU B 10 13.23 -23.17 -6.31
CA LEU B 10 13.71 -21.81 -6.07
C LEU B 10 14.59 -21.33 -7.22
N ILE B 11 15.23 -22.27 -7.91
CA ILE B 11 16.10 -21.95 -9.03
C ILE B 11 15.29 -21.48 -10.24
N GLN B 12 14.35 -22.31 -10.67
CA GLN B 12 13.50 -21.98 -11.80
C GLN B 12 12.60 -20.79 -11.49
N LEU B 13 12.33 -20.59 -10.20
CA LEU B 13 11.48 -19.49 -9.76
C LEU B 13 12.29 -18.20 -9.60
N TYR B 14 13.59 -18.35 -9.41
CA TYR B 14 14.48 -17.20 -9.24
C TYR B 14 14.77 -16.54 -10.58
N ILE B 15 14.77 -17.34 -11.65
CA ILE B 15 15.05 -16.84 -12.99
C ILE B 15 14.19 -15.62 -13.30
N PRO B 16 12.85 -15.80 -13.22
CA PRO B 16 11.90 -14.73 -13.49
C PRO B 16 11.92 -13.64 -12.41
N SER B 17 12.03 -14.06 -11.16
CA SER B 17 12.06 -13.13 -10.04
C SER B 17 13.26 -12.21 -10.12
N LEU B 18 14.32 -12.68 -10.79
CA LEU B 18 15.54 -11.90 -10.95
C LEU B 18 15.46 -11.02 -12.18
N LEU B 19 14.76 -11.49 -13.21
CA LEU B 19 14.60 -10.73 -14.45
C LEU B 19 13.76 -9.48 -14.22
N ILE B 20 12.64 -9.65 -13.51
CA ILE B 20 11.75 -8.53 -13.22
C ILE B 20 12.42 -7.52 -12.31
N VAL B 21 13.30 -8.00 -11.44
CA VAL B 21 14.02 -7.13 -10.52
C VAL B 21 15.00 -6.23 -11.26
N ILE B 22 15.74 -6.82 -12.19
CA ILE B 22 16.72 -6.06 -12.97
C ILE B 22 16.06 -4.91 -13.71
N LEU B 23 14.86 -5.17 -14.25
CA LEU B 23 14.13 -4.15 -14.99
C LEU B 23 13.70 -3.02 -14.07
N SER B 24 13.49 -3.34 -12.80
CA SER B 24 13.07 -2.35 -11.81
C SER B 24 14.07 -1.19 -11.75
N TRP B 25 15.36 -1.52 -11.68
CA TRP B 25 16.40 -0.51 -11.61
C TRP B 25 16.42 0.33 -12.89
N ILE B 26 16.34 -0.33 -14.04
CA ILE B 26 16.35 0.36 -15.31
C ILE B 26 15.32 1.49 -15.34
N SER B 27 14.24 1.31 -14.58
CA SER B 27 13.18 2.30 -14.52
C SER B 27 13.34 3.18 -13.28
N PHE B 28 14.05 2.68 -12.28
CA PHE B 28 14.27 3.42 -11.05
C PHE B 28 14.93 4.77 -11.35
N TRP B 29 15.67 4.84 -12.44
CA TRP B 29 16.35 6.07 -12.83
C TRP B 29 15.37 7.24 -12.85
N ILE B 30 14.32 7.13 -13.64
CA ILE B 30 13.31 8.17 -13.74
C ILE B 30 12.38 8.16 -12.54
N ASN B 31 12.11 6.96 -12.03
CA ASN B 31 11.23 6.81 -10.87
C ASN B 31 11.86 7.42 -9.62
N LEU B 32 13.13 7.79 -9.73
CA LEU B 32 13.86 8.37 -8.61
C LEU B 32 13.05 9.51 -7.98
N ASP B 33 12.19 10.13 -8.78
CA ASP B 33 11.36 11.23 -8.30
C ASP B 33 10.14 11.42 -9.19
N ALA B 34 10.35 11.27 -10.51
CA ALA B 34 9.26 11.42 -11.47
C ALA B 34 8.09 10.51 -11.13
N ALA B 35 8.38 9.25 -10.84
CA ALA B 35 7.34 8.29 -10.50
C ALA B 35 7.91 7.15 -9.67
N PRO B 36 8.30 7.45 -8.42
CA PRO B 36 8.87 6.45 -7.51
C PRO B 36 7.83 5.43 -7.04
N ALA B 37 6.57 5.66 -7.42
CA ALA B 37 5.49 4.76 -7.04
C ALA B 37 5.77 3.33 -7.52
N ARG B 38 6.39 3.22 -8.69
CA ARG B 38 6.71 1.92 -9.27
C ARG B 38 7.90 1.30 -8.55
N VAL B 39 8.87 2.12 -8.16
CA VAL B 39 10.06 1.65 -7.47
C VAL B 39 9.69 1.02 -6.13
N GLY B 40 8.68 1.58 -5.47
CA GLY B 40 8.25 1.06 -4.18
C GLY B 40 7.47 -0.22 -4.31
N LEU B 41 6.84 -0.42 -5.46
CA LEU B 41 6.04 -1.63 -5.71
C LEU B 41 6.94 -2.77 -6.19
N GLY B 42 7.96 -2.43 -6.97
CA GLY B 42 8.87 -3.43 -7.48
C GLY B 42 9.78 -4.00 -6.40
N ILE B 43 10.17 -3.15 -5.45
CA ILE B 43 11.04 -3.57 -4.37
C ILE B 43 10.28 -4.44 -3.36
N THR B 44 8.99 -4.18 -3.21
CA THR B 44 8.16 -4.94 -2.28
C THR B 44 7.62 -6.20 -2.95
N THR B 45 7.55 -6.19 -4.28
CA THR B 45 7.05 -7.32 -5.03
C THR B 45 8.05 -8.47 -5.04
N VAL B 46 9.34 -8.12 -5.01
CA VAL B 46 10.40 -9.12 -5.02
C VAL B 46 10.53 -9.79 -3.66
N LEU B 47 10.31 -9.02 -2.60
CA LEU B 47 10.40 -9.54 -1.25
C LEU B 47 9.11 -10.27 -0.86
N THR B 48 8.03 -9.94 -1.53
CA THR B 48 6.73 -10.56 -1.26
C THR B 48 6.52 -11.79 -2.13
N LEU B 49 7.23 -11.84 -3.26
CA LEU B 49 7.12 -12.97 -4.18
C LEU B 49 7.98 -14.13 -3.72
N THR B 50 9.05 -13.83 -2.99
CA THR B 50 9.95 -14.85 -2.49
C THR B 50 9.46 -15.41 -1.16
N THR B 51 8.99 -14.52 -0.28
CA THR B 51 8.50 -14.93 1.02
C THR B 51 7.18 -15.70 0.90
N GLN B 52 6.44 -15.42 -0.17
CA GLN B 52 5.16 -16.09 -0.41
C GLN B 52 5.37 -17.38 -1.19
N SER B 53 6.52 -17.51 -1.81
CA SER B 53 6.84 -18.71 -2.60
C SER B 53 7.05 -19.91 -1.69
N SER B 54 7.14 -19.66 -0.40
CA SER B 54 7.34 -20.72 0.58
C SER B 54 6.29 -20.66 1.68
N GLY B 55 5.07 -20.32 1.31
CA GLY B 55 3.99 -20.23 2.27
C GLY B 55 3.30 -21.57 2.51
N SER B 56 3.47 -22.49 1.57
CA SER B 56 2.86 -23.81 1.68
C SER B 56 3.44 -24.59 2.85
N ARG B 57 4.74 -24.44 3.05
CA ARG B 57 5.43 -25.13 4.13
C ARG B 57 5.26 -26.64 4.03
N ALA B 58 4.89 -27.10 2.83
CA ALA B 58 4.68 -28.53 2.60
C ALA B 58 5.99 -29.21 2.23
N SER B 59 6.96 -28.42 1.78
CA SER B 59 8.26 -28.97 1.39
C SER B 59 9.27 -28.80 2.51
N LEU B 60 8.80 -28.36 3.67
CA LEU B 60 9.67 -28.16 4.83
C LEU B 60 10.75 -27.13 4.52
N PRO B 61 10.35 -25.85 4.46
CA PRO B 61 11.27 -24.76 4.18
C PRO B 61 12.23 -24.49 5.33
N LYS B 62 12.04 -25.22 6.43
CA LYS B 62 12.89 -25.06 7.60
C LYS B 62 14.36 -25.08 7.21
N VAL B 63 14.79 -26.15 6.54
CA VAL B 63 16.18 -26.28 6.11
C VAL B 63 16.60 -25.08 5.25
N SER B 64 15.85 -24.86 4.17
CA SER B 64 16.15 -23.75 3.26
C SER B 64 16.23 -22.43 4.02
N TYR B 65 15.51 -22.35 5.14
CA TYR B 65 15.51 -21.14 5.94
C TYR B 65 16.91 -20.80 6.44
N VAL B 66 17.54 -21.76 7.10
CA VAL B 66 18.89 -21.56 7.62
C VAL B 66 19.83 -21.06 6.53
N LYS B 67 19.92 -21.81 5.44
CA LYS B 67 20.79 -21.44 4.32
C LYS B 67 20.35 -20.11 3.73
N ALA B 68 19.06 -19.79 3.84
CA ALA B 68 18.53 -18.55 3.32
C ALA B 68 18.87 -17.37 4.23
N ILE B 69 19.13 -17.68 5.50
CA ILE B 69 19.47 -16.65 6.48
C ILE B 69 20.88 -16.14 6.28
N ASP B 70 21.76 -17.01 5.77
CA ASP B 70 23.14 -16.65 5.52
C ASP B 70 23.28 -15.85 4.23
N ILE B 71 22.26 -15.92 3.38
CA ILE B 71 22.26 -15.19 2.12
C ILE B 71 21.31 -14.00 2.17
N TRP B 72 20.49 -13.95 3.22
CA TRP B 72 19.54 -12.86 3.38
C TRP B 72 20.03 -11.86 4.42
N LEU B 73 21.23 -12.09 4.93
CA LEU B 73 21.82 -11.20 5.93
C LEU B 73 22.88 -10.30 5.30
N ALA B 74 22.59 -9.78 4.12
CA ALA B 74 23.51 -8.90 3.42
C ALA B 74 22.93 -8.43 2.09
N VAL B 75 22.16 -9.31 1.44
CA VAL B 75 21.54 -8.99 0.16
C VAL B 75 20.47 -7.92 0.32
N CYS B 76 19.78 -7.95 1.46
CA CYS B 76 18.72 -6.99 1.75
C CYS B 76 19.30 -5.67 2.24
N LEU B 77 20.43 -5.76 2.94
CA LEU B 77 21.09 -4.57 3.47
C LEU B 77 21.92 -3.87 2.39
N LEU B 78 22.26 -4.61 1.34
CA LEU B 78 23.05 -4.07 0.25
C LEU B 78 22.14 -3.62 -0.90
N PHE B 79 21.01 -4.29 -1.04
CA PHE B 79 20.05 -3.98 -2.10
C PHE B 79 19.40 -2.61 -1.85
N VAL B 80 19.07 -2.34 -0.59
CA VAL B 80 18.45 -1.08 -0.21
C VAL B 80 19.49 -0.04 0.14
N PHE B 81 20.75 -0.45 0.19
CA PHE B 81 21.85 0.45 0.52
C PHE B 81 22.24 1.30 -0.70
N SER B 82 22.20 0.68 -1.88
CA SER B 82 22.56 1.37 -3.12
C SER B 82 21.38 2.21 -3.62
N ALA B 83 20.17 1.75 -3.32
CA ALA B 83 18.97 2.46 -3.75
C ALA B 83 18.82 3.78 -3.00
N LEU B 84 19.19 3.79 -1.73
CA LEU B 84 19.08 4.98 -0.90
C LEU B 84 20.18 5.99 -1.27
N LEU B 85 21.35 5.48 -1.62
CA LEU B 85 22.48 6.32 -2.00
C LEU B 85 22.06 7.33 -3.07
N GLU B 86 21.24 6.88 -4.02
CA GLU B 86 20.77 7.74 -5.09
C GLU B 86 19.50 8.48 -4.68
N TYR B 87 18.59 7.77 -4.03
CA TYR B 87 17.33 8.35 -3.59
C TYR B 87 17.58 9.52 -2.63
N ALA B 88 18.78 9.56 -2.07
CA ALA B 88 19.16 10.62 -1.14
C ALA B 88 20.21 11.54 -1.74
N ALA B 89 20.85 11.08 -2.82
CA ALA B 89 21.88 11.85 -3.49
C ALA B 89 21.29 13.14 -4.07
N VAL B 90 20.03 13.08 -4.48
CA VAL B 90 19.36 14.24 -5.07
C VAL B 90 19.53 15.47 -4.18
N ASN B 91 19.42 15.26 -2.87
CA ASN B 91 19.57 16.36 -1.90
C ASN B 91 21.03 16.58 -1.56
N PHE B 92 21.86 15.59 -1.81
CA PHE B 92 23.29 15.68 -1.52
C PHE B 92 24.00 16.54 -2.56
N VAL B 93 23.26 16.97 -3.59
CA VAL B 93 23.81 17.80 -4.64
C VAL B 93 24.49 19.04 -4.06
N SER B 94 23.92 19.56 -2.99
CA SER B 94 24.47 20.76 -2.34
C SER B 94 25.91 20.52 -1.89
N ARG B 95 26.28 19.25 -1.78
CA ARG B 95 27.63 18.89 -1.35
C ARG B 95 28.68 19.57 -2.23
N GLN B 96 28.28 19.90 -3.45
CA GLN B 96 29.19 20.55 -4.39
C GLN B 96 30.42 19.69 -4.65
N ARG B 97 30.23 18.37 -4.59
CA ARG B 97 31.32 17.43 -4.82
C ARG B 97 32.04 17.74 -6.13
N GLU B 98 31.29 18.27 -7.10
CA GLU B 98 31.84 18.60 -8.40
C GLU B 98 30.77 19.18 -9.32
N PHE B 99 29.56 18.69 -9.18
CA PHE B 99 28.44 19.16 -10.00
C PHE B 99 28.34 20.68 -9.95
N GLY B 100 28.74 21.26 -8.83
CA GLY B 100 28.68 22.70 -8.67
C GLY B 100 27.26 23.22 -8.59
N GLY B 101 27.03 24.16 -7.68
CA GLY B 101 25.70 24.72 -7.51
C GLY B 101 25.20 25.42 -8.77
N GLY B 102 26.13 25.71 -9.67
CA GLY B 102 25.76 26.38 -10.91
C GLY B 102 25.49 25.41 -12.04
N GLY B 103 24.91 24.26 -11.70
CA GLY B 103 24.60 23.26 -12.71
C GLY B 103 23.29 22.54 -12.43
N PHE B 104 22.40 23.21 -11.71
CA PHE B 104 21.10 22.63 -11.38
C PHE B 104 20.12 22.81 -12.53
N ILE B 105 20.32 23.87 -13.30
CA ILE B 105 19.44 24.16 -14.44
C ILE B 105 19.47 23.03 -15.46
N GLN B 106 20.53 22.24 -15.42
CA GLN B 106 20.68 21.12 -16.34
C GLN B 106 20.61 19.78 -15.61
N ARG B 107 20.19 19.84 -14.34
CA ARG B 107 20.08 18.63 -13.52
C ARG B 107 19.11 17.64 -14.14
N ALA B 108 17.93 18.14 -14.55
CA ALA B 108 16.92 17.29 -15.16
C ALA B 108 17.50 16.48 -16.31
N LYS B 109 18.45 17.07 -17.03
CA LYS B 109 19.09 16.40 -18.16
C LYS B 109 20.10 15.36 -17.68
N LYS B 110 19.60 14.31 -17.03
CA LYS B 110 20.46 13.25 -16.52
C LYS B 110 21.31 12.66 -17.63
N ILE B 111 22.60 12.47 -17.35
CA ILE B 111 23.53 11.92 -18.32
C ILE B 111 23.43 10.40 -18.36
N ASP B 112 22.49 9.84 -17.61
CA ASP B 112 22.29 8.41 -17.56
C ASP B 112 23.52 7.71 -16.98
N LYS B 113 24.18 8.37 -16.05
CA LYS B 113 25.37 7.82 -15.42
C LYS B 113 25.00 6.71 -14.43
N ILE B 114 23.71 6.55 -14.20
CA ILE B 114 23.22 5.53 -13.29
C ILE B 114 23.21 4.15 -13.94
N SER B 115 23.19 4.14 -15.27
CA SER B 115 23.19 2.89 -16.02
C SER B 115 24.57 2.27 -16.07
N ARG B 116 25.57 3.01 -15.57
CA ARG B 116 26.94 2.53 -15.55
C ARG B 116 27.17 1.59 -14.38
N ILE B 117 26.20 1.53 -13.47
CA ILE B 117 26.30 0.66 -12.30
C ILE B 117 25.24 -0.42 -12.33
N GLY B 118 24.03 -0.06 -12.76
CA GLY B 118 22.95 -1.02 -12.84
C GLY B 118 23.20 -2.11 -13.86
N PHE B 119 23.67 -1.71 -15.04
CA PHE B 119 23.96 -2.67 -16.11
C PHE B 119 24.84 -3.81 -15.59
N PRO B 120 26.03 -3.45 -15.09
CA PRO B 120 26.99 -4.42 -14.57
C PRO B 120 26.52 -5.05 -13.26
N LEU B 121 25.49 -4.45 -12.66
CA LEU B 121 24.95 -4.95 -11.40
C LEU B 121 23.96 -6.08 -11.65
N ALA B 122 23.26 -6.01 -12.77
CA ALA B 122 22.27 -7.04 -13.12
C ALA B 122 22.96 -8.27 -13.70
N PHE B 123 24.03 -8.05 -14.45
CA PHE B 123 24.77 -9.14 -15.06
C PHE B 123 25.58 -9.91 -14.02
N LEU B 124 26.05 -9.19 -13.01
CA LEU B 124 26.84 -9.80 -11.94
C LEU B 124 25.98 -10.72 -11.09
N ILE B 125 24.75 -10.29 -10.80
CA ILE B 125 23.84 -11.08 -10.00
C ILE B 125 23.32 -12.29 -10.79
N PHE B 126 22.95 -12.05 -12.04
CA PHE B 126 22.44 -13.12 -12.90
C PHE B 126 23.48 -14.23 -13.05
N ASN B 127 24.75 -13.84 -13.12
CA ASN B 127 25.83 -14.82 -13.27
C ASN B 127 26.30 -15.33 -11.91
N LEU B 128 25.92 -14.61 -10.86
CA LEU B 128 26.29 -15.00 -9.49
C LEU B 128 25.37 -16.08 -8.97
N PHE B 129 24.13 -16.07 -9.43
CA PHE B 129 23.14 -17.07 -9.01
C PHE B 129 23.08 -18.23 -9.99
N TYR B 130 23.55 -18.00 -11.21
CA TYR B 130 23.53 -19.02 -12.25
C TYR B 130 24.76 -19.93 -12.12
N TRP B 131 25.89 -19.34 -11.74
CA TRP B 131 27.13 -20.09 -11.58
C TRP B 131 27.18 -20.75 -10.20
N ILE B 132 26.52 -20.15 -9.23
CA ILE B 132 26.49 -20.68 -7.87
C ILE B 132 25.51 -21.85 -7.76
N ILE B 133 24.46 -21.82 -8.57
CA ILE B 133 23.45 -22.87 -8.55
C ILE B 133 23.96 -24.11 -9.29
N TYR B 134 24.68 -23.90 -10.38
CA TYR B 134 25.21 -25.00 -11.17
C TYR B 134 26.51 -25.52 -10.56
N LYS B 135 27.01 -24.81 -9.57
CA LYS B 135 28.25 -25.20 -8.90
C LYS B 135 27.96 -25.88 -7.56
N ILE B 136 27.02 -25.31 -6.81
CA ILE B 136 26.65 -25.85 -5.52
C ILE B 136 26.23 -27.32 -5.64
N VAL B 137 25.50 -27.64 -6.69
CA VAL B 137 25.04 -29.00 -6.93
C VAL B 137 26.22 -29.96 -7.08
N ARG B 138 27.40 -29.40 -7.35
CA ARG B 138 28.61 -30.20 -7.52
C ARG B 138 29.42 -30.24 -6.22
N ARG B 139 29.77 -29.06 -5.72
CA ARG B 139 30.55 -28.95 -4.49
C ARG B 139 29.82 -29.63 -3.33
N GLU B 140 28.50 -29.69 -3.42
CA GLU B 140 27.69 -30.31 -2.37
C GLU B 140 27.53 -31.80 -2.62
N ASP B 141 28.00 -32.26 -3.78
CA ASP B 141 27.91 -33.66 -4.14
C ASP B 141 26.46 -34.13 -4.15
N GLU B 142 25.59 -33.32 -4.77
CA GLU B 142 24.18 -33.65 -4.85
C GLU B 142 23.88 -34.48 -6.10
N PHE B 143 24.24 -33.93 -7.26
CA PHE B 143 24.01 -34.60 -8.53
C PHE B 143 24.59 -36.02 -8.50
N GLU B 144 25.67 -36.19 -7.76
CA GLU B 144 26.33 -37.49 -7.66
C GLU B 144 25.72 -38.31 -6.51
N HIS B 145 25.13 -37.62 -5.55
CA HIS B 145 24.51 -38.28 -4.41
C HIS B 145 23.40 -39.22 -4.86
N HIS B 146 23.06 -40.19 -4.02
CA HIS B 146 22.01 -41.15 -4.33
C HIS B 146 21.77 -42.09 -3.16
N HIS B 147 22.84 -42.53 -2.52
CA HIS B 147 22.74 -43.44 -1.38
C HIS B 147 21.84 -42.84 -0.29
N HIS B 148 22.02 -41.56 -0.03
CA HIS B 148 21.25 -40.86 0.99
C HIS B 148 19.75 -41.09 0.76
N HIS B 149 18.97 -40.93 1.82
CA HIS B 149 17.53 -41.12 1.75
C HIS B 149 16.93 -40.26 0.63
N HIS B 150 17.12 -38.95 0.72
CA HIS B 150 16.61 -38.03 -0.28
C HIS B 150 17.53 -37.98 -1.50
N MET C 1 -12.26 -32.73 -5.57
CA MET C 1 -12.63 -33.52 -6.73
C MET C 1 -13.00 -32.63 -7.91
N LEU C 2 -13.17 -31.34 -7.63
CA LEU C 2 -13.53 -30.39 -8.67
C LEU C 2 -12.30 -29.61 -9.15
N GLU C 3 -11.14 -30.22 -8.99
CA GLU C 3 -9.89 -29.59 -9.41
C GLU C 3 -9.88 -29.36 -10.92
N ARG C 4 -10.28 -30.38 -11.67
CA ARG C 4 -10.32 -30.30 -13.12
C ARG C 4 -11.56 -29.56 -13.60
N GLN C 5 -12.49 -29.32 -12.68
CA GLN C 5 -13.72 -28.62 -13.00
C GLN C 5 -13.71 -27.20 -12.44
N LEU C 6 -12.52 -26.72 -12.10
CA LEU C 6 -12.37 -25.38 -11.55
C LEU C 6 -12.22 -24.35 -12.66
N GLY C 7 -11.67 -24.78 -13.79
CA GLY C 7 -11.49 -23.89 -14.92
C GLY C 7 -12.76 -23.16 -15.30
N TYR C 8 -13.90 -23.78 -15.00
CA TYR C 8 -15.19 -23.20 -15.32
C TYR C 8 -15.40 -21.87 -14.57
N TYR C 9 -15.02 -21.87 -13.29
CA TYR C 9 -15.15 -20.67 -12.47
C TYR C 9 -14.10 -19.64 -12.83
N LEU C 10 -12.99 -20.11 -13.40
CA LEU C 10 -11.90 -19.22 -13.79
C LEU C 10 -12.21 -18.53 -15.11
N ILE C 11 -13.03 -19.17 -15.94
CA ILE C 11 -13.40 -18.62 -17.23
C ILE C 11 -14.35 -17.42 -17.06
N GLN C 12 -15.45 -17.65 -16.36
CA GLN C 12 -16.43 -16.59 -16.12
C GLN C 12 -15.85 -15.49 -15.24
N LEU C 13 -14.85 -15.85 -14.45
CA LEU C 13 -14.21 -14.91 -13.55
C LEU C 13 -13.10 -14.14 -14.27
N TYR C 14 -12.60 -14.72 -15.35
CA TYR C 14 -11.52 -14.09 -16.13
C TYR C 14 -12.08 -12.99 -17.02
N ILE C 15 -13.34 -13.16 -17.44
CA ILE C 15 -13.98 -12.19 -18.31
C ILE C 15 -13.85 -10.78 -17.74
N PRO C 16 -14.34 -10.58 -16.50
CA PRO C 16 -14.29 -9.29 -15.83
C PRO C 16 -12.86 -8.90 -15.43
N SER C 17 -12.11 -9.88 -14.94
CA SER C 17 -10.73 -9.64 -14.52
C SER C 17 -9.87 -9.17 -15.70
N LEU C 18 -10.29 -9.55 -16.90
CA LEU C 18 -9.56 -9.17 -18.12
C LEU C 18 -10.04 -7.82 -18.63
N LEU C 19 -11.32 -7.53 -18.44
CA LEU C 19 -11.91 -6.27 -18.88
C LEU C 19 -11.33 -5.09 -18.09
N ILE C 20 -11.27 -5.25 -16.77
CA ILE C 20 -10.74 -4.20 -15.91
C ILE C 20 -9.25 -3.99 -16.16
N VAL C 21 -8.55 -5.05 -16.53
CA VAL C 21 -7.13 -4.97 -16.81
C VAL C 21 -6.86 -4.14 -18.06
N ILE C 22 -7.63 -4.40 -19.10
CA ILE C 22 -7.47 -3.68 -20.37
C ILE C 22 -7.64 -2.18 -20.17
N LEU C 23 -8.60 -1.80 -19.32
CA LEU C 23 -8.85 -0.39 -19.05
C LEU C 23 -7.68 0.24 -18.32
N SER C 24 -6.96 -0.57 -17.55
CA SER C 24 -5.80 -0.10 -16.79
C SER C 24 -4.78 0.56 -17.72
N TRP C 25 -4.47 -0.12 -18.82
CA TRP C 25 -3.51 0.40 -19.79
C TRP C 25 -4.00 1.70 -20.41
N ILE C 26 -5.28 1.72 -20.81
CA ILE C 26 -5.87 2.90 -21.43
C ILE C 26 -5.63 4.14 -20.56
N SER C 27 -5.51 3.94 -19.26
CA SER C 27 -5.29 5.04 -18.33
C SER C 27 -3.81 5.15 -17.97
N PHE C 28 -3.08 4.05 -18.14
CA PHE C 28 -1.65 4.02 -17.85
C PHE C 28 -0.91 5.10 -18.63
N TRP C 29 -1.46 5.47 -19.77
CA TRP C 29 -0.84 6.49 -20.62
C TRP C 29 -0.54 7.75 -19.81
N ILE C 30 -1.57 8.33 -19.21
CA ILE C 30 -1.41 9.53 -18.41
C ILE C 30 -0.82 9.21 -17.04
N ASN C 31 -1.18 8.05 -16.50
CA ASN C 31 -0.68 7.62 -15.20
C ASN C 31 0.82 7.35 -15.26
N LEU C 32 1.38 7.35 -16.47
CA LEU C 32 2.80 7.11 -16.65
C LEU C 32 3.63 7.99 -15.71
N ASP C 33 3.07 9.13 -15.33
CA ASP C 33 3.75 10.05 -14.44
C ASP C 33 2.75 10.98 -13.75
N ALA C 34 1.74 11.41 -14.51
CA ALA C 34 0.72 12.30 -13.97
C ALA C 34 0.08 11.73 -12.71
N ALA C 35 -0.29 10.45 -12.78
CA ALA C 35 -0.91 9.77 -11.65
C ALA C 35 -0.71 8.26 -11.72
N PRO C 36 0.54 7.82 -11.54
CA PRO C 36 0.89 6.39 -11.59
C PRO C 36 0.32 5.62 -10.41
N ALA C 37 -0.28 6.34 -9.47
CA ALA C 37 -0.87 5.71 -8.28
C ALA C 37 -1.92 4.68 -8.66
N ARG C 38 -2.66 4.96 -9.73
CA ARG C 38 -3.69 4.06 -10.21
C ARG C 38 -3.09 2.86 -10.91
N VAL C 39 -2.01 3.09 -11.65
CA VAL C 39 -1.33 2.02 -12.38
C VAL C 39 -0.79 0.97 -11.42
N GLY C 40 -0.31 1.42 -10.26
CA GLY C 40 0.24 0.50 -9.28
C GLY C 40 -0.85 -0.29 -8.57
N LEU C 41 -2.05 0.27 -8.50
CA LEU C 41 -3.17 -0.39 -7.84
C LEU C 41 -3.86 -1.36 -8.79
N GLY C 42 -3.90 -1.01 -10.06
CA GLY C 42 -4.53 -1.86 -11.06
C GLY C 42 -3.71 -3.10 -11.36
N ILE C 43 -2.39 -2.95 -11.34
CA ILE C 43 -1.50 -4.08 -11.61
C ILE C 43 -1.47 -5.06 -10.45
N THR C 44 -1.66 -4.54 -9.23
CA THR C 44 -1.65 -5.37 -8.04
C THR C 44 -3.04 -5.95 -7.78
N THR C 45 -4.06 -5.30 -8.31
CA THR C 45 -5.44 -5.74 -8.13
C THR C 45 -5.74 -6.97 -8.98
N VAL C 46 -5.08 -7.07 -10.13
CA VAL C 46 -5.27 -8.20 -11.03
C VAL C 46 -4.56 -9.44 -10.50
N LEU C 47 -3.40 -9.24 -9.89
CA LEU C 47 -2.62 -10.34 -9.34
C LEU C 47 -3.17 -10.77 -7.98
N THR C 48 -3.88 -9.86 -7.31
CA THR C 48 -4.45 -10.14 -6.01
C THR C 48 -5.87 -10.70 -6.14
N LEU C 49 -6.51 -10.40 -7.26
CA LEU C 49 -7.87 -10.87 -7.52
C LEU C 49 -7.86 -12.30 -8.02
N THR C 50 -6.77 -12.70 -8.67
CA THR C 50 -6.64 -14.05 -9.21
C THR C 50 -6.11 -15.01 -8.15
N THR C 51 -5.12 -14.55 -7.39
CA THR C 51 -4.52 -15.36 -6.34
C THR C 51 -5.48 -15.57 -5.18
N GLN C 52 -6.39 -14.63 -5.01
CA GLN C 52 -7.38 -14.71 -3.92
C GLN C 52 -8.62 -15.47 -4.39
N SER C 53 -8.77 -15.61 -5.69
CA SER C 53 -9.91 -16.33 -6.26
C SER C 53 -9.82 -17.82 -5.99
N SER C 54 -8.65 -18.25 -5.51
CA SER C 54 -8.42 -19.66 -5.21
C SER C 54 -7.91 -19.84 -3.79
N GLY C 55 -8.44 -19.04 -2.87
CA GLY C 55 -8.01 -19.12 -1.48
C GLY C 55 -8.78 -20.18 -0.71
N SER C 56 -10.00 -20.48 -1.16
CA SER C 56 -10.83 -21.47 -0.50
C SER C 56 -10.15 -22.83 -0.48
N ARG C 57 -9.49 -23.18 -1.58
CA ARG C 57 -8.80 -24.45 -1.70
C ARG C 57 -9.77 -25.61 -1.51
N ALA C 58 -11.06 -25.34 -1.66
CA ALA C 58 -12.09 -26.36 -1.50
C ALA C 58 -12.29 -27.14 -2.80
N SER C 59 -11.88 -26.55 -3.90
CA SER C 59 -12.02 -27.18 -5.21
C SER C 59 -10.73 -27.86 -5.64
N LEU C 60 -9.77 -27.92 -4.72
CA LEU C 60 -8.48 -28.54 -4.99
C LEU C 60 -7.77 -27.85 -6.15
N PRO C 61 -7.25 -26.63 -5.88
CA PRO C 61 -6.53 -25.84 -6.88
C PRO C 61 -5.19 -26.44 -7.25
N LYS C 62 -4.82 -27.52 -6.56
CA LYS C 62 -3.56 -28.20 -6.83
C LYS C 62 -3.35 -28.43 -8.32
N VAL C 63 -4.30 -29.13 -8.93
CA VAL C 63 -4.23 -29.42 -10.36
C VAL C 63 -4.10 -28.14 -11.17
N SER C 64 -5.05 -27.23 -10.99
CA SER C 64 -5.04 -25.96 -11.72
C SER C 64 -3.70 -25.25 -11.53
N TYR C 65 -3.06 -25.49 -10.40
CA TYR C 65 -1.77 -24.87 -10.10
C TYR C 65 -0.74 -25.22 -11.17
N VAL C 66 -0.53 -26.51 -11.38
CA VAL C 66 0.43 -26.98 -12.36
C VAL C 66 0.20 -26.31 -13.73
N LYS C 67 -1.02 -26.45 -14.25
CA LYS C 67 -1.37 -25.85 -15.53
C LYS C 67 -1.23 -24.34 -15.49
N ALA C 68 -1.43 -23.76 -14.30
CA ALA C 68 -1.32 -22.32 -14.12
C ALA C 68 0.15 -21.89 -14.10
N ILE C 69 1.03 -22.80 -13.73
CA ILE C 69 2.45 -22.51 -13.66
C ILE C 69 3.06 -22.39 -15.05
N ASP C 70 2.50 -23.13 -16.00
CA ASP C 70 2.98 -23.11 -17.38
C ASP C 70 2.49 -21.85 -18.10
N ILE C 71 1.45 -21.23 -17.55
CA ILE C 71 0.89 -20.03 -18.15
C ILE C 71 1.26 -18.78 -17.33
N TRP C 72 1.82 -19.01 -16.15
CA TRP C 72 2.22 -17.91 -15.27
C TRP C 72 3.72 -17.71 -15.31
N LEU C 73 4.40 -18.46 -16.17
CA LEU C 73 5.85 -18.37 -16.30
C LEU C 73 6.23 -17.62 -17.58
N ALA C 74 5.51 -16.55 -17.86
CA ALA C 74 5.78 -15.74 -19.05
C ALA C 74 4.82 -14.56 -19.14
N VAL C 75 3.59 -14.77 -18.69
CA VAL C 75 2.57 -13.73 -18.73
C VAL C 75 2.93 -12.60 -17.76
N CYS C 76 3.53 -12.96 -16.63
CA CYS C 76 3.92 -11.98 -15.63
C CYS C 76 5.22 -11.28 -16.01
N LEU C 77 6.09 -12.01 -16.71
CA LEU C 77 7.38 -11.48 -17.14
C LEU C 77 7.21 -10.60 -18.37
N LEU C 78 6.14 -10.82 -19.11
CA LEU C 78 5.87 -10.05 -20.32
C LEU C 78 4.92 -8.89 -20.03
N PHE C 79 4.05 -9.08 -19.04
CA PHE C 79 3.10 -8.04 -18.66
C PHE C 79 3.81 -6.85 -18.03
N VAL C 80 4.83 -7.13 -17.21
CA VAL C 80 5.60 -6.08 -16.56
C VAL C 80 6.79 -5.66 -17.40
N PHE C 81 7.03 -6.39 -18.49
CA PHE C 81 8.14 -6.09 -19.37
C PHE C 81 7.80 -4.92 -20.30
N SER C 82 6.55 -4.87 -20.75
CA SER C 82 6.11 -3.80 -21.64
C SER C 82 5.79 -2.53 -20.85
N ALA C 83 5.35 -2.72 -19.60
CA ALA C 83 5.02 -1.59 -18.75
C ALA C 83 6.26 -0.80 -18.36
N LEU C 84 7.36 -1.51 -18.15
CA LEU C 84 8.62 -0.88 -17.76
C LEU C 84 9.24 -0.16 -18.95
N LEU C 85 9.10 -0.75 -20.13
CA LEU C 85 9.66 -0.17 -21.35
C LEU C 85 9.25 1.29 -21.49
N GLU C 86 8.01 1.59 -21.14
CA GLU C 86 7.49 2.95 -21.23
C GLU C 86 7.80 3.74 -19.96
N TYR C 87 7.58 3.09 -18.81
CA TYR C 87 7.83 3.72 -17.52
C TYR C 87 9.29 4.16 -17.41
N ALA C 88 10.14 3.57 -18.24
CA ALA C 88 11.56 3.89 -18.22
C ALA C 88 11.97 4.63 -19.50
N ALA C 89 11.10 4.60 -20.50
CA ALA C 89 11.35 5.27 -21.77
C ALA C 89 11.47 6.77 -21.58
N VAL C 90 10.67 7.32 -20.66
CA VAL C 90 10.69 8.75 -20.38
C VAL C 90 12.10 9.25 -20.15
N ASN C 91 12.91 8.43 -19.47
CA ASN C 91 14.29 8.80 -19.16
C ASN C 91 15.21 8.45 -20.33
N PHE C 92 14.75 7.53 -21.19
CA PHE C 92 15.54 7.11 -22.35
C PHE C 92 15.42 8.13 -23.48
N VAL C 93 14.62 9.17 -23.25
CA VAL C 93 14.43 10.22 -24.25
C VAL C 93 15.76 10.81 -24.69
N SER C 94 16.71 10.88 -23.75
CA SER C 94 18.03 11.43 -24.05
C SER C 94 18.73 10.60 -25.12
N ARG C 95 18.25 9.39 -25.34
CA ARG C 95 18.83 8.51 -26.34
C ARG C 95 18.91 9.20 -27.70
N GLN C 96 18.02 10.16 -27.92
CA GLN C 96 17.98 10.89 -29.19
C GLN C 96 17.72 9.94 -30.36
N ARG C 97 16.98 8.87 -30.09
CA ARG C 97 16.66 7.89 -31.12
C ARG C 97 16.08 8.58 -32.36
N GLU C 98 15.38 9.69 -32.14
CA GLU C 98 14.76 10.42 -33.23
C GLU C 98 14.02 11.65 -32.71
N PHE C 99 13.43 11.51 -31.52
CA PHE C 99 12.69 12.61 -30.92
C PHE C 99 13.52 13.88 -30.88
N GLY C 100 14.84 13.72 -30.78
CA GLY C 100 15.73 14.86 -30.74
C GLY C 100 15.59 15.66 -29.45
N GLY C 101 16.72 16.08 -28.89
CA GLY C 101 16.70 16.85 -27.66
C GLY C 101 15.96 18.16 -27.82
N GLY C 102 15.75 18.58 -29.05
CA GLY C 102 15.05 19.83 -29.31
C GLY C 102 13.55 19.62 -29.51
N GLY C 103 12.99 18.67 -28.79
CA GLY C 103 11.57 18.40 -28.90
C GLY C 103 10.93 18.04 -27.58
N PHE C 104 11.54 18.51 -26.49
CA PHE C 104 11.03 18.24 -25.15
C PHE C 104 9.91 19.21 -24.78
N ILE C 105 9.97 20.41 -25.36
CA ILE C 105 8.97 21.43 -25.09
C ILE C 105 7.58 20.96 -25.51
N GLN C 106 7.54 19.97 -26.40
CA GLN C 106 6.27 19.44 -26.89
C GLN C 106 6.09 18.00 -26.42
N ARG C 107 6.93 17.56 -25.50
CA ARG C 107 6.86 16.21 -24.96
C ARG C 107 5.50 15.96 -24.30
N ALA C 108 5.07 16.89 -23.47
CA ALA C 108 3.79 16.77 -22.79
C ALA C 108 2.67 16.47 -23.77
N LYS C 109 2.77 17.04 -24.96
CA LYS C 109 1.76 16.84 -26.00
C LYS C 109 1.90 15.47 -26.64
N LYS C 110 1.66 14.42 -25.86
CA LYS C 110 1.76 13.05 -26.35
C LYS C 110 0.89 12.85 -27.58
N ILE C 111 1.42 12.13 -28.57
CA ILE C 111 0.68 11.86 -29.80
C ILE C 111 -0.15 10.59 -29.67
N ASP C 112 -0.38 10.16 -28.44
CA ASP C 112 -1.17 8.96 -28.18
C ASP C 112 -0.65 7.78 -29.00
N LYS C 113 0.67 7.72 -29.17
CA LYS C 113 1.29 6.64 -29.92
C LYS C 113 1.33 5.36 -29.11
N ILE C 114 0.93 5.45 -27.84
CA ILE C 114 0.91 4.28 -26.97
C ILE C 114 -0.35 3.45 -27.18
N SER C 115 -1.38 4.08 -27.73
CA SER C 115 -2.64 3.40 -27.99
C SER C 115 -2.54 2.51 -29.22
N ARG C 116 -1.41 2.60 -29.93
CA ARG C 116 -1.18 1.81 -31.13
C ARG C 116 -0.74 0.40 -30.77
N ILE C 117 -0.42 0.19 -29.50
CA ILE C 117 0.02 -1.11 -29.02
C ILE C 117 -0.97 -1.70 -28.02
N GLY C 118 -1.49 -0.84 -27.16
CA GLY C 118 -2.45 -1.29 -26.16
C GLY C 118 -3.74 -1.79 -26.78
N PHE C 119 -4.27 -1.04 -27.74
CA PHE C 119 -5.51 -1.42 -28.41
C PHE C 119 -5.44 -2.85 -28.92
N PRO C 120 -4.47 -3.13 -29.78
CA PRO C 120 -4.27 -4.47 -30.36
C PRO C 120 -3.77 -5.47 -29.33
N LEU C 121 -3.34 -4.97 -28.17
CA LEU C 121 -2.84 -5.82 -27.10
C LEU C 121 -3.99 -6.38 -26.26
N ALA C 122 -5.05 -5.58 -26.12
CA ALA C 122 -6.22 -5.99 -25.35
C ALA C 122 -7.10 -6.94 -26.15
N PHE C 123 -7.19 -6.71 -27.46
CA PHE C 123 -8.00 -7.54 -28.34
C PHE C 123 -7.35 -8.90 -28.55
N LEU C 124 -6.02 -8.92 -28.57
CA LEU C 124 -5.28 -10.16 -28.77
C LEU C 124 -5.43 -11.08 -27.56
N ILE C 125 -5.39 -10.50 -26.37
CA ILE C 125 -5.53 -11.28 -25.14
C ILE C 125 -6.96 -11.76 -24.96
N PHE C 126 -7.92 -10.88 -25.21
CA PHE C 126 -9.33 -11.22 -25.07
C PHE C 126 -9.71 -12.36 -26.00
N ASN C 127 -9.12 -12.37 -27.19
CA ASN C 127 -9.38 -13.41 -28.17
C ASN C 127 -8.48 -14.62 -27.95
N LEU C 128 -7.40 -14.42 -27.19
CA LEU C 128 -6.45 -15.49 -26.91
C LEU C 128 -6.97 -16.38 -25.79
N PHE C 129 -7.75 -15.80 -24.88
CA PHE C 129 -8.30 -16.54 -23.75
C PHE C 129 -9.71 -17.04 -24.07
N TYR C 130 -10.36 -16.39 -25.04
CA TYR C 130 -11.71 -16.75 -25.44
C TYR C 130 -11.70 -17.92 -26.42
N TRP C 131 -10.70 -17.93 -27.29
CA TRP C 131 -10.56 -18.99 -28.30
C TRP C 131 -9.86 -20.21 -27.70
N ILE C 132 -9.01 -19.97 -26.70
CA ILE C 132 -8.29 -21.05 -26.05
C ILE C 132 -9.18 -21.80 -25.06
N ILE C 133 -10.14 -21.09 -24.47
CA ILE C 133 -11.05 -21.69 -23.51
C ILE C 133 -12.11 -22.51 -24.21
N TYR C 134 -12.59 -22.03 -25.35
CA TYR C 134 -13.61 -22.73 -26.12
C TYR C 134 -12.99 -23.81 -26.99
N LYS C 135 -11.66 -23.84 -27.04
CA LYS C 135 -10.95 -24.83 -27.83
C LYS C 135 -10.40 -25.94 -26.94
N ILE C 136 -9.84 -25.57 -25.80
CA ILE C 136 -9.28 -26.53 -24.85
C ILE C 136 -10.32 -27.57 -24.47
N VAL C 137 -11.56 -27.12 -24.26
CA VAL C 137 -12.64 -28.01 -23.88
C VAL C 137 -12.88 -29.08 -24.95
N ARG C 138 -12.38 -28.82 -26.16
CA ARG C 138 -12.53 -29.75 -27.26
C ARG C 138 -11.29 -30.62 -27.41
N ARG C 139 -10.14 -29.98 -27.57
CA ARG C 139 -8.87 -30.70 -27.74
C ARG C 139 -8.61 -31.60 -26.53
N GLU C 140 -9.16 -31.23 -25.39
CA GLU C 140 -8.98 -32.01 -24.17
C GLU C 140 -10.05 -33.09 -24.04
N ASP C 141 -11.02 -33.07 -24.96
CA ASP C 141 -12.11 -34.05 -24.95
C ASP C 141 -12.87 -34.00 -23.64
N GLU C 142 -13.18 -32.78 -23.18
CA GLU C 142 -13.91 -32.61 -21.93
C GLU C 142 -15.42 -32.63 -22.17
N PHE C 143 -15.88 -31.73 -23.04
CA PHE C 143 -17.30 -31.64 -23.36
C PHE C 143 -17.85 -33.00 -23.77
N GLU C 144 -17.01 -33.80 -24.43
CA GLU C 144 -17.42 -35.12 -24.89
C GLU C 144 -17.23 -36.15 -23.77
N HIS C 145 -16.29 -35.88 -22.89
CA HIS C 145 -16.00 -36.79 -21.78
C HIS C 145 -17.26 -37.05 -20.95
N HIS C 146 -17.24 -38.14 -20.19
CA HIS C 146 -18.39 -38.50 -19.35
C HIS C 146 -18.10 -39.77 -18.55
N HIS C 147 -17.49 -40.75 -19.22
CA HIS C 147 -17.15 -42.01 -18.56
C HIS C 147 -16.30 -41.78 -17.32
N HIS C 148 -15.33 -40.87 -17.44
CA HIS C 148 -14.44 -40.56 -16.32
C HIS C 148 -15.25 -40.20 -15.07
N HIS C 149 -14.62 -40.38 -13.91
CA HIS C 149 -15.28 -40.06 -12.64
C HIS C 149 -15.87 -38.65 -12.65
N HIS C 150 -15.00 -37.67 -12.86
CA HIS C 150 -15.42 -36.27 -12.90
C HIS C 150 -15.95 -35.90 -14.27
N MET D 1 -26.74 -21.11 11.05
CA MET D 1 -27.91 -21.12 10.17
C MET D 1 -28.43 -19.71 9.94
N LEU D 2 -27.58 -18.72 10.14
CA LEU D 2 -27.96 -17.33 9.96
C LEU D 2 -27.48 -16.81 8.61
N GLU D 3 -27.29 -17.73 7.66
CA GLU D 3 -26.83 -17.35 6.32
C GLU D 3 -27.86 -16.46 5.63
N ARG D 4 -29.13 -16.83 5.72
CA ARG D 4 -30.20 -16.07 5.11
C ARG D 4 -30.58 -14.86 5.97
N GLN D 5 -30.07 -14.85 7.20
CA GLN D 5 -30.36 -13.75 8.12
C GLN D 5 -29.14 -12.84 8.27
N LEU D 6 -28.20 -12.95 7.34
CA LEU D 6 -26.99 -12.14 7.36
C LEU D 6 -27.23 -10.79 6.69
N GLY D 7 -28.14 -10.77 5.72
CA GLY D 7 -28.44 -9.54 5.01
C GLY D 7 -28.77 -8.40 5.94
N TYR D 8 -29.27 -8.73 7.12
CA TYR D 8 -29.64 -7.72 8.11
C TYR D 8 -28.40 -6.92 8.55
N TYR D 9 -27.31 -7.62 8.78
CA TYR D 9 -26.06 -6.97 9.20
C TYR D 9 -25.41 -6.25 8.03
N LEU D 10 -25.72 -6.68 6.81
CA LEU D 10 -25.16 -6.07 5.61
C LEU D 10 -25.89 -4.78 5.28
N ILE D 11 -27.15 -4.69 5.67
CA ILE D 11 -27.96 -3.51 5.41
C ILE D 11 -27.49 -2.33 6.26
N GLN D 12 -27.46 -2.53 7.58
CA GLN D 12 -27.04 -1.48 8.50
C GLN D 12 -25.56 -1.15 8.31
N LEU D 13 -24.81 -2.12 7.78
CA LEU D 13 -23.38 -1.94 7.55
C LEU D 13 -23.13 -1.27 6.20
N TYR D 14 -24.10 -1.39 5.29
CA TYR D 14 -23.98 -0.80 3.97
C TYR D 14 -24.26 0.70 4.01
N ILE D 15 -25.10 1.12 4.94
CA ILE D 15 -25.44 2.53 5.09
C ILE D 15 -24.19 3.39 5.15
N PRO D 16 -23.30 3.11 6.12
CA PRO D 16 -22.06 3.84 6.30
C PRO D 16 -21.05 3.57 5.18
N SER D 17 -20.96 2.31 4.77
CA SER D 17 -20.04 1.93 3.71
C SER D 17 -20.39 2.62 2.40
N LEU D 18 -21.66 3.00 2.26
CA LEU D 18 -22.12 3.69 1.05
C LEU D 18 -21.93 5.19 1.17
N LEU D 19 -22.06 5.70 2.39
CA LEU D 19 -21.90 7.13 2.65
C LEU D 19 -20.46 7.57 2.42
N ILE D 20 -19.52 6.80 2.95
CA ILE D 20 -18.11 7.11 2.81
C ILE D 20 -17.67 6.99 1.35
N VAL D 21 -18.30 6.08 0.62
CA VAL D 21 -17.98 5.87 -0.78
C VAL D 21 -18.39 7.06 -1.63
N ILE D 22 -19.59 7.58 -1.38
CA ILE D 22 -20.09 8.72 -2.12
C ILE D 22 -19.18 9.93 -1.97
N LEU D 23 -18.65 10.13 -0.76
CA LEU D 23 -17.75 11.23 -0.48
C LEU D 23 -16.45 11.08 -1.24
N SER D 24 -16.06 9.83 -1.51
CA SER D 24 -14.83 9.54 -2.23
C SER D 24 -14.83 10.24 -3.59
N TRP D 25 -15.93 10.11 -4.32
CA TRP D 25 -16.05 10.72 -5.63
C TRP D 25 -15.98 12.24 -5.54
N ILE D 26 -16.71 12.81 -4.59
CA ILE D 26 -16.73 14.25 -4.38
C ILE D 26 -15.31 14.80 -4.29
N SER D 27 -14.39 13.98 -3.81
CA SER D 27 -13.00 14.40 -3.66
C SER D 27 -12.16 13.89 -4.83
N PHE D 28 -12.65 12.86 -5.50
CA PHE D 28 -11.95 12.29 -6.64
C PHE D 28 -11.69 13.34 -7.71
N TRP D 29 -12.54 14.35 -7.76
CA TRP D 29 -12.42 15.43 -8.73
C TRP D 29 -11.00 16.01 -8.71
N ILE D 30 -10.58 16.49 -7.56
CA ILE D 30 -9.25 17.07 -7.41
C ILE D 30 -8.18 15.98 -7.31
N ASN D 31 -8.54 14.87 -6.69
CA ASN D 31 -7.62 13.75 -6.54
C ASN D 31 -7.29 13.13 -7.89
N LEU D 32 -8.02 13.54 -8.93
CA LEU D 32 -7.80 13.02 -10.27
C LEU D 32 -6.33 13.07 -10.65
N ASP D 33 -5.60 14.00 -10.03
CA ASP D 33 -4.17 14.15 -10.30
C ASP D 33 -3.48 14.89 -9.15
N ALA D 34 -4.17 15.89 -8.60
CA ALA D 34 -3.61 16.67 -7.50
C ALA D 34 -3.20 15.77 -6.34
N ALA D 35 -4.08 14.85 -5.97
CA ALA D 35 -3.81 13.93 -4.87
C ALA D 35 -4.63 12.65 -5.01
N PRO D 36 -4.31 11.83 -6.02
CA PRO D 36 -5.01 10.57 -6.27
C PRO D 36 -4.73 9.52 -5.20
N ALA D 37 -3.82 9.84 -4.28
CA ALA D 37 -3.46 8.93 -3.21
C ALA D 37 -4.69 8.56 -2.38
N ARG D 38 -5.59 9.52 -2.20
CA ARG D 38 -6.81 9.29 -1.44
C ARG D 38 -7.81 8.45 -2.23
N VAL D 39 -7.87 8.68 -3.53
CA VAL D 39 -8.77 7.93 -4.40
C VAL D 39 -8.44 6.45 -4.41
N GLY D 40 -7.15 6.14 -4.34
CA GLY D 40 -6.72 4.76 -4.34
C GLY D 40 -6.99 4.06 -3.01
N LEU D 41 -7.03 4.84 -1.94
CA LEU D 41 -7.28 4.31 -0.62
C LEU D 41 -8.78 4.14 -0.36
N GLY D 42 -9.57 5.06 -0.91
CA GLY D 42 -11.01 4.99 -0.73
C GLY D 42 -11.63 3.87 -1.53
N ILE D 43 -11.09 3.60 -2.71
CA ILE D 43 -11.61 2.55 -3.57
C ILE D 43 -11.26 1.17 -3.02
N THR D 44 -10.11 1.08 -2.35
CA THR D 44 -9.66 -0.18 -1.77
C THR D 44 -10.26 -0.39 -0.38
N THR D 45 -10.65 0.70 0.25
CA THR D 45 -11.22 0.64 1.60
C THR D 45 -12.65 0.09 1.55
N VAL D 46 -13.35 0.38 0.46
CA VAL D 46 -14.73 -0.08 0.29
C VAL D 46 -14.77 -1.57 -0.04
N LEU D 47 -13.79 -2.02 -0.81
CA LEU D 47 -13.71 -3.43 -1.20
C LEU D 47 -13.10 -4.28 -0.10
N THR D 48 -12.34 -3.63 0.79
CA THR D 48 -11.70 -4.32 1.89
C THR D 48 -12.58 -4.31 3.13
N LEU D 49 -13.50 -3.35 3.19
CA LEU D 49 -14.42 -3.23 4.32
C LEU D 49 -15.59 -4.19 4.17
N THR D 50 -15.93 -4.52 2.93
CA THR D 50 -17.04 -5.43 2.65
C THR D 50 -16.57 -6.88 2.69
N THR D 51 -15.41 -7.15 2.12
CA THR D 51 -14.85 -8.49 2.09
C THR D 51 -14.42 -8.94 3.48
N GLN D 52 -14.07 -7.98 4.32
CA GLN D 52 -13.63 -8.26 5.68
C GLN D 52 -14.82 -8.34 6.63
N SER D 53 -15.95 -7.79 6.20
CA SER D 53 -17.16 -7.78 7.01
C SER D 53 -17.74 -9.19 7.12
N SER D 54 -17.22 -10.10 6.31
CA SER D 54 -17.69 -11.49 6.32
C SER D 54 -16.53 -12.45 6.50
N GLY D 55 -15.58 -12.08 7.34
CA GLY D 55 -14.42 -12.93 7.58
C GLY D 55 -14.68 -13.95 8.66
N SER D 56 -15.60 -13.64 9.57
CA SER D 56 -15.93 -14.54 10.67
C SER D 56 -16.44 -15.88 10.14
N ARG D 57 -17.24 -15.82 9.08
CA ARG D 57 -17.80 -17.03 8.49
C ARG D 57 -18.61 -17.82 9.50
N ALA D 58 -19.02 -17.14 10.57
CA ALA D 58 -19.81 -17.78 11.62
C ALA D 58 -21.31 -17.75 11.28
N SER D 59 -21.68 -16.85 10.37
CA SER D 59 -23.07 -16.72 9.96
C SER D 59 -23.33 -17.46 8.65
N LEU D 60 -22.33 -18.21 8.20
CA LEU D 60 -22.44 -18.97 6.96
C LEU D 60 -22.69 -18.04 5.77
N PRO D 61 -21.64 -17.31 5.36
CA PRO D 61 -21.72 -16.37 4.24
C PRO D 61 -21.87 -17.09 2.90
N LYS D 62 -21.81 -18.42 2.93
CA LYS D 62 -21.95 -19.22 1.72
C LYS D 62 -23.16 -18.76 0.89
N VAL D 63 -24.33 -18.78 1.51
CA VAL D 63 -25.55 -18.36 0.84
C VAL D 63 -25.43 -16.95 0.28
N SER D 64 -25.11 -16.01 1.16
CA SER D 64 -24.96 -14.60 0.76
C SER D 64 -23.96 -14.48 -0.39
N TYR D 65 -23.02 -15.41 -0.46
CA TYR D 65 -22.01 -15.40 -1.51
C TYR D 65 -22.65 -15.48 -2.88
N VAL D 66 -23.47 -16.52 -3.09
CA VAL D 66 -24.14 -16.71 -4.36
C VAL D 66 -24.88 -15.45 -4.79
N LYS D 67 -25.77 -14.97 -3.94
CA LYS D 67 -26.54 -13.76 -4.22
C LYS D 67 -25.62 -12.56 -4.41
N ALA D 68 -24.47 -12.60 -3.74
CA ALA D 68 -23.49 -11.51 -3.84
C ALA D 68 -22.72 -11.58 -5.15
N ILE D 69 -22.67 -12.76 -5.74
CA ILE D 69 -21.96 -12.96 -7.00
C ILE D 69 -22.75 -12.38 -8.17
N ASP D 70 -24.07 -12.38 -8.04
CA ASP D 70 -24.94 -11.84 -9.09
C ASP D 70 -24.97 -10.32 -9.04
N ILE D 71 -24.57 -9.76 -7.91
CA ILE D 71 -24.55 -8.31 -7.74
C ILE D 71 -23.13 -7.76 -7.78
N TRP D 72 -22.16 -8.67 -7.72
CA TRP D 72 -20.75 -8.28 -7.75
C TRP D 72 -20.15 -8.52 -9.13
N LEU D 73 -20.99 -8.96 -10.07
CA LEU D 73 -20.53 -9.23 -11.42
C LEU D 73 -20.96 -8.11 -12.38
N ALA D 74 -20.84 -6.88 -11.91
CA ALA D 74 -21.21 -5.73 -12.73
C ALA D 74 -20.95 -4.42 -11.98
N VAL D 75 -21.15 -4.45 -10.66
CA VAL D 75 -20.93 -3.28 -9.83
C VAL D 75 -19.45 -2.90 -9.76
N CYS D 76 -18.59 -3.93 -9.80
CA CYS D 76 -17.16 -3.70 -9.74
C CYS D 76 -16.61 -3.32 -11.11
N LEU D 77 -17.24 -3.83 -12.16
CA LEU D 77 -16.81 -3.55 -13.53
C LEU D 77 -17.35 -2.19 -13.99
N LEU D 78 -18.41 -1.73 -13.33
CA LEU D 78 -19.00 -0.43 -13.66
C LEU D 78 -18.47 0.67 -12.76
N PHE D 79 -18.11 0.31 -11.54
CA PHE D 79 -17.57 1.27 -10.58
C PHE D 79 -16.20 1.77 -11.02
N VAL D 80 -15.38 0.86 -11.51
CA VAL D 80 -14.03 1.20 -11.97
C VAL D 80 -14.04 1.61 -13.44
N PHE D 81 -15.19 1.44 -14.09
CA PHE D 81 -15.32 1.79 -15.50
C PHE D 81 -15.49 3.29 -15.68
N SER D 82 -16.23 3.90 -14.77
CA SER D 82 -16.47 5.34 -14.83
C SER D 82 -15.30 6.12 -14.26
N ALA D 83 -14.60 5.50 -13.31
CA ALA D 83 -13.44 6.13 -12.69
C ALA D 83 -12.27 6.25 -13.67
N LEU D 84 -12.12 5.24 -14.52
CA LEU D 84 -11.06 5.23 -15.52
C LEU D 84 -11.35 6.21 -16.65
N LEU D 85 -12.62 6.32 -17.01
CA LEU D 85 -13.04 7.22 -18.09
C LEU D 85 -12.48 8.62 -17.86
N GLU D 86 -12.48 9.06 -16.61
CA GLU D 86 -11.97 10.39 -16.26
C GLU D 86 -10.47 10.33 -16.01
N TYR D 87 -10.02 9.33 -15.27
CA TYR D 87 -8.60 9.17 -14.96
C TYR D 87 -7.78 9.06 -16.23
N ALA D 88 -8.44 8.72 -17.33
CA ALA D 88 -7.77 8.58 -18.62
C ALA D 88 -8.19 9.69 -19.58
N ALA D 89 -9.27 10.39 -19.25
CA ALA D 89 -9.77 11.46 -20.07
C ALA D 89 -8.77 12.61 -20.17
N VAL D 90 -8.03 12.83 -19.08
CA VAL D 90 -7.02 13.89 -19.05
C VAL D 90 -6.09 13.80 -20.25
N ASN D 91 -5.75 12.57 -20.63
CA ASN D 91 -4.85 12.34 -21.76
C ASN D 91 -5.63 12.33 -23.07
N PHE D 92 -6.94 12.11 -22.99
CA PHE D 92 -7.79 12.08 -24.16
C PHE D 92 -8.12 13.49 -24.64
N VAL D 93 -7.65 14.49 -23.89
CA VAL D 93 -7.89 15.88 -24.22
C VAL D 93 -7.45 16.18 -25.66
N SER D 94 -6.34 15.57 -26.07
CA SER D 94 -5.81 15.77 -27.41
C SER D 94 -6.86 15.42 -28.47
N ARG D 95 -7.83 14.61 -28.08
CA ARG D 95 -8.89 14.19 -28.99
C ARG D 95 -9.51 15.40 -29.68
N GLN D 96 -9.49 16.55 -29.01
CA GLN D 96 -10.05 17.77 -29.57
C GLN D 96 -11.55 17.62 -29.81
N ARG D 97 -12.19 16.80 -28.98
CA ARG D 97 -13.64 16.58 -29.11
C ARG D 97 -14.39 17.90 -29.17
N GLU D 98 -13.86 18.92 -28.50
CA GLU D 98 -14.49 20.23 -28.48
C GLU D 98 -13.67 21.21 -27.65
N PHE D 99 -13.04 20.71 -26.59
CA PHE D 99 -12.23 21.54 -25.71
C PHE D 99 -11.22 22.35 -26.51
N GLY D 100 -10.78 21.79 -27.64
CA GLY D 100 -9.81 22.47 -28.48
C GLY D 100 -8.45 22.56 -27.83
N GLY D 101 -7.40 22.32 -28.62
CA GLY D 101 -6.04 22.38 -28.09
C GLY D 101 -5.69 23.76 -27.57
N GLY D 102 -6.48 24.76 -27.95
CA GLY D 102 -6.23 26.12 -27.51
C GLY D 102 -7.00 26.47 -26.26
N GLY D 103 -7.16 25.50 -25.36
CA GLY D 103 -7.89 25.74 -24.14
C GLY D 103 -7.29 24.99 -22.96
N PHE D 104 -6.01 24.69 -23.04
CA PHE D 104 -5.32 23.96 -21.97
C PHE D 104 -4.88 24.92 -20.87
N ILE D 105 -4.67 26.18 -21.23
CA ILE D 105 -4.24 27.19 -20.28
C ILE D 105 -5.31 27.43 -19.21
N GLN D 106 -6.52 26.95 -19.48
CA GLN D 106 -7.62 27.11 -18.54
C GLN D 106 -8.18 25.74 -18.13
N ARG D 107 -7.43 24.69 -18.43
CA ARG D 107 -7.86 23.33 -18.10
C ARG D 107 -7.94 23.14 -16.59
N ALA D 108 -6.97 23.72 -15.87
CA ALA D 108 -6.93 23.62 -14.42
C ALA D 108 -8.13 24.31 -13.79
N LYS D 109 -8.78 25.19 -14.55
CA LYS D 109 -9.94 25.92 -14.06
C LYS D 109 -10.96 24.97 -13.43
N LYS D 110 -11.25 23.88 -14.14
CA LYS D 110 -12.21 22.89 -13.65
C LYS D 110 -13.59 23.50 -13.51
N ILE D 111 -14.43 23.30 -14.53
CA ILE D 111 -15.79 23.81 -14.51
C ILE D 111 -16.68 23.02 -13.56
N ASP D 112 -16.10 22.00 -12.95
CA ASP D 112 -16.85 21.16 -12.02
C ASP D 112 -17.96 20.40 -12.73
N LYS D 113 -17.73 20.05 -13.98
CA LYS D 113 -18.72 19.33 -14.78
C LYS D 113 -18.79 17.87 -14.36
N ILE D 114 -17.88 17.47 -13.47
CA ILE D 114 -17.85 16.10 -12.99
C ILE D 114 -18.90 15.86 -11.90
N SER D 115 -19.33 16.95 -11.28
CA SER D 115 -20.34 16.86 -10.22
C SER D 115 -21.73 16.68 -10.80
N ARG D 116 -21.82 16.77 -12.13
CA ARG D 116 -23.11 16.61 -12.81
C ARG D 116 -23.45 15.13 -12.98
N ILE D 117 -22.49 14.26 -12.70
CA ILE D 117 -22.70 12.83 -12.81
C ILE D 117 -22.61 12.15 -11.44
N GLY D 118 -21.65 12.60 -10.63
CA GLY D 118 -21.48 12.03 -9.31
C GLY D 118 -22.66 12.28 -8.41
N PHE D 119 -23.16 13.51 -8.40
CA PHE D 119 -24.30 13.87 -7.57
C PHE D 119 -25.46 12.90 -7.78
N PRO D 120 -25.93 12.80 -9.02
CA PRO D 120 -27.04 11.90 -9.37
C PRO D 120 -26.64 10.43 -9.30
N LEU D 121 -25.33 10.18 -9.20
CA LEU D 121 -24.82 8.82 -9.13
C LEU D 121 -24.88 8.28 -7.70
N ALA D 122 -24.70 9.18 -6.74
CA ALA D 122 -24.74 8.81 -5.32
C ALA D 122 -26.18 8.65 -4.84
N PHE D 123 -27.07 9.49 -5.36
CA PHE D 123 -28.48 9.45 -4.98
C PHE D 123 -29.17 8.23 -5.58
N LEU D 124 -28.73 7.84 -6.77
CA LEU D 124 -29.30 6.69 -7.46
C LEU D 124 -28.96 5.40 -6.74
N ILE D 125 -27.71 5.29 -6.27
CA ILE D 125 -27.26 4.11 -5.57
C ILE D 125 -27.88 4.03 -4.17
N PHE D 126 -27.91 5.16 -3.47
CA PHE D 126 -28.48 5.21 -2.13
C PHE D 126 -29.95 4.81 -2.15
N ASN D 127 -30.66 5.20 -3.21
CA ASN D 127 -32.07 4.88 -3.34
C ASN D 127 -32.25 3.51 -4.00
N LEU D 128 -31.20 3.01 -4.63
CA LEU D 128 -31.25 1.72 -5.30
C LEU D 128 -31.06 0.58 -4.29
N PHE D 129 -30.32 0.86 -3.22
CA PHE D 129 -30.06 -0.14 -2.18
C PHE D 129 -31.06 0.00 -1.04
N TYR D 130 -31.65 1.19 -0.93
CA TYR D 130 -32.62 1.46 0.12
C TYR D 130 -34.01 0.95 -0.26
N TRP D 131 -34.34 1.07 -1.54
CA TRP D 131 -35.64 0.62 -2.05
C TRP D 131 -35.62 -0.87 -2.35
N ILE D 132 -34.44 -1.39 -2.67
CA ILE D 132 -34.29 -2.80 -2.98
C ILE D 132 -34.25 -3.65 -1.71
N ILE D 133 -33.74 -3.05 -0.62
CA ILE D 133 -33.65 -3.75 0.65
C ILE D 133 -35.02 -3.80 1.34
N TYR D 134 -35.78 -2.72 1.23
CA TYR D 134 -37.09 -2.64 1.85
C TYR D 134 -38.14 -3.31 0.97
N LYS D 135 -37.74 -3.69 -0.24
CA LYS D 135 -38.64 -4.34 -1.18
C LYS D 135 -38.39 -5.85 -1.21
N ILE D 136 -37.12 -6.23 -1.23
CA ILE D 136 -36.74 -7.64 -1.25
C ILE D 136 -37.38 -8.40 -0.10
N VAL D 137 -37.40 -7.77 1.07
CA VAL D 137 -37.98 -8.39 2.26
C VAL D 137 -39.46 -8.70 2.06
N ARG D 138 -40.05 -8.06 1.06
CA ARG D 138 -41.46 -8.27 0.75
C ARG D 138 -41.64 -9.27 -0.37
N ARG D 139 -41.01 -8.99 -1.51
CA ARG D 139 -41.10 -9.87 -2.67
C ARG D 139 -40.59 -11.27 -2.33
N GLU D 140 -39.70 -11.35 -1.34
CA GLU D 140 -39.14 -12.63 -0.93
C GLU D 140 -40.01 -13.27 0.15
N ASP D 141 -41.02 -12.55 0.60
CA ASP D 141 -41.93 -13.05 1.62
C ASP D 141 -41.16 -13.42 2.89
N GLU D 142 -40.26 -12.54 3.31
CA GLU D 142 -39.46 -12.78 4.51
C GLU D 142 -40.18 -12.25 5.75
N PHE D 143 -40.49 -10.96 5.73
CA PHE D 143 -41.17 -10.32 6.85
C PHE D 143 -42.43 -11.10 7.23
N GLU D 144 -43.08 -11.69 6.24
CA GLU D 144 -44.30 -12.46 6.47
C GLU D 144 -43.96 -13.90 6.85
N HIS D 145 -42.80 -14.37 6.39
CA HIS D 145 -42.37 -15.74 6.68
C HIS D 145 -42.32 -15.99 8.17
N HIS D 146 -42.33 -17.26 8.56
CA HIS D 146 -42.29 -17.63 9.97
C HIS D 146 -42.28 -19.15 10.14
N HIS D 147 -43.12 -19.82 9.35
CA HIS D 147 -43.21 -21.28 9.40
C HIS D 147 -41.84 -21.92 9.19
N HIS D 148 -41.10 -21.39 8.20
CA HIS D 148 -39.77 -21.91 7.90
C HIS D 148 -38.90 -21.98 9.15
N HIS D 149 -37.89 -22.85 9.12
CA HIS D 149 -36.99 -23.01 10.24
C HIS D 149 -36.42 -21.67 10.69
N HIS D 150 -35.73 -20.99 9.77
CA HIS D 150 -35.14 -19.69 10.06
C HIS D 150 -36.17 -18.74 10.66
N MET E 1 -12.78 -15.01 29.47
CA MET E 1 -13.52 -14.48 30.62
C MET E 1 -13.09 -13.05 30.92
N LEU E 2 -12.10 -12.57 30.18
CA LEU E 2 -11.60 -11.20 30.37
C LEU E 2 -12.18 -10.27 29.32
N GLU E 3 -13.33 -10.63 28.77
CA GLU E 3 -14.00 -9.82 27.76
C GLU E 3 -14.39 -8.46 28.32
N ARG E 4 -14.95 -8.45 29.51
CA ARG E 4 -15.37 -7.21 30.15
C ARG E 4 -14.18 -6.52 30.81
N GLN E 5 -13.06 -7.23 30.90
CA GLN E 5 -11.85 -6.68 31.50
C GLN E 5 -10.82 -6.33 30.44
N LEU E 6 -11.26 -6.25 29.19
CA LEU E 6 -10.37 -5.92 28.09
C LEU E 6 -10.23 -4.41 27.91
N GLY E 7 -11.28 -3.68 28.30
CA GLY E 7 -11.24 -2.24 28.19
C GLY E 7 -10.01 -1.63 28.84
N TYR E 8 -9.46 -2.32 29.83
CA TYR E 8 -8.28 -1.85 30.53
C TYR E 8 -7.08 -1.74 29.59
N TYR E 9 -6.93 -2.75 28.74
CA TYR E 9 -5.82 -2.77 27.78
C TYR E 9 -6.07 -1.80 26.63
N LEU E 10 -7.35 -1.49 26.40
CA LEU E 10 -7.72 -0.57 25.33
C LEU E 10 -7.52 0.87 25.77
N ILE E 11 -7.61 1.11 27.07
CA ILE E 11 -7.42 2.45 27.62
C ILE E 11 -5.97 2.91 27.52
N GLN E 12 -5.08 2.10 28.08
CA GLN E 12 -3.65 2.41 28.05
C GLN E 12 -3.11 2.35 26.63
N LEU E 13 -3.78 1.59 25.77
CA LEU E 13 -3.37 1.45 24.38
C LEU E 13 -3.94 2.57 23.52
N TYR E 14 -5.03 3.18 24.00
CA TYR E 14 -5.68 4.26 23.28
C TYR E 14 -4.91 5.57 23.46
N ILE E 15 -4.25 5.71 24.61
CA ILE E 15 -3.48 6.91 24.90
C ILE E 15 -2.53 7.25 23.75
N PRO E 16 -1.65 6.30 23.41
CA PRO E 16 -0.67 6.47 22.34
C PRO E 16 -1.33 6.50 20.97
N SER E 17 -2.29 5.60 20.75
CA SER E 17 -2.99 5.51 19.48
C SER E 17 -3.73 6.81 19.17
N LEU E 18 -4.06 7.55 20.23
CA LEU E 18 -4.77 8.82 20.08
C LEU E 18 -3.79 9.98 19.88
N LEU E 19 -2.61 9.86 20.50
CA LEU E 19 -1.59 10.89 20.39
C LEU E 19 -1.03 10.96 18.98
N ILE E 20 -0.70 9.80 18.42
CA ILE E 20 -0.16 9.72 17.06
C ILE E 20 -1.18 10.20 16.04
N VAL E 21 -2.45 9.96 16.33
CA VAL E 21 -3.53 10.38 15.43
C VAL E 21 -3.65 11.89 15.36
N ILE E 22 -3.60 12.53 16.53
CA ILE E 22 -3.69 13.98 16.59
C ILE E 22 -2.59 14.65 15.77
N LEU E 23 -1.39 14.09 15.82
CA LEU E 23 -0.26 14.62 15.08
C LEU E 23 -0.47 14.48 13.58
N SER E 24 -1.24 13.46 13.19
CA SER E 24 -1.53 13.21 11.78
C SER E 24 -2.18 14.44 11.14
N TRP E 25 -3.17 14.99 11.81
CA TRP E 25 -3.88 16.16 11.30
C TRP E 25 -2.94 17.36 11.20
N ILE E 26 -2.15 17.58 12.25
CA ILE E 26 -1.21 18.70 12.27
C ILE E 26 -0.35 18.71 11.02
N SER E 27 -0.12 17.52 10.46
CA SER E 27 0.70 17.40 9.25
C SER E 27 -0.18 17.31 8.00
N PHE E 28 -1.43 16.90 8.21
CA PHE E 28 -2.37 16.76 7.10
C PHE E 28 -2.52 18.08 6.34
N TRP E 29 -2.29 19.18 7.04
CA TRP E 29 -2.39 20.51 6.43
C TRP E 29 -1.57 20.58 5.15
N ILE E 30 -0.27 20.31 5.26
CA ILE E 30 0.62 20.34 4.10
C ILE E 30 0.45 19.09 3.24
N ASN E 31 0.18 17.97 3.90
CA ASN E 31 0.00 16.71 3.19
C ASN E 31 -1.26 16.74 2.33
N LEU E 32 -2.06 17.78 2.52
CA LEU E 32 -3.30 17.93 1.75
C LEU E 32 -3.05 17.73 0.26
N ASP E 33 -1.82 18.00 -0.17
CA ASP E 33 -1.45 17.84 -1.57
C ASP E 33 0.06 17.72 -1.73
N ALA E 34 0.80 18.49 -0.92
CA ALA E 34 2.26 18.45 -0.96
C ALA E 34 2.79 17.03 -0.78
N ALA E 35 2.25 16.34 0.22
CA ALA E 35 2.66 14.97 0.50
C ALA E 35 1.59 14.20 1.26
N PRO E 36 0.47 13.91 0.56
CA PRO E 36 -0.66 13.19 1.15
C PRO E 36 -0.32 11.73 1.43
N ALA E 37 0.85 11.30 1.00
CA ALA E 37 1.29 9.92 1.21
C ALA E 37 1.29 9.56 2.69
N ARG E 38 1.65 10.53 3.53
CA ARG E 38 1.69 10.33 4.97
C ARG E 38 0.28 10.28 5.55
N VAL E 39 -0.60 11.12 5.01
CA VAL E 39 -1.98 11.18 5.48
C VAL E 39 -2.69 9.85 5.26
N GLY E 40 -2.37 9.18 4.15
CA GLY E 40 -2.99 7.92 3.84
C GLY E 40 -2.46 6.78 4.71
N LEU E 41 -1.22 6.94 5.18
CA LEU E 41 -0.60 5.92 6.01
C LEU E 41 -1.01 6.09 7.48
N GLY E 42 -1.18 7.34 7.90
CA GLY E 42 -1.58 7.62 9.27
C GLY E 42 -3.03 7.25 9.54
N ILE E 43 -3.88 7.43 8.54
CA ILE E 43 -5.30 7.11 8.67
C ILE E 43 -5.52 5.60 8.68
N THR E 44 -4.68 4.88 7.96
CA THR E 44 -4.78 3.42 7.88
C THR E 44 -4.05 2.75 9.03
N THR E 45 -3.09 3.48 9.61
CA THR E 45 -2.31 2.95 10.73
C THR E 45 -3.13 2.93 12.00
N VAL E 46 -4.04 3.89 12.14
CA VAL E 46 -4.89 3.97 13.31
C VAL E 46 -5.98 2.91 13.29
N LEU E 47 -6.49 2.61 12.10
CA LEU E 47 -7.53 1.62 11.93
C LEU E 47 -6.94 0.20 11.92
N THR E 48 -5.66 0.11 11.58
CA THR E 48 -4.97 -1.18 11.54
C THR E 48 -4.34 -1.51 12.88
N LEU E 49 -4.08 -0.48 13.68
CA LEU E 49 -3.46 -0.66 14.99
C LEU E 49 -4.51 -1.05 16.03
N THR E 50 -5.75 -0.64 15.79
CA THR E 50 -6.85 -0.95 16.71
C THR E 50 -7.45 -2.30 16.40
N THR E 51 -7.63 -2.58 15.10
CA THR E 51 -8.22 -3.84 14.67
C THR E 51 -7.25 -5.00 14.92
N GLN E 52 -5.96 -4.70 14.93
CA GLN E 52 -4.94 -5.72 15.16
C GLN E 52 -4.66 -5.89 16.64
N SER E 53 -5.08 -4.91 17.44
CA SER E 53 -4.87 -4.94 18.88
C SER E 53 -5.77 -5.99 19.52
N SER E 54 -6.71 -6.51 18.75
CA SER E 54 -7.63 -7.53 19.26
C SER E 54 -7.64 -8.76 18.34
N GLY E 55 -6.46 -9.12 17.85
CA GLY E 55 -6.36 -10.28 16.97
C GLY E 55 -6.18 -11.57 17.73
N SER E 56 -5.63 -11.48 18.94
CA SER E 56 -5.40 -12.66 19.76
C SER E 56 -6.72 -13.37 20.05
N ARG E 57 -7.77 -12.59 20.31
CA ARG E 57 -9.09 -13.15 20.59
C ARG E 57 -9.03 -14.05 21.82
N ALA E 58 -7.99 -13.89 22.63
CA ALA E 58 -7.81 -14.70 23.82
C ALA E 58 -8.57 -14.09 25.01
N SER E 59 -8.89 -12.80 24.89
CA SER E 59 -9.60 -12.10 25.95
C SER E 59 -11.09 -12.02 25.64
N LEU E 60 -11.51 -12.71 24.59
CA LEU E 60 -12.91 -12.71 24.19
C LEU E 60 -13.38 -11.31 23.83
N PRO E 61 -12.93 -10.80 22.67
CA PRO E 61 -13.29 -9.46 22.20
C PRO E 61 -14.76 -9.38 21.77
N LYS E 62 -15.45 -10.52 21.81
CA LYS E 62 -16.85 -10.57 21.44
C LYS E 62 -17.64 -9.45 22.12
N VAL E 63 -17.59 -9.42 23.45
CA VAL E 63 -18.30 -8.40 24.22
C VAL E 63 -17.89 -7.01 23.78
N SER E 64 -16.59 -6.72 23.84
CA SER E 64 -16.07 -5.42 23.45
C SER E 64 -16.54 -5.05 22.05
N TYR E 65 -16.77 -6.06 21.22
CA TYR E 65 -17.22 -5.84 19.85
C TYR E 65 -18.53 -5.07 19.82
N VAL E 66 -19.53 -5.60 20.51
CA VAL E 66 -20.85 -4.96 20.56
C VAL E 66 -20.73 -3.49 20.97
N LYS E 67 -20.11 -3.25 22.11
CA LYS E 67 -19.93 -1.90 22.62
C LYS E 67 -19.08 -1.07 21.64
N ALA E 68 -18.21 -1.73 20.91
CA ALA E 68 -17.35 -1.07 19.95
C ALA E 68 -18.12 -0.72 18.67
N ILE E 69 -19.20 -1.44 18.42
CA ILE E 69 -20.02 -1.20 17.24
C ILE E 69 -20.86 0.06 17.40
N ASP E 70 -21.21 0.38 18.64
CA ASP E 70 -22.01 1.56 18.92
C ASP E 70 -21.15 2.83 18.90
N ILE E 71 -19.84 2.64 19.00
CA ILE E 71 -18.91 3.75 18.99
C ILE E 71 -18.15 3.81 17.67
N TRP E 72 -18.27 2.76 16.87
CA TRP E 72 -17.59 2.70 15.59
C TRP E 72 -18.57 2.98 14.44
N LEU E 73 -19.80 3.31 14.80
CA LEU E 73 -20.84 3.60 13.81
C LEU E 73 -21.09 5.09 13.71
N ALA E 74 -20.01 5.87 13.75
CA ALA E 74 -20.12 7.33 13.65
C ALA E 74 -18.74 7.98 13.68
N VAL E 75 -17.82 7.38 14.44
CA VAL E 75 -16.46 7.91 14.55
C VAL E 75 -15.70 7.76 13.24
N CYS E 76 -16.00 6.69 12.52
CA CYS E 76 -15.34 6.43 11.24
C CYS E 76 -15.99 7.25 10.12
N LEU E 77 -17.28 7.50 10.25
CA LEU E 77 -18.02 8.27 9.25
C LEU E 77 -17.80 9.77 9.45
N LEU E 78 -17.39 10.14 10.66
CA LEU E 78 -17.15 11.54 10.98
C LEU E 78 -15.67 11.89 10.84
N PHE E 79 -14.81 10.89 11.09
CA PHE E 79 -13.37 11.08 10.98
C PHE E 79 -12.95 11.32 9.53
N VAL E 80 -13.56 10.57 8.62
CA VAL E 80 -13.25 10.68 7.20
C VAL E 80 -14.14 11.72 6.53
N PHE E 81 -15.13 12.22 7.28
CA PHE E 81 -16.06 13.21 6.75
C PHE E 81 -15.42 14.60 6.74
N SER E 82 -14.64 14.89 7.78
CA SER E 82 -13.97 16.19 7.89
C SER E 82 -12.71 16.22 7.04
N ALA E 83 -12.08 15.06 6.88
CA ALA E 83 -10.86 14.95 6.09
C ALA E 83 -11.15 15.19 4.60
N LEU E 84 -12.30 14.71 4.15
CA LEU E 84 -12.69 14.87 2.75
C LEU E 84 -13.11 16.30 2.46
N LEU E 85 -13.76 16.93 3.43
CA LEU E 85 -14.22 18.31 3.28
C LEU E 85 -13.09 19.21 2.81
N GLU E 86 -11.90 18.98 3.34
CA GLU E 86 -10.73 19.77 2.97
C GLU E 86 -10.05 19.19 1.72
N TYR E 87 -9.89 17.87 1.71
CA TYR E 87 -9.26 17.19 0.59
C TYR E 87 -10.00 17.47 -0.71
N ALA E 88 -11.25 17.89 -0.58
CA ALA E 88 -12.07 18.19 -1.75
C ALA E 88 -12.34 19.69 -1.85
N ALA E 89 -12.07 20.42 -0.78
CA ALA E 89 -12.28 21.86 -0.75
C ALA E 89 -11.38 22.56 -1.76
N VAL E 90 -10.18 22.03 -1.95
CA VAL E 90 -9.22 22.61 -2.89
C VAL E 90 -9.86 22.83 -4.26
N ASN E 91 -10.71 21.89 -4.66
CA ASN E 91 -11.39 21.98 -5.96
C ASN E 91 -12.65 22.83 -5.85
N PHE E 92 -13.16 22.98 -4.63
CA PHE E 92 -14.36 23.76 -4.39
C PHE E 92 -14.04 25.25 -4.37
N VAL E 93 -12.76 25.58 -4.50
CA VAL E 93 -12.32 26.97 -4.51
C VAL E 93 -13.07 27.78 -5.55
N SER E 94 -13.39 27.14 -6.67
CA SER E 94 -14.11 27.81 -7.76
C SER E 94 -15.47 28.30 -7.28
N ARG E 95 -15.94 27.75 -6.17
CA ARG E 95 -17.23 28.13 -5.61
C ARG E 95 -17.32 29.64 -5.43
N GLN E 96 -16.17 30.28 -5.24
CA GLN E 96 -16.12 31.72 -5.05
C GLN E 96 -16.89 32.13 -3.80
N ARG E 97 -16.93 31.25 -2.81
CA ARG E 97 -17.64 31.52 -1.57
C ARG E 97 -17.22 32.86 -0.99
N GLU E 98 -15.96 33.24 -1.22
CA GLU E 98 -15.43 34.50 -0.72
C GLU E 98 -13.98 34.69 -1.13
N PHE E 99 -13.24 33.58 -1.20
CA PHE E 99 -11.84 33.63 -1.58
C PHE E 99 -11.65 34.40 -2.89
N GLY E 100 -12.66 34.34 -3.75
CA GLY E 100 -12.59 35.03 -5.02
C GLY E 100 -11.58 34.41 -5.96
N GLY E 101 -11.95 34.28 -7.24
CA GLY E 101 -11.05 33.70 -8.21
C GLY E 101 -9.77 34.50 -8.38
N GLY E 102 -9.78 35.74 -7.88
CA GLY E 102 -8.61 36.58 -7.99
C GLY E 102 -7.73 36.50 -6.76
N GLY E 103 -7.64 35.31 -6.17
CA GLY E 103 -6.82 35.13 -4.99
C GLY E 103 -6.14 33.77 -4.96
N PHE E 104 -5.93 33.19 -6.14
CA PHE E 104 -5.28 31.89 -6.24
C PHE E 104 -3.77 32.04 -6.21
N ILE E 105 -3.27 33.21 -6.61
CA ILE E 105 -1.84 33.46 -6.63
C ILE E 105 -1.26 33.45 -5.21
N GLN E 106 -2.15 33.53 -4.21
CA GLN E 106 -1.73 33.53 -2.83
C GLN E 106 -2.36 32.37 -2.07
N ARG E 107 -2.91 31.42 -2.81
CA ARG E 107 -3.55 30.25 -2.21
C ARG E 107 -2.53 29.40 -1.46
N ALA E 108 -1.35 29.26 -2.04
CA ALA E 108 -0.29 28.47 -1.43
C ALA E 108 0.17 29.09 -0.11
N LYS E 109 -0.15 30.36 0.08
CA LYS E 109 0.23 31.07 1.29
C LYS E 109 -0.17 30.28 2.53
N LYS E 110 -1.40 29.79 2.54
CA LYS E 110 -1.90 29.01 3.67
C LYS E 110 -1.94 29.84 4.94
N ILE E 111 -3.11 30.38 5.26
CA ILE E 111 -3.28 31.20 6.45
C ILE E 111 -3.31 30.34 7.71
N ASP E 112 -3.21 29.03 7.52
CA ASP E 112 -3.21 28.10 8.65
C ASP E 112 -4.56 28.14 9.37
N LYS E 113 -5.62 28.38 8.61
CA LYS E 113 -6.97 28.44 9.18
C LYS E 113 -7.49 27.04 9.51
N ILE E 114 -6.72 26.03 9.12
CA ILE E 114 -7.10 24.64 9.37
C ILE E 114 -6.76 24.24 10.81
N SER E 115 -5.83 24.96 11.42
CA SER E 115 -5.42 24.67 12.79
C SER E 115 -6.45 25.19 13.79
N ARG E 116 -7.44 25.92 13.28
CA ARG E 116 -8.49 26.49 14.13
C ARG E 116 -9.54 25.43 14.45
N ILE E 117 -9.48 24.30 13.76
CA ILE E 117 -10.43 23.22 13.97
C ILE E 117 -9.74 21.98 14.52
N GLY E 118 -8.55 21.69 14.01
CA GLY E 118 -7.79 20.55 14.47
C GLY E 118 -7.38 20.66 15.92
N PHE E 119 -6.87 21.82 16.29
CA PHE E 119 -6.42 22.06 17.67
C PHE E 119 -7.52 21.67 18.66
N PRO E 120 -8.69 22.31 18.54
CA PRO E 120 -9.82 22.05 19.42
C PRO E 120 -10.45 20.68 19.17
N LEU E 121 -10.06 20.06 18.07
CA LEU E 121 -10.58 18.74 17.71
C LEU E 121 -9.81 17.63 18.43
N ALA E 122 -8.51 17.87 18.64
CA ALA E 122 -7.67 16.90 19.32
C ALA E 122 -7.88 16.94 20.84
N PHE E 123 -8.11 18.15 21.36
CA PHE E 123 -8.33 18.32 22.79
C PHE E 123 -9.70 17.79 23.21
N LEU E 124 -10.67 17.92 22.31
CA LEU E 124 -12.03 17.46 22.58
C LEU E 124 -12.07 15.93 22.66
N ILE E 125 -11.36 15.27 21.76
CA ILE E 125 -11.31 13.82 21.73
C ILE E 125 -10.51 13.27 22.91
N PHE E 126 -9.36 13.89 23.18
CA PHE E 126 -8.51 13.45 24.27
C PHE E 126 -9.25 13.54 25.61
N ASN E 127 -10.08 14.57 25.75
CA ASN E 127 -10.85 14.77 26.97
C ASN E 127 -12.16 14.00 26.92
N LEU E 128 -12.55 13.58 25.72
CA LEU E 128 -13.79 12.83 25.54
C LEU E 128 -13.59 11.35 25.88
N PHE E 129 -12.37 10.87 25.68
CA PHE E 129 -12.04 9.48 25.96
C PHE E 129 -11.43 9.33 27.35
N TYR E 130 -10.91 10.43 27.87
CA TYR E 130 -10.29 10.43 29.20
C TYR E 130 -11.34 10.59 30.29
N TRP E 131 -12.36 11.39 30.00
CA TRP E 131 -13.43 11.64 30.97
C TRP E 131 -14.48 10.52 30.90
N ILE E 132 -14.60 9.91 29.72
CA ILE E 132 -15.57 8.83 29.53
C ILE E 132 -15.05 7.52 30.11
N ILE E 133 -13.73 7.35 30.10
CA ILE E 133 -13.11 6.15 30.62
C ILE E 133 -13.08 6.16 32.15
N TYR E 134 -12.83 7.33 32.72
CA TYR E 134 -12.77 7.47 34.17
C TYR E 134 -14.18 7.63 34.75
N LYS E 135 -15.16 7.78 33.87
CA LYS E 135 -16.55 7.93 34.31
C LYS E 135 -17.31 6.63 34.14
N ILE E 136 -17.10 5.95 33.02
CA ILE E 136 -17.78 4.69 32.75
C ILE E 136 -17.53 3.69 33.87
N VAL E 137 -16.30 3.66 34.37
CA VAL E 137 -15.94 2.75 35.44
C VAL E 137 -16.77 3.01 36.69
N ARG E 138 -17.38 4.19 36.76
CA ARG E 138 -18.21 4.57 37.90
C ARG E 138 -19.68 4.32 37.60
N ARG E 139 -20.18 4.91 36.52
CA ARG E 139 -21.58 4.75 36.13
C ARG E 139 -21.92 3.28 35.90
N GLU E 140 -20.90 2.50 35.55
CA GLU E 140 -21.09 1.07 35.31
C GLU E 140 -20.94 0.27 36.59
N ASP E 141 -20.54 0.95 37.66
CA ASP E 141 -20.35 0.29 38.95
C ASP E 141 -19.33 -0.84 38.86
N GLU E 142 -18.22 -0.56 38.17
CA GLU E 142 -17.17 -1.56 38.01
C GLU E 142 -16.17 -1.49 39.17
N PHE E 143 -15.58 -0.32 39.37
CA PHE E 143 -14.61 -0.13 40.44
C PHE E 143 -15.18 -0.60 41.78
N GLU E 144 -16.49 -0.43 41.95
CA GLU E 144 -17.15 -0.84 43.19
C GLU E 144 -17.54 -2.32 43.13
N HIS E 145 -17.76 -2.82 41.92
CA HIS E 145 -18.15 -4.21 41.73
C HIS E 145 -17.12 -5.15 42.36
N HIS E 146 -17.53 -6.39 42.61
CA HIS E 146 -16.66 -7.38 43.21
C HIS E 146 -17.37 -8.72 43.36
N HIS E 147 -18.62 -8.67 43.79
CA HIS E 147 -19.41 -9.89 43.98
C HIS E 147 -19.47 -10.70 42.69
N HIS E 148 -19.66 -10.02 41.57
CA HIS E 148 -19.73 -10.67 40.26
C HIS E 148 -18.52 -11.57 40.05
N HIS E 149 -18.68 -12.57 39.18
CA HIS E 149 -17.59 -13.50 38.88
C HIS E 149 -16.32 -12.75 38.49
N HIS E 150 -16.41 -11.95 37.44
CA HIS E 150 -15.26 -11.18 36.96
C HIS E 150 -15.06 -9.93 37.82
N MET A 1 10.60 -24.45 24.58
CA MET A 1 10.46 -23.41 25.60
C MET A 1 11.65 -22.45 25.53
N LEU A 2 11.77 -21.74 24.42
CA LEU A 2 12.86 -20.78 24.24
C LEU A 2 12.33 -19.36 24.17
N GLU A 3 11.39 -19.03 25.05
CA GLU A 3 10.80 -17.70 25.09
C GLU A 3 11.83 -16.67 25.54
N ARG A 4 12.58 -17.01 26.59
CA ARG A 4 13.60 -16.11 27.11
C ARG A 4 14.87 -16.17 26.28
N GLN A 5 14.95 -17.16 25.39
CA GLN A 5 16.12 -17.33 24.54
C GLN A 5 15.89 -16.70 23.18
N LEU A 6 14.89 -15.83 23.09
CA LEU A 6 14.56 -15.15 21.84
C LEU A 6 15.40 -13.88 21.68
N GLY A 7 15.76 -13.26 22.80
CA GLY A 7 16.57 -12.06 22.76
C GLY A 7 17.81 -12.22 21.91
N TYR A 8 18.32 -13.45 21.82
CA TYR A 8 19.52 -13.73 21.05
C TYR A 8 19.27 -13.51 19.56
N TYR A 9 18.10 -13.96 19.09
CA TYR A 9 17.74 -13.83 17.69
C TYR A 9 17.27 -12.40 17.38
N LEU A 10 16.86 -11.69 18.43
CA LEU A 10 16.39 -10.32 18.29
C LEU A 10 17.56 -9.34 18.21
N ILE A 11 18.68 -9.73 18.81
CA ILE A 11 19.87 -8.88 18.80
C ILE A 11 20.56 -8.91 17.44
N GLN A 12 20.81 -10.11 16.94
CA GLN A 12 21.46 -10.28 15.64
C GLN A 12 20.54 -9.81 14.51
N LEU A 13 19.25 -9.85 14.76
CA LEU A 13 18.26 -9.44 13.76
C LEU A 13 18.02 -7.93 13.82
N TYR A 14 18.32 -7.34 14.98
CA TYR A 14 18.14 -5.91 15.17
C TYR A 14 19.25 -5.11 14.49
N ILE A 15 20.43 -5.74 14.39
CA ILE A 15 21.58 -5.09 13.76
C ILE A 15 21.22 -4.55 12.38
N PRO A 16 20.74 -5.44 11.49
CA PRO A 16 20.35 -5.07 10.14
C PRO A 16 19.08 -4.23 10.11
N SER A 17 18.17 -4.51 11.03
CA SER A 17 16.91 -3.77 11.10
C SER A 17 17.15 -2.32 11.53
N LEU A 18 18.24 -2.10 12.26
CA LEU A 18 18.58 -0.76 12.72
C LEU A 18 19.36 0.00 11.66
N LEU A 19 20.23 -0.72 10.96
CA LEU A 19 21.05 -0.11 9.90
C LEU A 19 20.18 0.44 8.78
N ILE A 20 19.21 -0.37 8.35
CA ILE A 20 18.31 0.04 7.28
C ILE A 20 17.47 1.25 7.70
N VAL A 21 17.25 1.37 9.01
CA VAL A 21 16.46 2.48 9.54
C VAL A 21 17.24 3.79 9.47
N ILE A 22 18.53 3.72 9.81
CA ILE A 22 19.39 4.91 9.78
C ILE A 22 19.44 5.51 8.38
N LEU A 23 19.52 4.66 7.38
CA LEU A 23 19.58 5.09 5.99
C LEU A 23 18.26 5.71 5.55
N SER A 24 17.16 5.22 6.12
CA SER A 24 15.83 5.72 5.79
C SER A 24 15.74 7.22 6.04
N TRP A 25 16.42 7.68 7.09
CA TRP A 25 16.42 9.09 7.45
C TRP A 25 17.33 9.88 6.52
N ILE A 26 18.48 9.32 6.20
CA ILE A 26 19.45 9.97 5.32
C ILE A 26 18.81 10.34 3.99
N SER A 27 17.72 9.66 3.65
CA SER A 27 17.02 9.91 2.39
C SER A 27 15.70 10.63 2.65
N PHE A 28 15.33 10.73 3.92
CA PHE A 28 14.09 11.39 4.30
C PHE A 28 14.22 12.91 4.15
N TRP A 29 15.44 13.40 4.27
CA TRP A 29 15.70 14.83 4.15
C TRP A 29 15.26 15.36 2.78
N ILE A 30 15.09 14.45 1.83
CA ILE A 30 14.67 14.82 0.48
C ILE A 30 13.29 14.26 0.16
N ASN A 31 13.01 13.07 0.68
CA ASN A 31 11.72 12.41 0.46
C ASN A 31 10.59 13.18 1.12
N LEU A 32 10.96 14.15 1.96
CA LEU A 32 9.98 14.97 2.67
C LEU A 32 8.91 15.48 1.71
N ASP A 33 9.27 15.62 0.44
CA ASP A 33 8.34 16.10 -0.58
C ASP A 33 8.74 15.60 -1.96
N ALA A 34 10.04 15.56 -2.21
CA ALA A 34 10.56 15.11 -3.50
C ALA A 34 10.05 13.71 -3.83
N ALA A 35 10.08 12.82 -2.82
CA ALA A 35 9.62 11.45 -3.00
C ALA A 35 9.40 10.77 -1.66
N PRO A 36 8.33 11.16 -0.96
CA PRO A 36 7.99 10.59 0.35
C PRO A 36 7.52 9.15 0.25
N ALA A 37 7.37 8.67 -0.98
CA ALA A 37 6.92 7.30 -1.21
C ALA A 37 7.84 6.29 -0.51
N ARG A 38 9.14 6.55 -0.57
CA ARG A 38 10.12 5.68 0.05
C ARG A 38 10.05 5.77 1.57
N VAL A 39 9.81 6.98 2.07
CA VAL A 39 9.72 7.20 3.51
C VAL A 39 8.55 6.42 4.12
N GLY A 40 7.49 6.27 3.34
CA GLY A 40 6.32 5.54 3.81
C GLY A 40 6.55 4.05 3.84
N LEU A 41 7.45 3.58 2.98
CA LEU A 41 7.75 2.14 2.90
C LEU A 41 8.77 1.74 3.98
N GLY A 42 9.72 2.63 4.25
CA GLY A 42 10.72 2.35 5.26
C GLY A 42 10.16 2.36 6.66
N ILE A 43 9.21 3.25 6.91
CA ILE A 43 8.58 3.36 8.22
C ILE A 43 7.67 2.17 8.50
N THR A 44 7.06 1.65 7.44
CA THR A 44 6.15 0.51 7.56
C THR A 44 6.92 -0.81 7.52
N THR A 45 8.16 -0.75 7.05
CA THR A 45 9.00 -1.94 6.95
C THR A 45 9.59 -2.30 8.32
N VAL A 46 9.80 -1.30 9.15
CA VAL A 46 10.36 -1.51 10.48
C VAL A 46 9.33 -2.14 11.41
N LEU A 47 8.10 -1.67 11.33
CA LEU A 47 7.02 -2.19 12.16
C LEU A 47 6.50 -3.51 11.61
N THR A 48 6.74 -3.75 10.32
CA THR A 48 6.29 -4.98 9.68
C THR A 48 7.35 -6.06 9.78
N LEU A 49 8.61 -5.65 9.94
CA LEU A 49 9.72 -6.58 10.04
C LEU A 49 9.79 -7.19 11.44
N THR A 50 9.31 -6.43 12.43
CA THR A 50 9.32 -6.89 13.81
C THR A 50 8.08 -7.71 14.13
N THR A 51 6.93 -7.24 13.66
CA THR A 51 5.67 -7.94 13.90
C THR A 51 5.68 -9.32 13.25
N GLN A 52 6.38 -9.44 12.13
CA GLN A 52 6.47 -10.71 11.41
C GLN A 52 7.63 -11.55 11.93
N SER A 53 8.54 -10.91 12.66
CA SER A 53 9.70 -11.59 13.20
C SER A 53 9.30 -12.47 14.39
N SER A 54 8.05 -12.35 14.81
CA SER A 54 7.54 -13.13 15.94
C SER A 54 6.28 -13.89 15.54
N GLY A 55 6.13 -14.17 14.25
CA GLY A 55 4.97 -14.88 13.76
C GLY A 55 5.14 -16.38 13.84
N SER A 56 6.39 -16.84 13.77
CA SER A 56 6.68 -18.27 13.83
C SER A 56 6.10 -18.89 15.09
N ARG A 57 6.22 -18.19 16.21
CA ARG A 57 5.70 -18.67 17.48
C ARG A 57 6.36 -20.00 17.86
N ALA A 58 7.49 -20.30 17.23
CA ALA A 58 8.20 -21.54 17.50
C ALA A 58 9.14 -21.38 18.69
N SER A 59 9.48 -20.15 19.02
CA SER A 59 10.36 -19.86 20.14
C SER A 59 9.60 -19.25 21.31
N LEU A 60 8.28 -19.18 21.17
CA LEU A 60 7.43 -18.62 22.20
C LEU A 60 7.81 -17.17 22.49
N PRO A 61 7.56 -16.28 21.52
CA PRO A 61 7.86 -14.86 21.65
C PRO A 61 6.95 -14.16 22.66
N LYS A 62 5.99 -14.90 23.19
CA LYS A 62 5.04 -14.35 24.17
C LYS A 62 5.78 -13.55 25.24
N VAL A 63 6.67 -14.22 25.97
CA VAL A 63 7.44 -13.58 27.02
C VAL A 63 8.12 -12.31 26.51
N SER A 64 8.74 -12.41 25.34
CA SER A 64 9.43 -11.28 24.74
C SER A 64 8.46 -10.15 24.41
N TYR A 65 7.21 -10.52 24.16
CA TYR A 65 6.17 -9.55 23.84
C TYR A 65 5.96 -8.57 24.98
N VAL A 66 5.69 -9.10 26.18
CA VAL A 66 5.48 -8.27 27.35
C VAL A 66 6.63 -7.27 27.54
N LYS A 67 7.85 -7.80 27.62
CA LYS A 67 9.03 -6.96 27.80
C LYS A 67 9.19 -5.99 26.63
N ALA A 68 8.70 -6.40 25.47
CA ALA A 68 8.79 -5.57 24.27
C ALA A 68 7.74 -4.47 24.28
N ILE A 69 6.67 -4.69 25.06
CA ILE A 69 5.60 -3.70 25.16
C ILE A 69 5.99 -2.54 26.04
N ASP A 70 6.86 -2.80 27.01
CA ASP A 70 7.32 -1.76 27.93
C ASP A 70 8.33 -0.84 27.23
N ILE A 71 8.91 -1.33 26.13
CA ILE A 71 9.88 -0.54 25.39
C ILE A 71 9.30 -0.05 24.06
N TRP A 72 8.14 -0.58 23.71
CA TRP A 72 7.47 -0.19 22.46
C TRP A 72 6.43 0.90 22.73
N LEU A 73 6.22 1.21 24.00
CA LEU A 73 5.26 2.24 24.38
C LEU A 73 5.92 3.61 24.48
N ALA A 74 6.76 3.94 23.51
CA ALA A 74 7.46 5.21 23.49
C ALA A 74 8.34 5.33 22.26
N VAL A 75 8.91 4.21 21.82
CA VAL A 75 9.77 4.20 20.65
C VAL A 75 8.98 4.50 19.37
N CYS A 76 7.71 4.10 19.37
CA CYS A 76 6.84 4.32 18.21
C CYS A 76 6.22 5.72 18.26
N LEU A 77 5.98 6.21 19.48
CA LEU A 77 5.39 7.53 19.66
C LEU A 77 6.45 8.63 19.54
N LEU A 78 7.71 8.23 19.65
CA LEU A 78 8.82 9.18 19.55
C LEU A 78 9.45 9.14 18.16
N PHE A 79 9.41 7.96 17.53
CA PHE A 79 9.98 7.78 16.20
C PHE A 79 9.15 8.53 15.16
N VAL A 80 7.83 8.50 15.32
CA VAL A 80 6.93 9.18 14.39
C VAL A 80 6.64 10.60 14.84
N PHE A 81 7.12 10.95 16.03
CA PHE A 81 6.91 12.28 16.58
C PHE A 81 7.90 13.27 15.99
N SER A 82 9.12 12.81 15.76
CA SER A 82 10.18 13.66 15.20
C SER A 82 10.03 13.77 13.68
N ALA A 83 9.47 12.74 13.07
CA ALA A 83 9.27 12.72 11.63
C ALA A 83 8.18 13.69 11.21
N LEU A 84 7.14 13.79 12.04
CA LEU A 84 6.02 14.68 11.75
C LEU A 84 6.43 16.13 11.96
N LEU A 85 7.24 16.39 12.97
CA LEU A 85 7.70 17.74 13.27
C LEU A 85 8.27 18.41 12.03
N GLU A 86 9.00 17.63 11.23
CA GLU A 86 9.60 18.15 10.00
C GLU A 86 8.62 18.07 8.84
N TYR A 87 7.89 16.96 8.76
CA TYR A 87 6.92 16.75 7.70
C TYR A 87 5.84 17.84 7.72
N ALA A 88 5.75 18.54 8.85
CA ALA A 88 4.76 19.61 9.00
C ALA A 88 5.44 20.96 9.17
N ALA A 89 6.75 20.93 9.41
CA ALA A 89 7.51 22.16 9.59
C ALA A 89 7.57 22.97 8.29
N VAL A 90 7.61 22.26 7.17
CA VAL A 90 7.66 22.92 5.87
C VAL A 90 6.56 23.97 5.74
N ASN A 91 5.38 23.65 6.25
CA ASN A 91 4.25 24.57 6.19
C ASN A 91 4.29 25.54 7.37
N PHE A 92 5.03 25.19 8.40
CA PHE A 92 5.15 26.03 9.59
C PHE A 92 6.08 27.21 9.33
N VAL A 93 6.71 27.22 8.16
CA VAL A 93 7.62 28.28 7.79
C VAL A 93 6.98 29.65 7.96
N SER A 94 5.69 29.74 7.62
CA SER A 94 4.96 30.99 7.74
C SER A 94 5.04 31.54 9.16
N ARG A 95 5.32 30.66 10.11
CA ARG A 95 5.42 31.05 11.51
C ARG A 95 6.50 32.12 11.70
N GLN A 96 7.41 32.21 10.73
CA GLN A 96 8.49 33.18 10.79
C GLN A 96 9.42 32.90 11.96
N ARG A 97 9.52 31.62 12.33
CA ARG A 97 10.38 31.20 13.43
C ARG A 97 11.85 31.54 13.13
N GLU A 98 12.14 31.78 11.86
CA GLU A 98 13.51 32.11 11.44
C GLU A 98 13.71 33.63 11.43
N PHE A 99 14.87 34.04 10.93
CA PHE A 99 15.20 35.46 10.85
C PHE A 99 14.99 36.00 9.45
N GLY A 100 14.23 35.26 8.64
CA GLY A 100 13.96 35.67 7.28
C GLY A 100 13.26 34.60 6.48
N GLY A 101 12.06 34.92 5.98
CA GLY A 101 11.30 33.97 5.20
C GLY A 101 11.53 34.11 3.72
N GLY A 102 12.67 34.71 3.35
CA GLY A 102 12.99 34.90 1.95
C GLY A 102 13.82 33.77 1.38
N GLY A 103 13.55 32.56 1.84
CA GLY A 103 14.29 31.39 1.36
C GLY A 103 13.41 30.41 0.62
N PHE A 104 12.44 30.93 -0.13
CA PHE A 104 11.52 30.09 -0.88
C PHE A 104 12.13 29.69 -2.22
N ILE A 105 12.63 30.68 -2.96
CA ILE A 105 13.24 30.42 -4.26
C ILE A 105 14.43 29.47 -4.13
N GLN A 106 14.98 29.38 -2.93
CA GLN A 106 16.11 28.49 -2.68
C GLN A 106 15.76 27.43 -1.65
N ARG A 107 14.46 27.27 -1.38
CA ARG A 107 13.99 26.28 -0.42
C ARG A 107 14.56 24.91 -0.73
N ALA A 108 14.46 24.49 -1.98
CA ALA A 108 14.97 23.19 -2.41
C ALA A 108 16.42 23.01 -1.98
N LYS A 109 17.16 24.11 -1.94
CA LYS A 109 18.57 24.07 -1.55
C LYS A 109 18.71 24.14 -0.03
N LYS A 110 18.25 23.09 0.64
CA LYS A 110 18.32 23.02 2.10
C LYS A 110 19.77 23.16 2.57
N ILE A 111 19.94 23.67 3.78
CA ILE A 111 21.27 23.84 4.36
C ILE A 111 21.75 22.57 5.06
N ASP A 112 20.97 21.50 4.90
CA ASP A 112 21.32 20.22 5.52
C ASP A 112 21.25 20.31 7.04
N LYS A 113 20.34 21.15 7.54
CA LYS A 113 20.17 21.33 8.98
C LYS A 113 19.56 20.08 9.61
N ILE A 114 19.09 19.16 8.78
CA ILE A 114 18.48 17.93 9.25
C ILE A 114 19.51 16.82 9.38
N SER A 115 20.70 17.04 8.82
CA SER A 115 21.77 16.06 8.85
C SER A 115 22.57 16.18 10.16
N ARG A 116 22.47 17.34 10.79
CA ARG A 116 23.16 17.59 12.05
C ARG A 116 22.42 16.96 13.23
N ILE A 117 21.27 16.37 12.94
CA ILE A 117 20.45 15.75 13.98
C ILE A 117 20.32 14.25 13.74
N GLY A 118 20.09 13.88 12.47
CA GLY A 118 19.96 12.47 12.14
C GLY A 118 21.24 11.69 12.35
N PHE A 119 22.35 12.25 11.90
CA PHE A 119 23.66 11.60 12.04
C PHE A 119 23.88 11.15 13.48
N PRO A 120 23.86 12.12 14.41
CA PRO A 120 24.06 11.85 15.83
C PRO A 120 22.89 11.10 16.45
N LEU A 121 21.77 11.05 15.73
CA LEU A 121 20.59 10.36 16.22
C LEU A 121 20.69 8.86 15.95
N ALA A 122 21.37 8.50 14.87
CA ALA A 122 21.54 7.10 14.51
C ALA A 122 22.61 6.43 15.37
N PHE A 123 23.70 7.17 15.62
CA PHE A 123 24.80 6.66 16.43
C PHE A 123 24.38 6.47 17.87
N LEU A 124 23.51 7.36 18.35
CA LEU A 124 23.02 7.29 19.72
C LEU A 124 22.14 6.06 19.93
N ILE A 125 21.33 5.75 18.93
CA ILE A 125 20.44 4.58 19.00
C ILE A 125 21.23 3.28 18.84
N PHE A 126 22.17 3.28 17.91
CA PHE A 126 22.99 2.10 17.64
C PHE A 126 23.81 1.74 18.88
N ASN A 127 24.30 2.75 19.58
CA ASN A 127 25.10 2.54 20.78
C ASN A 127 24.22 2.32 22.00
N LEU A 128 22.96 2.74 21.89
CA LEU A 128 22.01 2.58 22.99
C LEU A 128 21.44 1.17 23.03
N PHE A 129 21.37 0.53 21.86
CA PHE A 129 20.84 -0.82 21.75
C PHE A 129 21.95 -1.85 21.94
N TYR A 130 23.18 -1.45 21.64
CA TYR A 130 24.33 -2.33 21.77
C TYR A 130 24.75 -2.46 23.23
N TRP A 131 24.74 -1.35 23.95
CA TRP A 131 25.12 -1.34 25.36
C TRP A 131 23.98 -1.88 26.23
N ILE A 132 22.76 -1.76 25.73
CA ILE A 132 21.58 -2.22 26.46
C ILE A 132 21.38 -3.72 26.28
N ILE A 133 21.80 -4.23 25.12
CA ILE A 133 21.68 -5.65 24.83
C ILE A 133 22.63 -6.48 25.68
N TYR A 134 23.87 -6.03 25.80
CA TYR A 134 24.86 -6.73 26.59
C TYR A 134 24.72 -6.41 28.07
N LYS A 135 23.86 -5.45 28.37
CA LYS A 135 23.61 -5.03 29.75
C LYS A 135 22.47 -5.83 30.36
N ILE A 136 21.36 -5.92 29.63
CA ILE A 136 20.19 -6.66 30.10
C ILE A 136 20.55 -8.10 30.44
N VAL A 137 21.38 -8.71 29.60
CA VAL A 137 21.81 -10.09 29.82
C VAL A 137 22.54 -10.23 31.14
N ARG A 138 23.00 -9.11 31.69
CA ARG A 138 23.73 -9.12 32.95
C ARG A 138 22.81 -8.74 34.11
N ARG A 139 22.05 -7.66 33.93
CA ARG A 139 21.12 -7.20 34.95
C ARG A 139 21.87 -6.50 36.08
N GLU A 140 22.86 -7.19 36.66
CA GLU A 140 23.65 -6.63 37.74
C GLU A 140 25.11 -7.06 37.63
N ASP A 141 25.61 -7.13 36.39
CA ASP A 141 26.99 -7.52 36.15
C ASP A 141 27.25 -8.92 36.71
N GLU A 142 26.25 -9.78 36.66
CA GLU A 142 26.38 -11.14 37.16
C GLU A 142 26.69 -12.11 36.02
N PHE A 143 26.16 -11.83 34.85
CA PHE A 143 26.39 -12.67 33.67
C PHE A 143 27.84 -12.59 33.21
N GLU A 144 28.56 -11.60 33.74
CA GLU A 144 29.96 -11.41 33.38
C GLU A 144 30.78 -12.65 33.73
N HIS A 145 30.32 -13.41 34.71
CA HIS A 145 31.01 -14.60 35.15
C HIS A 145 31.03 -15.65 34.04
N HIS A 146 31.45 -16.87 34.38
CA HIS A 146 31.52 -17.96 33.42
C HIS A 146 30.22 -18.78 33.44
N HIS A 147 29.66 -18.96 34.62
CA HIS A 147 28.43 -19.72 34.78
C HIS A 147 27.35 -19.23 33.82
N HIS A 148 27.29 -17.91 33.64
CA HIS A 148 26.31 -17.31 32.75
C HIS A 148 24.90 -17.65 33.19
N HIS A 149 24.75 -18.02 34.46
CA HIS A 149 23.44 -18.37 35.01
C HIS A 149 22.42 -17.28 34.71
N HIS A 150 22.77 -16.04 35.03
CA HIS A 150 21.88 -14.90 34.81
C HIS A 150 22.53 -13.60 35.24
N MET B 1 9.54 -35.83 2.85
CA MET B 1 10.23 -34.59 3.21
C MET B 1 11.10 -34.11 2.05
N LEU B 2 10.70 -33.00 1.44
CA LEU B 2 11.46 -32.44 0.32
C LEU B 2 12.02 -31.06 0.68
N GLU B 3 12.54 -30.94 1.89
CA GLU B 3 13.11 -29.69 2.36
C GLU B 3 14.37 -29.34 1.58
N ARG B 4 15.23 -30.33 1.37
CA ARG B 4 16.48 -30.14 0.64
C ARG B 4 16.24 -30.15 -0.86
N GLN B 5 15.03 -30.57 -1.26
CA GLN B 5 14.67 -30.63 -2.67
C GLN B 5 13.91 -29.39 -3.09
N LEU B 6 14.00 -28.34 -2.28
CA LEU B 6 13.31 -27.08 -2.58
C LEU B 6 14.17 -26.19 -3.47
N GLY B 7 15.48 -26.31 -3.32
CA GLY B 7 16.39 -25.51 -4.14
C GLY B 7 16.09 -25.60 -5.62
N TYR B 8 15.52 -26.73 -6.04
CA TYR B 8 15.19 -26.94 -7.44
C TYR B 8 14.08 -25.98 -7.88
N TYR B 9 13.07 -25.81 -7.02
CA TYR B 9 11.96 -24.93 -7.32
C TYR B 9 12.35 -23.47 -7.11
N LEU B 10 13.39 -23.25 -6.32
CA LEU B 10 13.87 -21.90 -6.04
C LEU B 10 14.75 -21.39 -7.18
N ILE B 11 15.38 -22.30 -7.89
CA ILE B 11 16.25 -21.94 -9.01
C ILE B 11 15.43 -21.51 -10.22
N GLN B 12 14.47 -22.34 -10.61
CA GLN B 12 13.62 -22.06 -11.75
C GLN B 12 12.70 -20.88 -11.46
N LEU B 13 12.42 -20.65 -10.18
CA LEU B 13 11.56 -19.56 -9.77
C LEU B 13 12.35 -18.27 -9.61
N TYR B 14 13.65 -18.40 -9.40
CA TYR B 14 14.53 -17.25 -9.22
C TYR B 14 14.82 -16.58 -10.57
N ILE B 15 14.80 -17.39 -11.63
CA ILE B 15 15.07 -16.88 -12.98
C ILE B 15 14.20 -15.67 -13.28
N PRO B 16 12.87 -15.86 -13.21
CA PRO B 16 11.90 -14.79 -13.47
C PRO B 16 11.91 -13.71 -12.40
N SER B 17 12.14 -14.12 -11.16
CA SER B 17 12.17 -13.19 -10.04
C SER B 17 13.38 -12.25 -10.14
N LEU B 18 14.42 -12.72 -10.81
CA LEU B 18 15.63 -11.92 -10.99
C LEU B 18 15.50 -11.01 -12.20
N LEU B 19 14.87 -11.52 -13.26
CA LEU B 19 14.69 -10.75 -14.48
C LEU B 19 13.83 -9.51 -14.22
N ILE B 20 12.73 -9.70 -13.51
CA ILE B 20 11.83 -8.60 -13.19
C ILE B 20 12.52 -7.56 -12.32
N VAL B 21 13.51 -8.01 -11.55
CA VAL B 21 14.26 -7.11 -10.68
C VAL B 21 15.20 -6.22 -11.47
N ILE B 22 15.85 -6.79 -12.48
CA ILE B 22 16.78 -6.03 -13.32
C ILE B 22 16.07 -4.89 -14.03
N LEU B 23 14.85 -5.15 -14.49
CA LEU B 23 14.06 -4.14 -15.19
C LEU B 23 13.61 -3.04 -14.23
N SER B 24 13.40 -3.41 -12.96
CA SER B 24 12.96 -2.47 -11.95
C SER B 24 13.95 -1.31 -11.83
N TRP B 25 15.24 -1.61 -12.00
CA TRP B 25 16.28 -0.60 -11.93
C TRP B 25 16.33 0.24 -13.19
N ILE B 26 16.16 -0.41 -14.34
CA ILE B 26 16.18 0.28 -15.62
C ILE B 26 15.16 1.41 -15.66
N SER B 27 14.14 1.31 -14.81
CA SER B 27 13.09 2.31 -14.75
C SER B 27 13.24 3.17 -13.49
N PHE B 28 14.12 2.75 -12.59
CA PHE B 28 14.36 3.48 -11.35
C PHE B 28 15.14 4.77 -11.62
N TRP B 29 15.91 4.77 -12.70
CA TRP B 29 16.69 5.94 -13.06
C TRP B 29 15.80 7.15 -13.30
N ILE B 30 14.51 6.91 -13.50
CA ILE B 30 13.56 7.98 -13.73
C ILE B 30 12.52 8.05 -12.61
N ASN B 31 12.17 6.89 -12.06
CA ASN B 31 11.20 6.81 -10.98
C ASN B 31 11.74 7.46 -9.71
N LEU B 32 13.03 7.78 -9.72
CA LEU B 32 13.68 8.41 -8.57
C LEU B 32 12.85 9.59 -8.06
N ASP B 33 12.08 10.20 -8.96
CA ASP B 33 11.24 11.34 -8.60
C ASP B 33 10.06 11.46 -9.55
N ALA B 34 10.30 11.19 -10.83
CA ALA B 34 9.25 11.26 -11.84
C ALA B 34 8.05 10.39 -11.46
N ALA B 35 8.34 9.17 -11.02
CA ALA B 35 7.29 8.24 -10.61
C ALA B 35 7.86 7.10 -9.77
N PRO B 36 8.24 7.41 -8.53
CA PRO B 36 8.81 6.42 -7.60
C PRO B 36 7.78 5.40 -7.14
N ALA B 37 6.53 5.62 -7.52
CA ALA B 37 5.45 4.71 -7.15
C ALA B 37 5.73 3.29 -7.61
N ARG B 38 6.29 3.15 -8.81
CA ARG B 38 6.61 1.85 -9.37
C ARG B 38 7.80 1.23 -8.64
N VAL B 39 8.76 2.07 -8.27
CA VAL B 39 9.95 1.60 -7.57
C VAL B 39 9.59 1.00 -6.21
N GLY B 40 8.55 1.54 -5.59
CA GLY B 40 8.11 1.04 -4.29
C GLY B 40 7.39 -0.29 -4.40
N LEU B 41 6.78 -0.53 -5.56
CA LEU B 41 6.04 -1.77 -5.79
C LEU B 41 6.98 -2.90 -6.19
N GLY B 42 8.01 -2.56 -6.98
CA GLY B 42 8.96 -3.56 -7.43
C GLY B 42 9.84 -4.06 -6.30
N ILE B 43 10.20 -3.16 -5.38
CA ILE B 43 11.05 -3.51 -4.26
C ILE B 43 10.29 -4.37 -3.25
N THR B 44 8.98 -4.14 -3.14
CA THR B 44 8.15 -4.88 -2.21
C THR B 44 7.66 -6.18 -2.84
N THR B 45 7.74 -6.26 -4.16
CA THR B 45 7.31 -7.45 -4.89
C THR B 45 8.34 -8.56 -4.79
N VAL B 46 9.62 -8.18 -4.68
CA VAL B 46 10.70 -9.15 -4.58
C VAL B 46 10.70 -9.82 -3.21
N LEU B 47 10.48 -9.04 -2.17
CA LEU B 47 10.46 -9.55 -0.81
C LEU B 47 9.14 -10.25 -0.51
N THR B 48 8.11 -9.91 -1.27
CA THR B 48 6.79 -10.49 -1.09
C THR B 48 6.63 -11.75 -1.94
N LEU B 49 7.41 -11.83 -3.02
CA LEU B 49 7.35 -12.98 -3.92
C LEU B 49 8.11 -14.16 -3.33
N THR B 50 9.12 -13.87 -2.51
CA THR B 50 9.93 -14.91 -1.89
C THR B 50 9.29 -15.40 -0.59
N THR B 51 8.80 -14.46 0.22
CA THR B 51 8.16 -14.79 1.48
C THR B 51 6.92 -15.64 1.27
N GLN B 52 6.23 -15.40 0.15
CA GLN B 52 5.02 -16.15 -0.18
C GLN B 52 5.35 -17.42 -0.94
N SER B 53 6.57 -17.49 -1.46
CA SER B 53 7.01 -18.65 -2.23
C SER B 53 7.28 -19.84 -1.30
N SER B 54 7.24 -19.57 0.01
CA SER B 54 7.50 -20.62 0.99
C SER B 54 6.34 -20.70 1.99
N GLY B 55 5.16 -20.28 1.56
CA GLY B 55 4.00 -20.31 2.43
C GLY B 55 3.29 -21.65 2.39
N SER B 56 3.41 -22.36 1.28
CA SER B 56 2.77 -23.65 1.12
C SER B 56 3.20 -24.61 2.23
N ARG B 57 4.47 -24.58 2.58
CA ARG B 57 5.01 -25.44 3.62
C ARG B 57 4.79 -26.91 3.28
N ALA B 58 4.53 -27.18 2.00
CA ALA B 58 4.31 -28.55 1.55
C ALA B 58 5.63 -29.25 1.23
N SER B 59 6.67 -28.47 1.00
CA SER B 59 7.98 -29.01 0.68
C SER B 59 8.94 -28.84 1.86
N LEU B 60 8.42 -28.35 2.97
CA LEU B 60 9.23 -28.13 4.17
C LEU B 60 10.38 -27.16 3.88
N PRO B 61 10.04 -25.90 3.63
CA PRO B 61 11.02 -24.85 3.33
C PRO B 61 11.85 -24.48 4.55
N LYS B 62 11.51 -25.07 5.70
CA LYS B 62 12.24 -24.81 6.94
C LYS B 62 13.74 -24.86 6.71
N VAL B 63 14.23 -26.02 6.29
CA VAL B 63 15.66 -26.21 6.04
C VAL B 63 16.20 -25.10 5.13
N SER B 64 15.46 -24.82 4.05
CA SER B 64 15.87 -23.79 3.10
C SER B 64 15.91 -22.42 3.77
N TYR B 65 15.08 -22.25 4.79
CA TYR B 65 15.02 -20.98 5.52
C TYR B 65 16.37 -20.65 6.15
N VAL B 66 16.89 -21.57 6.94
CA VAL B 66 18.17 -21.39 7.60
C VAL B 66 19.25 -20.97 6.61
N LYS B 67 19.45 -21.79 5.59
CA LYS B 67 20.45 -21.51 4.57
C LYS B 67 20.15 -20.20 3.85
N ALA B 68 18.87 -19.85 3.80
CA ALA B 68 18.44 -18.61 3.14
C ALA B 68 18.69 -17.41 4.03
N ILE B 69 18.80 -17.65 5.34
CA ILE B 69 19.04 -16.58 6.30
C ILE B 69 20.50 -16.13 6.26
N ASP B 70 21.39 -17.05 5.93
CA ASP B 70 22.82 -16.76 5.86
C ASP B 70 23.14 -15.96 4.60
N ILE B 71 22.24 -15.99 3.64
CA ILE B 71 22.42 -15.27 2.38
C ILE B 71 21.49 -14.07 2.29
N TRP B 72 20.53 -14.00 3.20
CA TRP B 72 19.58 -12.90 3.23
C TRP B 72 20.01 -11.83 4.22
N LEU B 73 21.09 -12.10 4.95
CA LEU B 73 21.62 -11.15 5.93
C LEU B 73 22.68 -10.26 5.30
N ALA B 74 22.40 -9.77 4.10
CA ALA B 74 23.33 -8.89 3.40
C ALA B 74 22.76 -8.45 2.06
N VAL B 75 22.00 -9.33 1.42
CA VAL B 75 21.39 -9.04 0.12
C VAL B 75 20.32 -7.97 0.26
N CYS B 76 19.66 -7.93 1.42
CA CYS B 76 18.61 -6.95 1.68
C CYS B 76 19.20 -5.64 2.17
N LEU B 77 20.31 -5.73 2.89
CA LEU B 77 20.98 -4.55 3.43
C LEU B 77 21.85 -3.87 2.38
N LEU B 78 22.14 -4.61 1.31
CA LEU B 78 22.97 -4.09 0.22
C LEU B 78 22.11 -3.65 -0.95
N PHE B 79 20.97 -4.32 -1.12
CA PHE B 79 20.05 -4.00 -2.21
C PHE B 79 19.38 -2.65 -1.98
N VAL B 80 19.03 -2.38 -0.73
CA VAL B 80 18.39 -1.12 -0.37
C VAL B 80 19.42 -0.06 0.01
N PHE B 81 20.68 -0.48 0.10
CA PHE B 81 21.76 0.43 0.46
C PHE B 81 22.20 1.26 -0.75
N SER B 82 22.19 0.64 -1.93
CA SER B 82 22.59 1.31 -3.16
C SER B 82 21.45 2.16 -3.71
N ALA B 83 20.22 1.74 -3.42
CA ALA B 83 19.04 2.47 -3.89
C ALA B 83 18.88 3.80 -3.14
N LEU B 84 19.20 3.78 -1.85
CA LEU B 84 19.09 4.98 -1.03
C LEU B 84 20.19 5.98 -1.37
N LEU B 85 21.37 5.47 -1.66
CA LEU B 85 22.51 6.32 -2.01
C LEU B 85 22.12 7.30 -3.11
N GLU B 86 21.34 6.83 -4.08
CA GLU B 86 20.92 7.67 -5.19
C GLU B 86 19.64 8.43 -4.84
N TYR B 87 18.73 7.75 -4.14
CA TYR B 87 17.46 8.36 -3.74
C TYR B 87 17.70 9.56 -2.82
N ALA B 88 18.91 9.65 -2.27
CA ALA B 88 19.28 10.75 -1.39
C ALA B 88 20.38 11.60 -2.00
N ALA B 89 21.00 11.09 -3.05
CA ALA B 89 22.08 11.81 -3.72
C ALA B 89 21.55 13.07 -4.40
N VAL B 90 20.33 12.99 -4.92
CA VAL B 90 19.71 14.13 -5.59
C VAL B 90 19.80 15.39 -4.74
N ASN B 91 19.60 15.23 -3.43
CA ASN B 91 19.66 16.36 -2.52
C ASN B 91 21.09 16.62 -2.06
N PHE B 92 21.95 15.61 -2.23
CA PHE B 92 23.34 15.74 -1.83
C PHE B 92 24.13 16.56 -2.85
N VAL B 93 23.46 16.94 -3.94
CA VAL B 93 24.10 17.73 -4.99
C VAL B 93 24.75 18.98 -4.43
N SER B 94 24.13 19.56 -3.40
CA SER B 94 24.65 20.76 -2.76
C SER B 94 26.06 20.53 -2.22
N ARG B 95 26.40 19.26 -2.03
CA ARG B 95 27.71 18.89 -1.51
C ARG B 95 28.82 19.37 -2.45
N GLN B 96 28.44 19.67 -3.68
CA GLN B 96 29.41 20.15 -4.68
C GLN B 96 30.45 19.07 -4.98
N ARG B 97 30.06 17.81 -4.83
CA ARG B 97 30.96 16.69 -5.09
C ARG B 97 31.43 16.70 -6.55
N GLU B 98 30.70 17.40 -7.40
CA GLU B 98 31.04 17.49 -8.81
C GLU B 98 31.94 18.69 -9.08
N PHE B 99 32.14 18.98 -10.36
CA PHE B 99 32.98 20.11 -10.76
C PHE B 99 32.14 21.29 -11.22
N GLY B 100 30.85 21.26 -10.85
CA GLY B 100 29.95 22.33 -11.24
C GLY B 100 28.51 22.02 -10.90
N GLY B 101 27.90 22.86 -10.08
CA GLY B 101 26.51 22.65 -9.69
C GLY B 101 25.54 23.42 -10.57
N GLY B 102 25.98 23.75 -11.78
CA GLY B 102 25.14 24.48 -12.70
C GLY B 102 24.37 23.57 -13.63
N GLY B 103 23.95 22.41 -13.12
CA GLY B 103 23.21 21.48 -13.93
C GLY B 103 21.79 21.25 -13.42
N PHE B 104 21.18 22.32 -12.90
CA PHE B 104 19.82 22.23 -12.37
C PHE B 104 18.80 22.36 -13.48
N ILE B 105 18.95 23.38 -14.31
CA ILE B 105 18.03 23.62 -15.42
C ILE B 105 18.00 22.43 -16.37
N GLN B 106 19.06 21.62 -16.32
CA GLN B 106 19.16 20.45 -17.19
C GLN B 106 19.24 19.18 -16.35
N ARG B 107 18.92 19.29 -15.07
CA ARG B 107 18.95 18.14 -14.17
C ARG B 107 18.16 16.97 -14.74
N ALA B 108 16.92 17.25 -15.16
CA ALA B 108 16.07 16.22 -15.73
C ALA B 108 16.78 15.46 -16.85
N LYS B 109 17.67 16.15 -17.55
CA LYS B 109 18.43 15.54 -18.64
C LYS B 109 19.66 14.83 -18.11
N LYS B 110 19.45 13.76 -17.34
CA LYS B 110 20.54 12.98 -16.76
C LYS B 110 21.47 12.47 -17.86
N ILE B 111 22.73 12.25 -17.51
CA ILE B 111 23.71 11.75 -18.47
C ILE B 111 23.76 10.22 -18.46
N ASP B 112 22.74 9.61 -17.87
CA ASP B 112 22.64 8.15 -17.81
C ASP B 112 23.85 7.57 -17.06
N LYS B 113 24.31 8.29 -16.05
CA LYS B 113 25.45 7.86 -15.26
C LYS B 113 25.06 6.70 -14.34
N ILE B 114 23.76 6.41 -14.29
CA ILE B 114 23.25 5.32 -13.45
C ILE B 114 23.10 4.05 -14.27
N SER B 115 23.19 4.17 -15.58
CA SER B 115 23.05 3.02 -16.48
C SER B 115 24.38 2.28 -16.62
N ARG B 116 25.47 2.97 -16.30
CA ARG B 116 26.80 2.38 -16.40
C ARG B 116 27.10 1.52 -15.18
N ILE B 117 26.16 1.49 -14.23
CA ILE B 117 26.33 0.70 -13.02
C ILE B 117 25.28 -0.40 -12.93
N GLY B 118 24.04 -0.06 -13.26
CA GLY B 118 22.95 -1.02 -13.21
C GLY B 118 23.13 -2.14 -14.21
N PHE B 119 23.47 -1.77 -15.45
CA PHE B 119 23.66 -2.74 -16.51
C PHE B 119 24.60 -3.87 -16.05
N PRO B 120 25.83 -3.49 -15.69
CA PRO B 120 26.84 -4.45 -15.22
C PRO B 120 26.50 -5.04 -13.85
N LEU B 121 25.55 -4.42 -13.17
CA LEU B 121 25.12 -4.89 -11.86
C LEU B 121 24.14 -6.05 -11.97
N ALA B 122 23.34 -6.03 -13.04
CA ALA B 122 22.35 -7.08 -13.28
C ALA B 122 23.02 -8.34 -13.83
N PHE B 123 23.98 -8.15 -14.73
CA PHE B 123 24.69 -9.27 -15.33
C PHE B 123 25.55 -9.99 -14.30
N LEU B 124 26.09 -9.23 -13.36
CA LEU B 124 26.94 -9.79 -12.31
C LEU B 124 26.13 -10.68 -11.37
N ILE B 125 24.91 -10.23 -11.07
CA ILE B 125 24.02 -10.98 -10.18
C ILE B 125 23.46 -12.21 -10.88
N PHE B 126 23.07 -12.04 -12.14
CA PHE B 126 22.51 -13.13 -12.92
C PHE B 126 23.52 -14.26 -13.09
N ASN B 127 24.79 -13.88 -13.28
CA ASN B 127 25.85 -14.85 -13.45
C ASN B 127 26.35 -15.36 -12.11
N LEU B 128 26.08 -14.60 -11.06
CA LEU B 128 26.50 -14.98 -9.71
C LEU B 128 25.56 -16.01 -9.11
N PHE B 129 24.29 -15.96 -9.52
CA PHE B 129 23.29 -16.90 -9.01
C PHE B 129 23.25 -18.16 -9.88
N TYR B 130 23.66 -18.03 -11.13
CA TYR B 130 23.67 -19.16 -12.06
C TYR B 130 24.85 -20.09 -11.78
N TRP B 131 26.01 -19.49 -11.52
CA TRP B 131 27.22 -20.26 -11.22
C TRP B 131 27.20 -20.79 -9.80
N ILE B 132 26.47 -20.11 -8.92
CA ILE B 132 26.37 -20.51 -7.53
C ILE B 132 25.33 -21.62 -7.35
N ILE B 133 24.32 -21.61 -8.21
CA ILE B 133 23.26 -22.62 -8.15
C ILE B 133 23.79 -23.99 -8.57
N TYR B 134 24.55 -24.02 -9.66
CA TYR B 134 25.11 -25.26 -10.17
C TYR B 134 26.37 -25.65 -9.40
N LYS B 135 26.83 -24.74 -8.55
CA LYS B 135 28.02 -24.98 -7.74
C LYS B 135 27.66 -25.61 -6.40
N ILE B 136 26.68 -25.02 -5.73
CA ILE B 136 26.23 -25.53 -4.43
C ILE B 136 25.81 -27.00 -4.52
N VAL B 137 25.13 -27.34 -5.61
CA VAL B 137 24.68 -28.72 -5.82
C VAL B 137 25.87 -29.68 -5.88
N ARG B 138 27.05 -29.13 -6.12
CA ARG B 138 28.26 -29.94 -6.21
C ARG B 138 29.04 -29.91 -4.89
N ARG B 139 29.22 -28.71 -4.35
CA ARG B 139 29.95 -28.54 -3.09
C ARG B 139 31.45 -28.70 -3.31
N GLU B 140 31.84 -29.83 -3.89
CA GLU B 140 33.25 -30.11 -4.15
C GLU B 140 33.42 -30.82 -5.49
N ASP B 141 32.63 -30.44 -6.47
CA ASP B 141 32.70 -31.04 -7.80
C ASP B 141 32.45 -32.55 -7.72
N GLU B 142 31.59 -32.95 -6.80
CA GLU B 142 31.27 -34.36 -6.62
C GLU B 142 29.99 -34.72 -7.35
N PHE B 143 29.05 -33.79 -7.39
CA PHE B 143 27.77 -34.01 -8.06
C PHE B 143 27.96 -34.14 -9.56
N GLU B 144 29.14 -33.75 -10.04
CA GLU B 144 29.45 -33.82 -11.46
C GLU B 144 29.32 -35.26 -11.98
N HIS B 145 29.51 -36.22 -11.08
CA HIS B 145 29.41 -37.63 -11.44
C HIS B 145 28.00 -37.98 -11.89
N HIS B 146 27.74 -39.28 -12.05
CA HIS B 146 26.42 -39.75 -12.48
C HIS B 146 25.54 -40.08 -11.27
N HIS B 147 26.16 -40.63 -10.23
CA HIS B 147 25.44 -40.99 -9.02
C HIS B 147 24.61 -39.81 -8.50
N HIS B 148 25.17 -38.61 -8.61
CA HIS B 148 24.50 -37.41 -8.15
C HIS B 148 24.16 -37.50 -6.67
N HIS B 149 24.88 -38.35 -5.96
CA HIS B 149 24.65 -38.54 -4.53
C HIS B 149 24.68 -37.21 -3.80
N HIS B 150 25.73 -36.42 -4.04
CA HIS B 150 25.87 -35.12 -3.41
C HIS B 150 26.73 -34.18 -4.25
N MET C 1 -12.02 -32.54 -5.06
CA MET C 1 -13.03 -33.28 -5.83
C MET C 1 -13.33 -32.58 -7.16
N LEU C 2 -13.36 -31.25 -7.12
CA LEU C 2 -13.64 -30.46 -8.32
C LEU C 2 -12.41 -29.64 -8.72
N GLU C 3 -11.24 -30.27 -8.68
CA GLU C 3 -9.99 -29.61 -9.04
C GLU C 3 -9.96 -29.30 -10.53
N ARG C 4 -10.36 -30.29 -11.34
CA ARG C 4 -10.36 -30.12 -12.79
C ARG C 4 -11.61 -29.36 -13.24
N GLN C 5 -12.56 -29.18 -12.33
CA GLN C 5 -13.79 -28.48 -12.64
C GLN C 5 -13.71 -27.02 -12.21
N LEU C 6 -12.49 -26.55 -11.97
CA LEU C 6 -12.27 -25.16 -11.56
C LEU C 6 -12.16 -24.24 -12.77
N GLY C 7 -11.68 -24.78 -13.87
CA GLY C 7 -11.54 -23.99 -15.09
C GLY C 7 -12.82 -23.28 -15.47
N TYR C 8 -13.95 -23.86 -15.08
CA TYR C 8 -15.25 -23.27 -15.39
C TYR C 8 -15.45 -21.95 -14.65
N TYR C 9 -15.04 -21.93 -13.38
CA TYR C 9 -15.16 -20.72 -12.57
C TYR C 9 -14.06 -19.72 -12.91
N LEU C 10 -12.99 -20.21 -13.50
CA LEU C 10 -11.87 -19.35 -13.88
C LEU C 10 -12.15 -18.63 -15.20
N ILE C 11 -12.99 -19.25 -16.03
CA ILE C 11 -13.34 -18.66 -17.31
C ILE C 11 -14.31 -17.50 -17.15
N GLN C 12 -15.39 -17.74 -16.42
CA GLN C 12 -16.40 -16.71 -16.17
C GLN C 12 -15.84 -15.60 -15.28
N LEU C 13 -14.83 -15.94 -14.48
CA LEU C 13 -14.21 -14.98 -13.58
C LEU C 13 -13.11 -14.20 -14.29
N TYR C 14 -12.57 -14.79 -15.36
CA TYR C 14 -11.51 -14.15 -16.12
C TYR C 14 -12.08 -13.05 -17.02
N ILE C 15 -13.32 -13.21 -17.43
CA ILE C 15 -13.98 -12.23 -18.30
C ILE C 15 -13.85 -10.82 -17.72
N PRO C 16 -14.35 -10.64 -16.48
CA PRO C 16 -14.30 -9.35 -15.79
C PRO C 16 -12.88 -8.97 -15.39
N SER C 17 -12.08 -9.96 -15.02
CA SER C 17 -10.71 -9.72 -14.61
C SER C 17 -9.86 -9.23 -15.77
N LEU C 18 -10.27 -9.60 -16.99
CA LEU C 18 -9.55 -9.20 -18.19
C LEU C 18 -10.02 -7.83 -18.67
N LEU C 19 -11.31 -7.57 -18.54
CA LEU C 19 -11.90 -6.30 -18.96
C LEU C 19 -11.31 -5.15 -18.15
N ILE C 20 -11.24 -5.32 -16.83
CA ILE C 20 -10.71 -4.30 -15.94
C ILE C 20 -9.23 -4.04 -16.24
N VAL C 21 -8.56 -5.06 -16.77
CA VAL C 21 -7.14 -4.95 -17.10
C VAL C 21 -6.93 -4.08 -18.34
N ILE C 22 -7.79 -4.27 -19.33
CA ILE C 22 -7.70 -3.51 -20.58
C ILE C 22 -7.85 -2.01 -20.31
N LEU C 23 -8.77 -1.66 -19.42
CA LEU C 23 -9.01 -0.26 -19.08
C LEU C 23 -7.84 0.31 -18.29
N SER C 24 -7.15 -0.55 -17.54
CA SER C 24 -6.01 -0.13 -16.74
C SER C 24 -4.94 0.50 -17.62
N TRP C 25 -4.79 -0.01 -18.83
CA TRP C 25 -3.80 0.50 -19.77
C TRP C 25 -4.28 1.81 -20.41
N ILE C 26 -5.56 1.85 -20.77
CA ILE C 26 -6.13 3.03 -21.40
C ILE C 26 -5.88 4.27 -20.56
N SER C 27 -5.70 4.08 -19.26
CA SER C 27 -5.44 5.18 -18.34
C SER C 27 -3.96 5.28 -18.00
N PHE C 28 -3.23 4.20 -18.26
CA PHE C 28 -1.80 4.15 -17.97
C PHE C 28 -1.04 5.15 -18.84
N TRP C 29 -1.63 5.50 -19.98
CA TRP C 29 -1.01 6.44 -20.91
C TRP C 29 -0.74 7.77 -20.23
N ILE C 30 -1.60 8.14 -19.29
CA ILE C 30 -1.45 9.40 -18.56
C ILE C 30 -0.89 9.15 -17.17
N ASN C 31 -1.26 8.02 -16.57
CA ASN C 31 -0.79 7.66 -15.24
C ASN C 31 0.71 7.44 -15.23
N LEU C 32 1.29 7.35 -16.42
CA LEU C 32 2.74 7.14 -16.55
C LEU C 32 3.51 8.10 -15.66
N ASP C 33 2.91 9.26 -15.38
CA ASP C 33 3.55 10.26 -14.53
C ASP C 33 2.50 11.17 -13.88
N ALA C 34 1.46 11.49 -14.64
CA ALA C 34 0.39 12.35 -14.13
C ALA C 34 -0.20 11.78 -12.84
N ALA C 35 -0.43 10.47 -12.83
CA ALA C 35 -0.98 9.81 -11.65
C ALA C 35 -0.82 8.29 -11.74
N PRO C 36 0.43 7.83 -11.55
CA PRO C 36 0.76 6.40 -11.61
C PRO C 36 0.18 5.62 -10.44
N ALA C 37 -0.39 6.34 -9.49
CA ALA C 37 -0.98 5.73 -8.30
C ALA C 37 -2.03 4.68 -8.69
N ARG C 38 -2.81 5.00 -9.73
CA ARG C 38 -3.85 4.08 -10.20
C ARG C 38 -3.23 2.88 -10.90
N VAL C 39 -2.15 3.12 -11.64
CA VAL C 39 -1.47 2.05 -12.37
C VAL C 39 -0.89 1.02 -11.40
N GLY C 40 -0.47 1.48 -10.23
CA GLY C 40 0.10 0.58 -9.24
C GLY C 40 -0.96 -0.26 -8.56
N LEU C 41 -2.18 0.25 -8.52
CA LEU C 41 -3.28 -0.47 -7.88
C LEU C 41 -3.90 -1.49 -8.83
N GLY C 42 -3.96 -1.13 -10.11
CA GLY C 42 -4.53 -2.03 -11.11
C GLY C 42 -3.63 -3.23 -11.36
N ILE C 43 -2.33 -3.00 -11.33
CA ILE C 43 -1.37 -4.08 -11.58
C ILE C 43 -1.33 -5.05 -10.40
N THR C 44 -1.56 -4.54 -9.20
CA THR C 44 -1.55 -5.36 -8.01
C THR C 44 -2.92 -6.00 -7.77
N THR C 45 -3.94 -5.47 -8.42
CA THR C 45 -5.30 -5.99 -8.28
C THR C 45 -5.47 -7.26 -9.12
N VAL C 46 -4.75 -7.36 -10.22
CA VAL C 46 -4.83 -8.52 -11.10
C VAL C 46 -4.16 -9.74 -10.46
N LEU C 47 -3.00 -9.51 -9.84
CA LEU C 47 -2.26 -10.58 -9.19
C LEU C 47 -2.87 -10.93 -7.83
N THR C 48 -3.61 -9.97 -7.27
CA THR C 48 -4.25 -10.19 -5.98
C THR C 48 -5.65 -10.78 -6.14
N LEU C 49 -6.25 -10.56 -7.30
CA LEU C 49 -7.58 -11.08 -7.59
C LEU C 49 -7.53 -12.56 -7.95
N THR C 50 -6.39 -12.99 -8.51
CA THR C 50 -6.21 -14.38 -8.89
C THR C 50 -5.71 -15.21 -7.72
N THR C 51 -4.75 -14.67 -6.98
CA THR C 51 -4.18 -15.37 -5.83
C THR C 51 -5.23 -15.61 -4.76
N GLN C 52 -6.19 -14.69 -4.66
CA GLN C 52 -7.26 -14.82 -3.68
C GLN C 52 -8.43 -15.61 -4.24
N SER C 53 -8.45 -15.76 -5.56
CA SER C 53 -9.52 -16.50 -6.22
C SER C 53 -9.38 -18.00 -5.99
N SER C 54 -8.25 -18.40 -5.41
CA SER C 54 -7.98 -19.80 -5.13
C SER C 54 -7.65 -20.02 -3.66
N GLY C 55 -8.16 -19.13 -2.81
CA GLY C 55 -7.91 -19.24 -1.39
C GLY C 55 -8.91 -20.14 -0.69
N SER C 56 -10.11 -20.22 -1.25
CA SER C 56 -11.17 -21.05 -0.68
C SER C 56 -10.71 -22.49 -0.51
N ARG C 57 -9.99 -23.00 -1.51
CA ARG C 57 -9.49 -24.37 -1.47
C ARG C 57 -10.62 -25.37 -1.34
N ALA C 58 -11.84 -24.91 -1.67
CA ALA C 58 -13.01 -25.77 -1.59
C ALA C 58 -13.19 -26.58 -2.86
N SER C 59 -12.57 -26.12 -3.94
CA SER C 59 -12.67 -26.80 -5.22
C SER C 59 -11.35 -27.48 -5.58
N LEU C 60 -10.41 -27.44 -4.65
CA LEU C 60 -9.10 -28.06 -4.86
C LEU C 60 -8.41 -27.44 -6.08
N PRO C 61 -8.01 -26.16 -5.95
CA PRO C 61 -7.32 -25.44 -7.03
C PRO C 61 -5.91 -25.95 -7.26
N LYS C 62 -5.48 -26.89 -6.42
CA LYS C 62 -4.15 -27.46 -6.54
C LYS C 62 -3.83 -27.82 -7.99
N VAL C 63 -4.63 -28.73 -8.55
CA VAL C 63 -4.44 -29.16 -9.93
C VAL C 63 -4.34 -27.96 -10.87
N SER C 64 -5.25 -27.01 -10.71
CA SER C 64 -5.26 -25.82 -11.55
C SER C 64 -3.98 -25.00 -11.35
N TYR C 65 -3.39 -25.11 -10.17
CA TYR C 65 -2.17 -24.39 -9.86
C TYR C 65 -1.03 -24.80 -10.80
N VAL C 66 -0.77 -26.09 -10.86
CA VAL C 66 0.28 -26.61 -11.74
C VAL C 66 0.13 -26.11 -13.16
N LYS C 67 -1.04 -26.36 -13.75
CA LYS C 67 -1.32 -25.93 -15.11
C LYS C 67 -1.25 -24.40 -15.23
N ALA C 68 -1.54 -23.73 -14.12
CA ALA C 68 -1.51 -22.27 -14.09
C ALA C 68 -0.07 -21.75 -14.00
N ILE C 69 0.82 -22.60 -13.50
CA ILE C 69 2.22 -22.23 -13.36
C ILE C 69 2.95 -22.25 -14.69
N ASP C 70 2.48 -23.12 -15.59
CA ASP C 70 3.09 -23.25 -16.92
C ASP C 70 2.68 -22.08 -17.81
N ILE C 71 1.61 -21.40 -17.42
CA ILE C 71 1.11 -20.25 -18.18
C ILE C 71 1.39 -18.93 -17.45
N TRP C 72 1.79 -19.05 -16.19
CA TRP C 72 2.09 -17.87 -15.38
C TRP C 72 3.59 -17.56 -15.40
N LEU C 73 4.36 -18.45 -16.03
CA LEU C 73 5.81 -18.26 -16.12
C LEU C 73 6.19 -17.52 -17.39
N ALA C 74 5.45 -16.45 -17.69
CA ALA C 74 5.70 -15.66 -18.89
C ALA C 74 4.73 -14.50 -19.00
N VAL C 75 3.50 -14.73 -18.55
CA VAL C 75 2.46 -13.69 -18.59
C VAL C 75 2.78 -12.55 -17.63
N CYS C 76 3.46 -12.88 -16.54
CA CYS C 76 3.83 -11.88 -15.54
C CYS C 76 5.14 -11.20 -15.91
N LEU C 77 6.02 -11.93 -16.59
CA LEU C 77 7.31 -11.39 -17.01
C LEU C 77 7.17 -10.58 -18.29
N LEU C 78 6.06 -10.78 -18.99
CA LEU C 78 5.81 -10.06 -20.23
C LEU C 78 4.85 -8.89 -20.00
N PHE C 79 3.96 -9.05 -19.02
CA PHE C 79 2.99 -8.00 -18.70
C PHE C 79 3.69 -6.79 -18.07
N VAL C 80 4.68 -7.06 -17.22
CA VAL C 80 5.41 -6.00 -16.56
C VAL C 80 6.64 -5.60 -17.36
N PHE C 81 6.91 -6.33 -18.44
CA PHE C 81 8.06 -6.05 -19.30
C PHE C 81 7.74 -4.93 -20.27
N SER C 82 6.50 -4.88 -20.74
CA SER C 82 6.07 -3.86 -21.68
C SER C 82 5.74 -2.56 -20.95
N ALA C 83 5.30 -2.68 -19.70
CA ALA C 83 4.94 -1.52 -18.90
C ALA C 83 6.18 -0.73 -18.49
N LEU C 84 7.26 -1.45 -18.19
CA LEU C 84 8.51 -0.81 -17.80
C LEU C 84 9.18 -0.12 -18.99
N LEU C 85 9.08 -0.75 -20.16
CA LEU C 85 9.67 -0.19 -21.37
C LEU C 85 9.25 1.26 -21.58
N GLU C 86 7.98 1.54 -21.27
CA GLU C 86 7.45 2.89 -21.42
C GLU C 86 7.70 3.71 -20.16
N TYR C 87 7.55 3.07 -19.01
CA TYR C 87 7.76 3.75 -17.73
C TYR C 87 9.20 4.25 -17.61
N ALA C 88 10.08 3.73 -18.46
CA ALA C 88 11.48 4.12 -18.45
C ALA C 88 11.87 4.81 -19.75
N ALA C 89 11.00 4.70 -20.75
CA ALA C 89 11.24 5.32 -22.04
C ALA C 89 11.24 6.84 -21.94
N VAL C 90 10.38 7.37 -21.07
CA VAL C 90 10.27 8.81 -20.88
C VAL C 90 11.64 9.44 -20.66
N ASN C 91 12.48 8.75 -19.88
CA ASN C 91 13.83 9.25 -19.60
C ASN C 91 14.80 8.83 -20.69
N PHE C 92 14.42 7.83 -21.48
CA PHE C 92 15.26 7.34 -22.55
C PHE C 92 15.21 8.27 -23.76
N VAL C 93 14.37 9.31 -23.66
CA VAL C 93 14.23 10.28 -24.74
C VAL C 93 15.58 10.86 -25.14
N SER C 94 16.45 11.03 -24.16
CA SER C 94 17.79 11.59 -24.41
C SER C 94 18.54 10.73 -25.42
N ARG C 95 18.11 9.48 -25.57
CA ARG C 95 18.75 8.55 -26.50
C ARG C 95 18.68 9.10 -27.93
N GLN C 96 17.77 10.03 -28.16
CA GLN C 96 17.60 10.63 -29.49
C GLN C 96 17.15 9.58 -30.49
N ARG C 97 16.42 8.57 -30.01
CA ARG C 97 15.92 7.51 -30.87
C ARG C 97 14.98 8.06 -31.93
N GLU C 98 14.48 9.27 -31.70
CA GLU C 98 13.55 9.91 -32.63
C GLU C 98 14.30 10.79 -33.63
N PHE C 99 13.57 11.58 -34.39
CA PHE C 99 14.17 12.47 -35.38
C PHE C 99 14.18 13.91 -34.88
N GLY C 100 14.02 14.08 -33.57
CA GLY C 100 14.02 15.40 -32.99
C GLY C 100 13.60 15.41 -31.53
N GLY C 101 14.48 15.88 -30.66
CA GLY C 101 14.18 15.91 -29.24
C GLY C 101 13.59 17.25 -28.81
N GLY C 102 13.01 17.98 -29.75
CA GLY C 102 12.42 19.26 -29.45
C GLY C 102 10.94 19.16 -29.12
N GLY C 103 10.56 18.08 -28.45
CA GLY C 103 9.16 17.89 -28.09
C GLY C 103 8.96 17.85 -26.59
N PHE C 104 9.73 18.67 -25.87
CA PHE C 104 9.62 18.73 -24.41
C PHE C 104 8.49 19.66 -23.99
N ILE C 105 8.47 20.87 -24.55
CA ILE C 105 7.44 21.85 -24.23
C ILE C 105 6.05 21.32 -24.57
N GLN C 106 6.00 20.33 -25.44
CA GLN C 106 4.74 19.73 -25.85
C GLN C 106 4.69 18.25 -25.48
N ARG C 107 5.63 17.82 -24.63
CA ARG C 107 5.70 16.43 -24.21
C ARG C 107 4.35 15.95 -23.68
N ALA C 108 3.76 16.74 -22.79
CA ALA C 108 2.46 16.40 -22.21
C ALA C 108 1.43 16.08 -23.30
N LYS C 109 1.59 16.73 -24.45
CA LYS C 109 0.68 16.53 -25.57
C LYS C 109 1.12 15.33 -26.41
N LYS C 110 1.05 14.14 -25.82
CA LYS C 110 1.44 12.92 -26.52
C LYS C 110 0.64 12.75 -27.80
N ILE C 111 1.21 12.03 -28.75
CA ILE C 111 0.54 11.79 -30.03
C ILE C 111 -0.29 10.51 -29.98
N ASP C 112 -0.52 10.01 -28.77
CA ASP C 112 -1.31 8.79 -28.58
C ASP C 112 -0.65 7.60 -29.29
N LYS C 113 0.68 7.60 -29.30
CA LYS C 113 1.43 6.52 -29.95
C LYS C 113 1.35 5.24 -29.13
N ILE C 114 0.80 5.35 -27.92
CA ILE C 114 0.66 4.20 -27.05
C ILE C 114 -0.72 3.55 -27.19
N SER C 115 -1.62 4.25 -27.87
CA SER C 115 -2.98 3.75 -28.08
C SER C 115 -3.03 2.83 -29.29
N ARG C 116 -2.03 2.94 -30.16
CA ARG C 116 -1.98 2.12 -31.37
C ARG C 116 -1.41 0.74 -31.05
N ILE C 117 -1.04 0.53 -29.79
CA ILE C 117 -0.49 -0.75 -29.36
C ILE C 117 -1.39 -1.40 -28.31
N GLY C 118 -1.86 -0.60 -27.37
CA GLY C 118 -2.73 -1.12 -26.32
C GLY C 118 -4.05 -1.63 -26.87
N PHE C 119 -4.67 -0.83 -27.73
CA PHE C 119 -5.96 -1.20 -28.32
C PHE C 119 -5.91 -2.62 -28.89
N PRO C 120 -5.00 -2.84 -29.85
CA PRO C 120 -4.83 -4.13 -30.50
C PRO C 120 -4.23 -5.18 -29.56
N LEU C 121 -3.69 -4.71 -28.44
CA LEU C 121 -3.10 -5.62 -27.45
C LEU C 121 -4.16 -6.24 -26.56
N ALA C 122 -5.24 -5.49 -26.32
CA ALA C 122 -6.34 -5.97 -25.48
C ALA C 122 -7.22 -6.94 -26.25
N PHE C 123 -7.48 -6.64 -27.52
CA PHE C 123 -8.31 -7.48 -28.36
C PHE C 123 -7.62 -8.83 -28.64
N LEU C 124 -6.30 -8.79 -28.76
CA LEU C 124 -5.52 -10.00 -29.02
C LEU C 124 -5.57 -10.94 -27.83
N ILE C 125 -5.52 -10.37 -26.63
CA ILE C 125 -5.55 -11.16 -25.40
C ILE C 125 -6.96 -11.69 -25.13
N PHE C 126 -7.96 -10.85 -25.35
CA PHE C 126 -9.34 -11.22 -25.13
C PHE C 126 -9.74 -12.37 -26.06
N ASN C 127 -9.25 -12.33 -27.29
CA ASN C 127 -9.55 -13.36 -28.26
C ASN C 127 -8.63 -14.57 -28.10
N LEU C 128 -7.51 -14.36 -27.41
CA LEU C 128 -6.54 -15.42 -27.18
C LEU C 128 -6.98 -16.30 -26.02
N PHE C 129 -7.69 -15.71 -25.07
CA PHE C 129 -8.17 -16.45 -23.90
C PHE C 129 -9.53 -17.08 -24.18
N TYR C 130 -10.28 -16.49 -25.10
CA TYR C 130 -11.60 -16.99 -25.45
C TYR C 130 -11.50 -18.23 -26.34
N TRP C 131 -10.57 -18.19 -27.30
CA TRP C 131 -10.36 -19.30 -28.21
C TRP C 131 -9.57 -20.42 -27.53
N ILE C 132 -8.78 -20.06 -26.53
CA ILE C 132 -7.98 -21.03 -25.80
C ILE C 132 -8.80 -21.75 -24.74
N ILE C 133 -9.80 -21.05 -24.21
CA ILE C 133 -10.67 -21.61 -23.18
C ILE C 133 -11.57 -22.70 -23.76
N TYR C 134 -12.15 -22.43 -24.92
CA TYR C 134 -13.04 -23.38 -25.58
C TYR C 134 -12.23 -24.43 -26.35
N LYS C 135 -10.92 -24.21 -26.43
CA LYS C 135 -10.04 -25.13 -27.13
C LYS C 135 -9.49 -26.19 -26.18
N ILE C 136 -8.98 -25.73 -25.03
CA ILE C 136 -8.43 -26.65 -24.03
C ILE C 136 -9.45 -27.71 -23.63
N VAL C 137 -10.70 -27.29 -23.47
CA VAL C 137 -11.77 -28.20 -23.09
C VAL C 137 -11.94 -29.31 -24.12
N ARG C 138 -11.41 -29.08 -25.32
CA ARG C 138 -11.51 -30.06 -26.40
C ARG C 138 -10.23 -30.88 -26.51
N ARG C 139 -9.09 -30.18 -26.50
CA ARG C 139 -7.80 -30.85 -26.61
C ARG C 139 -7.53 -31.30 -28.04
N GLU C 140 -8.47 -32.07 -28.60
CA GLU C 140 -8.33 -32.58 -29.96
C GLU C 140 -9.68 -32.59 -30.67
N ASP C 141 -10.50 -31.58 -30.39
CA ASP C 141 -11.82 -31.48 -31.01
C ASP C 141 -12.67 -32.69 -30.67
N GLU C 142 -12.48 -33.23 -29.46
CA GLU C 142 -13.22 -34.41 -29.02
C GLU C 142 -14.43 -34.00 -28.17
N PHE C 143 -14.27 -32.92 -27.42
CA PHE C 143 -15.33 -32.41 -26.56
C PHE C 143 -16.48 -31.86 -27.39
N GLU C 144 -16.24 -31.66 -28.69
CA GLU C 144 -17.25 -31.13 -29.58
C GLU C 144 -18.47 -32.05 -29.62
N HIS C 145 -18.26 -33.32 -29.32
CA HIS C 145 -19.34 -34.30 -29.32
C HIS C 145 -20.36 -33.98 -28.24
N HIS C 146 -21.28 -34.92 -28.00
CA HIS C 146 -22.31 -34.72 -27.00
C HIS C 146 -21.88 -35.32 -25.66
N HIS C 147 -21.18 -36.45 -25.72
CA HIS C 147 -20.71 -37.12 -24.51
C HIS C 147 -19.95 -36.15 -23.61
N HIS C 148 -19.17 -35.26 -24.22
CA HIS C 148 -18.40 -34.27 -23.47
C HIS C 148 -17.44 -34.96 -22.51
N HIS C 149 -17.12 -36.22 -22.80
CA HIS C 149 -16.20 -36.99 -21.96
C HIS C 149 -14.91 -36.22 -21.73
N HIS C 150 -14.30 -35.76 -22.82
CA HIS C 150 -13.05 -35.01 -22.73
C HIS C 150 -12.01 -35.78 -21.92
N MET D 1 -25.87 -21.27 10.31
CA MET D 1 -27.20 -21.23 10.92
C MET D 1 -27.93 -19.94 10.55
N LEU D 2 -27.18 -18.84 10.53
CA LEU D 2 -27.75 -17.54 10.21
C LEU D 2 -27.19 -17.01 8.88
N GLU D 3 -27.10 -17.90 7.89
CA GLU D 3 -26.58 -17.52 6.58
C GLU D 3 -27.54 -16.57 5.87
N ARG D 4 -28.84 -16.89 5.92
CA ARG D 4 -29.85 -16.06 5.27
C ARG D 4 -30.20 -14.86 6.16
N GLN D 5 -29.74 -14.88 7.40
CA GLN D 5 -30.00 -13.79 8.33
C GLN D 5 -28.84 -12.80 8.36
N LEU D 6 -27.99 -12.87 7.35
CA LEU D 6 -26.83 -11.98 7.25
C LEU D 6 -27.22 -10.66 6.57
N GLY D 7 -28.18 -10.73 5.67
CA GLY D 7 -28.62 -9.54 4.97
C GLY D 7 -28.96 -8.40 5.92
N TYR D 8 -29.38 -8.74 7.13
CA TYR D 8 -29.73 -7.74 8.13
C TYR D 8 -28.51 -6.93 8.55
N TYR D 9 -27.39 -7.63 8.75
CA TYR D 9 -26.15 -6.98 9.15
C TYR D 9 -25.48 -6.29 7.97
N LEU D 10 -25.84 -6.72 6.76
CA LEU D 10 -25.27 -6.15 5.55
C LEU D 10 -25.97 -4.85 5.18
N ILE D 11 -27.23 -4.72 5.60
CA ILE D 11 -28.01 -3.52 5.31
C ILE D 11 -27.57 -2.36 6.19
N GLN D 12 -27.52 -2.60 7.50
CA GLN D 12 -27.11 -1.57 8.45
C GLN D 12 -25.63 -1.23 8.27
N LEU D 13 -24.87 -2.18 7.75
CA LEU D 13 -23.44 -1.98 7.54
C LEU D 13 -23.17 -1.31 6.19
N TYR D 14 -24.13 -1.45 5.28
CA TYR D 14 -24.00 -0.86 3.95
C TYR D 14 -24.26 0.65 4.00
N ILE D 15 -25.10 1.06 4.95
CA ILE D 15 -25.44 2.47 5.09
C ILE D 15 -24.18 3.33 5.16
N PRO D 16 -23.31 3.05 6.14
CA PRO D 16 -22.06 3.78 6.33
C PRO D 16 -21.05 3.51 5.22
N SER D 17 -21.05 2.28 4.72
CA SER D 17 -20.12 1.89 3.66
C SER D 17 -20.46 2.61 2.36
N LEU D 18 -21.72 2.99 2.21
CA LEU D 18 -22.17 3.69 1.01
C LEU D 18 -21.94 5.20 1.14
N LEU D 19 -22.15 5.71 2.35
CA LEU D 19 -21.96 7.14 2.60
C LEU D 19 -20.51 7.55 2.38
N ILE D 20 -19.59 6.76 2.92
CA ILE D 20 -18.16 7.05 2.77
C ILE D 20 -17.74 6.97 1.30
N VAL D 21 -18.47 6.18 0.52
CA VAL D 21 -18.18 6.03 -0.90
C VAL D 21 -18.58 7.27 -1.69
N ILE D 22 -19.73 7.84 -1.33
CA ILE D 22 -20.23 9.03 -2.01
C ILE D 22 -19.25 10.19 -1.85
N LEU D 23 -18.69 10.33 -0.65
CA LEU D 23 -17.74 11.40 -0.36
C LEU D 23 -16.43 11.17 -1.09
N SER D 24 -16.10 9.91 -1.33
CA SER D 24 -14.86 9.55 -2.01
C SER D 24 -14.81 10.19 -3.40
N TRP D 25 -15.97 10.30 -4.04
CA TRP D 25 -16.06 10.88 -5.37
C TRP D 25 -16.00 12.40 -5.29
N ILE D 26 -16.69 12.97 -4.32
CA ILE D 26 -16.71 14.42 -4.14
C ILE D 26 -15.29 14.99 -4.07
N SER D 27 -14.35 14.15 -3.64
CA SER D 27 -12.96 14.57 -3.53
C SER D 27 -12.14 14.06 -4.71
N PHE D 28 -12.68 13.07 -5.41
CA PHE D 28 -12.00 12.50 -6.57
C PHE D 28 -11.85 13.53 -7.69
N TRP D 29 -12.74 14.53 -7.68
CA TRP D 29 -12.71 15.57 -8.70
C TRP D 29 -11.36 16.27 -8.72
N ILE D 30 -10.74 16.39 -7.54
CA ILE D 30 -9.44 17.04 -7.43
C ILE D 30 -8.33 16.01 -7.30
N ASN D 31 -8.62 14.91 -6.64
CA ASN D 31 -7.64 13.84 -6.45
C ASN D 31 -7.24 13.22 -7.79
N LEU D 32 -7.99 13.54 -8.83
CA LEU D 32 -7.72 13.02 -10.16
C LEU D 32 -6.24 13.19 -10.52
N ASP D 33 -5.60 14.18 -9.92
CA ASP D 33 -4.19 14.43 -10.17
C ASP D 33 -3.56 15.18 -8.99
N ALA D 34 -4.31 16.10 -8.41
CA ALA D 34 -3.82 16.88 -7.27
C ALA D 34 -3.35 15.96 -6.14
N ALA D 35 -4.14 14.94 -5.86
CA ALA D 35 -3.81 13.99 -4.80
C ALA D 35 -4.65 12.71 -4.92
N PRO D 36 -4.33 11.88 -5.92
CA PRO D 36 -5.05 10.63 -6.16
C PRO D 36 -4.78 9.58 -5.08
N ALA D 37 -3.85 9.91 -4.19
CA ALA D 37 -3.50 8.99 -3.10
C ALA D 37 -4.73 8.61 -2.28
N ARG D 38 -5.60 9.58 -2.06
CA ARG D 38 -6.83 9.34 -1.29
C ARG D 38 -7.81 8.49 -2.09
N VAL D 39 -7.87 8.74 -3.39
CA VAL D 39 -8.77 8.00 -4.27
C VAL D 39 -8.41 6.52 -4.31
N GLY D 40 -7.13 6.22 -4.19
CA GLY D 40 -6.68 4.85 -4.20
C GLY D 40 -6.98 4.11 -2.91
N LEU D 41 -7.09 4.88 -1.82
CA LEU D 41 -7.37 4.29 -0.51
C LEU D 41 -8.86 4.07 -0.33
N GLY D 42 -9.67 4.99 -0.86
CA GLY D 42 -11.11 4.88 -0.75
C GLY D 42 -11.67 3.75 -1.60
N ILE D 43 -11.08 3.54 -2.77
CA ILE D 43 -11.52 2.49 -3.67
C ILE D 43 -11.16 1.11 -3.14
N THR D 44 -10.03 1.04 -2.42
CA THR D 44 -9.57 -0.21 -1.86
C THR D 44 -10.21 -0.48 -0.49
N THR D 45 -10.77 0.58 0.10
CA THR D 45 -11.42 0.46 1.41
C THR D 45 -12.81 -0.16 1.27
N VAL D 46 -13.45 0.08 0.14
CA VAL D 46 -14.79 -0.45 -0.11
C VAL D 46 -14.74 -1.96 -0.37
N LEU D 47 -13.75 -2.38 -1.14
CA LEU D 47 -13.59 -3.80 -1.45
C LEU D 47 -12.95 -4.55 -0.29
N THR D 48 -12.27 -3.82 0.57
CA THR D 48 -11.61 -4.42 1.73
C THR D 48 -12.54 -4.44 2.94
N LEU D 49 -13.51 -3.54 2.95
CA LEU D 49 -14.47 -3.46 4.04
C LEU D 49 -15.54 -4.54 3.91
N THR D 50 -15.80 -4.95 2.68
CA THR D 50 -16.81 -5.98 2.42
C THR D 50 -16.21 -7.37 2.54
N THR D 51 -15.01 -7.54 1.97
CA THR D 51 -14.33 -8.84 2.02
C THR D 51 -14.01 -9.24 3.45
N GLN D 52 -13.75 -8.25 4.30
CA GLN D 52 -13.44 -8.52 5.69
C GLN D 52 -14.71 -8.58 6.54
N SER D 53 -15.81 -8.08 5.98
CA SER D 53 -17.08 -8.07 6.69
C SER D 53 -17.69 -9.47 6.73
N SER D 54 -17.06 -10.40 6.02
CA SER D 54 -17.54 -11.77 5.97
C SER D 54 -16.43 -12.74 6.34
N GLY D 55 -15.46 -12.26 7.12
CA GLY D 55 -14.35 -13.10 7.53
C GLY D 55 -14.66 -13.89 8.79
N SER D 56 -15.56 -13.35 9.62
CA SER D 56 -15.94 -14.01 10.86
C SER D 56 -16.44 -15.42 10.60
N ARG D 57 -17.23 -15.58 9.55
CA ARG D 57 -17.79 -16.87 9.18
C ARG D 57 -18.62 -17.44 10.32
N ALA D 58 -19.04 -16.57 11.24
CA ALA D 58 -19.85 -16.98 12.38
C ALA D 58 -21.33 -17.01 12.01
N SER D 59 -21.69 -16.28 10.96
CA SER D 59 -23.07 -16.21 10.50
C SER D 59 -23.26 -16.99 9.20
N LEU D 60 -22.22 -17.67 8.78
CA LEU D 60 -22.27 -18.45 7.54
C LEU D 60 -22.61 -17.57 6.35
N PRO D 61 -21.68 -16.68 5.99
CA PRO D 61 -21.87 -15.76 4.85
C PRO D 61 -21.83 -16.48 3.52
N LYS D 62 -21.57 -17.78 3.55
CA LYS D 62 -21.52 -18.59 2.34
C LYS D 62 -22.71 -18.29 1.43
N VAL D 63 -23.91 -18.55 1.95
CA VAL D 63 -25.13 -18.30 1.19
C VAL D 63 -25.16 -16.89 0.62
N SER D 64 -24.81 -15.91 1.45
CA SER D 64 -24.79 -14.52 1.03
C SER D 64 -23.76 -14.30 -0.08
N TYR D 65 -22.73 -15.12 -0.07
CA TYR D 65 -21.67 -15.02 -1.08
C TYR D 65 -22.23 -15.23 -2.48
N VAL D 66 -22.90 -16.36 -2.68
CA VAL D 66 -23.48 -16.68 -3.98
C VAL D 66 -24.35 -15.54 -4.49
N LYS D 67 -25.32 -15.14 -3.70
CA LYS D 67 -26.22 -14.05 -4.07
C LYS D 67 -25.45 -12.75 -4.27
N ALA D 68 -24.33 -12.62 -3.56
CA ALA D 68 -23.50 -11.43 -3.66
C ALA D 68 -22.64 -11.46 -4.92
N ILE D 69 -22.43 -12.65 -5.47
CA ILE D 69 -21.63 -12.82 -6.67
C ILE D 69 -22.43 -12.41 -7.91
N ASP D 70 -23.74 -12.57 -7.85
CA ASP D 70 -24.61 -12.22 -8.97
C ASP D 70 -24.78 -10.71 -9.06
N ILE D 71 -24.48 -10.02 -7.97
CA ILE D 71 -24.60 -8.56 -7.92
C ILE D 71 -23.23 -7.90 -7.92
N TRP D 72 -22.19 -8.70 -7.72
CA TRP D 72 -20.82 -8.19 -7.69
C TRP D 72 -20.15 -8.35 -9.06
N LEU D 73 -20.85 -9.00 -9.97
CA LEU D 73 -20.33 -9.23 -11.32
C LEU D 73 -20.76 -8.11 -12.26
N ALA D 74 -20.66 -6.87 -11.79
CA ALA D 74 -21.04 -5.72 -12.60
C ALA D 74 -20.81 -4.41 -11.83
N VAL D 75 -21.02 -4.46 -10.52
CA VAL D 75 -20.84 -3.29 -9.67
C VAL D 75 -19.37 -2.89 -9.60
N CYS D 76 -18.48 -3.87 -9.71
CA CYS D 76 -17.05 -3.62 -9.65
C CYS D 76 -16.51 -3.25 -11.02
N LEU D 77 -17.13 -3.79 -12.07
CA LEU D 77 -16.70 -3.52 -13.44
C LEU D 77 -17.28 -2.20 -13.93
N LEU D 78 -18.30 -1.70 -13.23
CA LEU D 78 -18.94 -0.45 -13.59
C LEU D 78 -18.45 0.69 -12.70
N PHE D 79 -18.10 0.35 -11.46
CA PHE D 79 -17.61 1.34 -10.51
C PHE D 79 -16.23 1.85 -10.92
N VAL D 80 -15.40 0.95 -11.42
CA VAL D 80 -14.05 1.31 -11.84
C VAL D 80 -14.02 1.68 -13.32
N PHE D 81 -15.15 1.49 -14.00
CA PHE D 81 -15.26 1.81 -15.41
C PHE D 81 -15.48 3.30 -15.62
N SER D 82 -16.23 3.91 -14.72
CA SER D 82 -16.53 5.33 -14.81
C SER D 82 -15.38 6.16 -14.25
N ALA D 83 -14.65 5.58 -13.31
CA ALA D 83 -13.51 6.27 -12.69
C ALA D 83 -12.34 6.39 -13.67
N LEU D 84 -12.15 5.35 -14.48
CA LEU D 84 -11.08 5.34 -15.45
C LEU D 84 -11.37 6.28 -16.61
N LEU D 85 -12.64 6.34 -17.01
CA LEU D 85 -13.05 7.21 -18.11
C LEU D 85 -12.55 8.64 -17.89
N GLU D 86 -12.60 9.09 -16.64
CA GLU D 86 -12.15 10.44 -16.29
C GLU D 86 -10.65 10.46 -16.02
N TYR D 87 -10.17 9.42 -15.33
CA TYR D 87 -8.75 9.32 -14.99
C TYR D 87 -7.90 9.27 -16.25
N ALA D 88 -8.53 8.97 -17.37
CA ALA D 88 -7.84 8.90 -18.65
C ALA D 88 -8.31 9.98 -19.62
N ALA D 89 -9.43 10.61 -19.26
CA ALA D 89 -10.00 11.67 -20.10
C ALA D 89 -9.06 12.88 -20.15
N VAL D 90 -8.40 13.15 -19.02
CA VAL D 90 -7.48 14.28 -18.94
C VAL D 90 -6.50 14.29 -20.10
N ASN D 91 -6.04 13.11 -20.49
CA ASN D 91 -5.09 12.97 -21.59
C ASN D 91 -5.83 12.89 -22.93
N PHE D 92 -7.11 12.55 -22.87
CA PHE D 92 -7.92 12.43 -24.07
C PHE D 92 -8.32 13.81 -24.59
N VAL D 93 -7.96 14.85 -23.85
CA VAL D 93 -8.28 16.22 -24.24
C VAL D 93 -7.80 16.51 -25.66
N SER D 94 -6.65 15.94 -26.02
CA SER D 94 -6.09 16.14 -27.35
C SER D 94 -7.07 15.70 -28.43
N ARG D 95 -8.02 14.85 -28.05
CA ARG D 95 -9.01 14.34 -28.98
C ARG D 95 -9.83 15.49 -29.58
N GLN D 96 -9.81 16.64 -28.92
CA GLN D 96 -10.54 17.82 -29.37
C GLN D 96 -12.04 17.55 -29.36
N ARG D 97 -12.47 16.69 -28.44
CA ARG D 97 -13.89 16.35 -28.32
C ARG D 97 -14.71 17.58 -27.98
N GLU D 98 -14.05 18.62 -27.48
CA GLU D 98 -14.72 19.86 -27.11
C GLU D 98 -14.73 20.85 -28.27
N PHE D 99 -15.13 22.08 -27.99
CA PHE D 99 -15.19 23.11 -29.02
C PHE D 99 -14.01 24.08 -28.89
N GLY D 100 -12.98 23.64 -28.17
CA GLY D 100 -11.80 24.48 -27.98
C GLY D 100 -10.84 23.90 -26.96
N GLY D 101 -9.61 23.63 -27.39
CA GLY D 101 -8.62 23.08 -26.50
C GLY D 101 -7.75 24.14 -25.85
N GLY D 102 -8.28 25.37 -25.79
CA GLY D 102 -7.53 26.46 -25.20
C GLY D 102 -7.85 26.64 -23.72
N GLY D 103 -8.07 25.54 -23.02
CA GLY D 103 -8.38 25.60 -21.60
C GLY D 103 -7.33 24.93 -20.75
N PHE D 104 -6.07 25.04 -21.16
CA PHE D 104 -4.96 24.43 -20.43
C PHE D 104 -4.51 25.33 -19.28
N ILE D 105 -4.27 26.60 -19.58
CA ILE D 105 -3.85 27.57 -18.57
C ILE D 105 -4.87 27.68 -17.45
N GLN D 106 -6.11 27.28 -17.73
CA GLN D 106 -7.18 27.34 -16.75
C GLN D 106 -7.73 25.94 -16.47
N ARG D 107 -6.99 24.92 -16.90
CA ARG D 107 -7.41 23.54 -16.70
C ARG D 107 -7.74 23.28 -15.23
N ALA D 108 -6.83 23.67 -14.34
CA ALA D 108 -7.03 23.49 -12.91
C ALA D 108 -8.38 24.04 -12.47
N LYS D 109 -8.84 25.09 -13.15
CA LYS D 109 -10.12 25.70 -12.82
C LYS D 109 -11.27 24.97 -13.52
N LYS D 110 -11.50 23.72 -13.13
CA LYS D 110 -12.57 22.92 -13.72
C LYS D 110 -13.92 23.62 -13.56
N ILE D 111 -14.84 23.31 -14.46
CA ILE D 111 -16.17 23.90 -14.42
C ILE D 111 -17.13 23.06 -13.57
N ASP D 112 -16.56 22.13 -12.81
CA ASP D 112 -17.35 21.25 -11.96
C ASP D 112 -18.32 20.41 -12.79
N LYS D 113 -17.88 20.03 -13.98
CA LYS D 113 -18.71 19.23 -14.88
C LYS D 113 -18.82 17.80 -14.38
N ILE D 114 -18.03 17.47 -13.36
CA ILE D 114 -18.05 16.13 -12.78
C ILE D 114 -18.99 16.06 -11.58
N SER D 115 -19.42 17.23 -11.11
CA SER D 115 -20.33 17.30 -9.97
C SER D 115 -21.78 17.12 -10.41
N ARG D 116 -22.03 17.35 -11.69
CA ARG D 116 -23.38 17.22 -12.24
C ARG D 116 -23.71 15.75 -12.52
N ILE D 117 -22.74 14.87 -12.28
CA ILE D 117 -22.93 13.44 -12.51
C ILE D 117 -22.80 12.66 -11.22
N GLY D 118 -21.80 13.01 -10.41
CA GLY D 118 -21.59 12.33 -9.14
C GLY D 118 -22.74 12.55 -8.17
N PHE D 119 -23.17 13.79 -8.04
CA PHE D 119 -24.27 14.13 -7.14
C PHE D 119 -25.46 13.22 -7.36
N PRO D 120 -26.00 13.23 -8.58
CA PRO D 120 -27.15 12.41 -8.95
C PRO D 120 -26.80 10.93 -9.01
N LEU D 121 -25.51 10.62 -9.02
CA LEU D 121 -25.05 9.24 -9.07
C LEU D 121 -25.08 8.60 -7.68
N ALA D 122 -24.86 9.42 -6.66
CA ALA D 122 -24.86 8.93 -5.29
C ALA D 122 -26.29 8.73 -4.77
N PHE D 123 -27.18 9.66 -5.12
CA PHE D 123 -28.57 9.60 -4.71
C PHE D 123 -29.28 8.41 -5.38
N LEU D 124 -28.89 8.12 -6.61
CA LEU D 124 -29.49 7.03 -7.35
C LEU D 124 -29.12 5.68 -6.74
N ILE D 125 -27.88 5.57 -6.29
CA ILE D 125 -27.40 4.34 -5.66
C ILE D 125 -27.97 4.17 -4.26
N PHE D 126 -28.01 5.26 -3.51
CA PHE D 126 -28.53 5.24 -2.14
C PHE D 126 -30.00 4.84 -2.13
N ASN D 127 -30.74 5.31 -3.13
CA ASN D 127 -32.16 5.01 -3.24
C ASN D 127 -32.38 3.66 -3.93
N LEU D 128 -31.37 3.19 -4.64
CA LEU D 128 -31.44 1.92 -5.34
C LEU D 128 -31.19 0.76 -4.39
N PHE D 129 -30.39 1.01 -3.35
CA PHE D 129 -30.07 -0.02 -2.36
C PHE D 129 -31.08 -0.02 -1.24
N TYR D 130 -31.73 1.12 -1.02
CA TYR D 130 -32.73 1.24 0.03
C TYR D 130 -34.05 0.60 -0.38
N TRP D 131 -34.43 0.82 -1.64
CA TRP D 131 -35.67 0.26 -2.16
C TRP D 131 -35.50 -1.21 -2.50
N ILE D 132 -34.27 -1.61 -2.80
CA ILE D 132 -33.98 -3.00 -3.14
C ILE D 132 -33.84 -3.86 -1.89
N ILE D 133 -33.39 -3.24 -0.79
CA ILE D 133 -33.22 -3.95 0.47
C ILE D 133 -34.57 -4.33 1.07
N TYR D 134 -35.50 -3.38 1.07
CA TYR D 134 -36.83 -3.61 1.61
C TYR D 134 -37.71 -4.35 0.62
N LYS D 135 -37.21 -4.51 -0.61
CA LYS D 135 -37.95 -5.19 -1.66
C LYS D 135 -37.61 -6.68 -1.68
N ILE D 136 -36.33 -6.99 -1.64
CA ILE D 136 -35.88 -8.38 -1.64
C ILE D 136 -36.50 -9.16 -0.50
N VAL D 137 -36.58 -8.53 0.67
CA VAL D 137 -37.16 -9.18 1.84
C VAL D 137 -38.62 -9.55 1.60
N ARG D 138 -39.22 -8.94 0.59
CA ARG D 138 -40.61 -9.21 0.26
C ARG D 138 -40.71 -10.20 -0.90
N ARG D 139 -39.94 -9.96 -1.95
CA ARG D 139 -39.93 -10.84 -3.12
C ARG D 139 -41.18 -10.61 -3.97
N GLU D 140 -42.35 -10.72 -3.33
CA GLU D 140 -43.62 -10.54 -4.03
C GLU D 140 -44.62 -9.83 -3.14
N ASP D 141 -44.15 -8.88 -2.34
CA ASP D 141 -45.01 -8.14 -1.43
C ASP D 141 -45.71 -9.07 -0.45
N GLU D 142 -45.03 -10.14 -0.07
CA GLU D 142 -45.59 -11.11 0.86
C GLU D 142 -45.13 -10.83 2.29
N PHE D 143 -43.91 -10.34 2.42
CA PHE D 143 -43.35 -10.03 3.73
C PHE D 143 -44.06 -8.83 4.36
N GLU D 144 -44.86 -8.13 3.55
CA GLU D 144 -45.60 -6.97 4.03
C GLU D 144 -46.55 -7.36 5.15
N HIS D 145 -46.95 -8.63 5.18
CA HIS D 145 -47.86 -9.13 6.20
C HIS D 145 -47.21 -9.09 7.57
N HIS D 146 -47.86 -9.71 8.55
CA HIS D 146 -47.35 -9.74 9.92
C HIS D 146 -46.51 -10.99 10.15
N HIS D 147 -46.94 -12.10 9.55
CA HIS D 147 -46.22 -13.37 9.70
C HIS D 147 -44.74 -13.20 9.37
N HIS D 148 -44.45 -12.40 8.35
CA HIS D 148 -43.07 -12.15 7.93
C HIS D 148 -42.40 -13.46 7.54
N HIS D 149 -43.19 -14.45 7.20
CA HIS D 149 -42.66 -15.76 6.80
C HIS D 149 -41.62 -15.60 5.70
N HIS D 150 -41.98 -14.88 4.64
CA HIS D 150 -41.08 -14.64 3.52
C HIS D 150 -39.74 -14.08 4.00
N MET E 1 -12.80 -15.22 28.91
CA MET E 1 -12.77 -15.10 30.36
C MET E 1 -12.58 -13.64 30.77
N LEU E 2 -11.73 -12.93 30.05
CA LEU E 2 -11.46 -11.52 30.33
C LEU E 2 -11.98 -10.62 29.22
N GLU E 3 -13.19 -10.91 28.75
CA GLU E 3 -13.80 -10.13 27.69
C GLU E 3 -14.15 -8.72 28.17
N ARG E 4 -14.73 -8.64 29.37
CA ARG E 4 -15.11 -7.36 29.95
C ARG E 4 -13.90 -6.67 30.58
N GLN E 5 -12.81 -7.41 30.72
CA GLN E 5 -11.60 -6.87 31.31
C GLN E 5 -10.63 -6.39 30.24
N LEU E 6 -11.14 -6.21 29.03
CA LEU E 6 -10.33 -5.75 27.91
C LEU E 6 -10.24 -4.23 27.88
N GLY E 7 -11.30 -3.58 28.35
CA GLY E 7 -11.33 -2.13 28.36
C GLY E 7 -10.09 -1.54 29.02
N TYR E 8 -9.50 -2.28 29.95
CA TYR E 8 -8.31 -1.81 30.66
C TYR E 8 -7.13 -1.69 29.70
N TYR E 9 -6.98 -2.69 28.83
CA TYR E 9 -5.89 -2.69 27.87
C TYR E 9 -6.18 -1.75 26.70
N LEU E 10 -7.46 -1.44 26.51
CA LEU E 10 -7.87 -0.55 25.43
C LEU E 10 -7.67 0.92 25.83
N ILE E 11 -7.72 1.18 27.13
CA ILE E 11 -7.55 2.54 27.63
C ILE E 11 -6.08 2.96 27.58
N GLN E 12 -5.20 2.13 28.11
CA GLN E 12 -3.78 2.42 28.11
C GLN E 12 -3.21 2.36 26.71
N LEU E 13 -3.87 1.60 25.84
CA LEU E 13 -3.43 1.45 24.45
C LEU E 13 -3.98 2.58 23.59
N TYR E 14 -5.09 3.18 24.03
CA TYR E 14 -5.72 4.26 23.30
C TYR E 14 -4.95 5.56 23.48
N ILE E 15 -4.29 5.70 24.62
CA ILE E 15 -3.51 6.90 24.92
C ILE E 15 -2.56 7.23 23.77
N PRO E 16 -1.67 6.28 23.45
CA PRO E 16 -0.69 6.44 22.36
C PRO E 16 -1.34 6.45 20.99
N SER E 17 -2.40 5.66 20.83
CA SER E 17 -3.10 5.57 19.56
C SER E 17 -3.81 6.89 19.25
N LEU E 18 -4.15 7.64 20.28
CA LEU E 18 -4.83 8.92 20.13
C LEU E 18 -3.82 10.04 19.90
N LEU E 19 -2.69 9.96 20.58
CA LEU E 19 -1.64 10.97 20.45
C LEU E 19 -1.09 11.01 19.03
N ILE E 20 -0.79 9.84 18.49
CA ILE E 20 -0.26 9.73 17.13
C ILE E 20 -1.27 10.25 16.11
N VAL E 21 -2.55 10.17 16.45
CA VAL E 21 -3.62 10.63 15.57
C VAL E 21 -3.66 12.16 15.52
N ILE E 22 -3.48 12.79 16.66
CA ILE E 22 -3.51 14.25 16.75
C ILE E 22 -2.41 14.86 15.89
N LEU E 23 -1.23 14.24 15.92
CA LEU E 23 -0.10 14.73 15.14
C LEU E 23 -0.32 14.51 13.65
N SER E 24 -1.09 13.47 13.32
CA SER E 24 -1.38 13.15 11.93
C SER E 24 -2.07 14.32 11.23
N TRP E 25 -2.89 15.05 11.99
CA TRP E 25 -3.61 16.19 11.44
C TRP E 25 -2.70 17.41 11.33
N ILE E 26 -1.87 17.62 12.36
CA ILE E 26 -0.95 18.74 12.37
C ILE E 26 -0.10 18.77 11.10
N SER E 27 0.08 17.60 10.49
CA SER E 27 0.89 17.50 9.28
C SER E 27 -0.01 17.41 8.05
N PHE E 28 -1.29 17.07 8.27
CA PHE E 28 -2.24 16.95 7.18
C PHE E 28 -2.48 18.30 6.50
N TRP E 29 -2.23 19.38 7.24
CA TRP E 29 -2.40 20.72 6.71
C TRP E 29 -1.57 20.93 5.46
N ILE E 30 -0.40 20.30 5.42
CA ILE E 30 0.49 20.41 4.26
C ILE E 30 0.40 19.18 3.38
N ASN E 31 0.19 18.02 4.00
CA ASN E 31 0.09 16.77 3.26
C ASN E 31 -1.13 16.77 2.35
N LEU E 32 -2.01 17.75 2.54
CA LEU E 32 -3.21 17.87 1.73
C LEU E 32 -2.89 17.76 0.25
N ASP E 33 -1.66 18.11 -0.11
CA ASP E 33 -1.22 18.05 -1.50
C ASP E 33 0.30 17.92 -1.58
N ALA E 34 0.99 18.63 -0.71
CA ALA E 34 2.46 18.59 -0.69
C ALA E 34 2.96 17.16 -0.55
N ALA E 35 2.34 16.40 0.33
CA ALA E 35 2.73 15.00 0.55
C ALA E 35 1.66 14.24 1.33
N PRO E 36 0.54 13.94 0.65
CA PRO E 36 -0.58 13.22 1.25
C PRO E 36 -0.24 11.76 1.54
N ALA E 37 0.93 11.33 1.09
CA ALA E 37 1.38 9.96 1.30
C ALA E 37 1.37 9.60 2.78
N ARG E 38 1.77 10.55 3.62
CA ARG E 38 1.80 10.34 5.06
C ARG E 38 0.39 10.29 5.64
N VAL E 39 -0.49 11.13 5.10
CA VAL E 39 -1.87 11.18 5.56
C VAL E 39 -2.59 9.87 5.31
N GLY E 40 -2.22 9.20 4.21
CA GLY E 40 -2.84 7.93 3.88
C GLY E 40 -2.36 6.80 4.76
N LEU E 41 -1.15 6.94 5.30
CA LEU E 41 -0.58 5.92 6.16
C LEU E 41 -1.08 6.08 7.60
N GLY E 42 -1.25 7.32 8.03
CA GLY E 42 -1.72 7.59 9.37
C GLY E 42 -3.18 7.22 9.56
N ILE E 43 -3.98 7.42 8.53
CA ILE E 43 -5.40 7.11 8.58
C ILE E 43 -5.63 5.60 8.56
N THR E 44 -4.74 4.88 7.88
CA THR E 44 -4.84 3.43 7.79
C THR E 44 -4.17 2.75 8.98
N THR E 45 -3.33 3.50 9.68
CA THR E 45 -2.63 2.98 10.84
C THR E 45 -3.54 2.92 12.06
N VAL E 46 -4.50 3.84 12.11
CA VAL E 46 -5.44 3.89 13.23
C VAL E 46 -6.44 2.75 13.16
N LEU E 47 -6.93 2.48 11.95
CA LEU E 47 -7.90 1.41 11.75
C LEU E 47 -7.21 0.04 11.74
N THR E 48 -5.91 0.05 11.46
CA THR E 48 -5.14 -1.19 11.42
C THR E 48 -4.56 -1.52 12.79
N LEU E 49 -4.39 -0.49 13.61
CA LEU E 49 -3.83 -0.66 14.95
C LEU E 49 -4.89 -1.20 15.91
N THR E 50 -6.15 -0.89 15.62
CA THR E 50 -7.25 -1.33 16.46
C THR E 50 -7.73 -2.72 16.05
N THR E 51 -7.84 -2.93 14.74
CA THR E 51 -8.29 -4.22 14.21
C THR E 51 -7.32 -5.33 14.60
N GLN E 52 -6.04 -4.99 14.68
CA GLN E 52 -5.01 -5.96 15.03
C GLN E 52 -4.84 -6.05 16.55
N SER E 53 -5.36 -5.05 17.25
CA SER E 53 -5.27 -5.02 18.71
C SER E 53 -6.20 -6.03 19.35
N SER E 54 -7.05 -6.64 18.52
CA SER E 54 -8.01 -7.62 19.00
C SER E 54 -7.88 -8.93 18.23
N GLY E 55 -6.70 -9.17 17.67
CA GLY E 55 -6.47 -10.39 16.92
C GLY E 55 -6.05 -11.54 17.79
N SER E 56 -5.43 -11.25 18.93
CA SER E 56 -4.97 -12.27 19.85
C SER E 56 -6.13 -13.18 20.26
N ARG E 57 -7.28 -12.58 20.51
CA ARG E 57 -8.47 -13.33 20.92
C ARG E 57 -8.21 -14.10 22.20
N ALA E 58 -7.18 -13.70 22.94
CA ALA E 58 -6.82 -14.35 24.19
C ALA E 58 -7.61 -13.77 25.35
N SER E 59 -8.14 -12.57 25.16
CA SER E 59 -8.91 -11.90 26.20
C SER E 59 -10.39 -11.87 25.85
N LEU E 60 -10.74 -12.53 24.74
CA LEU E 60 -12.13 -12.59 24.29
C LEU E 60 -12.66 -11.18 24.02
N PRO E 61 -12.13 -10.53 22.98
CA PRO E 61 -12.54 -9.18 22.59
C PRO E 61 -13.95 -9.15 22.01
N LYS E 62 -14.54 -10.32 21.86
CA LYS E 62 -15.90 -10.43 21.31
C LYS E 62 -16.83 -9.42 21.96
N VAL E 63 -16.99 -9.53 23.29
CA VAL E 63 -17.85 -8.62 24.03
C VAL E 63 -17.51 -7.17 23.72
N SER E 64 -16.22 -6.85 23.73
CA SER E 64 -15.77 -5.49 23.46
C SER E 64 -16.14 -5.07 22.04
N TYR E 65 -16.24 -6.06 21.15
CA TYR E 65 -16.57 -5.79 19.75
C TYR E 65 -17.95 -5.14 19.64
N VAL E 66 -18.95 -5.80 20.21
CA VAL E 66 -20.31 -5.29 20.17
C VAL E 66 -20.37 -3.84 20.66
N LYS E 67 -19.88 -3.60 21.87
CA LYS E 67 -19.87 -2.26 22.44
C LYS E 67 -19.03 -1.31 21.60
N ALA E 68 -18.05 -1.86 20.90
CA ALA E 68 -17.18 -1.06 20.04
C ALA E 68 -17.86 -0.72 18.72
N ILE E 69 -18.85 -1.52 18.37
CA ILE E 69 -19.59 -1.31 17.12
C ILE E 69 -20.58 -0.15 17.26
N ASP E 70 -21.08 0.05 18.47
CA ASP E 70 -22.02 1.12 18.74
C ASP E 70 -21.33 2.48 18.76
N ILE E 71 -20.01 2.45 18.94
CA ILE E 71 -19.22 3.67 18.99
C ILE E 71 -18.37 3.83 17.73
N TRP E 72 -18.30 2.77 16.93
CA TRP E 72 -17.53 2.79 15.69
C TRP E 72 -18.42 3.11 14.50
N LEU E 73 -19.72 3.20 14.75
CA LEU E 73 -20.69 3.51 13.69
C LEU E 73 -20.94 5.01 13.60
N ALA E 74 -19.87 5.79 13.66
CA ALA E 74 -19.97 7.24 13.58
C ALA E 74 -18.60 7.89 13.64
N VAL E 75 -17.69 7.30 14.41
CA VAL E 75 -16.34 7.81 14.56
C VAL E 75 -15.56 7.69 13.26
N CYS E 76 -15.88 6.67 12.48
CA CYS E 76 -15.20 6.44 11.21
C CYS E 76 -15.86 7.25 10.09
N LEU E 77 -17.16 7.47 10.21
CA LEU E 77 -17.90 8.23 9.21
C LEU E 77 -17.74 9.74 9.44
N LEU E 78 -17.29 10.10 10.64
CA LEU E 78 -17.09 11.51 10.99
C LEU E 78 -15.61 11.89 10.87
N PHE E 79 -14.75 10.92 11.13
CA PHE E 79 -13.30 11.15 11.06
C PHE E 79 -12.86 11.37 9.62
N VAL E 80 -13.45 10.61 8.70
CA VAL E 80 -13.12 10.73 7.28
C VAL E 80 -14.02 11.73 6.58
N PHE E 81 -15.02 12.21 7.31
CA PHE E 81 -15.97 13.19 6.75
C PHE E 81 -15.38 14.59 6.78
N SER E 82 -14.62 14.89 7.83
CA SER E 82 -13.99 16.20 7.98
C SER E 82 -12.72 16.30 7.15
N ALA E 83 -12.07 15.16 6.94
CA ALA E 83 -10.83 15.11 6.17
C ALA E 83 -11.11 15.34 4.68
N LEU E 84 -12.24 14.81 4.21
CA LEU E 84 -12.61 14.95 2.81
C LEU E 84 -13.07 16.38 2.51
N LEU E 85 -13.77 16.98 3.46
CA LEU E 85 -14.26 18.34 3.30
C LEU E 85 -13.14 19.28 2.88
N GLU E 86 -11.96 19.08 3.45
CA GLU E 86 -10.80 19.90 3.13
C GLU E 86 -10.07 19.36 1.90
N TYR E 87 -9.94 18.04 1.84
CA TYR E 87 -9.26 17.38 0.73
C TYR E 87 -9.95 17.70 -0.59
N ALA E 88 -11.20 18.17 -0.51
CA ALA E 88 -11.96 18.51 -1.71
C ALA E 88 -12.25 20.00 -1.75
N ALA E 89 -12.03 20.69 -0.63
CA ALA E 89 -12.27 22.13 -0.56
C ALA E 89 -11.31 22.89 -1.47
N VAL E 90 -10.09 22.39 -1.59
CA VAL E 90 -9.08 23.03 -2.43
C VAL E 90 -9.63 23.31 -3.82
N ASN E 91 -10.41 22.37 -4.34
CA ASN E 91 -11.00 22.52 -5.67
C ASN E 91 -12.32 23.29 -5.60
N PHE E 92 -12.90 23.35 -4.40
CA PHE E 92 -14.16 24.05 -4.21
C PHE E 92 -13.94 25.56 -4.17
N VAL E 93 -12.67 25.97 -4.21
CA VAL E 93 -12.33 27.39 -4.17
C VAL E 93 -13.09 28.17 -5.24
N SER E 94 -13.25 27.55 -6.41
CA SER E 94 -13.97 28.19 -7.52
C SER E 94 -15.37 28.62 -7.09
N ARG E 95 -15.87 27.98 -6.04
CA ARG E 95 -17.21 28.30 -5.53
C ARG E 95 -17.31 29.76 -5.12
N GLN E 96 -16.15 30.39 -4.90
CA GLN E 96 -16.10 31.78 -4.51
C GLN E 96 -16.75 31.99 -3.15
N ARG E 97 -16.69 30.97 -2.30
CA ARG E 97 -17.27 31.04 -0.97
C ARG E 97 -16.61 32.14 -0.15
N GLU E 98 -15.44 32.57 -0.58
CA GLU E 98 -14.70 33.62 0.13
C GLU E 98 -15.04 35.00 -0.43
N PHE E 99 -14.28 36.01 -0.02
CA PHE E 99 -14.51 37.37 -0.48
C PHE E 99 -13.47 37.77 -1.52
N GLY E 100 -12.81 36.78 -2.11
CA GLY E 100 -11.81 37.04 -3.12
C GLY E 100 -11.02 35.80 -3.49
N GLY E 101 -11.08 35.44 -4.77
CA GLY E 101 -10.35 34.27 -5.24
C GLY E 101 -8.98 34.60 -5.78
N GLY E 102 -8.44 35.74 -5.35
CA GLY E 102 -7.12 36.16 -5.81
C GLY E 102 -6.02 35.69 -4.89
N GLY E 103 -6.18 34.50 -4.32
CA GLY E 103 -5.17 33.96 -3.42
C GLY E 103 -4.53 32.70 -3.94
N PHE E 104 -4.34 32.64 -5.26
CA PHE E 104 -3.74 31.47 -5.89
C PHE E 104 -2.22 31.54 -5.82
N ILE E 105 -1.67 32.67 -6.24
CA ILE E 105 -0.22 32.88 -6.23
C ILE E 105 0.34 32.72 -4.81
N GLN E 106 -0.52 32.88 -3.82
CA GLN E 106 -0.11 32.75 -2.43
C GLN E 106 -0.86 31.63 -1.74
N ARG E 107 -1.49 30.77 -2.53
CA ARG E 107 -2.25 29.64 -2.00
C ARG E 107 -1.38 28.83 -1.04
N ALA E 108 -0.18 28.48 -1.48
CA ALA E 108 0.73 27.70 -0.65
C ALA E 108 0.90 28.33 0.72
N LYS E 109 0.82 29.65 0.78
CA LYS E 109 0.96 30.37 2.04
C LYS E 109 -0.37 30.42 2.79
N LYS E 110 -0.84 29.27 3.23
CA LYS E 110 -2.09 29.19 3.97
C LYS E 110 -2.06 30.07 5.22
N ILE E 111 -3.23 30.51 5.66
CA ILE E 111 -3.32 31.36 6.83
C ILE E 111 -3.48 30.52 8.11
N ASP E 112 -3.22 29.23 7.99
CA ASP E 112 -3.33 28.32 9.13
C ASP E 112 -4.76 28.29 9.66
N LYS E 113 -5.72 28.43 8.77
CA LYS E 113 -7.13 28.42 9.15
C LYS E 113 -7.57 27.02 9.55
N ILE E 114 -6.71 26.03 9.32
CA ILE E 114 -7.01 24.65 9.66
C ILE E 114 -6.46 24.29 11.03
N SER E 115 -5.62 25.17 11.57
CA SER E 115 -5.01 24.94 12.88
C SER E 115 -5.94 25.41 13.99
N ARG E 116 -6.88 26.28 13.65
CA ARG E 116 -7.84 26.81 14.62
C ARG E 116 -8.97 25.83 14.85
N ILE E 117 -8.94 24.71 14.14
CA ILE E 117 -9.97 23.68 14.29
C ILE E 117 -9.37 22.37 14.79
N GLY E 118 -8.22 22.00 14.23
CA GLY E 118 -7.57 20.77 14.65
C GLY E 118 -7.09 20.82 16.09
N PHE E 119 -6.46 21.91 16.47
CA PHE E 119 -5.96 22.08 17.83
C PHE E 119 -7.04 21.76 18.85
N PRO E 120 -8.16 22.51 18.78
CA PRO E 120 -9.28 22.33 19.70
C PRO E 120 -10.03 21.02 19.44
N LEU E 121 -9.76 20.40 18.30
CA LEU E 121 -10.41 19.14 17.94
C LEU E 121 -9.71 17.97 18.62
N ALA E 122 -8.41 18.10 18.82
CA ALA E 122 -7.63 17.04 19.47
C ALA E 122 -7.84 17.04 20.98
N PHE E 123 -7.91 18.23 21.56
CA PHE E 123 -8.10 18.37 23.00
C PHE E 123 -9.50 17.91 23.40
N LEU E 124 -10.47 18.15 22.52
CA LEU E 124 -11.85 17.75 22.80
C LEU E 124 -11.99 16.24 22.80
N ILE E 125 -11.28 15.58 21.89
CA ILE E 125 -11.33 14.13 21.81
C ILE E 125 -10.55 13.47 22.94
N PHE E 126 -9.39 14.04 23.26
CA PHE E 126 -8.54 13.53 24.32
C PHE E 126 -9.25 13.61 25.67
N ASN E 127 -10.01 14.68 25.87
CA ASN E 127 -10.75 14.89 27.11
C ASN E 127 -12.08 14.15 27.07
N LEU E 128 -12.53 13.81 25.87
CA LEU E 128 -13.79 13.11 25.70
C LEU E 128 -13.63 11.61 25.96
N PHE E 129 -12.43 11.11 25.69
CA PHE E 129 -12.14 9.69 25.89
C PHE E 129 -11.63 9.44 27.30
N TYR E 130 -11.06 10.47 27.92
CA TYR E 130 -10.53 10.35 29.27
C TYR E 130 -11.65 10.39 30.30
N TRP E 131 -12.62 11.28 30.07
CA TRP E 131 -13.75 11.43 30.98
C TRP E 131 -14.76 10.31 30.75
N ILE E 132 -14.78 9.77 29.55
CA ILE E 132 -15.71 8.69 29.21
C ILE E 132 -15.19 7.34 29.68
N ILE E 133 -13.86 7.21 29.74
CA ILE E 133 -13.24 5.97 30.17
C ILE E 133 -13.45 5.75 31.68
N TYR E 134 -13.25 6.81 32.45
CA TYR E 134 -13.42 6.73 33.90
C TYR E 134 -14.89 6.84 34.29
N LYS E 135 -15.72 7.16 33.30
CA LYS E 135 -17.16 7.29 33.53
C LYS E 135 -17.87 5.97 33.31
N ILE E 136 -17.57 5.33 32.19
CA ILE E 136 -18.20 4.04 31.85
C ILE E 136 -17.97 3.03 32.97
N VAL E 137 -16.76 3.01 33.53
CA VAL E 137 -16.41 2.09 34.59
C VAL E 137 -17.31 2.31 35.81
N ARG E 138 -17.96 3.46 35.87
CA ARG E 138 -18.84 3.80 36.99
C ARG E 138 -20.30 3.54 36.61
N ARG E 139 -20.70 4.03 35.44
CA ARG E 139 -22.07 3.86 34.96
C ARG E 139 -23.02 4.80 35.70
N GLU E 140 -23.00 4.74 37.03
CA GLU E 140 -23.85 5.59 37.84
C GLU E 140 -23.14 6.04 39.10
N ASP E 141 -21.84 6.31 38.98
CA ASP E 141 -21.04 6.75 40.10
C ASP E 141 -21.04 5.71 41.22
N GLU E 142 -21.11 4.44 40.84
CA GLU E 142 -21.13 3.35 41.81
C GLU E 142 -19.73 2.78 42.01
N PHE E 143 -18.94 2.78 40.95
CA PHE E 143 -17.58 2.26 41.01
C PHE E 143 -16.70 3.14 41.88
N GLU E 144 -17.18 4.34 42.18
CA GLU E 144 -16.44 5.29 43.01
C GLU E 144 -16.12 4.68 44.37
N HIS E 145 -16.96 3.75 44.81
CA HIS E 145 -16.77 3.10 46.10
C HIS E 145 -15.48 2.30 46.12
N HIS E 146 -15.29 1.51 47.17
CA HIS E 146 -14.10 0.69 47.31
C HIS E 146 -14.33 -0.70 46.73
N HIS E 147 -15.54 -1.22 46.92
CA HIS E 147 -15.88 -2.55 46.41
C HIS E 147 -15.53 -2.68 44.93
N HIS E 148 -15.76 -1.60 44.18
CA HIS E 148 -15.46 -1.59 42.74
C HIS E 148 -16.25 -2.69 42.03
N HIS E 149 -17.34 -3.13 42.65
CA HIS E 149 -18.18 -4.18 42.06
C HIS E 149 -18.57 -3.81 40.64
N HIS E 150 -19.09 -2.61 40.45
CA HIS E 150 -19.51 -2.14 39.13
C HIS E 150 -19.92 -0.68 39.18
N MET A 1 9.35 -23.67 24.76
CA MET A 1 9.50 -23.03 26.06
C MET A 1 10.61 -22.00 26.03
N LEU A 2 11.20 -21.80 24.86
CA LEU A 2 12.29 -20.84 24.70
C LEU A 2 11.74 -19.42 24.54
N GLU A 3 11.08 -18.93 25.58
CA GLU A 3 10.51 -17.59 25.55
C GLU A 3 11.57 -16.54 25.87
N ARG A 4 12.34 -16.79 26.93
CA ARG A 4 13.39 -15.87 27.35
C ARG A 4 14.61 -15.99 26.45
N GLN A 5 14.64 -17.04 25.63
CA GLN A 5 15.76 -17.27 24.72
C GLN A 5 15.50 -16.64 23.37
N LEU A 6 14.53 -15.72 23.32
CA LEU A 6 14.19 -15.03 22.09
C LEU A 6 15.07 -13.80 21.89
N GLY A 7 15.48 -13.20 22.99
CA GLY A 7 16.32 -12.01 22.91
C GLY A 7 17.54 -12.22 22.03
N TYR A 8 18.01 -13.46 21.95
CA TYR A 8 19.17 -13.80 21.13
C TYR A 8 18.90 -13.53 19.66
N TYR A 9 17.72 -13.92 19.21
CA TYR A 9 17.34 -13.72 17.81
C TYR A 9 17.01 -12.25 17.54
N LEU A 10 16.63 -11.54 18.59
CA LEU A 10 16.28 -10.12 18.48
C LEU A 10 17.55 -9.26 18.43
N ILE A 11 18.62 -9.76 19.02
CA ILE A 11 19.89 -9.03 19.04
C ILE A 11 20.53 -9.01 17.65
N GLN A 12 20.74 -10.19 17.09
CA GLN A 12 21.34 -10.30 15.76
C GLN A 12 20.41 -9.72 14.69
N LEU A 13 19.13 -9.70 14.99
CA LEU A 13 18.13 -9.18 14.05
C LEU A 13 17.99 -7.66 14.20
N TYR A 14 18.39 -7.14 15.36
CA TYR A 14 18.30 -5.71 15.62
C TYR A 14 19.42 -4.95 14.91
N ILE A 15 20.59 -5.61 14.80
CA ILE A 15 21.74 -4.99 14.14
C ILE A 15 21.37 -4.46 12.77
N PRO A 16 20.85 -5.36 11.90
CA PRO A 16 20.44 -5.01 10.54
C PRO A 16 19.20 -4.14 10.52
N SER A 17 18.32 -4.33 11.50
CA SER A 17 17.09 -3.57 11.59
C SER A 17 17.38 -2.12 11.96
N LEU A 18 18.48 -1.90 12.67
CA LEU A 18 18.87 -0.56 13.09
C LEU A 18 19.62 0.16 11.97
N LEU A 19 20.42 -0.59 11.22
CA LEU A 19 21.20 -0.01 10.12
C LEU A 19 20.28 0.46 9.00
N ILE A 20 19.31 -0.37 8.64
CA ILE A 20 18.36 -0.03 7.59
C ILE A 20 17.48 1.15 8.00
N VAL A 21 17.21 1.24 9.30
CA VAL A 21 16.38 2.33 9.82
C VAL A 21 17.11 3.67 9.75
N ILE A 22 18.41 3.64 10.07
CA ILE A 22 19.23 4.84 10.04
C ILE A 22 19.27 5.45 8.64
N LEU A 23 19.33 4.58 7.63
CA LEU A 23 19.38 5.03 6.24
C LEU A 23 18.08 5.71 5.85
N SER A 24 16.97 5.22 6.40
CA SER A 24 15.66 5.79 6.11
C SER A 24 15.65 7.29 6.30
N TRP A 25 16.13 7.74 7.45
CA TRP A 25 16.18 9.16 7.77
C TRP A 25 17.12 9.89 6.81
N ILE A 26 18.24 9.26 6.48
CA ILE A 26 19.21 9.85 5.57
C ILE A 26 18.57 10.23 4.25
N SER A 27 17.44 9.60 3.94
CA SER A 27 16.73 9.87 2.69
C SER A 27 15.43 10.63 2.97
N PHE A 28 15.05 10.71 4.24
CA PHE A 28 13.84 11.41 4.65
C PHE A 28 14.00 12.92 4.45
N TRP A 29 15.24 13.39 4.54
CA TRP A 29 15.52 14.82 4.39
C TRP A 29 15.16 15.30 2.99
N ILE A 30 14.98 14.34 2.07
CA ILE A 30 14.63 14.67 0.69
C ILE A 30 13.27 14.08 0.32
N ASN A 31 12.95 12.94 0.90
CA ASN A 31 11.68 12.27 0.63
C ASN A 31 10.51 13.10 1.13
N LEU A 32 10.82 14.13 1.91
CA LEU A 32 9.79 15.01 2.46
C LEU A 32 8.81 15.45 1.38
N ASP A 33 9.28 15.47 0.13
CA ASP A 33 8.45 15.87 -0.99
C ASP A 33 9.00 15.30 -2.30
N ALA A 34 10.32 15.28 -2.42
CA ALA A 34 10.97 14.77 -3.62
C ALA A 34 10.56 13.33 -3.89
N ALA A 35 10.44 12.53 -2.82
CA ALA A 35 10.06 11.14 -2.95
C ALA A 35 9.59 10.58 -1.60
N PRO A 36 8.39 11.00 -1.17
CA PRO A 36 7.81 10.56 0.10
C PRO A 36 7.38 9.10 0.06
N ALA A 37 7.50 8.48 -1.11
CA ALA A 37 7.14 7.08 -1.28
C ALA A 37 8.11 6.17 -0.56
N ARG A 38 9.36 6.61 -0.45
CA ARG A 38 10.39 5.83 0.23
C ARG A 38 10.22 5.90 1.74
N VAL A 39 9.81 7.06 2.23
CA VAL A 39 9.61 7.26 3.67
C VAL A 39 8.47 6.40 4.18
N GLY A 40 7.42 6.25 3.38
CA GLY A 40 6.28 5.45 3.77
C GLY A 40 6.58 3.97 3.74
N LEU A 41 7.54 3.57 2.93
CA LEU A 41 7.93 2.17 2.82
C LEU A 41 8.91 1.78 3.93
N GLY A 42 9.80 2.69 4.28
CA GLY A 42 10.77 2.43 5.32
C GLY A 42 10.14 2.37 6.70
N ILE A 43 9.14 3.21 6.92
CA ILE A 43 8.45 3.25 8.20
C ILE A 43 7.57 2.02 8.39
N THR A 44 7.04 1.51 7.28
CA THR A 44 6.18 0.33 7.32
C THR A 44 7.00 -0.96 7.29
N THR A 45 8.25 -0.84 6.86
CA THR A 45 9.14 -1.99 6.77
C THR A 45 9.69 -2.37 8.14
N VAL A 46 9.80 -1.37 9.02
CA VAL A 46 10.31 -1.60 10.37
C VAL A 46 9.25 -2.24 11.26
N LEU A 47 8.00 -1.78 11.11
CA LEU A 47 6.90 -2.32 11.89
C LEU A 47 6.50 -3.71 11.41
N THR A 48 6.77 -3.98 10.14
CA THR A 48 6.44 -5.28 9.55
C THR A 48 7.51 -6.31 9.89
N LEU A 49 8.76 -5.88 9.94
CA LEU A 49 9.87 -6.77 10.25
C LEU A 49 9.77 -7.28 11.69
N THR A 50 9.20 -6.46 12.56
CA THR A 50 9.04 -6.83 13.96
C THR A 50 7.76 -7.62 14.18
N THR A 51 6.70 -7.22 13.50
CA THR A 51 5.40 -7.89 13.63
C THR A 51 5.45 -9.28 12.99
N GLN A 52 6.38 -9.48 12.06
CA GLN A 52 6.53 -10.75 11.38
C GLN A 52 7.46 -11.69 12.15
N SER A 53 8.22 -11.10 13.08
CA SER A 53 9.15 -11.89 13.89
C SER A 53 8.42 -12.72 14.93
N SER A 54 7.12 -12.49 15.05
CA SER A 54 6.29 -13.20 16.01
C SER A 54 5.14 -13.92 15.31
N GLY A 55 5.34 -14.26 14.03
CA GLY A 55 4.32 -14.94 13.27
C GLY A 55 4.26 -16.43 13.56
N SER A 56 5.42 -17.08 13.47
CA SER A 56 5.51 -18.51 13.72
C SER A 56 4.97 -18.86 15.10
N ARG A 57 5.25 -17.99 16.07
CA ARG A 57 4.79 -18.21 17.44
C ARG A 57 5.33 -19.52 17.99
N ALA A 58 6.37 -20.05 17.36
CA ALA A 58 6.98 -21.30 17.78
C ALA A 58 8.01 -21.07 18.88
N SER A 59 8.49 -19.83 18.98
CA SER A 59 9.48 -19.48 19.99
C SER A 59 8.81 -18.91 21.24
N LEU A 60 7.49 -19.02 21.29
CA LEU A 60 6.73 -18.51 22.43
C LEU A 60 6.92 -17.00 22.59
N PRO A 61 6.29 -16.22 21.70
CA PRO A 61 6.38 -14.77 21.73
C PRO A 61 5.65 -14.15 22.92
N LYS A 62 4.98 -15.00 23.69
CA LYS A 62 4.24 -14.56 24.86
C LYS A 62 5.10 -13.65 25.73
N VAL A 63 6.14 -14.22 26.34
CA VAL A 63 7.04 -13.47 27.20
C VAL A 63 7.62 -12.27 26.46
N SER A 64 7.99 -12.47 25.19
CA SER A 64 8.56 -11.41 24.38
C SER A 64 7.53 -10.30 24.14
N TYR A 65 6.27 -10.62 24.40
CA TYR A 65 5.19 -9.64 24.20
C TYR A 65 5.16 -8.62 25.34
N VAL A 66 5.21 -9.12 26.58
CA VAL A 66 5.19 -8.26 27.75
C VAL A 66 6.31 -7.23 27.69
N LYS A 67 7.54 -7.71 27.56
CA LYS A 67 8.69 -6.82 27.49
C LYS A 67 8.59 -5.88 26.29
N ALA A 68 7.97 -6.37 25.22
CA ALA A 68 7.80 -5.56 24.01
C ALA A 68 6.69 -4.54 24.19
N ILE A 69 5.81 -4.78 25.15
CA ILE A 69 4.71 -3.87 25.43
C ILE A 69 5.17 -2.63 26.18
N ASP A 70 6.21 -2.81 26.99
CA ASP A 70 6.76 -1.71 27.78
C ASP A 70 7.64 -0.81 26.91
N ILE A 71 8.06 -1.33 25.77
CA ILE A 71 8.91 -0.57 24.85
C ILE A 71 8.10 -0.04 23.67
N TRP A 72 7.08 -0.80 23.27
CA TRP A 72 6.23 -0.41 22.15
C TRP A 72 5.29 0.71 22.56
N LEU A 73 5.25 1.01 23.86
CA LEU A 73 4.37 2.06 24.38
C LEU A 73 5.14 3.38 24.52
N ALA A 74 6.07 3.61 23.59
CA ALA A 74 6.87 4.83 23.61
C ALA A 74 7.85 4.86 22.44
N VAL A 75 8.36 3.70 22.07
CA VAL A 75 9.31 3.59 20.98
C VAL A 75 8.64 3.89 19.63
N CYS A 76 7.31 3.82 19.62
CA CYS A 76 6.54 4.08 18.41
C CYS A 76 5.92 5.47 18.45
N LEU A 77 5.68 5.98 19.66
CA LEU A 77 5.10 7.30 19.83
C LEU A 77 6.16 8.40 19.71
N LEU A 78 7.42 8.00 19.81
CA LEU A 78 8.53 8.95 19.71
C LEU A 78 9.19 8.87 18.34
N PHE A 79 9.17 7.67 17.75
CA PHE A 79 9.76 7.47 16.43
C PHE A 79 8.95 8.16 15.35
N VAL A 80 7.63 8.17 15.53
CA VAL A 80 6.73 8.81 14.57
C VAL A 80 6.38 10.22 15.00
N PHE A 81 6.86 10.62 16.18
CA PHE A 81 6.60 11.95 16.70
C PHE A 81 7.53 12.98 16.06
N SER A 82 8.80 12.62 15.93
CA SER A 82 9.79 13.50 15.33
C SER A 82 9.67 13.53 13.82
N ALA A 83 9.17 12.43 13.25
CA ALA A 83 8.99 12.34 11.80
C ALA A 83 7.82 13.18 11.34
N LEU A 84 6.80 13.31 12.19
CA LEU A 84 5.62 14.11 11.87
C LEU A 84 5.87 15.58 12.10
N LEU A 85 6.64 15.89 13.15
CA LEU A 85 6.96 17.27 13.48
C LEU A 85 7.63 17.97 12.30
N GLU A 86 8.46 17.24 11.58
CA GLU A 86 9.16 17.79 10.41
C GLU A 86 8.27 17.78 9.18
N TYR A 87 7.55 16.68 8.99
CA TYR A 87 6.66 16.54 7.84
C TYR A 87 5.57 17.60 7.86
N ALA A 88 5.38 18.23 9.02
CA ALA A 88 4.38 19.26 9.17
C ALA A 88 5.02 20.62 9.46
N ALA A 89 6.31 20.60 9.79
CA ALA A 89 7.05 21.82 10.09
C ALA A 89 7.18 22.69 8.85
N VAL A 90 7.31 22.05 7.69
CA VAL A 90 7.46 22.78 6.43
C VAL A 90 6.36 23.81 6.27
N ASN A 91 5.15 23.47 6.70
CA ASN A 91 4.01 24.39 6.60
C ASN A 91 3.95 25.31 7.82
N PHE A 92 4.62 24.90 8.89
CA PHE A 92 4.64 25.70 10.12
C PHE A 92 5.65 26.84 10.01
N VAL A 93 6.34 26.90 8.88
CA VAL A 93 7.34 27.94 8.65
C VAL A 93 6.75 29.33 8.90
N SER A 94 5.49 29.51 8.49
CA SER A 94 4.81 30.80 8.66
C SER A 94 4.82 31.22 10.13
N ARG A 95 4.99 30.25 11.01
CA ARG A 95 5.02 30.52 12.45
C ARG A 95 6.00 31.63 12.77
N GLN A 96 7.04 31.75 11.96
CA GLN A 96 8.05 32.78 12.15
C GLN A 96 8.71 32.64 13.52
N ARG A 97 8.77 31.40 14.02
CA ARG A 97 9.37 31.13 15.32
C ARG A 97 10.77 31.73 15.41
N GLU A 98 11.45 31.81 14.27
CA GLU A 98 12.79 32.36 14.21
C GLU A 98 12.79 33.85 14.57
N PHE A 99 13.92 34.50 14.36
CA PHE A 99 14.05 35.93 14.65
C PHE A 99 13.84 36.77 13.39
N GLY A 100 13.23 36.15 12.38
CA GLY A 100 12.97 36.85 11.13
C GLY A 100 12.91 35.92 9.95
N GLY A 101 12.04 36.23 8.99
CA GLY A 101 11.90 35.39 7.81
C GLY A 101 12.77 35.87 6.66
N GLY A 102 13.85 36.57 6.99
CA GLY A 102 14.75 37.07 5.97
C GLY A 102 15.53 35.97 5.29
N GLY A 103 15.82 34.91 6.03
CA GLY A 103 16.56 33.79 5.47
C GLY A 103 15.67 32.62 5.12
N PHE A 104 14.45 32.92 4.66
CA PHE A 104 13.50 31.87 4.28
C PHE A 104 14.04 31.03 3.14
N ILE A 105 14.33 31.69 2.02
CA ILE A 105 14.85 31.00 0.85
C ILE A 105 16.30 30.56 1.06
N GLN A 106 16.95 31.15 2.06
CA GLN A 106 18.33 30.82 2.38
C GLN A 106 18.41 29.54 3.21
N ARG A 107 17.34 29.25 3.94
CA ARG A 107 17.29 28.06 4.78
C ARG A 107 16.25 27.07 4.26
N ALA A 108 15.60 27.43 3.16
CA ALA A 108 14.58 26.58 2.56
C ALA A 108 15.21 25.51 1.68
N LYS A 109 16.47 25.73 1.28
CA LYS A 109 17.18 24.78 0.44
C LYS A 109 17.13 23.38 1.03
N LYS A 110 17.06 23.30 2.35
CA LYS A 110 17.00 22.02 3.04
C LYS A 110 18.16 21.12 2.62
N ILE A 111 19.36 21.48 3.06
CA ILE A 111 20.56 20.71 2.73
C ILE A 111 21.56 20.73 3.87
N ASP A 112 21.10 21.14 5.06
CA ASP A 112 21.95 21.22 6.23
C ASP A 112 21.17 21.71 7.44
N LYS A 113 19.90 21.35 7.51
CA LYS A 113 19.04 21.76 8.61
C LYS A 113 18.48 20.54 9.35
N ILE A 114 18.71 19.36 8.79
CA ILE A 114 18.23 18.13 9.40
C ILE A 114 19.32 17.06 9.40
N SER A 115 20.53 17.45 9.01
CA SER A 115 21.65 16.53 8.96
C SER A 115 22.44 16.57 10.27
N ARG A 116 22.32 17.68 10.99
CA ARG A 116 23.02 17.86 12.26
C ARG A 116 22.24 17.21 13.39
N ILE A 117 21.12 16.59 13.06
CA ILE A 117 20.28 15.93 14.05
C ILE A 117 20.19 14.43 13.78
N GLY A 118 20.00 14.07 12.52
CA GLY A 118 19.90 12.67 12.14
C GLY A 118 21.21 11.93 12.31
N PHE A 119 22.30 12.56 11.88
CA PHE A 119 23.62 11.95 11.98
C PHE A 119 23.89 11.46 13.41
N PRO A 120 23.84 12.39 14.36
CA PRO A 120 24.08 12.07 15.78
C PRO A 120 22.95 11.26 16.39
N LEU A 121 21.82 11.21 15.69
CA LEU A 121 20.67 10.45 16.15
C LEU A 121 20.81 8.97 15.85
N ALA A 122 21.54 8.66 14.78
CA ALA A 122 21.77 7.29 14.37
C ALA A 122 22.91 6.65 15.17
N PHE A 123 23.97 7.43 15.39
CA PHE A 123 25.13 6.95 16.14
C PHE A 123 24.79 6.81 17.62
N LEU A 124 23.80 7.57 18.08
CA LEU A 124 23.39 7.53 19.48
C LEU A 124 22.46 6.35 19.72
N ILE A 125 21.65 6.02 18.73
CA ILE A 125 20.71 4.90 18.84
C ILE A 125 21.39 3.58 18.53
N PHE A 126 22.45 3.64 17.74
CA PHE A 126 23.19 2.43 17.36
C PHE A 126 24.06 1.95 18.52
N ASN A 127 24.61 2.89 19.29
CA ASN A 127 25.46 2.55 20.42
C ASN A 127 24.61 2.35 21.69
N LEU A 128 23.38 2.83 21.65
CA LEU A 128 22.48 2.70 22.79
C LEU A 128 21.84 1.31 22.81
N PHE A 129 21.66 0.72 21.63
CA PHE A 129 21.06 -0.60 21.51
C PHE A 129 22.14 -1.68 21.44
N TYR A 130 23.35 -1.27 21.08
CA TYR A 130 24.46 -2.21 20.98
C TYR A 130 25.20 -2.35 22.31
N TRP A 131 25.29 -1.25 23.04
CA TRP A 131 25.96 -1.25 24.33
C TRP A 131 25.04 -1.78 25.43
N ILE A 132 23.75 -1.51 25.29
CA ILE A 132 22.76 -1.96 26.27
C ILE A 132 22.47 -3.45 26.11
N ILE A 133 22.60 -3.94 24.88
CA ILE A 133 22.36 -5.34 24.58
C ILE A 133 23.48 -6.22 25.11
N TYR A 134 24.71 -5.75 24.98
CA TYR A 134 25.88 -6.49 25.44
C TYR A 134 26.13 -6.22 26.93
N LYS A 135 25.38 -5.29 27.49
CA LYS A 135 25.51 -4.94 28.90
C LYS A 135 24.41 -5.60 29.73
N ILE A 136 23.18 -5.56 29.22
CA ILE A 136 22.06 -6.16 29.92
C ILE A 136 22.32 -7.63 30.25
N VAL A 137 22.93 -8.34 29.31
CA VAL A 137 23.25 -9.74 29.50
C VAL A 137 24.18 -9.94 30.68
N ARG A 138 24.84 -8.87 31.09
CA ARG A 138 25.77 -8.92 32.22
C ARG A 138 25.12 -8.42 33.50
N ARG A 139 24.46 -7.26 33.40
CA ARG A 139 23.79 -6.67 34.55
C ARG A 139 24.80 -6.04 35.51
N GLU A 140 25.77 -6.83 35.93
CA GLU A 140 26.80 -6.35 36.85
C GLU A 140 28.19 -6.75 36.36
N ASP A 141 28.40 -6.70 35.05
CA ASP A 141 29.68 -7.05 34.45
C ASP A 141 30.07 -8.48 34.82
N GLU A 142 29.10 -9.38 34.79
CA GLU A 142 29.35 -10.78 35.13
C GLU A 142 29.60 -11.62 33.87
N PHE A 143 28.95 -11.23 32.78
CA PHE A 143 29.10 -11.94 31.51
C PHE A 143 30.33 -11.45 30.76
N GLU A 144 31.07 -10.53 31.37
CA GLU A 144 32.28 -9.99 30.77
C GLU A 144 33.23 -11.10 30.35
N HIS A 145 33.46 -12.04 31.26
CA HIS A 145 34.35 -13.16 31.00
C HIS A 145 33.61 -14.49 31.16
N HIS A 146 33.06 -14.99 30.06
CA HIS A 146 32.32 -16.25 30.08
C HIS A 146 31.95 -16.69 28.66
N HIS A 147 31.45 -15.74 27.87
CA HIS A 147 31.05 -16.02 26.50
C HIS A 147 32.21 -15.80 25.53
N HIS A 148 32.93 -14.69 25.74
CA HIS A 148 34.07 -14.35 24.89
C HIS A 148 33.63 -14.15 23.45
N HIS A 149 32.33 -13.92 23.25
CA HIS A 149 31.78 -13.71 21.92
C HIS A 149 32.16 -12.33 21.38
N HIS A 150 31.68 -11.29 22.07
CA HIS A 150 31.96 -9.91 21.66
C HIS A 150 31.31 -8.93 22.62
N MET B 1 11.12 -33.51 5.47
CA MET B 1 10.58 -34.13 4.27
C MET B 1 10.62 -33.17 3.09
N LEU B 2 11.52 -33.41 2.15
CA LEU B 2 11.65 -32.56 0.98
C LEU B 2 12.09 -31.15 1.37
N GLU B 3 12.85 -31.05 2.46
CA GLU B 3 13.33 -29.77 2.93
C GLU B 3 14.54 -29.31 2.14
N ARG B 4 15.43 -30.25 1.83
CA ARG B 4 16.63 -29.95 1.06
C ARG B 4 16.36 -29.98 -0.44
N GLN B 5 15.18 -30.47 -0.80
CA GLN B 5 14.78 -30.56 -2.20
C GLN B 5 14.01 -29.32 -2.64
N LEU B 6 14.12 -28.25 -1.84
CA LEU B 6 13.44 -27.00 -2.13
C LEU B 6 14.27 -26.13 -3.08
N GLY B 7 15.59 -26.26 -2.97
CA GLY B 7 16.48 -25.48 -3.82
C GLY B 7 16.11 -25.58 -5.28
N TYR B 8 15.52 -26.71 -5.67
CA TYR B 8 15.13 -26.93 -7.06
C TYR B 8 14.07 -25.92 -7.49
N TYR B 9 13.08 -25.70 -6.61
CA TYR B 9 12.00 -24.76 -6.90
C TYR B 9 12.49 -23.32 -6.80
N LEU B 10 13.55 -23.12 -6.03
CA LEU B 10 14.13 -21.78 -5.86
C LEU B 10 14.99 -21.39 -7.06
N ILE B 11 15.54 -22.40 -7.73
CA ILE B 11 16.38 -22.16 -8.89
C ILE B 11 15.56 -21.66 -10.08
N GLN B 12 14.56 -22.44 -10.46
CA GLN B 12 13.69 -22.07 -11.57
C GLN B 12 12.87 -20.83 -11.25
N LEU B 13 12.68 -20.58 -9.95
CA LEU B 13 11.90 -19.42 -9.52
C LEU B 13 12.80 -18.19 -9.41
N TYR B 14 14.10 -18.42 -9.28
CA TYR B 14 15.06 -17.33 -9.16
C TYR B 14 15.31 -16.69 -10.53
N ILE B 15 15.28 -17.49 -11.57
CA ILE B 15 15.51 -17.00 -12.93
C ILE B 15 14.61 -15.81 -13.23
N PRO B 16 13.29 -16.01 -13.11
CA PRO B 16 12.30 -14.95 -13.36
C PRO B 16 12.34 -13.85 -12.30
N SER B 17 12.68 -14.23 -11.07
CA SER B 17 12.74 -13.29 -9.96
C SER B 17 13.92 -12.33 -10.14
N LEU B 18 14.95 -12.80 -10.84
CA LEU B 18 16.14 -11.99 -11.08
C LEU B 18 15.94 -11.07 -12.27
N LEU B 19 15.24 -11.57 -13.29
CA LEU B 19 14.97 -10.79 -14.49
C LEU B 19 14.07 -9.60 -14.19
N ILE B 20 13.00 -9.85 -13.43
CA ILE B 20 12.07 -8.81 -13.07
C ILE B 20 12.73 -7.76 -12.17
N VAL B 21 13.68 -8.21 -11.36
CA VAL B 21 14.39 -7.33 -10.44
C VAL B 21 15.33 -6.40 -11.20
N ILE B 22 15.98 -6.93 -12.22
CA ILE B 22 16.91 -6.15 -13.03
C ILE B 22 16.19 -5.00 -13.72
N LEU B 23 14.97 -5.25 -14.18
CA LEU B 23 14.18 -4.24 -14.86
C LEU B 23 13.79 -3.11 -13.90
N SER B 24 13.58 -3.48 -12.64
CA SER B 24 13.19 -2.51 -11.62
C SER B 24 14.17 -1.33 -11.60
N TRP B 25 15.45 -1.63 -11.53
CA TRP B 25 16.49 -0.60 -11.51
C TRP B 25 16.46 0.22 -12.80
N ILE B 26 16.30 -0.46 -13.93
CA ILE B 26 16.26 0.21 -15.22
C ILE B 26 15.26 1.36 -15.21
N SER B 27 14.22 1.23 -14.39
CA SER B 27 13.19 2.26 -14.29
C SER B 27 13.44 3.16 -13.08
N PHE B 28 14.20 2.64 -12.12
CA PHE B 28 14.50 3.39 -10.90
C PHE B 28 15.22 4.71 -11.24
N TRP B 29 15.88 4.73 -12.39
CA TRP B 29 16.60 5.91 -12.84
C TRP B 29 15.65 7.09 -13.02
N ILE B 30 14.43 6.79 -13.46
CA ILE B 30 13.42 7.82 -13.68
C ILE B 30 12.41 7.87 -12.54
N ASN B 31 12.15 6.70 -11.96
CA ASN B 31 11.19 6.60 -10.86
C ASN B 31 11.68 7.39 -9.64
N LEU B 32 12.95 7.79 -9.68
CA LEU B 32 13.54 8.56 -8.59
C LEU B 32 12.63 9.71 -8.17
N ASP B 33 11.82 10.18 -9.11
CA ASP B 33 10.90 11.28 -8.83
C ASP B 33 9.76 11.30 -9.85
N ALA B 34 10.08 11.00 -11.10
CA ALA B 34 9.09 10.97 -12.17
C ALA B 34 7.96 10.00 -11.84
N ALA B 35 8.31 8.86 -11.25
CA ALA B 35 7.33 7.85 -10.89
C ALA B 35 7.89 6.89 -9.85
N PRO B 36 8.04 7.37 -8.60
CA PRO B 36 8.56 6.57 -7.50
C PRO B 36 7.60 5.48 -7.06
N ALA B 37 6.40 5.48 -7.65
CA ALA B 37 5.39 4.49 -7.32
C ALA B 37 5.78 3.11 -7.85
N ARG B 38 6.53 3.09 -8.94
CA ARG B 38 6.99 1.83 -9.55
C ARG B 38 8.12 1.21 -8.74
N VAL B 39 8.98 2.07 -8.19
CA VAL B 39 10.11 1.60 -7.40
C VAL B 39 9.63 0.96 -6.09
N GLY B 40 8.58 1.54 -5.50
CA GLY B 40 8.05 1.01 -4.26
C GLY B 40 7.31 -0.29 -4.45
N LEU B 41 6.80 -0.52 -5.66
CA LEU B 41 6.08 -1.74 -5.96
C LEU B 41 7.03 -2.87 -6.32
N GLY B 42 8.10 -2.53 -7.04
CA GLY B 42 9.08 -3.54 -7.42
C GLY B 42 9.88 -4.06 -6.24
N ILE B 43 10.18 -3.17 -5.30
CA ILE B 43 10.95 -3.55 -4.11
C ILE B 43 10.12 -4.41 -3.17
N THR B 44 8.80 -4.17 -3.15
CA THR B 44 7.89 -4.92 -2.29
C THR B 44 7.45 -6.21 -2.98
N THR B 45 7.60 -6.27 -4.29
CA THR B 45 7.21 -7.44 -5.07
C THR B 45 8.24 -8.55 -4.93
N VAL B 46 9.49 -8.17 -4.70
CA VAL B 46 10.57 -9.14 -4.55
C VAL B 46 10.54 -9.79 -3.17
N LEU B 47 10.25 -8.99 -2.15
CA LEU B 47 10.18 -9.49 -0.78
C LEU B 47 8.91 -10.31 -0.56
N THR B 48 7.88 -10.02 -1.36
CA THR B 48 6.61 -10.72 -1.25
C THR B 48 6.66 -12.05 -1.99
N LEU B 49 7.37 -12.07 -3.12
CA LEU B 49 7.50 -13.28 -3.93
C LEU B 49 8.28 -14.35 -3.18
N THR B 50 9.20 -13.92 -2.33
CA THR B 50 10.02 -14.85 -1.55
C THR B 50 9.31 -15.25 -0.26
N THR B 51 8.65 -14.28 0.38
CA THR B 51 7.93 -14.55 1.62
C THR B 51 6.70 -15.40 1.37
N GLN B 52 6.21 -15.40 0.15
CA GLN B 52 5.04 -16.18 -0.21
C GLN B 52 5.43 -17.58 -0.66
N SER B 53 6.72 -17.77 -0.96
CA SER B 53 7.22 -19.06 -1.40
C SER B 53 7.32 -20.04 -0.24
N SER B 54 7.08 -19.52 0.97
CA SER B 54 7.14 -20.35 2.17
C SER B 54 5.82 -20.29 2.94
N GLY B 55 4.74 -20.03 2.21
CA GLY B 55 3.43 -19.94 2.83
C GLY B 55 2.82 -21.30 3.08
N SER B 56 2.78 -22.14 2.04
CA SER B 56 2.21 -23.48 2.16
C SER B 56 2.91 -24.26 3.26
N ARG B 57 4.21 -24.07 3.39
CA ARG B 57 4.99 -24.77 4.42
C ARG B 57 4.87 -26.29 4.25
N ALA B 58 4.46 -26.72 3.07
CA ALA B 58 4.29 -28.14 2.78
C ALA B 58 5.62 -28.76 2.33
N SER B 59 6.54 -27.92 1.88
CA SER B 59 7.83 -28.38 1.41
C SER B 59 8.87 -28.30 2.54
N LEU B 60 8.41 -28.03 3.75
CA LEU B 60 9.29 -27.93 4.91
C LEU B 60 10.31 -26.81 4.71
N PRO B 61 9.85 -25.56 4.84
CA PRO B 61 10.70 -24.38 4.70
C PRO B 61 11.70 -24.23 5.84
N LYS B 62 11.60 -25.12 6.82
CA LYS B 62 12.48 -25.10 7.98
C LYS B 62 13.93 -24.98 7.54
N VAL B 63 14.45 -26.04 6.91
CA VAL B 63 15.83 -26.05 6.43
C VAL B 63 16.11 -24.85 5.53
N SER B 64 15.16 -24.55 4.65
CA SER B 64 15.30 -23.43 3.72
C SER B 64 15.37 -22.10 4.48
N TYR B 65 14.97 -22.14 5.74
CA TYR B 65 14.98 -20.93 6.57
C TYR B 65 16.39 -20.61 7.04
N VAL B 66 17.08 -21.62 7.57
CA VAL B 66 18.44 -21.45 8.06
C VAL B 66 19.35 -20.88 6.99
N LYS B 67 19.41 -21.56 5.84
CA LYS B 67 20.24 -21.11 4.73
C LYS B 67 19.80 -19.73 4.25
N ALA B 68 18.51 -19.46 4.35
CA ALA B 68 17.96 -18.17 3.91
C ALA B 68 18.28 -17.08 4.94
N ILE B 69 18.58 -17.50 6.16
CA ILE B 69 18.90 -16.55 7.22
C ILE B 69 20.32 -16.02 7.08
N ASP B 70 21.20 -16.83 6.52
CA ASP B 70 22.59 -16.44 6.31
C ASP B 70 22.72 -15.53 5.10
N ILE B 71 21.72 -15.55 4.24
CA ILE B 71 21.72 -14.71 3.04
C ILE B 71 20.83 -13.49 3.21
N TRP B 72 19.76 -13.64 3.99
CA TRP B 72 18.83 -12.56 4.23
C TRP B 72 19.42 -11.54 5.20
N LEU B 73 20.57 -11.89 5.79
CA LEU B 73 21.24 -11.01 6.74
C LEU B 73 22.32 -10.19 6.04
N ALA B 74 22.07 -9.84 4.79
CA ALA B 74 23.03 -9.05 4.02
C ALA B 74 22.49 -8.75 2.62
N VAL B 75 21.74 -9.70 2.07
CA VAL B 75 21.17 -9.54 0.74
C VAL B 75 20.09 -8.46 0.73
N CYS B 76 19.57 -8.14 1.90
CA CYS B 76 18.53 -7.13 2.04
C CYS B 76 19.12 -5.81 2.53
N LEU B 77 20.24 -5.91 3.25
CA LEU B 77 20.90 -4.72 3.79
C LEU B 77 21.76 -4.05 2.73
N LEU B 78 22.06 -4.78 1.67
CA LEU B 78 22.88 -4.25 0.58
C LEU B 78 22.01 -3.85 -0.61
N PHE B 79 20.91 -4.56 -0.79
CA PHE B 79 19.98 -4.28 -1.89
C PHE B 79 19.26 -2.96 -1.67
N VAL B 80 18.95 -2.66 -0.42
CA VAL B 80 18.26 -1.43 -0.06
C VAL B 80 19.24 -0.34 0.36
N PHE B 81 20.52 -0.71 0.44
CA PHE B 81 21.56 0.24 0.83
C PHE B 81 21.95 1.13 -0.34
N SER B 82 22.09 0.52 -1.52
CA SER B 82 22.48 1.26 -2.71
C SER B 82 21.28 2.05 -3.26
N ALA B 83 20.08 1.53 -3.03
CA ALA B 83 18.86 2.19 -3.49
C ALA B 83 18.58 3.45 -2.69
N LEU B 84 18.96 3.44 -1.42
CA LEU B 84 18.73 4.59 -0.54
C LEU B 84 19.81 5.65 -0.76
N LEU B 85 21.03 5.19 -1.00
CA LEU B 85 22.15 6.10 -1.22
C LEU B 85 21.87 7.05 -2.39
N GLU B 86 21.19 6.54 -3.40
CA GLU B 86 20.85 7.35 -4.57
C GLU B 86 19.59 8.17 -4.31
N TYR B 87 18.60 7.55 -3.69
CA TYR B 87 17.34 8.22 -3.39
C TYR B 87 17.57 9.41 -2.46
N ALA B 88 18.73 9.44 -1.83
CA ALA B 88 19.08 10.52 -0.92
C ALA B 88 20.26 11.33 -1.44
N ALA B 89 20.94 10.79 -2.45
CA ALA B 89 22.09 11.46 -3.05
C ALA B 89 21.66 12.75 -3.76
N VAL B 90 20.47 12.71 -4.36
CA VAL B 90 19.96 13.87 -5.08
C VAL B 90 20.02 15.13 -4.23
N ASN B 91 19.74 14.97 -2.94
CA ASN B 91 19.77 16.10 -2.01
C ASN B 91 21.18 16.32 -1.48
N PHE B 92 22.02 15.30 -1.59
CA PHE B 92 23.39 15.38 -1.10
C PHE B 92 24.28 16.08 -2.14
N VAL B 93 23.69 16.48 -3.25
CA VAL B 93 24.43 17.17 -4.30
C VAL B 93 25.16 18.39 -3.76
N SER B 94 24.56 19.05 -2.78
CA SER B 94 25.15 20.24 -2.18
C SER B 94 26.49 19.91 -1.54
N ARG B 95 26.72 18.62 -1.29
CA ARG B 95 27.96 18.17 -0.67
C ARG B 95 29.17 18.67 -1.47
N GLN B 96 28.96 18.90 -2.76
CA GLN B 96 30.04 19.36 -3.63
C GLN B 96 31.22 18.40 -3.61
N ARG B 97 30.94 17.13 -3.36
CA ARG B 97 31.98 16.10 -3.32
C ARG B 97 32.85 16.16 -4.56
N GLU B 98 32.26 16.58 -5.67
CA GLU B 98 33.00 16.68 -6.94
C GLU B 98 34.07 17.76 -6.86
N PHE B 99 34.66 18.08 -8.01
CA PHE B 99 35.70 19.10 -8.07
C PHE B 99 35.12 20.45 -8.47
N GLY B 100 33.81 20.58 -8.34
CA GLY B 100 33.16 21.83 -8.70
C GLY B 100 31.72 21.63 -9.11
N GLY B 101 30.86 22.59 -8.78
CA GLY B 101 29.46 22.49 -9.13
C GLY B 101 29.14 23.19 -10.44
N GLY B 102 30.14 23.31 -11.30
CA GLY B 102 29.95 23.96 -12.58
C GLY B 102 29.09 23.13 -13.52
N GLY B 103 29.16 21.81 -13.39
CA GLY B 103 28.39 20.93 -14.25
C GLY B 103 27.17 20.37 -13.54
N PHE B 104 26.56 21.18 -12.67
CA PHE B 104 25.38 20.76 -11.93
C PHE B 104 24.23 20.45 -12.87
N ILE B 105 23.84 21.44 -13.66
CA ILE B 105 22.74 21.27 -14.61
C ILE B 105 23.16 20.38 -15.78
N GLN B 106 24.46 20.24 -15.96
CA GLN B 106 25.00 19.42 -17.05
C GLN B 106 24.96 17.94 -16.67
N ARG B 107 24.99 17.66 -15.38
CA ARG B 107 24.96 16.29 -14.88
C ARG B 107 23.66 16.01 -14.15
N ALA B 108 22.80 17.01 -14.06
CA ALA B 108 21.52 16.87 -13.38
C ALA B 108 20.49 16.19 -14.27
N LYS B 109 20.75 16.20 -15.57
CA LYS B 109 19.84 15.58 -16.53
C LYS B 109 19.52 14.13 -16.13
N LYS B 110 20.47 13.48 -15.46
CA LYS B 110 20.30 12.11 -15.02
C LYS B 110 19.87 11.22 -16.18
N ILE B 111 20.77 11.03 -17.14
CA ILE B 111 20.49 10.19 -18.30
C ILE B 111 21.72 9.37 -18.69
N ASP B 112 22.70 9.31 -17.80
CA ASP B 112 23.92 8.56 -18.05
C ASP B 112 24.85 8.63 -16.85
N LYS B 113 24.28 8.66 -15.66
CA LYS B 113 25.06 8.73 -14.43
C LYS B 113 24.77 7.52 -13.53
N ILE B 114 23.77 6.72 -13.92
CA ILE B 114 23.40 5.55 -13.15
C ILE B 114 23.18 4.35 -14.06
N SER B 115 23.50 4.51 -15.34
CA SER B 115 23.34 3.43 -16.31
C SER B 115 24.63 2.63 -16.45
N ARG B 116 25.75 3.24 -16.08
CA ARG B 116 27.04 2.59 -16.16
C ARG B 116 27.30 1.72 -14.93
N ILE B 117 26.32 1.69 -14.04
CA ILE B 117 26.43 0.91 -12.81
C ILE B 117 25.36 -0.18 -12.76
N GLY B 118 24.14 0.17 -13.14
CA GLY B 118 23.05 -0.79 -13.13
C GLY B 118 23.22 -1.86 -14.19
N PHE B 119 23.61 -1.44 -15.39
CA PHE B 119 23.80 -2.38 -16.49
C PHE B 119 24.71 -3.53 -16.09
N PRO B 120 25.94 -3.20 -15.67
CA PRO B 120 26.92 -4.20 -15.24
C PRO B 120 26.55 -4.84 -13.92
N LEU B 121 25.60 -4.23 -13.21
CA LEU B 121 25.16 -4.76 -11.92
C LEU B 121 24.16 -5.90 -12.11
N ALA B 122 23.43 -5.85 -13.22
CA ALA B 122 22.44 -6.87 -13.53
C ALA B 122 23.09 -8.10 -14.16
N PHE B 123 24.05 -7.86 -15.05
CA PHE B 123 24.75 -8.94 -15.73
C PHE B 123 25.69 -9.67 -14.77
N LEU B 124 26.12 -8.96 -13.74
CA LEU B 124 27.02 -9.54 -12.74
C LEU B 124 26.25 -10.38 -11.72
N ILE B 125 25.03 -9.95 -11.43
CA ILE B 125 24.18 -10.67 -10.48
C ILE B 125 23.45 -11.82 -11.15
N PHE B 126 23.24 -11.70 -12.46
CA PHE B 126 22.55 -12.73 -13.21
C PHE B 126 23.46 -13.94 -13.45
N ASN B 127 24.74 -13.66 -13.66
CA ASN B 127 25.72 -14.72 -13.90
C ASN B 127 26.28 -15.25 -12.58
N LEU B 128 26.10 -14.48 -11.51
CA LEU B 128 26.59 -14.88 -10.20
C LEU B 128 25.62 -15.86 -9.54
N PHE B 129 24.34 -15.74 -9.86
CA PHE B 129 23.32 -16.62 -9.30
C PHE B 129 23.04 -17.79 -10.24
N TYR B 130 23.40 -17.63 -11.50
CA TYR B 130 23.19 -18.67 -12.50
C TYR B 130 24.38 -19.62 -12.57
N TRP B 131 25.58 -19.08 -12.38
CA TRP B 131 26.79 -19.88 -12.41
C TRP B 131 27.02 -20.58 -11.08
N ILE B 132 26.63 -19.93 -9.99
CA ILE B 132 26.78 -20.48 -8.66
C ILE B 132 25.75 -21.56 -8.39
N ILE B 133 24.58 -21.43 -9.02
CA ILE B 133 23.50 -22.40 -8.85
C ILE B 133 23.82 -23.71 -9.57
N TYR B 134 24.38 -23.59 -10.77
CA TYR B 134 24.74 -24.76 -11.56
C TYR B 134 26.10 -25.31 -11.14
N LYS B 135 26.78 -24.58 -10.27
CA LYS B 135 28.10 -25.00 -9.80
C LYS B 135 27.99 -25.63 -8.41
N ILE B 136 27.21 -25.01 -7.54
CA ILE B 136 27.03 -25.51 -6.19
C ILE B 136 26.57 -26.96 -6.19
N VAL B 137 25.66 -27.29 -7.12
CA VAL B 137 25.15 -28.64 -7.23
C VAL B 137 26.27 -29.63 -7.54
N ARG B 138 27.40 -29.11 -8.02
CA ARG B 138 28.54 -29.96 -8.35
C ARG B 138 29.57 -29.95 -7.22
N ARG B 139 29.90 -28.75 -6.74
CA ARG B 139 30.87 -28.61 -5.67
C ARG B 139 32.29 -28.83 -6.18
N GLU B 140 32.52 -29.96 -6.83
CA GLU B 140 33.83 -30.28 -7.38
C GLU B 140 33.72 -30.78 -8.81
N ASP B 141 32.82 -30.17 -9.57
CA ASP B 141 32.60 -30.56 -10.97
C ASP B 141 32.25 -32.04 -11.08
N GLU B 142 31.39 -32.50 -10.17
CA GLU B 142 30.97 -33.89 -10.17
C GLU B 142 29.64 -34.06 -10.89
N PHE B 143 28.79 -33.04 -10.82
CA PHE B 143 27.49 -33.07 -11.47
C PHE B 143 27.60 -32.67 -12.94
N GLU B 144 28.83 -32.40 -13.38
CA GLU B 144 29.07 -32.00 -14.76
C GLU B 144 28.47 -33.02 -15.73
N HIS B 145 28.72 -34.29 -15.48
CA HIS B 145 28.21 -35.36 -16.33
C HIS B 145 27.36 -36.33 -15.53
N HIS B 146 26.06 -36.08 -15.49
CA HIS B 146 25.13 -36.93 -14.76
C HIS B 146 23.68 -36.51 -15.02
N HIS B 147 23.43 -35.21 -14.97
CA HIS B 147 22.09 -34.68 -15.21
C HIS B 147 21.88 -34.37 -16.68
N HIS B 148 22.88 -33.75 -17.30
CA HIS B 148 22.81 -33.39 -18.71
C HIS B 148 21.66 -32.42 -18.97
N HIS B 149 21.20 -31.75 -17.90
CA HIS B 149 20.11 -30.80 -18.01
C HIS B 149 20.59 -29.50 -18.65
N HIS B 150 21.52 -28.82 -17.98
CA HIS B 150 22.05 -27.57 -18.49
C HIS B 150 23.40 -27.79 -19.17
N MET C 1 -13.06 -33.28 -4.77
CA MET C 1 -11.91 -33.52 -5.63
C MET C 1 -12.07 -32.79 -6.97
N LEU C 2 -12.84 -31.71 -6.95
CA LEU C 2 -13.08 -30.92 -8.16
C LEU C 2 -11.87 -30.04 -8.48
N GLU C 3 -10.72 -30.68 -8.69
CA GLU C 3 -9.49 -29.94 -9.00
C GLU C 3 -9.46 -29.55 -10.47
N ARG C 4 -9.87 -30.47 -11.34
CA ARG C 4 -9.89 -30.22 -12.77
C ARG C 4 -11.15 -29.46 -13.17
N GLN C 5 -12.09 -29.35 -12.25
CA GLN C 5 -13.35 -28.64 -12.51
C GLN C 5 -13.25 -27.19 -12.08
N LEU C 6 -12.03 -26.71 -11.89
CA LEU C 6 -11.80 -25.33 -11.48
C LEU C 6 -11.76 -24.40 -12.68
N GLY C 7 -11.31 -24.92 -13.81
CA GLY C 7 -11.22 -24.12 -15.02
C GLY C 7 -12.53 -23.41 -15.33
N TYR C 8 -13.64 -24.00 -14.91
CA TYR C 8 -14.95 -23.42 -15.15
C TYR C 8 -15.09 -22.08 -14.45
N TYR C 9 -14.64 -22.03 -13.20
CA TYR C 9 -14.71 -20.81 -12.41
C TYR C 9 -13.68 -19.80 -12.88
N LEU C 10 -12.61 -20.28 -13.51
CA LEU C 10 -11.56 -19.41 -14.02
C LEU C 10 -11.96 -18.77 -15.34
N ILE C 11 -12.84 -19.44 -16.07
CA ILE C 11 -13.31 -18.93 -17.35
C ILE C 11 -14.22 -17.73 -17.17
N GLN C 12 -15.28 -17.92 -16.39
CA GLN C 12 -16.23 -16.85 -16.13
C GLN C 12 -15.58 -15.72 -15.33
N LEU C 13 -14.52 -16.06 -14.59
CA LEU C 13 -13.81 -15.09 -13.77
C LEU C 13 -12.76 -14.36 -14.59
N TYR C 14 -12.34 -14.99 -15.69
CA TYR C 14 -11.32 -14.40 -16.56
C TYR C 14 -11.91 -13.29 -17.42
N ILE C 15 -13.18 -13.46 -17.81
CA ILE C 15 -13.86 -12.48 -18.64
C ILE C 15 -13.74 -11.08 -18.03
N PRO C 16 -14.20 -10.93 -16.79
CA PRO C 16 -14.16 -9.65 -16.07
C PRO C 16 -12.74 -9.24 -15.70
N SER C 17 -11.89 -10.24 -15.43
CA SER C 17 -10.51 -9.99 -15.06
C SER C 17 -9.72 -9.45 -16.26
N LEU C 18 -10.15 -9.80 -17.46
CA LEU C 18 -9.48 -9.35 -18.67
C LEU C 18 -9.97 -7.97 -19.07
N LEU C 19 -11.25 -7.70 -18.86
CA LEU C 19 -11.83 -6.42 -19.20
C LEU C 19 -11.26 -5.31 -18.32
N ILE C 20 -11.19 -5.57 -17.02
CA ILE C 20 -10.65 -4.59 -16.08
C ILE C 20 -9.17 -4.35 -16.33
N VAL C 21 -8.47 -5.38 -16.80
CA VAL C 21 -7.04 -5.27 -17.08
C VAL C 21 -6.80 -4.39 -18.31
N ILE C 22 -7.64 -4.55 -19.32
CA ILE C 22 -7.51 -3.78 -20.55
C ILE C 22 -7.66 -2.28 -20.28
N LEU C 23 -8.56 -1.94 -19.37
CA LEU C 23 -8.79 -0.54 -19.01
C LEU C 23 -7.57 0.05 -18.31
N SER C 24 -6.89 -0.78 -17.54
CA SER C 24 -5.70 -0.35 -16.80
C SER C 24 -4.72 0.35 -17.73
N TRP C 25 -4.39 -0.30 -18.83
CA TRP C 25 -3.45 0.25 -19.82
C TRP C 25 -3.99 1.55 -20.40
N ILE C 26 -5.29 1.56 -20.73
CA ILE C 26 -5.92 2.74 -21.30
C ILE C 26 -5.62 3.98 -20.47
N SER C 27 -5.43 3.78 -19.17
CA SER C 27 -5.14 4.89 -18.26
C SER C 27 -3.64 5.00 -18.01
N PHE C 28 -2.92 3.89 -18.20
CA PHE C 28 -1.49 3.87 -17.99
C PHE C 28 -0.79 4.93 -18.84
N TRP C 29 -1.41 5.29 -19.94
CA TRP C 29 -0.85 6.28 -20.85
C TRP C 29 -0.67 7.62 -20.13
N ILE C 30 -1.60 7.94 -19.24
CA ILE C 30 -1.55 9.18 -18.49
C ILE C 30 -1.01 8.95 -17.07
N ASN C 31 -1.30 7.78 -16.52
CA ASN C 31 -0.85 7.44 -15.17
C ASN C 31 0.68 7.39 -15.11
N LEU C 32 1.31 7.39 -16.29
CA LEU C 32 2.77 7.34 -16.37
C LEU C 32 3.40 8.36 -15.43
N ASP C 33 2.67 9.44 -15.16
CA ASP C 33 3.16 10.49 -14.27
C ASP C 33 2.01 11.30 -13.70
N ALA C 34 1.00 11.56 -14.54
CA ALA C 34 -0.16 12.33 -14.11
C ALA C 34 -0.84 11.69 -12.90
N ALA C 35 -0.85 10.36 -12.88
CA ALA C 35 -1.46 9.63 -11.78
C ALA C 35 -1.00 8.17 -11.77
N PRO C 36 0.25 7.94 -11.38
CA PRO C 36 0.84 6.60 -11.31
C PRO C 36 0.24 5.75 -10.19
N ALA C 37 -0.63 6.37 -9.39
CA ALA C 37 -1.27 5.68 -8.29
C ALA C 37 -2.29 4.67 -8.80
N ARG C 38 -2.86 4.95 -9.97
CA ARG C 38 -3.85 4.07 -10.57
C ARG C 38 -3.19 2.83 -11.19
N VAL C 39 -2.01 3.04 -11.76
CA VAL C 39 -1.28 1.95 -12.39
C VAL C 39 -0.80 0.94 -11.35
N GLY C 40 -0.38 1.44 -10.19
CA GLY C 40 0.09 0.58 -9.13
C GLY C 40 -1.02 -0.22 -8.48
N LEU C 41 -2.24 0.31 -8.55
CA LEU C 41 -3.40 -0.36 -7.97
C LEU C 41 -3.96 -1.41 -8.92
N GLY C 42 -3.94 -1.08 -10.21
CA GLY C 42 -4.45 -2.01 -11.21
C GLY C 42 -3.56 -3.23 -11.38
N ILE C 43 -2.25 -3.04 -11.27
CA ILE C 43 -1.30 -4.13 -11.41
C ILE C 43 -1.34 -5.05 -10.20
N THR C 44 -1.65 -4.48 -9.04
CA THR C 44 -1.72 -5.25 -7.80
C THR C 44 -3.10 -5.88 -7.63
N THR C 45 -4.08 -5.35 -8.35
CA THR C 45 -5.45 -5.84 -8.27
C THR C 45 -5.60 -7.14 -9.07
N VAL C 46 -4.79 -7.28 -10.12
CA VAL C 46 -4.84 -8.47 -10.95
C VAL C 46 -4.17 -9.65 -10.27
N LEU C 47 -3.04 -9.39 -9.62
CA LEU C 47 -2.30 -10.43 -8.92
C LEU C 47 -3.01 -10.85 -7.64
N THR C 48 -3.80 -9.94 -7.08
CA THR C 48 -4.55 -10.22 -5.86
C THR C 48 -5.83 -10.99 -6.16
N LEU C 49 -6.45 -10.68 -7.30
CA LEU C 49 -7.69 -11.34 -7.70
C LEU C 49 -7.44 -12.81 -8.01
N THR C 50 -6.23 -13.11 -8.48
CA THR C 50 -5.87 -14.49 -8.81
C THR C 50 -5.35 -15.24 -7.59
N THR C 51 -4.57 -14.54 -6.77
CA THR C 51 -4.00 -15.13 -5.57
C THR C 51 -5.08 -15.40 -4.53
N GLN C 52 -6.19 -14.67 -4.63
CA GLN C 52 -7.29 -14.82 -3.69
C GLN C 52 -8.26 -15.89 -4.16
N SER C 53 -8.15 -16.26 -5.44
CA SER C 53 -9.02 -17.28 -6.02
C SER C 53 -8.64 -18.67 -5.52
N SER C 54 -7.52 -18.74 -4.81
CA SER C 54 -7.03 -20.02 -4.29
C SER C 54 -6.87 -19.95 -2.77
N GLY C 55 -7.64 -19.08 -2.13
CA GLY C 55 -7.57 -18.93 -0.69
C GLY C 55 -8.33 -20.02 0.03
N SER C 56 -9.59 -20.21 -0.34
CA SER C 56 -10.44 -21.22 0.30
C SER C 56 -9.79 -22.60 0.21
N ARG C 57 -9.14 -22.87 -0.91
CA ARG C 57 -8.48 -24.16 -1.12
C ARG C 57 -9.48 -25.30 -1.00
N ALA C 58 -10.75 -24.98 -1.13
CA ALA C 58 -11.81 -25.99 -1.04
C ALA C 58 -12.04 -26.67 -2.39
N SER C 59 -11.61 -26.02 -3.46
CA SER C 59 -11.78 -26.55 -4.81
C SER C 59 -10.53 -27.31 -5.24
N LEU C 60 -9.62 -27.53 -4.30
CA LEU C 60 -8.39 -28.25 -4.60
C LEU C 60 -7.56 -27.52 -5.65
N PRO C 61 -6.93 -26.41 -5.24
CA PRO C 61 -6.10 -25.59 -6.13
C PRO C 61 -4.81 -26.30 -6.53
N LYS C 62 -4.58 -27.48 -5.95
CA LYS C 62 -3.39 -28.26 -6.25
C LYS C 62 -3.15 -28.35 -7.75
N VAL C 63 -4.02 -29.09 -8.43
CA VAL C 63 -3.92 -29.26 -9.88
C VAL C 63 -3.86 -27.91 -10.58
N SER C 64 -4.70 -26.98 -10.14
CA SER C 64 -4.75 -25.65 -10.73
C SER C 64 -3.43 -24.91 -10.53
N TYR C 65 -2.61 -25.42 -9.62
CA TYR C 65 -1.32 -24.81 -9.33
C TYR C 65 -0.29 -25.18 -10.41
N VAL C 66 -0.22 -26.46 -10.73
CA VAL C 66 0.71 -26.94 -11.74
C VAL C 66 0.52 -26.20 -13.06
N LYS C 67 -0.69 -26.25 -13.59
CA LYS C 67 -1.02 -25.59 -14.84
C LYS C 67 -0.77 -24.09 -14.75
N ALA C 68 -1.00 -23.54 -13.57
CA ALA C 68 -0.80 -22.11 -13.33
C ALA C 68 0.67 -21.77 -13.23
N ILE C 69 1.49 -22.78 -12.94
CA ILE C 69 2.93 -22.59 -12.80
C ILE C 69 3.60 -22.47 -14.17
N ASP C 70 3.02 -23.15 -15.16
CA ASP C 70 3.55 -23.12 -16.51
C ASP C 70 3.18 -21.82 -17.22
N ILE C 71 2.16 -21.14 -16.69
CA ILE C 71 1.71 -19.89 -17.28
C ILE C 71 2.21 -18.69 -16.48
N TRP C 72 2.33 -18.88 -15.16
CA TRP C 72 2.80 -17.82 -14.28
C TRP C 72 4.31 -17.60 -14.45
N LEU C 73 4.95 -18.50 -15.18
CA LEU C 73 6.39 -18.40 -15.42
C LEU C 73 6.68 -17.70 -16.73
N ALA C 74 5.83 -16.74 -17.08
CA ALA C 74 6.00 -15.98 -18.33
C ALA C 74 4.92 -14.92 -18.47
N VAL C 75 3.72 -15.25 -18.01
CA VAL C 75 2.59 -14.33 -18.09
C VAL C 75 2.80 -13.12 -17.20
N CYS C 76 3.70 -13.25 -16.22
CA CYS C 76 3.99 -12.17 -15.29
C CYS C 76 5.31 -11.48 -15.67
N LEU C 77 6.18 -12.21 -16.35
CA LEU C 77 7.47 -11.67 -16.77
C LEU C 77 7.33 -10.85 -18.05
N LEU C 78 6.21 -11.05 -18.74
CA LEU C 78 5.95 -10.33 -19.99
C LEU C 78 4.97 -9.18 -19.76
N PHE C 79 4.06 -9.38 -18.81
CA PHE C 79 3.06 -8.36 -18.49
C PHE C 79 3.71 -7.15 -17.81
N VAL C 80 4.73 -7.41 -17.00
CA VAL C 80 5.44 -6.35 -16.30
C VAL C 80 6.70 -5.92 -17.05
N PHE C 81 6.99 -6.63 -18.14
CA PHE C 81 8.17 -6.32 -18.94
C PHE C 81 7.90 -5.14 -19.88
N SER C 82 6.71 -5.13 -20.48
CA SER C 82 6.33 -4.06 -21.39
C SER C 82 5.93 -2.81 -20.61
N ALA C 83 5.43 -3.00 -19.40
CA ALA C 83 5.01 -1.89 -18.55
C ALA C 83 6.22 -1.12 -18.02
N LEU C 84 7.31 -1.84 -17.78
CA LEU C 84 8.53 -1.23 -17.26
C LEU C 84 9.33 -0.57 -18.38
N LEU C 85 9.30 -1.18 -19.56
CA LEU C 85 10.02 -0.64 -20.71
C LEU C 85 9.57 0.78 -21.03
N GLU C 86 8.28 1.04 -20.83
CA GLU C 86 7.73 2.36 -21.10
C GLU C 86 7.94 3.28 -19.90
N TYR C 87 7.73 2.75 -18.70
CA TYR C 87 7.89 3.53 -17.48
C TYR C 87 9.33 4.02 -17.34
N ALA C 88 10.24 3.41 -18.10
CA ALA C 88 11.65 3.78 -18.06
C ALA C 88 12.10 4.37 -19.39
N ALA C 89 11.27 4.20 -20.42
CA ALA C 89 11.59 4.71 -21.74
C ALA C 89 11.59 6.23 -21.76
N VAL C 90 10.71 6.84 -20.97
CA VAL C 90 10.62 8.29 -20.89
C VAL C 90 11.98 8.91 -20.63
N ASN C 91 12.78 8.25 -19.80
CA ASN C 91 14.13 8.73 -19.47
C ASN C 91 15.15 8.26 -20.50
N PHE C 92 14.79 7.22 -21.25
CA PHE C 92 15.67 6.68 -22.27
C PHE C 92 15.59 7.49 -23.56
N VAL C 93 14.76 8.54 -23.54
CA VAL C 93 14.59 9.40 -24.70
C VAL C 93 15.93 9.92 -25.20
N SER C 94 16.84 10.23 -24.27
CA SER C 94 18.15 10.75 -24.61
C SER C 94 18.88 9.78 -25.54
N ARG C 95 18.46 8.51 -25.51
CA ARG C 95 19.07 7.49 -26.35
C ARG C 95 19.14 7.94 -27.80
N GLN C 96 18.20 8.79 -28.20
CA GLN C 96 18.15 9.30 -29.56
C GLN C 96 18.05 8.15 -30.56
N ARG C 97 17.43 7.05 -30.14
CA ARG C 97 17.27 5.89 -31.00
C ARG C 97 16.66 6.28 -32.34
N GLU C 98 15.83 7.32 -32.32
CA GLU C 98 15.17 7.80 -33.53
C GLU C 98 16.19 8.35 -34.52
N PHE C 99 15.70 9.00 -35.57
CA PHE C 99 16.57 9.58 -36.59
C PHE C 99 16.80 11.05 -36.33
N GLY C 100 16.53 11.49 -35.10
CA GLY C 100 16.72 12.88 -34.75
C GLY C 100 15.79 13.33 -33.64
N GLY C 101 16.29 14.20 -32.76
CA GLY C 101 15.49 14.70 -31.66
C GLY C 101 14.76 15.98 -31.99
N GLY C 102 14.52 16.20 -33.28
CA GLY C 102 13.82 17.40 -33.71
C GLY C 102 12.36 17.41 -33.30
N GLY C 103 11.76 16.22 -33.24
CA GLY C 103 10.37 16.12 -32.88
C GLY C 103 10.18 15.67 -31.44
N PHE C 104 11.08 16.09 -30.57
CA PHE C 104 11.02 15.73 -29.16
C PHE C 104 9.73 16.24 -28.52
N ILE C 105 9.53 17.56 -28.57
CA ILE C 105 8.34 18.18 -28.00
C ILE C 105 7.11 17.87 -28.84
N GLN C 106 7.33 17.47 -30.09
CA GLN C 106 6.24 17.15 -31.00
C GLN C 106 5.70 15.75 -30.71
N ARG C 107 6.54 14.89 -30.16
CA ARG C 107 6.15 13.52 -29.84
C ARG C 107 6.12 13.30 -28.33
N ALA C 108 6.44 14.35 -27.58
CA ALA C 108 6.45 14.27 -26.13
C ALA C 108 5.04 14.42 -25.56
N LYS C 109 4.13 14.97 -26.36
CA LYS C 109 2.75 15.17 -25.94
C LYS C 109 2.17 13.87 -25.40
N LYS C 110 2.64 12.74 -25.92
CA LYS C 110 2.16 11.43 -25.49
C LYS C 110 0.64 11.36 -25.57
N ILE C 111 0.12 11.39 -26.79
CA ILE C 111 -1.32 11.32 -27.00
C ILE C 111 -1.66 10.47 -28.22
N ASP C 112 -0.67 9.72 -28.71
CA ASP C 112 -0.86 8.86 -29.86
C ASP C 112 0.42 8.08 -30.18
N LYS C 113 1.15 7.71 -29.14
CA LYS C 113 2.39 6.96 -29.30
C LYS C 113 2.31 5.62 -28.58
N ILE C 114 1.25 5.42 -27.80
CA ILE C 114 1.05 4.19 -27.06
C ILE C 114 -0.37 3.68 -27.21
N SER C 115 -1.15 4.33 -28.06
CA SER C 115 -2.54 3.95 -28.30
C SER C 115 -2.64 2.96 -29.46
N ARG C 116 -1.65 3.00 -30.33
CA ARG C 116 -1.62 2.12 -31.50
C ARG C 116 -1.06 0.74 -31.12
N ILE C 117 -0.74 0.56 -29.85
CA ILE C 117 -0.20 -0.70 -29.37
C ILE C 117 -1.13 -1.33 -28.34
N GLY C 118 -1.64 -0.51 -27.42
CA GLY C 118 -2.53 -1.00 -26.40
C GLY C 118 -3.87 -1.44 -26.95
N PHE C 119 -4.43 -0.64 -27.86
CA PHE C 119 -5.72 -0.95 -28.47
C PHE C 119 -5.72 -2.37 -29.03
N PRO C 120 -4.81 -2.64 -29.97
CA PRO C 120 -4.69 -3.95 -30.61
C PRO C 120 -4.17 -5.01 -29.66
N LEU C 121 -3.62 -4.57 -28.53
CA LEU C 121 -3.08 -5.49 -27.53
C LEU C 121 -4.19 -6.06 -26.65
N ALA C 122 -5.26 -5.28 -26.48
CA ALA C 122 -6.40 -5.71 -25.68
C ALA C 122 -7.32 -6.62 -26.48
N PHE C 123 -7.55 -6.27 -27.74
CA PHE C 123 -8.42 -7.05 -28.62
C PHE C 123 -7.77 -8.38 -28.98
N LEU C 124 -6.44 -8.41 -28.96
CA LEU C 124 -5.70 -9.62 -29.29
C LEU C 124 -5.64 -10.57 -28.11
N ILE C 125 -5.60 -10.01 -26.90
CA ILE C 125 -5.56 -10.81 -25.68
C ILE C 125 -6.96 -11.25 -25.26
N PHE C 126 -7.96 -10.48 -25.66
CA PHE C 126 -9.35 -10.78 -25.32
C PHE C 126 -9.87 -11.93 -26.17
N ASN C 127 -9.44 -11.98 -27.43
CA ASN C 127 -9.87 -13.04 -28.35
C ASN C 127 -8.97 -14.25 -28.23
N LEU C 128 -7.79 -14.06 -27.64
CA LEU C 128 -6.83 -15.14 -27.47
C LEU C 128 -7.19 -16.01 -26.26
N PHE C 129 -7.82 -15.38 -25.28
CA PHE C 129 -8.22 -16.10 -24.06
C PHE C 129 -9.68 -16.55 -24.16
N TYR C 130 -10.43 -15.92 -25.06
CA TYR C 130 -11.84 -16.25 -25.24
C TYR C 130 -11.99 -17.36 -26.28
N TRP C 131 -11.14 -17.34 -27.30
CA TRP C 131 -11.20 -18.34 -28.36
C TRP C 131 -10.49 -19.61 -27.93
N ILE C 132 -9.43 -19.46 -27.14
CA ILE C 132 -8.67 -20.61 -26.66
C ILE C 132 -9.42 -21.34 -25.55
N ILE C 133 -10.21 -20.60 -24.79
CA ILE C 133 -10.99 -21.18 -23.70
C ILE C 133 -12.14 -22.01 -24.22
N TYR C 134 -12.80 -21.52 -25.27
CA TYR C 134 -13.93 -22.22 -25.87
C TYR C 134 -13.45 -23.26 -26.87
N LYS C 135 -12.15 -23.27 -27.14
CA LYS C 135 -11.56 -24.21 -28.08
C LYS C 135 -10.89 -25.36 -27.34
N ILE C 136 -10.15 -25.03 -26.29
CA ILE C 136 -9.45 -26.04 -25.50
C ILE C 136 -10.42 -27.11 -25.01
N VAL C 137 -11.61 -26.69 -24.59
CA VAL C 137 -12.63 -27.62 -24.11
C VAL C 137 -13.03 -28.61 -25.19
N ARG C 138 -12.71 -28.28 -26.44
CA ARG C 138 -13.03 -29.16 -27.56
C ARG C 138 -11.81 -29.97 -27.99
N ARG C 139 -10.68 -29.30 -28.13
CA ARG C 139 -9.45 -29.97 -28.54
C ARG C 139 -9.47 -30.31 -30.03
N GLU C 140 -10.51 -31.01 -30.45
CA GLU C 140 -10.65 -31.40 -31.85
C GLU C 140 -12.06 -31.10 -32.36
N ASP C 141 -12.62 -29.99 -31.91
CA ASP C 141 -13.96 -29.60 -32.32
C ASP C 141 -14.98 -30.67 -31.96
N GLU C 142 -14.84 -31.24 -30.77
CA GLU C 142 -15.76 -32.28 -30.31
C GLU C 142 -16.86 -31.70 -29.44
N PHE C 143 -16.53 -30.63 -28.70
CA PHE C 143 -17.49 -29.98 -27.82
C PHE C 143 -18.34 -28.98 -28.60
N GLU C 144 -18.12 -28.91 -29.90
CA GLU C 144 -18.85 -27.98 -30.76
C GLU C 144 -20.36 -28.20 -30.60
N HIS C 145 -20.79 -29.46 -30.65
CA HIS C 145 -22.20 -29.80 -30.50
C HIS C 145 -22.41 -30.74 -29.32
N HIS C 146 -22.68 -30.18 -28.15
CA HIS C 146 -22.91 -30.97 -26.96
C HIS C 146 -23.38 -30.08 -25.81
N HIS C 147 -22.72 -28.94 -25.63
CA HIS C 147 -23.07 -28.01 -24.56
C HIS C 147 -24.09 -26.99 -25.05
N HIS C 148 -23.88 -26.47 -26.25
CA HIS C 148 -24.78 -25.48 -26.83
C HIS C 148 -24.83 -24.23 -25.97
N HIS C 149 -23.82 -24.05 -25.13
CA HIS C 149 -23.75 -22.89 -24.25
C HIS C 149 -23.36 -21.64 -25.03
N HIS C 150 -22.16 -21.65 -25.61
CA HIS C 150 -21.67 -20.52 -26.38
C HIS C 150 -21.51 -19.28 -25.50
N MET D 1 -25.79 -21.58 11.07
CA MET D 1 -26.78 -21.88 10.03
C MET D 1 -27.46 -20.60 9.57
N LEU D 2 -27.07 -19.47 10.15
CA LEU D 2 -27.65 -18.18 9.80
C LEU D 2 -27.01 -17.62 8.52
N GLU D 3 -27.21 -18.33 7.42
CA GLU D 3 -26.65 -17.91 6.14
C GLU D 3 -27.54 -16.86 5.48
N ARG D 4 -28.85 -17.13 5.45
CA ARG D 4 -29.80 -16.21 4.85
C ARG D 4 -30.10 -15.04 5.78
N GLN D 5 -29.65 -15.15 7.03
CA GLN D 5 -29.86 -14.10 8.01
C GLN D 5 -28.69 -13.13 8.04
N LEU D 6 -27.87 -13.17 6.98
CA LEU D 6 -26.72 -12.29 6.89
C LEU D 6 -27.10 -10.94 6.26
N GLY D 7 -28.10 -10.98 5.39
CA GLY D 7 -28.55 -9.75 4.74
C GLY D 7 -28.84 -8.65 5.74
N TYR D 8 -29.24 -9.02 6.95
CA TYR D 8 -29.55 -8.06 7.98
C TYR D 8 -28.31 -7.23 8.35
N TYR D 9 -27.18 -7.90 8.49
CA TYR D 9 -25.93 -7.24 8.84
C TYR D 9 -25.38 -6.47 7.65
N LEU D 10 -25.77 -6.88 6.45
CA LEU D 10 -25.31 -6.22 5.23
C LEU D 10 -26.10 -4.95 4.97
N ILE D 11 -27.34 -4.91 5.47
CA ILE D 11 -28.20 -3.74 5.29
C ILE D 11 -27.71 -2.56 6.12
N GLN D 12 -27.57 -2.78 7.43
CA GLN D 12 -27.10 -1.74 8.33
C GLN D 12 -25.66 -1.36 8.05
N LEU D 13 -24.92 -2.30 7.45
CA LEU D 13 -23.53 -2.08 7.11
C LEU D 13 -23.39 -1.39 5.76
N TYR D 14 -24.43 -1.51 4.94
CA TYR D 14 -24.42 -0.90 3.61
C TYR D 14 -24.67 0.60 3.70
N ILE D 15 -25.49 1.00 4.67
CA ILE D 15 -25.81 2.40 4.86
C ILE D 15 -24.55 3.25 4.94
N PRO D 16 -23.67 2.92 5.90
CA PRO D 16 -22.41 3.64 6.10
C PRO D 16 -21.42 3.39 4.98
N SER D 17 -21.47 2.20 4.39
CA SER D 17 -20.58 1.84 3.30
C SER D 17 -20.91 2.63 2.03
N LEU D 18 -22.18 3.01 1.91
CA LEU D 18 -22.63 3.77 0.74
C LEU D 18 -22.33 5.26 0.92
N LEU D 19 -22.47 5.75 2.15
CA LEU D 19 -22.22 7.15 2.45
C LEU D 19 -20.74 7.49 2.26
N ILE D 20 -19.87 6.64 2.79
CA ILE D 20 -18.44 6.85 2.68
C ILE D 20 -17.97 6.76 1.22
N VAL D 21 -18.66 5.92 0.45
CA VAL D 21 -18.33 5.73 -0.96
C VAL D 21 -18.70 6.97 -1.78
N ILE D 22 -19.85 7.56 -1.45
CA ILE D 22 -20.31 8.75 -2.16
C ILE D 22 -19.33 9.90 -2.00
N LEU D 23 -18.76 10.02 -0.81
CA LEU D 23 -17.81 11.09 -0.52
C LEU D 23 -16.52 10.90 -1.33
N SER D 24 -16.15 9.66 -1.55
CA SER D 24 -14.94 9.33 -2.32
C SER D 24 -14.94 10.08 -3.65
N TRP D 25 -16.04 9.97 -4.39
CA TRP D 25 -16.16 10.63 -5.68
C TRP D 25 -16.12 12.15 -5.53
N ILE D 26 -16.76 12.65 -4.47
CA ILE D 26 -16.79 14.08 -4.21
C ILE D 26 -15.38 14.66 -4.14
N SER D 27 -14.41 13.80 -3.85
CA SER D 27 -13.02 14.21 -3.74
C SER D 27 -12.20 13.70 -4.93
N PHE D 28 -12.79 12.81 -5.71
CA PHE D 28 -12.13 12.25 -6.88
C PHE D 28 -11.98 13.30 -7.97
N TRP D 29 -12.89 14.26 -7.98
CA TRP D 29 -12.86 15.33 -8.98
C TRP D 29 -11.59 16.17 -8.85
N ILE D 30 -10.92 16.03 -7.71
CA ILE D 30 -9.69 16.78 -7.46
C ILE D 30 -8.51 15.84 -7.26
N ASN D 31 -8.79 14.67 -6.70
CA ASN D 31 -7.75 13.68 -6.44
C ASN D 31 -7.17 13.16 -7.76
N LEU D 32 -7.83 13.49 -8.86
CA LEU D 32 -7.39 13.05 -10.18
C LEU D 32 -5.90 13.31 -10.37
N ASP D 33 -5.39 14.31 -9.66
CA ASP D 33 -3.98 14.66 -9.75
C ASP D 33 -3.52 15.41 -8.50
N ALA D 34 -4.39 16.27 -7.98
CA ALA D 34 -4.08 17.05 -6.79
C ALA D 34 -3.73 16.13 -5.62
N ALA D 35 -4.46 15.03 -5.49
CA ALA D 35 -4.22 14.07 -4.42
C ALA D 35 -4.85 12.72 -4.74
N PRO D 36 -4.25 11.99 -5.68
CA PRO D 36 -4.74 10.67 -6.11
C PRO D 36 -4.53 9.61 -5.03
N ALA D 37 -3.87 9.99 -3.95
CA ALA D 37 -3.61 9.07 -2.85
C ALA D 37 -4.90 8.74 -2.10
N ARG D 38 -5.84 9.68 -2.09
CA ARG D 38 -7.12 9.48 -1.41
C ARG D 38 -8.03 8.57 -2.23
N VAL D 39 -7.97 8.71 -3.55
CA VAL D 39 -8.78 7.89 -4.44
C VAL D 39 -8.39 6.42 -4.35
N GLY D 40 -7.09 6.17 -4.22
CA GLY D 40 -6.60 4.80 -4.13
C GLY D 40 -6.94 4.15 -2.80
N LEU D 41 -7.12 4.98 -1.77
CA LEU D 41 -7.45 4.47 -0.44
C LEU D 41 -8.94 4.21 -0.30
N GLY D 42 -9.75 5.09 -0.91
CA GLY D 42 -11.19 4.93 -0.85
C GLY D 42 -11.68 3.75 -1.64
N ILE D 43 -11.04 3.49 -2.78
CA ILE D 43 -11.41 2.38 -3.63
C ILE D 43 -11.02 1.04 -3.01
N THR D 44 -9.93 1.06 -2.25
CA THR D 44 -9.44 -0.16 -1.59
C THR D 44 -10.12 -0.37 -0.25
N THR D 45 -10.72 0.70 0.28
CA THR D 45 -11.40 0.64 1.56
C THR D 45 -12.78 -0.01 1.41
N VAL D 46 -13.36 0.12 0.24
CA VAL D 46 -14.68 -0.45 -0.03
C VAL D 46 -14.58 -1.96 -0.27
N LEU D 47 -13.55 -2.36 -0.99
CA LEU D 47 -13.33 -3.77 -1.30
C LEU D 47 -12.85 -4.53 -0.06
N THR D 48 -12.19 -3.81 0.84
CA THR D 48 -11.67 -4.41 2.06
C THR D 48 -12.76 -4.53 3.12
N LEU D 49 -13.66 -3.56 3.16
CA LEU D 49 -14.75 -3.57 4.12
C LEU D 49 -15.71 -4.72 3.85
N THR D 50 -15.82 -5.10 2.57
CA THR D 50 -16.71 -6.19 2.18
C THR D 50 -16.01 -7.54 2.30
N THR D 51 -14.73 -7.56 1.92
CA THR D 51 -13.95 -8.79 1.98
C THR D 51 -13.67 -9.19 3.42
N GLN D 52 -13.72 -8.22 4.33
CA GLN D 52 -13.47 -8.47 5.74
C GLN D 52 -14.76 -8.87 6.46
N SER D 53 -15.89 -8.61 5.81
CA SER D 53 -17.19 -8.93 6.40
C SER D 53 -17.45 -10.43 6.35
N SER D 54 -16.56 -11.15 5.67
CA SER D 54 -16.70 -12.60 5.55
C SER D 54 -15.45 -13.31 6.07
N GLY D 55 -14.75 -12.65 6.99
CA GLY D 55 -13.55 -13.24 7.55
C GLY D 55 -13.85 -14.26 8.62
N SER D 56 -14.67 -13.88 9.60
CA SER D 56 -15.03 -14.78 10.69
C SER D 56 -15.64 -16.08 10.15
N ARG D 57 -16.42 -15.96 9.09
CA ARG D 57 -17.05 -17.12 8.48
C ARG D 57 -17.93 -17.86 9.48
N ALA D 58 -18.30 -17.17 10.56
CA ALA D 58 -19.14 -17.75 11.59
C ALA D 58 -20.62 -17.61 11.24
N SER D 59 -20.93 -16.68 10.35
CA SER D 59 -22.31 -16.44 9.93
C SER D 59 -22.63 -17.23 8.66
N LEU D 60 -21.71 -18.11 8.27
CA LEU D 60 -21.90 -18.93 7.08
C LEU D 60 -22.02 -18.05 5.83
N PRO D 61 -20.88 -17.50 5.39
CA PRO D 61 -20.83 -16.63 4.21
C PRO D 61 -21.07 -17.41 2.91
N LYS D 62 -21.20 -18.72 3.03
CA LYS D 62 -21.44 -19.58 1.87
C LYS D 62 -22.58 -19.03 1.02
N VAL D 63 -23.79 -19.06 1.56
CA VAL D 63 -24.96 -18.57 0.85
C VAL D 63 -24.75 -17.12 0.39
N SER D 64 -24.18 -16.31 1.26
CA SER D 64 -23.93 -14.90 0.96
C SER D 64 -22.91 -14.77 -0.17
N TYR D 65 -22.21 -15.86 -0.47
CA TYR D 65 -21.22 -15.87 -1.53
C TYR D 65 -21.88 -15.95 -2.90
N VAL D 66 -22.81 -16.90 -3.05
CA VAL D 66 -23.53 -17.08 -4.31
C VAL D 66 -24.19 -15.78 -4.76
N LYS D 67 -25.04 -15.23 -3.89
CA LYS D 67 -25.74 -13.99 -4.19
C LYS D 67 -24.76 -12.85 -4.45
N ALA D 68 -23.62 -12.89 -3.76
CA ALA D 68 -22.59 -11.88 -3.92
C ALA D 68 -21.81 -12.06 -5.22
N ILE D 69 -21.87 -13.27 -5.76
CA ILE D 69 -21.18 -13.59 -7.00
C ILE D 69 -21.93 -13.04 -8.21
N ASP D 70 -23.25 -12.95 -8.09
CA ASP D 70 -24.08 -12.44 -9.16
C ASP D 70 -24.04 -10.91 -9.21
N ILE D 71 -23.61 -10.31 -8.11
CA ILE D 71 -23.52 -8.85 -8.04
C ILE D 71 -22.08 -8.38 -8.19
N TRP D 72 -21.14 -9.20 -7.73
CA TRP D 72 -19.73 -8.87 -7.83
C TRP D 72 -19.22 -9.04 -9.25
N LEU D 73 -20.05 -9.62 -10.10
CA LEU D 73 -19.69 -9.84 -11.50
C LEU D 73 -20.21 -8.72 -12.38
N ALA D 74 -20.23 -7.51 -11.84
CA ALA D 74 -20.71 -6.35 -12.59
C ALA D 74 -20.61 -5.08 -11.74
N VAL D 75 -20.82 -5.22 -10.44
CA VAL D 75 -20.76 -4.09 -9.52
C VAL D 75 -19.33 -3.58 -9.37
N CYS D 76 -18.37 -4.41 -9.76
CA CYS D 76 -16.96 -4.05 -9.67
C CYS D 76 -16.42 -3.66 -11.05
N LEU D 77 -17.04 -4.19 -12.10
CA LEU D 77 -16.61 -3.90 -13.46
C LEU D 77 -17.19 -2.57 -13.94
N LEU D 78 -18.22 -2.09 -13.25
CA LEU D 78 -18.86 -0.84 -13.60
C LEU D 78 -18.40 0.29 -12.68
N PHE D 79 -18.09 -0.05 -11.43
CA PHE D 79 -17.63 0.93 -10.46
C PHE D 79 -16.23 1.43 -10.80
N VAL D 80 -15.40 0.54 -11.34
CA VAL D 80 -14.04 0.89 -11.72
C VAL D 80 -13.95 1.25 -13.20
N PHE D 81 -15.07 1.09 -13.90
CA PHE D 81 -15.12 1.39 -15.32
C PHE D 81 -15.26 2.89 -15.56
N SER D 82 -16.12 3.53 -14.77
CA SER D 82 -16.35 4.96 -14.90
C SER D 82 -15.21 5.75 -14.27
N ALA D 83 -14.56 5.15 -13.27
CA ALA D 83 -13.46 5.80 -12.58
C ALA D 83 -12.21 5.83 -13.46
N LEU D 84 -12.06 4.81 -14.30
CA LEU D 84 -10.91 4.72 -15.20
C LEU D 84 -11.12 5.57 -16.44
N LEU D 85 -12.35 5.63 -16.91
CA LEU D 85 -12.69 6.42 -18.08
C LEU D 85 -12.31 7.88 -17.90
N GLU D 86 -12.46 8.37 -16.67
CA GLU D 86 -12.12 9.76 -16.36
C GLU D 86 -10.64 9.90 -16.08
N TYR D 87 -10.09 8.95 -15.32
CA TYR D 87 -8.67 8.98 -14.98
C TYR D 87 -7.79 8.90 -16.23
N ALA D 88 -8.40 8.50 -17.34
CA ALA D 88 -7.68 8.39 -18.61
C ALA D 88 -8.23 9.38 -19.64
N ALA D 89 -9.38 9.96 -19.34
CA ALA D 89 -10.01 10.92 -20.23
C ALA D 89 -9.18 12.20 -20.33
N VAL D 90 -8.54 12.58 -19.22
CA VAL D 90 -7.71 13.78 -19.18
C VAL D 90 -6.72 13.80 -20.33
N ASN D 91 -6.17 12.63 -20.66
CA ASN D 91 -5.21 12.51 -21.73
C ASN D 91 -5.90 12.31 -23.07
N PHE D 92 -7.16 11.89 -23.02
CA PHE D 92 -7.95 11.66 -24.23
C PHE D 92 -8.50 12.97 -24.78
N VAL D 93 -8.21 14.06 -24.07
CA VAL D 93 -8.68 15.38 -24.49
C VAL D 93 -8.29 15.68 -25.93
N SER D 94 -7.11 15.21 -26.32
CA SER D 94 -6.61 15.44 -27.68
C SER D 94 -7.57 14.84 -28.71
N ARG D 95 -8.42 13.93 -28.26
CA ARG D 95 -9.39 13.28 -29.15
C ARG D 95 -10.23 14.32 -29.88
N GLN D 96 -10.39 15.48 -29.26
CA GLN D 96 -11.17 16.57 -29.85
C GLN D 96 -12.60 16.12 -30.14
N ARG D 97 -13.08 15.18 -29.34
CA ARG D 97 -14.43 14.65 -29.50
C ARG D 97 -15.45 15.79 -29.57
N GLU D 98 -15.15 16.88 -28.88
CA GLU D 98 -16.04 18.04 -28.86
C GLU D 98 -16.14 18.67 -30.24
N PHE D 99 -16.74 19.86 -30.31
CA PHE D 99 -16.91 20.57 -31.56
C PHE D 99 -15.81 21.62 -31.74
N GLY D 100 -14.74 21.47 -30.97
CA GLY D 100 -13.64 22.41 -31.06
C GLY D 100 -12.86 22.52 -29.76
N GLY D 101 -11.54 22.70 -29.87
CA GLY D 101 -10.72 22.81 -28.69
C GLY D 101 -10.51 24.25 -28.25
N GLY D 102 -11.45 25.12 -28.62
CA GLY D 102 -11.35 26.51 -28.26
C GLY D 102 -11.55 26.75 -26.77
N GLY D 103 -12.36 25.91 -26.14
CA GLY D 103 -12.62 26.04 -24.73
C GLY D 103 -11.84 25.03 -23.90
N PHE D 104 -10.62 24.73 -24.34
CA PHE D 104 -9.77 23.78 -23.64
C PHE D 104 -9.45 24.27 -22.22
N ILE D 105 -8.83 25.44 -22.15
CA ILE D 105 -8.47 26.03 -20.86
C ILE D 105 -9.70 26.54 -20.12
N GLN D 106 -10.80 26.69 -20.85
CA GLN D 106 -12.04 27.17 -20.26
C GLN D 106 -12.79 26.03 -19.57
N ARG D 107 -12.55 24.80 -20.02
CA ARG D 107 -13.19 23.63 -19.46
C ARG D 107 -12.19 22.74 -18.75
N ALA D 108 -10.92 23.17 -18.76
CA ALA D 108 -9.86 22.40 -18.13
C ALA D 108 -9.81 22.68 -16.62
N LYS D 109 -10.42 23.79 -16.20
CA LYS D 109 -10.43 24.16 -14.80
C LYS D 109 -10.93 23.00 -13.94
N LYS D 110 -11.80 22.17 -14.51
CA LYS D 110 -12.35 21.03 -13.79
C LYS D 110 -12.98 21.46 -12.47
N ILE D 111 -14.11 22.16 -12.57
CA ILE D 111 -14.82 22.62 -11.38
C ILE D 111 -16.32 22.60 -11.59
N ASP D 112 -16.75 21.89 -12.63
CA ASP D 112 -18.18 21.78 -12.94
C ASP D 112 -18.41 20.92 -14.17
N LYS D 113 -17.56 19.90 -14.33
CA LYS D 113 -17.67 19.00 -15.47
C LYS D 113 -17.87 17.56 -15.01
N ILE D 114 -17.77 17.34 -13.69
CA ILE D 114 -17.95 16.01 -13.12
C ILE D 114 -18.84 16.07 -11.88
N SER D 115 -19.40 17.24 -11.62
CA SER D 115 -20.28 17.43 -10.46
C SER D 115 -21.73 17.20 -10.84
N ARG D 116 -22.03 17.35 -12.12
CA ARG D 116 -23.39 17.15 -12.62
C ARG D 116 -23.67 15.68 -12.87
N ILE D 117 -22.69 14.83 -12.59
CA ILE D 117 -22.83 13.40 -12.77
C ILE D 117 -22.71 12.65 -11.45
N GLY D 118 -21.75 13.05 -10.64
CA GLY D 118 -21.54 12.41 -9.35
C GLY D 118 -22.66 12.68 -8.38
N PHE D 119 -23.10 13.95 -8.33
CA PHE D 119 -24.18 14.35 -7.44
C PHE D 119 -25.39 13.43 -7.60
N PRO D 120 -25.94 13.39 -8.82
CA PRO D 120 -27.10 12.56 -9.14
C PRO D 120 -26.78 11.07 -9.12
N LEU D 121 -25.49 10.75 -9.15
CA LEU D 121 -25.05 9.36 -9.13
C LEU D 121 -25.08 8.79 -7.72
N ALA D 122 -24.90 9.66 -6.73
CA ALA D 122 -24.91 9.24 -5.33
C ALA D 122 -26.34 9.14 -4.81
N PHE D 123 -27.18 10.09 -5.19
CA PHE D 123 -28.57 10.11 -4.75
C PHE D 123 -29.37 8.99 -5.43
N LEU D 124 -28.90 8.56 -6.60
CA LEU D 124 -29.57 7.51 -7.35
C LEU D 124 -29.17 6.14 -6.81
N ILE D 125 -27.94 6.02 -6.34
CA ILE D 125 -27.44 4.76 -5.81
C ILE D 125 -27.83 4.59 -4.35
N PHE D 126 -28.06 5.72 -3.66
CA PHE D 126 -28.44 5.70 -2.26
C PHE D 126 -29.91 5.29 -2.10
N ASN D 127 -30.73 5.74 -3.04
CA ASN D 127 -32.16 5.42 -3.01
C ASN D 127 -32.44 4.08 -3.71
N LEU D 128 -31.48 3.63 -4.50
CA LEU D 128 -31.62 2.37 -5.22
C LEU D 128 -31.31 1.19 -4.31
N PHE D 129 -30.42 1.41 -3.34
CA PHE D 129 -30.02 0.36 -2.41
C PHE D 129 -30.84 0.44 -1.13
N TYR D 130 -31.45 1.61 -0.88
CA TYR D 130 -32.25 1.83 0.31
C TYR D 130 -33.71 1.44 0.06
N TRP D 131 -34.17 1.71 -1.16
CA TRP D 131 -35.56 1.38 -1.53
C TRP D 131 -35.69 -0.09 -1.91
N ILE D 132 -34.64 -0.64 -2.51
CA ILE D 132 -34.64 -2.05 -2.91
C ILE D 132 -34.45 -2.96 -1.71
N ILE D 133 -33.75 -2.48 -0.70
CA ILE D 133 -33.50 -3.25 0.51
C ILE D 133 -34.76 -3.36 1.36
N TYR D 134 -35.50 -2.27 1.45
CA TYR D 134 -36.74 -2.25 2.24
C TYR D 134 -37.91 -2.78 1.42
N LYS D 135 -37.67 -3.02 0.13
CA LYS D 135 -38.70 -3.53 -0.76
C LYS D 135 -38.55 -5.03 -0.97
N ILE D 136 -37.31 -5.47 -1.18
CA ILE D 136 -37.02 -6.88 -1.40
C ILE D 136 -37.58 -7.73 -0.25
N VAL D 137 -37.43 -7.23 0.98
CA VAL D 137 -37.92 -7.94 2.15
C VAL D 137 -39.44 -8.15 2.08
N ARG D 138 -40.09 -7.37 1.23
CA ARG D 138 -41.54 -7.47 1.06
C ARG D 138 -41.89 -8.31 -0.17
N ARG D 139 -41.25 -8.00 -1.28
CA ARG D 139 -41.49 -8.72 -2.53
C ARG D 139 -42.83 -8.29 -3.14
N GLU D 140 -43.89 -8.38 -2.37
CA GLU D 140 -45.22 -8.00 -2.84
C GLU D 140 -45.93 -7.11 -1.83
N ASP D 141 -45.16 -6.23 -1.19
CA ASP D 141 -45.72 -5.32 -0.19
C ASP D 141 -46.39 -6.09 0.94
N GLU D 142 -45.74 -7.18 1.38
CA GLU D 142 -46.28 -8.00 2.45
C GLU D 142 -45.67 -7.61 3.79
N PHE D 143 -44.41 -7.18 3.77
CA PHE D 143 -43.72 -6.78 4.99
C PHE D 143 -44.05 -5.33 5.35
N GLU D 144 -44.92 -4.71 4.55
CA GLU D 144 -45.32 -3.33 4.80
C GLU D 144 -45.83 -3.15 6.22
N HIS D 145 -46.71 -4.05 6.65
CA HIS D 145 -47.27 -3.99 7.99
C HIS D 145 -46.97 -5.28 8.77
N HIS D 146 -45.86 -5.28 9.49
CA HIS D 146 -45.47 -6.45 10.28
C HIS D 146 -44.26 -6.13 11.16
N HIS D 147 -43.27 -5.46 10.58
CA HIS D 147 -42.07 -5.08 11.31
C HIS D 147 -42.22 -3.71 11.95
N HIS D 148 -42.78 -2.77 11.20
CA HIS D 148 -42.99 -1.41 11.70
C HIS D 148 -41.66 -0.76 12.07
N HIS D 149 -40.57 -1.29 11.50
CA HIS D 149 -39.24 -0.75 11.78
C HIS D 149 -39.00 0.54 11.01
N HIS D 150 -39.04 0.45 9.69
CA HIS D 150 -38.85 1.63 8.84
C HIS D 150 -37.45 2.21 9.05
N MET E 1 -12.38 -15.82 29.18
CA MET E 1 -13.67 -15.29 29.62
C MET E 1 -13.55 -13.81 29.96
N LEU E 2 -12.35 -13.26 29.80
CA LEU E 2 -12.10 -11.85 30.11
C LEU E 2 -12.54 -10.97 28.95
N GLU E 3 -13.85 -10.97 28.66
CA GLU E 3 -14.40 -10.17 27.58
C GLU E 3 -14.62 -8.73 28.03
N ARG E 4 -15.23 -8.57 29.20
CA ARG E 4 -15.50 -7.24 29.74
C ARG E 4 -14.25 -6.63 30.34
N GLN E 5 -13.20 -7.45 30.49
CA GLN E 5 -11.95 -6.98 31.06
C GLN E 5 -11.00 -6.52 29.97
N LEU E 6 -11.54 -6.28 28.78
CA LEU E 6 -10.75 -5.84 27.64
C LEU E 6 -10.61 -4.31 27.64
N GLY E 7 -11.63 -3.63 28.16
CA GLY E 7 -11.62 -2.18 28.20
C GLY E 7 -10.34 -1.65 28.84
N TYR E 8 -9.77 -2.42 29.75
CA TYR E 8 -8.55 -2.02 30.44
C TYR E 8 -7.39 -1.86 29.45
N TYR E 9 -7.27 -2.81 28.53
CA TYR E 9 -6.21 -2.79 27.53
C TYR E 9 -6.50 -1.73 26.47
N LEU E 10 -7.77 -1.39 26.31
CA LEU E 10 -8.18 -0.40 25.32
C LEU E 10 -7.95 1.01 25.85
N ILE E 11 -7.97 1.16 27.17
CA ILE E 11 -7.76 2.47 27.79
C ILE E 11 -6.30 2.91 27.65
N GLN E 12 -5.39 2.07 28.13
CA GLN E 12 -3.97 2.38 28.06
C GLN E 12 -3.49 2.41 26.62
N LEU E 13 -4.20 1.71 25.75
CA LEU E 13 -3.86 1.64 24.33
C LEU E 13 -4.45 2.82 23.57
N TYR E 14 -5.51 3.41 24.14
CA TYR E 14 -6.17 4.54 23.51
C TYR E 14 -5.36 5.82 23.70
N ILE E 15 -4.69 5.93 24.83
CA ILE E 15 -3.88 7.11 25.13
C ILE E 15 -2.92 7.41 23.99
N PRO E 16 -2.07 6.42 23.65
CA PRO E 16 -1.09 6.57 22.57
C PRO E 16 -1.74 6.60 21.19
N SER E 17 -2.87 5.91 21.06
CA SER E 17 -3.58 5.87 19.79
C SER E 17 -4.23 7.22 19.48
N LEU E 18 -4.54 7.97 20.53
CA LEU E 18 -5.16 9.28 20.38
C LEU E 18 -4.11 10.35 20.11
N LEU E 19 -2.96 10.21 20.76
CA LEU E 19 -1.86 11.17 20.59
C LEU E 19 -1.32 11.11 19.16
N ILE E 20 -1.08 9.91 18.66
CA ILE E 20 -0.56 9.73 17.31
C ILE E 20 -1.56 10.21 16.27
N VAL E 21 -2.84 10.07 16.59
CA VAL E 21 -3.90 10.49 15.67
C VAL E 21 -3.98 12.02 15.58
N ILE E 22 -3.80 12.68 16.71
CA ILE E 22 -3.83 14.14 16.75
C ILE E 22 -2.74 14.74 15.88
N LEU E 23 -1.57 14.11 15.90
CA LEU E 23 -0.44 14.59 15.10
C LEU E 23 -0.71 14.44 13.62
N SER E 24 -1.46 13.40 13.25
CA SER E 24 -1.80 13.15 11.86
C SER E 24 -2.40 14.39 11.21
N TRP E 25 -3.41 14.96 11.86
CA TRP E 25 -4.07 16.15 11.35
C TRP E 25 -3.09 17.32 11.26
N ILE E 26 -2.27 17.48 12.29
CA ILE E 26 -1.29 18.56 12.32
C ILE E 26 -0.47 18.59 11.04
N SER E 27 -0.30 17.43 10.41
CA SER E 27 0.47 17.33 9.18
C SER E 27 -0.46 17.30 7.96
N PHE E 28 -1.71 16.93 8.20
CA PHE E 28 -2.70 16.87 7.13
C PHE E 28 -2.87 18.22 6.45
N TRP E 29 -2.55 19.29 7.18
CA TRP E 29 -2.66 20.63 6.65
C TRP E 29 -1.74 20.83 5.45
N ILE E 30 -0.58 20.16 5.48
CA ILE E 30 0.39 20.26 4.40
C ILE E 30 0.34 19.03 3.50
N ASN E 31 0.02 17.88 4.10
CA ASN E 31 -0.06 16.63 3.35
C ASN E 31 -1.18 16.70 2.32
N LEU E 32 -2.02 17.71 2.42
CA LEU E 32 -3.13 17.89 1.49
C LEU E 32 -2.66 17.75 0.04
N ASP E 33 -1.39 18.05 -0.18
CA ASP E 33 -0.80 17.96 -1.53
C ASP E 33 0.71 17.85 -1.44
N ALA E 34 1.31 18.58 -0.52
CA ALA E 34 2.76 18.56 -0.33
C ALA E 34 3.26 17.15 -0.07
N ALA E 35 2.51 16.39 0.72
CA ALA E 35 2.88 15.02 1.05
C ALA E 35 1.66 14.24 1.55
N PRO E 36 0.76 13.90 0.63
CA PRO E 36 -0.47 13.14 0.95
C PRO E 36 -0.16 11.70 1.32
N ALA E 37 1.10 11.30 1.19
CA ALA E 37 1.52 9.95 1.51
C ALA E 37 1.47 9.71 3.02
N ARG E 38 1.67 10.77 3.79
CA ARG E 38 1.66 10.67 5.24
C ARG E 38 0.23 10.56 5.77
N VAL E 39 -0.70 11.25 5.11
CA VAL E 39 -2.10 11.21 5.50
C VAL E 39 -2.72 9.84 5.26
N GLY E 40 -2.31 9.20 4.17
CA GLY E 40 -2.82 7.88 3.84
C GLY E 40 -2.28 6.81 4.76
N LEU E 41 -1.10 7.05 5.33
CA LEU E 41 -0.48 6.09 6.23
C LEU E 41 -1.03 6.23 7.65
N GLY E 42 -1.28 7.47 8.06
CA GLY E 42 -1.82 7.73 9.38
C GLY E 42 -3.24 7.26 9.53
N ILE E 43 -4.03 7.39 8.47
CA ILE E 43 -5.42 6.98 8.49
C ILE E 43 -5.55 5.46 8.48
N THR E 44 -4.59 4.80 7.84
CA THR E 44 -4.59 3.34 7.76
C THR E 44 -3.92 2.73 8.98
N THR E 45 -3.13 3.54 9.68
CA THR E 45 -2.43 3.07 10.87
C THR E 45 -3.37 2.99 12.07
N VAL E 46 -4.40 3.83 12.08
CA VAL E 46 -5.37 3.85 13.16
C VAL E 46 -6.34 2.68 13.05
N LEU E 47 -6.76 2.39 11.82
CA LEU E 47 -7.70 1.29 11.58
C LEU E 47 -7.01 -0.05 11.73
N THR E 48 -5.69 -0.07 11.50
CA THR E 48 -4.92 -1.30 11.61
C THR E 48 -4.56 -1.59 13.06
N LEU E 49 -4.30 -0.54 13.82
CA LEU E 49 -3.95 -0.69 15.24
C LEU E 49 -5.13 -1.25 16.04
N THR E 50 -6.33 -0.92 15.60
CA THR E 50 -7.54 -1.38 16.27
C THR E 50 -7.96 -2.77 15.77
N THR E 51 -7.82 -2.98 14.47
CA THR E 51 -8.18 -4.26 13.86
C THR E 51 -7.21 -5.36 14.27
N GLN E 52 -6.01 -4.95 14.67
CA GLN E 52 -4.99 -5.91 15.08
C GLN E 52 -5.10 -6.21 16.58
N SER E 53 -5.83 -5.36 17.29
CA SER E 53 -6.01 -5.53 18.72
C SER E 53 -6.96 -6.70 19.01
N SER E 54 -7.58 -7.22 17.97
CA SER E 54 -8.51 -8.32 18.10
C SER E 54 -8.09 -9.52 17.26
N GLY E 55 -6.77 -9.62 17.01
CA GLY E 55 -6.26 -10.72 16.22
C GLY E 55 -6.11 -11.99 17.02
N SER E 56 -5.44 -11.90 18.17
CA SER E 56 -5.24 -13.06 19.02
C SER E 56 -6.56 -13.72 19.39
N ARG E 57 -7.58 -12.89 19.62
CA ARG E 57 -8.91 -13.38 19.98
C ARG E 57 -8.85 -14.22 21.25
N ALA E 58 -7.78 -14.04 22.02
CA ALA E 58 -7.59 -14.78 23.26
C ALA E 58 -8.29 -14.07 24.42
N SER E 59 -8.57 -12.79 24.24
CA SER E 59 -9.23 -12.00 25.27
C SER E 59 -10.74 -11.95 25.04
N LEU E 60 -11.21 -12.77 24.11
CA LEU E 60 -12.63 -12.83 23.79
C LEU E 60 -13.14 -11.48 23.29
N PRO E 61 -12.77 -11.12 22.05
CA PRO E 61 -13.18 -9.86 21.43
C PRO E 61 -14.66 -9.82 21.12
N LYS E 62 -15.35 -10.93 21.34
CA LYS E 62 -16.77 -11.03 21.09
C LYS E 62 -17.51 -9.84 21.69
N VAL E 63 -17.54 -9.79 23.02
CA VAL E 63 -18.21 -8.70 23.73
C VAL E 63 -17.69 -7.34 23.27
N SER E 64 -16.38 -7.25 23.10
CA SER E 64 -15.75 -5.99 22.67
C SER E 64 -16.20 -5.63 21.25
N TYR E 65 -16.78 -6.61 20.55
CA TYR E 65 -17.25 -6.38 19.19
C TYR E 65 -18.56 -5.62 19.19
N VAL E 66 -19.50 -6.06 20.00
CA VAL E 66 -20.81 -5.42 20.09
C VAL E 66 -20.68 -3.94 20.42
N LYS E 67 -19.99 -3.65 21.52
CA LYS E 67 -19.79 -2.27 21.95
C LYS E 67 -19.01 -1.48 20.89
N ALA E 68 -18.13 -2.17 20.18
CA ALA E 68 -17.33 -1.53 19.15
C ALA E 68 -18.15 -1.29 17.89
N ILE E 69 -19.25 -2.03 17.76
CA ILE E 69 -20.12 -1.90 16.60
C ILE E 69 -21.00 -0.65 16.71
N ASP E 70 -21.32 -0.27 17.94
CA ASP E 70 -22.14 0.91 18.18
C ASP E 70 -21.33 2.19 18.04
N ILE E 71 -20.00 2.05 18.11
CA ILE E 71 -19.11 3.19 17.98
C ILE E 71 -18.48 3.25 16.60
N TRP E 72 -18.25 2.08 16.01
CA TRP E 72 -17.65 1.99 14.68
C TRP E 72 -18.66 2.38 13.61
N LEU E 73 -19.91 2.54 14.01
CA LEU E 73 -20.97 2.91 13.07
C LEU E 73 -21.20 4.42 13.08
N ALA E 74 -20.12 5.18 13.28
CA ALA E 74 -20.21 6.63 13.30
C ALA E 74 -18.83 7.25 13.53
N VAL E 75 -18.00 6.58 14.32
CA VAL E 75 -16.66 7.07 14.60
C VAL E 75 -15.78 7.03 13.37
N CYS E 76 -16.18 6.24 12.38
CA CYS E 76 -15.43 6.10 11.14
C CYS E 76 -16.09 6.92 10.02
N LEU E 77 -17.38 7.14 10.15
CA LEU E 77 -18.13 7.91 9.14
C LEU E 77 -17.96 9.40 9.37
N LEU E 78 -17.51 9.77 10.56
CA LEU E 78 -17.31 11.18 10.91
C LEU E 78 -15.83 11.54 10.84
N PHE E 79 -14.97 10.58 11.13
CA PHE E 79 -13.53 10.79 11.10
C PHE E 79 -13.03 10.97 9.67
N VAL E 80 -13.65 10.25 8.75
CA VAL E 80 -13.28 10.33 7.34
C VAL E 80 -14.18 11.31 6.59
N PHE E 81 -15.19 11.82 7.27
CA PHE E 81 -16.12 12.77 6.67
C PHE E 81 -15.52 14.17 6.61
N SER E 82 -14.86 14.57 7.69
CA SER E 82 -14.24 15.89 7.76
C SER E 82 -12.94 15.92 6.98
N ALA E 83 -12.29 14.77 6.88
CA ALA E 83 -11.03 14.66 6.16
C ALA E 83 -11.25 14.75 4.64
N LEU E 84 -12.40 14.25 4.20
CA LEU E 84 -12.74 14.28 2.78
C LEU E 84 -13.28 15.65 2.37
N LEU E 85 -14.04 16.27 3.27
CA LEU E 85 -14.61 17.58 3.01
C LEU E 85 -13.52 18.59 2.67
N GLU E 86 -12.38 18.46 3.32
CA GLU E 86 -11.26 19.37 3.08
C GLU E 86 -10.45 18.93 1.87
N TYR E 87 -10.22 17.63 1.76
CA TYR E 87 -9.45 17.08 0.64
C TYR E 87 -10.15 17.37 -0.69
N ALA E 88 -11.42 17.73 -0.61
CA ALA E 88 -12.20 18.03 -1.81
C ALA E 88 -12.62 19.51 -1.83
N ALA E 89 -12.46 20.18 -0.70
CA ALA E 89 -12.82 21.58 -0.58
C ALA E 89 -11.91 22.45 -1.45
N VAL E 90 -10.64 22.05 -1.55
CA VAL E 90 -9.67 22.79 -2.34
C VAL E 90 -10.18 23.06 -3.74
N ASN E 91 -10.88 22.08 -4.30
CA ASN E 91 -11.44 22.21 -5.64
C ASN E 91 -12.81 22.89 -5.61
N PHE E 92 -13.42 22.88 -4.43
CA PHE E 92 -14.74 23.50 -4.26
C PHE E 92 -14.61 25.00 -4.07
N VAL E 93 -13.38 25.50 -4.08
CA VAL E 93 -13.12 26.92 -3.91
C VAL E 93 -13.91 27.75 -4.91
N SER E 94 -14.08 27.21 -6.11
CA SER E 94 -14.82 27.89 -7.17
C SER E 94 -16.25 28.17 -6.74
N ARG E 95 -16.71 27.44 -5.72
CA ARG E 95 -18.07 27.59 -5.22
C ARG E 95 -18.35 29.05 -4.86
N GLN E 96 -17.30 29.77 -4.51
CA GLN E 96 -17.43 31.19 -4.14
C GLN E 96 -18.38 31.34 -2.96
N ARG E 97 -18.46 30.31 -2.13
CA ARG E 97 -19.34 30.34 -0.96
C ARG E 97 -19.11 31.60 -0.14
N GLU E 98 -17.88 32.12 -0.17
CA GLU E 98 -17.54 33.31 0.58
C GLU E 98 -18.27 34.54 0.02
N PHE E 99 -17.88 35.72 0.48
CA PHE E 99 -18.49 36.96 0.03
C PHE E 99 -17.68 37.59 -1.09
N GLY E 100 -16.80 36.80 -1.70
CA GLY E 100 -15.98 37.31 -2.78
C GLY E 100 -14.67 36.56 -2.91
N GLY E 101 -14.19 36.38 -4.14
CA GLY E 101 -12.96 35.67 -4.37
C GLY E 101 -11.76 36.61 -4.44
N GLY E 102 -11.88 37.78 -3.80
CA GLY E 102 -10.80 38.74 -3.81
C GLY E 102 -9.60 38.28 -2.99
N GLY E 103 -9.88 37.51 -1.95
CA GLY E 103 -8.81 37.02 -1.09
C GLY E 103 -8.47 35.57 -1.36
N PHE E 104 -8.55 35.18 -2.63
CA PHE E 104 -8.25 33.81 -3.03
C PHE E 104 -6.79 33.46 -2.72
N ILE E 105 -5.88 34.23 -3.30
CA ILE E 105 -4.46 34.00 -3.09
C ILE E 105 -4.03 34.42 -1.68
N GLN E 106 -4.86 35.23 -1.04
CA GLN E 106 -4.58 35.69 0.32
C GLN E 106 -4.94 34.63 1.34
N ARG E 107 -5.88 33.76 0.98
CA ARG E 107 -6.32 32.70 1.88
C ARG E 107 -5.92 31.33 1.33
N ALA E 108 -5.26 31.33 0.18
CA ALA E 108 -4.82 30.10 -0.45
C ALA E 108 -3.54 29.58 0.18
N LYS E 109 -2.82 30.47 0.86
CA LYS E 109 -1.56 30.12 1.51
C LYS E 109 -1.74 28.89 2.39
N LYS E 110 -2.95 28.73 2.95
CA LYS E 110 -3.25 27.60 3.82
C LYS E 110 -2.23 27.48 4.94
N ILE E 111 -2.23 28.46 5.83
CA ILE E 111 -1.30 28.47 6.96
C ILE E 111 -1.99 28.95 8.24
N ASP E 112 -3.32 29.05 8.19
CA ASP E 112 -4.10 29.49 9.34
C ASP E 112 -5.59 29.42 9.04
N LYS E 113 -5.99 28.41 8.27
CA LYS E 113 -7.39 28.24 7.91
C LYS E 113 -7.90 26.88 8.38
N ILE E 114 -6.99 26.04 8.88
CA ILE E 114 -7.36 24.73 9.37
C ILE E 114 -6.69 24.42 10.70
N SER E 115 -6.03 25.43 11.26
CA SER E 115 -5.35 25.27 12.54
C SER E 115 -6.26 25.68 13.70
N ARG E 116 -7.25 26.50 13.41
CA ARG E 116 -8.19 26.96 14.42
C ARG E 116 -9.30 25.93 14.64
N ILE E 117 -9.21 24.81 13.92
CA ILE E 117 -10.20 23.75 14.03
C ILE E 117 -9.56 22.46 14.56
N GLY E 118 -8.39 22.14 14.03
CA GLY E 118 -7.70 20.93 14.45
C GLY E 118 -7.19 21.03 15.88
N PHE E 119 -6.62 22.17 16.22
CA PHE E 119 -6.07 22.38 17.56
C PHE E 119 -7.12 22.05 18.62
N PRO E 120 -8.26 22.76 18.57
CA PRO E 120 -9.36 22.56 19.52
C PRO E 120 -10.06 21.22 19.32
N LEU E 121 -9.80 20.59 18.18
CA LEU E 121 -10.41 19.29 17.87
C LEU E 121 -9.66 18.16 18.55
N ALA E 122 -8.37 18.36 18.77
CA ALA E 122 -7.54 17.36 19.43
C ALA E 122 -7.69 17.42 20.95
N PHE E 123 -7.75 18.64 21.48
CA PHE E 123 -7.89 18.84 22.91
C PHE E 123 -9.28 18.46 23.38
N LEU E 124 -10.24 18.53 22.47
CA LEU E 124 -11.63 18.19 22.79
C LEU E 124 -11.85 16.68 22.75
N ILE E 125 -11.13 16.02 21.86
CA ILE E 125 -11.23 14.56 21.72
C ILE E 125 -10.36 13.85 22.73
N PHE E 126 -9.30 14.52 23.17
CA PHE E 126 -8.37 13.96 24.14
C PHE E 126 -8.97 13.96 25.54
N ASN E 127 -9.73 15.01 25.84
CA ASN E 127 -10.38 15.14 27.15
C ASN E 127 -11.72 14.44 27.16
N LEU E 128 -12.25 14.16 25.98
CA LEU E 128 -13.54 13.49 25.85
C LEU E 128 -13.40 11.99 26.04
N PHE E 129 -12.24 11.46 25.67
CA PHE E 129 -11.97 10.04 25.78
C PHE E 129 -11.22 9.73 27.08
N TYR E 130 -10.61 10.75 27.66
CA TYR E 130 -9.86 10.60 28.90
C TYR E 130 -10.76 10.82 30.12
N TRP E 131 -11.70 11.75 29.98
CA TRP E 131 -12.63 12.05 31.06
C TRP E 131 -13.78 11.04 31.09
N ILE E 132 -14.18 10.57 29.92
CA ILE E 132 -15.26 9.59 29.82
C ILE E 132 -14.79 8.20 30.24
N ILE E 133 -13.51 7.92 30.02
CA ILE E 133 -12.93 6.63 30.38
C ILE E 133 -12.79 6.50 31.90
N TYR E 134 -12.36 7.58 32.55
CA TYR E 134 -12.18 7.58 33.99
C TYR E 134 -13.49 7.87 34.70
N LYS E 135 -14.52 8.19 33.93
CA LYS E 135 -15.83 8.49 34.49
C LYS E 135 -16.77 7.29 34.34
N ILE E 136 -16.75 6.68 33.16
CA ILE E 136 -17.59 5.52 32.88
C ILE E 136 -17.38 4.43 33.93
N VAL E 137 -16.12 4.23 34.32
CA VAL E 137 -15.79 3.22 35.32
C VAL E 137 -16.48 3.51 36.65
N ARG E 138 -16.92 4.75 36.83
CA ARG E 138 -17.60 5.15 38.05
C ARG E 138 -19.11 5.15 37.86
N ARG E 139 -19.58 5.75 36.78
CA ARG E 139 -21.00 5.81 36.49
C ARG E 139 -21.69 6.84 37.37
N GLU E 140 -21.51 6.71 38.69
CA GLU E 140 -22.12 7.63 39.64
C GLU E 140 -21.10 8.09 40.67
N ASP E 141 -19.86 8.29 40.23
CA ASP E 141 -18.79 8.74 41.12
C ASP E 141 -18.59 7.74 42.26
N GLU E 142 -18.63 6.46 41.94
CA GLU E 142 -18.46 5.42 42.94
C GLU E 142 -17.01 4.92 42.97
N PHE E 143 -16.36 4.95 41.82
CA PHE E 143 -14.97 4.50 41.70
C PHE E 143 -14.01 5.63 42.08
N GLU E 144 -14.57 6.77 42.48
CA GLU E 144 -13.77 7.92 42.86
C GLU E 144 -12.76 7.55 43.95
N HIS E 145 -13.23 6.83 44.96
CA HIS E 145 -12.37 6.40 46.06
C HIS E 145 -12.38 4.89 46.21
N HIS E 146 -11.46 4.22 45.53
CA HIS E 146 -11.36 2.77 45.59
C HIS E 146 -10.11 2.28 44.89
N HIS E 147 -9.84 2.82 43.71
CA HIS E 147 -8.66 2.44 42.94
C HIS E 147 -7.47 3.31 43.28
N HIS E 148 -7.71 4.62 43.40
CA HIS E 148 -6.66 5.57 43.73
C HIS E 148 -5.57 5.57 42.66
N HIS E 149 -5.91 5.06 41.48
CA HIS E 149 -4.96 5.00 40.38
C HIS E 149 -4.75 6.38 39.77
N HIS E 150 -5.81 6.94 39.21
CA HIS E 150 -5.74 8.26 38.58
C HIS E 150 -7.06 9.01 38.75
N MET A 1 8.99 -22.12 25.95
CA MET A 1 10.08 -22.82 25.26
C MET A 1 10.93 -21.85 24.46
N LEU A 2 12.14 -21.59 24.94
CA LEU A 2 13.06 -20.67 24.26
C LEU A 2 12.50 -19.25 24.26
N GLU A 3 11.66 -18.96 25.25
CA GLU A 3 11.06 -17.62 25.37
C GLU A 3 12.10 -16.60 25.83
N ARG A 4 12.93 -17.00 26.79
CA ARG A 4 13.96 -16.12 27.32
C ARG A 4 15.19 -16.11 26.41
N GLN A 5 15.22 -17.04 25.47
CA GLN A 5 16.34 -17.15 24.54
C GLN A 5 16.01 -16.49 23.20
N LEU A 6 14.97 -15.66 23.21
CA LEU A 6 14.55 -14.97 21.99
C LEU A 6 15.43 -13.75 21.72
N GLY A 7 15.92 -13.13 22.79
CA GLY A 7 16.77 -11.97 22.65
C GLY A 7 17.94 -12.21 21.71
N TYR A 8 18.35 -13.46 21.61
CA TYR A 8 19.46 -13.83 20.74
C TYR A 8 19.14 -13.54 19.28
N TYR A 9 17.91 -13.87 18.87
CA TYR A 9 17.47 -13.65 17.51
C TYR A 9 17.22 -12.17 17.25
N LEU A 10 16.92 -11.44 18.32
CA LEU A 10 16.65 -10.01 18.21
C LEU A 10 17.95 -9.22 18.09
N ILE A 11 19.02 -9.75 18.65
CA ILE A 11 20.32 -9.11 18.60
C ILE A 11 20.88 -9.11 17.18
N GLN A 12 21.00 -10.30 16.60
CA GLN A 12 21.52 -10.44 15.24
C GLN A 12 20.59 -9.76 14.24
N LEU A 13 19.32 -9.66 14.59
CA LEU A 13 18.33 -9.02 13.71
C LEU A 13 18.28 -7.52 13.94
N TYR A 14 18.78 -7.09 15.08
CA TYR A 14 18.80 -5.67 15.42
C TYR A 14 19.81 -4.91 14.57
N ILE A 15 20.98 -5.51 14.39
CA ILE A 15 22.04 -4.89 13.58
C ILE A 15 21.51 -4.42 12.24
N PRO A 16 20.94 -5.36 11.47
CA PRO A 16 20.38 -5.07 10.14
C PRO A 16 19.10 -4.23 10.23
N SER A 17 18.32 -4.47 11.27
CA SER A 17 17.07 -3.74 11.47
C SER A 17 17.34 -2.26 11.76
N LEU A 18 18.51 -1.99 12.32
CA LEU A 18 18.89 -0.63 12.66
C LEU A 18 19.60 0.04 11.48
N LEU A 19 20.42 -0.74 10.76
CA LEU A 19 21.15 -0.22 9.62
C LEU A 19 20.20 0.35 8.57
N ILE A 20 19.16 -0.42 8.24
CA ILE A 20 18.17 0.01 7.26
C ILE A 20 17.39 1.21 7.76
N VAL A 21 17.24 1.32 9.08
CA VAL A 21 16.51 2.42 9.69
C VAL A 21 17.30 3.72 9.60
N ILE A 22 18.61 3.62 9.81
CA ILE A 22 19.48 4.79 9.75
C ILE A 22 19.47 5.43 8.36
N LEU A 23 19.46 4.58 7.34
CA LEU A 23 19.44 5.05 5.95
C LEU A 23 18.10 5.72 5.63
N SER A 24 17.03 5.26 6.28
CA SER A 24 15.71 5.81 6.05
C SER A 24 15.71 7.33 6.20
N TRP A 25 16.25 7.81 7.31
CA TRP A 25 16.32 9.24 7.58
C TRP A 25 17.25 9.93 6.59
N ILE A 26 18.36 9.27 6.26
CA ILE A 26 19.33 9.82 5.33
C ILE A 26 18.66 10.26 4.03
N SER A 27 17.54 9.62 3.70
CA SER A 27 16.80 9.94 2.48
C SER A 27 15.57 10.78 2.80
N PHE A 28 15.18 10.78 4.08
CA PHE A 28 14.01 11.55 4.52
C PHE A 28 14.23 13.04 4.31
N TRP A 29 15.50 13.45 4.28
CA TRP A 29 15.85 14.85 4.09
C TRP A 29 15.39 15.34 2.72
N ILE A 30 15.29 14.42 1.77
CA ILE A 30 14.86 14.76 0.42
C ILE A 30 13.48 14.20 0.12
N ASN A 31 13.16 13.06 0.73
CA ASN A 31 11.87 12.42 0.52
C ASN A 31 10.73 13.30 1.04
N LEU A 32 11.10 14.33 1.78
CA LEU A 32 10.11 15.25 2.34
C LEU A 32 9.12 15.71 1.27
N ASP A 33 9.56 15.69 0.02
CA ASP A 33 8.72 16.09 -1.11
C ASP A 33 9.23 15.50 -2.41
N ALA A 34 10.55 15.46 -2.56
CA ALA A 34 11.16 14.91 -3.76
C ALA A 34 10.73 13.46 -3.99
N ALA A 35 10.62 12.71 -2.91
CA ALA A 35 10.23 11.30 -2.99
C ALA A 35 9.69 10.80 -1.65
N PRO A 36 8.49 11.27 -1.28
CA PRO A 36 7.85 10.88 -0.02
C PRO A 36 7.40 9.42 -0.02
N ALA A 37 7.55 8.76 -1.17
CA ALA A 37 7.16 7.37 -1.31
C ALA A 37 8.15 6.45 -0.61
N ARG A 38 9.40 6.90 -0.51
CA ARG A 38 10.45 6.12 0.13
C ARG A 38 10.31 6.16 1.65
N VAL A 39 9.93 7.33 2.16
CA VAL A 39 9.76 7.51 3.60
C VAL A 39 8.61 6.66 4.13
N GLY A 40 7.55 6.55 3.33
CA GLY A 40 6.40 5.77 3.72
C GLY A 40 6.66 4.27 3.68
N LEU A 41 7.61 3.87 2.85
CA LEU A 41 7.96 2.46 2.71
C LEU A 41 8.93 2.03 3.80
N GLY A 42 9.86 2.93 4.14
CA GLY A 42 10.83 2.62 5.17
C GLY A 42 10.22 2.58 6.56
N ILE A 43 9.24 3.44 6.80
CA ILE A 43 8.57 3.49 8.09
C ILE A 43 7.68 2.28 8.30
N THR A 44 7.13 1.75 7.21
CA THR A 44 6.26 0.59 7.27
C THR A 44 7.07 -0.70 7.23
N THR A 45 8.31 -0.60 6.80
CA THR A 45 9.19 -1.76 6.72
C THR A 45 9.74 -2.12 8.09
N VAL A 46 9.91 -1.13 8.95
CA VAL A 46 10.43 -1.34 10.29
C VAL A 46 9.39 -2.01 11.19
N LEU A 47 8.15 -1.57 11.07
CA LEU A 47 7.06 -2.13 11.86
C LEU A 47 6.59 -3.46 11.28
N THR A 48 6.87 -3.67 10.00
CA THR A 48 6.48 -4.91 9.33
C THR A 48 7.57 -5.97 9.45
N LEU A 49 8.80 -5.52 9.63
CA LEU A 49 9.94 -6.44 9.76
C LEU A 49 10.00 -7.02 11.17
N THR A 50 9.47 -6.29 12.15
CA THR A 50 9.46 -6.74 13.52
C THR A 50 8.25 -7.63 13.82
N THR A 51 7.09 -7.20 13.32
CA THR A 51 5.86 -7.96 13.53
C THR A 51 5.95 -9.34 12.91
N GLN A 52 6.65 -9.43 11.78
CA GLN A 52 6.81 -10.70 11.08
C GLN A 52 8.03 -11.45 11.60
N SER A 53 8.88 -10.75 12.33
CA SER A 53 10.09 -11.35 12.89
C SER A 53 9.77 -12.19 14.13
N SER A 54 8.52 -12.09 14.58
CA SER A 54 8.09 -12.85 15.75
C SER A 54 6.76 -13.55 15.49
N GLY A 55 6.47 -13.78 14.21
CA GLY A 55 5.24 -14.44 13.85
C GLY A 55 5.33 -15.96 13.98
N SER A 56 6.55 -16.48 13.91
CA SER A 56 6.77 -17.92 14.01
C SER A 56 6.18 -18.46 15.31
N ARG A 57 6.38 -17.72 16.40
CA ARG A 57 5.87 -18.13 17.70
C ARG A 57 6.42 -19.50 18.10
N ALA A 58 7.52 -19.89 17.46
CA ALA A 58 8.15 -21.17 17.75
C ALA A 58 9.11 -21.06 18.93
N SER A 59 9.54 -19.84 19.23
CA SER A 59 10.47 -19.60 20.32
C SER A 59 9.74 -18.99 21.52
N LEU A 60 8.43 -18.89 21.42
CA LEU A 60 7.62 -18.33 22.50
C LEU A 60 8.03 -16.90 22.80
N PRO A 61 7.78 -15.98 21.85
CA PRO A 61 8.11 -14.56 21.99
C PRO A 61 7.24 -13.86 23.04
N LYS A 62 6.30 -14.60 23.60
CA LYS A 62 5.39 -14.06 24.62
C LYS A 62 6.18 -13.27 25.67
N VAL A 63 7.21 -13.91 26.22
CA VAL A 63 8.04 -13.26 27.24
C VAL A 63 8.53 -11.90 26.77
N SER A 64 9.31 -11.90 25.69
CA SER A 64 9.85 -10.65 25.14
C SER A 64 8.73 -9.68 24.79
N TYR A 65 7.56 -10.23 24.49
CA TYR A 65 6.40 -9.41 24.14
C TYR A 65 6.04 -8.45 25.26
N VAL A 66 5.81 -9.02 26.46
CA VAL A 66 5.46 -8.21 27.62
C VAL A 66 6.46 -7.07 27.82
N LYS A 67 7.73 -7.43 27.95
CA LYS A 67 8.78 -6.44 28.14
C LYS A 67 8.85 -5.46 26.96
N ALA A 68 8.48 -5.95 25.79
CA ALA A 68 8.48 -5.13 24.58
C ALA A 68 7.28 -4.19 24.56
N ILE A 69 6.26 -4.52 25.32
CA ILE A 69 5.05 -3.71 25.39
C ILE A 69 5.28 -2.45 26.21
N ASP A 70 6.10 -2.57 27.24
CA ASP A 70 6.41 -1.44 28.11
C ASP A 70 7.40 -0.48 27.44
N ILE A 71 8.09 -0.98 26.42
CA ILE A 71 9.06 -0.17 25.71
C ILE A 71 8.50 0.32 24.38
N TRP A 72 7.58 -0.45 23.81
CA TRP A 72 6.95 -0.10 22.54
C TRP A 72 6.08 1.15 22.69
N LEU A 73 5.66 1.42 23.92
CA LEU A 73 4.82 2.57 24.20
C LEU A 73 5.66 3.83 24.42
N ALA A 74 6.53 4.12 23.46
CA ALA A 74 7.40 5.28 23.54
C ALA A 74 8.30 5.39 22.31
N VAL A 75 8.72 4.25 21.79
CA VAL A 75 9.57 4.21 20.60
C VAL A 75 8.78 4.52 19.34
N CYS A 76 7.48 4.23 19.37
CA CYS A 76 6.61 4.47 18.23
C CYS A 76 6.05 5.89 18.27
N LEU A 77 5.86 6.41 19.48
CA LEU A 77 5.32 7.76 19.66
C LEU A 77 6.43 8.80 19.52
N LEU A 78 7.67 8.37 19.68
CA LEU A 78 8.82 9.27 19.57
C LEU A 78 9.43 9.21 18.18
N PHE A 79 9.37 8.03 17.57
CA PHE A 79 9.92 7.84 16.23
C PHE A 79 9.12 8.64 15.20
N VAL A 80 7.80 8.56 15.29
CA VAL A 80 6.92 9.27 14.37
C VAL A 80 6.68 10.70 14.83
N PHE A 81 7.20 11.04 16.00
CA PHE A 81 7.04 12.38 16.56
C PHE A 81 8.01 13.36 15.90
N SER A 82 9.24 12.91 15.68
CA SER A 82 10.27 13.75 15.07
C SER A 82 10.10 13.78 13.55
N ALA A 83 9.56 12.69 12.99
CA ALA A 83 9.34 12.60 11.56
C ALA A 83 8.22 13.52 11.11
N LEU A 84 7.22 13.70 11.97
CA LEU A 84 6.09 14.57 11.66
C LEU A 84 6.44 16.03 11.91
N LEU A 85 7.35 16.26 12.85
CA LEU A 85 7.78 17.63 13.18
C LEU A 85 8.38 18.31 11.97
N GLU A 86 9.12 17.55 11.16
CA GLU A 86 9.76 18.09 9.97
C GLU A 86 8.79 18.09 8.78
N TYR A 87 8.07 16.98 8.63
CA TYR A 87 7.12 16.84 7.53
C TYR A 87 6.04 17.91 7.61
N ALA A 88 5.91 18.53 8.78
CA ALA A 88 4.92 19.57 8.98
C ALA A 88 5.58 20.92 9.21
N ALA A 89 6.89 20.90 9.48
CA ALA A 89 7.64 22.12 9.72
C ALA A 89 7.68 23.00 8.47
N VAL A 90 7.75 22.36 7.31
CA VAL A 90 7.79 23.08 6.04
C VAL A 90 6.66 24.09 5.94
N ASN A 91 5.50 23.73 6.48
CA ASN A 91 4.33 24.60 6.45
C ASN A 91 4.34 25.55 7.64
N PHE A 92 5.11 25.20 8.67
CA PHE A 92 5.21 26.02 9.87
C PHE A 92 6.20 27.17 9.66
N VAL A 93 6.80 27.22 8.47
CA VAL A 93 7.75 28.27 8.14
C VAL A 93 7.16 29.65 8.36
N SER A 94 5.90 29.81 7.97
CA SER A 94 5.21 31.09 8.12
C SER A 94 5.27 31.58 9.56
N ARG A 95 5.41 30.64 10.49
CA ARG A 95 5.49 30.96 11.91
C ARG A 95 6.61 31.96 12.17
N GLN A 96 7.61 31.98 11.30
CA GLN A 96 8.75 32.88 11.44
C GLN A 96 9.52 32.57 12.72
N ARG A 97 9.51 31.31 13.13
CA ARG A 97 10.21 30.90 14.34
C ARG A 97 11.66 31.36 14.31
N GLU A 98 12.22 31.47 13.11
CA GLU A 98 13.60 31.91 12.95
C GLU A 98 13.75 33.39 13.30
N PHE A 99 14.92 33.96 12.98
CA PHE A 99 15.19 35.36 13.26
C PHE A 99 14.89 36.22 12.04
N GLY A 100 14.14 35.66 11.10
CA GLY A 100 13.81 36.40 9.88
C GLY A 100 13.41 35.48 8.75
N GLY A 101 12.44 35.91 7.95
CA GLY A 101 11.98 35.11 6.83
C GLY A 101 12.67 35.48 5.53
N GLY A 102 13.87 36.05 5.64
CA GLY A 102 14.61 36.44 4.46
C GLY A 102 14.96 35.26 3.57
N GLY A 103 15.23 34.11 4.18
CA GLY A 103 15.56 32.92 3.42
C GLY A 103 14.39 31.97 3.28
N PHE A 104 13.19 32.53 3.15
CA PHE A 104 11.99 31.73 3.00
C PHE A 104 12.00 30.96 1.68
N ILE A 105 12.12 31.70 0.58
CA ILE A 105 12.15 31.08 -0.74
C ILE A 105 13.49 30.43 -1.02
N GLN A 106 14.50 30.79 -0.22
CA GLN A 106 15.84 30.24 -0.37
C GLN A 106 16.03 29.01 0.51
N ARG A 107 14.91 28.48 1.02
CA ARG A 107 14.96 27.31 1.89
C ARG A 107 15.18 26.04 1.07
N ALA A 108 14.79 26.08 -0.19
CA ALA A 108 14.94 24.94 -1.08
C ALA A 108 16.42 24.56 -1.23
N LYS A 109 17.31 25.49 -0.89
CA LYS A 109 18.74 25.25 -0.98
C LYS A 109 19.12 23.95 -0.28
N LYS A 110 18.35 23.59 0.74
CA LYS A 110 18.61 22.36 1.48
C LYS A 110 19.99 22.39 2.14
N ILE A 111 20.10 23.16 3.23
CA ILE A 111 21.35 23.28 3.95
C ILE A 111 21.73 21.97 4.63
N ASP A 112 20.78 21.02 4.64
CA ASP A 112 21.01 19.73 5.27
C ASP A 112 21.28 19.87 6.76
N LYS A 113 20.62 20.85 7.38
CA LYS A 113 20.79 21.09 8.80
C LYS A 113 20.06 20.03 9.63
N ILE A 114 19.33 19.15 8.95
CA ILE A 114 18.59 18.10 9.62
C ILE A 114 19.49 16.89 9.90
N SER A 115 20.60 16.81 9.16
CA SER A 115 21.54 15.71 9.33
C SER A 115 22.46 15.95 10.52
N ARG A 116 22.35 17.14 11.11
CA ARG A 116 23.17 17.50 12.26
C ARG A 116 22.66 16.81 13.52
N ILE A 117 21.40 16.38 13.49
CA ILE A 117 20.80 15.71 14.63
C ILE A 117 20.45 14.27 14.29
N GLY A 118 20.06 14.03 13.04
CA GLY A 118 19.70 12.69 12.62
C GLY A 118 20.87 11.73 12.68
N PHE A 119 22.01 12.16 12.17
CA PHE A 119 23.21 11.32 12.17
C PHE A 119 23.49 10.76 13.56
N PRO A 120 23.68 11.67 14.53
CA PRO A 120 23.95 11.29 15.93
C PRO A 120 22.73 10.67 16.61
N LEU A 121 21.58 10.77 15.95
CA LEU A 121 20.35 10.22 16.49
C LEU A 121 20.22 8.74 16.16
N ALA A 122 20.64 8.37 14.95
CA ALA A 122 20.57 6.99 14.51
C ALA A 122 21.74 6.18 15.05
N PHE A 123 22.90 6.82 15.15
CA PHE A 123 24.10 6.17 15.66
C PHE A 123 24.01 5.93 17.16
N LEU A 124 23.34 6.86 17.85
CA LEU A 124 23.18 6.75 19.31
C LEU A 124 22.22 5.62 19.67
N ILE A 125 21.16 5.49 18.88
CA ILE A 125 20.16 4.45 19.10
C ILE A 125 20.75 3.06 18.86
N PHE A 126 21.36 2.87 17.69
CA PHE A 126 21.97 1.59 17.35
C PHE A 126 22.97 1.15 18.42
N ASN A 127 23.72 2.12 18.95
CA ASN A 127 24.72 1.83 19.97
C ASN A 127 24.06 1.74 21.36
N LEU A 128 22.87 2.31 21.47
CA LEU A 128 22.14 2.29 22.74
C LEU A 128 21.41 0.98 22.93
N PHE A 129 21.03 0.34 21.82
CA PHE A 129 20.33 -0.93 21.86
C PHE A 129 21.31 -2.09 22.00
N TYR A 130 22.50 -1.92 21.45
CA TYR A 130 23.53 -2.95 21.52
C TYR A 130 24.11 -3.05 22.93
N TRP A 131 24.21 -1.92 23.60
CA TRP A 131 24.74 -1.87 24.96
C TRP A 131 23.65 -2.14 25.98
N ILE A 132 22.40 -1.99 25.56
CA ILE A 132 21.27 -2.22 26.44
C ILE A 132 20.84 -3.69 26.43
N ILE A 133 21.06 -4.34 25.29
CA ILE A 133 20.70 -5.75 25.14
C ILE A 133 21.76 -6.65 25.78
N TYR A 134 23.02 -6.25 25.63
CA TYR A 134 24.13 -7.04 26.19
C TYR A 134 24.31 -6.73 27.67
N LYS A 135 23.60 -5.73 28.16
CA LYS A 135 23.69 -5.34 29.57
C LYS A 135 22.49 -5.86 30.35
N ILE A 136 21.31 -5.74 29.75
CA ILE A 136 20.07 -6.20 30.39
C ILE A 136 20.18 -7.66 30.81
N VAL A 137 20.79 -8.47 29.95
CA VAL A 137 20.96 -9.89 30.23
C VAL A 137 21.81 -10.10 31.48
N ARG A 138 22.53 -9.07 31.88
CA ARG A 138 23.38 -9.14 33.06
C ARG A 138 22.69 -8.51 34.27
N ARG A 139 22.14 -7.32 34.07
CA ARG A 139 21.45 -6.61 35.14
C ARG A 139 22.46 -6.00 36.11
N GLU A 140 23.34 -6.83 36.64
CA GLU A 140 24.35 -6.38 37.60
C GLU A 140 25.69 -7.06 37.33
N ASP A 141 26.03 -7.19 36.06
CA ASP A 141 27.30 -7.82 35.66
C ASP A 141 27.42 -9.20 36.29
N GLU A 142 26.29 -9.86 36.50
CA GLU A 142 26.28 -11.19 37.10
C GLU A 142 26.22 -12.27 36.01
N PHE A 143 25.48 -11.99 34.95
CA PHE A 143 25.34 -12.95 33.85
C PHE A 143 26.47 -12.78 32.84
N GLU A 144 27.43 -11.91 33.17
CA GLU A 144 28.56 -11.66 32.28
C GLU A 144 29.28 -12.95 31.94
N HIS A 145 29.86 -13.58 32.95
CA HIS A 145 30.59 -14.84 32.76
C HIS A 145 30.87 -15.50 34.10
N HIS A 146 29.84 -16.10 34.70
CA HIS A 146 29.99 -16.78 35.97
C HIS A 146 28.67 -17.39 36.43
N HIS A 147 27.60 -16.60 36.34
CA HIS A 147 26.27 -17.06 36.73
C HIS A 147 25.94 -18.38 36.06
N HIS A 148 25.64 -18.31 34.75
CA HIS A 148 25.30 -19.51 33.98
C HIS A 148 24.02 -20.13 34.51
N HIS A 149 23.21 -19.34 35.20
CA HIS A 149 21.95 -19.81 35.76
C HIS A 149 21.11 -20.50 34.68
N HIS A 150 20.71 -19.73 33.67
CA HIS A 150 19.90 -20.27 32.58
C HIS A 150 20.69 -21.28 31.76
N MET B 1 8.67 -33.43 2.98
CA MET B 1 9.98 -33.92 3.37
C MET B 1 11.05 -33.50 2.37
N LEU B 2 10.61 -32.87 1.28
CA LEU B 2 11.53 -32.41 0.25
C LEU B 2 12.15 -31.07 0.62
N GLU B 3 12.79 -31.03 1.78
CA GLU B 3 13.42 -29.79 2.26
C GLU B 3 14.69 -29.50 1.47
N ARG B 4 15.46 -30.55 1.18
CA ARG B 4 16.69 -30.40 0.42
C ARG B 4 16.41 -30.31 -1.08
N GLN B 5 15.18 -30.61 -1.47
CA GLN B 5 14.78 -30.56 -2.86
C GLN B 5 14.03 -29.28 -3.18
N LEU B 6 14.15 -28.30 -2.29
CA LEU B 6 13.47 -27.02 -2.47
C LEU B 6 14.24 -26.13 -3.45
N GLY B 7 15.56 -26.26 -3.45
CA GLY B 7 16.38 -25.46 -4.34
C GLY B 7 15.93 -25.55 -5.78
N TYR B 8 15.31 -26.67 -6.14
CA TYR B 8 14.82 -26.89 -7.49
C TYR B 8 13.76 -25.86 -7.85
N TYR B 9 12.85 -25.60 -6.93
CA TYR B 9 11.77 -24.64 -7.14
C TYR B 9 12.30 -23.21 -7.11
N LEU B 10 13.42 -23.01 -6.41
CA LEU B 10 14.04 -21.70 -6.30
C LEU B 10 14.82 -21.35 -7.56
N ILE B 11 15.32 -22.38 -8.24
CA ILE B 11 16.09 -22.18 -9.46
C ILE B 11 15.19 -21.67 -10.59
N GLN B 12 14.14 -22.41 -10.89
CA GLN B 12 13.21 -22.04 -11.94
C GLN B 12 12.50 -20.74 -11.60
N LEU B 13 12.38 -20.45 -10.31
CA LEU B 13 11.71 -19.24 -9.85
C LEU B 13 12.71 -18.07 -9.78
N TYR B 14 14.00 -18.40 -9.75
CA TYR B 14 15.04 -17.38 -9.69
C TYR B 14 15.15 -16.63 -11.02
N ILE B 15 15.08 -17.38 -12.11
CA ILE B 15 15.17 -16.79 -13.45
C ILE B 15 14.22 -15.60 -13.59
N PRO B 16 12.93 -15.87 -13.38
CA PRO B 16 11.89 -14.83 -13.47
C PRO B 16 11.98 -13.81 -12.35
N SER B 17 12.37 -14.28 -11.17
CA SER B 17 12.50 -13.40 -10.00
C SER B 17 13.61 -12.39 -10.19
N LEU B 18 14.60 -12.77 -11.02
CA LEU B 18 15.74 -11.89 -11.29
C LEU B 18 15.46 -10.99 -12.49
N LEU B 19 14.76 -11.52 -13.48
CA LEU B 19 14.42 -10.76 -14.68
C LEU B 19 13.60 -9.51 -14.32
N ILE B 20 12.59 -9.71 -13.49
CA ILE B 20 11.73 -8.60 -13.07
C ILE B 20 12.50 -7.61 -12.20
N VAL B 21 13.52 -8.10 -11.50
CA VAL B 21 14.33 -7.27 -10.63
C VAL B 21 15.26 -6.37 -11.45
N ILE B 22 15.81 -6.92 -12.53
CA ILE B 22 16.70 -6.17 -13.39
C ILE B 22 15.99 -4.97 -14.03
N LEU B 23 14.74 -5.20 -14.43
CA LEU B 23 13.95 -4.13 -15.05
C LEU B 23 13.61 -3.04 -14.03
N SER B 24 13.49 -3.44 -12.77
CA SER B 24 13.16 -2.50 -11.71
C SER B 24 14.11 -1.30 -11.73
N TRP B 25 15.41 -1.58 -11.75
CA TRP B 25 16.42 -0.53 -11.77
C TRP B 25 16.37 0.24 -13.09
N ILE B 26 16.13 -0.47 -14.18
CA ILE B 26 16.05 0.15 -15.49
C ILE B 26 15.08 1.32 -15.49
N SER B 27 14.09 1.27 -14.60
CA SER B 27 13.09 2.32 -14.50
C SER B 27 13.38 3.22 -13.30
N PHE B 28 14.21 2.74 -12.40
CA PHE B 28 14.56 3.49 -11.19
C PHE B 28 15.31 4.77 -11.56
N TRP B 29 15.94 4.77 -12.73
CA TRP B 29 16.69 5.93 -13.20
C TRP B 29 15.76 7.12 -13.43
N ILE B 30 14.49 6.83 -13.71
CA ILE B 30 13.52 7.88 -13.95
C ILE B 30 12.49 7.95 -12.81
N ASN B 31 12.22 6.80 -12.20
CA ASN B 31 11.26 6.72 -11.10
C ASN B 31 11.76 7.54 -9.90
N LEU B 32 13.02 7.95 -9.94
CA LEU B 32 13.61 8.73 -8.87
C LEU B 32 12.70 9.90 -8.48
N ASP B 33 11.89 10.35 -9.43
CA ASP B 33 10.97 11.45 -9.19
C ASP B 33 9.82 11.44 -10.20
N ALA B 34 10.14 11.09 -11.44
CA ALA B 34 9.13 11.04 -12.49
C ALA B 34 8.02 10.05 -12.14
N ALA B 35 8.39 8.94 -11.50
CA ALA B 35 7.42 7.93 -11.11
C ALA B 35 7.99 7.03 -10.01
N PRO B 36 8.11 7.59 -8.79
CA PRO B 36 8.63 6.85 -7.63
C PRO B 36 7.67 5.78 -7.16
N ALA B 37 6.49 5.72 -7.77
CA ALA B 37 5.48 4.73 -7.40
C ALA B 37 5.85 3.35 -7.94
N ARG B 38 6.60 3.32 -9.04
CA ARG B 38 7.01 2.07 -9.65
C ARG B 38 8.15 1.43 -8.86
N VAL B 39 9.06 2.26 -8.36
CA VAL B 39 10.19 1.78 -7.59
C VAL B 39 9.73 1.16 -6.27
N GLY B 40 8.70 1.75 -5.67
CA GLY B 40 8.18 1.23 -4.42
C GLY B 40 7.42 -0.07 -4.59
N LEU B 41 6.88 -0.28 -5.78
CA LEU B 41 6.12 -1.49 -6.07
C LEU B 41 7.05 -2.64 -6.44
N GLY B 42 8.12 -2.32 -7.16
CA GLY B 42 9.07 -3.34 -7.57
C GLY B 42 9.89 -3.86 -6.40
N ILE B 43 10.21 -2.98 -5.47
CA ILE B 43 11.00 -3.36 -4.30
C ILE B 43 10.19 -4.21 -3.34
N THR B 44 8.88 -3.96 -3.31
CA THR B 44 7.99 -4.72 -2.43
C THR B 44 7.52 -6.01 -3.09
N THR B 45 7.68 -6.08 -4.41
CA THR B 45 7.27 -7.26 -5.16
C THR B 45 8.31 -8.37 -5.03
N VAL B 46 9.57 -7.99 -4.86
CA VAL B 46 10.65 -8.95 -4.71
C VAL B 46 10.60 -9.64 -3.36
N LEU B 47 10.33 -8.87 -2.31
CA LEU B 47 10.26 -9.39 -0.96
C LEU B 47 8.92 -10.10 -0.73
N THR B 48 7.92 -9.75 -1.53
CA THR B 48 6.60 -10.34 -1.42
C THR B 48 6.48 -11.59 -2.28
N LEU B 49 7.29 -11.66 -3.33
CA LEU B 49 7.27 -12.81 -4.23
C LEU B 49 8.05 -13.98 -3.63
N THR B 50 9.00 -13.68 -2.76
CA THR B 50 9.81 -14.70 -2.12
C THR B 50 9.13 -15.24 -0.86
N THR B 51 8.59 -14.32 -0.06
CA THR B 51 7.91 -14.69 1.17
C THR B 51 6.71 -15.59 0.89
N GLN B 52 6.03 -15.32 -0.23
CA GLN B 52 4.86 -16.09 -0.62
C GLN B 52 5.25 -17.32 -1.44
N SER B 53 6.50 -17.32 -1.91
CA SER B 53 7.01 -18.43 -2.72
C SER B 53 7.38 -19.62 -1.83
N SER B 54 7.35 -19.40 -0.52
CA SER B 54 7.69 -20.46 0.43
C SER B 54 6.64 -20.55 1.54
N GLY B 55 5.44 -20.05 1.24
CA GLY B 55 4.37 -20.08 2.23
C GLY B 55 3.68 -21.44 2.28
N SER B 56 3.74 -22.18 1.18
CA SER B 56 3.12 -23.48 1.11
C SER B 56 3.60 -24.39 2.24
N ARG B 57 4.90 -24.34 2.51
CA ARG B 57 5.50 -25.15 3.55
C ARG B 57 5.25 -26.63 3.32
N ALA B 58 4.93 -26.98 2.08
CA ALA B 58 4.66 -28.36 1.71
C ALA B 58 5.95 -29.10 1.36
N SER B 59 6.99 -28.33 1.04
CA SER B 59 8.28 -28.91 0.68
C SER B 59 9.28 -28.77 1.83
N LEU B 60 8.80 -28.28 2.96
CA LEU B 60 9.65 -28.09 4.13
C LEU B 60 10.81 -27.16 3.81
N PRO B 61 10.49 -25.87 3.58
CA PRO B 61 11.50 -24.86 3.27
C PRO B 61 12.38 -24.53 4.46
N LYS B 62 12.07 -25.13 5.61
CA LYS B 62 12.84 -24.89 6.83
C LYS B 62 14.33 -24.96 6.55
N VAL B 63 14.76 -26.04 5.92
CA VAL B 63 16.18 -26.21 5.59
C VAL B 63 16.73 -24.99 4.86
N SER B 64 16.19 -24.71 3.68
CA SER B 64 16.64 -23.57 2.89
C SER B 64 16.52 -22.28 3.69
N TYR B 65 15.59 -22.26 4.63
CA TYR B 65 15.38 -21.08 5.46
C TYR B 65 16.64 -20.72 6.23
N VAL B 66 17.17 -21.68 6.99
CA VAL B 66 18.37 -21.47 7.78
C VAL B 66 19.50 -20.89 6.91
N LYS B 67 19.83 -21.61 5.84
CA LYS B 67 20.89 -21.18 4.94
C LYS B 67 20.54 -19.83 4.31
N ALA B 68 19.25 -19.57 4.14
CA ALA B 68 18.79 -18.32 3.56
C ALA B 68 18.87 -17.18 4.57
N ILE B 69 18.92 -17.53 5.85
CA ILE B 69 19.00 -16.54 6.91
C ILE B 69 20.41 -15.95 7.02
N ASP B 70 21.41 -16.77 6.73
CA ASP B 70 22.80 -16.32 6.78
C ASP B 70 23.15 -15.50 5.55
N ILE B 71 22.34 -15.62 4.50
CA ILE B 71 22.57 -14.88 3.27
C ILE B 71 21.63 -13.69 3.16
N TRP B 72 20.46 -13.80 3.78
CA TRP B 72 19.48 -12.72 3.75
C TRP B 72 19.97 -11.52 4.54
N LEU B 73 20.92 -11.74 5.44
CA LEU B 73 21.48 -10.67 6.26
C LEU B 73 22.62 -9.98 5.53
N ALA B 74 22.35 -9.53 4.31
CA ALA B 74 23.35 -8.84 3.50
C ALA B 74 22.78 -8.42 2.15
N VAL B 75 21.89 -9.25 1.60
CA VAL B 75 21.28 -8.95 0.32
C VAL B 75 20.21 -7.88 0.45
N CYS B 76 19.63 -7.77 1.64
CA CYS B 76 18.59 -6.78 1.90
C CYS B 76 19.21 -5.46 2.35
N LEU B 77 20.35 -5.54 3.02
CA LEU B 77 21.04 -4.35 3.51
C LEU B 77 21.89 -3.73 2.41
N LEU B 78 22.20 -4.52 1.39
CA LEU B 78 23.01 -4.04 0.26
C LEU B 78 22.12 -3.60 -0.90
N PHE B 79 20.99 -4.28 -1.06
CA PHE B 79 20.06 -3.96 -2.13
C PHE B 79 19.43 -2.59 -1.92
N VAL B 80 19.01 -2.32 -0.69
CA VAL B 80 18.39 -1.04 -0.34
C VAL B 80 19.45 0.01 0.00
N PHE B 81 20.71 -0.43 0.03
CA PHE B 81 21.81 0.48 0.35
C PHE B 81 22.19 1.33 -0.86
N SER B 82 22.19 0.71 -2.03
CA SER B 82 22.53 1.41 -3.27
C SER B 82 21.34 2.20 -3.79
N ALA B 83 20.14 1.71 -3.50
CA ALA B 83 18.91 2.37 -3.94
C ALA B 83 18.70 3.68 -3.18
N LEU B 84 19.11 3.71 -1.91
CA LEU B 84 18.95 4.89 -1.08
C LEU B 84 20.07 5.90 -1.35
N LEU B 85 21.23 5.39 -1.77
CA LEU B 85 22.38 6.24 -2.07
C LEU B 85 22.05 7.22 -3.19
N GLU B 86 21.27 6.77 -4.16
CA GLU B 86 20.88 7.60 -5.29
C GLU B 86 19.63 8.43 -4.95
N TYR B 87 18.66 7.78 -4.31
CA TYR B 87 17.42 8.45 -3.94
C TYR B 87 17.70 9.62 -3.00
N ALA B 88 18.88 9.62 -2.40
CA ALA B 88 19.27 10.68 -1.48
C ALA B 88 20.42 11.50 -2.04
N ALA B 89 21.05 10.99 -3.10
CA ALA B 89 22.17 11.67 -3.74
C ALA B 89 21.71 12.99 -4.37
N VAL B 90 20.51 12.98 -4.93
CA VAL B 90 19.96 14.17 -5.56
C VAL B 90 20.05 15.38 -4.64
N ASN B 91 19.86 15.15 -3.35
CA ASN B 91 19.92 16.23 -2.36
C ASN B 91 21.36 16.47 -1.90
N PHE B 92 22.20 15.47 -2.10
CA PHE B 92 23.61 15.56 -1.70
C PHE B 92 24.41 16.35 -2.75
N VAL B 93 23.74 16.75 -3.82
CA VAL B 93 24.39 17.50 -4.88
C VAL B 93 25.11 18.73 -4.33
N SER B 94 24.48 19.40 -3.38
CA SER B 94 25.07 20.59 -2.77
C SER B 94 26.45 20.29 -2.21
N ARG B 95 26.68 19.02 -1.88
CA ARG B 95 27.97 18.61 -1.33
C ARG B 95 29.12 18.98 -2.27
N GLN B 96 28.79 19.14 -3.55
CA GLN B 96 29.80 19.50 -4.54
C GLN B 96 30.87 18.42 -4.66
N ARG B 97 30.47 17.17 -4.41
CA ARG B 97 31.39 16.05 -4.48
C ARG B 97 32.13 16.04 -5.82
N GLU B 98 31.47 16.55 -6.85
CA GLU B 98 32.06 16.59 -8.18
C GLU B 98 33.20 17.62 -8.24
N PHE B 99 33.66 17.91 -9.46
CA PHE B 99 34.74 18.87 -9.65
C PHE B 99 34.18 20.25 -9.97
N GLY B 100 32.90 20.45 -9.69
CA GLY B 100 32.26 21.72 -9.96
C GLY B 100 30.75 21.61 -10.06
N GLY B 101 30.05 22.63 -9.57
CA GLY B 101 28.60 22.62 -9.61
C GLY B 101 28.06 23.35 -10.82
N GLY B 102 28.86 23.42 -11.87
CA GLY B 102 28.43 24.11 -13.09
C GLY B 102 27.22 23.45 -13.72
N GLY B 103 27.15 22.12 -13.63
CA GLY B 103 26.03 21.40 -14.21
C GLY B 103 25.00 21.00 -13.17
N PHE B 104 24.80 21.87 -12.18
CA PHE B 104 23.83 21.61 -11.13
C PHE B 104 22.42 21.60 -11.68
N ILE B 105 22.02 22.70 -12.31
CA ILE B 105 20.68 22.81 -12.89
C ILE B 105 20.57 22.02 -14.18
N GLN B 106 21.72 21.65 -14.75
CA GLN B 106 21.75 20.89 -15.99
C GLN B 106 21.82 19.39 -15.70
N ARG B 107 21.54 19.02 -14.45
CA ARG B 107 21.58 17.62 -14.04
C ARG B 107 20.33 16.88 -14.54
N ALA B 108 19.25 17.63 -14.74
CA ALA B 108 18.00 17.05 -15.21
C ALA B 108 18.18 16.38 -16.57
N LYS B 109 19.25 16.76 -17.27
CA LYS B 109 19.53 16.19 -18.58
C LYS B 109 19.46 14.67 -18.55
N LYS B 110 19.81 14.09 -17.42
CA LYS B 110 19.78 12.64 -17.26
C LYS B 110 20.79 11.97 -18.19
N ILE B 111 22.07 12.06 -17.83
CA ILE B 111 23.13 11.46 -18.63
C ILE B 111 23.06 9.93 -18.58
N ASP B 112 22.22 9.42 -17.69
CA ASP B 112 22.06 7.97 -17.55
C ASP B 112 23.37 7.31 -17.14
N LYS B 113 24.14 8.01 -16.32
CA LYS B 113 25.43 7.50 -15.86
C LYS B 113 25.23 6.42 -14.79
N ILE B 114 23.98 6.23 -14.38
CA ILE B 114 23.65 5.24 -13.38
C ILE B 114 23.50 3.85 -13.99
N SER B 115 23.27 3.81 -15.30
CA SER B 115 23.11 2.55 -16.02
C SER B 115 24.47 1.93 -16.32
N ARG B 116 25.53 2.67 -16.03
CA ARG B 116 26.89 2.19 -16.27
C ARG B 116 27.31 1.17 -15.22
N ILE B 117 26.61 1.18 -14.08
CA ILE B 117 26.91 0.25 -13.01
C ILE B 117 25.74 -0.69 -12.75
N GLY B 118 24.52 -0.18 -12.95
CA GLY B 118 23.34 -1.00 -12.75
C GLY B 118 23.26 -2.16 -13.71
N PHE B 119 23.50 -1.89 -14.99
CA PHE B 119 23.45 -2.93 -16.02
C PHE B 119 24.29 -4.13 -15.62
N PRO B 120 25.60 -3.88 -15.41
CA PRO B 120 26.55 -4.94 -15.01
C PRO B 120 26.31 -5.43 -13.60
N LEU B 121 25.47 -4.72 -12.86
CA LEU B 121 25.15 -5.08 -11.47
C LEU B 121 24.04 -6.13 -11.43
N ALA B 122 23.06 -5.98 -12.32
CA ALA B 122 21.94 -6.89 -12.38
C ALA B 122 22.31 -8.16 -13.15
N PHE B 123 23.14 -8.00 -14.18
CA PHE B 123 23.58 -9.13 -14.99
C PHE B 123 24.56 -10.01 -14.23
N LEU B 124 25.37 -9.39 -13.37
CA LEU B 124 26.36 -10.11 -12.58
C LEU B 124 25.68 -10.94 -11.50
N ILE B 125 24.63 -10.38 -10.89
CA ILE B 125 23.90 -11.07 -9.85
C ILE B 125 23.17 -12.29 -10.40
N PHE B 126 22.38 -12.06 -11.45
CA PHE B 126 21.62 -13.14 -12.08
C PHE B 126 22.53 -14.29 -12.48
N ASN B 127 23.72 -13.96 -12.97
CA ASN B 127 24.69 -14.96 -13.39
C ASN B 127 25.46 -15.50 -12.20
N LEU B 128 25.47 -14.74 -11.11
CA LEU B 128 26.17 -15.15 -9.89
C LEU B 128 25.33 -16.13 -9.08
N PHE B 129 24.02 -16.02 -9.20
CA PHE B 129 23.10 -16.90 -8.49
C PHE B 129 22.92 -18.22 -9.24
N TYR B 130 23.00 -18.16 -10.56
CA TYR B 130 22.83 -19.34 -11.39
C TYR B 130 24.05 -20.26 -11.28
N TRP B 131 25.22 -19.66 -11.14
CA TRP B 131 26.46 -20.42 -11.02
C TRP B 131 26.72 -20.83 -9.57
N ILE B 132 26.05 -20.14 -8.64
CA ILE B 132 26.20 -20.43 -7.23
C ILE B 132 25.25 -21.52 -6.77
N ILE B 133 24.10 -21.59 -7.43
CA ILE B 133 23.08 -22.59 -7.10
C ILE B 133 23.42 -23.94 -7.73
N TYR B 134 23.97 -23.90 -8.94
CA TYR B 134 24.35 -25.12 -9.64
C TYR B 134 25.71 -25.64 -9.17
N LYS B 135 26.39 -24.82 -8.37
CA LYS B 135 27.71 -25.19 -7.84
C LYS B 135 27.60 -25.65 -6.39
N ILE B 136 26.80 -24.93 -5.61
CA ILE B 136 26.62 -25.27 -4.20
C ILE B 136 26.18 -26.71 -4.03
N VAL B 137 25.28 -27.15 -4.91
CA VAL B 137 24.77 -28.52 -4.86
C VAL B 137 25.89 -29.53 -5.06
N ARG B 138 27.02 -29.06 -5.59
CA ARG B 138 28.17 -29.93 -5.82
C ARG B 138 29.20 -29.77 -4.70
N ARG B 139 29.51 -28.53 -4.36
CA ARG B 139 30.48 -28.25 -3.31
C ARG B 139 31.91 -28.49 -3.80
N GLU B 140 32.15 -29.69 -4.32
CA GLU B 140 33.47 -30.05 -4.83
C GLU B 140 33.36 -30.86 -6.11
N ASP B 141 32.44 -30.47 -6.98
CA ASP B 141 32.23 -31.16 -8.24
C ASP B 141 31.99 -32.65 -8.01
N GLU B 142 31.39 -32.98 -6.88
CA GLU B 142 31.11 -34.37 -6.53
C GLU B 142 29.68 -34.75 -6.90
N PHE B 143 28.76 -33.80 -6.70
CA PHE B 143 27.35 -34.03 -7.02
C PHE B 143 27.06 -33.75 -8.48
N GLU B 144 28.12 -33.42 -9.23
CA GLU B 144 27.98 -33.12 -10.65
C GLU B 144 27.25 -34.25 -11.37
N HIS B 145 27.88 -35.42 -11.43
CA HIS B 145 27.29 -36.58 -12.09
C HIS B 145 28.03 -37.86 -11.73
N HIS B 146 27.82 -38.34 -10.51
CA HIS B 146 28.47 -39.56 -10.03
C HIS B 146 28.02 -39.90 -8.62
N HIS B 147 28.02 -38.89 -7.74
CA HIS B 147 27.62 -39.09 -6.35
C HIS B 147 26.25 -39.76 -6.28
N HIS B 148 25.20 -39.01 -6.60
CA HIS B 148 23.84 -39.55 -6.57
C HIS B 148 23.45 -39.95 -5.15
N HIS B 149 24.14 -39.39 -4.17
CA HIS B 149 23.87 -39.69 -2.77
C HIS B 149 22.38 -39.52 -2.45
N HIS B 150 21.90 -38.29 -2.58
CA HIS B 150 20.50 -37.98 -2.31
C HIS B 150 20.15 -38.30 -0.86
N MET C 1 -13.16 -31.76 -4.64
CA MET C 1 -12.68 -32.74 -5.62
C MET C 1 -12.84 -32.20 -7.03
N LEU C 2 -13.48 -31.06 -7.16
CA LEU C 2 -13.70 -30.44 -8.47
C LEU C 2 -12.47 -29.67 -8.92
N GLU C 3 -11.33 -30.35 -8.97
CA GLU C 3 -10.07 -29.73 -9.39
C GLU C 3 -10.08 -29.45 -10.89
N ARG C 4 -10.56 -30.42 -11.66
CA ARG C 4 -10.61 -30.28 -13.12
C ARG C 4 -11.80 -29.44 -13.53
N GLN C 5 -12.70 -29.17 -12.58
CA GLN C 5 -13.88 -28.37 -12.86
C GLN C 5 -13.71 -26.94 -12.38
N LEU C 6 -12.45 -26.56 -12.15
CA LEU C 6 -12.14 -25.21 -11.69
C LEU C 6 -12.13 -24.23 -12.86
N GLY C 7 -11.74 -24.71 -14.04
CA GLY C 7 -11.70 -23.86 -15.21
C GLY C 7 -13.00 -23.12 -15.43
N TYR C 8 -14.11 -23.71 -14.97
CA TYR C 8 -15.42 -23.10 -15.13
C TYR C 8 -15.49 -21.76 -14.39
N TYR C 9 -14.95 -21.74 -13.18
CA TYR C 9 -14.96 -20.53 -12.36
C TYR C 9 -13.96 -19.51 -12.91
N LEU C 10 -12.95 -19.99 -13.61
CA LEU C 10 -11.93 -19.12 -14.18
C LEU C 10 -12.43 -18.45 -15.46
N ILE C 11 -13.34 -19.14 -16.15
CA ILE C 11 -13.91 -18.60 -17.39
C ILE C 11 -14.79 -17.40 -17.12
N GLN C 12 -15.78 -17.57 -16.26
CA GLN C 12 -16.70 -16.49 -15.92
C GLN C 12 -15.97 -15.36 -15.20
N LEU C 13 -14.87 -15.71 -14.54
CA LEU C 13 -14.07 -14.72 -13.80
C LEU C 13 -13.05 -14.07 -14.72
N TYR C 14 -12.76 -14.72 -15.85
CA TYR C 14 -11.79 -14.19 -16.81
C TYR C 14 -12.36 -12.98 -17.54
N ILE C 15 -13.62 -13.06 -17.92
CA ILE C 15 -14.28 -11.96 -18.62
C ILE C 15 -14.07 -10.64 -17.89
N PRO C 16 -14.50 -10.58 -16.63
CA PRO C 16 -14.35 -9.39 -15.79
C PRO C 16 -12.90 -9.10 -15.43
N SER C 17 -12.13 -10.15 -15.24
CA SER C 17 -10.72 -10.01 -14.88
C SER C 17 -9.93 -9.40 -16.02
N LEU C 18 -10.42 -9.59 -17.25
CA LEU C 18 -9.75 -9.07 -18.43
C LEU C 18 -10.26 -7.66 -18.75
N LEU C 19 -11.55 -7.44 -18.54
CA LEU C 19 -12.16 -6.14 -18.81
C LEU C 19 -11.48 -5.04 -17.99
N ILE C 20 -11.30 -5.31 -16.70
CA ILE C 20 -10.67 -4.35 -15.81
C ILE C 20 -9.20 -4.14 -16.17
N VAL C 21 -8.59 -5.19 -16.74
CA VAL C 21 -7.19 -5.13 -17.13
C VAL C 21 -7.00 -4.25 -18.36
N ILE C 22 -7.93 -4.36 -19.31
CA ILE C 22 -7.88 -3.57 -20.53
C ILE C 22 -7.95 -2.07 -20.23
N LEU C 23 -8.79 -1.71 -19.27
CA LEU C 23 -8.96 -0.32 -18.88
C LEU C 23 -7.69 0.22 -18.22
N SER C 24 -6.98 -0.67 -17.52
CA SER C 24 -5.75 -0.28 -16.83
C SER C 24 -4.82 0.47 -17.78
N TRP C 25 -4.53 -0.13 -18.92
CA TRP C 25 -3.64 0.47 -19.90
C TRP C 25 -4.26 1.74 -20.48
N ILE C 26 -5.58 1.72 -20.66
CA ILE C 26 -6.29 2.87 -21.20
C ILE C 26 -6.01 4.13 -20.38
N SER C 27 -5.60 3.94 -19.13
CA SER C 27 -5.29 5.05 -18.25
C SER C 27 -3.79 5.16 -18.00
N PHE C 28 -3.05 4.13 -18.39
CA PHE C 28 -1.61 4.10 -18.22
C PHE C 28 -0.94 5.15 -19.12
N TRP C 29 -1.58 5.45 -20.24
CA TRP C 29 -1.05 6.43 -21.18
C TRP C 29 -0.94 7.81 -20.54
N ILE C 30 -1.64 7.98 -19.42
CA ILE C 30 -1.63 9.26 -18.70
C ILE C 30 -1.10 9.08 -17.29
N ASN C 31 -1.34 7.92 -16.71
CA ASN C 31 -0.88 7.63 -15.35
C ASN C 31 0.64 7.60 -15.29
N LEU C 32 1.29 7.61 -16.45
CA LEU C 32 2.73 7.58 -16.53
C LEU C 32 3.34 8.64 -15.61
N ASP C 33 2.58 9.69 -15.34
CA ASP C 33 3.05 10.77 -14.47
C ASP C 33 1.88 11.55 -13.90
N ALA C 34 0.85 11.76 -14.72
CA ALA C 34 -0.34 12.49 -14.29
C ALA C 34 -0.99 11.82 -13.09
N ALA C 35 -1.00 10.49 -13.07
CA ALA C 35 -1.59 9.74 -11.98
C ALA C 35 -1.05 8.31 -11.94
N PRO C 36 0.22 8.16 -11.55
CA PRO C 36 0.88 6.86 -11.47
C PRO C 36 0.33 6.01 -10.33
N ALA C 37 -0.57 6.58 -9.54
CA ALA C 37 -1.17 5.88 -8.42
C ALA C 37 -2.20 4.86 -8.89
N ARG C 38 -2.80 5.15 -10.05
CA ARG C 38 -3.81 4.26 -10.62
C ARG C 38 -3.17 3.04 -11.25
N VAL C 39 -2.01 3.24 -11.87
CA VAL C 39 -1.29 2.15 -12.52
C VAL C 39 -0.80 1.13 -11.50
N GLY C 40 -0.38 1.63 -10.34
CA GLY C 40 0.11 0.75 -9.29
C GLY C 40 -1.00 -0.03 -8.62
N LEU C 41 -2.22 0.51 -8.66
CA LEU C 41 -3.37 -0.14 -8.06
C LEU C 41 -3.96 -1.18 -9.00
N GLY C 42 -3.96 -0.87 -10.30
CA GLY C 42 -4.50 -1.80 -11.27
C GLY C 42 -3.61 -3.02 -11.46
N ILE C 43 -2.30 -2.82 -11.39
CA ILE C 43 -1.36 -3.91 -11.55
C ILE C 43 -1.38 -4.85 -10.35
N THR C 44 -1.66 -4.29 -9.18
CA THR C 44 -1.72 -5.08 -7.95
C THR C 44 -3.10 -5.71 -7.76
N THR C 45 -4.09 -5.18 -8.48
CA THR C 45 -5.46 -5.70 -8.40
C THR C 45 -5.60 -6.98 -9.21
N VAL C 46 -4.83 -7.10 -10.28
CA VAL C 46 -4.88 -8.28 -11.13
C VAL C 46 -4.24 -9.48 -10.45
N LEU C 47 -3.11 -9.25 -9.78
CA LEU C 47 -2.40 -10.32 -9.09
C LEU C 47 -3.06 -10.63 -7.76
N THR C 48 -3.84 -9.67 -7.24
CA THR C 48 -4.52 -9.85 -5.97
C THR C 48 -5.91 -10.45 -6.18
N LEU C 49 -6.46 -10.24 -7.37
CA LEU C 49 -7.79 -10.77 -7.69
C LEU C 49 -7.72 -12.24 -8.05
N THR C 50 -6.56 -12.67 -8.54
CA THR C 50 -6.36 -14.06 -8.93
C THR C 50 -5.92 -14.91 -7.73
N THR C 51 -4.99 -14.37 -6.93
CA THR C 51 -4.50 -15.07 -5.76
C THR C 51 -5.62 -15.33 -4.76
N GLN C 52 -6.54 -14.40 -4.67
CA GLN C 52 -7.67 -14.53 -3.74
C GLN C 52 -8.83 -15.26 -4.41
N SER C 53 -8.77 -15.40 -5.73
CA SER C 53 -9.81 -16.09 -6.48
C SER C 53 -9.67 -17.60 -6.35
N SER C 54 -8.57 -18.04 -5.75
CA SER C 54 -8.31 -19.47 -5.58
C SER C 54 -7.87 -19.76 -4.14
N GLY C 55 -8.23 -18.87 -3.23
CA GLY C 55 -7.87 -19.05 -1.83
C GLY C 55 -8.80 -20.00 -1.12
N SER C 56 -10.02 -20.13 -1.62
CA SER C 56 -11.01 -21.01 -1.02
C SER C 56 -10.48 -22.44 -0.91
N ARG C 57 -9.81 -22.90 -1.96
CA ARG C 57 -9.24 -24.24 -1.99
C ARG C 57 -10.34 -25.29 -1.78
N ALA C 58 -11.58 -24.90 -2.02
CA ALA C 58 -12.72 -25.79 -1.87
C ALA C 58 -12.95 -26.61 -3.14
N SER C 59 -12.42 -26.13 -4.25
CA SER C 59 -12.57 -26.80 -5.53
C SER C 59 -11.28 -27.51 -5.94
N LEU C 60 -10.30 -27.49 -5.04
CA LEU C 60 -9.02 -28.13 -5.28
C LEU C 60 -8.35 -27.54 -6.52
N PRO C 61 -7.93 -26.27 -6.41
CA PRO C 61 -7.26 -25.56 -7.51
C PRO C 61 -5.86 -26.10 -7.79
N LYS C 62 -5.43 -27.06 -6.98
CA LYS C 62 -4.12 -27.67 -7.13
C LYS C 62 -3.85 -28.01 -8.60
N VAL C 63 -4.78 -28.74 -9.21
CA VAL C 63 -4.64 -29.13 -10.62
C VAL C 63 -4.33 -27.93 -11.49
N SER C 64 -5.26 -26.98 -11.54
CA SER C 64 -5.09 -25.77 -12.35
C SER C 64 -3.81 -25.04 -11.96
N TYR C 65 -3.39 -25.21 -10.71
CA TYR C 65 -2.19 -24.55 -10.21
C TYR C 65 -0.97 -24.98 -11.03
N VAL C 66 -0.74 -26.29 -11.10
CA VAL C 66 0.39 -26.83 -11.85
C VAL C 66 0.43 -26.26 -13.26
N LYS C 67 -0.66 -26.44 -14.00
CA LYS C 67 -0.76 -25.95 -15.37
C LYS C 67 -0.61 -24.43 -15.41
N ALA C 68 -1.03 -23.77 -14.34
CA ALA C 68 -0.95 -22.32 -14.26
C ALA C 68 0.48 -21.87 -13.95
N ILE C 69 1.28 -22.79 -13.41
CA ILE C 69 2.67 -22.48 -13.06
C ILE C 69 3.54 -22.44 -14.31
N ASP C 70 3.21 -23.27 -15.29
CA ASP C 70 3.98 -23.32 -16.53
C ASP C 70 3.61 -22.14 -17.43
N ILE C 71 2.47 -21.53 -17.16
CA ILE C 71 2.01 -20.39 -17.95
C ILE C 71 2.28 -19.08 -17.22
N TRP C 72 2.28 -19.13 -15.90
CA TRP C 72 2.52 -17.94 -15.09
C TRP C 72 3.95 -17.45 -15.25
N LEU C 73 4.84 -18.35 -15.69
CA LEU C 73 6.24 -18.00 -15.89
C LEU C 73 6.46 -17.40 -17.27
N ALA C 74 5.68 -16.37 -17.59
CA ALA C 74 5.79 -15.70 -18.88
C ALA C 74 4.79 -14.54 -18.98
N VAL C 75 3.63 -14.72 -18.39
CA VAL C 75 2.58 -13.69 -18.41
C VAL C 75 2.92 -12.56 -17.45
N CYS C 76 3.70 -12.86 -16.43
CA CYS C 76 4.09 -11.86 -15.44
C CYS C 76 5.37 -11.15 -15.86
N LEU C 77 6.22 -11.85 -16.58
CA LEU C 77 7.49 -11.29 -17.05
C LEU C 77 7.28 -10.49 -18.33
N LEU C 78 6.17 -10.75 -19.02
CA LEU C 78 5.85 -10.06 -20.26
C LEU C 78 4.91 -8.89 -20.00
N PHE C 79 4.02 -9.06 -19.02
CA PHE C 79 3.06 -8.03 -18.67
C PHE C 79 3.76 -6.80 -18.09
N VAL C 80 4.70 -7.05 -17.20
CA VAL C 80 5.46 -5.96 -16.57
C VAL C 80 6.66 -5.56 -17.41
N PHE C 81 6.87 -6.27 -18.50
CA PHE C 81 7.99 -5.99 -19.40
C PHE C 81 7.67 -4.81 -20.31
N SER C 82 6.43 -4.77 -20.80
CA SER C 82 6.00 -3.70 -21.69
C SER C 82 5.63 -2.46 -20.90
N ALA C 83 5.17 -2.66 -19.67
CA ALA C 83 4.78 -1.55 -18.80
C ALA C 83 6.00 -0.76 -18.34
N LEU C 84 7.11 -1.46 -18.15
CA LEU C 84 8.35 -0.82 -17.71
C LEU C 84 9.07 -0.17 -18.88
N LEU C 85 8.87 -0.72 -20.08
CA LEU C 85 9.50 -0.20 -21.28
C LEU C 85 9.07 1.24 -21.54
N GLU C 86 7.81 1.54 -21.24
CA GLU C 86 7.29 2.89 -21.43
C GLU C 86 7.57 3.76 -20.22
N TYR C 87 7.36 3.21 -19.03
CA TYR C 87 7.59 3.94 -17.79
C TYR C 87 9.05 4.37 -17.68
N ALA C 88 9.91 3.76 -18.48
CA ALA C 88 11.33 4.08 -18.47
C ALA C 88 11.76 4.71 -19.80
N ALA C 89 10.89 4.61 -20.80
CA ALA C 89 11.17 5.17 -22.12
C ALA C 89 11.26 6.68 -22.06
N VAL C 90 10.42 7.29 -21.23
CA VAL C 90 10.39 8.74 -21.07
C VAL C 90 11.79 9.29 -20.82
N ASN C 91 12.58 8.53 -20.06
CA ASN C 91 13.95 8.95 -19.74
C ASN C 91 14.92 8.52 -20.83
N PHE C 92 14.51 7.53 -21.62
CA PHE C 92 15.35 7.03 -22.71
C PHE C 92 15.26 7.94 -23.93
N VAL C 93 14.44 8.99 -23.82
CA VAL C 93 14.27 9.94 -24.92
C VAL C 93 15.60 10.48 -25.38
N SER C 94 16.49 10.78 -24.44
CA SER C 94 17.80 11.31 -24.76
C SER C 94 18.54 10.40 -25.74
N ARG C 95 18.17 9.13 -25.73
CA ARG C 95 18.80 8.15 -26.62
C ARG C 95 18.69 8.59 -28.08
N GLN C 96 17.68 9.41 -28.38
CA GLN C 96 17.47 9.90 -29.73
C GLN C 96 17.15 8.76 -30.68
N ARG C 97 16.52 7.71 -30.15
CA ARG C 97 16.17 6.54 -30.95
C ARG C 97 15.39 6.97 -32.20
N GLU C 98 14.66 8.07 -32.09
CA GLU C 98 13.88 8.57 -33.22
C GLU C 98 14.78 9.13 -34.30
N PHE C 99 14.18 9.81 -35.28
CA PHE C 99 14.94 10.40 -36.37
C PHE C 99 15.25 11.87 -36.10
N GLY C 100 15.15 12.26 -34.83
CA GLY C 100 15.41 13.63 -34.45
C GLY C 100 14.77 14.02 -33.14
N GLY C 101 15.46 14.83 -32.36
CA GLY C 101 14.92 15.25 -31.08
C GLY C 101 14.21 16.59 -31.16
N GLY C 102 13.73 16.93 -32.34
CA GLY C 102 13.04 18.19 -32.53
C GLY C 102 11.78 18.29 -31.70
N GLY C 103 11.09 17.16 -31.52
CA GLY C 103 9.87 17.14 -30.74
C GLY C 103 10.09 16.62 -29.33
N PHE C 104 11.25 16.93 -28.76
CA PHE C 104 11.58 16.49 -27.41
C PHE C 104 10.67 17.14 -26.39
N ILE C 105 10.65 18.47 -26.37
CA ILE C 105 9.82 19.22 -25.44
C ILE C 105 8.36 19.19 -25.88
N GLN C 106 8.12 18.83 -27.13
CA GLN C 106 6.76 18.76 -27.67
C GLN C 106 6.19 17.36 -27.52
N ARG C 107 6.83 16.55 -26.70
CA ARG C 107 6.39 15.18 -26.46
C ARG C 107 5.18 15.16 -25.53
N ALA C 108 5.06 16.19 -24.70
CA ALA C 108 3.96 16.29 -23.75
C ALA C 108 2.61 16.33 -24.49
N LYS C 109 2.65 16.65 -25.77
CA LYS C 109 1.44 16.73 -26.58
C LYS C 109 0.62 15.45 -26.45
N LYS C 110 1.29 14.34 -26.17
CA LYS C 110 0.63 13.05 -26.02
C LYS C 110 -0.11 12.66 -27.29
N ILE C 111 0.65 12.21 -28.28
CA ILE C 111 0.07 11.80 -29.56
C ILE C 111 -0.76 10.52 -29.40
N ASP C 112 -0.68 9.91 -28.23
CA ASP C 112 -1.42 8.69 -27.95
C ASP C 112 -1.03 7.57 -28.90
N LYS C 113 0.25 7.54 -29.26
CA LYS C 113 0.76 6.52 -30.17
C LYS C 113 0.91 5.18 -29.45
N ILE C 114 0.68 5.18 -28.15
CA ILE C 114 0.79 3.97 -27.35
C ILE C 114 -0.50 3.15 -27.42
N SER C 115 -1.60 3.80 -27.78
CA SER C 115 -2.88 3.13 -27.89
C SER C 115 -3.00 2.37 -29.21
N ARG C 116 -2.00 2.55 -30.07
CA ARG C 116 -1.99 1.89 -31.37
C ARG C 116 -1.62 0.41 -31.23
N ILE C 117 -0.97 0.08 -30.11
CA ILE C 117 -0.56 -1.29 -29.84
C ILE C 117 -1.29 -1.86 -28.64
N GLY C 118 -1.58 -1.01 -27.66
CA GLY C 118 -2.27 -1.45 -26.46
C GLY C 118 -3.68 -1.94 -26.76
N PHE C 119 -4.42 -1.17 -27.54
CA PHE C 119 -5.79 -1.53 -27.91
C PHE C 119 -5.85 -2.97 -28.42
N PRO C 120 -5.12 -3.23 -29.52
CA PRO C 120 -5.07 -4.56 -30.13
C PRO C 120 -4.34 -5.58 -29.26
N LEU C 121 -3.67 -5.10 -28.22
CA LEU C 121 -2.93 -5.96 -27.32
C LEU C 121 -3.85 -6.54 -26.24
N ALA C 122 -4.77 -5.71 -25.76
CA ALA C 122 -5.72 -6.14 -24.74
C ALA C 122 -6.87 -6.93 -25.35
N PHE C 123 -7.28 -6.54 -26.55
CA PHE C 123 -8.37 -7.22 -27.24
C PHE C 123 -7.93 -8.60 -27.74
N LEU C 124 -6.67 -8.71 -28.12
CA LEU C 124 -6.13 -9.97 -28.62
C LEU C 124 -5.99 -10.99 -27.48
N ILE C 125 -5.58 -10.51 -26.31
CA ILE C 125 -5.41 -11.37 -25.15
C ILE C 125 -6.76 -11.91 -24.67
N PHE C 126 -7.71 -11.00 -24.44
CA PHE C 126 -9.03 -11.39 -23.98
C PHE C 126 -9.66 -12.41 -24.92
N ASN C 127 -9.44 -12.24 -26.21
CA ASN C 127 -9.98 -13.15 -27.22
C ASN C 127 -9.10 -14.39 -27.35
N LEU C 128 -7.86 -14.28 -26.91
CA LEU C 128 -6.92 -15.39 -26.98
C LEU C 128 -7.13 -16.36 -25.82
N PHE C 129 -7.61 -15.84 -24.70
CA PHE C 129 -7.86 -16.65 -23.52
C PHE C 129 -9.22 -17.34 -23.61
N TYR C 130 -10.16 -16.68 -24.27
CA TYR C 130 -11.51 -17.22 -24.43
C TYR C 130 -11.51 -18.38 -25.41
N TRP C 131 -10.67 -18.29 -26.44
CA TRP C 131 -10.58 -19.33 -27.45
C TRP C 131 -9.61 -20.42 -27.03
N ILE C 132 -8.76 -20.11 -26.05
CA ILE C 132 -7.77 -21.06 -25.55
C ILE C 132 -8.37 -21.91 -24.43
N ILE C 133 -9.31 -21.34 -23.69
CA ILE C 133 -9.94 -22.04 -22.59
C ILE C 133 -11.04 -22.96 -23.10
N TYR C 134 -11.76 -22.52 -24.13
CA TYR C 134 -12.84 -23.30 -24.70
C TYR C 134 -12.30 -24.34 -25.68
N LYS C 135 -11.01 -24.24 -25.99
CA LYS C 135 -10.36 -25.16 -26.91
C LYS C 135 -9.55 -26.20 -26.15
N ILE C 136 -8.82 -25.76 -25.12
CA ILE C 136 -8.00 -26.65 -24.32
C ILE C 136 -8.82 -27.81 -23.77
N VAL C 137 -10.04 -27.50 -23.33
CA VAL C 137 -10.93 -28.52 -22.78
C VAL C 137 -11.24 -29.59 -23.82
N ARG C 138 -11.01 -29.27 -25.09
CA ARG C 138 -11.26 -30.20 -26.17
C ARG C 138 -9.98 -30.90 -26.61
N ARG C 139 -8.93 -30.12 -26.80
CA ARG C 139 -7.63 -30.65 -27.23
C ARG C 139 -7.66 -31.02 -28.71
N GLU C 140 -8.63 -31.85 -29.09
CA GLU C 140 -8.76 -32.28 -30.47
C GLU C 140 -10.22 -32.32 -30.90
N ASP C 141 -10.99 -31.32 -30.47
CA ASP C 141 -12.40 -31.24 -30.80
C ASP C 141 -13.13 -32.53 -30.41
N GLU C 142 -12.64 -33.17 -29.36
CA GLU C 142 -13.24 -34.41 -28.87
C GLU C 142 -14.21 -34.14 -27.73
N PHE C 143 -13.87 -33.18 -26.89
CA PHE C 143 -14.71 -32.82 -25.75
C PHE C 143 -15.78 -31.81 -26.16
N GLU C 144 -15.81 -31.48 -27.45
CA GLU C 144 -16.78 -30.52 -27.96
C GLU C 144 -18.20 -30.92 -27.57
N HIS C 145 -18.66 -32.04 -28.09
CA HIS C 145 -20.00 -32.52 -27.79
C HIS C 145 -20.17 -33.97 -28.24
N HIS C 146 -19.59 -34.89 -27.46
CA HIS C 146 -19.67 -36.30 -27.78
C HIS C 146 -18.94 -37.14 -26.73
N HIS C 147 -17.72 -36.72 -26.39
CA HIS C 147 -16.91 -37.42 -25.41
C HIS C 147 -17.69 -37.64 -24.12
N HIS C 148 -17.88 -36.56 -23.36
CA HIS C 148 -18.62 -36.64 -22.10
C HIS C 148 -17.89 -37.54 -21.11
N HIS C 149 -16.59 -37.73 -21.32
CA HIS C 149 -15.79 -38.57 -20.43
C HIS C 149 -15.96 -38.15 -18.98
N HIS C 150 -15.56 -36.92 -18.67
CA HIS C 150 -15.67 -36.39 -17.32
C HIS C 150 -17.09 -36.56 -16.78
N MET D 1 -25.55 -20.50 11.46
CA MET D 1 -26.64 -20.99 10.63
C MET D 1 -27.49 -19.83 10.12
N LEU D 2 -27.17 -18.62 10.57
CA LEU D 2 -27.90 -17.43 10.15
C LEU D 2 -27.39 -16.93 8.81
N GLU D 3 -27.42 -17.80 7.80
CA GLU D 3 -26.97 -17.45 6.46
C GLU D 3 -27.96 -16.50 5.79
N ARG D 4 -29.24 -16.80 5.92
CA ARG D 4 -30.29 -15.98 5.32
C ARG D 4 -30.55 -14.74 6.16
N GLN D 5 -29.99 -14.71 7.36
CA GLN D 5 -30.17 -13.58 8.27
C GLN D 5 -28.95 -12.66 8.24
N LEU D 6 -28.13 -12.81 7.20
CA LEU D 6 -26.94 -11.99 7.05
C LEU D 6 -27.29 -10.63 6.48
N GLY D 7 -28.31 -10.58 5.63
CA GLY D 7 -28.72 -9.33 5.03
C GLY D 7 -28.93 -8.23 6.05
N TYR D 8 -29.28 -8.62 7.27
CA TYR D 8 -29.53 -7.67 8.35
C TYR D 8 -28.25 -6.89 8.68
N TYR D 9 -27.13 -7.59 8.72
CA TYR D 9 -25.85 -6.97 9.02
C TYR D 9 -25.35 -6.14 7.83
N LEU D 10 -25.80 -6.51 6.64
CA LEU D 10 -25.41 -5.80 5.43
C LEU D 10 -26.18 -4.50 5.27
N ILE D 11 -27.39 -4.47 5.82
CA ILE D 11 -28.24 -3.29 5.75
C ILE D 11 -27.67 -2.15 6.59
N GLN D 12 -27.46 -2.43 7.87
CA GLN D 12 -26.92 -1.43 8.79
C GLN D 12 -25.50 -1.03 8.39
N LEU D 13 -24.80 -1.95 7.71
CA LEU D 13 -23.44 -1.70 7.28
C LEU D 13 -23.43 -1.01 5.91
N TYR D 14 -24.54 -1.11 5.20
CA TYR D 14 -24.65 -0.49 3.88
C TYR D 14 -24.73 1.03 3.99
N ILE D 15 -25.50 1.51 4.97
CA ILE D 15 -25.66 2.94 5.19
C ILE D 15 -24.31 3.64 5.24
N PRO D 16 -23.45 3.20 6.18
CA PRO D 16 -22.11 3.77 6.36
C PRO D 16 -21.18 3.42 5.21
N SER D 17 -21.34 2.22 4.65
CA SER D 17 -20.51 1.78 3.55
C SER D 17 -20.77 2.61 2.29
N LEU D 18 -21.98 3.16 2.20
CA LEU D 18 -22.36 3.97 1.06
C LEU D 18 -22.01 5.44 1.29
N LEU D 19 -22.17 5.90 2.52
CA LEU D 19 -21.87 7.27 2.88
C LEU D 19 -20.40 7.61 2.58
N ILE D 20 -19.51 6.72 3.01
CA ILE D 20 -18.08 6.92 2.78
C ILE D 20 -17.74 6.84 1.30
N VAL D 21 -18.53 6.07 0.56
CA VAL D 21 -18.32 5.91 -0.88
C VAL D 21 -18.71 7.18 -1.64
N ILE D 22 -19.81 7.79 -1.22
CA ILE D 22 -20.29 9.01 -1.86
C ILE D 22 -19.27 10.14 -1.74
N LEU D 23 -18.62 10.22 -0.58
CA LEU D 23 -17.62 11.26 -0.33
C LEU D 23 -16.38 11.03 -1.20
N SER D 24 -16.10 9.76 -1.49
CA SER D 24 -14.95 9.39 -2.29
C SER D 24 -14.93 10.20 -3.59
N TRP D 25 -16.04 10.15 -4.32
CA TRP D 25 -16.15 10.88 -5.59
C TRP D 25 -16.10 12.39 -5.36
N ILE D 26 -16.69 12.83 -4.26
CA ILE D 26 -16.71 14.25 -3.92
C ILE D 26 -15.30 14.83 -3.88
N SER D 27 -14.32 13.96 -3.68
CA SER D 27 -12.92 14.39 -3.62
C SER D 27 -12.17 13.93 -4.86
N PHE D 28 -12.78 13.04 -5.64
CA PHE D 28 -12.16 12.53 -6.85
C PHE D 28 -12.04 13.62 -7.90
N TRP D 29 -12.94 14.60 -7.84
CA TRP D 29 -12.94 15.71 -8.80
C TRP D 29 -11.66 16.52 -8.67
N ILE D 30 -10.94 16.34 -7.56
CA ILE D 30 -9.70 17.05 -7.33
C ILE D 30 -8.53 16.09 -7.17
N ASN D 31 -8.82 14.90 -6.63
CA ASN D 31 -7.79 13.89 -6.43
C ASN D 31 -7.23 13.40 -7.76
N LEU D 32 -7.90 13.79 -8.85
CA LEU D 32 -7.47 13.39 -10.19
C LEU D 32 -5.98 13.65 -10.38
N ASP D 33 -5.45 14.62 -9.64
CA ASP D 33 -4.04 14.98 -9.72
C ASP D 33 -3.58 15.70 -8.46
N ALA D 34 -4.44 16.54 -7.91
CA ALA D 34 -4.13 17.29 -6.70
C ALA D 34 -3.80 16.35 -5.55
N ALA D 35 -4.52 15.24 -5.48
CA ALA D 35 -4.30 14.25 -4.42
C ALA D 35 -4.87 12.90 -4.81
N PRO D 36 -4.22 12.22 -5.76
CA PRO D 36 -4.65 10.91 -6.24
C PRO D 36 -4.45 9.81 -5.19
N ALA D 37 -3.83 10.18 -4.08
CA ALA D 37 -3.58 9.23 -3.00
C ALA D 37 -4.86 8.91 -2.23
N ARG D 38 -5.78 9.87 -2.22
CA ARG D 38 -7.05 9.68 -1.53
C ARG D 38 -7.98 8.77 -2.32
N VAL D 39 -7.95 8.91 -3.63
CA VAL D 39 -8.79 8.10 -4.51
C VAL D 39 -8.40 6.63 -4.44
N GLY D 40 -7.10 6.38 -4.34
CA GLY D 40 -6.62 5.00 -4.26
C GLY D 40 -6.93 4.36 -2.93
N LEU D 41 -7.08 5.18 -1.89
CA LEU D 41 -7.37 4.67 -0.55
C LEU D 41 -8.86 4.42 -0.38
N GLY D 42 -9.67 5.29 -0.98
CA GLY D 42 -11.12 5.15 -0.87
C GLY D 42 -11.64 3.96 -1.68
N ILE D 43 -11.01 3.71 -2.83
CA ILE D 43 -11.42 2.62 -3.70
C ILE D 43 -11.02 1.27 -3.09
N THR D 44 -9.92 1.26 -2.34
CA THR D 44 -9.44 0.04 -1.70
C THR D 44 -10.12 -0.18 -0.36
N THR D 45 -10.72 0.88 0.17
CA THR D 45 -11.40 0.80 1.46
C THR D 45 -12.77 0.15 1.31
N VAL D 46 -13.39 0.34 0.15
CA VAL D 46 -14.71 -0.21 -0.12
C VAL D 46 -14.63 -1.73 -0.32
N LEU D 47 -13.61 -2.17 -1.05
CA LEU D 47 -13.43 -3.59 -1.33
C LEU D 47 -12.81 -4.30 -0.13
N THR D 48 -12.15 -3.53 0.73
CA THR D 48 -11.53 -4.08 1.93
C THR D 48 -12.50 -4.09 3.11
N LEU D 49 -13.47 -3.19 3.07
CA LEU D 49 -14.46 -3.09 4.14
C LEU D 49 -15.53 -4.18 3.99
N THR D 50 -15.73 -4.63 2.76
CA THR D 50 -16.73 -5.67 2.49
C THR D 50 -16.13 -7.06 2.67
N THR D 51 -14.92 -7.25 2.17
CA THR D 51 -14.24 -8.53 2.27
C THR D 51 -14.00 -8.90 3.74
N GLN D 52 -13.73 -7.91 4.56
CA GLN D 52 -13.49 -8.13 5.99
C GLN D 52 -14.79 -8.10 6.77
N SER D 53 -15.86 -7.61 6.14
CA SER D 53 -17.16 -7.53 6.78
C SER D 53 -17.85 -8.89 6.78
N SER D 54 -17.26 -9.85 6.09
CA SER D 54 -17.81 -11.20 6.02
C SER D 54 -16.74 -12.24 6.27
N GLY D 55 -15.67 -11.83 6.95
CA GLY D 55 -14.58 -12.75 7.25
C GLY D 55 -14.86 -13.60 8.46
N SER D 56 -15.78 -13.15 9.31
CA SER D 56 -16.14 -13.88 10.52
C SER D 56 -16.66 -15.28 10.17
N ARG D 57 -17.48 -15.36 9.13
CA ARG D 57 -18.04 -16.63 8.71
C ARG D 57 -18.84 -17.27 9.84
N ALA D 58 -19.23 -16.47 10.81
CA ALA D 58 -20.00 -16.97 11.95
C ALA D 58 -21.49 -16.97 11.63
N SER D 59 -21.89 -16.19 10.63
CA SER D 59 -23.29 -16.11 10.23
C SER D 59 -23.54 -16.88 8.94
N LEU D 60 -22.51 -17.57 8.46
CA LEU D 60 -22.62 -18.35 7.24
C LEU D 60 -23.00 -17.46 6.05
N PRO D 61 -22.06 -16.57 5.66
CA PRO D 61 -22.28 -15.65 4.54
C PRO D 61 -22.32 -16.37 3.20
N LYS D 62 -22.08 -17.68 3.22
CA LYS D 62 -22.08 -18.48 2.01
C LYS D 62 -23.29 -18.15 1.14
N VAL D 63 -24.48 -18.20 1.74
CA VAL D 63 -25.71 -17.89 1.02
C VAL D 63 -25.61 -16.57 0.29
N SER D 64 -25.45 -15.49 1.05
CA SER D 64 -25.34 -14.16 0.47
C SER D 64 -24.20 -14.09 -0.55
N TYR D 65 -23.20 -14.94 -0.35
CA TYR D 65 -22.04 -14.98 -1.24
C TYR D 65 -22.48 -15.29 -2.68
N VAL D 66 -23.18 -16.41 -2.84
CA VAL D 66 -23.66 -16.83 -4.15
C VAL D 66 -24.41 -15.69 -4.85
N LYS D 67 -25.44 -15.19 -4.18
CA LYS D 67 -26.24 -14.10 -4.74
C LYS D 67 -25.39 -12.85 -4.97
N ALA D 68 -24.35 -12.70 -4.15
CA ALA D 68 -23.46 -11.55 -4.28
C ALA D 68 -22.48 -11.74 -5.44
N ILE D 69 -22.31 -12.98 -5.86
CA ILE D 69 -21.40 -13.29 -6.96
C ILE D 69 -22.02 -12.91 -8.30
N ASP D 70 -23.34 -13.05 -8.40
CA ASP D 70 -24.06 -12.71 -9.63
C ASP D 70 -24.22 -11.20 -9.77
N ILE D 71 -24.06 -10.49 -8.66
CA ILE D 71 -24.19 -9.04 -8.67
C ILE D 71 -22.82 -8.36 -8.65
N TRP D 72 -21.85 -9.04 -8.06
CA TRP D 72 -20.49 -8.51 -7.98
C TRP D 72 -19.85 -8.43 -9.36
N LEU D 73 -20.38 -9.21 -10.30
CA LEU D 73 -19.85 -9.23 -11.66
C LEU D 73 -20.50 -8.13 -12.50
N ALA D 74 -20.44 -6.90 -12.00
CA ALA D 74 -21.02 -5.76 -12.71
C ALA D 74 -20.80 -4.47 -11.93
N VAL D 75 -20.85 -4.56 -10.60
CA VAL D 75 -20.65 -3.39 -9.74
C VAL D 75 -19.19 -3.00 -9.68
N CYS D 76 -18.31 -3.97 -9.90
CA CYS D 76 -16.87 -3.73 -9.86
C CYS D 76 -16.36 -3.30 -11.23
N LEU D 77 -17.01 -3.78 -12.28
CA LEU D 77 -16.62 -3.44 -13.65
C LEU D 77 -17.22 -2.12 -14.08
N LEU D 78 -18.27 -1.69 -13.37
CA LEU D 78 -18.94 -0.43 -13.68
C LEU D 78 -18.43 0.68 -12.78
N PHE D 79 -18.07 0.34 -11.54
CA PHE D 79 -17.57 1.31 -10.58
C PHE D 79 -16.21 1.85 -11.03
N VAL D 80 -15.34 0.95 -11.45
CA VAL D 80 -14.01 1.33 -11.91
C VAL D 80 -14.02 1.73 -13.38
N PHE D 81 -15.17 1.59 -14.02
CA PHE D 81 -15.31 1.93 -15.43
C PHE D 81 -15.47 3.44 -15.61
N SER D 82 -16.24 4.06 -14.72
CA SER D 82 -16.48 5.50 -14.78
C SER D 82 -15.32 6.26 -14.16
N ALA D 83 -14.65 5.64 -13.20
CA ALA D 83 -13.51 6.27 -12.53
C ALA D 83 -12.31 6.36 -13.47
N LEU D 84 -12.17 5.37 -14.34
CA LEU D 84 -11.05 5.34 -15.28
C LEU D 84 -11.34 6.22 -16.49
N LEU D 85 -12.63 6.39 -16.81
CA LEU D 85 -13.04 7.22 -17.93
C LEU D 85 -12.58 8.66 -17.74
N GLU D 86 -12.62 9.12 -16.50
CA GLU D 86 -12.22 10.50 -16.19
C GLU D 86 -10.71 10.57 -15.95
N TYR D 87 -10.18 9.61 -15.20
CA TYR D 87 -8.77 9.57 -14.90
C TYR D 87 -7.94 9.47 -16.18
N ALA D 88 -8.59 9.08 -17.27
CA ALA D 88 -7.91 8.94 -18.55
C ALA D 88 -8.43 9.98 -19.55
N ALA D 89 -9.55 10.61 -19.22
CA ALA D 89 -10.15 11.62 -20.08
C ALA D 89 -9.23 12.83 -20.21
N VAL D 90 -8.56 13.18 -19.12
CA VAL D 90 -7.65 14.32 -19.11
C VAL D 90 -6.67 14.25 -20.28
N ASN D 91 -6.24 13.04 -20.60
CA ASN D 91 -5.29 12.84 -21.70
C ASN D 91 -6.02 12.72 -23.03
N PHE D 92 -7.30 12.40 -22.97
CA PHE D 92 -8.12 12.26 -24.17
C PHE D 92 -8.58 13.63 -24.68
N VAL D 93 -8.20 14.68 -23.96
CA VAL D 93 -8.58 16.03 -24.34
C VAL D 93 -8.17 16.33 -25.78
N SER D 94 -6.99 15.88 -26.17
CA SER D 94 -6.49 16.10 -27.51
C SER D 94 -7.47 15.60 -28.56
N ARG D 95 -8.30 14.64 -28.16
CA ARG D 95 -9.29 14.06 -29.06
C ARG D 95 -10.20 15.16 -29.63
N GLN D 96 -10.32 16.26 -28.91
CA GLN D 96 -11.15 17.38 -29.34
C GLN D 96 -12.62 16.97 -29.41
N ARG D 97 -13.01 16.01 -28.57
CA ARG D 97 -14.38 15.52 -28.54
C ARG D 97 -15.36 16.70 -28.43
N GLU D 98 -14.93 17.77 -27.79
CA GLU D 98 -15.77 18.94 -27.60
C GLU D 98 -15.97 19.67 -28.93
N PHE D 99 -16.55 20.87 -28.86
CA PHE D 99 -16.80 21.67 -30.05
C PHE D 99 -15.67 22.67 -30.29
N GLY D 100 -14.53 22.42 -29.64
CA GLY D 100 -13.39 23.30 -29.80
C GLY D 100 -12.40 23.19 -28.66
N GLY D 101 -11.11 23.28 -28.97
CA GLY D 101 -10.10 23.19 -27.95
C GLY D 101 -9.66 24.54 -27.42
N GLY D 102 -10.55 25.52 -27.54
CA GLY D 102 -10.23 26.87 -27.07
C GLY D 102 -9.98 26.91 -25.57
N GLY D 103 -10.70 26.08 -24.82
CA GLY D 103 -10.54 26.04 -23.38
C GLY D 103 -9.68 24.88 -22.93
N PHE D 104 -8.68 24.53 -23.73
CA PHE D 104 -7.79 23.43 -23.41
C PHE D 104 -6.95 23.75 -22.17
N ILE D 105 -6.22 24.85 -22.21
CA ILE D 105 -5.39 25.27 -21.09
C ILE D 105 -6.23 25.87 -19.98
N GLN D 106 -7.46 26.24 -20.30
CA GLN D 106 -8.37 26.82 -19.33
C GLN D 106 -9.22 25.76 -18.67
N ARG D 107 -8.83 24.50 -18.85
CA ARG D 107 -9.55 23.37 -18.27
C ARG D 107 -9.27 23.26 -16.77
N ALA D 108 -8.11 23.75 -16.36
CA ALA D 108 -7.72 23.69 -14.95
C ALA D 108 -8.71 24.46 -14.08
N LYS D 109 -9.50 25.34 -14.70
CA LYS D 109 -10.49 26.13 -13.98
C LYS D 109 -11.37 25.23 -13.11
N LYS D 110 -11.54 23.99 -13.54
CA LYS D 110 -12.36 23.03 -12.80
C LYS D 110 -13.80 23.52 -12.69
N ILE D 111 -14.55 23.40 -13.78
CA ILE D 111 -15.94 23.84 -13.80
C ILE D 111 -16.81 22.93 -12.91
N ASP D 112 -16.22 21.85 -12.43
CA ASP D 112 -16.94 20.91 -11.57
C ASP D 112 -18.15 20.33 -12.30
N LYS D 113 -18.00 20.09 -13.61
CA LYS D 113 -19.07 19.53 -14.41
C LYS D 113 -19.21 18.03 -14.16
N ILE D 114 -18.31 17.49 -13.36
CA ILE D 114 -18.34 16.06 -13.04
C ILE D 114 -19.29 15.78 -11.88
N SER D 115 -19.57 16.81 -11.09
CA SER D 115 -20.46 16.66 -9.95
C SER D 115 -21.93 16.69 -10.39
N ARG D 116 -22.15 16.97 -11.67
CA ARG D 116 -23.49 17.02 -12.22
C ARG D 116 -24.07 15.63 -12.42
N ILE D 117 -23.18 14.63 -12.48
CA ILE D 117 -23.59 13.25 -12.66
C ILE D 117 -23.24 12.41 -11.44
N GLY D 118 -22.13 12.74 -10.79
CA GLY D 118 -21.70 12.00 -9.62
C GLY D 118 -22.68 12.13 -8.47
N PHE D 119 -23.11 13.36 -8.20
CA PHE D 119 -24.05 13.62 -7.11
C PHE D 119 -25.26 12.69 -7.20
N PRO D 120 -25.98 12.77 -8.33
CA PRO D 120 -27.16 11.95 -8.57
C PRO D 120 -26.81 10.48 -8.78
N LEU D 121 -25.53 10.20 -8.95
CA LEU D 121 -25.06 8.83 -9.17
C LEU D 121 -24.88 8.11 -7.84
N ALA D 122 -24.38 8.83 -6.84
CA ALA D 122 -24.16 8.26 -5.52
C ALA D 122 -25.45 8.21 -4.71
N PHE D 123 -26.29 9.23 -4.91
CA PHE D 123 -27.56 9.30 -4.20
C PHE D 123 -28.55 8.27 -4.73
N LEU D 124 -28.47 8.00 -6.03
CA LEU D 124 -29.35 7.02 -6.66
C LEU D 124 -29.01 5.60 -6.23
N ILE D 125 -27.71 5.33 -6.11
CA ILE D 125 -27.25 4.01 -5.69
C ILE D 125 -27.64 3.72 -4.25
N PHE D 126 -27.30 4.64 -3.35
CA PHE D 126 -27.61 4.47 -1.93
C PHE D 126 -29.10 4.24 -1.74
N ASN D 127 -29.92 4.94 -2.51
CA ASN D 127 -31.37 4.81 -2.43
C ASN D 127 -31.86 3.59 -3.20
N LEU D 128 -31.03 3.12 -4.13
CA LEU D 128 -31.38 1.97 -4.94
C LEU D 128 -31.10 0.67 -4.19
N PHE D 129 -30.13 0.71 -3.29
CA PHE D 129 -29.77 -0.46 -2.49
C PHE D 129 -30.67 -0.60 -1.29
N TYR D 130 -31.15 0.52 -0.76
CA TYR D 130 -32.02 0.53 0.39
C TYR D 130 -33.42 0.04 0.03
N TRP D 131 -33.85 0.36 -1.18
CA TRP D 131 -35.17 -0.05 -1.66
C TRP D 131 -35.11 -1.44 -2.28
N ILE D 132 -33.91 -1.88 -2.64
CA ILE D 132 -33.71 -3.19 -3.24
C ILE D 132 -33.53 -4.27 -2.17
N ILE D 133 -32.97 -3.86 -1.04
CA ILE D 133 -32.74 -4.79 0.07
C ILE D 133 -34.02 -5.01 0.88
N TYR D 134 -34.80 -3.95 1.04
CA TYR D 134 -36.04 -4.02 1.79
C TYR D 134 -37.17 -4.57 0.92
N LYS D 135 -36.90 -4.71 -0.37
CA LYS D 135 -37.89 -5.22 -1.31
C LYS D 135 -37.61 -6.68 -1.65
N ILE D 136 -36.33 -7.00 -1.86
CA ILE D 136 -35.93 -8.36 -2.20
C ILE D 136 -36.43 -9.35 -1.15
N VAL D 137 -36.35 -8.97 0.12
CA VAL D 137 -36.80 -9.81 1.21
C VAL D 137 -38.29 -10.13 1.09
N ARG D 138 -38.99 -9.32 0.29
CA ARG D 138 -40.42 -9.51 0.09
C ARG D 138 -40.71 -10.25 -1.21
N ARG D 139 -40.05 -9.80 -2.28
CA ARG D 139 -40.23 -10.42 -3.60
C ARG D 139 -41.57 -10.02 -4.21
N GLU D 140 -42.65 -10.24 -3.47
CA GLU D 140 -43.99 -9.90 -3.94
C GLU D 140 -44.83 -9.32 -2.81
N ASP D 141 -44.21 -8.48 -2.00
CA ASP D 141 -44.91 -7.86 -0.88
C ASP D 141 -45.57 -8.90 0.01
N GLU D 142 -44.95 -10.08 0.08
CA GLU D 142 -45.48 -11.17 0.90
C GLU D 142 -44.80 -11.21 2.25
N PHE D 143 -43.50 -10.91 2.27
CA PHE D 143 -42.73 -10.91 3.51
C PHE D 143 -42.85 -9.57 4.23
N GLU D 144 -43.65 -8.67 3.66
CA GLU D 144 -43.85 -7.35 4.25
C GLU D 144 -44.25 -7.47 5.71
N HIS D 145 -45.44 -8.01 5.97
CA HIS D 145 -45.94 -8.18 7.33
C HIS D 145 -47.13 -9.13 7.35
N HIS D 146 -46.85 -10.42 7.22
CA HIS D 146 -47.90 -11.43 7.24
C HIS D 146 -47.31 -12.83 7.08
N HIS D 147 -46.41 -12.99 6.12
CA HIS D 147 -45.77 -14.27 5.87
C HIS D 147 -45.17 -14.84 7.15
N HIS D 148 -44.07 -14.25 7.60
CA HIS D 148 -43.40 -14.70 8.82
C HIS D 148 -42.90 -16.13 8.67
N HIS D 149 -42.72 -16.56 7.41
CA HIS D 149 -42.24 -17.90 7.13
C HIS D 149 -40.95 -18.20 7.91
N HIS D 150 -39.90 -17.44 7.62
CA HIS D 150 -38.62 -17.62 8.29
C HIS D 150 -38.09 -19.03 8.07
N MET E 1 -11.75 -15.75 30.52
CA MET E 1 -12.64 -14.97 29.68
C MET E 1 -12.70 -13.52 30.15
N LEU E 2 -11.57 -12.82 30.00
CA LEU E 2 -11.48 -11.42 30.40
C LEU E 2 -12.05 -10.51 29.32
N GLU E 3 -13.31 -10.75 28.95
CA GLU E 3 -13.98 -9.94 27.94
C GLU E 3 -14.30 -8.55 28.47
N ARG E 4 -14.81 -8.50 29.69
CA ARG E 4 -15.17 -7.23 30.33
C ARG E 4 -13.93 -6.52 30.86
N GLN E 5 -12.82 -7.23 30.90
CA GLN E 5 -11.57 -6.67 31.40
C GLN E 5 -10.66 -6.24 30.25
N LEU E 6 -11.26 -6.11 29.07
CA LEU E 6 -10.51 -5.69 27.88
C LEU E 6 -10.30 -4.18 27.85
N GLY E 7 -11.28 -3.45 28.41
CA GLY E 7 -11.19 -2.01 28.44
C GLY E 7 -9.88 -1.52 29.03
N TYR E 8 -9.28 -2.34 29.90
CA TYR E 8 -8.02 -1.98 30.53
C TYR E 8 -6.91 -1.84 29.51
N TYR E 9 -6.87 -2.78 28.55
CA TYR E 9 -5.86 -2.75 27.50
C TYR E 9 -6.13 -1.65 26.50
N LEU E 10 -7.40 -1.26 26.39
CA LEU E 10 -7.80 -0.20 25.46
C LEU E 10 -7.46 1.17 26.03
N ILE E 11 -7.45 1.28 27.35
CA ILE E 11 -7.14 2.54 28.01
C ILE E 11 -5.67 2.92 27.81
N GLN E 12 -4.78 2.02 28.21
CA GLN E 12 -3.34 2.26 28.07
C GLN E 12 -2.94 2.38 26.60
N LEU E 13 -3.73 1.74 25.73
CA LEU E 13 -3.46 1.77 24.30
C LEU E 13 -4.10 2.99 23.65
N TYR E 14 -5.08 3.57 24.33
CA TYR E 14 -5.78 4.74 23.82
C TYR E 14 -4.88 5.97 23.85
N ILE E 15 -4.14 6.13 24.96
CA ILE E 15 -3.24 7.26 25.11
C ILE E 15 -2.35 7.43 23.89
N PRO E 16 -1.58 6.37 23.57
CA PRO E 16 -0.67 6.38 22.41
C PRO E 16 -1.42 6.37 21.09
N SER E 17 -2.56 5.69 21.06
CA SER E 17 -3.37 5.60 19.84
C SER E 17 -3.95 6.96 19.49
N LEU E 18 -4.13 7.81 20.49
CA LEU E 18 -4.68 9.15 20.29
C LEU E 18 -3.57 10.16 20.00
N LEU E 19 -2.43 9.99 20.66
CA LEU E 19 -1.29 10.88 20.48
C LEU E 19 -0.85 10.88 19.02
N ILE E 20 -0.69 9.69 18.44
CA ILE E 20 -0.27 9.56 17.06
C ILE E 20 -1.33 10.10 16.10
N VAL E 21 -2.59 10.04 16.52
CA VAL E 21 -3.69 10.52 15.71
C VAL E 21 -3.70 12.06 15.66
N ILE E 22 -3.42 12.68 16.79
CA ILE E 22 -3.40 14.14 16.88
C ILE E 22 -2.34 14.71 15.95
N LEU E 23 -1.18 14.06 15.89
CA LEU E 23 -0.09 14.51 15.04
C LEU E 23 -0.45 14.38 13.56
N SER E 24 -1.27 13.38 13.25
CA SER E 24 -1.69 13.14 11.87
C SER E 24 -2.23 14.42 11.24
N TRP E 25 -3.18 15.05 11.91
CA TRP E 25 -3.78 16.28 11.41
C TRP E 25 -2.76 17.41 11.39
N ILE E 26 -1.88 17.43 12.39
CA ILE E 26 -0.85 18.46 12.48
C ILE E 26 -0.02 18.51 11.21
N SER E 27 -0.01 17.41 10.46
CA SER E 27 0.75 17.34 9.21
C SER E 27 -0.18 17.34 8.01
N PHE E 28 -1.47 17.15 8.26
CA PHE E 28 -2.47 17.12 7.20
C PHE E 28 -2.63 18.50 6.57
N TRP E 29 -2.35 19.54 7.35
CA TRP E 29 -2.46 20.92 6.87
C TRP E 29 -1.48 21.16 5.73
N ILE E 30 -0.49 20.29 5.60
CA ILE E 30 0.50 20.42 4.55
C ILE E 30 0.49 19.20 3.61
N ASN E 31 0.15 18.05 4.18
CA ASN E 31 0.11 16.81 3.40
C ASN E 31 -0.98 16.89 2.33
N LEU E 32 -1.83 17.90 2.43
CA LEU E 32 -2.92 18.09 1.47
C LEU E 32 -2.41 17.98 0.04
N ASP E 33 -1.12 18.29 -0.15
CA ASP E 33 -0.51 18.21 -1.47
C ASP E 33 1.01 18.08 -1.36
N ALA E 34 1.58 18.78 -0.39
CA ALA E 34 3.03 18.72 -0.18
C ALA E 34 3.50 17.30 0.09
N ALA E 35 2.70 16.55 0.83
CA ALA E 35 3.03 15.16 1.15
C ALA E 35 1.79 14.38 1.57
N PRO E 36 0.92 14.09 0.59
CA PRO E 36 -0.32 13.34 0.83
C PRO E 36 -0.06 11.88 1.17
N ALA E 37 1.20 11.48 1.09
CA ALA E 37 1.59 10.10 1.39
C ALA E 37 1.55 9.84 2.89
N ARG E 38 1.77 10.88 3.68
CA ARG E 38 1.76 10.76 5.13
C ARG E 38 0.33 10.65 5.66
N VAL E 39 -0.58 11.38 5.04
CA VAL E 39 -1.98 11.37 5.44
C VAL E 39 -2.61 10.01 5.21
N GLY E 40 -2.22 9.37 4.11
CA GLY E 40 -2.75 8.06 3.79
C GLY E 40 -2.20 6.96 4.69
N LEU E 41 -1.01 7.20 5.23
CA LEU E 41 -0.37 6.22 6.12
C LEU E 41 -0.90 6.36 7.54
N GLY E 42 -1.15 7.60 7.96
CA GLY E 42 -1.65 7.84 9.30
C GLY E 42 -3.09 7.39 9.47
N ILE E 43 -3.88 7.55 8.42
CA ILE E 43 -5.29 7.16 8.45
C ILE E 43 -5.43 5.64 8.44
N THR E 44 -4.49 4.96 7.78
CA THR E 44 -4.52 3.51 7.70
C THR E 44 -3.85 2.88 8.92
N THR E 45 -3.07 3.67 9.63
CA THR E 45 -2.37 3.19 10.82
C THR E 45 -3.30 3.12 12.02
N VAL E 46 -4.30 4.01 12.04
CA VAL E 46 -5.26 4.04 13.13
C VAL E 46 -6.22 2.86 13.05
N LEU E 47 -6.68 2.55 11.84
CA LEU E 47 -7.60 1.44 11.62
C LEU E 47 -6.87 0.11 11.65
N THR E 48 -5.56 0.15 11.40
CA THR E 48 -4.75 -1.05 11.39
C THR E 48 -4.19 -1.35 12.78
N LEU E 49 -4.05 -0.31 13.59
CA LEU E 49 -3.53 -0.45 14.95
C LEU E 49 -4.60 -0.98 15.90
N THR E 50 -5.87 -0.72 15.56
CA THR E 50 -6.98 -1.16 16.38
C THR E 50 -7.41 -2.58 15.99
N THR E 51 -7.48 -2.84 14.69
CA THR E 51 -7.88 -4.15 14.21
C THR E 51 -6.89 -5.23 14.67
N GLN E 52 -5.62 -4.86 14.74
CA GLN E 52 -4.58 -5.80 15.16
C GLN E 52 -4.42 -5.78 16.67
N SER E 53 -4.99 -4.76 17.31
CA SER E 53 -4.90 -4.63 18.77
C SER E 53 -5.89 -5.57 19.46
N SER E 54 -6.74 -6.20 18.67
CA SER E 54 -7.74 -7.13 19.20
C SER E 54 -7.75 -8.43 18.43
N GLY E 55 -6.64 -8.72 17.74
CA GLY E 55 -6.55 -9.93 16.95
C GLY E 55 -6.22 -11.15 17.81
N SER E 56 -5.58 -10.91 18.94
CA SER E 56 -5.21 -12.00 19.85
C SER E 56 -6.41 -12.84 20.23
N ARG E 57 -7.53 -12.16 20.51
CA ARG E 57 -8.77 -12.85 20.89
C ARG E 57 -8.55 -13.70 22.14
N ALA E 58 -7.48 -13.40 22.88
CA ALA E 58 -7.17 -14.13 24.10
C ALA E 58 -7.93 -13.57 25.29
N SER E 59 -8.39 -12.33 25.16
CA SER E 59 -9.13 -11.67 26.24
C SER E 59 -10.61 -11.63 25.93
N LEU E 60 -11.01 -12.27 24.84
CA LEU E 60 -12.41 -12.30 24.43
C LEU E 60 -12.94 -10.89 24.19
N PRO E 61 -12.43 -10.23 23.16
CA PRO E 61 -12.85 -8.86 22.80
C PRO E 61 -14.27 -8.81 22.26
N LYS E 62 -14.90 -9.98 22.14
CA LYS E 62 -16.27 -10.07 21.65
C LYS E 62 -17.16 -9.04 22.32
N VAL E 63 -17.13 -9.02 23.65
CA VAL E 63 -17.94 -8.08 24.42
C VAL E 63 -17.72 -6.65 23.93
N SER E 64 -16.49 -6.17 24.07
CA SER E 64 -16.16 -4.81 23.64
C SER E 64 -16.50 -4.60 22.17
N TYR E 65 -16.48 -5.68 21.40
CA TYR E 65 -16.79 -5.61 19.98
C TYR E 65 -18.20 -5.07 19.75
N VAL E 66 -19.18 -5.73 20.37
CA VAL E 66 -20.57 -5.31 20.24
C VAL E 66 -20.74 -3.82 20.54
N LYS E 67 -20.31 -3.41 21.73
CA LYS E 67 -20.40 -2.03 22.14
C LYS E 67 -19.60 -1.12 21.21
N ALA E 68 -18.53 -1.67 20.65
CA ALA E 68 -17.68 -0.92 19.73
C ALA E 68 -18.33 -0.80 18.35
N ILE E 69 -19.28 -1.69 18.07
CA ILE E 69 -19.97 -1.68 16.79
C ILE E 69 -20.99 -0.55 16.72
N ASP E 70 -21.62 -0.26 17.86
CA ASP E 70 -22.61 0.81 17.94
C ASP E 70 -21.95 2.18 17.93
N ILE E 71 -20.66 2.21 18.25
CA ILE E 71 -19.91 3.46 18.28
C ILE E 71 -19.07 3.63 17.02
N TRP E 72 -18.57 2.52 16.49
CA TRP E 72 -17.75 2.55 15.28
C TRP E 72 -18.55 3.10 14.10
N LEU E 73 -19.87 3.01 14.19
CA LEU E 73 -20.75 3.52 13.13
C LEU E 73 -21.00 5.00 13.29
N ALA E 74 -19.93 5.77 13.39
CA ALA E 74 -20.03 7.22 13.53
C ALA E 74 -18.65 7.87 13.60
N VAL E 75 -17.71 7.18 14.23
CA VAL E 75 -16.35 7.69 14.36
C VAL E 75 -15.58 7.55 13.05
N CYS E 76 -16.00 6.60 12.23
CA CYS E 76 -15.34 6.37 10.94
C CYS E 76 -15.96 7.24 9.86
N LEU E 77 -17.25 7.52 10.00
CA LEU E 77 -17.97 8.34 9.02
C LEU E 77 -17.76 9.83 9.31
N LEU E 78 -17.36 10.13 10.53
CA LEU E 78 -17.13 11.52 10.93
C LEU E 78 -15.64 11.88 10.82
N PHE E 79 -14.79 10.90 11.06
CA PHE E 79 -13.34 11.11 10.98
C PHE E 79 -12.91 11.39 9.53
N VAL E 80 -13.43 10.59 8.61
CA VAL E 80 -13.11 10.74 7.19
C VAL E 80 -14.01 11.78 6.53
N PHE E 81 -14.97 12.29 7.30
CA PHE E 81 -15.90 13.29 6.79
C PHE E 81 -15.26 14.67 6.77
N SER E 82 -14.51 14.99 7.82
CA SER E 82 -13.84 16.28 7.93
C SER E 82 -12.55 16.29 7.12
N ALA E 83 -11.93 15.13 6.98
CA ALA E 83 -10.69 15.00 6.22
C ALA E 83 -10.93 15.17 4.73
N LEU E 84 -12.10 14.73 4.27
CA LEU E 84 -12.44 14.84 2.85
C LEU E 84 -12.97 16.24 2.53
N LEU E 85 -13.56 16.89 3.54
CA LEU E 85 -14.10 18.23 3.36
C LEU E 85 -13.00 19.21 2.96
N GLU E 86 -11.82 19.02 3.53
CA GLU E 86 -10.68 19.89 3.23
C GLU E 86 -9.94 19.41 1.98
N TYR E 87 -9.73 18.11 1.89
CA TYR E 87 -9.03 17.52 0.75
C TYR E 87 -9.77 17.82 -0.55
N ALA E 88 -11.04 18.19 -0.42
CA ALA E 88 -11.86 18.51 -1.59
C ALA E 88 -12.22 19.99 -1.63
N ALA E 89 -12.01 20.68 -0.51
CA ALA E 89 -12.31 22.10 -0.41
C ALA E 89 -11.42 22.91 -1.35
N VAL E 90 -10.17 22.48 -1.49
CA VAL E 90 -9.22 23.17 -2.36
C VAL E 90 -9.80 23.39 -3.75
N ASN E 91 -10.58 22.41 -4.22
CA ASN E 91 -11.19 22.50 -5.54
C ASN E 91 -12.52 23.25 -5.47
N PHE E 92 -13.09 23.31 -4.27
CA PHE E 92 -14.36 24.00 -4.08
C PHE E 92 -14.15 25.51 -3.95
N VAL E 93 -12.89 25.93 -4.03
CA VAL E 93 -12.56 27.35 -3.93
C VAL E 93 -13.35 28.17 -4.95
N SER E 94 -13.49 27.63 -6.16
CA SER E 94 -14.22 28.32 -7.22
C SER E 94 -15.63 28.68 -6.76
N ARG E 95 -16.14 27.93 -5.80
CA ARG E 95 -17.49 28.16 -5.27
C ARG E 95 -17.62 29.59 -4.78
N GLN E 96 -16.50 30.21 -4.41
CA GLN E 96 -16.50 31.58 -3.91
C GLN E 96 -17.29 31.69 -2.62
N ARG E 97 -17.30 30.61 -1.85
CA ARG E 97 -18.02 30.58 -0.57
C ARG E 97 -17.63 31.77 0.30
N GLU E 98 -16.40 32.24 0.14
CA GLU E 98 -15.90 33.37 0.90
C GLU E 98 -16.58 34.66 0.46
N PHE E 99 -16.05 35.79 0.95
CA PHE E 99 -16.62 37.09 0.60
C PHE E 99 -15.85 37.72 -0.56
N GLY E 100 -15.11 36.88 -1.29
CA GLY E 100 -14.35 37.37 -2.43
C GLY E 100 -13.21 36.44 -2.79
N GLY E 101 -12.94 36.31 -4.08
CA GLY E 101 -11.87 35.45 -4.55
C GLY E 101 -10.57 36.20 -4.78
N GLY E 102 -10.42 37.33 -4.08
CA GLY E 102 -9.22 38.12 -4.22
C GLY E 102 -7.97 37.38 -3.79
N GLY E 103 -8.11 36.53 -2.77
CA GLY E 103 -6.98 35.78 -2.27
C GLY E 103 -6.98 34.35 -2.78
N PHE E 104 -7.44 34.16 -4.02
CA PHE E 104 -7.49 32.83 -4.62
C PHE E 104 -6.08 32.27 -4.83
N ILE E 105 -5.26 33.00 -5.57
CA ILE E 105 -3.89 32.59 -5.83
C ILE E 105 -3.01 32.78 -4.62
N GLN E 106 -3.47 33.60 -3.68
CA GLN E 106 -2.72 33.88 -2.46
C GLN E 106 -3.11 32.91 -1.34
N ARG E 107 -3.79 31.84 -1.72
CA ARG E 107 -4.23 30.84 -0.75
C ARG E 107 -3.06 29.95 -0.33
N ALA E 108 -2.07 29.83 -1.20
CA ALA E 108 -0.90 29.01 -0.93
C ALA E 108 -0.16 29.51 0.30
N LYS E 109 -0.43 30.75 0.68
CA LYS E 109 0.22 31.35 1.85
C LYS E 109 0.08 30.44 3.06
N LYS E 110 -0.99 29.66 3.11
CA LYS E 110 -1.23 28.74 4.21
C LYS E 110 -1.37 29.51 5.52
N ILE E 111 -2.53 30.14 5.71
CA ILE E 111 -2.78 30.90 6.93
C ILE E 111 -2.89 29.99 8.15
N ASP E 112 -2.95 28.68 7.89
CA ASP E 112 -3.05 27.70 8.96
C ASP E 112 -4.34 27.90 9.75
N LYS E 113 -5.40 28.30 9.06
CA LYS E 113 -6.69 28.51 9.70
C LYS E 113 -7.38 27.18 10.01
N ILE E 114 -6.76 26.09 9.58
CA ILE E 114 -7.32 24.76 9.81
C ILE E 114 -6.92 24.24 11.18
N SER E 115 -5.85 24.81 11.74
CA SER E 115 -5.37 24.40 13.05
C SER E 115 -6.19 25.04 14.16
N ARG E 116 -7.08 25.95 13.78
CA ARG E 116 -7.93 26.65 14.74
C ARG E 116 -9.05 25.73 15.23
N ILE E 117 -9.33 24.69 14.47
CA ILE E 117 -10.39 23.73 14.82
C ILE E 117 -9.81 22.36 15.10
N GLY E 118 -8.75 22.01 14.37
CA GLY E 118 -8.12 20.71 14.55
C GLY E 118 -7.50 20.55 15.92
N PHE E 119 -6.77 21.56 16.37
CA PHE E 119 -6.12 21.52 17.68
C PHE E 119 -7.12 21.15 18.76
N PRO E 120 -8.18 21.95 18.90
CA PRO E 120 -9.23 21.72 19.91
C PRO E 120 -10.08 20.50 19.58
N LEU E 121 -9.92 19.99 18.37
CA LEU E 121 -10.68 18.81 17.92
C LEU E 121 -10.01 17.53 18.38
N ALA E 122 -8.68 17.51 18.34
CA ALA E 122 -7.91 16.35 18.75
C ALA E 122 -7.77 16.29 20.27
N PHE E 123 -7.65 17.46 20.89
CA PHE E 123 -7.50 17.55 22.34
C PHE E 123 -8.82 17.22 23.04
N LEU E 124 -9.93 17.59 22.41
CA LEU E 124 -11.25 17.34 22.96
C LEU E 124 -11.58 15.85 22.92
N ILE E 125 -11.20 15.19 21.84
CA ILE E 125 -11.45 13.77 21.68
C ILE E 125 -10.65 12.95 22.68
N PHE E 126 -9.34 13.18 22.71
CA PHE E 126 -8.47 12.47 23.63
C PHE E 126 -8.96 12.60 25.08
N ASN E 127 -9.44 13.79 25.42
CA ASN E 127 -9.95 14.04 26.76
C ASN E 127 -11.38 13.54 26.92
N LEU E 128 -12.05 13.36 25.79
CA LEU E 128 -13.44 12.88 25.80
C LEU E 128 -13.48 11.36 25.96
N PHE E 129 -12.44 10.69 25.49
CA PHE E 129 -12.36 9.24 25.57
C PHE E 129 -11.83 8.80 26.93
N TYR E 130 -10.97 9.63 27.51
CA TYR E 130 -10.39 9.33 28.82
C TYR E 130 -11.42 9.49 29.93
N TRP E 131 -12.31 10.46 29.77
CA TRP E 131 -13.36 10.72 30.75
C TRP E 131 -14.57 9.84 30.50
N ILE E 132 -14.67 9.31 29.29
CA ILE E 132 -15.79 8.45 28.92
C ILE E 132 -15.50 6.99 29.28
N ILE E 133 -14.23 6.62 29.26
CA ILE E 133 -13.82 5.26 29.60
C ILE E 133 -13.77 5.06 31.11
N TYR E 134 -13.32 6.09 31.82
CA TYR E 134 -13.22 6.02 33.27
C TYR E 134 -14.57 6.29 33.93
N LYS E 135 -15.53 6.73 33.13
CA LYS E 135 -16.88 7.02 33.62
C LYS E 135 -17.84 5.89 33.29
N ILE E 136 -17.74 5.37 32.07
CA ILE E 136 -18.60 4.27 31.64
C ILE E 136 -18.54 3.10 32.60
N VAL E 137 -17.33 2.79 33.07
CA VAL E 137 -17.12 1.69 34.00
C VAL E 137 -17.89 1.92 35.30
N ARG E 138 -18.29 3.15 35.53
CA ARG E 138 -19.05 3.51 36.74
C ARG E 138 -20.54 3.59 36.43
N ARG E 139 -20.88 4.29 35.37
CA ARG E 139 -22.28 4.44 34.98
C ARG E 139 -22.99 5.45 35.87
N GLU E 140 -22.92 5.22 37.18
CA GLU E 140 -23.55 6.11 38.16
C GLU E 140 -22.66 6.30 39.38
N ASP E 141 -21.36 6.44 39.14
CA ASP E 141 -20.41 6.62 40.23
C ASP E 141 -20.54 5.52 41.27
N GLU E 142 -20.93 4.32 40.81
CA GLU E 142 -21.09 3.18 41.69
C GLU E 142 -19.84 2.30 41.68
N PHE E 143 -19.22 2.18 40.52
CA PHE E 143 -18.01 1.37 40.38
C PHE E 143 -16.76 2.18 40.71
N GLU E 144 -16.98 3.42 41.17
CA GLU E 144 -15.87 4.29 41.53
C GLU E 144 -14.95 3.63 42.55
N HIS E 145 -15.48 3.37 43.74
CA HIS E 145 -14.71 2.73 44.79
C HIS E 145 -15.62 2.27 45.93
N HIS E 146 -16.34 1.18 45.69
CA HIS E 146 -17.25 0.63 46.68
C HIS E 146 -17.93 -0.63 46.17
N HIS E 147 -18.45 -0.56 44.94
CA HIS E 147 -19.12 -1.69 44.32
C HIS E 147 -18.25 -2.94 44.38
N HIS E 148 -17.22 -2.98 43.57
CA HIS E 148 -16.30 -4.13 43.54
C HIS E 148 -17.04 -5.38 43.08
N HIS E 149 -18.16 -5.20 42.39
CA HIS E 149 -18.95 -6.33 41.91
C HIS E 149 -18.09 -7.30 41.12
N HIS E 150 -17.53 -6.82 40.01
CA HIS E 150 -16.67 -7.65 39.17
C HIS E 150 -15.58 -8.33 40.00
N MET A 1 8.36 -22.13 25.72
CA MET A 1 9.44 -22.84 25.04
C MET A 1 10.34 -21.85 24.29
N LEU A 2 11.51 -21.57 24.86
CA LEU A 2 12.46 -20.66 24.24
C LEU A 2 11.89 -19.24 24.18
N GLU A 3 11.02 -18.93 25.13
CA GLU A 3 10.39 -17.61 25.20
C GLU A 3 11.37 -16.57 25.75
N ARG A 4 12.12 -16.96 26.78
CA ARG A 4 13.09 -16.07 27.39
C ARG A 4 14.42 -16.09 26.64
N GLN A 5 14.54 -17.04 25.72
CA GLN A 5 15.77 -17.18 24.93
C GLN A 5 15.56 -16.64 23.52
N LEU A 6 14.50 -15.85 23.34
CA LEU A 6 14.18 -15.26 22.04
C LEU A 6 14.97 -13.98 21.82
N GLY A 7 15.23 -13.26 22.91
CA GLY A 7 15.97 -12.02 22.81
C GLY A 7 17.26 -12.16 22.04
N TYR A 8 17.84 -13.36 22.06
CA TYR A 8 19.08 -13.63 21.35
C TYR A 8 18.90 -13.45 19.85
N TYR A 9 17.79 -13.96 19.33
CA TYR A 9 17.50 -13.85 17.90
C TYR A 9 17.07 -12.44 17.53
N LEU A 10 16.56 -11.72 18.52
CA LEU A 10 16.10 -10.35 18.30
C LEU A 10 17.28 -9.37 18.28
N ILE A 11 18.35 -9.74 18.98
CA ILE A 11 19.55 -8.90 19.02
C ILE A 11 20.29 -8.91 17.69
N GLN A 12 20.64 -10.10 17.22
CA GLN A 12 21.35 -10.25 15.96
C GLN A 12 20.47 -9.81 14.79
N LEU A 13 19.15 -9.87 14.99
CA LEU A 13 18.21 -9.48 13.95
C LEU A 13 17.95 -7.97 13.99
N TYR A 14 18.19 -7.36 15.15
CA TYR A 14 17.98 -5.93 15.31
C TYR A 14 19.11 -5.14 14.67
N ILE A 15 20.30 -5.72 14.66
CA ILE A 15 21.47 -5.07 14.08
C ILE A 15 21.18 -4.57 12.66
N PRO A 16 20.77 -5.49 11.78
CA PRO A 16 20.45 -5.17 10.39
C PRO A 16 19.17 -4.36 10.27
N SER A 17 18.21 -4.63 11.15
CA SER A 17 16.93 -3.93 11.14
C SER A 17 17.11 -2.46 11.53
N LEU A 18 18.16 -2.19 12.29
CA LEU A 18 18.45 -0.83 12.75
C LEU A 18 19.29 -0.09 11.71
N LEU A 19 20.20 -0.81 11.06
CA LEU A 19 21.06 -0.21 10.05
C LEU A 19 20.24 0.29 8.86
N ILE A 20 19.33 -0.54 8.38
CA ILE A 20 18.48 -0.19 7.26
C ILE A 20 17.55 0.96 7.62
N VAL A 21 17.18 1.04 8.90
CA VAL A 21 16.29 2.09 9.38
C VAL A 21 17.00 3.44 9.40
N ILE A 22 18.27 3.44 9.81
CA ILE A 22 19.06 4.66 9.88
C ILE A 22 19.19 5.31 8.50
N LEU A 23 19.38 4.47 7.49
CA LEU A 23 19.52 4.96 6.12
C LEU A 23 18.25 5.63 5.64
N SER A 24 17.11 5.07 6.05
CA SER A 24 15.81 5.62 5.66
C SER A 24 15.75 7.11 5.93
N TRP A 25 16.17 7.52 7.13
CA TRP A 25 16.16 8.92 7.51
C TRP A 25 17.11 9.73 6.65
N ILE A 26 18.25 9.12 6.31
CA ILE A 26 19.25 9.79 5.48
C ILE A 26 18.65 10.28 4.17
N SER A 27 17.57 9.62 3.75
CA SER A 27 16.90 9.98 2.51
C SER A 27 15.60 10.73 2.79
N PHE A 28 15.21 10.78 4.06
CA PHE A 28 13.99 11.47 4.46
C PHE A 28 14.16 12.97 4.35
N TRP A 29 15.39 13.44 4.51
CA TRP A 29 15.68 14.87 4.44
C TRP A 29 15.27 15.43 3.08
N ILE A 30 15.11 14.55 2.09
CA ILE A 30 14.71 14.96 0.76
C ILE A 30 13.35 14.40 0.39
N ASN A 31 13.05 13.21 0.89
CA ASN A 31 11.77 12.57 0.62
C ASN A 31 10.62 13.34 1.26
N LEU A 32 10.97 14.29 2.12
CA LEU A 32 9.96 15.10 2.80
C LEU A 32 8.94 15.65 1.81
N ASP A 33 9.36 15.80 0.56
CA ASP A 33 8.48 16.31 -0.49
C ASP A 33 8.96 15.89 -1.87
N ALA A 34 10.28 15.89 -2.05
CA ALA A 34 10.88 15.50 -3.32
C ALA A 34 10.43 14.10 -3.73
N ALA A 35 10.39 13.19 -2.76
CA ALA A 35 9.98 11.82 -3.02
C ALA A 35 9.67 11.09 -1.72
N PRO A 36 8.51 11.40 -1.12
CA PRO A 36 8.07 10.79 0.14
C PRO A 36 7.68 9.33 -0.05
N ALA A 37 7.66 8.88 -1.30
CA ALA A 37 7.31 7.49 -1.61
C ALA A 37 8.23 6.51 -0.87
N ARG A 38 9.49 6.88 -0.74
CA ARG A 38 10.46 6.03 -0.07
C ARG A 38 10.29 6.10 1.45
N VAL A 39 9.90 7.27 1.95
CA VAL A 39 9.68 7.46 3.37
C VAL A 39 8.54 6.57 3.88
N GLY A 40 7.53 6.39 3.04
CA GLY A 40 6.40 5.56 3.43
C GLY A 40 6.72 4.08 3.39
N LEU A 41 7.68 3.70 2.56
CA LEU A 41 8.08 2.31 2.44
C LEU A 41 9.10 1.94 3.53
N GLY A 42 9.96 2.89 3.88
CA GLY A 42 10.96 2.64 4.89
C GLY A 42 10.36 2.57 6.29
N ILE A 43 9.32 3.36 6.53
CA ILE A 43 8.66 3.37 7.82
C ILE A 43 7.79 2.14 8.02
N THR A 44 7.27 1.61 6.91
CA THR A 44 6.42 0.42 6.96
C THR A 44 7.25 -0.85 6.91
N THR A 45 8.46 -0.74 6.37
CA THR A 45 9.36 -1.90 6.28
C THR A 45 9.95 -2.25 7.64
N VAL A 46 10.18 -1.24 8.47
CA VAL A 46 10.74 -1.45 9.79
C VAL A 46 9.70 -2.06 10.74
N LEU A 47 8.46 -1.63 10.59
CA LEU A 47 7.38 -2.14 11.42
C LEU A 47 6.89 -3.50 10.92
N THR A 48 7.15 -3.78 9.65
CA THR A 48 6.73 -5.03 9.04
C THR A 48 7.83 -6.09 9.17
N LEU A 49 9.06 -5.63 9.31
CA LEU A 49 10.21 -6.53 9.44
C LEU A 49 10.33 -7.04 10.86
N THR A 50 9.83 -6.26 11.81
CA THR A 50 9.89 -6.63 13.22
C THR A 50 8.70 -7.51 13.61
N THR A 51 7.52 -7.13 13.15
CA THR A 51 6.31 -7.87 13.44
C THR A 51 6.31 -9.22 12.74
N GLN A 52 7.03 -9.31 11.62
CA GLN A 52 7.11 -10.54 10.86
C GLN A 52 8.25 -11.43 11.37
N SER A 53 9.15 -10.83 12.15
CA SER A 53 10.29 -11.55 12.70
C SER A 53 9.86 -12.47 13.83
N SER A 54 8.59 -12.35 14.24
CA SER A 54 8.04 -13.17 15.31
C SER A 54 6.72 -13.79 14.90
N GLY A 55 6.63 -14.19 13.64
CA GLY A 55 5.41 -14.80 13.13
C GLY A 55 5.36 -16.29 13.38
N SER A 56 6.54 -16.92 13.44
CA SER A 56 6.63 -18.35 13.67
C SER A 56 5.92 -18.75 14.96
N ARG A 57 6.11 -17.95 15.99
CA ARG A 57 5.48 -18.21 17.29
C ARG A 57 5.89 -19.57 17.82
N ALA A 58 7.00 -20.10 17.30
CA ALA A 58 7.51 -21.39 17.72
C ALA A 58 8.39 -21.26 18.96
N SER A 59 8.88 -20.05 19.20
CA SER A 59 9.75 -19.79 20.34
C SER A 59 8.97 -19.17 21.48
N LEU A 60 7.65 -19.11 21.33
CA LEU A 60 6.78 -18.53 22.34
C LEU A 60 7.14 -17.07 22.60
N PRO A 61 6.80 -16.19 21.64
CA PRO A 61 7.08 -14.76 21.75
C PRO A 61 6.21 -14.08 22.81
N LYS A 62 5.30 -14.83 23.40
CA LYS A 62 4.42 -14.31 24.43
C LYS A 62 5.20 -13.49 25.45
N VAL A 63 6.15 -14.14 26.11
CA VAL A 63 6.97 -13.48 27.12
C VAL A 63 7.59 -12.19 26.56
N SER A 64 8.16 -12.29 25.37
CA SER A 64 8.78 -11.14 24.73
C SER A 64 7.76 -10.04 24.47
N TYR A 65 6.50 -10.44 24.27
CA TYR A 65 5.43 -9.49 24.00
C TYR A 65 5.29 -8.49 25.15
N VAL A 66 5.12 -9.01 26.36
CA VAL A 66 4.97 -8.17 27.54
C VAL A 66 6.10 -7.15 27.63
N LYS A 67 7.34 -7.65 27.64
CA LYS A 67 8.51 -6.78 27.73
C LYS A 67 8.57 -5.85 26.53
N ALA A 68 8.02 -6.28 25.41
CA ALA A 68 8.02 -5.49 24.19
C ALA A 68 6.95 -4.40 24.25
N ILE A 69 5.95 -4.61 25.10
CA ILE A 69 4.86 -3.64 25.25
C ILE A 69 5.31 -2.43 26.06
N ASP A 70 6.24 -2.65 26.97
CA ASP A 70 6.77 -1.57 27.81
C ASP A 70 7.69 -0.66 27.02
N ILE A 71 8.22 -1.18 25.92
CA ILE A 71 9.12 -0.42 25.06
C ILE A 71 8.40 0.09 23.82
N TRP A 72 7.43 -0.68 23.34
CA TRP A 72 6.66 -0.30 22.16
C TRP A 72 5.67 0.82 22.49
N LEU A 73 5.51 1.11 23.78
CA LEU A 73 4.59 2.15 24.22
C LEU A 73 5.32 3.47 24.39
N ALA A 74 6.23 3.78 23.46
CA ALA A 74 6.99 5.01 23.50
C ALA A 74 7.92 5.13 22.30
N VAL A 75 8.45 3.99 21.86
CA VAL A 75 9.37 3.96 20.72
C VAL A 75 8.63 4.28 19.43
N CYS A 76 7.32 4.05 19.42
CA CYS A 76 6.51 4.31 18.24
C CYS A 76 5.89 5.69 18.30
N LEU A 77 5.67 6.19 19.52
CA LEU A 77 5.08 7.50 19.72
C LEU A 77 6.14 8.59 19.63
N LEU A 78 7.41 8.20 19.74
CA LEU A 78 8.52 9.14 19.67
C LEU A 78 9.17 9.10 18.29
N PHE A 79 9.16 7.92 17.67
CA PHE A 79 9.75 7.76 16.34
C PHE A 79 8.94 8.50 15.29
N VAL A 80 7.62 8.44 15.41
CA VAL A 80 6.73 9.12 14.47
C VAL A 80 6.42 10.53 14.92
N PHE A 81 6.88 10.88 16.12
CA PHE A 81 6.63 12.21 16.68
C PHE A 81 7.60 13.23 16.07
N SER A 82 8.84 12.81 15.86
CA SER A 82 9.87 13.67 15.30
C SER A 82 9.75 13.75 13.78
N ALA A 83 9.24 12.67 13.18
CA ALA A 83 9.06 12.61 11.74
C ALA A 83 7.94 13.52 11.28
N LEU A 84 6.91 13.65 12.11
CA LEU A 84 5.77 14.50 11.79
C LEU A 84 6.10 15.97 12.01
N LEU A 85 6.93 16.24 13.02
CA LEU A 85 7.33 17.60 13.34
C LEU A 85 7.94 18.29 12.13
N GLU A 86 8.71 17.53 11.35
CA GLU A 86 9.35 18.07 10.16
C GLU A 86 8.41 18.01 8.96
N TYR A 87 7.69 16.90 8.84
CA TYR A 87 6.76 16.72 7.73
C TYR A 87 5.68 17.80 7.75
N ALA A 88 5.54 18.47 8.88
CA ALA A 88 4.55 19.53 9.03
C ALA A 88 5.22 20.88 9.24
N ALA A 89 6.52 20.86 9.51
CA ALA A 89 7.27 22.08 9.73
C ALA A 89 7.38 22.90 8.45
N VAL A 90 7.46 22.22 7.32
CA VAL A 90 7.56 22.88 6.03
C VAL A 90 6.49 23.96 5.87
N ASN A 91 5.28 23.65 6.34
CA ASN A 91 4.17 24.60 6.26
C ASN A 91 4.16 25.54 7.46
N PHE A 92 4.86 25.13 8.52
CA PHE A 92 4.94 25.94 9.73
C PHE A 92 5.92 27.10 9.56
N VAL A 93 6.56 27.15 8.40
CA VAL A 93 7.53 28.20 8.11
C VAL A 93 6.91 29.58 8.30
N SER A 94 5.62 29.69 8.00
CA SER A 94 4.91 30.94 8.12
C SER A 94 4.92 31.44 9.57
N ARG A 95 5.22 30.52 10.49
CA ARG A 95 5.26 30.86 11.91
C ARG A 95 6.29 31.97 12.18
N GLN A 96 7.21 32.14 11.24
CA GLN A 96 8.25 33.16 11.37
C GLN A 96 9.15 32.86 12.56
N ARG A 97 9.29 31.59 12.89
CA ARG A 97 10.13 31.18 14.01
C ARG A 97 11.58 31.59 13.80
N GLU A 98 11.93 31.88 12.54
CA GLU A 98 13.28 32.29 12.20
C GLU A 98 13.42 33.80 12.27
N PHE A 99 14.54 34.31 11.79
CA PHE A 99 14.81 35.75 11.80
C PHE A 99 14.48 36.37 10.45
N GLY A 100 13.70 35.65 9.64
CA GLY A 100 13.33 36.15 8.34
C GLY A 100 12.74 35.07 7.45
N GLY A 101 11.57 35.36 6.86
CA GLY A 101 10.93 34.39 6.00
C GLY A 101 11.25 34.61 4.53
N GLY A 102 12.37 35.28 4.27
CA GLY A 102 12.77 35.55 2.90
C GLY A 102 13.69 34.48 2.34
N GLY A 103 13.45 33.23 2.73
CA GLY A 103 14.28 32.14 2.26
C GLY A 103 13.49 31.11 1.49
N PHE A 104 12.54 31.58 0.68
CA PHE A 104 11.70 30.67 -0.11
C PHE A 104 12.41 30.28 -1.40
N ILE A 105 12.89 31.27 -2.14
CA ILE A 105 13.58 31.02 -3.40
C ILE A 105 14.76 30.08 -3.21
N GLN A 106 15.30 30.06 -1.99
CA GLN A 106 16.43 29.19 -1.66
C GLN A 106 16.02 28.08 -0.71
N ARG A 107 14.71 27.94 -0.51
CA ARG A 107 14.18 26.91 0.38
C ARG A 107 14.68 25.53 -0.02
N ALA A 108 14.55 25.21 -1.30
CA ALA A 108 14.99 23.92 -1.81
C ALA A 108 16.43 23.63 -1.41
N LYS A 109 17.24 24.68 -1.34
CA LYS A 109 18.64 24.55 -0.97
C LYS A 109 18.80 24.45 0.55
N LYS A 110 18.30 23.35 1.11
CA LYS A 110 18.39 23.12 2.55
C LYS A 110 19.83 23.22 3.03
N ILE A 111 20.01 23.69 4.26
CA ILE A 111 21.34 23.82 4.85
C ILE A 111 21.73 22.56 5.60
N ASP A 112 21.07 21.46 5.29
CA ASP A 112 21.35 20.19 5.95
C ASP A 112 21.25 20.31 7.46
N LYS A 113 20.29 21.11 7.91
CA LYS A 113 20.07 21.32 9.34
C LYS A 113 19.24 20.19 9.94
N ILE A 114 18.88 19.22 9.10
CA ILE A 114 18.08 18.09 9.55
C ILE A 114 18.96 16.87 9.79
N SER A 115 20.13 16.85 9.17
CA SER A 115 21.06 15.73 9.32
C SER A 115 21.94 15.92 10.56
N ARG A 116 22.03 17.16 11.02
CA ARG A 116 22.84 17.48 12.19
C ARG A 116 22.29 16.77 13.44
N ILE A 117 20.99 16.51 13.43
CA ILE A 117 20.34 15.83 14.55
C ILE A 117 20.13 14.35 14.25
N GLY A 118 19.89 14.05 12.97
CA GLY A 118 19.67 12.67 12.58
C GLY A 118 20.93 11.82 12.68
N PHE A 119 22.04 12.37 12.19
CA PHE A 119 23.31 11.67 12.22
C PHE A 119 23.60 11.12 13.61
N PRO A 120 23.67 12.03 14.60
CA PRO A 120 23.95 11.67 16.00
C PRO A 120 22.78 10.92 16.63
N LEU A 121 21.62 10.95 15.99
CA LEU A 121 20.44 10.28 16.48
C LEU A 121 20.47 8.79 16.14
N ALA A 122 21.08 8.47 15.00
CA ALA A 122 21.19 7.08 14.56
C ALA A 122 22.31 6.36 15.28
N PHE A 123 23.37 7.09 15.60
CA PHE A 123 24.52 6.52 16.29
C PHE A 123 24.21 6.28 17.77
N LEU A 124 23.37 7.15 18.33
CA LEU A 124 22.98 7.04 19.73
C LEU A 124 22.10 5.81 19.96
N ILE A 125 21.16 5.59 19.05
CA ILE A 125 20.26 4.45 19.15
C ILE A 125 21.00 3.13 18.95
N PHE A 126 21.79 3.07 17.89
CA PHE A 126 22.56 1.87 17.58
C PHE A 126 23.45 1.47 18.75
N ASN A 127 24.00 2.48 19.43
CA ASN A 127 24.87 2.24 20.57
C ASN A 127 24.06 2.10 21.86
N LEU A 128 22.81 2.54 21.81
CA LEU A 128 21.92 2.46 22.97
C LEU A 128 21.33 1.06 23.12
N PHE A 129 21.16 0.38 21.99
CA PHE A 129 20.60 -0.97 21.99
C PHE A 129 21.71 -2.02 21.98
N TYR A 130 22.90 -1.60 21.54
CA TYR A 130 24.04 -2.50 21.47
C TYR A 130 24.75 -2.59 22.82
N TRP A 131 24.82 -1.47 23.52
CA TRP A 131 25.47 -1.41 24.83
C TRP A 131 24.53 -1.91 25.91
N ILE A 132 23.22 -1.72 25.71
CA ILE A 132 22.22 -2.14 26.67
C ILE A 132 21.99 -3.64 26.60
N ILE A 133 22.17 -4.20 25.41
CA ILE A 133 21.98 -5.64 25.21
C ILE A 133 23.13 -6.43 25.81
N TYR A 134 24.35 -5.93 25.64
CA TYR A 134 25.54 -6.59 26.18
C TYR A 134 25.73 -6.25 27.66
N LYS A 135 24.94 -5.30 28.15
CA LYS A 135 25.02 -4.89 29.54
C LYS A 135 23.99 -5.63 30.39
N ILE A 136 22.76 -5.70 29.90
CA ILE A 136 21.68 -6.38 30.61
C ILE A 136 22.06 -7.82 30.93
N VAL A 137 22.71 -8.49 29.97
CA VAL A 137 23.14 -9.86 30.16
C VAL A 137 24.11 -10.00 31.32
N ARG A 138 24.70 -8.87 31.73
CA ARG A 138 25.64 -8.86 32.82
C ARG A 138 24.98 -8.40 34.13
N ARG A 139 24.22 -7.32 34.04
CA ARG A 139 23.53 -6.79 35.21
C ARG A 139 24.50 -6.06 36.14
N GLU A 140 25.55 -6.77 36.54
CA GLU A 140 26.55 -6.20 37.43
C GLU A 140 27.85 -5.95 36.70
N ASP A 141 27.79 -5.97 35.37
CA ASP A 141 28.97 -5.74 34.55
C ASP A 141 30.12 -6.66 34.97
N GLU A 142 29.97 -7.95 34.71
CA GLU A 142 30.99 -8.93 35.06
C GLU A 142 31.94 -9.17 33.91
N PHE A 143 31.40 -9.21 32.69
CA PHE A 143 32.21 -9.43 31.50
C PHE A 143 32.81 -8.12 31.00
N GLU A 144 32.55 -7.04 31.74
CA GLU A 144 33.06 -5.73 31.37
C GLU A 144 34.44 -5.50 31.96
N HIS A 145 34.52 -5.42 33.28
CA HIS A 145 35.78 -5.20 33.98
C HIS A 145 35.58 -5.17 35.49
N HIS A 146 36.62 -4.78 36.22
CA HIS A 146 36.55 -4.69 37.67
C HIS A 146 36.43 -3.25 38.13
N HIS A 147 37.12 -2.34 37.43
CA HIS A 147 37.09 -0.93 37.77
C HIS A 147 35.75 -0.31 37.40
N HIS A 148 35.19 -0.75 36.28
CA HIS A 148 33.91 -0.24 35.81
C HIS A 148 32.81 -0.52 36.82
N HIS A 149 32.52 0.47 37.67
CA HIS A 149 31.49 0.33 38.69
C HIS A 149 30.10 0.60 38.10
N HIS A 150 30.07 1.22 36.92
CA HIS A 150 28.82 1.54 36.26
C HIS A 150 27.94 0.30 36.15
N MET B 1 8.67 -34.47 3.11
CA MET B 1 9.64 -33.64 3.79
C MET B 1 10.77 -33.23 2.86
N LEU B 2 10.41 -32.64 1.72
CA LEU B 2 11.38 -32.21 0.74
C LEU B 2 11.95 -30.84 1.10
N GLU B 3 12.50 -30.73 2.31
CA GLU B 3 13.08 -29.48 2.78
C GLU B 3 14.40 -29.20 2.07
N ARG B 4 15.23 -30.22 1.93
CA ARG B 4 16.53 -30.07 1.28
C ARG B 4 16.37 -30.12 -0.24
N GLN B 5 15.18 -30.52 -0.70
CA GLN B 5 14.90 -30.60 -2.13
C GLN B 5 14.06 -29.42 -2.60
N LEU B 6 14.02 -28.37 -1.78
CA LEU B 6 13.24 -27.18 -2.11
C LEU B 6 14.05 -26.23 -2.97
N GLY B 7 15.37 -26.23 -2.77
CA GLY B 7 16.24 -25.35 -3.54
C GLY B 7 16.00 -25.48 -5.03
N TYR B 8 15.55 -26.65 -5.47
CA TYR B 8 15.29 -26.89 -6.88
C TYR B 8 14.18 -25.98 -7.40
N TYR B 9 13.13 -25.84 -6.60
CA TYR B 9 11.99 -25.00 -6.97
C TYR B 9 12.34 -23.53 -6.83
N LEU B 10 13.33 -23.24 -5.97
CA LEU B 10 13.76 -21.86 -5.75
C LEU B 10 14.67 -21.38 -6.87
N ILE B 11 15.37 -22.32 -7.50
CA ILE B 11 16.28 -21.99 -8.59
C ILE B 11 15.50 -21.57 -9.85
N GLN B 12 14.61 -22.45 -10.29
CA GLN B 12 13.80 -22.17 -11.48
C GLN B 12 12.85 -21.01 -11.23
N LEU B 13 12.53 -20.77 -9.96
CA LEU B 13 11.63 -19.68 -9.60
C LEU B 13 12.40 -18.38 -9.43
N TYR B 14 13.69 -18.48 -9.17
CA TYR B 14 14.54 -17.30 -8.99
C TYR B 14 14.88 -16.67 -10.34
N ILE B 15 14.95 -17.49 -11.37
CA ILE B 15 15.25 -17.00 -12.72
C ILE B 15 14.36 -15.83 -13.09
N PRO B 16 13.04 -16.07 -13.07
CA PRO B 16 12.04 -15.05 -13.41
C PRO B 16 11.97 -13.95 -12.35
N SER B 17 12.16 -14.32 -11.09
CA SER B 17 12.11 -13.36 -9.99
C SER B 17 13.27 -12.37 -10.08
N LEU B 18 14.37 -12.82 -10.69
CA LEU B 18 15.55 -11.97 -10.83
C LEU B 18 15.44 -11.11 -12.09
N LEU B 19 14.87 -11.67 -13.14
CA LEU B 19 14.70 -10.95 -14.41
C LEU B 19 13.81 -9.73 -14.22
N ILE B 20 12.68 -9.94 -13.56
CA ILE B 20 11.73 -8.85 -13.31
C ILE B 20 12.33 -7.78 -12.40
N VAL B 21 13.22 -8.21 -11.50
CA VAL B 21 13.87 -7.30 -10.57
C VAL B 21 14.86 -6.39 -11.30
N ILE B 22 15.62 -6.98 -12.22
CA ILE B 22 16.61 -6.22 -12.99
C ILE B 22 15.94 -5.09 -13.78
N LEU B 23 14.78 -5.37 -14.35
CA LEU B 23 14.05 -4.38 -15.12
C LEU B 23 13.66 -3.19 -14.25
N SER B 24 13.27 -3.48 -13.00
CA SER B 24 12.87 -2.44 -12.08
C SER B 24 13.90 -1.30 -12.04
N TRP B 25 15.13 -1.65 -11.68
CA TRP B 25 16.20 -0.66 -11.62
C TRP B 25 16.30 0.14 -12.91
N ILE B 26 16.07 -0.54 -14.03
CA ILE B 26 16.13 0.10 -15.34
C ILE B 26 15.21 1.32 -15.39
N SER B 27 14.16 1.29 -14.56
CA SER B 27 13.20 2.39 -14.52
C SER B 27 13.40 3.23 -13.27
N PHE B 28 14.29 2.78 -12.40
CA PHE B 28 14.58 3.50 -11.16
C PHE B 28 15.33 4.80 -11.43
N TRP B 29 16.14 4.79 -12.49
CA TRP B 29 16.92 5.96 -12.87
C TRP B 29 16.01 7.16 -13.13
N ILE B 30 14.74 6.88 -13.41
CA ILE B 30 13.78 7.93 -13.67
C ILE B 30 12.74 8.02 -12.56
N ASN B 31 12.38 6.87 -12.01
CA ASN B 31 11.40 6.81 -10.93
C ASN B 31 11.93 7.48 -9.67
N LEU B 32 13.22 7.78 -9.67
CA LEU B 32 13.86 8.43 -8.53
C LEU B 32 13.06 9.65 -8.08
N ASP B 33 12.31 10.24 -9.00
CA ASP B 33 11.50 11.41 -8.70
C ASP B 33 10.38 11.58 -9.72
N ALA B 34 10.69 11.30 -10.98
CA ALA B 34 9.71 11.41 -12.05
C ALA B 34 8.48 10.57 -11.76
N ALA B 35 8.70 9.36 -11.26
CA ALA B 35 7.61 8.44 -10.93
C ALA B 35 8.08 7.31 -10.03
N PRO B 36 8.30 7.63 -8.76
CA PRO B 36 8.77 6.65 -7.76
C PRO B 36 7.69 5.63 -7.42
N ALA B 37 6.48 5.85 -7.92
CA ALA B 37 5.37 4.95 -7.67
C ALA B 37 5.71 3.52 -8.08
N ARG B 38 6.44 3.40 -9.18
CA ARG B 38 6.84 2.08 -9.68
C ARG B 38 7.96 1.49 -8.83
N VAL B 39 8.83 2.36 -8.32
CA VAL B 39 9.95 1.93 -7.49
C VAL B 39 9.45 1.26 -6.21
N GLY B 40 8.34 1.76 -5.68
CA GLY B 40 7.78 1.20 -4.46
C GLY B 40 7.07 -0.12 -4.71
N LEU B 41 6.58 -0.31 -5.93
CA LEU B 41 5.87 -1.53 -6.29
C LEU B 41 6.85 -2.63 -6.69
N GLY B 42 7.93 -2.23 -7.34
CA GLY B 42 8.94 -3.19 -7.77
C GLY B 42 9.75 -3.75 -6.62
N ILE B 43 10.00 -2.91 -5.61
CA ILE B 43 10.76 -3.34 -4.44
C ILE B 43 9.92 -4.21 -3.53
N THR B 44 8.61 -3.98 -3.53
CA THR B 44 7.70 -4.74 -2.69
C THR B 44 7.25 -6.03 -3.39
N THR B 45 7.34 -6.03 -4.72
CA THR B 45 6.94 -7.18 -5.51
C THR B 45 7.98 -8.30 -5.42
N VAL B 46 9.24 -7.91 -5.30
CA VAL B 46 10.34 -8.87 -5.20
C VAL B 46 10.36 -9.53 -3.83
N LEU B 47 10.05 -8.76 -2.80
CA LEU B 47 10.04 -9.26 -1.44
C LEU B 47 8.74 -10.02 -1.15
N THR B 48 7.71 -9.71 -1.93
CA THR B 48 6.41 -10.37 -1.76
C THR B 48 6.31 -11.62 -2.63
N LEU B 49 7.09 -11.65 -3.70
CA LEU B 49 7.09 -12.79 -4.62
C LEU B 49 7.94 -13.92 -4.07
N THR B 50 8.92 -13.59 -3.24
CA THR B 50 9.81 -14.58 -2.65
C THR B 50 9.21 -15.16 -1.37
N THR B 51 8.67 -14.28 -0.53
CA THR B 51 8.06 -14.70 0.73
C THR B 51 6.78 -15.49 0.49
N GLN B 52 6.14 -15.24 -0.65
CA GLN B 52 4.91 -15.94 -1.01
C GLN B 52 5.21 -17.23 -1.75
N SER B 53 6.44 -17.36 -2.23
CA SER B 53 6.85 -18.55 -2.97
C SER B 53 7.05 -19.73 -2.02
N SER B 54 6.99 -19.46 -0.72
CA SER B 54 7.16 -20.50 0.28
C SER B 54 6.05 -20.44 1.32
N GLY B 55 4.84 -20.13 0.86
CA GLY B 55 3.70 -20.05 1.76
C GLY B 55 3.02 -21.40 1.97
N SER B 56 3.22 -22.30 1.02
CA SER B 56 2.62 -23.63 1.10
C SER B 56 3.13 -24.38 2.34
N ARG B 57 4.42 -24.25 2.61
CA ARG B 57 5.02 -24.91 3.76
C ARG B 57 4.83 -26.42 3.68
N ALA B 58 4.53 -26.91 2.48
CA ALA B 58 4.32 -28.35 2.28
C ALA B 58 5.63 -29.07 2.02
N SER B 59 6.65 -28.31 1.62
CA SER B 59 7.96 -28.88 1.33
C SER B 59 8.91 -28.67 2.51
N LEU B 60 8.36 -28.17 3.62
CA LEU B 60 9.17 -27.93 4.82
C LEU B 60 10.29 -26.94 4.53
N PRO B 61 9.93 -25.66 4.35
CA PRO B 61 10.89 -24.60 4.07
C PRO B 61 11.77 -24.28 5.28
N LYS B 62 11.48 -24.94 6.41
CA LYS B 62 12.26 -24.73 7.62
C LYS B 62 13.75 -24.75 7.34
N VAL B 63 14.23 -25.88 6.82
CA VAL B 63 15.65 -26.02 6.50
C VAL B 63 16.14 -24.87 5.64
N SER B 64 15.38 -24.56 4.59
CA SER B 64 15.73 -23.48 3.68
C SER B 64 15.78 -22.14 4.42
N TYR B 65 14.98 -22.02 5.47
CA TYR B 65 14.93 -20.80 6.26
C TYR B 65 16.31 -20.46 6.84
N VAL B 66 16.89 -21.43 7.56
CA VAL B 66 18.20 -21.23 8.17
C VAL B 66 19.21 -20.75 7.13
N LYS B 67 19.38 -21.53 6.06
CA LYS B 67 20.32 -21.18 5.00
C LYS B 67 19.94 -19.85 4.36
N ALA B 68 18.64 -19.53 4.39
CA ALA B 68 18.17 -18.28 3.81
C ALA B 68 18.44 -17.10 4.73
N ILE B 69 18.63 -17.39 6.01
CA ILE B 69 18.90 -16.35 7.00
C ILE B 69 20.33 -15.85 6.89
N ASP B 70 21.24 -16.74 6.47
CA ASP B 70 22.64 -16.38 6.32
C ASP B 70 22.85 -15.51 5.08
N ILE B 71 21.91 -15.57 4.15
CA ILE B 71 21.98 -14.79 2.92
C ILE B 71 21.07 -13.57 2.99
N TRP B 72 19.96 -13.71 3.71
CA TRP B 72 19.00 -12.62 3.85
C TRP B 72 19.52 -11.56 4.81
N LEU B 73 20.61 -11.89 5.51
CA LEU B 73 21.21 -10.96 6.48
C LEU B 73 22.32 -10.14 5.82
N ALA B 74 22.07 -9.71 4.59
CA ALA B 74 23.05 -8.92 3.86
C ALA B 74 22.52 -8.52 2.48
N VAL B 75 21.73 -9.41 1.88
CA VAL B 75 21.16 -9.16 0.56
C VAL B 75 20.10 -8.07 0.63
N CYS B 76 19.51 -7.89 1.81
CA CYS B 76 18.48 -6.88 2.00
C CYS B 76 19.09 -5.57 2.50
N LEU B 77 20.21 -5.68 3.21
CA LEU B 77 20.88 -4.50 3.76
C LEU B 77 21.77 -3.86 2.70
N LEU B 78 22.07 -4.60 1.65
CA LEU B 78 22.91 -4.10 0.57
C LEU B 78 22.07 -3.67 -0.62
N PHE B 79 20.94 -4.35 -0.82
CA PHE B 79 20.05 -4.03 -1.93
C PHE B 79 19.37 -2.67 -1.71
N VAL B 80 18.98 -2.41 -0.47
CA VAL B 80 18.33 -1.16 -0.13
C VAL B 80 19.35 -0.09 0.28
N PHE B 81 20.61 -0.50 0.38
CA PHE B 81 21.68 0.41 0.76
C PHE B 81 22.11 1.27 -0.42
N SER B 82 22.14 0.66 -1.60
CA SER B 82 22.55 1.37 -2.82
C SER B 82 21.38 2.18 -3.38
N ALA B 83 20.16 1.71 -3.13
CA ALA B 83 18.97 2.38 -3.61
C ALA B 83 18.74 3.69 -2.85
N LEU B 84 19.09 3.71 -1.57
CA LEU B 84 18.92 4.89 -0.74
C LEU B 84 20.02 5.91 -1.01
N LEU B 85 21.21 5.42 -1.32
CA LEU B 85 22.34 6.29 -1.61
C LEU B 85 22.01 7.26 -2.74
N GLU B 86 21.26 6.78 -3.73
CA GLU B 86 20.88 7.61 -4.87
C GLU B 86 19.61 8.39 -4.56
N TYR B 87 18.65 7.74 -3.90
CA TYR B 87 17.39 8.37 -3.54
C TYR B 87 17.62 9.58 -2.63
N ALA B 88 18.82 9.63 -2.04
CA ALA B 88 19.17 10.73 -1.13
C ALA B 88 20.30 11.56 -1.71
N ALA B 89 20.94 11.05 -2.76
CA ALA B 89 22.04 11.75 -3.40
C ALA B 89 21.55 13.01 -4.11
N VAL B 90 20.34 12.96 -4.64
CA VAL B 90 19.75 14.10 -5.34
C VAL B 90 19.86 15.36 -4.50
N ASN B 91 19.64 15.24 -3.20
CA ASN B 91 19.70 16.38 -2.29
C ASN B 91 21.14 16.59 -1.80
N PHE B 92 21.97 15.56 -1.94
CA PHE B 92 23.35 15.64 -1.52
C PHE B 92 24.19 16.42 -2.53
N VAL B 93 23.55 16.83 -3.63
CA VAL B 93 24.24 17.57 -4.67
C VAL B 93 24.94 18.80 -4.10
N SER B 94 24.32 19.41 -3.09
CA SER B 94 24.88 20.60 -2.45
C SER B 94 26.26 20.31 -1.87
N ARG B 95 26.55 19.02 -1.68
CA ARG B 95 27.84 18.61 -1.12
C ARG B 95 28.98 19.12 -1.99
N GLN B 96 28.69 19.44 -3.24
CA GLN B 96 29.70 19.93 -4.16
C GLN B 96 30.76 18.86 -4.42
N ARG B 97 30.35 17.60 -4.35
CA ARG B 97 31.27 16.49 -4.57
C ARG B 97 31.83 16.53 -5.99
N GLU B 98 31.15 17.27 -6.87
CA GLU B 98 31.57 17.38 -8.26
C GLU B 98 32.52 18.57 -8.44
N PHE B 99 32.81 18.92 -9.69
CA PHE B 99 33.69 20.03 -9.99
C PHE B 99 32.89 21.29 -10.33
N GLY B 100 31.62 21.29 -9.95
CA GLY B 100 30.77 22.43 -10.22
C GLY B 100 29.29 22.11 -10.02
N GLY B 101 28.60 22.96 -9.25
CA GLY B 101 27.19 22.74 -9.01
C GLY B 101 26.31 23.53 -9.95
N GLY B 102 26.85 23.89 -11.11
CA GLY B 102 26.10 24.65 -12.08
C GLY B 102 25.40 23.77 -13.10
N GLY B 103 24.94 22.61 -12.65
CA GLY B 103 24.25 21.69 -13.55
C GLY B 103 22.83 21.41 -13.12
N PHE B 104 22.14 22.45 -12.66
CA PHE B 104 20.75 22.31 -12.21
C PHE B 104 19.78 22.37 -13.39
N ILE B 105 19.94 23.41 -14.21
CA ILE B 105 19.08 23.59 -15.38
C ILE B 105 19.12 22.36 -16.27
N GLN B 106 20.21 21.61 -16.20
CA GLN B 106 20.37 20.41 -17.01
C GLN B 106 20.44 19.17 -16.13
N ARG B 107 20.05 19.31 -14.87
CA ARG B 107 20.05 18.20 -13.93
C ARG B 107 19.12 17.08 -14.40
N ALA B 108 18.00 17.46 -14.98
CA ALA B 108 17.02 16.49 -15.48
C ALA B 108 17.56 15.74 -16.68
N LYS B 109 18.57 16.32 -17.33
CA LYS B 109 19.17 15.71 -18.52
C LYS B 109 19.59 14.27 -18.23
N LYS B 110 20.26 14.06 -17.09
CA LYS B 110 20.70 12.73 -16.70
C LYS B 110 21.71 12.19 -17.71
N ILE B 111 22.98 12.15 -17.31
CA ILE B 111 24.05 11.64 -18.17
C ILE B 111 24.02 10.12 -18.23
N ASP B 112 23.06 9.52 -17.54
CA ASP B 112 22.93 8.07 -17.51
C ASP B 112 24.11 7.43 -16.80
N LYS B 113 24.62 8.12 -15.78
CA LYS B 113 25.75 7.63 -15.01
C LYS B 113 25.29 6.64 -13.95
N ILE B 114 23.99 6.38 -13.91
CA ILE B 114 23.42 5.45 -12.94
C ILE B 114 23.22 4.07 -13.55
N SER B 115 23.14 4.02 -14.88
CA SER B 115 22.95 2.76 -15.59
C SER B 115 24.29 2.08 -15.85
N ARG B 116 25.36 2.86 -15.80
CA ARG B 116 26.71 2.33 -16.02
C ARG B 116 27.07 1.31 -14.94
N ILE B 117 26.48 1.45 -13.77
CA ILE B 117 26.74 0.55 -12.66
C ILE B 117 25.63 -0.48 -12.50
N GLY B 118 24.41 -0.08 -12.84
CA GLY B 118 23.27 -0.96 -12.73
C GLY B 118 23.30 -2.07 -13.78
N PHE B 119 23.62 -1.70 -15.02
CA PHE B 119 23.68 -2.67 -16.11
C PHE B 119 24.55 -3.86 -15.72
N PRO B 120 25.82 -3.59 -15.40
CA PRO B 120 26.78 -4.63 -15.01
C PRO B 120 26.46 -5.23 -13.65
N LEU B 121 25.59 -4.56 -12.90
CA LEU B 121 25.20 -5.02 -11.58
C LEU B 121 24.13 -6.12 -11.68
N ALA B 122 23.29 -6.02 -12.70
CA ALA B 122 22.23 -7.00 -12.91
C ALA B 122 22.77 -8.27 -13.56
N PHE B 123 23.78 -8.11 -14.42
CA PHE B 123 24.39 -9.24 -15.11
C PHE B 123 25.28 -10.03 -14.17
N LEU B 124 25.89 -9.34 -13.21
CA LEU B 124 26.77 -9.99 -12.23
C LEU B 124 25.98 -10.87 -11.28
N ILE B 125 24.83 -10.36 -10.84
CA ILE B 125 23.98 -11.10 -9.91
C ILE B 125 23.35 -12.31 -10.60
N PHE B 126 22.77 -12.09 -11.77
CA PHE B 126 22.14 -13.16 -12.53
C PHE B 126 23.13 -14.30 -12.79
N ASN B 127 24.38 -13.94 -13.03
CA ASN B 127 25.42 -14.93 -13.30
C ASN B 127 26.05 -15.42 -11.99
N LEU B 128 25.83 -14.67 -10.91
CA LEU B 128 26.36 -15.04 -9.61
C LEU B 128 25.51 -16.11 -8.95
N PHE B 129 24.21 -16.09 -9.25
CA PHE B 129 23.28 -17.06 -8.69
C PHE B 129 23.08 -18.24 -9.63
N TYR B 130 23.37 -18.03 -10.90
CA TYR B 130 23.23 -19.07 -11.91
C TYR B 130 24.44 -19.98 -11.94
N TRP B 131 25.63 -19.40 -11.75
CA TRP B 131 26.87 -20.15 -11.75
C TRP B 131 27.10 -20.81 -10.41
N ILE B 132 26.61 -20.18 -9.35
CA ILE B 132 26.76 -20.71 -7.99
C ILE B 132 25.80 -21.87 -7.74
N ILE B 133 24.65 -21.83 -8.39
CA ILE B 133 23.65 -22.87 -8.24
C ILE B 133 24.07 -24.14 -8.96
N TYR B 134 24.63 -23.99 -10.15
CA TYR B 134 25.08 -25.13 -10.94
C TYR B 134 26.45 -25.60 -10.48
N LYS B 135 27.08 -24.82 -9.61
CA LYS B 135 28.40 -25.16 -9.09
C LYS B 135 28.29 -25.89 -7.75
N ILE B 136 27.45 -25.36 -6.87
CA ILE B 136 27.25 -25.95 -5.55
C ILE B 136 26.83 -27.42 -5.67
N VAL B 137 25.96 -27.70 -6.63
CA VAL B 137 25.49 -29.07 -6.85
C VAL B 137 26.64 -30.00 -7.20
N ARG B 138 27.76 -29.41 -7.61
CA ARG B 138 28.94 -30.20 -7.98
C ARG B 138 29.94 -30.25 -6.83
N ARG B 139 30.23 -29.08 -6.25
CA ARG B 139 31.17 -28.99 -5.14
C ARG B 139 32.60 -29.11 -5.64
N GLU B 140 32.89 -30.19 -6.37
CA GLU B 140 34.22 -30.42 -6.90
C GLU B 140 34.25 -30.24 -8.41
N ASP B 141 33.20 -29.61 -8.94
CA ASP B 141 33.10 -29.37 -10.37
C ASP B 141 33.31 -30.66 -11.16
N GLU B 142 32.34 -31.57 -11.07
CA GLU B 142 32.43 -32.84 -11.77
C GLU B 142 31.75 -32.76 -13.12
N PHE B 143 30.62 -32.06 -13.17
CA PHE B 143 29.87 -31.91 -14.41
C PHE B 143 30.41 -30.75 -15.25
N GLU B 144 31.47 -30.12 -14.74
CA GLU B 144 32.08 -29.00 -15.44
C GLU B 144 33.14 -29.49 -16.44
N HIS B 145 34.22 -30.07 -15.91
CA HIS B 145 35.29 -30.58 -16.75
C HIS B 145 36.39 -31.20 -15.90
N HIS B 146 37.52 -31.51 -16.53
CA HIS B 146 38.65 -32.12 -15.83
C HIS B 146 39.77 -31.09 -15.61
N HIS B 147 39.96 -30.21 -16.58
CA HIS B 147 40.98 -29.18 -16.48
C HIS B 147 40.58 -28.10 -15.48
N HIS B 148 39.29 -27.78 -15.45
CA HIS B 148 38.78 -26.76 -14.55
C HIS B 148 39.02 -27.16 -13.09
N HIS B 149 40.11 -26.67 -12.52
CA HIS B 149 40.45 -26.97 -11.14
C HIS B 149 39.67 -26.09 -10.16
N HIS B 150 39.12 -24.99 -10.69
CA HIS B 150 38.34 -24.06 -9.88
C HIS B 150 39.13 -23.65 -8.63
N MET C 1 -13.60 -32.82 -4.55
CA MET C 1 -12.29 -32.57 -5.12
C MET C 1 -12.39 -32.11 -6.57
N LEU C 2 -13.05 -30.98 -6.78
CA LEU C 2 -13.22 -30.44 -8.12
C LEU C 2 -12.00 -29.63 -8.55
N GLU C 3 -10.84 -30.27 -8.50
CA GLU C 3 -9.59 -29.61 -8.88
C GLU C 3 -9.52 -29.40 -10.38
N ARG C 4 -9.91 -30.43 -11.13
CA ARG C 4 -9.89 -30.36 -12.59
C ARG C 4 -11.13 -29.65 -13.11
N GLN C 5 -12.10 -29.42 -12.23
CA GLN C 5 -13.33 -28.73 -12.61
C GLN C 5 -13.33 -27.30 -12.12
N LEU C 6 -12.15 -26.79 -11.78
CA LEU C 6 -12.01 -25.42 -11.29
C LEU C 6 -11.86 -24.44 -12.45
N GLY C 7 -11.25 -24.92 -13.55
CA GLY C 7 -11.06 -24.07 -14.71
C GLY C 7 -12.35 -23.40 -15.15
N TYR C 8 -13.48 -24.05 -14.89
CA TYR C 8 -14.78 -23.51 -15.27
C TYR C 8 -15.04 -22.18 -14.56
N TYR C 9 -14.73 -22.14 -13.26
CA TYR C 9 -14.94 -20.95 -12.47
C TYR C 9 -13.89 -19.88 -12.80
N LEU C 10 -12.75 -20.32 -13.31
CA LEU C 10 -11.67 -19.41 -13.66
C LEU C 10 -11.95 -18.75 -15.00
N ILE C 11 -12.70 -19.43 -15.86
CA ILE C 11 -13.04 -18.89 -17.17
C ILE C 11 -14.03 -17.74 -17.06
N GLN C 12 -15.16 -17.99 -16.42
CA GLN C 12 -16.18 -16.97 -16.24
C GLN C 12 -15.68 -15.84 -15.34
N LEU C 13 -14.70 -16.15 -14.51
CA LEU C 13 -14.13 -15.17 -13.59
C LEU C 13 -13.02 -14.37 -14.27
N TYR C 14 -12.44 -14.95 -15.32
CA TYR C 14 -11.36 -14.30 -16.05
C TYR C 14 -11.92 -13.23 -16.98
N ILE C 15 -13.14 -13.44 -17.46
CA ILE C 15 -13.79 -12.50 -18.37
C ILE C 15 -13.74 -11.07 -17.79
N PRO C 16 -14.31 -10.91 -16.58
CA PRO C 16 -14.35 -9.62 -15.91
C PRO C 16 -12.98 -9.17 -15.43
N SER C 17 -12.15 -10.13 -15.02
CA SER C 17 -10.81 -9.84 -14.53
C SER C 17 -9.92 -9.32 -15.66
N LEU C 18 -10.26 -9.70 -16.90
CA LEU C 18 -9.50 -9.28 -18.06
C LEU C 18 -10.00 -7.93 -18.58
N LEU C 19 -11.31 -7.72 -18.50
CA LEU C 19 -11.92 -6.48 -18.96
C LEU C 19 -11.42 -5.29 -18.13
N ILE C 20 -11.43 -5.45 -16.82
CA ILE C 20 -10.98 -4.40 -15.91
C ILE C 20 -9.48 -4.13 -16.09
N VAL C 21 -8.75 -5.17 -16.48
CA VAL C 21 -7.30 -5.05 -16.68
C VAL C 21 -7.00 -4.24 -17.95
N ILE C 22 -7.77 -4.48 -19.00
CA ILE C 22 -7.58 -3.77 -20.26
C ILE C 22 -7.75 -2.26 -20.08
N LEU C 23 -8.74 -1.88 -19.28
CA LEU C 23 -9.00 -0.47 -19.03
C LEU C 23 -7.85 0.18 -18.27
N SER C 24 -7.23 -0.59 -17.38
CA SER C 24 -6.11 -0.08 -16.60
C SER C 24 -5.05 0.54 -17.50
N TRP C 25 -4.69 -0.17 -18.56
CA TRP C 25 -3.69 0.32 -19.51
C TRP C 25 -4.18 1.58 -20.22
N ILE C 26 -5.48 1.61 -20.54
CA ILE C 26 -6.06 2.76 -21.22
C ILE C 26 -5.77 4.05 -20.47
N SER C 27 -5.57 3.93 -19.16
CA SER C 27 -5.29 5.09 -18.32
C SER C 27 -3.80 5.19 -18.02
N PHE C 28 -3.08 4.10 -18.26
CA PHE C 28 -1.65 4.06 -18.01
C PHE C 28 -0.91 5.04 -18.93
N TRP C 29 -1.49 5.30 -20.09
CA TRP C 29 -0.89 6.21 -21.06
C TRP C 29 -0.64 7.58 -20.43
N ILE C 30 -1.48 7.95 -19.47
CA ILE C 30 -1.36 9.23 -18.79
C ILE C 30 -0.79 9.06 -17.39
N ASN C 31 -1.15 7.94 -16.75
CA ASN C 31 -0.69 7.66 -15.39
C ASN C 31 0.83 7.45 -15.37
N LEU C 32 1.42 7.33 -16.55
CA LEU C 32 2.86 7.14 -16.67
C LEU C 32 3.62 8.15 -15.83
N ASP C 33 3.00 9.30 -15.58
CA ASP C 33 3.62 10.36 -14.79
C ASP C 33 2.55 11.30 -14.22
N ALA C 34 1.54 11.59 -15.04
CA ALA C 34 0.46 12.47 -14.62
C ALA C 34 -0.20 11.98 -13.33
N ALA C 35 -0.39 10.67 -13.25
CA ALA C 35 -1.01 10.06 -12.07
C ALA C 35 -0.80 8.55 -12.06
N PRO C 36 0.42 8.12 -11.74
CA PRO C 36 0.78 6.70 -11.68
C PRO C 36 0.10 5.98 -10.51
N ALA C 37 -0.58 6.75 -9.66
CA ALA C 37 -1.27 6.18 -8.50
C ALA C 37 -2.27 5.13 -8.93
N ARG C 38 -2.90 5.34 -10.09
CA ARG C 38 -3.90 4.41 -10.60
C ARG C 38 -3.22 3.18 -11.21
N VAL C 39 -2.05 3.38 -11.82
CA VAL C 39 -1.31 2.29 -12.43
C VAL C 39 -0.85 1.29 -11.39
N GLY C 40 -0.52 1.79 -10.19
CA GLY C 40 -0.06 0.92 -9.13
C GLY C 40 -1.19 0.13 -8.49
N LEU C 41 -2.40 0.69 -8.56
CA LEU C 41 -3.58 0.04 -7.98
C LEU C 41 -4.17 -0.97 -8.96
N GLY C 42 -4.10 -0.64 -10.25
CA GLY C 42 -4.63 -1.54 -11.26
C GLY C 42 -3.78 -2.78 -11.44
N ILE C 43 -2.47 -2.63 -11.30
CA ILE C 43 -1.54 -3.74 -11.45
C ILE C 43 -1.61 -4.67 -10.25
N THR C 44 -1.92 -4.11 -9.08
CA THR C 44 -1.99 -4.89 -7.85
C THR C 44 -3.39 -5.49 -7.68
N THR C 45 -4.38 -4.88 -8.33
CA THR C 45 -5.75 -5.37 -8.25
C THR C 45 -5.93 -6.64 -9.07
N VAL C 46 -5.21 -6.72 -10.19
CA VAL C 46 -5.30 -7.88 -11.07
C VAL C 46 -4.61 -9.09 -10.45
N LEU C 47 -3.49 -8.84 -9.77
CA LEU C 47 -2.74 -9.92 -9.13
C LEU C 47 -3.38 -10.32 -7.80
N THR C 48 -4.15 -9.40 -7.22
CA THR C 48 -4.82 -9.65 -5.96
C THR C 48 -6.21 -10.25 -6.17
N LEU C 49 -6.78 -9.99 -7.34
CA LEU C 49 -8.10 -10.50 -7.67
C LEU C 49 -8.03 -11.95 -8.14
N THR C 50 -6.87 -12.34 -8.67
CA THR C 50 -6.66 -13.71 -9.15
C THR C 50 -6.21 -14.61 -8.02
N THR C 51 -5.27 -14.13 -7.21
CA THR C 51 -4.75 -14.90 -6.10
C THR C 51 -5.81 -15.09 -5.01
N GLN C 52 -6.75 -14.16 -4.95
CA GLN C 52 -7.81 -14.22 -3.96
C GLN C 52 -9.00 -15.04 -4.48
N SER C 53 -9.03 -15.25 -5.79
CA SER C 53 -10.10 -16.01 -6.41
C SER C 53 -9.96 -17.50 -6.12
N SER C 54 -8.84 -17.87 -5.51
CA SER C 54 -8.57 -19.26 -5.18
C SER C 54 -8.14 -19.40 -3.72
N GLY C 55 -8.73 -18.59 -2.85
CA GLY C 55 -8.40 -18.64 -1.44
C GLY C 55 -9.19 -19.69 -0.68
N SER C 56 -10.39 -19.98 -1.17
CA SER C 56 -11.25 -20.98 -0.53
C SER C 56 -10.54 -22.32 -0.41
N ARG C 57 -9.82 -22.69 -1.48
CA ARG C 57 -9.10 -23.96 -1.50
C ARG C 57 -10.04 -25.13 -1.27
N ALA C 58 -11.34 -24.91 -1.49
CA ALA C 58 -12.33 -25.94 -1.30
C ALA C 58 -12.48 -26.79 -2.55
N SER C 59 -12.03 -26.27 -3.69
CA SER C 59 -12.11 -26.98 -4.95
C SER C 59 -10.78 -27.63 -5.30
N LEU C 60 -9.85 -27.59 -4.35
CA LEU C 60 -8.53 -28.18 -4.55
C LEU C 60 -7.81 -27.54 -5.73
N PRO C 61 -7.37 -26.28 -5.55
CA PRO C 61 -6.67 -25.53 -6.59
C PRO C 61 -5.27 -26.10 -6.86
N LYS C 62 -4.87 -27.09 -6.09
CA LYS C 62 -3.57 -27.72 -6.25
C LYS C 62 -3.29 -28.02 -7.71
N VAL C 63 -4.13 -28.85 -8.32
CA VAL C 63 -3.98 -29.23 -9.72
C VAL C 63 -3.84 -27.99 -10.60
N SER C 64 -4.72 -27.02 -10.39
CA SER C 64 -4.70 -25.79 -11.17
C SER C 64 -3.39 -25.04 -10.96
N TYR C 65 -2.80 -25.21 -9.79
CA TYR C 65 -1.54 -24.55 -9.47
C TYR C 65 -0.45 -24.95 -10.46
N VAL C 66 -0.22 -26.24 -10.61
CA VAL C 66 0.79 -26.75 -11.53
C VAL C 66 0.61 -26.15 -12.92
N LYS C 67 -0.57 -26.33 -13.49
CA LYS C 67 -0.86 -25.81 -14.82
C LYS C 67 -0.75 -24.29 -14.84
N ALA C 68 -0.99 -23.66 -13.69
CA ALA C 68 -0.92 -22.21 -13.58
C ALA C 68 0.53 -21.74 -13.48
N ILE C 69 1.42 -22.65 -13.08
CA ILE C 69 2.83 -22.33 -12.94
C ILE C 69 3.51 -22.27 -14.30
N ASP C 70 3.02 -23.06 -15.24
CA ASP C 70 3.57 -23.08 -16.59
C ASP C 70 3.18 -21.84 -17.37
N ILE C 71 2.11 -21.18 -16.93
CA ILE C 71 1.64 -19.97 -17.59
C ILE C 71 2.04 -18.73 -16.81
N TRP C 72 2.12 -18.87 -15.49
CA TRP C 72 2.51 -17.75 -14.63
C TRP C 72 4.00 -17.48 -14.72
N LEU C 73 4.73 -18.39 -15.37
CA LEU C 73 6.17 -18.24 -15.53
C LEU C 73 6.51 -17.56 -16.85
N ALA C 74 5.72 -16.54 -17.21
CA ALA C 74 5.94 -15.81 -18.45
C ALA C 74 4.93 -14.68 -18.60
N VAL C 75 3.71 -14.92 -18.12
CA VAL C 75 2.65 -13.92 -18.21
C VAL C 75 2.94 -12.73 -17.30
N CYS C 76 3.71 -12.98 -16.24
CA CYS C 76 4.07 -11.93 -15.29
C CYS C 76 5.38 -11.26 -15.69
N LEU C 77 6.24 -12.01 -16.37
CA LEU C 77 7.53 -11.49 -16.80
C LEU C 77 7.40 -10.71 -18.10
N LEU C 78 6.28 -10.90 -18.79
CA LEU C 78 6.02 -10.22 -20.05
C LEU C 78 5.07 -9.05 -19.84
N PHE C 79 4.16 -9.19 -18.89
CA PHE C 79 3.19 -8.14 -18.59
C PHE C 79 3.86 -6.94 -17.97
N VAL C 80 4.82 -7.19 -17.08
CA VAL C 80 5.55 -6.12 -16.41
C VAL C 80 6.80 -5.73 -17.20
N PHE C 81 7.08 -6.47 -18.26
CA PHE C 81 8.24 -6.20 -19.11
C PHE C 81 7.95 -5.04 -20.06
N SER C 82 6.73 -5.00 -20.58
CA SER C 82 6.34 -3.95 -21.52
C SER C 82 5.95 -2.67 -20.76
N ALA C 83 5.47 -2.84 -19.54
CA ALA C 83 5.07 -1.70 -18.72
C ALA C 83 6.28 -0.90 -18.26
N LEU C 84 7.38 -1.62 -17.99
CA LEU C 84 8.61 -0.97 -17.54
C LEU C 84 9.33 -0.30 -18.70
N LEU C 85 9.24 -0.89 -19.89
CA LEU C 85 9.89 -0.35 -21.07
C LEU C 85 9.44 1.09 -21.32
N GLU C 86 8.16 1.36 -21.06
CA GLU C 86 7.62 2.70 -21.25
C GLU C 86 7.86 3.56 -20.02
N TYR C 87 7.69 2.97 -18.84
CA TYR C 87 7.87 3.69 -17.58
C TYR C 87 9.32 4.19 -17.46
N ALA C 88 10.20 3.64 -18.28
CA ALA C 88 11.61 4.02 -18.26
C ALA C 88 12.01 4.68 -19.58
N ALA C 89 11.15 4.55 -20.59
CA ALA C 89 11.41 5.12 -21.90
C ALA C 89 11.41 6.65 -21.84
N VAL C 90 10.55 7.21 -20.98
CA VAL C 90 10.44 8.65 -20.84
C VAL C 90 11.82 9.28 -20.63
N ASN C 91 12.66 8.62 -19.85
CA ASN C 91 14.00 9.11 -19.57
C ASN C 91 14.98 8.66 -20.65
N PHE C 92 14.59 7.64 -21.39
CA PHE C 92 15.43 7.10 -22.45
C PHE C 92 15.37 7.99 -23.69
N VAL C 93 14.54 9.02 -23.64
CA VAL C 93 14.39 9.94 -24.76
C VAL C 93 15.73 10.52 -25.19
N SER C 94 16.63 10.70 -24.22
CA SER C 94 17.95 11.25 -24.50
C SER C 94 18.72 10.33 -25.46
N ARG C 95 18.26 9.09 -25.57
CA ARG C 95 18.90 8.12 -26.45
C ARG C 95 18.93 8.62 -27.89
N GLN C 96 18.05 9.57 -28.20
CA GLN C 96 17.96 10.12 -29.54
C GLN C 96 17.54 9.06 -30.54
N ARG C 97 16.77 8.08 -30.08
CA ARG C 97 16.30 7.00 -30.93
C ARG C 97 15.43 7.55 -32.07
N GLU C 98 14.93 8.77 -31.88
CA GLU C 98 14.08 9.41 -32.89
C GLU C 98 14.92 10.21 -33.87
N PHE C 99 14.26 11.01 -34.71
CA PHE C 99 14.94 11.83 -35.70
C PHE C 99 15.10 13.26 -35.19
N GLY C 100 14.96 13.45 -33.88
CA GLY C 100 15.09 14.77 -33.30
C GLY C 100 14.56 14.83 -31.88
N GLY C 101 15.37 15.37 -30.97
CA GLY C 101 14.97 15.48 -29.59
C GLY C 101 14.37 16.83 -29.26
N GLY C 102 13.87 17.52 -30.28
CA GLY C 102 13.30 18.83 -30.07
C GLY C 102 11.80 18.78 -29.85
N GLY C 103 11.34 17.73 -29.17
CA GLY C 103 9.92 17.59 -28.91
C GLY C 103 9.61 17.55 -27.42
N PHE C 104 10.31 18.39 -26.66
CA PHE C 104 10.10 18.47 -25.21
C PHE C 104 8.91 19.36 -24.87
N ILE C 105 8.93 20.57 -25.42
CA ILE C 105 7.85 21.53 -25.18
C ILE C 105 6.50 20.94 -25.54
N GLN C 106 6.50 19.98 -26.48
CA GLN C 106 5.27 19.34 -26.91
C GLN C 106 5.23 17.88 -26.45
N ARG C 107 6.14 17.52 -25.55
CA ARG C 107 6.21 16.16 -25.04
C ARG C 107 4.87 15.75 -24.42
N ALA C 108 4.33 16.61 -23.55
CA ALA C 108 3.06 16.33 -22.91
C ALA C 108 1.98 15.97 -23.92
N LYS C 109 2.05 16.59 -25.09
CA LYS C 109 1.09 16.33 -26.15
C LYS C 109 1.42 15.05 -26.90
N LYS C 110 1.33 13.92 -26.19
CA LYS C 110 1.62 12.62 -26.79
C LYS C 110 0.79 12.40 -28.06
N ILE C 111 1.37 11.68 -29.01
CA ILE C 111 0.68 11.39 -30.26
C ILE C 111 -0.11 10.10 -30.18
N ASP C 112 -0.40 9.66 -28.96
CA ASP C 112 -1.16 8.44 -28.74
C ASP C 112 -0.49 7.26 -29.43
N LYS C 113 0.84 7.25 -29.44
CA LYS C 113 1.60 6.18 -30.07
C LYS C 113 1.71 4.96 -29.14
N ILE C 114 1.11 5.08 -27.96
CA ILE C 114 1.14 3.99 -26.98
C ILE C 114 -0.14 3.18 -27.03
N SER C 115 -1.22 3.79 -27.53
CA SER C 115 -2.50 3.13 -27.63
C SER C 115 -2.60 2.30 -28.90
N ARG C 116 -1.77 2.63 -29.87
CA ARG C 116 -1.74 1.92 -31.15
C ARG C 116 -1.37 0.46 -30.95
N ILE C 117 -0.60 0.19 -29.90
CA ILE C 117 -0.17 -1.17 -29.59
C ILE C 117 -1.00 -1.78 -28.47
N GLY C 118 -1.45 -0.92 -27.55
CA GLY C 118 -2.25 -1.39 -26.43
C GLY C 118 -3.64 -1.82 -26.86
N PHE C 119 -4.28 -1.02 -27.71
CA PHE C 119 -5.62 -1.33 -28.19
C PHE C 119 -5.69 -2.76 -28.74
N PRO C 120 -4.86 -3.05 -29.74
CA PRO C 120 -4.80 -4.37 -30.38
C PRO C 120 -4.20 -5.43 -29.45
N LEU C 121 -3.57 -4.97 -28.38
CA LEU C 121 -2.95 -5.88 -27.41
C LEU C 121 -3.99 -6.43 -26.45
N ALA C 122 -5.01 -5.63 -26.15
CA ALA C 122 -6.07 -6.04 -25.24
C ALA C 122 -7.07 -6.94 -25.95
N PHE C 123 -7.29 -6.69 -27.23
CA PHE C 123 -8.24 -7.47 -28.01
C PHE C 123 -7.64 -8.85 -28.35
N LEU C 124 -6.32 -8.90 -28.52
CA LEU C 124 -5.64 -10.14 -28.84
C LEU C 124 -5.67 -11.10 -27.65
N ILE C 125 -5.44 -10.57 -26.45
CA ILE C 125 -5.44 -11.38 -25.24
C ILE C 125 -6.84 -11.88 -24.93
N PHE C 126 -7.81 -10.97 -24.94
CA PHE C 126 -9.20 -11.33 -24.66
C PHE C 126 -9.69 -12.43 -25.59
N ASN C 127 -9.24 -12.38 -26.84
CA ASN C 127 -9.63 -13.37 -27.83
C ASN C 127 -8.69 -14.58 -27.79
N LEU C 128 -7.55 -14.41 -27.15
CA LEU C 128 -6.56 -15.48 -27.03
C LEU C 128 -6.93 -16.44 -25.91
N PHE C 129 -7.60 -15.92 -24.88
CA PHE C 129 -8.02 -16.73 -23.75
C PHE C 129 -9.46 -17.21 -23.92
N TYR C 130 -10.21 -16.50 -24.76
CA TYR C 130 -11.60 -16.85 -25.01
C TYR C 130 -11.71 -17.95 -26.07
N TRP C 131 -10.85 -17.88 -27.08
CA TRP C 131 -10.84 -18.87 -28.14
C TRP C 131 -10.09 -20.13 -27.72
N ILE C 132 -9.10 -19.96 -26.85
CA ILE C 132 -8.32 -21.08 -26.37
C ILE C 132 -9.08 -21.90 -25.33
N ILE C 133 -9.96 -21.22 -24.58
CA ILE C 133 -10.76 -21.88 -23.56
C ILE C 133 -11.86 -22.73 -24.19
N TYR C 134 -12.49 -22.18 -25.22
CA TYR C 134 -13.56 -22.89 -25.91
C TYR C 134 -13.01 -23.89 -26.92
N LYS C 135 -11.70 -23.84 -27.13
CA LYS C 135 -11.03 -24.74 -28.06
C LYS C 135 -10.46 -25.95 -27.33
N ILE C 136 -9.78 -25.69 -26.21
CA ILE C 136 -9.17 -26.75 -25.43
C ILE C 136 -10.21 -27.80 -25.03
N VAL C 137 -11.40 -27.34 -24.66
CA VAL C 137 -12.49 -28.22 -24.25
C VAL C 137 -12.87 -29.17 -25.39
N ARG C 138 -12.47 -28.81 -26.61
CA ARG C 138 -12.78 -29.62 -27.78
C ARG C 138 -11.59 -30.49 -28.17
N ARG C 139 -10.42 -29.88 -28.22
CA ARG C 139 -9.19 -30.59 -28.59
C ARG C 139 -9.15 -30.86 -30.08
N GLU C 140 -10.20 -31.50 -30.60
CA GLU C 140 -10.27 -31.82 -32.02
C GLU C 140 -11.32 -30.96 -32.72
N ASP C 141 -11.73 -29.89 -32.05
CA ASP C 141 -12.73 -28.98 -32.60
C ASP C 141 -13.96 -29.74 -33.07
N GLU C 142 -14.73 -30.28 -32.12
CA GLU C 142 -15.93 -31.03 -32.43
C GLU C 142 -17.16 -30.12 -32.43
N PHE C 143 -17.20 -29.20 -31.47
CA PHE C 143 -18.31 -28.27 -31.36
C PHE C 143 -18.12 -27.07 -32.27
N GLU C 144 -17.04 -27.08 -33.04
CA GLU C 144 -16.73 -25.99 -33.96
C GLU C 144 -17.40 -26.23 -35.31
N HIS C 145 -16.95 -27.26 -36.02
CA HIS C 145 -17.49 -27.60 -37.33
C HIS C 145 -16.81 -28.84 -37.90
N HIS C 146 -17.08 -29.12 -39.17
CA HIS C 146 -16.50 -30.28 -39.84
C HIS C 146 -15.38 -29.84 -40.79
N HIS C 147 -15.58 -28.70 -41.44
CA HIS C 147 -14.59 -28.18 -42.37
C HIS C 147 -13.37 -27.64 -41.63
N HIS C 148 -13.60 -27.01 -40.48
CA HIS C 148 -12.53 -26.46 -39.68
C HIS C 148 -11.56 -27.55 -39.23
N HIS C 149 -10.47 -27.72 -39.98
CA HIS C 149 -9.46 -28.73 -39.66
C HIS C 149 -8.50 -28.22 -38.58
N HIS C 150 -8.51 -26.90 -38.37
CA HIS C 150 -7.63 -26.29 -37.38
C HIS C 150 -6.17 -26.49 -37.74
N MET D 1 -26.48 -21.56 11.87
CA MET D 1 -26.04 -21.18 10.54
C MET D 1 -26.93 -20.09 9.96
N LEU D 2 -26.69 -18.84 10.39
CA LEU D 2 -27.47 -17.71 9.92
C LEU D 2 -26.93 -17.19 8.59
N GLU D 3 -26.83 -18.09 7.61
CA GLU D 3 -26.33 -17.72 6.29
C GLU D 3 -27.35 -16.85 5.55
N ARG D 4 -28.62 -17.25 5.60
CA ARG D 4 -29.68 -16.50 4.94
C ARG D 4 -30.10 -15.30 5.78
N GLN D 5 -29.65 -15.25 7.02
CA GLN D 5 -29.98 -14.16 7.92
C GLN D 5 -28.82 -13.19 8.06
N LEU D 6 -27.87 -13.26 7.13
CA LEU D 6 -26.71 -12.38 7.16
C LEU D 6 -27.01 -11.07 6.46
N GLY D 7 -27.89 -11.12 5.46
CA GLY D 7 -28.25 -9.92 4.72
C GLY D 7 -28.66 -8.78 5.64
N TYR D 8 -29.19 -9.12 6.80
CA TYR D 8 -29.63 -8.12 7.77
C TYR D 8 -28.46 -7.28 8.26
N TYR D 9 -27.33 -7.94 8.54
CA TYR D 9 -26.14 -7.27 9.02
C TYR D 9 -25.45 -6.52 7.87
N LEU D 10 -25.69 -6.97 6.65
CA LEU D 10 -25.10 -6.35 5.48
C LEU D 10 -25.84 -5.08 5.09
N ILE D 11 -27.12 -5.03 5.43
CA ILE D 11 -27.95 -3.87 5.13
C ILE D 11 -27.56 -2.67 5.99
N GLN D 12 -27.60 -2.87 7.30
CA GLN D 12 -27.25 -1.81 8.25
C GLN D 12 -25.78 -1.44 8.13
N LEU D 13 -24.98 -2.38 7.65
CA LEU D 13 -23.54 -2.15 7.48
C LEU D 13 -23.24 -1.48 6.14
N TYR D 14 -24.16 -1.63 5.19
CA TYR D 14 -24.00 -1.05 3.87
C TYR D 14 -24.30 0.44 3.89
N ILE D 15 -25.21 0.85 4.79
CA ILE D 15 -25.59 2.24 4.91
C ILE D 15 -24.36 3.14 5.05
N PRO D 16 -23.55 2.86 6.08
CA PRO D 16 -22.32 3.64 6.34
C PRO D 16 -21.25 3.39 5.30
N SER D 17 -21.18 2.16 4.80
CA SER D 17 -20.20 1.79 3.79
C SER D 17 -20.47 2.51 2.47
N LEU D 18 -21.73 2.87 2.25
CA LEU D 18 -22.12 3.56 1.03
C LEU D 18 -21.94 5.07 1.18
N LEU D 19 -22.22 5.58 2.38
CA LEU D 19 -22.09 7.01 2.65
C LEU D 19 -20.64 7.46 2.50
N ILE D 20 -19.73 6.71 3.10
CA ILE D 20 -18.31 7.03 3.04
C ILE D 20 -17.79 6.90 1.61
N VAL D 21 -18.40 6.02 0.82
CA VAL D 21 -18.00 5.80 -0.55
C VAL D 21 -18.41 6.98 -1.44
N ILE D 22 -19.60 7.51 -1.19
CA ILE D 22 -20.11 8.64 -1.96
C ILE D 22 -19.20 9.86 -1.80
N LEU D 23 -18.72 10.08 -0.59
CA LEU D 23 -17.84 11.22 -0.31
C LEU D 23 -16.52 11.06 -1.06
N SER D 24 -16.04 9.83 -1.18
CA SER D 24 -14.79 9.55 -1.87
C SER D 24 -14.76 10.21 -3.24
N TRP D 25 -15.84 10.02 -3.99
CA TRP D 25 -15.96 10.59 -5.33
C TRP D 25 -15.96 12.11 -5.28
N ILE D 26 -16.63 12.65 -4.27
CA ILE D 26 -16.73 14.10 -4.10
C ILE D 26 -15.34 14.73 -4.11
N SER D 27 -14.34 13.96 -3.70
CA SER D 27 -12.97 14.45 -3.65
C SER D 27 -12.17 13.96 -4.86
N PHE D 28 -12.71 12.97 -5.54
CA PHE D 28 -12.05 12.40 -6.72
C PHE D 28 -11.96 13.43 -7.83
N TRP D 29 -12.90 14.37 -7.84
CA TRP D 29 -12.93 15.41 -8.86
C TRP D 29 -11.62 16.19 -8.88
N ILE D 30 -10.98 16.29 -7.73
CA ILE D 30 -9.71 17.00 -7.61
C ILE D 30 -8.53 16.03 -7.48
N ASN D 31 -8.78 14.91 -6.81
CA ASN D 31 -7.75 13.90 -6.61
C ASN D 31 -7.33 13.29 -7.94
N LEU D 32 -8.09 13.58 -8.99
CA LEU D 32 -7.79 13.05 -10.32
C LEU D 32 -6.33 13.28 -10.67
N ASP D 33 -5.72 14.31 -10.07
CA ASP D 33 -4.32 14.63 -10.33
C ASP D 33 -3.74 15.45 -9.18
N ALA D 34 -4.55 16.36 -8.65
CA ALA D 34 -4.11 17.22 -7.55
C ALA D 34 -3.64 16.38 -6.37
N ALA D 35 -4.35 15.30 -6.09
CA ALA D 35 -4.00 14.42 -4.98
C ALA D 35 -4.76 13.10 -5.07
N PRO D 36 -4.34 12.23 -6.00
CA PRO D 36 -4.96 10.92 -6.21
C PRO D 36 -4.69 9.96 -5.06
N ALA D 37 -3.85 10.39 -4.11
CA ALA D 37 -3.52 9.56 -2.97
C ALA D 37 -4.78 9.18 -2.19
N ARG D 38 -5.74 10.08 -2.14
CA ARG D 38 -6.99 9.84 -1.43
C ARG D 38 -7.90 8.90 -2.23
N VAL D 39 -7.85 9.03 -3.55
CA VAL D 39 -8.67 8.20 -4.43
C VAL D 39 -8.26 6.74 -4.32
N GLY D 40 -6.97 6.49 -4.13
CA GLY D 40 -6.48 5.14 -4.01
C GLY D 40 -6.81 4.51 -2.68
N LEU D 41 -6.97 5.34 -1.66
CA LEU D 41 -7.30 4.85 -0.32
C LEU D 41 -8.79 4.65 -0.17
N GLY D 42 -9.57 5.51 -0.81
CA GLY D 42 -11.02 5.40 -0.74
C GLY D 42 -11.55 4.21 -1.52
N ILE D 43 -10.90 3.90 -2.63
CA ILE D 43 -11.32 2.77 -3.47
C ILE D 43 -10.93 1.44 -2.84
N THR D 44 -9.84 1.45 -2.07
CA THR D 44 -9.36 0.24 -1.40
C THR D 44 -10.05 0.06 -0.06
N THR D 45 -10.55 1.14 0.51
CA THR D 45 -11.22 1.10 1.80
C THR D 45 -12.60 0.49 1.67
N VAL D 46 -13.25 0.74 0.54
CA VAL D 46 -14.59 0.21 0.28
C VAL D 46 -14.54 -1.29 0.01
N LEU D 47 -13.52 -1.72 -0.70
CA LEU D 47 -13.35 -3.13 -1.03
C LEU D 47 -12.78 -3.91 0.15
N THR D 48 -12.10 -3.20 1.04
CA THR D 48 -11.50 -3.82 2.22
C THR D 48 -12.48 -3.82 3.40
N LEU D 49 -13.42 -2.89 3.37
CA LEU D 49 -14.42 -2.78 4.44
C LEU D 49 -15.53 -3.79 4.25
N THR D 50 -15.76 -4.19 3.00
CA THR D 50 -16.81 -5.16 2.68
C THR D 50 -16.29 -6.58 2.82
N THR D 51 -15.08 -6.82 2.31
CA THR D 51 -14.48 -8.15 2.38
C THR D 51 -14.12 -8.52 3.81
N GLN D 52 -13.89 -7.50 4.64
CA GLN D 52 -13.53 -7.72 6.03
C GLN D 52 -14.78 -7.82 6.91
N SER D 53 -15.91 -7.36 6.36
CA SER D 53 -17.17 -7.40 7.09
C SER D 53 -17.71 -8.82 7.18
N SER D 54 -17.07 -9.73 6.45
CA SER D 54 -17.49 -11.13 6.45
C SER D 54 -16.31 -12.06 6.70
N GLY D 55 -15.41 -11.63 7.59
CA GLY D 55 -14.24 -12.43 7.90
C GLY D 55 -14.52 -13.44 9.00
N SER D 56 -15.46 -13.11 9.88
CA SER D 56 -15.81 -13.99 10.99
C SER D 56 -16.22 -15.37 10.47
N ARG D 57 -16.98 -15.38 9.39
CA ARG D 57 -17.46 -16.63 8.81
C ARG D 57 -18.25 -17.46 9.82
N ALA D 58 -18.73 -16.78 10.87
CA ALA D 58 -19.51 -17.45 11.91
C ALA D 58 -20.98 -17.53 11.53
N SER D 59 -21.39 -16.68 10.60
CA SER D 59 -22.77 -16.65 10.14
C SER D 59 -22.94 -17.42 8.83
N LEU D 60 -21.88 -18.09 8.41
CA LEU D 60 -21.91 -18.87 7.18
C LEU D 60 -22.20 -17.97 5.98
N PRO D 61 -21.23 -17.15 5.59
CA PRO D 61 -21.37 -16.23 4.46
C PRO D 61 -21.41 -16.96 3.12
N LYS D 62 -21.23 -18.27 3.17
CA LYS D 62 -21.26 -19.09 1.96
C LYS D 62 -22.44 -18.72 1.07
N VAL D 63 -23.65 -18.89 1.61
CA VAL D 63 -24.87 -18.57 0.87
C VAL D 63 -24.81 -17.17 0.30
N SER D 64 -24.41 -16.20 1.12
CA SER D 64 -24.31 -14.82 0.68
C SER D 64 -23.30 -14.67 -0.43
N TYR D 65 -22.30 -15.55 -0.44
CA TYR D 65 -21.25 -15.51 -1.46
C TYR D 65 -21.85 -15.68 -2.85
N VAL D 66 -22.60 -16.76 -3.04
CA VAL D 66 -23.23 -17.03 -4.33
C VAL D 66 -24.02 -15.83 -4.83
N LYS D 67 -24.96 -15.36 -4.01
CA LYS D 67 -25.78 -14.21 -4.36
C LYS D 67 -24.93 -12.97 -4.56
N ALA D 68 -23.80 -12.92 -3.86
CA ALA D 68 -22.89 -11.79 -3.97
C ALA D 68 -22.06 -11.86 -5.24
N ILE D 69 -21.94 -13.06 -5.80
CA ILE D 69 -21.17 -13.26 -7.02
C ILE D 69 -21.94 -12.76 -8.25
N ASP D 70 -23.27 -12.83 -8.17
CA ASP D 70 -24.12 -12.39 -9.27
C ASP D 70 -24.16 -10.86 -9.33
N ILE D 71 -23.83 -10.21 -8.22
CA ILE D 71 -23.83 -8.76 -8.15
C ILE D 71 -22.40 -8.21 -8.24
N TRP D 72 -21.45 -8.97 -7.72
CA TRP D 72 -20.05 -8.56 -7.73
C TRP D 72 -19.46 -8.71 -9.13
N LEU D 73 -20.20 -9.37 -10.02
CA LEU D 73 -19.75 -9.58 -11.39
C LEU D 73 -20.27 -8.49 -12.31
N ALA D 74 -20.25 -7.25 -11.82
CA ALA D 74 -20.72 -6.11 -12.60
C ALA D 74 -20.56 -4.81 -11.82
N VAL D 75 -20.74 -4.88 -10.51
CA VAL D 75 -20.63 -3.71 -9.66
C VAL D 75 -19.18 -3.24 -9.57
N CYS D 76 -18.24 -4.15 -9.80
CA CYS D 76 -16.82 -3.83 -9.75
C CYS D 76 -16.30 -3.47 -11.13
N LEU D 77 -16.94 -4.02 -12.16
CA LEU D 77 -16.53 -3.74 -13.53
C LEU D 77 -17.13 -2.44 -14.03
N LEU D 78 -18.16 -1.96 -13.34
CA LEU D 78 -18.83 -0.72 -13.70
C LEU D 78 -18.35 0.44 -12.83
N PHE D 79 -18.02 0.12 -11.57
CA PHE D 79 -17.55 1.13 -10.63
C PHE D 79 -16.17 1.65 -11.03
N VAL D 80 -15.31 0.75 -11.48
CA VAL D 80 -13.96 1.11 -11.90
C VAL D 80 -13.92 1.46 -13.38
N PHE D 81 -15.05 1.26 -14.06
CA PHE D 81 -15.13 1.55 -15.48
C PHE D 81 -15.32 3.05 -15.72
N SER D 82 -16.11 3.68 -14.85
CA SER D 82 -16.39 5.11 -14.97
C SER D 82 -15.25 5.93 -14.37
N ALA D 83 -14.57 5.36 -13.38
CA ALA D 83 -13.46 6.02 -12.72
C ALA D 83 -12.25 6.11 -13.65
N LEU D 84 -12.06 5.10 -14.48
CA LEU D 84 -10.94 5.06 -15.41
C LEU D 84 -11.20 5.97 -16.61
N LEU D 85 -12.47 6.04 -17.02
CA LEU D 85 -12.85 6.88 -18.15
C LEU D 85 -12.40 8.32 -17.95
N GLU D 86 -12.49 8.79 -16.70
CA GLU D 86 -12.09 10.16 -16.38
C GLU D 86 -10.59 10.23 -16.09
N TYR D 87 -10.09 9.24 -15.38
CA TYR D 87 -8.67 9.18 -15.02
C TYR D 87 -7.80 9.14 -16.28
N ALA D 88 -8.42 8.80 -17.40
CA ALA D 88 -7.71 8.71 -18.67
C ALA D 88 -8.22 9.77 -19.66
N ALA D 89 -9.35 10.38 -19.32
CA ALA D 89 -9.93 11.40 -20.18
C ALA D 89 -9.06 12.65 -20.24
N VAL D 90 -8.38 12.94 -19.12
CA VAL D 90 -7.52 14.11 -19.05
C VAL D 90 -6.55 14.14 -20.23
N ASN D 91 -6.03 12.98 -20.60
CA ASN D 91 -5.09 12.88 -21.72
C ASN D 91 -5.83 12.74 -23.04
N PHE D 92 -7.11 12.34 -22.96
CA PHE D 92 -7.92 12.16 -24.15
C PHE D 92 -8.40 13.50 -24.69
N VAL D 93 -8.06 14.58 -23.98
CA VAL D 93 -8.45 15.92 -24.39
C VAL D 93 -8.00 16.22 -25.81
N SER D 94 -6.85 15.66 -26.19
CA SER D 94 -6.31 15.86 -27.52
C SER D 94 -7.28 15.34 -28.60
N ARG D 95 -8.20 14.48 -28.17
CA ARG D 95 -9.18 13.91 -29.09
C ARG D 95 -10.00 15.01 -29.76
N GLN D 96 -10.01 16.19 -29.16
CA GLN D 96 -10.76 17.32 -29.71
C GLN D 96 -12.25 17.03 -29.71
N ARG D 97 -12.70 16.22 -28.76
CA ARG D 97 -14.11 15.86 -28.65
C ARG D 97 -14.96 17.10 -28.41
N GLU D 98 -14.32 18.18 -27.95
CA GLU D 98 -15.02 19.42 -27.68
C GLU D 98 -15.04 20.31 -28.91
N PHE D 99 -15.47 21.56 -28.71
CA PHE D 99 -15.54 22.52 -29.81
C PHE D 99 -14.31 23.43 -29.81
N GLY D 100 -13.26 23.00 -29.12
CA GLY D 100 -12.05 23.80 -29.05
C GLY D 100 -11.12 23.33 -27.95
N GLY D 101 -9.86 23.11 -28.31
CA GLY D 101 -8.88 22.66 -27.33
C GLY D 101 -8.08 23.79 -26.74
N GLY D 102 -8.65 25.00 -26.78
CA GLY D 102 -7.96 26.16 -26.24
C GLY D 102 -8.34 26.43 -24.80
N GLY D 103 -8.56 25.37 -24.03
CA GLY D 103 -8.93 25.53 -22.63
C GLY D 103 -7.92 24.89 -21.69
N PHE D 104 -6.64 25.03 -22.02
CA PHE D 104 -5.58 24.46 -21.20
C PHE D 104 -5.22 25.39 -20.04
N ILE D 105 -4.97 26.65 -20.36
CA ILE D 105 -4.63 27.63 -19.35
C ILE D 105 -5.70 27.71 -18.27
N GLN D 106 -6.92 27.34 -18.63
CA GLN D 106 -8.04 27.36 -17.69
C GLN D 106 -8.51 25.95 -17.37
N ARG D 107 -7.71 24.96 -17.76
CA ARG D 107 -8.05 23.56 -17.51
C ARG D 107 -8.26 23.31 -16.02
N ALA D 108 -7.32 23.77 -15.21
CA ALA D 108 -7.40 23.60 -13.77
C ALA D 108 -8.75 24.08 -13.22
N LYS D 109 -9.28 25.13 -13.85
CA LYS D 109 -10.55 25.69 -13.43
C LYS D 109 -11.72 24.88 -14.00
N LYS D 110 -11.83 23.64 -13.53
CA LYS D 110 -12.91 22.76 -13.99
C LYS D 110 -14.27 23.41 -13.80
N ILE D 111 -15.21 23.10 -14.70
CA ILE D 111 -16.55 23.65 -14.62
C ILE D 111 -17.47 22.76 -13.80
N ASP D 112 -16.87 21.89 -12.98
CA ASP D 112 -17.65 20.98 -12.14
C ASP D 112 -18.60 20.14 -12.99
N LYS D 113 -18.14 19.76 -14.18
CA LYS D 113 -18.95 18.95 -15.08
C LYS D 113 -18.87 17.47 -14.70
N ILE D 114 -18.12 17.18 -13.65
CA ILE D 114 -17.96 15.80 -13.18
C ILE D 114 -18.89 15.51 -12.00
N SER D 115 -19.29 16.57 -11.30
CA SER D 115 -20.18 16.42 -10.15
C SER D 115 -21.63 16.36 -10.58
N ARG D 116 -21.91 16.86 -11.79
CA ARG D 116 -23.27 16.86 -12.33
C ARG D 116 -23.79 15.45 -12.49
N ILE D 117 -22.87 14.51 -12.71
CA ILE D 117 -23.24 13.10 -12.88
C ILE D 117 -23.00 12.31 -11.60
N GLY D 118 -21.99 12.71 -10.85
CA GLY D 118 -21.67 12.02 -9.61
C GLY D 118 -22.71 12.26 -8.53
N PHE D 119 -23.13 13.50 -8.38
CA PHE D 119 -24.13 13.86 -7.38
C PHE D 119 -25.36 12.95 -7.48
N PRO D 120 -25.99 12.95 -8.66
CA PRO D 120 -27.18 12.14 -8.91
C PRO D 120 -26.86 10.65 -8.98
N LEU D 121 -25.57 10.33 -9.10
CA LEU D 121 -25.13 8.94 -9.17
C LEU D 121 -25.05 8.32 -7.79
N ALA D 122 -24.74 9.14 -6.79
CA ALA D 122 -24.64 8.67 -5.41
C ALA D 122 -26.01 8.54 -4.78
N PHE D 123 -26.92 9.43 -5.17
CA PHE D 123 -28.28 9.40 -4.63
C PHE D 123 -29.09 8.26 -5.22
N LEU D 124 -28.79 7.92 -6.47
CA LEU D 124 -29.49 6.84 -7.16
C LEU D 124 -29.12 5.48 -6.56
N ILE D 125 -27.84 5.29 -6.27
CA ILE D 125 -27.36 4.05 -5.69
C ILE D 125 -27.88 3.88 -4.26
N PHE D 126 -27.72 4.92 -3.45
CA PHE D 126 -28.18 4.88 -2.06
C PHE D 126 -29.66 4.54 -1.98
N ASN D 127 -30.43 5.05 -2.93
CA ASN D 127 -31.87 4.80 -2.98
C ASN D 127 -32.18 3.51 -3.72
N LEU D 128 -31.20 3.02 -4.48
CA LEU D 128 -31.37 1.80 -5.25
C LEU D 128 -31.17 0.57 -4.37
N PHE D 129 -30.33 0.71 -3.35
CA PHE D 129 -30.06 -0.39 -2.43
C PHE D 129 -30.95 -0.29 -1.19
N TYR D 130 -31.46 0.90 -0.92
CA TYR D 130 -32.32 1.14 0.23
C TYR D 130 -33.76 0.74 -0.08
N TRP D 131 -34.19 1.04 -1.30
CA TRP D 131 -35.55 0.72 -1.73
C TRP D 131 -35.66 -0.74 -2.14
N ILE D 132 -34.57 -1.29 -2.65
CA ILE D 132 -34.55 -2.69 -3.09
C ILE D 132 -34.47 -3.63 -1.89
N ILE D 133 -33.83 -3.17 -0.82
CA ILE D 133 -33.69 -3.99 0.39
C ILE D 133 -35.02 -4.08 1.15
N TYR D 134 -35.72 -2.95 1.22
CA TYR D 134 -37.00 -2.90 1.91
C TYR D 134 -38.13 -3.42 1.03
N LYS D 135 -37.81 -3.65 -0.24
CA LYS D 135 -38.79 -4.15 -1.20
C LYS D 135 -38.70 -5.66 -1.33
N ILE D 136 -37.47 -6.18 -1.45
CA ILE D 136 -37.25 -7.61 -1.59
C ILE D 136 -37.88 -8.37 -0.42
N VAL D 137 -37.75 -7.82 0.77
CA VAL D 137 -38.31 -8.45 1.97
C VAL D 137 -39.82 -8.58 1.86
N ARG D 138 -40.42 -7.81 0.95
CA ARG D 138 -41.86 -7.86 0.75
C ARG D 138 -42.23 -8.73 -0.44
N ARG D 139 -41.52 -8.53 -1.56
CA ARG D 139 -41.77 -9.30 -2.76
C ARG D 139 -43.06 -8.83 -3.45
N GLU D 140 -44.15 -8.81 -2.71
CA GLU D 140 -45.44 -8.39 -3.25
C GLU D 140 -45.85 -7.03 -2.67
N ASP D 141 -44.90 -6.34 -2.06
CA ASP D 141 -45.15 -5.04 -1.47
C ASP D 141 -46.36 -5.10 -0.53
N GLU D 142 -46.19 -5.78 0.60
CA GLU D 142 -47.25 -5.92 1.58
C GLU D 142 -47.17 -4.82 2.64
N PHE D 143 -45.95 -4.48 3.04
CA PHE D 143 -45.74 -3.45 4.04
C PHE D 143 -45.71 -2.07 3.40
N GLU D 144 -45.92 -2.03 2.09
CA GLU D 144 -45.92 -0.77 1.35
C GLU D 144 -47.30 -0.14 1.36
N HIS D 145 -48.26 -0.79 0.69
CA HIS D 145 -49.63 -0.29 0.63
C HIS D 145 -50.51 -1.24 -0.16
N HIS D 146 -51.73 -0.80 -0.47
CA HIS D 146 -52.67 -1.62 -1.23
C HIS D 146 -52.77 -1.12 -2.68
N HIS D 147 -52.70 0.19 -2.85
CA HIS D 147 -52.78 0.79 -4.18
C HIS D 147 -51.50 0.54 -4.97
N HIS D 148 -50.37 0.58 -4.28
CA HIS D 148 -49.09 0.35 -4.92
C HIS D 148 -49.00 -1.04 -5.52
N HIS D 149 -49.30 -1.13 -6.82
CA HIS D 149 -49.26 -2.41 -7.52
C HIS D 149 -47.84 -2.77 -7.92
N HIS D 150 -46.96 -1.78 -7.93
CA HIS D 150 -45.56 -2.01 -8.30
C HIS D 150 -44.64 -1.07 -7.50
N MET E 1 -11.40 -15.43 28.32
CA MET E 1 -12.62 -15.25 29.10
C MET E 1 -12.75 -13.80 29.57
N LEU E 2 -11.65 -13.06 29.50
CA LEU E 2 -11.64 -11.66 29.91
C LEU E 2 -12.18 -10.76 28.81
N GLU E 3 -13.40 -11.04 28.36
CA GLU E 3 -14.03 -10.25 27.30
C GLU E 3 -14.46 -8.89 27.83
N ARG E 4 -15.06 -8.88 29.02
CA ARG E 4 -15.53 -7.64 29.62
C ARG E 4 -14.38 -6.91 30.32
N GLN E 5 -13.25 -7.60 30.46
CA GLN E 5 -12.08 -7.02 31.11
C GLN E 5 -11.04 -6.61 30.07
N LEU E 6 -11.46 -6.50 28.82
CA LEU E 6 -10.56 -6.12 27.73
C LEU E 6 -10.47 -4.61 27.62
N GLY E 7 -11.55 -3.92 27.97
CA GLY E 7 -11.57 -2.47 27.89
C GLY E 7 -10.39 -1.84 28.60
N TYR E 8 -9.88 -2.52 29.62
CA TYR E 8 -8.74 -2.03 30.38
C TYR E 8 -7.50 -1.90 29.50
N TYR E 9 -7.28 -2.90 28.67
CA TYR E 9 -6.12 -2.90 27.77
C TYR E 9 -6.34 -1.94 26.60
N LEU E 10 -7.61 -1.66 26.31
CA LEU E 10 -7.95 -0.75 25.22
C LEU E 10 -7.81 0.70 25.65
N ILE E 11 -7.95 0.95 26.94
CA ILE E 11 -7.83 2.30 27.48
C ILE E 11 -6.38 2.77 27.46
N GLN E 12 -5.50 1.99 28.08
CA GLN E 12 -4.08 2.32 28.13
C GLN E 12 -3.46 2.27 26.73
N LEU E 13 -4.07 1.49 25.85
CA LEU E 13 -3.58 1.35 24.49
C LEU E 13 -4.13 2.46 23.59
N TYR E 14 -5.25 3.04 24.00
CA TYR E 14 -5.88 4.11 23.24
C TYR E 14 -5.14 5.43 23.44
N ILE E 15 -4.55 5.60 24.62
CA ILE E 15 -3.81 6.80 24.94
C ILE E 15 -2.80 7.14 23.86
N PRO E 16 -1.88 6.19 23.60
CA PRO E 16 -0.83 6.36 22.59
C PRO E 16 -1.40 6.34 21.17
N SER E 17 -2.43 5.54 20.95
CA SER E 17 -3.06 5.43 19.64
C SER E 17 -3.77 6.72 19.27
N LEU E 18 -4.16 7.49 20.28
CA LEU E 18 -4.85 8.76 20.05
C LEU E 18 -3.85 9.90 19.87
N LEU E 19 -2.75 9.83 20.63
CA LEU E 19 -1.71 10.85 20.55
C LEU E 19 -1.07 10.89 19.16
N ILE E 20 -0.72 9.71 18.66
CA ILE E 20 -0.11 9.60 17.34
C ILE E 20 -1.08 10.03 16.24
N VAL E 21 -2.37 9.83 16.50
CA VAL E 21 -3.41 10.20 15.53
C VAL E 21 -3.56 11.71 15.44
N ILE E 22 -3.50 12.38 16.59
CA ILE E 22 -3.63 13.83 16.64
C ILE E 22 -2.53 14.51 15.84
N LEU E 23 -1.32 13.97 15.93
CA LEU E 23 -0.17 14.53 15.20
C LEU E 23 -0.38 14.41 13.69
N SER E 24 -0.98 13.31 13.27
CA SER E 24 -1.23 13.07 11.85
C SER E 24 -1.92 14.28 11.22
N TRP E 25 -2.96 14.78 11.87
CA TRP E 25 -3.71 15.92 11.37
C TRP E 25 -2.81 17.16 11.33
N ILE E 26 -1.96 17.31 12.34
CA ILE E 26 -1.06 18.45 12.42
C ILE E 26 -0.22 18.59 11.15
N SER E 27 -0.04 17.47 10.46
CA SER E 27 0.74 17.46 9.22
C SER E 27 -0.17 17.37 8.00
N PHE E 28 -1.45 17.13 8.25
CA PHE E 28 -2.44 17.00 7.17
C PHE E 28 -2.70 18.36 6.54
N TRP E 29 -2.55 19.42 7.32
CA TRP E 29 -2.77 20.78 6.84
C TRP E 29 -1.86 21.09 5.65
N ILE E 30 -0.80 20.33 5.51
CA ILE E 30 0.15 20.51 4.42
C ILE E 30 0.16 19.32 3.49
N ASN E 31 -0.04 18.14 4.05
CA ASN E 31 -0.06 16.91 3.26
C ASN E 31 -1.25 16.89 2.29
N LEU E 32 -2.18 17.82 2.49
CA LEU E 32 -3.35 17.92 1.64
C LEU E 32 -2.97 17.87 0.16
N ASP E 33 -1.75 18.30 -0.14
CA ASP E 33 -1.26 18.29 -1.52
C ASP E 33 0.26 18.28 -1.55
N ALA E 34 0.87 19.01 -0.62
CA ALA E 34 2.33 19.08 -0.55
C ALA E 34 2.93 17.69 -0.41
N ALA E 35 2.31 16.85 0.41
CA ALA E 35 2.78 15.49 0.64
C ALA E 35 1.73 14.64 1.33
N PRO E 36 0.70 14.24 0.56
CA PRO E 36 -0.41 13.43 1.07
C PRO E 36 0.04 11.99 1.39
N ALA E 37 1.27 11.67 1.04
CA ALA E 37 1.82 10.35 1.29
C ALA E 37 1.75 9.99 2.77
N ARG E 38 1.97 11.00 3.63
CA ARG E 38 1.94 10.79 5.07
C ARG E 38 0.50 10.65 5.56
N VAL E 39 -0.41 11.39 4.94
CA VAL E 39 -1.81 11.36 5.32
C VAL E 39 -2.41 9.98 5.09
N GLY E 40 -1.95 9.31 4.04
CA GLY E 40 -2.45 7.97 3.73
C GLY E 40 -1.90 6.92 4.66
N LEU E 41 -0.71 7.18 5.21
CA LEU E 41 -0.07 6.23 6.13
C LEU E 41 -0.59 6.43 7.55
N GLY E 42 -0.88 7.67 7.91
CA GLY E 42 -1.38 7.97 9.24
C GLY E 42 -2.81 7.51 9.43
N ILE E 43 -3.60 7.58 8.37
CA ILE E 43 -5.00 7.16 8.43
C ILE E 43 -5.12 5.64 8.43
N THR E 44 -4.16 4.98 7.80
CA THR E 44 -4.16 3.52 7.74
C THR E 44 -3.47 2.92 8.96
N THR E 45 -2.61 3.69 9.59
CA THR E 45 -1.89 3.24 10.77
C THR E 45 -2.81 3.18 11.99
N VAL E 46 -3.75 4.12 12.05
CA VAL E 46 -4.69 4.19 13.16
C VAL E 46 -5.71 3.06 13.09
N LEU E 47 -6.13 2.74 11.87
CA LEU E 47 -7.11 1.67 11.66
C LEU E 47 -6.44 0.30 11.70
N THR E 48 -5.14 0.27 11.47
CA THR E 48 -4.38 -0.97 11.48
C THR E 48 -3.82 -1.25 12.86
N LEU E 49 -3.65 -0.20 13.65
CA LEU E 49 -3.11 -0.33 15.01
C LEU E 49 -4.21 -0.76 15.99
N THR E 50 -5.45 -0.43 15.65
CA THR E 50 -6.58 -0.79 16.50
C THR E 50 -7.09 -2.18 16.18
N THR E 51 -7.20 -2.50 14.88
CA THR E 51 -7.67 -3.80 14.45
C THR E 51 -6.65 -4.90 14.78
N GLN E 52 -5.39 -4.50 14.88
CA GLN E 52 -4.32 -5.45 15.20
C GLN E 52 -4.15 -5.59 16.71
N SER E 53 -4.69 -4.63 17.45
CA SER E 53 -4.59 -4.65 18.91
C SER E 53 -5.50 -5.72 19.50
N SER E 54 -6.32 -6.33 18.66
CA SER E 54 -7.23 -7.37 19.11
C SER E 54 -7.15 -8.60 18.20
N GLY E 55 -5.93 -8.89 17.76
CA GLY E 55 -5.73 -10.05 16.89
C GLY E 55 -5.50 -11.33 17.68
N SER E 56 -5.08 -11.19 18.92
CA SER E 56 -4.82 -12.35 19.77
C SER E 56 -6.10 -13.15 20.00
N ARG E 57 -7.21 -12.45 20.19
CA ARG E 57 -8.50 -13.10 20.42
C ARG E 57 -8.43 -14.03 21.62
N ALA E 58 -7.45 -13.81 22.47
CA ALA E 58 -7.28 -14.63 23.68
C ALA E 58 -8.12 -14.09 24.83
N SER E 59 -8.50 -12.83 24.73
CA SER E 59 -9.30 -12.19 25.78
C SER E 59 -10.77 -12.16 25.38
N LEU E 60 -11.10 -12.83 24.28
CA LEU E 60 -12.48 -12.87 23.80
C LEU E 60 -12.99 -11.48 23.50
N PRO E 61 -12.50 -10.88 22.41
CA PRO E 61 -12.90 -9.54 21.98
C PRO E 61 -14.34 -9.50 21.47
N LYS E 62 -14.97 -10.66 21.40
CA LYS E 62 -16.35 -10.77 20.93
C LYS E 62 -17.22 -9.71 21.58
N VAL E 63 -17.32 -9.76 22.90
CA VAL E 63 -18.13 -8.80 23.64
C VAL E 63 -17.78 -7.37 23.26
N SER E 64 -16.49 -7.08 23.22
CA SER E 64 -16.01 -5.74 22.86
C SER E 64 -16.44 -5.37 21.45
N TYR E 65 -16.58 -6.38 20.60
CA TYR E 65 -16.98 -6.17 19.22
C TYR E 65 -18.33 -5.47 19.14
N VAL E 66 -19.33 -6.06 19.78
CA VAL E 66 -20.68 -5.50 19.79
C VAL E 66 -20.66 -4.04 20.21
N LYS E 67 -20.10 -3.77 21.39
CA LYS E 67 -20.02 -2.41 21.91
C LYS E 67 -19.18 -1.53 20.99
N ALA E 68 -18.25 -2.14 20.28
CA ALA E 68 -17.38 -1.41 19.36
C ALA E 68 -18.10 -1.10 18.05
N ILE E 69 -19.16 -1.87 17.77
CA ILE E 69 -19.93 -1.67 16.56
C ILE E 69 -20.85 -0.45 16.68
N ASP E 70 -21.28 -0.16 17.90
CA ASP E 70 -22.16 0.97 18.15
C ASP E 70 -21.38 2.28 18.07
N ILE E 71 -20.07 2.19 18.24
CA ILE E 71 -19.21 3.37 18.18
C ILE E 71 -18.49 3.47 16.85
N TRP E 72 -18.18 2.31 16.26
CA TRP E 72 -17.49 2.27 14.97
C TRP E 72 -18.43 2.64 13.83
N LEU E 73 -19.73 2.71 14.14
CA LEU E 73 -20.73 3.07 13.14
C LEU E 73 -21.01 4.57 13.14
N ALA E 74 -19.95 5.36 13.28
CA ALA E 74 -20.07 6.81 13.28
C ALA E 74 -18.71 7.48 13.42
N VAL E 75 -17.82 6.84 14.16
CA VAL E 75 -16.47 7.37 14.37
C VAL E 75 -15.65 7.31 13.09
N CYS E 76 -16.02 6.38 12.21
CA CYS E 76 -15.32 6.22 10.93
C CYS E 76 -15.99 7.04 9.84
N LEU E 77 -17.29 7.26 9.98
CA LEU E 77 -18.05 8.03 8.99
C LEU E 77 -17.90 9.53 9.24
N LEU E 78 -17.46 9.88 10.44
CA LEU E 78 -17.28 11.28 10.81
C LEU E 78 -15.81 11.68 10.72
N PHE E 79 -14.93 10.72 10.99
CA PHE E 79 -13.49 10.99 10.94
C PHE E 79 -13.03 11.21 9.50
N VAL E 80 -13.58 10.42 8.58
CA VAL E 80 -13.22 10.54 7.16
C VAL E 80 -14.15 11.53 6.45
N PHE E 81 -15.16 12.01 7.16
CA PHE E 81 -16.11 12.96 6.60
C PHE E 81 -15.52 14.37 6.58
N SER E 82 -14.79 14.71 7.64
CA SER E 82 -14.19 16.03 7.75
C SER E 82 -12.88 16.10 6.96
N ALA E 83 -12.23 14.95 6.82
CA ALA E 83 -10.97 14.88 6.08
C ALA E 83 -11.20 15.05 4.58
N LEU E 84 -12.34 14.54 4.11
CA LEU E 84 -12.67 14.64 2.69
C LEU E 84 -13.18 16.04 2.34
N LEU E 85 -13.88 16.66 3.29
CA LEU E 85 -14.41 18.01 3.09
C LEU E 85 -13.31 18.98 2.69
N GLU E 86 -12.13 18.81 3.30
CA GLU E 86 -10.99 19.67 3.01
C GLU E 86 -10.23 19.17 1.79
N TYR E 87 -10.05 17.86 1.71
CA TYR E 87 -9.33 17.24 0.60
C TYR E 87 -10.01 17.55 -0.73
N ALA E 88 -11.26 17.98 -0.66
CA ALA E 88 -12.03 18.32 -1.85
C ALA E 88 -12.38 19.80 -1.89
N ALA E 89 -12.17 20.47 -0.76
CA ALA E 89 -12.45 21.90 -0.66
C ALA E 89 -11.51 22.71 -1.54
N VAL E 90 -10.27 22.23 -1.67
CA VAL E 90 -9.27 22.92 -2.48
C VAL E 90 -9.82 23.24 -3.87
N ASN E 91 -10.57 22.30 -4.44
CA ASN E 91 -11.15 22.48 -5.76
C ASN E 91 -12.49 23.20 -5.67
N PHE E 92 -13.08 23.19 -4.48
CA PHE E 92 -14.37 23.85 -4.27
C PHE E 92 -14.20 25.36 -4.15
N VAL E 93 -12.95 25.81 -4.19
CA VAL E 93 -12.66 27.23 -4.10
C VAL E 93 -13.42 28.03 -5.15
N SER E 94 -13.62 27.42 -6.31
CA SER E 94 -14.34 28.07 -7.41
C SER E 94 -15.76 28.41 -6.99
N ARG E 95 -16.23 27.77 -5.92
CA ARG E 95 -17.58 28.01 -5.42
C ARG E 95 -17.78 29.47 -5.05
N GLN E 96 -16.67 30.17 -4.84
CA GLN E 96 -16.71 31.58 -4.47
C GLN E 96 -17.39 31.78 -3.12
N ARG E 97 -17.27 30.77 -2.26
CA ARG E 97 -17.88 30.83 -0.93
C ARG E 97 -17.30 31.99 -0.12
N GLU E 98 -16.14 32.48 -0.54
CA GLU E 98 -15.48 33.59 0.14
C GLU E 98 -15.93 34.92 -0.44
N PHE E 99 -15.25 35.99 -0.04
CA PHE E 99 -15.58 37.33 -0.52
C PHE E 99 -14.66 37.74 -1.66
N GLY E 100 -13.99 36.75 -2.26
CA GLY E 100 -13.09 37.03 -3.36
C GLY E 100 -12.20 35.85 -3.69
N GLY E 101 -12.14 35.47 -4.97
CA GLY E 101 -11.32 34.36 -5.38
C GLY E 101 -9.97 34.80 -5.89
N GLY E 102 -9.53 35.99 -5.47
CA GLY E 102 -8.24 36.50 -5.90
C GLY E 102 -7.12 36.15 -4.94
N GLY E 103 -7.21 34.96 -4.35
CA GLY E 103 -6.19 34.53 -3.41
C GLY E 103 -5.48 33.27 -3.86
N PHE E 104 -5.21 33.17 -5.16
CA PHE E 104 -4.54 32.00 -5.72
C PHE E 104 -3.03 32.12 -5.56
N ILE E 105 -2.48 33.26 -6.00
CA ILE E 105 -1.05 33.49 -5.90
C ILE E 105 -0.55 33.34 -4.47
N GLN E 106 -1.45 33.56 -3.52
CA GLN E 106 -1.10 33.45 -2.10
C GLN E 106 -1.79 32.25 -1.47
N ARG E 107 -2.38 31.40 -2.31
CA ARG E 107 -3.07 30.21 -1.83
C ARG E 107 -2.15 29.36 -0.97
N ALA E 108 -0.95 29.08 -1.48
CA ALA E 108 0.02 28.27 -0.75
C ALA E 108 0.23 28.81 0.66
N LYS E 109 0.16 30.12 0.80
CA LYS E 109 0.34 30.77 2.10
C LYS E 109 -0.94 30.68 2.93
N LYS E 110 -1.30 29.46 3.32
CA LYS E 110 -2.50 29.25 4.13
C LYS E 110 -2.47 30.09 5.39
N ILE E 111 -3.64 30.52 5.85
CA ILE E 111 -3.74 31.34 7.05
C ILE E 111 -3.93 30.47 8.30
N ASP E 112 -3.57 29.20 8.18
CA ASP E 112 -3.70 28.25 9.28
C ASP E 112 -5.13 28.23 9.81
N LYS E 113 -6.09 28.35 8.90
CA LYS E 113 -7.51 28.33 9.27
C LYS E 113 -8.01 26.90 9.44
N ILE E 114 -7.11 25.94 9.25
CA ILE E 114 -7.47 24.53 9.38
C ILE E 114 -7.04 23.98 10.74
N SER E 115 -6.07 24.63 11.36
CA SER E 115 -5.57 24.22 12.66
C SER E 115 -6.42 24.79 13.79
N ARG E 116 -7.15 25.86 13.47
CA ARG E 116 -8.02 26.50 14.46
C ARG E 116 -9.12 25.55 14.93
N ILE E 117 -9.49 24.61 14.06
CA ILE E 117 -10.53 23.64 14.39
C ILE E 117 -9.92 22.30 14.78
N GLY E 118 -8.77 21.97 14.20
CA GLY E 118 -8.11 20.73 14.50
C GLY E 118 -7.51 20.71 15.89
N PHE E 119 -6.86 21.80 16.27
CA PHE E 119 -6.24 21.91 17.59
C PHE E 119 -7.24 21.54 18.69
N PRO E 120 -8.35 22.29 18.74
CA PRO E 120 -9.40 22.07 19.74
C PRO E 120 -10.17 20.77 19.50
N LEU E 121 -9.99 20.20 18.31
CA LEU E 121 -10.67 18.96 17.96
C LEU E 121 -9.92 17.76 18.53
N ALA E 122 -8.61 17.87 18.64
CA ALA E 122 -7.78 16.80 19.19
C ALA E 122 -7.84 16.78 20.70
N PHE E 123 -7.96 17.96 21.30
CA PHE E 123 -8.03 18.08 22.76
C PHE E 123 -9.39 17.64 23.28
N LEU E 124 -10.43 17.86 22.48
CA LEU E 124 -11.78 17.49 22.86
C LEU E 124 -11.95 15.97 22.87
N ILE E 125 -11.39 15.31 21.86
CA ILE E 125 -11.47 13.86 21.76
C ILE E 125 -10.67 13.18 22.86
N PHE E 126 -9.42 13.63 23.02
CA PHE E 126 -8.54 13.06 24.04
C PHE E 126 -9.17 13.16 25.43
N ASN E 127 -9.89 14.26 25.67
CA ASN E 127 -10.54 14.49 26.95
C ASN E 127 -11.94 13.86 26.97
N LEU E 128 -12.45 13.53 25.78
CA LEU E 128 -13.76 12.93 25.66
C LEU E 128 -13.70 11.43 25.94
N PHE E 129 -12.55 10.82 25.63
CA PHE E 129 -12.37 9.39 25.85
C PHE E 129 -11.68 9.14 27.19
N TYR E 130 -11.00 10.15 27.71
CA TYR E 130 -10.29 10.04 28.97
C TYR E 130 -11.23 10.28 30.15
N TRP E 131 -12.15 11.23 29.97
CA TRP E 131 -13.11 11.55 31.02
C TRP E 131 -14.27 10.56 31.01
N ILE E 132 -14.59 10.03 29.84
CA ILE E 132 -15.68 9.08 29.70
C ILE E 132 -15.27 7.69 30.22
N ILE E 133 -13.99 7.38 30.10
CA ILE E 133 -13.47 6.10 30.55
C ILE E 133 -13.40 6.04 32.07
N TYR E 134 -12.95 7.14 32.67
CA TYR E 134 -12.84 7.22 34.13
C TYR E 134 -14.19 7.52 34.77
N LYS E 135 -15.17 7.85 33.93
CA LYS E 135 -16.51 8.16 34.42
C LYS E 135 -17.42 6.95 34.35
N ILE E 136 -17.37 6.24 33.23
CA ILE E 136 -18.18 5.04 33.06
C ILE E 136 -17.94 4.03 34.17
N VAL E 137 -16.68 3.88 34.56
CA VAL E 137 -16.31 2.95 35.61
C VAL E 137 -16.98 3.32 36.93
N ARG E 138 -17.46 4.56 37.02
CA ARG E 138 -18.12 5.04 38.22
C ARG E 138 -19.63 4.98 38.07
N ARG E 139 -20.13 5.48 36.94
CA ARG E 139 -21.56 5.48 36.67
C ARG E 139 -22.27 6.57 37.48
N GLU E 140 -22.07 6.53 38.80
CA GLU E 140 -22.68 7.51 39.69
C GLU E 140 -21.65 8.48 40.23
N ASP E 141 -20.47 8.49 39.62
CA ASP E 141 -19.39 9.37 40.04
C ASP E 141 -19.12 9.22 41.53
N GLU E 142 -18.59 8.07 41.92
CA GLU E 142 -18.28 7.80 43.33
C GLU E 142 -16.84 8.19 43.65
N PHE E 143 -15.93 7.93 42.71
CA PHE E 143 -14.53 8.24 42.91
C PHE E 143 -14.24 9.70 42.52
N GLU E 144 -15.28 10.42 42.14
CA GLU E 144 -15.15 11.81 41.74
C GLU E 144 -15.27 12.73 42.95
N HIS E 145 -16.47 12.77 43.54
CA HIS E 145 -16.71 13.62 44.71
C HIS E 145 -18.14 13.45 45.19
N HIS E 146 -18.55 14.31 46.13
CA HIS E 146 -19.90 14.26 46.67
C HIS E 146 -20.76 15.39 46.10
N HIS E 147 -20.15 16.55 45.90
CA HIS E 147 -20.85 17.70 45.34
C HIS E 147 -21.15 17.50 43.86
N HIS E 148 -20.21 16.88 43.14
CA HIS E 148 -20.38 16.63 41.72
C HIS E 148 -21.59 15.74 41.46
N HIS E 149 -22.73 16.36 41.16
CA HIS E 149 -23.95 15.62 40.88
C HIS E 149 -23.98 15.11 39.45
N HIS E 150 -23.11 15.67 38.61
CA HIS E 150 -23.03 15.28 37.21
C HIS E 150 -22.89 13.76 37.08
N MET A 1 9.32 -23.21 25.18
CA MET A 1 9.76 -22.62 26.44
C MET A 1 10.97 -21.70 26.22
N LEU A 2 11.24 -21.39 24.96
CA LEU A 2 12.37 -20.53 24.62
C LEU A 2 11.91 -19.08 24.43
N GLU A 3 10.91 -18.67 25.20
CA GLU A 3 10.38 -17.32 25.11
C GLU A 3 11.38 -16.30 25.65
N ARG A 4 12.08 -16.68 26.72
CA ARG A 4 13.07 -15.81 27.33
C ARG A 4 14.40 -15.89 26.59
N GLN A 5 14.52 -16.88 25.71
CA GLN A 5 15.75 -17.08 24.94
C GLN A 5 15.57 -16.58 23.51
N LEU A 6 14.54 -15.77 23.29
CA LEU A 6 14.26 -15.23 21.97
C LEU A 6 15.04 -13.94 21.73
N GLY A 7 15.33 -13.23 22.81
CA GLY A 7 16.08 -11.99 22.70
C GLY A 7 17.37 -12.15 21.91
N TYR A 8 17.92 -13.35 21.93
CA TYR A 8 19.15 -13.64 21.21
C TYR A 8 18.97 -13.45 19.70
N TYR A 9 17.85 -13.95 19.19
CA TYR A 9 17.54 -13.85 17.77
C TYR A 9 17.12 -12.43 17.40
N LEU A 10 16.63 -11.70 18.39
CA LEU A 10 16.19 -10.32 18.18
C LEU A 10 17.38 -9.36 18.15
N ILE A 11 18.46 -9.74 18.83
CA ILE A 11 19.65 -8.91 18.87
C ILE A 11 20.37 -8.93 17.52
N GLN A 12 20.71 -10.13 17.05
CA GLN A 12 21.40 -10.27 15.77
C GLN A 12 20.51 -9.83 14.62
N LEU A 13 19.21 -9.87 14.84
CA LEU A 13 18.24 -9.47 13.81
C LEU A 13 17.99 -7.96 13.86
N TYR A 14 18.26 -7.36 15.01
CA TYR A 14 18.07 -5.93 15.19
C TYR A 14 19.20 -5.14 14.53
N ILE A 15 20.38 -5.73 14.48
CA ILE A 15 21.53 -5.09 13.88
C ILE A 15 21.20 -4.56 12.49
N PRO A 16 20.77 -5.47 11.60
CA PRO A 16 20.41 -5.13 10.22
C PRO A 16 19.13 -4.30 10.15
N SER A 17 18.18 -4.59 11.04
CA SER A 17 16.92 -3.87 11.08
C SER A 17 17.13 -2.41 11.48
N LEU A 18 18.20 -2.16 12.22
CA LEU A 18 18.52 -0.81 12.67
C LEU A 18 19.33 -0.05 11.61
N LEU A 19 20.18 -0.77 10.90
CA LEU A 19 21.00 -0.17 9.85
C LEU A 19 20.13 0.33 8.70
N ILE A 20 19.21 -0.51 8.25
CA ILE A 20 18.32 -0.15 7.16
C ILE A 20 17.40 0.99 7.56
N VAL A 21 17.02 1.04 8.83
CA VAL A 21 16.15 2.09 9.34
C VAL A 21 16.85 3.44 9.34
N ILE A 22 18.10 3.45 9.77
CA ILE A 22 18.89 4.67 9.82
C ILE A 22 18.99 5.31 8.44
N LEU A 23 19.14 4.47 7.41
CA LEU A 23 19.24 4.96 6.04
C LEU A 23 17.96 5.65 5.61
N SER A 24 16.83 5.14 6.08
CA SER A 24 15.53 5.70 5.73
C SER A 24 15.52 7.21 5.96
N TRP A 25 16.11 7.64 7.08
CA TRP A 25 16.16 9.06 7.41
C TRP A 25 17.13 9.80 6.51
N ILE A 26 18.24 9.13 6.17
CA ILE A 26 19.26 9.73 5.31
C ILE A 26 18.65 10.20 3.99
N SER A 27 17.51 9.61 3.63
CA SER A 27 16.83 9.97 2.39
C SER A 27 15.56 10.76 2.68
N PHE A 28 15.17 10.81 3.95
CA PHE A 28 13.98 11.54 4.36
C PHE A 28 14.18 13.04 4.19
N TRP A 29 15.42 13.48 4.32
CA TRP A 29 15.74 14.90 4.20
C TRP A 29 15.38 15.42 2.81
N ILE A 30 15.22 14.50 1.87
CA ILE A 30 14.86 14.87 0.50
C ILE A 30 13.50 14.32 0.12
N ASN A 31 13.15 13.17 0.68
CA ASN A 31 11.86 12.54 0.41
C ASN A 31 10.70 13.40 0.91
N LEU A 32 11.04 14.43 1.69
CA LEU A 32 10.03 15.33 2.23
C LEU A 32 9.07 15.79 1.14
N ASP A 33 9.56 15.80 -0.10
CA ASP A 33 8.73 16.23 -1.24
C ASP A 33 9.28 15.64 -2.54
N ALA A 34 10.60 15.60 -2.65
CA ALA A 34 11.24 15.07 -3.85
C ALA A 34 10.80 13.63 -4.12
N ALA A 35 10.66 12.85 -3.06
CA ALA A 35 10.25 11.46 -3.18
C ALA A 35 9.74 10.92 -1.85
N PRO A 36 8.55 11.37 -1.44
CA PRO A 36 7.93 10.95 -0.18
C PRO A 36 7.47 9.49 -0.22
N ALA A 37 7.60 8.87 -1.39
CA ALA A 37 7.20 7.48 -1.56
C ALA A 37 8.16 6.54 -0.84
N ARG A 38 9.42 6.95 -0.74
CA ARG A 38 10.44 6.14 -0.07
C ARG A 38 10.26 6.20 1.45
N VAL A 39 9.89 7.36 1.95
CA VAL A 39 9.69 7.54 3.39
C VAL A 39 8.55 6.65 3.89
N GLY A 40 7.52 6.50 3.07
CA GLY A 40 6.39 5.68 3.46
C GLY A 40 6.71 4.19 3.43
N LEU A 41 7.67 3.81 2.60
CA LEU A 41 8.08 2.41 2.49
C LEU A 41 9.08 2.05 3.58
N GLY A 42 9.94 2.99 3.92
CA GLY A 42 10.94 2.75 4.94
C GLY A 42 10.34 2.68 6.34
N ILE A 43 9.31 3.48 6.57
CA ILE A 43 8.64 3.50 7.86
C ILE A 43 7.77 2.27 8.06
N THR A 44 7.25 1.74 6.94
CA THR A 44 6.39 0.56 6.99
C THR A 44 7.22 -0.73 6.96
N THR A 45 8.44 -0.62 6.43
CA THR A 45 9.33 -1.77 6.34
C THR A 45 9.90 -2.13 7.70
N VAL A 46 10.14 -1.13 8.53
CA VAL A 46 10.68 -1.34 9.86
C VAL A 46 9.63 -1.94 10.80
N LEU A 47 8.38 -1.50 10.64
CA LEU A 47 7.29 -2.00 11.46
C LEU A 47 6.80 -3.36 10.97
N THR A 48 7.07 -3.64 9.69
CA THR A 48 6.66 -4.91 9.09
C THR A 48 7.75 -5.97 9.25
N LEU A 49 8.99 -5.51 9.41
CA LEU A 49 10.12 -6.42 9.57
C LEU A 49 10.19 -6.95 11.00
N THR A 50 9.68 -6.16 11.94
CA THR A 50 9.69 -6.55 13.35
C THR A 50 8.48 -7.40 13.69
N THR A 51 7.31 -6.99 13.20
CA THR A 51 6.08 -7.71 13.46
C THR A 51 6.07 -9.07 12.75
N GLN A 52 6.86 -9.17 11.69
CA GLN A 52 6.95 -10.40 10.91
C GLN A 52 8.03 -11.32 11.48
N SER A 53 8.89 -10.76 12.32
CA SER A 53 9.97 -11.53 12.93
C SER A 53 9.45 -12.43 14.04
N SER A 54 8.17 -12.25 14.38
CA SER A 54 7.54 -13.04 15.43
C SER A 54 6.23 -13.65 14.95
N GLY A 55 6.22 -14.09 13.69
CA GLY A 55 5.03 -14.68 13.12
C GLY A 55 4.92 -16.17 13.41
N SER A 56 6.07 -16.84 13.43
CA SER A 56 6.10 -18.27 13.69
C SER A 56 5.42 -18.61 15.01
N ARG A 57 5.65 -17.76 16.01
CA ARG A 57 5.05 -17.97 17.33
C ARG A 57 5.46 -19.32 17.91
N ALA A 58 6.54 -19.88 17.37
CA ALA A 58 7.04 -21.18 17.84
C ALA A 58 7.96 -21.01 19.04
N SER A 59 8.49 -19.81 19.21
CA SER A 59 9.39 -19.52 20.32
C SER A 59 8.65 -18.90 21.49
N LEU A 60 7.32 -18.92 21.40
CA LEU A 60 6.47 -18.37 22.46
C LEU A 60 6.76 -16.88 22.65
N PRO A 61 6.30 -16.06 21.71
CA PRO A 61 6.49 -14.61 21.76
C PRO A 61 5.68 -13.95 22.86
N LYS A 62 4.86 -14.74 23.54
CA LYS A 62 4.02 -14.24 24.63
C LYS A 62 4.84 -13.39 25.60
N VAL A 63 5.75 -14.04 26.32
CA VAL A 63 6.60 -13.35 27.28
C VAL A 63 7.35 -12.19 26.62
N SER A 64 7.84 -12.43 25.40
CA SER A 64 8.58 -11.41 24.67
C SER A 64 7.67 -10.23 24.32
N TYR A 65 6.36 -10.45 24.43
CA TYR A 65 5.38 -9.41 24.12
C TYR A 65 5.29 -8.39 25.26
N VAL A 66 5.13 -8.89 26.47
CA VAL A 66 5.02 -8.02 27.64
C VAL A 66 6.21 -7.08 27.74
N LYS A 67 7.42 -7.65 27.76
CA LYS A 67 8.64 -6.86 27.85
C LYS A 67 8.75 -5.91 26.66
N ALA A 68 8.26 -6.35 25.51
CA ALA A 68 8.31 -5.53 24.30
C ALA A 68 7.30 -4.40 24.36
N ILE A 69 6.25 -4.58 25.16
CA ILE A 69 5.21 -3.57 25.31
C ILE A 69 5.71 -2.39 26.13
N ASP A 70 6.65 -2.67 27.03
CA ASP A 70 7.21 -1.62 27.89
C ASP A 70 8.25 -0.80 27.13
N ILE A 71 8.75 -1.37 26.03
CA ILE A 71 9.75 -0.69 25.22
C ILE A 71 9.15 -0.18 23.91
N TRP A 72 7.92 -0.62 23.62
CA TRP A 72 7.24 -0.20 22.40
C TRP A 72 6.20 0.87 22.70
N LEU A 73 6.12 1.28 23.97
CA LEU A 73 5.17 2.30 24.39
C LEU A 73 5.84 3.66 24.50
N ALA A 74 6.68 3.98 23.52
CA ALA A 74 7.38 5.26 23.51
C ALA A 74 8.25 5.40 22.27
N VAL A 75 8.83 4.27 21.82
CA VAL A 75 9.69 4.27 20.64
C VAL A 75 8.89 4.56 19.38
N CYS A 76 7.63 4.13 19.37
CA CYS A 76 6.76 4.34 18.22
C CYS A 76 6.13 5.73 18.27
N LEU A 77 5.90 6.23 19.48
CA LEU A 77 5.29 7.54 19.67
C LEU A 77 6.34 8.64 19.56
N LEU A 78 7.61 8.26 19.66
CA LEU A 78 8.71 9.21 19.58
C LEU A 78 9.34 9.19 18.18
N PHE A 79 9.33 8.01 17.56
CA PHE A 79 9.91 7.85 16.24
C PHE A 79 9.08 8.60 15.19
N VAL A 80 7.75 8.51 15.33
CA VAL A 80 6.85 9.18 14.40
C VAL A 80 6.54 10.60 14.86
N PHE A 81 6.99 10.94 16.06
CA PHE A 81 6.76 12.27 16.61
C PHE A 81 7.69 13.30 15.98
N SER A 82 8.94 12.89 15.76
CA SER A 82 9.94 13.78 15.18
C SER A 82 9.81 13.80 13.66
N ALA A 83 9.30 12.71 13.10
CA ALA A 83 9.12 12.62 11.65
C ALA A 83 8.00 13.53 11.18
N LEU A 84 6.98 13.72 12.01
CA LEU A 84 5.86 14.57 11.67
C LEU A 84 6.20 16.05 11.89
N LEU A 85 6.99 16.30 12.93
CA LEU A 85 7.40 17.67 13.24
C LEU A 85 8.08 18.33 12.05
N GLU A 86 8.85 17.54 11.30
CA GLU A 86 9.55 18.05 10.13
C GLU A 86 8.64 18.07 8.91
N TYR A 87 7.91 16.96 8.72
CA TYR A 87 7.00 16.85 7.58
C TYR A 87 5.91 17.92 7.64
N ALA A 88 5.75 18.53 8.81
CA ALA A 88 4.75 19.58 8.99
C ALA A 88 5.41 20.93 9.23
N ALA A 89 6.71 20.91 9.53
CA ALA A 89 7.46 22.14 9.79
C ALA A 89 7.56 22.99 8.52
N VAL A 90 7.66 22.33 7.37
CA VAL A 90 7.76 23.02 6.10
C VAL A 90 6.67 24.07 5.95
N ASN A 91 5.46 23.73 6.42
CA ASN A 91 4.33 24.64 6.34
C ASN A 91 4.30 25.58 7.54
N PHE A 92 5.01 25.20 8.60
CA PHE A 92 5.06 26.01 9.81
C PHE A 92 6.07 27.15 9.66
N VAL A 93 6.73 27.21 8.50
CA VAL A 93 7.71 28.24 8.23
C VAL A 93 7.13 29.63 8.46
N SER A 94 5.85 29.79 8.12
CA SER A 94 5.17 31.07 8.29
C SER A 94 5.21 31.52 9.75
N ARG A 95 5.42 30.56 10.65
CA ARG A 95 5.48 30.86 12.08
C ARG A 95 6.49 31.97 12.36
N GLN A 96 7.50 32.08 11.51
CA GLN A 96 8.53 33.09 11.67
C GLN A 96 9.29 32.89 12.99
N ARG A 97 9.36 31.65 13.43
CA ARG A 97 10.06 31.33 14.68
C ARG A 97 11.47 31.92 14.68
N GLU A 98 12.06 32.04 13.50
CA GLU A 98 13.41 32.58 13.36
C GLU A 98 13.41 34.08 13.64
N PHE A 99 14.55 34.71 13.40
CA PHE A 99 14.69 36.15 13.62
C PHE A 99 14.53 36.93 12.32
N GLY A 100 13.96 36.27 11.32
CA GLY A 100 13.77 36.92 10.03
C GLY A 100 13.52 35.91 8.92
N GLY A 101 12.49 36.17 8.12
CA GLY A 101 12.17 35.27 7.02
C GLY A 101 12.81 35.69 5.72
N GLY A 102 13.89 36.45 5.81
CA GLY A 102 14.58 36.93 4.63
C GLY A 102 14.93 35.79 3.68
N GLY A 103 15.34 34.65 4.24
CA GLY A 103 15.68 33.51 3.42
C GLY A 103 14.59 32.48 3.35
N PHE A 104 13.36 32.91 3.61
CA PHE A 104 12.21 32.01 3.58
C PHE A 104 12.10 31.31 2.22
N ILE A 105 11.99 32.10 1.16
CA ILE A 105 11.88 31.55 -0.19
C ILE A 105 13.17 30.85 -0.60
N GLN A 106 14.23 31.07 0.16
CA GLN A 106 15.53 30.46 -0.12
C GLN A 106 15.75 29.24 0.76
N ARG A 107 14.68 28.77 1.40
CA ARG A 107 14.76 27.61 2.27
C ARG A 107 14.91 26.33 1.47
N ALA A 108 14.40 26.34 0.23
CA ALA A 108 14.47 25.18 -0.63
C ALA A 108 15.92 24.80 -0.92
N LYS A 109 16.83 25.73 -0.68
CA LYS A 109 18.25 25.50 -0.91
C LYS A 109 18.71 24.22 -0.21
N LYS A 110 18.06 23.89 0.90
CA LYS A 110 18.39 22.70 1.66
C LYS A 110 19.80 22.80 2.24
N ILE A 111 19.92 23.43 3.40
CA ILE A 111 21.21 23.58 4.05
C ILE A 111 21.66 22.28 4.70
N ASP A 112 20.80 21.27 4.64
CA ASP A 112 21.11 19.97 5.22
C ASP A 112 21.25 20.07 6.73
N LYS A 113 20.46 20.96 7.33
CA LYS A 113 20.50 21.15 8.78
C LYS A 113 19.75 20.04 9.49
N ILE A 114 19.15 19.14 8.72
CA ILE A 114 18.41 18.02 9.29
C ILE A 114 19.31 16.81 9.52
N SER A 115 20.44 16.78 8.81
CA SER A 115 21.39 15.69 8.93
C SER A 115 22.31 15.89 10.14
N ARG A 116 22.14 17.02 10.82
CA ARG A 116 22.95 17.34 11.98
C ARG A 116 22.41 16.63 13.23
N ILE A 117 21.12 16.32 13.21
CA ILE A 117 20.49 15.65 14.34
C ILE A 117 20.30 14.16 14.05
N GLY A 118 20.04 13.84 12.79
CA GLY A 118 19.84 12.46 12.39
C GLY A 118 21.10 11.63 12.51
N PHE A 119 22.21 12.19 12.04
CA PHE A 119 23.49 11.50 12.09
C PHE A 119 23.78 10.98 13.50
N PRO A 120 23.83 11.91 14.47
CA PRO A 120 24.10 11.58 15.87
C PRO A 120 22.93 10.83 16.51
N LEU A 121 21.79 10.82 15.84
CA LEU A 121 20.60 10.14 16.34
C LEU A 121 20.66 8.64 16.04
N ALA A 122 21.32 8.30 14.93
CA ALA A 122 21.45 6.91 14.53
C ALA A 122 22.53 6.20 15.33
N PHE A 123 23.61 6.92 15.61
CA PHE A 123 24.72 6.37 16.37
C PHE A 123 24.34 6.17 17.82
N LEU A 124 23.52 7.07 18.35
CA LEU A 124 23.08 6.99 19.73
C LEU A 124 22.18 5.78 19.95
N ILE A 125 21.30 5.51 19.00
CA ILE A 125 20.40 4.38 19.08
C ILE A 125 21.14 3.06 18.92
N PHE A 126 22.01 3.01 17.91
CA PHE A 126 22.79 1.81 17.64
C PHE A 126 23.65 1.42 18.85
N ASN A 127 24.17 2.44 19.53
CA ASN A 127 25.00 2.21 20.71
C ASN A 127 24.14 2.06 21.96
N LEU A 128 22.90 2.49 21.88
CA LEU A 128 21.97 2.39 23.01
C LEU A 128 21.38 1.00 23.10
N PHE A 129 21.24 0.33 21.96
CA PHE A 129 20.69 -1.02 21.92
C PHE A 129 21.80 -2.06 22.02
N TYR A 130 23.01 -1.68 21.65
CA TYR A 130 24.16 -2.58 21.71
C TYR A 130 24.68 -2.70 23.13
N TRP A 131 24.74 -1.58 23.84
CA TRP A 131 25.22 -1.56 25.21
C TRP A 131 24.15 -2.06 26.18
N ILE A 132 22.89 -1.90 25.78
CA ILE A 132 21.77 -2.33 26.62
C ILE A 132 21.54 -3.84 26.48
N ILE A 133 21.86 -4.37 25.31
CA ILE A 133 21.67 -5.80 25.04
C ILE A 133 22.68 -6.63 25.84
N TYR A 134 23.94 -6.18 25.82
CA TYR A 134 25.00 -6.90 26.53
C TYR A 134 24.98 -6.55 28.02
N LYS A 135 24.17 -5.56 28.38
CA LYS A 135 24.06 -5.13 29.77
C LYS A 135 22.99 -5.93 30.50
N ILE A 136 21.82 -6.02 29.89
CA ILE A 136 20.70 -6.77 30.48
C ILE A 136 21.11 -8.21 30.78
N VAL A 137 21.86 -8.81 29.86
CA VAL A 137 22.31 -10.19 30.03
C VAL A 137 23.18 -10.33 31.28
N ARG A 138 23.69 -9.20 31.77
CA ARG A 138 24.54 -9.19 32.95
C ARG A 138 23.74 -8.83 34.19
N ARG A 139 22.96 -7.76 34.10
CA ARG A 139 22.15 -7.30 35.21
C ARG A 139 23.01 -6.59 36.26
N GLU A 140 24.05 -7.27 36.72
CA GLU A 140 24.95 -6.72 37.72
C GLU A 140 26.41 -6.97 37.35
N ASP A 141 26.69 -6.93 36.05
CA ASP A 141 28.05 -7.15 35.56
C ASP A 141 28.52 -8.57 35.89
N GLU A 142 27.62 -9.53 35.76
CA GLU A 142 27.95 -10.93 36.05
C GLU A 142 28.31 -11.68 34.78
N PHE A 143 27.66 -11.31 33.67
CA PHE A 143 27.93 -11.95 32.38
C PHE A 143 28.96 -11.16 31.58
N GLU A 144 29.73 -10.33 32.28
CA GLU A 144 30.76 -9.51 31.62
C GLU A 144 31.67 -10.38 30.75
N HIS A 145 32.25 -11.41 31.35
CA HIS A 145 33.14 -12.30 30.63
C HIS A 145 33.61 -13.45 31.53
N HIS A 146 33.17 -14.66 31.20
CA HIS A 146 33.54 -15.84 31.98
C HIS A 146 32.95 -17.10 31.36
N HIS A 147 31.63 -17.10 31.20
CA HIS A 147 30.93 -18.26 30.62
C HIS A 147 30.77 -18.09 29.11
N HIS A 148 30.50 -16.86 28.68
CA HIS A 148 30.33 -16.58 27.26
C HIS A 148 29.12 -17.33 26.69
N HIS A 149 28.26 -17.80 27.59
CA HIS A 149 27.06 -18.53 27.18
C HIS A 149 25.94 -17.58 26.78
N HIS A 150 26.09 -16.31 27.17
CA HIS A 150 25.09 -15.30 26.85
C HIS A 150 23.72 -15.68 27.42
N MET B 1 9.77 -34.67 3.85
CA MET B 1 11.07 -34.14 4.21
C MET B 1 11.82 -33.63 2.99
N LEU B 2 11.13 -32.84 2.17
CA LEU B 2 11.74 -32.28 0.96
C LEU B 2 12.22 -30.85 1.21
N GLU B 3 12.70 -30.60 2.42
CA GLU B 3 13.21 -29.28 2.78
C GLU B 3 14.52 -28.98 2.05
N ARG B 4 15.36 -30.01 1.91
CA ARG B 4 16.64 -29.85 1.24
C ARG B 4 16.47 -29.94 -0.28
N GLN B 5 15.29 -30.37 -0.71
CA GLN B 5 15.00 -30.51 -2.14
C GLN B 5 14.14 -29.37 -2.63
N LEU B 6 14.07 -28.30 -1.83
CA LEU B 6 13.27 -27.12 -2.19
C LEU B 6 14.07 -26.17 -3.08
N GLY B 7 15.38 -26.17 -2.89
CA GLY B 7 16.24 -25.29 -3.68
C GLY B 7 15.98 -25.43 -5.17
N TYR B 8 15.52 -26.60 -5.59
CA TYR B 8 15.24 -26.85 -7.00
C TYR B 8 14.13 -25.93 -7.50
N TYR B 9 13.08 -25.78 -6.70
CA TYR B 9 11.95 -24.94 -7.06
C TYR B 9 12.31 -23.46 -6.91
N LEU B 10 13.30 -23.18 -6.08
CA LEU B 10 13.74 -21.81 -5.86
C LEU B 10 14.65 -21.33 -6.99
N ILE B 11 15.33 -22.27 -7.63
CA ILE B 11 16.22 -21.95 -8.73
C ILE B 11 15.44 -21.53 -9.97
N GLN B 12 14.53 -22.39 -10.42
CA GLN B 12 13.72 -22.11 -11.60
C GLN B 12 12.78 -20.93 -11.33
N LEU B 13 12.47 -20.70 -10.06
CA LEU B 13 11.58 -19.61 -9.68
C LEU B 13 12.37 -18.31 -9.52
N TYR B 14 13.67 -18.43 -9.28
CA TYR B 14 14.53 -17.26 -9.10
C TYR B 14 14.84 -16.61 -10.44
N ILE B 15 14.88 -17.42 -11.49
CA ILE B 15 15.17 -16.92 -12.83
C ILE B 15 14.28 -15.73 -13.18
N PRO B 16 12.96 -15.94 -13.13
CA PRO B 16 11.98 -14.90 -13.44
C PRO B 16 11.94 -13.81 -12.36
N SER B 17 12.14 -14.21 -11.11
CA SER B 17 12.12 -13.27 -10.00
C SER B 17 13.31 -12.31 -10.09
N LEU B 18 14.37 -12.76 -10.75
CA LEU B 18 15.57 -11.93 -10.90
C LEU B 18 15.44 -11.03 -12.12
N LEU B 19 14.80 -11.53 -13.16
CA LEU B 19 14.61 -10.77 -14.39
C LEU B 19 13.72 -9.55 -14.16
N ILE B 20 12.60 -9.78 -13.48
CA ILE B 20 11.65 -8.71 -13.18
C ILE B 20 12.27 -7.69 -12.25
N VAL B 21 13.14 -8.15 -11.35
CA VAL B 21 13.80 -7.26 -10.39
C VAL B 21 14.78 -6.33 -11.10
N ILE B 22 15.54 -6.89 -12.03
CA ILE B 22 16.53 -6.11 -12.77
C ILE B 22 15.85 -4.95 -13.52
N LEU B 23 14.67 -5.20 -14.05
CA LEU B 23 13.93 -4.19 -14.78
C LEU B 23 13.53 -3.04 -13.86
N SER B 24 13.23 -3.37 -12.61
CA SER B 24 12.83 -2.37 -11.63
C SER B 24 13.82 -1.22 -11.60
N TRP B 25 15.11 -1.55 -11.65
CA TRP B 25 16.16 -0.54 -11.64
C TRP B 25 16.21 0.22 -12.95
N ILE B 26 15.97 -0.48 -14.05
CA ILE B 26 15.99 0.14 -15.38
C ILE B 26 15.03 1.32 -15.44
N SER B 27 14.05 1.33 -14.55
CA SER B 27 13.06 2.41 -14.50
C SER B 27 13.29 3.30 -13.28
N PHE B 28 14.15 2.85 -12.38
CA PHE B 28 14.46 3.60 -11.17
C PHE B 28 15.23 4.88 -11.50
N TRP B 29 15.99 4.83 -12.59
CA TRP B 29 16.78 5.98 -13.02
C TRP B 29 15.89 7.17 -13.34
N ILE B 30 14.61 6.90 -13.53
CA ILE B 30 13.64 7.96 -13.85
C ILE B 30 12.58 8.06 -12.75
N ASN B 31 12.26 6.93 -12.14
CA ASN B 31 11.26 6.90 -11.07
C ASN B 31 11.71 7.71 -9.87
N LEU B 32 12.99 8.10 -9.87
CA LEU B 32 13.55 8.88 -8.77
C LEU B 32 12.65 10.06 -8.42
N ASP B 33 11.88 10.52 -9.41
CA ASP B 33 10.97 11.63 -9.20
C ASP B 33 9.84 11.62 -10.24
N ALA B 34 10.19 11.26 -11.46
CA ALA B 34 9.20 11.20 -12.55
C ALA B 34 8.06 10.26 -12.19
N ALA B 35 8.39 9.14 -11.55
CA ALA B 35 7.39 8.15 -11.16
C ALA B 35 7.93 7.21 -10.09
N PRO B 36 8.08 7.72 -8.87
CA PRO B 36 8.60 6.95 -7.74
C PRO B 36 7.61 5.88 -7.27
N ALA B 37 6.42 5.89 -7.86
CA ALA B 37 5.39 4.93 -7.50
C ALA B 37 5.76 3.52 -7.99
N ARG B 38 6.48 3.45 -9.09
CA ARG B 38 6.90 2.17 -9.65
C ARG B 38 8.03 1.56 -8.82
N VAL B 39 8.93 2.41 -8.34
CA VAL B 39 10.05 1.95 -7.53
C VAL B 39 9.57 1.29 -6.25
N GLY B 40 8.49 1.83 -5.68
CA GLY B 40 7.94 1.28 -4.45
C GLY B 40 7.23 -0.03 -4.66
N LEU B 41 6.72 -0.23 -5.87
CA LEU B 41 6.00 -1.46 -6.21
C LEU B 41 6.96 -2.57 -6.61
N GLY B 42 8.05 -2.18 -7.30
CA GLY B 42 9.04 -3.16 -7.72
C GLY B 42 9.85 -3.71 -6.57
N ILE B 43 10.11 -2.85 -5.57
CA ILE B 43 10.89 -3.26 -4.41
C ILE B 43 10.05 -4.13 -3.47
N THR B 44 8.75 -3.90 -3.47
CA THR B 44 7.83 -4.66 -2.63
C THR B 44 7.39 -5.95 -3.31
N THR B 45 7.45 -5.96 -4.64
CA THR B 45 7.05 -7.13 -5.41
C THR B 45 8.10 -8.24 -5.29
N VAL B 46 9.36 -7.85 -5.20
CA VAL B 46 10.45 -8.82 -5.09
C VAL B 46 10.46 -9.46 -3.70
N LEU B 47 10.16 -8.68 -2.68
CA LEU B 47 10.14 -9.16 -1.31
C LEU B 47 8.84 -9.92 -1.02
N THR B 48 7.81 -9.63 -1.81
CA THR B 48 6.52 -10.29 -1.64
C THR B 48 6.43 -11.55 -2.49
N LEU B 49 7.22 -11.61 -3.55
CA LEU B 49 7.23 -12.76 -4.44
C LEU B 49 8.06 -13.90 -3.85
N THR B 50 9.04 -13.54 -3.02
CA THR B 50 9.89 -14.53 -2.40
C THR B 50 9.27 -15.06 -1.10
N THR B 51 8.73 -14.16 -0.30
CA THR B 51 8.10 -14.54 0.96
C THR B 51 6.82 -15.32 0.72
N GLN B 52 6.22 -15.13 -0.44
CA GLN B 52 4.98 -15.82 -0.80
C GLN B 52 5.28 -17.16 -1.46
N SER B 53 6.53 -17.33 -1.90
CA SER B 53 6.94 -18.56 -2.56
C SER B 53 7.11 -19.69 -1.54
N SER B 54 7.03 -19.35 -0.26
CA SER B 54 7.18 -20.32 0.81
C SER B 54 6.03 -20.23 1.80
N GLY B 55 4.82 -20.00 1.28
CA GLY B 55 3.65 -19.88 2.13
C GLY B 55 3.02 -21.23 2.43
N SER B 56 3.07 -22.13 1.44
CA SER B 56 2.49 -23.46 1.61
C SER B 56 3.09 -24.17 2.82
N ARG B 57 4.38 -24.00 3.02
CA ARG B 57 5.07 -24.62 4.14
C ARG B 57 4.91 -26.14 4.10
N ALA B 58 4.57 -26.67 2.93
CA ALA B 58 4.37 -28.10 2.77
C ALA B 58 5.70 -28.79 2.45
N SER B 59 6.68 -28.02 1.99
CA SER B 59 7.98 -28.56 1.66
C SER B 59 8.96 -28.39 2.82
N LEU B 60 8.43 -27.99 3.97
CA LEU B 60 9.26 -27.79 5.15
C LEU B 60 10.31 -26.72 4.91
N PRO B 61 9.88 -25.45 4.85
CA PRO B 61 10.78 -24.32 4.63
C PRO B 61 11.70 -24.05 5.81
N LYS B 62 11.49 -24.80 6.90
CA LYS B 62 12.31 -24.66 8.10
C LYS B 62 13.79 -24.65 7.75
N VAL B 63 14.29 -25.79 7.28
CA VAL B 63 15.70 -25.91 6.91
C VAL B 63 16.09 -24.85 5.89
N SER B 64 15.21 -24.62 4.93
CA SER B 64 15.48 -23.63 3.88
C SER B 64 15.54 -22.23 4.48
N TYR B 65 15.06 -22.09 5.70
CA TYR B 65 15.06 -20.79 6.38
C TYR B 65 16.45 -20.46 6.91
N VAL B 66 17.05 -21.41 7.63
CA VAL B 66 18.38 -21.21 8.19
C VAL B 66 19.37 -20.81 7.11
N LYS B 67 19.50 -21.63 6.08
CA LYS B 67 20.41 -21.37 4.98
C LYS B 67 20.07 -20.04 4.30
N ALA B 68 18.78 -19.72 4.26
CA ALA B 68 18.33 -18.48 3.64
C ALA B 68 18.66 -17.28 4.52
N ILE B 69 18.79 -17.51 5.81
CA ILE B 69 19.11 -16.45 6.75
C ILE B 69 20.56 -16.00 6.61
N ASP B 70 21.42 -16.91 6.19
CA ASP B 70 22.83 -16.60 6.00
C ASP B 70 23.06 -15.86 4.68
N ILE B 71 22.08 -15.95 3.79
CA ILE B 71 22.18 -15.28 2.49
C ILE B 71 21.27 -14.07 2.43
N TRP B 72 20.38 -13.95 3.42
CA TRP B 72 19.45 -12.83 3.48
C TRP B 72 19.90 -11.79 4.48
N LEU B 73 21.07 -12.02 5.09
CA LEU B 73 21.63 -11.11 6.07
C LEU B 73 22.68 -10.21 5.45
N ALA B 74 22.40 -9.72 4.24
CA ALA B 74 23.34 -8.84 3.54
C ALA B 74 22.77 -8.39 2.19
N VAL B 75 22.01 -9.28 1.55
CA VAL B 75 21.40 -8.98 0.26
C VAL B 75 20.33 -7.90 0.41
N CYS B 76 19.65 -7.90 1.54
CA CYS B 76 18.59 -6.93 1.81
C CYS B 76 19.18 -5.62 2.32
N LEU B 77 20.29 -5.72 3.04
CA LEU B 77 20.95 -4.53 3.59
C LEU B 77 21.83 -3.86 2.54
N LEU B 78 22.14 -4.59 1.48
CA LEU B 78 22.97 -4.06 0.40
C LEU B 78 22.12 -3.61 -0.78
N PHE B 79 21.00 -4.29 -0.98
CA PHE B 79 20.09 -3.95 -2.07
C PHE B 79 19.42 -2.61 -1.83
N VAL B 80 19.02 -2.36 -0.58
CA VAL B 80 18.37 -1.11 -0.22
C VAL B 80 19.39 -0.05 0.19
N PHE B 81 20.65 -0.47 0.30
CA PHE B 81 21.73 0.44 0.68
C PHE B 81 22.13 1.33 -0.50
N SER B 82 22.18 0.74 -1.68
CA SER B 82 22.56 1.46 -2.89
C SER B 82 21.37 2.24 -3.45
N ALA B 83 20.17 1.75 -3.19
CA ALA B 83 18.95 2.39 -3.66
C ALA B 83 18.70 3.70 -2.92
N LEU B 84 19.09 3.75 -1.65
CA LEU B 84 18.92 4.94 -0.83
C LEU B 84 20.00 5.96 -1.11
N LEU B 85 21.21 5.47 -1.38
CA LEU B 85 22.35 6.35 -1.67
C LEU B 85 22.03 7.28 -2.83
N GLU B 86 21.31 6.76 -3.82
CA GLU B 86 20.94 7.55 -5.00
C GLU B 86 19.69 8.38 -4.71
N TYR B 87 18.69 7.77 -4.10
CA TYR B 87 17.44 8.45 -3.77
C TYR B 87 17.70 9.63 -2.84
N ALA B 88 18.87 9.64 -2.22
CA ALA B 88 19.23 10.72 -1.30
C ALA B 88 20.39 11.54 -1.86
N ALA B 89 21.06 11.01 -2.88
CA ALA B 89 22.18 11.70 -3.51
C ALA B 89 21.73 12.98 -4.20
N VAL B 90 20.52 12.94 -4.76
CA VAL B 90 19.97 14.11 -5.45
C VAL B 90 20.07 15.36 -4.59
N ASN B 91 19.83 15.20 -3.29
CA ASN B 91 19.88 16.32 -2.36
C ASN B 91 21.31 16.53 -1.86
N PHE B 92 22.14 15.51 -2.01
CA PHE B 92 23.53 15.59 -1.56
C PHE B 92 24.39 16.33 -2.59
N VAL B 93 23.76 16.75 -3.68
CA VAL B 93 24.45 17.47 -4.74
C VAL B 93 25.19 18.67 -4.18
N SER B 94 24.57 19.33 -3.20
CA SER B 94 25.16 20.51 -2.58
C SER B 94 26.54 20.19 -2.01
N ARG B 95 26.77 18.92 -1.73
CA ARG B 95 28.04 18.47 -1.17
C ARG B 95 29.21 18.98 -2.01
N GLN B 96 28.97 19.17 -3.30
CA GLN B 96 30.00 19.65 -4.21
C GLN B 96 31.15 18.65 -4.30
N ARG B 97 30.84 17.38 -4.11
CA ARG B 97 31.85 16.33 -4.17
C ARG B 97 32.65 16.42 -5.46
N GLU B 98 32.01 16.92 -6.52
CA GLU B 98 32.67 17.05 -7.82
C GLU B 98 33.71 18.18 -7.78
N PHE B 99 34.29 18.46 -8.93
CA PHE B 99 35.30 19.51 -9.04
C PHE B 99 34.68 20.81 -9.52
N GLY B 100 33.36 20.91 -9.42
CA GLY B 100 32.67 22.11 -9.85
C GLY B 100 31.18 21.88 -10.07
N GLY B 101 30.36 22.74 -9.49
CA GLY B 101 28.92 22.61 -9.64
C GLY B 101 28.38 23.40 -10.81
N GLY B 102 29.24 23.69 -11.78
CA GLY B 102 28.82 24.45 -12.95
C GLY B 102 27.60 23.87 -13.62
N GLY B 103 27.53 22.54 -13.68
CA GLY B 103 26.40 21.87 -14.30
C GLY B 103 25.41 21.36 -13.28
N PHE B 104 25.41 21.95 -12.09
CA PHE B 104 24.51 21.53 -11.03
C PHE B 104 23.05 21.62 -11.49
N ILE B 105 22.64 22.81 -11.92
CA ILE B 105 21.28 23.03 -12.38
C ILE B 105 21.02 22.26 -13.67
N GLN B 106 22.08 21.78 -14.30
CA GLN B 106 21.97 21.04 -15.55
C GLN B 106 22.06 19.54 -15.29
N ARG B 107 21.92 19.15 -14.03
CA ARG B 107 21.97 17.74 -13.65
C ARG B 107 20.71 17.01 -14.09
N ALA B 108 19.60 17.74 -14.18
CA ALA B 108 18.33 17.17 -14.58
C ALA B 108 18.41 16.57 -15.98
N LYS B 109 19.43 16.98 -16.73
CA LYS B 109 19.63 16.50 -18.10
C LYS B 109 19.62 14.97 -18.13
N LYS B 110 19.99 14.36 -17.01
CA LYS B 110 20.03 12.90 -16.91
C LYS B 110 20.99 12.31 -17.93
N ILE B 111 22.27 12.28 -17.56
CA ILE B 111 23.30 11.74 -18.45
C ILE B 111 23.24 10.21 -18.48
N ASP B 112 22.35 9.64 -17.69
CA ASP B 112 22.18 8.20 -17.64
C ASP B 112 23.44 7.53 -17.10
N LYS B 113 24.12 8.20 -16.17
CA LYS B 113 25.34 7.67 -15.58
C LYS B 113 25.02 6.61 -14.53
N ILE B 114 23.73 6.39 -14.30
CA ILE B 114 23.30 5.40 -13.32
C ILE B 114 23.12 4.03 -13.96
N SER B 115 22.95 4.02 -15.29
CA SER B 115 22.77 2.77 -16.02
C SER B 115 24.12 2.11 -16.31
N ARG B 116 25.19 2.79 -15.92
CA ARG B 116 26.54 2.27 -16.15
C ARG B 116 26.91 1.25 -15.09
N ILE B 117 26.28 1.36 -13.91
CA ILE B 117 26.56 0.43 -12.82
C ILE B 117 25.45 -0.61 -12.70
N GLY B 118 24.22 -0.20 -13.00
CA GLY B 118 23.10 -1.11 -12.92
C GLY B 118 23.17 -2.21 -13.96
N PHE B 119 23.50 -1.84 -15.20
CA PHE B 119 23.59 -2.82 -16.28
C PHE B 119 24.49 -3.99 -15.89
N PRO B 120 25.75 -3.69 -15.55
CA PRO B 120 26.72 -4.70 -15.15
C PRO B 120 26.41 -5.30 -13.79
N LEU B 121 25.49 -4.66 -13.07
CA LEU B 121 25.10 -5.14 -11.74
C LEU B 121 24.06 -6.25 -11.85
N ALA B 122 23.25 -6.20 -12.91
CA ALA B 122 22.22 -7.21 -13.12
C ALA B 122 22.82 -8.48 -13.71
N PHE B 123 23.79 -8.32 -14.59
CA PHE B 123 24.45 -9.46 -15.22
C PHE B 123 25.33 -10.21 -14.23
N LEU B 124 25.93 -9.47 -13.30
CA LEU B 124 26.80 -10.06 -12.29
C LEU B 124 25.99 -10.93 -11.32
N ILE B 125 24.81 -10.45 -10.95
CA ILE B 125 23.95 -11.18 -10.03
C ILE B 125 23.35 -12.40 -10.71
N PHE B 126 22.86 -12.22 -11.93
CA PHE B 126 22.25 -13.32 -12.68
C PHE B 126 23.26 -14.45 -12.90
N ASN B 127 24.51 -14.08 -13.11
CA ASN B 127 25.57 -15.06 -13.33
C ASN B 127 26.15 -15.54 -12.00
N LEU B 128 25.89 -14.78 -10.94
CA LEU B 128 26.38 -15.14 -9.61
C LEU B 128 25.48 -16.18 -8.95
N PHE B 129 24.21 -16.16 -9.31
CA PHE B 129 23.24 -17.10 -8.76
C PHE B 129 23.12 -18.35 -9.65
N TYR B 130 23.47 -18.19 -10.92
CA TYR B 130 23.40 -19.29 -11.87
C TYR B 130 24.61 -20.21 -11.72
N TRP B 131 25.78 -19.62 -11.51
CA TRP B 131 27.00 -20.40 -11.34
C TRP B 131 27.09 -20.97 -9.93
N ILE B 132 26.45 -20.30 -8.98
CA ILE B 132 26.46 -20.74 -7.59
C ILE B 132 25.46 -21.85 -7.36
N ILE B 133 24.38 -21.83 -8.14
CA ILE B 133 23.34 -22.85 -8.01
C ILE B 133 23.83 -24.20 -8.53
N TYR B 134 24.48 -24.19 -9.68
CA TYR B 134 25.01 -25.41 -10.27
C TYR B 134 26.32 -25.82 -9.62
N LYS B 135 26.86 -24.94 -8.79
CA LYS B 135 28.12 -25.20 -8.10
C LYS B 135 27.87 -25.92 -6.77
N ILE B 136 26.94 -25.38 -5.98
CA ILE B 136 26.61 -25.96 -4.70
C ILE B 136 26.18 -27.42 -4.84
N VAL B 137 25.41 -27.70 -5.88
CA VAL B 137 24.94 -29.06 -6.14
C VAL B 137 26.10 -30.01 -6.37
N ARG B 138 27.27 -29.45 -6.66
CA ARG B 138 28.47 -30.25 -6.90
C ARG B 138 29.34 -30.31 -5.67
N ARG B 139 29.58 -29.14 -5.07
CA ARG B 139 30.41 -29.06 -3.86
C ARG B 139 31.89 -29.20 -4.22
N GLU B 140 32.23 -30.29 -4.90
CA GLU B 140 33.61 -30.55 -5.30
C GLU B 140 33.68 -30.99 -6.75
N ASP B 141 32.81 -30.42 -7.58
CA ASP B 141 32.79 -30.77 -9.01
C ASP B 141 32.42 -32.23 -9.21
N GLU B 142 31.49 -32.72 -8.41
CA GLU B 142 31.05 -34.11 -8.50
C GLU B 142 29.79 -34.24 -9.34
N PHE B 143 28.94 -33.23 -9.27
CA PHE B 143 27.69 -33.22 -10.03
C PHE B 143 27.86 -32.47 -11.35
N GLU B 144 29.11 -32.34 -11.79
CA GLU B 144 29.42 -31.65 -13.03
C GLU B 144 28.58 -32.21 -14.18
N HIS B 145 28.68 -33.51 -14.41
CA HIS B 145 27.95 -34.17 -15.48
C HIS B 145 28.16 -35.68 -15.42
N HIS B 146 27.09 -36.42 -15.12
CA HIS B 146 27.16 -37.87 -15.04
C HIS B 146 25.79 -38.46 -14.71
N HIS B 147 25.22 -38.02 -13.60
CA HIS B 147 23.91 -38.50 -13.17
C HIS B 147 22.79 -37.60 -13.70
N HIS B 148 23.04 -36.30 -13.71
CA HIS B 148 22.06 -35.33 -14.20
C HIS B 148 20.81 -35.35 -13.33
N HIS B 149 20.93 -35.93 -12.13
CA HIS B 149 19.81 -36.01 -11.21
C HIS B 149 19.65 -34.70 -10.44
N HIS B 150 20.68 -33.88 -10.45
CA HIS B 150 20.66 -32.59 -9.76
C HIS B 150 20.50 -32.80 -8.26
N MET C 1 -11.17 -32.73 -5.17
CA MET C 1 -11.75 -33.60 -6.19
C MET C 1 -12.15 -32.80 -7.43
N LEU C 2 -12.58 -31.56 -7.21
CA LEU C 2 -12.98 -30.70 -8.31
C LEU C 2 -11.84 -29.77 -8.71
N GLU C 3 -10.61 -30.26 -8.61
CA GLU C 3 -9.44 -29.47 -8.97
C GLU C 3 -9.38 -29.25 -10.48
N ARG C 4 -9.74 -30.28 -11.24
CA ARG C 4 -9.72 -30.20 -12.69
C ARG C 4 -10.98 -29.51 -13.22
N GLN C 5 -11.96 -29.34 -12.34
CA GLN C 5 -13.22 -28.71 -12.71
C GLN C 5 -13.28 -27.27 -12.22
N LEU C 6 -12.12 -26.72 -11.86
CA LEU C 6 -12.04 -25.36 -11.37
C LEU C 6 -11.91 -24.37 -12.51
N GLY C 7 -11.31 -24.82 -13.62
CA GLY C 7 -11.14 -23.96 -14.78
C GLY C 7 -12.44 -23.29 -15.19
N TYR C 8 -13.55 -23.94 -14.90
CA TYR C 8 -14.86 -23.40 -15.27
C TYR C 8 -15.12 -22.08 -14.55
N TYR C 9 -14.79 -22.04 -13.26
CA TYR C 9 -14.99 -20.84 -12.45
C TYR C 9 -13.94 -19.78 -12.79
N LEU C 10 -12.81 -20.22 -13.32
CA LEU C 10 -11.73 -19.31 -13.69
C LEU C 10 -12.03 -18.63 -15.03
N ILE C 11 -12.80 -19.32 -15.87
CA ILE C 11 -13.16 -18.78 -17.18
C ILE C 11 -14.13 -17.61 -17.04
N GLN C 12 -15.26 -17.87 -16.38
CA GLN C 12 -16.28 -16.84 -16.19
C GLN C 12 -15.76 -15.72 -15.30
N LEU C 13 -14.77 -16.04 -14.47
CA LEU C 13 -14.18 -15.06 -13.56
C LEU C 13 -13.07 -14.27 -14.26
N TYR C 14 -12.52 -14.86 -15.32
CA TYR C 14 -11.45 -14.21 -16.07
C TYR C 14 -12.00 -13.12 -16.98
N ILE C 15 -13.24 -13.31 -17.43
CA ILE C 15 -13.88 -12.34 -18.31
C ILE C 15 -13.80 -10.94 -17.74
N PRO C 16 -14.33 -10.76 -16.52
CA PRO C 16 -14.32 -9.47 -15.82
C PRO C 16 -12.93 -9.05 -15.38
N SER C 17 -12.12 -10.04 -14.99
CA SER C 17 -10.76 -9.77 -14.53
C SER C 17 -9.89 -9.26 -15.68
N LEU C 18 -10.27 -9.63 -16.91
CA LEU C 18 -9.52 -9.21 -18.09
C LEU C 18 -10.00 -7.84 -18.57
N LEU C 19 -11.30 -7.58 -18.42
CA LEU C 19 -11.88 -6.31 -18.84
C LEU C 19 -11.35 -5.16 -18.00
N ILE C 20 -11.33 -5.36 -16.69
CA ILE C 20 -10.84 -4.34 -15.76
C ILE C 20 -9.35 -4.10 -15.96
N VAL C 21 -8.63 -5.16 -16.31
CA VAL C 21 -7.18 -5.05 -16.53
C VAL C 21 -6.88 -4.22 -17.77
N ILE C 22 -7.62 -4.47 -18.85
CA ILE C 22 -7.43 -3.74 -20.09
C ILE C 22 -7.58 -2.24 -19.88
N LEU C 23 -8.54 -1.85 -19.04
CA LEU C 23 -8.80 -0.45 -18.76
C LEU C 23 -7.60 0.19 -18.05
N SER C 24 -6.93 -0.60 -17.21
CA SER C 24 -5.76 -0.11 -16.48
C SER C 24 -4.77 0.55 -17.42
N TRP C 25 -4.57 -0.06 -18.59
CA TRP C 25 -3.64 0.47 -19.58
C TRP C 25 -4.20 1.73 -20.24
N ILE C 26 -5.51 1.72 -20.47
CA ILE C 26 -6.17 2.86 -21.10
C ILE C 26 -5.88 4.16 -20.33
N SER C 27 -5.55 4.02 -19.06
CA SER C 27 -5.24 5.18 -18.23
C SER C 27 -3.75 5.27 -17.94
N PHE C 28 -3.02 4.21 -18.29
CA PHE C 28 -1.58 4.17 -18.08
C PHE C 28 -0.87 5.17 -18.98
N TRP C 29 -1.46 5.44 -20.14
CA TRP C 29 -0.88 6.39 -21.09
C TRP C 29 -0.77 7.78 -20.49
N ILE C 30 -1.52 8.01 -19.42
CA ILE C 30 -1.51 9.31 -18.75
C ILE C 30 -0.99 9.18 -17.31
N ASN C 31 -1.24 8.03 -16.70
CA ASN C 31 -0.79 7.77 -15.33
C ASN C 31 0.73 7.75 -15.26
N LEU C 32 1.38 7.74 -16.43
CA LEU C 32 2.84 7.72 -16.48
C LEU C 32 3.44 8.78 -15.57
N ASP C 33 2.68 9.85 -15.33
CA ASP C 33 3.13 10.93 -14.47
C ASP C 33 1.95 11.72 -13.93
N ALA C 34 0.93 11.91 -14.75
CA ALA C 34 -0.25 12.65 -14.35
C ALA C 34 -0.91 12.01 -13.12
N ALA C 35 -0.93 10.68 -13.10
CA ALA C 35 -1.51 9.95 -11.98
C ALA C 35 -1.00 8.52 -11.94
N PRO C 36 0.27 8.35 -11.54
CA PRO C 36 0.90 7.04 -11.44
C PRO C 36 0.34 6.20 -10.30
N ALA C 37 -0.54 6.81 -9.50
CA ALA C 37 -1.16 6.12 -8.38
C ALA C 37 -2.17 5.09 -8.86
N ARG C 38 -2.79 5.36 -9.99
CA ARG C 38 -3.79 4.46 -10.56
C ARG C 38 -3.13 3.22 -11.16
N VAL C 39 -1.97 3.43 -11.80
CA VAL C 39 -1.24 2.33 -12.41
C VAL C 39 -0.79 1.32 -11.37
N GLY C 40 -0.41 1.81 -10.20
CA GLY C 40 0.04 0.93 -9.13
C GLY C 40 -1.09 0.14 -8.52
N LEU C 41 -2.30 0.69 -8.58
CA LEU C 41 -3.48 0.04 -8.02
C LEU C 41 -4.06 -0.98 -9.00
N GLY C 42 -3.99 -0.64 -10.29
CA GLY C 42 -4.51 -1.53 -11.31
C GLY C 42 -3.65 -2.77 -11.49
N ILE C 43 -2.34 -2.61 -11.33
CA ILE C 43 -1.42 -3.72 -11.49
C ILE C 43 -1.47 -4.65 -10.29
N THR C 44 -1.79 -4.08 -9.12
CA THR C 44 -1.88 -4.86 -7.90
C THR C 44 -3.25 -5.48 -7.73
N THR C 45 -4.25 -4.88 -8.37
CA THR C 45 -5.62 -5.37 -8.31
C THR C 45 -5.79 -6.65 -9.13
N VAL C 46 -5.06 -6.74 -10.23
CA VAL C 46 -5.13 -7.91 -11.10
C VAL C 46 -4.43 -9.10 -10.47
N LEU C 47 -3.32 -8.84 -9.79
CA LEU C 47 -2.56 -9.90 -9.14
C LEU C 47 -3.20 -10.30 -7.81
N THR C 48 -3.99 -9.39 -7.25
CA THR C 48 -4.67 -9.65 -5.99
C THR C 48 -6.04 -10.27 -6.21
N LEU C 49 -6.60 -10.04 -7.39
CA LEU C 49 -7.91 -10.58 -7.73
C LEU C 49 -7.80 -12.05 -8.15
N THR C 50 -6.64 -12.43 -8.67
CA THR C 50 -6.41 -13.80 -9.11
C THR C 50 -5.93 -14.66 -7.95
N THR C 51 -5.01 -14.13 -7.16
CA THR C 51 -4.47 -14.86 -6.02
C THR C 51 -5.53 -15.05 -4.93
N GLN C 52 -6.51 -14.16 -4.92
CA GLN C 52 -7.59 -14.22 -3.94
C GLN C 52 -8.73 -15.11 -4.42
N SER C 53 -8.73 -15.40 -5.72
CA SER C 53 -9.76 -16.24 -6.32
C SER C 53 -9.55 -17.71 -5.97
N SER C 54 -8.41 -18.00 -5.35
CA SER C 54 -8.09 -19.36 -4.95
C SER C 54 -7.67 -19.42 -3.49
N GLY C 55 -8.36 -18.64 -2.65
CA GLY C 55 -8.05 -18.62 -1.23
C GLY C 55 -8.77 -19.71 -0.47
N SER C 56 -10.01 -20.00 -0.89
CA SER C 56 -10.81 -21.03 -0.23
C SER C 56 -10.07 -22.36 -0.18
N ARG C 57 -9.39 -22.68 -1.27
CA ARG C 57 -8.63 -23.93 -1.36
C ARG C 57 -9.55 -25.13 -1.15
N ALA C 58 -10.85 -24.92 -1.32
CA ALA C 58 -11.83 -25.98 -1.14
C ALA C 58 -11.99 -26.78 -2.42
N SER C 59 -11.59 -26.20 -3.55
CA SER C 59 -11.70 -26.86 -4.84
C SER C 59 -10.38 -27.55 -5.21
N LEU C 60 -9.47 -27.61 -4.26
CA LEU C 60 -8.17 -28.23 -4.47
C LEU C 60 -7.41 -27.53 -5.60
N PRO C 61 -6.90 -26.33 -5.31
CA PRO C 61 -6.14 -25.53 -6.28
C PRO C 61 -4.78 -26.14 -6.60
N LYS C 62 -4.45 -27.23 -5.89
CA LYS C 62 -3.17 -27.90 -6.10
C LYS C 62 -2.92 -28.15 -7.58
N VAL C 63 -3.73 -29.02 -8.18
CA VAL C 63 -3.60 -29.35 -9.60
C VAL C 63 -3.65 -28.09 -10.46
N SER C 64 -4.57 -27.18 -10.10
CA SER C 64 -4.72 -25.93 -10.84
C SER C 64 -3.49 -25.06 -10.71
N TYR C 65 -2.63 -25.39 -9.75
CA TYR C 65 -1.41 -24.64 -9.52
C TYR C 65 -0.34 -25.01 -10.55
N VAL C 66 -0.10 -26.30 -10.72
CA VAL C 66 0.89 -26.78 -11.68
C VAL C 66 0.63 -26.22 -13.07
N LYS C 67 -0.57 -26.45 -13.58
CA LYS C 67 -0.95 -25.96 -14.91
C LYS C 67 -0.86 -24.44 -14.97
N ALA C 68 -1.16 -23.79 -13.85
CA ALA C 68 -1.11 -22.33 -13.79
C ALA C 68 0.33 -21.84 -13.77
N ILE C 69 1.24 -22.69 -13.29
CA ILE C 69 2.65 -22.33 -13.22
C ILE C 69 3.28 -22.30 -14.61
N ASP C 70 2.76 -23.12 -15.52
CA ASP C 70 3.27 -23.18 -16.88
C ASP C 70 2.76 -22.00 -17.71
N ILE C 71 1.69 -21.36 -17.22
CA ILE C 71 1.11 -20.22 -17.91
C ILE C 71 1.40 -18.92 -17.17
N TRP C 72 1.94 -19.04 -15.96
CA TRP C 72 2.27 -17.88 -15.16
C TRP C 72 3.77 -17.61 -15.18
N LEU C 73 4.51 -18.42 -15.94
CA LEU C 73 5.95 -18.26 -16.05
C LEU C 73 6.32 -17.53 -17.34
N ALA C 74 5.58 -16.46 -17.65
CA ALA C 74 5.83 -15.68 -18.85
C ALA C 74 4.85 -14.51 -18.95
N VAL C 75 3.63 -14.73 -18.49
CA VAL C 75 2.60 -13.69 -18.54
C VAL C 75 2.93 -12.55 -17.56
N CYS C 76 3.58 -12.90 -16.46
CA CYS C 76 3.95 -11.92 -15.45
C CYS C 76 5.26 -11.23 -15.82
N LEU C 77 6.14 -11.96 -16.50
CA LEU C 77 7.43 -11.43 -16.90
C LEU C 77 7.30 -10.62 -18.20
N LEU C 78 6.19 -10.81 -18.90
CA LEU C 78 5.95 -10.10 -20.16
C LEU C 78 5.00 -8.92 -19.93
N PHE C 79 4.09 -9.08 -18.98
CA PHE C 79 3.13 -8.02 -18.66
C PHE C 79 3.83 -6.82 -18.03
N VAL C 80 4.77 -7.10 -17.13
CA VAL C 80 5.52 -6.04 -16.45
C VAL C 80 6.76 -5.65 -17.25
N PHE C 81 7.04 -6.39 -18.31
CA PHE C 81 8.20 -6.12 -19.15
C PHE C 81 7.93 -4.95 -20.08
N SER C 82 6.72 -4.89 -20.63
CA SER C 82 6.34 -3.82 -21.53
C SER C 82 5.93 -2.57 -20.75
N ALA C 83 5.45 -2.77 -19.54
CA ALA C 83 5.03 -1.65 -18.69
C ALA C 83 6.23 -0.85 -18.21
N LEU C 84 7.35 -1.53 -18.01
CA LEU C 84 8.57 -0.87 -17.54
C LEU C 84 9.30 -0.20 -18.71
N LEU C 85 9.22 -0.81 -19.88
CA LEU C 85 9.87 -0.26 -21.06
C LEU C 85 9.40 1.16 -21.34
N GLU C 86 8.11 1.41 -21.10
CA GLU C 86 7.54 2.72 -21.32
C GLU C 86 7.79 3.64 -20.13
N TYR C 87 7.59 3.10 -18.93
CA TYR C 87 7.79 3.86 -17.70
C TYR C 87 9.23 4.35 -17.59
N ALA C 88 10.11 3.73 -18.36
CA ALA C 88 11.53 4.09 -18.35
C ALA C 88 11.94 4.72 -19.68
N ALA C 89 11.08 4.56 -20.69
CA ALA C 89 11.36 5.11 -22.01
C ALA C 89 11.39 6.65 -21.98
N VAL C 90 10.53 7.22 -21.14
CA VAL C 90 10.46 8.68 -21.02
C VAL C 90 11.84 9.28 -20.79
N ASN C 91 12.65 8.59 -19.99
CA ASN C 91 13.99 9.06 -19.69
C ASN C 91 14.99 8.60 -20.75
N PHE C 92 14.59 7.59 -21.51
CA PHE C 92 15.45 7.05 -22.58
C PHE C 92 15.36 7.91 -23.83
N VAL C 93 14.54 8.96 -23.77
CA VAL C 93 14.37 9.86 -24.91
C VAL C 93 15.70 10.40 -25.38
N SER C 94 16.61 10.65 -24.44
CA SER C 94 17.93 11.18 -24.76
C SER C 94 18.66 10.25 -25.72
N ARG C 95 18.25 8.98 -25.74
CA ARG C 95 18.86 7.99 -26.60
C ARG C 95 18.90 8.47 -28.05
N GLN C 96 17.95 9.31 -28.41
CA GLN C 96 17.87 9.85 -29.76
C GLN C 96 17.65 8.74 -30.79
N ARG C 97 16.99 7.67 -30.35
CA ARG C 97 16.72 6.53 -31.22
C ARG C 97 16.06 6.98 -32.52
N GLU C 98 15.31 8.07 -32.44
CA GLU C 98 14.62 8.61 -33.61
C GLU C 98 15.62 9.22 -34.59
N PHE C 99 15.10 9.89 -35.61
CA PHE C 99 15.95 10.52 -36.63
C PHE C 99 16.09 12.02 -36.35
N GLY C 100 15.76 12.43 -35.12
CA GLY C 100 15.87 13.82 -34.76
C GLY C 100 15.06 14.16 -33.51
N GLY C 101 15.69 14.85 -32.57
CA GLY C 101 15.00 15.21 -31.34
C GLY C 101 14.36 16.59 -31.42
N GLY C 102 14.07 17.03 -32.64
CA GLY C 102 13.46 18.34 -32.83
C GLY C 102 12.20 18.51 -31.99
N GLY C 103 11.41 17.45 -31.89
CA GLY C 103 10.18 17.52 -31.12
C GLY C 103 10.33 16.88 -29.74
N PHE C 104 11.57 16.80 -29.26
CA PHE C 104 11.84 16.22 -27.96
C PHE C 104 11.03 16.92 -26.86
N ILE C 105 11.23 18.23 -26.75
CA ILE C 105 10.52 19.02 -25.75
C ILE C 105 9.04 19.07 -26.04
N GLN C 106 8.66 18.68 -27.25
CA GLN C 106 7.26 18.68 -27.66
C GLN C 106 6.65 17.28 -27.54
N ARG C 107 7.36 16.40 -26.84
CA ARG C 107 6.89 15.03 -26.64
C ARG C 107 5.73 14.98 -25.65
N ALA C 108 5.70 15.96 -24.75
CA ALA C 108 4.64 16.03 -23.75
C ALA C 108 3.27 16.17 -24.40
N LYS C 109 3.26 16.59 -25.65
CA LYS C 109 2.02 16.77 -26.39
C LYS C 109 1.15 15.51 -26.30
N LYS C 110 1.80 14.37 -26.20
CA LYS C 110 1.09 13.09 -26.10
C LYS C 110 0.33 12.80 -27.40
N ILE C 111 1.02 12.22 -28.37
CA ILE C 111 0.41 11.89 -29.64
C ILE C 111 -0.48 10.65 -29.52
N ASP C 112 -0.51 10.07 -28.34
CA ASP C 112 -1.33 8.89 -28.08
C ASP C 112 -0.85 7.71 -28.94
N LYS C 113 0.46 7.64 -29.17
CA LYS C 113 1.04 6.57 -29.97
C LYS C 113 1.14 5.28 -29.16
N ILE C 114 0.76 5.36 -27.88
CA ILE C 114 0.80 4.19 -27.00
C ILE C 114 -0.49 3.41 -27.07
N SER C 115 -1.57 4.08 -27.49
CA SER C 115 -2.88 3.44 -27.60
C SER C 115 -3.00 2.65 -28.89
N ARG C 116 -1.96 2.72 -29.72
CA ARG C 116 -1.96 2.02 -31.00
C ARG C 116 -1.58 0.55 -30.81
N ILE C 117 -0.85 0.27 -29.73
CA ILE C 117 -0.43 -1.10 -29.45
C ILE C 117 -1.28 -1.71 -28.34
N GLY C 118 -1.72 -0.87 -27.40
CA GLY C 118 -2.54 -1.36 -26.31
C GLY C 118 -3.92 -1.81 -26.76
N PHE C 119 -4.54 -1.01 -27.63
CA PHE C 119 -5.86 -1.32 -28.14
C PHE C 119 -5.90 -2.74 -28.70
N PRO C 120 -5.06 -3.01 -29.70
CA PRO C 120 -4.97 -4.32 -30.35
C PRO C 120 -4.37 -5.38 -29.42
N LEU C 121 -3.78 -4.93 -28.32
CA LEU C 121 -3.17 -5.84 -27.36
C LEU C 121 -4.22 -6.43 -26.42
N ALA C 122 -5.27 -5.66 -26.16
CA ALA C 122 -6.35 -6.09 -25.28
C ALA C 122 -7.28 -7.06 -26.00
N PHE C 123 -7.54 -6.78 -27.28
CA PHE C 123 -8.42 -7.61 -28.09
C PHE C 123 -7.78 -8.96 -28.39
N LEU C 124 -6.46 -8.95 -28.57
CA LEU C 124 -5.71 -10.16 -28.86
C LEU C 124 -5.73 -11.12 -27.66
N ILE C 125 -5.58 -10.56 -26.47
CA ILE C 125 -5.59 -11.37 -25.25
C ILE C 125 -6.98 -11.89 -24.94
N PHE C 126 -7.97 -11.02 -25.05
CA PHE C 126 -9.36 -11.41 -24.78
C PHE C 126 -9.80 -12.54 -25.72
N ASN C 127 -9.33 -12.48 -26.96
CA ASN C 127 -9.67 -13.50 -27.95
C ASN C 127 -8.73 -14.70 -27.85
N LEU C 128 -7.59 -14.49 -27.20
CA LEU C 128 -6.60 -15.56 -27.03
C LEU C 128 -6.99 -16.48 -25.88
N PHE C 129 -7.68 -15.93 -24.89
CA PHE C 129 -8.11 -16.71 -23.73
C PHE C 129 -9.52 -17.28 -23.95
N TYR C 130 -10.28 -16.65 -24.83
CA TYR C 130 -11.63 -17.09 -25.14
C TYR C 130 -11.61 -18.29 -26.09
N TRP C 131 -10.72 -18.23 -27.08
CA TRP C 131 -10.61 -19.29 -28.06
C TRP C 131 -9.82 -20.47 -27.49
N ILE C 132 -8.93 -20.17 -26.54
CA ILE C 132 -8.11 -21.20 -25.91
C ILE C 132 -8.90 -21.96 -24.84
N ILE C 133 -9.85 -21.27 -24.21
CA ILE C 133 -10.67 -21.88 -23.17
C ILE C 133 -11.64 -22.90 -23.76
N TYR C 134 -12.28 -22.53 -24.87
CA TYR C 134 -13.24 -23.41 -25.53
C TYR C 134 -12.51 -24.44 -26.40
N LYS C 135 -11.21 -24.25 -26.56
CA LYS C 135 -10.39 -25.16 -27.37
C LYS C 135 -9.87 -26.31 -26.52
N ILE C 136 -9.29 -25.97 -25.37
CA ILE C 136 -8.74 -26.97 -24.47
C ILE C 136 -9.80 -28.00 -24.07
N VAL C 137 -11.01 -27.51 -23.82
CA VAL C 137 -12.12 -28.39 -23.44
C VAL C 137 -12.41 -29.41 -24.53
N ARG C 138 -11.92 -29.13 -25.74
CA ARG C 138 -12.14 -30.03 -26.87
C ARG C 138 -10.92 -30.91 -27.10
N ARG C 139 -9.74 -30.29 -27.12
CA ARG C 139 -8.50 -31.02 -27.34
C ARG C 139 -8.33 -31.40 -28.81
N GLU C 140 -9.34 -32.08 -29.35
CA GLU C 140 -9.31 -32.50 -30.75
C GLU C 140 -10.65 -32.20 -31.43
N ASP C 141 -11.26 -31.08 -31.06
CA ASP C 141 -12.53 -30.68 -31.64
C ASP C 141 -13.62 -31.71 -31.33
N GLU C 142 -13.60 -32.23 -30.11
CA GLU C 142 -14.58 -33.23 -29.69
C GLU C 142 -15.72 -32.58 -28.92
N PHE C 143 -15.41 -31.52 -28.18
CA PHE C 143 -16.42 -30.79 -27.41
C PHE C 143 -16.95 -29.60 -28.19
N GLU C 144 -16.78 -29.63 -29.50
CA GLU C 144 -17.26 -28.55 -30.36
C GLU C 144 -18.72 -28.24 -30.09
N HIS C 145 -19.57 -29.25 -30.22
CA HIS C 145 -21.00 -29.09 -29.98
C HIS C 145 -21.72 -30.42 -30.07
N HIS C 146 -22.26 -30.88 -28.94
CA HIS C 146 -22.97 -32.15 -28.89
C HIS C 146 -23.51 -32.41 -27.49
N HIS C 147 -22.62 -32.40 -26.50
CA HIS C 147 -23.01 -32.63 -25.11
C HIS C 147 -23.31 -31.32 -24.40
N HIS C 148 -22.52 -30.29 -24.71
CA HIS C 148 -22.69 -28.99 -24.09
C HIS C 148 -22.47 -29.06 -22.59
N HIS C 149 -21.83 -30.13 -22.13
CA HIS C 149 -21.55 -30.33 -20.72
C HIS C 149 -20.31 -29.54 -20.30
N HIS C 150 -19.50 -29.15 -21.28
CA HIS C 150 -18.29 -28.40 -21.01
C HIS C 150 -17.38 -29.16 -20.04
N MET D 1 -25.92 -21.56 10.22
CA MET D 1 -27.24 -21.71 9.61
C MET D 1 -27.89 -20.34 9.39
N LEU D 2 -27.18 -19.28 9.77
CA LEU D 2 -27.69 -17.92 9.61
C LEU D 2 -27.11 -17.27 8.35
N GLU D 3 -26.88 -18.09 7.33
CA GLU D 3 -26.32 -17.58 6.07
C GLU D 3 -27.34 -16.70 5.35
N ARG D 4 -28.60 -17.09 5.40
CA ARG D 4 -29.66 -16.34 4.74
C ARG D 4 -30.11 -15.17 5.61
N GLN D 5 -29.67 -15.17 6.86
CA GLN D 5 -30.02 -14.10 7.80
C GLN D 5 -28.86 -13.13 7.98
N LEU D 6 -27.91 -13.18 7.06
CA LEU D 6 -26.74 -12.29 7.12
C LEU D 6 -27.03 -10.96 6.44
N GLY D 7 -27.92 -10.99 5.45
CA GLY D 7 -28.27 -9.77 4.73
C GLY D 7 -28.66 -8.65 5.67
N TYR D 8 -29.19 -9.00 6.83
CA TYR D 8 -29.61 -8.01 7.81
C TYR D 8 -28.43 -7.18 8.30
N TYR D 9 -27.32 -7.85 8.57
CA TYR D 9 -26.11 -7.18 9.04
C TYR D 9 -25.43 -6.43 7.90
N LEU D 10 -25.68 -6.87 6.67
CA LEU D 10 -25.09 -6.24 5.49
C LEU D 10 -25.84 -4.96 5.12
N ILE D 11 -27.12 -4.91 5.49
CA ILE D 11 -27.94 -3.73 5.19
C ILE D 11 -27.54 -2.56 6.06
N GLN D 12 -27.57 -2.76 7.37
CA GLN D 12 -27.20 -1.71 8.32
C GLN D 12 -25.73 -1.34 8.19
N LEU D 13 -24.93 -2.28 7.68
CA LEU D 13 -23.50 -2.06 7.50
C LEU D 13 -23.21 -1.39 6.16
N TYR D 14 -24.15 -1.53 5.23
CA TYR D 14 -24.00 -0.94 3.89
C TYR D 14 -24.28 0.55 3.93
N ILE D 15 -25.16 0.96 4.85
CA ILE D 15 -25.52 2.37 4.98
C ILE D 15 -24.28 3.24 5.08
N PRO D 16 -23.44 2.97 6.09
CA PRO D 16 -22.20 3.71 6.32
C PRO D 16 -21.15 3.45 5.25
N SER D 17 -21.12 2.22 4.75
CA SER D 17 -20.16 1.84 3.72
C SER D 17 -20.45 2.55 2.41
N LEU D 18 -21.71 2.93 2.23
CA LEU D 18 -22.13 3.63 1.01
C LEU D 18 -21.91 5.14 1.15
N LEU D 19 -22.11 5.65 2.36
CA LEU D 19 -21.92 7.07 2.62
C LEU D 19 -20.47 7.48 2.46
N ILE D 20 -19.57 6.69 3.04
CA ILE D 20 -18.14 6.97 2.96
C ILE D 20 -17.65 6.83 1.52
N VAL D 21 -18.25 5.91 0.78
CA VAL D 21 -17.86 5.69 -0.61
C VAL D 21 -18.25 6.87 -1.49
N ILE D 22 -19.44 7.40 -1.28
CA ILE D 22 -19.93 8.53 -2.05
C ILE D 22 -19.00 9.73 -1.91
N LEU D 23 -18.50 9.94 -0.69
CA LEU D 23 -17.59 11.05 -0.42
C LEU D 23 -16.29 10.89 -1.19
N SER D 24 -15.86 9.65 -1.37
CA SER D 24 -14.63 9.36 -2.09
C SER D 24 -14.61 10.05 -3.45
N TRP D 25 -15.75 10.03 -4.13
CA TRP D 25 -15.87 10.65 -5.45
C TRP D 25 -15.88 12.17 -5.32
N ILE D 26 -16.54 12.67 -4.27
CA ILE D 26 -16.61 14.11 -4.04
C ILE D 26 -15.23 14.74 -4.05
N SER D 27 -14.22 13.96 -3.70
CA SER D 27 -12.84 14.45 -3.66
C SER D 27 -12.07 13.98 -4.89
N PHE D 28 -12.62 13.00 -5.60
CA PHE D 28 -11.99 12.46 -6.79
C PHE D 28 -11.89 13.52 -7.88
N TRP D 29 -12.80 14.48 -7.84
CA TRP D 29 -12.83 15.56 -8.83
C TRP D 29 -11.54 16.38 -8.77
N ILE D 30 -10.90 16.38 -7.60
CA ILE D 30 -9.65 17.12 -7.43
C ILE D 30 -8.47 16.17 -7.28
N ASN D 31 -8.72 14.99 -6.70
CA ASN D 31 -7.68 14.00 -6.50
C ASN D 31 -7.12 13.52 -7.84
N LEU D 32 -7.81 13.86 -8.91
CA LEU D 32 -7.40 13.46 -10.26
C LEU D 32 -5.91 13.75 -10.47
N ASP D 33 -5.39 14.74 -9.75
CA ASP D 33 -3.99 15.11 -9.86
C ASP D 33 -3.52 15.84 -8.60
N ALA D 34 -4.39 16.69 -8.05
CA ALA D 34 -4.07 17.44 -6.85
C ALA D 34 -3.70 16.52 -5.70
N ALA D 35 -4.40 15.39 -5.59
CA ALA D 35 -4.14 14.43 -4.54
C ALA D 35 -4.75 13.07 -4.87
N PRO D 36 -4.13 12.36 -5.84
CA PRO D 36 -4.60 11.05 -6.27
C PRO D 36 -4.38 9.97 -5.21
N ALA D 37 -3.73 10.35 -4.12
CA ALA D 37 -3.45 9.42 -3.03
C ALA D 37 -4.72 9.09 -2.27
N ARG D 38 -5.67 10.02 -2.24
CA ARG D 38 -6.93 9.83 -1.54
C ARG D 38 -7.84 8.89 -2.34
N VAL D 39 -7.82 9.04 -3.65
CA VAL D 39 -8.66 8.21 -4.53
C VAL D 39 -8.26 6.74 -4.43
N GLY D 40 -6.97 6.50 -4.26
CA GLY D 40 -6.48 5.13 -4.15
C GLY D 40 -6.83 4.49 -2.81
N LEU D 41 -6.98 5.33 -1.80
CA LEU D 41 -7.31 4.84 -0.46
C LEU D 41 -8.82 4.63 -0.31
N GLY D 42 -9.60 5.50 -0.96
CA GLY D 42 -11.03 5.39 -0.88
C GLY D 42 -11.57 4.20 -1.67
N ILE D 43 -10.92 3.90 -2.78
CA ILE D 43 -11.33 2.78 -3.62
C ILE D 43 -10.93 1.44 -2.99
N THR D 44 -9.85 1.46 -2.22
CA THR D 44 -9.37 0.24 -1.56
C THR D 44 -10.06 0.04 -0.21
N THR D 45 -10.55 1.13 0.35
CA THR D 45 -11.24 1.07 1.64
C THR D 45 -12.62 0.44 1.51
N VAL D 46 -13.27 0.70 0.38
CA VAL D 46 -14.59 0.16 0.12
C VAL D 46 -14.53 -1.34 -0.17
N LEU D 47 -13.50 -1.76 -0.88
CA LEU D 47 -13.32 -3.17 -1.21
C LEU D 47 -12.74 -3.94 -0.03
N THR D 48 -12.09 -3.23 0.88
CA THR D 48 -11.49 -3.85 2.05
C THR D 48 -12.48 -3.87 3.22
N LEU D 49 -13.44 -2.97 3.18
CA LEU D 49 -14.45 -2.88 4.24
C LEU D 49 -15.53 -3.93 4.04
N THR D 50 -15.75 -4.32 2.79
CA THR D 50 -16.76 -5.33 2.46
C THR D 50 -16.19 -6.74 2.59
N THR D 51 -14.99 -6.93 2.09
CA THR D 51 -14.33 -8.24 2.15
C THR D 51 -13.97 -8.61 3.59
N GLN D 52 -13.80 -7.58 4.43
CA GLN D 52 -13.45 -7.80 5.82
C GLN D 52 -14.70 -7.98 6.68
N SER D 53 -15.85 -7.61 6.12
CA SER D 53 -17.13 -7.72 6.84
C SER D 53 -17.59 -9.17 6.88
N SER D 54 -16.89 -10.04 6.15
CA SER D 54 -17.23 -11.46 6.11
C SER D 54 -16.00 -12.32 6.39
N GLY D 55 -15.17 -11.87 7.33
CA GLY D 55 -13.97 -12.61 7.68
C GLY D 55 -14.24 -13.67 8.73
N SER D 56 -15.14 -13.37 9.66
CA SER D 56 -15.47 -14.30 10.73
C SER D 56 -15.93 -15.64 10.16
N ARG D 57 -16.70 -15.59 9.08
CA ARG D 57 -17.20 -16.81 8.44
C ARG D 57 -18.00 -17.65 9.42
N ALA D 58 -18.47 -17.01 10.49
CA ALA D 58 -19.26 -17.70 11.51
C ALA D 58 -20.73 -17.72 11.13
N SER D 59 -21.12 -16.81 10.23
CA SER D 59 -22.51 -16.71 9.80
C SER D 59 -22.72 -17.49 8.50
N LEU D 60 -21.72 -18.26 8.10
CA LEU D 60 -21.79 -19.04 6.88
C LEU D 60 -21.98 -18.14 5.66
N PRO D 61 -20.92 -17.42 5.27
CA PRO D 61 -20.95 -16.52 4.12
C PRO D 61 -21.06 -17.27 2.79
N LYS D 62 -21.00 -18.59 2.86
CA LYS D 62 -21.09 -19.42 1.67
C LYS D 62 -22.27 -19.01 0.80
N VAL D 63 -23.49 -19.22 1.32
CA VAL D 63 -24.70 -18.86 0.59
C VAL D 63 -24.68 -17.38 0.19
N SER D 64 -24.24 -16.53 1.10
CA SER D 64 -24.17 -15.10 0.85
C SER D 64 -23.17 -14.79 -0.25
N TYR D 65 -22.32 -15.77 -0.57
CA TYR D 65 -21.31 -15.60 -1.61
C TYR D 65 -21.92 -15.72 -2.99
N VAL D 66 -22.70 -16.78 -3.20
CA VAL D 66 -23.35 -17.02 -4.49
C VAL D 66 -24.18 -15.81 -4.90
N LYS D 67 -25.12 -15.42 -4.05
CA LYS D 67 -25.98 -14.28 -4.33
C LYS D 67 -25.17 -13.01 -4.51
N ALA D 68 -24.06 -12.91 -3.80
CA ALA D 68 -23.19 -11.75 -3.90
C ALA D 68 -22.40 -11.75 -5.20
N ILE D 69 -22.20 -12.94 -5.76
CA ILE D 69 -21.47 -13.09 -7.01
C ILE D 69 -22.29 -12.58 -8.18
N ASP D 70 -23.61 -12.67 -8.07
CA ASP D 70 -24.51 -12.22 -9.12
C ASP D 70 -24.66 -10.71 -9.10
N ILE D 71 -24.32 -10.10 -7.97
CA ILE D 71 -24.42 -8.65 -7.80
C ILE D 71 -23.04 -8.00 -7.83
N TRP D 72 -22.00 -8.83 -7.74
CA TRP D 72 -20.62 -8.33 -7.75
C TRP D 72 -19.98 -8.53 -9.12
N LEU D 73 -20.76 -9.04 -10.07
CA LEU D 73 -20.27 -9.28 -11.42
C LEU D 73 -20.70 -8.17 -12.36
N ALA D 74 -20.61 -6.93 -11.89
CA ALA D 74 -20.99 -5.78 -12.69
C ALA D 74 -20.76 -4.48 -11.94
N VAL D 75 -20.96 -4.52 -10.63
CA VAL D 75 -20.78 -3.34 -9.79
C VAL D 75 -19.32 -2.95 -9.71
N CYS D 76 -18.44 -3.94 -9.77
CA CYS D 76 -17.00 -3.69 -9.71
C CYS D 76 -16.45 -3.34 -11.08
N LEU D 77 -17.08 -3.87 -12.13
CA LEU D 77 -16.64 -3.61 -13.49
C LEU D 77 -17.22 -2.29 -13.99
N LEU D 78 -18.25 -1.79 -13.31
CA LEU D 78 -18.89 -0.55 -13.69
C LEU D 78 -18.39 0.61 -12.81
N PHE D 79 -18.07 0.29 -11.56
CA PHE D 79 -17.58 1.29 -10.62
C PHE D 79 -16.19 1.79 -11.03
N VAL D 80 -15.34 0.87 -11.47
CA VAL D 80 -13.99 1.21 -11.89
C VAL D 80 -13.95 1.57 -13.37
N PHE D 81 -15.07 1.36 -14.06
CA PHE D 81 -15.16 1.65 -15.48
C PHE D 81 -15.32 3.15 -15.73
N SER D 82 -16.11 3.79 -14.88
CA SER D 82 -16.35 5.24 -15.00
C SER D 82 -15.22 6.03 -14.35
N ALA D 83 -14.55 5.42 -13.38
CA ALA D 83 -13.45 6.07 -12.68
C ALA D 83 -12.22 6.17 -13.58
N LEU D 84 -12.05 5.18 -14.47
CA LEU D 84 -10.92 5.17 -15.39
C LEU D 84 -11.18 6.08 -16.58
N LEU D 85 -12.43 6.14 -17.01
CA LEU D 85 -12.81 6.97 -18.15
C LEU D 85 -12.42 8.42 -17.91
N GLU D 86 -12.54 8.87 -16.67
CA GLU D 86 -12.20 10.24 -16.31
C GLU D 86 -10.70 10.38 -16.06
N TYR D 87 -10.15 9.42 -15.31
CA TYR D 87 -8.72 9.44 -15.00
C TYR D 87 -7.88 9.36 -16.26
N ALA D 88 -8.51 8.96 -17.36
CA ALA D 88 -7.82 8.84 -18.63
C ALA D 88 -8.33 9.87 -19.64
N ALA D 89 -9.48 10.47 -19.33
CA ALA D 89 -10.07 11.47 -20.20
C ALA D 89 -9.21 12.72 -20.28
N VAL D 90 -8.55 13.05 -19.17
CA VAL D 90 -7.69 14.23 -19.13
C VAL D 90 -6.71 14.24 -20.29
N ASN D 91 -6.19 13.05 -20.63
CA ASN D 91 -5.23 12.93 -21.72
C ASN D 91 -5.95 12.76 -23.05
N PHE D 92 -7.22 12.38 -22.99
CA PHE D 92 -8.02 12.19 -24.19
C PHE D 92 -8.54 13.53 -24.72
N VAL D 93 -8.20 14.61 -24.02
CA VAL D 93 -8.64 15.94 -24.42
C VAL D 93 -8.24 16.23 -25.86
N SER D 94 -7.08 15.75 -26.27
CA SER D 94 -6.59 15.96 -27.63
C SER D 94 -7.58 15.42 -28.64
N ARG D 95 -8.43 14.50 -28.21
CA ARG D 95 -9.43 13.90 -29.09
C ARG D 95 -10.25 14.98 -29.79
N GLN D 96 -10.39 16.13 -29.14
CA GLN D 96 -11.15 17.24 -29.71
C GLN D 96 -12.61 16.84 -29.90
N ARG D 97 -13.10 15.94 -29.05
CA ARG D 97 -14.47 15.48 -29.14
C ARG D 97 -15.44 16.66 -29.15
N GLU D 98 -15.04 17.75 -28.50
CA GLU D 98 -15.87 18.94 -28.44
C GLU D 98 -15.93 19.65 -29.80
N PHE D 99 -16.53 20.83 -29.82
CA PHE D 99 -16.66 21.59 -31.06
C PHE D 99 -15.58 22.67 -31.14
N GLY D 100 -14.53 22.52 -30.34
CA GLY D 100 -13.45 23.48 -30.33
C GLY D 100 -12.59 23.40 -29.08
N GLY D 101 -11.28 23.35 -29.26
CA GLY D 101 -10.38 23.27 -28.13
C GLY D 101 -9.90 24.64 -27.67
N GLY D 102 -10.69 25.67 -27.97
CA GLY D 102 -10.32 27.01 -27.58
C GLY D 102 -10.02 27.12 -26.09
N GLY D 103 -10.80 26.41 -25.28
CA GLY D 103 -10.60 26.45 -23.84
C GLY D 103 -9.85 25.23 -23.33
N PHE D 104 -9.10 24.59 -24.22
CA PHE D 104 -8.34 23.40 -23.85
C PHE D 104 -7.39 23.71 -22.69
N ILE D 105 -6.51 24.68 -22.88
CA ILE D 105 -5.55 25.07 -21.85
C ILE D 105 -6.27 25.67 -20.64
N GLN D 106 -7.54 26.02 -20.82
CA GLN D 106 -8.33 26.62 -19.75
C GLN D 106 -9.21 25.57 -19.08
N ARG D 107 -8.92 24.29 -19.35
CA ARG D 107 -9.68 23.20 -18.78
C ARG D 107 -9.36 23.03 -17.30
N ALA D 108 -8.16 23.42 -16.91
CA ALA D 108 -7.73 23.31 -15.52
C ALA D 108 -8.62 24.14 -14.60
N LYS D 109 -9.36 25.08 -15.18
CA LYS D 109 -10.26 25.93 -14.42
C LYS D 109 -11.18 25.10 -13.53
N LYS D 110 -11.45 23.87 -13.96
CA LYS D 110 -12.32 22.97 -13.22
C LYS D 110 -13.72 23.55 -13.08
N ILE D 111 -14.54 23.37 -14.11
CA ILE D 111 -15.90 23.87 -14.11
C ILE D 111 -16.80 23.03 -13.19
N ASP D 112 -16.23 21.98 -12.62
CA ASP D 112 -16.97 21.10 -11.72
C ASP D 112 -18.10 20.39 -12.47
N LYS D 113 -17.88 20.09 -13.74
CA LYS D 113 -18.88 19.41 -14.55
C LYS D 113 -18.94 17.92 -14.22
N ILE D 114 -18.07 17.48 -13.32
CA ILE D 114 -18.03 16.09 -12.92
C ILE D 114 -18.95 15.84 -11.73
N SER D 115 -19.28 16.89 -11.01
CA SER D 115 -20.16 16.79 -9.85
C SER D 115 -21.62 16.78 -10.27
N ARG D 116 -21.86 16.93 -11.57
CA ARG D 116 -23.21 16.94 -12.10
C ARG D 116 -23.75 15.53 -12.27
N ILE D 117 -22.83 14.57 -12.44
CA ILE D 117 -23.22 13.18 -12.61
C ILE D 117 -23.00 12.39 -11.33
N GLY D 118 -21.98 12.77 -10.56
CA GLY D 118 -21.68 12.09 -9.31
C GLY D 118 -22.75 12.33 -8.26
N PHE D 119 -23.19 13.57 -8.12
CA PHE D 119 -24.20 13.93 -7.14
C PHE D 119 -25.42 13.02 -7.28
N PRO D 120 -26.04 13.03 -8.47
CA PRO D 120 -27.23 12.22 -8.75
C PRO D 120 -26.90 10.73 -8.83
N LEU D 121 -25.61 10.41 -8.89
CA LEU D 121 -25.17 9.03 -8.96
C LEU D 121 -25.14 8.38 -7.57
N ALA D 122 -24.87 9.20 -6.56
CA ALA D 122 -24.82 8.73 -5.19
C ALA D 122 -26.22 8.54 -4.61
N PHE D 123 -27.13 9.44 -4.96
CA PHE D 123 -28.50 9.38 -4.48
C PHE D 123 -29.26 8.22 -5.13
N LEU D 124 -28.91 7.94 -6.39
CA LEU D 124 -29.56 6.85 -7.12
C LEU D 124 -29.18 5.49 -6.52
N ILE D 125 -27.92 5.35 -6.15
CA ILE D 125 -27.43 4.11 -5.57
C ILE D 125 -27.96 3.92 -4.16
N PHE D 126 -27.92 4.98 -3.36
CA PHE D 126 -28.40 4.93 -1.98
C PHE D 126 -29.88 4.55 -1.95
N ASN D 127 -30.63 5.05 -2.92
CA ASN D 127 -32.07 4.77 -2.99
C ASN D 127 -32.33 3.46 -3.73
N LEU D 128 -31.32 2.99 -4.46
CA LEU D 128 -31.44 1.75 -5.21
C LEU D 128 -31.20 0.54 -4.31
N PHE D 129 -30.39 0.74 -3.28
CA PHE D 129 -30.09 -0.35 -2.34
C PHE D 129 -31.05 -0.32 -1.16
N TYR D 130 -31.64 0.84 -0.90
CA TYR D 130 -32.57 1.01 0.21
C TYR D 130 -33.95 0.46 -0.17
N TRP D 131 -34.37 0.72 -1.40
CA TRP D 131 -35.67 0.26 -1.89
C TRP D 131 -35.60 -1.22 -2.29
N ILE D 132 -34.41 -1.67 -2.66
CA ILE D 132 -34.22 -3.06 -3.06
C ILE D 132 -34.09 -3.97 -1.84
N ILE D 133 -33.56 -3.42 -0.75
CA ILE D 133 -33.39 -4.18 0.48
C ILE D 133 -34.73 -4.48 1.13
N TYR D 134 -35.59 -3.46 1.20
CA TYR D 134 -36.91 -3.62 1.80
C TYR D 134 -37.88 -4.27 0.83
N LYS D 135 -37.46 -4.41 -0.42
CA LYS D 135 -38.29 -5.01 -1.45
C LYS D 135 -38.10 -6.52 -1.49
N ILE D 136 -36.83 -6.95 -1.52
CA ILE D 136 -36.52 -8.37 -1.55
C ILE D 136 -37.14 -9.11 -0.37
N VAL D 137 -37.10 -8.48 0.80
CA VAL D 137 -37.67 -9.07 2.00
C VAL D 137 -39.16 -9.32 1.84
N ARG D 138 -39.77 -8.66 0.86
CA ARG D 138 -41.20 -8.80 0.60
C ARG D 138 -41.44 -9.77 -0.55
N ARG D 139 -40.71 -9.59 -1.65
CA ARG D 139 -40.85 -10.45 -2.81
C ARG D 139 -42.12 -10.12 -3.59
N GLU D 140 -43.25 -10.13 -2.90
CA GLU D 140 -44.54 -9.83 -3.52
C GLU D 140 -45.35 -8.88 -2.65
N ASP D 141 -44.66 -7.96 -1.99
CA ASP D 141 -45.33 -6.97 -1.12
C ASP D 141 -46.02 -7.68 0.04
N GLU D 142 -45.38 -8.70 0.59
CA GLU D 142 -45.94 -9.44 1.72
C GLU D 142 -45.39 -8.93 3.03
N PHE D 143 -44.13 -8.50 3.02
CA PHE D 143 -43.49 -7.97 4.22
C PHE D 143 -43.61 -6.46 4.30
N GLU D 144 -44.57 -5.90 3.57
CA GLU D 144 -44.79 -4.47 3.54
C GLU D 144 -44.91 -3.92 4.96
N HIS D 145 -45.86 -4.46 5.73
CA HIS D 145 -46.08 -4.02 7.10
C HIS D 145 -47.14 -4.90 7.78
N HIS D 146 -46.71 -5.66 8.78
CA HIS D 146 -47.61 -6.53 9.52
C HIS D 146 -46.88 -7.26 10.63
N HIS D 147 -45.81 -7.97 10.27
CA HIS D 147 -45.02 -8.71 11.25
C HIS D 147 -43.85 -7.87 11.76
N HIS D 148 -43.25 -7.10 10.86
CA HIS D 148 -42.13 -6.25 11.21
C HIS D 148 -40.93 -7.09 11.69
N HIS D 149 -40.96 -8.38 11.38
CA HIS D 149 -39.90 -9.29 11.77
C HIS D 149 -38.73 -9.20 10.79
N HIS D 150 -38.98 -8.62 9.62
CA HIS D 150 -37.95 -8.47 8.60
C HIS D 150 -37.49 -9.84 8.11
N MET E 1 -13.52 -15.20 28.48
CA MET E 1 -14.02 -14.89 29.82
C MET E 1 -13.67 -13.46 30.20
N LEU E 2 -12.53 -12.97 29.71
CA LEU E 2 -12.09 -11.61 30.00
C LEU E 2 -12.47 -10.66 28.89
N GLU E 3 -13.63 -10.91 28.28
CA GLU E 3 -14.11 -10.06 27.19
C GLU E 3 -14.54 -8.69 27.71
N ARG E 4 -15.15 -8.68 28.89
CA ARG E 4 -15.61 -7.43 29.50
C ARG E 4 -14.47 -6.74 30.22
N GLN E 5 -13.36 -7.45 30.40
CA GLN E 5 -12.20 -6.90 31.08
C GLN E 5 -11.11 -6.51 30.09
N LEU E 6 -11.50 -6.39 28.82
CA LEU E 6 -10.56 -6.02 27.76
C LEU E 6 -10.44 -4.51 27.65
N GLY E 7 -11.52 -3.80 28.00
CA GLY E 7 -11.51 -2.35 27.93
C GLY E 7 -10.31 -1.74 28.63
N TYR E 8 -9.80 -2.44 29.64
CA TYR E 8 -8.65 -1.96 30.40
C TYR E 8 -7.42 -1.84 29.50
N TYR E 9 -7.20 -2.84 28.67
CA TYR E 9 -6.06 -2.85 27.76
C TYR E 9 -6.28 -1.88 26.60
N LEU E 10 -7.55 -1.58 26.32
CA LEU E 10 -7.90 -0.67 25.23
C LEU E 10 -7.73 0.78 25.67
N ILE E 11 -7.87 1.02 26.96
CA ILE E 11 -7.71 2.37 27.51
C ILE E 11 -6.26 2.83 27.47
N GLN E 12 -5.39 2.04 28.09
CA GLN E 12 -3.96 2.36 28.12
C GLN E 12 -3.36 2.30 26.72
N LEU E 13 -3.99 1.54 25.84
CA LEU E 13 -3.51 1.40 24.47
C LEU E 13 -4.07 2.51 23.59
N TYR E 14 -5.18 3.11 24.01
CA TYR E 14 -5.81 4.18 23.26
C TYR E 14 -5.06 5.49 23.45
N ILE E 15 -4.44 5.65 24.62
CA ILE E 15 -3.68 6.87 24.92
C ILE E 15 -2.70 7.18 23.80
N PRO E 16 -1.79 6.23 23.52
CA PRO E 16 -0.78 6.39 22.47
C PRO E 16 -1.40 6.38 21.07
N SER E 17 -2.43 5.58 20.88
CA SER E 17 -3.10 5.49 19.59
C SER E 17 -3.80 6.79 19.25
N LEU E 18 -4.16 7.55 20.26
CA LEU E 18 -4.84 8.83 20.06
C LEU E 18 -3.83 9.95 19.84
N LEU E 19 -2.69 9.86 20.53
CA LEU E 19 -1.65 10.87 20.40
C LEU E 19 -1.05 10.87 19.00
N ILE E 20 -0.73 9.68 18.50
CA ILE E 20 -0.16 9.54 17.17
C ILE E 20 -1.15 9.98 16.09
N VAL E 21 -2.43 9.74 16.35
CA VAL E 21 -3.49 10.10 15.40
C VAL E 21 -3.63 11.61 15.30
N ILE E 22 -3.59 12.29 16.44
CA ILE E 22 -3.71 13.75 16.48
C ILE E 22 -2.62 14.40 15.65
N LEU E 23 -1.41 13.85 15.71
CA LEU E 23 -0.29 14.37 14.95
C LEU E 23 -0.52 14.26 13.45
N SER E 24 -1.20 13.19 13.04
CA SER E 24 -1.49 12.97 11.63
C SER E 24 -2.12 14.20 11.01
N TRP E 25 -3.05 14.83 11.74
CA TRP E 25 -3.73 16.02 11.25
C TRP E 25 -2.79 17.22 11.25
N ILE E 26 -1.93 17.30 12.26
CA ILE E 26 -0.97 18.40 12.37
C ILE E 26 -0.13 18.52 11.11
N SER E 27 -0.03 17.42 10.36
CA SER E 27 0.75 17.41 9.12
C SER E 27 -0.16 17.37 7.90
N PHE E 28 -1.45 17.13 8.15
CA PHE E 28 -2.43 17.06 7.07
C PHE E 28 -2.64 18.43 6.44
N TRP E 29 -2.45 19.48 7.24
CA TRP E 29 -2.62 20.84 6.76
C TRP E 29 -1.64 21.15 5.62
N ILE E 30 -0.60 20.33 5.50
CA ILE E 30 0.40 20.52 4.47
C ILE E 30 0.43 19.32 3.52
N ASN E 31 0.12 18.14 4.04
CA ASN E 31 0.10 16.93 3.25
C ASN E 31 -0.98 16.98 2.18
N LEU E 32 -1.86 17.98 2.28
CA LEU E 32 -2.94 18.15 1.33
C LEU E 32 -2.42 18.07 -0.10
N ASP E 33 -1.16 18.40 -0.30
CA ASP E 33 -0.54 18.36 -1.61
C ASP E 33 0.98 18.25 -1.50
N ALA E 34 1.55 18.93 -0.53
CA ALA E 34 2.99 18.91 -0.31
C ALA E 34 3.49 17.49 -0.09
N ALA E 35 2.71 16.71 0.66
CA ALA E 35 3.07 15.33 0.95
C ALA E 35 1.86 14.52 1.41
N PRO E 36 0.95 14.23 0.47
CA PRO E 36 -0.27 13.47 0.76
C PRO E 36 0.02 12.00 1.08
N ALA E 37 1.28 11.61 0.95
CA ALA E 37 1.69 10.24 1.23
C ALA E 37 1.64 9.95 2.72
N ARG E 38 1.87 10.98 3.53
CA ARG E 38 1.85 10.82 4.98
C ARG E 38 0.42 10.69 5.49
N VAL E 39 -0.49 11.44 4.88
CA VAL E 39 -1.90 11.40 5.27
C VAL E 39 -2.49 10.02 5.06
N GLY E 40 -2.07 9.36 3.98
CA GLY E 40 -2.57 8.03 3.68
C GLY E 40 -2.03 6.98 4.63
N LEU E 41 -0.85 7.23 5.17
CA LEU E 41 -0.21 6.29 6.09
C LEU E 41 -0.73 6.49 7.51
N GLY E 42 -1.01 7.73 7.87
CA GLY E 42 -1.52 8.03 9.20
C GLY E 42 -2.95 7.57 9.39
N ILE E 43 -3.74 7.65 8.33
CA ILE E 43 -5.14 7.23 8.39
C ILE E 43 -5.25 5.72 8.38
N THR E 44 -4.30 5.05 7.75
CA THR E 44 -4.29 3.59 7.69
C THR E 44 -3.62 2.99 8.91
N THR E 45 -2.75 3.77 9.55
CA THR E 45 -2.04 3.30 10.73
C THR E 45 -2.97 3.23 11.94
N VAL E 46 -3.91 4.16 12.00
CA VAL E 46 -4.87 4.22 13.11
C VAL E 46 -5.88 3.09 13.01
N LEU E 47 -6.30 2.78 11.79
CA LEU E 47 -7.27 1.72 11.55
C LEU E 47 -6.60 0.35 11.61
N THR E 48 -5.29 0.32 11.39
CA THR E 48 -4.54 -0.92 11.41
C THR E 48 -4.00 -1.22 12.81
N LEU E 49 -3.85 -0.17 13.61
CA LEU E 49 -3.36 -0.31 14.97
C LEU E 49 -4.46 -0.78 15.91
N THR E 50 -5.69 -0.46 15.57
CA THR E 50 -6.85 -0.85 16.38
C THR E 50 -7.33 -2.24 16.01
N THR E 51 -7.41 -2.52 14.71
CA THR E 51 -7.85 -3.81 14.23
C THR E 51 -6.84 -4.90 14.56
N GLN E 52 -5.58 -4.51 14.73
CA GLN E 52 -4.52 -5.45 15.05
C GLN E 52 -4.40 -5.64 16.55
N SER E 53 -5.01 -4.73 17.32
CA SER E 53 -4.97 -4.81 18.77
C SER E 53 -5.89 -5.91 19.29
N SER E 54 -6.68 -6.48 18.38
CA SER E 54 -7.62 -7.54 18.75
C SER E 54 -7.45 -8.75 17.82
N GLY E 55 -6.21 -9.05 17.47
CA GLY E 55 -5.95 -10.18 16.59
C GLY E 55 -5.82 -11.49 17.34
N SER E 56 -5.26 -11.42 18.55
CA SER E 56 -5.07 -12.61 19.38
C SER E 56 -6.40 -13.33 19.59
N ARG E 57 -7.46 -12.56 19.81
CA ARG E 57 -8.78 -13.12 20.03
C ARG E 57 -8.78 -14.05 21.24
N ALA E 58 -7.77 -13.90 22.10
CA ALA E 58 -7.65 -14.73 23.29
C ALA E 58 -8.45 -14.14 24.45
N SER E 59 -8.77 -12.86 24.35
CA SER E 59 -9.52 -12.17 25.40
C SER E 59 -11.01 -12.14 25.04
N LEU E 60 -11.39 -12.88 24.01
CA LEU E 60 -12.78 -12.93 23.56
C LEU E 60 -13.27 -11.54 23.16
N PRO E 61 -12.81 -11.07 22.00
CA PRO E 61 -13.20 -9.75 21.48
C PRO E 61 -14.66 -9.71 21.04
N LYS E 62 -15.32 -10.86 21.08
CA LYS E 62 -16.72 -10.96 20.69
C LYS E 62 -17.55 -9.85 21.34
N VAL E 63 -17.70 -9.92 22.65
CA VAL E 63 -18.47 -8.93 23.40
C VAL E 63 -17.94 -7.52 23.12
N SER E 64 -16.63 -7.39 23.08
CA SER E 64 -16.00 -6.10 22.83
C SER E 64 -16.33 -5.59 21.42
N TYR E 65 -16.82 -6.50 20.58
CA TYR E 65 -17.17 -6.16 19.21
C TYR E 65 -18.51 -5.42 19.15
N VAL E 66 -19.51 -5.99 19.80
CA VAL E 66 -20.83 -5.39 19.82
C VAL E 66 -20.78 -3.94 20.33
N LYS E 67 -20.23 -3.76 21.52
CA LYS E 67 -20.12 -2.44 22.12
C LYS E 67 -19.28 -1.52 21.22
N ALA E 68 -18.29 -2.10 20.55
CA ALA E 68 -17.42 -1.33 19.67
C ALA E 68 -18.14 -0.94 18.38
N ILE E 69 -19.16 -1.73 18.02
CA ILE E 69 -19.94 -1.45 16.82
C ILE E 69 -20.84 -0.24 17.00
N ASP E 70 -21.26 0.01 18.24
CA ASP E 70 -22.12 1.14 18.54
C ASP E 70 -21.31 2.44 18.62
N ILE E 71 -19.99 2.30 18.78
CA ILE E 71 -19.12 3.45 18.86
C ILE E 71 -18.30 3.61 17.58
N TRP E 72 -18.33 2.59 16.74
CA TRP E 72 -17.59 2.62 15.48
C TRP E 72 -18.53 2.92 14.31
N LEU E 73 -19.79 3.16 14.61
CA LEU E 73 -20.78 3.46 13.58
C LEU E 73 -21.04 4.96 13.50
N ALA E 74 -19.97 5.74 13.56
CA ALA E 74 -20.08 7.19 13.47
C ALA E 74 -18.70 7.85 13.54
N VAL E 75 -17.80 7.26 14.31
CA VAL E 75 -16.44 7.78 14.44
C VAL E 75 -15.66 7.66 13.14
N CYS E 76 -15.96 6.61 12.38
CA CYS E 76 -15.28 6.37 11.11
C CYS E 76 -15.94 7.16 9.99
N LEU E 77 -17.24 7.40 10.11
CA LEU E 77 -18.00 8.15 9.11
C LEU E 77 -17.85 9.64 9.33
N LEU E 78 -17.40 10.02 10.53
CA LEU E 78 -17.21 11.43 10.87
C LEU E 78 -15.74 11.82 10.75
N PHE E 79 -14.86 10.88 11.03
CA PHE E 79 -13.42 11.12 10.96
C PHE E 79 -12.98 11.34 9.52
N VAL E 80 -13.53 10.54 8.60
CA VAL E 80 -13.20 10.64 7.19
C VAL E 80 -14.12 11.63 6.48
N PHE E 81 -15.14 12.10 7.19
CA PHE E 81 -16.09 13.04 6.62
C PHE E 81 -15.50 14.45 6.57
N SER E 82 -14.76 14.81 7.62
CA SER E 82 -14.14 16.13 7.70
C SER E 82 -12.83 16.16 6.92
N ALA E 83 -12.19 15.00 6.79
CA ALA E 83 -10.93 14.89 6.08
C ALA E 83 -11.14 15.07 4.58
N LEU E 84 -12.29 14.61 4.09
CA LEU E 84 -12.61 14.73 2.66
C LEU E 84 -13.11 16.12 2.33
N LEU E 85 -13.84 16.73 3.25
CA LEU E 85 -14.38 18.07 3.05
C LEU E 85 -13.26 19.06 2.73
N GLU E 86 -12.10 18.87 3.37
CA GLU E 86 -10.96 19.75 3.15
C GLU E 86 -10.18 19.31 1.90
N TYR E 87 -9.94 18.01 1.79
CA TYR E 87 -9.20 17.46 0.66
C TYR E 87 -9.92 17.76 -0.65
N ALA E 88 -11.20 18.12 -0.55
CA ALA E 88 -12.00 18.42 -1.73
C ALA E 88 -12.38 19.90 -1.77
N ALA E 89 -12.20 20.59 -0.65
CA ALA E 89 -12.51 22.01 -0.56
C ALA E 89 -11.58 22.84 -1.44
N VAL E 90 -10.34 22.40 -1.55
CA VAL E 90 -9.35 23.10 -2.37
C VAL E 90 -9.91 23.39 -3.75
N ASN E 91 -10.63 22.42 -4.31
CA ASN E 91 -11.20 22.57 -5.64
C ASN E 91 -12.56 23.27 -5.58
N PHE E 92 -13.16 23.27 -4.39
CA PHE E 92 -14.46 23.91 -4.19
C PHE E 92 -14.30 25.42 -4.04
N VAL E 93 -13.06 25.89 -4.07
CA VAL E 93 -12.77 27.31 -3.94
C VAL E 93 -13.58 28.13 -4.94
N SER E 94 -13.74 27.58 -6.14
CA SER E 94 -14.48 28.27 -7.19
C SER E 94 -15.90 28.59 -6.74
N ARG E 95 -16.37 27.86 -5.73
CA ARG E 95 -17.71 28.06 -5.20
C ARG E 95 -17.94 29.53 -4.83
N GLN E 96 -16.86 30.22 -4.49
CA GLN E 96 -16.93 31.63 -4.11
C GLN E 96 -17.80 31.81 -2.86
N ARG E 97 -17.82 30.79 -2.00
CA ARG E 97 -18.60 30.84 -0.78
C ARG E 97 -18.29 32.11 0.01
N GLU E 98 -17.06 32.59 -0.12
CA GLU E 98 -16.64 33.80 0.58
C GLU E 98 -17.31 35.03 0.00
N PHE E 99 -16.87 36.20 0.47
CA PHE E 99 -17.43 37.47 -0.02
C PHE E 99 -16.54 38.09 -1.07
N GLY E 100 -15.64 37.28 -1.65
CA GLY E 100 -14.75 37.78 -2.66
C GLY E 100 -13.54 36.87 -2.86
N GLY E 101 -13.25 36.55 -4.12
CA GLY E 101 -12.13 35.68 -4.42
C GLY E 101 -10.87 36.46 -4.72
N GLY E 102 -10.79 37.68 -4.20
CA GLY E 102 -9.62 38.51 -4.43
C GLY E 102 -8.33 37.82 -4.04
N GLY E 103 -8.38 37.07 -2.95
CA GLY E 103 -7.19 36.35 -2.49
C GLY E 103 -7.22 34.88 -2.87
N PHE E 104 -7.99 34.56 -3.90
CA PHE E 104 -8.11 33.18 -4.35
C PHE E 104 -6.73 32.60 -4.70
N ILE E 105 -6.04 33.25 -5.62
CA ILE E 105 -4.71 32.80 -6.04
C ILE E 105 -3.71 32.94 -4.90
N GLN E 106 -4.08 33.70 -3.87
CA GLN E 106 -3.21 33.90 -2.72
C GLN E 106 -3.59 32.95 -1.59
N ARG E 107 -4.39 31.95 -1.90
CA ARG E 107 -4.83 30.98 -0.91
C ARG E 107 -3.69 30.03 -0.53
N ALA E 108 -2.77 29.83 -1.47
CA ALA E 108 -1.62 28.95 -1.25
C ALA E 108 -0.78 29.44 -0.07
N LYS E 109 -0.93 30.71 0.27
CA LYS E 109 -0.18 31.31 1.36
C LYS E 109 -0.28 30.46 2.63
N LYS E 110 -1.42 29.78 2.78
CA LYS E 110 -1.65 28.92 3.94
C LYS E 110 -1.69 29.75 5.21
N ILE E 111 -2.88 30.28 5.52
CA ILE E 111 -3.06 31.09 6.72
C ILE E 111 -3.13 30.22 7.96
N ASP E 112 -3.07 28.90 7.76
CA ASP E 112 -3.12 27.96 8.88
C ASP E 112 -4.46 28.04 9.60
N LYS E 113 -5.52 28.32 8.85
CA LYS E 113 -6.86 28.42 9.41
C LYS E 113 -7.44 27.04 9.69
N ILE E 114 -6.69 26.01 9.33
CA ILE E 114 -7.14 24.63 9.54
C ILE E 114 -6.69 24.13 10.91
N SER E 115 -5.67 24.75 11.48
CA SER E 115 -5.15 24.36 12.78
C SER E 115 -5.98 24.98 13.89
N ARG E 116 -6.96 25.79 13.53
CA ARG E 116 -7.82 26.44 14.50
C ARG E 116 -8.91 25.49 14.98
N ILE E 117 -9.26 24.51 14.14
CA ILE E 117 -10.29 23.54 14.48
C ILE E 117 -9.67 22.22 14.91
N GLY E 118 -8.53 21.88 14.31
CA GLY E 118 -7.87 20.63 14.64
C GLY E 118 -7.31 20.64 16.05
N PHE E 119 -6.66 21.74 16.43
CA PHE E 119 -6.08 21.87 17.76
C PHE E 119 -7.10 21.52 18.83
N PRO E 120 -8.21 22.27 18.86
CA PRO E 120 -9.29 22.07 19.84
C PRO E 120 -10.05 20.78 19.59
N LEU E 121 -9.83 20.17 18.43
CA LEU E 121 -10.49 18.91 18.07
C LEU E 121 -9.78 17.72 18.69
N ALA E 122 -8.46 17.86 18.87
CA ALA E 122 -7.67 16.79 19.45
C ALA E 122 -7.81 16.76 20.96
N PHE E 123 -7.89 17.93 21.57
CA PHE E 123 -8.03 18.05 23.01
C PHE E 123 -9.42 17.60 23.47
N LEU E 124 -10.42 17.86 22.63
CA LEU E 124 -11.79 17.49 22.94
C LEU E 124 -11.96 15.97 22.94
N ILE E 125 -11.32 15.32 21.97
CA ILE E 125 -11.40 13.86 21.86
C ILE E 125 -10.61 13.19 22.99
N PHE E 126 -9.40 13.67 23.23
CA PHE E 126 -8.55 13.12 24.28
C PHE E 126 -9.23 13.21 25.64
N ASN E 127 -9.96 14.30 25.86
CA ASN E 127 -10.66 14.51 27.12
C ASN E 127 -12.03 13.84 27.10
N LEU E 128 -12.51 13.52 25.91
CA LEU E 128 -13.80 12.88 25.74
C LEU E 128 -13.71 11.38 26.00
N PHE E 129 -12.53 10.81 25.71
CA PHE E 129 -12.31 9.38 25.91
C PHE E 129 -11.72 9.12 27.30
N TYR E 130 -11.09 10.13 27.87
CA TYR E 130 -10.49 10.00 29.20
C TYR E 130 -11.54 10.12 30.29
N TRP E 131 -12.47 11.05 30.11
CA TRP E 131 -13.55 11.26 31.07
C TRP E 131 -14.64 10.21 30.92
N ILE E 132 -14.77 9.66 29.71
CA ILE E 132 -15.77 8.65 29.44
C ILE E 132 -15.30 7.28 29.91
N ILE E 133 -13.99 7.06 29.89
CA ILE E 133 -13.42 5.79 30.32
C ILE E 133 -13.54 5.62 31.82
N TYR E 134 -13.22 6.67 32.57
CA TYR E 134 -13.30 6.64 34.02
C TYR E 134 -14.74 6.83 34.50
N LYS E 135 -15.61 7.19 33.57
CA LYS E 135 -17.01 7.42 33.90
C LYS E 135 -17.81 6.12 33.79
N ILE E 136 -17.64 5.42 32.67
CA ILE E 136 -18.34 4.15 32.44
C ILE E 136 -18.07 3.16 33.57
N VAL E 137 -16.82 3.12 34.01
CA VAL E 137 -16.42 2.22 35.09
C VAL E 137 -17.19 2.51 36.37
N ARG E 138 -17.78 3.70 36.43
CA ARG E 138 -18.55 4.11 37.61
C ARG E 138 -20.04 3.92 37.37
N ARG E 139 -20.52 4.39 36.22
CA ARG E 139 -21.93 4.27 35.87
C ARG E 139 -22.77 5.28 36.65
N GLU E 140 -22.64 5.25 37.98
CA GLU E 140 -23.38 6.16 38.83
C GLU E 140 -22.48 6.77 39.90
N ASP E 141 -21.23 7.04 39.52
CA ASP E 141 -20.27 7.63 40.44
C ASP E 141 -20.00 6.70 41.61
N GLU E 142 -19.93 5.40 41.34
CA GLU E 142 -19.68 4.40 42.38
C GLU E 142 -18.20 4.05 42.44
N PHE E 143 -17.54 4.06 41.29
CA PHE E 143 -16.12 3.73 41.23
C PHE E 143 -15.26 4.99 41.28
N GLU E 144 -15.85 6.08 41.79
CA GLU E 144 -15.14 7.35 41.89
C GLU E 144 -13.80 7.17 42.61
N HIS E 145 -13.85 6.62 43.82
CA HIS E 145 -12.65 6.40 44.60
C HIS E 145 -12.97 5.65 45.90
N HIS E 146 -12.48 4.42 46.00
CA HIS E 146 -12.72 3.60 47.18
C HIS E 146 -12.02 2.25 47.06
N HIS E 147 -12.32 1.53 45.98
CA HIS E 147 -11.72 0.22 45.74
C HIS E 147 -10.46 0.35 44.89
N HIS E 148 -10.51 1.24 43.90
CA HIS E 148 -9.38 1.46 43.00
C HIS E 148 -9.08 0.20 42.19
N HIS E 149 -10.05 -0.72 42.16
CA HIS E 149 -9.88 -1.96 41.42
C HIS E 149 -10.16 -1.76 39.94
N HIS E 150 -10.84 -0.66 39.61
CA HIS E 150 -11.17 -0.35 38.23
C HIS E 150 -11.28 1.17 38.03
N MET A 1 9.77 -20.32 29.24
CA MET A 1 10.65 -21.44 28.94
C MET A 1 11.62 -21.09 27.81
N LEU A 2 12.85 -20.76 28.17
CA LEU A 2 13.86 -20.40 27.19
C LEU A 2 13.48 -19.12 26.44
N GLU A 3 12.97 -18.14 27.19
CA GLU A 3 12.56 -16.87 26.60
C GLU A 3 13.75 -15.92 26.50
N ARG A 4 14.60 -15.94 27.52
CA ARG A 4 15.78 -15.07 27.55
C ARG A 4 16.81 -15.52 26.52
N GLN A 5 16.61 -16.70 25.97
CA GLN A 5 17.53 -17.24 24.97
C GLN A 5 17.11 -16.83 23.57
N LEU A 6 15.98 -16.13 23.47
CA LEU A 6 15.47 -15.67 22.18
C LEU A 6 16.10 -14.33 21.80
N GLY A 7 16.46 -13.54 22.80
CA GLY A 7 17.07 -12.25 22.54
C GLY A 7 18.28 -12.35 21.63
N TYR A 8 18.91 -13.52 21.61
CA TYR A 8 20.09 -13.73 20.78
C TYR A 8 19.75 -13.56 19.30
N TYR A 9 18.61 -14.10 18.89
CA TYR A 9 18.18 -14.01 17.50
C TYR A 9 17.68 -12.61 17.19
N LEU A 10 17.24 -11.89 18.21
CA LEU A 10 16.74 -10.53 18.03
C LEU A 10 17.90 -9.53 17.92
N ILE A 11 19.04 -9.88 18.53
CA ILE A 11 20.21 -9.02 18.49
C ILE A 11 20.83 -9.00 17.10
N GLN A 12 21.09 -10.18 16.54
CA GLN A 12 21.68 -10.28 15.21
C GLN A 12 20.71 -9.79 14.14
N LEU A 13 19.41 -9.87 14.45
CA LEU A 13 18.38 -9.44 13.51
C LEU A 13 18.12 -7.94 13.66
N TYR A 14 18.47 -7.39 14.81
CA TYR A 14 18.27 -5.96 15.07
C TYR A 14 19.35 -5.13 14.37
N ILE A 15 20.52 -5.73 14.19
CA ILE A 15 21.63 -5.04 13.54
C ILE A 15 21.20 -4.43 12.21
N PRO A 16 20.69 -5.28 11.30
CA PRO A 16 20.23 -4.86 9.99
C PRO A 16 18.95 -4.02 10.06
N SER A 17 18.03 -4.42 10.93
CA SER A 17 16.77 -3.71 11.10
C SER A 17 17.01 -2.29 11.58
N LEU A 18 18.10 -2.09 12.32
CA LEU A 18 18.44 -0.77 12.85
C LEU A 18 19.20 0.05 11.80
N LEU A 19 20.02 -0.64 11.00
CA LEU A 19 20.80 0.02 9.97
C LEU A 19 19.89 0.61 8.89
N ILE A 20 18.90 -0.17 8.46
CA ILE A 20 17.97 0.27 7.44
C ILE A 20 17.15 1.46 7.92
N VAL A 21 16.96 1.55 9.24
CA VAL A 21 16.20 2.65 9.83
C VAL A 21 16.97 3.97 9.75
N ILE A 22 18.26 3.89 10.04
CA ILE A 22 19.12 5.07 10.01
C ILE A 22 19.15 5.69 8.61
N LEU A 23 19.22 4.83 7.59
CA LEU A 23 19.25 5.29 6.21
C LEU A 23 17.94 5.96 5.83
N SER A 24 16.84 5.48 6.42
CA SER A 24 15.52 6.02 6.14
C SER A 24 15.52 7.54 6.27
N TRP A 25 16.17 8.05 7.32
CA TRP A 25 16.24 9.48 7.57
C TRP A 25 17.17 10.15 6.57
N ILE A 26 18.30 9.51 6.29
CA ILE A 26 19.28 10.05 5.35
C ILE A 26 18.62 10.39 4.02
N SER A 27 17.51 9.73 3.73
CA SER A 27 16.79 9.97 2.48
C SER A 27 15.53 10.79 2.72
N PHE A 28 15.10 10.83 3.98
CA PHE A 28 13.91 11.58 4.36
C PHE A 28 14.11 13.08 4.11
N TRP A 29 15.36 13.49 4.07
CA TRP A 29 15.69 14.90 3.84
C TRP A 29 15.19 15.36 2.47
N ILE A 30 15.20 14.44 1.51
CA ILE A 30 14.75 14.75 0.16
C ILE A 30 13.37 14.17 -0.11
N ASN A 31 13.08 13.03 0.50
CA ASN A 31 11.78 12.38 0.33
C ASN A 31 10.65 13.26 0.86
N LEU A 32 11.02 14.31 1.60
CA LEU A 32 10.04 15.23 2.16
C LEU A 32 9.03 15.65 1.12
N ASP A 33 9.45 15.63 -0.15
CA ASP A 33 8.57 16.02 -1.26
C ASP A 33 9.05 15.40 -2.56
N ALA A 34 10.36 15.35 -2.74
CA ALA A 34 10.95 14.78 -3.95
C ALA A 34 10.51 13.33 -4.15
N ALA A 35 10.44 12.59 -3.06
CA ALA A 35 10.03 11.19 -3.12
C ALA A 35 9.54 10.70 -1.74
N PRO A 36 8.37 11.20 -1.33
CA PRO A 36 7.77 10.83 -0.04
C PRO A 36 7.28 9.38 -0.03
N ALA A 37 7.35 8.73 -1.18
CA ALA A 37 6.91 7.34 -1.29
C ALA A 37 7.90 6.40 -0.62
N ARG A 38 9.17 6.79 -0.62
CA ARG A 38 10.22 5.98 -0.01
C ARG A 38 10.13 6.02 1.51
N VAL A 39 9.85 7.21 2.04
CA VAL A 39 9.73 7.39 3.49
C VAL A 39 8.58 6.57 4.06
N GLY A 40 7.51 6.45 3.28
CA GLY A 40 6.35 5.70 3.72
C GLY A 40 6.60 4.20 3.71
N LEU A 41 7.52 3.77 2.85
CA LEU A 41 7.85 2.35 2.74
C LEU A 41 8.85 1.94 3.81
N GLY A 42 9.79 2.83 4.12
CA GLY A 42 10.79 2.55 5.12
C GLY A 42 10.22 2.52 6.53
N ILE A 43 9.25 3.38 6.78
CA ILE A 43 8.61 3.45 8.08
C ILE A 43 7.71 2.24 8.33
N THR A 44 7.13 1.72 7.26
CA THR A 44 6.25 0.57 7.35
C THR A 44 7.04 -0.74 7.29
N THR A 45 8.28 -0.65 6.83
CA THR A 45 9.14 -1.82 6.73
C THR A 45 9.72 -2.19 8.09
N VAL A 46 9.92 -1.18 8.93
CA VAL A 46 10.48 -1.40 10.27
C VAL A 46 9.45 -2.06 11.18
N LEU A 47 8.21 -1.60 11.10
CA LEU A 47 7.14 -2.15 11.92
C LEU A 47 6.64 -3.47 11.36
N THR A 48 6.88 -3.70 10.07
CA THR A 48 6.46 -4.93 9.42
C THR A 48 7.54 -6.00 9.51
N LEU A 49 8.79 -5.57 9.66
CA LEU A 49 9.91 -6.49 9.77
C LEU A 49 9.99 -7.08 11.18
N THR A 50 9.50 -6.34 12.15
CA THR A 50 9.52 -6.79 13.54
C THR A 50 8.30 -7.64 13.86
N THR A 51 7.14 -7.20 13.40
CA THR A 51 5.90 -7.93 13.63
C THR A 51 5.95 -9.33 13.01
N GLN A 52 6.63 -9.45 11.89
CA GLN A 52 6.76 -10.72 11.20
C GLN A 52 7.75 -11.63 11.92
N SER A 53 8.78 -11.02 12.52
CA SER A 53 9.80 -11.77 13.23
C SER A 53 9.35 -12.07 14.66
N SER A 54 8.33 -11.36 15.12
CA SER A 54 7.80 -11.55 16.46
C SER A 54 6.66 -12.57 16.46
N GLY A 55 6.53 -13.29 15.36
CA GLY A 55 5.48 -14.28 15.25
C GLY A 55 5.88 -15.63 15.82
N SER A 56 7.16 -15.76 16.16
CA SER A 56 7.68 -17.00 16.71
C SER A 56 6.89 -17.42 17.94
N ARG A 57 6.64 -16.47 18.84
CA ARG A 57 5.89 -16.74 20.06
C ARG A 57 6.56 -17.86 20.87
N ALA A 58 7.84 -18.08 20.61
CA ALA A 58 8.59 -19.11 21.32
C ALA A 58 9.15 -18.59 22.64
N SER A 59 9.23 -17.26 22.75
CA SER A 59 9.75 -16.64 23.96
C SER A 59 8.64 -16.44 25.00
N LEU A 60 7.45 -16.96 24.68
CA LEU A 60 6.31 -16.85 25.58
C LEU A 60 5.92 -15.39 25.79
N PRO A 61 4.68 -15.17 26.24
CA PRO A 61 4.16 -13.82 26.49
C PRO A 61 4.82 -13.16 27.70
N LYS A 62 5.69 -13.91 28.37
CA LYS A 62 6.39 -13.39 29.54
C LYS A 62 7.42 -12.34 29.14
N VAL A 63 8.47 -12.77 28.46
CA VAL A 63 9.52 -11.86 28.02
C VAL A 63 9.01 -10.90 26.95
N SER A 64 7.97 -11.32 26.25
CA SER A 64 7.37 -10.50 25.18
C SER A 64 6.54 -9.36 25.78
N TYR A 65 5.94 -9.62 26.93
CA TYR A 65 5.12 -8.63 27.60
C TYR A 65 5.95 -7.42 28.02
N VAL A 66 7.00 -7.67 28.80
CA VAL A 66 7.88 -6.61 29.26
C VAL A 66 8.43 -5.80 28.09
N LYS A 67 9.05 -6.51 27.15
CA LYS A 67 9.63 -5.86 25.98
C LYS A 67 8.57 -5.05 25.22
N ALA A 68 7.33 -5.52 25.29
CA ALA A 68 6.23 -4.85 24.61
C ALA A 68 5.88 -3.54 25.31
N ILE A 69 6.28 -3.41 26.57
CA ILE A 69 6.01 -2.21 27.34
C ILE A 69 6.87 -1.04 26.86
N ASP A 70 8.15 -1.32 26.60
CA ASP A 70 9.08 -0.30 26.14
C ASP A 70 8.82 0.05 24.68
N ILE A 71 8.10 -0.83 23.99
CA ILE A 71 7.79 -0.62 22.58
C ILE A 71 6.37 -0.10 22.41
N TRP A 72 5.64 -0.03 23.51
CA TRP A 72 4.26 0.45 23.49
C TRP A 72 4.22 1.98 23.46
N LEU A 73 5.25 2.59 24.01
CA LEU A 73 5.33 4.05 24.06
C LEU A 73 6.78 4.52 23.98
N ALA A 74 7.39 4.37 22.81
CA ALA A 74 8.77 4.78 22.61
C ALA A 74 9.23 4.50 21.18
N VAL A 75 9.09 3.23 20.76
CA VAL A 75 9.48 2.84 19.41
C VAL A 75 8.35 3.04 18.43
N CYS A 76 7.69 4.19 18.51
CA CYS A 76 6.59 4.51 17.61
C CYS A 76 6.01 5.88 17.92
N LEU A 77 6.03 6.26 19.20
CA LEU A 77 5.52 7.55 19.62
C LEU A 77 6.59 8.63 19.51
N LEU A 78 7.84 8.22 19.64
CA LEU A 78 8.96 9.16 19.55
C LEU A 78 9.58 9.14 18.15
N PHE A 79 9.49 7.99 17.48
CA PHE A 79 10.03 7.84 16.14
C PHE A 79 9.18 8.60 15.12
N VAL A 80 7.86 8.47 15.26
CA VAL A 80 6.94 9.15 14.35
C VAL A 80 6.67 10.58 14.80
N PHE A 81 7.18 10.92 15.97
CA PHE A 81 7.00 12.27 16.52
C PHE A 81 7.97 13.25 15.89
N SER A 82 9.22 12.81 15.70
CA SER A 82 10.25 13.65 15.12
C SER A 82 10.10 13.72 13.59
N ALA A 83 9.57 12.65 13.02
CA ALA A 83 9.37 12.57 11.58
C ALA A 83 8.23 13.48 11.13
N LEU A 84 7.23 13.61 12.00
CA LEU A 84 6.07 14.45 11.69
C LEU A 84 6.37 15.93 11.97
N LEU A 85 7.32 16.17 12.87
CA LEU A 85 7.71 17.52 13.23
C LEU A 85 8.32 18.25 12.03
N GLU A 86 9.07 17.51 11.21
CA GLU A 86 9.70 18.08 10.03
C GLU A 86 8.75 18.06 8.84
N TYR A 87 8.02 16.96 8.69
CA TYR A 87 7.08 16.80 7.60
C TYR A 87 6.00 17.88 7.65
N ALA A 88 5.86 18.51 8.80
CA ALA A 88 4.87 19.56 8.99
C ALA A 88 5.55 20.91 9.24
N ALA A 89 6.84 20.89 9.52
CA ALA A 89 7.59 22.12 9.77
C ALA A 89 7.66 22.98 8.53
N VAL A 90 7.78 22.34 7.36
CA VAL A 90 7.85 23.06 6.10
C VAL A 90 6.70 24.06 5.96
N ASN A 91 5.54 23.68 6.47
CA ASN A 91 4.37 24.55 6.41
C ASN A 91 4.34 25.51 7.58
N PHE A 92 5.08 25.17 8.64
CA PHE A 92 5.14 26.01 9.84
C PHE A 92 6.11 27.18 9.63
N VAL A 93 6.73 27.22 8.46
CA VAL A 93 7.68 28.29 8.14
C VAL A 93 7.07 29.66 8.38
N SER A 94 5.80 29.81 8.01
CA SER A 94 5.10 31.08 8.19
C SER A 94 5.17 31.54 9.63
N ARG A 95 5.35 30.59 10.55
CA ARG A 95 5.43 30.91 11.98
C ARG A 95 6.50 31.96 12.23
N GLN A 96 7.50 32.01 11.35
CA GLN A 96 8.59 32.96 11.49
C GLN A 96 9.39 32.71 12.77
N ARG A 97 9.42 31.45 13.20
CA ARG A 97 10.14 31.07 14.41
C ARG A 97 11.58 31.59 14.37
N GLU A 98 12.13 31.69 13.16
CA GLU A 98 13.50 32.18 12.99
C GLU A 98 13.58 33.68 13.23
N PHE A 99 14.73 34.26 12.90
CA PHE A 99 14.94 35.69 13.08
C PHE A 99 14.70 36.45 11.78
N GLY A 100 14.01 35.80 10.85
CA GLY A 100 13.73 36.42 9.56
C GLY A 100 13.29 35.42 8.51
N GLY A 101 12.32 35.82 7.68
CA GLY A 101 11.83 34.93 6.65
C GLY A 101 12.46 35.23 5.29
N GLY A 102 13.57 35.94 5.31
CA GLY A 102 14.25 36.28 4.06
C GLY A 102 14.54 35.06 3.21
N GLY A 103 14.89 33.96 3.87
CA GLY A 103 15.20 32.73 3.15
C GLY A 103 14.00 31.82 3.03
N PHE A 104 12.84 32.39 2.70
CA PHE A 104 11.62 31.61 2.56
C PHE A 104 11.61 30.84 1.25
N ILE A 105 11.80 31.55 0.14
CA ILE A 105 11.81 30.94 -1.18
C ILE A 105 13.14 30.24 -1.45
N GLN A 106 14.15 30.59 -0.66
CA GLN A 106 15.48 30.02 -0.80
C GLN A 106 15.64 28.78 0.08
N ARG A 107 14.53 28.28 0.60
CA ARG A 107 14.54 27.11 1.47
C ARG A 107 14.86 25.85 0.68
N ALA A 108 14.51 25.86 -0.60
CA ALA A 108 14.76 24.72 -1.47
C ALA A 108 16.25 24.40 -1.56
N LYS A 109 17.08 25.38 -1.19
CA LYS A 109 18.52 25.21 -1.23
C LYS A 109 18.93 23.93 -0.51
N LYS A 110 18.15 23.54 0.50
CA LYS A 110 18.43 22.34 1.26
C LYS A 110 19.77 22.44 1.98
N ILE A 111 19.80 23.20 3.07
CA ILE A 111 21.02 23.38 3.85
C ILE A 111 21.43 22.09 4.54
N ASP A 112 20.55 21.10 4.50
CA ASP A 112 20.81 19.81 5.13
C ASP A 112 20.98 19.96 6.64
N LYS A 113 20.21 20.87 7.23
CA LYS A 113 20.27 21.12 8.67
C LYS A 113 19.54 20.03 9.43
N ILE A 114 18.93 19.09 8.70
CA ILE A 114 18.20 17.99 9.31
C ILE A 114 19.13 16.83 9.65
N SER A 115 20.29 16.80 9.00
CA SER A 115 21.27 15.75 9.22
C SER A 115 22.05 16.00 10.51
N ARG A 116 21.78 17.13 11.15
CA ARG A 116 22.46 17.49 12.39
C ARG A 116 21.80 16.80 13.58
N ILE A 117 20.62 16.25 13.36
CA ILE A 117 19.89 15.56 14.42
C ILE A 117 19.84 14.06 14.17
N GLY A 118 19.66 13.68 12.90
CA GLY A 118 19.60 12.28 12.55
C GLY A 118 20.92 11.56 12.76
N PHE A 119 22.01 12.19 12.33
CA PHE A 119 23.33 11.61 12.48
C PHE A 119 23.57 11.16 13.91
N PRO A 120 23.49 12.11 14.86
CA PRO A 120 23.69 11.83 16.28
C PRO A 120 22.57 11.00 16.88
N LEU A 121 21.45 10.92 16.16
CA LEU A 121 20.30 10.15 16.62
C LEU A 121 20.46 8.68 16.30
N ALA A 122 21.18 8.38 15.21
CA ALA A 122 21.42 7.01 14.78
C ALA A 122 22.52 6.37 15.63
N PHE A 123 23.57 7.13 15.89
CA PHE A 123 24.70 6.63 16.68
C PHE A 123 24.27 6.37 18.12
N LEU A 124 23.37 7.21 18.63
CA LEU A 124 22.89 7.07 20.00
C LEU A 124 22.05 5.81 20.16
N ILE A 125 21.24 5.51 19.14
CA ILE A 125 20.39 4.33 19.16
C ILE A 125 21.21 3.06 18.96
N PHE A 126 22.17 3.12 18.04
CA PHE A 126 23.02 1.97 17.75
C PHE A 126 23.87 1.60 18.97
N ASN A 127 24.32 2.62 19.69
CA ASN A 127 25.15 2.41 20.88
C ASN A 127 24.29 2.11 22.09
N LEU A 128 23.01 2.48 22.02
CA LEU A 128 22.07 2.24 23.11
C LEU A 128 21.55 0.81 23.08
N PHE A 129 21.49 0.23 21.89
CA PHE A 129 21.02 -1.14 21.73
C PHE A 129 22.16 -2.14 21.89
N TYR A 130 23.37 -1.68 21.64
CA TYR A 130 24.55 -2.53 21.76
C TYR A 130 24.97 -2.69 23.22
N TRP A 131 24.90 -1.58 23.96
CA TRP A 131 25.26 -1.60 25.37
C TRP A 131 24.16 -2.21 26.22
N ILE A 132 22.92 -2.09 25.74
CA ILE A 132 21.77 -2.63 26.46
C ILE A 132 21.63 -4.13 26.23
N ILE A 133 22.07 -4.58 25.07
CA ILE A 133 21.99 -6.00 24.72
C ILE A 133 22.96 -6.82 25.56
N TYR A 134 24.18 -6.32 25.71
CA TYR A 134 25.21 -6.99 26.49
C TYR A 134 25.05 -6.70 27.97
N LYS A 135 24.12 -5.80 28.30
CA LYS A 135 23.87 -5.44 29.69
C LYS A 135 22.72 -6.25 30.26
N ILE A 136 21.62 -6.34 29.50
CA ILE A 136 20.46 -7.10 29.94
C ILE A 136 20.83 -8.52 30.32
N VAL A 137 21.71 -9.13 29.52
CA VAL A 137 22.15 -10.50 29.78
C VAL A 137 22.83 -10.61 31.13
N ARG A 138 23.26 -9.48 31.67
CA ARG A 138 23.93 -9.44 32.96
C ARG A 138 22.95 -9.09 34.08
N ARG A 139 22.21 -8.01 33.90
CA ARG A 139 21.24 -7.56 34.89
C ARG A 139 20.20 -8.65 35.15
N GLU A 140 19.95 -9.48 34.14
CA GLU A 140 18.97 -10.56 34.25
C GLU A 140 19.61 -11.80 34.88
N ASP A 141 20.90 -11.72 35.16
CA ASP A 141 21.63 -12.84 35.75
C ASP A 141 21.64 -14.03 34.81
N GLU A 142 21.82 -13.77 33.52
CA GLU A 142 21.85 -14.83 32.52
C GLU A 142 23.27 -15.35 32.31
N PHE A 143 24.19 -14.43 31.99
CA PHE A 143 25.58 -14.80 31.77
C PHE A 143 26.47 -14.21 32.86
N GLU A 144 26.02 -13.12 33.47
CA GLU A 144 26.78 -12.46 34.53
C GLU A 144 26.46 -13.08 35.89
N HIS A 145 25.46 -13.94 35.92
CA HIS A 145 25.05 -14.60 37.15
C HIS A 145 26.25 -15.24 37.85
N HIS A 146 27.22 -15.67 37.05
CA HIS A 146 28.42 -16.30 37.59
C HIS A 146 29.17 -15.35 38.53
N HIS A 147 29.16 -14.07 38.18
CA HIS A 147 29.84 -13.05 38.99
C HIS A 147 28.87 -12.42 39.98
N HIS A 148 27.63 -12.24 39.56
CA HIS A 148 26.60 -11.65 40.41
C HIS A 148 26.96 -10.20 40.75
N HIS A 149 27.80 -9.60 39.93
CA HIS A 149 28.21 -8.21 40.14
C HIS A 149 27.01 -7.30 40.35
N HIS A 150 26.18 -7.19 39.31
CA HIS A 150 24.99 -6.35 39.37
C HIS A 150 24.11 -6.57 38.15
N MET B 1 12.54 -34.12 4.55
CA MET B 1 13.92 -34.60 4.45
C MET B 1 14.56 -34.12 3.16
N LEU B 2 13.81 -34.19 2.06
CA LEU B 2 14.31 -33.76 0.76
C LEU B 2 14.32 -32.23 0.66
N GLU B 3 15.18 -31.61 1.44
CA GLU B 3 15.29 -30.15 1.44
C GLU B 3 16.17 -29.68 0.28
N ARG B 4 17.23 -30.42 0.00
CA ARG B 4 18.14 -30.07 -1.08
C ARG B 4 17.47 -30.25 -2.44
N GLN B 5 16.32 -30.91 -2.43
CA GLN B 5 15.57 -31.14 -3.67
C GLN B 5 14.59 -30.02 -3.94
N LEU B 6 14.51 -29.07 -3.02
CA LEU B 6 13.61 -27.93 -3.16
C LEU B 6 14.26 -26.81 -3.96
N GLY B 7 15.59 -26.74 -3.89
CA GLY B 7 16.31 -25.71 -4.62
C GLY B 7 15.98 -25.71 -6.10
N TYR B 8 15.53 -26.85 -6.60
CA TYR B 8 15.18 -26.98 -8.02
C TYR B 8 14.03 -26.04 -8.38
N TYR B 9 13.04 -25.98 -7.51
CA TYR B 9 11.88 -25.12 -7.74
C TYR B 9 12.23 -23.65 -7.52
N LEU B 10 13.27 -23.40 -6.71
CA LEU B 10 13.71 -22.05 -6.43
C LEU B 10 14.56 -21.50 -7.57
N ILE B 11 15.22 -22.40 -8.30
CA ILE B 11 16.06 -22.01 -9.41
C ILE B 11 15.23 -21.50 -10.58
N GLN B 12 14.24 -22.30 -11.00
CA GLN B 12 13.37 -21.93 -12.10
C GLN B 12 12.49 -20.73 -11.73
N LEU B 13 12.24 -20.58 -10.44
CA LEU B 13 11.42 -19.48 -9.94
C LEU B 13 12.25 -18.22 -9.73
N TYR B 14 13.56 -18.40 -9.58
CA TYR B 14 14.47 -17.28 -9.37
C TYR B 14 14.76 -16.56 -10.68
N ILE B 15 14.69 -17.31 -11.78
CA ILE B 15 14.95 -16.75 -13.10
C ILE B 15 14.12 -15.48 -13.34
N PRO B 16 12.79 -15.63 -13.22
CA PRO B 16 11.86 -14.51 -13.41
C PRO B 16 11.95 -13.48 -12.29
N SER B 17 12.07 -13.97 -11.05
CA SER B 17 12.17 -13.09 -9.89
C SER B 17 13.40 -12.20 -9.97
N LEU B 18 14.44 -12.71 -10.64
CA LEU B 18 15.68 -11.95 -10.79
C LEU B 18 15.59 -10.99 -11.98
N LEU B 19 14.88 -11.41 -13.02
CA LEU B 19 14.72 -10.60 -14.22
C LEU B 19 13.91 -9.34 -13.91
N ILE B 20 12.82 -9.51 -13.17
CA ILE B 20 11.96 -8.39 -12.81
C ILE B 20 12.70 -7.39 -11.93
N VAL B 21 13.69 -7.88 -11.20
CA VAL B 21 14.49 -7.03 -10.31
C VAL B 21 15.42 -6.12 -11.11
N ILE B 22 16.04 -6.68 -12.14
CA ILE B 22 16.95 -5.92 -12.99
C ILE B 22 16.24 -4.76 -13.66
N LEU B 23 15.01 -5.02 -14.12
CA LEU B 23 14.22 -3.98 -14.79
C LEU B 23 13.86 -2.86 -13.82
N SER B 24 13.68 -3.21 -12.55
CA SER B 24 13.34 -2.23 -11.53
C SER B 24 14.30 -1.05 -11.58
N TRP B 25 15.59 -1.34 -11.72
CA TRP B 25 16.60 -0.29 -11.77
C TRP B 25 16.53 0.47 -13.10
N ILE B 26 16.29 -0.27 -14.18
CA ILE B 26 16.19 0.34 -15.50
C ILE B 26 15.11 1.42 -15.55
N SER B 27 14.19 1.36 -14.60
CA SER B 27 13.10 2.32 -14.52
C SER B 27 13.29 3.25 -13.33
N PHE B 28 14.19 2.89 -12.42
CA PHE B 28 14.46 3.68 -11.24
C PHE B 28 15.18 4.98 -11.60
N TRP B 29 15.89 4.96 -12.72
CA TRP B 29 16.62 6.13 -13.18
C TRP B 29 15.67 7.28 -13.49
N ILE B 30 14.38 6.95 -13.64
CA ILE B 30 13.37 7.96 -13.93
C ILE B 30 12.33 8.05 -12.82
N ASN B 31 12.07 6.91 -12.18
CA ASN B 31 11.10 6.85 -11.10
C ASN B 31 11.57 7.65 -9.89
N LEU B 32 12.83 8.08 -9.94
CA LEU B 32 13.40 8.87 -8.85
C LEU B 32 12.47 10.01 -8.45
N ASP B 33 11.65 10.46 -9.39
CA ASP B 33 10.71 11.54 -9.12
C ASP B 33 9.55 11.50 -10.11
N ALA B 34 9.85 11.17 -11.36
CA ALA B 34 8.83 11.09 -12.40
C ALA B 34 7.73 10.10 -12.02
N ALA B 35 8.13 8.97 -11.44
CA ALA B 35 7.18 7.95 -11.03
C ALA B 35 7.78 7.03 -9.96
N PRO B 36 7.98 7.59 -8.75
CA PRO B 36 8.55 6.84 -7.63
C PRO B 36 7.60 5.78 -7.09
N ALA B 37 6.38 5.78 -7.62
CA ALA B 37 5.37 4.81 -7.20
C ALA B 37 5.70 3.41 -7.70
N ARG B 38 6.34 3.34 -8.86
CA ARG B 38 6.71 2.07 -9.46
C ARG B 38 7.87 1.43 -8.71
N VAL B 39 8.83 2.25 -8.29
CA VAL B 39 9.99 1.78 -7.56
C VAL B 39 9.57 1.13 -6.23
N GLY B 40 8.56 1.71 -5.60
CA GLY B 40 8.09 1.18 -4.33
C GLY B 40 7.34 -0.14 -4.49
N LEU B 41 6.78 -0.36 -5.67
CA LEU B 41 6.04 -1.58 -5.95
C LEU B 41 6.99 -2.70 -6.36
N GLY B 42 8.02 -2.35 -7.11
CA GLY B 42 8.98 -3.35 -7.55
C GLY B 42 9.84 -3.87 -6.42
N ILE B 43 10.17 -2.99 -5.48
CA ILE B 43 11.00 -3.37 -4.33
C ILE B 43 10.21 -4.24 -3.36
N THR B 44 8.90 -4.00 -3.28
CA THR B 44 8.04 -4.76 -2.39
C THR B 44 7.55 -6.05 -3.04
N THR B 45 7.67 -6.11 -4.37
CA THR B 45 7.26 -7.29 -5.11
C THR B 45 8.29 -8.40 -5.02
N VAL B 46 9.56 -8.01 -4.88
CA VAL B 46 10.64 -8.98 -4.77
C VAL B 46 10.64 -9.67 -3.42
N LEU B 47 10.39 -8.89 -2.36
CA LEU B 47 10.35 -9.43 -1.00
C LEU B 47 9.03 -10.13 -0.73
N THR B 48 8.01 -9.78 -1.52
CA THR B 48 6.69 -10.37 -1.36
C THR B 48 6.54 -11.63 -2.22
N LEU B 49 7.32 -11.69 -3.30
CA LEU B 49 7.27 -12.83 -4.20
C LEU B 49 8.05 -14.01 -3.63
N THR B 50 9.04 -13.71 -2.79
CA THR B 50 9.87 -14.74 -2.16
C THR B 50 9.22 -15.27 -0.88
N THR B 51 8.70 -14.34 -0.07
CA THR B 51 8.06 -14.71 1.18
C THR B 51 6.85 -15.59 0.94
N GLN B 52 6.15 -15.35 -0.17
CA GLN B 52 4.97 -16.14 -0.51
C GLN B 52 5.36 -17.51 -1.03
N SER B 53 6.50 -17.58 -1.71
CA SER B 53 6.98 -18.84 -2.27
C SER B 53 7.75 -19.64 -1.21
N SER B 54 8.15 -18.96 -0.14
CA SER B 54 8.89 -19.61 0.93
C SER B 54 7.94 -20.13 2.01
N GLY B 55 6.65 -20.17 1.69
CA GLY B 55 5.66 -20.66 2.64
C GLY B 55 5.50 -22.16 2.59
N SER B 56 6.13 -22.79 1.60
CA SER B 56 6.04 -24.24 1.46
C SER B 56 6.48 -24.95 2.74
N ARG B 57 7.61 -24.51 3.29
CA ARG B 57 8.14 -25.09 4.52
C ARG B 57 8.37 -26.59 4.35
N ALA B 58 8.49 -27.03 3.10
CA ALA B 58 8.71 -28.43 2.79
C ALA B 58 10.19 -28.78 2.85
N SER B 59 11.03 -27.75 2.76
CA SER B 59 12.48 -27.95 2.79
C SER B 59 12.99 -27.96 4.23
N LEU B 60 12.07 -27.90 5.18
CA LEU B 60 12.42 -27.91 6.60
C LEU B 60 13.25 -26.68 6.95
N PRO B 61 13.29 -26.35 8.26
CA PRO B 61 14.04 -25.19 8.75
C PRO B 61 15.54 -25.40 8.65
N LYS B 62 15.95 -26.59 8.21
CA LYS B 62 17.37 -26.91 8.08
C LYS B 62 18.00 -26.14 6.92
N VAL B 63 17.60 -26.49 5.71
CA VAL B 63 18.12 -25.83 4.52
C VAL B 63 17.66 -24.38 4.44
N SER B 64 16.53 -24.08 5.10
CA SER B 64 15.98 -22.74 5.10
C SER B 64 16.77 -21.84 6.05
N TYR B 65 17.29 -22.41 7.12
CA TYR B 65 18.07 -21.66 8.10
C TYR B 65 19.33 -21.09 7.46
N VAL B 66 20.15 -21.97 6.89
CA VAL B 66 21.39 -21.55 6.24
C VAL B 66 21.12 -20.49 5.18
N LYS B 67 20.23 -20.80 4.25
CA LYS B 67 19.90 -19.87 3.17
C LYS B 67 19.39 -18.55 3.75
N ALA B 68 18.76 -18.61 4.91
CA ALA B 68 18.24 -17.41 5.57
C ALA B 68 19.37 -16.55 6.12
N ILE B 69 20.54 -17.16 6.29
CA ILE B 69 21.70 -16.44 6.81
C ILE B 69 22.27 -15.49 5.77
N ASP B 70 22.36 -15.97 4.53
CA ASP B 70 22.89 -15.16 3.43
C ASP B 70 21.87 -14.11 2.99
N ILE B 71 20.61 -14.31 3.38
CA ILE B 71 19.54 -13.38 3.03
C ILE B 71 19.22 -12.46 4.19
N TRP B 72 19.84 -12.71 5.33
CA TRP B 72 19.62 -11.90 6.53
C TRP B 72 20.43 -10.61 6.48
N LEU B 73 21.54 -10.65 5.75
CA LEU B 73 22.41 -9.48 5.62
C LEU B 73 23.11 -9.47 4.27
N ALA B 74 22.34 -9.21 3.21
CA ALA B 74 22.88 -9.16 1.86
C ALA B 74 21.79 -8.86 0.85
N VAL B 75 20.73 -9.66 0.86
CA VAL B 75 19.62 -9.48 -0.07
C VAL B 75 18.57 -8.52 0.50
N CYS B 76 19.05 -7.42 1.06
CA CYS B 76 18.16 -6.42 1.65
C CYS B 76 18.96 -5.24 2.21
N LEU B 77 20.15 -5.53 2.74
CA LEU B 77 21.00 -4.50 3.31
C LEU B 77 21.86 -3.86 2.23
N LEU B 78 22.18 -4.62 1.19
CA LEU B 78 23.00 -4.12 0.10
C LEU B 78 22.13 -3.66 -1.07
N PHE B 79 20.97 -4.28 -1.22
CA PHE B 79 20.04 -3.93 -2.29
C PHE B 79 19.38 -2.57 -2.03
N VAL B 80 18.97 -2.36 -0.78
CA VAL B 80 18.33 -1.11 -0.39
C VAL B 80 19.37 -0.05 -0.03
N PHE B 81 20.64 -0.46 -0.01
CA PHE B 81 21.73 0.46 0.33
C PHE B 81 22.11 1.30 -0.89
N SER B 82 22.15 0.66 -2.05
CA SER B 82 22.53 1.35 -3.28
C SER B 82 21.35 2.16 -3.82
N ALA B 83 20.13 1.69 -3.54
CA ALA B 83 18.92 2.37 -3.99
C ALA B 83 18.70 3.66 -3.21
N LEU B 84 19.08 3.65 -1.94
CA LEU B 84 18.91 4.82 -1.09
C LEU B 84 20.04 5.82 -1.32
N LEU B 85 21.18 5.33 -1.79
CA LEU B 85 22.32 6.19 -2.05
C LEU B 85 22.02 7.19 -3.16
N GLU B 86 21.25 6.75 -4.15
CA GLU B 86 20.88 7.61 -5.28
C GLU B 86 19.63 8.42 -4.95
N TYR B 87 18.67 7.77 -4.30
CA TYR B 87 17.42 8.43 -3.94
C TYR B 87 17.67 9.60 -3.00
N ALA B 88 18.88 9.64 -2.41
CA ALA B 88 19.25 10.70 -1.49
C ALA B 88 20.41 11.52 -2.05
N ALA B 89 21.05 11.00 -3.09
CA ALA B 89 22.17 11.68 -3.72
C ALA B 89 21.73 12.98 -4.38
N VAL B 90 20.53 12.96 -4.97
CA VAL B 90 19.99 14.14 -5.64
C VAL B 90 20.04 15.36 -4.74
N ASN B 91 19.83 15.15 -3.43
CA ASN B 91 19.85 16.24 -2.47
C ASN B 91 21.27 16.49 -1.98
N PHE B 92 22.14 15.49 -2.15
CA PHE B 92 23.54 15.61 -1.71
C PHE B 92 24.35 16.40 -2.74
N VAL B 93 23.70 16.81 -3.82
CA VAL B 93 24.36 17.56 -4.87
C VAL B 93 25.09 18.78 -4.29
N SER B 94 24.45 19.44 -3.33
CA SER B 94 25.03 20.61 -2.70
C SER B 94 26.42 20.31 -2.14
N ARG B 95 26.66 19.04 -1.85
CA ARG B 95 27.95 18.60 -1.32
C ARG B 95 29.10 19.06 -2.23
N GLN B 96 28.79 19.23 -3.51
CA GLN B 96 29.79 19.65 -4.48
C GLN B 96 30.89 18.60 -4.61
N ARG B 97 30.53 17.34 -4.38
CA ARG B 97 31.50 16.24 -4.48
C ARG B 97 32.24 16.28 -5.81
N GLU B 98 31.57 16.79 -6.83
CA GLU B 98 32.16 16.88 -8.17
C GLU B 98 33.20 18.00 -8.22
N PHE B 99 33.66 18.31 -9.43
CA PHE B 99 34.66 19.36 -9.61
C PHE B 99 34.00 20.68 -10.02
N GLY B 100 32.69 20.76 -9.78
CA GLY B 100 31.96 21.97 -10.13
C GLY B 100 30.47 21.76 -10.14
N GLY B 101 29.72 22.76 -9.67
CA GLY B 101 28.27 22.65 -9.64
C GLY B 101 27.61 23.36 -10.81
N GLY B 102 28.40 23.63 -11.84
CA GLY B 102 27.86 24.31 -13.02
C GLY B 102 26.65 23.60 -13.58
N GLY B 103 26.66 22.28 -13.55
CA GLY B 103 25.55 21.51 -14.08
C GLY B 103 24.54 21.14 -13.00
N PHE B 104 24.21 22.10 -12.15
CA PHE B 104 23.26 21.86 -11.06
C PHE B 104 21.83 21.84 -11.60
N ILE B 105 21.44 22.90 -12.29
CA ILE B 105 20.10 23.00 -12.85
C ILE B 105 19.98 22.17 -14.12
N GLN B 106 21.12 21.80 -14.69
CA GLN B 106 21.14 21.00 -15.91
C GLN B 106 21.20 19.51 -15.59
N ARG B 107 20.93 19.18 -14.34
CA ARG B 107 20.96 17.78 -13.89
C ARG B 107 19.77 17.01 -14.46
N ALA B 108 18.68 17.73 -14.72
CA ALA B 108 17.47 17.12 -15.27
C ALA B 108 17.75 16.48 -16.62
N LYS B 109 18.84 16.89 -17.25
CA LYS B 109 19.23 16.35 -18.56
C LYS B 109 19.23 14.83 -18.54
N LYS B 110 19.47 14.25 -17.37
CA LYS B 110 19.50 12.80 -17.22
C LYS B 110 20.58 12.18 -18.11
N ILE B 111 21.83 12.27 -17.67
CA ILE B 111 22.94 11.71 -18.42
C ILE B 111 22.91 10.19 -18.42
N ASP B 112 22.02 9.62 -17.61
CA ASP B 112 21.88 8.19 -17.52
C ASP B 112 23.17 7.55 -17.00
N LYS B 113 23.84 8.24 -16.08
CA LYS B 113 25.09 7.75 -15.51
C LYS B 113 24.81 6.68 -14.45
N ILE B 114 23.53 6.42 -14.20
CA ILE B 114 23.14 5.43 -13.22
C ILE B 114 23.09 4.03 -13.83
N SER B 115 22.96 3.97 -15.15
CA SER B 115 22.90 2.70 -15.87
C SER B 115 24.29 2.10 -16.02
N ARG B 116 25.30 2.83 -15.56
CA ARG B 116 26.69 2.36 -15.65
C ARG B 116 27.00 1.41 -14.50
N ILE B 117 26.13 1.39 -13.49
CA ILE B 117 26.33 0.52 -12.34
C ILE B 117 25.30 -0.60 -12.31
N GLY B 118 24.07 -0.28 -12.68
CA GLY B 118 23.01 -1.27 -12.70
C GLY B 118 23.24 -2.34 -13.74
N PHE B 119 23.62 -1.91 -14.95
CA PHE B 119 23.86 -2.85 -16.05
C PHE B 119 24.80 -3.98 -15.60
N PRO B 120 26.01 -3.61 -15.16
CA PRO B 120 27.01 -4.57 -14.70
C PRO B 120 26.62 -5.23 -13.38
N LEU B 121 25.65 -4.63 -12.69
CA LEU B 121 25.19 -5.15 -11.41
C LEU B 121 24.18 -6.28 -11.62
N ALA B 122 23.44 -6.21 -12.72
CA ALA B 122 22.44 -7.22 -13.04
C ALA B 122 23.11 -8.47 -13.62
N PHE B 123 24.09 -8.26 -14.49
CA PHE B 123 24.79 -9.37 -15.12
C PHE B 123 25.62 -10.15 -14.09
N LEU B 124 26.16 -9.43 -13.12
CA LEU B 124 26.97 -10.06 -12.07
C LEU B 124 26.10 -10.95 -11.17
N ILE B 125 24.89 -10.49 -10.88
CA ILE B 125 23.97 -11.24 -10.04
C ILE B 125 23.39 -12.44 -10.80
N PHE B 126 23.05 -12.23 -12.07
CA PHE B 126 22.50 -13.29 -12.89
C PHE B 126 23.51 -14.42 -13.10
N ASN B 127 24.78 -14.03 -13.24
CA ASN B 127 25.84 -15.01 -13.45
C ASN B 127 26.31 -15.59 -12.12
N LEU B 128 26.02 -14.88 -11.03
CA LEU B 128 26.41 -15.33 -9.70
C LEU B 128 25.43 -16.36 -9.16
N PHE B 129 24.17 -16.26 -9.60
CA PHE B 129 23.14 -17.19 -9.16
C PHE B 129 23.10 -18.42 -10.05
N TYR B 130 23.57 -18.28 -11.29
CA TYR B 130 23.60 -19.38 -12.24
C TYR B 130 24.78 -20.31 -11.95
N TRP B 131 25.92 -19.72 -11.63
CA TRP B 131 27.12 -20.50 -11.33
C TRP B 131 27.07 -21.09 -9.93
N ILE B 132 26.34 -20.41 -9.04
CA ILE B 132 26.20 -20.87 -7.67
C ILE B 132 25.15 -21.98 -7.56
N ILE B 133 24.16 -21.93 -8.44
CA ILE B 133 23.09 -22.93 -8.44
C ILE B 133 23.61 -24.29 -8.90
N TYR B 134 24.42 -24.29 -9.95
CA TYR B 134 24.99 -25.52 -10.49
C TYR B 134 26.23 -25.94 -9.71
N LYS B 135 26.65 -25.07 -8.78
CA LYS B 135 27.82 -25.34 -7.96
C LYS B 135 27.43 -25.97 -6.63
N ILE B 136 26.42 -25.38 -5.98
CA ILE B 136 25.95 -25.88 -4.70
C ILE B 136 25.58 -27.35 -4.79
N VAL B 137 24.93 -27.74 -5.89
CA VAL B 137 24.53 -29.12 -6.09
C VAL B 137 25.74 -30.05 -6.11
N ARG B 138 26.92 -29.48 -6.31
CA ARG B 138 28.15 -30.26 -6.34
C ARG B 138 28.86 -30.21 -5.00
N ARG B 139 29.07 -29.00 -4.49
CA ARG B 139 29.74 -28.82 -3.20
C ARG B 139 28.99 -29.55 -2.09
N GLU B 140 27.68 -29.69 -2.26
CA GLU B 140 26.85 -30.37 -1.27
C GLU B 140 26.85 -31.87 -1.49
N ASP B 141 27.55 -32.31 -2.54
CA ASP B 141 27.63 -33.73 -2.86
C ASP B 141 26.26 -34.29 -3.22
N GLU B 142 25.49 -33.52 -3.99
CA GLU B 142 24.16 -33.93 -4.40
C GLU B 142 24.21 -34.67 -5.73
N PHE B 143 24.77 -34.02 -6.74
CA PHE B 143 24.89 -34.62 -8.07
C PHE B 143 26.34 -34.89 -8.42
N GLU B 144 27.24 -34.15 -7.80
CA GLU B 144 28.68 -34.32 -8.05
C GLU B 144 29.26 -35.38 -7.13
N HIS B 145 28.48 -35.82 -6.16
CA HIS B 145 28.92 -36.84 -5.21
C HIS B 145 29.51 -38.04 -5.95
N HIS B 146 28.99 -38.31 -7.14
CA HIS B 146 29.46 -39.43 -7.95
C HIS B 146 30.96 -39.29 -8.25
N HIS B 147 31.39 -38.06 -8.48
CA HIS B 147 32.80 -37.78 -8.77
C HIS B 147 33.56 -37.46 -7.51
N HIS B 148 32.91 -36.75 -6.59
CA HIS B 148 33.55 -36.36 -5.33
C HIS B 148 34.72 -35.43 -5.58
N HIS B 149 34.71 -34.76 -6.73
CA HIS B 149 35.78 -33.83 -7.08
C HIS B 149 36.02 -32.83 -5.97
N HIS B 150 35.01 -32.01 -5.69
CA HIS B 150 35.11 -30.99 -4.64
C HIS B 150 33.74 -30.39 -4.33
N MET C 1 -11.93 -35.41 -7.78
CA MET C 1 -10.81 -34.93 -8.58
C MET C 1 -11.30 -34.09 -9.75
N LEU C 2 -12.44 -33.43 -9.57
CA LEU C 2 -13.02 -32.60 -10.62
C LEU C 2 -12.26 -31.28 -10.75
N GLU C 3 -11.02 -31.36 -11.23
CA GLU C 3 -10.19 -30.18 -11.41
C GLU C 3 -10.52 -29.48 -12.72
N ARG C 4 -10.79 -30.26 -13.76
CA ARG C 4 -11.12 -29.71 -15.07
C ARG C 4 -12.48 -29.04 -15.05
N GLN C 5 -13.23 -29.27 -13.98
CA GLN C 5 -14.56 -28.68 -13.83
C GLN C 5 -14.48 -27.32 -13.13
N LEU C 6 -13.27 -26.95 -12.72
CA LEU C 6 -13.07 -25.68 -12.03
C LEU C 6 -12.84 -24.55 -13.03
N GLY C 7 -12.30 -24.90 -14.19
CA GLY C 7 -12.05 -23.90 -15.22
C GLY C 7 -13.28 -23.11 -15.57
N TYR C 8 -14.45 -23.69 -15.34
CA TYR C 8 -15.71 -23.04 -15.64
C TYR C 8 -15.87 -21.75 -14.82
N TYR C 9 -15.51 -21.83 -13.55
CA TYR C 9 -15.61 -20.67 -12.66
C TYR C 9 -14.52 -19.65 -12.97
N LEU C 10 -13.42 -20.13 -13.55
CA LEU C 10 -12.30 -19.25 -13.90
C LEU C 10 -12.57 -18.51 -15.19
N ILE C 11 -13.41 -19.09 -16.05
CA ILE C 11 -13.75 -18.48 -17.32
C ILE C 11 -14.65 -17.26 -17.12
N GLN C 12 -15.74 -17.45 -16.38
CA GLN C 12 -16.67 -16.37 -16.10
C GLN C 12 -16.04 -15.31 -15.22
N LEU C 13 -15.04 -15.71 -14.43
CA LEU C 13 -14.36 -14.80 -13.54
C LEU C 13 -13.22 -14.08 -14.27
N TYR C 14 -12.75 -14.69 -15.36
CA TYR C 14 -11.67 -14.11 -16.14
C TYR C 14 -12.17 -12.97 -17.03
N ILE C 15 -13.44 -13.06 -17.40
CA ILE C 15 -14.05 -12.04 -18.26
C ILE C 15 -13.82 -10.64 -17.69
N PRO C 16 -14.28 -10.43 -16.44
CA PRO C 16 -14.13 -9.14 -15.76
C PRO C 16 -12.68 -8.85 -15.39
N SER C 17 -11.96 -9.87 -14.94
CA SER C 17 -10.57 -9.71 -14.54
C SER C 17 -9.71 -9.28 -15.74
N LEU C 18 -10.14 -9.68 -16.93
CA LEU C 18 -9.41 -9.33 -18.15
C LEU C 18 -9.83 -7.95 -18.66
N LEU C 19 -11.09 -7.61 -18.45
CA LEU C 19 -11.60 -6.31 -18.88
C LEU C 19 -10.96 -5.18 -18.10
N ILE C 20 -10.87 -5.36 -16.79
CA ILE C 20 -10.28 -4.35 -15.92
C ILE C 20 -8.80 -4.15 -16.25
N VAL C 21 -8.17 -5.18 -16.79
CA VAL C 21 -6.76 -5.12 -17.15
C VAL C 21 -6.55 -4.24 -18.38
N ILE C 22 -7.43 -4.40 -19.36
CA ILE C 22 -7.35 -3.63 -20.60
C ILE C 22 -7.46 -2.14 -20.32
N LEU C 23 -8.38 -1.78 -19.42
CA LEU C 23 -8.59 -0.39 -19.06
C LEU C 23 -7.36 0.20 -18.38
N SER C 24 -6.64 -0.65 -17.64
CA SER C 24 -5.45 -0.21 -16.93
C SER C 24 -4.50 0.53 -17.87
N TRP C 25 -4.32 -0.01 -19.07
CA TRP C 25 -3.44 0.60 -20.06
C TRP C 25 -4.07 1.87 -20.62
N ILE C 26 -5.38 1.85 -20.84
CA ILE C 26 -6.09 2.99 -21.38
C ILE C 26 -5.90 4.23 -20.50
N SER C 27 -5.52 3.99 -19.24
CA SER C 27 -5.30 5.08 -18.29
C SER C 27 -3.82 5.23 -17.98
N PHE C 28 -3.03 4.24 -18.37
CA PHE C 28 -1.59 4.27 -18.14
C PHE C 28 -0.91 5.32 -19.01
N TRP C 29 -1.53 5.63 -20.13
CA TRP C 29 -0.99 6.62 -21.07
C TRP C 29 -0.92 7.99 -20.41
N ILE C 30 -1.64 8.15 -19.30
CA ILE C 30 -1.67 9.43 -18.59
C ILE C 30 -1.13 9.26 -17.17
N ASN C 31 -1.35 8.09 -16.59
CA ASN C 31 -0.90 7.80 -15.24
C ASN C 31 0.63 7.76 -15.17
N LEU C 32 1.26 7.79 -16.34
CA LEU C 32 2.72 7.77 -16.42
C LEU C 32 3.34 8.80 -15.48
N ASP C 33 2.58 9.85 -15.18
CA ASP C 33 3.05 10.90 -14.30
C ASP C 33 1.88 11.66 -13.68
N ALA C 34 0.84 11.88 -14.48
CA ALA C 34 -0.34 12.59 -14.03
C ALA C 34 -0.96 11.91 -12.81
N ALA C 35 -1.00 10.58 -12.84
CA ALA C 35 -1.56 9.81 -11.74
C ALA C 35 -1.05 8.36 -11.77
N PRO C 36 0.24 8.20 -11.45
CA PRO C 36 0.89 6.88 -11.42
C PRO C 36 0.39 6.02 -10.27
N ALA C 37 -0.43 6.60 -9.41
CA ALA C 37 -0.99 5.88 -8.27
C ALA C 37 -2.03 4.87 -8.71
N ARG C 38 -2.74 5.18 -9.79
CA ARG C 38 -3.77 4.29 -10.33
C ARG C 38 -3.15 3.06 -10.99
N VAL C 39 -2.05 3.29 -11.71
CA VAL C 39 -1.35 2.20 -12.40
C VAL C 39 -0.84 1.16 -11.41
N GLY C 40 -0.38 1.63 -10.25
CA GLY C 40 0.13 0.74 -9.24
C GLY C 40 -0.97 -0.08 -8.57
N LEU C 41 -2.18 0.46 -8.57
CA LEU C 41 -3.32 -0.22 -7.96
C LEU C 41 -3.93 -1.23 -8.92
N GLY C 42 -3.95 -0.88 -10.21
CA GLY C 42 -4.50 -1.77 -11.21
C GLY C 42 -3.63 -2.99 -11.45
N ILE C 43 -2.32 -2.81 -11.37
CA ILE C 43 -1.37 -3.89 -11.58
C ILE C 43 -1.37 -4.85 -10.39
N THR C 44 -1.63 -4.32 -9.21
CA THR C 44 -1.67 -5.13 -8.00
C THR C 44 -3.03 -5.76 -7.79
N THR C 45 -4.04 -5.22 -8.47
CA THR C 45 -5.40 -5.72 -8.37
C THR C 45 -5.58 -7.00 -9.19
N VAL C 46 -4.84 -7.10 -10.28
CA VAL C 46 -4.91 -8.27 -11.15
C VAL C 46 -4.25 -9.48 -10.49
N LEU C 47 -3.11 -9.26 -9.87
CA LEU C 47 -2.38 -10.34 -9.20
C LEU C 47 -3.01 -10.67 -7.86
N THR C 48 -3.77 -9.72 -7.30
CA THR C 48 -4.42 -9.91 -6.02
C THR C 48 -5.81 -10.51 -6.20
N LEU C 49 -6.41 -10.28 -7.36
CA LEU C 49 -7.74 -10.79 -7.66
C LEU C 49 -7.68 -12.27 -8.04
N THR C 50 -6.53 -12.69 -8.57
CA THR C 50 -6.35 -14.09 -8.97
C THR C 50 -5.88 -14.93 -7.80
N THR C 51 -4.92 -14.40 -7.03
CA THR C 51 -4.38 -15.11 -5.87
C THR C 51 -5.48 -15.39 -4.86
N GLN C 52 -6.43 -14.47 -4.73
CA GLN C 52 -7.53 -14.63 -3.78
C GLN C 52 -8.54 -15.65 -4.29
N SER C 53 -8.71 -15.70 -5.61
CA SER C 53 -9.66 -16.63 -6.22
C SER C 53 -9.04 -18.01 -6.38
N SER C 54 -7.71 -18.07 -6.31
CA SER C 54 -7.00 -19.33 -6.45
C SER C 54 -6.78 -20.00 -5.10
N GLY C 55 -7.49 -19.50 -4.09
CA GLY C 55 -7.37 -20.06 -2.76
C GLY C 55 -8.30 -21.24 -2.53
N SER C 56 -9.14 -21.52 -3.52
CA SER C 56 -10.09 -22.62 -3.42
C SER C 56 -9.36 -23.95 -3.21
N ARG C 57 -8.30 -24.16 -4.00
CA ARG C 57 -7.52 -25.40 -3.90
C ARG C 57 -8.40 -26.62 -4.09
N ALA C 58 -9.55 -26.41 -4.73
CA ALA C 58 -10.48 -27.51 -4.99
C ALA C 58 -10.11 -28.25 -6.27
N SER C 59 -9.34 -27.59 -7.14
CA SER C 59 -8.93 -28.18 -8.40
C SER C 59 -7.66 -29.02 -8.22
N LEU C 60 -7.23 -29.16 -6.97
CA LEU C 60 -6.02 -29.93 -6.67
C LEU C 60 -4.79 -29.31 -7.31
N PRO C 61 -3.61 -29.66 -6.79
CA PRO C 61 -2.33 -29.15 -7.30
C PRO C 61 -2.00 -29.70 -8.69
N LYS C 62 -2.85 -30.60 -9.18
CA LYS C 62 -2.65 -31.21 -10.49
C LYS C 62 -2.89 -30.19 -11.60
N VAL C 63 -4.15 -29.80 -11.77
CA VAL C 63 -4.51 -28.83 -12.80
C VAL C 63 -3.93 -27.46 -12.49
N SER C 64 -3.66 -27.21 -11.22
CA SER C 64 -3.10 -25.92 -10.79
C SER C 64 -1.62 -25.84 -11.14
N TYR C 65 -0.94 -26.98 -11.09
CA TYR C 65 0.48 -27.03 -11.40
C TYR C 65 0.75 -26.62 -12.84
N VAL C 66 0.12 -27.32 -13.78
CA VAL C 66 0.28 -27.02 -15.20
C VAL C 66 -0.03 -25.55 -15.49
N LYS C 67 -1.22 -25.13 -15.09
CA LYS C 67 -1.65 -23.74 -15.31
C LYS C 67 -0.66 -22.76 -14.68
N ALA C 68 -0.02 -23.19 -13.60
CA ALA C 68 0.95 -22.35 -12.91
C ALA C 68 2.23 -22.20 -13.74
N ILE C 69 2.44 -23.12 -14.66
CA ILE C 69 3.62 -23.10 -15.52
C ILE C 69 3.53 -21.98 -16.55
N ASP C 70 2.34 -21.82 -17.14
CA ASP C 70 2.13 -20.78 -18.14
C ASP C 70 2.03 -19.41 -17.49
N ILE C 71 1.78 -19.40 -16.18
CA ILE C 71 1.66 -18.15 -15.44
C ILE C 71 2.94 -17.84 -14.68
N TRP C 72 3.88 -18.77 -14.71
CA TRP C 72 5.16 -18.59 -14.03
C TRP C 72 6.12 -17.75 -14.86
N LEU C 73 5.90 -17.75 -16.18
CA LEU C 73 6.75 -16.99 -17.09
C LEU C 73 5.96 -16.53 -18.30
N ALA C 74 5.06 -15.57 -18.09
CA ALA C 74 4.24 -15.04 -19.17
C ALA C 74 3.27 -13.98 -18.66
N VAL C 75 2.47 -14.37 -17.65
CA VAL C 75 1.49 -13.47 -17.08
C VAL C 75 2.11 -12.65 -15.94
N CYS C 76 3.29 -12.11 -16.18
CA CYS C 76 3.98 -11.30 -15.18
C CYS C 76 5.33 -10.82 -15.70
N LEU C 77 5.97 -11.64 -16.54
CA LEU C 77 7.26 -11.30 -17.11
C LEU C 77 7.09 -10.48 -18.39
N LEU C 78 5.99 -10.74 -19.10
CA LEU C 78 5.71 -10.02 -20.35
C LEU C 78 4.78 -8.85 -20.09
N PHE C 79 3.93 -8.98 -19.08
CA PHE C 79 2.98 -7.92 -18.74
C PHE C 79 3.70 -6.73 -18.11
N VAL C 80 4.64 -7.01 -17.21
CA VAL C 80 5.40 -5.96 -16.54
C VAL C 80 6.60 -5.55 -17.37
N PHE C 81 6.83 -6.25 -18.48
CA PHE C 81 7.96 -5.95 -19.36
C PHE C 81 7.62 -4.79 -20.29
N SER C 82 6.40 -4.79 -20.81
CA SER C 82 5.96 -3.73 -21.71
C SER C 82 5.59 -2.47 -20.94
N ALA C 83 5.15 -2.66 -19.70
CA ALA C 83 4.76 -1.53 -18.86
C ALA C 83 5.99 -0.75 -18.38
N LEU C 84 7.08 -1.47 -18.16
CA LEU C 84 8.32 -0.86 -17.70
C LEU C 84 9.08 -0.24 -18.87
N LEU C 85 8.83 -0.74 -20.06
CA LEU C 85 9.49 -0.23 -21.26
C LEU C 85 9.09 1.21 -21.54
N GLU C 86 7.82 1.53 -21.25
CA GLU C 86 7.32 2.89 -21.47
C GLU C 86 7.58 3.77 -20.26
N TYR C 87 7.41 3.20 -19.07
CA TYR C 87 7.62 3.93 -17.83
C TYR C 87 9.07 4.39 -17.71
N ALA C 88 9.94 3.81 -18.53
CA ALA C 88 11.35 4.15 -18.52
C ALA C 88 11.77 4.77 -19.85
N ALA C 89 10.91 4.64 -20.85
CA ALA C 89 11.20 5.18 -22.17
C ALA C 89 11.24 6.70 -22.14
N VAL C 90 10.37 7.30 -21.33
CA VAL C 90 10.31 8.76 -21.21
C VAL C 90 11.69 9.34 -20.93
N ASN C 91 12.48 8.62 -20.15
CA ASN C 91 13.82 9.08 -19.80
C ASN C 91 14.83 8.64 -20.86
N PHE C 92 14.45 7.64 -21.65
CA PHE C 92 15.33 7.13 -22.71
C PHE C 92 15.27 8.04 -23.94
N VAL C 93 14.44 9.07 -23.87
CA VAL C 93 14.29 10.01 -24.98
C VAL C 93 15.64 10.54 -25.44
N SER C 94 16.52 10.82 -24.48
CA SER C 94 17.85 11.33 -24.79
C SER C 94 18.58 10.42 -25.77
N ARG C 95 18.18 9.14 -25.77
CA ARG C 95 18.80 8.16 -26.67
C ARG C 95 18.75 8.64 -28.12
N GLN C 96 17.75 9.47 -28.42
CA GLN C 96 17.59 10.00 -29.77
C GLN C 96 17.30 8.87 -30.76
N ARG C 97 16.66 7.81 -30.28
CA ARG C 97 16.32 6.67 -31.11
C ARG C 97 15.58 7.12 -32.37
N GLU C 98 14.83 8.22 -32.25
CA GLU C 98 14.08 8.75 -33.37
C GLU C 98 15.00 9.41 -34.39
N PHE C 99 14.41 10.11 -35.36
CA PHE C 99 15.18 10.79 -36.39
C PHE C 99 15.38 12.27 -36.05
N GLY C 100 15.16 12.60 -34.78
CA GLY C 100 15.32 13.98 -34.35
C GLY C 100 14.68 14.24 -33.00
N GLY C 101 15.32 15.06 -32.18
CA GLY C 101 14.80 15.37 -30.87
C GLY C 101 14.08 16.69 -30.83
N GLY C 102 13.70 17.19 -32.00
CA GLY C 102 13.00 18.46 -32.07
C GLY C 102 11.76 18.50 -31.21
N GLY C 103 11.06 17.37 -31.13
CA GLY C 103 9.86 17.29 -30.32
C GLY C 103 10.13 16.76 -28.93
N PHE C 104 11.19 17.26 -28.31
CA PHE C 104 11.57 16.82 -26.97
C PHE C 104 10.65 17.47 -25.92
N ILE C 105 10.58 18.79 -25.93
CA ILE C 105 9.75 19.52 -24.99
C ILE C 105 8.28 19.47 -25.40
N GLN C 106 8.03 19.10 -26.65
CA GLN C 106 6.67 19.01 -27.16
C GLN C 106 6.12 17.60 -26.99
N ARG C 107 6.80 16.80 -26.18
CA ARG C 107 6.38 15.43 -25.92
C ARG C 107 5.12 15.39 -25.06
N ALA C 108 4.94 16.42 -24.24
CA ALA C 108 3.77 16.51 -23.37
C ALA C 108 2.48 16.54 -24.18
N LYS C 109 2.60 16.86 -25.46
CA LYS C 109 1.44 16.92 -26.35
C LYS C 109 0.62 15.63 -26.25
N LYS C 110 1.30 14.53 -25.94
CA LYS C 110 0.62 13.24 -25.81
C LYS C 110 -0.04 12.84 -27.13
N ILE C 111 0.77 12.37 -28.07
CA ILE C 111 0.26 11.94 -29.37
C ILE C 111 -0.58 10.68 -29.25
N ASP C 112 -0.58 10.08 -28.06
CA ASP C 112 -1.34 8.87 -27.81
C ASP C 112 -0.86 7.73 -28.70
N LYS C 113 0.45 7.68 -28.94
CA LYS C 113 1.03 6.64 -29.78
C LYS C 113 1.16 5.34 -29.00
N ILE C 114 0.77 5.36 -27.74
CA ILE C 114 0.84 4.17 -26.89
C ILE C 114 -0.41 3.31 -27.04
N SER C 115 -1.49 3.93 -27.51
CA SER C 115 -2.75 3.23 -27.69
C SER C 115 -2.73 2.40 -28.97
N ARG C 116 -1.63 2.50 -29.72
CA ARG C 116 -1.48 1.76 -30.96
C ARG C 116 -1.01 0.33 -30.68
N ILE C 117 -0.56 0.09 -29.46
CA ILE C 117 -0.09 -1.24 -29.07
C ILE C 117 -1.03 -1.89 -28.08
N GLY C 118 -1.57 -1.09 -27.16
CA GLY C 118 -2.49 -1.61 -26.16
C GLY C 118 -3.80 -2.07 -26.77
N PHE C 119 -4.34 -1.26 -27.67
CA PHE C 119 -5.61 -1.59 -28.32
C PHE C 119 -5.58 -3.01 -28.90
N PRO C 120 -4.62 -3.25 -29.80
CA PRO C 120 -4.45 -4.56 -30.45
C PRO C 120 -3.94 -5.62 -29.47
N LEU C 121 -3.41 -5.18 -28.34
CA LEU C 121 -2.89 -6.08 -27.33
C LEU C 121 -4.01 -6.64 -26.46
N ALA C 122 -5.06 -5.84 -26.28
CA ALA C 122 -6.21 -6.26 -25.48
C ALA C 122 -7.12 -7.20 -26.26
N PHE C 123 -7.33 -6.90 -27.53
CA PHE C 123 -8.17 -7.73 -28.38
C PHE C 123 -7.54 -9.10 -28.62
N LEU C 124 -6.21 -9.12 -28.71
CA LEU C 124 -5.48 -10.37 -28.93
C LEU C 124 -5.58 -11.28 -27.71
N ILE C 125 -5.52 -10.69 -26.53
CA ILE C 125 -5.61 -11.45 -25.29
C ILE C 125 -7.03 -11.92 -25.03
N PHE C 126 -8.01 -11.05 -25.30
CA PHE C 126 -9.41 -11.39 -25.11
C PHE C 126 -9.84 -12.52 -26.05
N ASN C 127 -9.31 -12.50 -27.27
CA ASN C 127 -9.64 -13.52 -28.26
C ASN C 127 -8.78 -14.77 -28.06
N LEU C 128 -7.66 -14.60 -27.36
CA LEU C 128 -6.76 -15.72 -27.09
C LEU C 128 -7.25 -16.55 -25.92
N PHE C 129 -7.97 -15.90 -24.99
CA PHE C 129 -8.50 -16.59 -23.83
C PHE C 129 -9.87 -17.18 -24.12
N TYR C 130 -10.56 -16.61 -25.08
CA TYR C 130 -11.88 -17.09 -25.47
C TYR C 130 -11.78 -18.34 -26.34
N TRP C 131 -10.82 -18.33 -27.26
CA TRP C 131 -10.62 -19.46 -28.16
C TRP C 131 -9.90 -20.60 -27.45
N ILE C 132 -9.10 -20.25 -26.45
CA ILE C 132 -8.35 -21.24 -25.68
C ILE C 132 -9.23 -21.91 -24.64
N ILE C 133 -10.22 -21.17 -24.14
CA ILE C 133 -11.13 -21.69 -23.14
C ILE C 133 -12.05 -22.76 -23.72
N TYR C 134 -12.57 -22.49 -24.92
CA TYR C 134 -13.45 -23.43 -25.60
C TYR C 134 -12.66 -24.50 -26.33
N LYS C 135 -11.34 -24.34 -26.36
CA LYS C 135 -10.46 -25.29 -27.03
C LYS C 135 -9.93 -26.33 -26.05
N ILE C 136 -9.45 -25.85 -24.89
CA ILE C 136 -8.92 -26.75 -23.87
C ILE C 136 -9.93 -27.83 -23.49
N VAL C 137 -11.19 -27.44 -23.39
CA VAL C 137 -12.25 -28.39 -23.04
C VAL C 137 -12.37 -29.49 -24.08
N ARG C 138 -11.80 -29.26 -25.26
CA ARG C 138 -11.83 -30.23 -26.34
C ARG C 138 -10.54 -31.04 -26.37
N ARG C 139 -9.41 -30.34 -26.41
CA ARG C 139 -8.10 -31.00 -26.45
C ARG C 139 -7.91 -31.90 -25.23
N GLU C 140 -8.58 -31.57 -24.14
CA GLU C 140 -8.48 -32.35 -22.91
C GLU C 140 -9.48 -33.50 -22.91
N ASP C 141 -10.27 -33.58 -23.98
CA ASP C 141 -11.27 -34.65 -24.11
C ASP C 141 -12.31 -34.54 -23.01
N GLU C 142 -12.73 -33.32 -22.70
CA GLU C 142 -13.73 -33.09 -21.66
C GLU C 142 -15.13 -33.09 -22.25
N PHE C 143 -15.34 -32.23 -23.25
CA PHE C 143 -16.65 -32.13 -23.90
C PHE C 143 -16.57 -32.61 -25.34
N GLU C 144 -15.38 -32.54 -25.92
CA GLU C 144 -15.18 -32.97 -27.30
C GLU C 144 -14.85 -34.46 -27.37
N HIS C 145 -14.64 -35.07 -26.20
CA HIS C 145 -14.33 -36.49 -26.13
C HIS C 145 -15.36 -37.31 -26.92
N HIS C 146 -16.58 -36.82 -26.97
CA HIS C 146 -17.65 -37.51 -27.68
C HIS C 146 -17.30 -37.67 -29.16
N HIS C 147 -16.64 -36.66 -29.72
CA HIS C 147 -16.24 -36.70 -31.12
C HIS C 147 -14.83 -37.24 -31.28
N HIS C 148 -13.96 -36.90 -30.33
CA HIS C 148 -12.57 -37.35 -30.35
C HIS C 148 -11.84 -36.79 -31.57
N HIS C 149 -12.36 -35.70 -32.12
CA HIS C 149 -11.76 -35.06 -33.28
C HIS C 149 -10.26 -34.81 -33.05
N HIS C 150 -9.95 -33.97 -32.07
CA HIS C 150 -8.56 -33.66 -31.76
C HIS C 150 -7.75 -34.93 -31.55
N MET D 1 -28.09 -21.85 8.39
CA MET D 1 -29.43 -21.91 7.83
C MET D 1 -30.04 -20.53 7.70
N LEU D 2 -29.91 -19.73 8.76
CA LEU D 2 -30.46 -18.38 8.77
C LEU D 2 -29.58 -17.43 7.95
N GLU D 3 -29.57 -17.63 6.64
CA GLU D 3 -28.77 -16.80 5.74
C GLU D 3 -29.49 -15.50 5.43
N ARG D 4 -30.81 -15.58 5.24
CA ARG D 4 -31.61 -14.42 4.93
C ARG D 4 -31.69 -13.47 6.13
N GLN D 5 -31.25 -13.96 7.29
CA GLN D 5 -31.28 -13.16 8.50
C GLN D 5 -29.97 -12.38 8.66
N LEU D 6 -29.04 -12.61 7.75
CA LEU D 6 -27.74 -11.93 7.80
C LEU D 6 -27.81 -10.58 7.08
N GLY D 7 -28.70 -10.48 6.10
CA GLY D 7 -28.85 -9.24 5.37
C GLY D 7 -29.11 -8.05 6.27
N TYR D 8 -29.65 -8.32 7.46
CA TYR D 8 -29.95 -7.27 8.42
C TYR D 8 -28.67 -6.55 8.85
N TYR D 9 -27.62 -7.30 9.09
CA TYR D 9 -26.34 -6.74 9.50
C TYR D 9 -25.64 -6.05 8.34
N LEU D 10 -25.96 -6.49 7.13
CA LEU D 10 -25.38 -5.93 5.92
C LEU D 10 -26.04 -4.61 5.55
N ILE D 11 -27.30 -4.45 5.95
CA ILE D 11 -28.05 -3.23 5.66
C ILE D 11 -27.53 -2.06 6.49
N GLN D 12 -27.45 -2.26 7.79
CA GLN D 12 -26.96 -1.22 8.70
C GLN D 12 -25.48 -0.94 8.45
N LEU D 13 -24.77 -1.93 7.95
CA LEU D 13 -23.34 -1.78 7.66
C LEU D 13 -23.12 -1.18 6.28
N TYR D 14 -24.12 -1.29 5.42
CA TYR D 14 -24.03 -0.76 4.06
C TYR D 14 -24.26 0.76 4.07
N ILE D 15 -25.03 1.23 5.04
CA ILE D 15 -25.32 2.66 5.16
C ILE D 15 -24.04 3.49 5.12
N PRO D 16 -23.13 3.20 6.06
CA PRO D 16 -21.85 3.91 6.16
C PRO D 16 -20.91 3.58 5.01
N SER D 17 -20.88 2.30 4.63
CA SER D 17 -20.01 1.85 3.54
C SER D 17 -20.40 2.52 2.23
N LEU D 18 -21.67 2.88 2.10
CA LEU D 18 -22.17 3.53 0.90
C LEU D 18 -21.93 5.03 0.96
N LEU D 19 -22.02 5.59 2.17
CA LEU D 19 -21.81 7.03 2.37
C LEU D 19 -20.36 7.41 2.07
N ILE D 20 -19.43 6.62 2.57
CA ILE D 20 -18.02 6.87 2.37
C ILE D 20 -17.65 6.79 0.89
N VAL D 21 -18.41 5.99 0.15
CA VAL D 21 -18.17 5.81 -1.28
C VAL D 21 -18.55 7.06 -2.06
N ILE D 22 -19.69 7.64 -1.69
CA ILE D 22 -20.18 8.84 -2.36
C ILE D 22 -19.19 9.99 -2.21
N LEU D 23 -18.62 10.12 -1.02
CA LEU D 23 -17.65 11.18 -0.75
C LEU D 23 -16.39 10.99 -1.58
N SER D 24 -16.05 9.73 -1.85
CA SER D 24 -14.85 9.41 -2.64
C SER D 24 -14.84 10.21 -3.94
N TRP D 25 -15.99 10.28 -4.60
CA TRP D 25 -16.10 11.00 -5.85
C TRP D 25 -16.05 12.51 -5.62
N ILE D 26 -16.68 12.96 -4.54
CA ILE D 26 -16.70 14.38 -4.21
C ILE D 26 -15.29 14.93 -4.06
N SER D 27 -14.34 14.03 -3.83
CA SER D 27 -12.94 14.42 -3.66
C SER D 27 -12.11 13.98 -4.86
N PHE D 28 -12.69 13.12 -5.70
CA PHE D 28 -11.99 12.62 -6.88
C PHE D 28 -11.85 13.71 -7.93
N TRP D 29 -12.75 14.69 -7.88
CA TRP D 29 -12.71 15.80 -8.83
C TRP D 29 -11.44 16.61 -8.68
N ILE D 30 -10.75 16.43 -7.55
CA ILE D 30 -9.51 17.14 -7.29
C ILE D 30 -8.34 16.18 -7.13
N ASN D 31 -8.63 14.98 -6.61
CA ASN D 31 -7.60 13.97 -6.41
C ASN D 31 -7.04 13.49 -7.75
N LEU D 32 -7.71 13.87 -8.83
CA LEU D 32 -7.28 13.48 -10.16
C LEU D 32 -5.79 13.71 -10.36
N ASP D 33 -5.23 14.66 -9.62
CA ASP D 33 -3.82 14.97 -9.70
C ASP D 33 -3.33 15.65 -8.42
N ALA D 34 -4.18 16.51 -7.86
CA ALA D 34 -3.84 17.24 -6.64
C ALA D 34 -3.51 16.26 -5.51
N ALA D 35 -4.29 15.19 -5.41
CA ALA D 35 -4.07 14.19 -4.38
C ALA D 35 -4.70 12.85 -4.76
N PRO D 36 -4.11 12.20 -5.77
CA PRO D 36 -4.59 10.90 -6.26
C PRO D 36 -4.36 9.77 -5.25
N ALA D 37 -3.67 10.10 -4.16
CA ALA D 37 -3.38 9.11 -3.12
C ALA D 37 -4.64 8.77 -2.33
N ARG D 38 -5.53 9.75 -2.20
CA ARG D 38 -6.78 9.55 -1.47
C ARG D 38 -7.74 8.67 -2.25
N VAL D 39 -7.79 8.89 -3.56
CA VAL D 39 -8.67 8.10 -4.43
C VAL D 39 -8.32 6.63 -4.39
N GLY D 40 -7.02 6.34 -4.31
CA GLY D 40 -6.57 4.96 -4.27
C GLY D 40 -6.89 4.29 -2.94
N LEU D 41 -7.00 5.08 -1.89
CA LEU D 41 -7.31 4.56 -0.56
C LEU D 41 -8.80 4.34 -0.39
N GLY D 42 -9.59 5.24 -0.95
CA GLY D 42 -11.03 5.13 -0.86
C GLY D 42 -11.59 3.98 -1.67
N ILE D 43 -10.99 3.73 -2.82
CA ILE D 43 -11.42 2.65 -3.69
C ILE D 43 -11.04 1.29 -3.12
N THR D 44 -9.93 1.25 -2.40
CA THR D 44 -9.47 0.01 -1.78
C THR D 44 -10.12 -0.22 -0.43
N THR D 45 -10.69 0.84 0.14
CA THR D 45 -11.35 0.75 1.44
C THR D 45 -12.74 0.14 1.30
N VAL D 46 -13.37 0.36 0.16
CA VAL D 46 -14.70 -0.18 -0.09
C VAL D 46 -14.66 -1.69 -0.33
N LEU D 47 -13.66 -2.13 -1.08
CA LEU D 47 -13.50 -3.55 -1.38
C LEU D 47 -12.87 -4.28 -0.20
N THR D 48 -12.18 -3.55 0.66
CA THR D 48 -11.55 -4.12 1.83
C THR D 48 -12.48 -4.13 3.03
N LEU D 49 -13.45 -3.22 3.03
CA LEU D 49 -14.41 -3.12 4.12
C LEU D 49 -15.49 -4.19 3.98
N THR D 50 -15.74 -4.62 2.75
CA THR D 50 -16.74 -5.64 2.48
C THR D 50 -16.15 -7.04 2.63
N THR D 51 -14.96 -7.23 2.09
CA THR D 51 -14.28 -8.53 2.15
C THR D 51 -14.03 -8.94 3.60
N GLN D 52 -13.76 -7.95 4.45
CA GLN D 52 -13.49 -8.22 5.86
C GLN D 52 -14.79 -8.53 6.61
N SER D 53 -15.88 -7.91 6.18
CA SER D 53 -17.18 -8.12 6.81
C SER D 53 -17.85 -9.37 6.26
N SER D 54 -17.38 -9.83 5.10
CA SER D 54 -17.93 -11.02 4.46
C SER D 54 -17.20 -12.28 4.90
N GLY D 55 -16.41 -12.15 5.97
CA GLY D 55 -15.66 -13.28 6.48
C GLY D 55 -16.47 -14.12 7.46
N SER D 56 -17.64 -13.60 7.84
CA SER D 56 -18.50 -14.31 8.78
C SER D 56 -18.82 -15.72 8.29
N ARG D 57 -19.18 -15.82 7.01
CA ARG D 57 -19.50 -17.12 6.42
C ARG D 57 -20.63 -17.80 7.18
N ALA D 58 -21.40 -17.01 7.91
CA ALA D 58 -22.51 -17.53 8.70
C ALA D 58 -23.77 -17.65 7.84
N SER D 59 -23.80 -16.91 6.74
CA SER D 59 -24.95 -16.92 5.83
C SER D 59 -24.84 -18.06 4.83
N LEU D 60 -23.81 -18.90 5.00
CA LEU D 60 -23.60 -20.03 4.11
C LEU D 60 -23.33 -19.55 2.68
N PRO D 61 -22.72 -20.44 1.87
CA PRO D 61 -22.40 -20.13 0.47
C PRO D 61 -23.64 -20.04 -0.40
N LYS D 62 -24.80 -20.30 0.19
CA LYS D 62 -26.06 -20.25 -0.54
C LYS D 62 -26.43 -18.81 -0.87
N VAL D 63 -26.78 -18.04 0.16
CA VAL D 63 -27.14 -16.65 -0.02
C VAL D 63 -25.95 -15.80 -0.49
N SER D 64 -24.75 -16.29 -0.18
CA SER D 64 -23.54 -15.58 -0.56
C SER D 64 -23.24 -15.77 -2.05
N TYR D 65 -23.61 -16.94 -2.57
CA TYR D 65 -23.38 -17.25 -3.98
C TYR D 65 -24.17 -16.28 -4.87
N VAL D 66 -25.48 -16.24 -4.68
CA VAL D 66 -26.34 -15.37 -5.47
C VAL D 66 -25.87 -13.92 -5.40
N LYS D 67 -25.72 -13.41 -4.17
CA LYS D 67 -25.28 -12.03 -3.97
C LYS D 67 -23.92 -11.80 -4.64
N ALA D 68 -23.11 -12.84 -4.71
CA ALA D 68 -21.80 -12.76 -5.33
C ALA D 68 -21.90 -12.62 -6.84
N ILE D 69 -23.05 -13.01 -7.39
CA ILE D 69 -23.28 -12.92 -8.82
C ILE D 69 -23.48 -11.48 -9.27
N ASP D 70 -24.25 -10.72 -8.49
CA ASP D 70 -24.50 -9.33 -8.80
C ASP D 70 -23.28 -8.46 -8.50
N ILE D 71 -22.36 -9.00 -7.70
CA ILE D 71 -21.16 -8.27 -7.33
C ILE D 71 -19.97 -8.75 -8.16
N TRP D 72 -20.18 -9.77 -8.97
CA TRP D 72 -19.13 -10.31 -9.82
C TRP D 72 -18.96 -9.47 -11.07
N LEU D 73 -20.03 -8.80 -11.49
CA LEU D 73 -19.99 -7.96 -12.68
C LEU D 73 -20.95 -6.77 -12.54
N ALA D 74 -20.58 -5.84 -11.67
CA ALA D 74 -21.41 -4.65 -11.45
C ALA D 74 -20.77 -3.74 -10.39
N VAL D 75 -20.49 -4.30 -9.23
CA VAL D 75 -19.89 -3.53 -8.14
C VAL D 75 -18.37 -3.56 -8.22
N CYS D 76 -17.85 -3.34 -9.43
CA CYS D 76 -16.41 -3.34 -9.65
C CYS D 76 -16.09 -3.08 -11.12
N LEU D 77 -16.94 -3.57 -12.01
CA LEU D 77 -16.74 -3.37 -13.44
C LEU D 77 -17.35 -2.05 -13.91
N LEU D 78 -18.38 -1.60 -13.21
CA LEU D 78 -19.05 -0.35 -13.54
C LEU D 78 -18.53 0.79 -12.68
N PHE D 79 -18.11 0.46 -11.46
CA PHE D 79 -17.59 1.45 -10.54
C PHE D 79 -16.21 1.95 -10.98
N VAL D 80 -15.36 1.00 -11.38
CA VAL D 80 -14.01 1.34 -11.82
C VAL D 80 -14.00 1.73 -13.30
N PHE D 81 -15.15 1.59 -13.96
CA PHE D 81 -15.28 1.93 -15.36
C PHE D 81 -15.46 3.43 -15.56
N SER D 82 -16.26 4.04 -14.69
CA SER D 82 -16.53 5.47 -14.76
C SER D 82 -15.37 6.25 -14.16
N ALA D 83 -14.69 5.66 -13.19
CA ALA D 83 -13.56 6.30 -12.54
C ALA D 83 -12.35 6.37 -13.46
N LEU D 84 -12.20 5.36 -14.31
CA LEU D 84 -11.08 5.29 -15.25
C LEU D 84 -11.37 6.15 -16.48
N LEU D 85 -12.65 6.37 -16.76
CA LEU D 85 -13.06 7.16 -17.92
C LEU D 85 -12.61 8.62 -17.76
N GLU D 86 -12.65 9.11 -16.53
CA GLU D 86 -12.25 10.48 -16.24
C GLU D 86 -10.75 10.56 -16.00
N TYR D 87 -10.23 9.59 -15.25
CA TYR D 87 -8.80 9.56 -14.94
C TYR D 87 -7.96 9.47 -16.22
N ALA D 88 -8.61 9.10 -17.32
CA ALA D 88 -7.92 8.99 -18.60
C ALA D 88 -8.44 10.02 -19.60
N ALA D 89 -9.58 10.63 -19.27
CA ALA D 89 -10.18 11.63 -20.13
C ALA D 89 -9.29 12.86 -20.25
N VAL D 90 -8.64 13.21 -19.15
CA VAL D 90 -7.76 14.39 -19.12
C VAL D 90 -6.75 14.33 -20.26
N ASN D 91 -6.29 13.12 -20.59
CA ASN D 91 -5.32 12.93 -21.66
C ASN D 91 -6.03 12.80 -23.01
N PHE D 92 -7.31 12.47 -22.97
CA PHE D 92 -8.10 12.31 -24.19
C PHE D 92 -8.56 13.67 -24.72
N VAL D 93 -8.20 14.73 -24.00
CA VAL D 93 -8.58 16.08 -24.40
C VAL D 93 -8.17 16.37 -25.84
N SER D 94 -7.00 15.87 -26.23
CA SER D 94 -6.49 16.07 -27.59
C SER D 94 -7.50 15.56 -28.62
N ARG D 95 -8.34 14.63 -28.20
CA ARG D 95 -9.35 14.06 -29.09
C ARG D 95 -10.21 15.15 -29.71
N GLN D 96 -10.32 16.28 -29.01
CA GLN D 96 -11.11 17.40 -29.50
C GLN D 96 -12.59 17.02 -29.60
N ARG D 97 -13.02 16.09 -28.76
CA ARG D 97 -14.41 15.64 -28.77
C ARG D 97 -15.37 16.81 -28.68
N GLU D 98 -14.92 17.88 -28.03
CA GLU D 98 -15.74 19.08 -27.88
C GLU D 98 -15.84 19.85 -29.19
N PHE D 99 -16.38 21.06 -29.13
CA PHE D 99 -16.54 21.89 -30.32
C PHE D 99 -15.40 22.90 -30.42
N GLY D 100 -14.32 22.64 -29.69
CA GLY D 100 -13.17 23.54 -29.71
C GLY D 100 -12.23 23.30 -28.55
N GLY D 101 -10.93 23.41 -28.82
CA GLY D 101 -9.94 23.19 -27.78
C GLY D 101 -9.43 24.49 -27.18
N GLY D 102 -10.18 25.57 -27.40
CA GLY D 102 -9.78 26.86 -26.88
C GLY D 102 -9.51 26.83 -25.39
N GLY D 103 -10.32 26.05 -24.66
CA GLY D 103 -10.15 25.95 -23.22
C GLY D 103 -9.29 24.77 -22.82
N PHE D 104 -8.18 24.59 -23.53
CA PHE D 104 -7.27 23.48 -23.25
C PHE D 104 -6.44 23.77 -22.00
N ILE D 105 -5.74 24.91 -22.01
CA ILE D 105 -4.91 25.31 -20.89
C ILE D 105 -5.75 25.88 -19.75
N GLN D 106 -6.99 26.23 -20.07
CA GLN D 106 -7.91 26.79 -19.07
C GLN D 106 -8.73 25.70 -18.42
N ARG D 107 -8.33 24.45 -18.63
CA ARG D 107 -9.04 23.31 -18.05
C ARG D 107 -8.83 23.24 -16.55
N ALA D 108 -7.70 23.77 -16.08
CA ALA D 108 -7.38 23.76 -14.66
C ALA D 108 -8.43 24.53 -13.86
N LYS D 109 -9.19 25.37 -14.55
CA LYS D 109 -10.24 26.17 -13.91
C LYS D 109 -11.15 25.29 -13.07
N LYS D 110 -11.27 24.03 -13.46
CA LYS D 110 -12.13 23.08 -12.74
C LYS D 110 -13.57 23.56 -12.70
N ILE D 111 -14.28 23.40 -13.81
CA ILE D 111 -15.67 23.81 -13.90
C ILE D 111 -16.56 22.94 -13.02
N ASP D 112 -15.98 21.87 -12.48
CA ASP D 112 -16.72 20.96 -11.62
C ASP D 112 -17.87 20.30 -12.38
N LYS D 113 -17.63 20.00 -13.66
CA LYS D 113 -18.64 19.35 -14.49
C LYS D 113 -18.72 17.86 -14.19
N ILE D 114 -17.88 17.40 -13.28
CA ILE D 114 -17.87 15.98 -12.91
C ILE D 114 -18.89 15.71 -11.80
N SER D 115 -19.27 16.75 -11.08
CA SER D 115 -20.23 16.62 -10.00
C SER D 115 -21.66 16.52 -10.54
N ARG D 116 -21.79 16.65 -11.85
CA ARG D 116 -23.09 16.58 -12.50
C ARG D 116 -23.51 15.12 -12.72
N ILE D 117 -22.56 14.21 -12.57
CA ILE D 117 -22.83 12.79 -12.75
C ILE D 117 -22.76 12.05 -11.42
N GLY D 118 -21.81 12.43 -10.58
CA GLY D 118 -21.65 11.78 -9.29
C GLY D 118 -22.81 12.06 -8.36
N PHE D 119 -23.24 13.33 -8.31
CA PHE D 119 -24.35 13.73 -7.45
C PHE D 119 -25.55 12.81 -7.66
N PRO D 120 -26.05 12.76 -8.91
CA PRO D 120 -27.20 11.92 -9.27
C PRO D 120 -26.88 10.44 -9.24
N LEU D 121 -25.58 10.13 -9.23
CA LEU D 121 -25.14 8.74 -9.20
C LEU D 121 -25.17 8.18 -7.78
N ALA D 122 -24.97 9.06 -6.80
CA ALA D 122 -24.97 8.67 -5.40
C ALA D 122 -26.40 8.50 -4.88
N PHE D 123 -27.27 9.42 -5.27
CA PHE D 123 -28.66 9.38 -4.85
C PHE D 123 -29.37 8.16 -5.44
N LEU D 124 -29.01 7.81 -6.66
CA LEU D 124 -29.61 6.67 -7.35
C LEU D 124 -29.22 5.36 -6.66
N ILE D 125 -27.98 5.28 -6.22
CA ILE D 125 -27.48 4.08 -5.56
C ILE D 125 -28.04 3.97 -4.14
N PHE D 126 -28.11 5.10 -3.45
CA PHE D 126 -28.62 5.14 -2.09
C PHE D 126 -30.10 4.76 -2.05
N ASN D 127 -30.84 5.21 -3.07
CA ASN D 127 -32.27 4.92 -3.16
C ASN D 127 -32.50 3.54 -3.76
N LEU D 128 -31.50 3.02 -4.47
CA LEU D 128 -31.60 1.70 -5.09
C LEU D 128 -31.34 0.60 -4.09
N PHE D 129 -30.52 0.91 -3.08
CA PHE D 129 -30.19 -0.07 -2.04
C PHE D 129 -31.22 -0.03 -0.92
N TYR D 130 -31.88 1.11 -0.75
CA TYR D 130 -32.88 1.26 0.29
C TYR D 130 -34.20 0.62 -0.13
N TRP D 131 -34.57 0.79 -1.40
CA TRP D 131 -35.80 0.21 -1.91
C TRP D 131 -35.64 -1.28 -2.19
N ILE D 132 -34.41 -1.70 -2.47
CA ILE D 132 -34.12 -3.10 -2.75
C ILE D 132 -34.00 -3.90 -1.46
N ILE D 133 -33.55 -3.24 -0.39
CA ILE D 133 -33.40 -3.89 0.90
C ILE D 133 -34.74 -4.24 1.51
N TYR D 134 -35.69 -3.29 1.44
CA TYR D 134 -37.02 -3.50 1.99
C TYR D 134 -37.89 -4.27 1.00
N LYS D 135 -37.37 -4.50 -0.20
CA LYS D 135 -38.10 -5.22 -1.23
C LYS D 135 -37.75 -6.71 -1.21
N ILE D 136 -36.45 -6.99 -1.15
CA ILE D 136 -35.98 -8.38 -1.13
C ILE D 136 -36.64 -9.16 -0.01
N VAL D 137 -36.77 -8.53 1.15
CA VAL D 137 -37.39 -9.18 2.31
C VAL D 137 -38.83 -9.57 2.01
N ARG D 138 -39.40 -8.98 0.97
CA ARG D 138 -40.78 -9.27 0.57
C ARG D 138 -40.81 -10.30 -0.56
N ARG D 139 -40.06 -10.03 -1.62
CA ARG D 139 -40.01 -10.93 -2.77
C ARG D 139 -39.51 -12.31 -2.35
N GLU D 140 -38.73 -12.36 -1.28
CA GLU D 140 -38.19 -13.62 -0.79
C GLU D 140 -39.18 -14.29 0.16
N ASP D 141 -40.30 -13.63 0.41
CA ASP D 141 -41.33 -14.16 1.30
C ASP D 141 -40.80 -14.30 2.71
N GLU D 142 -40.03 -13.32 3.15
CA GLU D 142 -39.46 -13.33 4.50
C GLU D 142 -40.39 -12.65 5.49
N PHE D 143 -40.74 -11.39 5.20
CA PHE D 143 -41.63 -10.63 6.07
C PHE D 143 -42.96 -10.36 5.38
N GLU D 144 -42.96 -10.37 4.06
CA GLU D 144 -44.18 -10.14 3.28
C GLU D 144 -44.94 -11.43 3.05
N HIS D 145 -44.31 -12.55 3.40
CA HIS D 145 -44.93 -13.86 3.24
C HIS D 145 -46.33 -13.88 3.85
N HIS D 146 -46.53 -13.09 4.91
CA HIS D 146 -47.81 -13.02 5.58
C HIS D 146 -48.90 -12.55 4.62
N HIS D 147 -48.55 -11.64 3.72
CA HIS D 147 -49.49 -11.12 2.74
C HIS D 147 -49.42 -11.90 1.44
N HIS D 148 -48.22 -12.31 1.07
CA HIS D 148 -48.01 -13.08 -0.16
C HIS D 148 -48.38 -12.25 -1.38
N HIS D 149 -48.36 -10.93 -1.22
CA HIS D 149 -48.69 -10.02 -2.31
C HIS D 149 -47.87 -10.34 -3.57
N HIS D 150 -46.55 -10.21 -3.45
CA HIS D 150 -45.66 -10.49 -4.57
C HIS D 150 -46.06 -9.68 -5.80
N MET E 1 -15.25 -14.22 30.19
CA MET E 1 -16.25 -13.57 31.03
C MET E 1 -15.79 -12.17 31.45
N LEU E 2 -14.51 -12.05 31.77
CA LEU E 2 -13.95 -10.77 32.18
C LEU E 2 -13.74 -9.86 30.97
N GLU E 3 -14.84 -9.41 30.38
CA GLU E 3 -14.78 -8.53 29.22
C GLU E 3 -14.58 -7.08 29.65
N ARG E 4 -15.21 -6.70 30.76
CA ARG E 4 -15.09 -5.34 31.28
C ARG E 4 -13.69 -5.08 31.83
N GLN E 5 -12.92 -6.16 31.98
CA GLN E 5 -11.56 -6.05 32.51
C GLN E 5 -10.56 -5.86 31.38
N LEU E 6 -11.05 -5.88 30.14
CA LEU E 6 -10.20 -5.71 28.97
C LEU E 6 -10.02 -4.23 28.64
N GLY E 7 -11.01 -3.43 28.99
CA GLY E 7 -10.94 -2.00 28.73
C GLY E 7 -9.68 -1.37 29.31
N TYR E 8 -9.11 -2.00 30.32
CA TYR E 8 -7.90 -1.50 30.96
C TYR E 8 -6.74 -1.46 29.97
N TYR E 9 -6.61 -2.51 29.18
CA TYR E 9 -5.55 -2.60 28.19
C TYR E 9 -5.82 -1.68 27.00
N LEU E 10 -7.09 -1.37 26.78
CA LEU E 10 -7.49 -0.49 25.69
C LEU E 10 -7.27 0.96 26.04
N ILE E 11 -7.32 1.26 27.34
CA ILE E 11 -7.12 2.63 27.82
C ILE E 11 -5.67 3.06 27.66
N GLN E 12 -4.75 2.25 28.18
CA GLN E 12 -3.33 2.55 28.09
C GLN E 12 -2.84 2.48 26.64
N LEU E 13 -3.54 1.69 25.83
CA LEU E 13 -3.18 1.53 24.43
C LEU E 13 -3.81 2.63 23.58
N TYR E 14 -4.88 3.24 24.10
CA TYR E 14 -5.58 4.30 23.39
C TYR E 14 -4.83 5.62 23.51
N ILE E 15 -4.09 5.77 24.60
CA ILE E 15 -3.32 6.98 24.84
C ILE E 15 -2.44 7.33 23.64
N PRO E 16 -1.57 6.38 23.25
CA PRO E 16 -0.66 6.56 22.12
C PRO E 16 -1.40 6.56 20.78
N SER E 17 -2.38 5.67 20.65
CA SER E 17 -3.16 5.56 19.43
C SER E 17 -3.91 6.86 19.15
N LEU E 18 -4.26 7.57 20.21
CA LEU E 18 -4.98 8.83 20.08
C LEU E 18 -4.02 9.99 19.82
N LEU E 19 -2.83 9.91 20.40
CA LEU E 19 -1.82 10.95 20.23
C LEU E 19 -1.33 10.99 18.78
N ILE E 20 -1.06 9.82 18.22
CA ILE E 20 -0.59 9.73 16.84
C ILE E 20 -1.64 10.25 15.86
N VAL E 21 -2.91 10.15 16.25
CA VAL E 21 -4.00 10.63 15.41
C VAL E 21 -4.03 12.15 15.36
N ILE E 22 -3.82 12.79 16.50
CA ILE E 22 -3.83 14.25 16.58
C ILE E 22 -2.75 14.84 15.70
N LEU E 23 -1.57 14.22 15.70
CA LEU E 23 -0.46 14.69 14.90
C LEU E 23 -0.75 14.56 13.41
N SER E 24 -1.53 13.55 13.06
CA SER E 24 -1.89 13.32 11.67
C SER E 24 -2.44 14.58 11.03
N TRP E 25 -3.29 15.29 11.76
CA TRP E 25 -3.89 16.53 11.27
C TRP E 25 -2.86 17.65 11.25
N ILE E 26 -2.01 17.70 12.26
CA ILE E 26 -0.98 18.73 12.35
C ILE E 26 -0.08 18.70 11.12
N SER E 27 -0.07 17.58 10.42
CA SER E 27 0.75 17.44 9.22
C SER E 27 -0.12 17.40 7.97
N PHE E 28 -1.42 17.23 8.17
CA PHE E 28 -2.36 17.18 7.05
C PHE E 28 -2.51 18.54 6.40
N TRP E 29 -2.25 19.59 7.16
CA TRP E 29 -2.36 20.95 6.66
C TRP E 29 -1.35 21.21 5.54
N ILE E 30 -0.36 20.32 5.44
CA ILE E 30 0.67 20.44 4.41
C ILE E 30 0.66 19.23 3.48
N ASN E 31 0.30 18.07 4.03
CA ASN E 31 0.26 16.84 3.24
C ASN E 31 -0.83 16.92 2.18
N LEU E 32 -1.67 17.94 2.27
CA LEU E 32 -2.76 18.13 1.31
C LEU E 32 -2.25 17.95 -0.12
N ASP E 33 -0.98 18.28 -0.34
CA ASP E 33 -0.38 18.16 -1.65
C ASP E 33 1.13 17.97 -1.55
N ALA E 34 1.73 18.67 -0.59
CA ALA E 34 3.17 18.58 -0.38
C ALA E 34 3.61 17.15 -0.13
N ALA E 35 2.82 16.43 0.67
CA ALA E 35 3.12 15.03 0.99
C ALA E 35 1.87 14.30 1.44
N PRO E 36 0.95 14.05 0.50
CA PRO E 36 -0.31 13.35 0.79
C PRO E 36 -0.09 11.87 1.08
N ALA E 37 1.15 11.42 0.94
CA ALA E 37 1.49 10.02 1.19
C ALA E 37 1.47 9.73 2.69
N ARG E 38 1.81 10.73 3.50
CA ARG E 38 1.84 10.58 4.94
C ARG E 38 0.43 10.49 5.51
N VAL E 39 -0.47 11.30 4.96
CA VAL E 39 -1.87 11.32 5.40
C VAL E 39 -2.53 9.97 5.18
N GLY E 40 -2.18 9.32 4.08
CA GLY E 40 -2.75 8.02 3.76
C GLY E 40 -2.23 6.93 4.67
N LEU E 41 -1.03 7.12 5.20
CA LEU E 41 -0.42 6.14 6.09
C LEU E 41 -0.92 6.31 7.51
N GLY E 42 -1.13 7.55 7.92
CA GLY E 42 -1.60 7.82 9.27
C GLY E 42 -3.05 7.41 9.46
N ILE E 43 -3.85 7.58 8.41
CA ILE E 43 -5.27 7.22 8.48
C ILE E 43 -5.45 5.70 8.47
N THR E 44 -4.54 5.01 7.80
CA THR E 44 -4.59 3.55 7.73
C THR E 44 -3.92 2.91 8.92
N THR E 45 -3.10 3.68 9.62
CA THR E 45 -2.39 3.18 10.79
C THR E 45 -3.31 3.13 12.01
N VAL E 46 -4.28 4.03 12.06
CA VAL E 46 -5.22 4.09 13.17
C VAL E 46 -6.21 2.93 13.11
N LEU E 47 -6.69 2.64 11.89
CA LEU E 47 -7.64 1.55 11.70
C LEU E 47 -6.94 0.20 11.70
N THR E 48 -5.63 0.22 11.43
CA THR E 48 -4.85 -1.01 11.40
C THR E 48 -4.27 -1.32 12.77
N LEU E 49 -4.09 -0.28 13.58
CA LEU E 49 -3.54 -0.45 14.93
C LEU E 49 -4.61 -0.96 15.89
N THR E 50 -5.86 -0.67 15.59
CA THR E 50 -6.99 -1.10 16.43
C THR E 50 -7.45 -2.49 16.04
N THR E 51 -7.55 -2.74 14.74
CA THR E 51 -7.98 -4.04 14.24
C THR E 51 -7.03 -5.15 14.67
N GLN E 52 -5.74 -4.82 14.75
CA GLN E 52 -4.72 -5.78 15.16
C GLN E 52 -4.78 -6.03 16.67
N SER E 53 -5.13 -4.99 17.42
CA SER E 53 -5.22 -5.09 18.88
C SER E 53 -6.56 -5.67 19.30
N SER E 54 -7.53 -5.65 18.38
CA SER E 54 -8.87 -6.17 18.67
C SER E 54 -8.96 -7.64 18.27
N GLY E 55 -7.82 -8.26 18.03
CA GLY E 55 -7.80 -9.66 17.64
C GLY E 55 -7.79 -10.59 18.84
N SER E 56 -7.62 -10.02 20.03
CA SER E 56 -7.60 -10.80 21.26
C SER E 56 -8.85 -11.66 21.39
N ARG E 57 -10.00 -11.04 21.15
CA ARG E 57 -11.28 -11.73 21.25
C ARG E 57 -11.47 -12.34 22.64
N ALA E 58 -10.73 -11.82 23.61
CA ALA E 58 -10.82 -12.30 24.98
C ALA E 58 -11.95 -11.62 25.73
N SER E 59 -12.39 -10.47 25.22
CA SER E 59 -13.48 -9.72 25.85
C SER E 59 -14.83 -10.22 25.38
N LEU E 60 -14.83 -11.30 24.60
CA LEU E 60 -16.06 -11.87 24.08
C LEU E 60 -16.78 -10.88 23.17
N PRO E 61 -17.67 -11.40 22.31
CA PRO E 61 -18.44 -10.58 21.38
C PRO E 61 -19.50 -9.74 22.10
N LYS E 62 -19.58 -9.89 23.40
CA LYS E 62 -20.54 -9.14 24.21
C LYS E 62 -20.13 -7.67 24.32
N VAL E 63 -19.04 -7.42 25.04
CA VAL E 63 -18.55 -6.06 25.22
C VAL E 63 -18.03 -5.48 23.91
N SER E 64 -17.64 -6.36 23.00
CA SER E 64 -17.12 -5.94 21.70
C SER E 64 -18.25 -5.48 20.79
N TYR E 65 -19.41 -6.11 20.95
CA TYR E 65 -20.57 -5.77 20.14
C TYR E 65 -21.01 -4.32 20.38
N VAL E 66 -21.28 -4.00 21.64
CA VAL E 66 -21.69 -2.66 22.00
C VAL E 66 -20.69 -1.61 21.53
N LYS E 67 -19.42 -1.80 21.92
CA LYS E 67 -18.36 -0.89 21.54
C LYS E 67 -18.27 -0.76 20.02
N ALA E 68 -18.63 -1.83 19.32
CA ALA E 68 -18.59 -1.84 17.86
C ALA E 68 -19.70 -0.96 17.28
N ILE E 69 -20.72 -0.71 18.09
CA ILE E 69 -21.84 0.11 17.65
C ILE E 69 -21.45 1.57 17.54
N ASP E 70 -20.70 2.06 18.54
CA ASP E 70 -20.25 3.44 18.56
C ASP E 70 -19.12 3.66 17.55
N ILE E 71 -18.49 2.58 17.13
CA ILE E 71 -17.40 2.65 16.17
C ILE E 71 -17.88 2.31 14.76
N TRP E 72 -19.14 1.91 14.65
CA TRP E 72 -19.72 1.56 13.36
C TRP E 72 -20.15 2.81 12.59
N LEU E 73 -20.46 3.87 13.34
CA LEU E 73 -20.89 5.13 12.73
C LEU E 73 -20.46 6.31 13.58
N ALA E 74 -19.16 6.58 13.60
CA ALA E 74 -18.61 7.69 14.36
C ALA E 74 -17.09 7.77 14.22
N VAL E 75 -16.42 6.67 14.52
CA VAL E 75 -14.96 6.62 14.42
C VAL E 75 -14.53 6.21 13.02
N CYS E 76 -15.14 6.81 12.01
CA CYS E 76 -14.82 6.50 10.62
C CYS E 76 -15.67 7.33 9.66
N LEU E 77 -16.91 7.59 10.07
CA LEU E 77 -17.83 8.37 9.24
C LEU E 77 -17.65 9.86 9.50
N LEU E 78 -17.22 10.20 10.72
CA LEU E 78 -17.02 11.60 11.09
C LEU E 78 -15.56 11.98 10.95
N PHE E 79 -14.66 11.01 11.14
CA PHE E 79 -13.23 11.25 11.02
C PHE E 79 -12.83 11.46 9.57
N VAL E 80 -13.36 10.64 8.69
CA VAL E 80 -13.05 10.74 7.26
C VAL E 80 -13.95 11.76 6.58
N PHE E 81 -14.92 12.29 7.32
CA PHE E 81 -15.85 13.28 6.79
C PHE E 81 -15.23 14.66 6.79
N SER E 82 -14.51 14.99 7.87
CA SER E 82 -13.86 16.29 7.99
C SER E 82 -12.57 16.33 7.19
N ALA E 83 -11.93 15.18 7.03
CA ALA E 83 -10.69 15.09 6.28
C ALA E 83 -10.94 15.23 4.78
N LEU E 84 -12.09 14.74 4.33
CA LEU E 84 -12.46 14.83 2.92
C LEU E 84 -13.02 16.20 2.57
N LEU E 85 -13.56 16.88 3.58
CA LEU E 85 -14.13 18.21 3.39
C LEU E 85 -13.05 19.21 2.98
N GLU E 86 -11.86 19.05 3.53
CA GLU E 86 -10.74 19.94 3.22
C GLU E 86 -9.99 19.45 1.98
N TYR E 87 -9.80 18.14 1.89
CA TYR E 87 -9.10 17.55 0.76
C TYR E 87 -9.81 17.85 -0.55
N ALA E 88 -11.07 18.27 -0.45
CA ALA E 88 -11.86 18.59 -1.63
C ALA E 88 -12.23 20.07 -1.65
N ALA E 89 -12.04 20.74 -0.51
CA ALA E 89 -12.35 22.16 -0.40
C ALA E 89 -11.44 22.99 -1.31
N VAL E 90 -10.19 22.58 -1.43
CA VAL E 90 -9.23 23.29 -2.26
C VAL E 90 -9.77 23.51 -3.67
N ASN E 91 -10.52 22.53 -4.17
CA ASN E 91 -11.11 22.62 -5.50
C ASN E 91 -12.45 23.35 -5.46
N PHE E 92 -13.05 23.41 -4.27
CA PHE E 92 -14.34 24.07 -4.10
C PHE E 92 -14.15 25.58 -3.99
N VAL E 93 -12.90 26.03 -4.05
CA VAL E 93 -12.59 27.45 -3.97
C VAL E 93 -13.39 28.24 -4.99
N SER E 94 -13.54 27.69 -6.19
CA SER E 94 -14.29 28.35 -7.25
C SER E 94 -15.70 28.71 -6.79
N ARG E 95 -16.19 27.97 -5.79
CA ARG E 95 -17.52 28.21 -5.26
C ARG E 95 -17.68 29.67 -4.82
N GLN E 96 -16.57 30.30 -4.47
CA GLN E 96 -16.58 31.69 -4.04
C GLN E 96 -17.38 31.84 -2.75
N ARG E 97 -17.41 30.79 -1.95
CA ARG E 97 -18.14 30.81 -0.68
C ARG E 97 -17.75 32.03 0.15
N GLU E 98 -16.51 32.48 -0.01
CA GLU E 98 -16.02 33.63 0.73
C GLU E 98 -16.63 34.93 0.19
N PHE E 99 -16.10 36.06 0.64
CA PHE E 99 -16.60 37.36 0.20
C PHE E 99 -15.72 37.92 -0.91
N GLY E 100 -14.95 37.05 -1.54
CA GLY E 100 -14.08 37.48 -2.62
C GLY E 100 -13.00 36.47 -2.94
N GLY E 101 -12.70 36.30 -4.23
CA GLY E 101 -11.68 35.35 -4.64
C GLY E 101 -10.34 36.01 -4.89
N GLY E 102 -10.16 37.21 -4.37
CA GLY E 102 -8.91 37.92 -4.55
C GLY E 102 -7.71 37.11 -4.12
N GLY E 103 -7.86 36.34 -3.05
CA GLY E 103 -6.77 35.53 -2.56
C GLY E 103 -6.81 34.11 -3.10
N PHE E 104 -7.08 33.98 -4.39
CA PHE E 104 -7.16 32.67 -5.03
C PHE E 104 -5.77 32.09 -5.23
N ILE E 105 -4.90 32.82 -5.92
CA ILE E 105 -3.54 32.38 -6.17
C ILE E 105 -2.66 32.56 -4.95
N GLN E 106 -3.14 33.37 -3.99
CA GLN E 106 -2.39 33.62 -2.77
C GLN E 106 -2.79 32.64 -1.68
N ARG E 107 -3.48 31.57 -2.07
CA ARG E 107 -3.92 30.55 -1.11
C ARG E 107 -2.75 29.72 -0.63
N ALA E 108 -1.72 29.60 -1.46
CA ALA E 108 -0.53 28.83 -1.11
C ALA E 108 0.13 29.39 0.13
N LYS E 109 -0.18 30.64 0.46
CA LYS E 109 0.39 31.30 1.64
C LYS E 109 0.23 30.42 2.88
N LYS E 110 -0.82 29.61 2.89
CA LYS E 110 -1.07 28.72 4.02
C LYS E 110 -1.29 29.51 5.30
N ILE E 111 -2.48 30.10 5.44
CA ILE E 111 -2.80 30.89 6.62
C ILE E 111 -2.91 30.00 7.86
N ASP E 112 -2.89 28.70 7.65
CA ASP E 112 -2.99 27.74 8.74
C ASP E 112 -4.33 27.87 9.46
N LYS E 113 -5.38 28.15 8.70
CA LYS E 113 -6.71 28.31 9.26
C LYS E 113 -7.35 26.95 9.56
N ILE E 114 -6.61 25.89 9.22
CA ILE E 114 -7.11 24.53 9.45
C ILE E 114 -6.78 24.07 10.87
N SER E 115 -5.78 24.70 11.48
CA SER E 115 -5.36 24.34 12.83
C SER E 115 -6.32 24.93 13.86
N ARG E 116 -7.29 25.70 13.39
CA ARG E 116 -8.27 26.32 14.28
C ARG E 116 -9.38 25.34 14.63
N ILE E 117 -9.44 24.24 13.89
CA ILE E 117 -10.46 23.21 14.13
C ILE E 117 -9.83 21.94 14.69
N GLY E 118 -8.66 21.59 14.19
CA GLY E 118 -7.98 20.39 14.66
C GLY E 118 -7.52 20.52 16.10
N PHE E 119 -6.93 21.66 16.44
CA PHE E 119 -6.44 21.90 17.78
C PHE E 119 -7.52 21.58 18.82
N PRO E 120 -8.66 22.28 18.72
CA PRO E 120 -9.79 22.08 19.64
C PRO E 120 -10.48 20.74 19.43
N LEU E 121 -10.21 20.11 18.30
CA LEU E 121 -10.80 18.81 17.99
C LEU E 121 -10.04 17.68 18.67
N ALA E 122 -8.74 17.88 18.87
CA ALA E 122 -7.89 16.90 19.52
C ALA E 122 -8.08 16.91 21.04
N PHE E 123 -8.17 18.12 21.59
CA PHE E 123 -8.35 18.28 23.03
C PHE E 123 -9.72 17.75 23.47
N LEU E 124 -10.72 17.94 22.62
CA LEU E 124 -12.07 17.49 22.91
C LEU E 124 -12.15 15.97 22.94
N ILE E 125 -11.42 15.32 22.02
CA ILE E 125 -11.40 13.87 21.94
C ILE E 125 -10.59 13.26 23.08
N PHE E 126 -9.46 13.89 23.38
CA PHE E 126 -8.58 13.42 24.45
C PHE E 126 -9.28 13.52 25.80
N ASN E 127 -10.05 14.58 25.98
CA ASN E 127 -10.77 14.80 27.24
C ASN E 127 -12.07 14.00 27.26
N LEU E 128 -12.55 13.62 26.08
CA LEU E 128 -13.78 12.86 25.96
C LEU E 128 -13.54 11.38 26.23
N PHE E 129 -12.32 10.92 25.93
CA PHE E 129 -11.96 9.52 26.15
C PHE E 129 -11.44 9.30 27.56
N TYR E 130 -10.92 10.37 28.16
CA TYR E 130 -10.39 10.29 29.51
C TYR E 130 -11.51 10.32 30.55
N TRP E 131 -12.51 11.16 30.30
CA TRP E 131 -13.64 11.29 31.21
C TRP E 131 -14.62 10.13 31.02
N ILE E 132 -14.64 9.57 29.81
CA ILE E 132 -15.52 8.45 29.51
C ILE E 132 -14.95 7.13 30.01
N ILE E 133 -13.62 7.06 30.05
CA ILE E 133 -12.94 5.85 30.52
C ILE E 133 -13.13 5.67 32.02
N TYR E 134 -12.99 6.75 32.76
CA TYR E 134 -13.15 6.71 34.21
C TYR E 134 -14.62 6.79 34.61
N LYS E 135 -15.49 7.00 33.62
CA LYS E 135 -16.92 7.09 33.86
C LYS E 135 -17.60 5.76 33.61
N ILE E 136 -17.26 5.12 32.50
CA ILE E 136 -17.84 3.82 32.16
C ILE E 136 -17.67 2.83 33.29
N VAL E 137 -16.49 2.83 33.90
CA VAL E 137 -16.19 1.92 35.01
C VAL E 137 -17.14 2.16 36.18
N ARG E 138 -17.79 3.31 36.18
CA ARG E 138 -18.73 3.66 37.25
C ARG E 138 -20.17 3.34 36.83
N ARG E 139 -20.57 3.86 35.68
CA ARG E 139 -21.92 3.63 35.17
C ARG E 139 -22.19 2.14 34.99
N GLU E 140 -21.12 1.38 34.77
CA GLU E 140 -21.25 -0.06 34.57
C GLU E 140 -21.25 -0.79 35.91
N ASP E 141 -21.07 -0.04 37.00
CA ASP E 141 -21.04 -0.62 38.34
C ASP E 141 -19.87 -1.57 38.50
N GLU E 142 -18.72 -1.19 37.95
CA GLU E 142 -17.52 -2.02 38.03
C GLU E 142 -16.69 -1.66 39.26
N PHE E 143 -16.37 -0.37 39.40
CA PHE E 143 -15.58 0.10 40.52
C PHE E 143 -16.40 1.03 41.42
N GLU E 144 -17.41 1.65 40.82
CA GLU E 144 -18.28 2.57 41.56
C GLU E 144 -19.44 1.82 42.21
N HIS E 145 -19.57 0.54 41.87
CA HIS E 145 -20.65 -0.29 42.41
C HIS E 145 -20.67 -0.20 43.93
N HIS E 146 -19.51 0.01 44.53
CA HIS E 146 -19.41 0.12 45.99
C HIS E 146 -20.25 1.28 46.50
N HIS E 147 -20.30 2.37 45.74
CA HIS E 147 -21.07 3.54 46.14
C HIS E 147 -22.47 3.49 45.53
N HIS E 148 -22.56 2.98 44.30
CA HIS E 148 -23.85 2.87 43.62
C HIS E 148 -24.44 4.25 43.36
N HIS E 149 -23.57 5.27 43.34
CA HIS E 149 -24.02 6.64 43.11
C HIS E 149 -24.86 6.73 41.84
N HIS E 150 -24.25 6.42 40.71
CA HIS E 150 -24.95 6.47 39.42
C HIS E 150 -26.00 5.37 39.34
N MET A 1 9.18 -22.60 26.07
CA MET A 1 10.47 -23.26 26.29
C MET A 1 11.63 -22.27 26.18
N LEU A 2 11.94 -21.90 24.94
CA LEU A 2 13.03 -20.96 24.69
C LEU A 2 12.51 -19.53 24.61
N GLU A 3 11.60 -19.19 25.53
CA GLU A 3 11.01 -17.85 25.55
C GLU A 3 12.07 -16.81 25.93
N ARG A 4 12.88 -17.13 26.92
CA ARG A 4 13.92 -16.22 27.39
C ARG A 4 15.13 -16.28 26.46
N GLN A 5 15.14 -17.26 25.57
CA GLN A 5 16.25 -17.42 24.63
C GLN A 5 15.95 -16.70 23.32
N LEU A 6 14.99 -15.78 23.36
CA LEU A 6 14.62 -15.02 22.17
C LEU A 6 15.53 -13.81 22.00
N GLY A 7 16.00 -13.26 23.12
CA GLY A 7 16.89 -12.11 23.06
C GLY A 7 18.05 -12.32 22.11
N TYR A 8 18.46 -13.56 21.94
CA TYR A 8 19.58 -13.89 21.07
C TYR A 8 19.22 -13.60 19.61
N TYR A 9 18.01 -13.97 19.23
CA TYR A 9 17.54 -13.76 17.85
C TYR A 9 17.15 -12.30 17.63
N LEU A 10 16.86 -11.60 18.73
CA LEU A 10 16.49 -10.19 18.65
C LEU A 10 17.71 -9.30 18.50
N ILE A 11 18.85 -9.77 19.01
CA ILE A 11 20.09 -9.02 18.94
C ILE A 11 20.66 -9.03 17.52
N GLN A 12 20.79 -10.22 16.95
CA GLN A 12 21.32 -10.37 15.60
C GLN A 12 20.34 -9.82 14.57
N LEU A 13 19.06 -9.78 14.93
CA LEU A 13 18.04 -9.26 14.04
C LEU A 13 17.90 -7.75 14.17
N TYR A 14 18.34 -7.22 15.30
CA TYR A 14 18.26 -5.79 15.56
C TYR A 14 19.38 -5.05 14.81
N ILE A 15 20.49 -5.73 14.59
CA ILE A 15 21.63 -5.15 13.89
C ILE A 15 21.19 -4.53 12.56
N PRO A 16 20.58 -5.36 11.70
CA PRO A 16 20.11 -4.92 10.38
C PRO A 16 18.90 -4.00 10.49
N SER A 17 18.04 -4.26 11.46
CA SER A 17 16.84 -3.45 11.67
C SER A 17 17.22 -2.02 12.06
N LEU A 18 18.32 -1.89 12.79
CA LEU A 18 18.78 -0.58 13.23
C LEU A 18 19.50 0.16 12.10
N LEU A 19 20.23 -0.58 11.29
CA LEU A 19 20.95 0.00 10.17
C LEU A 19 20.00 0.53 9.11
N ILE A 20 18.95 -0.24 8.81
CA ILE A 20 17.96 0.16 7.82
C ILE A 20 17.10 1.32 8.34
N VAL A 21 16.89 1.34 9.65
CA VAL A 21 16.09 2.40 10.28
C VAL A 21 16.82 3.74 10.22
N ILE A 22 18.12 3.71 10.50
CA ILE A 22 18.93 4.93 10.49
C ILE A 22 18.91 5.57 9.11
N LEU A 23 18.96 4.75 8.07
CA LEU A 23 18.96 5.25 6.70
C LEU A 23 17.60 5.84 6.34
N SER A 24 16.56 5.37 7.02
CA SER A 24 15.20 5.84 6.76
C SER A 24 15.14 7.36 6.84
N TRP A 25 15.77 7.92 7.87
CA TRP A 25 15.79 9.36 8.07
C TRP A 25 16.76 10.03 7.10
N ILE A 26 17.92 9.41 6.91
CA ILE A 26 18.93 9.94 6.02
C ILE A 26 18.33 10.30 4.66
N SER A 27 17.31 9.56 4.25
CA SER A 27 16.65 9.78 2.98
C SER A 27 15.41 10.66 3.15
N PHE A 28 14.86 10.65 4.36
CA PHE A 28 13.68 11.45 4.66
C PHE A 28 13.92 12.92 4.35
N TRP A 29 15.19 13.33 4.35
CA TRP A 29 15.54 14.71 4.06
C TRP A 29 14.90 15.19 2.77
N ILE A 30 15.16 14.46 1.69
CA ILE A 30 14.60 14.81 0.38
C ILE A 30 13.18 14.28 0.23
N ASN A 31 12.92 13.12 0.84
CA ASN A 31 11.60 12.50 0.77
C ASN A 31 10.57 13.34 1.51
N LEU A 32 11.04 14.35 2.23
CA LEU A 32 10.16 15.24 2.98
C LEU A 32 9.01 15.74 2.11
N ASP A 33 9.26 15.78 0.80
CA ASP A 33 8.25 16.24 -0.15
C ASP A 33 8.62 15.84 -1.57
N ALA A 34 9.91 15.91 -1.88
CA ALA A 34 10.39 15.56 -3.21
C ALA A 34 10.00 14.13 -3.57
N ALA A 35 10.07 13.23 -2.60
CA ALA A 35 9.72 11.84 -2.81
C ALA A 35 9.48 11.11 -1.49
N PRO A 36 8.34 11.42 -0.85
CA PRO A 36 7.97 10.81 0.42
C PRO A 36 7.61 9.33 0.28
N ALA A 37 7.56 8.86 -0.95
CA ALA A 37 7.24 7.46 -1.22
C ALA A 37 8.21 6.52 -0.51
N ARG A 38 9.47 6.94 -0.40
CA ARG A 38 10.49 6.14 0.27
C ARG A 38 10.30 6.16 1.78
N VAL A 39 9.85 7.30 2.29
CA VAL A 39 9.62 7.45 3.73
C VAL A 39 8.48 6.55 4.20
N GLY A 40 7.51 6.33 3.32
CA GLY A 40 6.37 5.48 3.67
C GLY A 40 6.71 4.01 3.59
N LEU A 41 7.70 3.66 2.79
CA LEU A 41 8.12 2.28 2.63
C LEU A 41 9.07 1.85 3.74
N GLY A 42 9.97 2.76 4.11
CA GLY A 42 10.92 2.46 5.17
C GLY A 42 10.27 2.36 6.52
N ILE A 43 9.25 3.18 6.76
CA ILE A 43 8.54 3.18 8.03
C ILE A 43 7.68 1.93 8.17
N THR A 44 7.18 1.43 7.03
CA THR A 44 6.34 0.25 7.04
C THR A 44 7.19 -1.03 7.03
N THR A 45 8.45 -0.90 6.65
CA THR A 45 9.36 -2.03 6.60
C THR A 45 9.87 -2.38 7.99
N VAL A 46 9.98 -1.38 8.85
CA VAL A 46 10.45 -1.60 10.22
C VAL A 46 9.40 -2.29 11.06
N LEU A 47 8.15 -1.88 10.90
CA LEU A 47 7.04 -2.46 11.66
C LEU A 47 6.62 -3.80 11.06
N THR A 48 6.96 -4.01 9.79
CA THR A 48 6.62 -5.25 9.10
C THR A 48 7.73 -6.29 9.26
N LEU A 49 8.95 -5.82 9.49
CA LEU A 49 10.09 -6.71 9.67
C LEU A 49 10.13 -7.26 11.09
N THR A 50 9.54 -6.52 12.02
CA THR A 50 9.52 -6.93 13.41
C THR A 50 8.34 -7.86 13.69
N THR A 51 7.17 -7.51 13.15
CA THR A 51 5.97 -8.31 13.34
C THR A 51 6.10 -9.67 12.65
N GLN A 52 6.84 -9.70 11.54
CA GLN A 52 7.03 -10.93 10.79
C GLN A 52 8.24 -11.70 11.31
N SER A 53 9.06 -11.04 12.13
CA SER A 53 10.24 -11.65 12.70
C SER A 53 9.89 -12.52 13.90
N SER A 54 8.63 -12.44 14.32
CA SER A 54 8.16 -13.22 15.46
C SER A 54 6.86 -13.94 15.13
N GLY A 55 6.70 -14.31 13.87
CA GLY A 55 5.49 -15.01 13.44
C GLY A 55 5.58 -16.50 13.64
N SER A 56 6.80 -17.02 13.72
CA SER A 56 7.01 -18.45 13.92
C SER A 56 6.41 -18.92 15.24
N ARG A 57 6.58 -18.10 16.27
CA ARG A 57 6.05 -18.42 17.60
C ARG A 57 6.62 -19.76 18.08
N ALA A 58 7.73 -20.18 17.50
CA ALA A 58 8.37 -21.44 17.87
C ALA A 58 9.31 -21.24 19.06
N SER A 59 9.74 -20.00 19.26
CA SER A 59 10.64 -19.68 20.36
C SER A 59 9.88 -19.12 21.56
N LEU A 60 8.56 -19.17 21.48
CA LEU A 60 7.71 -18.67 22.56
C LEU A 60 7.97 -17.20 22.82
N PRO A 61 7.53 -16.34 21.89
CA PRO A 61 7.70 -14.88 22.00
C PRO A 61 6.85 -14.28 23.11
N LYS A 62 6.04 -15.12 23.75
CA LYS A 62 5.18 -14.68 24.83
C LYS A 62 5.94 -13.77 25.80
N VAL A 63 7.06 -14.26 26.30
CA VAL A 63 7.88 -13.51 27.24
C VAL A 63 8.31 -12.18 26.64
N SER A 64 8.94 -12.23 25.48
CA SER A 64 9.40 -11.03 24.80
C SER A 64 8.25 -10.06 24.54
N TYR A 65 7.03 -10.61 24.49
CA TYR A 65 5.84 -9.81 24.25
C TYR A 65 5.66 -8.77 25.36
N VAL A 66 5.57 -9.25 26.60
CA VAL A 66 5.39 -8.36 27.74
C VAL A 66 6.43 -7.26 27.75
N LYS A 67 7.69 -7.63 27.56
CA LYS A 67 8.79 -6.67 27.53
C LYS A 67 8.72 -5.80 26.28
N ALA A 68 8.01 -6.28 25.27
CA ALA A 68 7.87 -5.55 24.01
C ALA A 68 6.71 -4.57 24.08
N ILE A 69 5.77 -4.83 24.98
CA ILE A 69 4.60 -3.97 25.13
C ILE A 69 4.94 -2.74 25.97
N ASP A 70 5.92 -2.89 26.88
CA ASP A 70 6.34 -1.79 27.73
C ASP A 70 7.24 -0.83 26.98
N ILE A 71 7.82 -1.30 25.88
CA ILE A 71 8.70 -0.48 25.07
C ILE A 71 7.99 0.03 23.81
N TRP A 72 6.93 -0.66 23.42
CA TRP A 72 6.16 -0.27 22.24
C TRP A 72 5.33 0.97 22.52
N LEU A 73 5.09 1.25 23.79
CA LEU A 73 4.31 2.42 24.19
C LEU A 73 5.22 3.62 24.43
N ALA A 74 6.17 3.83 23.53
CA ALA A 74 7.09 4.95 23.64
C ALA A 74 8.06 4.99 22.46
N VAL A 75 8.44 3.82 21.97
CA VAL A 75 9.35 3.71 20.85
C VAL A 75 8.66 4.08 19.54
N CYS A 76 7.36 3.82 19.47
CA CYS A 76 6.58 4.12 18.28
C CYS A 76 5.99 5.53 18.36
N LEU A 77 5.80 6.02 19.58
CA LEU A 77 5.24 7.34 19.79
C LEU A 77 6.32 8.42 19.67
N LEU A 78 7.57 8.00 19.80
CA LEU A 78 8.69 8.93 19.69
C LEU A 78 9.32 8.88 18.30
N PHE A 79 9.28 7.71 17.69
CA PHE A 79 9.84 7.52 16.36
C PHE A 79 9.02 8.27 15.31
N VAL A 80 7.70 8.24 15.47
CA VAL A 80 6.81 8.91 14.53
C VAL A 80 6.53 10.34 14.99
N PHE A 81 7.01 10.69 16.18
CA PHE A 81 6.81 12.03 16.73
C PHE A 81 7.76 13.03 16.08
N SER A 82 9.01 12.61 15.88
CA SER A 82 10.01 13.48 15.27
C SER A 82 9.81 13.57 13.76
N ALA A 83 9.34 12.48 13.17
CA ALA A 83 9.10 12.43 11.73
C ALA A 83 7.95 13.35 11.34
N LEU A 84 6.97 13.48 12.23
CA LEU A 84 5.82 14.33 11.96
C LEU A 84 6.16 15.80 12.19
N LEU A 85 7.07 16.05 13.13
CA LEU A 85 7.49 17.42 13.44
C LEU A 85 7.97 18.14 12.19
N GLU A 86 8.70 17.41 11.33
CA GLU A 86 9.21 17.99 10.10
C GLU A 86 8.18 17.90 8.97
N TYR A 87 7.58 16.72 8.83
CA TYR A 87 6.57 16.51 7.80
C TYR A 87 5.45 17.55 7.90
N ALA A 88 5.30 18.12 9.09
CA ALA A 88 4.28 19.13 9.32
C ALA A 88 4.88 20.52 9.42
N ALA A 89 6.18 20.57 9.72
CA ALA A 89 6.89 21.85 9.85
C ALA A 89 6.70 22.70 8.60
N VAL A 90 6.62 22.05 7.44
CA VAL A 90 6.43 22.75 6.18
C VAL A 90 5.29 23.75 6.26
N ASN A 91 4.21 23.36 6.93
CA ASN A 91 3.05 24.22 7.09
C ASN A 91 3.20 25.13 8.30
N PHE A 92 4.10 24.77 9.20
CA PHE A 92 4.35 25.55 10.40
C PHE A 92 5.15 26.81 10.07
N VAL A 93 5.59 26.91 8.82
CA VAL A 93 6.36 28.07 8.38
C VAL A 93 5.59 29.36 8.62
N SER A 94 4.36 29.42 8.13
CA SER A 94 3.52 30.60 8.29
C SER A 94 3.49 31.06 9.74
N ARG A 95 3.56 30.10 10.65
CA ARG A 95 3.55 30.40 12.08
C ARG A 95 4.60 31.45 12.43
N GLN A 96 5.70 31.45 11.68
CA GLN A 96 6.78 32.40 11.90
C GLN A 96 7.41 32.20 13.28
N ARG A 97 7.37 30.95 13.76
CA ARG A 97 7.94 30.63 15.07
C ARG A 97 9.37 31.14 15.18
N GLU A 98 10.07 31.19 14.06
CA GLU A 98 11.46 31.67 14.04
C GLU A 98 11.54 33.11 14.51
N PHE A 99 12.71 33.72 14.32
CA PHE A 99 12.93 35.10 14.73
C PHE A 99 12.66 36.06 13.58
N GLY A 100 11.96 35.56 12.56
CA GLY A 100 11.66 36.38 11.40
C GLY A 100 11.06 35.58 10.26
N GLY A 101 10.06 36.15 9.59
CA GLY A 101 9.42 35.46 8.48
C GLY A 101 9.96 35.91 7.14
N GLY A 102 11.09 36.61 7.16
CA GLY A 102 11.70 37.08 5.92
C GLY A 102 12.99 36.37 5.59
N GLY A 103 13.21 35.22 6.22
CA GLY A 103 14.42 34.46 5.99
C GLY A 103 14.15 33.14 5.28
N PHE A 104 12.86 32.81 5.13
CA PHE A 104 12.47 31.57 4.48
C PHE A 104 12.98 31.53 3.04
N ILE A 105 13.26 32.70 2.49
CA ILE A 105 13.76 32.81 1.12
C ILE A 105 15.12 32.13 0.98
N GLN A 106 15.77 31.87 2.11
CA GLN A 106 17.07 31.23 2.11
C GLN A 106 17.03 29.89 2.83
N ARG A 107 15.85 29.54 3.34
CA ARG A 107 15.67 28.29 4.05
C ARG A 107 15.46 27.13 3.09
N ALA A 108 14.91 27.43 1.92
CA ALA A 108 14.65 26.41 0.90
C ALA A 108 15.95 25.74 0.47
N LYS A 109 17.07 26.42 0.71
CA LYS A 109 18.37 25.89 0.33
C LYS A 109 18.57 24.48 0.88
N LYS A 110 17.97 24.21 2.04
CA LYS A 110 18.07 22.91 2.67
C LYS A 110 19.53 22.59 3.04
N ILE A 111 20.11 23.42 3.88
CA ILE A 111 21.48 23.23 4.32
C ILE A 111 21.56 22.33 5.55
N ASP A 112 20.50 22.36 6.36
CA ASP A 112 20.43 21.53 7.55
C ASP A 112 20.15 20.07 7.21
N LYS A 113 19.15 19.86 6.36
CA LYS A 113 18.77 18.52 5.94
C LYS A 113 18.43 17.66 7.15
N ILE A 114 18.10 18.31 8.26
CA ILE A 114 17.74 17.59 9.48
C ILE A 114 18.94 16.82 10.04
N SER A 115 20.12 17.10 9.49
CA SER A 115 21.34 16.42 9.93
C SER A 115 21.76 16.91 11.31
N ARG A 116 21.24 18.07 11.70
CA ARG A 116 21.57 18.64 13.00
C ARG A 116 21.05 17.77 14.14
N ILE A 117 20.16 16.84 13.80
CA ILE A 117 19.59 15.94 14.78
C ILE A 117 19.64 14.49 14.30
N GLY A 118 19.42 14.30 13.00
CA GLY A 118 19.45 12.97 12.43
C GLY A 118 20.78 12.26 12.64
N PHE A 119 21.87 12.95 12.30
CA PHE A 119 23.21 12.40 12.45
C PHE A 119 23.41 11.86 13.86
N PRO A 120 23.26 12.74 14.85
CA PRO A 120 23.43 12.37 16.27
C PRO A 120 22.31 11.47 16.77
N LEU A 121 21.28 11.30 15.94
CA LEU A 121 20.14 10.46 16.30
C LEU A 121 20.40 9.00 15.96
N ALA A 122 21.19 8.78 14.90
CA ALA A 122 21.53 7.43 14.47
C ALA A 122 22.63 6.84 15.34
N PHE A 123 23.56 7.68 15.75
CA PHE A 123 24.68 7.24 16.59
C PHE A 123 24.21 6.97 18.01
N LEU A 124 23.26 7.77 18.48
CA LEU A 124 22.72 7.61 19.83
C LEU A 124 21.98 6.29 19.98
N ILE A 125 21.20 5.93 18.96
CA ILE A 125 20.44 4.69 18.97
C ILE A 125 21.34 3.49 18.72
N PHE A 126 22.31 3.68 17.83
CA PHE A 126 23.25 2.61 17.49
C PHE A 126 24.12 2.25 18.69
N ASN A 127 24.49 3.26 19.47
CA ASN A 127 25.32 3.05 20.65
C ASN A 127 24.48 2.68 21.86
N LEU A 128 23.18 2.97 21.77
CA LEU A 128 22.26 2.67 22.87
C LEU A 128 21.85 1.20 22.84
N PHE A 129 21.82 0.62 21.63
CA PHE A 129 21.43 -0.78 21.47
C PHE A 129 22.67 -1.67 21.43
N TYR A 130 23.82 -1.07 21.17
CA TYR A 130 25.08 -1.82 21.10
C TYR A 130 25.65 -2.06 22.50
N TRP A 131 25.61 -1.03 23.33
CA TRP A 131 26.11 -1.13 24.69
C TRP A 131 25.12 -1.85 25.60
N ILE A 132 23.84 -1.69 25.30
CA ILE A 132 22.79 -2.33 26.09
C ILE A 132 22.74 -3.84 25.82
N ILE A 133 23.09 -4.22 24.60
CA ILE A 133 23.10 -5.64 24.22
C ILE A 133 24.24 -6.38 24.89
N TYR A 134 25.41 -5.74 24.94
CA TYR A 134 26.59 -6.35 25.54
C TYR A 134 26.57 -6.17 27.06
N LYS A 135 25.64 -5.35 27.54
CA LYS A 135 25.51 -5.10 28.97
C LYS A 135 24.52 -6.06 29.61
N ILE A 136 23.37 -6.23 28.97
CA ILE A 136 22.33 -7.13 29.47
C ILE A 136 22.90 -8.53 29.69
N VAL A 137 23.72 -8.98 28.76
CA VAL A 137 24.33 -10.31 28.84
C VAL A 137 25.17 -10.44 30.10
N ARG A 138 25.54 -9.31 30.69
CA ARG A 138 26.36 -9.29 31.89
C ARG A 138 25.49 -9.10 33.13
N ARG A 139 24.60 -8.12 33.08
CA ARG A 139 23.71 -7.82 34.20
C ARG A 139 24.47 -7.11 35.32
N GLU A 140 25.55 -7.72 35.78
CA GLU A 140 26.36 -7.14 36.84
C GLU A 140 27.70 -6.62 36.30
N ASP A 141 27.79 -6.51 34.98
CA ASP A 141 29.00 -6.03 34.34
C ASP A 141 30.22 -6.82 34.81
N GLU A 142 30.27 -8.09 34.41
CA GLU A 142 31.38 -8.96 34.79
C GLU A 142 32.49 -8.92 33.73
N PHE A 143 32.09 -8.97 32.47
CA PHE A 143 33.06 -8.94 31.37
C PHE A 143 33.82 -7.63 31.35
N GLU A 144 33.17 -6.56 31.80
CA GLU A 144 33.79 -5.24 31.83
C GLU A 144 34.55 -5.03 33.13
N HIS A 145 33.83 -5.10 34.24
CA HIS A 145 34.44 -4.91 35.56
C HIS A 145 35.13 -3.56 35.65
N HIS A 146 34.41 -2.56 36.16
CA HIS A 146 34.97 -1.22 36.30
C HIS A 146 34.76 -0.69 37.72
N HIS A 147 33.51 -0.33 38.03
CA HIS A 147 33.18 0.19 39.36
C HIS A 147 32.65 -0.92 40.26
N HIS A 148 31.86 -1.82 39.67
CA HIS A 148 31.28 -2.93 40.42
C HIS A 148 30.39 -2.42 41.56
N HIS A 149 29.95 -1.17 41.43
CA HIS A 149 29.09 -0.56 42.44
C HIS A 149 27.64 -0.98 42.24
N HIS A 150 27.15 -0.83 41.01
CA HIS A 150 25.77 -1.19 40.70
C HIS A 150 25.60 -1.45 39.20
N MET B 1 10.71 -36.25 3.42
CA MET B 1 10.86 -34.81 3.54
C MET B 1 11.71 -34.25 2.40
N LEU B 2 11.08 -33.46 1.53
CA LEU B 2 11.78 -32.87 0.40
C LEU B 2 12.32 -31.49 0.76
N GLU B 3 12.90 -31.38 1.94
CA GLU B 3 13.46 -30.10 2.41
C GLU B 3 14.68 -29.71 1.58
N ARG B 4 15.54 -30.68 1.31
CA ARG B 4 16.75 -30.44 0.52
C ARG B 4 16.42 -30.39 -0.97
N GLN B 5 15.21 -30.79 -1.32
CA GLN B 5 14.78 -30.80 -2.71
C GLN B 5 14.08 -29.49 -3.07
N LEU B 6 14.28 -28.47 -2.24
CA LEU B 6 13.67 -27.16 -2.47
C LEU B 6 14.51 -26.34 -3.43
N GLY B 7 15.83 -26.55 -3.39
CA GLY B 7 16.72 -25.81 -4.27
C GLY B 7 16.29 -25.87 -5.72
N TYR B 8 15.61 -26.94 -6.10
CA TYR B 8 15.13 -27.11 -7.47
C TYR B 8 14.06 -26.09 -7.80
N TYR B 9 13.16 -25.86 -6.86
CA TYR B 9 12.07 -24.90 -7.06
C TYR B 9 12.56 -23.48 -6.89
N LEU B 10 13.68 -23.33 -6.20
CA LEU B 10 14.27 -22.01 -5.96
C LEU B 10 15.07 -21.54 -7.17
N ILE B 11 15.58 -22.50 -7.94
CA ILE B 11 16.37 -22.19 -9.13
C ILE B 11 15.47 -21.69 -10.26
N GLN B 12 14.43 -22.46 -10.56
CA GLN B 12 13.50 -22.10 -11.63
C GLN B 12 12.69 -20.87 -11.24
N LEU B 13 12.55 -20.64 -9.94
CA LEU B 13 11.80 -19.50 -9.45
C LEU B 13 12.68 -18.27 -9.35
N TYR B 14 13.98 -18.48 -9.27
CA TYR B 14 14.94 -17.38 -9.17
C TYR B 14 15.15 -16.73 -10.54
N ILE B 15 14.99 -17.51 -11.60
CA ILE B 15 15.17 -17.01 -12.95
C ILE B 15 14.35 -15.75 -13.18
N PRO B 16 13.02 -15.86 -12.98
CA PRO B 16 12.10 -14.73 -13.16
C PRO B 16 12.27 -13.67 -12.07
N SER B 17 12.58 -14.10 -10.86
CA SER B 17 12.76 -13.19 -9.74
C SER B 17 13.97 -12.29 -9.97
N LEU B 18 14.98 -12.83 -10.66
CA LEU B 18 16.20 -12.09 -10.94
C LEU B 18 15.99 -11.14 -12.12
N LEU B 19 15.21 -11.58 -13.10
CA LEU B 19 14.92 -10.77 -14.27
C LEU B 19 14.09 -9.54 -13.90
N ILE B 20 13.08 -9.75 -13.06
CA ILE B 20 12.21 -8.68 -12.63
C ILE B 20 12.94 -7.72 -11.71
N VAL B 21 13.88 -8.25 -10.93
CA VAL B 21 14.66 -7.44 -10.00
C VAL B 21 15.61 -6.50 -10.75
N ILE B 22 16.25 -7.03 -11.79
CA ILE B 22 17.18 -6.24 -12.58
C ILE B 22 16.48 -5.04 -13.21
N LEU B 23 15.26 -5.25 -13.67
CA LEU B 23 14.48 -4.19 -14.30
C LEU B 23 14.06 -3.14 -13.28
N SER B 24 13.96 -3.56 -12.02
CA SER B 24 13.57 -2.66 -10.94
C SER B 24 14.45 -1.41 -10.92
N TRP B 25 15.75 -1.61 -11.07
CA TRP B 25 16.69 -0.50 -11.08
C TRP B 25 16.66 0.24 -12.42
N ILE B 26 16.57 -0.52 -13.49
CA ILE B 26 16.53 0.06 -14.84
C ILE B 26 15.48 1.17 -14.92
N SER B 27 14.41 1.03 -14.14
CA SER B 27 13.34 2.01 -14.13
C SER B 27 13.53 3.02 -13.00
N PHE B 28 14.25 2.60 -11.97
CA PHE B 28 14.52 3.46 -10.82
C PHE B 28 15.17 4.77 -11.26
N TRP B 29 15.83 4.73 -12.41
CA TRP B 29 16.50 5.91 -12.95
C TRP B 29 15.55 7.11 -12.97
N ILE B 30 14.40 6.95 -13.62
CA ILE B 30 13.41 8.01 -13.71
C ILE B 30 12.52 8.04 -12.48
N ASN B 31 12.26 6.87 -11.92
CA ASN B 31 11.42 6.76 -10.73
C ASN B 31 12.09 7.41 -9.52
N LEU B 32 13.36 7.78 -9.69
CA LEU B 32 14.12 8.41 -8.61
C LEU B 32 13.33 9.56 -8.01
N ASP B 33 12.44 10.15 -8.80
CA ASP B 33 11.63 11.27 -8.34
C ASP B 33 10.45 11.50 -9.28
N ALA B 34 10.69 11.35 -10.57
CA ALA B 34 9.65 11.54 -11.57
C ALA B 34 8.45 10.63 -11.31
N ALA B 35 8.73 9.40 -10.88
CA ALA B 35 7.68 8.43 -10.59
C ALA B 35 8.21 7.28 -9.75
N PRO B 36 8.47 7.55 -8.46
CA PRO B 36 8.99 6.54 -7.53
C PRO B 36 7.95 5.48 -7.19
N ALA B 37 6.73 5.69 -7.67
CA ALA B 37 5.65 4.74 -7.43
C ALA B 37 6.01 3.34 -7.92
N ARG B 38 6.75 3.28 -9.03
CA ARG B 38 7.17 2.01 -9.60
C ARG B 38 8.27 1.37 -8.77
N VAL B 39 9.14 2.20 -8.20
CA VAL B 39 10.23 1.71 -7.36
C VAL B 39 9.71 1.06 -6.09
N GLY B 40 8.58 1.56 -5.60
CA GLY B 40 8.00 1.02 -4.38
C GLY B 40 7.24 -0.27 -4.62
N LEU B 41 6.78 -0.46 -5.87
CA LEU B 41 6.03 -1.65 -6.24
C LEU B 41 6.97 -2.80 -6.57
N GLY B 42 8.07 -2.48 -7.27
CA GLY B 42 9.04 -3.50 -7.63
C GLY B 42 9.79 -4.04 -6.44
N ILE B 43 10.07 -3.18 -5.47
CA ILE B 43 10.79 -3.56 -4.27
C ILE B 43 9.92 -4.43 -3.36
N THR B 44 8.61 -4.18 -3.39
CA THR B 44 7.68 -4.93 -2.58
C THR B 44 7.26 -6.23 -3.27
N THR B 45 7.48 -6.30 -4.57
CA THR B 45 7.13 -7.47 -5.35
C THR B 45 8.16 -8.58 -5.18
N VAL B 46 9.41 -8.18 -4.94
CA VAL B 46 10.49 -9.13 -4.75
C VAL B 46 10.39 -9.81 -3.39
N LEU B 47 10.07 -9.04 -2.37
CA LEU B 47 9.94 -9.57 -1.02
C LEU B 47 8.61 -10.29 -0.83
N THR B 48 7.64 -9.95 -1.69
CA THR B 48 6.32 -10.57 -1.62
C THR B 48 6.26 -11.83 -2.48
N LEU B 49 7.11 -11.89 -3.50
CA LEU B 49 7.14 -13.03 -4.40
C LEU B 49 7.94 -14.18 -3.78
N THR B 50 8.85 -13.84 -2.88
CA THR B 50 9.68 -14.83 -2.21
C THR B 50 8.98 -15.41 -0.98
N THR B 51 8.35 -14.53 -0.21
CA THR B 51 7.64 -14.95 1.01
C THR B 51 6.43 -15.78 0.66
N GLN B 52 5.82 -15.49 -0.49
CA GLN B 52 4.64 -16.22 -0.93
C GLN B 52 5.02 -17.45 -1.75
N SER B 53 6.29 -17.52 -2.14
CA SER B 53 6.79 -18.64 -2.93
C SER B 53 7.11 -19.82 -2.03
N SER B 54 7.05 -19.61 -0.72
CA SER B 54 7.34 -20.66 0.25
C SER B 54 6.25 -20.73 1.31
N GLY B 55 5.02 -20.42 0.92
CA GLY B 55 3.91 -20.45 1.84
C GLY B 55 3.28 -21.83 1.95
N SER B 56 3.42 -22.62 0.90
CA SER B 56 2.87 -23.97 0.89
C SER B 56 3.43 -24.81 2.03
N ARG B 57 4.73 -24.66 2.27
CA ARG B 57 5.40 -25.40 3.34
C ARG B 57 5.23 -26.91 3.13
N ALA B 58 4.92 -27.31 1.90
CA ALA B 58 4.73 -28.71 1.58
C ALA B 58 6.06 -29.37 1.23
N SER B 59 7.05 -28.56 0.89
CA SER B 59 8.38 -29.06 0.52
C SER B 59 9.34 -28.95 1.71
N LEU B 60 8.80 -28.59 2.87
CA LEU B 60 9.61 -28.45 4.07
C LEU B 60 10.70 -27.41 3.88
N PRO B 61 10.30 -26.13 3.82
CA PRO B 61 11.23 -25.01 3.64
C PRO B 61 12.12 -24.79 4.86
N LYS B 62 11.88 -25.57 5.92
CA LYS B 62 12.66 -25.46 7.14
C LYS B 62 14.15 -25.38 6.83
N VAL B 63 14.64 -26.35 6.07
CA VAL B 63 16.06 -26.39 5.71
C VAL B 63 16.47 -25.11 5.00
N SER B 64 15.76 -24.80 3.91
CA SER B 64 16.07 -23.60 3.13
C SER B 64 16.01 -22.35 4.01
N TYR B 65 15.25 -22.44 5.09
CA TYR B 65 15.11 -21.31 6.02
C TYR B 65 16.46 -20.92 6.62
N VAL B 66 17.11 -21.88 7.26
CA VAL B 66 18.41 -21.64 7.88
C VAL B 66 19.38 -21.02 6.89
N LYS B 67 19.46 -21.59 5.69
CA LYS B 67 20.35 -21.08 4.65
C LYS B 67 19.85 -19.76 4.11
N ALA B 68 18.56 -19.48 4.33
CA ALA B 68 17.95 -18.24 3.86
C ALA B 68 18.15 -17.12 4.88
N ILE B 69 18.37 -17.49 6.13
CA ILE B 69 18.57 -16.52 7.20
C ILE B 69 20.00 -15.99 7.20
N ASP B 70 20.93 -16.81 6.73
CA ASP B 70 22.34 -16.42 6.67
C ASP B 70 22.60 -15.52 5.48
N ILE B 71 21.69 -15.55 4.50
CA ILE B 71 21.83 -14.73 3.31
C ILE B 71 20.92 -13.52 3.36
N TRP B 72 19.87 -13.60 4.17
CA TRP B 72 18.92 -12.51 4.32
C TRP B 72 19.53 -11.36 5.12
N LEU B 73 20.57 -11.67 5.88
CA LEU B 73 21.25 -10.67 6.70
C LEU B 73 22.40 -10.03 5.93
N ALA B 74 22.16 -9.69 4.67
CA ALA B 74 23.17 -9.08 3.83
C ALA B 74 22.63 -8.76 2.44
N VAL B 75 21.74 -9.62 1.95
CA VAL B 75 21.15 -9.44 0.63
C VAL B 75 20.11 -8.31 0.66
N CYS B 76 19.48 -8.12 1.80
CA CYS B 76 18.46 -7.08 1.96
C CYS B 76 19.10 -5.78 2.45
N LEU B 77 20.22 -5.90 3.13
CA LEU B 77 20.92 -4.73 3.65
C LEU B 77 21.78 -4.08 2.59
N LEU B 78 22.09 -4.84 1.54
CA LEU B 78 22.91 -4.33 0.43
C LEU B 78 22.02 -3.90 -0.74
N PHE B 79 20.91 -4.58 -0.92
CA PHE B 79 19.98 -4.26 -2.00
C PHE B 79 19.31 -2.92 -1.77
N VAL B 80 18.96 -2.64 -0.51
CA VAL B 80 18.32 -1.38 -0.16
C VAL B 80 19.36 -0.33 0.22
N PHE B 81 20.62 -0.74 0.28
CA PHE B 81 21.70 0.17 0.64
C PHE B 81 22.07 1.06 -0.55
N SER B 82 22.12 0.45 -1.73
CA SER B 82 22.47 1.18 -2.95
C SER B 82 21.31 2.04 -3.43
N ALA B 83 20.09 1.53 -3.22
CA ALA B 83 18.89 2.25 -3.62
C ALA B 83 18.70 3.52 -2.82
N LEU B 84 19.12 3.49 -1.56
CA LEU B 84 19.00 4.65 -0.68
C LEU B 84 20.09 5.66 -0.97
N LEU B 85 21.26 5.17 -1.38
CA LEU B 85 22.39 6.04 -1.69
C LEU B 85 21.99 7.11 -2.71
N GLU B 86 21.18 6.72 -3.70
CA GLU B 86 20.73 7.64 -4.73
C GLU B 86 19.48 8.38 -4.28
N TYR B 87 18.52 7.65 -3.72
CA TYR B 87 17.27 8.24 -3.26
C TYR B 87 17.54 9.34 -2.23
N ALA B 88 18.73 9.29 -1.62
CA ALA B 88 19.11 10.28 -0.63
C ALA B 88 20.19 11.20 -1.16
N ALA B 89 20.82 10.80 -2.26
CA ALA B 89 21.88 11.59 -2.87
C ALA B 89 21.36 12.95 -3.34
N VAL B 90 20.10 12.97 -3.79
CA VAL B 90 19.48 14.20 -4.26
C VAL B 90 19.62 15.32 -3.22
N ASN B 91 19.53 14.96 -1.95
CA ASN B 91 19.65 15.93 -0.87
C ASN B 91 21.11 16.13 -0.49
N PHE B 92 21.96 15.18 -0.85
CA PHE B 92 23.38 15.26 -0.54
C PHE B 92 24.10 16.19 -1.51
N VAL B 93 23.35 16.70 -2.50
CA VAL B 93 23.91 17.62 -3.48
C VAL B 93 24.55 18.82 -2.81
N SER B 94 23.88 19.37 -1.81
CA SER B 94 24.38 20.53 -1.09
C SER B 94 25.73 20.22 -0.43
N ARG B 95 25.94 18.95 -0.11
CA ARG B 95 27.18 18.52 0.52
C ARG B 95 28.38 18.92 -0.33
N GLN B 96 28.16 19.08 -1.63
CA GLN B 96 29.22 19.46 -2.54
C GLN B 96 30.38 18.44 -2.49
N ARG B 97 30.04 17.19 -2.20
CA ARG B 97 31.03 16.14 -2.11
C ARG B 97 31.89 16.10 -3.37
N GLU B 98 31.30 16.50 -4.49
CA GLU B 98 32.02 16.51 -5.77
C GLU B 98 33.20 17.47 -5.71
N PHE B 99 33.80 17.73 -6.88
CA PHE B 99 34.94 18.64 -6.97
C PHE B 99 34.49 20.05 -7.29
N GLY B 100 33.20 20.32 -7.10
CA GLY B 100 32.67 21.64 -7.37
C GLY B 100 31.15 21.68 -7.31
N GLY B 101 30.62 22.75 -6.74
CA GLY B 101 29.18 22.88 -6.61
C GLY B 101 28.59 23.73 -7.72
N GLY B 102 29.36 24.00 -8.76
CA GLY B 102 28.89 24.80 -9.87
C GLY B 102 28.69 24.00 -11.13
N GLY B 103 28.61 22.67 -10.99
CA GLY B 103 28.43 21.81 -12.14
C GLY B 103 27.08 21.12 -12.13
N PHE B 104 26.34 21.28 -11.02
CA PHE B 104 25.02 20.66 -10.90
C PHE B 104 24.08 21.17 -11.98
N ILE B 105 24.40 22.33 -12.55
CA ILE B 105 23.59 22.92 -13.60
C ILE B 105 23.57 22.05 -14.84
N GLN B 106 24.51 21.10 -14.91
CA GLN B 106 24.61 20.20 -16.05
C GLN B 106 24.42 18.75 -15.61
N ARG B 107 24.20 18.56 -14.32
CA ARG B 107 24.00 17.22 -13.78
C ARG B 107 22.55 16.76 -13.94
N ALA B 108 21.64 17.73 -14.00
CA ALA B 108 20.22 17.43 -14.16
C ALA B 108 19.96 16.72 -15.48
N LYS B 109 20.89 16.84 -16.42
CA LYS B 109 20.76 16.22 -17.72
C LYS B 109 20.50 14.72 -17.58
N LYS B 110 21.00 14.14 -16.49
CA LYS B 110 20.81 12.72 -16.23
C LYS B 110 21.41 11.88 -17.36
N ILE B 111 22.72 11.99 -17.54
CA ILE B 111 23.41 11.24 -18.57
C ILE B 111 23.89 9.90 -18.06
N ASP B 112 24.13 9.82 -16.75
CA ASP B 112 24.58 8.58 -16.13
C ASP B 112 23.42 7.61 -15.93
N LYS B 113 22.31 8.11 -15.41
CA LYS B 113 21.13 7.29 -15.18
C LYS B 113 21.46 6.10 -14.29
N ILE B 114 22.56 6.22 -13.54
CA ILE B 114 22.98 5.15 -12.65
C ILE B 114 23.39 3.90 -13.43
N SER B 115 23.53 4.05 -14.74
CA SER B 115 23.91 2.94 -15.60
C SER B 115 25.37 2.56 -15.39
N ARG B 116 26.13 3.49 -14.83
CA ARG B 116 27.55 3.27 -14.57
C ARG B 116 27.76 2.14 -13.56
N ILE B 117 26.68 1.79 -12.87
CA ILE B 117 26.75 0.73 -11.87
C ILE B 117 25.60 -0.26 -12.05
N GLY B 118 24.43 0.25 -12.42
CA GLY B 118 23.27 -0.60 -12.63
C GLY B 118 23.51 -1.65 -13.68
N PHE B 119 23.99 -1.23 -14.85
CA PHE B 119 24.25 -2.14 -15.94
C PHE B 119 25.10 -3.32 -15.48
N PRO B 120 26.30 -3.02 -14.96
CA PRO B 120 27.22 -4.04 -14.47
C PRO B 120 26.73 -4.71 -13.19
N LEU B 121 25.65 -4.16 -12.62
CA LEU B 121 25.09 -4.71 -11.40
C LEU B 121 24.11 -5.84 -11.71
N ALA B 122 23.45 -5.75 -12.86
CA ALA B 122 22.49 -6.76 -13.28
C ALA B 122 23.21 -7.99 -13.85
N PHE B 123 24.31 -7.74 -14.56
CA PHE B 123 25.08 -8.82 -15.16
C PHE B 123 25.87 -9.59 -14.10
N LEU B 124 26.33 -8.88 -13.09
CA LEU B 124 27.10 -9.50 -12.00
C LEU B 124 26.23 -10.45 -11.20
N ILE B 125 24.99 -10.04 -10.93
CA ILE B 125 24.06 -10.87 -10.18
C ILE B 125 23.52 -12.01 -11.03
N PHE B 126 23.26 -11.71 -12.30
CA PHE B 126 22.75 -12.71 -13.22
C PHE B 126 23.76 -13.82 -13.47
N ASN B 127 25.03 -13.45 -13.50
CA ASN B 127 26.10 -14.42 -13.72
C ASN B 127 26.54 -15.06 -12.41
N LEU B 128 26.19 -14.41 -11.30
CA LEU B 128 26.53 -14.92 -9.97
C LEU B 128 25.57 -16.01 -9.54
N PHE B 129 24.33 -15.91 -10.01
CA PHE B 129 23.30 -16.89 -9.67
C PHE B 129 23.19 -17.98 -10.74
N TYR B 130 23.73 -17.68 -11.93
CA TYR B 130 23.69 -18.62 -13.03
C TYR B 130 24.82 -19.64 -12.92
N TRP B 131 26.00 -19.17 -12.56
CA TRP B 131 27.16 -20.04 -12.42
C TRP B 131 27.11 -20.79 -11.10
N ILE B 132 26.54 -20.16 -10.08
CA ILE B 132 26.43 -20.76 -8.76
C ILE B 132 25.39 -21.88 -8.76
N ILE B 133 24.36 -21.72 -9.59
CA ILE B 133 23.29 -22.72 -9.68
C ILE B 133 23.78 -23.98 -10.38
N TYR B 134 24.56 -23.80 -11.44
CA TYR B 134 25.11 -24.93 -12.19
C TYR B 134 26.35 -25.50 -11.51
N LYS B 135 26.85 -24.78 -10.52
CA LYS B 135 28.03 -25.20 -9.79
C LYS B 135 27.65 -26.04 -8.57
N ILE B 136 26.69 -25.54 -7.80
CA ILE B 136 26.23 -26.24 -6.61
C ILE B 136 25.81 -27.67 -6.94
N VAL B 137 25.13 -27.84 -8.06
CA VAL B 137 24.68 -29.16 -8.50
C VAL B 137 25.86 -30.11 -8.68
N ARG B 138 27.06 -29.54 -8.81
CA ARG B 138 28.26 -30.34 -9.00
C ARG B 138 29.01 -30.51 -7.69
N ARG B 139 29.22 -29.40 -6.98
CA ARG B 139 29.92 -29.44 -5.71
C ARG B 139 31.42 -29.59 -5.92
N GLU B 140 31.80 -30.63 -6.66
CA GLU B 140 33.21 -30.88 -6.95
C GLU B 140 33.54 -30.57 -8.39
N ASP B 141 32.63 -29.88 -9.07
CA ASP B 141 32.83 -29.52 -10.47
C ASP B 141 33.16 -30.74 -11.32
N GLU B 142 32.18 -31.63 -11.48
CA GLU B 142 32.37 -32.85 -12.26
C GLU B 142 31.97 -32.63 -13.72
N PHE B 143 30.84 -31.97 -13.92
CA PHE B 143 30.34 -31.69 -15.26
C PHE B 143 31.31 -30.81 -16.03
N GLU B 144 32.01 -29.94 -15.31
CA GLU B 144 32.97 -29.03 -15.92
C GLU B 144 34.34 -29.68 -16.03
N HIS B 145 34.91 -30.05 -14.90
CA HIS B 145 36.23 -30.70 -14.87
C HIS B 145 37.27 -29.81 -15.54
N HIS B 146 37.97 -29.02 -14.72
CA HIS B 146 39.00 -28.12 -15.23
C HIS B 146 40.30 -28.28 -14.44
N HIS B 147 40.31 -27.79 -13.21
CA HIS B 147 41.48 -27.89 -12.36
C HIS B 147 41.38 -29.08 -11.41
N HIS B 148 40.17 -29.34 -10.93
CA HIS B 148 39.94 -30.45 -10.02
C HIS B 148 40.77 -30.30 -8.75
N HIS B 149 41.22 -29.08 -8.47
CA HIS B 149 42.03 -28.80 -7.29
C HIS B 149 41.14 -28.65 -6.06
N HIS B 150 40.12 -27.80 -6.16
CA HIS B 150 39.21 -27.56 -5.05
C HIS B 150 38.03 -28.52 -5.11
N MET C 1 -11.09 -33.90 -6.06
CA MET C 1 -12.50 -33.75 -6.40
C MET C 1 -12.79 -32.33 -6.89
N LEU C 2 -13.44 -32.23 -8.04
CA LEU C 2 -13.79 -30.94 -8.62
C LEU C 2 -12.53 -30.14 -8.95
N GLU C 3 -11.39 -30.83 -8.99
CA GLU C 3 -10.12 -30.19 -9.30
C GLU C 3 -10.05 -29.79 -10.77
N ARG C 4 -10.58 -30.65 -11.63
CA ARG C 4 -10.57 -30.40 -13.06
C ARG C 4 -11.78 -29.55 -13.47
N GLN C 5 -12.70 -29.38 -12.54
CA GLN C 5 -13.91 -28.59 -12.80
C GLN C 5 -13.70 -27.13 -12.41
N LEU C 6 -12.44 -26.75 -12.25
CA LEU C 6 -12.11 -25.37 -11.87
C LEU C 6 -12.09 -24.46 -13.09
N GLY C 7 -11.74 -25.02 -14.24
CA GLY C 7 -11.69 -24.24 -15.46
C GLY C 7 -12.97 -23.48 -15.72
N TYR C 8 -14.09 -24.02 -15.22
CA TYR C 8 -15.38 -23.38 -15.39
C TYR C 8 -15.46 -22.06 -14.63
N TYR C 9 -14.92 -22.05 -13.41
CA TYR C 9 -14.92 -20.87 -12.58
C TYR C 9 -13.84 -19.89 -13.03
N LEU C 10 -12.84 -20.41 -13.73
CA LEU C 10 -11.74 -19.58 -14.22
C LEU C 10 -12.13 -18.85 -15.50
N ILE C 11 -13.06 -19.43 -16.25
CA ILE C 11 -13.54 -18.83 -17.49
C ILE C 11 -14.43 -17.63 -17.22
N GLN C 12 -15.44 -17.83 -16.37
CA GLN C 12 -16.38 -16.77 -16.03
C GLN C 12 -15.68 -15.69 -15.20
N LEU C 13 -14.62 -16.08 -14.51
CA LEU C 13 -13.86 -15.14 -13.67
C LEU C 13 -12.81 -14.41 -14.48
N TYR C 14 -12.41 -15.00 -15.61
CA TYR C 14 -11.42 -14.40 -16.48
C TYR C 14 -12.03 -13.27 -17.31
N ILE C 15 -13.31 -13.38 -17.60
CA ILE C 15 -14.01 -12.37 -18.39
C ILE C 15 -13.77 -10.97 -17.81
N PRO C 16 -14.13 -10.79 -16.53
CA PRO C 16 -13.97 -9.51 -15.84
C PRO C 16 -12.51 -9.17 -15.58
N SER C 17 -11.72 -10.20 -15.29
CA SER C 17 -10.29 -10.02 -15.02
C SER C 17 -9.56 -9.50 -16.26
N LEU C 18 -10.04 -9.92 -17.43
CA LEU C 18 -9.43 -9.50 -18.69
C LEU C 18 -9.87 -8.09 -19.07
N LEU C 19 -11.13 -7.78 -18.78
CA LEU C 19 -11.69 -6.47 -19.09
C LEU C 19 -11.03 -5.38 -18.24
N ILE C 20 -10.84 -5.67 -16.95
CA ILE C 20 -10.21 -4.73 -16.04
C ILE C 20 -8.72 -4.57 -16.34
N VAL C 21 -8.11 -5.65 -16.82
CA VAL C 21 -6.69 -5.64 -17.14
C VAL C 21 -6.42 -4.77 -18.37
N ILE C 22 -7.27 -4.90 -19.38
CA ILE C 22 -7.13 -4.13 -20.61
C ILE C 22 -7.19 -2.64 -20.33
N LEU C 23 -8.08 -2.25 -19.42
CA LEU C 23 -8.24 -0.84 -19.07
C LEU C 23 -7.03 -0.33 -18.29
N SER C 24 -6.34 -1.25 -17.62
CA SER C 24 -5.15 -0.90 -16.84
C SER C 24 -4.17 -0.11 -17.68
N TRP C 25 -3.93 -0.57 -18.91
CA TRP C 25 -3.01 0.10 -19.82
C TRP C 25 -3.63 1.35 -20.42
N ILE C 26 -4.91 1.27 -20.77
CA ILE C 26 -5.62 2.39 -21.35
C ILE C 26 -5.44 3.66 -20.51
N SER C 27 -5.28 3.47 -19.20
CA SER C 27 -5.10 4.58 -18.28
C SER C 27 -3.61 4.82 -18.02
N PHE C 28 -2.81 3.78 -18.19
CA PHE C 28 -1.37 3.88 -17.97
C PHE C 28 -0.77 5.00 -18.82
N TRP C 29 -1.44 5.33 -19.92
CA TRP C 29 -0.97 6.38 -20.81
C TRP C 29 -0.65 7.65 -20.03
N ILE C 30 -1.63 8.16 -19.29
CA ILE C 30 -1.46 9.37 -18.51
C ILE C 30 -0.81 9.06 -17.16
N ASN C 31 -1.12 7.89 -16.62
CA ASN C 31 -0.55 7.47 -15.33
C ASN C 31 0.95 7.25 -15.45
N LEU C 32 1.46 7.27 -16.67
CA LEU C 32 2.89 7.08 -16.91
C LEU C 32 3.72 7.98 -16.00
N ASP C 33 3.13 9.09 -15.59
CA ASP C 33 3.81 10.05 -14.71
C ASP C 33 2.83 11.02 -14.09
N ALA C 34 1.83 11.43 -14.86
CA ALA C 34 0.82 12.36 -14.38
C ALA C 34 0.12 11.81 -13.14
N ALA C 35 -0.14 10.51 -13.14
CA ALA C 35 -0.81 9.87 -12.01
C ALA C 35 -0.61 8.35 -12.06
N PRO C 36 0.60 7.90 -11.74
CA PRO C 36 0.94 6.47 -11.73
C PRO C 36 0.26 5.72 -10.59
N ALA C 37 -0.42 6.46 -9.72
CA ALA C 37 -1.12 5.86 -8.59
C ALA C 37 -2.14 4.83 -9.06
N ARG C 38 -2.77 5.09 -10.21
CA ARG C 38 -3.76 4.20 -10.77
C ARG C 38 -3.11 2.95 -11.35
N VAL C 39 -1.92 3.11 -11.92
CA VAL C 39 -1.18 2.01 -12.51
C VAL C 39 -0.74 1.00 -11.44
N GLY C 40 -0.46 1.52 -10.24
CA GLY C 40 -0.05 0.65 -9.15
C GLY C 40 -1.20 -0.09 -8.52
N LEU C 41 -2.39 0.47 -8.64
CA LEU C 41 -3.59 -0.14 -8.06
C LEU C 41 -4.15 -1.21 -9.00
N GLY C 42 -4.13 -0.93 -10.30
CA GLY C 42 -4.64 -1.87 -11.27
C GLY C 42 -3.77 -3.10 -11.39
N ILE C 43 -2.47 -2.92 -11.26
CA ILE C 43 -1.52 -4.02 -11.36
C ILE C 43 -1.60 -4.93 -10.13
N THR C 44 -1.93 -4.33 -9.00
CA THR C 44 -2.04 -5.07 -7.74
C THR C 44 -3.43 -5.71 -7.60
N THR C 45 -4.37 -5.21 -8.38
CA THR C 45 -5.74 -5.73 -8.34
C THR C 45 -5.86 -7.02 -9.13
N VAL C 46 -5.03 -7.15 -10.16
CA VAL C 46 -5.05 -8.35 -11.00
C VAL C 46 -4.42 -9.54 -10.28
N LEU C 47 -3.32 -9.28 -9.57
CA LEU C 47 -2.62 -10.33 -8.84
C LEU C 47 -3.34 -10.63 -7.52
N THR C 48 -4.13 -9.67 -7.06
CA THR C 48 -4.87 -9.84 -5.81
C THR C 48 -6.24 -10.47 -6.06
N LEU C 49 -6.76 -10.27 -7.26
CA LEU C 49 -8.06 -10.81 -7.62
C LEU C 49 -7.95 -12.30 -8.00
N THR C 50 -6.76 -12.70 -8.44
CA THR C 50 -6.52 -14.08 -8.83
C THR C 50 -6.13 -14.93 -7.63
N THR C 51 -5.26 -14.39 -6.78
CA THR C 51 -4.82 -15.11 -5.59
C THR C 51 -5.97 -15.30 -4.60
N GLN C 52 -6.88 -14.34 -4.58
CA GLN C 52 -8.02 -14.40 -3.67
C GLN C 52 -9.19 -15.16 -4.31
N SER C 53 -9.09 -15.38 -5.62
CA SER C 53 -10.14 -16.09 -6.36
C SER C 53 -9.99 -17.60 -6.17
N SER C 54 -8.90 -18.01 -5.56
CA SER C 54 -8.65 -19.43 -5.32
C SER C 54 -8.25 -19.68 -3.87
N GLY C 55 -8.79 -18.87 -2.96
CA GLY C 55 -8.47 -19.02 -1.55
C GLY C 55 -9.37 -20.03 -0.87
N SER C 56 -10.53 -20.27 -1.45
CA SER C 56 -11.49 -21.22 -0.88
C SER C 56 -10.89 -22.62 -0.82
N ARG C 57 -10.17 -23.00 -1.87
CA ARG C 57 -9.54 -24.31 -1.94
C ARG C 57 -10.58 -25.43 -1.80
N ALA C 58 -11.84 -25.08 -2.05
CA ALA C 58 -12.93 -26.04 -1.96
C ALA C 58 -13.11 -26.81 -3.26
N SER C 59 -12.59 -26.24 -4.35
CA SER C 59 -12.68 -26.88 -5.65
C SER C 59 -11.39 -27.62 -6.00
N LEU C 60 -10.49 -27.70 -5.03
CA LEU C 60 -9.21 -28.37 -5.23
C LEU C 60 -8.42 -27.72 -6.36
N PRO C 61 -7.89 -26.52 -6.11
CA PRO C 61 -7.11 -25.77 -7.09
C PRO C 61 -5.75 -26.41 -7.35
N LYS C 62 -5.45 -27.48 -6.62
CA LYS C 62 -4.18 -28.19 -6.78
C LYS C 62 -3.87 -28.42 -8.25
N VAL C 63 -4.84 -29.00 -8.97
CA VAL C 63 -4.67 -29.29 -10.38
C VAL C 63 -4.37 -28.01 -11.17
N SER C 64 -5.23 -27.01 -11.01
CA SER C 64 -5.06 -25.74 -11.71
C SER C 64 -3.73 -25.09 -11.33
N TYR C 65 -3.19 -25.49 -10.20
CA TYR C 65 -1.92 -24.95 -9.72
C TYR C 65 -0.78 -25.32 -10.68
N VAL C 66 -0.61 -26.61 -10.93
CA VAL C 66 0.43 -27.08 -11.83
C VAL C 66 0.32 -26.43 -13.20
N LYS C 67 -0.90 -26.22 -13.66
CA LYS C 67 -1.16 -25.60 -14.95
C LYS C 67 -1.06 -24.08 -14.85
N ALA C 68 -1.03 -23.57 -13.62
CA ALA C 68 -0.93 -22.14 -13.38
C ALA C 68 0.52 -21.70 -13.19
N ILE C 69 1.36 -22.65 -12.76
CA ILE C 69 2.77 -22.36 -12.55
C ILE C 69 3.55 -22.37 -13.86
N ASP C 70 3.05 -23.13 -14.83
CA ASP C 70 3.70 -23.23 -16.13
C ASP C 70 3.45 -21.96 -16.95
N ILE C 71 2.37 -21.26 -16.64
CA ILE C 71 2.03 -20.03 -17.34
C ILE C 71 2.47 -18.80 -16.56
N TRP C 72 2.51 -18.93 -15.24
CA TRP C 72 2.91 -17.83 -14.38
C TRP C 72 4.34 -17.40 -14.66
N LEU C 73 5.14 -18.33 -15.17
CA LEU C 73 6.53 -18.05 -15.49
C LEU C 73 6.66 -17.52 -16.92
N ALA C 74 5.82 -16.56 -17.27
CA ALA C 74 5.84 -15.97 -18.60
C ALA C 74 4.80 -14.88 -18.74
N VAL C 75 3.64 -15.10 -18.12
CA VAL C 75 2.55 -14.12 -18.17
C VAL C 75 2.85 -12.92 -17.30
N CYS C 76 3.57 -13.14 -16.21
CA CYS C 76 3.93 -12.07 -15.27
C CYS C 76 5.24 -11.42 -15.70
N LEU C 77 6.06 -12.15 -16.43
CA LEU C 77 7.35 -11.64 -16.88
C LEU C 77 7.19 -10.82 -18.16
N LEU C 78 6.07 -11.05 -18.86
CA LEU C 78 5.79 -10.33 -20.10
C LEU C 78 4.84 -9.17 -19.85
N PHE C 79 3.95 -9.34 -18.88
CA PHE C 79 2.98 -8.30 -18.54
C PHE C 79 3.67 -7.09 -17.92
N VAL C 80 4.66 -7.36 -17.07
CA VAL C 80 5.40 -6.29 -16.41
C VAL C 80 6.62 -5.88 -17.22
N PHE C 81 6.87 -6.61 -18.30
CA PHE C 81 8.01 -6.32 -19.17
C PHE C 81 7.71 -5.13 -20.08
N SER C 82 6.50 -5.09 -20.61
CA SER C 82 6.09 -4.00 -21.50
C SER C 82 5.79 -2.74 -20.70
N ALA C 83 5.27 -2.92 -19.49
CA ALA C 83 4.93 -1.79 -18.63
C ALA C 83 6.19 -1.05 -18.19
N LEU C 84 7.28 -1.79 -18.01
CA LEU C 84 8.54 -1.20 -17.57
C LEU C 84 9.25 -0.53 -18.74
N LEU C 85 9.04 -1.07 -19.94
CA LEU C 85 9.67 -0.52 -21.14
C LEU C 85 9.34 0.97 -21.29
N GLU C 86 8.10 1.33 -20.97
CA GLU C 86 7.66 2.72 -21.06
C GLU C 86 7.99 3.49 -19.78
N TYR C 87 7.68 2.87 -18.64
CA TYR C 87 7.94 3.50 -17.35
C TYR C 87 9.42 3.85 -17.21
N ALA C 88 10.27 3.19 -18.00
CA ALA C 88 11.70 3.43 -17.96
C ALA C 88 12.17 4.14 -19.23
N ALA C 89 11.32 4.15 -20.24
CA ALA C 89 11.64 4.80 -21.51
C ALA C 89 11.87 6.30 -21.31
N VAL C 90 11.11 6.89 -20.39
CA VAL C 90 11.23 8.32 -20.11
C VAL C 90 12.68 8.72 -19.86
N ASN C 91 13.41 7.84 -19.18
CA ASN C 91 14.82 8.10 -18.87
C ASN C 91 15.72 7.65 -20.01
N PHE C 92 15.18 6.79 -20.87
CA PHE C 92 15.94 6.28 -22.02
C PHE C 92 15.98 7.32 -23.14
N VAL C 93 15.28 8.42 -22.94
CA VAL C 93 15.23 9.49 -23.94
C VAL C 93 16.64 9.97 -24.29
N SER C 94 17.41 10.29 -23.26
CA SER C 94 18.78 10.76 -23.46
C SER C 94 19.56 9.82 -24.37
N ARG C 95 19.24 8.54 -24.29
CA ARG C 95 19.90 7.53 -25.11
C ARG C 95 19.89 7.93 -26.58
N GLN C 96 18.87 8.67 -26.98
CA GLN C 96 18.74 9.12 -28.36
C GLN C 96 18.62 7.93 -29.31
N ARG C 97 18.05 6.83 -28.81
CA ARG C 97 17.88 5.64 -29.61
C ARG C 97 17.20 5.95 -30.93
N GLU C 98 16.34 6.98 -30.93
CA GLU C 98 15.63 7.40 -32.14
C GLU C 98 16.61 7.84 -33.22
N PHE C 99 16.06 8.42 -34.28
CA PHE C 99 16.88 8.90 -35.40
C PHE C 99 17.26 10.36 -35.22
N GLY C 100 17.12 10.86 -33.99
CA GLY C 100 17.45 12.25 -33.71
C GLY C 100 17.00 12.67 -32.32
N GLY C 101 17.84 13.45 -31.65
CA GLY C 101 17.52 13.92 -30.31
C GLY C 101 16.94 15.32 -30.32
N GLY C 102 16.56 15.80 -31.49
CA GLY C 102 15.99 17.14 -31.61
C GLY C 102 14.52 17.12 -31.93
N GLY C 103 13.87 15.97 -31.73
CA GLY C 103 12.46 15.85 -32.03
C GLY C 103 11.63 15.66 -30.77
N PHE C 104 12.30 15.47 -29.64
CA PHE C 104 11.61 15.27 -28.37
C PHE C 104 10.74 16.48 -28.02
N ILE C 105 11.06 17.62 -28.64
CA ILE C 105 10.30 18.84 -28.39
C ILE C 105 8.86 18.70 -28.89
N GLN C 106 8.61 17.68 -29.71
CA GLN C 106 7.29 17.44 -30.25
C GLN C 106 6.75 16.09 -29.80
N ARG C 107 7.56 15.37 -29.02
CA ARG C 107 7.17 14.06 -28.53
C ARG C 107 6.29 14.18 -27.29
N ALA C 108 6.49 15.25 -26.53
CA ALA C 108 5.71 15.49 -25.32
C ALA C 108 4.22 15.59 -25.63
N LYS C 109 3.90 15.87 -26.89
CA LYS C 109 2.52 16.00 -27.32
C LYS C 109 1.71 14.78 -26.91
N LYS C 110 2.37 13.62 -26.88
CA LYS C 110 1.72 12.38 -26.50
C LYS C 110 0.61 12.02 -27.49
N ILE C 111 0.99 11.85 -28.75
CA ILE C 111 0.02 11.50 -29.79
C ILE C 111 -0.16 9.99 -29.90
N ASP C 112 0.89 9.26 -29.56
CA ASP C 112 0.85 7.80 -29.62
C ASP C 112 0.06 7.23 -28.44
N LYS C 113 0.36 7.72 -27.25
CA LYS C 113 -0.33 7.27 -26.04
C LYS C 113 -0.18 5.76 -25.87
N ILE C 114 0.82 5.19 -26.52
CA ILE C 114 1.06 3.75 -26.45
C ILE C 114 -0.08 2.96 -27.08
N SER C 115 -0.95 3.67 -27.79
CA SER C 115 -2.09 3.04 -28.45
C SER C 115 -1.64 2.22 -29.66
N ARG C 116 -0.44 2.51 -30.14
CA ARG C 116 0.11 1.80 -31.30
C ARG C 116 0.33 0.33 -30.96
N ILE C 117 0.31 0.00 -29.68
CA ILE C 117 0.51 -1.38 -29.23
C ILE C 117 -0.57 -1.79 -28.23
N GLY C 118 -0.97 -0.85 -27.38
CA GLY C 118 -1.99 -1.13 -26.38
C GLY C 118 -3.29 -1.58 -27.00
N PHE C 119 -3.78 -0.81 -27.97
CA PHE C 119 -5.04 -1.12 -28.64
C PHE C 119 -5.04 -2.57 -29.13
N PRO C 120 -4.06 -2.90 -29.99
CA PRO C 120 -3.93 -4.25 -30.55
C PRO C 120 -3.49 -5.28 -29.50
N LEU C 121 -3.13 -4.79 -28.32
CA LEU C 121 -2.69 -5.66 -27.24
C LEU C 121 -3.89 -6.17 -26.44
N ALA C 122 -4.93 -5.36 -26.36
CA ALA C 122 -6.14 -5.74 -25.63
C ALA C 122 -7.01 -6.69 -26.45
N PHE C 123 -7.03 -6.47 -27.77
CA PHE C 123 -7.82 -7.31 -28.67
C PHE C 123 -7.16 -8.68 -28.85
N LEU C 124 -5.84 -8.69 -28.86
CA LEU C 124 -5.08 -9.93 -29.04
C LEU C 124 -5.30 -10.87 -27.84
N ILE C 125 -5.29 -10.30 -26.65
CA ILE C 125 -5.48 -11.08 -25.43
C ILE C 125 -6.95 -11.47 -25.26
N PHE C 126 -7.85 -10.55 -25.61
CA PHE C 126 -9.28 -10.79 -25.50
C PHE C 126 -9.72 -11.90 -26.46
N ASN C 127 -9.10 -11.93 -27.63
CA ASN C 127 -9.44 -12.94 -28.64
C ASN C 127 -8.64 -14.22 -28.41
N LEU C 128 -7.56 -14.11 -27.63
CA LEU C 128 -6.72 -15.26 -27.34
C LEU C 128 -7.31 -16.10 -26.22
N PHE C 129 -8.05 -15.44 -25.32
CA PHE C 129 -8.67 -16.12 -24.19
C PHE C 129 -10.13 -16.49 -24.52
N TYR C 130 -10.68 -15.84 -25.54
CA TYR C 130 -12.06 -16.08 -25.94
C TYR C 130 -12.15 -17.32 -26.84
N TRP C 131 -11.21 -17.43 -27.78
CA TRP C 131 -11.18 -18.55 -28.70
C TRP C 131 -10.60 -19.79 -28.02
N ILE C 132 -9.67 -19.58 -27.10
CA ILE C 132 -9.04 -20.67 -26.38
C ILE C 132 -10.01 -21.31 -25.38
N ILE C 133 -10.90 -20.49 -24.84
CA ILE C 133 -11.89 -20.97 -23.88
C ILE C 133 -12.94 -21.84 -24.55
N TYR C 134 -13.38 -21.42 -25.74
CA TYR C 134 -14.39 -22.16 -26.48
C TYR C 134 -13.76 -23.30 -27.27
N LYS C 135 -12.43 -23.31 -27.32
CA LYS C 135 -11.70 -24.35 -28.03
C LYS C 135 -11.36 -25.51 -27.10
N ILE C 136 -10.84 -25.19 -25.92
CA ILE C 136 -10.48 -26.20 -24.94
C ILE C 136 -11.65 -27.12 -24.64
N VAL C 137 -12.84 -26.54 -24.52
CA VAL C 137 -14.04 -27.30 -24.22
C VAL C 137 -14.31 -28.33 -25.31
N ARG C 138 -13.68 -28.13 -26.48
CA ARG C 138 -13.86 -29.05 -27.61
C ARG C 138 -12.69 -30.03 -27.68
N ARG C 139 -11.47 -29.51 -27.61
CA ARG C 139 -10.28 -30.35 -27.68
C ARG C 139 -10.02 -30.80 -29.11
N GLU C 140 -11.02 -31.42 -29.73
CA GLU C 140 -10.91 -31.90 -31.09
C GLU C 140 -11.66 -31.00 -32.07
N ASP C 141 -12.23 -29.92 -31.54
CA ASP C 141 -12.98 -28.97 -32.35
C ASP C 141 -14.20 -29.63 -32.97
N GLU C 142 -15.08 -30.14 -32.10
CA GLU C 142 -16.30 -30.81 -32.57
C GLU C 142 -17.39 -29.78 -32.89
N PHE C 143 -17.62 -28.86 -31.95
CA PHE C 143 -18.64 -27.83 -32.13
C PHE C 143 -18.41 -27.07 -33.43
N GLU C 144 -17.15 -26.79 -33.73
CA GLU C 144 -16.79 -26.05 -34.94
C GLU C 144 -16.81 -26.97 -36.16
N HIS C 145 -15.88 -27.92 -36.18
CA HIS C 145 -15.79 -28.87 -37.29
C HIS C 145 -15.47 -28.16 -38.59
N HIS C 146 -14.18 -28.01 -38.86
CA HIS C 146 -13.72 -27.35 -40.08
C HIS C 146 -12.78 -28.24 -40.88
N HIS C 147 -11.55 -28.37 -40.39
CA HIS C 147 -10.55 -29.20 -41.06
C HIS C 147 -10.54 -30.61 -40.48
N HIS C 148 -10.69 -30.72 -39.17
CA HIS C 148 -10.70 -32.01 -38.50
C HIS C 148 -9.36 -32.72 -38.67
N HIS C 149 -8.33 -31.97 -39.04
CA HIS C 149 -7.01 -32.53 -39.25
C HIS C 149 -6.30 -32.73 -37.91
N HIS C 150 -6.22 -31.68 -37.11
CA HIS C 150 -5.57 -31.75 -35.80
C HIS C 150 -4.09 -32.07 -35.96
N MET D 1 -26.47 -21.34 11.27
CA MET D 1 -27.67 -21.55 10.46
C MET D 1 -28.32 -20.23 10.09
N LEU D 2 -27.68 -19.13 10.49
CA LEU D 2 -28.21 -17.80 10.19
C LEU D 2 -27.63 -17.27 8.89
N GLU D 3 -27.61 -18.12 7.87
CA GLU D 3 -27.09 -17.73 6.56
C GLU D 3 -28.01 -16.72 5.88
N ARG D 4 -29.31 -16.97 5.96
CA ARG D 4 -30.29 -16.08 5.35
C ARG D 4 -30.54 -14.86 6.24
N GLN D 5 -30.03 -14.91 7.45
CA GLN D 5 -30.19 -13.80 8.40
C GLN D 5 -29.02 -12.83 8.30
N LEU D 6 -28.27 -12.93 7.21
CA LEU D 6 -27.11 -12.06 7.01
C LEU D 6 -27.54 -10.72 6.40
N GLY D 7 -28.61 -10.75 5.61
CA GLY D 7 -29.09 -9.53 4.99
C GLY D 7 -29.31 -8.41 5.99
N TYR D 8 -29.59 -8.78 7.22
CA TYR D 8 -29.82 -7.79 8.27
C TYR D 8 -28.54 -7.03 8.59
N TYR D 9 -27.43 -7.75 8.66
CA TYR D 9 -26.14 -7.15 8.95
C TYR D 9 -25.58 -6.43 7.73
N LEU D 10 -26.06 -6.82 6.56
CA LEU D 10 -25.60 -6.22 5.31
C LEU D 10 -26.31 -4.89 5.05
N ILE D 11 -27.51 -4.76 5.59
CA ILE D 11 -28.30 -3.53 5.43
C ILE D 11 -27.73 -2.41 6.29
N GLN D 12 -27.55 -2.68 7.57
CA GLN D 12 -27.02 -1.69 8.50
C GLN D 12 -25.56 -1.39 8.19
N LEU D 13 -24.88 -2.33 7.56
CA LEU D 13 -23.47 -2.17 7.21
C LEU D 13 -23.33 -1.47 5.86
N TYR D 14 -24.38 -1.55 5.04
CA TYR D 14 -24.37 -0.91 3.72
C TYR D 14 -24.59 0.59 3.85
N ILE D 15 -25.31 1.00 4.88
CA ILE D 15 -25.58 2.41 5.11
C ILE D 15 -24.31 3.24 5.07
N PRO D 16 -23.36 2.89 5.94
CA PRO D 16 -22.06 3.60 6.03
C PRO D 16 -21.18 3.33 4.82
N SER D 17 -21.26 2.11 4.29
CA SER D 17 -20.46 1.72 3.13
C SER D 17 -20.87 2.53 1.89
N LEU D 18 -22.16 2.87 1.82
CA LEU D 18 -22.68 3.64 0.70
C LEU D 18 -22.35 5.12 0.86
N LEU D 19 -22.39 5.60 2.09
CA LEU D 19 -22.09 7.00 2.38
C LEU D 19 -20.62 7.32 2.10
N ILE D 20 -19.74 6.41 2.52
CA ILE D 20 -18.31 6.60 2.31
C ILE D 20 -17.95 6.44 0.84
N VAL D 21 -18.69 5.59 0.14
CA VAL D 21 -18.45 5.35 -1.29
C VAL D 21 -18.82 6.58 -2.12
N ILE D 22 -19.95 7.19 -1.79
CA ILE D 22 -20.41 8.37 -2.50
C ILE D 22 -19.39 9.50 -2.41
N LEU D 23 -18.79 9.66 -1.23
CA LEU D 23 -17.80 10.70 -1.00
C LEU D 23 -16.52 10.41 -1.79
N SER D 24 -16.28 9.14 -2.06
CA SER D 24 -15.08 8.72 -2.80
C SER D 24 -14.96 9.50 -4.10
N TRP D 25 -16.07 9.62 -4.82
CA TRP D 25 -16.09 10.33 -6.09
C TRP D 25 -16.07 11.85 -5.86
N ILE D 26 -16.82 12.30 -4.88
CA ILE D 26 -16.90 13.72 -4.55
C ILE D 26 -15.51 14.32 -4.42
N SER D 27 -14.56 13.51 -3.98
CA SER D 27 -13.17 13.97 -3.80
C SER D 27 -12.33 13.62 -5.02
N PHE D 28 -12.76 12.59 -5.76
CA PHE D 28 -12.04 12.15 -6.95
C PHE D 28 -11.86 13.31 -7.93
N TRP D 29 -12.74 14.30 -7.84
CA TRP D 29 -12.68 15.46 -8.72
C TRP D 29 -11.29 16.07 -8.72
N ILE D 30 -10.79 16.42 -7.54
CA ILE D 30 -9.47 17.00 -7.42
C ILE D 30 -8.38 15.94 -7.39
N ASN D 31 -8.71 14.79 -6.81
CA ASN D 31 -7.78 13.67 -6.72
C ASN D 31 -7.47 13.11 -8.10
N LEU D 32 -8.21 13.56 -9.10
CA LEU D 32 -8.01 13.11 -10.48
C LEU D 32 -6.54 13.19 -10.87
N ASP D 33 -5.82 14.09 -10.22
CA ASP D 33 -4.40 14.28 -10.50
C ASP D 33 -3.72 15.08 -9.39
N ALA D 34 -4.43 16.07 -8.87
CA ALA D 34 -3.90 16.91 -7.80
C ALA D 34 -3.49 16.06 -6.59
N ALA D 35 -4.29 15.05 -6.29
CA ALA D 35 -4.01 14.18 -5.16
C ALA D 35 -4.81 12.88 -5.26
N PRO D 36 -4.40 12.00 -6.19
CA PRO D 36 -5.07 10.71 -6.40
C PRO D 36 -4.85 9.75 -5.25
N ALA D 37 -4.01 10.15 -4.30
CA ALA D 37 -3.71 9.31 -3.14
C ALA D 37 -4.99 8.96 -2.37
N ARG D 38 -5.93 9.91 -2.35
CA ARG D 38 -7.19 9.70 -1.65
C ARG D 38 -8.10 8.75 -2.42
N VAL D 39 -8.02 8.82 -3.74
CA VAL D 39 -8.83 7.96 -4.60
C VAL D 39 -8.42 6.50 -4.47
N GLY D 40 -7.14 6.28 -4.21
CA GLY D 40 -6.63 4.93 -4.06
C GLY D 40 -6.95 4.34 -2.70
N LEU D 41 -7.14 5.20 -1.71
CA LEU D 41 -7.45 4.76 -0.36
C LEU D 41 -8.94 4.47 -0.20
N GLY D 42 -9.77 5.32 -0.81
CA GLY D 42 -11.20 5.13 -0.74
C GLY D 42 -11.67 3.92 -1.50
N ILE D 43 -11.03 3.63 -2.63
CA ILE D 43 -11.39 2.49 -3.45
C ILE D 43 -10.97 1.19 -2.79
N THR D 44 -9.89 1.24 -2.02
CA THR D 44 -9.38 0.06 -1.33
C THR D 44 -10.10 -0.15 0.01
N THR D 45 -10.74 0.91 0.49
CA THR D 45 -11.46 0.85 1.76
C THR D 45 -12.82 0.18 1.59
N VAL D 46 -13.40 0.32 0.40
CA VAL D 46 -14.70 -0.28 0.11
C VAL D 46 -14.58 -1.78 -0.06
N LEU D 47 -13.53 -2.22 -0.75
CA LEU D 47 -13.30 -3.64 -0.99
C LEU D 47 -12.71 -4.32 0.24
N THR D 48 -12.10 -3.51 1.11
CA THR D 48 -11.50 -4.03 2.33
C THR D 48 -12.49 -4.04 3.48
N LEU D 49 -13.49 -3.15 3.41
CA LEU D 49 -14.51 -3.07 4.44
C LEU D 49 -15.57 -4.15 4.25
N THR D 50 -15.71 -4.61 3.02
CA THR D 50 -16.69 -5.66 2.71
C THR D 50 -16.12 -7.05 2.95
N THR D 51 -14.88 -7.24 2.52
CA THR D 51 -14.21 -8.53 2.68
C THR D 51 -13.95 -8.83 4.15
N GLN D 52 -13.71 -7.77 4.94
CA GLN D 52 -13.45 -7.93 6.36
C GLN D 52 -14.76 -7.93 7.15
N SER D 53 -15.84 -7.52 6.51
CA SER D 53 -17.15 -7.46 7.16
C SER D 53 -17.79 -8.85 7.19
N SER D 54 -17.17 -9.81 6.50
CA SER D 54 -17.69 -11.16 6.45
C SER D 54 -16.59 -12.18 6.75
N GLY D 55 -15.64 -11.78 7.60
CA GLY D 55 -14.55 -12.66 7.95
C GLY D 55 -14.90 -13.60 9.11
N SER D 56 -15.84 -13.16 9.95
CA SER D 56 -16.25 -13.96 11.10
C SER D 56 -16.78 -15.32 10.66
N ARG D 57 -17.55 -15.32 9.57
CA ARG D 57 -18.11 -16.55 9.04
C ARG D 57 -18.98 -17.25 10.09
N ALA D 58 -19.40 -16.49 11.10
CA ALA D 58 -20.23 -17.04 12.16
C ALA D 58 -21.71 -17.01 11.79
N SER D 59 -22.05 -16.17 10.80
CA SER D 59 -23.43 -16.05 10.34
C SER D 59 -23.65 -16.86 9.08
N LEU D 60 -22.66 -17.66 8.71
CA LEU D 60 -22.75 -18.50 7.52
C LEU D 60 -22.98 -17.65 6.28
N PRO D 61 -21.93 -16.92 5.86
CA PRO D 61 -21.98 -16.06 4.67
C PRO D 61 -22.08 -16.86 3.37
N LYS D 62 -22.02 -18.18 3.49
CA LYS D 62 -22.11 -19.05 2.33
C LYS D 62 -23.24 -18.63 1.41
N VAL D 63 -24.44 -18.52 1.97
CA VAL D 63 -25.61 -18.11 1.19
C VAL D 63 -25.39 -16.76 0.51
N SER D 64 -25.05 -15.76 1.31
CA SER D 64 -24.80 -14.42 0.79
C SER D 64 -23.71 -14.44 -0.28
N TYR D 65 -22.85 -15.44 -0.21
CA TYR D 65 -21.76 -15.58 -1.16
C TYR D 65 -22.29 -15.73 -2.59
N VAL D 66 -23.13 -16.74 -2.80
CA VAL D 66 -23.71 -17.00 -4.10
C VAL D 66 -24.36 -15.75 -4.66
N LYS D 67 -25.17 -15.09 -3.85
CA LYS D 67 -25.85 -13.87 -4.26
C LYS D 67 -24.87 -12.71 -4.41
N ALA D 68 -23.71 -12.85 -3.79
CA ALA D 68 -22.68 -11.82 -3.86
C ALA D 68 -21.79 -12.01 -5.08
N ILE D 69 -21.76 -13.23 -5.60
CA ILE D 69 -20.95 -13.54 -6.78
C ILE D 69 -21.66 -13.11 -8.06
N ASP D 70 -22.99 -13.11 -8.03
CA ASP D 70 -23.79 -12.72 -9.18
C ASP D 70 -23.84 -11.20 -9.32
N ILE D 71 -23.53 -10.51 -8.23
CA ILE D 71 -23.54 -9.05 -8.23
C ILE D 71 -22.13 -8.49 -8.31
N TRP D 72 -21.15 -9.30 -7.92
CA TRP D 72 -19.75 -8.88 -7.95
C TRP D 72 -19.23 -8.84 -9.39
N LEU D 73 -19.91 -9.54 -10.29
CA LEU D 73 -19.52 -9.58 -11.68
C LEU D 73 -20.23 -8.49 -12.49
N ALA D 74 -20.28 -7.29 -11.92
CA ALA D 74 -20.92 -6.16 -12.58
C ALA D 74 -20.80 -4.89 -11.74
N VAL D 75 -20.85 -5.05 -10.42
CA VAL D 75 -20.74 -3.92 -9.51
C VAL D 75 -19.31 -3.40 -9.45
N CYS D 76 -18.35 -4.29 -9.64
CA CYS D 76 -16.94 -3.92 -9.60
C CYS D 76 -16.44 -3.54 -10.99
N LEU D 77 -17.11 -4.06 -12.02
CA LEU D 77 -16.73 -3.77 -13.41
C LEU D 77 -17.32 -2.45 -13.85
N LEU D 78 -18.35 -1.99 -13.15
CA LEU D 78 -19.00 -0.73 -13.49
C LEU D 78 -18.50 0.40 -12.60
N PHE D 79 -18.16 0.06 -11.36
CA PHE D 79 -17.66 1.05 -10.40
C PHE D 79 -16.28 1.57 -10.81
N VAL D 80 -15.44 0.65 -11.30
CA VAL D 80 -14.10 1.02 -11.74
C VAL D 80 -14.08 1.40 -13.22
N PHE D 81 -15.21 1.22 -13.88
CA PHE D 81 -15.33 1.55 -15.29
C PHE D 81 -15.47 3.05 -15.50
N SER D 82 -16.27 3.69 -14.65
CA SER D 82 -16.49 5.13 -14.74
C SER D 82 -15.29 5.90 -14.19
N ALA D 83 -14.65 5.33 -13.18
CA ALA D 83 -13.49 5.96 -12.56
C ALA D 83 -12.31 6.00 -13.53
N LEU D 84 -12.21 4.98 -14.38
CA LEU D 84 -11.13 4.91 -15.35
C LEU D 84 -11.40 5.82 -16.54
N LEU D 85 -12.68 5.99 -16.87
CA LEU D 85 -13.07 6.83 -17.98
C LEU D 85 -12.49 8.24 -17.85
N GLU D 86 -12.47 8.74 -16.61
CA GLU D 86 -11.93 10.07 -16.34
C GLU D 86 -10.43 10.01 -16.11
N TYR D 87 -10.00 9.06 -15.29
CA TYR D 87 -8.58 8.90 -14.99
C TYR D 87 -7.77 8.70 -16.26
N ALA D 88 -8.44 8.28 -17.33
CA ALA D 88 -7.78 8.05 -18.61
C ALA D 88 -8.20 9.11 -19.63
N ALA D 89 -9.26 9.84 -19.31
CA ALA D 89 -9.75 10.89 -20.21
C ALA D 89 -8.71 11.98 -20.41
N VAL D 90 -7.93 12.25 -19.35
CA VAL D 90 -6.90 13.27 -19.41
C VAL D 90 -5.99 13.06 -20.62
N ASN D 91 -5.70 11.81 -20.92
CA ASN D 91 -4.85 11.47 -22.06
C ASN D 91 -5.66 11.38 -23.35
N PHE D 92 -6.96 11.22 -23.21
CA PHE D 92 -7.85 11.13 -24.36
C PHE D 92 -8.13 12.50 -24.95
N VAL D 93 -7.61 13.54 -24.29
CA VAL D 93 -7.81 14.91 -24.75
C VAL D 93 -7.32 15.08 -26.19
N SER D 94 -6.10 14.63 -26.45
CA SER D 94 -5.51 14.74 -27.79
C SER D 94 -6.46 14.16 -28.84
N ARG D 95 -7.23 13.15 -28.44
CA ARG D 95 -8.17 12.50 -29.35
C ARG D 95 -9.08 13.53 -30.01
N GLN D 96 -9.32 14.64 -29.31
CA GLN D 96 -10.17 15.70 -29.84
C GLN D 96 -11.59 15.19 -30.08
N ARG D 97 -12.00 14.21 -29.29
CA ARG D 97 -13.34 13.63 -29.42
C ARG D 97 -14.40 14.73 -29.41
N GLU D 98 -14.12 15.82 -28.71
CA GLU D 98 -15.05 16.94 -28.62
C GLU D 98 -15.31 17.54 -30.00
N PHE D 99 -15.97 18.69 -30.01
CA PHE D 99 -16.28 19.37 -31.26
C PHE D 99 -15.21 20.40 -31.60
N GLY D 100 -14.05 20.27 -30.97
CA GLY D 100 -12.96 21.20 -31.21
C GLY D 100 -11.82 21.02 -30.23
N GLY D 101 -10.59 21.11 -30.72
CA GLY D 101 -9.44 20.97 -29.86
C GLY D 101 -8.86 22.30 -29.43
N GLY D 102 -9.62 23.37 -29.63
CA GLY D 102 -9.16 24.69 -29.25
C GLY D 102 -9.93 25.26 -28.07
N GLY D 103 -10.63 24.40 -27.35
CA GLY D 103 -11.39 24.83 -26.21
C GLY D 103 -10.84 24.32 -24.89
N PHE D 104 -9.85 23.44 -24.98
CA PHE D 104 -9.22 22.87 -23.79
C PHE D 104 -8.61 23.96 -22.93
N ILE D 105 -8.33 25.10 -23.54
CA ILE D 105 -7.73 26.22 -22.82
C ILE D 105 -8.67 26.75 -21.74
N GLN D 106 -9.94 26.37 -21.84
CA GLN D 106 -10.94 26.80 -20.87
C GLN D 106 -11.53 25.61 -20.12
N ARG D 107 -11.05 24.41 -20.46
CA ARG D 107 -11.54 23.20 -19.83
C ARG D 107 -10.82 22.94 -18.50
N ALA D 108 -9.60 23.46 -18.39
CA ALA D 108 -8.81 23.29 -17.18
C ALA D 108 -9.50 23.95 -15.99
N LYS D 109 -10.41 24.87 -16.26
CA LYS D 109 -11.14 25.58 -15.21
C LYS D 109 -11.81 24.60 -14.26
N LYS D 110 -12.14 23.42 -14.77
CA LYS D 110 -12.79 22.39 -13.97
C LYS D 110 -14.11 22.90 -13.40
N ILE D 111 -15.04 23.23 -14.27
CA ILE D 111 -16.35 23.72 -13.86
C ILE D 111 -17.33 22.57 -13.66
N ASP D 112 -17.10 21.47 -14.38
CA ASP D 112 -17.98 20.31 -14.28
C ASP D 112 -17.66 19.50 -13.03
N LYS D 113 -16.37 19.26 -12.79
CA LYS D 113 -15.95 18.50 -11.63
C LYS D 113 -16.61 17.13 -11.60
N ILE D 114 -17.08 16.68 -12.75
CA ILE D 114 -17.73 15.37 -12.86
C ILE D 114 -19.04 15.34 -12.08
N SER D 115 -19.48 16.52 -11.65
CA SER D 115 -20.72 16.63 -10.89
C SER D 115 -21.93 16.39 -11.79
N ARG D 116 -21.73 16.52 -13.09
CA ARG D 116 -22.81 16.31 -14.05
C ARG D 116 -23.30 14.86 -14.03
N ILE D 117 -22.51 13.99 -13.41
CA ILE D 117 -22.86 12.58 -13.31
C ILE D 117 -22.69 12.07 -11.89
N GLY D 118 -21.66 12.56 -11.20
CA GLY D 118 -21.40 12.14 -9.84
C GLY D 118 -22.57 12.44 -8.92
N PHE D 119 -23.05 13.68 -8.95
CA PHE D 119 -24.17 14.09 -8.11
C PHE D 119 -25.33 13.11 -8.25
N PRO D 120 -25.84 12.97 -9.47
CA PRO D 120 -26.96 12.07 -9.77
C PRO D 120 -26.57 10.60 -9.64
N LEU D 121 -25.28 10.34 -9.47
CA LEU D 121 -24.79 8.98 -9.33
C LEU D 121 -24.88 8.51 -7.88
N ALA D 122 -24.73 9.45 -6.95
CA ALA D 122 -24.80 9.14 -5.53
C ALA D 122 -26.24 8.98 -5.07
N PHE D 123 -27.13 9.79 -5.65
CA PHE D 123 -28.54 9.75 -5.29
C PHE D 123 -29.22 8.52 -5.88
N LEU D 124 -28.77 8.11 -7.07
CA LEU D 124 -29.34 6.96 -7.74
C LEU D 124 -29.02 5.68 -6.98
N ILE D 125 -27.78 5.58 -6.49
CA ILE D 125 -27.36 4.41 -5.73
C ILE D 125 -27.94 4.42 -4.33
N PHE D 126 -28.01 5.61 -3.73
CA PHE D 126 -28.56 5.76 -2.39
C PHE D 126 -30.04 5.42 -2.35
N ASN D 127 -30.75 5.77 -3.42
CA ASN D 127 -32.18 5.51 -3.51
C ASN D 127 -32.43 4.10 -4.05
N LEU D 128 -31.42 3.52 -4.68
CA LEU D 128 -31.54 2.19 -5.25
C LEU D 128 -31.35 1.12 -4.17
N PHE D 129 -30.55 1.45 -3.15
CA PHE D 129 -30.29 0.53 -2.05
C PHE D 129 -31.23 0.79 -0.89
N TYR D 130 -31.83 1.98 -0.87
CA TYR D 130 -32.76 2.35 0.20
C TYR D 130 -34.14 1.78 -0.06
N TRP D 131 -34.60 1.87 -1.30
CA TRP D 131 -35.91 1.35 -1.68
C TRP D 131 -35.88 -0.16 -1.83
N ILE D 132 -34.73 -0.68 -2.26
CA ILE D 132 -34.58 -2.12 -2.45
C ILE D 132 -34.50 -2.84 -1.11
N ILE D 133 -33.95 -2.17 -0.11
CA ILE D 133 -33.81 -2.74 1.22
C ILE D 133 -35.17 -2.85 1.92
N TYR D 134 -35.98 -1.80 1.77
CA TYR D 134 -37.31 -1.78 2.38
C TYR D 134 -38.31 -2.54 1.53
N LYS D 135 -37.90 -2.91 0.32
CA LYS D 135 -38.77 -3.65 -0.59
C LYS D 135 -38.59 -5.15 -0.42
N ILE D 136 -37.33 -5.58 -0.38
CA ILE D 136 -37.01 -7.00 -0.22
C ILE D 136 -37.69 -7.58 1.01
N VAL D 137 -37.68 -6.80 2.10
CA VAL D 137 -38.30 -7.24 3.35
C VAL D 137 -39.79 -7.50 3.17
N ARG D 138 -40.35 -6.97 2.09
CA ARG D 138 -41.77 -7.15 1.80
C ARG D 138 -41.98 -8.25 0.77
N ARG D 139 -41.22 -8.21 -0.31
CA ARG D 139 -41.31 -9.21 -1.36
C ARG D 139 -42.57 -8.98 -2.22
N GLU D 140 -43.72 -8.92 -1.56
CA GLU D 140 -44.99 -8.70 -2.26
C GLU D 140 -45.52 -7.30 -1.97
N ASP D 141 -44.67 -6.43 -1.43
CA ASP D 141 -45.07 -5.07 -1.12
C ASP D 141 -46.33 -5.05 -0.28
N GLU D 142 -46.22 -5.50 0.97
CA GLU D 142 -47.36 -5.54 1.88
C GLU D 142 -47.42 -4.25 2.71
N PHE D 143 -46.27 -3.81 3.19
CA PHE D 143 -46.20 -2.60 4.01
C PHE D 143 -46.62 -1.38 3.20
N GLU D 144 -46.36 -1.42 1.90
CA GLU D 144 -46.72 -0.30 1.01
C GLU D 144 -48.14 -0.46 0.49
N HIS D 145 -48.40 -1.56 -0.21
CA HIS D 145 -49.72 -1.83 -0.77
C HIS D 145 -50.15 -0.69 -1.68
N HIS D 146 -49.91 -0.85 -2.98
CA HIS D 146 -50.28 0.17 -3.95
C HIS D 146 -51.05 -0.46 -5.11
N HIS D 147 -50.34 -1.18 -5.98
CA HIS D 147 -50.96 -1.83 -7.13
C HIS D 147 -51.29 -3.29 -6.81
N HIS D 148 -50.41 -3.95 -6.07
CA HIS D 148 -50.61 -5.34 -5.70
C HIS D 148 -50.70 -6.23 -6.94
N HIS D 149 -50.18 -5.72 -8.05
CA HIS D 149 -50.20 -6.47 -9.31
C HIS D 149 -49.05 -7.47 -9.37
N HIS D 150 -47.85 -7.00 -9.09
CA HIS D 150 -46.66 -7.86 -9.11
C HIS D 150 -46.49 -8.56 -7.77
N MET E 1 -13.87 -15.12 29.20
CA MET E 1 -13.42 -15.00 30.59
C MET E 1 -13.19 -13.53 30.95
N LEU E 2 -12.08 -12.97 30.46
CA LEU E 2 -11.75 -11.58 30.74
C LEU E 2 -12.27 -10.66 29.63
N GLU E 3 -13.48 -10.94 29.15
CA GLU E 3 -14.09 -10.15 28.10
C GLU E 3 -14.37 -8.72 28.59
N ARG E 4 -14.84 -8.62 29.82
CA ARG E 4 -15.16 -7.32 30.41
C ARG E 4 -13.89 -6.64 30.93
N GLN E 5 -12.81 -7.40 31.00
CA GLN E 5 -11.54 -6.88 31.49
C GLN E 5 -10.69 -6.35 30.33
N LEU E 6 -11.33 -6.13 29.19
CA LEU E 6 -10.62 -5.63 28.01
C LEU E 6 -10.49 -4.11 28.05
N GLY E 7 -11.48 -3.45 28.67
CA GLY E 7 -11.45 -2.01 28.76
C GLY E 7 -10.15 -1.49 29.33
N TYR E 8 -9.50 -2.30 30.17
CA TYR E 8 -8.24 -1.92 30.78
C TYR E 8 -7.13 -1.80 29.73
N TYR E 9 -7.11 -2.75 28.80
CA TYR E 9 -6.11 -2.76 27.74
C TYR E 9 -6.45 -1.73 26.66
N LEU E 10 -7.72 -1.36 26.60
CA LEU E 10 -8.19 -0.39 25.60
C LEU E 10 -7.89 1.03 26.05
N ILE E 11 -7.82 1.23 27.36
CA ILE E 11 -7.53 2.54 27.92
C ILE E 11 -6.06 2.92 27.74
N GLN E 12 -5.18 2.01 28.16
CA GLN E 12 -3.74 2.25 28.03
C GLN E 12 -3.31 2.24 26.57
N LEU E 13 -4.08 1.54 25.74
CA LEU E 13 -3.78 1.46 24.31
C LEU E 13 -4.36 2.64 23.56
N TYR E 14 -5.39 3.27 24.14
CA TYR E 14 -6.03 4.42 23.52
C TYR E 14 -5.19 5.67 23.69
N ILE E 15 -4.42 5.73 24.77
CA ILE E 15 -3.56 6.87 25.04
C ILE E 15 -2.70 7.22 23.83
N PRO E 16 -1.90 6.24 23.38
CA PRO E 16 -1.01 6.41 22.22
C PRO E 16 -1.78 6.52 20.92
N SER E 17 -2.88 5.78 20.82
CA SER E 17 -3.70 5.79 19.61
C SER E 17 -4.33 7.17 19.39
N LEU E 18 -4.65 7.84 20.49
CA LEU E 18 -5.25 9.16 20.42
C LEU E 18 -4.20 10.23 20.11
N LEU E 19 -3.01 10.06 20.66
CA LEU E 19 -1.92 11.00 20.43
C LEU E 19 -1.46 10.97 18.99
N ILE E 20 -1.34 9.76 18.43
CA ILE E 20 -0.92 9.59 17.05
C ILE E 20 -2.00 10.05 16.09
N VAL E 21 -3.25 9.90 16.48
CA VAL E 21 -4.38 10.29 15.66
C VAL E 21 -4.47 11.82 15.55
N ILE E 22 -4.26 12.50 16.67
CA ILE E 22 -4.32 13.95 16.70
C ILE E 22 -3.27 14.57 15.78
N LEU E 23 -2.10 13.94 15.74
CA LEU E 23 -1.02 14.43 14.88
C LEU E 23 -1.33 14.19 13.41
N SER E 24 -2.15 13.18 13.14
CA SER E 24 -2.54 12.85 11.76
C SER E 24 -3.05 14.08 11.03
N TRP E 25 -3.92 14.83 11.69
CA TRP E 25 -4.50 16.04 11.11
C TRP E 25 -3.51 17.20 11.17
N ILE E 26 -2.75 17.26 12.27
CA ILE E 26 -1.77 18.31 12.46
C ILE E 26 -0.82 18.40 11.26
N SER E 27 -0.62 17.28 10.59
CA SER E 27 0.27 17.23 9.43
C SER E 27 -0.53 17.28 8.13
N PHE E 28 -1.85 17.08 8.25
CA PHE E 28 -2.73 17.09 7.08
C PHE E 28 -2.85 18.51 6.52
N TRP E 29 -2.50 19.50 7.33
CA TRP E 29 -2.57 20.89 6.91
C TRP E 29 -1.62 21.16 5.75
N ILE E 30 -0.75 20.19 5.47
CA ILE E 30 0.21 20.33 4.37
C ILE E 30 0.13 19.14 3.43
N ASN E 31 -0.22 17.98 3.97
CA ASN E 31 -0.33 16.77 3.17
C ASN E 31 -1.55 16.83 2.25
N LEU E 32 -2.37 17.85 2.45
CA LEU E 32 -3.57 18.03 1.63
C LEU E 32 -3.25 17.90 0.15
N ASP E 33 -2.01 18.21 -0.21
CA ASP E 33 -1.57 18.12 -1.60
C ASP E 33 -0.04 18.07 -1.69
N ALA E 34 0.62 18.84 -0.83
CA ALA E 34 2.07 18.89 -0.81
C ALA E 34 2.66 17.49 -0.62
N ALA E 35 2.06 16.71 0.27
CA ALA E 35 2.53 15.36 0.55
C ALA E 35 1.45 14.55 1.25
N PRO E 36 0.42 14.15 0.49
CA PRO E 36 -0.70 13.35 1.03
C PRO E 36 -0.28 11.93 1.38
N ALA E 37 0.97 11.59 1.09
CA ALA E 37 1.49 10.27 1.38
C ALA E 37 1.45 9.96 2.87
N ARG E 38 1.64 11.00 3.69
CA ARG E 38 1.62 10.84 5.13
C ARG E 38 0.19 10.66 5.64
N VAL E 39 -0.75 11.36 4.99
CA VAL E 39 -2.15 11.27 5.38
C VAL E 39 -2.70 9.86 5.17
N GLY E 40 -2.21 9.19 4.14
CA GLY E 40 -2.65 7.84 3.84
C GLY E 40 -2.05 6.81 4.78
N LEU E 41 -0.89 7.14 5.34
CA LEU E 41 -0.20 6.24 6.26
C LEU E 41 -0.75 6.37 7.67
N GLY E 42 -1.05 7.60 8.08
CA GLY E 42 -1.59 7.84 9.40
C GLY E 42 -3.01 7.31 9.56
N ILE E 43 -3.79 7.41 8.49
CA ILE E 43 -5.17 6.96 8.51
C ILE E 43 -5.24 5.43 8.51
N THR E 44 -4.25 4.80 7.88
CA THR E 44 -4.20 3.34 7.80
C THR E 44 -3.54 2.75 9.05
N THR E 45 -2.81 3.60 9.78
CA THR E 45 -2.12 3.15 10.98
C THR E 45 -3.09 3.06 12.17
N VAL E 46 -4.12 3.90 12.14
CA VAL E 46 -5.12 3.92 13.21
C VAL E 46 -6.05 2.71 13.11
N LEU E 47 -6.45 2.38 11.89
CA LEU E 47 -7.33 1.24 11.66
C LEU E 47 -6.56 -0.07 11.71
N THR E 48 -5.25 0.01 11.50
CA THR E 48 -4.40 -1.17 11.53
C THR E 48 -3.87 -1.44 12.94
N LEU E 49 -3.79 -0.39 13.74
CA LEU E 49 -3.30 -0.52 15.11
C LEU E 49 -4.41 -1.03 16.04
N THR E 50 -5.66 -0.79 15.65
CA THR E 50 -6.80 -1.23 16.44
C THR E 50 -7.18 -2.66 16.10
N THR E 51 -7.20 -2.98 14.81
CA THR E 51 -7.55 -4.31 14.35
C THR E 51 -6.51 -5.33 14.80
N GLN E 52 -5.26 -4.90 14.87
CA GLN E 52 -4.16 -5.78 15.28
C GLN E 52 -4.00 -5.77 16.81
N SER E 53 -4.65 -4.82 17.46
CA SER E 53 -4.58 -4.71 18.91
C SER E 53 -5.53 -5.70 19.59
N SER E 54 -6.36 -6.35 18.78
CA SER E 54 -7.32 -7.32 19.29
C SER E 54 -7.27 -8.62 18.49
N GLY E 55 -6.08 -8.96 17.99
CA GLY E 55 -5.92 -10.17 17.22
C GLY E 55 -5.65 -11.37 18.08
N SER E 56 -5.16 -11.14 19.30
CA SER E 56 -4.86 -12.23 20.22
C SER E 56 -6.12 -13.01 20.57
N ARG E 57 -7.21 -12.30 20.76
CA ARG E 57 -8.48 -12.92 21.10
C ARG E 57 -8.36 -13.76 22.38
N ALA E 58 -7.33 -13.46 23.17
CA ALA E 58 -7.09 -14.18 24.41
C ALA E 58 -7.87 -13.56 25.56
N SER E 59 -8.27 -12.30 25.39
CA SER E 59 -9.03 -11.58 26.41
C SER E 59 -10.52 -11.61 26.10
N LEU E 60 -10.89 -12.37 25.08
CA LEU E 60 -12.29 -12.48 24.68
C LEU E 60 -12.85 -11.11 24.28
N PRO E 61 -12.42 -10.61 23.12
CA PRO E 61 -12.86 -9.31 22.61
C PRO E 61 -14.32 -9.33 22.16
N LYS E 62 -14.94 -10.51 22.23
CA LYS E 62 -16.33 -10.67 21.83
C LYS E 62 -17.19 -9.55 22.41
N VAL E 63 -17.11 -9.38 23.73
CA VAL E 63 -17.89 -8.34 24.41
C VAL E 63 -17.58 -6.96 23.84
N SER E 64 -16.30 -6.59 23.84
CA SER E 64 -15.87 -5.30 23.32
C SER E 64 -16.32 -5.13 21.87
N TYR E 65 -16.53 -6.24 21.19
CA TYR E 65 -16.96 -6.21 19.79
C TYR E 65 -18.30 -5.51 19.64
N VAL E 66 -19.30 -6.01 20.36
CA VAL E 66 -20.65 -5.44 20.31
C VAL E 66 -20.61 -3.94 20.58
N LYS E 67 -19.90 -3.55 21.63
CA LYS E 67 -19.77 -2.14 22.00
C LYS E 67 -18.92 -1.39 20.98
N ALA E 68 -18.12 -2.13 20.22
CA ALA E 68 -17.25 -1.53 19.22
C ALA E 68 -17.98 -1.35 17.90
N ILE E 69 -19.04 -2.14 17.70
CA ILE E 69 -19.82 -2.06 16.48
C ILE E 69 -20.81 -0.90 16.53
N ASP E 70 -21.23 -0.54 17.73
CA ASP E 70 -22.17 0.56 17.91
C ASP E 70 -21.45 1.91 17.81
N ILE E 71 -20.13 1.89 17.98
CA ILE E 71 -19.34 3.10 17.91
C ILE E 71 -18.60 3.21 16.57
N TRP E 72 -18.42 2.06 15.91
CA TRP E 72 -17.74 2.02 14.62
C TRP E 72 -18.62 2.60 13.53
N LEU E 73 -19.93 2.62 13.78
CA LEU E 73 -20.89 3.15 12.81
C LEU E 73 -21.13 4.63 13.03
N ALA E 74 -20.06 5.39 13.26
CA ALA E 74 -20.15 6.83 13.48
C ALA E 74 -18.78 7.45 13.67
N VAL E 75 -17.88 6.70 14.31
CA VAL E 75 -16.53 7.18 14.55
C VAL E 75 -15.69 7.15 13.28
N CYS E 76 -16.04 6.25 12.37
CA CYS E 76 -15.33 6.11 11.10
C CYS E 76 -15.99 6.96 10.02
N LEU E 77 -17.28 7.22 10.18
CA LEU E 77 -18.03 8.01 9.21
C LEU E 77 -17.84 9.51 9.48
N LEU E 78 -17.41 9.84 10.68
CA LEU E 78 -17.20 11.24 11.06
C LEU E 78 -15.71 11.60 10.95
N PHE E 79 -14.85 10.62 11.22
CA PHE E 79 -13.41 10.85 11.14
C PHE E 79 -12.96 11.08 9.70
N VAL E 80 -13.55 10.32 8.78
CA VAL E 80 -13.21 10.44 7.37
C VAL E 80 -14.12 11.46 6.67
N PHE E 81 -15.10 11.96 7.41
CA PHE E 81 -16.04 12.94 6.87
C PHE E 81 -15.41 14.33 6.81
N SER E 82 -14.70 14.68 7.88
CA SER E 82 -14.04 15.98 7.96
C SER E 82 -12.79 16.02 7.10
N ALA E 83 -12.11 14.88 6.99
CA ALA E 83 -10.90 14.79 6.20
C ALA E 83 -11.20 14.93 4.71
N LEU E 84 -12.38 14.47 4.29
CA LEU E 84 -12.79 14.56 2.90
C LEU E 84 -13.29 15.96 2.57
N LEU E 85 -13.88 16.62 3.56
CA LEU E 85 -14.40 17.97 3.37
C LEU E 85 -13.31 18.90 2.84
N GLU E 86 -12.10 18.74 3.34
CA GLU E 86 -10.98 19.56 2.90
C GLU E 86 -10.31 18.97 1.66
N TYR E 87 -10.06 17.67 1.69
CA TYR E 87 -9.43 16.99 0.57
C TYR E 87 -10.23 17.19 -0.71
N ALA E 88 -11.50 17.54 -0.56
CA ALA E 88 -12.38 17.78 -1.70
C ALA E 88 -12.71 19.25 -1.84
N ALA E 89 -12.44 20.02 -0.79
CA ALA E 89 -12.72 21.45 -0.80
C ALA E 89 -11.91 22.16 -1.88
N VAL E 90 -10.70 21.68 -2.12
CA VAL E 90 -9.82 22.27 -3.13
C VAL E 90 -10.54 22.39 -4.47
N ASN E 91 -11.38 21.41 -4.78
CA ASN E 91 -12.13 21.40 -6.02
C ASN E 91 -13.43 22.19 -5.89
N PHE E 92 -13.87 22.37 -4.65
CA PHE E 92 -15.10 23.11 -4.39
C PHE E 92 -14.86 24.62 -4.48
N VAL E 93 -13.61 24.99 -4.70
CA VAL E 93 -13.25 26.41 -4.81
C VAL E 93 -14.07 27.11 -5.88
N SER E 94 -14.14 26.50 -7.06
CA SER E 94 -14.90 27.06 -8.17
C SER E 94 -16.35 27.34 -7.76
N ARG E 95 -16.85 26.53 -6.84
CA ARG E 95 -18.23 26.69 -6.36
C ARG E 95 -18.48 28.12 -5.90
N GLN E 96 -17.41 28.78 -5.43
CA GLN E 96 -17.52 30.16 -4.96
C GLN E 96 -18.47 30.25 -3.77
N ARG E 97 -18.55 29.17 -2.98
CA ARG E 97 -19.43 29.14 -1.83
C ARG E 97 -19.19 30.35 -0.92
N GLU E 98 -17.96 30.85 -0.93
CA GLU E 98 -17.59 31.99 -0.11
C GLU E 98 -18.40 33.23 -0.52
N PHE E 99 -18.00 34.38 0.00
CA PHE E 99 -18.69 35.63 -0.31
C PHE E 99 -18.01 36.35 -1.48
N GLY E 100 -17.19 35.60 -2.22
CA GLY E 100 -16.49 36.18 -3.35
C GLY E 100 -15.45 35.25 -3.93
N GLY E 101 -15.35 35.21 -5.25
CA GLY E 101 -14.38 34.35 -5.90
C GLY E 101 -13.12 35.09 -6.29
N GLY E 102 -12.94 36.29 -5.76
CA GLY E 102 -11.77 37.08 -6.07
C GLY E 102 -10.82 37.21 -4.90
N GLY E 103 -10.99 36.35 -3.90
CA GLY E 103 -10.14 36.38 -2.73
C GLY E 103 -9.24 35.17 -2.62
N PHE E 104 -9.45 34.20 -3.51
CA PHE E 104 -8.65 32.98 -3.50
C PHE E 104 -7.18 33.29 -3.73
N ILE E 105 -6.92 34.46 -4.31
CA ILE E 105 -5.54 34.89 -4.59
C ILE E 105 -4.76 35.08 -3.29
N GLN E 106 -5.47 35.16 -2.18
CA GLN E 106 -4.84 35.34 -0.88
C GLN E 106 -5.15 34.18 0.04
N ARG E 107 -5.89 33.20 -0.47
CA ARG E 107 -6.25 32.02 0.31
C ARG E 107 -5.14 30.97 0.26
N ALA E 108 -4.35 31.00 -0.81
CA ALA E 108 -3.24 30.06 -0.96
C ALA E 108 -2.20 30.24 0.14
N LYS E 109 -2.22 31.40 0.78
CA LYS E 109 -1.28 31.69 1.86
C LYS E 109 -1.34 30.61 2.94
N LYS E 110 -2.50 29.97 3.07
CA LYS E 110 -2.67 28.92 4.06
C LYS E 110 -2.43 29.45 5.47
N ILE E 111 -3.24 30.42 5.88
CA ILE E 111 -3.12 31.01 7.20
C ILE E 111 -3.93 30.24 8.23
N ASP E 112 -5.01 29.61 7.77
CA ASP E 112 -5.88 28.83 8.65
C ASP E 112 -5.25 27.47 8.96
N LYS E 113 -4.77 26.80 7.93
CA LYS E 113 -4.15 25.48 8.09
C LYS E 113 -5.10 24.51 8.77
N ILE E 114 -6.39 24.82 8.71
CA ILE E 114 -7.40 23.97 9.33
C ILE E 114 -7.25 23.95 10.84
N SER E 115 -6.44 24.85 11.38
CA SER E 115 -6.21 24.93 12.81
C SER E 115 -7.43 25.50 13.52
N ARG E 116 -8.30 26.16 12.76
CA ARG E 116 -9.51 26.76 13.32
C ARG E 116 -10.45 25.68 13.84
N ILE E 117 -10.20 24.43 13.46
CA ILE E 117 -11.02 23.31 13.89
C ILE E 117 -10.16 22.16 14.39
N GLY E 118 -9.02 21.95 13.74
CA GLY E 118 -8.13 20.88 14.15
C GLY E 118 -7.66 21.02 15.59
N PHE E 119 -7.17 22.21 15.93
CA PHE E 119 -6.69 22.47 17.29
C PHE E 119 -7.73 22.06 18.32
N PRO E 120 -8.92 22.66 18.23
CA PRO E 120 -10.03 22.37 19.16
C PRO E 120 -10.61 20.98 18.95
N LEU E 121 -10.18 20.31 17.88
CA LEU E 121 -10.65 18.97 17.56
C LEU E 121 -9.84 17.92 18.32
N ALA E 122 -8.57 18.21 18.54
CA ALA E 122 -7.69 17.29 19.25
C ALA E 122 -7.91 17.36 20.76
N PHE E 123 -8.20 18.57 21.25
CA PHE E 123 -8.45 18.76 22.68
C PHE E 123 -9.81 18.21 23.08
N LEU E 124 -10.78 18.32 22.18
CA LEU E 124 -12.13 17.83 22.44
C LEU E 124 -12.14 16.31 22.57
N ILE E 125 -11.40 15.64 21.69
CA ILE E 125 -11.33 14.19 21.70
C ILE E 125 -10.44 13.70 22.85
N PHE E 126 -9.36 14.43 23.12
CA PHE E 126 -8.44 14.07 24.19
C PHE E 126 -9.11 14.19 25.56
N ASN E 127 -9.97 15.20 25.69
CA ASN E 127 -10.68 15.42 26.95
C ASN E 127 -11.96 14.58 27.02
N LEU E 128 -12.41 14.11 25.86
CA LEU E 128 -13.62 13.29 25.78
C LEU E 128 -13.31 11.84 26.14
N PHE E 129 -12.08 11.41 25.87
CA PHE E 129 -11.67 10.04 26.17
C PHE E 129 -10.95 9.98 27.52
N TYR E 130 -10.50 11.13 28.00
CA TYR E 130 -9.79 11.20 29.27
C TYR E 130 -10.78 11.24 30.43
N TRP E 131 -11.84 12.03 30.28
CA TRP E 131 -12.86 12.16 31.32
C TRP E 131 -13.80 10.96 31.31
N ILE E 132 -14.03 10.40 30.12
CA ILE E 132 -14.91 9.25 29.97
C ILE E 132 -14.26 7.99 30.53
N ILE E 133 -12.93 7.91 30.45
CA ILE E 133 -12.20 6.77 30.96
C ILE E 133 -12.18 6.74 32.48
N TYR E 134 -12.00 7.91 33.08
CA TYR E 134 -11.98 8.02 34.53
C TYR E 134 -13.39 8.08 35.11
N LYS E 135 -14.38 8.22 34.22
CA LYS E 135 -15.77 8.29 34.63
C LYS E 135 -16.41 6.91 34.62
N ILE E 136 -16.19 6.17 33.54
CA ILE E 136 -16.74 4.82 33.40
C ILE E 136 -16.34 3.95 34.59
N VAL E 137 -15.10 4.08 35.02
CA VAL E 137 -14.59 3.30 36.15
C VAL E 137 -15.39 3.60 37.42
N ARG E 138 -16.11 4.71 37.41
CA ARG E 138 -16.92 5.10 38.56
C ARG E 138 -18.38 4.73 38.35
N ARG E 139 -18.92 5.06 37.19
CA ARG E 139 -20.31 4.75 36.86
C ARG E 139 -21.25 5.71 37.59
N GLU E 140 -21.11 5.78 38.91
CA GLU E 140 -21.95 6.64 39.73
C GLU E 140 -21.16 7.83 40.26
N ASP E 141 -19.98 8.05 39.68
CA ASP E 141 -19.12 9.15 40.10
C ASP E 141 -18.90 9.13 41.61
N GLU E 142 -18.17 8.14 42.08
CA GLU E 142 -17.88 8.00 43.50
C GLU E 142 -16.56 8.69 43.86
N PHE E 143 -15.56 8.50 43.02
CA PHE E 143 -14.25 9.10 43.26
C PHE E 143 -14.34 10.62 43.22
N GLU E 144 -15.26 11.13 42.40
CA GLU E 144 -15.44 12.57 42.27
C GLU E 144 -16.41 13.10 43.32
N HIS E 145 -17.64 12.59 43.30
CA HIS E 145 -18.66 13.01 44.25
C HIS E 145 -18.88 14.51 44.18
N HIS E 146 -19.87 14.93 43.38
CA HIS E 146 -20.19 16.34 43.23
C HIS E 146 -21.67 16.60 43.44
N HIS E 147 -22.48 16.20 42.47
CA HIS E 147 -23.93 16.38 42.54
C HIS E 147 -24.60 15.11 43.06
N HIS E 148 -24.09 13.96 42.63
CA HIS E 148 -24.66 12.68 43.05
C HIS E 148 -26.12 12.56 42.63
N HIS E 149 -26.51 13.36 41.64
CA HIS E 149 -27.88 13.34 41.14
C HIS E 149 -28.09 12.21 40.15
N HIS E 150 -27.20 12.13 39.17
CA HIS E 150 -27.28 11.09 38.14
C HIS E 150 -26.97 9.71 38.74
N MET A 1 10.49 -24.17 26.39
CA MET A 1 9.92 -22.83 26.35
C MET A 1 11.02 -21.76 26.28
N LEU A 2 11.68 -21.68 25.13
CA LEU A 2 12.75 -20.71 24.94
C LEU A 2 12.18 -19.31 24.70
N GLU A 3 11.41 -18.81 25.65
CA GLU A 3 10.81 -17.48 25.53
C GLU A 3 11.84 -16.40 25.83
N ARG A 4 12.65 -16.62 26.86
CA ARG A 4 13.68 -15.66 27.25
C ARG A 4 14.90 -15.78 26.35
N GLN A 5 14.96 -16.85 25.57
CA GLN A 5 16.07 -17.10 24.67
C GLN A 5 15.80 -16.52 23.29
N LEU A 6 14.81 -15.63 23.21
CA LEU A 6 14.45 -15.01 21.93
C LEU A 6 15.31 -13.78 21.67
N GLY A 7 15.72 -13.11 22.74
CA GLY A 7 16.55 -11.92 22.60
C GLY A 7 17.77 -12.16 21.71
N TYR A 8 18.23 -13.40 21.69
CA TYR A 8 19.39 -13.76 20.88
C TYR A 8 19.11 -13.53 19.40
N TYR A 9 17.93 -13.94 18.96
CA TYR A 9 17.53 -13.79 17.56
C TYR A 9 17.23 -12.33 17.24
N LEU A 10 16.85 -11.57 18.26
CA LEU A 10 16.54 -10.15 18.08
C LEU A 10 17.81 -9.31 17.98
N ILE A 11 18.88 -9.80 18.61
CA ILE A 11 20.15 -9.09 18.58
C ILE A 11 20.77 -9.13 17.20
N GLN A 12 20.95 -10.33 16.66
CA GLN A 12 21.53 -10.50 15.34
C GLN A 12 20.65 -9.88 14.27
N LEU A 13 19.35 -9.82 14.54
CA LEU A 13 18.39 -9.26 13.60
C LEU A 13 18.27 -7.75 13.78
N TYR A 14 18.71 -7.27 14.94
CA TYR A 14 18.65 -5.84 15.25
C TYR A 14 19.66 -5.06 14.40
N ILE A 15 20.87 -5.62 14.27
CA ILE A 15 21.92 -4.99 13.50
C ILE A 15 21.42 -4.58 12.11
N PRO A 16 20.93 -5.57 11.35
CA PRO A 16 20.41 -5.34 10.01
C PRO A 16 19.10 -4.56 10.02
N SER A 17 18.29 -4.78 11.05
CA SER A 17 17.01 -4.10 11.17
C SER A 17 17.20 -2.61 11.43
N LEU A 18 18.34 -2.26 12.03
CA LEU A 18 18.65 -0.87 12.33
C LEU A 18 19.42 -0.22 11.19
N LEU A 19 20.34 -0.98 10.60
CA LEU A 19 21.16 -0.48 9.50
C LEU A 19 20.27 0.08 8.38
N ILE A 20 19.25 -0.69 8.00
CA ILE A 20 18.33 -0.27 6.96
C ILE A 20 17.42 0.86 7.44
N VAL A 21 17.18 0.89 8.74
CA VAL A 21 16.34 1.92 9.34
C VAL A 21 17.03 3.28 9.34
N ILE A 22 18.32 3.28 9.69
CA ILE A 22 19.10 4.51 9.73
C ILE A 22 19.16 5.17 8.36
N LEU A 23 19.33 4.35 7.32
CA LEU A 23 19.40 4.86 5.95
C LEU A 23 18.07 5.49 5.54
N SER A 24 16.97 4.95 6.06
CA SER A 24 15.65 5.46 5.74
C SER A 24 15.58 6.97 5.98
N TRP A 25 16.24 7.43 7.03
CA TRP A 25 16.25 8.85 7.37
C TRP A 25 17.21 9.61 6.47
N ILE A 26 18.32 8.97 6.12
CA ILE A 26 19.32 9.60 5.25
C ILE A 26 18.69 10.12 3.97
N SER A 27 17.58 9.50 3.57
CA SER A 27 16.88 9.89 2.36
C SER A 27 15.65 10.72 2.68
N PHE A 28 15.24 10.69 3.94
CA PHE A 28 14.06 11.42 4.39
C PHE A 28 14.31 12.94 4.30
N TRP A 29 15.58 13.32 4.35
CA TRP A 29 15.95 14.73 4.27
C TRP A 29 15.44 15.36 2.98
N ILE A 30 15.32 14.54 1.94
CA ILE A 30 14.85 15.01 0.65
C ILE A 30 13.44 14.50 0.35
N ASN A 31 13.14 13.30 0.84
CA ASN A 31 11.84 12.69 0.63
C ASN A 31 10.76 13.46 1.39
N LEU A 32 11.18 14.40 2.21
CA LEU A 32 10.25 15.21 2.99
C LEU A 32 9.14 15.77 2.11
N ASP A 33 9.45 15.93 0.82
CA ASP A 33 8.48 16.47 -0.13
C ASP A 33 8.83 16.04 -1.56
N ALA A 34 10.12 16.04 -1.86
CA ALA A 34 10.58 15.64 -3.19
C ALA A 34 10.08 14.26 -3.56
N ALA A 35 10.15 13.33 -2.62
CA ALA A 35 9.69 11.96 -2.85
C ALA A 35 9.46 11.23 -1.54
N PRO A 36 8.40 11.62 -0.82
CA PRO A 36 8.03 11.01 0.47
C PRO A 36 7.54 9.58 0.31
N ALA A 37 7.37 9.15 -0.93
CA ALA A 37 6.90 7.80 -1.22
C ALA A 37 7.79 6.75 -0.56
N ARG A 38 9.10 7.00 -0.60
CA ARG A 38 10.07 6.08 -0.01
C ARG A 38 10.01 6.13 1.51
N VAL A 39 9.81 7.34 2.06
CA VAL A 39 9.74 7.52 3.50
C VAL A 39 8.59 6.71 4.10
N GLY A 40 7.51 6.57 3.34
CA GLY A 40 6.36 5.81 3.82
C GLY A 40 6.60 4.31 3.77
N LEU A 41 7.46 3.89 2.85
CA LEU A 41 7.77 2.46 2.71
C LEU A 41 8.84 2.03 3.71
N GLY A 42 9.77 2.92 3.99
CA GLY A 42 10.83 2.61 4.94
C GLY A 42 10.33 2.56 6.37
N ILE A 43 9.37 3.42 6.69
CA ILE A 43 8.82 3.47 8.03
C ILE A 43 7.91 2.28 8.30
N THR A 44 7.27 1.77 7.25
CA THR A 44 6.38 0.63 7.36
C THR A 44 7.15 -0.68 7.26
N THR A 45 8.33 -0.62 6.65
CA THR A 45 9.16 -1.81 6.49
C THR A 45 9.81 -2.21 7.80
N VAL A 46 10.12 -1.22 8.63
CA VAL A 46 10.75 -1.45 9.93
C VAL A 46 9.75 -2.04 10.92
N LEU A 47 8.50 -1.58 10.83
CA LEU A 47 7.45 -2.05 11.73
C LEU A 47 6.88 -3.38 11.24
N THR A 48 7.05 -3.65 9.96
CA THR A 48 6.56 -4.89 9.36
C THR A 48 7.62 -5.98 9.40
N LEU A 49 8.88 -5.57 9.50
CA LEU A 49 9.99 -6.51 9.55
C LEU A 49 10.18 -7.06 10.95
N THR A 50 9.80 -6.27 11.95
CA THR A 50 9.93 -6.67 13.34
C THR A 50 8.71 -7.47 13.80
N THR A 51 7.53 -7.02 13.41
CA THR A 51 6.29 -7.68 13.78
C THR A 51 6.16 -9.02 13.06
N GLN A 52 6.77 -9.12 11.89
CA GLN A 52 6.72 -10.35 11.09
C GLN A 52 7.85 -11.29 11.50
N SER A 53 8.92 -10.74 12.06
CA SER A 53 10.06 -11.54 12.48
C SER A 53 9.67 -12.53 13.55
N SER A 54 8.59 -12.22 14.28
CA SER A 54 8.11 -13.09 15.35
C SER A 54 6.78 -13.73 14.96
N GLY A 55 6.64 -14.09 13.68
CA GLY A 55 5.42 -14.71 13.21
C GLY A 55 5.40 -16.20 13.44
N SER A 56 6.57 -16.81 13.57
CA SER A 56 6.69 -18.24 13.79
C SER A 56 6.08 -18.63 15.14
N ARG A 57 6.28 -17.78 16.14
CA ARG A 57 5.75 -18.04 17.48
C ARG A 57 6.29 -19.36 18.03
N ALA A 58 7.39 -19.84 17.44
CA ALA A 58 7.99 -21.09 17.87
C ALA A 58 8.97 -20.85 19.03
N SER A 59 9.41 -19.61 19.18
CA SER A 59 10.34 -19.26 20.24
C SER A 59 9.60 -18.68 21.45
N LEU A 60 8.27 -18.77 21.41
CA LEU A 60 7.44 -18.25 22.50
C LEU A 60 7.66 -16.75 22.68
N PRO A 61 7.12 -15.95 21.75
CA PRO A 61 7.24 -14.50 21.78
C PRO A 61 6.42 -13.88 22.92
N LYS A 62 5.67 -14.71 23.63
CA LYS A 62 4.85 -14.25 24.74
C LYS A 62 5.65 -13.35 25.67
N VAL A 63 6.63 -13.93 26.36
CA VAL A 63 7.48 -13.18 27.28
C VAL A 63 8.13 -11.99 26.59
N SER A 64 8.58 -12.21 25.36
CA SER A 64 9.23 -11.16 24.59
C SER A 64 8.25 -10.03 24.27
N TYR A 65 6.96 -10.32 24.43
CA TYR A 65 5.91 -9.34 24.17
C TYR A 65 5.82 -8.32 25.30
N VAL A 66 5.70 -8.82 26.52
CA VAL A 66 5.61 -7.95 27.70
C VAL A 66 6.75 -6.94 27.73
N LYS A 67 7.98 -7.45 27.72
CA LYS A 67 9.16 -6.59 27.73
C LYS A 67 9.18 -5.65 26.55
N ALA A 68 8.66 -6.12 25.41
CA ALA A 68 8.61 -5.31 24.21
C ALA A 68 7.53 -4.23 24.30
N ILE A 69 6.56 -4.46 25.17
CA ILE A 69 5.47 -3.51 25.36
C ILE A 69 5.93 -2.29 26.15
N ASP A 70 6.90 -2.50 27.05
CA ASP A 70 7.43 -1.43 27.86
C ASP A 70 8.41 -0.58 27.07
N ILE A 71 8.91 -1.13 25.96
CA ILE A 71 9.85 -0.42 25.11
C ILE A 71 9.19 0.07 23.83
N TRP A 72 7.96 -0.38 23.60
CA TRP A 72 7.21 0.02 22.42
C TRP A 72 6.17 1.08 22.77
N LEU A 73 6.18 1.53 24.03
CA LEU A 73 5.24 2.53 24.49
C LEU A 73 5.91 3.90 24.59
N ALA A 74 6.74 4.22 23.59
CA ALA A 74 7.45 5.49 23.56
C ALA A 74 8.31 5.61 22.32
N VAL A 75 8.87 4.50 21.88
CA VAL A 75 9.72 4.48 20.69
C VAL A 75 8.91 4.76 19.44
N CYS A 76 7.65 4.32 19.44
CA CYS A 76 6.77 4.52 18.29
C CYS A 76 6.17 5.92 18.31
N LEU A 77 5.96 6.45 19.50
CA LEU A 77 5.39 7.79 19.65
C LEU A 77 6.47 8.87 19.51
N LEU A 78 7.73 8.45 19.67
CA LEU A 78 8.85 9.38 19.56
C LEU A 78 9.46 9.33 18.16
N PHE A 79 9.38 8.16 17.53
CA PHE A 79 9.92 7.99 16.18
C PHE A 79 9.08 8.75 15.15
N VAL A 80 7.77 8.71 15.32
CA VAL A 80 6.86 9.39 14.41
C VAL A 80 6.62 10.83 14.85
N PHE A 81 7.11 11.17 16.05
CA PHE A 81 6.94 12.51 16.59
C PHE A 81 7.95 13.47 15.95
N SER A 82 9.16 12.98 15.72
CA SER A 82 10.21 13.80 15.13
C SER A 82 10.07 13.86 13.61
N ALA A 83 9.49 12.81 13.03
CA ALA A 83 9.29 12.74 11.60
C ALA A 83 8.23 13.74 11.14
N LEU A 84 7.21 13.92 11.96
CA LEU A 84 6.13 14.85 11.66
C LEU A 84 6.56 16.29 11.85
N LEU A 85 7.38 16.52 12.87
CA LEU A 85 7.89 17.86 13.17
C LEU A 85 8.48 18.51 11.92
N GLU A 86 9.20 17.71 11.13
CA GLU A 86 9.82 18.21 9.91
C GLU A 86 8.85 18.13 8.73
N TYR A 87 8.11 17.03 8.65
CA TYR A 87 7.14 16.83 7.58
C TYR A 87 6.08 17.93 7.60
N ALA A 88 5.97 18.62 8.73
CA ALA A 88 4.99 19.69 8.87
C ALA A 88 5.68 21.04 9.02
N ALA A 89 6.98 21.01 9.29
CA ALA A 89 7.76 22.23 9.45
C ALA A 89 7.82 23.03 8.16
N VAL A 90 7.85 22.33 7.03
CA VAL A 90 7.92 22.97 5.72
C VAL A 90 6.83 24.03 5.58
N ASN A 91 5.64 23.73 6.11
CA ASN A 91 4.53 24.67 6.04
C ASN A 91 4.56 25.64 7.21
N PHE A 92 5.31 25.28 8.26
CA PHE A 92 5.42 26.11 9.45
C PHE A 92 6.43 27.23 9.22
N VAL A 93 7.05 27.24 8.03
CA VAL A 93 8.03 28.27 7.70
C VAL A 93 7.46 29.66 7.89
N SER A 94 6.18 29.82 7.60
CA SER A 94 5.51 31.11 7.74
C SER A 94 5.63 31.63 9.16
N ARG A 95 5.89 30.72 10.10
CA ARG A 95 6.02 31.08 11.50
C ARG A 95 7.11 32.12 11.70
N GLN A 96 8.04 32.19 10.74
CA GLN A 96 9.14 33.14 10.81
C GLN A 96 10.04 32.86 12.01
N ARG A 97 10.09 31.60 12.40
CA ARG A 97 10.91 31.18 13.54
C ARG A 97 12.38 31.57 13.32
N GLU A 98 12.76 31.72 12.05
CA GLU A 98 14.12 32.08 11.70
C GLU A 98 14.34 33.58 11.84
N PHE A 99 15.49 34.05 11.34
CA PHE A 99 15.82 35.48 11.41
C PHE A 99 15.46 36.18 10.11
N GLY A 100 14.61 35.53 9.30
CA GLY A 100 14.21 36.12 8.04
C GLY A 100 13.59 35.09 7.10
N GLY A 101 12.44 35.44 6.53
CA GLY A 101 11.77 34.52 5.62
C GLY A 101 12.12 34.80 4.17
N GLY A 102 13.28 35.40 3.95
CA GLY A 102 13.71 35.70 2.59
C GLY A 102 14.57 34.60 2.01
N GLY A 103 14.26 33.36 2.34
CA GLY A 103 15.03 32.23 1.83
C GLY A 103 14.16 31.19 1.15
N PHE A 104 13.23 31.66 0.33
CA PHE A 104 12.32 30.75 -0.38
C PHE A 104 12.98 30.21 -1.65
N ILE A 105 13.48 31.12 -2.48
CA ILE A 105 14.13 30.73 -3.73
C ILE A 105 15.32 29.82 -3.46
N GLN A 106 15.85 29.89 -2.24
CA GLN A 106 17.00 29.06 -1.87
C GLN A 106 16.56 27.93 -0.93
N ARG A 107 15.26 27.78 -0.76
CA ARG A 107 14.72 26.74 0.11
C ARG A 107 15.24 25.37 -0.29
N ALA A 108 15.14 25.05 -1.58
CA ALA A 108 15.61 23.78 -2.08
C ALA A 108 17.05 23.51 -1.66
N LYS A 109 17.84 24.57 -1.56
CA LYS A 109 19.24 24.45 -1.16
C LYS A 109 19.36 24.33 0.35
N LYS A 110 18.87 23.23 0.90
CA LYS A 110 18.92 22.99 2.33
C LYS A 110 20.36 23.06 2.84
N ILE A 111 20.52 23.50 4.08
CA ILE A 111 21.85 23.62 4.68
C ILE A 111 22.22 22.34 5.43
N ASP A 112 21.53 21.24 5.11
CA ASP A 112 21.79 19.96 5.74
C ASP A 112 21.69 20.07 7.26
N LYS A 113 20.77 20.91 7.72
CA LYS A 113 20.57 21.11 9.16
C LYS A 113 19.75 19.98 9.75
N ILE A 114 19.32 19.05 8.89
CA ILE A 114 18.53 17.91 9.34
C ILE A 114 19.41 16.67 9.55
N SER A 115 20.56 16.66 8.88
CA SER A 115 21.49 15.54 8.98
C SER A 115 22.45 15.74 10.16
N ARG A 116 22.32 16.89 10.83
CA ARG A 116 23.18 17.20 11.97
C ARG A 116 22.67 16.49 13.22
N ILE A 117 21.37 16.22 13.27
CA ILE A 117 20.77 15.55 14.42
C ILE A 117 20.49 14.08 14.10
N GLY A 118 20.17 13.80 12.85
CA GLY A 118 19.88 12.44 12.44
C GLY A 118 21.09 11.54 12.52
N PHE A 119 22.22 12.02 12.02
CA PHE A 119 23.46 11.24 12.03
C PHE A 119 23.76 10.72 13.43
N PRO A 120 23.88 11.66 14.40
CA PRO A 120 24.16 11.31 15.80
C PRO A 120 22.99 10.64 16.48
N LEU A 121 21.83 10.66 15.82
CA LEU A 121 20.63 10.05 16.36
C LEU A 121 20.60 8.55 16.06
N ALA A 122 21.20 8.16 14.94
CA ALA A 122 21.25 6.77 14.54
C ALA A 122 22.34 6.02 15.30
N PHE A 123 23.45 6.70 15.56
CA PHE A 123 24.56 6.09 16.28
C PHE A 123 24.23 5.92 17.76
N LEU A 124 23.44 6.85 18.30
CA LEU A 124 23.06 6.80 19.69
C LEU A 124 22.11 5.64 19.96
N ILE A 125 21.17 5.42 19.04
CA ILE A 125 20.20 4.34 19.17
C ILE A 125 20.89 2.98 19.04
N PHE A 126 21.65 2.80 17.98
CA PHE A 126 22.36 1.55 17.73
C PHE A 126 23.23 1.18 18.93
N ASN A 127 23.83 2.19 19.55
CA ASN A 127 24.70 1.97 20.71
C ASN A 127 23.88 1.91 21.99
N LEU A 128 22.64 2.41 21.93
CA LEU A 128 21.75 2.40 23.09
C LEU A 128 21.08 1.03 23.25
N PHE A 129 20.89 0.35 22.13
CA PHE A 129 20.26 -0.97 22.15
C PHE A 129 21.30 -2.07 22.34
N TYR A 130 22.52 -1.80 21.92
CA TYR A 130 23.62 -2.75 22.03
C TYR A 130 24.11 -2.85 23.47
N TRP A 131 24.12 -1.71 24.16
CA TRP A 131 24.57 -1.67 25.55
C TRP A 131 23.43 -2.01 26.50
N ILE A 132 22.19 -1.91 26.01
CA ILE A 132 21.03 -2.21 26.82
C ILE A 132 20.68 -3.69 26.77
N ILE A 133 21.02 -4.33 25.65
CA ILE A 133 20.75 -5.76 25.47
C ILE A 133 21.81 -6.60 26.18
N TYR A 134 23.06 -6.14 26.12
CA TYR A 134 24.16 -6.86 26.75
C TYR A 134 24.22 -6.55 28.24
N LYS A 135 23.42 -5.59 28.67
CA LYS A 135 23.38 -5.19 30.08
C LYS A 135 22.17 -5.80 30.78
N ILE A 136 21.02 -5.75 30.11
CA ILE A 136 19.78 -6.29 30.66
C ILE A 136 19.95 -7.76 31.05
N VAL A 137 20.65 -8.51 30.21
CA VAL A 137 20.88 -9.92 30.47
C VAL A 137 21.66 -10.13 31.77
N ARG A 138 22.31 -9.06 32.24
CA ARG A 138 23.09 -9.12 33.47
C ARG A 138 22.29 -8.56 34.64
N ARG A 139 21.69 -7.39 34.44
CA ARG A 139 20.90 -6.75 35.49
C ARG A 139 21.80 -6.12 36.54
N GLU A 140 22.70 -6.93 37.10
CA GLU A 140 23.61 -6.45 38.13
C GLU A 140 25.06 -6.49 37.62
N ASP A 141 25.21 -6.57 36.31
CA ASP A 141 26.54 -6.62 35.70
C ASP A 141 27.39 -7.71 36.34
N GLU A 142 27.03 -8.96 36.06
CA GLU A 142 27.76 -10.10 36.61
C GLU A 142 28.94 -10.47 35.71
N PHE A 143 28.79 -10.21 34.42
CA PHE A 143 29.84 -10.52 33.45
C PHE A 143 30.27 -9.27 32.69
N GLU A 144 29.30 -8.41 32.41
CA GLU A 144 29.57 -7.17 31.68
C GLU A 144 30.69 -6.38 32.34
N HIS A 145 30.49 -6.01 33.60
CA HIS A 145 31.49 -5.26 34.34
C HIS A 145 31.07 -5.09 35.80
N HIS A 146 31.83 -4.29 36.54
CA HIS A 146 31.54 -4.03 37.94
C HIS A 146 31.33 -2.54 38.20
N HIS A 147 32.43 -1.80 38.21
CA HIS A 147 32.36 -0.36 38.44
C HIS A 147 32.36 0.41 37.13
N HIS A 148 33.41 0.22 36.34
CA HIS A 148 33.53 0.90 35.04
C HIS A 148 34.36 0.08 34.08
N HIS A 149 34.49 -1.22 34.36
CA HIS A 149 35.27 -2.12 33.51
C HIS A 149 34.79 -2.05 32.06
N HIS A 150 33.52 -1.71 31.88
CA HIS A 150 32.94 -1.61 30.55
C HIS A 150 31.48 -1.19 30.61
N MET B 1 11.25 -33.52 5.26
CA MET B 1 10.97 -34.25 4.03
C MET B 1 10.95 -33.31 2.82
N LEU B 2 11.88 -33.54 1.90
CA LEU B 2 11.98 -32.71 0.70
C LEU B 2 12.34 -31.27 1.06
N GLU B 3 13.09 -31.11 2.13
CA GLU B 3 13.51 -29.78 2.59
C GLU B 3 14.69 -29.28 1.76
N ARG B 4 15.62 -30.18 1.45
CA ARG B 4 16.80 -29.83 0.66
C ARG B 4 16.48 -29.85 -0.83
N GLN B 5 15.32 -30.40 -1.17
CA GLN B 5 14.90 -30.49 -2.57
C GLN B 5 14.07 -29.27 -2.96
N LEU B 6 14.14 -28.22 -2.16
CA LEU B 6 13.40 -27.00 -2.42
C LEU B 6 14.16 -26.09 -3.38
N GLY B 7 15.49 -26.15 -3.31
CA GLY B 7 16.31 -25.33 -4.18
C GLY B 7 15.92 -25.46 -5.64
N TYR B 8 15.38 -26.61 -6.01
CA TYR B 8 14.97 -26.86 -7.39
C TYR B 8 13.87 -25.89 -7.80
N TYR B 9 12.90 -25.68 -6.91
CA TYR B 9 11.79 -24.78 -7.19
C TYR B 9 12.23 -23.32 -7.14
N LEU B 10 13.31 -23.07 -6.40
CA LEU B 10 13.84 -21.72 -6.26
C LEU B 10 14.66 -21.32 -7.49
N ILE B 11 15.25 -22.33 -8.14
CA ILE B 11 16.05 -22.09 -9.33
C ILE B 11 15.18 -21.64 -10.51
N GLN B 12 14.17 -22.44 -10.84
CA GLN B 12 13.27 -22.13 -11.93
C GLN B 12 12.49 -20.86 -11.64
N LEU B 13 12.28 -20.56 -10.36
CA LEU B 13 11.55 -19.38 -9.95
C LEU B 13 12.48 -18.17 -9.85
N TYR B 14 13.77 -18.43 -9.75
CA TYR B 14 14.77 -17.38 -9.65
C TYR B 14 14.90 -16.62 -10.97
N ILE B 15 14.91 -17.36 -12.07
CA ILE B 15 15.03 -16.77 -13.40
C ILE B 15 14.02 -15.64 -13.58
N PRO B 16 12.73 -15.96 -13.43
CA PRO B 16 11.65 -14.99 -13.56
C PRO B 16 11.63 -13.96 -12.42
N SER B 17 12.03 -14.40 -11.24
CA SER B 17 12.07 -13.53 -10.06
C SER B 17 13.14 -12.47 -10.22
N LEU B 18 14.18 -12.78 -10.99
CA LEU B 18 15.28 -11.85 -11.21
C LEU B 18 15.03 -10.99 -12.44
N LEU B 19 14.48 -11.60 -13.48
CA LEU B 19 14.19 -10.90 -14.72
C LEU B 19 13.34 -9.65 -14.45
N ILE B 20 12.29 -9.82 -13.66
CA ILE B 20 11.41 -8.72 -13.32
C ILE B 20 12.08 -7.75 -12.35
N VAL B 21 13.01 -8.27 -11.57
CA VAL B 21 13.74 -7.45 -10.60
C VAL B 21 14.73 -6.52 -11.29
N ILE B 22 15.43 -7.06 -12.30
CA ILE B 22 16.41 -6.27 -13.04
C ILE B 22 15.74 -5.10 -13.74
N LEU B 23 14.56 -5.33 -14.30
CA LEU B 23 13.82 -4.29 -15.00
C LEU B 23 13.42 -3.17 -14.04
N SER B 24 13.13 -3.54 -12.79
CA SER B 24 12.72 -2.57 -11.78
C SER B 24 13.72 -1.42 -11.72
N TRP B 25 15.00 -1.74 -11.87
CA TRP B 25 16.05 -0.72 -11.82
C TRP B 25 16.11 0.05 -13.13
N ILE B 26 15.86 -0.63 -14.24
CA ILE B 26 15.88 0.00 -15.55
C ILE B 26 14.96 1.20 -15.60
N SER B 27 13.96 1.22 -14.72
CA SER B 27 13.00 2.32 -14.67
C SER B 27 13.25 3.19 -13.44
N PHE B 28 14.13 2.74 -12.57
CA PHE B 28 14.47 3.47 -11.35
C PHE B 28 15.28 4.72 -11.68
N TRP B 29 16.04 4.66 -12.77
CA TRP B 29 16.87 5.78 -13.19
C TRP B 29 16.01 7.03 -13.40
N ILE B 30 14.72 6.83 -13.62
CA ILE B 30 13.80 7.94 -13.84
C ILE B 30 12.81 8.07 -12.69
N ASN B 31 12.43 6.93 -12.11
CA ASN B 31 11.49 6.91 -11.00
C ASN B 31 12.11 7.51 -9.74
N LEU B 32 13.41 7.79 -9.81
CA LEU B 32 14.12 8.37 -8.68
C LEU B 32 13.37 9.58 -8.12
N ASP B 33 12.58 10.22 -8.97
CA ASP B 33 11.80 11.38 -8.56
C ASP B 33 10.61 11.59 -9.48
N ALA B 34 10.81 11.37 -10.78
CA ALA B 34 9.75 11.53 -11.76
C ALA B 34 8.53 10.69 -11.40
N ALA B 35 8.77 9.45 -11.01
CA ALA B 35 7.69 8.55 -10.62
C ALA B 35 8.21 7.38 -9.78
N PRO B 36 8.60 7.69 -8.53
CA PRO B 36 9.12 6.69 -7.60
C PRO B 36 8.04 5.72 -7.13
N ALA B 37 6.80 5.99 -7.52
CA ALA B 37 5.67 5.14 -7.13
C ALA B 37 5.91 3.70 -7.58
N ARG B 38 6.46 3.54 -8.78
CA ARG B 38 6.73 2.21 -9.33
C ARG B 38 7.91 1.56 -8.60
N VAL B 39 8.90 2.37 -8.25
CA VAL B 39 10.09 1.86 -7.55
C VAL B 39 9.70 1.22 -6.22
N GLY B 40 8.67 1.75 -5.59
CA GLY B 40 8.23 1.22 -4.31
C GLY B 40 7.44 -0.07 -4.47
N LEU B 41 6.82 -0.24 -5.64
CA LEU B 41 6.04 -1.45 -5.90
C LEU B 41 6.93 -2.58 -6.39
N GLY B 42 7.97 -2.23 -7.15
CA GLY B 42 8.88 -3.24 -7.66
C GLY B 42 9.77 -3.81 -6.59
N ILE B 43 10.16 -2.97 -5.63
CA ILE B 43 11.01 -3.41 -4.53
C ILE B 43 10.25 -4.27 -3.54
N THR B 44 8.95 -4.01 -3.41
CA THR B 44 8.11 -4.77 -2.50
C THR B 44 7.58 -6.04 -3.16
N THR B 45 7.55 -6.03 -4.49
CA THR B 45 7.06 -7.18 -5.24
C THR B 45 8.07 -8.31 -5.22
N VAL B 46 9.35 -7.97 -5.19
CA VAL B 46 10.42 -8.96 -5.16
C VAL B 46 10.52 -9.64 -3.80
N LEU B 47 10.27 -8.85 -2.74
CA LEU B 47 10.33 -9.37 -1.39
C LEU B 47 9.04 -10.09 -1.01
N THR B 48 7.96 -9.75 -1.72
CA THR B 48 6.67 -10.37 -1.48
C THR B 48 6.46 -11.60 -2.34
N LEU B 49 7.20 -11.66 -3.45
CA LEU B 49 7.10 -12.78 -4.38
C LEU B 49 7.94 -13.96 -3.90
N THR B 50 9.00 -13.67 -3.15
CA THR B 50 9.89 -14.70 -2.63
C THR B 50 9.37 -15.23 -1.30
N THR B 51 8.93 -14.33 -0.43
CA THR B 51 8.41 -14.71 0.88
C THR B 51 7.08 -15.44 0.74
N GLN B 52 6.34 -15.16 -0.32
CA GLN B 52 5.05 -15.79 -0.56
C GLN B 52 5.23 -17.08 -1.34
N SER B 53 6.33 -17.19 -2.07
CA SER B 53 6.60 -18.39 -2.87
C SER B 53 6.74 -19.61 -1.98
N SER B 54 7.09 -19.39 -0.72
CA SER B 54 7.26 -20.47 0.24
C SER B 54 6.16 -20.45 1.29
N GLY B 55 4.94 -20.11 0.87
CA GLY B 55 3.82 -20.06 1.79
C GLY B 55 3.17 -21.40 1.99
N SER B 56 3.34 -22.30 1.02
CA SER B 56 2.76 -23.63 1.09
C SER B 56 3.36 -24.42 2.25
N ARG B 57 4.66 -24.25 2.47
CA ARG B 57 5.35 -24.95 3.55
C ARG B 57 5.22 -26.46 3.39
N ALA B 58 4.89 -26.89 2.18
CA ALA B 58 4.74 -28.32 1.89
C ALA B 58 6.08 -28.95 1.53
N SER B 59 7.04 -28.12 1.14
CA SER B 59 8.36 -28.59 0.76
C SER B 59 9.34 -28.46 1.93
N LEU B 60 8.81 -28.12 3.09
CA LEU B 60 9.63 -27.95 4.30
C LEU B 60 10.67 -26.86 4.09
N PRO B 61 10.23 -25.60 4.11
CA PRO B 61 11.10 -24.45 3.93
C PRO B 61 12.04 -24.23 5.13
N LYS B 62 11.85 -25.04 6.17
CA LYS B 62 12.67 -24.95 7.36
C LYS B 62 14.15 -24.88 7.01
N VAL B 63 14.68 -25.97 6.45
CA VAL B 63 16.08 -26.03 6.07
C VAL B 63 16.43 -24.89 5.12
N SER B 64 15.54 -24.62 4.18
CA SER B 64 15.77 -23.56 3.20
C SER B 64 15.80 -22.19 3.88
N TYR B 65 15.33 -22.15 5.13
CA TYR B 65 15.29 -20.90 5.89
C TYR B 65 16.69 -20.55 6.42
N VAL B 66 17.31 -21.52 7.09
CA VAL B 66 18.64 -21.32 7.65
C VAL B 66 19.62 -20.82 6.59
N LYS B 67 19.73 -21.58 5.51
CA LYS B 67 20.63 -21.22 4.42
C LYS B 67 20.25 -19.87 3.82
N ALA B 68 18.95 -19.58 3.81
CA ALA B 68 18.45 -18.32 3.28
C ALA B 68 18.76 -17.16 4.23
N ILE B 69 18.95 -17.48 5.50
CA ILE B 69 19.25 -16.47 6.50
C ILE B 69 20.68 -15.95 6.37
N ASP B 70 21.57 -16.83 5.92
CA ASP B 70 22.98 -16.47 5.74
C ASP B 70 23.16 -15.67 4.45
N ILE B 71 22.18 -15.75 3.56
CA ILE B 71 22.25 -15.03 2.30
C ILE B 71 21.33 -13.81 2.30
N TRP B 72 20.48 -13.73 3.31
CA TRP B 72 19.55 -12.62 3.44
C TRP B 72 20.03 -11.62 4.48
N LEU B 73 21.23 -11.84 5.00
CA LEU B 73 21.82 -10.95 6.00
C LEU B 73 22.87 -10.05 5.36
N ALA B 74 22.58 -9.55 4.16
CA ALA B 74 23.50 -8.67 3.46
C ALA B 74 22.92 -8.22 2.13
N VAL B 75 22.15 -9.11 1.49
CA VAL B 75 21.53 -8.81 0.21
C VAL B 75 20.44 -7.75 0.36
N CYS B 76 19.78 -7.76 1.50
CA CYS B 76 18.71 -6.80 1.78
C CYS B 76 19.29 -5.46 2.25
N LEU B 77 20.41 -5.52 2.94
CA LEU B 77 21.07 -4.31 3.44
C LEU B 77 21.92 -3.67 2.36
N LEU B 78 22.25 -4.43 1.32
CA LEU B 78 23.06 -3.93 0.22
C LEU B 78 22.18 -3.49 -0.93
N PHE B 79 21.03 -4.14 -1.09
CA PHE B 79 20.09 -3.80 -2.16
C PHE B 79 19.45 -2.45 -1.91
N VAL B 80 19.09 -2.19 -0.66
CA VAL B 80 18.46 -0.92 -0.28
C VAL B 80 19.50 0.13 0.05
N PHE B 81 20.76 -0.29 0.12
CA PHE B 81 21.86 0.63 0.43
C PHE B 81 22.25 1.44 -0.80
N SER B 82 22.22 0.79 -1.96
CA SER B 82 22.57 1.46 -3.21
C SER B 82 21.39 2.28 -3.75
N ALA B 83 20.18 1.83 -3.43
CA ALA B 83 18.97 2.52 -3.88
C ALA B 83 18.82 3.86 -3.18
N LEU B 84 19.19 3.92 -1.91
CA LEU B 84 19.09 5.14 -1.14
C LEU B 84 20.19 6.13 -1.52
N LEU B 85 21.37 5.60 -1.82
CA LEU B 85 22.51 6.43 -2.22
C LEU B 85 22.12 7.39 -3.33
N GLU B 86 21.32 6.90 -4.28
CA GLU B 86 20.88 7.71 -5.41
C GLU B 86 19.61 8.49 -5.05
N TYR B 87 18.69 7.82 -4.37
CA TYR B 87 17.43 8.44 -3.96
C TYR B 87 17.68 9.64 -3.06
N ALA B 88 18.88 9.71 -2.50
CA ALA B 88 19.26 10.81 -1.61
C ALA B 88 20.35 11.67 -2.23
N ALA B 89 20.98 11.15 -3.29
CA ALA B 89 22.04 11.86 -3.97
C ALA B 89 21.51 13.13 -4.63
N VAL B 90 20.29 13.07 -5.13
CA VAL B 90 19.67 14.21 -5.79
C VAL B 90 19.77 15.46 -4.94
N ASN B 91 19.60 15.29 -3.62
CA ASN B 91 19.68 16.41 -2.69
C ASN B 91 21.12 16.67 -2.27
N PHE B 92 21.98 15.67 -2.46
CA PHE B 92 23.39 15.79 -2.10
C PHE B 92 24.16 16.55 -3.17
N VAL B 93 23.46 16.94 -4.23
CA VAL B 93 24.08 17.67 -5.33
C VAL B 93 24.82 18.91 -4.82
N SER B 94 24.24 19.54 -3.79
CA SER B 94 24.83 20.75 -3.21
C SER B 94 26.24 20.46 -2.70
N ARG B 95 26.55 19.19 -2.48
CA ARG B 95 27.86 18.78 -1.99
C ARG B 95 28.96 19.25 -2.93
N GLN B 96 28.59 19.49 -4.19
CA GLN B 96 29.54 19.95 -5.19
C GLN B 96 30.61 18.88 -5.45
N ARG B 97 30.23 17.62 -5.26
CA ARG B 97 31.14 16.51 -5.47
C ARG B 97 31.68 16.52 -6.91
N GLU B 98 30.93 17.14 -7.81
CA GLU B 98 31.33 17.22 -9.21
C GLU B 98 32.34 18.35 -9.43
N PHE B 99 32.61 18.65 -10.69
CA PHE B 99 33.56 19.71 -11.03
C PHE B 99 32.82 21.02 -11.34
N GLY B 100 31.57 21.10 -10.90
CA GLY B 100 30.79 22.29 -11.12
C GLY B 100 29.30 22.06 -10.93
N GLY B 101 28.65 22.94 -10.17
CA GLY B 101 27.23 22.81 -9.92
C GLY B 101 26.40 23.61 -10.89
N GLY B 102 26.94 23.90 -12.07
CA GLY B 102 26.23 24.66 -13.06
C GLY B 102 25.48 23.78 -14.04
N GLY B 103 24.94 22.67 -13.54
CA GLY B 103 24.20 21.76 -14.39
C GLY B 103 22.82 21.45 -13.86
N PHE B 104 22.11 22.49 -13.43
CA PHE B 104 20.77 22.34 -12.88
C PHE B 104 19.73 22.28 -14.00
N ILE B 105 19.76 23.29 -14.88
CA ILE B 105 18.83 23.36 -16.00
C ILE B 105 18.93 22.12 -16.88
N GLN B 106 20.08 21.44 -16.81
CA GLN B 106 20.30 20.24 -17.61
C GLN B 106 20.35 19.00 -16.72
N ARG B 107 19.89 19.16 -15.47
CA ARG B 107 19.88 18.05 -14.52
C ARG B 107 18.97 16.92 -15.02
N ALA B 108 17.86 17.29 -15.63
CA ALA B 108 16.91 16.31 -16.15
C ALA B 108 17.49 15.56 -17.34
N LYS B 109 18.51 16.14 -17.96
CA LYS B 109 19.17 15.53 -19.12
C LYS B 109 19.56 14.08 -18.82
N LYS B 110 20.18 13.87 -17.65
CA LYS B 110 20.61 12.54 -17.26
C LYS B 110 21.61 11.96 -18.24
N ILE B 111 22.88 11.94 -17.87
CA ILE B 111 23.93 11.40 -18.72
C ILE B 111 23.89 9.89 -18.75
N ASP B 112 22.93 9.30 -18.06
CA ASP B 112 22.78 7.85 -18.01
C ASP B 112 23.95 7.21 -17.29
N LYS B 113 24.50 7.92 -16.30
CA LYS B 113 25.64 7.42 -15.54
C LYS B 113 25.17 6.43 -14.48
N ILE B 114 23.86 6.21 -14.40
CA ILE B 114 23.29 5.28 -13.43
C ILE B 114 23.07 3.91 -14.06
N SER B 115 22.93 3.88 -15.37
CA SER B 115 22.71 2.63 -16.10
C SER B 115 24.04 1.96 -16.45
N ARG B 116 25.14 2.64 -16.11
CA ARG B 116 26.47 2.11 -16.39
C ARG B 116 26.86 1.07 -15.34
N ILE B 117 26.30 1.19 -14.14
CA ILE B 117 26.60 0.27 -13.06
C ILE B 117 25.46 -0.74 -12.87
N GLY B 118 24.24 -0.29 -13.11
CA GLY B 118 23.09 -1.17 -12.97
C GLY B 118 23.08 -2.30 -13.97
N PHE B 119 23.35 -1.97 -15.24
CA PHE B 119 23.38 -2.97 -16.30
C PHE B 119 24.26 -4.15 -15.91
N PRO B 120 25.55 -3.87 -15.65
CA PRO B 120 26.52 -4.89 -15.26
C PRO B 120 26.26 -5.44 -13.87
N LEU B 121 25.38 -4.78 -13.13
CA LEU B 121 25.04 -5.21 -11.77
C LEU B 121 23.98 -6.31 -11.81
N ALA B 122 23.13 -6.27 -12.82
CA ALA B 122 22.06 -7.26 -12.97
C ALA B 122 22.60 -8.56 -13.56
N PHE B 123 23.56 -8.43 -14.47
CA PHE B 123 24.15 -9.59 -15.12
C PHE B 123 25.07 -10.34 -14.16
N LEU B 124 25.72 -9.59 -13.27
CA LEU B 124 26.64 -10.18 -12.30
C LEU B 124 25.87 -11.01 -11.27
N ILE B 125 24.73 -10.49 -10.83
CA ILE B 125 23.90 -11.18 -9.85
C ILE B 125 23.30 -12.45 -10.45
N PHE B 126 22.64 -12.30 -11.59
CA PHE B 126 22.02 -13.44 -12.27
C PHE B 126 23.03 -14.56 -12.49
N ASN B 127 24.26 -14.18 -12.82
CA ASN B 127 25.32 -15.15 -13.06
C ASN B 127 25.98 -15.58 -11.76
N LEU B 128 25.78 -14.79 -10.71
CA LEU B 128 26.35 -15.09 -9.40
C LEU B 128 25.50 -16.12 -8.65
N PHE B 129 24.21 -16.12 -8.94
CA PHE B 129 23.27 -17.04 -8.30
C PHE B 129 23.18 -18.34 -9.09
N TYR B 130 23.43 -18.25 -10.39
CA TYR B 130 23.37 -19.43 -11.26
C TYR B 130 24.58 -20.32 -11.06
N TRP B 131 25.74 -19.70 -10.82
CA TRP B 131 26.98 -20.44 -10.62
C TRP B 131 27.12 -20.85 -9.16
N ILE B 132 26.37 -20.18 -8.28
CA ILE B 132 26.43 -20.49 -6.85
C ILE B 132 25.45 -21.61 -6.49
N ILE B 133 24.37 -21.71 -7.24
CA ILE B 133 23.36 -22.74 -7.01
C ILE B 133 23.80 -24.07 -7.60
N TYR B 134 24.43 -24.02 -8.77
CA TYR B 134 24.90 -25.23 -9.44
C TYR B 134 26.23 -25.69 -8.85
N LYS B 135 26.82 -24.86 -8.00
CA LYS B 135 28.09 -25.20 -7.36
C LYS B 135 27.88 -25.68 -5.93
N ILE B 136 27.00 -25.00 -5.21
CA ILE B 136 26.69 -25.37 -3.83
C ILE B 136 26.25 -26.82 -3.73
N VAL B 137 25.43 -27.25 -4.68
CA VAL B 137 24.93 -28.62 -4.71
C VAL B 137 26.08 -29.62 -4.81
N ARG B 138 27.24 -29.14 -5.24
CA ARG B 138 28.41 -29.99 -5.39
C ARG B 138 29.34 -29.85 -4.18
N ARG B 139 29.62 -28.61 -3.80
CA ARG B 139 30.50 -28.35 -2.66
C ARG B 139 31.96 -28.58 -3.04
N GLU B 140 32.26 -29.77 -3.55
CA GLU B 140 33.61 -30.12 -3.94
C GLU B 140 33.71 -30.32 -5.45
N ASP B 141 32.72 -29.81 -6.18
CA ASP B 141 32.68 -29.93 -7.63
C ASP B 141 32.85 -31.39 -8.05
N GLU B 142 31.83 -32.20 -7.79
CA GLU B 142 31.88 -33.62 -8.14
C GLU B 142 31.39 -33.83 -9.57
N PHE B 143 30.49 -32.96 -10.03
CA PHE B 143 29.95 -33.06 -11.37
C PHE B 143 30.20 -31.78 -12.16
N GLU B 144 30.12 -30.64 -11.46
CA GLU B 144 30.34 -29.35 -12.09
C GLU B 144 31.66 -29.33 -12.86
N HIS B 145 32.75 -29.56 -12.14
CA HIS B 145 34.08 -29.56 -12.74
C HIS B 145 35.14 -29.99 -11.73
N HIS B 146 36.40 -29.88 -12.12
CA HIS B 146 37.51 -30.25 -11.25
C HIS B 146 38.45 -29.08 -11.03
N HIS B 147 39.25 -28.77 -12.05
CA HIS B 147 40.20 -27.66 -11.96
C HIS B 147 39.61 -26.39 -12.59
N HIS B 148 39.26 -26.48 -13.87
CA HIS B 148 38.69 -25.34 -14.58
C HIS B 148 37.79 -25.81 -15.72
N HIS B 149 37.34 -27.05 -15.63
CA HIS B 149 36.47 -27.62 -16.66
C HIS B 149 35.24 -26.74 -16.88
N HIS B 150 34.84 -26.02 -15.83
CA HIS B 150 33.69 -25.13 -15.91
C HIS B 150 33.81 -23.98 -14.93
N MET C 1 -12.56 -32.84 -5.02
CA MET C 1 -12.04 -33.62 -6.13
C MET C 1 -12.21 -32.88 -7.45
N LEU C 2 -13.02 -31.81 -7.42
CA LEU C 2 -13.26 -31.02 -8.62
C LEU C 2 -12.10 -30.08 -8.90
N GLU C 3 -10.92 -30.64 -9.09
CA GLU C 3 -9.72 -29.86 -9.37
C GLU C 3 -9.71 -29.39 -10.83
N ARG C 4 -10.08 -30.29 -11.73
CA ARG C 4 -10.11 -29.97 -13.15
C ARG C 4 -11.38 -29.21 -13.51
N GLN C 5 -12.32 -29.16 -12.58
CA GLN C 5 -13.58 -28.47 -12.80
C GLN C 5 -13.51 -27.03 -12.29
N LEU C 6 -12.28 -26.54 -12.08
CA LEU C 6 -12.07 -25.19 -11.60
C LEU C 6 -12.04 -24.20 -12.76
N GLY C 7 -11.58 -24.66 -13.92
CA GLY C 7 -11.50 -23.80 -15.09
C GLY C 7 -12.82 -23.10 -15.37
N TYR C 8 -13.92 -23.74 -14.98
CA TYR C 8 -15.24 -23.17 -15.21
C TYR C 8 -15.41 -21.85 -14.45
N TYR C 9 -14.94 -21.83 -13.21
CA TYR C 9 -15.04 -20.64 -12.38
C TYR C 9 -14.05 -19.58 -12.84
N LEU C 10 -12.98 -20.01 -13.49
CA LEU C 10 -11.95 -19.09 -13.98
C LEU C 10 -12.40 -18.42 -15.27
N ILE C 11 -13.25 -19.11 -16.03
CA ILE C 11 -13.75 -18.58 -17.29
C ILE C 11 -14.69 -17.42 -17.06
N GLN C 12 -15.72 -17.64 -16.26
CA GLN C 12 -16.70 -16.60 -15.95
C GLN C 12 -16.05 -15.45 -15.19
N LEU C 13 -14.98 -15.76 -14.46
CA LEU C 13 -14.27 -14.76 -13.68
C LEU C 13 -13.21 -14.06 -14.54
N TYR C 14 -12.84 -14.70 -15.65
CA TYR C 14 -11.83 -14.14 -16.54
C TYR C 14 -12.38 -12.93 -17.29
N ILE C 15 -13.63 -13.03 -17.74
CA ILE C 15 -14.27 -11.94 -18.47
C ILE C 15 -14.14 -10.62 -17.72
N PRO C 16 -14.64 -10.60 -16.46
CA PRO C 16 -14.57 -9.41 -15.61
C PRO C 16 -13.16 -9.10 -15.15
N SER C 17 -12.36 -10.13 -14.96
CA SER C 17 -10.97 -9.97 -14.52
C SER C 17 -10.14 -9.31 -15.61
N LEU C 18 -10.54 -9.51 -16.86
CA LEU C 18 -9.82 -8.94 -17.99
C LEU C 18 -10.37 -7.57 -18.36
N LEU C 19 -11.70 -7.44 -18.29
CA LEU C 19 -12.35 -6.17 -18.62
C LEU C 19 -11.76 -5.03 -17.81
N ILE C 20 -11.61 -5.24 -16.50
CA ILE C 20 -11.04 -4.23 -15.62
C ILE C 20 -9.54 -4.07 -15.86
N VAL C 21 -8.90 -5.14 -16.31
CA VAL C 21 -7.48 -5.12 -16.58
C VAL C 21 -7.17 -4.29 -17.82
N ILE C 22 -7.97 -4.46 -18.86
CA ILE C 22 -7.78 -3.73 -20.11
C ILE C 22 -7.90 -2.23 -19.89
N LEU C 23 -8.85 -1.83 -19.06
CA LEU C 23 -9.07 -0.42 -18.76
C LEU C 23 -7.87 0.18 -18.05
N SER C 24 -7.22 -0.63 -17.21
CA SER C 24 -6.05 -0.19 -16.46
C SER C 24 -5.03 0.45 -17.39
N TRP C 25 -4.89 -0.10 -18.59
CA TRP C 25 -3.95 0.41 -19.57
C TRP C 25 -4.49 1.67 -20.24
N ILE C 26 -5.80 1.70 -20.46
CA ILE C 26 -6.44 2.85 -21.09
C ILE C 26 -6.12 4.14 -20.33
N SER C 27 -5.79 4.01 -19.06
CA SER C 27 -5.47 5.16 -18.22
C SER C 27 -3.97 5.24 -17.97
N PHE C 28 -3.25 4.20 -18.36
CA PHE C 28 -1.81 4.15 -18.17
C PHE C 28 -1.10 5.11 -19.12
N TRP C 29 -1.72 5.36 -20.26
CA TRP C 29 -1.15 6.26 -21.25
C TRP C 29 -0.92 7.65 -20.67
N ILE C 30 -1.61 7.94 -19.57
CA ILE C 30 -1.48 9.24 -18.91
C ILE C 30 -0.88 9.08 -17.53
N ASN C 31 -1.20 7.98 -16.86
CA ASN C 31 -0.68 7.70 -15.53
C ASN C 31 0.83 7.45 -15.56
N LEU C 32 1.37 7.34 -16.77
CA LEU C 32 2.79 7.09 -16.95
C LEU C 32 3.62 8.02 -16.06
N ASP C 33 3.08 9.21 -15.80
CA ASP C 33 3.77 10.19 -14.97
C ASP C 33 2.76 11.14 -14.32
N ALA C 34 1.73 11.51 -15.07
CA ALA C 34 0.71 12.41 -14.56
C ALA C 34 0.10 11.88 -13.26
N ALA C 35 -0.23 10.60 -13.25
CA ALA C 35 -0.80 9.97 -12.06
C ALA C 35 -0.61 8.46 -12.08
N PRO C 36 0.64 8.03 -11.90
CA PRO C 36 0.99 6.60 -11.90
C PRO C 36 0.46 5.88 -10.67
N ALA C 37 -0.12 6.64 -9.75
CA ALA C 37 -0.68 6.06 -8.52
C ALA C 37 -1.73 5.00 -8.85
N ARG C 38 -2.55 5.27 -9.85
CA ARG C 38 -3.59 4.33 -10.26
C ARG C 38 -2.99 3.11 -10.95
N VAL C 39 -1.95 3.34 -11.74
CA VAL C 39 -1.28 2.27 -12.47
C VAL C 39 -0.76 1.20 -11.50
N GLY C 40 -0.33 1.65 -10.33
CA GLY C 40 0.19 0.72 -9.34
C GLY C 40 -0.90 -0.06 -8.63
N LEU C 41 -2.10 0.52 -8.59
CA LEU C 41 -3.23 -0.13 -7.93
C LEU C 41 -3.92 -1.10 -8.88
N GLY C 42 -3.95 -0.75 -10.17
CA GLY C 42 -4.59 -1.60 -11.15
C GLY C 42 -3.77 -2.85 -11.45
N ILE C 43 -2.45 -2.71 -11.42
CA ILE C 43 -1.56 -3.83 -11.69
C ILE C 43 -1.55 -4.80 -10.51
N THR C 44 -1.75 -4.28 -9.31
CA THR C 44 -1.75 -5.10 -8.10
C THR C 44 -3.14 -5.70 -7.86
N THR C 45 -4.16 -5.05 -8.42
CA THR C 45 -5.53 -5.52 -8.25
C THR C 45 -5.79 -6.76 -9.09
N VAL C 46 -5.13 -6.85 -10.24
CA VAL C 46 -5.29 -7.99 -11.13
C VAL C 46 -4.59 -9.22 -10.57
N LEU C 47 -3.44 -9.01 -9.93
CA LEU C 47 -2.66 -10.10 -9.36
C LEU C 47 -3.23 -10.50 -8.00
N THR C 48 -3.95 -9.59 -7.37
CA THR C 48 -4.54 -9.85 -6.05
C THR C 48 -5.95 -10.40 -6.19
N LEU C 49 -6.58 -10.14 -7.34
CA LEU C 49 -7.94 -10.61 -7.59
C LEU C 49 -7.92 -12.06 -8.07
N THR C 50 -6.83 -12.46 -8.72
CA THR C 50 -6.70 -13.82 -9.22
C THR C 50 -6.15 -14.76 -8.14
N THR C 51 -5.15 -14.28 -7.40
CA THR C 51 -4.54 -15.07 -6.34
C THR C 51 -5.49 -15.25 -5.17
N GLN C 52 -6.40 -14.29 -5.01
CA GLN C 52 -7.37 -14.34 -3.92
C GLN C 52 -8.62 -15.11 -4.34
N SER C 53 -8.86 -15.16 -5.64
CA SER C 53 -10.03 -15.86 -6.18
C SER C 53 -9.98 -17.34 -5.82
N SER C 54 -8.78 -17.85 -5.61
CA SER C 54 -8.59 -19.26 -5.26
C SER C 54 -8.15 -19.41 -3.81
N GLY C 55 -8.71 -18.58 -2.94
CA GLY C 55 -8.36 -18.63 -1.53
C GLY C 55 -9.18 -19.65 -0.76
N SER C 56 -10.30 -20.06 -1.34
CA SER C 56 -11.18 -21.04 -0.71
C SER C 56 -10.54 -22.41 -0.68
N ARG C 57 -9.81 -22.74 -1.75
CA ARG C 57 -9.15 -24.04 -1.86
C ARG C 57 -10.16 -25.18 -1.75
N ALA C 58 -11.43 -24.86 -1.97
CA ALA C 58 -12.49 -25.86 -1.90
C ALA C 58 -12.65 -26.59 -3.23
N SER C 59 -12.17 -25.97 -4.30
CA SER C 59 -12.26 -26.57 -5.62
C SER C 59 -10.96 -27.29 -5.99
N LEU C 60 -10.07 -27.42 -5.02
CA LEU C 60 -8.80 -28.10 -5.24
C LEU C 60 -7.99 -27.38 -6.31
N PRO C 61 -7.43 -26.21 -5.96
CA PRO C 61 -6.62 -25.41 -6.89
C PRO C 61 -5.27 -26.07 -7.19
N LYS C 62 -5.00 -27.18 -6.53
CA LYS C 62 -3.75 -27.91 -6.74
C LYS C 62 -3.47 -28.09 -8.23
N VAL C 63 -4.29 -28.89 -8.89
CA VAL C 63 -4.13 -29.16 -10.31
C VAL C 63 -4.11 -27.85 -11.11
N SER C 64 -4.99 -26.93 -10.74
CA SER C 64 -5.08 -25.65 -11.42
C SER C 64 -3.81 -24.83 -11.22
N TYR C 65 -2.99 -25.24 -10.25
CA TYR C 65 -1.75 -24.56 -9.96
C TYR C 65 -0.67 -24.93 -10.99
N VAL C 66 -0.48 -26.22 -11.19
CA VAL C 66 0.51 -26.70 -12.15
C VAL C 66 0.31 -26.06 -13.52
N LYS C 67 -0.88 -26.21 -14.07
CA LYS C 67 -1.22 -25.65 -15.38
C LYS C 67 -1.06 -24.14 -15.37
N ALA C 68 -1.35 -23.52 -14.23
CA ALA C 68 -1.24 -22.07 -14.09
C ALA C 68 0.22 -21.64 -14.00
N ILE C 69 1.09 -22.56 -13.59
CA ILE C 69 2.51 -22.29 -13.47
C ILE C 69 3.17 -22.19 -14.85
N ASP C 70 2.66 -22.97 -15.79
CA ASP C 70 3.21 -22.98 -17.14
C ASP C 70 2.73 -21.76 -17.93
N ILE C 71 1.66 -21.13 -17.44
CA ILE C 71 1.11 -19.95 -18.10
C ILE C 71 1.46 -18.68 -17.34
N TRP C 72 1.99 -18.85 -16.13
CA TRP C 72 2.39 -17.72 -15.30
C TRP C 72 3.89 -17.50 -15.33
N LEU C 73 4.58 -18.28 -16.17
CA LEU C 73 6.03 -18.16 -16.30
C LEU C 73 6.41 -17.41 -17.58
N ALA C 74 5.67 -16.35 -17.87
CA ALA C 74 5.94 -15.54 -19.05
C ALA C 74 4.97 -14.37 -19.15
N VAL C 75 3.73 -14.59 -18.70
CA VAL C 75 2.72 -13.55 -18.74
C VAL C 75 3.03 -12.43 -17.73
N CYS C 76 3.66 -12.81 -16.63
CA CYS C 76 4.01 -11.84 -15.59
C CYS C 76 5.27 -11.09 -15.97
N LEU C 77 6.17 -11.76 -16.67
CA LEU C 77 7.43 -11.15 -17.09
C LEU C 77 7.25 -10.36 -18.39
N LEU C 78 6.16 -10.65 -19.10
CA LEU C 78 5.87 -9.97 -20.36
C LEU C 78 4.95 -8.77 -20.12
N PHE C 79 4.08 -8.89 -19.12
CA PHE C 79 3.15 -7.81 -18.80
C PHE C 79 3.88 -6.64 -18.12
N VAL C 80 4.88 -6.97 -17.32
CA VAL C 80 5.66 -5.95 -16.62
C VAL C 80 6.85 -5.49 -17.46
N PHE C 81 7.11 -6.21 -18.55
CA PHE C 81 8.21 -5.87 -19.43
C PHE C 81 7.83 -4.74 -20.37
N SER C 82 6.58 -4.73 -20.81
CA SER C 82 6.09 -3.70 -21.71
C SER C 82 5.71 -2.44 -20.95
N ALA C 83 5.31 -2.61 -19.69
CA ALA C 83 4.93 -1.49 -18.85
C ALA C 83 6.14 -0.64 -18.47
N LEU C 84 7.27 -1.30 -18.25
CA LEU C 84 8.50 -0.61 -17.89
C LEU C 84 9.12 0.08 -19.10
N LEU C 85 9.00 -0.55 -20.26
CA LEU C 85 9.54 0.00 -21.49
C LEU C 85 9.09 1.45 -21.69
N GLU C 86 7.83 1.71 -21.37
CA GLU C 86 7.28 3.05 -21.51
C GLU C 86 7.54 3.89 -20.26
N TYR C 87 7.37 3.26 -19.09
CA TYR C 87 7.59 3.95 -17.82
C TYR C 87 9.03 4.45 -17.72
N ALA C 88 9.91 3.90 -18.55
CA ALA C 88 11.31 4.29 -18.56
C ALA C 88 11.68 5.00 -19.86
N ALA C 89 10.80 4.89 -20.84
CA ALA C 89 11.03 5.51 -22.15
C ALA C 89 11.06 7.03 -22.02
N VAL C 90 10.23 7.56 -21.13
CA VAL C 90 10.16 9.00 -20.92
C VAL C 90 11.55 9.60 -20.72
N ASN C 91 12.39 8.89 -19.97
CA ASN C 91 13.74 9.36 -19.70
C ASN C 91 14.69 8.95 -20.83
N PHE C 92 14.27 7.97 -21.62
CA PHE C 92 15.09 7.49 -22.74
C PHE C 92 14.94 8.41 -23.95
N VAL C 93 14.11 9.44 -23.81
CA VAL C 93 13.88 10.40 -24.89
C VAL C 93 15.20 10.98 -25.39
N SER C 94 16.14 11.18 -24.46
CA SER C 94 17.44 11.74 -24.81
C SER C 94 18.16 10.86 -25.83
N ARG C 95 17.73 9.60 -25.93
CA ARG C 95 18.33 8.66 -26.86
C ARG C 95 18.24 9.18 -28.29
N GLN C 96 17.30 10.10 -28.53
CA GLN C 96 17.11 10.68 -29.86
C GLN C 96 16.69 9.61 -30.86
N ARG C 97 16.02 8.58 -30.37
CA ARG C 97 15.55 7.49 -31.22
C ARG C 97 14.65 8.02 -32.35
N GLU C 98 14.06 9.18 -32.11
CA GLU C 98 13.17 9.80 -33.09
C GLU C 98 13.97 10.56 -34.14
N PHE C 99 13.27 11.33 -34.97
CA PHE C 99 13.90 12.11 -36.02
C PHE C 99 14.15 13.54 -35.57
N GLY C 100 14.10 13.76 -34.26
CA GLY C 100 14.30 15.09 -33.72
C GLY C 100 13.82 15.22 -32.29
N GLY C 101 14.66 15.79 -31.43
CA GLY C 101 14.29 15.96 -30.03
C GLY C 101 13.71 17.34 -29.76
N GLY C 102 13.16 17.96 -30.79
CA GLY C 102 12.58 19.29 -30.63
C GLY C 102 11.09 19.23 -30.34
N GLY C 103 10.68 18.21 -29.58
CA GLY C 103 9.27 18.06 -29.25
C GLY C 103 9.04 17.96 -27.75
N PHE C 104 9.70 18.81 -26.98
CA PHE C 104 9.57 18.80 -25.54
C PHE C 104 8.34 19.60 -25.10
N ILE C 105 8.25 20.84 -25.56
CA ILE C 105 7.13 21.70 -25.22
C ILE C 105 5.80 21.07 -25.65
N GLN C 106 5.87 20.16 -26.61
CA GLN C 106 4.67 19.48 -27.11
C GLN C 106 4.63 18.04 -26.61
N ARG C 107 5.54 17.69 -25.71
CA ARG C 107 5.60 16.35 -25.15
C ARG C 107 4.25 15.95 -24.56
N ALA C 108 3.70 16.81 -23.72
CA ALA C 108 2.41 16.55 -23.09
C ALA C 108 1.35 16.18 -24.13
N LYS C 109 1.46 16.77 -25.31
CA LYS C 109 0.51 16.50 -26.39
C LYS C 109 0.87 15.20 -27.10
N LYS C 110 0.74 14.09 -26.40
CA LYS C 110 1.04 12.78 -26.97
C LYS C 110 0.22 12.53 -28.23
N ILE C 111 0.79 11.78 -29.16
CA ILE C 111 0.11 11.46 -30.41
C ILE C 111 -0.69 10.17 -30.30
N ASP C 112 -0.96 9.76 -29.06
CA ASP C 112 -1.71 8.53 -28.81
C ASP C 112 -1.05 7.34 -29.51
N LYS C 113 0.27 7.36 -29.57
CA LYS C 113 1.02 6.28 -30.20
C LYS C 113 1.12 5.07 -29.28
N ILE C 114 0.59 5.21 -28.07
CA ILE C 114 0.63 4.13 -27.08
C ILE C 114 -0.67 3.34 -27.10
N SER C 115 -1.75 3.99 -27.55
CA SER C 115 -3.05 3.34 -27.61
C SER C 115 -3.23 2.57 -28.91
N ARG C 116 -2.22 2.67 -29.78
CA ARG C 116 -2.27 1.98 -31.07
C ARG C 116 -1.90 0.51 -30.91
N ILE C 117 -1.12 0.20 -29.88
CA ILE C 117 -0.69 -1.17 -29.62
C ILE C 117 -1.48 -1.78 -28.46
N GLY C 118 -1.86 -0.93 -27.51
CA GLY C 118 -2.62 -1.40 -26.36
C GLY C 118 -4.01 -1.87 -26.74
N PHE C 119 -4.70 -1.08 -27.55
CA PHE C 119 -6.06 -1.41 -27.98
C PHE C 119 -6.10 -2.84 -28.54
N PRO C 120 -5.31 -3.09 -29.60
CA PRO C 120 -5.25 -4.40 -30.24
C PRO C 120 -4.58 -5.45 -29.36
N LEU C 121 -3.94 -5.00 -28.28
CA LEU C 121 -3.27 -5.89 -27.36
C LEU C 121 -4.26 -6.50 -26.35
N ALA C 122 -5.31 -5.74 -26.04
CA ALA C 122 -6.32 -6.19 -25.10
C ALA C 122 -7.30 -7.14 -25.78
N PHE C 123 -7.60 -6.87 -27.04
CA PHE C 123 -8.53 -7.70 -27.80
C PHE C 123 -7.90 -9.04 -28.17
N LEU C 124 -6.59 -9.03 -28.39
CA LEU C 124 -5.85 -10.24 -28.74
C LEU C 124 -5.79 -11.20 -27.55
N ILE C 125 -5.56 -10.65 -26.37
CA ILE C 125 -5.47 -11.45 -25.16
C ILE C 125 -6.83 -12.05 -24.81
N PHE C 126 -7.85 -11.22 -24.74
CA PHE C 126 -9.20 -11.66 -24.41
C PHE C 126 -9.64 -12.78 -25.36
N ASN C 127 -9.25 -12.67 -26.62
CA ASN C 127 -9.62 -13.65 -27.63
C ASN C 127 -8.63 -14.82 -27.61
N LEU C 128 -7.47 -14.60 -27.02
CA LEU C 128 -6.44 -15.63 -26.94
C LEU C 128 -6.72 -16.60 -25.79
N PHE C 129 -7.38 -16.08 -24.76
CA PHE C 129 -7.72 -16.90 -23.59
C PHE C 129 -9.07 -17.58 -23.77
N TYR C 130 -9.93 -16.96 -24.58
CA TYR C 130 -11.26 -17.51 -24.84
C TYR C 130 -11.18 -18.70 -25.79
N TRP C 131 -10.26 -18.62 -26.76
CA TRP C 131 -10.09 -19.69 -27.73
C TRP C 131 -9.15 -20.76 -27.19
N ILE C 132 -8.37 -20.42 -26.18
CA ILE C 132 -7.44 -21.35 -25.58
C ILE C 132 -8.11 -22.17 -24.48
N ILE C 133 -9.11 -21.60 -23.83
CA ILE C 133 -9.84 -22.29 -22.77
C ILE C 133 -10.88 -23.24 -23.35
N TYR C 134 -11.51 -22.83 -24.44
CA TYR C 134 -12.53 -23.65 -25.08
C TYR C 134 -11.89 -24.69 -26.00
N LYS C 135 -10.58 -24.58 -26.18
CA LYS C 135 -9.84 -25.51 -27.02
C LYS C 135 -9.09 -26.54 -26.18
N ILE C 136 -8.47 -26.06 -25.10
CA ILE C 136 -7.71 -26.93 -24.21
C ILE C 136 -8.59 -28.06 -23.68
N VAL C 137 -9.83 -27.73 -23.35
CA VAL C 137 -10.78 -28.72 -22.83
C VAL C 137 -11.02 -29.83 -23.85
N ARG C 138 -10.67 -29.56 -25.10
CA ARG C 138 -10.86 -30.54 -26.18
C ARG C 138 -9.55 -31.25 -26.48
N ARG C 139 -8.48 -30.48 -26.64
CA ARG C 139 -7.17 -31.05 -26.93
C ARG C 139 -7.07 -31.48 -28.39
N GLU C 140 -8.02 -32.31 -28.81
CA GLU C 140 -8.05 -32.80 -30.19
C GLU C 140 -9.29 -32.28 -30.92
N ASP C 141 -9.89 -31.23 -30.38
CA ASP C 141 -11.07 -30.64 -30.99
C ASP C 141 -12.14 -31.71 -31.25
N GLU C 142 -12.73 -32.22 -30.17
CA GLU C 142 -13.76 -33.25 -30.29
C GLU C 142 -15.14 -32.61 -30.48
N PHE C 143 -15.31 -31.42 -29.92
CA PHE C 143 -16.58 -30.70 -30.03
C PHE C 143 -16.39 -29.34 -30.67
N GLU C 144 -15.26 -28.70 -30.36
CA GLU C 144 -14.95 -27.38 -30.90
C GLU C 144 -15.07 -27.38 -32.42
N HIS C 145 -14.27 -28.22 -33.07
CA HIS C 145 -14.29 -28.31 -34.53
C HIS C 145 -13.38 -29.46 -35.00
N HIS C 146 -13.20 -29.54 -36.31
CA HIS C 146 -12.36 -30.59 -36.89
C HIS C 146 -11.22 -29.97 -37.71
N HIS C 147 -11.55 -29.46 -38.89
CA HIS C 147 -10.56 -28.84 -39.77
C HIS C 147 -10.54 -27.34 -39.58
N HIS C 148 -11.68 -26.70 -39.83
CA HIS C 148 -11.80 -25.25 -39.70
C HIS C 148 -13.23 -24.84 -39.38
N HIS C 149 -14.00 -25.79 -38.85
CA HIS C 149 -15.40 -25.53 -38.50
C HIS C 149 -15.51 -24.36 -37.54
N HIS C 150 -14.43 -24.11 -36.80
CA HIS C 150 -14.40 -23.02 -35.83
C HIS C 150 -14.83 -21.71 -36.47
N MET D 1 -26.28 -21.40 10.95
CA MET D 1 -27.28 -21.66 9.91
C MET D 1 -27.93 -20.36 9.44
N LEU D 2 -27.60 -19.27 10.12
CA LEU D 2 -28.15 -17.96 9.76
C LEU D 2 -27.45 -17.39 8.54
N GLU D 3 -27.51 -18.11 7.44
CA GLU D 3 -26.87 -17.66 6.20
C GLU D 3 -27.72 -16.59 5.51
N ARG D 4 -29.04 -16.80 5.50
CA ARG D 4 -29.95 -15.85 4.87
C ARG D 4 -30.24 -14.68 5.80
N GLN D 5 -29.83 -14.82 7.06
CA GLN D 5 -30.05 -13.76 8.05
C GLN D 5 -28.85 -12.83 8.13
N LEU D 6 -28.00 -12.88 7.11
CA LEU D 6 -26.81 -12.03 7.05
C LEU D 6 -27.13 -10.67 6.45
N GLY D 7 -28.10 -10.64 5.55
CA GLY D 7 -28.50 -9.40 4.92
C GLY D 7 -28.79 -8.30 5.93
N TYR D 8 -29.22 -8.69 7.13
CA TYR D 8 -29.54 -7.74 8.18
C TYR D 8 -28.30 -6.96 8.59
N TYR D 9 -27.17 -7.65 8.72
CA TYR D 9 -25.93 -7.02 9.11
C TYR D 9 -25.35 -6.20 7.96
N LEU D 10 -25.72 -6.57 6.74
CA LEU D 10 -25.23 -5.87 5.55
C LEU D 10 -26.00 -4.56 5.34
N ILE D 11 -27.25 -4.54 5.80
CA ILE D 11 -28.09 -3.36 5.66
C ILE D 11 -27.59 -2.23 6.54
N GLN D 12 -27.46 -2.50 7.84
CA GLN D 12 -26.99 -1.50 8.79
C GLN D 12 -25.55 -1.08 8.48
N LEU D 13 -24.80 -1.99 7.86
CA LEU D 13 -23.42 -1.73 7.51
C LEU D 13 -23.32 -1.04 6.15
N TYR D 14 -24.38 -1.16 5.36
CA TYR D 14 -24.42 -0.56 4.03
C TYR D 14 -24.50 0.96 4.13
N ILE D 15 -25.34 1.45 5.05
CA ILE D 15 -25.51 2.89 5.24
C ILE D 15 -24.16 3.58 5.38
N PRO D 16 -23.37 3.15 6.38
CA PRO D 16 -22.05 3.73 6.64
C PRO D 16 -21.04 3.37 5.56
N SER D 17 -21.19 2.18 4.98
CA SER D 17 -20.29 1.72 3.93
C SER D 17 -20.47 2.53 2.66
N LEU D 18 -21.67 3.08 2.47
CA LEU D 18 -21.98 3.89 1.31
C LEU D 18 -21.69 5.36 1.56
N LEU D 19 -22.02 5.82 2.76
CA LEU D 19 -21.79 7.22 3.13
C LEU D 19 -20.34 7.61 2.89
N ILE D 20 -19.42 6.78 3.35
CA ILE D 20 -18.00 7.05 3.18
C ILE D 20 -17.57 6.86 1.73
N VAL D 21 -18.30 6.01 1.01
CA VAL D 21 -18.00 5.74 -0.39
C VAL D 21 -18.38 6.93 -1.27
N ILE D 22 -19.54 7.50 -0.99
CA ILE D 22 -20.03 8.65 -1.75
C ILE D 22 -19.07 9.82 -1.64
N LEU D 23 -18.55 10.06 -0.44
CA LEU D 23 -17.62 11.15 -0.20
C LEU D 23 -16.33 10.94 -0.98
N SER D 24 -15.93 9.68 -1.14
CA SER D 24 -14.71 9.35 -1.86
C SER D 24 -14.68 10.02 -3.23
N TRP D 25 -15.84 10.08 -3.87
CA TRP D 25 -15.96 10.70 -5.20
C TRP D 25 -15.97 12.22 -5.07
N ILE D 26 -16.59 12.73 -4.03
CA ILE D 26 -16.67 14.17 -3.80
C ILE D 26 -15.28 14.81 -3.84
N SER D 27 -14.26 14.01 -3.53
CA SER D 27 -12.89 14.50 -3.52
C SER D 27 -12.15 14.03 -4.78
N PHE D 28 -12.72 13.04 -5.46
CA PHE D 28 -12.10 12.51 -6.67
C PHE D 28 -12.09 13.55 -7.78
N TRP D 29 -13.00 14.51 -7.70
CA TRP D 29 -13.08 15.57 -8.69
C TRP D 29 -11.78 16.35 -8.77
N ILE D 30 -11.04 16.39 -7.67
CA ILE D 30 -9.77 17.10 -7.62
C ILE D 30 -8.60 16.13 -7.53
N ASN D 31 -8.83 14.99 -6.87
CA ASN D 31 -7.80 13.98 -6.72
C ASN D 31 -7.46 13.34 -8.06
N LEU D 32 -8.25 13.66 -9.08
CA LEU D 32 -8.04 13.12 -10.41
C LEU D 32 -6.58 13.26 -10.83
N ASP D 33 -5.91 14.26 -10.28
CA ASP D 33 -4.51 14.51 -10.58
C ASP D 33 -3.82 15.28 -9.47
N ALA D 34 -4.55 16.23 -8.88
CA ALA D 34 -4.01 17.04 -7.79
C ALA D 34 -3.51 16.15 -6.66
N ALA D 35 -4.29 15.15 -6.30
CA ALA D 35 -3.93 14.23 -5.22
C ALA D 35 -4.73 12.93 -5.31
N PRO D 36 -4.42 12.11 -6.32
CA PRO D 36 -5.10 10.83 -6.54
C PRO D 36 -4.75 9.80 -5.45
N ALA D 37 -3.82 10.16 -4.58
CA ALA D 37 -3.41 9.27 -3.50
C ALA D 37 -4.60 8.86 -2.65
N ARG D 38 -5.50 9.81 -2.40
CA ARG D 38 -6.68 9.54 -1.60
C ARG D 38 -7.69 8.68 -2.36
N VAL D 39 -7.80 8.93 -3.66
CA VAL D 39 -8.71 8.19 -4.51
C VAL D 39 -8.38 6.70 -4.50
N GLY D 40 -7.09 6.39 -4.39
CA GLY D 40 -6.66 5.00 -4.38
C GLY D 40 -6.93 4.33 -3.05
N LEU D 41 -6.97 5.12 -1.98
CA LEU D 41 -7.21 4.59 -0.65
C LEU D 41 -8.71 4.42 -0.39
N GLY D 42 -9.51 5.33 -0.94
CA GLY D 42 -10.94 5.27 -0.77
C GLY D 42 -11.57 4.14 -1.55
N ILE D 43 -11.03 3.86 -2.73
CA ILE D 43 -11.54 2.79 -3.58
C ILE D 43 -11.18 1.43 -3.03
N THR D 44 -10.04 1.35 -2.34
CA THR D 44 -9.58 0.09 -1.76
C THR D 44 -10.18 -0.12 -0.37
N THR D 45 -10.61 0.97 0.26
CA THR D 45 -11.20 0.90 1.58
C THR D 45 -12.62 0.33 1.53
N VAL D 46 -13.31 0.61 0.43
CA VAL D 46 -14.68 0.13 0.25
C VAL D 46 -14.69 -1.36 -0.08
N LEU D 47 -13.70 -1.81 -0.84
CA LEU D 47 -13.59 -3.21 -1.21
C LEU D 47 -12.97 -4.04 -0.08
N THR D 48 -12.23 -3.37 0.79
CA THR D 48 -11.58 -4.04 1.91
C THR D 48 -12.47 -4.03 3.15
N LEU D 49 -13.41 -3.09 3.19
CA LEU D 49 -14.33 -2.97 4.31
C LEU D 49 -15.49 -3.95 4.17
N THR D 50 -15.83 -4.30 2.94
CA THR D 50 -16.92 -5.24 2.66
C THR D 50 -16.42 -6.67 2.70
N THR D 51 -15.26 -6.91 2.11
CA THR D 51 -14.67 -8.25 2.07
C THR D 51 -14.20 -8.68 3.46
N GLN D 52 -13.85 -7.70 4.29
CA GLN D 52 -13.39 -7.98 5.64
C GLN D 52 -14.57 -8.05 6.62
N SER D 53 -15.67 -7.42 6.26
CA SER D 53 -16.86 -7.40 7.10
C SER D 53 -17.39 -8.82 7.29
N SER D 54 -17.09 -9.69 6.34
CA SER D 54 -17.56 -11.08 6.40
C SER D 54 -16.39 -12.03 6.65
N GLY D 55 -15.45 -11.60 7.49
CA GLY D 55 -14.29 -12.42 7.81
C GLY D 55 -14.57 -13.41 8.92
N SER D 56 -15.57 -13.10 9.76
CA SER D 56 -15.92 -13.96 10.87
C SER D 56 -16.46 -15.31 10.36
N ARG D 57 -17.21 -15.27 9.27
CA ARG D 57 -17.77 -16.49 8.69
C ARG D 57 -18.65 -17.21 9.70
N ALA D 58 -19.08 -16.49 10.73
CA ALA D 58 -19.94 -17.07 11.76
C ALA D 58 -21.40 -17.00 11.36
N SER D 59 -21.72 -16.12 10.41
CA SER D 59 -23.09 -15.96 9.95
C SER D 59 -23.33 -16.75 8.67
N LEU D 60 -22.35 -17.58 8.31
CA LEU D 60 -22.46 -18.40 7.11
C LEU D 60 -22.60 -17.53 5.87
N PRO D 61 -21.50 -16.88 5.46
CA PRO D 61 -21.47 -16.01 4.29
C PRO D 61 -21.61 -16.79 2.99
N LYS D 62 -21.64 -18.11 3.09
CA LYS D 62 -21.76 -18.98 1.92
C LYS D 62 -22.90 -18.51 1.02
N VAL D 63 -24.13 -18.63 1.51
CA VAL D 63 -25.30 -18.22 0.75
C VAL D 63 -25.19 -16.76 0.31
N SER D 64 -24.70 -15.91 1.21
CA SER D 64 -24.54 -14.50 0.92
C SER D 64 -23.50 -14.28 -0.19
N TYR D 65 -22.71 -15.32 -0.46
CA TYR D 65 -21.69 -15.24 -1.49
C TYR D 65 -22.30 -15.37 -2.88
N VAL D 66 -23.11 -16.40 -3.07
CA VAL D 66 -23.76 -16.63 -4.36
C VAL D 66 -24.51 -15.40 -4.82
N LYS D 67 -25.44 -14.92 -3.99
CA LYS D 67 -26.23 -13.74 -4.30
C LYS D 67 -25.33 -12.52 -4.53
N ALA D 68 -24.23 -12.46 -3.79
CA ALA D 68 -23.29 -11.36 -3.91
C ALA D 68 -22.48 -11.47 -5.20
N ILE D 69 -22.39 -12.68 -5.75
CA ILE D 69 -21.66 -12.91 -6.98
C ILE D 69 -22.41 -12.38 -8.19
N ASP D 70 -23.74 -12.42 -8.10
CA ASP D 70 -24.60 -11.94 -9.19
C ASP D 70 -24.67 -10.43 -9.19
N ILE D 71 -24.33 -9.82 -8.05
CA ILE D 71 -24.36 -8.37 -7.92
C ILE D 71 -22.96 -7.77 -7.97
N TRP D 72 -21.96 -8.64 -7.90
CA TRP D 72 -20.57 -8.21 -7.94
C TRP D 72 -19.96 -8.43 -9.32
N LEU D 73 -20.79 -8.89 -10.26
CA LEU D 73 -20.33 -9.15 -11.61
C LEU D 73 -20.76 -8.03 -12.56
N ALA D 74 -20.65 -6.79 -12.09
CA ALA D 74 -21.02 -5.63 -12.89
C ALA D 74 -20.78 -4.33 -12.11
N VAL D 75 -20.99 -4.38 -10.81
CA VAL D 75 -20.78 -3.21 -9.96
C VAL D 75 -19.31 -2.84 -9.88
N CYS D 76 -18.45 -3.84 -9.94
CA CYS D 76 -17.00 -3.62 -9.87
C CYS D 76 -16.46 -3.20 -11.23
N LEU D 77 -17.07 -3.70 -12.29
CA LEU D 77 -16.64 -3.38 -13.64
C LEU D 77 -17.22 -2.05 -14.11
N LEU D 78 -18.28 -1.60 -13.42
CA LEU D 78 -18.93 -0.34 -13.75
C LEU D 78 -18.42 0.79 -12.87
N PHE D 79 -18.03 0.45 -11.64
CA PHE D 79 -17.52 1.42 -10.69
C PHE D 79 -16.14 1.92 -11.13
N VAL D 80 -15.31 1.01 -11.61
CA VAL D 80 -13.96 1.37 -12.05
C VAL D 80 -13.96 1.78 -13.51
N PHE D 81 -15.10 1.59 -14.18
CA PHE D 81 -15.22 1.95 -15.59
C PHE D 81 -15.43 3.45 -15.76
N SER D 82 -16.19 4.04 -14.83
CA SER D 82 -16.47 5.47 -14.88
C SER D 82 -15.31 6.26 -14.27
N ALA D 83 -14.60 5.65 -13.34
CA ALA D 83 -13.47 6.31 -12.69
C ALA D 83 -12.31 6.47 -13.65
N LEU D 84 -12.11 5.49 -14.53
CA LEU D 84 -11.03 5.53 -15.50
C LEU D 84 -11.36 6.50 -16.63
N LEU D 85 -12.63 6.55 -17.01
CA LEU D 85 -13.07 7.44 -18.08
C LEU D 85 -12.59 8.87 -17.84
N GLU D 86 -12.63 9.29 -16.58
CA GLU D 86 -12.20 10.65 -16.22
C GLU D 86 -10.70 10.67 -15.94
N TYR D 87 -10.21 9.65 -15.25
CA TYR D 87 -8.80 9.56 -14.91
C TYR D 87 -7.94 9.51 -16.17
N ALA D 88 -8.56 9.21 -17.30
CA ALA D 88 -7.87 9.14 -18.57
C ALA D 88 -8.35 10.23 -19.53
N ALA D 89 -9.47 10.85 -19.18
CA ALA D 89 -10.03 11.92 -20.01
C ALA D 89 -9.11 13.13 -20.05
N VAL D 90 -8.44 13.39 -18.93
CA VAL D 90 -7.53 14.53 -18.84
C VAL D 90 -6.55 14.54 -19.99
N ASN D 91 -6.07 13.36 -20.38
CA ASN D 91 -5.12 13.23 -21.48
C ASN D 91 -5.85 13.13 -22.82
N PHE D 92 -7.14 12.80 -22.76
CA PHE D 92 -7.95 12.68 -23.97
C PHE D 92 -8.42 14.05 -24.45
N VAL D 93 -8.07 15.09 -23.70
CA VAL D 93 -8.45 16.45 -24.05
C VAL D 93 -8.07 16.78 -25.48
N SER D 94 -6.90 16.29 -25.91
CA SER D 94 -6.43 16.54 -27.25
C SER D 94 -7.44 16.10 -28.30
N ARG D 95 -8.33 15.20 -27.89
CA ARG D 95 -9.37 14.70 -28.79
C ARG D 95 -10.20 15.84 -29.37
N GLN D 96 -10.20 16.97 -28.67
CA GLN D 96 -10.95 18.13 -29.12
C GLN D 96 -12.45 17.85 -29.14
N ARG D 97 -12.88 16.94 -28.27
CA ARG D 97 -14.30 16.58 -28.19
C ARG D 97 -15.16 17.80 -27.90
N GLU D 98 -14.55 18.83 -27.32
CA GLU D 98 -15.26 20.06 -26.99
C GLU D 98 -15.37 20.97 -28.22
N PHE D 99 -15.82 22.20 -28.00
CA PHE D 99 -15.96 23.17 -29.08
C PHE D 99 -14.75 24.07 -29.18
N GLY D 100 -13.65 23.65 -28.57
CA GLY D 100 -12.43 24.44 -28.59
C GLY D 100 -11.44 24.00 -27.53
N GLY D 101 -10.18 23.83 -27.93
CA GLY D 101 -9.16 23.42 -26.99
C GLY D 101 -8.39 24.60 -26.42
N GLY D 102 -9.01 25.77 -26.43
CA GLY D 102 -8.37 26.96 -25.90
C GLY D 102 -8.69 27.20 -24.44
N GLY D 103 -8.81 26.12 -23.67
CA GLY D 103 -9.12 26.24 -22.27
C GLY D 103 -8.12 25.50 -21.39
N PHE D 104 -6.83 25.66 -21.69
CA PHE D 104 -5.78 25.01 -20.93
C PHE D 104 -5.43 25.81 -19.68
N ILE D 105 -5.14 27.09 -19.87
CA ILE D 105 -4.79 27.97 -18.76
C ILE D 105 -5.92 28.03 -17.74
N GLN D 106 -7.13 27.70 -18.17
CA GLN D 106 -8.29 27.71 -17.28
C GLN D 106 -8.73 26.30 -16.94
N ARG D 107 -7.92 25.32 -17.34
CA ARG D 107 -8.22 23.91 -17.07
C ARG D 107 -8.45 23.69 -15.57
N ALA D 108 -7.52 24.17 -14.75
CA ALA D 108 -7.63 24.02 -13.31
C ALA D 108 -8.98 24.50 -12.81
N LYS D 109 -9.52 25.53 -13.45
CA LYS D 109 -10.81 26.08 -13.07
C LYS D 109 -11.95 25.24 -13.63
N LYS D 110 -12.08 24.01 -13.15
CA LYS D 110 -13.13 23.11 -13.60
C LYS D 110 -14.50 23.74 -13.41
N ILE D 111 -15.43 23.38 -14.30
CA ILE D 111 -16.79 23.92 -14.22
C ILE D 111 -17.68 23.01 -13.38
N ASP D 112 -17.07 22.15 -12.58
CA ASP D 112 -17.81 21.23 -11.73
C ASP D 112 -18.77 20.38 -12.55
N LYS D 113 -18.34 20.03 -13.76
CA LYS D 113 -19.17 19.22 -14.65
C LYS D 113 -19.10 17.75 -14.27
N ILE D 114 -18.27 17.45 -13.27
CA ILE D 114 -18.12 16.07 -12.79
C ILE D 114 -19.01 15.80 -11.58
N SER D 115 -19.38 16.87 -10.88
CA SER D 115 -20.23 16.74 -9.70
C SER D 115 -21.70 16.77 -10.08
N ARG D 116 -21.97 16.96 -11.37
CA ARG D 116 -23.34 17.01 -11.87
C ARG D 116 -23.90 15.60 -12.04
N ILE D 117 -23.02 14.64 -12.27
CA ILE D 117 -23.44 13.26 -12.45
C ILE D 117 -23.15 12.43 -11.20
N GLY D 118 -22.08 12.79 -10.48
CA GLY D 118 -21.72 12.08 -9.28
C GLY D 118 -22.75 12.26 -8.17
N PHE D 119 -23.16 13.50 -7.95
CA PHE D 119 -24.14 13.81 -6.92
C PHE D 119 -25.36 12.91 -7.04
N PRO D 120 -26.04 12.97 -8.20
CA PRO D 120 -27.22 12.16 -8.47
C PRO D 120 -26.90 10.68 -8.62
N LEU D 121 -25.62 10.37 -8.73
CA LEU D 121 -25.17 8.98 -8.88
C LEU D 121 -25.09 8.29 -7.52
N ALA D 122 -24.78 9.07 -6.49
CA ALA D 122 -24.67 8.53 -5.14
C ALA D 122 -26.05 8.34 -4.51
N PHE D 123 -26.97 9.25 -4.81
CA PHE D 123 -28.33 9.18 -4.27
C PHE D 123 -29.12 8.06 -4.93
N LEU D 124 -28.83 7.80 -6.20
CA LEU D 124 -29.52 6.76 -6.95
C LEU D 124 -29.13 5.38 -6.43
N ILE D 125 -27.84 5.21 -6.14
CA ILE D 125 -27.33 3.93 -5.63
C ILE D 125 -27.87 3.65 -4.23
N PHE D 126 -27.69 4.62 -3.33
CA PHE D 126 -28.16 4.48 -1.95
C PHE D 126 -29.64 4.13 -1.91
N ASN D 127 -30.40 4.72 -2.83
CA ASN D 127 -31.84 4.46 -2.89
C ASN D 127 -32.13 3.20 -3.70
N LEU D 128 -31.16 2.77 -4.50
CA LEU D 128 -31.31 1.58 -5.32
C LEU D 128 -31.07 0.32 -4.51
N PHE D 129 -30.23 0.44 -3.48
CA PHE D 129 -29.91 -0.70 -2.62
C PHE D 129 -30.89 -0.79 -1.46
N TYR D 130 -31.46 0.35 -1.08
CA TYR D 130 -32.40 0.40 0.02
C TYR D 130 -33.76 -0.16 -0.41
N TRP D 131 -34.14 0.11 -1.65
CA TRP D 131 -35.41 -0.37 -2.18
C TRP D 131 -35.27 -1.79 -2.72
N ILE D 132 -34.04 -2.20 -2.98
CA ILE D 132 -33.77 -3.54 -3.50
C ILE D 132 -33.63 -4.56 -2.38
N ILE D 133 -33.16 -4.09 -1.23
CA ILE D 133 -32.98 -4.95 -0.07
C ILE D 133 -34.31 -5.18 0.66
N TYR D 134 -35.12 -4.14 0.73
CA TYR D 134 -36.42 -4.22 1.39
C TYR D 134 -37.46 -4.84 0.48
N LYS D 135 -37.09 -5.03 -0.79
CA LYS D 135 -38.00 -5.63 -1.77
C LYS D 135 -37.66 -7.09 -2.01
N ILE D 136 -36.36 -7.39 -2.11
CA ILE D 136 -35.91 -8.75 -2.34
C ILE D 136 -36.43 -9.69 -1.26
N VAL D 137 -36.42 -9.22 -0.02
CA VAL D 137 -36.90 -10.02 1.10
C VAL D 137 -38.37 -10.39 0.94
N ARG D 138 -39.06 -9.66 0.06
CA ARG D 138 -40.47 -9.91 -0.20
C ARG D 138 -40.65 -10.74 -1.47
N ARG D 139 -39.97 -10.34 -2.54
CA ARG D 139 -40.06 -11.05 -3.82
C ARG D 139 -41.37 -10.74 -4.52
N GLU D 140 -42.49 -10.97 -3.82
CA GLU D 140 -43.81 -10.71 -4.37
C GLU D 140 -44.50 -9.58 -3.63
N ASP D 141 -43.73 -8.79 -2.90
CA ASP D 141 -44.26 -7.66 -2.14
C ASP D 141 -45.42 -8.12 -1.24
N GLU D 142 -45.09 -8.88 -0.21
CA GLU D 142 -46.08 -9.40 0.72
C GLU D 142 -46.35 -8.38 1.84
N PHE D 143 -45.33 -7.60 2.17
CA PHE D 143 -45.45 -6.59 3.22
C PHE D 143 -45.11 -5.20 2.69
N GLU D 144 -44.15 -5.14 1.78
CA GLU D 144 -43.72 -3.88 1.20
C GLU D 144 -44.93 -3.13 0.62
N HIS D 145 -45.61 -3.75 -0.33
CA HIS D 145 -46.77 -3.13 -0.96
C HIS D 145 -47.46 -4.11 -1.91
N HIS D 146 -48.43 -3.61 -2.66
CA HIS D 146 -49.17 -4.45 -3.61
C HIS D 146 -49.06 -3.87 -5.03
N HIS D 147 -49.79 -2.79 -5.28
CA HIS D 147 -49.78 -2.15 -6.59
C HIS D 147 -48.79 -0.98 -6.61
N HIS D 148 -49.02 -0.01 -5.74
CA HIS D 148 -48.16 1.16 -5.66
C HIS D 148 -48.18 1.76 -4.26
N HIS D 149 -48.57 0.94 -3.28
CA HIS D 149 -48.64 1.40 -1.89
C HIS D 149 -47.29 1.95 -1.43
N HIS D 150 -46.22 1.48 -2.06
CA HIS D 150 -44.88 1.93 -1.72
C HIS D 150 -44.54 1.58 -0.27
N MET E 1 -12.50 -15.53 29.59
CA MET E 1 -13.78 -14.97 29.99
C MET E 1 -13.64 -13.47 30.30
N LEU E 2 -12.41 -12.97 30.25
CA LEU E 2 -12.15 -11.56 30.52
C LEU E 2 -12.52 -10.70 29.31
N GLU E 3 -13.79 -10.76 28.92
CA GLU E 3 -14.26 -9.99 27.78
C GLU E 3 -14.48 -8.52 28.17
N ARG E 4 -15.05 -8.32 29.35
CA ARG E 4 -15.32 -6.97 29.85
C ARG E 4 -14.07 -6.35 30.44
N GLN E 5 -13.04 -7.18 30.65
CA GLN E 5 -11.78 -6.71 31.22
C GLN E 5 -10.80 -6.31 30.13
N LEU E 6 -11.32 -6.12 28.92
CA LEU E 6 -10.49 -5.72 27.79
C LEU E 6 -10.30 -4.21 27.74
N GLY E 7 -11.30 -3.48 28.21
CA GLY E 7 -11.22 -2.04 28.21
C GLY E 7 -9.95 -1.52 28.86
N TYR E 8 -9.42 -2.29 29.80
CA TYR E 8 -8.19 -1.91 30.49
C TYR E 8 -7.02 -1.80 29.53
N TYR E 9 -6.92 -2.76 28.62
CA TYR E 9 -5.85 -2.78 27.64
C TYR E 9 -6.08 -1.72 26.57
N LEU E 10 -7.33 -1.35 26.37
CA LEU E 10 -7.67 -0.33 25.38
C LEU E 10 -7.39 1.07 25.90
N ILE E 11 -7.46 1.23 27.22
CA ILE E 11 -7.19 2.52 27.84
C ILE E 11 -5.73 2.90 27.72
N GLN E 12 -4.84 2.03 28.21
CA GLN E 12 -3.41 2.27 28.15
C GLN E 12 -2.93 2.35 26.70
N LEU E 13 -3.64 1.67 25.80
CA LEU E 13 -3.28 1.66 24.39
C LEU E 13 -3.91 2.85 23.67
N TYR E 14 -4.94 3.43 24.27
CA TYR E 14 -5.63 4.58 23.69
C TYR E 14 -4.74 5.82 23.72
N ILE E 15 -4.06 6.03 24.85
CA ILE E 15 -3.18 7.17 25.01
C ILE E 15 -2.23 7.31 23.83
N PRO E 16 -1.43 6.25 23.58
CA PRO E 16 -0.47 6.23 22.49
C PRO E 16 -1.14 6.16 21.12
N SER E 17 -2.28 5.48 21.07
CA SER E 17 -3.03 5.33 19.83
C SER E 17 -3.60 6.67 19.37
N LEU E 18 -3.86 7.56 20.34
CA LEU E 18 -4.41 8.87 20.05
C LEU E 18 -3.30 9.89 19.82
N LEU E 19 -2.25 9.80 20.63
CA LEU E 19 -1.12 10.72 20.52
C LEU E 19 -0.58 10.75 19.09
N ILE E 20 -0.37 9.57 18.52
CA ILE E 20 0.13 9.47 17.15
C ILE E 20 -0.93 9.88 16.14
N VAL E 21 -2.20 9.71 16.51
CA VAL E 21 -3.30 10.08 15.64
C VAL E 21 -3.45 11.59 15.52
N ILE E 22 -3.32 12.28 16.66
CA ILE E 22 -3.44 13.73 16.69
C ILE E 22 -2.37 14.38 15.82
N LEU E 23 -1.15 13.84 15.87
CA LEU E 23 -0.05 14.37 15.09
C LEU E 23 -0.31 14.21 13.60
N SER E 24 -0.99 13.14 13.23
CA SER E 24 -1.31 12.87 11.84
C SER E 24 -1.97 14.09 11.18
N TRP E 25 -2.81 14.77 11.95
CA TRP E 25 -3.51 15.95 11.46
C TRP E 25 -2.58 17.16 11.43
N ILE E 26 -1.69 17.24 12.41
CA ILE E 26 -0.74 18.35 12.51
C ILE E 26 0.07 18.48 11.23
N SER E 27 0.18 17.38 10.49
CA SER E 27 0.93 17.37 9.23
C SER E 27 -0.02 17.34 8.03
N PHE E 28 -1.30 17.14 8.30
CA PHE E 28 -2.31 17.08 7.25
C PHE E 28 -2.56 18.47 6.66
N TRP E 29 -2.34 19.50 7.48
CA TRP E 29 -2.55 20.88 7.04
C TRP E 29 -1.68 21.19 5.83
N ILE E 30 -0.64 20.40 5.63
CA ILE E 30 0.27 20.61 4.50
C ILE E 30 0.22 19.43 3.53
N ASN E 31 -0.01 18.23 4.08
CA ASN E 31 -0.08 17.03 3.26
C ASN E 31 -1.33 17.04 2.39
N LEU E 32 -2.20 18.00 2.63
CA LEU E 32 -3.44 18.13 1.86
C LEU E 32 -3.17 18.03 0.37
N ASP E 33 -1.96 18.40 -0.04
CA ASP E 33 -1.57 18.35 -1.44
C ASP E 33 -0.05 18.26 -1.58
N ALA E 34 0.66 19.00 -0.73
CA ALA E 34 2.12 19.00 -0.75
C ALA E 34 2.67 17.58 -0.65
N ALA E 35 2.12 16.81 0.29
CA ALA E 35 2.56 15.43 0.49
C ALA E 35 1.50 14.62 1.22
N PRO E 36 0.39 14.33 0.52
CA PRO E 36 -0.72 13.56 1.08
C PRO E 36 -0.36 12.09 1.29
N ALA E 37 0.83 11.70 0.84
CA ALA E 37 1.29 10.33 0.98
C ALA E 37 1.30 9.91 2.45
N ARG E 38 1.71 10.82 3.33
CA ARG E 38 1.76 10.54 4.76
C ARG E 38 0.36 10.48 5.34
N VAL E 39 -0.52 11.34 4.86
CA VAL E 39 -1.90 11.39 5.34
C VAL E 39 -2.60 10.06 5.14
N GLY E 40 -2.25 9.37 4.06
CA GLY E 40 -2.85 8.08 3.76
C GLY E 40 -2.30 6.98 4.62
N LEU E 41 -1.06 7.15 5.10
CA LEU E 41 -0.43 6.15 5.94
C LEU E 41 -0.84 6.32 7.40
N GLY E 42 -1.03 7.57 7.82
CA GLY E 42 -1.42 7.86 9.18
C GLY E 42 -2.87 7.47 9.45
N ILE E 43 -3.73 7.64 8.46
CA ILE E 43 -5.14 7.31 8.60
C ILE E 43 -5.35 5.79 8.59
N THR E 44 -4.48 5.08 7.88
CA THR E 44 -4.57 3.63 7.80
C THR E 44 -3.84 2.96 8.98
N THR E 45 -2.90 3.70 9.57
CA THR E 45 -2.14 3.17 10.70
C THR E 45 -2.99 3.14 11.97
N VAL E 46 -3.91 4.09 12.09
CA VAL E 46 -4.78 4.16 13.25
C VAL E 46 -5.86 3.08 13.20
N LEU E 47 -6.33 2.79 12.00
CA LEU E 47 -7.36 1.77 11.81
C LEU E 47 -6.74 0.37 11.80
N THR E 48 -5.46 0.30 11.49
CA THR E 48 -4.75 -0.98 11.45
C THR E 48 -4.11 -1.30 12.80
N LEU E 49 -3.89 -0.27 13.60
CA LEU E 49 -3.28 -0.44 14.91
C LEU E 49 -4.34 -0.87 15.94
N THR E 50 -5.58 -0.47 15.71
CA THR E 50 -6.67 -0.80 16.61
C THR E 50 -7.27 -2.16 16.27
N THR E 51 -7.46 -2.41 14.97
CA THR E 51 -8.02 -3.67 14.51
C THR E 51 -7.04 -4.83 14.73
N GLN E 52 -5.75 -4.51 14.74
CA GLN E 52 -4.71 -5.51 14.94
C GLN E 52 -4.42 -5.70 16.42
N SER E 53 -4.72 -4.69 17.22
CA SER E 53 -4.48 -4.74 18.65
C SER E 53 -5.31 -5.85 19.30
N SER E 54 -6.41 -6.21 18.65
CA SER E 54 -7.28 -7.26 19.17
C SER E 54 -7.21 -8.51 18.28
N GLY E 55 -6.02 -8.82 17.80
CA GLY E 55 -5.83 -9.98 16.95
C GLY E 55 -5.63 -11.25 17.74
N SER E 56 -5.17 -11.11 18.99
CA SER E 56 -4.92 -12.25 19.85
C SER E 56 -6.24 -12.98 20.17
N ARG E 57 -7.30 -12.21 20.36
CA ARG E 57 -8.61 -12.78 20.67
C ARG E 57 -8.55 -13.62 21.94
N ALA E 58 -7.52 -13.39 22.75
CA ALA E 58 -7.34 -14.11 23.99
C ALA E 58 -8.11 -13.44 25.13
N SER E 59 -8.45 -12.18 24.94
CA SER E 59 -9.18 -11.42 25.96
C SER E 59 -10.67 -11.41 25.65
N LEU E 60 -11.08 -12.20 24.66
CA LEU E 60 -12.47 -12.29 24.26
C LEU E 60 -12.99 -10.92 23.79
N PRO E 61 -12.56 -10.51 22.59
CA PRO E 61 -12.97 -9.23 22.00
C PRO E 61 -14.43 -9.23 21.59
N LYS E 62 -15.09 -10.37 21.73
CA LYS E 62 -16.50 -10.50 21.37
C LYS E 62 -17.31 -9.35 21.97
N VAL E 63 -17.43 -9.34 23.29
CA VAL E 63 -18.18 -8.30 23.97
C VAL E 63 -17.67 -6.92 23.59
N SER E 64 -16.35 -6.77 23.52
CA SER E 64 -15.74 -5.50 23.16
C SER E 64 -16.10 -5.10 21.74
N TYR E 65 -16.61 -6.05 20.97
CA TYR E 65 -17.00 -5.79 19.59
C TYR E 65 -18.33 -5.05 19.53
N VAL E 66 -19.33 -5.59 20.22
CA VAL E 66 -20.66 -4.99 20.24
C VAL E 66 -20.58 -3.52 20.65
N LYS E 67 -20.00 -3.27 21.82
CA LYS E 67 -19.86 -1.90 22.32
C LYS E 67 -19.05 -1.05 21.36
N ALA E 68 -18.09 -1.66 20.69
CA ALA E 68 -17.24 -0.95 19.73
C ALA E 68 -18.00 -0.65 18.45
N ILE E 69 -19.05 -1.42 18.19
CA ILE E 69 -19.86 -1.25 16.99
C ILE E 69 -20.75 -0.01 17.11
N ASP E 70 -21.16 0.30 18.34
CA ASP E 70 -22.02 1.45 18.59
C ASP E 70 -21.20 2.74 18.59
N ILE E 71 -19.89 2.60 18.75
CA ILE E 71 -19.00 3.75 18.77
C ILE E 71 -18.23 3.87 17.45
N TRP E 72 -18.31 2.83 16.63
CA TRP E 72 -17.62 2.81 15.35
C TRP E 72 -18.59 3.11 14.21
N LEU E 73 -19.83 3.41 14.55
CA LEU E 73 -20.86 3.71 13.57
C LEU E 73 -21.10 5.22 13.47
N ALA E 74 -20.01 5.99 13.51
CA ALA E 74 -20.11 7.44 13.42
C ALA E 74 -18.73 8.08 13.48
N VAL E 75 -17.83 7.47 14.24
CA VAL E 75 -16.47 7.99 14.37
C VAL E 75 -15.69 7.84 13.07
N CYS E 76 -16.01 6.79 12.32
CA CYS E 76 -15.33 6.53 11.05
C CYS E 76 -15.95 7.37 9.94
N LEU E 77 -17.25 7.64 10.04
CA LEU E 77 -17.95 8.42 9.04
C LEU E 77 -17.75 9.92 9.29
N LEU E 78 -17.36 10.26 10.51
CA LEU E 78 -17.13 11.65 10.88
C LEU E 78 -15.65 12.02 10.75
N PHE E 79 -14.79 11.04 10.96
CA PHE E 79 -13.35 11.26 10.87
C PHE E 79 -12.92 11.50 9.42
N VAL E 80 -13.51 10.72 8.51
CA VAL E 80 -13.20 10.83 7.10
C VAL E 80 -14.08 11.88 6.42
N PHE E 81 -15.07 12.37 7.16
CA PHE E 81 -15.99 13.37 6.63
C PHE E 81 -15.35 14.76 6.66
N SER E 82 -14.58 15.03 7.71
CA SER E 82 -13.92 16.32 7.86
C SER E 82 -12.63 16.36 7.06
N ALA E 83 -12.01 15.20 6.87
CA ALA E 83 -10.77 15.10 6.11
C ALA E 83 -11.02 15.37 4.62
N LEU E 84 -12.16 14.92 4.12
CA LEU E 84 -12.51 15.11 2.72
C LEU E 84 -12.94 16.56 2.46
N LEU E 85 -13.63 17.14 3.42
CA LEU E 85 -14.10 18.52 3.30
C LEU E 85 -12.96 19.45 2.90
N GLU E 86 -11.79 19.22 3.47
CA GLU E 86 -10.61 20.03 3.17
C GLU E 86 -9.88 19.50 1.94
N TYR E 87 -9.74 18.19 1.88
CA TYR E 87 -9.06 17.54 0.76
C TYR E 87 -9.75 17.87 -0.57
N ALA E 88 -11.00 18.32 -0.47
CA ALA E 88 -11.77 18.67 -1.66
C ALA E 88 -12.05 20.17 -1.71
N ALA E 89 -11.82 20.84 -0.59
CA ALA E 89 -12.05 22.28 -0.51
C ALA E 89 -11.10 23.05 -1.42
N VAL E 90 -9.88 22.54 -1.55
CA VAL E 90 -8.87 23.17 -2.40
C VAL E 90 -9.42 23.46 -3.78
N ASN E 91 -10.22 22.53 -4.30
CA ASN E 91 -10.82 22.68 -5.62
C ASN E 91 -12.13 23.46 -5.55
N PHE E 92 -12.70 23.53 -4.35
CA PHE E 92 -13.95 24.25 -4.14
C PHE E 92 -13.70 25.75 -4.01
N VAL E 93 -12.43 26.14 -4.08
CA VAL E 93 -12.06 27.54 -3.96
C VAL E 93 -12.82 28.39 -4.97
N SER E 94 -13.05 27.83 -6.15
CA SER E 94 -13.77 28.54 -7.21
C SER E 94 -15.16 28.95 -6.74
N ARG E 95 -15.64 28.29 -5.70
CA ARG E 95 -16.96 28.59 -5.16
C ARG E 95 -17.07 30.04 -4.73
N GLN E 96 -15.92 30.67 -4.49
CA GLN E 96 -15.88 32.07 -4.07
C GLN E 96 -16.56 32.25 -2.73
N ARG E 97 -16.53 31.21 -1.90
CA ARG E 97 -17.15 31.25 -0.58
C ARG E 97 -16.55 32.38 0.26
N GLU E 98 -15.34 32.80 -0.10
CA GLU E 98 -14.66 33.88 0.62
C GLU E 98 -15.12 35.24 0.13
N PHE E 99 -14.42 36.28 0.56
CA PHE E 99 -14.77 37.65 0.17
C PHE E 99 -13.91 38.10 -1.01
N GLY E 100 -13.31 37.15 -1.70
CA GLY E 100 -12.47 37.46 -2.84
C GLY E 100 -11.56 36.31 -3.24
N GLY E 101 -11.54 36.00 -4.53
CA GLY E 101 -10.70 34.92 -5.01
C GLY E 101 -9.35 35.40 -5.51
N GLY E 102 -8.92 36.56 -5.01
CA GLY E 102 -7.64 37.12 -5.43
C GLY E 102 -6.52 36.71 -4.50
N GLY E 103 -6.57 35.49 -4.00
CA GLY E 103 -5.53 35.00 -3.11
C GLY E 103 -4.94 33.69 -3.57
N PHE E 104 -4.64 33.60 -4.86
CA PHE E 104 -4.06 32.39 -5.43
C PHE E 104 -2.54 32.36 -5.23
N ILE E 105 -1.89 33.43 -5.65
CA ILE E 105 -0.44 33.54 -5.52
C ILE E 105 -0.01 33.42 -4.06
N GLN E 106 -0.93 33.70 -3.16
CA GLN E 106 -0.66 33.62 -1.72
C GLN E 106 -1.33 32.41 -1.10
N ARG E 107 -1.88 31.54 -1.94
CA ARG E 107 -2.56 30.33 -1.47
C ARG E 107 -1.64 29.50 -0.59
N ALA E 108 -0.42 29.25 -1.08
CA ALA E 108 0.55 28.46 -0.33
C ALA E 108 0.73 29.01 1.08
N LYS E 109 0.64 30.33 1.21
CA LYS E 109 0.79 30.98 2.52
C LYS E 109 -0.50 30.87 3.33
N LYS E 110 -0.86 29.65 3.70
CA LYS E 110 -2.05 29.41 4.49
C LYS E 110 -2.04 30.24 5.77
N ILE E 111 -3.23 30.64 6.23
CA ILE E 111 -3.34 31.43 7.45
C ILE E 111 -3.52 30.53 8.67
N ASP E 112 -3.16 29.27 8.52
CA ASP E 112 -3.28 28.30 9.61
C ASP E 112 -4.70 28.26 10.16
N LYS E 113 -5.67 28.45 9.26
CA LYS E 113 -7.08 28.43 9.65
C LYS E 113 -7.57 27.00 9.82
N ILE E 114 -6.71 26.03 9.56
CA ILE E 114 -7.05 24.63 9.69
C ILE E 114 -6.60 24.08 11.04
N SER E 115 -5.58 24.71 11.62
CA SER E 115 -5.05 24.28 12.91
C SER E 115 -5.83 24.91 14.06
N ARG E 116 -6.78 25.77 13.72
CA ARG E 116 -7.60 26.44 14.72
C ARG E 116 -8.71 25.51 15.22
N ILE E 117 -9.11 24.57 14.39
CA ILE E 117 -10.16 23.62 14.76
C ILE E 117 -9.57 22.26 15.11
N GLY E 118 -8.48 21.90 14.44
CA GLY E 118 -7.83 20.63 14.70
C GLY E 118 -7.24 20.55 16.10
N PHE E 119 -6.53 21.60 16.50
CA PHE E 119 -5.92 21.65 17.82
C PHE E 119 -6.92 21.31 18.90
N PRO E 120 -8.01 22.10 18.98
CA PRO E 120 -9.07 21.90 19.98
C PRO E 120 -9.88 20.65 19.71
N LEU E 121 -9.70 20.07 18.52
CA LEU E 121 -10.43 18.87 18.13
C LEU E 121 -9.74 17.62 18.70
N ALA E 122 -8.43 17.68 18.84
CA ALA E 122 -7.65 16.57 19.37
C ALA E 122 -7.75 16.50 20.89
N PHE E 123 -7.80 17.67 21.52
CA PHE E 123 -7.89 17.74 22.97
C PHE E 123 -9.29 17.34 23.45
N LEU E 124 -10.29 17.66 22.65
CA LEU E 124 -11.67 17.33 22.99
C LEU E 124 -11.90 15.83 22.95
N ILE E 125 -11.34 15.18 21.93
CA ILE E 125 -11.48 13.73 21.77
C ILE E 125 -10.75 12.99 22.88
N PHE E 126 -9.48 13.31 23.07
CA PHE E 126 -8.67 12.68 24.10
C PHE E 126 -9.34 12.79 25.48
N ASN E 127 -9.98 13.93 25.72
CA ASN E 127 -10.66 14.17 26.99
C ASN E 127 -12.07 13.59 26.96
N LEU E 128 -12.58 13.33 25.76
CA LEU E 128 -13.91 12.78 25.60
C LEU E 128 -13.90 11.26 25.82
N PHE E 129 -12.78 10.64 25.50
CA PHE E 129 -12.64 9.19 25.66
C PHE E 129 -12.14 8.84 27.05
N TYR E 130 -11.42 9.77 27.68
CA TYR E 130 -10.88 9.57 29.01
C TYR E 130 -11.98 9.69 30.07
N TRP E 131 -12.91 10.60 29.83
CA TRP E 131 -14.02 10.83 30.76
C TRP E 131 -15.16 9.87 30.47
N ILE E 132 -15.17 9.29 29.27
CA ILE E 132 -16.21 8.35 28.88
C ILE E 132 -15.87 6.93 29.31
N ILE E 133 -14.57 6.64 29.37
CA ILE E 133 -14.11 5.32 29.77
C ILE E 133 -14.13 5.16 31.29
N TYR E 134 -13.79 6.23 31.99
CA TYR E 134 -13.77 6.21 33.46
C TYR E 134 -15.17 6.43 34.02
N LYS E 135 -16.11 6.78 33.14
CA LYS E 135 -17.49 7.00 33.54
C LYS E 135 -18.36 5.80 33.21
N ILE E 136 -18.16 5.23 32.02
CA ILE E 136 -18.93 4.07 31.59
C ILE E 136 -18.81 2.93 32.59
N VAL E 137 -17.61 2.73 33.11
CA VAL E 137 -17.37 1.67 34.08
C VAL E 137 -18.20 1.86 35.33
N ARG E 138 -18.70 3.08 35.51
CA ARG E 138 -19.52 3.40 36.68
C ARG E 138 -21.00 3.37 36.32
N ARG E 139 -21.36 4.02 35.22
CA ARG E 139 -22.74 4.06 34.77
C ARG E 139 -23.56 5.03 35.63
N GLU E 140 -23.53 4.82 36.94
CA GLU E 140 -24.27 5.68 37.86
C GLU E 140 -23.31 6.46 38.76
N ASP E 141 -22.06 6.55 38.33
CA ASP E 141 -21.04 7.27 39.09
C ASP E 141 -21.02 6.80 40.55
N GLU E 142 -20.54 5.58 40.75
CA GLU E 142 -20.45 5.00 42.09
C GLU E 142 -19.14 5.38 42.77
N PHE E 143 -18.11 5.60 41.96
CA PHE E 143 -16.79 5.96 42.48
C PHE E 143 -16.31 7.28 41.87
N GLU E 144 -16.63 7.48 40.59
CA GLU E 144 -16.24 8.69 39.89
C GLU E 144 -16.67 9.94 40.67
N HIS E 145 -17.97 10.06 40.89
CA HIS E 145 -18.51 11.20 41.62
C HIS E 145 -20.01 11.04 41.86
N HIS E 146 -20.64 12.09 42.38
CA HIS E 146 -22.07 12.07 42.65
C HIS E 146 -22.79 13.18 41.90
N HIS E 147 -22.64 14.40 42.38
CA HIS E 147 -23.27 15.55 41.75
C HIS E 147 -22.30 16.26 40.80
N HIS E 148 -21.18 16.72 41.34
CA HIS E 148 -20.18 17.42 40.54
C HIS E 148 -18.79 17.25 41.15
N HIS E 149 -18.64 16.21 41.98
CA HIS E 149 -17.35 15.95 42.62
C HIS E 149 -16.24 15.81 41.60
N HIS E 150 -16.61 15.41 40.38
CA HIS E 150 -15.64 15.23 39.31
C HIS E 150 -15.44 16.54 38.54
#